data_8XOU
#
_entry.id   8XOU
#
_cell.length_a   1.00
_cell.length_b   1.00
_cell.length_c   1.00
_cell.angle_alpha   90.00
_cell.angle_beta   90.00
_cell.angle_gamma   90.00
#
_symmetry.space_group_name_H-M   'P 1'
#
loop_
_entity.id
_entity.type
_entity.pdbx_description
1 polymer 'Portal protein B'
2 polymer 'Major capsid protein'
#
loop_
_entity_poly.entity_id
_entity_poly.type
_entity_poly.pdbx_seq_one_letter_code
_entity_poly.pdbx_strand_id
1 'polypeptide(L)'
;MKTPTIPTLLGPDGMTSLREYAGYHGGGSGFGGQLRSWNPPSESVDAALLPNFTRGNARADDLVRNNGYAANAIQLHQDH
IVGSFFRLSHRPSWRYLGIGEEEARAFSREVEAAWKEFAEDDCCCIDVERKRTFTMMIREGVAMHAFNGELFVQATWDTS
SSRLFRTQFRMVSPKRISNPNNTGDSRNCRAGVQINDSGAALGYYVSEDGYPGWMPQKWTWIPRELPGGRASFIHVFEPV
EDGQTRGANVFYSVMEQMKMLDTLQNTQLQSAIVKAMYAATIESELDTQSAMDFILGANSQEQRERLTGWIGEIAAYYAA
APVRLGGAKVPHLMPGDSLNLQTAQDTDNGYSVFEQSLLRYIAAGLGVSYEQLSRNYAQMSYSTARASANESWAYFMGRR
KFVASRQASQMFLCWLEEAIVRRVVTLPSKARFSFQEARSAWGNCDWIGSGRMAIDGLKEVQEAVMLIEAGLSTYEKECA
KRGDDYQEIFAQQVRETMERRAAGLKPPAWAAAAFESGLRQSTEEEKSDSRAA
;
B,b,B1,b1,B2,b2,B3,b3,B4,b4,B5,b5
2 'polypeptide(L)'
;MSMYTTAQLLAANEQKFKFDPLFLRLFFRESYPFTTEKVYLSQIPGLVNMALYVSPIVSGEVIRSRGGSTSEFTPGYVKP
KHEVNPQMTLRRLPDEDPQNLADPAYRRRRIIMQNMRDEELAIAQVEEMQAVSAVLKGKYTMTGEAFDPVEVDMGRSEEN
NITQSGGTEWSKRDKSTYDPTDDIEAYALNASGVVNIIVFDPKGWALFRSFKAVKEKLDTRRGSNSELETAVKDLGKAVS
YKGMYGDVAIVVYSGQYVENGVKKNFLPDNTMVLGNTQARGLRTYGCIQDADAQREGINASARYPKNWVTTGDPAREFTM
IQSAPLMLLADPDEFVSVQLA
;
A0,G0,C0,D0,E0,F0,A1,G1,C1,D1,E1,F1,A2,G2,C2,D2,E2,F2,A3,G3,C3,D3,E3,F3,A4,G4,C4,D4,E4,F4
#
# COMPACT_ATOMS: atom_id res chain seq x y z
N GLN A 34 20.72 -30.02 14.75
CA GLN A 34 19.61 -30.23 15.68
C GLN A 34 19.22 -31.69 15.72
N LEU A 35 19.52 -32.41 14.63
CA LEU A 35 19.32 -33.86 14.61
C LEU A 35 20.23 -34.57 15.58
N ARG A 36 21.11 -33.83 16.26
CA ARG A 36 22.06 -34.43 17.19
C ARG A 36 21.41 -34.97 18.46
N SER A 37 20.47 -34.22 19.05
CA SER A 37 19.89 -34.60 20.33
C SER A 37 18.74 -35.59 20.20
N TRP A 38 18.52 -36.13 19.00
CA TRP A 38 17.42 -37.03 18.71
C TRP A 38 17.79 -37.83 17.47
N ASN A 39 17.89 -39.15 17.61
CA ASN A 39 18.52 -39.88 16.51
C ASN A 39 17.76 -41.14 16.11
N PRO A 40 17.30 -41.22 14.85
CA PRO A 40 16.64 -42.44 14.39
C PRO A 40 17.65 -43.40 13.79
N PRO A 41 17.65 -44.66 14.23
CA PRO A 41 18.35 -45.70 13.49
C PRO A 41 17.53 -46.14 12.28
N SER A 42 18.22 -46.76 11.32
CA SER A 42 17.61 -47.28 10.11
C SER A 42 17.42 -48.78 10.24
N GLU A 43 16.21 -49.18 10.64
CA GLU A 43 15.90 -50.57 10.93
C GLU A 43 14.40 -50.70 11.09
N SER A 44 13.92 -51.94 11.21
CA SER A 44 12.52 -52.18 11.54
C SER A 44 12.13 -51.41 12.80
N VAL A 45 10.88 -50.99 12.84
CA VAL A 45 10.43 -50.03 13.86
C VAL A 45 10.57 -50.62 15.27
N ASP A 46 10.29 -51.91 15.44
CA ASP A 46 10.40 -52.51 16.76
C ASP A 46 11.82 -52.46 17.30
N ALA A 47 12.80 -52.80 16.45
CA ALA A 47 14.20 -52.80 16.89
C ALA A 47 14.79 -51.40 16.83
N ALA A 48 14.07 -50.45 16.24
CA ALA A 48 14.46 -49.05 16.27
C ALA A 48 13.90 -48.29 17.45
N LEU A 49 12.84 -48.81 18.09
CA LEU A 49 12.24 -48.21 19.27
C LEU A 49 12.67 -48.87 20.58
N LEU A 50 12.67 -50.21 20.65
CA LEU A 50 12.97 -50.86 21.92
C LEU A 50 14.33 -50.48 22.51
N PRO A 51 15.43 -50.40 21.74
CA PRO A 51 16.69 -49.95 22.35
C PRO A 51 16.62 -48.57 22.98
N ASN A 52 15.89 -47.62 22.37
CA ASN A 52 15.71 -46.29 22.94
C ASN A 52 14.33 -46.13 23.55
N PHE A 53 13.81 -47.19 24.17
CA PHE A 53 12.47 -47.14 24.77
C PHE A 53 12.45 -46.20 25.95
N THR A 54 13.42 -46.31 26.86
CA THR A 54 13.40 -45.52 28.09
C THR A 54 13.55 -44.03 27.81
N ARG A 55 14.44 -43.65 26.89
CA ARG A 55 14.65 -42.23 26.61
C ARG A 55 13.43 -41.60 25.95
N GLY A 56 12.88 -42.26 24.93
CA GLY A 56 11.69 -41.73 24.28
C GLY A 56 10.51 -41.62 25.21
N ASN A 57 10.28 -42.66 26.02
CA ASN A 57 9.18 -42.63 26.97
C ASN A 57 9.39 -41.58 28.04
N ALA A 58 10.65 -41.40 28.49
CA ALA A 58 10.93 -40.41 29.51
C ALA A 58 10.70 -39.00 28.99
N ARG A 59 11.14 -38.70 27.78
CA ARG A 59 10.89 -37.37 27.22
C ARG A 59 9.41 -37.20 26.87
N ALA A 60 8.72 -38.30 26.57
CA ALA A 60 7.27 -38.24 26.43
C ALA A 60 6.61 -37.85 27.75
N ASP A 61 7.07 -38.43 28.86
CA ASP A 61 6.58 -38.02 30.17
C ASP A 61 6.86 -36.55 30.41
N ASP A 62 8.08 -36.11 30.04
CA ASP A 62 8.44 -34.71 30.21
C ASP A 62 7.48 -33.79 29.48
N LEU A 63 7.15 -34.11 28.22
CA LEU A 63 6.30 -33.20 27.45
C LEU A 63 4.84 -33.31 27.86
N VAL A 64 4.36 -34.51 28.19
CA VAL A 64 2.98 -34.63 28.66
C VAL A 64 2.79 -34.01 30.03
N ARG A 65 3.87 -33.81 30.78
CA ARG A 65 3.76 -33.14 32.08
C ARG A 65 3.91 -31.63 31.95
N ASN A 66 4.85 -31.17 31.13
CA ASN A 66 5.11 -29.75 30.96
C ASN A 66 4.14 -29.06 30.00
N ASN A 67 3.45 -29.84 29.16
CA ASN A 67 2.70 -29.30 28.04
C ASN A 67 1.22 -29.64 28.18
N GLY A 68 0.37 -28.69 27.80
CA GLY A 68 -1.07 -28.89 27.96
C GLY A 68 -1.70 -29.69 26.84
N TYR A 69 -1.03 -29.75 25.69
CA TYR A 69 -1.61 -30.42 24.53
C TYR A 69 -1.94 -31.87 24.81
N ALA A 70 -1.05 -32.59 25.50
CA ALA A 70 -1.31 -33.98 25.81
C ALA A 70 -2.52 -34.13 26.72
N ALA A 71 -2.66 -33.25 27.71
CA ALA A 71 -3.82 -33.29 28.58
C ALA A 71 -5.10 -33.05 27.80
N ASN A 72 -5.11 -32.04 26.93
CA ASN A 72 -6.30 -31.77 26.14
C ASN A 72 -6.63 -32.94 25.21
N ALA A 73 -5.60 -33.54 24.62
CA ALA A 73 -5.82 -34.64 23.68
C ALA A 73 -6.37 -35.87 24.40
N ILE A 74 -5.83 -36.20 25.57
CA ILE A 74 -6.32 -37.35 26.29
C ILE A 74 -7.73 -37.08 26.82
N GLN A 75 -8.01 -35.84 27.21
CA GLN A 75 -9.34 -35.50 27.70
C GLN A 75 -10.36 -35.62 26.57
N LEU A 76 -10.04 -35.12 25.38
CA LEU A 76 -10.98 -35.23 24.27
C LEU A 76 -11.13 -36.68 23.82
N HIS A 77 -10.04 -37.45 23.84
CA HIS A 77 -10.17 -38.86 23.51
C HIS A 77 -11.09 -39.57 24.49
N GLN A 78 -10.95 -39.25 25.78
CA GLN A 78 -11.85 -39.80 26.78
C GLN A 78 -13.30 -39.43 26.46
N ASP A 79 -13.55 -38.14 26.20
CA ASP A 79 -14.92 -37.67 26.05
C ASP A 79 -15.52 -38.05 24.71
N HIS A 80 -14.71 -38.44 23.73
CA HIS A 80 -15.24 -38.97 22.49
C HIS A 80 -15.40 -40.48 22.50
N ILE A 81 -14.52 -41.20 23.20
CA ILE A 81 -14.55 -42.65 23.17
C ILE A 81 -15.54 -43.18 24.21
N VAL A 82 -15.34 -42.83 25.47
CA VAL A 82 -16.20 -43.30 26.54
C VAL A 82 -17.25 -42.25 26.85
N GLY A 83 -16.81 -41.00 26.95
CA GLY A 83 -17.70 -39.93 27.35
C GLY A 83 -18.21 -40.12 28.76
N SER A 84 -19.54 -40.09 28.89
CA SER A 84 -20.15 -40.25 30.21
C SER A 84 -19.92 -41.64 30.77
N PHE A 85 -20.16 -42.68 29.97
CA PHE A 85 -20.09 -44.05 30.42
C PHE A 85 -19.84 -44.99 29.25
N PHE A 86 -19.62 -46.27 29.56
CA PHE A 86 -19.38 -47.31 28.57
C PHE A 86 -20.37 -48.43 28.88
N ARG A 87 -21.36 -48.60 27.99
CA ARG A 87 -22.51 -49.45 28.25
C ARG A 87 -22.34 -50.82 27.61
N LEU A 88 -22.56 -51.86 28.41
CA LEU A 88 -22.51 -53.23 27.93
C LEU A 88 -23.83 -53.65 27.31
N SER A 89 -23.74 -54.45 26.25
CA SER A 89 -24.90 -55.08 25.63
C SER A 89 -24.52 -56.50 25.24
N HIS A 90 -25.13 -57.48 25.88
CA HIS A 90 -24.79 -58.89 25.67
C HIS A 90 -25.69 -59.47 24.60
N ARG A 91 -25.09 -59.99 23.53
CA ARG A 91 -25.80 -60.63 22.44
C ARG A 91 -25.18 -62.01 22.17
N PRO A 92 -25.55 -63.01 22.97
CA PRO A 92 -25.11 -64.37 22.68
C PRO A 92 -25.60 -64.80 21.30
N SER A 93 -24.77 -65.56 20.61
CA SER A 93 -25.07 -65.96 19.23
C SER A 93 -26.22 -66.96 19.28
N TRP A 94 -27.44 -66.42 19.43
CA TRP A 94 -28.62 -67.26 19.54
C TRP A 94 -28.85 -68.07 18.27
N ARG A 95 -28.67 -67.45 17.10
CA ARG A 95 -28.92 -68.15 15.85
C ARG A 95 -27.96 -69.32 15.66
N TYR A 96 -26.68 -69.11 15.94
CA TYR A 96 -25.70 -70.17 15.71
C TYR A 96 -25.78 -71.24 16.81
N LEU A 97 -25.99 -70.82 18.05
CA LEU A 97 -26.07 -71.76 19.17
C LEU A 97 -27.44 -72.44 19.28
N GLY A 98 -28.41 -72.04 18.47
CA GLY A 98 -29.73 -72.64 18.55
C GLY A 98 -30.58 -72.07 19.66
N ILE A 99 -30.06 -71.07 20.36
CA ILE A 99 -30.76 -70.42 21.46
C ILE A 99 -31.87 -69.55 20.89
N GLY A 100 -33.02 -69.56 21.57
CA GLY A 100 -34.09 -68.66 21.16
C GLY A 100 -33.72 -67.21 21.40
N GLU A 101 -34.18 -66.33 20.51
CA GLU A 101 -33.88 -64.92 20.64
C GLU A 101 -34.51 -64.33 21.89
N GLU A 102 -35.74 -64.77 22.23
CA GLU A 102 -36.39 -64.26 23.43
C GLU A 102 -35.66 -64.71 24.69
N GLU A 103 -35.22 -65.96 24.74
CA GLU A 103 -34.45 -66.41 25.90
C GLU A 103 -33.12 -65.69 25.98
N ALA A 104 -32.47 -65.47 24.84
CA ALA A 104 -31.24 -64.70 24.82
C ALA A 104 -31.47 -63.29 25.34
N ARG A 105 -32.60 -62.68 24.96
CA ARG A 105 -32.86 -61.31 25.37
C ARG A 105 -33.16 -61.21 26.85
N ALA A 106 -33.91 -62.19 27.39
CA ALA A 106 -34.20 -62.19 28.83
C ALA A 106 -32.95 -62.46 29.64
N PHE A 107 -32.13 -63.42 29.18
CA PHE A 107 -30.85 -63.69 29.84
C PHE A 107 -29.95 -62.47 29.79
N SER A 108 -29.97 -61.75 28.67
CA SER A 108 -29.23 -60.50 28.56
C SER A 108 -29.78 -59.45 29.51
N ARG A 109 -31.10 -59.39 29.69
CA ARG A 109 -31.67 -58.48 30.68
C ARG A 109 -31.14 -58.78 32.08
N GLU A 110 -31.12 -60.06 32.44
CA GLU A 110 -30.61 -60.44 33.76
C GLU A 110 -29.14 -60.07 33.90
N VAL A 111 -28.32 -60.39 32.90
CA VAL A 111 -26.89 -60.09 33.01
C VAL A 111 -26.64 -58.59 32.99
N GLU A 112 -27.46 -57.83 32.27
CA GLU A 112 -27.26 -56.38 32.23
C GLU A 112 -27.63 -55.75 33.56
N ALA A 113 -28.73 -56.18 34.17
CA ALA A 113 -29.07 -55.70 35.50
C ALA A 113 -27.97 -56.02 36.50
N ALA A 114 -27.48 -57.26 36.47
CA ALA A 114 -26.40 -57.66 37.38
C ALA A 114 -25.15 -56.83 37.14
N TRP A 115 -24.78 -56.62 35.88
CA TRP A 115 -23.55 -55.92 35.58
C TRP A 115 -23.64 -54.45 35.96
N LYS A 116 -24.79 -53.81 35.69
CA LYS A 116 -24.93 -52.41 36.07
C LYS A 116 -24.91 -52.24 37.58
N GLU A 117 -25.59 -53.13 38.32
CA GLU A 117 -25.58 -53.00 39.77
C GLU A 117 -24.21 -53.30 40.35
N PHE A 118 -23.45 -54.19 39.72
CA PHE A 118 -22.11 -54.50 40.20
C PHE A 118 -21.13 -53.38 39.86
N ALA A 119 -21.34 -52.71 38.74
CA ALA A 119 -20.43 -51.65 38.31
C ALA A 119 -20.71 -50.34 39.04
N GLU A 120 -21.95 -50.11 39.48
CA GLU A 120 -22.32 -48.85 40.09
C GLU A 120 -21.89 -48.75 41.55
N ASP A 121 -20.95 -49.59 41.99
CA ASP A 121 -20.51 -49.56 43.38
C ASP A 121 -19.99 -48.18 43.75
N ASP A 122 -20.54 -47.62 44.83
CA ASP A 122 -20.28 -46.23 45.17
C ASP A 122 -19.01 -46.07 46.00
N CYS A 123 -18.45 -47.17 46.50
CA CYS A 123 -17.29 -47.08 47.37
C CYS A 123 -15.96 -47.27 46.64
N CYS A 124 -15.96 -47.23 45.30
CA CYS A 124 -14.74 -47.36 44.50
C CYS A 124 -14.08 -48.71 44.72
N CYS A 125 -14.88 -49.73 45.02
CA CYS A 125 -14.34 -50.95 45.60
C CYS A 125 -14.05 -52.03 44.57
N ILE A 126 -14.23 -51.73 43.28
CA ILE A 126 -14.10 -52.77 42.26
C ILE A 126 -12.63 -52.99 41.89
N ASP A 127 -11.73 -52.13 42.37
CA ASP A 127 -10.30 -52.28 42.11
C ASP A 127 -9.57 -52.76 43.34
N VAL A 128 -8.43 -53.41 43.13
CA VAL A 128 -7.58 -53.84 44.24
C VAL A 128 -7.02 -52.63 44.97
N GLU A 129 -6.69 -51.57 44.21
CA GLU A 129 -6.31 -50.30 44.83
C GLU A 129 -7.46 -49.66 45.58
N ARG A 130 -8.69 -50.12 45.33
CA ARG A 130 -9.87 -49.71 46.10
C ARG A 130 -10.20 -48.23 45.88
N LYS A 131 -9.69 -47.66 44.79
CA LYS A 131 -9.92 -46.24 44.50
C LYS A 131 -10.31 -45.96 43.06
N ARG A 132 -10.81 -46.94 42.31
CA ARG A 132 -11.26 -46.68 40.95
C ARG A 132 -12.46 -47.56 40.65
N THR A 133 -13.49 -46.96 40.06
CA THR A 133 -14.63 -47.73 39.58
C THR A 133 -14.37 -48.20 38.15
N PHE A 134 -15.40 -48.77 37.51
CA PHE A 134 -15.26 -49.23 36.12
C PHE A 134 -14.94 -48.07 35.19
N THR A 135 -15.50 -46.90 35.46
CA THR A 135 -15.25 -45.73 34.62
C THR A 135 -13.76 -45.43 34.55
N MET A 136 -13.11 -45.35 35.71
CA MET A 136 -11.67 -45.09 35.74
C MET A 136 -10.81 -46.30 35.39
N MET A 137 -11.32 -47.52 35.54
CA MET A 137 -10.71 -48.65 34.82
C MET A 137 -10.54 -48.32 33.35
N ILE A 138 -11.65 -47.99 32.68
CA ILE A 138 -11.58 -47.70 31.25
C ILE A 138 -10.73 -46.45 31.01
N ARG A 139 -10.83 -45.47 31.91
CA ARG A 139 -10.09 -44.22 31.75
C ARG A 139 -8.58 -44.46 31.76
N GLU A 140 -8.06 -45.05 32.83
CA GLU A 140 -6.63 -45.29 32.90
C GLU A 140 -6.17 -46.27 31.82
N GLY A 141 -6.99 -47.29 31.53
CA GLY A 141 -6.61 -48.23 30.49
C GLY A 141 -6.44 -47.56 29.14
N VAL A 142 -7.43 -46.76 28.74
CA VAL A 142 -7.36 -46.11 27.44
C VAL A 142 -6.26 -45.05 27.43
N ALA A 143 -6.06 -44.34 28.55
CA ALA A 143 -5.01 -43.33 28.59
C ALA A 143 -3.62 -43.96 28.43
N MET A 144 -3.39 -45.09 29.11
CA MET A 144 -2.09 -45.73 29.03
C MET A 144 -1.91 -46.48 27.71
N HIS A 145 -2.99 -46.99 27.13
CA HIS A 145 -2.91 -47.60 25.80
C HIS A 145 -2.77 -46.53 24.72
N ALA A 146 -3.07 -45.28 25.05
CA ALA A 146 -2.79 -44.19 24.12
C ALA A 146 -1.35 -43.73 24.24
N PHE A 147 -0.89 -43.50 25.47
CA PHE A 147 0.48 -43.07 25.71
C PHE A 147 1.51 -44.11 25.29
N ASN A 148 1.52 -45.28 25.95
CA ASN A 148 2.49 -46.32 25.63
C ASN A 148 2.03 -47.28 24.55
N GLY A 149 0.78 -47.22 24.12
CA GLY A 149 0.26 -48.15 23.14
C GLY A 149 -0.21 -49.47 23.70
N GLU A 150 -0.06 -49.70 25.00
CA GLU A 150 -0.42 -50.97 25.61
C GLU A 150 -1.13 -50.69 26.93
N LEU A 151 -1.98 -51.62 27.34
CA LEU A 151 -2.53 -51.60 28.67
C LEU A 151 -2.50 -53.00 29.28
N PHE A 152 -2.35 -53.03 30.59
CA PHE A 152 -2.09 -54.23 31.38
C PHE A 152 -3.14 -54.33 32.46
N VAL A 153 -4.08 -55.27 32.33
CA VAL A 153 -5.06 -55.52 33.38
C VAL A 153 -4.78 -56.90 33.95
N GLN A 154 -5.06 -57.09 35.24
CA GLN A 154 -4.89 -58.37 35.91
C GLN A 154 -6.15 -58.71 36.68
N ALA A 155 -6.69 -59.90 36.43
CA ALA A 155 -7.88 -60.39 37.11
C ALA A 155 -7.46 -61.10 38.39
N THR A 156 -7.64 -60.43 39.52
CA THR A 156 -7.24 -60.96 40.81
C THR A 156 -8.47 -61.32 41.63
N TRP A 157 -8.28 -62.17 42.63
CA TRP A 157 -9.36 -62.64 43.49
C TRP A 157 -9.36 -61.82 44.77
N ASP A 158 -10.20 -60.79 44.79
CA ASP A 158 -10.45 -60.01 45.99
C ASP A 158 -11.13 -60.87 47.06
N THR A 159 -10.85 -60.55 48.32
CA THR A 159 -11.49 -61.22 49.44
C THR A 159 -12.55 -60.37 50.14
N SER A 160 -12.71 -59.12 49.73
CA SER A 160 -13.70 -58.25 50.36
C SER A 160 -15.11 -58.70 50.01
N SER A 161 -15.87 -59.11 51.02
CA SER A 161 -17.16 -59.76 50.83
C SER A 161 -18.32 -58.77 50.73
N SER A 162 -18.05 -57.48 50.54
CA SER A 162 -19.11 -56.51 50.41
C SER A 162 -19.92 -56.70 49.12
N ARG A 163 -19.39 -57.46 48.16
CA ARG A 163 -20.07 -57.71 46.90
C ARG A 163 -20.11 -59.21 46.66
N LEU A 164 -21.01 -59.64 45.77
CA LEU A 164 -21.16 -61.07 45.51
C LEU A 164 -19.97 -61.60 44.71
N PHE A 165 -19.32 -60.75 43.93
CA PHE A 165 -18.29 -61.17 42.98
C PHE A 165 -16.90 -60.90 43.57
N ARG A 166 -16.14 -61.96 43.78
CA ARG A 166 -14.79 -61.87 44.35
C ARG A 166 -13.70 -61.58 43.33
N THR A 167 -14.04 -61.08 42.14
CA THR A 167 -12.99 -60.79 41.17
C THR A 167 -12.85 -59.28 41.01
N GLN A 168 -11.63 -58.77 41.23
CA GLN A 168 -11.29 -57.39 40.94
C GLN A 168 -10.27 -57.38 39.81
N PHE A 169 -10.00 -56.19 39.28
CA PHE A 169 -9.08 -56.04 38.15
C PHE A 169 -8.11 -54.92 38.44
N ARG A 170 -6.86 -55.30 38.73
CA ARG A 170 -5.79 -54.37 39.09
C ARG A 170 -4.97 -54.09 37.84
N MET A 171 -4.73 -52.81 37.56
CA MET A 171 -3.97 -52.46 36.37
C MET A 171 -2.49 -52.40 36.71
N VAL A 172 -1.65 -52.83 35.77
CA VAL A 172 -0.23 -53.07 35.99
C VAL A 172 0.55 -52.07 35.16
N SER A 173 1.54 -51.43 35.78
CA SER A 173 2.31 -50.39 35.11
C SER A 173 3.18 -50.98 34.00
N PRO A 174 3.44 -50.20 32.94
CA PRO A 174 4.35 -50.68 31.88
C PRO A 174 5.81 -50.64 32.29
N LYS A 175 6.16 -49.88 33.33
CA LYS A 175 7.53 -49.91 33.82
C LYS A 175 7.87 -51.27 34.41
N ARG A 176 6.86 -52.00 34.88
CA ARG A 176 7.04 -53.32 35.48
C ARG A 176 7.56 -54.35 34.49
N ILE A 177 7.20 -54.24 33.22
CA ILE A 177 7.57 -55.24 32.22
C ILE A 177 8.97 -54.94 31.69
N SER A 178 9.96 -55.58 32.31
CA SER A 178 11.31 -55.63 31.80
C SER A 178 11.84 -57.04 32.02
N ASN A 179 12.95 -57.37 31.36
CA ASN A 179 13.53 -58.69 31.55
C ASN A 179 13.94 -58.86 33.01
N PRO A 180 13.95 -60.11 33.51
CA PRO A 180 14.26 -60.32 34.93
C PRO A 180 15.57 -59.67 35.33
N ASN A 181 15.46 -58.67 36.20
CA ASN A 181 16.58 -57.87 36.66
C ASN A 181 17.16 -57.02 35.52
N ASN A 182 16.26 -56.37 34.78
CA ASN A 182 16.62 -55.30 33.85
C ASN A 182 17.65 -55.76 32.81
N THR A 183 17.75 -57.06 32.59
CA THR A 183 18.68 -57.56 31.59
C THR A 183 18.20 -57.14 30.21
N GLY A 184 19.14 -57.02 29.27
CA GLY A 184 18.78 -56.66 27.92
C GLY A 184 17.98 -57.77 27.26
N ASP A 185 17.42 -57.47 26.10
CA ASP A 185 16.65 -58.45 25.35
C ASP A 185 17.47 -59.72 25.12
N SER A 186 16.78 -60.86 25.09
CA SER A 186 17.44 -62.14 24.90
C SER A 186 16.78 -62.92 23.76
N ARG A 187 17.15 -64.19 23.63
CA ARG A 187 16.57 -65.04 22.58
C ARG A 187 15.05 -65.06 22.66
N ASN A 188 14.51 -65.55 23.78
CA ASN A 188 13.07 -65.65 23.96
C ASN A 188 12.53 -64.75 25.07
N CYS A 189 13.40 -64.27 25.97
CA CYS A 189 13.03 -63.27 26.96
C CYS A 189 13.35 -61.90 26.38
N ARG A 190 12.32 -61.19 25.94
CA ARG A 190 12.50 -60.01 25.11
C ARG A 190 11.76 -58.84 25.74
N ALA A 191 12.51 -57.93 26.37
CA ALA A 191 11.95 -56.74 27.00
C ALA A 191 10.89 -57.09 28.03
N GLY A 192 11.07 -58.23 28.69
CA GLY A 192 10.18 -58.64 29.77
C GLY A 192 9.16 -59.70 29.42
N VAL A 193 8.92 -59.96 28.14
CA VAL A 193 7.97 -60.98 27.74
C VAL A 193 8.74 -62.24 27.33
N GLN A 194 8.32 -63.36 27.89
CA GLN A 194 8.87 -64.66 27.55
C GLN A 194 7.98 -65.28 26.48
N ILE A 195 8.55 -65.43 25.28
CA ILE A 195 7.82 -65.95 24.13
C ILE A 195 8.57 -67.16 23.59
N ASN A 196 7.97 -67.79 22.59
CA ASN A 196 8.63 -68.91 21.91
C ASN A 196 9.35 -68.38 20.67
N ASP A 197 9.88 -69.29 19.86
CA ASP A 197 10.47 -68.88 18.59
C ASP A 197 9.41 -68.30 17.66
N SER A 198 8.19 -68.85 17.73
CA SER A 198 7.07 -68.37 16.93
C SER A 198 6.50 -67.06 17.47
N GLY A 199 6.95 -66.60 18.63
CA GLY A 199 6.52 -65.33 19.17
C GLY A 199 5.39 -65.38 20.18
N ALA A 200 4.77 -66.56 20.37
CA ALA A 200 3.61 -66.65 21.24
C ALA A 200 3.92 -66.18 22.64
N ALA A 201 3.17 -65.16 23.09
CA ALA A 201 3.42 -64.52 24.37
C ALA A 201 3.00 -65.45 25.49
N LEU A 202 3.98 -66.09 26.13
CA LEU A 202 3.69 -66.98 27.26
C LEU A 202 3.42 -66.18 28.53
N GLY A 203 4.41 -65.42 28.99
CA GLY A 203 4.24 -64.67 30.22
C GLY A 203 5.16 -63.47 30.27
N TYR A 204 5.24 -62.89 31.47
CA TYR A 204 5.82 -61.58 31.66
C TYR A 204 6.58 -61.54 32.97
N TYR A 205 7.57 -60.66 33.04
CA TYR A 205 8.36 -60.43 34.24
C TYR A 205 8.03 -59.05 34.79
N VAL A 206 7.17 -59.02 35.81
CA VAL A 206 6.71 -57.79 36.43
C VAL A 206 7.74 -57.36 37.47
N SER A 207 8.40 -56.23 37.22
CA SER A 207 9.30 -55.65 38.21
C SER A 207 8.48 -55.04 39.34
N GLU A 208 9.06 -55.04 40.54
CA GLU A 208 8.38 -54.48 41.70
C GLU A 208 8.18 -52.97 41.52
N ASP A 209 7.10 -52.47 42.12
CA ASP A 209 6.76 -51.06 42.06
C ASP A 209 7.92 -50.21 42.59
N GLY A 210 8.03 -49.00 42.05
CA GLY A 210 9.05 -48.04 42.47
C GLY A 210 8.54 -46.83 43.24
N TYR A 211 7.36 -46.90 43.84
CA TYR A 211 6.79 -45.82 44.64
C TYR A 211 6.53 -46.28 46.07
N PRO A 212 7.30 -45.78 47.06
CA PRO A 212 8.18 -44.61 47.03
C PRO A 212 9.44 -44.83 46.20
N GLY A 213 10.13 -43.76 45.83
CA GLY A 213 11.22 -43.84 44.88
C GLY A 213 12.39 -44.68 45.32
N TRP A 214 12.24 -45.41 46.43
CA TRP A 214 13.31 -46.26 46.92
C TRP A 214 12.90 -47.70 47.17
N MET A 215 11.96 -48.23 46.38
CA MET A 215 11.83 -49.68 46.47
C MET A 215 12.67 -50.32 45.38
N PRO A 216 13.36 -51.42 45.68
CA PRO A 216 14.04 -52.17 44.62
C PRO A 216 13.03 -52.90 43.76
N GLN A 217 13.43 -53.24 42.54
CA GLN A 217 12.56 -53.99 41.66
C GLN A 217 12.90 -55.48 41.72
N LYS A 218 11.89 -56.31 41.87
CA LYS A 218 12.01 -57.76 41.74
C LYS A 218 11.01 -58.24 40.70
N TRP A 219 11.46 -59.14 39.82
CA TRP A 219 10.68 -59.56 38.66
C TRP A 219 9.93 -60.85 38.99
N THR A 220 8.62 -60.83 38.74
CA THR A 220 7.73 -61.93 39.07
C THR A 220 7.05 -62.44 37.80
N TRP A 221 6.83 -63.74 37.74
CA TRP A 221 6.27 -64.40 36.56
C TRP A 221 4.76 -64.17 36.51
N ILE A 222 4.24 -63.81 35.35
CA ILE A 222 2.80 -63.62 35.14
C ILE A 222 2.42 -64.17 33.77
N PRO A 223 1.63 -65.25 33.70
CA PRO A 223 1.21 -65.74 32.38
C PRO A 223 0.19 -64.80 31.75
N ARG A 224 0.13 -64.83 30.41
CA ARG A 224 -0.79 -63.95 29.70
C ARG A 224 -2.24 -64.35 29.93
N GLU A 225 -2.55 -65.63 29.79
CA GLU A 225 -3.90 -66.13 30.01
C GLU A 225 -3.82 -67.55 30.55
N LEU A 226 -4.88 -67.96 31.22
CA LEU A 226 -4.97 -69.32 31.72
C LEU A 226 -5.32 -70.27 30.58
N PRO A 227 -4.91 -71.54 30.68
CA PRO A 227 -5.16 -72.48 29.58
C PRO A 227 -6.63 -72.67 29.24
N GLY A 228 -7.51 -72.62 30.23
CA GLY A 228 -8.93 -72.77 30.01
C GLY A 228 -9.62 -71.60 29.37
N GLY A 229 -8.86 -70.65 28.82
CA GLY A 229 -9.42 -69.46 28.23
C GLY A 229 -9.66 -68.32 29.21
N ARG A 230 -9.40 -68.53 30.49
CA ARG A 230 -9.57 -67.47 31.48
C ARG A 230 -8.58 -66.34 31.21
N ALA A 231 -9.10 -65.12 31.20
CA ALA A 231 -8.28 -63.94 30.89
C ALA A 231 -7.67 -63.40 32.17
N SER A 232 -6.48 -63.91 32.51
CA SER A 232 -5.81 -63.45 33.72
C SER A 232 -5.08 -62.13 33.50
N PHE A 233 -4.10 -62.13 32.61
CA PHE A 233 -3.31 -60.93 32.31
C PHE A 233 -3.72 -60.39 30.95
N ILE A 234 -4.65 -59.45 30.95
CA ILE A 234 -5.18 -58.82 29.76
C ILE A 234 -4.14 -57.82 29.27
N HIS A 235 -3.41 -58.18 28.22
CA HIS A 235 -2.37 -57.36 27.62
C HIS A 235 -2.85 -56.88 26.26
N VAL A 236 -3.45 -55.69 26.21
CA VAL A 236 -4.03 -55.18 24.98
C VAL A 236 -3.13 -54.09 24.43
N PHE A 237 -2.52 -54.35 23.27
CA PHE A 237 -1.68 -53.36 22.62
C PHE A 237 -1.88 -53.47 21.12
N GLU A 238 -1.63 -52.37 20.42
CA GLU A 238 -1.72 -52.35 18.96
C GLU A 238 -0.34 -52.56 18.36
N PRO A 239 -0.07 -53.70 17.74
CA PRO A 239 1.21 -53.88 17.06
C PRO A 239 1.16 -53.38 15.63
N VAL A 240 2.07 -52.44 15.33
CA VAL A 240 2.22 -51.91 13.99
C VAL A 240 2.74 -52.94 13.01
N GLU A 241 3.55 -53.89 13.47
CA GLU A 241 4.07 -54.95 12.61
C GLU A 241 4.10 -56.25 13.40
N ASP A 242 4.49 -57.32 12.72
CA ASP A 242 4.61 -58.63 13.37
C ASP A 242 5.76 -58.63 14.37
N GLY A 243 5.59 -59.42 15.43
CA GLY A 243 6.62 -59.58 16.43
C GLY A 243 6.82 -58.38 17.33
N GLN A 244 6.11 -57.28 17.08
CA GLN A 244 6.22 -56.10 17.93
C GLN A 244 5.57 -56.39 19.26
N THR A 245 6.18 -55.88 20.34
CA THR A 245 5.71 -56.15 21.69
C THR A 245 5.13 -54.93 22.38
N ARG A 246 5.43 -53.73 21.90
CA ARG A 246 5.03 -52.50 22.56
C ARG A 246 4.21 -51.66 21.59
N GLY A 247 3.51 -50.67 22.14
CA GLY A 247 2.66 -49.84 21.31
C GLY A 247 3.38 -48.64 20.75
N ALA A 248 2.60 -47.59 20.46
CA ALA A 248 3.09 -46.39 19.80
C ALA A 248 3.46 -45.34 20.83
N ASN A 249 4.25 -44.36 20.40
CA ASN A 249 4.75 -43.33 21.31
C ASN A 249 4.02 -42.01 21.08
N VAL A 250 4.51 -40.97 21.76
CA VAL A 250 4.06 -39.62 21.43
C VAL A 250 5.26 -38.70 21.15
N PHE A 251 6.24 -38.64 22.06
CA PHE A 251 7.36 -37.70 21.98
C PHE A 251 8.13 -37.78 20.66
N TYR A 252 8.20 -38.98 20.07
CA TYR A 252 9.01 -39.19 18.89
C TYR A 252 8.40 -38.48 17.68
N SER A 253 7.28 -37.78 17.89
CA SER A 253 6.73 -36.83 16.93
C SER A 253 6.38 -35.49 17.59
N VAL A 254 6.86 -35.24 18.81
CA VAL A 254 6.49 -34.03 19.55
C VAL A 254 7.71 -33.22 19.94
N MET A 255 8.90 -33.76 19.69
CA MET A 255 10.11 -32.98 19.93
C MET A 255 10.07 -31.65 19.18
N GLU A 256 9.39 -31.64 18.02
CA GLU A 256 9.40 -30.44 17.19
C GLU A 256 8.49 -29.36 17.76
N GLN A 257 7.36 -29.73 18.38
CA GLN A 257 6.65 -28.72 19.17
C GLN A 257 7.50 -28.23 20.32
N MET A 258 8.20 -29.14 21.00
CA MET A 258 9.06 -28.69 22.10
C MET A 258 10.00 -27.58 21.63
N LYS A 259 10.68 -27.81 20.51
CA LYS A 259 11.73 -26.87 20.12
C LYS A 259 11.19 -25.67 19.34
N MET A 260 10.06 -25.81 18.64
CA MET A 260 9.35 -24.63 18.13
C MET A 260 8.80 -23.74 19.24
N LEU A 261 8.21 -24.31 20.29
CA LEU A 261 7.74 -23.45 21.37
C LEU A 261 8.92 -22.76 22.02
N ASP A 262 10.04 -23.48 22.20
CA ASP A 262 11.23 -22.85 22.73
C ASP A 262 11.73 -21.71 21.85
N THR A 263 11.79 -21.92 20.53
CA THR A 263 12.36 -20.90 19.66
C THR A 263 11.44 -19.69 19.52
N LEU A 264 10.13 -19.92 19.41
CA LEU A 264 9.20 -18.79 19.35
C LEU A 264 9.24 -18.01 20.66
N GLN A 265 9.34 -18.73 21.78
CA GLN A 265 9.39 -18.09 23.08
C GLN A 265 10.61 -17.19 23.18
N ASN A 266 11.79 -17.73 22.84
CA ASN A 266 13.02 -16.98 22.94
C ASN A 266 13.05 -15.81 21.95
N THR A 267 12.51 -16.01 20.74
CA THR A 267 12.55 -14.94 19.76
C THR A 267 11.59 -13.82 20.13
N GLN A 268 10.45 -14.15 20.75
CA GLN A 268 9.61 -13.08 21.24
C GLN A 268 10.27 -12.34 22.39
N LEU A 269 10.95 -13.06 23.28
CA LEU A 269 11.67 -12.39 24.36
C LEU A 269 12.73 -11.43 23.82
N GLN A 270 13.55 -11.89 22.86
CA GLN A 270 14.57 -11.00 22.30
C GLN A 270 13.95 -9.81 21.58
N SER A 271 12.88 -10.05 20.82
CA SER A 271 12.24 -8.94 20.10
C SER A 271 11.71 -7.90 21.08
N ALA A 272 11.07 -8.36 22.16
CA ALA A 272 10.52 -7.44 23.14
C ALA A 272 11.63 -6.66 23.84
N ILE A 273 12.74 -7.33 24.18
CA ILE A 273 13.76 -6.65 24.96
C ILE A 273 14.59 -5.72 24.09
N VAL A 274 14.60 -5.92 22.76
CA VAL A 274 15.46 -5.08 21.93
C VAL A 274 14.67 -4.14 21.02
N LYS A 275 13.33 -4.11 21.11
CA LYS A 275 12.68 -3.00 20.41
C LYS A 275 13.18 -1.62 20.86
N ALA A 276 13.56 -1.34 22.11
CA ALA A 276 14.05 -0.02 22.49
C ALA A 276 15.24 -0.11 23.43
N MET A 277 16.21 -0.96 23.13
CA MET A 277 17.49 -0.91 23.82
C MET A 277 18.26 0.29 23.31
N TYR A 278 18.88 1.03 24.23
CA TYR A 278 19.45 2.33 23.89
C TYR A 278 20.81 2.46 24.56
N ALA A 279 21.79 2.92 23.81
CA ALA A 279 23.16 3.13 24.29
C ALA A 279 23.31 4.61 24.65
N ALA A 280 23.72 4.87 25.89
CA ALA A 280 23.88 6.24 26.38
C ALA A 280 25.34 6.46 26.70
N THR A 281 26.12 6.88 25.71
CA THR A 281 27.53 7.18 25.90
C THR A 281 27.77 8.64 25.59
N ILE A 282 29.01 9.07 25.78
CA ILE A 282 29.40 10.45 25.50
C ILE A 282 30.60 10.44 24.58
N GLU A 283 30.51 11.18 23.49
CA GLU A 283 31.62 11.44 22.59
C GLU A 283 31.91 12.95 22.64
N SER A 284 33.05 13.35 22.08
CA SER A 284 33.38 14.75 21.99
C SER A 284 34.07 15.01 20.66
N GLU A 285 34.35 16.28 20.40
CA GLU A 285 35.08 16.66 19.19
C GLU A 285 36.55 16.25 19.26
N LEU A 286 37.31 16.79 20.21
CA LEU A 286 38.67 16.36 20.56
C LEU A 286 39.44 15.81 19.38
N ASP A 287 39.97 14.60 19.55
CA ASP A 287 40.30 13.68 18.46
C ASP A 287 41.11 14.36 17.35
N THR A 288 42.23 14.95 17.75
CA THR A 288 43.08 15.58 16.76
C THR A 288 44.03 14.57 16.13
N GLN A 289 43.50 13.42 15.72
CA GLN A 289 44.21 12.42 14.93
C GLN A 289 45.63 12.18 15.39
N SER A 290 46.58 12.83 14.71
CA SER A 290 47.99 12.67 15.04
C SER A 290 48.30 13.17 16.44
N ALA A 291 47.71 14.31 16.83
CA ALA A 291 47.93 14.82 18.17
C ALA A 291 47.39 13.89 19.24
N MET A 292 46.19 13.33 19.05
CA MET A 292 45.64 12.39 20.01
C MET A 292 46.49 11.12 20.10
N ASP A 293 46.94 10.61 18.95
CA ASP A 293 47.79 9.42 18.96
C ASP A 293 49.12 9.69 19.65
N PHE A 294 49.72 10.85 19.40
CA PHE A 294 50.98 11.20 20.04
C PHE A 294 50.79 11.35 21.55
N ILE A 295 49.68 11.97 21.96
CA ILE A 295 49.40 12.10 23.38
C ILE A 295 49.21 10.74 24.04
N LEU A 296 48.49 9.82 23.37
CA LEU A 296 48.30 8.48 23.92
C LEU A 296 49.63 7.74 24.03
N GLY A 297 50.48 7.85 23.00
CA GLY A 297 51.78 7.18 23.04
C GLY A 297 52.68 7.76 24.12
N ALA A 298 52.67 9.09 24.28
CA ALA A 298 53.46 9.72 25.33
C ALA A 298 52.95 9.32 26.71
N ASN A 299 51.63 9.19 26.86
CA ASN A 299 51.07 8.70 28.11
C ASN A 299 51.51 7.27 28.38
N SER A 300 51.47 6.42 27.35
CA SER A 300 51.89 5.03 27.52
C SER A 300 53.35 4.95 27.93
N GLN A 301 54.19 5.80 27.35
CA GLN A 301 55.61 5.77 27.67
C GLN A 301 55.91 6.39 29.04
N GLU A 302 55.70 7.70 29.18
CA GLU A 302 55.99 8.35 30.45
C GLU A 302 55.06 9.48 30.83
N GLN A 303 54.01 9.79 30.05
CA GLN A 303 53.29 11.03 30.30
C GLN A 303 51.83 10.73 30.63
N ARG A 304 51.62 9.79 31.55
CA ARG A 304 50.27 9.47 32.04
C ARG A 304 49.62 10.64 32.75
N GLU A 305 50.39 11.67 33.13
CA GLU A 305 49.79 12.84 33.75
C GLU A 305 48.81 13.55 32.81
N ARG A 306 49.03 13.48 31.50
CA ARG A 306 48.05 14.02 30.56
C ARG A 306 46.72 13.29 30.68
N LEU A 307 46.76 11.95 30.71
CA LEU A 307 45.53 11.19 30.84
C LEU A 307 44.87 11.44 32.18
N THR A 308 45.65 11.53 33.26
CA THR A 308 45.07 11.82 34.57
C THR A 308 44.40 13.19 34.59
N GLY A 309 45.06 14.20 33.99
CA GLY A 309 44.46 15.52 33.94
C GLY A 309 43.20 15.55 33.11
N TRP A 310 43.20 14.86 31.96
CA TRP A 310 41.99 14.83 31.14
C TRP A 310 40.85 14.09 31.86
N ILE A 311 41.17 13.00 32.55
CA ILE A 311 40.15 12.27 33.30
C ILE A 311 39.60 13.13 34.42
N GLY A 312 40.47 13.88 35.10
CA GLY A 312 39.98 14.80 36.12
C GLY A 312 39.09 15.88 35.54
N GLU A 313 39.48 16.44 34.40
CA GLU A 313 38.65 17.46 33.76
C GLU A 313 37.30 16.89 33.34
N ILE A 314 37.27 15.65 32.85
CA ILE A 314 36.00 15.06 32.40
C ILE A 314 35.14 14.68 33.60
N ALA A 315 35.77 14.23 34.69
CA ALA A 315 35.00 13.97 35.91
C ALA A 315 34.39 15.25 36.45
N ALA A 316 35.15 16.34 36.47
CA ALA A 316 34.60 17.63 36.85
C ALA A 316 33.52 18.05 35.86
N TYR A 317 33.69 17.68 34.59
CA TYR A 317 32.69 17.99 33.58
C TYR A 317 31.35 17.34 33.91
N TYR A 318 31.38 16.03 34.17
CA TYR A 318 30.17 15.28 34.47
C TYR A 318 29.63 15.58 35.86
N ALA A 319 30.44 16.17 36.75
CA ALA A 319 29.93 16.53 38.06
C ALA A 319 29.54 18.00 38.15
N ALA A 320 29.81 18.78 37.11
CA ALA A 320 29.35 20.16 37.07
C ALA A 320 28.19 20.33 36.10
N ALA A 321 28.10 19.46 35.08
CA ALA A 321 26.97 19.34 34.18
C ALA A 321 25.76 18.66 34.81
N PRO A 322 25.93 17.75 35.79
CA PRO A 322 25.09 16.56 35.87
C PRO A 322 24.55 16.12 34.52
N VAL A 323 25.34 15.30 33.81
CA VAL A 323 24.93 14.77 32.52
C VAL A 323 23.91 13.68 32.78
N ARG A 324 22.64 14.02 32.66
CA ARG A 324 21.53 13.13 32.99
C ARG A 324 20.51 13.21 31.86
N LEU A 325 20.01 12.05 31.41
CA LEU A 325 19.15 12.04 30.24
C LEU A 325 17.68 12.09 30.63
N GLY A 326 17.26 11.27 31.60
CA GLY A 326 15.85 11.07 31.89
C GLY A 326 15.56 11.03 33.37
N GLY A 327 15.00 9.92 33.83
CA GLY A 327 14.98 9.63 35.25
C GLY A 327 16.26 9.00 35.76
N ALA A 328 17.15 8.57 34.87
CA ALA A 328 18.35 7.85 35.24
C ALA A 328 19.59 8.61 34.78
N LYS A 329 20.70 8.30 35.43
CA LYS A 329 21.98 8.91 35.10
C LYS A 329 22.58 8.27 33.86
N VAL A 330 23.15 9.11 32.99
CA VAL A 330 23.87 8.64 31.82
C VAL A 330 25.11 7.88 32.31
N PRO A 331 25.31 6.63 31.92
CA PRO A 331 26.49 5.89 32.40
C PRO A 331 27.79 6.57 31.97
N HIS A 332 28.70 6.65 32.93
CA HIS A 332 29.89 7.48 32.85
C HIS A 332 30.78 7.06 31.70
N LEU A 333 30.83 7.89 30.66
CA LEU A 333 31.70 7.70 29.51
C LEU A 333 32.43 8.99 29.20
N MET A 334 33.70 9.04 29.59
CA MET A 334 34.57 10.09 29.11
C MET A 334 34.76 10.00 27.60
N PRO A 335 35.08 11.13 26.96
CA PRO A 335 34.99 11.19 25.48
C PRO A 335 35.87 10.17 24.78
N GLY A 336 35.41 9.78 23.58
CA GLY A 336 36.21 8.99 22.67
C GLY A 336 35.90 7.52 22.62
N ASP A 337 34.80 7.07 23.20
CA ASP A 337 34.43 5.65 23.19
C ASP A 337 32.91 5.54 23.21
N SER A 338 32.37 4.76 22.27
CA SER A 338 30.93 4.53 22.19
C SER A 338 30.67 3.16 21.58
N LEU A 339 29.49 2.62 21.89
CA LEU A 339 29.07 1.33 21.36
C LEU A 339 28.50 1.50 19.96
N ASN A 340 28.76 0.52 19.10
CA ASN A 340 28.26 0.50 17.73
C ASN A 340 27.17 -0.57 17.64
N LEU A 341 25.93 -0.19 17.95
CA LEU A 341 24.81 -1.13 17.98
C LEU A 341 24.11 -1.15 16.62
N GLN A 342 24.91 -1.32 15.56
CA GLN A 342 24.36 -1.59 14.25
C GLN A 342 23.83 -3.02 14.23
N THR A 343 22.72 -3.22 13.52
CA THR A 343 21.89 -4.40 13.71
C THR A 343 22.07 -5.38 12.55
N ALA A 344 21.33 -6.50 12.64
CA ALA A 344 21.28 -7.49 11.58
C ALA A 344 20.14 -7.13 10.63
N GLN A 345 19.73 -8.08 9.78
CA GLN A 345 18.67 -7.80 8.81
C GLN A 345 17.36 -7.51 9.52
N ASP A 346 16.48 -6.78 8.82
CA ASP A 346 15.26 -6.28 9.44
C ASP A 346 14.01 -6.63 8.62
N THR A 347 13.99 -7.84 8.07
CA THR A 347 12.80 -8.32 7.37
C THR A 347 11.85 -8.91 8.41
N ASP A 348 10.58 -9.09 8.05
CA ASP A 348 9.65 -9.75 8.96
C ASP A 348 10.10 -11.17 9.25
N ASN A 349 9.89 -11.59 10.49
CA ASN A 349 10.37 -12.88 10.97
C ASN A 349 9.71 -14.06 10.26
N GLY A 350 8.52 -13.86 9.67
CA GLY A 350 7.85 -14.96 8.98
C GLY A 350 7.24 -15.99 9.91
N TYR A 351 7.60 -15.93 11.20
CA TYR A 351 7.11 -16.90 12.17
C TYR A 351 5.59 -17.02 12.14
N SER A 352 4.89 -15.97 11.71
CA SER A 352 3.44 -16.04 11.62
C SER A 352 3.00 -17.19 10.72
N VAL A 353 3.38 -17.15 9.44
CA VAL A 353 2.91 -18.20 8.55
C VAL A 353 3.70 -19.49 8.79
N PHE A 354 4.95 -19.41 9.27
CA PHE A 354 5.59 -20.65 9.73
C PHE A 354 4.71 -21.37 10.75
N GLU A 355 4.28 -20.66 11.80
CA GLU A 355 3.57 -21.32 12.89
C GLU A 355 2.19 -21.76 12.48
N GLN A 356 1.47 -20.96 11.67
CA GLN A 356 0.18 -21.42 11.17
C GLN A 356 0.33 -22.68 10.33
N SER A 357 1.28 -22.68 9.40
CA SER A 357 1.51 -23.85 8.57
C SER A 357 1.86 -25.07 9.41
N LEU A 358 2.74 -24.91 10.41
CA LEU A 358 3.18 -26.08 11.18
C LEU A 358 2.09 -26.54 12.16
N LEU A 359 1.24 -25.63 12.62
CA LEU A 359 0.19 -26.03 13.56
C LEU A 359 -0.91 -26.79 12.84
N ARG A 360 -1.43 -26.23 11.75
CA ARG A 360 -2.04 -26.99 10.66
C ARG A 360 -1.42 -28.39 10.50
N TYR A 361 -0.16 -28.40 10.12
CA TYR A 361 0.62 -29.59 9.82
C TYR A 361 0.47 -30.66 10.89
N ILE A 362 0.88 -30.37 12.11
CA ILE A 362 0.95 -31.42 13.10
C ILE A 362 -0.43 -31.66 13.71
N ALA A 363 -1.35 -30.71 13.49
CA ALA A 363 -2.70 -30.87 14.01
C ALA A 363 -3.39 -32.05 13.34
N ALA A 364 -3.46 -32.06 12.01
CA ALA A 364 -3.97 -33.29 11.42
C ALA A 364 -2.83 -34.23 11.05
N GLY A 365 -1.71 -34.04 11.73
CA GLY A 365 -0.81 -35.15 12.01
C GLY A 365 -1.29 -35.97 13.19
N LEU A 366 -0.92 -35.58 14.40
CA LEU A 366 -1.41 -36.22 15.62
C LEU A 366 -2.90 -36.57 15.58
N GLY A 367 -3.73 -35.84 14.83
CA GLY A 367 -5.04 -36.35 14.49
C GLY A 367 -6.20 -35.46 14.86
N VAL A 368 -6.13 -34.80 16.00
CA VAL A 368 -7.20 -33.91 16.43
C VAL A 368 -6.83 -32.50 16.03
N SER A 369 -7.75 -31.86 15.32
CA SER A 369 -7.47 -30.59 14.69
C SER A 369 -7.25 -29.49 15.74
N TYR A 370 -6.34 -28.57 15.44
CA TYR A 370 -6.07 -27.49 16.39
C TYR A 370 -7.17 -26.43 16.39
N GLU A 371 -7.98 -26.33 15.31
CA GLU A 371 -9.00 -25.28 15.37
C GLU A 371 -9.93 -25.51 16.54
N GLN A 372 -9.71 -26.60 17.29
CA GLN A 372 -10.26 -26.82 18.62
C GLN A 372 -9.23 -27.29 19.65
N LEU A 373 -8.05 -27.80 19.26
CA LEU A 373 -7.05 -28.06 20.30
C LEU A 373 -6.51 -26.77 20.87
N SER A 374 -6.63 -25.68 20.12
CA SER A 374 -6.57 -24.36 20.73
C SER A 374 -7.54 -23.33 20.14
N ARG A 375 -8.49 -23.76 19.27
CA ARG A 375 -9.84 -23.20 19.12
C ARG A 375 -9.98 -22.04 18.12
N ASN A 376 -9.01 -21.85 17.24
CA ASN A 376 -9.20 -20.74 16.28
C ASN A 376 -10.60 -20.68 15.65
N TYR A 377 -11.06 -19.48 15.33
CA TYR A 377 -12.33 -19.35 14.63
C TYR A 377 -12.14 -18.65 13.30
N ALA A 378 -10.90 -18.67 12.82
CA ALA A 378 -10.46 -17.93 11.65
C ALA A 378 -11.12 -18.50 10.40
N GLN A 379 -11.86 -17.64 9.69
CA GLN A 379 -12.43 -17.89 8.37
C GLN A 379 -13.08 -19.26 8.23
N MET A 380 -13.58 -19.82 9.33
CA MET A 380 -14.16 -21.16 9.26
C MET A 380 -15.65 -21.05 8.91
N SER A 381 -16.11 -21.96 8.05
CA SER A 381 -17.41 -21.83 7.40
C SER A 381 -18.30 -23.03 7.72
N TYR A 382 -19.43 -23.11 7.01
CA TYR A 382 -20.47 -24.06 7.39
C TYR A 382 -20.11 -25.48 6.96
N SER A 383 -19.80 -25.65 5.68
CA SER A 383 -19.30 -26.94 5.20
C SER A 383 -18.02 -27.31 5.92
N THR A 384 -17.14 -26.34 6.12
CA THR A 384 -15.99 -26.53 6.99
C THR A 384 -16.38 -27.24 8.27
N ALA A 385 -17.32 -26.63 9.01
CA ALA A 385 -17.67 -27.13 10.33
C ALA A 385 -18.24 -28.54 10.26
N ARG A 386 -19.25 -28.78 9.43
CA ARG A 386 -19.90 -30.08 9.56
C ARG A 386 -19.09 -31.19 8.90
N ALA A 387 -18.34 -30.88 7.83
CA ALA A 387 -17.46 -31.90 7.25
C ALA A 387 -16.37 -32.28 8.24
N SER A 388 -15.68 -31.29 8.82
CA SER A 388 -14.63 -31.58 9.78
C SER A 388 -15.20 -32.37 10.96
N ALA A 389 -16.35 -31.94 11.47
CA ALA A 389 -16.95 -32.59 12.62
C ALA A 389 -17.33 -34.04 12.33
N ASN A 390 -17.95 -34.30 11.18
CA ASN A 390 -18.40 -35.66 10.94
C ASN A 390 -17.22 -36.59 10.65
N GLU A 391 -16.22 -36.12 9.91
CA GLU A 391 -15.06 -36.98 9.67
C GLU A 391 -14.31 -37.26 10.98
N SER A 392 -14.11 -36.22 11.81
CA SER A 392 -13.39 -36.43 13.05
C SER A 392 -14.17 -37.34 13.99
N TRP A 393 -15.50 -37.20 14.03
CA TRP A 393 -16.30 -38.04 14.91
C TRP A 393 -16.33 -39.48 14.44
N ALA A 394 -16.44 -39.71 13.13
CA ALA A 394 -16.35 -41.08 12.63
C ALA A 394 -14.98 -41.68 12.93
N TYR A 395 -13.95 -40.85 12.91
CA TYR A 395 -12.60 -41.35 13.16
C TYR A 395 -12.40 -41.67 14.63
N PHE A 396 -13.03 -40.90 15.51
CA PHE A 396 -13.08 -41.26 16.92
C PHE A 396 -13.91 -42.51 17.15
N MET A 397 -14.95 -42.71 16.34
CA MET A 397 -15.68 -43.97 16.42
C MET A 397 -14.76 -45.13 16.06
N GLY A 398 -13.92 -44.93 15.06
CA GLY A 398 -12.87 -45.87 14.70
C GLY A 398 -11.96 -46.20 15.88
N ARG A 399 -11.31 -45.18 16.43
CA ARG A 399 -10.46 -45.40 17.61
C ARG A 399 -11.21 -46.07 18.75
N ARG A 400 -12.46 -45.67 19.00
CA ARG A 400 -13.24 -46.29 20.07
C ARG A 400 -13.40 -47.78 19.82
N LYS A 401 -13.92 -48.15 18.65
CA LYS A 401 -14.14 -49.56 18.34
C LYS A 401 -12.82 -50.33 18.22
N PHE A 402 -11.70 -49.63 18.07
CA PHE A 402 -10.41 -50.31 17.95
C PHE A 402 -9.70 -50.53 19.28
N VAL A 403 -9.82 -49.62 20.24
CA VAL A 403 -9.02 -49.66 21.46
C VAL A 403 -9.88 -49.60 22.72
N ALA A 404 -11.20 -49.84 22.58
CA ALA A 404 -12.03 -49.92 23.78
C ALA A 404 -12.71 -51.28 23.89
N SER A 405 -13.12 -51.84 22.74
CA SER A 405 -13.87 -53.08 22.75
C SER A 405 -13.05 -54.25 23.27
N ARG A 406 -11.72 -54.20 23.08
CA ARG A 406 -10.87 -55.23 23.64
C ARG A 406 -11.01 -55.30 25.15
N GLN A 407 -10.81 -54.18 25.82
CA GLN A 407 -10.89 -54.15 27.28
C GLN A 407 -12.30 -54.48 27.73
N ALA A 408 -13.29 -53.94 27.03
CA ALA A 408 -14.68 -54.20 27.38
C ALA A 408 -14.98 -55.69 27.32
N SER A 409 -14.64 -56.34 26.21
CA SER A 409 -14.93 -57.77 26.06
C SER A 409 -14.14 -58.61 27.05
N GLN A 410 -12.89 -58.24 27.31
CA GLN A 410 -12.07 -59.01 28.26
C GLN A 410 -12.66 -58.94 29.66
N MET A 411 -13.00 -57.74 30.11
CA MET A 411 -13.58 -57.57 31.45
C MET A 411 -14.94 -58.25 31.54
N PHE A 412 -15.74 -58.13 30.48
CA PHE A 412 -17.04 -58.78 30.45
C PHE A 412 -16.92 -60.29 30.49
N LEU A 413 -15.95 -60.85 29.77
CA LEU A 413 -15.73 -62.29 29.81
C LEU A 413 -15.34 -62.75 31.20
N CYS A 414 -14.43 -62.03 31.86
CA CYS A 414 -14.04 -62.43 33.21
C CYS A 414 -15.24 -62.35 34.17
N TRP A 415 -15.99 -61.25 34.09
CA TRP A 415 -17.13 -61.07 34.99
C TRP A 415 -18.20 -62.12 34.73
N LEU A 416 -18.44 -62.45 33.46
CA LEU A 416 -19.46 -63.45 33.12
C LEU A 416 -19.03 -64.83 33.55
N GLU A 417 -17.74 -65.14 33.42
CA GLU A 417 -17.23 -66.41 33.95
C GLU A 417 -17.47 -66.49 35.45
N GLU A 418 -17.19 -65.40 36.17
CA GLU A 418 -17.44 -65.40 37.60
C GLU A 418 -18.93 -65.57 37.90
N ALA A 419 -19.78 -64.91 37.11
CA ALA A 419 -21.23 -65.02 37.31
C ALA A 419 -21.72 -66.45 37.09
N ILE A 420 -21.17 -67.12 36.07
CA ILE A 420 -21.54 -68.51 35.82
C ILE A 420 -21.05 -69.40 36.96
N VAL A 421 -19.86 -69.09 37.50
CA VAL A 421 -19.37 -69.83 38.66
C VAL A 421 -20.32 -69.67 39.84
N ARG A 422 -20.82 -68.45 40.06
CA ARG A 422 -21.67 -68.16 41.20
C ARG A 422 -23.14 -68.46 40.95
N ARG A 423 -23.49 -68.87 39.72
CA ARG A 423 -24.88 -69.09 39.32
C ARG A 423 -25.75 -67.88 39.61
N VAL A 424 -25.25 -66.70 39.22
CA VAL A 424 -26.05 -65.48 39.34
C VAL A 424 -27.08 -65.43 38.22
N VAL A 425 -26.64 -65.63 36.98
CA VAL A 425 -27.51 -65.69 35.82
C VAL A 425 -27.51 -67.12 35.30
N THR A 426 -28.64 -67.52 34.71
CA THR A 426 -28.85 -68.89 34.28
C THR A 426 -28.58 -69.00 32.79
N LEU A 427 -27.66 -69.88 32.42
CA LEU A 427 -27.39 -70.16 31.03
C LEU A 427 -28.57 -70.89 30.40
N PRO A 428 -28.76 -70.75 29.08
CA PRO A 428 -29.84 -71.50 28.41
C PRO A 428 -29.67 -73.00 28.59
N SER A 429 -30.80 -73.69 28.79
CA SER A 429 -30.76 -75.13 29.00
C SER A 429 -30.37 -75.88 27.73
N LYS A 430 -30.72 -75.34 26.57
CA LYS A 430 -30.43 -75.96 25.29
C LYS A 430 -29.06 -75.57 24.74
N ALA A 431 -28.12 -75.25 25.63
CA ALA A 431 -26.79 -74.82 25.21
C ALA A 431 -26.17 -75.82 24.25
N ARG A 432 -25.99 -75.40 23.00
CA ARG A 432 -25.38 -76.26 22.00
C ARG A 432 -23.92 -76.52 22.34
N PHE A 433 -23.24 -75.55 22.93
CA PHE A 433 -21.89 -75.70 23.43
C PHE A 433 -21.84 -75.24 24.88
N SER A 434 -20.92 -75.83 25.64
CA SER A 434 -20.77 -75.46 27.04
C SER A 434 -20.26 -74.03 27.15
N PHE A 435 -20.43 -73.46 28.34
CA PHE A 435 -19.92 -72.11 28.58
C PHE A 435 -18.42 -72.03 28.36
N GLN A 436 -17.67 -72.98 28.93
CA GLN A 436 -16.21 -72.93 28.80
C GLN A 436 -15.78 -73.10 27.36
N GLU A 437 -16.54 -73.87 26.57
CA GLU A 437 -16.20 -74.07 25.17
C GLU A 437 -16.54 -72.86 24.30
N ALA A 438 -17.66 -72.20 24.59
CA ALA A 438 -18.17 -71.13 23.72
C ALA A 438 -18.26 -69.81 24.49
N ARG A 439 -17.25 -69.54 25.32
CA ARG A 439 -17.17 -68.24 25.98
C ARG A 439 -17.25 -67.09 24.98
N SER A 440 -16.61 -67.24 23.82
CA SER A 440 -16.74 -66.22 22.78
C SER A 440 -18.17 -66.15 22.26
N ALA A 441 -18.81 -67.30 22.05
CA ALA A 441 -20.17 -67.30 21.55
C ALA A 441 -21.16 -66.82 22.60
N TRP A 442 -21.05 -67.35 23.82
CA TRP A 442 -21.92 -66.89 24.90
C TRP A 442 -21.61 -65.46 25.30
N GLY A 443 -20.33 -65.14 25.50
CA GLY A 443 -19.95 -63.83 25.96
C GLY A 443 -19.80 -62.81 24.84
N ASN A 444 -20.47 -63.05 23.71
CA ASN A 444 -20.48 -62.08 22.63
C ASN A 444 -21.18 -60.81 23.11
N CYS A 445 -20.52 -59.67 22.93
CA CYS A 445 -21.04 -58.42 23.47
C CYS A 445 -20.58 -57.26 22.62
N ASP A 446 -21.33 -56.16 22.73
CA ASP A 446 -20.95 -54.88 22.14
C ASP A 446 -21.08 -53.82 23.22
N TRP A 447 -20.51 -52.65 22.96
CA TRP A 447 -20.47 -51.59 23.96
C TRP A 447 -20.74 -50.24 23.32
N ILE A 448 -21.33 -49.35 24.11
CA ILE A 448 -21.75 -48.03 23.67
C ILE A 448 -20.91 -47.00 24.41
N GLY A 449 -20.31 -46.08 23.66
CA GLY A 449 -19.42 -45.08 24.20
C GLY A 449 -20.12 -43.82 24.65
N SER A 450 -19.68 -42.68 24.11
CA SER A 450 -20.20 -41.39 24.51
C SER A 450 -21.66 -41.23 24.09
N GLY A 451 -22.34 -40.24 24.67
CA GLY A 451 -23.75 -40.05 24.46
C GLY A 451 -24.10 -39.52 23.07
N ARG A 452 -25.30 -38.96 23.00
CA ARG A 452 -25.89 -38.51 21.73
C ARG A 452 -25.14 -37.32 21.16
N MET A 453 -24.56 -37.49 19.97
CA MET A 453 -23.83 -36.43 19.29
C MET A 453 -24.74 -35.25 18.93
N ALA A 454 -24.30 -34.05 19.26
CA ALA A 454 -24.98 -32.85 18.78
C ALA A 454 -24.00 -31.91 18.08
N ILE A 455 -24.31 -31.60 16.83
CA ILE A 455 -23.45 -30.69 16.05
C ILE A 455 -24.27 -29.56 15.44
N ASP A 456 -25.40 -29.90 14.81
CA ASP A 456 -26.16 -28.93 14.02
C ASP A 456 -27.62 -28.86 14.45
N GLY A 457 -28.18 -29.96 14.95
CA GLY A 457 -29.61 -30.03 15.20
C GLY A 457 -30.41 -30.42 13.98
N LEU A 458 -30.56 -29.49 13.02
CA LEU A 458 -31.29 -29.76 11.78
C LEU A 458 -30.79 -31.04 11.12
N LYS A 459 -29.47 -31.23 11.15
CA LYS A 459 -28.89 -32.45 10.58
C LYS A 459 -29.49 -33.69 11.24
N GLU A 460 -29.29 -33.82 12.55
CA GLU A 460 -29.73 -35.02 13.26
C GLU A 460 -31.23 -35.21 13.15
N VAL A 461 -32.00 -34.11 13.13
CA VAL A 461 -33.44 -34.26 13.15
C VAL A 461 -33.97 -34.66 11.78
N GLN A 462 -33.37 -34.15 10.70
CA GLN A 462 -33.82 -34.60 9.40
C GLN A 462 -33.40 -36.05 9.16
N GLU A 463 -32.22 -36.43 9.64
CA GLU A 463 -31.83 -37.84 9.61
C GLU A 463 -32.82 -38.69 10.36
N ALA A 464 -33.21 -38.26 11.57
CA ALA A 464 -34.13 -39.02 12.39
C ALA A 464 -35.49 -39.18 11.72
N VAL A 465 -36.02 -38.09 11.16
CA VAL A 465 -37.33 -38.19 10.51
C VAL A 465 -37.25 -39.09 9.29
N MET A 466 -36.17 -39.01 8.51
CA MET A 466 -36.06 -39.89 7.35
C MET A 466 -35.97 -41.35 7.77
N LEU A 467 -35.17 -41.65 8.79
CA LEU A 467 -35.04 -43.03 9.25
C LEU A 467 -36.36 -43.56 9.80
N ILE A 468 -37.09 -42.73 10.56
CA ILE A 468 -38.30 -43.23 11.19
C ILE A 468 -39.44 -43.32 10.17
N GLU A 469 -39.37 -42.58 9.06
CA GLU A 469 -40.42 -42.73 8.05
C GLU A 469 -40.12 -43.87 7.10
N ALA A 470 -38.86 -44.06 6.71
CA ALA A 470 -38.55 -45.13 5.76
C ALA A 470 -38.25 -46.46 6.44
N GLY A 471 -38.17 -46.49 7.77
CA GLY A 471 -37.81 -47.72 8.44
C GLY A 471 -36.38 -48.14 8.23
N LEU A 472 -35.52 -47.23 7.76
CA LEU A 472 -34.14 -47.56 7.45
C LEU A 472 -33.25 -47.65 8.70
N SER A 473 -33.84 -47.62 9.89
CA SER A 473 -33.10 -47.75 11.14
C SER A 473 -33.73 -48.85 11.99
N THR A 474 -32.88 -49.67 12.59
CA THR A 474 -33.30 -50.77 13.44
C THR A 474 -33.25 -50.35 14.90
N TYR A 475 -33.67 -51.27 15.77
CA TYR A 475 -33.50 -51.07 17.21
C TYR A 475 -32.03 -50.84 17.56
N GLU A 476 -31.16 -51.76 17.11
CA GLU A 476 -29.78 -51.73 17.55
C GLU A 476 -29.04 -50.49 17.03
N LYS A 477 -29.16 -50.18 15.74
CA LYS A 477 -28.40 -49.03 15.25
C LYS A 477 -29.09 -47.72 15.59
N GLU A 478 -30.41 -47.73 15.75
CA GLU A 478 -31.07 -46.54 16.28
C GLU A 478 -30.59 -46.21 17.68
N CYS A 479 -30.54 -47.22 18.56
CA CYS A 479 -30.03 -47.01 19.91
C CYS A 479 -28.55 -46.66 19.90
N ALA A 480 -27.79 -47.18 18.93
CA ALA A 480 -26.40 -46.77 18.81
C ALA A 480 -26.28 -45.29 18.45
N LYS A 481 -27.11 -44.83 17.51
CA LYS A 481 -27.10 -43.42 17.12
C LYS A 481 -27.59 -42.50 18.23
N ARG A 482 -28.54 -42.94 19.06
CA ARG A 482 -29.20 -42.07 20.01
C ARG A 482 -28.66 -42.19 21.44
N GLY A 483 -27.88 -43.23 21.73
CA GLY A 483 -27.42 -43.48 23.08
C GLY A 483 -28.53 -43.82 24.06
N ASP A 484 -29.53 -44.59 23.64
CA ASP A 484 -30.68 -44.95 24.45
C ASP A 484 -30.96 -46.44 24.29
N ASP A 485 -32.14 -46.86 24.75
CA ASP A 485 -32.59 -48.24 24.59
C ASP A 485 -34.02 -48.24 24.10
N TYR A 486 -34.30 -49.09 23.10
CA TYR A 486 -35.65 -49.18 22.55
C TYR A 486 -36.65 -49.74 23.56
N GLN A 487 -36.26 -50.74 24.35
CA GLN A 487 -37.16 -51.27 25.36
C GLN A 487 -37.59 -50.19 26.35
N GLU A 488 -36.62 -49.42 26.85
CA GLU A 488 -36.95 -48.40 27.83
C GLU A 488 -37.68 -47.22 27.20
N ILE A 489 -37.37 -46.86 25.96
CA ILE A 489 -38.11 -45.77 25.30
C ILE A 489 -39.56 -46.19 25.10
N PHE A 490 -39.80 -47.46 24.76
CA PHE A 490 -41.18 -47.91 24.58
C PHE A 490 -41.92 -47.99 25.91
N ALA A 491 -41.28 -48.51 26.95
CA ALA A 491 -41.92 -48.57 28.26
C ALA A 491 -42.24 -47.17 28.77
N GLN A 492 -41.30 -46.24 28.59
CA GLN A 492 -41.52 -44.88 29.07
C GLN A 492 -42.52 -44.15 28.19
N GLN A 493 -42.66 -44.52 26.92
CA GLN A 493 -43.73 -43.94 26.11
C GLN A 493 -45.09 -44.47 26.55
N VAL A 494 -45.14 -45.74 26.95
CA VAL A 494 -46.36 -46.26 27.54
C VAL A 494 -46.72 -45.47 28.79
N ARG A 495 -45.73 -45.25 29.67
CA ARG A 495 -45.95 -44.46 30.87
C ARG A 495 -46.37 -43.04 30.52
N GLU A 496 -45.72 -42.44 29.52
CA GLU A 496 -46.08 -41.10 29.07
C GLU A 496 -47.54 -41.04 28.66
N THR A 497 -47.96 -41.94 27.78
CA THR A 497 -49.32 -41.91 27.27
C THR A 497 -50.33 -42.13 28.37
N MET A 498 -50.06 -43.08 29.28
CA MET A 498 -51.05 -43.37 30.32
C MET A 498 -51.12 -42.23 31.34
N GLU A 499 -49.99 -41.59 31.66
CA GLU A 499 -50.05 -40.45 32.58
C GLU A 499 -50.72 -39.26 31.94
N ARG A 500 -50.48 -39.02 30.65
CA ARG A 500 -51.18 -37.93 29.96
C ARG A 500 -52.68 -38.19 29.93
N ARG A 501 -53.09 -39.44 29.66
CA ARG A 501 -54.51 -39.77 29.67
C ARG A 501 -55.11 -39.59 31.07
N ALA A 502 -54.41 -40.03 32.10
CA ALA A 502 -54.95 -39.96 33.46
C ALA A 502 -55.02 -38.51 33.96
N ALA A 503 -53.92 -37.76 33.84
CA ALA A 503 -53.87 -36.39 34.32
C ALA A 503 -54.62 -35.42 33.41
N GLY A 504 -54.98 -35.83 32.20
CA GLY A 504 -55.69 -34.96 31.28
C GLY A 504 -54.84 -34.33 30.21
N LEU A 505 -53.57 -34.72 30.09
CA LEU A 505 -52.71 -34.14 29.06
C LEU A 505 -53.00 -34.77 27.70
N LYS A 506 -52.17 -34.40 26.73
CA LYS A 506 -52.38 -34.84 25.36
C LYS A 506 -51.25 -35.77 24.93
N PRO A 507 -51.48 -37.09 24.88
CA PRO A 507 -50.50 -38.10 24.44
C PRO A 507 -49.76 -37.74 23.15
N GLN B 34 15.64 -19.01 30.70
CA GLN B 34 14.36 -18.81 31.37
C GLN B 34 13.89 -20.11 31.99
N LEU B 35 14.35 -21.23 31.44
CA LEU B 35 14.08 -22.53 32.04
C LEU B 35 14.74 -22.68 33.40
N ARG B 36 15.50 -21.68 33.84
CA ARG B 36 16.21 -21.74 35.09
C ARG B 36 15.29 -21.65 36.31
N SER B 37 14.30 -20.77 36.28
CA SER B 37 13.46 -20.53 37.45
C SER B 37 12.31 -21.53 37.56
N TRP B 38 12.30 -22.56 36.72
CA TRP B 38 11.22 -23.54 36.66
C TRP B 38 11.79 -24.81 36.03
N ASN B 39 11.78 -25.92 36.78
CA ASN B 39 12.57 -27.03 36.29
C ASN B 39 11.84 -28.37 36.37
N PRO B 40 11.64 -29.03 35.22
CA PRO B 40 11.02 -30.35 35.25
C PRO B 40 12.06 -31.45 35.37
N PRO B 41 11.91 -32.35 36.34
CA PRO B 41 12.68 -33.60 36.31
C PRO B 41 12.10 -34.57 35.29
N SER B 42 12.93 -35.53 34.90
CA SER B 42 12.54 -36.58 33.95
C SER B 42 12.23 -37.85 34.72
N GLU B 43 10.95 -38.08 35.00
CA GLU B 43 10.52 -39.19 35.82
C GLU B 43 9.00 -39.29 35.72
N SER B 44 8.44 -40.36 36.29
CA SER B 44 7.00 -40.49 36.41
C SER B 44 6.42 -39.24 37.06
N VAL B 45 5.19 -38.89 36.65
CA VAL B 45 4.61 -37.60 37.00
C VAL B 45 4.44 -37.46 38.51
N ASP B 46 4.05 -38.54 39.20
CA ASP B 46 3.85 -38.45 40.64
C ASP B 46 5.15 -38.11 41.37
N ALA B 47 6.26 -38.76 40.99
CA ALA B 47 7.53 -38.50 41.65
C ALA B 47 8.20 -37.25 41.08
N ALA B 48 7.67 -36.72 39.99
CA ALA B 48 8.13 -35.45 39.45
C ALA B 48 7.39 -34.25 40.02
N LEU B 49 6.20 -34.46 40.58
CA LEU B 49 5.42 -33.41 41.23
C LEU B 49 5.53 -33.39 42.74
N LEU B 50 5.45 -34.54 43.41
CA LEU B 50 5.45 -34.52 44.87
C LEU B 50 6.67 -33.85 45.48
N PRO B 51 7.91 -34.09 45.01
CA PRO B 51 9.05 -33.36 45.58
C PRO B 51 8.93 -31.85 45.47
N ASN B 52 8.41 -31.32 44.37
CA ASN B 52 8.18 -29.88 44.22
C ASN B 52 6.71 -29.52 44.40
N PHE B 53 6.02 -30.21 45.31
CA PHE B 53 4.61 -29.93 45.53
C PHE B 53 4.39 -28.55 46.12
N THR B 54 5.17 -28.19 47.15
CA THR B 54 4.94 -26.93 47.85
C THR B 54 5.22 -25.73 46.96
N ARG B 55 6.30 -25.78 46.17
CA ARG B 55 6.64 -24.63 45.32
C ARG B 55 5.61 -24.43 44.22
N GLY B 56 5.24 -25.51 43.52
CA GLY B 56 4.25 -25.39 42.47
C GLY B 56 2.91 -24.91 43.00
N ASN B 57 2.46 -25.47 44.12
CA ASN B 57 1.19 -25.06 44.69
C ASN B 57 1.25 -23.61 45.20
N ALA B 58 2.41 -23.21 45.74
CA ALA B 58 2.54 -21.83 46.24
C ALA B 58 2.48 -20.83 45.10
N ARG B 59 3.18 -21.12 44.00
CA ARG B 59 3.12 -20.20 42.86
C ARG B 59 1.76 -20.27 42.17
N ALA B 60 1.08 -21.41 42.28
CA ALA B 60 -0.31 -21.49 41.85
C ALA B 60 -1.19 -20.57 42.66
N ASP B 61 -1.00 -20.55 43.98
CA ASP B 61 -1.72 -19.60 44.84
C ASP B 61 -1.40 -18.18 44.42
N ASP B 62 -0.12 -17.90 44.15
CA ASP B 62 0.28 -16.56 43.73
C ASP B 62 -0.47 -16.13 42.47
N LEU B 63 -0.54 -17.00 41.46
CA LEU B 63 -1.17 -16.60 40.22
C LEU B 63 -2.69 -16.56 40.32
N VAL B 64 -3.30 -17.49 41.06
CA VAL B 64 -4.75 -17.44 41.24
C VAL B 64 -5.18 -16.27 42.10
N ARG B 65 -4.26 -15.70 42.89
CA ARG B 65 -4.58 -14.52 43.67
C ARG B 65 -4.31 -13.23 42.91
N ASN B 66 -3.20 -13.15 42.17
CA ASN B 66 -2.84 -11.96 41.43
C ASN B 66 -3.57 -11.84 40.09
N ASN B 67 -4.11 -12.94 39.58
CA ASN B 67 -4.59 -13.00 38.21
C ASN B 67 -6.09 -13.30 38.18
N GLY B 68 -6.79 -12.67 37.24
CA GLY B 68 -8.23 -12.83 37.18
C GLY B 68 -8.67 -14.08 36.45
N TYR B 69 -7.80 -14.65 35.62
CA TYR B 69 -8.17 -15.80 34.80
C TYR B 69 -8.63 -16.98 35.65
N ALA B 70 -7.94 -17.24 36.75
CA ALA B 70 -8.34 -18.36 37.60
C ALA B 70 -9.72 -18.12 38.21
N ALA B 71 -9.99 -16.88 38.64
CA ALA B 71 -11.31 -16.57 39.18
C ALA B 71 -12.39 -16.77 38.13
N ASN B 72 -12.17 -16.28 36.91
CA ASN B 72 -13.17 -16.45 35.86
C ASN B 72 -13.37 -17.92 35.53
N ALA B 73 -12.27 -18.69 35.49
CA ALA B 73 -12.37 -20.11 35.15
C ALA B 73 -13.11 -20.88 36.22
N ILE B 74 -12.83 -20.62 37.50
CA ILE B 74 -13.53 -21.33 38.55
C ILE B 74 -14.99 -20.91 38.59
N GLN B 75 -15.27 -19.63 38.30
CA GLN B 75 -16.66 -19.16 38.30
C GLN B 75 -17.44 -19.84 37.18
N LEU B 76 -16.86 -19.92 35.97
CA LEU B 76 -17.57 -20.57 34.88
C LEU B 76 -17.70 -22.07 35.12
N HIS B 77 -16.70 -22.70 35.72
CA HIS B 77 -16.83 -24.12 36.05
C HIS B 77 -17.96 -24.32 37.03
N GLN B 78 -18.05 -23.45 38.03
CA GLN B 78 -19.17 -23.50 38.97
C GLN B 78 -20.51 -23.38 38.23
N ASP B 79 -20.62 -22.38 37.37
CA ASP B 79 -21.92 -22.08 36.74
C ASP B 79 -22.26 -23.07 35.63
N HIS B 80 -21.28 -23.83 35.13
CA HIS B 80 -21.59 -24.89 34.18
C HIS B 80 -21.84 -26.23 34.86
N ILE B 81 -21.15 -26.50 35.97
CA ILE B 81 -21.27 -27.82 36.60
C ILE B 81 -22.47 -27.85 37.54
N VAL B 82 -22.49 -26.93 38.51
CA VAL B 82 -23.58 -26.92 39.48
C VAL B 82 -24.61 -25.88 39.05
N GLY B 83 -24.13 -24.70 38.66
CA GLY B 83 -25.03 -23.61 38.33
C GLY B 83 -25.81 -23.15 39.54
N SER B 84 -27.13 -23.12 39.37
CA SER B 84 -28.01 -22.68 40.45
C SER B 84 -27.97 -23.65 41.63
N PHE B 85 -28.12 -24.94 41.35
CA PHE B 85 -28.20 -25.95 42.40
C PHE B 85 -27.79 -27.31 41.86
N PHE B 86 -27.70 -28.29 42.77
CA PHE B 86 -27.33 -29.66 42.43
C PHE B 86 -28.43 -30.55 43.00
N ARG B 87 -29.23 -31.15 42.11
CA ARG B 87 -30.45 -31.83 42.49
C ARG B 87 -30.23 -33.34 42.61
N LEU B 88 -30.68 -33.90 43.72
CA LEU B 88 -30.60 -35.34 43.95
C LEU B 88 -31.79 -36.05 43.34
N SER B 89 -31.54 -37.25 42.81
CA SER B 89 -32.59 -38.13 42.33
C SER B 89 -32.22 -39.56 42.72
N HIS B 90 -33.01 -40.16 43.59
CA HIS B 90 -32.71 -41.49 44.13
C HIS B 90 -33.41 -42.54 43.28
N ARG B 91 -32.63 -43.47 42.72
CA ARG B 91 -33.16 -44.57 41.92
C ARG B 91 -32.58 -45.88 42.45
N PRO B 92 -33.15 -46.41 43.52
CA PRO B 92 -32.73 -47.75 43.98
C PRO B 92 -32.98 -48.77 42.89
N SER B 93 -32.06 -49.74 42.81
CA SER B 93 -32.11 -50.73 41.73
C SER B 93 -33.29 -51.65 41.99
N TRP B 94 -34.47 -51.15 41.64
CA TRP B 94 -35.70 -51.90 41.88
C TRP B 94 -35.72 -53.21 41.10
N ARG B 95 -35.28 -53.19 39.85
CA ARG B 95 -35.32 -54.39 39.03
C ARG B 95 -34.41 -55.48 39.59
N TYR B 96 -33.19 -55.12 39.99
CA TYR B 96 -32.25 -56.12 40.50
C TYR B 96 -32.62 -56.57 41.91
N LEU B 97 -33.04 -55.63 42.76
CA LEU B 97 -33.41 -55.95 44.13
C LEU B 97 -34.80 -56.55 44.26
N GLY B 98 -35.56 -56.62 43.18
CA GLY B 98 -36.90 -57.18 43.26
C GLY B 98 -37.92 -56.19 43.79
N ILE B 99 -37.50 -54.95 44.04
CA ILE B 99 -38.37 -53.90 44.55
C ILE B 99 -39.30 -53.44 43.44
N GLY B 100 -40.55 -53.18 43.78
CA GLY B 100 -41.47 -52.62 42.80
C GLY B 100 -41.06 -51.21 42.43
N GLU B 101 -41.30 -50.86 41.16
CA GLU B 101 -40.93 -49.53 40.69
C GLU B 101 -41.78 -48.46 41.37
N GLU B 102 -43.06 -48.75 41.62
CA GLU B 102 -43.92 -47.77 42.29
C GLU B 102 -43.49 -47.56 43.74
N GLU B 103 -43.12 -48.63 44.44
CA GLU B 103 -42.63 -48.47 45.80
C GLU B 103 -41.31 -47.73 45.82
N ALA B 104 -40.43 -48.04 44.86
CA ALA B 104 -39.18 -47.30 44.74
C ALA B 104 -39.43 -45.82 44.50
N ARG B 105 -40.42 -45.50 43.67
CA ARG B 105 -40.68 -44.11 43.32
C ARG B 105 -41.27 -43.36 44.52
N ALA B 106 -42.16 -44.00 45.28
CA ALA B 106 -42.73 -43.36 46.46
C ALA B 106 -41.68 -43.18 47.54
N PHE B 107 -40.84 -44.19 47.75
CA PHE B 107 -39.75 -44.09 48.70
C PHE B 107 -38.78 -42.99 48.29
N SER B 108 -38.54 -42.86 46.98
CA SER B 108 -37.72 -41.77 46.46
C SER B 108 -38.38 -40.42 46.70
N ARG B 109 -39.71 -40.35 46.55
CA ARG B 109 -40.41 -39.11 46.87
C ARG B 109 -40.18 -38.71 48.32
N GLU B 110 -40.31 -39.67 49.23
CA GLU B 110 -40.10 -39.39 50.65
C GLU B 110 -38.67 -38.93 50.90
N VAL B 111 -37.68 -39.64 50.36
CA VAL B 111 -36.29 -39.27 50.60
C VAL B 111 -35.96 -37.94 49.95
N GLU B 112 -36.58 -37.62 48.81
CA GLU B 112 -36.29 -36.35 48.15
C GLU B 112 -36.87 -35.19 48.93
N ALA B 113 -38.10 -35.35 49.44
CA ALA B 113 -38.67 -34.31 50.30
C ALA B 113 -37.81 -34.11 51.54
N ALA B 114 -37.40 -35.20 52.18
CA ALA B 114 -36.56 -35.09 53.36
C ALA B 114 -35.23 -34.42 53.04
N TRP B 115 -34.60 -34.79 51.92
CA TRP B 115 -33.29 -34.25 51.59
C TRP B 115 -33.38 -32.78 51.23
N LYS B 116 -34.41 -32.38 50.47
CA LYS B 116 -34.55 -30.97 50.13
C LYS B 116 -34.82 -30.13 51.37
N GLU B 117 -35.69 -30.61 52.28
CA GLU B 117 -35.95 -29.81 53.47
C GLU B 117 -34.74 -29.76 54.40
N PHE B 118 -33.92 -30.81 54.40
CA PHE B 118 -32.73 -30.81 55.23
C PHE B 118 -31.64 -29.93 54.63
N ALA B 119 -31.58 -29.86 53.30
CA ALA B 119 -30.56 -29.08 52.63
C ALA B 119 -30.89 -27.59 52.60
N GLU B 120 -32.18 -27.25 52.64
CA GLU B 120 -32.59 -25.85 52.51
C GLU B 120 -32.46 -25.07 53.80
N ASP B 121 -31.67 -25.58 54.76
CA ASP B 121 -31.51 -24.90 56.04
C ASP B 121 -31.01 -23.48 55.83
N ASP B 122 -31.73 -22.51 56.41
CA ASP B 122 -31.45 -21.10 56.11
C ASP B 122 -30.37 -20.53 57.02
N CYS B 123 -29.99 -21.26 58.07
CA CYS B 123 -29.01 -20.73 59.02
C CYS B 123 -27.59 -21.18 58.74
N CYS B 124 -27.32 -21.75 57.56
CA CYS B 124 -25.97 -22.18 57.18
C CYS B 124 -25.45 -23.26 58.12
N CYS B 125 -26.35 -24.06 58.68
CA CYS B 125 -26.01 -24.84 59.86
C CYS B 125 -25.58 -26.27 59.52
N ILE B 126 -25.48 -26.61 58.23
CA ILE B 126 -25.20 -27.99 57.86
C ILE B 126 -23.70 -28.29 57.92
N ASP B 127 -22.88 -27.27 58.13
CA ASP B 127 -21.43 -27.46 58.27
C ASP B 127 -21.00 -27.29 59.71
N VAL B 128 -19.87 -27.93 60.05
CA VAL B 128 -19.29 -27.76 61.38
C VAL B 128 -18.81 -26.32 61.56
N GLU B 129 -18.27 -25.72 60.50
CA GLU B 129 -17.95 -24.29 60.53
C GLU B 129 -19.19 -23.43 60.64
N ARG B 130 -20.38 -24.00 60.38
CA ARG B 130 -21.66 -23.33 60.62
C ARG B 130 -21.85 -22.14 59.70
N LYS B 131 -21.10 -22.11 58.59
CA LYS B 131 -21.19 -21.00 57.65
C LYS B 131 -21.27 -21.42 56.19
N ARG B 132 -21.65 -22.65 55.89
CA ARG B 132 -21.81 -23.07 54.50
C ARG B 132 -22.98 -24.04 54.41
N THR B 133 -23.85 -23.82 53.41
CA THR B 133 -24.91 -24.77 53.11
C THR B 133 -24.39 -25.84 52.14
N PHE B 134 -25.30 -26.68 51.64
CA PHE B 134 -24.92 -27.72 50.69
C PHE B 134 -24.35 -27.11 49.40
N THR B 135 -24.89 -25.97 48.99
CA THR B 135 -24.40 -25.31 47.78
C THR B 135 -22.92 -25.01 47.89
N MET B 136 -22.49 -24.39 48.98
CA MET B 136 -21.09 -24.07 49.18
C MET B 136 -20.25 -25.27 49.61
N MET B 137 -20.85 -26.31 50.20
CA MET B 137 -20.17 -27.61 50.21
C MET B 137 -19.70 -27.99 48.82
N ILE B 138 -20.62 -28.05 47.87
CA ILE B 138 -20.25 -28.44 46.52
C ILE B 138 -19.31 -27.42 45.90
N ARG B 139 -19.52 -26.14 46.22
CA ARG B 139 -18.70 -25.07 45.65
C ARG B 139 -17.24 -25.21 46.06
N GLU B 140 -16.98 -25.23 47.38
CA GLU B 140 -15.60 -25.35 47.85
C GLU B 140 -15.00 -26.69 47.45
N GLY B 141 -15.79 -27.77 47.51
CA GLY B 141 -15.27 -29.06 47.11
C GLY B 141 -14.80 -29.09 45.67
N VAL B 142 -15.64 -28.59 44.76
CA VAL B 142 -15.28 -28.61 43.34
C VAL B 142 -14.14 -27.63 43.07
N ALA B 143 -14.12 -26.48 43.76
CA ALA B 143 -13.05 -25.53 43.55
C ALA B 143 -11.71 -26.10 43.98
N MET B 144 -11.66 -26.77 45.13
CA MET B 144 -10.42 -27.33 45.62
C MET B 144 -10.01 -28.59 44.85
N HIS B 145 -10.99 -29.36 44.36
CA HIS B 145 -10.68 -30.51 43.51
C HIS B 145 -10.26 -30.05 42.12
N ALA B 146 -10.56 -28.80 41.77
CA ALA B 146 -10.04 -28.24 40.52
C ALA B 146 -8.62 -27.73 40.71
N PHE B 147 -8.41 -26.93 41.75
CA PHE B 147 -7.09 -26.39 42.04
C PHE B 147 -6.06 -27.46 42.38
N ASN B 148 -6.24 -28.20 43.47
CA ASN B 148 -5.28 -29.22 43.87
C ASN B 148 -5.57 -30.59 43.29
N GLY B 149 -6.72 -30.79 42.64
CA GLY B 149 -7.08 -32.08 42.10
C GLY B 149 -7.73 -33.01 43.10
N GLU B 150 -7.85 -32.62 44.36
CA GLU B 150 -8.41 -33.48 45.40
C GLU B 150 -9.34 -32.65 46.27
N LEU B 151 -10.31 -33.33 46.88
CA LEU B 151 -11.12 -32.72 47.92
C LEU B 151 -11.28 -33.68 49.08
N PHE B 152 -11.40 -33.09 50.26
CA PHE B 152 -11.37 -33.78 51.54
C PHE B 152 -12.63 -33.42 52.31
N VAL B 153 -13.57 -34.35 52.44
CA VAL B 153 -14.75 -34.14 53.26
C VAL B 153 -14.67 -35.09 54.45
N GLN B 154 -15.21 -34.68 55.58
CA GLN B 154 -15.25 -35.49 56.79
C GLN B 154 -16.66 -35.50 57.35
N ALA B 155 -17.20 -36.69 57.57
CA ALA B 155 -18.53 -36.85 58.14
C ALA B 155 -18.41 -36.88 59.66
N THR B 156 -18.78 -35.77 60.31
CA THR B 156 -18.68 -35.63 61.75
C THR B 156 -20.07 -35.63 62.36
N TRP B 157 -20.12 -35.91 63.65
CA TRP B 157 -21.38 -35.98 64.39
C TRP B 157 -21.59 -34.67 65.14
N ASP B 158 -22.36 -33.78 64.51
CA ASP B 158 -22.79 -32.54 65.14
C ASP B 158 -23.72 -32.84 66.31
N THR B 159 -23.69 -31.96 67.31
CA THR B 159 -24.56 -32.07 68.46
C THR B 159 -25.69 -31.04 68.46
N SER B 160 -25.71 -30.12 67.50
CA SER B 160 -26.74 -29.10 67.45
C SER B 160 -28.07 -29.73 67.07
N SER B 161 -29.05 -29.66 67.98
CA SER B 161 -30.30 -30.38 67.85
C SER B 161 -31.37 -29.60 67.08
N SER B 162 -30.98 -28.54 66.37
CA SER B 162 -31.95 -27.77 65.59
C SER B 162 -32.49 -28.56 64.41
N ARG B 163 -31.83 -29.66 64.03
CA ARG B 163 -32.25 -30.49 62.91
C ARG B 163 -32.33 -31.93 63.39
N LEU B 164 -33.06 -32.75 62.63
CA LEU B 164 -33.23 -34.14 63.03
C LEU B 164 -31.94 -34.94 62.82
N PHE B 165 -31.09 -34.51 61.89
CA PHE B 165 -29.93 -35.28 61.48
C PHE B 165 -28.67 -34.72 62.13
N ARG B 166 -28.02 -35.53 62.97
CA ARG B 166 -26.82 -35.13 63.69
C ARG B 166 -25.54 -35.30 62.90
N THR B 167 -25.59 -35.42 61.57
CA THR B 167 -24.36 -35.55 60.80
C THR B 167 -24.10 -34.29 60.00
N GLN B 168 -22.93 -33.69 60.20
CA GLN B 168 -22.46 -32.58 59.39
C GLN B 168 -21.24 -33.04 58.62
N PHE B 169 -20.80 -32.22 57.66
CA PHE B 169 -19.67 -32.57 56.82
C PHE B 169 -18.70 -31.40 56.75
N ARG B 170 -17.57 -31.55 57.43
CA ARG B 170 -16.54 -30.53 57.53
C ARG B 170 -15.46 -30.80 56.49
N MET B 171 -15.10 -29.80 55.70
CA MET B 171 -14.10 -30.01 54.66
C MET B 171 -12.72 -29.72 55.24
N VAL B 172 -11.74 -30.51 54.79
CA VAL B 172 -10.41 -30.57 55.38
C VAL B 172 -9.41 -30.02 54.35
N SER B 173 -8.54 -29.13 54.80
CA SER B 173 -7.59 -28.48 53.90
C SER B 173 -6.55 -29.48 53.39
N PRO B 174 -6.05 -29.26 52.17
CA PRO B 174 -4.97 -30.13 51.66
C PRO B 174 -3.62 -29.86 52.29
N LYS B 175 -3.44 -28.69 52.91
CA LYS B 175 -2.20 -28.43 53.63
C LYS B 175 -2.06 -29.35 54.84
N ARG B 176 -3.19 -29.83 55.37
CA ARG B 176 -3.20 -30.71 56.52
C ARG B 176 -2.56 -32.06 56.25
N ILE B 177 -2.65 -32.57 55.03
CA ILE B 177 -2.14 -33.90 54.69
C ILE B 177 -0.65 -33.81 54.39
N SER B 178 0.15 -34.06 55.42
CA SER B 178 1.58 -34.28 55.27
C SER B 178 1.97 -35.41 56.21
N ASN B 179 3.16 -35.95 56.02
CA ASN B 179 3.62 -37.00 56.90
C ASN B 179 3.71 -36.48 58.33
N PRO B 180 3.55 -37.35 59.34
CA PRO B 180 3.56 -36.87 60.73
C PRO B 180 4.81 -36.05 61.04
N ASN B 181 4.58 -34.78 61.32
CA ASN B 181 5.64 -33.80 61.57
C ASN B 181 6.47 -33.55 60.31
N ASN B 182 5.78 -33.35 59.20
CA ASN B 182 6.38 -32.81 57.97
C ASN B 182 7.57 -33.66 57.49
N THR B 183 7.64 -34.91 57.92
CA THR B 183 8.71 -35.77 57.46
C THR B 183 8.55 -36.06 55.98
N GLY B 184 9.67 -36.34 55.32
CA GLY B 184 9.59 -36.67 53.90
C GLY B 184 8.89 -37.99 53.68
N ASP B 185 8.57 -38.27 52.42
CA ASP B 185 7.93 -39.52 52.07
C ASP B 185 8.70 -40.72 52.62
N SER B 186 7.96 -41.77 52.96
CA SER B 186 8.57 -42.97 53.53
C SER B 186 8.11 -44.20 52.77
N ARG B 187 8.42 -45.39 53.31
CA ARG B 187 8.01 -46.64 52.68
C ARG B 187 6.51 -46.69 52.45
N ASN B 188 5.73 -46.63 53.52
CA ASN B 188 4.28 -46.69 53.44
C ASN B 188 3.59 -45.40 53.88
N CYS B 189 4.29 -44.53 54.60
CA CYS B 189 3.78 -43.20 54.94
C CYS B 189 4.29 -42.24 53.86
N ARG B 190 3.41 -41.85 52.95
CA ARG B 190 3.82 -41.19 51.73
C ARG B 190 3.04 -39.89 51.58
N ALA B 191 3.70 -38.77 51.87
CA ALA B 191 3.10 -37.43 51.76
C ALA B 191 1.83 -37.32 52.60
N GLY B 192 1.80 -38.02 53.73
CA GLY B 192 0.70 -37.92 54.66
C GLY B 192 -0.28 -39.07 54.64
N VAL B 193 -0.28 -39.90 53.61
CA VAL B 193 -1.19 -41.03 53.53
C VAL B 193 -0.42 -42.29 53.91
N GLN B 194 -1.02 -43.05 54.82
CA GLN B 194 -0.50 -44.34 55.24
C GLN B 194 -1.17 -45.42 54.41
N ILE B 195 -0.39 -46.09 53.56
CA ILE B 195 -0.91 -47.11 52.65
C ILE B 195 -0.13 -48.39 52.88
N ASN B 196 -0.55 -49.44 52.20
CA ASN B 196 0.16 -50.71 52.24
C ASN B 196 1.14 -50.78 51.09
N ASP B 197 1.77 -51.94 50.90
CA ASP B 197 2.63 -52.14 49.74
C ASP B 197 1.81 -52.10 48.46
N SER B 198 0.58 -52.61 48.52
CA SER B 198 -0.34 -52.58 47.38
C SER B 198 -0.93 -51.21 47.12
N GLY B 199 -0.70 -50.24 48.01
CA GLY B 199 -1.14 -48.88 47.82
C GLY B 199 -2.46 -48.53 48.48
N ALA B 200 -3.17 -49.49 49.05
CA ALA B 200 -4.49 -49.24 49.61
C ALA B 200 -4.44 -48.14 50.67
N ALA B 201 -5.20 -47.07 50.44
CA ALA B 201 -5.17 -45.90 51.32
C ALA B 201 -5.87 -46.23 52.63
N LEU B 202 -5.06 -46.47 53.67
CA LEU B 202 -5.63 -46.74 54.99
C LEU B 202 -6.11 -45.46 55.67
N GLY B 203 -5.19 -44.54 55.92
CA GLY B 203 -5.55 -43.31 56.60
C GLY B 203 -4.59 -42.19 56.29
N TYR B 204 -4.71 -41.13 57.07
CA TYR B 204 -4.12 -39.84 56.77
C TYR B 204 -3.63 -39.18 58.04
N TYR B 205 -2.62 -38.32 57.89
CA TYR B 205 -2.08 -37.53 58.99
C TYR B 205 -2.43 -36.07 58.76
N VAL B 206 -3.47 -35.62 59.45
CA VAL B 206 -3.98 -34.25 59.34
C VAL B 206 -3.15 -33.35 60.24
N SER B 207 -2.39 -32.44 59.65
CA SER B 207 -1.67 -31.43 60.42
C SER B 207 -2.66 -30.40 60.95
N GLU B 208 -2.34 -29.82 62.10
CA GLU B 208 -3.20 -28.83 62.71
C GLU B 208 -3.27 -27.58 61.83
N ASP B 209 -4.42 -26.90 61.90
CA ASP B 209 -4.65 -25.69 61.13
C ASP B 209 -3.59 -24.65 61.44
N GLY B 210 -3.30 -23.81 60.44
CA GLY B 210 -2.34 -22.73 60.57
C GLY B 210 -2.91 -21.33 60.58
N TYR B 211 -4.19 -21.16 60.89
CA TYR B 211 -4.84 -19.86 60.97
C TYR B 211 -5.41 -19.62 62.36
N PRO B 212 -4.84 -18.69 63.14
CA PRO B 212 -3.88 -17.63 62.77
C PRO B 212 -2.52 -18.17 62.40
N GLY B 213 -1.69 -17.34 61.74
CA GLY B 213 -0.44 -17.80 61.17
C GLY B 213 0.57 -18.31 62.18
N TRP B 214 0.15 -18.44 63.44
CA TRP B 214 1.06 -18.93 64.47
C TRP B 214 0.51 -20.11 65.26
N MET B 215 -0.27 -20.98 64.63
CA MET B 215 -0.51 -22.23 65.35
C MET B 215 0.50 -23.26 64.87
N PRO B 216 1.05 -24.08 65.77
CA PRO B 216 1.89 -25.20 65.33
C PRO B 216 1.02 -26.29 64.72
N GLN B 217 1.64 -27.14 63.90
CA GLN B 217 0.92 -28.24 63.30
C GLN B 217 1.16 -29.51 64.10
N LYS B 218 0.09 -30.23 64.42
CA LYS B 218 0.16 -31.57 64.99
C LYS B 218 -0.65 -32.51 64.11
N TRP B 219 -0.08 -33.69 63.85
CA TRP B 219 -0.64 -34.64 62.89
C TRP B 219 -1.51 -35.66 63.60
N THR B 220 -2.74 -35.81 63.12
CA THR B 220 -3.74 -36.67 63.72
C THR B 220 -4.18 -37.73 62.72
N TRP B 221 -4.47 -38.93 63.22
CA TRP B 221 -4.81 -40.07 62.38
C TRP B 221 -6.27 -39.96 61.94
N ILE B 222 -6.51 -40.19 60.64
CA ILE B 222 -7.87 -40.18 60.09
C ILE B 222 -8.01 -41.31 59.09
N PRO B 223 -8.83 -42.33 59.35
CA PRO B 223 -9.01 -43.40 58.36
C PRO B 223 -9.82 -42.90 57.17
N ARG B 224 -9.61 -43.54 56.02
CA ARG B 224 -10.32 -43.11 54.80
C ARG B 224 -11.81 -43.43 54.89
N GLU B 225 -12.15 -44.66 55.29
CA GLU B 225 -13.55 -45.04 55.45
C GLU B 225 -13.66 -46.06 56.58
N LEU B 226 -14.86 -46.15 57.13
CA LEU B 226 -15.12 -47.13 58.17
C LEU B 226 -15.29 -48.52 57.54
N PRO B 227 -14.98 -49.58 58.30
CA PRO B 227 -15.06 -50.94 57.72
C PRO B 227 -16.44 -51.31 57.22
N GLY B 228 -17.50 -50.85 57.87
CA GLY B 228 -18.86 -51.16 57.46
C GLY B 228 -19.33 -50.43 56.22
N GLY B 229 -18.43 -49.81 55.47
CA GLY B 229 -18.79 -49.04 54.30
C GLY B 229 -19.15 -47.60 54.58
N ARG B 230 -19.16 -47.18 55.84
CA ARG B 230 -19.46 -45.80 56.17
C ARG B 230 -18.38 -44.88 55.62
N ALA B 231 -18.81 -43.82 54.95
CA ALA B 231 -17.89 -42.88 54.31
C ALA B 231 -17.51 -41.79 55.30
N SER B 232 -16.44 -42.03 56.07
CA SER B 232 -16.01 -41.04 57.04
C SER B 232 -15.18 -39.95 56.38
N PHE B 233 -14.03 -40.31 55.81
CA PHE B 233 -13.14 -39.35 55.17
C PHE B 233 -13.22 -39.51 53.67
N ILE B 234 -14.09 -38.72 53.05
CA ILE B 234 -14.33 -38.73 51.61
C ILE B 234 -13.16 -38.03 50.95
N HIS B 235 -12.26 -38.81 50.35
CA HIS B 235 -11.08 -38.29 49.66
C HIS B 235 -11.25 -38.52 48.17
N VAL B 236 -11.75 -37.51 47.46
CA VAL B 236 -12.05 -37.66 46.04
C VAL B 236 -10.99 -36.90 45.26
N PHE B 237 -10.18 -37.63 44.49
CA PHE B 237 -9.17 -37.02 43.64
C PHE B 237 -9.08 -37.82 42.36
N GLU B 238 -8.62 -37.15 41.30
CA GLU B 238 -8.43 -37.81 40.01
C GLU B 238 -6.97 -38.21 39.87
N PRO B 239 -6.65 -39.50 39.91
CA PRO B 239 -5.27 -39.93 39.66
C PRO B 239 -5.00 -40.14 38.19
N VAL B 240 -4.00 -39.41 37.68
CA VAL B 240 -3.56 -39.54 36.31
C VAL B 240 -2.90 -40.89 36.04
N GLU B 241 -2.26 -41.49 37.03
CA GLU B 241 -1.65 -42.81 36.88
C GLU B 241 -1.85 -43.58 38.17
N ASP B 242 -1.39 -44.83 38.16
CA ASP B 242 -1.47 -45.69 39.33
C ASP B 242 -0.56 -45.18 40.43
N GLY B 243 -0.98 -45.40 41.68
CA GLY B 243 -0.18 -45.04 42.83
C GLY B 243 -0.09 -43.56 43.10
N GLN B 244 -0.67 -42.73 42.23
CA GLN B 244 -0.66 -41.28 42.44
C GLN B 244 -1.58 -40.95 43.61
N THR B 245 -1.18 -39.99 44.42
CA THR B 245 -1.92 -39.62 45.63
C THR B 245 -2.56 -38.25 45.55
N ARG B 246 -2.09 -37.39 44.64
CA ARG B 246 -2.55 -36.01 44.56
C ARG B 246 -3.11 -35.74 43.18
N GLY B 247 -3.85 -34.64 43.05
CA GLY B 247 -4.47 -34.32 41.79
C GLY B 247 -3.57 -33.49 40.88
N ALA B 248 -4.22 -32.73 40.01
CA ALA B 248 -3.54 -31.94 38.98
C ALA B 248 -3.33 -30.52 39.47
N ASN B 249 -2.41 -29.81 38.82
CA ASN B 249 -2.04 -28.46 39.22
C ASN B 249 -2.64 -27.43 38.27
N VAL B 250 -2.24 -26.17 38.48
CA VAL B 250 -2.53 -25.14 37.49
C VAL B 250 -1.25 -24.40 37.06
N PHE B 251 -0.47 -23.89 38.03
CA PHE B 251 0.70 -23.05 37.76
C PHE B 251 1.70 -23.70 36.81
N TYR B 252 1.82 -25.03 36.87
CA TYR B 252 2.84 -25.72 36.09
C TYR B 252 2.53 -25.67 34.61
N SER B 253 1.43 -25.00 34.24
CA SER B 253 1.14 -24.63 32.86
C SER B 253 0.74 -23.15 32.75
N VAL B 254 0.97 -22.34 33.78
CA VAL B 254 0.53 -20.95 33.80
C VAL B 254 1.71 -20.00 34.00
N MET B 255 2.89 -20.55 34.28
CA MET B 255 4.07 -19.68 34.38
C MET B 255 4.25 -18.86 33.11
N GLU B 256 3.82 -19.41 31.96
CA GLU B 256 4.06 -18.73 30.69
C GLU B 256 3.11 -17.55 30.51
N GLN B 257 1.87 -17.64 30.99
CA GLN B 257 1.08 -16.42 31.07
C GLN B 257 1.71 -15.41 32.01
N MET B 258 2.20 -15.87 33.16
CA MET B 258 2.85 -14.94 34.07
C MET B 258 3.93 -14.12 33.36
N LYS B 259 4.81 -14.82 32.63
CA LYS B 259 5.97 -14.13 32.07
C LYS B 259 5.65 -13.44 30.74
N MET B 260 4.68 -13.93 29.96
CA MET B 260 4.15 -13.15 28.84
C MET B 260 3.45 -11.87 29.28
N LEU B 261 2.63 -11.91 30.33
CA LEU B 261 2.01 -10.68 30.77
C LEU B 261 3.07 -9.71 31.26
N ASP B 262 4.08 -10.22 31.97
CA ASP B 262 5.19 -9.37 32.40
C ASP B 262 5.91 -8.73 31.20
N THR B 263 6.22 -9.53 30.17
CA THR B 263 7.01 -9.01 29.07
C THR B 263 6.21 -8.04 28.20
N LEU B 264 4.93 -8.34 27.94
CA LEU B 264 4.11 -7.41 27.19
C LEU B 264 3.92 -6.12 27.97
N GLN B 265 3.77 -6.24 29.29
CA GLN B 265 3.59 -5.07 30.14
C GLN B 265 4.82 -4.16 30.06
N ASN B 266 6.00 -4.76 30.25
CA ASN B 266 7.24 -3.99 30.25
C ASN B 266 7.53 -3.41 28.86
N THR B 267 7.22 -4.17 27.80
CA THR B 267 7.52 -3.67 26.46
C THR B 267 6.57 -2.54 26.08
N GLN B 268 5.31 -2.60 26.52
CA GLN B 268 4.45 -1.46 26.29
C GLN B 268 4.91 -0.24 27.08
N LEU B 269 5.36 -0.45 28.33
CA LEU B 269 5.90 0.67 29.10
C LEU B 269 7.09 1.31 28.41
N GLN B 270 8.06 0.51 27.95
CA GLN B 270 9.21 1.08 27.27
C GLN B 270 8.82 1.77 25.97
N SER B 271 7.91 1.17 25.20
CA SER B 271 7.49 1.79 23.95
C SER B 271 6.85 3.15 24.21
N ALA B 272 5.97 3.21 25.22
CA ALA B 272 5.29 4.46 25.54
C ALA B 272 6.28 5.51 26.01
N ILE B 273 7.25 5.12 26.84
CA ILE B 273 8.14 6.13 27.41
C ILE B 273 9.17 6.59 26.39
N VAL B 274 9.45 5.80 25.35
CA VAL B 274 10.50 6.19 24.41
C VAL B 274 9.96 6.58 23.04
N LYS B 275 8.63 6.59 22.84
CA LYS B 275 8.21 7.23 21.58
C LYS B 275 8.68 8.68 21.44
N ALA B 276 8.81 9.52 22.47
CA ALA B 276 9.30 10.89 22.29
C ALA B 276 10.27 11.28 23.39
N MET B 277 11.22 10.43 23.71
CA MET B 277 12.34 10.85 24.55
C MET B 277 13.27 11.70 23.71
N TYR B 278 13.72 12.82 24.30
CA TYR B 278 14.43 13.83 23.53
C TYR B 278 15.63 14.31 24.33
N ALA B 279 16.78 14.42 23.66
CA ALA B 279 18.03 14.89 24.26
C ALA B 279 18.18 16.36 23.93
N ALA B 280 18.36 17.19 24.96
CA ALA B 280 18.49 18.63 24.79
C ALA B 280 19.87 19.05 25.27
N THR B 281 20.85 19.00 24.37
CA THR B 281 22.21 19.39 24.69
C THR B 281 22.60 20.56 23.79
N ILE B 282 23.80 21.09 24.02
CA ILE B 282 24.31 22.20 23.23
C ILE B 282 25.68 21.81 22.68
N GLU B 283 25.85 21.96 21.37
CA GLU B 283 27.12 21.84 20.69
C GLU B 283 27.49 23.20 20.11
N SER B 284 28.73 23.35 19.69
CA SER B 284 29.15 24.57 19.02
C SER B 284 30.11 24.21 17.90
N GLU B 285 30.52 25.23 17.14
CA GLU B 285 31.48 25.05 16.07
C GLU B 285 32.88 24.77 16.62
N LEU B 286 33.47 25.72 17.35
CA LEU B 286 34.70 25.57 18.12
C LEU B 286 35.66 24.55 17.51
N ASP B 287 36.07 23.58 18.32
CA ASP B 287 36.55 22.28 17.86
C ASP B 287 37.62 22.40 16.76
N THR B 288 38.67 23.16 17.07
CA THR B 288 39.73 23.29 16.08
C THR B 288 40.73 22.15 16.20
N GLN B 289 40.22 20.92 16.26
CA GLN B 289 41.01 19.70 16.18
C GLN B 289 42.31 19.76 16.97
N SER B 290 43.40 20.06 16.29
CA SER B 290 44.71 20.13 16.93
C SER B 290 44.77 21.23 17.97
N ALA B 291 44.18 22.40 17.67
CA ALA B 291 44.16 23.48 18.64
C ALA B 291 43.36 23.12 19.89
N MET B 292 42.19 22.48 19.72
CA MET B 292 41.40 22.07 20.88
C MET B 292 42.15 21.03 21.71
N ASP B 293 42.79 20.05 21.04
CA ASP B 293 43.54 19.04 21.76
C ASP B 293 44.72 19.65 22.52
N PHE B 294 45.43 20.59 21.89
CA PHE B 294 46.55 21.25 22.53
C PHE B 294 46.08 22.08 23.73
N ILE B 295 44.95 22.77 23.59
CA ILE B 295 44.39 23.53 24.70
C ILE B 295 44.00 22.60 25.85
N LEU B 296 43.38 21.46 25.55
CA LEU B 296 43.01 20.52 26.59
C LEU B 296 44.24 19.96 27.30
N GLY B 297 45.28 19.63 26.53
CA GLY B 297 46.50 19.11 27.14
C GLY B 297 47.19 20.15 27.99
N ALA B 298 47.24 21.40 27.51
CA ALA B 298 47.84 22.48 28.30
C ALA B 298 47.04 22.73 29.57
N ASN B 299 45.71 22.63 29.49
CA ASN B 299 44.89 22.75 30.68
C ASN B 299 45.19 21.63 31.66
N SER B 300 45.30 20.39 31.15
CA SER B 300 45.61 19.26 32.02
C SER B 300 46.94 19.44 32.71
N GLN B 301 47.93 19.96 31.99
CA GLN B 301 49.26 20.14 32.57
C GLN B 301 49.31 21.32 33.53
N GLU B 302 49.16 22.54 33.01
CA GLU B 302 49.22 23.72 33.88
C GLU B 302 48.29 24.87 33.49
N GLN B 303 47.45 24.73 32.46
CA GLN B 303 46.75 25.91 31.96
C GLN B 303 45.24 25.74 32.09
N ARG B 304 44.80 25.32 33.28
CA ARG B 304 43.38 25.21 33.57
C ARG B 304 42.66 26.55 33.51
N GLU B 305 43.39 27.67 33.52
CA GLU B 305 42.75 28.97 33.40
C GLU B 305 42.02 29.12 32.08
N ARG B 306 42.50 28.46 31.01
CA ARG B 306 41.75 28.47 29.75
C ARG B 306 40.38 27.82 29.92
N LEU B 307 40.35 26.65 30.56
CA LEU B 307 39.06 25.98 30.78
C LEU B 307 38.16 26.80 31.69
N THR B 308 38.73 27.41 32.73
CA THR B 308 37.91 28.24 33.62
C THR B 308 37.34 29.44 32.87
N GLY B 309 38.15 30.08 32.03
CA GLY B 309 37.65 31.20 31.25
C GLY B 309 36.58 30.80 30.26
N TRP B 310 36.77 29.67 29.59
CA TRP B 310 35.75 29.20 28.66
C TRP B 310 34.46 28.83 29.38
N ILE B 311 34.57 28.20 30.55
CA ILE B 311 33.39 27.84 31.32
C ILE B 311 32.66 29.10 31.79
N GLY B 312 33.42 30.11 32.20
CA GLY B 312 32.80 31.39 32.56
C GLY B 312 32.09 32.04 31.39
N GLU B 313 32.74 32.02 30.22
CA GLU B 313 32.11 32.59 29.03
C GLU B 313 30.84 31.85 28.66
N ILE B 314 30.84 30.52 28.79
CA ILE B 314 29.66 29.74 28.42
C ILE B 314 28.56 29.91 29.46
N ALA B 315 28.92 30.04 30.74
CA ALA B 315 27.93 30.34 31.75
C ALA B 315 27.28 31.70 31.51
N ALA B 316 28.09 32.70 31.19
CA ALA B 316 27.56 34.00 30.81
C ALA B 316 26.72 33.88 29.53
N TYR B 317 27.11 32.97 28.64
CA TYR B 317 26.35 32.74 27.42
C TYR B 317 24.95 32.26 27.74
N TYR B 318 24.84 31.22 28.56
CA TYR B 318 23.56 30.64 28.92
C TYR B 318 22.77 31.52 29.88
N ALA B 319 23.41 32.49 30.53
CA ALA B 319 22.68 33.38 31.42
C ALA B 319 22.36 34.72 30.74
N ALA B 320 22.88 34.93 29.53
CA ALA B 320 22.51 36.13 28.77
C ALA B 320 21.59 35.78 27.61
N ALA B 321 21.65 34.55 27.12
CA ALA B 321 20.72 33.97 26.17
C ALA B 321 19.36 33.60 26.77
N PRO B 322 19.29 33.26 28.08
CA PRO B 322 18.38 32.20 28.51
C PRO B 322 18.10 31.17 27.44
N VAL B 323 18.96 30.15 27.36
CA VAL B 323 18.79 29.07 26.40
C VAL B 323 17.67 28.17 26.93
N ARG B 324 16.47 28.38 26.41
CA ARG B 324 15.28 27.68 26.87
C ARG B 324 14.50 27.20 25.65
N LEU B 325 14.04 25.95 25.70
CA LEU B 325 13.43 25.35 24.52
C LEU B 325 11.91 25.52 24.53
N GLY B 326 11.27 25.23 25.65
CA GLY B 326 9.82 25.12 25.71
C GLY B 326 9.23 25.75 26.95
N GLY B 327 8.53 24.95 27.74
CA GLY B 327 8.22 25.36 29.09
C GLY B 327 9.32 25.09 30.09
N ALA B 328 10.35 24.33 29.69
CA ALA B 328 11.41 23.91 30.59
C ALA B 328 12.75 24.43 30.11
N LYS B 329 13.71 24.50 31.03
CA LYS B 329 15.06 24.95 30.72
C LYS B 329 15.85 23.83 30.06
N VAL B 330 16.63 24.19 29.04
CA VAL B 330 17.54 23.25 28.40
C VAL B 330 18.61 22.88 29.41
N PRO B 331 18.81 21.58 29.69
CA PRO B 331 19.83 21.21 30.68
C PRO B 331 21.22 21.66 30.27
N HIS B 332 21.93 22.22 31.25
CA HIS B 332 23.16 22.97 31.04
C HIS B 332 24.23 22.09 30.41
N LEU B 333 24.53 22.35 29.15
CA LEU B 333 25.61 21.70 28.43
C LEU B 333 26.46 22.73 27.71
N MET B 334 27.62 23.01 28.27
CA MET B 334 28.63 23.76 27.56
C MET B 334 29.11 23.00 26.34
N PRO B 335 29.62 23.70 25.32
CA PRO B 335 29.83 23.09 24.00
C PRO B 335 30.77 21.88 24.03
N GLY B 336 30.53 20.97 23.09
CA GLY B 336 31.45 19.89 22.81
C GLY B 336 31.08 18.54 23.39
N ASP B 337 29.85 18.37 23.88
CA ASP B 337 29.42 17.09 24.44
C ASP B 337 27.92 16.94 24.20
N SER B 338 27.53 15.80 23.63
CA SER B 338 26.14 15.49 23.37
C SER B 338 25.92 13.98 23.44
N LEU B 339 24.68 13.60 23.70
CA LEU B 339 24.28 12.20 23.75
C LEU B 339 24.02 11.68 22.35
N ASN B 340 24.40 10.42 22.10
CA ASN B 340 24.17 9.74 20.82
C ASN B 340 23.07 8.71 21.02
N LEU B 341 21.82 9.15 20.86
CA LEU B 341 20.67 8.28 21.08
C LEU B 341 20.25 7.61 19.77
N GLN B 342 21.23 7.00 19.10
CA GLN B 342 20.93 6.13 17.98
C GLN B 342 20.34 4.83 18.50
N THR B 343 19.39 4.29 17.76
CA THR B 343 18.47 3.29 18.29
C THR B 343 18.81 1.89 17.79
N ALA B 344 18.02 0.91 18.21
CA ALA B 344 18.11 -0.46 17.73
C ALA B 344 17.21 -0.62 16.52
N GLN B 345 16.93 -1.87 16.14
CA GLN B 345 16.11 -2.11 14.97
C GLN B 345 14.69 -1.58 15.17
N ASP B 346 14.01 -1.30 14.06
CA ASP B 346 12.72 -0.62 14.10
C ASP B 346 11.65 -1.35 13.32
N THR B 347 11.67 -2.68 13.38
CA THR B 347 10.61 -3.48 12.75
C THR B 347 9.43 -3.57 13.73
N ASP B 348 8.26 -3.95 13.25
CA ASP B 348 7.13 -4.14 14.15
C ASP B 348 7.43 -5.25 15.14
N ASN B 349 6.95 -5.07 16.37
CA ASN B 349 7.25 -5.98 17.47
C ASN B 349 6.68 -7.37 17.26
N GLY B 350 5.66 -7.53 16.42
CA GLY B 350 5.07 -8.83 16.19
C GLY B 350 4.23 -9.35 17.34
N TYR B 351 4.32 -8.69 18.50
CA TYR B 351 3.59 -9.11 19.69
C TYR B 351 2.12 -9.31 19.41
N SER B 352 1.57 -8.61 18.41
CA SER B 352 0.17 -8.77 18.07
C SER B 352 -0.15 -10.23 17.73
N VAL B 353 0.48 -10.75 16.69
CA VAL B 353 0.15 -12.12 16.30
C VAL B 353 0.79 -13.12 17.25
N PHE B 354 1.92 -12.77 17.88
CA PHE B 354 2.38 -13.63 18.98
C PHE B 354 1.28 -13.84 20.02
N GLU B 355 0.68 -12.76 20.52
CA GLU B 355 -0.26 -12.86 21.62
C GLU B 355 -1.56 -13.50 21.17
N GLN B 356 -2.05 -13.19 19.97
CA GLN B 356 -3.25 -13.88 19.49
C GLN B 356 -3.00 -15.38 19.36
N SER B 357 -1.88 -15.77 18.75
CA SER B 357 -1.56 -17.18 18.61
C SER B 357 -1.45 -17.85 19.97
N LEU B 358 -0.77 -17.23 20.94
CA LEU B 358 -0.57 -17.88 22.23
C LEU B 358 -1.85 -17.90 23.07
N LEU B 359 -2.74 -16.90 22.89
CA LEU B 359 -3.98 -16.87 23.67
C LEU B 359 -4.95 -17.93 23.17
N ARG B 360 -5.21 -17.95 21.86
CA ARG B 360 -5.63 -19.16 21.15
C ARG B 360 -5.08 -20.44 21.77
N TYR B 361 -3.76 -20.57 21.70
CA TYR B 361 -3.00 -21.73 22.15
C TYR B 361 -3.44 -22.20 23.53
N ILE B 362 -3.25 -21.35 24.54
CA ILE B 362 -3.45 -21.83 25.89
C ILE B 362 -4.92 -21.82 26.24
N ALA B 363 -5.74 -21.12 25.44
CA ALA B 363 -7.16 -21.08 25.68
C ALA B 363 -7.77 -22.46 25.51
N ALA B 364 -7.58 -23.08 24.35
CA ALA B 364 -8.04 -24.48 24.29
C ALA B 364 -6.90 -25.42 24.63
N GLY B 365 -5.92 -24.90 25.37
CA GLY B 365 -5.17 -25.72 26.30
C GLY B 365 -5.92 -25.92 27.60
N LEU B 366 -5.77 -25.01 28.55
CA LEU B 366 -6.53 -25.04 29.79
C LEU B 366 -8.01 -25.42 29.61
N GLY B 367 -8.62 -25.15 28.46
CA GLY B 367 -9.87 -25.81 28.15
C GLY B 367 -11.02 -24.91 27.82
N VAL B 368 -11.14 -23.79 28.51
CA VAL B 368 -12.23 -22.85 28.27
C VAL B 368 -11.70 -21.76 27.34
N SER B 369 -12.42 -21.56 26.25
CA SER B 369 -11.95 -20.71 25.18
C SER B 369 -11.89 -19.25 25.63
N TYR B 370 -10.88 -18.53 25.12
CA TYR B 370 -10.74 -17.13 25.52
C TYR B 370 -11.76 -16.24 24.80
N GLU B 371 -12.34 -16.67 23.67
CA GLU B 371 -13.28 -15.75 23.03
C GLU B 371 -14.45 -15.47 23.95
N GLN B 372 -14.44 -16.07 25.14
CA GLN B 372 -15.24 -15.68 26.29
C GLN B 372 -14.47 -15.59 27.60
N LEU B 373 -13.27 -16.17 27.73
CA LEU B 373 -12.52 -15.88 28.96
C LEU B 373 -12.02 -14.45 28.97
N SER B 374 -11.93 -13.83 27.79
CA SER B 374 -11.92 -12.38 27.74
C SER B 374 -12.69 -11.78 26.55
N ARG B 375 -13.47 -12.60 25.81
CA ARG B 375 -14.74 -12.22 25.14
C ARG B 375 -14.60 -11.66 23.72
N ASN B 376 -13.46 -11.86 23.06
CA ASN B 376 -13.39 -11.32 21.69
C ASN B 376 -14.64 -11.62 20.83
N TYR B 377 -14.96 -10.72 19.91
CA TYR B 377 -16.05 -10.98 18.98
C TYR B 377 -15.56 -10.97 17.55
N ALA B 378 -14.25 -11.15 17.40
CA ALA B 378 -13.55 -11.01 16.13
C ALA B 378 -13.97 -12.13 15.18
N GLN B 379 -14.51 -11.71 14.04
CA GLN B 379 -14.82 -12.57 12.88
C GLN B 379 -15.51 -13.88 13.26
N MET B 380 -16.25 -13.90 14.36
CA MET B 380 -16.88 -15.12 14.80
C MET B 380 -18.26 -15.25 14.15
N SER B 381 -18.59 -16.47 13.73
CA SER B 381 -19.72 -16.71 12.84
C SER B 381 -20.72 -17.67 13.48
N TYR B 382 -21.69 -18.11 12.67
CA TYR B 382 -22.84 -18.82 13.23
C TYR B 382 -22.49 -20.26 13.58
N SER B 383 -21.93 -20.99 12.61
CA SER B 383 -21.43 -22.34 12.89
C SER B 383 -20.34 -22.29 13.95
N THR B 384 -19.46 -21.29 13.85
CA THR B 384 -18.51 -21.00 14.92
C THR B 384 -19.20 -21.06 16.28
N ALA B 385 -20.23 -20.23 16.45
CA ALA B 385 -20.87 -20.08 17.75
C ALA B 385 -21.48 -21.38 18.21
N ARG B 386 -22.33 -22.02 17.40
CA ARG B 386 -23.07 -23.14 17.98
C ARG B 386 -22.20 -24.39 18.07
N ALA B 387 -21.23 -24.60 17.16
CA ALA B 387 -20.31 -25.71 17.31
C ALA B 387 -19.46 -25.55 18.56
N SER B 388 -18.85 -24.38 18.74
CA SER B 388 -18.04 -24.15 19.94
C SER B 388 -18.87 -24.33 21.20
N ALA B 389 -20.08 -23.76 21.21
CA ALA B 389 -20.93 -23.84 22.38
C ALA B 389 -21.32 -25.27 22.71
N ASN B 390 -21.72 -26.06 21.72
CA ASN B 390 -22.19 -27.40 22.03
C ASN B 390 -21.03 -28.30 22.45
N GLU B 391 -19.86 -28.19 21.79
CA GLU B 391 -18.74 -29.01 22.21
C GLU B 391 -18.28 -28.62 23.62
N SER B 392 -18.19 -27.32 23.91
CA SER B 392 -17.76 -26.89 25.24
C SER B 392 -18.76 -27.31 26.31
N TRP B 393 -20.05 -27.22 26.00
CA TRP B 393 -21.06 -27.59 26.99
C TRP B 393 -21.09 -29.09 27.23
N ALA B 394 -20.94 -29.90 26.19
CA ALA B 394 -20.83 -31.35 26.39
C ALA B 394 -19.59 -31.68 27.21
N TYR B 395 -18.52 -30.90 27.01
CA TYR B 395 -17.29 -31.18 27.73
C TYR B 395 -17.40 -30.78 29.20
N PHE B 396 -18.15 -29.71 29.49
CA PHE B 396 -18.49 -29.39 30.86
C PHE B 396 -19.43 -30.42 31.46
N MET B 397 -20.30 -31.02 30.64
CA MET B 397 -21.10 -32.13 31.14
C MET B 397 -20.20 -33.29 31.54
N GLY B 398 -19.16 -33.53 30.75
CA GLY B 398 -18.12 -34.49 31.09
C GLY B 398 -17.48 -34.20 32.44
N ARG B 399 -16.89 -33.02 32.59
CA ARG B 399 -16.31 -32.64 33.88
C ARG B 399 -17.31 -32.73 35.03
N ARG B 400 -18.56 -32.31 34.80
CA ARG B 400 -19.57 -32.41 35.86
C ARG B 400 -19.76 -33.86 36.30
N LYS B 401 -20.05 -34.74 35.35
CA LYS B 401 -20.29 -36.14 35.66
C LYS B 401 -19.03 -36.82 36.18
N PHE B 402 -17.85 -36.23 35.98
CA PHE B 402 -16.61 -36.82 36.44
C PHE B 402 -16.20 -36.39 37.83
N VAL B 403 -16.45 -35.14 38.23
CA VAL B 403 -15.91 -34.58 39.46
C VAL B 403 -17.00 -33.98 40.35
N ALA B 404 -18.27 -34.31 40.07
CA ALA B 404 -19.33 -33.87 40.97
C ALA B 404 -20.10 -35.05 41.55
N SER B 405 -20.30 -36.10 40.74
CA SER B 405 -21.11 -37.23 41.16
C SER B 405 -20.47 -37.99 42.31
N ARG B 406 -19.14 -37.98 42.38
CA ARG B 406 -18.47 -38.60 43.52
C ARG B 406 -18.91 -37.98 44.83
N GLN B 407 -18.78 -36.66 44.94
CA GLN B 407 -19.16 -35.97 46.17
C GLN B 407 -20.64 -36.12 46.43
N ALA B 408 -21.45 -35.99 45.37
CA ALA B 408 -22.89 -36.12 45.51
C ALA B 408 -23.26 -37.49 46.09
N SER B 409 -22.75 -38.56 45.49
CA SER B 409 -23.07 -39.91 45.95
C SER B 409 -22.54 -40.17 47.36
N GLN B 410 -21.34 -39.66 47.67
CA GLN B 410 -20.79 -39.88 49.00
C GLN B 410 -21.64 -39.21 50.07
N MET B 411 -22.00 -37.93 49.83
CA MET B 411 -22.82 -37.20 50.79
C MET B 411 -24.20 -37.82 50.91
N PHE B 412 -24.77 -38.23 49.77
CA PHE B 412 -26.08 -38.87 49.79
C PHE B 412 -26.05 -40.18 50.55
N LEU B 413 -24.98 -40.97 50.37
CA LEU B 413 -24.86 -42.22 51.10
C LEU B 413 -24.79 -41.98 52.60
N CYS B 414 -23.99 -41.01 53.03
CA CYS B 414 -23.90 -40.72 54.45
C CYS B 414 -25.24 -40.26 55.00
N TRP B 415 -25.91 -39.34 54.28
CA TRP B 415 -27.19 -38.82 54.75
C TRP B 415 -28.25 -39.92 54.79
N LEU B 416 -28.25 -40.81 53.78
CA LEU B 416 -29.23 -41.88 53.74
C LEU B 416 -28.98 -42.91 54.84
N GLU B 417 -27.71 -43.19 55.13
CA GLU B 417 -27.39 -44.04 56.27
C GLU B 417 -27.93 -43.44 57.56
N GLU B 418 -27.74 -42.13 57.73
CA GLU B 418 -28.27 -41.47 58.93
C GLU B 418 -29.79 -41.54 58.95
N ALA B 419 -30.44 -41.36 57.80
CA ALA B 419 -31.89 -41.42 57.73
C ALA B 419 -32.41 -42.81 58.09
N ILE B 420 -31.72 -43.86 57.62
CA ILE B 420 -32.10 -45.22 57.98
C ILE B 420 -31.90 -45.47 59.47
N VAL B 421 -30.83 -44.89 60.04
CA VAL B 421 -30.61 -44.99 61.48
C VAL B 421 -31.77 -44.35 62.23
N ARG B 422 -32.24 -43.20 61.76
CA ARG B 422 -33.29 -42.45 62.45
C ARG B 422 -34.69 -42.89 62.06
N ARG B 423 -34.81 -43.83 61.12
CA ARG B 423 -36.10 -44.27 60.60
C ARG B 423 -36.94 -43.09 60.11
N VAL B 424 -36.30 -42.21 59.33
CA VAL B 424 -37.03 -41.11 58.71
C VAL B 424 -37.82 -41.62 57.52
N VAL B 425 -37.15 -42.35 56.63
CA VAL B 425 -37.78 -42.97 55.48
C VAL B 425 -37.76 -44.48 55.67
N THR B 426 -38.78 -45.14 55.12
CA THR B 426 -38.97 -46.57 55.33
C THR B 426 -38.42 -47.35 54.15
N LEU B 427 -37.49 -48.26 54.42
CA LEU B 427 -36.97 -49.13 53.39
C LEU B 427 -38.03 -50.13 52.94
N PRO B 428 -37.95 -50.61 51.71
CA PRO B 428 -38.92 -51.63 51.25
C PRO B 428 -38.87 -52.87 52.12
N SER B 429 -40.05 -53.44 52.38
CA SER B 429 -40.14 -54.62 53.24
C SER B 429 -39.55 -55.84 52.56
N LYS B 430 -39.63 -55.91 51.24
CA LYS B 430 -39.13 -57.04 50.47
C LYS B 430 -37.65 -56.89 50.10
N ALA B 431 -36.89 -56.16 50.91
CA ALA B 431 -35.48 -55.92 50.62
C ALA B 431 -34.74 -57.23 50.37
N ARG B 432 -34.30 -57.42 49.13
CA ARG B 432 -33.54 -58.62 48.79
C ARG B 432 -32.19 -58.63 49.50
N PHE B 433 -31.60 -57.46 49.70
CA PHE B 433 -30.38 -57.31 50.48
C PHE B 433 -30.59 -56.23 51.53
N SER B 434 -29.88 -56.37 52.64
CA SER B 434 -30.00 -55.39 53.71
C SER B 434 -29.44 -54.05 53.26
N PHE B 435 -29.81 -53.00 54.00
CA PHE B 435 -29.29 -51.67 53.69
C PHE B 435 -27.77 -51.65 53.76
N GLN B 436 -27.20 -52.19 54.84
CA GLN B 436 -25.75 -52.15 55.01
C GLN B 436 -25.04 -52.95 53.92
N GLU B 437 -25.67 -54.01 53.45
CA GLU B 437 -25.07 -54.83 52.39
C GLU B 437 -25.16 -54.17 51.02
N ALA B 438 -26.28 -53.49 50.74
CA ALA B 438 -26.55 -52.97 49.40
C ALA B 438 -26.70 -51.45 49.43
N ARG B 439 -25.87 -50.78 50.23
CA ARG B 439 -25.84 -49.32 50.23
C ARG B 439 -25.67 -48.77 48.82
N SER B 440 -24.81 -49.40 48.02
CA SER B 440 -24.67 -48.98 46.62
C SER B 440 -25.97 -49.22 45.85
N ALA B 441 -26.62 -50.37 46.06
CA ALA B 441 -27.85 -50.66 45.35
C ALA B 441 -28.99 -49.79 45.84
N TRP B 442 -29.16 -49.68 47.16
CA TRP B 442 -30.20 -48.82 47.71
C TRP B 442 -29.90 -47.35 47.46
N GLY B 443 -28.67 -46.93 47.75
CA GLY B 443 -28.31 -45.53 47.62
C GLY B 443 -27.88 -45.14 46.22
N ASN B 444 -28.33 -45.90 45.22
CA ASN B 444 -28.07 -45.53 43.84
C ASN B 444 -28.78 -44.22 43.52
N CYS B 445 -28.02 -43.26 42.98
CA CYS B 445 -28.58 -41.93 42.77
C CYS B 445 -27.89 -41.27 41.59
N ASP B 446 -28.57 -40.29 41.03
CA ASP B 446 -28.02 -39.40 40.02
C ASP B 446 -28.31 -37.97 40.43
N TRP B 447 -27.63 -37.02 39.79
CA TRP B 447 -27.72 -35.63 40.18
C TRP B 447 -27.79 -34.74 38.95
N ILE B 448 -28.46 -33.60 39.11
CA ILE B 448 -28.72 -32.65 38.03
C ILE B 448 -27.98 -31.36 38.37
N GLY B 449 -27.20 -30.86 37.42
CA GLY B 449 -26.37 -29.69 37.61
C GLY B 449 -27.08 -28.40 37.28
N SER B 450 -26.47 -27.62 36.38
CA SER B 450 -26.99 -26.31 36.04
C SER B 450 -28.32 -26.42 35.30
N GLY B 451 -29.03 -25.31 35.21
CA GLY B 451 -30.36 -25.30 34.65
C GLY B 451 -30.40 -25.48 33.15
N ARG B 452 -31.54 -25.07 32.57
CA ARG B 452 -31.83 -25.27 31.15
C ARG B 452 -30.91 -24.45 30.26
N MET B 453 -30.11 -25.13 29.43
CA MET B 453 -29.20 -24.46 28.51
C MET B 453 -29.96 -23.63 27.48
N ALA B 454 -29.53 -22.38 27.29
CA ALA B 454 -30.03 -21.58 26.20
C ALA B 454 -28.88 -21.03 25.36
N ILE B 455 -28.90 -21.33 24.07
CA ILE B 455 -27.87 -20.85 23.15
C ILE B 455 -28.48 -20.16 21.93
N ASP B 456 -29.48 -20.80 21.31
CA ASP B 456 -30.01 -20.33 20.04
C ASP B 456 -31.52 -20.14 20.08
N GLY B 457 -32.23 -20.91 20.90
CA GLY B 457 -33.68 -20.90 20.87
C GLY B 457 -34.24 -21.85 19.83
N LEU B 458 -34.15 -21.47 18.54
CA LEU B 458 -34.62 -22.31 17.44
C LEU B 458 -34.08 -23.73 17.55
N LYS B 459 -32.81 -23.84 17.94
CA LYS B 459 -32.20 -25.14 18.13
C LYS B 459 -32.98 -25.97 19.14
N GLU B 460 -33.05 -25.48 20.38
CA GLU B 460 -33.70 -26.23 21.45
C GLU B 460 -35.15 -26.51 21.14
N VAL B 461 -35.84 -25.58 20.46
CA VAL B 461 -37.27 -25.76 20.24
C VAL B 461 -37.54 -26.77 19.14
N GLN B 462 -36.70 -26.79 18.09
CA GLN B 462 -36.90 -27.81 17.08
C GLN B 462 -36.52 -29.18 17.62
N GLU B 463 -35.48 -29.25 18.47
CA GLU B 463 -35.18 -30.50 19.16
C GLU B 463 -36.35 -30.96 20.00
N ALA B 464 -36.95 -30.03 20.76
CA ALA B 464 -38.06 -30.37 21.64
C ALA B 464 -39.26 -30.87 20.85
N VAL B 465 -39.60 -30.18 19.76
CA VAL B 465 -40.76 -30.62 18.98
C VAL B 465 -40.50 -31.98 18.35
N MET B 466 -39.28 -32.23 17.86
CA MET B 466 -38.99 -33.52 17.28
C MET B 466 -39.08 -34.63 18.32
N LEU B 467 -38.51 -34.39 19.51
CA LEU B 467 -38.55 -35.40 20.57
C LEU B 467 -39.98 -35.67 21.02
N ILE B 468 -40.80 -34.62 21.14
CA ILE B 468 -42.15 -34.82 21.66
C ILE B 468 -43.06 -35.42 20.60
N GLU B 469 -42.72 -35.26 19.32
CA GLU B 469 -43.56 -35.90 18.31
C GLU B 469 -43.15 -37.36 18.07
N ALA B 470 -41.84 -37.65 18.06
CA ALA B 470 -41.41 -39.02 17.79
C ALA B 470 -41.33 -39.87 19.06
N GLY B 471 -41.51 -39.28 20.24
CA GLY B 471 -41.37 -40.05 21.45
C GLY B 471 -39.95 -40.46 21.75
N LEU B 472 -38.96 -39.84 21.10
CA LEU B 472 -37.56 -40.21 21.28
C LEU B 472 -36.96 -39.69 22.57
N SER B 473 -37.76 -39.14 23.47
CA SER B 473 -37.30 -38.64 24.75
C SER B 473 -38.14 -39.24 25.86
N THR B 474 -37.48 -39.67 26.94
CA THR B 474 -38.13 -40.28 28.09
C THR B 474 -38.34 -39.24 29.17
N TYR B 475 -38.98 -39.65 30.27
CA TYR B 475 -39.08 -38.81 31.45
C TYR B 475 -37.72 -38.39 31.95
N GLU B 476 -36.82 -39.37 32.15
CA GLU B 476 -35.55 -39.08 32.80
C GLU B 476 -34.66 -38.19 31.94
N LYS B 477 -34.50 -38.51 30.65
CA LYS B 477 -33.59 -37.69 29.86
C LYS B 477 -34.26 -36.40 29.41
N GLU B 478 -35.59 -36.38 29.28
CA GLU B 478 -36.28 -35.12 29.05
C GLU B 478 -36.06 -34.17 30.22
N CYS B 479 -36.24 -34.65 31.45
CA CYS B 479 -36.01 -33.82 32.63
C CYS B 479 -34.53 -33.46 32.77
N ALA B 480 -33.63 -34.33 32.32
CA ALA B 480 -32.21 -33.97 32.31
C ALA B 480 -31.95 -32.82 31.34
N LYS B 481 -32.54 -32.87 30.15
CA LYS B 481 -32.38 -31.80 29.17
C LYS B 481 -33.02 -30.49 29.62
N ARG B 482 -34.14 -30.54 30.34
CA ARG B 482 -34.93 -29.35 30.63
C ARG B 482 -34.69 -28.80 32.02
N GLY B 483 -34.05 -29.55 32.90
CA GLY B 483 -33.89 -29.13 34.29
C GLY B 483 -35.17 -29.02 35.07
N ASP B 484 -36.12 -29.94 34.85
CA ASP B 484 -37.43 -29.94 35.49
C ASP B 484 -37.76 -31.35 35.97
N ASP B 485 -39.02 -31.55 36.33
CA ASP B 485 -39.51 -32.87 36.72
C ASP B 485 -40.82 -33.16 36.01
N TYR B 486 -40.93 -34.37 35.47
CA TYR B 486 -42.15 -34.77 34.78
C TYR B 486 -43.36 -34.84 35.69
N GLN B 487 -43.19 -35.34 36.92
CA GLN B 487 -44.32 -35.39 37.85
C GLN B 487 -44.87 -34.00 38.13
N GLU B 488 -43.97 -33.04 38.40
CA GLU B 488 -44.44 -31.70 38.72
C GLU B 488 -44.95 -30.98 37.48
N ILE B 489 -44.38 -31.21 36.29
CA ILE B 489 -44.91 -30.58 35.10
C ILE B 489 -46.31 -31.10 34.80
N PHE B 490 -46.56 -32.40 35.06
CA PHE B 490 -47.89 -32.94 34.82
C PHE B 490 -48.89 -32.43 35.86
N ALA B 491 -48.50 -32.39 37.13
CA ALA B 491 -49.40 -31.86 38.16
C ALA B 491 -49.72 -30.40 37.90
N GLN B 492 -48.71 -29.62 37.50
CA GLN B 492 -48.95 -28.21 37.25
C GLN B 492 -49.71 -28.00 35.95
N GLN B 493 -49.61 -28.92 34.98
CA GLN B 493 -50.46 -28.81 33.81
C GLN B 493 -51.91 -29.14 34.16
N VAL B 494 -52.11 -30.08 35.07
CA VAL B 494 -53.46 -30.33 35.58
C VAL B 494 -54.02 -29.06 36.22
N ARG B 495 -53.21 -28.43 37.07
CA ARG B 495 -53.62 -27.18 37.71
C ARG B 495 -53.88 -26.10 36.68
N GLU B 496 -53.01 -26.00 35.67
CA GLU B 496 -53.20 -25.05 34.59
C GLU B 496 -54.54 -25.24 33.92
N THR B 497 -54.82 -26.46 33.48
CA THR B 497 -56.05 -26.72 32.73
C THR B 497 -57.28 -26.45 33.60
N MET B 498 -57.25 -26.86 34.87
CA MET B 498 -58.43 -26.68 35.70
C MET B 498 -58.64 -25.21 36.04
N GLU B 499 -57.56 -24.45 36.27
CA GLU B 499 -57.74 -23.01 36.53
C GLU B 499 -58.20 -22.28 35.28
N ARG B 500 -57.69 -22.66 34.10
CA ARG B 500 -58.18 -22.03 32.87
C ARG B 500 -59.66 -22.33 32.67
N ARG B 501 -60.07 -23.58 32.91
CA ARG B 501 -61.48 -23.93 32.79
C ARG B 501 -62.34 -23.16 33.79
N ALA B 502 -61.88 -23.05 35.04
CA ALA B 502 -62.68 -22.38 36.06
C ALA B 502 -62.76 -20.87 35.81
N ALA B 503 -61.63 -20.21 35.61
CA ALA B 503 -61.59 -18.77 35.39
C ALA B 503 -62.08 -18.36 34.02
N GLY B 504 -62.22 -19.30 33.08
CA GLY B 504 -62.68 -18.97 31.74
C GLY B 504 -61.60 -18.88 30.70
N LEU B 505 -60.36 -19.23 31.02
CA LEU B 505 -59.28 -19.14 30.05
C LEU B 505 -59.33 -20.33 29.10
N LYS B 506 -58.30 -20.42 28.26
CA LYS B 506 -58.26 -21.45 27.24
C LYS B 506 -57.12 -22.43 27.52
N PRO B 507 -57.40 -23.64 28.03
CA PRO B 507 -56.42 -24.69 28.31
C PRO B 507 -55.43 -24.93 27.19
N GLN C 34 8.10 -2.09 38.41
CA GLN C 34 6.72 -1.66 38.64
C GLN C 34 6.06 -2.55 39.68
N LEU C 35 6.57 -3.78 39.82
CA LEU C 35 6.10 -4.67 40.87
C LEU C 35 6.48 -4.15 42.25
N ARG C 36 7.19 -3.03 42.32
CA ARG C 36 7.63 -2.48 43.60
C ARG C 36 6.50 -1.89 44.42
N SER C 37 5.57 -1.14 43.80
CA SER C 37 4.53 -0.44 44.53
C SER C 37 3.32 -1.32 44.84
N TRP C 38 3.43 -2.62 44.58
CA TRP C 38 2.34 -3.57 44.76
C TRP C 38 2.94 -4.96 44.91
N ASN C 39 2.72 -5.59 46.05
CA ASN C 39 3.53 -6.78 46.30
C ASN C 39 2.73 -7.96 46.84
N PRO C 40 2.72 -9.08 46.11
CA PRO C 40 2.03 -10.28 46.61
C PRO C 40 2.97 -11.14 47.43
N PRO C 41 2.58 -11.51 48.63
CA PRO C 41 3.27 -12.60 49.35
C PRO C 41 2.84 -13.96 48.78
N SER C 42 3.68 -14.95 49.05
CA SER C 42 3.43 -16.33 48.63
C SER C 42 2.90 -17.12 49.82
N GLU C 43 1.59 -17.24 49.91
CA GLU C 43 0.92 -17.88 51.04
C GLU C 43 -0.53 -18.07 50.68
N SER C 44 -1.26 -18.79 51.56
CA SER C 44 -2.70 -18.91 51.42
C SER C 44 -3.33 -17.52 51.30
N VAL C 45 -4.43 -17.45 50.54
CA VAL C 45 -5.00 -16.17 50.14
C VAL C 45 -5.46 -15.36 51.35
N ASP C 46 -6.02 -16.03 52.36
CA ASP C 46 -6.51 -15.30 53.53
C ASP C 46 -5.36 -14.60 54.26
N ALA C 47 -4.24 -15.30 54.46
CA ALA C 47 -3.11 -14.72 55.17
C ALA C 47 -2.27 -13.85 54.24
N ALA C 48 -2.55 -13.89 52.95
CA ALA C 48 -1.91 -12.99 51.98
C ALA C 48 -2.69 -11.70 51.78
N LEU C 49 -3.98 -11.68 52.14
CA LEU C 49 -4.81 -10.49 52.04
C LEU C 49 -5.01 -9.77 53.37
N LEU C 50 -5.29 -10.48 54.45
CA LEU C 50 -5.57 -9.79 55.71
C LEU C 50 -4.45 -8.88 56.19
N PRO C 51 -3.17 -9.25 56.14
CA PRO C 51 -2.12 -8.29 56.53
C PRO C 51 -2.12 -7.00 55.72
N ASN C 52 -2.40 -7.05 54.42
CA ASN C 52 -2.51 -5.86 53.58
C ASN C 52 -3.95 -5.52 53.28
N PHE C 53 -4.86 -5.74 54.24
CA PHE C 53 -6.27 -5.46 54.02
C PHE C 53 -6.52 -3.96 53.85
N THR C 54 -5.94 -3.15 54.74
CA THR C 54 -6.23 -1.71 54.73
C THR C 54 -5.71 -1.04 53.46
N ARG C 55 -4.50 -1.41 53.01
CA ARG C 55 -3.94 -0.76 51.83
C ARG C 55 -4.71 -1.13 50.57
N GLY C 56 -5.00 -2.42 50.39
CA GLY C 56 -5.75 -2.84 49.22
C GLY C 56 -7.14 -2.24 49.19
N ASN C 57 -7.83 -2.24 50.33
CA ASN C 57 -9.17 -1.66 50.39
C ASN C 57 -9.13 -0.15 50.17
N ALA C 58 -8.09 0.52 50.69
CA ALA C 58 -7.97 1.96 50.52
C ALA C 58 -7.74 2.33 49.06
N ARG C 59 -6.86 1.60 48.37
CA ARG C 59 -6.64 1.89 46.96
C ARG C 59 -7.84 1.46 46.13
N ALA C 60 -8.59 0.47 46.60
CA ALA C 60 -9.87 0.14 45.97
C ALA C 60 -10.85 1.30 46.08
N ASP C 61 -10.92 1.92 47.26
CA ASP C 61 -11.73 3.13 47.42
C ASP C 61 -11.26 4.22 46.47
N ASP C 62 -9.95 4.39 46.37
CA ASP C 62 -9.38 5.39 45.48
C ASP C 62 -9.85 5.17 44.04
N LEU C 63 -9.77 3.93 43.55
CA LEU C 63 -10.11 3.71 42.15
C LEU C 63 -11.62 3.72 41.92
N VAL C 64 -12.41 3.21 42.87
CA VAL C 64 -13.86 3.27 42.71
C VAL C 64 -14.39 4.69 42.82
N ARG C 65 -13.62 5.59 43.44
CA ARG C 65 -14.02 6.99 43.51
C ARG C 65 -13.54 7.79 42.31
N ASN C 66 -12.30 7.57 41.87
CA ASN C 66 -11.73 8.30 40.75
C ASN C 66 -12.16 7.76 39.39
N ASN C 67 -12.66 6.53 39.34
CA ASN C 67 -12.86 5.82 38.08
C ASN C 67 -14.33 5.49 37.90
N GLY C 68 -14.79 5.58 36.65
CA GLY C 68 -16.20 5.35 36.38
C GLY C 68 -16.56 3.89 36.22
N TYR C 69 -15.56 3.04 35.94
CA TYR C 69 -15.83 1.63 35.68
C TYR C 69 -16.52 0.96 36.86
N ALA C 70 -16.08 1.25 38.08
CA ALA C 70 -16.70 0.64 39.25
C ALA C 70 -18.16 1.07 39.39
N ALA C 71 -18.44 2.35 39.13
CA ALA C 71 -19.82 2.82 39.20
C ALA C 71 -20.69 2.12 38.16
N ASN C 72 -20.20 2.00 36.92
CA ASN C 72 -20.97 1.33 35.89
C ASN C 72 -21.19 -0.14 36.24
N ALA C 73 -20.15 -0.79 36.78
CA ALA C 73 -20.26 -2.21 37.10
C ALA C 73 -21.25 -2.44 38.23
N ILE C 74 -21.20 -1.61 39.27
CA ILE C 74 -22.14 -1.79 40.37
C ILE C 74 -23.56 -1.45 39.92
N GLN C 75 -23.69 -0.47 39.04
CA GLN C 75 -25.03 -0.11 38.54
C GLN C 75 -25.61 -1.26 37.71
N LEU C 76 -24.81 -1.86 36.82
CA LEU C 76 -25.31 -2.97 36.03
C LEU C 76 -25.58 -4.20 36.89
N HIS C 77 -24.75 -4.44 37.91
CA HIS C 77 -25.01 -5.54 38.81
C HIS C 77 -26.34 -5.32 39.54
N GLN C 78 -26.58 -4.09 39.97
CA GLN C 78 -27.86 -3.77 40.58
C GLN C 78 -29.02 -4.05 39.62
N ASP C 79 -28.91 -3.56 38.39
CA ASP C 79 -30.02 -3.64 37.45
C ASP C 79 -30.19 -5.04 36.86
N HIS C 80 -29.18 -5.90 36.98
CA HIS C 80 -29.35 -7.29 36.58
C HIS C 80 -29.79 -8.19 37.73
N ILE C 81 -29.37 -7.89 38.97
CA ILE C 81 -29.68 -8.77 40.08
C ILE C 81 -31.04 -8.41 40.67
N VAL C 82 -31.21 -7.16 41.09
CA VAL C 82 -32.47 -6.75 41.69
C VAL C 82 -33.32 -6.06 40.64
N GLY C 83 -32.72 -5.19 39.86
CA GLY C 83 -33.47 -4.40 38.90
C GLY C 83 -34.45 -3.47 39.58
N SER C 84 -35.71 -3.58 39.15
CA SER C 84 -36.76 -2.73 39.70
C SER C 84 -37.01 -3.05 41.17
N PHE C 85 -37.17 -4.33 41.50
CA PHE C 85 -37.52 -4.75 42.85
C PHE C 85 -37.08 -6.19 43.08
N PHE C 86 -37.23 -6.63 44.33
CA PHE C 86 -36.88 -8.00 44.74
C PHE C 86 -38.12 -8.57 45.43
N ARG C 87 -38.75 -9.54 44.78
CA ARG C 87 -40.07 -10.03 45.17
C ARG C 87 -39.95 -11.30 45.99
N LEU C 88 -40.64 -11.31 47.14
CA LEU C 88 -40.70 -12.47 48.01
C LEU C 88 -41.78 -13.44 47.55
N SER C 89 -41.50 -14.74 47.69
CA SER C 89 -42.48 -15.78 47.47
C SER C 89 -42.27 -16.86 48.52
N HIS C 90 -43.25 -17.01 49.40
CA HIS C 90 -43.15 -17.94 50.53
C HIS C 90 -43.72 -19.29 50.13
N ARG C 91 -42.90 -20.34 50.23
CA ARG C 91 -43.31 -21.71 49.93
C ARG C 91 -42.92 -22.60 51.11
N PRO C 92 -43.73 -22.61 52.17
CA PRO C 92 -43.49 -23.56 53.26
C PRO C 92 -43.56 -24.99 52.73
N SER C 93 -42.71 -25.85 53.29
CA SER C 93 -42.59 -27.22 52.80
C SER C 93 -43.86 -27.96 53.21
N TRP C 94 -44.92 -27.74 52.43
CA TRP C 94 -46.21 -28.34 52.74
C TRP C 94 -46.15 -29.86 52.65
N ARG C 95 -45.46 -30.40 51.65
CA ARG C 95 -45.40 -31.85 51.48
C ARG C 95 -44.69 -32.52 52.65
N TYR C 96 -43.56 -31.95 53.08
CA TYR C 96 -42.79 -32.57 54.17
C TYR C 96 -43.46 -32.33 55.52
N LEU C 97 -43.99 -31.14 55.74
CA LEU C 97 -44.64 -30.81 57.00
C LEU C 97 -46.05 -31.35 57.11
N GLY C 98 -46.59 -31.93 56.05
CA GLY C 98 -47.95 -32.45 56.10
C GLY C 98 -49.00 -31.37 55.90
N ILE C 99 -48.57 -30.14 55.64
CA ILE C 99 -49.45 -29.01 55.42
C ILE C 99 -50.11 -29.16 54.06
N GLY C 100 -51.40 -28.81 53.98
CA GLY C 100 -52.07 -28.80 52.70
C GLY C 100 -51.53 -27.70 51.81
N GLU C 101 -51.47 -27.99 50.51
CA GLU C 101 -50.95 -27.00 49.57
C GLU C 101 -51.86 -25.78 49.49
N GLU C 102 -53.17 -25.97 49.58
CA GLU C 102 -54.09 -24.83 49.54
C GLU C 102 -53.95 -23.96 50.77
N GLU C 103 -53.80 -24.58 51.96
CA GLU C 103 -53.58 -23.79 53.16
C GLU C 103 -52.24 -23.07 53.11
N ALA C 104 -51.21 -23.74 52.60
CA ALA C 104 -49.92 -23.09 52.42
C ALA C 104 -50.03 -21.91 51.47
N ARG C 105 -50.82 -22.05 50.41
CA ARG C 105 -50.93 -20.97 49.42
C ARG C 105 -51.70 -19.79 50.00
N ALA C 106 -52.76 -20.05 50.75
CA ALA C 106 -53.51 -18.96 51.37
C ALA C 106 -52.69 -18.25 52.45
N PHE C 107 -51.97 -19.03 53.26
CA PHE C 107 -51.08 -18.45 54.26
C PHE C 107 -49.99 -17.62 53.58
N SER C 108 -49.49 -18.11 52.45
CA SER C 108 -48.53 -17.34 51.67
C SER C 108 -49.14 -16.06 51.12
N ARG C 109 -50.41 -16.11 50.69
CA ARG C 109 -51.10 -14.90 50.26
C ARG C 109 -51.13 -13.87 51.39
N GLU C 110 -51.49 -14.32 52.59
CA GLU C 110 -51.56 -13.40 53.73
C GLU C 110 -50.18 -12.81 54.03
N VAL C 111 -49.15 -13.66 54.08
CA VAL C 111 -47.81 -13.16 54.41
C VAL C 111 -47.28 -12.26 53.29
N GLU C 112 -47.63 -12.52 52.04
CA GLU C 112 -47.15 -11.69 50.95
C GLU C 112 -47.82 -10.33 50.98
N ALA C 113 -49.13 -10.29 51.24
CA ALA C 113 -49.80 -8.99 51.39
C ALA C 113 -49.19 -8.21 52.55
N ALA C 114 -48.98 -8.87 53.69
CA ALA C 114 -48.38 -8.19 54.83
C ALA C 114 -46.98 -7.69 54.51
N TRP C 115 -46.17 -8.50 53.84
CA TRP C 115 -44.79 -8.12 53.57
C TRP C 115 -44.72 -6.98 52.56
N LYS C 116 -45.56 -7.02 51.52
CA LYS C 116 -45.54 -5.93 50.55
C LYS C 116 -46.01 -4.63 51.19
N GLU C 117 -47.07 -4.67 52.01
CA GLU C 117 -47.53 -3.43 52.64
C GLU C 117 -46.52 -2.91 53.66
N PHE C 118 -45.78 -3.81 54.31
CA PHE C 118 -44.77 -3.37 55.27
C PHE C 118 -43.53 -2.82 54.56
N ALA C 119 -43.21 -3.36 53.39
CA ALA C 119 -42.03 -2.94 52.66
C ALA C 119 -42.28 -1.64 51.89
N GLU C 120 -43.52 -1.38 51.50
CA GLU C 120 -43.82 -0.22 50.67
C GLU C 120 -43.90 1.08 51.47
N ASP C 121 -43.36 1.11 52.69
CA ASP C 121 -43.42 2.30 53.51
C ASP C 121 -42.79 3.49 52.79
N ASP C 122 -43.56 4.58 52.70
CA ASP C 122 -43.16 5.69 51.85
C ASP C 122 -42.25 6.67 52.59
N CYS C 123 -42.12 6.52 53.91
CA CYS C 123 -41.33 7.47 54.69
C CYS C 123 -39.90 7.00 54.95
N CYS C 124 -39.44 5.96 54.24
CA CYS C 124 -38.06 5.46 54.38
C CYS C 124 -37.80 4.96 55.80
N CYS C 125 -38.83 4.47 56.47
CA CYS C 125 -38.78 4.33 57.92
C CYS C 125 -38.38 2.93 58.35
N ILE C 126 -38.04 2.04 57.41
CA ILE C 126 -37.78 0.65 57.78
C ILE C 126 -36.34 0.48 58.27
N ASP C 127 -35.51 1.52 58.16
CA ASP C 127 -34.14 1.47 58.65
C ASP C 127 -33.98 2.30 59.91
N VAL C 128 -32.99 1.94 60.73
CA VAL C 128 -32.68 2.73 61.92
C VAL C 128 -32.16 4.11 61.52
N GLU C 129 -31.39 4.18 60.43
CA GLU C 129 -31.00 5.46 59.87
C GLU C 129 -32.20 6.23 59.33
N ARG C 130 -33.33 5.56 59.12
CA ARG C 130 -34.60 6.21 58.77
C ARG C 130 -34.54 6.83 57.37
N LYS C 131 -33.58 6.39 56.55
CA LYS C 131 -33.42 6.94 55.22
C LYS C 131 -33.22 5.89 54.13
N ARG C 132 -33.62 4.64 54.35
CA ARG C 132 -33.51 3.63 53.31
C ARG C 132 -34.69 2.68 53.43
N THR C 133 -35.33 2.37 52.30
CA THR C 133 -36.36 1.35 52.25
C THR C 133 -35.72 -0.02 52.01
N PHE C 134 -36.55 -1.04 51.77
CA PHE C 134 -36.05 -2.37 51.50
C PHE C 134 -35.21 -2.41 50.23
N THR C 135 -35.59 -1.60 49.23
CA THR C 135 -34.84 -1.55 47.98
C THR C 135 -33.39 -1.17 48.24
N MET C 136 -33.16 -0.09 48.99
CA MET C 136 -31.80 0.33 49.30
C MET C 136 -31.13 -0.50 50.40
N MET C 137 -31.89 -1.19 51.26
CA MET C 137 -31.31 -2.30 52.00
C MET C 137 -30.58 -3.26 51.07
N ILE C 138 -31.31 -3.79 50.08
CA ILE C 138 -30.70 -4.75 49.17
C ILE C 138 -29.59 -4.06 48.35
N ARG C 139 -29.79 -2.80 48.00
CA ARG C 139 -28.82 -2.08 47.19
C ARG C 139 -27.48 -1.95 47.91
N GLU C 140 -27.49 -1.36 49.11
CA GLU C 140 -26.25 -1.18 49.85
C GLU C 140 -25.65 -2.53 50.23
N GLY C 141 -26.49 -3.50 50.61
CA GLY C 141 -25.97 -4.80 50.96
C GLY C 141 -25.23 -5.47 49.82
N VAL C 142 -25.84 -5.48 48.63
CA VAL C 142 -25.21 -6.13 47.50
C VAL C 142 -23.98 -5.34 47.05
N ALA C 143 -24.04 -4.01 47.12
CA ALA C 143 -22.89 -3.20 46.71
C ALA C 143 -21.69 -3.46 47.62
N MET C 144 -21.93 -3.53 48.94
CA MET C 144 -20.83 -3.75 49.87
C MET C 144 -20.36 -5.19 49.86
N HIS C 145 -21.26 -6.14 49.59
CA HIS C 145 -20.86 -7.54 49.44
C HIS C 145 -20.14 -7.76 48.10
N ALA C 146 -20.29 -6.82 47.17
CA ALA C 146 -19.50 -6.88 45.95
C ALA C 146 -18.12 -6.28 46.16
N PHE C 147 -18.07 -5.07 46.74
CA PHE C 147 -16.81 -4.41 47.02
C PHE C 147 -15.93 -5.16 48.00
N ASN C 148 -16.37 -5.32 49.25
CA ASN C 148 -15.57 -6.00 50.26
C ASN C 148 -15.81 -7.50 50.32
N GLY C 149 -16.81 -8.03 49.61
CA GLY C 149 -17.14 -9.43 49.67
C GLY C 149 -18.03 -9.83 50.82
N GLU C 150 -18.37 -8.90 51.70
CA GLU C 150 -19.17 -9.22 52.88
C GLU C 150 -20.21 -8.13 53.08
N LEU C 151 -21.31 -8.49 53.73
CA LEU C 151 -22.28 -7.51 54.18
C LEU C 151 -22.73 -7.84 55.59
N PHE C 152 -23.05 -6.78 56.32
CA PHE C 152 -23.31 -6.80 57.75
C PHE C 152 -24.67 -6.17 58.00
N VAL C 153 -25.67 -6.99 58.34
CA VAL C 153 -26.97 -6.46 58.72
C VAL C 153 -27.19 -6.77 60.20
N GLN C 154 -27.92 -5.90 60.89
CA GLN C 154 -28.24 -6.08 62.29
C GLN C 154 -29.73 -5.88 62.50
N ALA C 155 -30.37 -6.86 63.12
CA ALA C 155 -31.80 -6.81 63.43
C ALA C 155 -31.99 -6.12 64.78
N THR C 156 -32.41 -4.87 64.75
CA THR C 156 -32.60 -4.07 65.96
C THR C 156 -34.08 -3.85 66.20
N TRP C 157 -34.40 -3.51 67.45
CA TRP C 157 -35.78 -3.29 67.87
C TRP C 157 -36.07 -1.78 67.86
N ASP C 158 -36.64 -1.32 66.76
CA ASP C 158 -37.12 0.05 66.66
C ASP C 158 -38.28 0.28 67.62
N THR C 159 -38.39 1.52 68.09
CA THR C 159 -39.49 1.92 68.96
C THR C 159 -40.53 2.78 68.26
N SER C 160 -40.31 3.15 67.00
CA SER C 160 -41.25 4.00 66.29
C SER C 160 -42.51 3.21 65.97
N SER C 161 -43.65 3.65 66.53
CA SER C 161 -44.89 2.90 66.49
C SER C 161 -45.73 3.20 65.25
N SER C 162 -45.15 3.83 64.23
CA SER C 162 -45.91 4.11 63.01
C SER C 162 -46.24 2.84 62.24
N ARG C 163 -45.57 1.72 62.54
CA ARG C 163 -45.81 0.45 61.87
C ARG C 163 -46.08 -0.62 62.92
N LEU C 164 -46.67 -1.72 62.49
CA LEU C 164 -46.99 -2.78 63.44
C LEU C 164 -45.74 -3.52 63.89
N PHE C 165 -44.71 -3.54 63.06
CA PHE C 165 -43.52 -4.36 63.28
C PHE C 165 -42.40 -3.50 63.85
N ARG C 166 -41.98 -3.82 65.07
CA ARG C 166 -40.92 -3.08 65.76
C ARG C 166 -39.52 -3.54 65.41
N THR C 167 -39.31 -4.26 64.31
CA THR C 167 -37.95 -4.67 63.96
C THR C 167 -37.48 -3.90 62.74
N GLN C 168 -36.34 -3.23 62.87
CA GLN C 168 -35.65 -2.61 61.75
C GLN C 168 -34.32 -3.31 61.55
N PHE C 169 -33.67 -3.01 60.44
CA PHE C 169 -32.41 -3.65 60.09
C PHE C 169 -31.38 -2.61 59.69
N ARG C 170 -30.42 -2.39 60.58
CA ARG C 170 -29.38 -1.39 60.40
C ARG C 170 -28.13 -2.06 59.85
N MET C 171 -27.57 -1.52 58.79
CA MET C 171 -26.39 -2.13 58.17
C MET C 171 -25.14 -1.56 58.83
N VAL C 172 -24.14 -2.41 59.00
CA VAL C 172 -22.95 -2.15 59.80
C VAL C 172 -21.74 -2.09 58.86
N SER C 173 -20.92 -1.05 59.02
CA SER C 173 -19.79 -0.85 58.14
C SER C 173 -18.72 -1.93 58.36
N PRO C 174 -17.97 -2.27 57.30
CA PRO C 174 -16.87 -3.24 57.48
C PRO C 174 -15.65 -2.63 58.18
N LYS C 175 -15.54 -1.31 58.22
CA LYS C 175 -14.45 -0.70 58.98
C LYS C 175 -14.61 -0.96 60.46
N ARG C 176 -15.84 -1.19 60.92
CA ARG C 176 -16.14 -1.44 62.31
C ARG C 176 -15.53 -2.74 62.83
N ILE C 177 -15.39 -3.75 61.98
CA ILE C 177 -14.91 -5.07 62.40
C ILE C 177 -13.39 -5.06 62.40
N SER C 178 -12.82 -4.78 63.57
CA SER C 178 -11.40 -4.98 63.83
C SER C 178 -11.28 -5.53 65.24
N ASN C 179 -10.11 -6.05 65.56
CA ASN C 179 -9.89 -6.57 66.90
C ASN C 179 -10.06 -5.44 67.92
N PRO C 180 -10.46 -5.76 69.17
CA PRO C 180 -10.70 -4.69 70.15
C PRO C 180 -9.50 -3.78 70.29
N ASN C 181 -9.70 -2.52 69.91
CA ASN C 181 -8.67 -1.50 69.89
C ASN C 181 -7.59 -1.81 68.86
N ASN C 182 -8.02 -2.17 67.66
CA ASN C 182 -7.16 -2.24 66.47
C ASN C 182 -5.96 -3.15 66.68
N THR C 183 -6.05 -4.07 67.64
CA THR C 183 -4.94 -5.00 67.86
C THR C 183 -4.83 -5.94 66.67
N GLY C 184 -3.62 -6.45 66.45
CA GLY C 184 -3.43 -7.39 65.36
C GLY C 184 -4.15 -8.69 65.63
N ASP C 185 -4.22 -9.53 64.61
CA ASP C 185 -4.86 -10.84 64.73
C ASP C 185 -4.27 -11.61 65.91
N SER C 186 -5.13 -12.41 66.55
CA SER C 186 -4.70 -13.20 67.70
C SER C 186 -5.07 -14.66 67.52
N ARG C 187 -4.95 -15.45 68.59
CA ARG C 187 -5.28 -16.87 68.54
C ARG C 187 -6.71 -17.08 68.06
N ASN C 188 -7.69 -16.57 68.80
CA ASN C 188 -9.09 -16.72 68.45
C ASN C 188 -9.78 -15.41 68.12
N CYS C 189 -9.21 -14.27 68.49
CA CYS C 189 -9.69 -12.96 68.06
C CYS C 189 -8.92 -12.58 66.81
N ARG C 190 -9.57 -12.69 65.65
CA ARG C 190 -8.90 -12.65 64.36
C ARG C 190 -9.56 -11.59 63.49
N ALA C 191 -8.91 -10.43 63.36
CA ALA C 191 -9.40 -9.33 62.54
C ALA C 191 -10.80 -8.90 62.96
N GLY C 192 -11.08 -9.00 64.25
CA GLY C 192 -12.35 -8.53 64.78
C GLY C 192 -13.37 -9.60 65.10
N VAL C 193 -13.20 -10.81 64.58
CA VAL C 193 -14.14 -11.89 64.84
C VAL C 193 -13.55 -12.81 65.90
N GLN C 194 -14.35 -13.09 66.92
CA GLN C 194 -13.99 -14.02 67.98
C GLN C 194 -14.55 -15.39 67.61
N ILE C 195 -13.66 -16.33 67.34
CA ILE C 195 -14.04 -17.68 66.92
C ILE C 195 -13.40 -18.68 67.87
N ASN C 196 -13.73 -19.94 67.66
CA ASN C 196 -13.12 -21.01 68.43
C ASN C 196 -11.92 -21.56 67.66
N ASP C 197 -11.34 -22.65 68.16
CA ASP C 197 -10.28 -23.33 67.41
C ASP C 197 -10.83 -23.91 66.11
N SER C 198 -12.07 -24.39 66.15
CA SER C 198 -12.74 -24.93 64.97
C SER C 198 -13.19 -23.85 64.00
N GLY C 199 -13.09 -22.57 64.38
CA GLY C 199 -13.41 -21.48 63.49
C GLY C 199 -14.80 -20.91 63.64
N ALA C 200 -15.68 -21.53 64.44
CA ALA C 200 -17.07 -21.11 64.54
C ALA C 200 -17.15 -19.65 64.97
N ALA C 201 -17.80 -18.84 64.13
CA ALA C 201 -17.88 -17.40 64.35
C ALA C 201 -18.83 -17.12 65.50
N LEU C 202 -18.27 -16.82 66.67
CA LEU C 202 -19.11 -16.48 67.83
C LEU C 202 -19.63 -15.05 67.74
N GLY C 203 -18.73 -14.08 67.70
CA GLY C 203 -19.16 -12.70 67.67
C GLY C 203 -18.09 -11.80 67.09
N TYR C 204 -18.31 -10.50 67.25
CA TYR C 204 -17.58 -9.48 66.51
C TYR C 204 -17.32 -8.28 67.41
N TYR C 205 -16.26 -7.55 67.09
CA TYR C 205 -15.91 -6.32 67.80
C TYR C 205 -16.13 -5.14 66.86
N VAL C 206 -17.26 -4.47 67.03
CA VAL C 206 -17.65 -3.32 66.21
C VAL C 206 -16.98 -2.08 66.76
N SER C 207 -16.06 -1.50 65.98
CA SER C 207 -15.45 -0.23 66.33
C SER C 207 -16.47 0.89 66.12
N GLU C 208 -16.35 1.94 66.92
CA GLU C 208 -17.27 3.06 66.81
C GLU C 208 -17.09 3.77 65.47
N ASP C 209 -18.19 4.35 64.99
CA ASP C 209 -18.19 5.06 63.72
C ASP C 209 -17.15 6.18 63.72
N GLY C 210 -16.62 6.47 62.54
CA GLY C 210 -15.65 7.53 62.35
C GLY C 210 -16.13 8.75 61.60
N TYR C 211 -17.44 9.00 61.54
CA TYR C 211 -18.01 10.16 60.88
C TYR C 211 -18.83 10.98 61.86
N PRO C 212 -18.38 12.19 62.24
CA PRO C 212 -17.32 13.01 61.61
C PRO C 212 -15.92 12.42 61.82
N GLY C 213 -14.95 12.88 61.04
CA GLY C 213 -13.64 12.26 61.01
C GLY C 213 -12.88 12.33 62.31
N TRP C 214 -13.54 12.76 63.38
CA TRP C 214 -12.90 12.84 64.68
C TRP C 214 -13.64 12.12 65.79
N MET C 215 -14.34 11.04 65.49
CA MET C 215 -14.77 10.25 66.63
C MET C 215 -13.75 9.15 66.89
N PRO C 216 -13.44 8.86 68.15
CA PRO C 216 -12.60 7.71 68.47
C PRO C 216 -13.39 6.42 68.25
N GLN C 217 -12.66 5.32 68.05
CA GLN C 217 -13.31 4.03 67.89
C GLN C 217 -13.31 3.28 69.22
N LYS C 218 -14.46 2.74 69.60
CA LYS C 218 -14.58 1.82 70.72
C LYS C 218 -15.25 0.54 70.24
N TRP C 219 -14.71 -0.60 70.66
CA TRP C 219 -15.11 -1.90 70.14
C TRP C 219 -16.16 -2.51 71.06
N THR C 220 -17.28 -2.93 70.45
CA THR C 220 -18.44 -3.46 71.16
C THR C 220 -18.72 -4.88 70.69
N TRP C 221 -19.16 -5.72 71.62
CA TRP C 221 -19.40 -7.14 71.34
C TRP C 221 -20.73 -7.30 70.61
N ILE C 222 -20.72 -8.11 69.55
CA ILE C 222 -21.94 -8.41 68.80
C ILE C 222 -21.95 -9.88 68.40
N PRO C 223 -22.85 -10.70 68.94
CA PRO C 223 -22.89 -12.11 68.53
C PRO C 223 -23.42 -12.26 67.10
N ARG C 224 -23.03 -13.34 66.44
CA ARG C 224 -23.46 -13.55 65.06
C ARG C 224 -24.94 -13.84 64.98
N GLU C 225 -25.43 -14.76 65.81
CA GLU C 225 -26.85 -15.09 65.84
C GLU C 225 -27.24 -15.49 67.26
N LEU C 226 -28.53 -15.37 67.54
CA LEU C 226 -29.04 -15.77 68.83
C LEU C 226 -29.16 -17.30 68.89
N PRO C 227 -29.07 -17.89 70.09
CA PRO C 227 -29.11 -19.36 70.19
C PRO C 227 -30.38 -19.97 69.65
N GLY C 228 -31.53 -19.30 69.80
CA GLY C 228 -32.78 -19.82 69.31
C GLY C 228 -32.96 -19.77 67.80
N GLY C 229 -31.89 -19.53 67.05
CA GLY C 229 -31.97 -19.39 65.62
C GLY C 229 -32.30 -18.00 65.12
N ARG C 230 -32.54 -17.06 66.02
CA ARG C 230 -32.82 -15.68 65.61
C ARG C 230 -31.59 -15.08 64.94
N ALA C 231 -31.83 -14.47 63.78
CA ALA C 231 -30.75 -13.89 62.99
C ALA C 231 -30.51 -12.45 63.43
N SER C 232 -29.64 -12.26 64.41
CA SER C 232 -29.35 -10.91 64.89
C SER C 232 -28.34 -10.21 64.00
N PHE C 233 -27.13 -10.75 63.89
CA PHE C 233 -26.08 -10.15 63.08
C PHE C 233 -25.87 -10.99 61.83
N ILE C 234 -26.55 -10.60 60.76
CA ILE C 234 -26.50 -11.28 59.48
C ILE C 234 -25.18 -10.91 58.81
N HIS C 235 -24.22 -11.84 58.85
CA HIS C 235 -22.91 -11.66 58.25
C HIS C 235 -22.79 -12.54 57.03
N VAL C 236 -23.09 -12.00 55.85
CA VAL C 236 -23.09 -12.79 54.63
C VAL C 236 -21.86 -12.43 53.82
N PHE C 237 -20.96 -13.40 53.65
CA PHE C 237 -19.77 -13.19 52.83
C PHE C 237 -19.46 -14.50 52.10
N GLU C 238 -18.78 -14.37 50.98
CA GLU C 238 -18.36 -15.53 50.20
C GLU C 238 -16.94 -15.89 50.55
N PRO C 239 -16.69 -17.01 51.24
CA PRO C 239 -15.32 -17.44 51.50
C PRO C 239 -14.76 -18.30 50.38
N VAL C 240 -13.66 -17.83 49.81
CA VAL C 240 -12.95 -18.56 48.77
C VAL C 240 -12.34 -19.85 49.28
N GLU C 241 -11.94 -19.90 50.55
CA GLU C 241 -11.39 -21.11 51.14
C GLU C 241 -11.88 -21.23 52.58
N ASP C 242 -11.51 -22.32 53.23
CA ASP C 242 -11.87 -22.54 54.62
C ASP C 242 -11.15 -21.55 55.54
N GLY C 243 -11.84 -21.19 56.62
CA GLY C 243 -11.25 -20.31 57.61
C GLY C 243 -11.14 -18.87 57.19
N GLN C 244 -11.48 -18.54 55.94
CA GLN C 244 -11.44 -17.18 55.46
C GLN C 244 -12.56 -16.38 56.14
N THR C 245 -12.26 -15.13 56.49
CA THR C 245 -13.21 -14.29 57.21
C THR C 245 -13.74 -13.14 56.38
N ARG C 246 -13.06 -12.77 55.31
CA ARG C 246 -13.41 -11.60 54.51
C ARG C 246 -13.67 -12.01 53.07
N GLY C 247 -14.30 -11.13 52.32
CA GLY C 247 -14.64 -11.45 50.94
C GLY C 247 -13.55 -11.09 49.97
N ALA C 248 -13.96 -10.84 48.72
CA ALA C 248 -13.04 -10.59 47.62
C ALA C 248 -12.85 -9.09 47.42
N ASN C 249 -11.79 -8.73 46.73
CA ASN C 249 -11.44 -7.33 46.53
C ASN C 249 -11.77 -6.87 45.13
N VAL C 250 -11.35 -5.64 44.81
CA VAL C 250 -11.37 -5.19 43.42
C VAL C 250 -10.00 -4.68 42.98
N PHE C 251 -9.40 -3.75 43.73
CA PHE C 251 -8.16 -3.08 43.35
C PHE C 251 -7.02 -4.04 43.04
N TYR C 252 -6.98 -5.19 43.71
CA TYR C 252 -5.88 -6.12 43.57
C TYR C 252 -5.89 -6.78 42.20
N SER C 253 -6.84 -6.40 41.34
CA SER C 253 -6.85 -6.69 39.92
C SER C 253 -7.12 -5.47 39.07
N VAL C 254 -7.06 -4.25 39.64
CA VAL C 254 -7.41 -3.03 38.92
C VAL C 254 -6.25 -2.04 38.91
N MET C 255 -5.18 -2.36 39.65
CA MET C 255 -4.00 -1.50 39.58
C MET C 255 -3.52 -1.34 38.13
N GLU C 256 -3.75 -2.37 37.31
CA GLU C 256 -3.22 -2.33 35.95
C GLU C 256 -4.04 -1.41 35.05
N GLN C 257 -5.36 -1.32 35.26
CA GLN C 257 -6.08 -0.23 34.60
C GLN C 257 -5.60 1.11 35.08
N MET C 258 -5.37 1.25 36.39
CA MET C 258 -4.87 2.53 36.89
C MET C 258 -3.62 2.96 36.11
N LYS C 259 -2.65 2.06 35.98
CA LYS C 259 -1.36 2.46 35.41
C LYS C 259 -1.36 2.44 33.88
N MET C 260 -2.20 1.61 33.24
CA MET C 260 -2.44 1.77 31.81
C MET C 260 -3.15 3.08 31.46
N LEU C 261 -4.16 3.48 32.23
CA LEU C 261 -4.79 4.77 31.92
C LEU C 261 -3.80 5.89 32.11
N ASP C 262 -2.97 5.80 33.16
CA ASP C 262 -1.93 6.81 33.36
C ASP C 262 -0.95 6.85 32.19
N THR C 263 -0.48 5.68 31.73
CA THR C 263 0.55 5.67 30.69
C THR C 263 -0.03 6.10 29.34
N LEU C 264 -1.23 5.67 28.99
CA LEU C 264 -1.84 6.11 27.74
C LEU C 264 -2.10 7.60 27.79
N GLN C 265 -2.53 8.10 28.96
CA GLN C 265 -2.81 9.52 29.12
C GLN C 265 -1.54 10.33 28.90
N ASN C 266 -0.45 9.94 29.56
CA ASN C 266 0.81 10.67 29.46
C ASN C 266 1.40 10.57 28.05
N THR C 267 1.27 9.40 27.42
CA THR C 267 1.86 9.24 26.10
C THR C 267 1.06 10.03 25.05
N GLN C 268 -0.25 10.13 25.21
CA GLN C 268 -1.00 11.00 24.31
C GLN C 268 -0.63 12.46 24.55
N LEU C 269 -0.45 12.86 25.80
CA LEU C 269 -0.02 14.23 26.07
C LEU C 269 1.32 14.54 25.41
N GLN C 270 2.32 13.66 25.58
CA GLN C 270 3.62 13.89 24.97
C GLN C 270 3.53 13.91 23.44
N SER C 271 2.76 12.97 22.87
CA SER C 271 2.63 12.94 21.41
C SER C 271 2.02 14.23 20.90
N ALA C 272 0.97 14.71 21.57
CA ALA C 272 0.32 15.94 21.13
C ALA C 272 1.24 17.13 21.26
N ILE C 273 2.00 17.21 22.35
CA ILE C 273 2.82 18.40 22.57
C ILE C 273 4.07 18.40 21.68
N VAL C 274 4.48 17.22 21.19
CA VAL C 274 5.73 17.19 20.41
C VAL C 274 5.51 16.87 18.94
N LYS C 275 4.25 16.73 18.49
CA LYS C 275 4.11 16.70 17.02
C LYS C 275 4.69 17.96 16.33
N ALA C 276 4.65 19.18 16.87
CA ALA C 276 5.23 20.33 16.20
C ALA C 276 6.00 21.23 17.16
N MET C 277 6.82 20.65 18.02
CA MET C 277 7.76 21.46 18.78
C MET C 277 8.90 21.88 17.86
N TYR C 278 9.29 23.15 17.94
CA TYR C 278 10.18 23.73 16.95
C TYR C 278 11.23 24.57 17.68
N ALA C 279 12.49 24.40 17.27
CA ALA C 279 13.61 25.16 17.84
C ALA C 279 13.92 26.32 16.91
N ALA C 280 13.92 27.52 17.46
CA ALA C 280 14.17 28.75 16.68
C ALA C 280 15.45 29.39 17.18
N THR C 281 16.59 28.97 16.63
CA THR C 281 17.87 29.53 16.99
C THR C 281 18.49 30.16 15.76
N ILE C 282 19.66 30.79 15.96
CA ILE C 282 20.38 31.43 14.88
C ILE C 282 21.80 30.89 14.85
N GLU C 283 22.23 30.44 13.68
CA GLU C 283 23.61 30.07 13.42
C GLU C 283 24.16 31.02 12.36
N SER C 284 25.47 31.02 12.17
CA SER C 284 26.09 31.82 11.12
C SER C 284 27.22 31.03 10.52
N GLU C 285 27.83 31.60 9.48
CA GLU C 285 28.98 30.99 8.83
C GLU C 285 30.22 31.05 9.71
N LEU C 286 30.71 32.26 10.03
CA LEU C 286 31.75 32.52 11.01
C LEU C 286 32.75 31.38 11.14
N ASP C 287 32.94 30.91 12.37
CA ASP C 287 33.44 29.57 12.67
C ASP C 287 34.69 29.21 11.87
N THR C 288 35.71 30.08 12.00
CA THR C 288 36.95 29.79 11.30
C THR C 288 37.84 28.87 12.13
N GLN C 289 37.26 27.78 12.65
CA GLN C 289 37.98 26.69 13.29
C GLN C 289 39.09 27.17 14.22
N SER C 290 40.33 27.17 13.70
CA SER C 290 41.48 27.57 14.49
C SER C 290 41.37 29.04 14.90
N ALA C 291 40.94 29.90 13.99
CA ALA C 291 40.77 31.31 14.34
C ALA C 291 39.72 31.52 15.41
N MET C 292 38.58 30.84 15.33
CA MET C 292 37.56 30.97 16.37
C MET C 292 38.07 30.45 17.70
N ASP C 293 38.77 29.32 17.69
CA ASP C 293 39.30 28.78 18.94
C ASP C 293 40.34 29.72 19.56
N PHE C 294 41.22 30.29 18.72
CA PHE C 294 42.22 31.22 19.21
C PHE C 294 41.56 32.48 19.77
N ILE C 295 40.53 32.98 19.10
CA ILE C 295 39.81 34.13 19.61
C ILE C 295 39.14 33.83 20.94
N LEU C 296 38.53 32.65 21.08
CA LEU C 296 37.90 32.28 22.35
C LEU C 296 38.94 32.15 23.46
N GLY C 297 40.09 31.55 23.15
CA GLY C 297 41.14 31.42 24.16
C GLY C 297 41.71 32.78 24.56
N ALA C 298 41.91 33.66 23.59
CA ALA C 298 42.40 35.00 23.89
C ALA C 298 41.38 35.78 24.72
N ASN C 299 40.10 35.59 24.43
CA ASN C 299 39.06 36.21 25.25
C ASN C 299 39.09 35.67 26.67
N SER C 300 39.23 34.35 26.81
CA SER C 300 39.29 33.75 28.14
C SER C 300 40.48 34.29 28.93
N GLN C 301 41.61 34.47 28.27
CA GLN C 301 42.81 34.95 28.96
C GLN C 301 42.73 36.44 29.26
N GLU C 302 42.75 37.28 28.22
CA GLU C 302 42.71 38.72 28.45
C GLU C 302 41.95 39.52 27.40
N GLN C 303 41.31 38.90 26.40
CA GLN C 303 40.80 39.69 25.28
C GLN C 303 39.29 39.53 25.16
N ARG C 304 38.60 39.68 26.29
CA ARG C 304 37.14 39.65 26.31
C ARG C 304 36.53 40.79 25.51
N GLU C 305 37.30 41.81 25.16
CA GLU C 305 36.77 42.89 24.33
C GLU C 305 36.33 42.39 22.96
N ARG C 306 36.97 41.33 22.44
CA ARG C 306 36.50 40.74 21.19
C ARG C 306 35.09 40.17 21.36
N LEU C 307 34.86 39.43 22.44
CA LEU C 307 33.52 38.88 22.68
C LEU C 307 32.50 39.99 22.90
N THR C 308 32.88 41.03 23.65
CA THR C 308 31.96 42.14 23.87
C THR C 308 31.61 42.83 22.57
N GLY C 309 32.61 43.05 21.70
CA GLY C 309 32.33 43.67 20.41
C GLY C 309 31.46 42.82 19.53
N TRP C 310 31.72 41.51 19.50
CA TRP C 310 30.88 40.62 18.69
C TRP C 310 29.45 40.57 19.22
N ILE C 311 29.29 40.54 20.56
CA ILE C 311 27.96 40.54 21.14
C ILE C 311 27.23 41.84 20.83
N GLY C 312 27.95 42.96 20.87
CA GLY C 312 27.34 44.23 20.48
C GLY C 312 26.92 44.24 19.03
N GLU C 313 27.78 43.72 18.14
CA GLU C 313 27.43 43.66 16.73
C GLU C 313 26.23 42.76 16.49
N ILE C 314 26.13 41.65 17.21
CA ILE C 314 25.00 40.74 17.01
C ILE C 314 23.72 41.32 17.61
N ALA C 315 23.83 42.03 18.73
CA ALA C 315 22.66 42.72 19.27
C ALA C 315 22.16 43.79 18.31
N ALA C 316 23.08 44.56 17.73
CA ALA C 316 22.70 45.52 16.70
C ALA C 316 22.13 44.80 15.49
N TYR C 317 22.64 43.60 15.22
CA TYR C 317 22.13 42.80 14.11
C TYR C 317 20.66 42.46 14.31
N TYR C 318 20.33 41.91 15.48
CA TYR C 318 18.97 41.51 15.80
C TYR C 318 18.06 42.70 16.07
N ALA C 319 18.62 43.88 16.32
CA ALA C 319 17.77 45.06 16.53
C ALA C 319 17.68 45.91 15.27
N ALA C 320 18.44 45.58 14.22
CA ALA C 320 18.30 46.26 12.95
C ALA C 320 17.60 45.39 11.92
N ALA C 321 17.69 44.07 12.07
CA ALA C 321 16.93 43.08 11.31
C ALA C 321 15.48 42.97 11.73
N PRO C 322 15.12 43.27 13.00
CA PRO C 322 14.08 42.48 13.68
C PRO C 322 13.95 41.06 13.17
N VAL C 323 14.76 40.17 13.74
CA VAL C 323 14.73 38.75 13.37
C VAL C 323 13.48 38.16 14.01
N ARG C 324 12.42 38.05 13.22
CA ARG C 324 11.12 37.60 13.69
C ARG C 324 10.58 36.57 12.71
N LEU C 325 10.05 35.46 13.22
CA LEU C 325 9.65 34.37 12.35
C LEU C 325 8.17 34.45 11.97
N GLY C 326 7.31 34.69 12.95
CA GLY C 326 5.87 34.56 12.76
C GLY C 326 5.09 35.65 13.42
N GLY C 327 4.20 35.28 14.33
CA GLY C 327 3.65 36.24 15.26
C GLY C 327 4.51 36.51 16.47
N ALA C 328 5.55 35.69 16.67
CA ALA C 328 6.39 35.79 17.86
C ALA C 328 7.83 36.07 17.47
N LYS C 329 8.58 36.60 18.44
CA LYS C 329 9.99 36.91 18.24
C LYS C 329 10.83 35.66 18.34
N VAL C 330 11.82 35.54 17.45
CA VAL C 330 12.78 34.46 17.50
C VAL C 330 13.61 34.63 18.77
N PRO C 331 13.68 33.62 19.64
CA PRO C 331 14.45 33.78 20.88
C PRO C 331 15.92 34.05 20.59
N HIS C 332 16.45 35.03 21.33
CA HIS C 332 17.73 35.65 21.06
C HIS C 332 18.86 34.63 21.14
N LEU C 333 19.43 34.30 19.97
CA LEU C 333 20.58 33.43 19.87
C LEU C 333 21.61 34.05 18.94
N MET C 334 22.66 34.60 19.55
CA MET C 334 23.83 35.00 18.79
C MET C 334 24.49 33.77 18.18
N PRO C 335 25.23 33.96 17.07
CA PRO C 335 25.66 32.81 16.26
C PRO C 335 26.51 31.81 17.02
N GLY C 336 26.43 30.55 16.58
CA GLY C 336 27.32 29.49 17.02
C GLY C 336 26.76 28.55 18.06
N ASP C 337 25.46 28.56 18.31
CA ASP C 337 24.85 27.67 19.29
C ASP C 337 23.42 27.35 18.85
N SER C 338 23.09 26.07 18.81
CA SER C 338 21.76 25.62 18.44
C SER C 338 21.45 24.31 19.13
N LEU C 339 20.16 24.04 19.29
CA LEU C 339 19.69 22.80 19.89
C LEU C 339 19.67 21.67 18.86
N ASN C 340 20.03 20.47 19.30
CA ASN C 340 20.02 19.28 18.45
C ASN C 340 18.84 18.39 18.88
N LEU C 341 17.68 18.66 18.28
CA LEU C 341 16.46 17.93 18.64
C LEU C 341 16.27 16.73 17.72
N GLN C 342 17.33 15.93 17.62
CA GLN C 342 17.23 14.62 16.99
C GLN C 342 16.46 13.68 17.91
N THR C 343 15.64 12.82 17.32
CA THR C 343 14.58 12.14 18.05
C THR C 343 14.95 10.68 18.33
N ALA C 344 14.03 9.98 18.98
CA ALA C 344 14.14 8.54 19.22
C ALA C 344 13.48 7.81 18.05
N GLN C 345 13.22 6.51 18.24
CA GLN C 345 12.63 5.72 17.16
C GLN C 345 11.24 6.22 16.81
N ASP C 346 10.81 5.94 15.59
CA ASP C 346 9.58 6.51 15.05
C ASP C 346 8.65 5.45 14.49
N THR C 347 8.57 4.29 15.16
CA THR C 347 7.62 3.26 14.76
C THR C 347 6.28 3.58 15.41
N ASP C 348 5.19 2.97 14.92
CA ASP C 348 3.90 3.16 15.57
C ASP C 348 3.93 2.64 17.00
N ASN C 349 3.23 3.35 17.88
CA ASN C 349 3.25 3.06 19.30
C ASN C 349 2.66 1.70 19.64
N GLY C 350 1.81 1.14 18.78
CA GLY C 350 1.21 -0.16 19.06
C GLY C 350 0.14 -0.12 20.13
N TYR C 351 0.03 1.00 20.85
CA TYR C 351 -0.95 1.13 21.92
C TYR C 351 -2.35 0.77 21.46
N SER C 352 -2.64 0.91 20.18
CA SER C 352 -3.95 0.56 19.66
C SER C 352 -4.28 -0.90 19.98
N VAL C 353 -3.49 -1.83 19.44
CA VAL C 353 -3.81 -3.23 19.66
C VAL C 353 -3.44 -3.66 21.07
N PHE C 354 -2.43 -3.01 21.69
CA PHE C 354 -2.25 -3.24 23.13
C PHE C 354 -3.55 -3.00 23.90
N GLU C 355 -4.16 -1.83 23.71
CA GLU C 355 -5.30 -1.46 24.52
C GLU C 355 -6.53 -2.29 24.16
N GLN C 356 -6.75 -2.60 22.88
CA GLN C 356 -7.86 -3.47 22.54
C GLN C 356 -7.69 -4.85 23.16
N SER C 357 -6.48 -5.43 23.04
CA SER C 357 -6.23 -6.73 23.64
C SER C 357 -6.43 -6.71 25.15
N LEU C 358 -5.93 -5.67 25.83
CA LEU C 358 -6.02 -5.66 27.29
C LEU C 358 -7.44 -5.33 27.76
N LEU C 359 -8.21 -4.58 26.96
CA LEU C 359 -9.57 -4.25 27.38
C LEU C 359 -10.49 -5.46 27.24
N ARG C 360 -10.49 -6.09 26.05
CA ARG C 360 -10.83 -7.50 25.90
C ARG C 360 -10.48 -8.33 27.14
N TYR C 361 -9.18 -8.43 27.41
CA TYR C 361 -8.59 -9.21 28.49
C TYR C 361 -9.32 -9.02 29.81
N ILE C 362 -9.30 -7.80 30.33
CA ILE C 362 -9.78 -7.60 31.69
C ILE C 362 -11.30 -7.50 31.68
N ALA C 363 -11.88 -7.27 30.50
CA ALA C 363 -13.33 -7.19 30.41
C ALA C 363 -13.97 -8.53 30.76
N ALA C 364 -13.58 -9.60 30.07
CA ALA C 364 -14.10 -10.88 30.57
C ALA C 364 -13.10 -11.52 31.54
N GLY C 365 -12.27 -10.67 32.13
CA GLY C 365 -11.76 -10.94 33.45
C GLY C 365 -12.77 -10.56 34.52
N LEU C 366 -12.77 -9.30 34.96
CA LEU C 366 -13.75 -8.80 35.90
C LEU C 366 -15.18 -9.28 35.63
N GLY C 367 -15.54 -9.60 34.38
CA GLY C 367 -16.74 -10.39 34.15
C GLY C 367 -17.75 -9.78 33.22
N VAL C 368 -17.95 -8.47 33.29
CA VAL C 368 -18.90 -7.80 32.43
C VAL C 368 -18.14 -7.24 31.23
N SER C 369 -18.61 -7.59 30.05
CA SER C 369 -17.89 -7.30 28.83
C SER C 369 -17.85 -5.80 28.55
N TYR C 370 -16.71 -5.34 28.00
CA TYR C 370 -16.58 -3.92 27.73
C TYR C 370 -17.38 -3.49 26.49
N GLU C 371 -17.75 -4.42 25.59
CA GLU C 371 -18.49 -3.94 24.43
C GLU C 371 -19.79 -3.31 24.86
N GLN C 372 -20.06 -3.30 26.18
CA GLN C 372 -21.06 -2.46 26.83
C GLN C 372 -20.56 -1.75 28.07
N LEU C 373 -19.44 -2.15 28.70
CA LEU C 373 -18.92 -1.31 29.78
C LEU C 373 -18.36 -0.01 29.24
N SER C 374 -18.01 0.01 27.95
CA SER C 374 -17.91 1.27 27.23
C SER C 374 -18.39 1.23 25.78
N ARG C 375 -19.05 0.13 25.36
CA ARG C 375 -20.14 0.10 24.36
C ARG C 375 -19.69 -0.05 22.89
N ASN C 376 -18.46 -0.48 22.65
CA ASN C 376 -18.09 -0.62 21.23
C ASN C 376 -19.15 -1.33 20.37
N TYR C 377 -19.23 -0.97 19.09
CA TYR C 377 -20.13 -1.67 18.19
C TYR C 377 -19.36 -2.29 17.03
N ALA C 378 -18.06 -2.47 17.25
CA ALA C 378 -17.11 -2.90 16.24
C ALA C 378 -17.40 -4.34 15.84
N GLN C 379 -17.68 -4.53 14.54
CA GLN C 379 -17.80 -5.82 13.88
C GLN C 379 -18.62 -6.85 14.66
N MET C 380 -19.56 -6.39 15.48
CA MET C 380 -20.33 -7.31 16.29
C MET C 380 -21.56 -7.78 15.50
N SER C 381 -21.87 -9.07 15.63
CA SER C 381 -22.82 -9.74 14.74
C SER C 381 -23.98 -10.33 15.53
N TYR C 382 -24.80 -11.13 14.84
CA TYR C 382 -26.07 -11.57 15.40
C TYR C 382 -25.87 -12.66 16.45
N SER C 383 -25.17 -13.73 16.05
CA SER C 383 -24.82 -14.77 17.01
C SER C 383 -23.95 -14.21 18.12
N THR C 384 -23.02 -13.33 17.76
CA THR C 384 -22.29 -12.54 18.75
C THR C 384 -23.24 -12.01 19.81
N ALA C 385 -24.23 -11.22 19.38
CA ALA C 385 -25.10 -10.53 20.30
C ALA C 385 -25.87 -11.49 21.18
N ARG C 386 -26.57 -12.47 20.59
CA ARG C 386 -27.47 -13.22 21.45
C ARG C 386 -26.72 -14.26 22.28
N ALA C 387 -25.60 -14.82 21.77
CA ALA C 387 -24.79 -15.70 22.60
C ALA C 387 -24.20 -14.95 23.79
N SER C 388 -23.58 -13.79 23.53
CA SER C 388 -23.00 -13.02 24.62
C SER C 388 -24.08 -12.64 25.63
N ALA C 389 -25.23 -12.17 25.13
CA ALA C 389 -26.29 -11.74 26.02
C ALA C 389 -26.83 -12.87 26.88
N ASN C 390 -27.06 -14.05 26.29
CA ASN C 390 -27.66 -15.12 27.09
C ASN C 390 -26.66 -15.68 28.09
N GLU C 391 -25.39 -15.83 27.70
CA GLU C 391 -24.41 -16.32 28.68
C GLU C 391 -24.22 -15.31 29.81
N SER C 392 -24.13 -14.01 29.48
CA SER C 392 -23.94 -13.01 30.52
C SER C 392 -25.15 -12.93 31.44
N TRP C 393 -26.35 -13.05 30.87
CA TRP C 393 -27.55 -12.96 31.69
C TRP C 393 -27.71 -14.18 32.59
N ALA C 394 -27.41 -15.38 32.08
CA ALA C 394 -27.42 -16.56 32.94
C ALA C 394 -26.38 -16.43 34.04
N TYR C 395 -25.26 -15.78 33.75
CA TYR C 395 -24.21 -15.65 34.74
C TYR C 395 -24.59 -14.63 35.81
N PHE C 396 -25.31 -13.58 35.41
CA PHE C 396 -25.91 -12.68 36.39
C PHE C 396 -27.00 -13.36 37.19
N MET C 397 -27.72 -14.30 36.57
CA MET C 397 -28.67 -15.09 37.36
C MET C 397 -27.93 -15.90 38.41
N GLY C 398 -26.76 -16.44 38.05
CA GLY C 398 -25.88 -17.08 39.00
C GLY C 398 -25.51 -16.18 40.16
N ARG C 399 -24.89 -15.03 39.87
CA ARG C 399 -24.55 -14.09 40.94
C ARG C 399 -25.77 -13.69 41.77
N ARG C 400 -26.92 -13.48 41.13
CA ARG C 400 -28.12 -13.12 41.89
C ARG C 400 -28.49 -14.21 42.89
N LYS C 401 -28.63 -15.44 42.40
CA LYS C 401 -29.00 -16.55 43.27
C LYS C 401 -27.91 -16.86 44.30
N PHE C 402 -26.69 -16.38 44.08
CA PHE C 402 -25.60 -16.65 45.00
C PHE C 402 -25.45 -15.60 46.09
N VAL C 403 -25.70 -14.32 45.80
CA VAL C 403 -25.39 -13.24 46.73
C VAL C 403 -26.61 -12.35 47.01
N ALA C 404 -27.80 -12.82 46.66
CA ALA C 404 -29.00 -12.06 47.03
C ALA C 404 -29.93 -12.88 47.91
N SER C 405 -30.02 -14.18 47.64
CA SER C 405 -30.97 -15.03 48.36
C SER C 405 -30.61 -15.15 49.83
N ARG C 406 -29.32 -15.05 50.16
CA ARG C 406 -28.93 -15.06 51.57
C ARG C 406 -29.59 -13.92 52.33
N GLN C 407 -29.41 -12.69 51.85
CA GLN C 407 -29.97 -11.54 52.52
C GLN C 407 -31.49 -11.61 52.51
N ALA C 408 -32.06 -12.01 51.38
CA ALA C 408 -33.51 -12.13 51.26
C ALA C 408 -34.07 -13.09 52.31
N SER C 409 -33.50 -14.30 52.40
CA SER C 409 -33.99 -15.30 53.35
C SER C 409 -33.77 -14.85 54.78
N GLN C 410 -32.63 -14.21 55.07
CA GLN C 410 -32.36 -13.77 56.43
C GLN C 410 -33.36 -12.72 56.88
N MET C 411 -33.60 -11.72 56.02
CA MET C 411 -34.55 -10.66 56.35
C MET C 411 -35.96 -11.22 56.44
N PHE C 412 -36.32 -12.13 55.54
CA PHE C 412 -37.64 -12.74 55.57
C PHE C 412 -37.83 -13.56 56.84
N LEU C 413 -36.80 -14.29 57.26
CA LEU C 413 -36.89 -15.07 58.50
C LEU C 413 -37.11 -14.17 59.70
N CYS C 414 -36.35 -13.06 59.79
CA CYS C 414 -36.53 -12.15 60.92
C CYS C 414 -37.94 -11.54 60.90
N TRP C 415 -38.39 -11.09 59.73
CA TRP C 415 -39.71 -10.47 59.63
C TRP C 415 -40.82 -11.47 59.95
N LEU C 416 -40.67 -12.72 59.48
CA LEU C 416 -41.67 -13.74 59.74
C LEU C 416 -41.70 -14.14 61.21
N GLU C 417 -40.53 -14.19 61.85
CA GLU C 417 -40.51 -14.42 63.29
C GLU C 417 -41.25 -13.32 64.03
N GLU C 418 -41.02 -12.06 63.62
CA GLU C 418 -41.74 -10.95 64.24
C GLU C 418 -43.24 -11.08 63.99
N ALA C 419 -43.63 -11.47 62.78
CA ALA C 419 -45.05 -11.61 62.46
C ALA C 419 -45.70 -12.71 63.29
N ILE C 420 -44.99 -13.81 63.51
CA ILE C 420 -45.52 -14.88 64.36
C ILE C 420 -45.62 -14.41 65.80
N VAL C 421 -44.66 -13.59 66.24
CA VAL C 421 -44.75 -13.02 67.58
C VAL C 421 -45.99 -12.15 67.72
N ARG C 422 -46.29 -11.36 66.68
CA ARG C 422 -47.40 -10.42 66.72
C ARG C 422 -48.72 -11.05 66.30
N ARG C 423 -48.71 -12.32 65.89
CA ARG C 423 -49.90 -13.01 65.39
C ARG C 423 -50.55 -12.21 64.25
N VAL C 424 -49.73 -11.76 63.31
CA VAL C 424 -50.26 -11.10 62.12
C VAL C 424 -50.81 -12.14 61.15
N VAL C 425 -50.03 -13.16 60.86
CA VAL C 425 -50.45 -14.27 60.01
C VAL C 425 -50.55 -15.52 60.87
N THR C 426 -51.47 -16.40 60.50
CA THR C 426 -51.78 -17.59 61.29
C THR C 426 -51.05 -18.79 60.73
N LEU C 427 -50.25 -19.44 61.58
CA LEU C 427 -49.57 -20.66 61.19
C LEU C 427 -50.59 -21.80 61.04
N PRO C 428 -50.29 -22.79 60.20
CA PRO C 428 -51.20 -23.94 60.08
C PRO C 428 -51.40 -24.64 61.41
N SER C 429 -52.64 -25.08 61.66
CA SER C 429 -52.97 -25.74 62.92
C SER C 429 -52.32 -27.11 63.02
N LYS C 430 -52.14 -27.79 61.88
CA LYS C 430 -51.55 -29.12 61.83
C LYS C 430 -50.03 -29.08 61.73
N ALA C 431 -49.41 -28.03 62.26
CA ALA C 431 -47.96 -27.89 62.19
C ALA C 431 -47.26 -29.14 62.73
N ARG C 432 -46.59 -29.85 61.82
CA ARG C 432 -45.84 -31.05 62.23
C ARG C 432 -44.66 -30.67 63.13
N PHE C 433 -44.06 -29.52 62.88
CA PHE C 433 -43.01 -28.98 63.73
C PHE C 433 -43.38 -27.55 64.11
N SER C 434 -42.91 -27.13 65.28
CA SER C 434 -43.17 -25.79 65.74
C SER C 434 -42.46 -24.77 64.85
N PHE C 435 -42.91 -23.52 64.93
CA PHE C 435 -42.27 -22.46 64.17
C PHE C 435 -40.79 -22.33 64.52
N GLN C 436 -40.48 -22.29 65.82
CA GLN C 436 -39.10 -22.12 66.24
C GLN C 436 -38.24 -23.30 65.79
N GLU C 437 -38.81 -24.50 65.75
CA GLU C 437 -38.06 -25.67 65.34
C GLU C 437 -37.85 -25.72 63.82
N ALA C 438 -38.84 -25.30 63.04
CA ALA C 438 -38.80 -25.45 61.59
C ALA C 438 -38.87 -24.10 60.89
N ARG C 439 -38.19 -23.11 61.45
CA ARG C 439 -38.08 -21.81 60.78
C ARG C 439 -37.59 -21.96 59.35
N SER C 440 -36.63 -22.85 59.11
CA SER C 440 -36.20 -23.12 57.74
C SER C 440 -37.32 -23.73 56.91
N ALA C 441 -38.06 -24.68 57.49
CA ALA C 441 -39.14 -25.32 56.76
C ALA C 441 -40.32 -24.37 56.56
N TRP C 442 -40.74 -23.67 57.63
CA TRP C 442 -41.82 -22.71 57.49
C TRP C 442 -41.38 -21.51 56.67
N GLY C 443 -40.22 -20.94 56.97
CA GLY C 443 -39.76 -19.75 56.30
C GLY C 443 -39.04 -20.02 54.98
N ASN C 444 -39.32 -21.17 54.37
CA ASN C 444 -38.77 -21.47 53.06
C ASN C 444 -39.32 -20.48 52.05
N CYS C 445 -38.44 -19.84 51.29
CA CYS C 445 -38.85 -18.79 50.40
C CYS C 445 -37.91 -18.71 49.21
N ASP C 446 -38.41 -18.11 48.13
CA ASP C 446 -37.62 -17.77 46.97
C ASP C 446 -37.90 -16.32 46.61
N TRP C 447 -37.06 -15.75 45.76
CA TRP C 447 -37.15 -14.34 45.44
C TRP C 447 -36.92 -14.11 43.96
N ILE C 448 -37.54 -13.06 43.44
CA ILE C 448 -37.53 -12.71 42.02
C ILE C 448 -36.80 -11.39 41.87
N GLY C 449 -35.82 -11.35 40.99
CA GLY C 449 -34.98 -10.19 40.78
C GLY C 449 -35.54 -9.22 39.76
N SER C 450 -34.72 -8.92 38.75
CA SER C 450 -35.08 -7.94 37.74
C SER C 450 -36.24 -8.43 36.89
N GLY C 451 -36.86 -7.51 36.16
CA GLY C 451 -38.05 -7.81 35.41
C GLY C 451 -37.80 -8.67 34.17
N ARG C 452 -38.78 -8.62 33.26
CA ARG C 452 -38.80 -9.46 32.06
C ARG C 452 -37.67 -9.10 31.10
N MET C 453 -36.76 -10.05 30.85
CA MET C 453 -35.65 -9.84 29.92
C MET C 453 -36.14 -9.60 28.51
N ALA C 454 -35.61 -8.57 27.87
CA ALA C 454 -35.84 -8.37 26.45
C ALA C 454 -34.51 -8.21 25.70
N ILE C 455 -34.29 -9.08 24.71
CA ILE C 455 -33.07 -9.02 23.92
C ILE C 455 -33.39 -9.00 22.42
N ASP C 456 -34.27 -9.89 21.97
CA ASP C 456 -34.52 -10.09 20.55
C ASP C 456 -35.99 -9.96 20.19
N GLY C 457 -36.89 -10.30 21.10
CA GLY C 457 -38.30 -10.37 20.78
C GLY C 457 -38.70 -11.71 20.20
N LEU C 458 -38.33 -11.95 18.93
CA LEU C 458 -38.62 -13.23 18.27
C LEU C 458 -38.20 -14.40 19.12
N LYS C 459 -37.04 -14.28 19.76
CA LYS C 459 -36.55 -15.33 20.64
C LYS C 459 -37.56 -15.63 21.74
N GLU C 460 -37.84 -14.63 22.58
CA GLU C 460 -38.73 -14.83 23.72
C GLU C 460 -40.12 -15.28 23.28
N VAL C 461 -40.60 -14.80 22.13
CA VAL C 461 -41.97 -15.11 21.74
C VAL C 461 -42.06 -16.53 21.19
N GLN C 462 -41.04 -16.99 20.46
CA GLN C 462 -41.09 -18.37 20.01
C GLN C 462 -40.91 -19.32 21.18
N GLU C 463 -40.07 -18.95 22.15
CA GLU C 463 -39.97 -19.73 23.37
C GLU C 463 -41.32 -19.80 24.08
N ALA C 464 -42.00 -18.66 24.19
CA ALA C 464 -43.28 -18.60 24.89
C ALA C 464 -44.33 -19.46 24.19
N VAL C 465 -44.40 -19.37 22.86
CA VAL C 465 -45.40 -20.16 22.15
C VAL C 465 -45.10 -21.65 22.28
N MET C 466 -43.82 -22.03 22.21
CA MET C 466 -43.50 -23.45 22.37
C MET C 466 -43.85 -23.95 23.76
N LEU C 467 -43.52 -23.17 24.80
CA LEU C 467 -43.83 -23.59 26.16
C LEU C 467 -45.32 -23.68 26.39
N ILE C 468 -46.10 -22.73 25.84
CA ILE C 468 -47.53 -22.72 26.12
C ILE C 468 -48.25 -23.78 25.28
N GLU C 469 -47.64 -24.22 24.17
CA GLU C 469 -48.30 -25.28 23.42
C GLU C 469 -47.94 -26.66 23.95
N ALA C 470 -46.68 -26.86 24.36
CA ALA C 470 -46.27 -28.18 24.83
C ALA C 470 -46.49 -28.36 26.33
N GLY C 471 -46.88 -27.31 27.05
CA GLY C 471 -47.01 -27.43 28.48
C GLY C 471 -45.72 -27.59 29.22
N LEU C 472 -44.59 -27.29 28.57
CA LEU C 472 -43.27 -27.49 29.17
C LEU C 472 -42.91 -26.40 30.17
N SER C 473 -43.85 -25.53 30.54
CA SER C 473 -43.61 -24.48 31.52
C SER C 473 -44.70 -24.54 32.59
N THR C 474 -44.29 -24.41 33.84
CA THR C 474 -45.18 -24.44 34.99
C THR C 474 -45.55 -23.03 35.41
N TYR C 475 -46.42 -22.94 36.42
CA TYR C 475 -46.71 -21.64 37.03
C TYR C 475 -45.44 -20.99 37.56
N GLU C 476 -44.67 -21.73 38.36
CA GLU C 476 -43.53 -21.12 39.05
C GLU C 476 -42.44 -20.69 38.08
N LYS C 477 -42.04 -21.55 37.14
CA LYS C 477 -40.95 -21.15 36.26
C LYS C 477 -41.44 -20.23 35.14
N GLU C 478 -42.72 -20.34 34.75
CA GLU C 478 -43.27 -19.34 33.84
C GLU C 478 -43.24 -17.96 34.47
N CYS C 479 -43.70 -17.83 35.72
CA CYS C 479 -43.65 -16.54 36.40
C CYS C 479 -42.22 -16.09 36.65
N ALA C 480 -41.29 -17.04 36.85
CA ALA C 480 -39.89 -16.67 36.96
C ALA C 480 -39.36 -16.07 35.65
N LYS C 481 -39.71 -16.69 34.52
CA LYS C 481 -39.30 -16.19 33.22
C LYS C 481 -39.94 -14.85 32.88
N ARG C 482 -41.18 -14.61 33.30
CA ARG C 482 -41.95 -13.45 32.84
C ARG C 482 -41.96 -12.30 33.84
N GLY C 483 -41.55 -12.55 35.09
CA GLY C 483 -41.64 -11.53 36.13
C GLY C 483 -43.06 -11.13 36.49
N ASP C 484 -43.98 -12.09 36.53
CA ASP C 484 -45.38 -11.84 36.82
C ASP C 484 -45.89 -12.89 37.81
N ASP C 485 -47.21 -12.97 37.96
CA ASP C 485 -47.84 -13.97 38.81
C ASP C 485 -48.99 -14.61 38.05
N TYR C 486 -49.07 -15.94 38.12
CA TYR C 486 -50.14 -16.67 37.45
C TYR C 486 -51.52 -16.35 38.04
N GLN C 487 -51.62 -16.23 39.35
CA GLN C 487 -52.91 -15.90 39.96
C GLN C 487 -53.43 -14.55 39.45
N GLU C 488 -52.55 -13.54 39.43
CA GLU C 488 -52.98 -12.23 39.00
C GLU C 488 -53.21 -12.17 37.49
N ILE C 489 -52.42 -12.90 36.69
CA ILE C 489 -52.67 -12.92 35.26
C ILE C 489 -54.02 -13.57 34.95
N PHE C 490 -54.37 -14.61 35.72
CA PHE C 490 -55.66 -15.26 35.49
C PHE C 490 -56.82 -14.38 35.96
N ALA C 491 -56.68 -13.74 37.12
CA ALA C 491 -57.74 -12.84 37.59
C ALA C 491 -57.92 -11.67 36.63
N GLN C 492 -56.81 -11.12 36.13
CA GLN C 492 -56.91 -9.99 35.22
C GLN C 492 -57.39 -10.43 33.84
N GLN C 493 -57.15 -11.69 33.45
CA GLN C 493 -57.74 -12.17 32.21
C GLN C 493 -59.25 -12.37 32.36
N VAL C 494 -59.69 -12.79 33.54
CA VAL C 494 -61.12 -12.83 33.83
C VAL C 494 -61.71 -11.44 33.69
N ARG C 495 -61.06 -10.45 34.30
CA ARG C 495 -61.52 -9.07 34.21
C ARG C 495 -61.50 -8.58 32.77
N GLU C 496 -60.45 -8.93 32.02
CA GLU C 496 -60.36 -8.58 30.61
C GLU C 496 -61.55 -9.11 29.84
N THR C 497 -61.81 -10.42 29.96
CA THR C 497 -62.88 -11.04 29.20
C THR C 497 -64.24 -10.46 29.57
N MET C 498 -64.48 -10.24 30.87
CA MET C 498 -65.79 -9.75 31.26
C MET C 498 -65.99 -8.29 30.85
N GLU C 499 -64.93 -7.46 30.90
CA GLU C 499 -65.08 -6.09 30.44
C GLU C 499 -65.24 -6.03 28.93
N ARG C 500 -64.53 -6.87 28.19
CA ARG C 500 -64.73 -6.91 26.74
C ARG C 500 -66.15 -7.34 26.40
N ARG C 501 -66.68 -8.34 27.10
CA ARG C 501 -68.06 -8.77 26.87
C ARG C 501 -69.05 -7.67 27.20
N ALA C 502 -68.84 -6.97 28.33
CA ALA C 502 -69.79 -5.94 28.74
C ALA C 502 -69.73 -4.72 27.83
N ALA C 503 -68.54 -4.19 27.57
CA ALA C 503 -68.38 -3.01 26.73
C ALA C 503 -68.58 -3.29 25.26
N GLY C 504 -68.57 -4.56 24.85
CA GLY C 504 -68.75 -4.90 23.46
C GLY C 504 -67.47 -5.24 22.72
N LEU C 505 -66.34 -5.35 23.41
CA LEU C 505 -65.09 -5.68 22.75
C LEU C 505 -65.01 -7.17 22.47
N LYS C 506 -63.84 -7.59 21.98
CA LYS C 506 -63.65 -8.98 21.58
C LYS C 506 -62.65 -9.67 22.49
N PRO C 507 -63.10 -10.52 23.44
CA PRO C 507 -62.26 -11.29 24.36
C PRO C 507 -61.06 -11.97 23.70
N GLN D 34 0.16 16.12 35.85
CA GLN D 34 -1.21 16.56 35.58
C GLN D 34 -2.11 16.21 36.76
N LEU D 35 -1.72 15.20 37.53
CA LEU D 35 -2.43 14.87 38.77
C LEU D 35 -2.31 15.99 39.80
N ARG D 36 -1.56 17.04 39.48
CA ARG D 36 -1.36 18.13 40.43
C ARG D 36 -2.60 18.99 40.64
N SER D 37 -3.33 19.32 39.58
CA SER D 37 -4.45 20.24 39.67
C SER D 37 -5.74 19.55 40.10
N TRP D 38 -5.67 18.28 40.50
CA TRP D 38 -6.83 17.47 40.86
C TRP D 38 -6.34 16.34 41.75
N ASN D 39 -6.82 16.29 42.99
CA ASN D 39 -6.15 15.38 43.91
C ASN D 39 -7.11 14.54 44.75
N PRO D 40 -7.04 13.21 44.63
CA PRO D 40 -7.87 12.36 45.47
C PRO D 40 -7.17 12.01 46.76
N PRO D 41 -7.81 12.22 47.90
CA PRO D 41 -7.34 11.61 49.15
C PRO D 41 -7.72 10.13 49.20
N SER D 42 -7.01 9.40 50.05
CA SER D 42 -7.25 7.98 50.27
C SER D 42 -8.04 7.79 51.56
N GLU D 43 -9.36 7.67 51.43
CA GLU D 43 -10.26 7.60 52.56
C GLU D 43 -11.64 7.20 52.04
N SER D 44 -12.55 6.93 52.98
CA SER D 44 -13.95 6.72 52.62
C SER D 44 -14.46 7.86 51.76
N VAL D 45 -15.39 7.52 50.85
CA VAL D 45 -15.78 8.46 49.80
C VAL D 45 -16.43 9.70 50.39
N ASP D 46 -17.22 9.55 51.45
CA ASP D 46 -17.88 10.72 52.03
C ASP D 46 -16.87 11.73 52.58
N ALA D 47 -15.86 11.24 53.30
CA ALA D 47 -14.85 12.13 53.87
C ALA D 47 -13.81 12.52 52.84
N ALA D 48 -13.81 11.87 51.68
CA ALA D 48 -12.95 12.25 50.57
C ALA D 48 -13.60 13.27 49.65
N LEU D 49 -14.93 13.39 49.67
CA LEU D 49 -15.66 14.38 48.89
C LEU D 49 -16.07 15.62 49.66
N LEU D 50 -16.60 15.48 50.88
CA LEU D 50 -17.09 16.64 51.60
C LEU D 50 -16.03 17.73 51.82
N PRO D 51 -14.79 17.42 52.20
CA PRO D 51 -13.79 18.50 52.31
C PRO D 51 -13.57 19.28 51.02
N ASN D 52 -13.58 18.61 49.87
CA ASN D 52 -13.44 19.28 48.57
C ASN D 52 -14.78 19.39 47.86
N PHE D 53 -15.86 19.60 48.61
CA PHE D 53 -17.19 19.69 48.00
C PHE D 53 -17.32 20.93 47.13
N THR D 54 -16.89 22.08 47.64
CA THR D 54 -17.08 23.34 46.92
C THR D 54 -16.28 23.37 45.62
N ARG D 55 -15.04 22.90 45.65
CA ARG D 55 -14.21 22.95 44.44
C ARG D 55 -14.74 22.01 43.36
N GLY D 56 -15.06 20.78 43.73
CA GLY D 56 -15.58 19.83 42.76
C GLY D 56 -16.91 20.29 42.17
N ASN D 57 -17.81 20.78 43.02
CA ASN D 57 -19.09 21.27 42.53
C ASN D 57 -18.92 22.52 41.67
N ALA D 58 -17.98 23.39 42.01
CA ALA D 58 -17.76 24.60 41.24
C ALA D 58 -17.21 24.27 39.85
N ARG D 59 -16.25 23.35 39.77
CA ARG D 59 -15.74 22.96 38.46
C ARG D 59 -16.77 22.14 37.69
N ALA D 60 -17.66 21.44 38.41
CA ALA D 60 -18.80 20.81 37.75
C ALA D 60 -19.71 21.85 37.12
N ASP D 61 -19.98 22.94 37.84
CA ASP D 61 -20.75 24.05 37.26
C ASP D 61 -20.03 24.60 36.04
N ASP D 62 -18.71 24.77 36.13
CA ASP D 62 -17.93 25.28 35.02
C ASP D 62 -18.11 24.41 33.78
N LEU D 63 -18.01 23.09 33.94
CA LEU D 63 -18.07 22.22 32.76
C LEU D 63 -19.50 22.06 32.25
N VAL D 64 -20.50 22.01 33.14
CA VAL D 64 -21.87 21.93 32.68
C VAL D 64 -22.34 23.22 32.04
N ARG D 65 -21.65 24.34 32.31
CA ARG D 65 -21.98 25.59 31.66
C ARG D 65 -21.22 25.78 30.34
N ASN D 66 -19.94 25.42 30.31
CA ASN D 66 -19.11 25.58 29.12
C ASN D 66 -19.30 24.47 28.10
N ASN D 67 -19.85 23.33 28.51
CA ASN D 67 -19.83 22.12 27.71
C ASN D 67 -21.26 21.67 27.41
N GLY D 68 -21.46 21.17 26.19
CA GLY D 68 -22.80 20.78 25.77
C GLY D 68 -23.21 19.40 26.24
N TYR D 69 -22.21 18.55 26.57
CA TYR D 69 -22.51 17.17 26.94
C TYR D 69 -23.45 17.08 28.14
N ALA D 70 -23.25 17.92 29.15
CA ALA D 70 -24.13 17.89 30.31
C ALA D 70 -25.55 18.28 29.94
N ALA D 71 -25.70 19.29 29.08
CA ALA D 71 -27.04 19.68 28.63
C ALA D 71 -27.72 18.54 27.88
N ASN D 72 -26.99 17.88 26.97
CA ASN D 72 -27.59 16.78 26.23
C ASN D 72 -27.95 15.63 27.15
N ALA D 73 -27.09 15.34 28.13
CA ALA D 73 -27.33 14.23 29.04
C ALA D 73 -28.54 14.50 29.92
N ILE D 74 -28.66 15.72 30.45
CA ILE D 74 -29.80 16.02 31.30
C ILE D 74 -31.08 16.06 30.47
N GLN D 75 -30.99 16.52 29.22
CA GLN D 75 -32.16 16.54 28.35
C GLN D 75 -32.63 15.12 28.04
N LEU D 76 -31.71 14.22 27.72
CA LEU D 76 -32.10 12.85 27.43
C LEU D 76 -32.61 12.15 28.69
N HIS D 77 -32.01 12.44 29.84
CA HIS D 77 -32.52 11.85 31.07
C HIS D 77 -33.94 12.32 31.34
N GLN D 78 -34.20 13.61 31.11
CA GLN D 78 -35.56 14.13 31.22
C GLN D 78 -36.51 13.38 30.30
N ASP D 79 -36.13 13.26 29.02
CA ASP D 79 -37.04 12.71 28.02
C ASP D 79 -37.17 11.19 28.12
N HIS D 80 -36.25 10.52 28.82
CA HIS D 80 -36.42 9.10 29.08
C HIS D 80 -37.13 8.82 30.38
N ILE D 81 -36.94 9.66 31.39
CA ILE D 81 -37.52 9.38 32.71
C ILE D 81 -38.94 9.90 32.78
N VAL D 82 -39.13 11.20 32.53
CA VAL D 82 -40.45 11.79 32.62
C VAL D 82 -41.05 11.88 31.22
N GLY D 83 -40.24 12.33 30.27
CA GLY D 83 -40.74 12.54 28.92
C GLY D 83 -41.78 13.65 28.89
N SER D 84 -42.94 13.30 28.31
CA SER D 84 -44.02 14.27 28.19
C SER D 84 -44.58 14.65 29.56
N PHE D 85 -44.88 13.66 30.40
CA PHE D 85 -45.51 13.89 31.68
C PHE D 85 -45.21 12.74 32.64
N PHE D 86 -45.63 12.91 33.88
CA PHE D 86 -45.45 11.91 34.94
C PHE D 86 -46.82 11.66 35.55
N ARG D 87 -47.37 10.46 35.28
CA ARG D 87 -48.76 10.16 35.58
C ARG D 87 -48.88 9.41 36.91
N LEU D 88 -49.78 9.90 37.76
CA LEU D 88 -50.08 9.27 39.03
C LEU D 88 -51.11 8.15 38.86
N SER D 89 -50.93 7.08 39.64
CA SER D 89 -51.91 6.00 39.72
C SER D 89 -51.97 5.54 41.17
N HIS D 90 -53.12 5.76 41.81
CA HIS D 90 -53.29 5.46 43.22
C HIS D 90 -53.85 4.06 43.39
N ARG D 91 -53.12 3.21 44.12
CA ARG D 91 -53.54 1.84 44.40
C ARG D 91 -53.45 1.60 45.90
N PRO D 92 -54.45 2.04 46.66
CA PRO D 92 -54.48 1.71 48.09
C PRO D 92 -54.53 0.20 48.28
N SER D 93 -53.85 -0.27 49.31
CA SER D 93 -53.72 -1.71 49.55
C SER D 93 -55.09 -2.24 49.98
N TRP D 94 -55.95 -2.43 49.00
CA TRP D 94 -57.31 -2.88 49.27
C TRP D 94 -57.32 -4.27 49.91
N ARG D 95 -56.48 -5.18 49.43
CA ARG D 95 -56.47 -6.53 49.95
C ARG D 95 -56.04 -6.56 51.42
N TYR D 96 -54.99 -5.82 51.75
CA TYR D 96 -54.49 -5.84 53.12
C TYR D 96 -55.39 -5.04 54.06
N LEU D 97 -55.89 -3.89 53.60
CA LEU D 97 -56.76 -3.05 54.41
C LEU D 97 -58.20 -3.54 54.46
N GLY D 98 -58.55 -4.57 53.70
CA GLY D 98 -59.92 -5.06 53.70
C GLY D 98 -60.84 -4.24 52.83
N ILE D 99 -60.29 -3.25 52.13
CA ILE D 99 -61.06 -2.37 51.24
C ILE D 99 -61.44 -3.16 50.00
N GLY D 100 -62.67 -2.95 49.52
CA GLY D 100 -63.06 -3.56 48.27
C GLY D 100 -62.29 -2.97 47.11
N GLU D 101 -62.00 -3.81 46.11
CA GLU D 101 -61.24 -3.35 44.95
C GLU D 101 -62.05 -2.34 44.14
N GLU D 102 -63.36 -2.52 44.05
CA GLU D 102 -64.19 -1.57 43.30
C GLU D 102 -64.24 -0.22 44.01
N GLU D 103 -64.36 -0.21 45.34
CA GLU D 103 -64.34 1.05 46.07
C GLU D 103 -62.98 1.72 45.97
N ALA D 104 -61.92 0.92 46.03
CA ALA D 104 -60.58 1.48 45.84
C ALA D 104 -60.44 2.09 44.46
N ARG D 105 -61.00 1.44 43.44
CA ARG D 105 -60.85 1.94 42.08
C ARG D 105 -61.65 3.22 41.87
N ALA D 106 -62.85 3.30 42.44
CA ALA D 106 -63.66 4.51 42.32
C ALA D 106 -63.03 5.66 43.10
N PHE D 107 -62.53 5.37 44.30
CA PHE D 107 -61.82 6.39 45.08
C PHE D 107 -60.58 6.86 44.35
N SER D 108 -59.89 5.93 43.68
CA SER D 108 -58.74 6.29 42.85
C SER D 108 -59.17 7.16 41.67
N ARG D 109 -60.32 6.86 41.06
CA ARG D 109 -60.83 7.71 40.00
C ARG D 109 -61.04 9.14 40.49
N GLU D 110 -61.65 9.27 41.67
CA GLU D 110 -61.89 10.60 42.23
C GLU D 110 -60.57 11.33 42.49
N VAL D 111 -59.62 10.63 43.13
CA VAL D 111 -58.36 11.30 43.45
C VAL D 111 -57.56 11.60 42.19
N GLU D 112 -57.67 10.77 41.15
CA GLU D 112 -56.94 11.04 39.92
C GLU D 112 -57.52 12.23 39.19
N ALA D 113 -58.84 12.33 39.13
CA ALA D 113 -59.46 13.53 38.54
C ALA D 113 -59.05 14.77 39.30
N ALA D 114 -59.10 14.72 40.63
CA ALA D 114 -58.71 15.88 41.44
C ALA D 114 -57.25 16.24 41.21
N TRP D 115 -56.37 15.23 41.17
CA TRP D 115 -54.95 15.51 41.03
C TRP D 115 -54.61 16.06 39.66
N LYS D 116 -55.23 15.51 38.60
CA LYS D 116 -54.96 16.03 37.27
C LYS D 116 -55.47 17.47 37.13
N GLU D 117 -56.67 17.76 37.65
CA GLU D 117 -57.16 19.13 37.52
C GLU D 117 -56.36 20.10 38.39
N PHE D 118 -55.81 19.63 39.51
CA PHE D 118 -54.99 20.51 40.35
C PHE D 118 -53.62 20.72 39.74
N ALA D 119 -53.09 19.71 39.03
CA ALA D 119 -51.77 19.81 38.44
C ALA D 119 -51.78 20.60 37.14
N GLU D 120 -52.91 20.60 36.41
CA GLU D 120 -52.98 21.24 35.10
C GLU D 120 -53.14 22.75 35.20
N ASP D 121 -52.84 23.35 36.34
CA ASP D 121 -53.00 24.79 36.50
C ASP D 121 -52.18 25.54 35.47
N ASP D 122 -52.85 26.43 34.73
CA ASP D 122 -52.23 27.06 33.57
C ASP D 122 -51.43 28.30 33.95
N CYS D 123 -51.57 28.77 35.19
CA CYS D 123 -50.90 30.00 35.59
C CYS D 123 -49.58 29.77 36.31
N CYS D 124 -49.04 28.54 36.27
CA CYS D 124 -47.75 28.22 36.89
C CYS D 124 -47.81 28.44 38.41
N CYS D 125 -48.98 28.27 39.00
CA CYS D 125 -49.22 28.81 40.33
C CYS D 125 -48.99 27.77 41.43
N ILE D 126 -48.52 26.57 41.09
CA ILE D 126 -48.42 25.52 42.10
C ILE D 126 -47.13 25.65 42.90
N ASP D 127 -46.23 26.55 42.49
CA ASP D 127 -44.99 26.80 43.21
C ASP D 127 -45.04 28.11 43.95
N VAL D 128 -44.25 28.21 45.03
CA VAL D 128 -44.14 29.47 45.76
C VAL D 128 -43.48 30.53 44.89
N GLU D 129 -42.51 30.13 44.08
CA GLU D 129 -41.94 31.03 43.08
C GLU D 129 -42.95 31.42 42.01
N ARG D 130 -44.06 30.68 41.91
CA ARG D 130 -45.19 31.03 41.05
C ARG D 130 -44.82 30.96 39.57
N LYS D 131 -43.75 30.22 39.26
CA LYS D 131 -43.30 30.10 37.89
C LYS D 131 -42.95 28.68 37.46
N ARG D 132 -43.44 27.66 38.15
CA ARG D 132 -43.19 26.29 37.73
C ARG D 132 -44.42 25.44 38.03
N THR D 133 -44.83 24.63 37.06
CA THR D 133 -45.90 23.66 37.28
C THR D 133 -45.30 22.36 37.82
N PHE D 134 -46.13 21.32 37.91
CA PHE D 134 -45.66 20.02 38.39
C PHE D 134 -44.58 19.45 37.47
N THR D 135 -44.71 19.69 36.16
CA THR D 135 -43.73 19.19 35.22
C THR D 135 -42.34 19.71 35.56
N MET D 136 -42.21 21.02 35.75
CA MET D 136 -40.91 21.59 36.11
C MET D 136 -40.52 21.39 37.57
N MET D 137 -41.48 21.14 38.48
CA MET D 137 -41.12 20.52 39.74
C MET D 137 -40.28 19.27 39.53
N ILE D 138 -40.82 18.31 38.77
CA ILE D 138 -40.08 17.08 38.53
C ILE D 138 -38.81 17.35 37.74
N ARG D 139 -38.86 18.30 36.81
CA ARG D 139 -37.71 18.62 35.98
C ARG D 139 -36.54 19.12 36.82
N GLU D 140 -36.74 20.19 37.58
CA GLU D 140 -35.66 20.73 38.40
C GLU D 140 -35.24 19.74 39.47
N GLY D 141 -36.20 19.02 40.06
CA GLY D 141 -35.83 18.04 41.07
C GLY D 141 -34.91 16.96 40.53
N VAL D 142 -35.27 16.37 39.39
CA VAL D 142 -34.47 15.31 38.83
C VAL D 142 -33.13 15.86 38.32
N ALA D 143 -33.13 17.07 37.77
CA ALA D 143 -31.88 17.65 37.28
C ALA D 143 -30.90 17.88 38.44
N MET D 144 -31.40 18.41 39.55
CA MET D 144 -30.52 18.70 40.68
C MET D 144 -30.13 17.42 41.43
N HIS D 145 -31.02 16.43 41.45
CA HIS D 145 -30.67 15.13 42.03
C HIS D 145 -29.72 14.35 41.12
N ALA D 146 -29.63 14.75 39.86
CA ALA D 146 -28.62 14.17 38.98
C ALA D 146 -27.28 14.86 39.17
N PHE D 147 -27.27 16.20 39.13
CA PHE D 147 -26.06 16.98 39.32
C PHE D 147 -25.44 16.79 40.70
N ASN D 148 -26.12 17.20 41.77
CA ASN D 148 -25.58 17.09 43.11
C ASN D 148 -25.92 15.78 43.80
N GLY D 149 -26.78 14.94 43.23
CA GLY D 149 -27.19 13.71 43.86
C GLY D 149 -28.31 13.85 44.86
N GLU D 150 -28.77 15.06 45.13
CA GLU D 150 -29.80 15.29 46.13
C GLU D 150 -30.80 16.31 45.59
N LEU D 151 -32.02 16.23 46.09
CA LEU D 151 -33.01 17.28 45.84
C LEU D 151 -33.75 17.60 47.12
N PHE D 152 -34.14 18.87 47.21
CA PHE D 152 -34.68 19.50 48.40
C PHE D 152 -36.03 20.11 48.06
N VAL D 153 -37.11 19.51 48.53
CA VAL D 153 -38.44 20.08 48.35
C VAL D 153 -38.96 20.49 49.72
N GLN D 154 -39.77 21.54 49.77
CA GLN D 154 -40.37 22.02 51.00
C GLN D 154 -41.86 22.22 50.80
N ALA D 155 -42.67 21.61 51.66
CA ALA D 155 -44.11 21.74 51.61
C ALA D 155 -44.53 22.96 52.42
N THR D 156 -44.87 24.04 51.74
CA THR D 156 -45.24 25.29 52.39
C THR D 156 -46.73 25.55 52.19
N TRP D 157 -47.28 26.40 53.06
CA TRP D 157 -48.70 26.73 53.04
C TRP D 157 -48.89 28.05 52.28
N ASP D 158 -49.20 27.93 51.00
CA ASP D 158 -49.58 29.08 50.19
C ASP D 158 -50.89 29.67 50.68
N THR D 159 -51.02 30.99 50.51
CA THR D 159 -52.25 31.70 50.86
C THR D 159 -53.07 32.10 49.64
N SER D 160 -52.58 31.87 48.43
CA SER D 160 -53.32 32.25 47.23
C SER D 160 -54.54 31.35 47.06
N SER D 161 -55.74 31.95 47.12
CA SER D 161 -56.99 31.21 47.17
C SER D 161 -57.55 30.87 45.79
N SER D 162 -56.75 30.99 44.74
CA SER D 162 -57.22 30.64 43.40
C SER D 162 -57.46 29.14 43.24
N ARG D 163 -56.94 28.33 44.15
CA ARG D 163 -57.11 26.88 44.10
C ARG D 163 -57.64 26.41 45.45
N LEU D 164 -58.20 25.21 45.46
CA LEU D 164 -58.77 24.68 46.70
C LEU D 164 -57.67 24.28 47.69
N PHE D 165 -56.49 23.93 47.18
CA PHE D 165 -55.42 23.36 47.99
C PHE D 165 -54.38 24.42 48.32
N ARG D 166 -54.23 24.73 49.61
CA ARG D 166 -53.30 25.73 50.08
C ARG D 166 -51.88 25.22 50.27
N THR D 167 -51.50 24.10 49.68
CA THR D 167 -50.13 23.62 49.84
C THR D 167 -49.37 23.75 48.53
N GLN D 168 -48.24 24.47 48.58
CA GLN D 168 -47.32 24.54 47.45
C GLN D 168 -46.02 23.87 47.87
N PHE D 169 -45.13 23.66 46.90
CA PHE D 169 -43.88 22.98 47.14
C PHE D 169 -42.73 23.77 46.54
N ARG D 170 -41.95 24.42 47.39
CA ARG D 170 -40.84 25.26 46.99
C ARG D 170 -39.56 24.46 47.08
N MET D 171 -38.76 24.48 46.02
CA MET D 171 -37.52 23.71 46.01
C MET D 171 -36.38 24.57 46.57
N VAL D 172 -35.49 23.92 47.31
CA VAL D 172 -34.47 24.59 48.12
C VAL D 172 -33.10 24.26 47.53
N SER D 173 -32.28 25.28 47.36
CA SER D 173 -30.97 25.10 46.73
C SER D 173 -30.04 24.29 47.63
N PRO D 174 -29.12 23.54 47.03
CA PRO D 174 -28.13 22.81 47.85
C PRO D 174 -27.05 23.71 48.42
N LYS D 175 -26.86 24.91 47.88
CA LYS D 175 -25.91 25.84 48.47
C LYS D 175 -26.38 26.29 49.84
N ARG D 176 -27.68 26.24 50.09
CA ARG D 176 -28.27 26.64 51.36
C ARG D 176 -27.84 25.76 52.51
N ILE D 177 -27.61 24.47 52.28
CA ILE D 177 -27.29 23.51 53.34
C ILE D 177 -25.81 23.59 53.65
N SER D 178 -25.46 24.40 54.64
CA SER D 178 -24.15 24.40 55.25
C SER D 178 -24.33 24.56 56.75
N ASN D 179 -23.27 24.29 57.49
CA ASN D 179 -23.36 24.46 58.94
C ASN D 179 -23.66 25.92 59.26
N PRO D 180 -24.31 26.19 60.41
CA PRO D 180 -24.69 27.57 60.73
C PRO D 180 -23.49 28.51 60.68
N ASN D 181 -23.55 29.44 59.73
CA ASN D 181 -22.47 30.39 59.46
C ASN D 181 -21.23 29.67 58.93
N ASN D 182 -21.44 28.78 57.96
CA ASN D 182 -20.37 28.22 57.14
C ASN D 182 -19.27 27.55 57.98
N THR D 183 -19.60 27.18 59.21
CA THR D 183 -18.62 26.50 60.05
C THR D 183 -18.33 25.12 59.48
N GLY D 184 -17.13 24.62 59.75
CA GLY D 184 -16.77 23.29 59.29
C GLY D 184 -17.61 22.23 59.97
N ASP D 185 -17.52 21.01 59.45
CA ASP D 185 -18.25 19.89 60.03
C ASP D 185 -17.96 19.77 61.52
N SER D 186 -18.96 19.30 62.27
CA SER D 186 -18.82 19.16 63.71
C SER D 186 -19.23 17.76 64.14
N ARG D 187 -19.36 17.56 65.46
CA ARG D 187 -19.76 16.25 65.99
C ARG D 187 -21.07 15.79 65.38
N ASN D 188 -22.15 16.54 65.60
CA ASN D 188 -23.46 16.19 65.09
C ASN D 188 -24.00 17.17 64.05
N CYS D 189 -23.44 18.38 63.96
CA CYS D 189 -23.74 19.33 62.90
C CYS D 189 -22.73 19.12 61.80
N ARG D 190 -23.15 18.46 60.72
CA ARG D 190 -22.23 17.95 59.72
C ARG D 190 -22.65 18.45 58.35
N ALA D 191 -21.91 19.45 57.84
CA ALA D 191 -22.17 20.02 56.52
C ALA D 191 -23.60 20.55 56.40
N GLY D 192 -24.14 21.04 57.51
CA GLY D 192 -25.46 21.64 57.51
C GLY D 192 -26.58 20.80 58.06
N VAL D 193 -26.38 19.49 58.19
CA VAL D 193 -27.41 18.62 58.73
C VAL D 193 -27.09 18.31 60.18
N GLN D 194 -28.10 18.50 61.03
CA GLN D 194 -28.01 18.17 62.45
C GLN D 194 -28.56 16.76 62.65
N ILE D 195 -27.69 15.83 63.02
CA ILE D 195 -28.05 14.44 63.19
C ILE D 195 -27.67 14.01 64.60
N ASN D 196 -28.03 12.77 64.93
CA ASN D 196 -27.64 12.20 66.21
C ASN D 196 -26.35 11.41 66.04
N ASP D 197 -25.93 10.70 67.09
CA ASP D 197 -24.80 9.80 66.96
C ASP D 197 -25.10 8.66 66.00
N SER D 198 -26.35 8.20 65.99
CA SER D 198 -26.80 7.16 65.08
C SER D 198 -26.99 7.65 63.66
N GLY D 199 -26.89 8.96 63.42
CA GLY D 199 -26.98 9.52 62.09
C GLY D 199 -28.33 10.03 61.67
N ALA D 200 -29.37 9.80 62.47
CA ALA D 200 -30.73 10.17 62.08
C ALA D 200 -30.82 11.65 61.77
N ALA D 201 -31.23 11.97 60.54
CA ALA D 201 -31.28 13.34 60.06
C ALA D 201 -32.43 14.08 60.74
N LEU D 202 -32.10 14.91 61.73
CA LEU D 202 -33.13 15.69 62.40
C LEU D 202 -33.54 16.89 61.57
N GLY D 203 -32.59 17.79 61.28
CA GLY D 203 -32.92 18.99 60.53
C GLY D 203 -31.71 19.56 59.82
N TYR D 204 -31.89 20.77 59.34
CA TYR D 204 -30.98 21.37 58.37
C TYR D 204 -30.83 22.86 58.66
N TYR D 205 -29.69 23.41 58.26
CA TYR D 205 -29.41 24.84 58.38
C TYR D 205 -29.37 25.44 56.99
N VAL D 206 -30.47 26.08 56.60
CA VAL D 206 -30.63 26.69 55.29
C VAL D 206 -30.01 28.08 55.32
N SER D 207 -28.93 28.27 54.58
CA SER D 207 -28.33 29.59 54.42
C SER D 207 -29.22 30.44 53.53
N GLU D 208 -29.20 31.75 53.76
CA GLU D 208 -30.01 32.66 52.96
C GLU D 208 -29.53 32.68 51.51
N ASP D 209 -30.48 32.93 50.61
CA ASP D 209 -30.19 32.98 49.19
C ASP D 209 -29.11 34.02 48.89
N GLY D 210 -28.34 33.76 47.84
CA GLY D 210 -27.29 34.65 47.39
C GLY D 210 -27.54 35.37 46.08
N TYR D 211 -28.80 35.50 45.65
CA TYR D 211 -29.17 36.21 44.43
C TYR D 211 -30.12 37.36 44.75
N PRO D 212 -29.67 38.62 44.60
CA PRO D 212 -28.47 39.10 43.91
C PRO D 212 -27.18 38.73 44.63
N GLY D 213 -26.05 38.82 43.95
CA GLY D 213 -24.79 38.32 44.46
C GLY D 213 -24.31 39.00 45.73
N TRP D 214 -25.14 39.85 46.32
CA TRP D 214 -24.76 40.54 47.53
C TRP D 214 -25.76 40.39 48.67
N MET D 215 -26.44 39.25 48.77
CA MET D 215 -27.14 39.06 50.03
C MET D 215 -26.25 38.24 50.97
N PRO D 216 -26.21 38.58 52.25
CA PRO D 216 -25.52 37.73 53.22
C PRO D 216 -26.31 36.46 53.47
N GLN D 217 -25.63 35.43 53.94
CA GLN D 217 -26.31 34.18 54.27
C GLN D 217 -26.60 34.12 55.76
N LYS D 218 -27.84 33.77 56.10
CA LYS D 218 -28.23 33.46 57.46
C LYS D 218 -28.86 32.08 57.48
N TRP D 219 -28.49 31.28 58.49
CA TRP D 219 -28.85 29.87 58.55
C TRP D 219 -30.10 29.70 59.41
N THR D 220 -31.10 29.02 58.85
CA THR D 220 -32.39 28.82 59.49
C THR D 220 -32.66 27.33 59.67
N TRP D 221 -33.32 26.98 60.76
CA TRP D 221 -33.58 25.59 61.12
C TRP D 221 -34.74 25.05 60.29
N ILE D 222 -34.58 23.86 59.74
CA ILE D 222 -35.63 23.19 58.98
C ILE D 222 -35.64 21.70 59.32
N PRO D 223 -36.67 21.18 59.96
CA PRO D 223 -36.72 19.74 60.25
C PRO D 223 -36.96 18.94 58.97
N ARG D 224 -36.50 17.68 58.98
CA ARG D 224 -36.65 16.85 57.79
C ARG D 224 -38.11 16.48 57.55
N GLU D 225 -38.81 16.04 58.60
CA GLU D 225 -40.22 15.69 58.49
C GLU D 225 -40.91 15.98 59.81
N LEU D 226 -42.23 16.16 59.74
CA LEU D 226 -43.01 16.37 60.95
C LEU D 226 -43.22 15.04 61.67
N PRO D 227 -43.40 15.08 62.99
CA PRO D 227 -43.54 13.82 63.74
C PRO D 227 -44.72 12.96 63.30
N GLY D 228 -45.83 13.58 62.89
CA GLY D 228 -46.98 12.85 62.44
C GLY D 228 -46.86 12.19 61.08
N GLY D 229 -45.65 12.10 60.54
CA GLY D 229 -45.44 11.56 59.21
C GLY D 229 -45.58 12.55 58.09
N ARG D 230 -45.95 13.81 58.39
CA ARG D 230 -46.06 14.82 57.35
C ARG D 230 -44.70 15.10 56.73
N ALA D 231 -44.65 15.11 55.41
CA ALA D 231 -43.40 15.30 54.68
C ALA D 231 -43.18 16.79 54.44
N SER D 232 -42.51 17.43 55.39
CA SER D 232 -42.25 18.87 55.25
C SER D 232 -41.04 19.12 54.35
N PHE D 233 -39.86 18.65 54.76
CA PHE D 233 -38.64 18.84 53.99
C PHE D 233 -38.24 17.54 53.33
N ILE D 234 -38.67 17.37 52.09
CA ILE D 234 -38.39 16.18 51.30
C ILE D 234 -36.95 16.25 50.82
N HIS D 235 -36.08 15.49 51.47
CA HIS D 235 -34.66 15.44 51.14
C HIS D 235 -34.36 14.08 50.50
N VAL D 236 -34.38 14.02 49.17
CA VAL D 236 -34.19 12.76 48.48
C VAL D 236 -32.80 12.75 47.86
N PHE D 237 -31.94 11.85 48.34
CA PHE D 237 -30.60 11.71 47.79
C PHE D 237 -30.24 10.24 47.81
N GLU D 238 -29.34 9.86 46.91
CA GLU D 238 -28.84 8.48 46.86
C GLU D 238 -27.53 8.39 47.62
N PRO D 239 -27.49 7.73 48.77
CA PRO D 239 -26.22 7.52 49.47
C PRO D 239 -25.51 6.26 49.01
N VAL D 240 -24.28 6.47 48.52
CA VAL D 240 -23.43 5.37 48.09
C VAL D 240 -23.00 4.48 49.26
N GLU D 241 -22.87 5.03 50.45
CA GLU D 241 -22.51 4.25 51.63
C GLU D 241 -23.29 4.80 52.83
N ASP D 242 -23.11 4.13 53.97
CA ASP D 242 -23.75 4.56 55.20
C ASP D 242 -23.19 5.89 55.69
N GLY D 243 -24.04 6.68 56.32
CA GLY D 243 -23.62 7.94 56.89
C GLY D 243 -23.35 9.03 55.89
N GLN D 244 -23.42 8.74 54.59
CA GLN D 244 -23.21 9.73 53.57
C GLN D 244 -24.38 10.70 53.56
N THR D 245 -24.10 11.98 53.35
CA THR D 245 -25.12 13.02 53.41
C THR D 245 -25.41 13.65 52.05
N ARG D 246 -24.51 13.50 51.09
CA ARG D 246 -24.63 14.16 49.79
C ARG D 246 -24.61 13.12 48.68
N GLY D 247 -25.04 13.53 47.49
CA GLY D 247 -25.11 12.61 46.39
C GLY D 247 -23.82 12.53 45.59
N ALA D 248 -23.97 12.15 44.32
CA ALA D 248 -22.84 11.92 43.43
C ALA D 248 -22.53 13.16 42.63
N ASN D 249 -21.32 13.21 42.07
CA ASN D 249 -20.87 14.38 41.33
C ASN D 249 -20.89 14.13 39.83
N VAL D 250 -20.34 15.09 39.08
CA VAL D 250 -20.06 14.85 37.67
C VAL D 250 -18.61 15.16 37.33
N PHE D 251 -18.12 16.36 37.69
CA PHE D 251 -16.78 16.82 37.30
C PHE D 251 -15.67 15.88 37.69
N TYR D 252 -15.83 15.17 38.82
CA TYR D 252 -14.77 14.32 39.34
C TYR D 252 -14.54 13.11 38.44
N SER D 253 -15.29 13.01 37.34
CA SER D 253 -15.02 12.11 36.25
C SER D 253 -15.06 12.79 34.88
N VAL D 254 -15.04 14.13 34.85
CA VAL D 254 -15.18 14.87 33.60
C VAL D 254 -13.98 15.79 33.36
N MET D 255 -13.10 15.89 34.36
CA MET D 255 -11.88 16.69 34.14
C MET D 255 -11.11 16.17 32.92
N GLU D 256 -11.23 14.87 32.63
CA GLU D 256 -10.44 14.31 31.53
C GLU D 256 -11.02 14.67 30.17
N GLN D 257 -12.35 14.80 30.05
CA GLN D 257 -12.86 15.43 28.84
C GLN D 257 -12.40 16.87 28.74
N MET D 258 -12.42 17.60 29.86
CA MET D 258 -11.96 18.98 29.80
C MET D 258 -10.57 19.06 29.19
N LYS D 259 -9.64 18.24 29.68
CA LYS D 259 -8.26 18.39 29.26
C LYS D 259 -7.95 17.68 27.94
N MET D 260 -8.68 16.61 27.60
CA MET D 260 -8.63 16.08 26.23
C MET D 260 -9.17 17.06 25.19
N LEU D 261 -10.30 17.72 25.47
CA LEU D 261 -10.78 18.69 24.49
C LEU D 261 -9.77 19.82 24.34
N ASP D 262 -9.18 20.26 25.47
CA ASP D 262 -8.15 21.29 25.38
C ASP D 262 -6.95 20.82 24.55
N THR D 263 -6.47 19.59 24.77
CA THR D 263 -5.26 19.15 24.09
C THR D 263 -5.52 18.90 22.61
N LEU D 264 -6.67 18.29 22.26
CA LEU D 264 -6.98 18.10 20.85
C LEU D 264 -7.17 19.43 20.16
N GLN D 265 -7.79 20.39 20.86
CA GLN D 265 -8.00 21.71 20.30
C GLN D 265 -6.67 22.38 19.99
N ASN D 266 -5.77 22.38 20.96
CA ASN D 266 -4.48 23.04 20.79
C ASN D 266 -3.63 22.32 19.74
N THR D 267 -3.69 20.99 19.70
CA THR D 267 -2.86 20.27 18.74
C THR D 267 -3.39 20.45 17.32
N GLN D 268 -4.71 20.57 17.15
CA GLN D 268 -5.19 20.90 15.82
C GLN D 268 -4.80 22.31 15.43
N LEU D 269 -4.86 23.26 16.37
CA LEU D 269 -4.40 24.61 16.06
C LEU D 269 -2.94 24.64 15.62
N GLN D 270 -2.06 23.98 16.37
CA GLN D 270 -0.65 23.96 15.99
C GLN D 270 -0.44 23.27 14.66
N SER D 271 -1.12 22.15 14.43
CA SER D 271 -0.97 21.44 13.17
C SER D 271 -1.39 22.32 12.00
N ALA D 272 -2.52 23.01 12.14
CA ALA D 272 -3.01 23.88 11.07
C ALA D 272 -2.05 25.04 10.83
N ILE D 273 -1.52 25.64 11.89
CA ILE D 273 -0.70 26.82 11.70
C ILE D 273 0.69 26.46 11.19
N VAL D 274 1.14 25.21 11.39
CA VAL D 274 2.50 24.89 10.98
C VAL D 274 2.56 23.92 9.80
N LYS D 275 1.41 23.54 9.22
CA LYS D 275 1.56 22.83 7.93
C LYS D 275 2.33 23.65 6.88
N ALA D 276 2.26 24.98 6.79
CA ALA D 276 3.04 25.71 5.79
C ALA D 276 3.64 26.99 6.36
N MET D 277 4.24 26.91 7.54
CA MET D 277 5.06 28.01 8.03
C MET D 277 6.38 28.00 7.25
N TYR D 278 6.81 29.19 6.84
CA TYR D 278 7.92 29.29 5.89
C TYR D 278 8.85 30.41 6.34
N ALA D 279 10.15 30.13 6.33
CA ALA D 279 11.18 31.10 6.70
C ALA D 279 11.72 31.72 5.42
N ALA D 280 11.70 33.06 5.35
CA ALA D 280 12.16 33.78 4.17
C ALA D 280 13.35 34.63 4.57
N THR D 281 14.54 34.05 4.52
CA THR D 281 15.77 34.77 4.83
C THR D 281 16.66 34.80 3.60
N ILE D 282 17.79 35.49 3.72
CA ILE D 282 18.75 35.60 2.63
C ILE D 282 20.11 35.17 3.15
N GLU D 283 20.74 34.25 2.42
CA GLU D 283 22.12 33.86 2.64
C GLU D 283 22.92 34.25 1.41
N SER D 284 24.24 34.20 1.51
CA SER D 284 25.10 34.46 0.36
C SER D 284 26.29 33.53 0.43
N GLU D 285 27.12 33.58 -0.61
CA GLU D 285 28.33 32.79 -0.66
C GLU D 285 29.38 33.31 0.32
N LEU D 286 29.86 34.54 0.15
CA LEU D 286 30.70 35.27 1.10
C LEU D 286 31.59 34.36 1.92
N ASP D 287 31.51 34.51 3.24
CA ASP D 287 31.85 33.47 4.21
C ASP D 287 33.22 32.86 3.94
N THR D 288 34.23 33.71 3.86
CA THR D 288 35.58 33.19 3.65
C THR D 288 36.23 32.79 4.96
N GLN D 289 35.50 32.05 5.79
CA GLN D 289 36.02 31.39 6.99
C GLN D 289 36.95 32.29 7.80
N SER D 290 38.25 32.11 7.60
CA SER D 290 39.25 32.88 8.33
C SER D 290 39.15 34.37 8.00
N ALA D 291 38.94 34.70 6.73
CA ALA D 291 38.80 36.10 6.35
C ALA D 291 37.57 36.74 6.98
N MET D 292 36.44 36.05 6.98
CA MET D 292 35.24 36.59 7.61
C MET D 292 35.43 36.77 9.11
N ASP D 293 36.05 35.78 9.77
CA ASP D 293 36.31 35.90 11.20
C ASP D 293 37.25 37.06 11.51
N PHE D 294 38.30 37.22 10.70
CA PHE D 294 39.24 38.31 10.90
C PHE D 294 38.56 39.65 10.69
N ILE D 295 37.70 39.75 9.66
CA ILE D 295 36.96 40.98 9.43
C ILE D 295 36.03 41.30 10.58
N LEU D 296 35.35 40.29 11.12
CA LEU D 296 34.46 40.51 12.26
C LEU D 296 35.24 40.95 13.49
N GLY D 297 36.39 40.33 13.73
CA GLY D 297 37.22 40.72 14.88
C GLY D 297 37.76 42.13 14.72
N ALA D 298 38.21 42.48 13.52
CA ALA D 298 38.70 43.83 13.27
C ALA D 298 37.59 44.85 13.43
N ASN D 299 36.38 44.50 12.99
CA ASN D 299 35.23 45.38 13.21
C ASN D 299 34.95 45.55 14.69
N SER D 300 34.99 44.46 15.45
CA SER D 300 34.74 44.54 16.89
C SER D 300 35.78 45.43 17.56
N GLN D 301 37.04 45.32 17.14
CA GLN D 301 38.09 46.11 17.76
C GLN D 301 38.04 47.58 17.32
N GLU D 302 38.32 47.84 16.04
CA GLU D 302 38.31 49.23 15.57
C GLU D 302 37.82 49.43 14.14
N GLN D 303 37.36 48.40 13.44
CA GLN D 303 37.13 48.56 12.02
C GLN D 303 35.66 48.30 11.67
N ARG D 304 34.77 48.93 12.44
CA ARG D 304 33.33 48.85 12.18
C ARG D 304 32.95 49.46 10.83
N GLU D 305 33.85 50.24 10.22
CA GLU D 305 33.56 50.79 8.90
C GLU D 305 33.37 49.69 7.86
N ARG D 306 34.04 48.56 8.01
CA ARG D 306 33.78 47.43 7.12
C ARG D 306 32.35 46.94 7.23
N LEU D 307 31.86 46.77 8.46
CA LEU D 307 30.47 46.34 8.65
C LEU D 307 29.49 47.38 8.14
N THR D 308 29.78 48.66 8.38
CA THR D 308 28.89 49.71 7.88
C THR D 308 28.85 49.71 6.36
N GLY D 309 30.00 49.56 5.71
CA GLY D 309 30.04 49.51 4.26
C GLY D 309 29.31 48.30 3.71
N TRP D 310 29.49 47.14 4.33
CA TRP D 310 28.78 45.94 3.86
C TRP D 310 27.28 46.09 4.07
N ILE D 311 26.86 46.66 5.19
CA ILE D 311 25.43 46.88 5.43
C ILE D 311 24.86 47.86 4.42
N GLY D 312 25.61 48.90 4.09
CA GLY D 312 25.17 49.82 3.05
C GLY D 312 25.04 49.15 1.70
N GLU D 313 26.04 48.32 1.36
CA GLU D 313 25.97 47.60 0.09
C GLU D 313 24.79 46.64 0.04
N ILE D 314 24.49 45.98 1.16
CA ILE D 314 23.37 45.04 1.17
C ILE D 314 22.03 45.77 1.16
N ALA D 315 21.96 46.93 1.82
CA ALA D 315 20.75 47.74 1.75
C ALA D 315 20.51 48.22 0.33
N ALA D 316 21.57 48.68 -0.35
CA ALA D 316 21.46 49.04 -1.75
C ALA D 316 21.09 47.82 -2.59
N TYR D 317 21.58 46.65 -2.18
CA TYR D 317 21.25 45.42 -2.88
C TYR D 317 19.76 45.15 -2.83
N TYR D 318 19.18 45.17 -1.64
CA TYR D 318 17.75 44.91 -1.46
C TYR D 318 16.87 46.05 -1.95
N ALA D 319 17.45 47.24 -2.15
CA ALA D 319 16.64 48.34 -2.68
C ALA D 319 16.84 48.52 -4.19
N ALA D 320 17.77 47.78 -4.78
CA ALA D 320 17.93 47.79 -6.23
C ALA D 320 17.40 46.52 -6.87
N ALA D 321 17.40 45.41 -6.12
CA ALA D 321 16.74 44.16 -6.48
C ALA D 321 15.22 44.19 -6.36
N PRO D 322 14.63 45.03 -5.46
CA PRO D 322 13.45 44.60 -4.73
C PRO D 322 13.35 43.09 -4.54
N VAL D 323 13.97 42.59 -3.48
CA VAL D 323 13.93 41.17 -3.16
C VAL D 323 12.54 40.88 -2.59
N ARG D 324 11.66 40.37 -3.44
CA ARG D 324 10.27 40.14 -3.08
C ARG D 324 9.87 38.75 -3.57
N LEU D 325 9.20 37.99 -2.73
CA LEU D 325 8.92 36.60 -3.06
C LEU D 325 7.55 36.44 -3.73
N GLY D 326 6.52 37.06 -3.17
CA GLY D 326 5.15 36.79 -3.57
C GLY D 326 4.31 38.04 -3.65
N GLY D 327 3.24 38.09 -2.87
CA GLY D 327 2.57 39.35 -2.62
C GLY D 327 3.19 40.17 -1.52
N ALA D 328 4.11 39.59 -0.76
CA ALA D 328 4.71 40.24 0.40
C ALA D 328 6.21 40.39 0.22
N LYS D 329 6.79 41.33 0.97
CA LYS D 329 8.22 41.57 0.93
C LYS D 329 8.96 40.54 1.78
N VAL D 330 10.08 40.07 1.25
CA VAL D 330 10.96 39.17 1.98
C VAL D 330 11.53 39.93 3.17
N PRO D 331 11.36 39.45 4.41
CA PRO D 331 11.89 40.19 5.56
C PRO D 331 13.39 40.37 5.49
N HIS D 332 13.82 41.58 5.78
CA HIS D 332 15.17 42.07 5.52
C HIS D 332 16.20 41.25 6.29
N LEU D 333 16.95 40.44 5.54
CA LEU D 333 18.06 39.67 6.09
C LEU D 333 19.29 39.84 5.21
N MET D 334 20.22 40.65 5.69
CA MET D 334 21.55 40.70 5.10
C MET D 334 22.25 39.36 5.26
N PRO D 335 23.20 39.05 4.37
CA PRO D 335 23.73 37.68 4.28
C PRO D 335 24.35 37.17 5.56
N GLY D 336 24.28 35.84 5.73
CA GLY D 336 25.00 35.15 6.78
C GLY D 336 24.19 34.76 8.00
N ASP D 337 22.87 34.84 7.95
CA ASP D 337 22.02 34.48 9.08
C ASP D 337 20.70 33.93 8.56
N SER D 338 20.32 32.76 9.03
CA SER D 338 19.06 32.13 8.65
C SER D 338 18.54 31.27 9.79
N LEU D 339 17.23 31.04 9.79
CA LEU D 339 16.59 30.21 10.79
C LEU D 339 16.72 28.73 10.40
N ASN D 340 16.90 27.88 11.40
CA ASN D 340 17.00 26.43 11.22
C ASN D 340 15.70 25.80 11.74
N LEU D 341 14.70 25.71 10.88
CA LEU D 341 13.40 25.18 11.27
C LEU D 341 13.32 23.68 10.99
N GLN D 342 14.34 22.97 11.47
CA GLN D 342 14.29 21.51 11.50
C GLN D 342 13.30 21.08 12.58
N THR D 343 12.57 20.01 12.30
CA THR D 343 11.35 19.68 13.03
C THR D 343 11.57 18.53 14.01
N ALA D 344 10.50 18.17 14.71
CA ALA D 344 10.48 17.01 15.59
C ALA D 344 10.03 15.79 14.79
N GLN D 345 9.66 14.72 15.48
CA GLN D 345 9.25 13.50 14.79
C GLN D 345 7.99 13.73 13.98
N ASP D 346 7.80 12.90 12.97
CA ASP D 346 6.73 13.11 11.99
C ASP D 346 5.88 11.86 11.80
N THR D 347 5.60 11.14 12.88
CA THR D 347 4.69 10.00 12.84
C THR D 347 3.26 10.53 12.97
N ASP D 348 2.26 9.73 12.61
CA ASP D 348 0.89 10.14 12.82
C ASP D 348 0.60 10.33 14.30
N ASN D 349 -0.22 11.33 14.59
CA ASN D 349 -0.50 11.73 15.97
C ASN D 349 -1.22 10.65 16.76
N GLY D 350 -1.91 9.72 16.10
CA GLY D 350 -2.63 8.68 16.82
C GLY D 350 -3.89 9.16 17.50
N TYR D 351 -4.08 10.47 17.60
CA TYR D 351 -5.24 11.04 18.27
C TYR D 351 -6.54 10.45 17.76
N SER D 352 -6.55 9.98 16.51
CA SER D 352 -7.76 9.37 15.96
C SER D 352 -8.23 8.20 16.83
N VAL D 353 -7.40 7.17 16.96
CA VAL D 353 -7.83 6.01 17.72
C VAL D 353 -7.76 6.29 19.22
N PHE D 354 -6.87 7.20 19.66
CA PHE D 354 -6.99 7.66 21.04
C PHE D 354 -8.40 8.16 21.35
N GLU D 355 -8.90 9.09 20.53
CA GLU D 355 -10.16 9.75 20.83
C GLU D 355 -11.34 8.79 20.65
N GLN D 356 -11.31 7.93 19.62
CA GLN D 356 -12.38 6.95 19.51
C GLN D 356 -12.41 6.01 20.72
N SER D 357 -11.25 5.50 21.12
CA SER D 357 -11.18 4.62 22.28
C SER D 357 -11.67 5.33 23.53
N LEU D 358 -11.27 6.58 23.76
CA LEU D 358 -11.65 7.26 24.99
C LEU D 358 -13.11 7.72 24.97
N LEU D 359 -13.67 7.98 23.78
CA LEU D 359 -15.06 8.41 23.71
C LEU D 359 -15.99 7.24 23.96
N ARG D 360 -15.80 6.13 23.22
CA ARG D 360 -16.17 4.80 23.66
C ARG D 360 -16.13 4.63 25.19
N TYR D 361 -14.93 4.73 25.73
CA TYR D 361 -14.60 4.55 27.13
C TYR D 361 -15.56 5.30 28.04
N ILE D 362 -15.58 6.61 27.94
CA ILE D 362 -16.31 7.40 28.93
C ILE D 362 -17.79 7.43 28.57
N ALA D 363 -18.12 7.05 27.33
CA ALA D 363 -19.51 7.02 26.92
C ALA D 363 -20.28 5.98 27.70
N ALA D 364 -19.83 4.73 27.68
CA ALA D 364 -20.50 3.79 28.59
C ALA D 364 -19.76 3.71 29.92
N GLY D 365 -19.01 4.77 30.21
CA GLY D 365 -18.80 5.16 31.59
C GLY D 365 -19.96 5.95 32.14
N LEU D 366 -19.97 7.26 31.94
CA LEU D 366 -21.11 8.11 32.32
C LEU D 366 -22.48 7.49 32.02
N GLY D 367 -22.59 6.62 31.01
CA GLY D 367 -23.76 5.77 30.93
C GLY D 367 -24.54 5.84 29.64
N VAL D 368 -24.67 7.01 29.06
CA VAL D 368 -25.39 7.18 27.81
C VAL D 368 -24.38 7.17 26.68
N SER D 369 -24.63 6.29 25.71
CA SER D 369 -23.66 6.01 24.68
C SER D 369 -23.48 7.23 23.77
N TYR D 370 -22.23 7.43 23.30
CA TYR D 370 -21.96 8.57 22.44
C TYR D 370 -22.48 8.35 21.01
N GLU D 371 -22.71 7.09 20.59
CA GLU D 371 -23.19 6.95 19.21
C GLU D 371 -24.51 7.67 19.03
N GLN D 372 -25.03 8.27 20.11
CA GLN D 372 -26.09 9.25 20.09
C GLN D 372 -25.81 10.48 20.95
N LEU D 373 -24.86 10.46 21.89
CA LEU D 373 -24.53 11.73 22.55
C LEU D 373 -23.79 12.65 21.60
N SER D 374 -23.19 12.10 20.56
CA SER D 374 -22.88 12.89 19.38
C SER D 374 -23.07 12.17 18.04
N ARG D 375 -23.69 10.97 18.05
CA ARG D 375 -24.56 10.44 16.98
C ARG D 375 -23.83 9.66 15.86
N ASN D 376 -22.60 9.22 16.09
CA ASN D 376 -21.97 8.45 15.00
C ASN D 376 -22.87 7.38 14.37
N TYR D 377 -22.68 7.11 13.08
CA TYR D 377 -23.42 6.04 12.43
C TYR D 377 -22.48 4.99 11.87
N ALA D 378 -21.25 4.98 12.41
CA ALA D 378 -20.15 4.18 11.91
C ALA D 378 -20.44 2.71 12.17
N GLN D 379 -20.46 1.94 11.08
CA GLN D 379 -20.51 0.47 11.07
C GLN D 379 -21.54 -0.11 12.05
N MET D 380 -22.59 0.63 12.35
CA MET D 380 -23.57 0.16 13.32
C MET D 380 -24.63 -0.67 12.60
N SER D 381 -25.04 -1.78 13.24
CA SER D 381 -25.82 -2.81 12.59
C SER D 381 -27.15 -3.03 13.30
N TYR D 382 -27.85 -4.09 12.92
CA TYR D 382 -29.24 -4.27 13.35
C TYR D 382 -29.32 -4.75 14.79
N SER D 383 -28.62 -5.86 15.07
CA SER D 383 -28.51 -6.32 16.46
C SER D 383 -27.85 -5.28 17.33
N THR D 384 -26.82 -4.62 16.80
CA THR D 384 -26.26 -3.44 17.45
C THR D 384 -27.36 -2.52 17.93
N ALA D 385 -28.20 -2.07 17.00
CA ALA D 385 -29.20 -1.06 17.30
C ALA D 385 -30.19 -1.55 18.35
N ARG D 386 -30.81 -2.71 18.14
CA ARG D 386 -31.90 -3.03 19.06
C ARG D 386 -31.38 -3.53 20.40
N ALA D 387 -30.24 -4.21 20.45
CA ALA D 387 -29.65 -4.59 21.72
C ALA D 387 -29.26 -3.35 22.53
N SER D 388 -28.54 -2.41 21.91
CA SER D 388 -28.14 -1.20 22.61
C SER D 388 -29.38 -0.44 23.09
N ALA D 389 -30.38 -0.31 22.22
CA ALA D 389 -31.58 0.44 22.57
C ALA D 389 -32.33 -0.21 23.73
N ASN D 390 -32.51 -1.53 23.70
CA ASN D 390 -33.31 -2.13 24.76
C ASN D 390 -32.57 -2.13 26.09
N GLU D 391 -31.25 -2.39 26.08
CA GLU D 391 -30.52 -2.33 27.34
C GLU D 391 -30.51 -0.91 27.90
N SER D 392 -30.27 0.10 27.05
CA SER D 392 -30.23 1.47 27.53
C SER D 392 -31.60 1.92 28.05
N TRP D 393 -32.68 1.50 27.36
CA TRP D 393 -34.01 1.90 27.78
C TRP D 393 -34.41 1.22 29.09
N ALA D 394 -34.08 -0.06 29.26
CA ALA D 394 -34.33 -0.73 30.54
C ALA D 394 -33.53 -0.05 31.65
N TYR D 395 -32.33 0.43 31.33
CA TYR D 395 -31.49 1.06 32.33
C TYR D 395 -32.02 2.44 32.72
N PHE D 396 -32.59 3.15 31.75
CA PHE D 396 -33.32 4.37 32.06
C PHE D 396 -34.59 4.09 32.84
N MET D 397 -35.22 2.94 32.60
CA MET D 397 -36.35 2.55 33.44
C MET D 397 -35.88 2.36 34.88
N GLY D 398 -34.69 1.76 35.04
CA GLY D 398 -34.05 1.66 36.34
C GLY D 398 -33.87 3.00 37.01
N ARG D 399 -33.14 3.92 36.35
CA ARG D 399 -32.97 5.27 36.92
C ARG D 399 -34.30 5.95 37.21
N ARG D 400 -35.30 5.80 36.32
CA ARG D 400 -36.60 6.41 36.57
C ARG D 400 -37.21 5.88 37.86
N LYS D 401 -37.33 4.57 37.98
CA LYS D 401 -37.92 3.97 39.17
C LYS D 401 -37.09 4.21 40.41
N PHE D 402 -35.81 4.58 40.25
CA PHE D 402 -34.95 4.81 41.40
C PHE D 402 -34.96 6.25 41.89
N VAL D 403 -35.08 7.24 41.01
CA VAL D 403 -34.89 8.65 41.38
C VAL D 403 -36.09 9.50 40.97
N ALA D 404 -37.22 8.88 40.64
CA ALA D 404 -38.42 9.67 40.37
C ALA D 404 -39.55 9.31 41.32
N SER D 405 -39.66 8.02 41.66
CA SER D 405 -40.78 7.57 42.47
C SER D 405 -40.72 8.15 43.89
N ARG D 406 -39.52 8.44 44.39
CA ARG D 406 -39.42 9.09 45.69
C ARG D 406 -40.16 10.43 45.69
N GLN D 407 -39.81 11.30 44.75
CA GLN D 407 -40.44 12.61 44.69
C GLN D 407 -41.92 12.49 44.41
N ALA D 408 -42.27 11.57 43.49
CA ALA D 408 -43.67 11.37 43.16
C ALA D 408 -44.48 10.97 44.39
N SER D 409 -44.01 9.95 45.13
CA SER D 409 -44.73 9.49 46.30
C SER D 409 -44.78 10.54 47.39
N GLN D 410 -43.69 11.30 47.58
CA GLN D 410 -43.67 12.33 48.62
C GLN D 410 -44.68 13.42 48.32
N MET D 411 -44.69 13.91 47.07
CA MET D 411 -45.62 14.95 46.68
C MET D 411 -47.06 14.45 46.73
N PHE D 412 -47.28 13.21 46.30
CA PHE D 412 -48.61 12.63 46.33
C PHE D 412 -49.09 12.46 47.77
N LEU D 413 -48.21 12.06 48.67
CA LEU D 413 -48.59 11.93 50.08
C LEU D 413 -48.99 13.27 50.67
N CYS D 414 -48.20 14.32 50.39
CA CYS D 414 -48.56 15.64 50.91
C CYS D 414 -49.89 16.12 50.34
N TRP D 415 -50.07 15.96 49.02
CA TRP D 415 -51.32 16.41 48.39
C TRP D 415 -52.51 15.62 48.90
N LEU D 416 -52.34 14.31 49.09
CA LEU D 416 -53.44 13.48 49.58
C LEU D 416 -53.78 13.80 51.02
N GLU D 417 -52.77 14.10 51.85
CA GLU D 417 -53.04 14.55 53.20
C GLU D 417 -53.85 15.84 53.18
N GLU D 418 -53.47 16.77 52.31
CA GLU D 418 -54.24 18.01 52.19
C GLU D 418 -55.67 17.73 51.73
N ALA D 419 -55.84 16.81 50.78
CA ALA D 419 -57.16 16.48 50.28
C ALA D 419 -58.03 15.86 51.37
N ILE D 420 -57.44 15.00 52.20
CA ILE D 420 -58.18 14.42 53.33
C ILE D 420 -58.54 15.50 54.34
N VAL D 421 -57.65 16.46 54.54
CA VAL D 421 -57.96 17.60 55.42
C VAL D 421 -59.16 18.37 54.88
N ARG D 422 -59.20 18.59 53.57
CA ARG D 422 -60.24 19.38 52.95
C ARG D 422 -61.49 18.58 52.61
N ARG D 423 -61.47 17.27 52.84
CA ARG D 423 -62.56 16.37 52.47
C ARG D 423 -62.93 16.52 50.99
N VAL D 424 -61.92 16.54 50.14
CA VAL D 424 -62.16 16.55 48.70
C VAL D 424 -62.57 15.17 48.22
N VAL D 425 -61.81 14.15 48.59
CA VAL D 425 -62.11 12.77 48.28
C VAL D 425 -62.45 12.05 49.58
N THR D 426 -63.32 11.06 49.48
CA THR D 426 -63.86 10.35 50.63
C THR D 426 -63.10 9.06 50.85
N LEU D 427 -62.53 8.91 52.04
CA LEU D 427 -61.85 7.67 52.40
C LEU D 427 -62.88 6.55 52.58
N PRO D 428 -62.48 5.29 52.38
CA PRO D 428 -63.41 4.18 52.61
C PRO D 428 -63.91 4.16 54.05
N SER D 429 -65.19 3.83 54.20
CA SER D 429 -65.80 3.81 55.53
C SER D 429 -65.26 2.66 56.37
N LYS D 430 -64.89 1.56 55.74
CA LYS D 430 -64.39 0.38 56.42
C LYS D 430 -62.89 0.42 56.64
N ALA D 431 -62.31 1.62 56.74
CA ALA D 431 -60.87 1.77 56.89
C ALA D 431 -60.36 0.95 58.07
N ARG D 432 -59.57 -0.08 57.76
CA ARG D 432 -58.99 -0.92 58.80
C ARG D 432 -58.00 -0.13 59.64
N PHE D 433 -57.29 0.81 59.03
CA PHE D 433 -56.41 1.72 59.73
C PHE D 433 -56.75 3.15 59.33
N SER D 434 -56.50 4.08 60.25
CA SER D 434 -56.78 5.48 59.98
C SER D 434 -55.85 6.00 58.89
N PHE D 435 -56.23 7.13 58.29
CA PHE D 435 -55.39 7.75 57.28
C PHE D 435 -54.01 8.07 57.83
N GLN D 436 -53.96 8.72 58.99
CA GLN D 436 -52.68 9.13 59.56
C GLN D 436 -51.82 7.92 59.89
N GLU D 437 -52.45 6.81 60.28
CA GLU D 437 -51.68 5.60 60.60
C GLU D 437 -51.19 4.88 59.36
N ALA D 438 -51.97 4.85 58.29
CA ALA D 438 -51.66 4.05 57.12
C ALA D 438 -51.52 4.92 55.88
N ARG D 439 -50.89 6.10 56.05
CA ARG D 439 -50.58 6.95 54.90
C ARG D 439 -49.84 6.17 53.83
N SER D 440 -48.90 5.31 54.22
CA SER D 440 -48.22 4.47 53.24
C SER D 440 -49.18 3.50 52.58
N ALA D 441 -50.08 2.89 53.37
CA ALA D 441 -51.03 1.93 52.80
C ALA D 441 -52.08 2.64 51.96
N TRP D 442 -52.67 3.73 52.48
CA TRP D 442 -53.65 4.49 51.70
C TRP D 442 -52.98 5.19 50.53
N GLY D 443 -51.88 5.88 50.76
CA GLY D 443 -51.22 6.65 49.73
C GLY D 443 -50.29 5.84 48.87
N ASN D 444 -50.49 4.52 48.81
CA ASN D 444 -49.71 3.68 47.92
C ASN D 444 -50.00 4.07 46.48
N CYS D 445 -48.93 4.33 45.71
CA CYS D 445 -49.11 4.84 44.36
C CYS D 445 -47.94 4.40 43.50
N ASP D 446 -48.19 4.41 42.19
CA ASP D 446 -47.16 4.21 41.18
C ASP D 446 -47.29 5.32 40.15
N TRP D 447 -46.26 5.48 39.33
CA TRP D 447 -46.20 6.58 38.39
C TRP D 447 -45.67 6.11 37.04
N ILE D 448 -46.12 6.78 35.99
CA ILE D 448 -45.80 6.44 34.61
C ILE D 448 -44.98 7.58 34.02
N GLY D 449 -43.85 7.24 33.42
CA GLY D 449 -42.92 8.22 32.89
C GLY D 449 -43.20 8.59 31.45
N SER D 450 -42.19 8.42 30.60
CA SER D 450 -42.29 8.82 29.21
C SER D 450 -43.29 7.94 28.46
N GLY D 451 -43.69 8.40 27.29
CA GLY D 451 -44.73 7.74 26.52
C GLY D 451 -44.29 6.42 25.90
N ARG D 452 -45.05 6.01 24.89
CA ARG D 452 -44.88 4.71 24.24
C ARG D 452 -43.56 4.64 23.46
N MET D 453 -42.68 3.72 23.86
CA MET D 453 -41.40 3.53 23.19
C MET D 453 -41.58 3.06 21.76
N ALA D 454 -40.88 3.71 20.84
CA ALA D 454 -40.81 3.22 19.46
C ALA D 454 -39.36 3.07 19.02
N ILE D 455 -38.99 1.86 18.61
CA ILE D 455 -37.63 1.60 18.13
C ILE D 455 -37.65 0.92 16.77
N ASP D 456 -38.48 -0.11 16.61
CA ASP D 456 -38.44 -0.95 15.41
C ASP D 456 -39.81 -1.06 14.75
N GLY D 457 -40.89 -0.99 15.51
CA GLY D 457 -42.21 -1.25 14.99
C GLY D 457 -42.55 -2.72 15.00
N LEU D 458 -41.96 -3.52 14.10
CA LEU D 458 -42.19 -4.96 14.04
C LEU D 458 -42.00 -5.59 15.41
N LYS D 459 -40.99 -5.14 16.14
CA LYS D 459 -40.74 -5.65 17.48
C LYS D 459 -41.97 -5.46 18.36
N GLU D 460 -42.36 -4.20 18.58
CA GLU D 460 -43.46 -3.88 19.47
C GLU D 460 -44.76 -4.55 19.02
N VAL D 461 -44.97 -4.66 17.71
CA VAL D 461 -46.25 -5.18 17.23
C VAL D 461 -46.31 -6.69 17.39
N GLN D 462 -45.19 -7.40 17.17
CA GLN D 462 -45.24 -8.84 17.39
C GLN D 462 -45.35 -9.13 18.89
N GLU D 463 -44.69 -8.32 19.72
CA GLU D 463 -44.89 -8.45 21.17
C GLU D 463 -46.35 -8.24 21.53
N ALA D 464 -46.97 -7.20 20.98
CA ALA D 464 -48.36 -6.89 21.29
C ALA D 464 -49.29 -8.01 20.87
N VAL D 465 -49.10 -8.54 19.66
CA VAL D 465 -49.98 -9.61 19.21
C VAL D 465 -49.79 -10.86 20.06
N MET D 466 -48.55 -11.17 20.44
CA MET D 466 -48.34 -12.36 21.28
C MET D 466 -48.99 -12.17 22.65
N LEU D 467 -48.83 -10.99 23.24
CA LEU D 467 -49.42 -10.75 24.56
C LEU D 467 -50.95 -10.79 24.49
N ILE D 468 -51.54 -10.23 23.43
CA ILE D 468 -52.99 -10.16 23.38
C ILE D 468 -53.58 -11.50 23.00
N GLU D 469 -52.81 -12.38 22.35
CA GLU D 469 -53.36 -13.70 22.05
C GLU D 469 -53.19 -14.66 23.22
N ALA D 470 -52.05 -14.61 23.92
CA ALA D 470 -51.82 -15.55 25.01
C ALA D 470 -52.34 -15.03 26.35
N GLY D 471 -52.80 -13.77 26.42
CA GLY D 471 -53.23 -13.22 27.68
C GLY D 471 -52.11 -12.98 28.66
N LEU D 472 -50.87 -12.96 28.19
CA LEU D 472 -49.71 -12.81 29.06
C LEU D 472 -49.48 -11.37 29.50
N SER D 473 -50.43 -10.47 29.24
CA SER D 473 -50.34 -9.08 29.65
C SER D 473 -51.62 -8.69 30.40
N THR D 474 -51.45 -7.97 31.50
CA THR D 474 -52.57 -7.52 32.32
C THR D 474 -52.93 -6.09 31.97
N TYR D 475 -53.96 -5.57 32.62
CA TYR D 475 -54.30 -4.16 32.50
C TYR D 475 -53.13 -3.28 32.92
N GLU D 476 -52.57 -3.54 34.10
CA GLU D 476 -51.56 -2.64 34.65
C GLU D 476 -50.28 -2.65 33.84
N LYS D 477 -49.75 -3.84 33.50
CA LYS D 477 -48.48 -3.83 32.78
C LYS D 477 -48.69 -3.55 31.29
N GLU D 478 -49.87 -3.88 30.75
CA GLU D 478 -50.18 -3.43 29.39
C GLU D 478 -50.19 -1.92 29.30
N CYS D 479 -50.88 -1.25 30.24
CA CYS D 479 -50.89 0.21 30.24
C CYS D 479 -49.51 0.78 30.55
N ALA D 480 -48.70 0.07 31.34
CA ALA D 480 -47.32 0.51 31.54
C ALA D 480 -46.53 0.46 30.25
N LYS D 481 -46.67 -0.62 29.48
CA LYS D 481 -45.98 -0.75 28.20
C LYS D 481 -46.47 0.25 27.17
N ARG D 482 -47.75 0.60 27.17
CA ARG D 482 -48.35 1.39 26.10
C ARG D 482 -48.49 2.87 26.44
N GLY D 483 -48.36 3.25 27.71
CA GLY D 483 -48.58 4.62 28.12
C GLY D 483 -50.03 5.07 27.97
N ASP D 484 -50.99 4.20 28.25
CA ASP D 484 -52.41 4.50 28.11
C ASP D 484 -53.16 4.00 29.35
N ASP D 485 -54.48 3.95 29.24
CA ASP D 485 -55.32 3.42 30.30
C ASP D 485 -56.33 2.46 29.71
N TYR D 486 -56.50 1.31 30.36
CA TYR D 486 -57.46 0.30 29.90
C TYR D 486 -58.90 0.80 29.98
N GLN D 487 -59.26 1.50 31.05
CA GLN D 487 -60.62 2.02 31.16
C GLN D 487 -60.95 2.96 30.01
N GLU D 488 -60.04 3.88 29.71
CA GLU D 488 -60.30 4.83 28.63
C GLU D 488 -60.21 4.19 27.27
N ILE D 489 -59.33 3.20 27.06
CA ILE D 489 -59.29 2.52 25.77
C ILE D 489 -60.58 1.75 25.55
N PHE D 490 -61.14 1.16 26.61
CA PHE D 490 -62.39 0.43 26.45
C PHE D 490 -63.57 1.38 26.21
N ALA D 491 -63.63 2.48 26.96
CA ALA D 491 -64.70 3.45 26.73
C ALA D 491 -64.62 4.04 25.33
N GLN D 492 -63.42 4.35 24.87
CA GLN D 492 -63.27 4.92 23.54
C GLN D 492 -63.48 3.89 22.46
N GLN D 493 -63.24 2.60 22.74
CA GLN D 493 -63.60 1.57 21.77
C GLN D 493 -65.12 1.41 21.68
N VAL D 494 -65.81 1.56 22.82
CA VAL D 494 -67.26 1.59 22.80
C VAL D 494 -67.74 2.74 21.92
N ARG D 495 -67.17 3.93 22.13
CA ARG D 495 -67.52 5.09 21.32
C ARG D 495 -67.19 4.85 19.85
N GLU D 496 -66.03 4.25 19.58
CA GLU D 496 -65.64 3.92 18.21
C GLU D 496 -66.69 3.04 17.55
N THR D 497 -67.04 1.93 18.20
CA THR D 497 -67.97 0.98 17.60
C THR D 497 -69.33 1.61 17.38
N MET D 498 -69.82 2.39 18.36
CA MET D 498 -71.15 2.95 18.21
C MET D 498 -71.18 4.05 17.15
N GLU D 499 -70.11 4.85 17.03
CA GLU D 499 -70.09 5.85 15.98
C GLU D 499 -69.95 5.22 14.60
N ARG D 500 -69.15 4.15 14.48
CA ARG D 500 -69.06 3.45 13.21
C ARG D 500 -70.40 2.85 12.83
N ARG D 501 -71.12 2.25 13.79
CA ARG D 501 -72.43 1.71 13.50
C ARG D 501 -73.41 2.81 13.09
N ALA D 502 -73.40 3.95 13.79
CA ALA D 502 -74.34 5.01 13.48
C ALA D 502 -74.04 5.68 12.14
N ALA D 503 -72.80 6.09 11.92
CA ALA D 503 -72.41 6.76 10.68
C ALA D 503 -72.32 5.81 9.50
N GLY D 504 -72.30 4.50 9.72
CA GLY D 504 -72.21 3.55 8.63
C GLY D 504 -70.84 2.97 8.41
N LEU D 505 -69.88 3.24 9.29
CA LEU D 505 -68.54 2.70 9.12
C LEU D 505 -68.49 1.23 9.58
N LYS D 506 -67.28 0.69 9.59
CA LYS D 506 -67.09 -0.72 9.91
C LYS D 506 -66.33 -0.87 11.22
N PRO D 507 -67.00 -1.21 12.33
CA PRO D 507 -66.41 -1.43 13.66
C PRO D 507 -65.15 -2.29 13.63
N GLN E 34 -6.07 30.77 23.71
CA GLN E 34 -7.32 30.97 23.00
C GLN E 34 -8.47 31.16 23.98
N LEU E 35 -8.29 30.64 25.19
CA LEU E 35 -9.25 30.89 26.27
C LEU E 35 -9.28 32.35 26.68
N ARG E 36 -8.43 33.18 26.07
CA ARG E 36 -8.34 34.58 26.44
C ARG E 36 -9.55 35.40 25.97
N SER E 37 -10.03 35.17 24.75
CA SER E 37 -11.11 35.98 24.20
C SER E 37 -12.49 35.51 24.62
N TRP E 38 -12.56 34.58 25.55
CA TRP E 38 -13.82 33.98 26.01
C TRP E 38 -13.59 33.40 27.39
N ASN E 39 -14.30 33.90 28.39
CA ASN E 39 -13.88 33.55 29.74
C ASN E 39 -15.04 33.15 30.65
N PRO E 40 -15.01 31.91 31.17
CA PRO E 40 -16.05 31.51 32.11
C PRO E 40 -15.63 31.82 33.54
N PRO E 41 -16.49 32.50 34.30
CA PRO E 41 -16.31 32.55 35.76
C PRO E 41 -16.77 31.25 36.40
N SER E 42 -16.28 31.02 37.62
CA SER E 42 -16.65 29.85 38.41
C SER E 42 -17.69 30.24 39.45
N GLU E 43 -18.96 30.03 39.11
CA GLU E 43 -20.07 30.44 39.95
C GLU E 43 -21.33 29.79 39.41
N SER E 44 -22.43 29.95 40.16
CA SER E 44 -23.73 29.53 39.67
C SER E 44 -24.01 30.13 38.28
N VAL E 45 -24.74 29.37 37.47
CA VAL E 45 -24.88 29.70 36.05
C VAL E 45 -25.55 31.05 35.85
N ASP E 46 -26.55 31.38 36.68
CA ASP E 46 -27.25 32.66 36.52
C ASP E 46 -26.31 33.83 36.75
N ALA E 47 -25.49 33.78 37.80
CA ALA E 47 -24.57 34.87 38.08
C ALA E 47 -23.31 34.79 37.22
N ALA E 48 -23.13 33.68 36.51
CA ALA E 48 -22.05 33.54 35.56
C ALA E 48 -22.43 34.00 34.16
N LEU E 49 -23.73 34.07 33.86
CA LEU E 49 -24.23 34.54 32.58
C LEU E 49 -24.72 35.98 32.59
N LEU E 50 -25.49 36.40 33.60
CA LEU E 50 -26.05 37.74 33.59
C LEU E 50 -24.99 38.85 33.50
N PRO E 51 -23.86 38.80 34.23
CA PRO E 51 -22.85 39.86 34.03
C PRO E 51 -22.33 39.96 32.61
N ASN E 52 -22.14 38.84 31.90
CA ASN E 52 -21.73 38.85 30.51
C ASN E 52 -22.88 38.56 29.57
N PHE E 53 -24.09 39.04 29.91
CA PHE E 53 -25.25 38.79 29.08
C PHE E 53 -25.14 39.49 27.72
N THR E 54 -24.75 40.76 27.72
CA THR E 54 -24.72 41.53 26.48
C THR E 54 -23.68 41.00 25.51
N ARG E 55 -22.49 40.65 26.00
CA ARG E 55 -21.44 40.17 25.10
C ARG E 55 -21.80 38.83 24.49
N GLY E 56 -22.25 37.88 25.31
CA GLY E 56 -22.63 36.58 24.79
C GLY E 56 -23.77 36.66 23.81
N ASN E 57 -24.80 37.45 24.13
CA ASN E 57 -25.93 37.61 23.22
C ASN E 57 -25.53 38.33 21.94
N ALA E 58 -24.61 39.29 22.04
CA ALA E 58 -24.17 40.03 20.85
C ALA E 58 -23.38 39.11 19.91
N ARG E 59 -22.49 38.30 20.46
CA ARG E 59 -21.75 37.37 19.61
C ARG E 59 -22.65 36.25 19.10
N ALA E 60 -23.70 35.93 19.87
CA ALA E 60 -24.72 35.02 19.35
C ALA E 60 -25.43 35.61 18.14
N ASP E 61 -25.78 36.90 18.22
CA ASP E 61 -26.34 37.59 17.06
C ASP E 61 -25.37 37.54 15.89
N ASP E 62 -24.09 37.78 16.17
CA ASP E 62 -23.07 37.76 15.13
C ASP E 62 -23.05 36.41 14.41
N LEU E 63 -23.06 35.32 15.18
CA LEU E 63 -22.94 34.00 14.54
C LEU E 63 -24.25 33.58 13.88
N VAL E 64 -25.40 33.89 14.47
CA VAL E 64 -26.66 33.55 13.83
C VAL E 64 -26.91 34.38 12.59
N ARG E 65 -26.23 35.52 12.45
CA ARG E 65 -26.35 36.33 11.24
C ARG E 65 -25.34 35.92 10.18
N ASN E 66 -24.10 35.65 10.57
CA ASN E 66 -23.05 35.27 9.63
C ASN E 66 -23.09 33.82 9.23
N ASN E 67 -23.77 32.96 9.99
CA ASN E 67 -23.66 31.53 9.86
C ASN E 67 -25.02 30.92 9.51
N GLY E 68 -25.01 29.91 8.64
CA GLY E 68 -26.26 29.32 8.19
C GLY E 68 -26.82 28.29 9.15
N TYR E 69 -25.97 27.74 10.02
CA TYR E 69 -26.41 26.67 10.92
C TYR E 69 -27.57 27.10 11.79
N ALA E 70 -27.53 28.32 12.33
CA ALA E 70 -28.62 28.79 13.17
C ALA E 70 -29.92 28.90 12.38
N ALA E 71 -29.84 29.39 11.15
CA ALA E 71 -31.03 29.48 10.31
C ALA E 71 -31.62 28.10 10.04
N ASN E 72 -30.76 27.13 9.69
CA ASN E 72 -31.27 25.78 9.44
C ASN E 72 -31.87 25.17 10.70
N ALA E 73 -31.23 25.40 11.85
CA ALA E 73 -31.72 24.83 13.09
C ALA E 73 -33.06 25.42 13.49
N ILE E 74 -33.21 26.74 13.37
CA ILE E 74 -34.47 27.35 13.73
C ILE E 74 -35.56 26.94 12.74
N GLN E 75 -35.19 26.78 11.46
CA GLN E 75 -36.18 26.37 10.46
C GLN E 75 -36.65 24.94 10.74
N LEU E 76 -35.74 24.03 11.07
CA LEU E 76 -36.15 22.66 11.36
C LEU E 76 -36.93 22.59 12.67
N HIS E 77 -36.55 23.40 13.66
CA HIS E 77 -37.33 23.44 14.90
C HIS E 77 -38.74 23.91 14.61
N GLN E 78 -38.88 24.94 13.77
CA GLN E 78 -40.21 25.39 13.36
C GLN E 78 -40.99 24.27 12.71
N ASP E 79 -40.37 23.59 11.74
CA ASP E 79 -41.09 22.61 10.93
C ASP E 79 -41.32 21.30 11.69
N HIS E 80 -40.61 21.06 12.79
CA HIS E 80 -40.91 19.91 13.63
C HIS E 80 -41.88 20.23 14.75
N ILE E 81 -41.85 21.45 15.28
CA ILE E 81 -42.69 21.78 16.43
C ILE E 81 -44.06 22.22 15.96
N VAL E 82 -44.12 23.25 15.11
CA VAL E 82 -45.40 23.77 14.64
C VAL E 82 -45.70 23.18 13.28
N GLY E 83 -44.70 23.17 12.41
CA GLY E 83 -44.91 22.73 11.04
C GLY E 83 -45.85 23.64 10.29
N SER E 84 -46.89 23.02 9.72
CA SER E 84 -47.88 23.79 8.96
C SER E 84 -48.67 24.72 9.86
N PHE E 85 -49.18 24.21 10.97
CA PHE E 85 -50.04 24.99 11.86
C PHE E 85 -50.00 24.41 13.27
N PHE E 86 -50.65 25.12 14.19
CA PHE E 86 -50.74 24.72 15.59
C PHE E 86 -52.23 24.72 15.95
N ARG E 87 -52.77 23.53 16.16
CA ARG E 87 -54.22 23.32 16.28
C ARG E 87 -54.64 23.28 17.73
N LEU E 88 -55.67 24.05 18.06
CA LEU E 88 -56.24 24.06 19.40
C LEU E 88 -57.27 22.96 19.55
N SER E 89 -57.32 22.37 20.75
CA SER E 89 -58.36 21.41 21.12
C SER E 89 -58.73 21.66 22.57
N HIS E 90 -59.97 22.10 22.79
CA HIS E 90 -60.44 22.48 24.12
C HIS E 90 -61.09 21.28 24.79
N ARG E 91 -60.58 20.90 25.96
CA ARG E 91 -61.12 19.80 26.74
C ARG E 91 -61.34 20.28 28.17
N PRO E 92 -62.45 20.98 28.43
CA PRO E 92 -62.78 21.33 29.81
C PRO E 92 -62.95 20.08 30.65
N SER E 93 -62.53 20.17 31.90
CA SER E 93 -62.53 19.01 32.78
C SER E 93 -63.98 18.69 33.13
N TRP E 94 -64.64 18.01 32.18
CA TRP E 94 -66.04 17.68 32.36
C TRP E 94 -66.26 16.75 33.53
N ARG E 95 -65.39 15.75 33.71
CA ARG E 95 -65.58 14.79 34.79
C ARG E 95 -65.45 15.46 36.15
N TYR E 96 -64.44 16.32 36.32
CA TYR E 96 -64.23 16.95 37.62
C TYR E 96 -65.25 18.06 37.88
N LEU E 97 -65.58 18.83 36.85
CA LEU E 97 -66.54 19.92 36.99
C LEU E 97 -67.99 19.45 36.97
N GLY E 98 -68.23 18.17 36.71
CA GLY E 98 -69.60 17.68 36.66
C GLY E 98 -70.29 17.97 35.35
N ILE E 99 -69.56 18.55 34.39
CA ILE E 99 -70.08 18.89 33.08
C ILE E 99 -70.25 17.60 32.28
N GLY E 100 -71.34 17.52 31.52
CA GLY E 100 -71.52 16.39 30.62
C GLY E 100 -70.50 16.41 29.51
N GLU E 101 -70.07 15.22 29.09
CA GLU E 101 -69.07 15.13 28.03
C GLU E 101 -69.63 15.62 26.70
N GLU E 102 -70.92 15.36 26.44
CA GLU E 102 -71.52 15.82 25.20
C GLU E 102 -71.63 17.35 25.18
N GLU E 103 -72.01 17.96 26.30
CA GLU E 103 -72.07 19.42 26.36
C GLU E 103 -70.68 20.01 26.23
N ALA E 104 -69.69 19.39 26.88
CA ALA E 104 -68.32 19.85 26.74
C ALA E 104 -67.86 19.76 25.28
N ARG E 105 -68.25 18.69 24.58
CA ARG E 105 -67.81 18.52 23.21
C ARG E 105 -68.48 19.53 22.28
N ALA E 106 -69.76 19.80 22.49
CA ALA E 106 -70.45 20.80 21.67
C ALA E 106 -69.93 22.20 21.94
N PHE E 107 -69.69 22.52 23.21
CA PHE E 107 -69.09 23.80 23.57
C PHE E 107 -67.71 23.94 22.97
N SER E 108 -66.95 22.83 22.96
CA SER E 108 -65.64 22.82 22.31
C SER E 108 -65.78 23.03 20.81
N ARG E 109 -66.80 22.43 20.18
CA ARG E 109 -67.05 22.68 18.77
C ARG E 109 -67.27 24.16 18.51
N GLU E 110 -68.09 24.80 19.32
CA GLU E 110 -68.35 26.23 19.16
C GLU E 110 -67.08 27.05 19.33
N VAL E 111 -66.31 26.77 20.38
CA VAL E 111 -65.10 27.55 20.63
C VAL E 111 -64.05 27.29 19.55
N GLU E 112 -64.01 26.06 19.01
CA GLU E 112 -63.03 25.75 17.97
C GLU E 112 -63.38 26.46 16.67
N ALA E 113 -64.66 26.48 16.30
CA ALA E 113 -65.07 27.23 15.13
C ALA E 113 -64.75 28.71 15.29
N ALA E 114 -65.08 29.27 16.46
CA ALA E 114 -64.79 30.68 16.71
C ALA E 114 -63.29 30.96 16.65
N TRP E 115 -62.48 30.08 17.24
CA TRP E 115 -61.04 30.32 17.30
C TRP E 115 -60.42 30.20 15.92
N LYS E 116 -60.84 29.20 15.13
CA LYS E 116 -60.28 29.06 13.79
C LYS E 116 -60.67 30.24 12.91
N GLU E 117 -61.92 30.69 12.99
CA GLU E 117 -62.31 31.83 12.15
C GLU E 117 -61.63 33.12 12.61
N PHE E 118 -61.35 33.25 13.92
CA PHE E 118 -60.67 34.44 14.40
C PHE E 118 -59.18 34.41 14.06
N ALA E 119 -58.59 33.21 14.01
CA ALA E 119 -57.17 33.07 13.72
C ALA E 119 -56.88 33.18 12.24
N GLU E 120 -57.83 32.80 11.38
CA GLU E 120 -57.61 32.76 9.94
C GLU E 120 -57.69 34.14 9.30
N ASP E 121 -57.61 35.22 10.08
CA ASP E 121 -57.71 36.56 9.52
C ASP E 121 -56.66 36.78 8.44
N ASP E 122 -57.11 37.21 7.27
CA ASP E 122 -56.23 37.25 6.10
C ASP E 122 -55.46 38.56 6.02
N CYS E 123 -55.82 39.55 6.84
CA CYS E 123 -55.16 40.85 6.76
C CYS E 123 -54.04 41.03 7.77
N CYS E 124 -53.57 39.95 8.40
CA CYS E 124 -52.46 40.00 9.36
C CYS E 124 -52.79 40.88 10.55
N CYS E 125 -54.08 40.95 10.90
CA CYS E 125 -54.55 42.04 11.76
C CYS E 125 -54.60 41.63 13.23
N ILE E 126 -54.14 40.44 13.59
CA ILE E 126 -54.29 39.96 14.95
C ILE E 126 -53.18 40.50 15.85
N ASP E 127 -52.18 41.16 15.27
CA ASP E 127 -51.09 41.74 16.03
C ASP E 127 -51.21 43.27 16.06
N VAL E 128 -50.65 43.87 17.11
CA VAL E 128 -50.61 45.33 17.20
C VAL E 128 -49.73 45.90 16.09
N GLU E 129 -48.63 45.21 15.76
CA GLU E 129 -47.83 45.57 14.60
C GLU E 129 -48.59 45.39 13.29
N ARG E 130 -49.70 44.64 13.32
CA ARG E 130 -50.62 44.51 12.19
C ARG E 130 -49.96 43.78 11.02
N LYS E 131 -48.89 43.03 11.29
CA LYS E 131 -48.18 42.31 10.25
C LYS E 131 -47.84 40.87 10.60
N ARG E 132 -48.52 40.25 11.57
CA ARG E 132 -48.27 38.86 11.89
C ARG E 132 -49.58 38.19 12.28
N THR E 133 -49.84 37.01 11.72
CA THR E 133 -50.98 36.21 12.15
C THR E 133 -50.57 35.32 13.33
N PHE E 134 -51.47 34.41 13.72
CA PHE E 134 -51.17 33.49 14.82
C PHE E 134 -49.97 32.62 14.51
N THR E 135 -49.82 32.22 13.24
CA THR E 135 -48.69 31.38 12.84
C THR E 135 -47.38 32.06 13.19
N MET E 136 -47.21 33.31 12.79
CA MET E 136 -45.99 34.04 13.10
C MET E 136 -45.90 34.55 14.53
N MET E 137 -47.03 34.70 15.24
CA MET E 137 -46.97 34.75 16.70
C MET E 137 -46.17 33.58 17.24
N ILE E 138 -46.61 32.36 16.91
CA ILE E 138 -45.92 31.18 17.42
C ILE E 138 -44.50 31.12 16.88
N ARG E 139 -44.31 31.53 15.62
CA ARG E 139 -43.00 31.48 14.99
C ARG E 139 -41.99 32.35 15.72
N GLU E 140 -42.28 33.64 15.85
CA GLU E 140 -41.35 34.54 16.54
C GLU E 140 -41.21 34.18 18.00
N GLY E 141 -42.30 33.77 18.65
CA GLY E 141 -42.21 33.38 20.05
C GLY E 141 -41.27 32.21 20.25
N VAL E 142 -41.43 31.15 19.47
CA VAL E 142 -40.58 29.98 19.63
C VAL E 142 -39.14 30.29 19.22
N ALA E 143 -38.97 31.11 18.18
CA ALA E 143 -37.61 31.46 17.74
C ALA E 143 -36.87 32.23 18.83
N MET E 144 -37.54 33.19 19.46
CA MET E 144 -36.90 34.00 20.48
C MET E 144 -36.74 33.23 21.79
N HIS E 145 -37.67 32.31 22.09
CA HIS E 145 -37.51 31.45 23.26
C HIS E 145 -36.45 30.39 23.02
N ALA E 146 -36.09 30.16 21.76
CA ALA E 146 -34.95 29.29 21.47
C ALA E 146 -33.64 30.04 21.58
N PHE E 147 -33.56 31.21 20.94
CA PHE E 147 -32.36 32.03 21.01
C PHE E 147 -32.04 32.52 22.40
N ASN E 148 -32.89 33.35 23.00
CA ASN E 148 -32.64 33.89 24.33
C ASN E 148 -33.17 33.04 25.45
N GLY E 149 -33.95 32.00 25.16
CA GLY E 149 -34.54 31.17 26.19
C GLY E 149 -35.84 31.71 26.77
N GLU E 150 -36.27 32.89 26.35
CA GLU E 150 -37.47 33.51 26.91
C GLU E 150 -38.28 34.12 25.77
N LEU E 151 -39.58 34.23 25.99
CA LEU E 151 -40.43 35.00 25.10
C LEU E 151 -41.39 35.85 25.90
N PHE E 152 -41.73 37.00 25.32
CA PHE E 152 -42.46 38.08 25.96
C PHE E 152 -43.67 38.41 25.11
N VAL E 153 -44.86 38.05 25.57
CA VAL E 153 -46.09 38.42 24.88
C VAL E 153 -46.85 39.39 25.78
N GLN E 154 -47.59 40.31 25.18
CA GLN E 154 -48.39 41.28 25.91
C GLN E 154 -49.80 41.30 25.32
N ALA E 155 -50.80 41.12 26.19
CA ALA E 155 -52.20 41.15 25.78
C ALA E 155 -52.70 42.59 25.86
N THR E 156 -52.83 43.22 24.71
CA THR E 156 -53.25 44.62 24.62
C THR E 156 -54.65 44.70 24.03
N TRP E 157 -55.31 45.82 24.27
CA TRP E 157 -56.68 46.05 23.82
C TRP E 157 -56.64 46.87 22.53
N ASP E 158 -56.70 46.17 21.41
CA ASP E 158 -56.83 46.79 20.10
C ASP E 158 -58.17 47.50 19.99
N THR E 159 -58.20 48.57 19.21
CA THR E 159 -59.43 49.31 18.94
C THR E 159 -59.98 49.08 17.54
N SER E 160 -59.26 48.33 16.69
CA SER E 160 -59.72 48.09 15.33
C SER E 160 -60.94 47.16 15.35
N SER E 161 -62.08 47.67 14.88
CA SER E 161 -63.36 46.99 15.01
C SER E 161 -63.65 46.04 13.86
N SER E 162 -62.65 45.68 13.06
CA SER E 162 -62.87 44.75 11.96
C SER E 162 -63.16 43.34 12.46
N ARG E 163 -62.88 43.04 13.72
CA ARG E 163 -63.12 41.74 14.31
C ARG E 163 -63.93 41.91 15.59
N LEU E 164 -64.55 40.82 16.03
CA LEU E 164 -65.38 40.91 17.24
C LEU E 164 -64.52 41.05 18.50
N PHE E 165 -63.29 40.56 18.45
CA PHE E 165 -62.44 40.46 19.64
C PHE E 165 -61.44 41.60 19.64
N ARG E 166 -61.52 42.47 20.64
CA ARG E 166 -60.64 43.62 20.78
C ARG E 166 -59.32 43.31 21.47
N THR E 167 -58.90 42.06 21.56
CA THR E 167 -57.62 41.76 22.19
C THR E 167 -56.61 41.32 21.14
N GLN E 168 -55.47 42.02 21.08
CA GLN E 168 -54.34 41.60 20.27
C GLN E 168 -53.18 41.25 21.20
N PHE E 169 -52.14 40.65 20.63
CA PHE E 169 -51.00 40.22 21.42
C PHE E 169 -49.71 40.68 20.75
N ARG E 170 -49.09 41.69 21.37
CA ARG E 170 -47.87 42.30 20.85
C ARG E 170 -46.67 41.68 21.55
N MET E 171 -45.68 41.24 20.79
CA MET E 171 -44.52 40.60 21.38
C MET E 171 -43.46 41.66 21.70
N VAL E 172 -42.78 41.47 22.82
CA VAL E 172 -41.90 42.47 23.44
C VAL E 172 -40.46 41.97 23.35
N SER E 173 -39.57 42.84 22.90
CA SER E 173 -38.17 42.45 22.70
C SER E 173 -37.49 42.17 24.04
N PRO E 174 -36.50 41.26 24.05
CA PRO E 174 -35.74 41.03 25.29
C PRO E 174 -34.75 42.15 25.60
N LYS E 175 -34.39 42.97 24.61
CA LYS E 175 -33.53 44.11 24.89
C LYS E 175 -34.23 45.11 25.78
N ARG E 176 -35.56 45.13 25.75
CA ARG E 176 -36.36 46.05 26.55
C ARG E 176 -36.23 45.82 28.04
N ILE E 177 -36.02 44.57 28.47
CA ILE E 177 -35.98 44.22 29.89
C ILE E 177 -34.58 44.49 30.43
N SER E 178 -34.40 45.68 30.99
CA SER E 178 -33.22 46.01 31.78
C SER E 178 -33.70 46.83 32.96
N ASN E 179 -32.82 46.98 33.96
CA ASN E 179 -33.19 47.79 35.11
C ASN E 179 -33.46 49.22 34.67
N PRO E 180 -34.32 49.97 35.40
CA PRO E 180 -34.67 51.32 34.96
C PRO E 180 -33.43 52.17 34.74
N ASN E 181 -33.25 52.56 33.48
CA ASN E 181 -32.08 53.33 33.03
C ASN E 181 -30.80 52.50 33.15
N ASN E 182 -30.86 51.25 32.67
CA ASN E 182 -29.68 50.42 32.44
C ASN E 182 -28.83 50.26 33.70
N THR E 183 -29.41 50.48 34.86
CA THR E 183 -28.66 50.31 36.10
C THR E 183 -28.34 48.84 36.29
N GLY E 184 -27.25 48.57 37.01
CA GLY E 184 -26.88 47.19 37.28
C GLY E 184 -27.90 46.52 38.19
N ASP E 185 -27.77 45.20 38.31
CA ASP E 185 -28.66 44.44 39.18
C ASP E 185 -28.68 45.04 40.58
N SER E 186 -29.84 44.93 41.25
CA SER E 186 -30.00 45.47 42.58
C SER E 186 -30.57 44.41 43.52
N ARG E 187 -30.98 44.83 44.73
CA ARG E 187 -31.54 43.89 45.69
C ARG E 187 -32.73 43.15 45.11
N ASN E 188 -33.78 43.88 44.74
CA ASN E 188 -34.99 43.27 44.20
C ASN E 188 -35.25 43.64 42.74
N CYS E 189 -34.61 44.70 42.22
CA CYS E 189 -34.65 45.04 40.81
C CYS E 189 -33.44 44.39 40.16
N ARG E 190 -33.68 43.30 39.44
CA ARG E 190 -32.61 42.42 38.99
C ARG E 190 -32.72 42.22 37.49
N ALA E 191 -31.84 42.90 36.74
CA ALA E 191 -31.80 42.80 35.28
C ALA E 191 -33.14 43.15 34.65
N GLY E 192 -33.87 44.07 35.28
CA GLY E 192 -35.11 44.55 34.74
C GLY E 192 -36.38 44.00 35.37
N VAL E 193 -36.29 42.91 36.13
CA VAL E 193 -37.45 42.34 36.77
C VAL E 193 -37.44 42.75 38.24
N GLN E 194 -38.58 43.26 38.70
CA GLN E 194 -38.79 43.62 40.08
C GLN E 194 -39.45 42.45 40.78
N ILE E 195 -38.72 41.83 41.71
CA ILE E 195 -39.20 40.66 42.41
C ILE E 195 -39.14 40.94 43.91
N ASN E 196 -39.62 39.98 44.69
CA ASN E 196 -39.53 40.07 46.14
C ASN E 196 -38.27 39.34 46.62
N ASP E 197 -38.12 39.21 47.94
CA ASP E 197 -37.03 38.40 48.47
C ASP E 197 -37.21 36.94 48.09
N SER E 198 -38.45 36.48 48.03
CA SER E 198 -38.76 35.11 47.64
C SER E 198 -38.64 34.89 46.15
N GLY E 199 -38.42 35.94 45.37
CA GLY E 199 -38.21 35.83 43.94
C GLY E 199 -39.42 36.03 43.07
N ALA E 200 -40.62 36.15 43.65
CA ALA E 200 -41.84 36.24 42.87
C ALA E 200 -41.79 37.43 41.90
N ALA E 201 -41.93 37.11 40.62
CA ALA E 201 -41.79 38.11 39.56
C ALA E 201 -43.02 39.03 39.58
N LEU E 202 -42.84 40.23 40.12
CA LEU E 202 -43.93 41.20 40.14
C LEU E 202 -44.10 41.87 38.78
N GLY E 203 -43.07 42.57 38.31
CA GLY E 203 -43.18 43.27 37.05
C GLY E 203 -41.82 43.50 36.43
N TYR E 204 -41.82 44.35 35.40
CA TYR E 204 -40.70 44.48 34.48
C TYR E 204 -40.53 45.93 34.09
N TYR E 205 -39.31 46.29 33.72
CA TYR E 205 -38.97 47.62 33.23
C TYR E 205 -38.62 47.52 31.75
N VAL E 206 -39.59 47.86 30.90
CA VAL E 206 -39.45 47.80 29.45
C VAL E 206 -38.77 49.07 28.97
N SER E 207 -37.55 48.95 28.46
CA SER E 207 -36.86 50.07 27.84
C SER E 207 -37.50 50.37 26.50
N GLU E 208 -37.45 51.64 26.11
CA GLU E 208 -38.04 52.05 24.84
C GLU E 208 -37.29 51.42 23.67
N ASP E 209 -38.01 51.19 22.58
CA ASP E 209 -37.45 50.59 21.38
C ASP E 209 -36.27 51.42 20.87
N GLY E 210 -35.32 50.74 20.23
CA GLY E 210 -34.15 51.36 19.65
C GLY E 210 -34.10 51.40 18.13
N TYR E 211 -35.24 51.26 17.46
CA TYR E 211 -35.31 51.32 15.99
C TYR E 211 -36.24 52.44 15.55
N PRO E 212 -35.70 53.51 14.94
CA PRO E 212 -34.36 53.67 14.37
C PRO E 212 -33.26 53.73 15.42
N GLY E 213 -32.01 53.54 15.02
CA GLY E 213 -30.92 53.38 15.95
C GLY E 213 -30.65 54.58 16.83
N TRP E 214 -31.54 55.59 16.78
CA TRP E 214 -31.36 56.76 17.60
C TRP E 214 -32.58 57.12 18.44
N MET E 215 -33.33 56.12 18.91
CA MET E 215 -34.27 56.50 19.96
C MET E 215 -33.63 56.24 21.32
N PRO E 216 -33.84 57.14 22.28
CA PRO E 216 -33.40 56.86 23.65
C PRO E 216 -34.30 55.81 24.28
N GLN E 217 -33.78 55.13 25.30
CA GLN E 217 -34.58 54.15 26.01
C GLN E 217 -35.18 54.77 27.27
N LYS E 218 -36.48 54.57 27.48
CA LYS E 218 -37.15 54.90 28.72
C LYS E 218 -37.84 53.65 29.26
N TRP E 219 -37.72 53.43 30.56
CA TRP E 219 -38.17 52.18 31.18
C TRP E 219 -39.57 52.38 31.76
N THR E 220 -40.48 51.48 31.38
CA THR E 220 -41.88 51.54 31.76
C THR E 220 -42.26 50.29 32.54
N TRP E 221 -43.16 50.45 33.52
CA TRP E 221 -43.56 49.38 34.41
C TRP E 221 -44.56 48.47 33.70
N ILE E 222 -44.35 47.16 33.81
CA ILE E 222 -45.27 46.18 33.24
C ILE E 222 -45.44 45.01 34.20
N PRO E 223 -46.62 44.80 34.79
CA PRO E 223 -46.79 43.65 35.68
C PRO E 223 -46.82 42.35 34.90
N ARG E 224 -46.45 41.26 35.57
CA ARG E 224 -46.41 39.96 34.89
C ARG E 224 -47.82 39.47 34.56
N GLU E 225 -48.72 39.52 35.53
CA GLU E 225 -50.10 39.11 35.31
C GLU E 225 -51.02 39.94 36.18
N LEU E 226 -52.28 40.03 35.77
CA LEU E 226 -53.28 40.72 36.56
C LEU E 226 -53.70 39.86 37.75
N PRO E 227 -54.14 40.50 38.84
CA PRO E 227 -54.50 39.72 40.04
C PRO E 227 -55.60 38.71 39.81
N GLY E 228 -56.57 39.02 38.95
CA GLY E 228 -57.66 38.11 38.67
C GLY E 228 -57.31 36.92 37.81
N GLY E 229 -56.02 36.64 37.63
CA GLY E 229 -55.58 35.56 36.77
C GLY E 229 -55.44 35.93 35.31
N ARG E 230 -55.78 37.15 34.93
CA ARG E 230 -55.63 37.56 33.54
C ARG E 230 -54.15 37.59 33.15
N ALA E 231 -53.86 36.99 32.01
CA ALA E 231 -52.47 36.88 31.54
C ALA E 231 -52.13 38.10 30.71
N SER E 232 -51.61 39.14 31.37
CA SER E 232 -51.26 40.35 30.64
C SER E 232 -49.88 40.22 30.00
N PHE E 233 -48.84 40.03 30.79
CA PHE E 233 -47.48 39.92 30.29
C PHE E 233 -47.03 38.46 30.40
N ILE E 234 -47.21 37.72 29.32
CA ILE E 234 -46.85 36.31 29.23
C ILE E 234 -45.34 36.23 29.07
N HIS E 235 -44.66 35.87 30.16
CA HIS E 235 -43.21 35.73 30.19
C HIS E 235 -42.86 34.26 30.32
N VAL E 236 -42.63 33.59 29.19
CA VAL E 236 -42.37 32.15 29.20
C VAL E 236 -40.89 31.93 28.96
N PHE E 237 -40.20 31.38 29.96
CA PHE E 237 -38.79 31.06 29.81
C PHE E 237 -38.52 29.78 30.59
N GLU E 238 -37.48 29.07 30.16
CA GLU E 238 -37.07 27.84 30.84
C GLU E 238 -35.94 28.16 31.81
N PRO E 239 -36.16 28.11 33.12
CA PRO E 239 -35.08 28.30 34.08
C PRO E 239 -34.36 26.99 34.39
N VAL E 240 -33.05 27.01 34.13
CA VAL E 240 -32.19 25.87 34.44
C VAL E 240 -32.06 25.63 35.93
N GLU E 241 -32.13 26.68 36.74
CA GLU E 241 -32.07 26.55 38.19
C GLU E 241 -33.03 27.54 38.82
N ASP E 242 -33.12 27.48 40.15
CA ASP E 242 -33.97 28.40 40.89
C ASP E 242 -33.44 29.83 40.82
N GLY E 243 -34.36 30.79 40.84
CA GLY E 243 -33.99 32.18 40.84
C GLY E 243 -33.45 32.70 39.53
N GLN E 244 -33.28 31.84 38.53
CA GLN E 244 -32.81 32.26 37.22
C GLN E 244 -33.91 33.07 36.53
N THR E 245 -33.51 34.12 35.83
CA THR E 245 -34.47 35.02 35.19
C THR E 245 -34.44 34.95 33.67
N ARG E 246 -33.38 34.42 33.08
CA ARG E 246 -33.20 34.41 31.65
C ARG E 246 -33.03 32.97 31.16
N GLY E 247 -33.18 32.77 29.85
CA GLY E 247 -33.09 31.44 29.30
C GLY E 247 -31.67 31.06 28.92
N ALA E 248 -31.59 30.14 27.96
CA ALA E 248 -30.32 29.56 27.53
C ALA E 248 -29.78 30.31 26.31
N ASN E 249 -28.49 30.15 26.06
CA ASN E 249 -27.82 30.87 24.98
C ASN E 249 -27.56 29.96 23.79
N VAL E 250 -26.83 30.49 22.81
CA VAL E 250 -26.29 29.63 21.75
C VAL E 250 -24.77 29.82 21.61
N PHE E 251 -24.30 31.06 21.48
CA PHE E 251 -22.89 31.35 21.20
C PHE E 251 -21.92 30.74 22.20
N TYR E 252 -22.35 30.61 23.45
CA TYR E 252 -21.47 30.15 24.51
C TYR E 252 -21.14 28.68 24.34
N SER E 253 -21.66 28.06 23.28
CA SER E 253 -21.23 26.76 22.81
C SER E 253 -20.95 26.74 21.31
N VAL E 254 -20.85 27.91 20.66
CA VAL E 254 -20.69 27.98 19.21
C VAL E 254 -19.43 28.75 18.83
N MET E 255 -18.75 29.33 19.83
CA MET E 255 -17.47 29.98 19.53
C MET E 255 -16.51 29.00 18.85
N GLU E 256 -16.64 27.70 19.17
CA GLU E 256 -15.69 26.73 18.65
C GLU E 256 -15.95 26.41 17.19
N GLN E 257 -17.22 26.40 16.75
CA GLN E 257 -17.45 26.39 15.31
C GLN E 257 -16.90 27.64 14.65
N MET E 258 -17.10 28.81 15.28
CA MET E 258 -16.56 30.02 14.70
C MET E 258 -15.07 29.87 14.40
N LYS E 259 -14.31 29.40 15.40
CA LYS E 259 -12.85 29.41 15.25
C LYS E 259 -12.34 28.18 14.50
N MET E 260 -13.04 27.04 14.53
CA MET E 260 -12.75 25.95 13.61
C MET E 260 -13.02 26.31 12.15
N LEU E 261 -14.15 26.98 11.86
CA LEU E 261 -14.36 27.37 10.47
C LEU E 261 -13.29 28.35 10.03
N ASP E 262 -12.91 29.28 10.93
CA ASP E 262 -11.81 30.19 10.59
C ASP E 262 -10.51 29.45 10.32
N THR E 263 -10.15 28.49 11.18
CA THR E 263 -8.86 27.84 11.03
C THR E 263 -8.83 26.91 9.82
N LEU E 264 -9.92 26.17 9.56
CA LEU E 264 -9.95 25.34 8.36
C LEU E 264 -9.93 26.19 7.12
N GLN E 265 -10.60 27.34 7.16
CA GLN E 265 -10.64 28.24 6.02
C GLN E 265 -9.24 28.76 5.71
N ASN E 266 -8.54 29.24 6.74
CA ASN E 266 -7.22 29.80 6.55
C ASN E 266 -6.21 28.72 6.15
N THR E 267 -6.35 27.51 6.71
CA THR E 267 -5.38 26.48 6.38
C THR E 267 -5.60 25.95 4.96
N GLN E 268 -6.85 25.92 4.50
CA GLN E 268 -7.05 25.59 3.09
C GLN E 268 -6.51 26.67 2.17
N LEU E 269 -6.68 27.95 2.55
CA LEU E 269 -6.11 29.02 1.76
C LEU E 269 -4.59 28.90 1.66
N GLN E 270 -3.92 28.70 2.80
CA GLN E 270 -2.46 28.58 2.77
C GLN E 270 -2.03 27.35 1.96
N SER E 271 -2.72 26.22 2.14
CA SER E 271 -2.35 25.02 1.39
C SER E 271 -2.47 25.25 -0.10
N ALA E 272 -3.58 25.88 -0.52
CA ALA E 272 -3.79 26.14 -1.95
C ALA E 272 -2.73 27.09 -2.49
N ILE E 273 -2.40 28.14 -1.73
CA ILE E 273 -1.48 29.14 -2.28
C ILE E 273 -0.04 28.64 -2.28
N VAL E 274 0.28 27.64 -1.44
CA VAL E 274 1.68 27.22 -1.37
C VAL E 274 1.91 25.82 -1.94
N LYS E 275 0.87 25.17 -2.49
CA LYS E 275 1.24 23.96 -3.26
C LYS E 275 2.25 24.23 -4.38
N ALA E 276 2.29 25.37 -5.09
CA ALA E 276 3.28 25.59 -6.13
C ALA E 276 3.83 27.01 -6.09
N MET E 277 4.18 27.51 -4.92
CA MET E 277 4.94 28.74 -4.83
C MET E 277 6.38 28.44 -5.24
N TYR E 278 6.96 29.32 -6.05
CA TYR E 278 8.25 29.01 -6.69
C TYR E 278 9.12 30.25 -6.62
N ALA E 279 10.38 30.05 -6.24
CA ALA E 279 11.37 31.13 -6.15
C ALA E 279 12.19 31.11 -7.44
N ALA E 280 12.26 32.25 -8.11
CA ALA E 280 12.98 32.38 -9.37
C ALA E 280 14.12 33.38 -9.17
N THR E 281 15.27 32.88 -8.72
CA THR E 281 16.44 33.72 -8.52
C THR E 281 17.56 33.22 -9.42
N ILE E 282 18.68 33.94 -9.40
CA ILE E 282 19.84 33.56 -10.20
C ILE E 282 21.05 33.48 -9.28
N GLU E 283 21.76 32.36 -9.36
CA GLU E 283 23.04 32.16 -8.70
C GLU E 283 24.09 31.97 -9.80
N SER E 284 25.36 32.04 -9.42
CA SER E 284 26.44 31.78 -10.36
C SER E 284 27.54 31.03 -9.63
N GLU E 285 28.56 30.63 -10.39
CA GLU E 285 29.72 29.95 -9.82
C GLU E 285 30.58 30.91 -8.99
N LEU E 286 31.15 31.95 -9.62
CA LEU E 286 31.83 33.07 -8.96
C LEU E 286 32.48 32.68 -7.64
N ASP E 287 32.13 33.41 -6.58
CA ASP E 287 32.23 32.95 -5.20
C ASP E 287 33.58 32.33 -4.88
N THR E 288 34.64 33.10 -5.13
CA THR E 288 35.97 32.59 -4.81
C THR E 288 36.33 32.86 -3.35
N GLN E 289 35.40 32.55 -2.45
CA GLN E 289 35.63 32.55 -1.01
C GLN E 289 36.43 33.76 -0.53
N SER E 290 37.74 33.55 -0.35
CA SER E 290 38.61 34.61 0.13
C SER E 290 38.67 35.78 -0.85
N ALA E 291 38.74 35.48 -2.14
CA ALA E 291 38.75 36.55 -3.14
C ALA E 291 37.46 37.35 -3.15
N MET E 292 36.31 36.69 -3.04
CA MET E 292 35.04 37.42 -3.00
C MET E 292 34.94 38.26 -1.74
N ASP E 293 35.36 37.72 -0.59
CA ASP E 293 35.34 38.49 0.64
C ASP E 293 36.26 39.70 0.58
N PHE E 294 37.46 39.51 0.01
CA PHE E 294 38.41 40.62 -0.12
C PHE E 294 37.86 41.69 -1.06
N ILE E 295 37.23 41.26 -2.17
CA ILE E 295 36.62 42.22 -3.08
C ILE E 295 35.50 42.99 -2.41
N LEU E 296 34.67 42.31 -1.63
CA LEU E 296 33.58 42.99 -0.92
C LEU E 296 34.12 43.99 0.10
N GLY E 297 35.17 43.59 0.83
CA GLY E 297 35.76 44.49 1.81
C GLY E 297 36.41 45.70 1.14
N ALA E 298 37.11 45.47 0.03
CA ALA E 298 37.72 46.58 -0.70
C ALA E 298 36.66 47.51 -1.26
N ASN E 299 35.54 46.95 -1.72
CA ASN E 299 34.43 47.78 -2.17
C ASN E 299 33.87 48.61 -1.02
N SER E 300 33.69 47.98 0.14
CA SER E 300 33.17 48.70 1.30
C SER E 300 34.09 49.85 1.69
N GLN E 301 35.41 49.62 1.62
CA GLN E 301 36.36 50.64 2.02
C GLN E 301 36.48 51.74 0.96
N GLU E 302 37.03 51.40 -0.22
CA GLU E 302 37.19 52.41 -1.26
C GLU E 302 37.00 51.91 -2.68
N GLN E 303 36.63 50.64 -2.91
CA GLN E 303 36.71 50.13 -4.28
C GLN E 303 35.33 49.69 -4.75
N ARG E 304 34.33 50.56 -4.55
CA ARG E 304 32.98 50.30 -5.04
C ARG E 304 32.91 50.22 -6.55
N GLU E 305 33.95 50.67 -7.27
CA GLU E 305 33.95 50.54 -8.72
C GLU E 305 33.91 49.08 -9.16
N ARG E 306 34.48 48.17 -8.37
CA ARG E 306 34.34 46.75 -8.68
C ARG E 306 32.89 46.31 -8.65
N LEU E 307 32.15 46.69 -7.61
CA LEU E 307 30.74 46.34 -7.53
C LEU E 307 29.94 47.00 -8.64
N THR E 308 30.24 48.25 -8.97
CA THR E 308 29.54 48.92 -10.06
C THR E 308 29.80 48.22 -11.38
N GLY E 309 31.04 47.83 -11.63
CA GLY E 309 31.36 47.12 -12.86
C GLY E 309 30.69 45.76 -12.94
N TRP E 310 30.67 45.02 -11.83
CA TRP E 310 30.00 43.73 -11.83
C TRP E 310 28.50 43.88 -12.03
N ILE E 311 27.90 44.90 -11.40
CA ILE E 311 26.47 45.13 -11.57
C ILE E 311 26.17 45.51 -13.02
N GLY E 312 27.03 46.33 -13.63
CA GLY E 312 26.86 46.64 -15.04
C GLY E 312 26.97 45.42 -15.93
N GLU E 313 27.96 44.56 -15.64
CA GLU E 313 28.11 43.34 -16.42
C GLU E 313 26.91 42.43 -16.28
N ILE E 314 26.34 42.34 -15.06
CA ILE E 314 25.19 41.46 -14.84
C ILE E 314 23.93 42.05 -15.46
N ALA E 315 23.80 43.37 -15.43
CA ALA E 315 22.67 44.01 -16.11
C ALA E 315 22.75 43.78 -17.61
N ALA E 316 23.95 43.93 -18.20
CA ALA E 316 24.14 43.59 -19.60
C ALA E 316 23.87 42.11 -19.84
N TYR E 317 24.20 41.28 -18.84
CA TYR E 317 23.96 39.85 -18.95
C TYR E 317 22.47 39.57 -19.10
N TYR E 318 21.66 40.12 -18.19
CA TYR E 318 20.21 39.91 -18.20
C TYR E 318 19.52 40.66 -19.33
N ALA E 319 20.18 41.65 -19.93
CA ALA E 319 19.57 42.35 -21.06
C ALA E 319 20.07 41.82 -22.40
N ALA E 320 21.07 40.93 -22.39
CA ALA E 320 21.51 40.28 -23.62
C ALA E 320 21.05 38.83 -23.69
N ALA E 321 20.82 38.20 -22.54
CA ALA E 321 20.18 36.91 -22.41
C ALA E 321 18.67 36.93 -22.63
N PRO E 322 17.98 38.05 -22.35
CA PRO E 322 16.64 37.96 -21.77
C PRO E 322 16.42 36.70 -20.94
N VAL E 323 16.79 36.77 -19.66
CA VAL E 323 16.60 35.65 -18.74
C VAL E 323 15.12 35.60 -18.40
N ARG E 324 14.39 34.72 -19.08
CA ARG E 324 12.95 34.63 -18.94
C ARG E 324 12.57 33.15 -18.82
N LEU E 325 11.70 32.83 -17.87
CA LEU E 325 11.41 31.43 -17.59
C LEU E 325 10.21 30.93 -18.37
N GLY E 326 9.12 31.70 -18.36
CA GLY E 326 7.84 31.22 -18.87
C GLY E 326 7.10 32.25 -19.68
N GLY E 327 5.90 32.61 -19.26
CA GLY E 327 5.28 33.81 -19.74
C GLY E 327 5.71 35.08 -19.04
N ALA E 328 6.43 34.94 -17.93
CA ALA E 328 6.82 36.09 -17.10
C ALA E 328 8.33 36.19 -17.02
N LYS E 329 8.79 37.39 -16.68
CA LYS E 329 10.22 37.66 -16.53
C LYS E 329 10.72 37.15 -15.19
N VAL E 330 11.90 36.55 -15.20
CA VAL E 330 12.56 36.12 -13.97
C VAL E 330 12.92 37.36 -13.18
N PRO E 331 12.49 37.50 -11.92
CA PRO E 331 12.81 38.70 -11.15
C PRO E 331 14.31 38.88 -10.99
N HIS E 332 14.74 40.12 -11.20
CA HIS E 332 16.14 40.49 -11.38
C HIS E 332 16.95 40.15 -10.13
N LEU E 333 17.79 39.13 -10.25
CA LEU E 333 18.72 38.74 -9.21
C LEU E 333 20.11 38.54 -9.81
N MET E 334 20.97 39.51 -9.56
CA MET E 334 22.38 39.35 -9.83
C MET E 334 22.97 38.25 -8.94
N PRO E 335 24.05 37.61 -9.37
CA PRO E 335 24.51 36.38 -8.72
C PRO E 335 24.83 36.54 -7.24
N GLY E 336 24.65 35.44 -6.50
CA GLY E 336 25.11 35.33 -5.14
C GLY E 336 24.06 35.51 -4.07
N ASP E 337 22.77 35.50 -4.41
CA ASP E 337 21.70 35.66 -3.44
C ASP E 337 20.49 34.89 -3.91
N SER E 338 19.94 34.04 -3.04
CA SER E 338 18.75 33.26 -3.34
C SER E 338 17.97 33.01 -2.06
N LEU E 339 16.68 32.74 -2.23
CA LEU E 339 15.80 32.43 -1.11
C LEU E 339 15.92 30.96 -0.75
N ASN E 340 15.84 30.67 0.55
CA ASN E 340 15.90 29.30 1.07
C ASN E 340 14.50 28.92 1.56
N LEU E 341 13.68 28.41 0.64
CA LEU E 341 12.29 28.07 0.96
C LEU E 341 12.19 26.60 1.39
N GLN E 342 13.04 26.23 2.34
CA GLN E 342 12.91 24.96 3.02
C GLN E 342 11.70 25.02 3.95
N THR E 343 10.98 23.91 4.05
CA THR E 343 9.63 23.91 4.58
C THR E 343 9.58 23.34 6.00
N ALA E 344 8.38 23.30 6.55
CA ALA E 344 8.12 22.68 7.84
C ALA E 344 7.76 21.22 7.62
N GLN E 345 7.20 20.56 8.64
CA GLN E 345 6.87 19.15 8.52
C GLN E 345 5.81 18.93 7.45
N ASP E 346 5.77 17.71 6.91
CA ASP E 346 4.94 17.40 5.75
C ASP E 346 4.06 16.18 5.98
N THR E 347 3.53 16.02 7.20
CA THR E 347 2.59 14.96 7.49
C THR E 347 1.20 15.42 7.08
N ASP E 348 0.25 14.51 6.93
CA ASP E 348 -1.12 14.91 6.64
C ASP E 348 -1.68 15.75 7.78
N ASN E 349 -2.48 16.74 7.41
CA ASN E 349 -3.01 17.71 8.36
C ASN E 349 -3.94 17.09 9.40
N GLY E 350 -4.53 15.93 9.11
CA GLY E 350 -5.43 15.31 10.06
C GLY E 350 -6.78 15.99 10.18
N TYR E 351 -6.89 17.20 9.62
CA TYR E 351 -8.14 17.96 9.70
C TYR E 351 -9.34 17.15 9.27
N SER E 352 -9.14 16.16 8.40
CA SER E 352 -10.25 15.32 7.96
C SER E 352 -10.94 14.67 9.16
N VAL E 353 -10.21 13.83 9.90
CA VAL E 353 -10.86 13.14 11.01
C VAL E 353 -11.07 14.09 12.19
N PHE E 354 -10.24 15.12 12.34
CA PHE E 354 -10.61 16.16 13.30
C PHE E 354 -12.01 16.69 13.04
N GLU E 355 -12.28 17.12 11.80
CA GLU E 355 -13.54 17.79 11.52
C GLU E 355 -14.71 16.81 11.55
N GLN E 356 -14.53 15.57 11.08
CA GLN E 356 -15.61 14.61 11.21
C GLN E 356 -15.94 14.32 12.67
N SER E 357 -14.90 14.10 13.49
CA SER E 357 -15.13 13.86 14.91
C SER E 357 -15.82 15.05 15.57
N LEU E 358 -15.39 16.27 15.28
CA LEU E 358 -15.97 17.44 15.96
C LEU E 358 -17.37 17.75 15.43
N LEU E 359 -17.66 17.43 14.16
CA LEU E 359 -18.99 17.72 13.62
C LEU E 359 -20.02 16.75 14.18
N ARG E 360 -19.74 15.44 14.09
CA ARG E 360 -20.28 14.44 15.01
C ARG E 360 -20.55 15.00 16.41
N TYR E 361 -19.46 15.39 17.08
CA TYR E 361 -19.45 15.88 18.45
C TYR E 361 -20.52 16.93 18.70
N ILE E 362 -20.43 18.05 18.00
CA ILE E 362 -21.30 19.16 18.36
C ILE E 362 -22.68 18.96 17.73
N ALA E 363 -22.77 18.05 16.77
CA ALA E 363 -24.06 17.78 16.14
C ALA E 363 -25.03 17.17 17.14
N ALA E 364 -24.65 16.07 17.78
CA ALA E 364 -25.54 15.64 18.86
C ALA E 364 -25.08 16.20 20.20
N GLY E 365 -24.35 17.31 20.12
CA GLY E 365 -24.39 18.30 21.18
C GLY E 365 -25.60 19.19 21.05
N LEU E 366 -25.50 20.27 20.28
CA LEU E 366 -26.63 21.15 20.00
C LEU E 366 -27.95 20.41 19.73
N GLY E 367 -27.91 19.17 19.24
CA GLY E 367 -29.09 18.32 19.33
C GLY E 367 -29.58 17.76 18.02
N VAL E 368 -29.52 18.55 16.95
CA VAL E 368 -29.98 18.08 15.65
C VAL E 368 -28.77 17.59 14.88
N SER E 369 -28.86 16.37 14.40
CA SER E 369 -27.73 15.68 13.82
C SER E 369 -27.29 16.35 12.51
N TYR E 370 -25.98 16.36 12.27
CA TYR E 370 -25.48 16.99 11.06
C TYR E 370 -25.71 16.12 9.83
N GLU E 371 -25.93 14.81 9.98
CA GLU E 371 -26.12 14.02 8.75
C GLU E 371 -27.34 14.52 8.00
N GLN E 372 -28.03 15.52 8.56
CA GLN E 372 -29.01 16.34 7.87
C GLN E 372 -28.83 17.85 8.10
N LEU E 373 -28.09 18.29 9.13
CA LEU E 373 -27.83 19.74 9.19
C LEU E 373 -26.87 20.15 8.09
N SER E 374 -26.10 19.21 7.56
CA SER E 374 -25.51 19.38 6.25
C SER E 374 -25.47 18.12 5.37
N ARG E 375 -26.15 17.04 5.80
CA ARG E 375 -26.82 16.04 4.94
C ARG E 375 -25.93 14.86 4.48
N ASN E 376 -24.80 14.62 5.13
CA ASN E 376 -24.01 13.47 4.67
C ASN E 376 -24.83 12.19 4.43
N TYR E 377 -24.40 11.37 3.47
CA TYR E 377 -25.05 10.09 3.26
C TYR E 377 -24.08 8.94 3.45
N ALA E 378 -22.99 9.24 4.16
CA ALA E 378 -21.87 8.35 4.33
C ALA E 378 -22.27 7.13 5.16
N GLN E 379 -22.12 5.95 4.56
CA GLN E 379 -22.27 4.65 5.21
C GLN E 379 -23.49 4.54 6.12
N MET E 380 -24.54 5.29 5.83
CA MET E 380 -25.72 5.27 6.68
C MET E 380 -26.66 4.17 6.23
N SER E 381 -27.25 3.47 7.20
CA SER E 381 -27.94 2.21 6.96
C SER E 381 -29.39 2.29 7.41
N TYR E 382 -30.07 1.14 7.40
CA TYR E 382 -31.52 1.13 7.57
C TYR E 382 -31.91 1.35 9.04
N SER E 383 -31.34 0.53 9.94
CA SER E 383 -31.55 0.75 11.36
C SER E 383 -31.02 2.11 11.77
N THR E 384 -29.87 2.50 11.23
CA THR E 384 -29.38 3.87 11.36
C THR E 384 -30.51 4.86 11.13
N ALA E 385 -31.11 4.79 9.95
CA ALA E 385 -32.09 5.79 9.54
C ALA E 385 -33.29 5.80 10.48
N ARG E 386 -33.93 4.64 10.70
CA ARG E 386 -35.20 4.73 11.42
C ARG E 386 -34.99 4.93 12.91
N ALA E 387 -33.90 4.39 13.49
CA ALA E 387 -33.61 4.67 14.89
C ALA E 387 -33.32 6.16 15.11
N SER E 388 -32.43 6.72 14.29
CA SER E 388 -32.12 8.15 14.42
C SER E 388 -33.38 8.99 14.24
N ALA E 389 -34.18 8.67 13.22
CA ALA E 389 -35.38 9.43 12.94
C ALA E 389 -36.38 9.37 14.08
N ASN E 390 -36.62 8.18 14.63
CA ASN E 390 -37.66 8.09 15.66
C ASN E 390 -37.19 8.73 16.96
N GLU E 391 -35.92 8.56 17.33
CA GLU E 391 -35.45 9.22 18.55
C GLU E 391 -35.46 10.74 18.39
N SER E 392 -35.00 11.25 17.24
CA SER E 392 -34.99 12.69 17.04
C SER E 392 -36.40 13.26 16.99
N TRP E 393 -37.34 12.54 16.38
CA TRP E 393 -38.71 13.02 16.29
C TRP E 393 -39.40 13.01 17.66
N ALA E 394 -39.17 11.96 18.45
CA ALA E 394 -39.72 11.95 19.80
C ALA E 394 -39.12 13.09 20.62
N TYR E 395 -37.85 13.42 20.37
CA TYR E 395 -37.19 14.47 21.12
C TYR E 395 -37.71 15.85 20.72
N PHE E 396 -38.04 16.01 19.44
CA PHE E 396 -38.74 17.22 19.00
C PHE E 396 -40.15 17.26 19.55
N MET E 397 -40.78 16.11 19.74
CA MET E 397 -42.08 16.11 20.42
C MET E 397 -41.92 16.62 21.85
N GLY E 398 -40.84 16.21 22.50
CA GLY E 398 -40.46 16.74 23.79
C GLY E 398 -40.34 18.25 23.80
N ARG E 399 -39.44 18.79 22.96
CA ARG E 399 -39.31 20.25 22.86
C ARG E 399 -40.63 20.93 22.54
N ARG E 400 -41.44 20.35 21.64
CA ARG E 400 -42.73 20.96 21.31
C ARG E 400 -43.62 21.06 22.54
N LYS E 401 -43.84 19.94 23.23
CA LYS E 401 -44.68 19.93 24.41
C LYS E 401 -44.09 20.75 25.54
N PHE E 402 -42.80 21.06 25.49
CA PHE E 402 -42.16 21.82 26.55
C PHE E 402 -42.19 23.32 26.32
N VAL E 403 -42.08 23.80 25.08
CA VAL E 403 -41.89 25.22 24.80
C VAL E 403 -42.92 25.74 23.81
N ALA E 404 -44.01 24.99 23.58
CA ALA E 404 -45.07 25.52 22.74
C ALA E 404 -46.40 25.59 23.49
N SER E 405 -46.64 24.60 24.36
CA SER E 405 -47.93 24.52 25.05
C SER E 405 -48.11 25.68 26.01
N ARG E 406 -47.03 26.23 26.55
CA ARG E 406 -47.15 27.41 27.40
C ARG E 406 -47.79 28.56 26.65
N GLN E 407 -47.22 28.93 25.50
CA GLN E 407 -47.74 30.03 24.72
C GLN E 407 -49.14 29.73 24.24
N ALA E 408 -49.36 28.49 23.79
CA ALA E 408 -50.67 28.08 23.31
C ALA E 408 -51.73 28.26 24.39
N SER E 409 -51.48 27.73 25.59
CA SER E 409 -52.45 27.82 26.68
C SER E 409 -52.64 29.27 27.13
N GLN E 410 -51.57 30.06 27.17
CA GLN E 410 -51.70 31.45 27.60
C GLN E 410 -52.58 32.23 26.63
N MET E 411 -52.29 32.10 25.33
CA MET E 411 -53.07 32.81 24.33
C MET E 411 -54.52 32.33 24.31
N PHE E 412 -54.71 31.01 24.45
CA PHE E 412 -56.05 30.46 24.48
C PHE E 412 -56.83 30.95 25.70
N LEU E 413 -56.17 31.05 26.85
CA LEU E 413 -56.83 31.57 28.05
C LEU E 413 -57.26 33.01 27.86
N CYS E 414 -56.38 33.84 27.30
CA CYS E 414 -56.75 35.24 27.07
C CYS E 414 -57.91 35.34 26.09
N TRP E 415 -57.84 34.59 24.99
CA TRP E 415 -58.90 34.65 23.99
C TRP E 415 -60.22 34.13 24.55
N LEU E 416 -60.18 33.07 25.35
CA LEU E 416 -61.39 32.51 25.92
C LEU E 416 -61.99 33.45 26.96
N GLU E 417 -61.15 34.12 27.74
CA GLU E 417 -61.65 35.14 28.66
C GLU E 417 -62.36 36.24 27.88
N GLU E 418 -61.78 36.68 26.77
CA GLU E 418 -62.43 37.69 25.95
C GLU E 418 -63.76 37.18 25.39
N ALA E 419 -63.77 35.92 24.96
CA ALA E 419 -65.00 35.33 24.41
C ALA E 419 -66.09 35.25 25.46
N ILE E 420 -65.74 34.90 26.69
CA ILE E 420 -66.72 34.87 27.77
C ILE E 420 -67.21 36.28 28.09
N VAL E 421 -66.31 37.27 28.01
CA VAL E 421 -66.74 38.65 28.19
C VAL E 421 -67.76 39.05 27.13
N ARG E 422 -67.53 38.63 25.88
CA ARG E 422 -68.38 39.02 24.76
C ARG E 422 -69.58 38.09 24.58
N ARG E 423 -69.67 37.04 25.39
CA ARG E 423 -70.72 36.03 25.26
C ARG E 423 -70.78 35.47 23.84
N VAL E 424 -69.61 35.12 23.30
CA VAL E 424 -69.57 34.47 21.98
C VAL E 424 -69.96 33.01 22.13
N VAL E 425 -69.34 32.31 23.07
CA VAL E 425 -69.65 30.93 23.38
C VAL E 425 -70.28 30.87 24.76
N THR E 426 -71.17 29.90 24.95
CA THR E 426 -71.97 29.79 26.15
C THR E 426 -71.34 28.77 27.09
N LEU E 427 -71.02 29.21 28.30
CA LEU E 427 -70.50 28.30 29.32
C LEU E 427 -71.62 27.35 29.78
N PRO E 428 -71.25 26.16 30.26
CA PRO E 428 -72.27 25.24 30.78
C PRO E 428 -73.04 25.86 31.93
N SER E 429 -74.36 25.59 31.96
CA SER E 429 -75.22 26.15 32.99
C SER E 429 -74.92 25.54 34.35
N LYS E 430 -74.50 24.28 34.39
CA LYS E 430 -74.21 23.57 35.62
C LYS E 430 -72.78 23.77 36.09
N ALA E 431 -72.17 24.91 35.75
CA ALA E 431 -70.79 25.17 36.11
C ALA E 431 -70.57 25.00 37.60
N ARG E 432 -69.78 23.98 37.96
CA ARG E 432 -69.48 23.74 39.37
C ARG E 432 -68.63 24.86 39.94
N PHE E 433 -67.76 25.44 39.12
CA PHE E 433 -66.98 26.61 39.49
C PHE E 433 -67.16 27.69 38.42
N SER E 434 -67.05 28.94 38.84
CA SER E 434 -67.19 30.05 37.91
C SER E 434 -66.02 30.04 36.92
N PHE E 435 -66.21 30.76 35.81
CA PHE E 435 -65.15 30.87 34.82
C PHE E 435 -63.90 31.48 35.42
N GLN E 436 -64.04 32.59 36.15
CA GLN E 436 -62.88 33.27 36.72
C GLN E 436 -62.16 32.38 37.73
N GLU E 437 -62.92 31.55 38.45
CA GLU E 437 -62.32 30.65 39.43
C GLU E 437 -61.62 29.46 38.79
N ALA E 438 -62.18 28.92 37.72
CA ALA E 438 -61.69 27.68 37.13
C ALA E 438 -61.25 27.89 35.68
N ARG E 439 -60.61 29.03 35.42
CA ARG E 439 -60.02 29.27 34.10
C ARG E 439 -59.13 28.12 33.67
N SER E 440 -58.33 27.58 34.60
CA SER E 440 -57.52 26.42 34.28
C SER E 440 -58.39 25.21 33.95
N ALA E 441 -59.46 24.99 34.73
CA ALA E 441 -60.33 23.84 34.49
C ALA E 441 -61.15 24.04 33.21
N TRP E 442 -61.76 25.22 33.06
CA TRP E 442 -62.52 25.49 31.84
C TRP E 442 -61.60 25.60 30.63
N GLY E 443 -60.52 26.38 30.74
CA GLY E 443 -59.64 26.60 29.62
C GLY E 443 -58.59 25.53 29.45
N ASN E 444 -58.86 24.32 29.95
CA ASN E 444 -57.97 23.20 29.73
C ASN E 444 -57.94 22.88 28.24
N CYS E 445 -56.73 22.80 27.67
CA CYS E 445 -56.60 22.62 26.24
C CYS E 445 -55.32 21.88 25.93
N ASP E 446 -55.30 21.28 24.74
CA ASP E 446 -54.10 20.68 24.16
C ASP E 446 -53.96 21.20 22.74
N TRP E 447 -52.77 21.00 22.17
CA TRP E 447 -52.47 21.55 20.85
C TRP E 447 -51.72 20.54 20.01
N ILE E 448 -51.90 20.63 18.71
CA ILE E 448 -51.34 19.70 17.74
C ILE E 448 -50.35 20.48 16.87
N GLY E 449 -49.15 19.95 16.74
CA GLY E 449 -48.08 20.61 16.02
C GLY E 449 -48.05 20.27 14.55
N SER E 450 -46.90 19.77 14.10
CA SER E 450 -46.70 19.48 12.68
C SER E 450 -47.56 18.32 12.23
N GLY E 451 -47.71 18.16 10.92
CA GLY E 451 -48.61 17.19 10.35
C GLY E 451 -48.13 15.75 10.51
N ARG E 452 -48.70 14.88 9.66
CA ARG E 452 -48.47 13.45 9.73
C ARG E 452 -47.04 13.08 9.36
N MET E 453 -46.31 12.49 10.30
CA MET E 453 -44.93 12.07 10.08
C MET E 453 -44.86 10.98 9.01
N ALA E 454 -43.94 11.16 8.06
CA ALA E 454 -43.62 10.11 7.10
C ALA E 454 -42.12 9.83 7.09
N ILE E 455 -41.77 8.58 7.35
CA ILE E 455 -40.35 8.19 7.34
C ILE E 455 -40.14 6.95 6.47
N ASP E 456 -40.97 5.92 6.63
CA ASP E 456 -40.75 4.64 5.98
C ASP E 456 -41.95 4.17 5.18
N GLY E 457 -43.16 4.55 5.59
CA GLY E 457 -44.37 4.02 4.99
C GLY E 457 -44.79 2.70 5.61
N LEU E 458 -44.08 1.62 5.30
CA LEU E 458 -44.36 0.30 5.86
C LEU E 458 -44.49 0.37 7.39
N LYS E 459 -43.62 1.15 8.01
CA LYS E 459 -43.68 1.32 9.45
C LYS E 459 -45.05 1.85 9.88
N GLU E 460 -45.40 3.05 9.41
CA GLU E 460 -46.64 3.69 9.83
C GLU E 460 -47.85 2.84 9.47
N VAL E 461 -47.81 2.13 8.35
CA VAL E 461 -48.99 1.39 7.91
C VAL E 461 -49.17 0.12 8.73
N GLN E 462 -48.07 -0.56 9.08
CA GLN E 462 -48.24 -1.73 9.92
C GLN E 462 -48.66 -1.31 11.33
N GLU E 463 -48.13 -0.18 11.82
CA GLU E 463 -48.63 0.36 13.09
C GLU E 463 -50.12 0.65 13.01
N ALA E 464 -50.55 1.30 11.93
CA ALA E 464 -51.95 1.66 11.77
C ALA E 464 -52.85 0.42 11.74
N VAL E 465 -52.45 -0.59 10.97
CA VAL E 465 -53.28 -1.79 10.89
C VAL E 465 -53.34 -2.49 12.24
N MET E 466 -52.22 -2.55 12.96
CA MET E 466 -52.25 -3.19 14.27
C MET E 466 -53.15 -2.43 15.24
N LEU E 467 -53.05 -1.11 15.26
CA LEU E 467 -53.87 -0.32 16.16
C LEU E 467 -55.35 -0.44 15.80
N ILE E 468 -55.69 -0.45 14.52
CA ILE E 468 -57.09 -0.47 14.14
C ILE E 468 -57.68 -1.87 14.30
N GLU E 469 -56.84 -2.92 14.30
CA GLU E 469 -57.39 -4.25 14.54
C GLU E 469 -57.51 -4.55 16.02
N ALA E 470 -56.52 -4.14 16.83
CA ALA E 470 -56.58 -4.45 18.26
C ALA E 470 -57.32 -3.40 19.07
N GLY E 471 -57.71 -2.29 18.46
CA GLY E 471 -58.35 -1.23 19.21
C GLY E 471 -57.44 -0.53 20.18
N LEU E 472 -56.13 -0.67 20.02
CA LEU E 472 -55.16 -0.08 20.94
C LEU E 472 -54.95 1.41 20.71
N SER E 473 -55.77 2.04 19.88
CA SER E 473 -55.69 3.47 19.62
C SER E 473 -57.06 4.10 19.82
N THR E 474 -57.08 5.25 20.49
CA THR E 474 -58.30 5.98 20.77
C THR E 474 -58.49 7.08 19.73
N TYR E 475 -59.63 7.79 19.85
CA TYR E 475 -59.84 8.97 19.04
C TYR E 475 -58.73 9.99 19.23
N GLU E 476 -58.43 10.34 20.49
CA GLU E 476 -57.51 11.43 20.76
C GLU E 476 -56.08 11.10 20.31
N LYS E 477 -55.57 9.91 20.67
CA LYS E 477 -54.19 9.64 20.30
C LYS E 477 -54.08 9.20 18.84
N GLU E 478 -55.14 8.60 18.28
CA GLU E 478 -55.15 8.36 16.84
C GLU E 478 -55.05 9.67 16.07
N CYS E 479 -55.87 10.66 16.43
CA CYS E 479 -55.81 11.96 15.77
C CYS E 479 -54.49 12.66 16.05
N ALA E 480 -53.89 12.43 17.22
CA ALA E 480 -52.56 12.97 17.48
C ALA E 480 -51.53 12.36 16.55
N LYS E 481 -51.58 11.04 16.34
CA LYS E 481 -50.66 10.37 15.44
C LYS E 481 -50.87 10.76 13.98
N ARG E 482 -52.11 11.03 13.57
CA ARG E 482 -52.43 11.21 12.16
C ARG E 482 -52.55 12.67 11.75
N GLY E 483 -52.65 13.59 12.71
CA GLY E 483 -52.88 14.99 12.38
C GLY E 483 -54.22 15.27 11.75
N ASP E 484 -55.28 14.59 12.20
CA ASP E 484 -56.63 14.73 11.65
C ASP E 484 -57.62 14.82 12.80
N ASP E 485 -58.90 14.67 12.46
CA ASP E 485 -59.97 14.65 13.46
C ASP E 485 -60.90 13.49 13.17
N TYR E 486 -61.26 12.75 14.24
CA TYR E 486 -62.16 11.61 14.10
C TYR E 486 -63.56 12.03 13.65
N GLN E 487 -64.09 13.13 14.18
CA GLN E 487 -65.41 13.59 13.76
C GLN E 487 -65.44 13.88 12.26
N GLU E 488 -64.44 14.60 11.76
CA GLU E 488 -64.43 14.94 10.36
C GLU E 488 -64.11 13.74 9.48
N ILE E 489 -63.26 12.81 9.94
CA ILE E 489 -63.00 11.62 9.13
C ILE E 489 -64.26 10.76 9.03
N PHE E 490 -65.06 10.71 10.10
CA PHE E 490 -66.30 9.94 10.05
C PHE E 490 -67.34 10.62 9.18
N ALA E 491 -67.48 11.94 9.30
CA ALA E 491 -68.44 12.65 8.44
C ALA E 491 -68.05 12.53 6.98
N GLN E 492 -66.75 12.65 6.69
CA GLN E 492 -66.31 12.56 5.31
C GLN E 492 -66.37 11.13 4.80
N GLN E 493 -66.26 10.13 5.68
CA GLN E 493 -66.48 8.76 5.23
C GLN E 493 -67.96 8.51 4.92
N VAL E 494 -68.85 9.13 5.70
CA VAL E 494 -70.27 9.09 5.37
C VAL E 494 -70.49 9.69 3.99
N ARG E 495 -69.91 10.86 3.75
CA ARG E 495 -70.02 11.51 2.44
C ARG E 495 -69.42 10.63 1.34
N GLU E 496 -68.27 10.02 1.62
CA GLU E 496 -67.64 9.12 0.66
C GLU E 496 -68.57 7.99 0.28
N THR E 497 -69.11 7.29 1.27
CA THR E 497 -69.95 6.14 1.01
C THR E 497 -71.21 6.54 0.26
N MET E 498 -71.83 7.66 0.64
CA MET E 498 -73.08 8.03 -0.02
C MET E 498 -72.84 8.52 -1.44
N GLU E 499 -71.72 9.22 -1.69
CA GLU E 499 -71.42 9.63 -3.06
C GLU E 499 -71.04 8.44 -3.93
N ARG E 500 -70.31 7.48 -3.38
CA ARG E 500 -70.01 6.27 -4.15
C ARG E 500 -71.28 5.50 -4.48
N ARG E 501 -72.21 5.39 -3.51
CA ARG E 501 -73.47 4.72 -3.78
C ARG E 501 -74.28 5.46 -4.84
N ALA E 502 -74.33 6.79 -4.75
CA ALA E 502 -75.14 7.56 -5.70
C ALA E 502 -74.55 7.55 -7.10
N ALA E 503 -73.26 7.86 -7.23
CA ALA E 503 -72.59 7.90 -8.52
C ALA E 503 -72.32 6.52 -9.10
N GLY E 504 -72.42 5.46 -8.31
CA GLY E 504 -72.18 4.13 -8.79
C GLY E 504 -70.82 3.56 -8.44
N LEU E 505 -70.05 4.24 -7.60
CA LEU E 505 -68.73 3.74 -7.23
C LEU E 505 -68.85 2.66 -6.17
N LYS E 506 -67.71 2.23 -5.66
CA LYS E 506 -67.66 1.13 -4.70
C LYS E 506 -67.19 1.64 -3.34
N PRO E 507 -68.09 1.82 -2.36
CA PRO E 507 -67.78 2.25 -0.99
C PRO E 507 -66.59 1.52 -0.37
N GLN F 34 -8.91 37.95 5.21
CA GLN F 34 -9.99 37.75 4.25
C GLN F 34 -11.29 38.34 4.79
N LEU F 35 -11.39 38.44 6.11
CA LEU F 35 -12.53 39.11 6.74
C LEU F 35 -12.55 40.60 6.41
N ARG F 36 -11.55 41.09 5.68
CA ARG F 36 -11.46 42.50 5.37
C ARG F 36 -12.50 42.96 4.35
N SER F 37 -12.75 42.19 3.31
CA SER F 37 -13.64 42.60 2.23
C SER F 37 -15.11 42.32 2.54
N TRP F 38 -15.43 41.91 3.75
CA TRP F 38 -16.77 41.54 4.17
C TRP F 38 -16.85 41.67 5.68
N ASN F 39 -17.72 42.54 6.17
CA ASN F 39 -17.59 42.87 7.58
C ASN F 39 -18.93 42.87 8.33
N PRO F 40 -19.09 42.03 9.34
CA PRO F 40 -20.31 42.06 10.14
C PRO F 40 -20.17 43.00 11.31
N PRO F 41 -21.11 43.92 11.49
CA PRO F 41 -21.23 44.64 12.76
C PRO F 41 -21.88 43.77 13.82
N SER F 42 -21.66 44.14 15.08
CA SER F 42 -22.23 43.44 16.22
C SER F 42 -23.44 44.22 16.74
N GLU F 43 -24.63 43.82 16.28
CA GLU F 43 -25.86 44.53 16.60
C GLU F 43 -27.03 43.66 16.17
N SER F 44 -28.24 44.09 16.51
CA SER F 44 -29.44 43.44 16.02
C SER F 44 -29.39 43.33 14.50
N VAL F 45 -30.00 42.25 13.99
CA VAL F 45 -29.82 41.89 12.59
C VAL F 45 -30.37 42.97 11.67
N ASP F 46 -31.50 43.59 12.02
CA ASP F 46 -32.07 44.62 11.16
C ASP F 46 -31.13 45.81 11.01
N ALA F 47 -30.54 46.28 12.11
CA ALA F 47 -29.64 47.42 12.04
C ALA F 47 -28.24 47.01 11.60
N ALA F 48 -27.99 45.70 11.53
CA ALA F 48 -26.74 45.18 10.97
C ALA F 48 -26.83 44.93 9.47
N LEU F 49 -28.03 44.81 8.92
CA LEU F 49 -28.24 44.61 7.49
C LEU F 49 -28.64 45.89 6.76
N LEU F 50 -29.56 46.68 7.29
CA LEU F 50 -30.03 47.85 6.54
C LEU F 50 -28.92 48.83 6.17
N PRO F 51 -27.96 49.17 7.05
CA PRO F 51 -26.87 50.05 6.61
C PRO F 51 -26.08 49.51 5.43
N ASN F 52 -25.82 48.21 5.38
CA ASN F 52 -25.13 47.60 4.25
C ASN F 52 -26.09 46.85 3.33
N PHE F 53 -27.30 47.39 3.15
CA PHE F 53 -28.30 46.74 2.31
C PHE F 53 -27.87 46.74 0.85
N THR F 54 -27.42 47.88 0.34
CA THR F 54 -27.10 48.00 -1.07
C THR F 54 -25.92 47.13 -1.47
N ARG F 55 -24.88 47.08 -0.65
CA ARG F 55 -23.69 46.30 -0.99
C ARG F 55 -24.00 44.81 -0.97
N GLY F 56 -24.66 44.33 0.08
CA GLY F 56 -25.00 42.92 0.15
C GLY F 56 -25.93 42.49 -0.98
N ASN F 57 -26.94 43.30 -1.27
CA ASN F 57 -27.86 42.98 -2.35
C ASN F 57 -27.16 43.04 -3.71
N ALA F 58 -26.24 43.98 -3.88
CA ALA F 58 -25.53 44.10 -5.15
C ALA F 58 -24.63 42.90 -5.39
N ARG F 59 -23.90 42.46 -4.36
CA ARG F 59 -23.07 41.28 -4.53
C ARG F 59 -23.91 40.02 -4.63
N ALA F 60 -25.10 40.03 -4.04
CA ALA F 60 -26.06 38.95 -4.28
C ALA F 60 -26.48 38.89 -5.73
N ASP F 61 -26.75 40.04 -6.33
CA ASP F 61 -27.04 40.10 -7.76
C ASP F 61 -25.86 39.57 -8.56
N ASP F 62 -24.65 39.97 -8.18
CA ASP F 62 -23.45 39.51 -8.86
C ASP F 62 -23.36 37.98 -8.85
N LEU F 63 -23.58 37.36 -7.69
CA LEU F 63 -23.41 35.92 -7.62
C LEU F 63 -24.58 35.18 -8.26
N VAL F 64 -25.81 35.68 -8.11
CA VAL F 64 -26.94 35.03 -8.78
C VAL F 64 -26.88 35.19 -10.28
N ARG F 65 -26.13 36.17 -10.79
CA ARG F 65 -25.96 36.32 -12.23
C ARG F 65 -24.78 35.51 -12.76
N ASN F 66 -23.66 35.51 -12.04
CA ASN F 66 -22.46 34.78 -12.47
C ASN F 66 -22.51 33.30 -12.16
N ASN F 67 -23.37 32.87 -11.25
CA ASN F 67 -23.33 31.53 -10.69
C ASN F 67 -24.61 30.79 -10.99
N GLY F 68 -24.49 29.49 -11.28
CA GLY F 68 -25.65 28.72 -11.65
C GLY F 68 -26.45 28.21 -10.46
N TYR F 69 -25.83 28.15 -9.29
CA TYR F 69 -26.50 27.60 -8.10
C TYR F 69 -27.79 28.33 -7.78
N ALA F 70 -27.78 29.66 -7.86
CA ALA F 70 -29.00 30.42 -7.57
C ALA F 70 -30.10 30.10 -8.57
N ALA F 71 -29.75 29.97 -9.85
CA ALA F 71 -30.74 29.62 -10.85
C ALA F 71 -31.34 28.24 -10.57
N ASN F 72 -30.49 27.27 -10.25
CA ASN F 72 -31.00 25.93 -9.96
C ASN F 72 -31.87 25.94 -8.72
N ALA F 73 -31.47 26.70 -7.69
CA ALA F 73 -32.22 26.73 -6.45
C ALA F 73 -33.58 27.38 -6.65
N ILE F 74 -33.63 28.49 -7.39
CA ILE F 74 -34.91 29.15 -7.61
C ILE F 74 -35.79 28.29 -8.51
N GLN F 75 -35.20 27.58 -9.47
CA GLN F 75 -35.98 26.71 -10.34
C GLN F 75 -36.58 25.56 -9.54
N LEU F 76 -35.79 24.93 -8.66
CA LEU F 76 -36.34 23.84 -7.86
C LEU F 76 -37.37 24.34 -6.86
N HIS F 77 -37.16 25.53 -6.28
CA HIS F 77 -38.16 26.09 -5.40
C HIS F 77 -39.45 26.32 -6.14
N GLN F 78 -39.37 26.84 -7.36
CA GLN F 78 -40.55 27.00 -8.20
C GLN F 78 -41.26 25.67 -8.41
N ASP F 79 -40.49 24.65 -8.81
CA ASP F 79 -41.09 23.38 -9.20
C ASP F 79 -41.55 22.56 -8.00
N HIS F 80 -41.07 22.88 -6.79
CA HIS F 80 -41.60 22.23 -5.60
C HIS F 80 -42.77 22.99 -4.98
N ILE F 81 -42.76 24.31 -5.07
CA ILE F 81 -43.79 25.10 -4.40
C ILE F 81 -45.02 25.22 -5.28
N VAL F 82 -44.85 25.74 -6.49
CA VAL F 82 -45.99 25.93 -7.39
C VAL F 82 -46.04 24.77 -8.38
N GLY F 83 -44.89 24.40 -8.92
CA GLY F 83 -44.84 23.37 -9.94
C GLY F 83 -45.57 23.80 -11.19
N SER F 84 -46.50 22.95 -11.62
CA SER F 84 -47.27 23.23 -12.83
C SER F 84 -48.18 24.45 -12.64
N PHE F 85 -48.93 24.48 -11.54
CA PHE F 85 -49.90 25.54 -11.31
C PHE F 85 -50.18 25.67 -9.82
N PHE F 86 -50.96 26.69 -9.47
CA PHE F 86 -51.35 26.98 -8.09
C PHE F 86 -52.87 27.09 -8.08
N ARG F 87 -53.52 26.10 -7.46
CA ARG F 87 -54.95 25.92 -7.56
C ARG F 87 -55.67 26.52 -6.36
N LEU F 88 -56.69 27.32 -6.64
CA LEU F 88 -57.53 27.92 -5.60
C LEU F 88 -58.62 26.96 -5.17
N SER F 89 -58.94 26.99 -3.88
CA SER F 89 -60.08 26.26 -3.33
C SER F 89 -60.72 27.14 -2.26
N HIS F 90 -61.94 27.58 -2.53
CA HIS F 90 -62.65 28.50 -1.65
C HIS F 90 -63.49 27.72 -0.65
N ARG F 91 -63.24 27.93 0.65
CA ARG F 91 -64.00 27.29 1.72
C ARG F 91 -64.47 28.36 2.69
N PRO F 92 -65.56 29.06 2.37
CA PRO F 92 -66.14 29.99 3.33
C PRO F 92 -66.55 29.26 4.60
N SER F 93 -66.37 29.93 5.74
CA SER F 93 -66.62 29.30 7.03
C SER F 93 -68.12 29.11 7.19
N TRP F 94 -68.62 28.06 6.53
CA TRP F 94 -70.05 27.79 6.54
C TRP F 94 -70.55 27.48 7.95
N ARG F 95 -69.79 26.72 8.73
CA ARG F 95 -70.23 26.35 10.07
C ARG F 95 -70.34 27.57 10.97
N TYR F 96 -69.35 28.46 10.93
CA TYR F 96 -69.35 29.62 11.81
C TYR F 96 -70.35 30.68 11.33
N LEU F 97 -70.43 30.89 10.01
CA LEU F 97 -71.32 31.87 9.44
C LEU F 97 -72.77 31.39 9.34
N GLY F 98 -73.03 30.12 9.65
CA GLY F 98 -74.39 29.61 9.56
C GLY F 98 -74.78 29.23 8.15
N ILE F 99 -73.84 29.34 7.20
CA ILE F 99 -74.07 29.01 5.81
C ILE F 99 -74.16 27.49 5.66
N GLY F 100 -75.07 27.03 4.82
CA GLY F 100 -75.13 25.61 4.53
C GLY F 100 -73.91 25.15 3.76
N GLU F 101 -73.47 23.93 4.04
CA GLU F 101 -72.29 23.40 3.36
C GLU F 101 -72.55 23.21 1.87
N GLU F 102 -73.76 22.79 1.50
CA GLU F 102 -74.08 22.62 0.09
C GLU F 102 -74.10 23.95 -0.65
N GLU F 103 -74.67 24.99 -0.02
CA GLU F 103 -74.66 26.32 -0.66
C GLU F 103 -73.24 26.85 -0.75
N ALA F 104 -72.43 26.64 0.29
CA ALA F 104 -71.03 27.03 0.24
C ALA F 104 -70.31 26.30 -0.90
N ARG F 105 -70.60 25.01 -1.09
CA ARG F 105 -69.91 24.25 -2.11
C ARG F 105 -70.32 24.69 -3.51
N ALA F 106 -71.60 24.98 -3.71
CA ALA F 106 -72.05 25.46 -5.02
C ALA F 106 -71.52 26.85 -5.32
N PHE F 107 -71.52 27.73 -4.32
CA PHE F 107 -70.94 29.06 -4.48
C PHE F 107 -69.45 28.96 -4.77
N SER F 108 -68.77 28.01 -4.13
CA SER F 108 -67.37 27.75 -4.42
C SER F 108 -67.19 27.24 -5.84
N ARG F 109 -68.10 26.39 -6.32
CA ARG F 109 -68.04 25.94 -7.71
C ARG F 109 -68.12 27.13 -8.66
N GLU F 110 -69.06 28.04 -8.40
CA GLU F 110 -69.20 29.21 -9.25
C GLU F 110 -67.94 30.08 -9.23
N VAL F 111 -67.41 30.35 -8.03
CA VAL F 111 -66.24 31.20 -7.94
C VAL F 111 -65.02 30.51 -8.53
N GLU F 112 -64.93 29.18 -8.43
CA GLU F 112 -63.78 28.47 -8.99
C GLU F 112 -63.82 28.49 -10.51
N ALA F 113 -65.00 28.28 -11.10
CA ALA F 113 -65.14 28.39 -12.54
C ALA F 113 -64.77 29.79 -13.01
N ALA F 114 -65.29 30.81 -12.32
CA ALA F 114 -64.98 32.19 -12.69
C ALA F 114 -63.48 32.48 -12.57
N TRP F 115 -62.86 32.00 -11.48
CA TRP F 115 -61.45 32.31 -11.27
C TRP F 115 -60.56 31.59 -12.27
N LYS F 116 -60.88 30.32 -12.58
CA LYS F 116 -60.07 29.61 -13.57
C LYS F 116 -60.21 30.24 -14.94
N GLU F 117 -61.43 30.63 -15.35
CA GLU F 117 -61.58 31.24 -16.66
C GLU F 117 -60.94 32.62 -16.72
N PHE F 118 -60.91 33.33 -15.59
CA PHE F 118 -60.28 34.64 -15.57
C PHE F 118 -58.75 34.52 -15.55
N ALA F 119 -58.24 33.46 -14.93
CA ALA F 119 -56.79 33.27 -14.83
C ALA F 119 -56.20 32.69 -16.11
N GLU F 120 -57.00 31.93 -16.87
CA GLU F 120 -56.49 31.25 -18.05
C GLU F 120 -56.37 32.16 -19.27
N ASP F 121 -56.37 33.48 -19.05
CA ASP F 121 -56.28 34.41 -20.17
C ASP F 121 -55.03 34.16 -21.00
N ASP F 122 -55.22 33.98 -22.30
CA ASP F 122 -54.12 33.52 -23.15
C ASP F 122 -53.28 34.68 -23.66
N CYS F 123 -53.73 35.92 -23.47
CA CYS F 123 -53.01 37.07 -24.01
C CYS F 123 -52.09 37.73 -22.99
N CYS F 124 -51.82 37.08 -21.86
CA CYS F 124 -50.92 37.61 -20.82
C CYS F 124 -51.43 38.93 -20.26
N CYS F 125 -52.75 39.10 -20.25
CA CYS F 125 -53.33 40.43 -20.10
C CYS F 125 -53.70 40.75 -18.64
N ILE F 126 -53.39 39.86 -17.71
CA ILE F 126 -53.84 40.07 -16.33
C ILE F 126 -52.90 41.00 -15.58
N ASP F 127 -51.76 41.36 -16.18
CA ASP F 127 -50.82 42.29 -15.57
C ASP F 127 -50.85 43.64 -16.25
N VAL F 128 -50.47 44.69 -15.52
CA VAL F 128 -50.37 46.02 -16.10
C VAL F 128 -49.26 46.05 -17.14
N GLU F 129 -48.17 45.33 -16.88
CA GLU F 129 -47.13 45.16 -17.90
C GLU F 129 -47.63 44.36 -19.10
N ARG F 130 -48.76 43.67 -18.95
CA ARG F 130 -49.43 42.99 -20.06
C ARG F 130 -48.60 41.83 -20.61
N LYS F 131 -47.65 41.34 -19.80
CA LYS F 131 -46.79 40.26 -20.23
C LYS F 131 -46.60 39.15 -19.21
N ARG F 132 -47.49 39.03 -18.23
CA ARG F 132 -47.39 37.93 -17.26
C ARG F 132 -48.79 37.48 -16.88
N THR F 133 -49.00 36.17 -16.87
CA THR F 133 -50.24 35.59 -16.37
C THR F 133 -50.14 35.37 -14.86
N PHE F 134 -51.14 34.70 -14.28
CA PHE F 134 -51.11 34.40 -12.85
C PHE F 134 -49.93 33.52 -12.48
N THR F 135 -49.55 32.60 -13.37
CA THR F 135 -48.42 31.73 -13.11
C THR F 135 -47.16 32.54 -12.85
N MET F 136 -46.85 33.48 -13.74
CA MET F 136 -45.67 34.31 -13.56
C MET F 136 -45.85 35.42 -12.52
N MET F 137 -47.09 35.84 -12.22
CA MET F 137 -47.30 36.55 -10.96
C MET F 137 -46.71 35.79 -9.79
N ILE F 138 -47.14 34.55 -9.60
CA ILE F 138 -46.63 33.76 -8.48
C ILE F 138 -45.13 33.51 -8.64
N ARG F 139 -44.67 33.32 -9.88
CA ARG F 139 -43.26 33.04 -10.13
C ARG F 139 -42.38 34.18 -9.68
N GLU F 140 -42.62 35.38 -10.23
CA GLU F 140 -41.80 36.53 -9.87
C GLU F 140 -41.96 36.89 -8.40
N GLY F 141 -43.19 36.78 -7.87
CA GLY F 141 -43.39 37.08 -6.47
C GLY F 141 -42.58 36.18 -5.55
N VAL F 142 -42.63 34.87 -5.80
CA VAL F 142 -41.90 33.93 -4.94
C VAL F 142 -40.40 34.08 -5.16
N ALA F 143 -39.97 34.34 -6.40
CA ALA F 143 -38.55 34.51 -6.64
C ALA F 143 -37.99 35.72 -5.92
N MET F 144 -38.72 36.83 -5.94
CA MET F 144 -38.25 38.05 -5.30
C MET F 144 -38.39 37.97 -3.77
N HIS F 145 -39.41 37.26 -3.28
CA HIS F 145 -39.54 37.03 -1.85
C HIS F 145 -38.52 36.02 -1.36
N ALA F 146 -37.92 35.27 -2.27
CA ALA F 146 -36.81 34.40 -1.89
C ALA F 146 -35.51 35.18 -1.87
N PHE F 147 -35.23 35.92 -2.94
CA PHE F 147 -34.03 36.73 -3.03
C PHE F 147 -33.96 37.83 -1.97
N ASN F 148 -34.87 38.80 -2.00
CA ASN F 148 -34.85 39.90 -1.05
C ASN F 148 -35.65 39.63 0.20
N GLY F 149 -36.42 38.54 0.27
CA GLY F 149 -37.25 38.26 1.41
C GLY F 149 -38.59 38.95 1.41
N GLU F 150 -38.87 39.78 0.42
CA GLU F 150 -40.12 40.54 0.38
C GLU F 150 -40.64 40.52 -1.05
N LEU F 151 -41.96 40.67 -1.18
CA LEU F 151 -42.57 40.90 -2.47
C LEU F 151 -43.62 41.99 -2.36
N PHE F 152 -43.77 42.73 -3.46
CA PHE F 152 -44.55 43.95 -3.54
C PHE F 152 -45.55 43.80 -4.68
N VAL F 153 -46.83 43.64 -4.36
CA VAL F 153 -47.87 43.61 -5.37
C VAL F 153 -48.73 44.85 -5.18
N GLN F 154 -49.29 45.35 -6.28
CA GLN F 154 -50.17 46.51 -6.25
C GLN F 154 -51.43 46.21 -7.05
N ALA F 155 -52.58 46.40 -6.42
CA ALA F 155 -53.87 46.18 -7.07
C ALA F 155 -54.29 47.47 -7.76
N THR F 156 -54.15 47.50 -9.08
CA THR F 156 -54.47 48.68 -9.88
C THR F 156 -55.72 48.42 -10.71
N TRP F 157 -56.35 49.51 -11.15
CA TRP F 157 -57.58 49.44 -11.92
C TRP F 157 -57.25 49.57 -13.40
N ASP F 158 -57.11 48.43 -14.07
CA ASP F 158 -56.96 48.39 -15.51
C ASP F 158 -58.21 48.90 -16.20
N THR F 159 -58.02 49.50 -17.37
CA THR F 159 -59.13 49.98 -18.20
C THR F 159 -59.40 49.11 -19.41
N SER F 160 -58.57 48.08 -19.66
CA SER F 160 -58.77 47.22 -20.82
C SER F 160 -60.01 46.36 -20.63
N SER F 161 -61.00 46.55 -21.49
CA SER F 161 -62.32 45.96 -21.33
C SER F 161 -62.44 44.56 -21.95
N SER F 162 -61.31 43.93 -22.28
CA SER F 162 -61.36 42.58 -22.84
C SER F 162 -61.83 41.55 -21.83
N ARG F 163 -61.82 41.88 -20.54
CA ARG F 163 -62.24 40.98 -19.49
C ARG F 163 -63.28 41.68 -18.62
N LEU F 164 -64.05 40.90 -17.87
CA LEU F 164 -65.09 41.49 -17.03
C LEU F 164 -64.49 42.22 -15.83
N PHE F 165 -63.30 41.82 -15.39
CA PHE F 165 -62.71 42.31 -14.16
C PHE F 165 -61.66 43.37 -14.46
N ARG F 166 -61.90 44.61 -14.00
CA ARG F 166 -61.00 45.73 -14.24
C ARG F 166 -59.86 45.82 -13.23
N THR F 167 -59.54 44.76 -12.50
CA THR F 167 -58.43 44.84 -11.57
C THR F 167 -57.25 44.01 -12.06
N GLN F 168 -56.09 44.66 -12.20
CA GLN F 168 -54.84 43.97 -12.48
C GLN F 168 -53.93 44.13 -11.29
N PHE F 169 -52.82 43.38 -11.29
CA PHE F 169 -51.88 43.40 -10.19
C PHE F 169 -50.46 43.57 -10.71
N ARG F 170 -49.92 44.76 -10.51
CA ARG F 170 -48.59 45.12 -10.99
C ARG F 170 -47.60 44.94 -9.85
N MET F 171 -46.49 44.25 -10.11
CA MET F 171 -45.51 44.00 -9.08
C MET F 171 -44.49 45.13 -9.07
N VAL F 172 -44.05 45.51 -7.87
CA VAL F 172 -43.26 46.72 -7.63
C VAL F 172 -41.86 46.29 -7.18
N SER F 173 -40.84 46.89 -7.78
CA SER F 173 -39.46 46.51 -7.49
C SER F 173 -39.07 46.91 -6.07
N PRO F 174 -38.16 46.16 -5.45
CA PRO F 174 -37.68 46.55 -4.11
C PRO F 174 -36.70 47.72 -4.15
N LYS F 175 -36.11 48.00 -5.31
CA LYS F 175 -35.26 49.18 -5.42
C LYS F 175 -36.07 50.46 -5.25
N ARG F 176 -37.37 50.40 -5.55
CA ARG F 176 -38.25 51.55 -5.44
C ARG F 176 -38.43 52.03 -4.01
N ILE F 177 -38.39 51.13 -3.03
CA ILE F 177 -38.65 51.48 -1.63
C ILE F 177 -37.37 52.02 -1.00
N SER F 178 -37.24 53.33 -1.03
CA SER F 178 -36.22 54.04 -0.26
C SER F 178 -36.88 55.30 0.29
N ASN F 179 -36.22 55.93 1.26
CA ASN F 179 -36.76 57.15 1.82
C ASN F 179 -36.86 58.22 0.72
N PRO F 180 -37.79 59.17 0.85
CA PRO F 180 -37.97 60.16 -0.22
C PRO F 180 -36.67 60.87 -0.56
N ASN F 181 -36.22 60.64 -1.80
CA ASN F 181 -34.94 61.15 -2.29
C ASN F 181 -33.76 60.53 -1.55
N ASN F 182 -33.81 59.21 -1.40
CA ASN F 182 -32.65 58.42 -0.99
C ASN F 182 -32.07 58.88 0.35
N THR F 183 -32.85 59.59 1.14
CA THR F 183 -32.38 60.04 2.44
C THR F 183 -32.19 58.83 3.35
N GLY F 184 -31.27 58.97 4.31
CA GLY F 184 -31.05 57.88 5.24
C GLY F 184 -32.26 57.66 6.13
N ASP F 185 -32.24 56.56 6.86
CA ASP F 185 -33.33 56.24 7.79
C ASP F 185 -33.59 57.41 8.73
N SER F 186 -34.85 57.57 9.11
CA SER F 186 -35.25 58.66 10.00
C SER F 186 -36.05 58.12 11.18
N ARG F 187 -36.66 59.03 11.95
CA ARG F 187 -37.47 58.63 13.10
C ARG F 187 -38.56 57.64 12.70
N ASN F 188 -39.47 58.07 11.83
CA ASN F 188 -40.57 57.24 11.38
C ASN F 188 -40.52 56.89 9.90
N CYS F 189 -39.73 57.61 9.11
CA CYS F 189 -39.48 57.27 7.72
C CYS F 189 -38.20 56.44 7.69
N ARG F 190 -38.35 55.13 7.51
CA ARG F 190 -37.27 54.19 7.76
C ARG F 190 -37.07 53.32 6.52
N ALA F 191 -36.04 53.62 5.74
CA ALA F 191 -35.71 52.86 4.53
C ALA F 191 -36.89 52.82 3.55
N GLY F 192 -37.66 53.90 3.53
CA GLY F 192 -38.75 54.02 2.58
C GLY F 192 -40.14 53.78 3.13
N VAL F 193 -40.26 53.16 4.30
CA VAL F 193 -41.56 52.91 4.89
C VAL F 193 -41.82 53.94 5.97
N GLN F 194 -42.99 54.55 5.90
CA GLN F 194 -43.46 55.50 6.90
C GLN F 194 -44.32 54.75 7.90
N ILE F 195 -43.82 54.66 9.14
CA ILE F 195 -44.49 53.93 10.19
C ILE F 195 -44.71 54.86 11.37
N ASN F 196 -45.39 54.35 12.39
CA ASN F 196 -45.58 55.10 13.61
C ASN F 196 -44.50 54.72 14.62
N ASP F 197 -44.61 55.21 15.85
CA ASP F 197 -43.70 54.79 16.90
C ASP F 197 -43.87 53.31 17.20
N SER F 198 -45.11 52.82 17.12
CA SER F 198 -45.42 51.41 17.34
C SER F 198 -45.00 50.53 16.17
N GLY F 199 -44.58 51.13 15.05
CA GLY F 199 -44.10 50.38 13.92
C GLY F 199 -45.10 50.11 12.82
N ALA F 200 -46.37 50.43 13.04
CA ALA F 200 -47.41 50.10 12.07
C ALA F 200 -47.10 50.70 10.70
N ALA F 201 -47.00 49.84 9.70
CA ALA F 201 -46.61 50.24 8.35
C ALA F 201 -47.75 51.01 7.70
N LEU F 202 -47.62 52.34 7.65
CA LEU F 202 -48.63 53.16 7.01
C LEU F 202 -48.49 53.12 5.49
N GLY F 203 -47.36 53.57 4.98
CA GLY F 203 -47.17 53.61 3.54
C GLY F 203 -45.70 53.59 3.17
N TYR F 204 -45.46 53.87 1.90
CA TYR F 204 -44.17 53.61 1.26
C TYR F 204 -43.85 54.72 0.29
N TYR F 205 -42.55 54.93 0.06
CA TYR F 205 -42.05 55.90 -0.90
C TYR F 205 -41.42 55.15 -2.07
N VAL F 206 -42.18 55.02 -3.15
CA VAL F 206 -41.76 54.30 -4.35
C VAL F 206 -40.92 55.24 -5.21
N SER F 207 -39.63 54.94 -5.35
CA SER F 207 -38.77 55.69 -6.26
C SER F 207 -39.12 55.32 -7.69
N GLU F 208 -38.92 56.27 -8.61
CA GLU F 208 -39.22 56.02 -10.00
C GLU F 208 -38.28 54.96 -10.58
N ASP F 209 -38.79 54.22 -11.56
CA ASP F 209 -38.03 53.16 -12.21
C ASP F 209 -36.73 53.71 -12.80
N GLY F 210 -35.72 52.87 -12.85
CA GLY F 210 -34.42 53.20 -13.40
C GLY F 210 -34.06 52.53 -14.71
N TYR F 211 -35.05 52.06 -15.48
CA TYR F 211 -34.83 51.43 -16.78
C TYR F 211 -35.59 52.18 -17.86
N PRO F 212 -34.88 52.88 -18.77
CA PRO F 212 -33.44 52.81 -19.07
C PRO F 212 -32.57 53.39 -17.97
N GLY F 213 -31.27 53.09 -17.98
CA GLY F 213 -30.41 53.43 -16.87
C GLY F 213 -30.26 54.91 -16.61
N TRP F 214 -31.06 55.73 -17.29
CA TRP F 214 -30.98 57.17 -17.09
C TRP F 214 -32.32 57.82 -16.75
N MET F 215 -33.20 57.11 -16.05
CA MET F 215 -34.30 57.89 -15.51
C MET F 215 -33.98 58.31 -14.08
N PRO F 216 -34.32 59.54 -13.70
CA PRO F 216 -34.17 59.93 -12.29
C PRO F 216 -35.23 59.25 -11.45
N GLN F 217 -34.97 59.15 -10.16
CA GLN F 217 -35.96 58.57 -9.25
C GLN F 217 -36.75 59.67 -8.56
N LYS F 218 -38.07 59.53 -8.55
CA LYS F 218 -38.95 60.37 -7.76
C LYS F 218 -39.82 59.48 -6.87
N TRP F 219 -39.96 59.87 -5.62
CA TRP F 219 -40.60 59.05 -4.60
C TRP F 219 -42.07 59.42 -4.48
N THR F 220 -42.94 58.41 -4.57
CA THR F 220 -44.38 58.57 -4.56
C THR F 220 -44.99 57.81 -3.39
N TRP F 221 -46.04 58.37 -2.80
CA TRP F 221 -46.67 57.80 -1.62
C TRP F 221 -47.56 56.63 -2.02
N ILE F 222 -47.46 55.53 -1.29
CA ILE F 222 -48.30 54.36 -1.51
C ILE F 222 -48.72 53.75 -0.17
N PRO F 223 -49.99 53.79 0.20
CA PRO F 223 -50.40 53.18 1.46
C PRO F 223 -50.36 51.65 1.37
N ARG F 224 -50.19 51.00 2.53
CA ARG F 224 -50.08 49.55 2.54
C ARG F 224 -51.42 48.90 2.19
N GLU F 225 -52.50 49.35 2.82
CA GLU F 225 -53.83 48.82 2.54
C GLU F 225 -54.85 49.93 2.73
N LEU F 226 -56.00 49.75 2.08
CA LEU F 226 -57.09 50.70 2.24
C LEU F 226 -57.80 50.46 3.58
N PRO F 227 -58.40 51.51 4.14
CA PRO F 227 -59.04 51.35 5.46
C PRO F 227 -60.14 50.31 5.50
N GLY F 228 -60.89 50.14 4.42
CA GLY F 228 -61.96 49.16 4.37
C GLY F 228 -61.51 47.72 4.24
N GLY F 229 -60.22 47.44 4.47
CA GLY F 229 -59.68 46.11 4.31
C GLY F 229 -59.23 45.77 2.92
N ARG F 230 -59.42 46.67 1.95
CA ARG F 230 -58.97 46.41 0.59
C ARG F 230 -57.46 46.32 0.54
N ALA F 231 -56.96 45.27 -0.10
CA ALA F 231 -55.53 45.01 -0.18
C ALA F 231 -54.95 45.73 -1.40
N SER F 232 -54.53 46.98 -1.20
CA SER F 232 -53.96 47.75 -2.30
C SER F 232 -52.49 47.39 -2.53
N PHE F 233 -51.64 47.63 -1.54
CA PHE F 233 -50.22 47.35 -1.65
C PHE F 233 -49.88 46.13 -0.80
N ILE F 234 -49.89 44.96 -1.43
CA ILE F 234 -49.60 43.69 -0.79
C ILE F 234 -48.10 43.60 -0.58
N HIS F 235 -47.67 43.83 0.66
CA HIS F 235 -46.26 43.77 1.04
C HIS F 235 -46.03 42.54 1.90
N VAL F 236 -45.61 41.44 1.28
CA VAL F 236 -45.44 40.18 2.00
C VAL F 236 -43.96 39.92 2.18
N PHE F 237 -43.51 39.94 3.43
CA PHE F 237 -42.12 39.63 3.75
C PHE F 237 -42.08 38.86 5.06
N GLU F 238 -41.02 38.09 5.23
CA GLU F 238 -40.82 37.33 6.46
C GLU F 238 -39.89 38.10 7.38
N PRO F 239 -40.38 38.64 8.49
CA PRO F 239 -39.49 39.30 9.45
C PRO F 239 -38.93 38.31 10.47
N VAL F 240 -37.60 38.26 10.50
CA VAL F 240 -36.88 37.43 11.46
C VAL F 240 -37.06 37.91 12.89
N GLU F 241 -37.23 39.21 13.10
CA GLU F 241 -37.46 39.76 14.43
C GLU F 241 -38.48 40.89 14.33
N ASP F 242 -38.84 41.45 15.48
CA ASP F 242 -39.76 42.57 15.53
C ASP F 242 -39.14 43.81 14.92
N GLY F 243 -39.99 44.65 14.32
CA GLY F 243 -39.56 45.90 13.76
C GLY F 243 -38.74 45.78 12.49
N GLN F 244 -38.43 44.56 12.05
CA GLN F 244 -37.68 44.36 10.82
C GLN F 244 -38.57 44.71 9.64
N THR F 245 -37.98 45.34 8.62
CA THR F 245 -38.74 45.81 7.47
C THR F 245 -38.42 45.04 6.20
N ARG F 246 -37.29 44.34 6.15
CA ARG F 246 -36.83 43.68 4.94
C ARG F 246 -36.65 42.20 5.20
N GLY F 247 -36.54 41.42 4.14
CA GLY F 247 -36.42 39.98 4.29
C GLY F 247 -34.98 39.53 4.41
N ALA F 248 -34.75 38.28 4.02
CA ALA F 248 -33.46 37.61 4.17
C ALA F 248 -32.66 37.75 2.88
N ASN F 249 -31.35 37.55 3.00
CA ASN F 249 -30.45 37.72 1.87
C ASN F 249 -30.00 36.37 1.31
N VAL F 250 -29.05 36.43 0.37
CA VAL F 250 -28.37 35.21 -0.05
C VAL F 250 -26.86 35.36 0.05
N PHE F 251 -26.28 36.42 -0.54
CA PHE F 251 -24.83 36.62 -0.63
C PHE F 251 -24.12 36.57 0.71
N TYR F 252 -24.79 37.03 1.77
CA TYR F 252 -24.17 37.14 3.08
C TYR F 252 -23.90 35.75 3.67
N SER F 253 -24.23 34.70 2.92
CA SER F 253 -23.79 33.34 3.20
C SER F 253 -23.22 32.65 1.97
N VAL F 254 -22.92 33.39 0.89
CA VAL F 254 -22.47 32.81 -0.37
C VAL F 254 -21.11 33.37 -0.79
N MET F 255 -20.63 34.37 -0.05
CA MET F 255 -19.28 34.86 -0.36
C MET F 255 -18.26 33.73 -0.29
N GLU F 256 -18.52 32.71 0.55
CA GLU F 256 -17.54 31.65 0.73
C GLU F 256 -17.52 30.68 -0.45
N GLN F 257 -18.68 30.43 -1.08
CA GLN F 257 -18.62 29.74 -2.36
C GLN F 257 -17.88 30.57 -3.39
N MET F 258 -18.13 31.89 -3.41
CA MET F 258 -17.42 32.73 -4.37
C MET F 258 -15.92 32.53 -4.25
N LYS F 259 -15.40 32.59 -3.02
CA LYS F 259 -13.94 32.59 -2.86
C LYS F 259 -13.36 31.17 -2.85
N MET F 260 -14.12 30.16 -2.44
CA MET F 260 -13.71 28.77 -2.68
C MET F 260 -13.67 28.41 -4.16
N LEU F 261 -14.66 28.82 -4.95
CA LEU F 261 -14.57 28.52 -6.37
C LEU F 261 -13.39 29.24 -6.99
N ASP F 262 -13.14 30.49 -6.56
CA ASP F 262 -11.95 31.19 -7.04
C ASP F 262 -10.67 30.46 -6.67
N THR F 263 -10.54 30.02 -5.42
CA THR F 263 -9.28 29.43 -4.98
C THR F 263 -9.07 28.05 -5.62
N LEU F 264 -10.12 27.23 -5.72
CA LEU F 264 -9.97 25.93 -6.37
C LEU F 264 -9.64 26.13 -7.85
N GLN F 265 -10.25 27.14 -8.46
CA GLN F 265 -10.00 27.42 -9.87
C GLN F 265 -8.54 27.79 -10.09
N ASN F 266 -8.04 28.72 -9.28
CA ASN F 266 -6.67 29.18 -9.43
C ASN F 266 -5.67 28.08 -9.09
N THR F 267 -5.98 27.27 -8.07
CA THR F 267 -5.03 26.23 -7.69
C THR F 267 -4.99 25.11 -8.73
N GLN F 268 -6.12 24.82 -9.37
CA GLN F 268 -6.06 23.86 -10.47
C GLN F 268 -5.28 24.43 -11.64
N LEU F 269 -5.47 25.72 -11.94
CA LEU F 269 -4.69 26.34 -13.01
C LEU F 269 -3.19 26.26 -12.73
N GLN F 270 -2.76 26.63 -11.51
CA GLN F 270 -1.34 26.56 -11.19
C GLN F 270 -0.82 25.12 -11.23
N SER F 271 -1.59 24.17 -10.71
CA SER F 271 -1.16 22.78 -10.73
C SER F 271 -0.97 22.29 -12.16
N ALA F 272 -1.93 22.61 -13.03
CA ALA F 272 -1.84 22.19 -14.42
C ALA F 272 -0.64 22.82 -15.12
N ILE F 273 -0.40 24.11 -14.87
CA ILE F 273 0.66 24.79 -15.61
C ILE F 273 2.04 24.41 -15.10
N VAL F 274 2.13 23.92 -13.85
CA VAL F 274 3.46 23.64 -13.31
C VAL F 274 3.72 22.14 -13.12
N LYS F 275 2.78 21.26 -13.51
CA LYS F 275 3.23 19.86 -13.55
C LYS F 275 4.46 19.62 -14.44
N ALA F 276 4.69 20.30 -15.56
CA ALA F 276 5.88 20.08 -16.37
C ALA F 276 6.49 21.37 -16.88
N MET F 277 6.63 22.37 -16.01
CA MET F 277 7.43 23.54 -16.35
C MET F 277 8.90 23.15 -16.26
N TYR F 278 9.68 23.57 -17.26
CA TYR F 278 11.04 23.07 -17.42
C TYR F 278 11.96 24.24 -17.74
N ALA F 279 13.11 24.29 -17.07
CA ALA F 279 14.11 25.32 -17.28
C ALA F 279 15.18 24.76 -18.21
N ALA F 280 15.44 25.46 -19.31
CA ALA F 280 16.41 25.03 -20.31
C ALA F 280 17.53 26.05 -20.36
N THR F 281 18.54 25.86 -19.52
CA THR F 281 19.70 26.75 -19.49
C THR F 281 20.93 25.94 -19.81
N ILE F 282 22.06 26.63 -19.91
CA ILE F 282 23.34 25.99 -20.18
C ILE F 282 24.34 26.38 -19.11
N GLU F 283 24.98 25.39 -18.51
CA GLU F 283 26.09 25.57 -17.60
C GLU F 283 27.33 24.94 -18.25
N SER F 284 28.50 25.22 -17.70
CA SER F 284 29.73 24.60 -18.17
C SER F 284 30.62 24.31 -16.97
N GLU F 285 31.74 23.66 -17.25
CA GLU F 285 32.73 23.38 -16.21
C GLU F 285 33.45 24.64 -15.76
N LEU F 286 34.21 25.29 -16.65
CA LEU F 286 34.79 26.62 -16.45
C LEU F 286 35.14 26.90 -15.01
N ASP F 287 34.65 28.03 -14.49
CA ASP F 287 34.43 28.25 -13.07
C ASP F 287 35.67 27.91 -12.23
N THR F 288 36.79 28.53 -12.59
CA THR F 288 38.00 28.27 -11.81
C THR F 288 38.07 29.20 -10.61
N GLN F 289 36.96 29.31 -9.86
CA GLN F 289 36.91 29.97 -8.57
C GLN F 289 37.66 31.29 -8.54
N SER F 290 38.89 31.24 -8.03
CA SER F 290 39.71 32.46 -7.91
C SER F 290 40.01 33.04 -9.29
N ALA F 291 40.34 32.17 -10.26
CA ALA F 291 40.61 32.66 -11.61
C ALA F 291 39.40 33.33 -12.24
N MET F 292 38.20 32.73 -12.08
CA MET F 292 37.00 33.34 -12.63
C MET F 292 36.70 34.68 -11.95
N ASP F 293 36.85 34.74 -10.63
CA ASP F 293 36.62 35.98 -9.91
C ASP F 293 37.61 37.06 -10.34
N PHE F 294 38.89 36.70 -10.50
CA PHE F 294 39.90 37.65 -10.93
C PHE F 294 39.61 38.15 -12.34
N ILE F 295 39.19 37.23 -13.23
CA ILE F 295 38.83 37.63 -14.58
C ILE F 295 37.64 38.58 -14.58
N LEU F 296 36.63 38.31 -13.76
CA LEU F 296 35.46 39.19 -13.69
C LEU F 296 35.85 40.56 -13.14
N GLY F 297 36.71 40.59 -12.11
CA GLY F 297 37.14 41.87 -11.55
C GLY F 297 37.98 42.66 -12.56
N ALA F 298 38.87 41.98 -13.27
CA ALA F 298 39.67 42.64 -14.29
C ALA F 298 38.80 43.18 -15.42
N ASN F 299 37.77 42.42 -15.79
CA ASN F 299 36.82 42.91 -16.78
C ASN F 299 36.08 44.14 -16.28
N SER F 300 35.64 44.11 -15.02
CA SER F 300 34.95 45.27 -14.45
C SER F 300 35.84 46.49 -14.44
N GLN F 301 37.13 46.31 -14.13
CA GLN F 301 38.04 47.44 -14.07
C GLN F 301 38.42 47.93 -15.46
N GLU F 302 39.17 47.12 -16.22
CA GLU F 302 39.60 47.54 -17.55
C GLU F 302 39.67 46.44 -18.59
N GLN F 303 39.29 45.20 -18.29
CA GLN F 303 39.60 44.12 -19.22
C GLN F 303 38.31 43.45 -19.70
N ARG F 304 37.35 44.27 -20.13
CA ARG F 304 36.11 43.77 -20.71
C ARG F 304 36.33 42.99 -22.00
N GLU F 305 37.52 43.11 -22.60
CA GLU F 305 37.81 42.33 -23.80
C GLU F 305 37.78 40.83 -23.53
N ARG F 306 38.12 40.41 -22.31
CA ARG F 306 37.97 38.99 -21.96
C ARG F 306 36.51 38.56 -22.03
N LEU F 307 35.61 39.35 -21.45
CA LEU F 307 34.19 39.01 -21.51
C LEU F 307 33.67 39.05 -22.93
N THR F 308 34.10 40.03 -23.73
CA THR F 308 33.66 40.09 -25.11
C THR F 308 34.14 38.87 -25.90
N GLY F 309 35.40 38.46 -25.68
CA GLY F 309 35.91 37.29 -26.35
C GLY F 309 35.19 36.01 -25.95
N TRP F 310 34.91 35.86 -24.64
CA TRP F 310 34.18 34.69 -24.19
C TRP F 310 32.76 34.67 -24.73
N ILE F 311 32.11 35.83 -24.77
CA ILE F 311 30.76 35.90 -25.33
C ILE F 311 30.77 35.56 -26.80
N GLY F 312 31.78 36.05 -27.54
CA GLY F 312 31.90 35.67 -28.93
C GLY F 312 32.12 34.18 -29.13
N GLU F 313 32.99 33.59 -28.29
CA GLU F 313 33.22 32.16 -28.38
C GLU F 313 31.96 31.36 -28.06
N ILE F 314 31.17 31.81 -27.09
CA ILE F 314 29.95 31.09 -26.73
C ILE F 314 28.87 31.27 -27.79
N ALA F 315 28.81 32.46 -28.40
CA ALA F 315 27.88 32.67 -29.50
C ALA F 315 28.24 31.77 -30.69
N ALA F 316 29.53 31.69 -31.01
CA ALA F 316 29.98 30.75 -32.04
C ALA F 316 29.69 29.32 -31.61
N TYR F 317 29.77 29.05 -30.32
CA TYR F 317 29.46 27.72 -29.80
C TYR F 317 28.02 27.35 -30.10
N TYR F 318 27.08 28.22 -29.73
CA TYR F 318 25.66 27.96 -29.94
C TYR F 318 25.25 28.08 -31.39
N ALA F 319 26.07 28.70 -32.25
CA ALA F 319 25.73 28.79 -33.66
C ALA F 319 26.47 27.73 -34.48
N ALA F 320 27.38 26.98 -33.86
CA ALA F 320 28.01 25.86 -34.54
C ALA F 320 27.50 24.53 -34.03
N ALA F 321 27.02 24.48 -32.80
CA ALA F 321 26.30 23.36 -32.22
C ALA F 321 24.86 23.22 -32.72
N PRO F 322 24.18 24.32 -33.14
CA PRO F 322 22.76 24.44 -32.86
C PRO F 322 22.30 23.70 -31.61
N VAL F 323 22.41 24.36 -30.46
CA VAL F 323 21.99 23.78 -29.20
C VAL F 323 20.47 23.83 -29.17
N ARG F 324 19.85 22.72 -29.51
CA ARG F 324 18.39 22.62 -29.64
C ARG F 324 17.93 21.36 -28.93
N LEU F 325 16.86 21.47 -28.14
CA LEU F 325 16.44 20.35 -27.31
C LEU F 325 15.39 19.49 -28.00
N GLY F 326 14.37 20.12 -28.57
CA GLY F 326 13.20 19.42 -29.05
C GLY F 326 12.70 19.93 -30.37
N GLY F 327 11.45 20.39 -30.41
CA GLY F 327 10.99 21.21 -31.51
C GLY F 327 11.36 22.67 -31.39
N ALA F 328 11.84 23.11 -30.22
CA ALA F 328 12.12 24.50 -29.95
C ALA F 328 13.59 24.70 -29.62
N LYS F 329 14.04 25.93 -29.79
CA LYS F 329 15.42 26.30 -29.49
C LYS F 329 15.61 26.49 -27.99
N VAL F 330 16.73 26.00 -27.48
CA VAL F 330 17.11 26.21 -26.09
C VAL F 330 17.37 27.70 -25.90
N PRO F 331 16.72 28.37 -24.96
CA PRO F 331 16.94 29.81 -24.78
C PRO F 331 18.39 30.11 -24.42
N HIS F 332 18.92 31.13 -25.08
CA HIS F 332 20.34 31.43 -25.12
C HIS F 332 20.86 31.74 -23.72
N LEU F 333 21.66 30.81 -23.20
CA LEU F 333 22.34 30.98 -21.92
C LEU F 333 23.80 30.59 -22.06
N MET F 334 24.66 31.62 -22.12
CA MET F 334 26.08 31.39 -22.00
C MET F 334 26.41 30.86 -20.60
N PRO F 335 27.52 30.13 -20.47
CA PRO F 335 27.77 29.35 -19.25
C PRO F 335 27.80 30.18 -17.97
N GLY F 336 27.42 29.54 -16.87
CA GLY F 336 27.58 30.10 -15.54
C GLY F 336 26.35 30.71 -14.91
N ASP F 337 25.17 30.48 -15.47
CA ASP F 337 23.93 31.03 -14.92
C ASP F 337 22.80 30.07 -15.22
N SER F 338 22.04 29.70 -14.19
CA SER F 338 20.89 28.82 -14.33
C SER F 338 19.86 29.14 -13.25
N LEU F 339 18.62 28.78 -13.54
CA LEU F 339 17.52 28.98 -12.62
C LEU F 339 17.48 27.84 -11.60
N ASN F 340 17.14 28.18 -10.36
CA ASN F 340 17.00 27.21 -9.27
C ASN F 340 15.51 27.03 -8.97
N LEU F 341 14.87 26.12 -9.68
CA LEU F 341 13.43 25.90 -9.53
C LEU F 341 13.16 24.79 -8.51
N GLN F 342 13.78 24.94 -7.35
CA GLN F 342 13.44 24.12 -6.20
C GLN F 342 12.08 24.55 -5.67
N THR F 343 11.30 23.58 -5.22
CA THR F 343 9.87 23.76 -5.03
C THR F 343 9.51 23.90 -3.56
N ALA F 344 8.21 24.08 -3.30
CA ALA F 344 7.67 24.10 -1.96
C ALA F 344 7.28 22.68 -1.55
N GLN F 345 6.50 22.55 -0.48
CA GLN F 345 6.12 21.22 -0.01
C GLN F 345 5.27 20.49 -1.05
N ASP F 346 5.28 19.16 -0.96
CA ASP F 346 4.68 18.33 -1.99
C ASP F 346 3.71 17.31 -1.42
N THR F 347 2.95 17.71 -0.40
CA THR F 347 1.90 16.85 0.15
C THR F 347 0.64 17.02 -0.70
N ASP F 348 -0.30 16.09 -0.60
CA ASP F 348 -1.56 16.26 -1.31
C ASP F 348 -2.29 17.52 -0.82
N ASN F 349 -2.95 18.19 -1.76
CA ASN F 349 -3.59 19.46 -1.49
C ASN F 349 -4.75 19.35 -0.49
N GLY F 350 -5.34 18.17 -0.34
CA GLY F 350 -6.44 18.00 0.59
C GLY F 350 -7.74 18.60 0.11
N TYR F 351 -7.69 19.42 -0.94
CA TYR F 351 -8.87 20.08 -1.47
C TYR F 351 -10.01 19.11 -1.72
N SER F 352 -9.70 17.85 -1.98
CA SER F 352 -10.73 16.85 -2.20
C SER F 352 -11.68 16.79 -1.01
N VAL F 353 -11.17 16.43 0.17
CA VAL F 353 -12.06 16.29 1.31
C VAL F 353 -12.46 17.66 1.85
N PHE F 354 -11.60 18.69 1.67
CA PHE F 354 -12.10 20.03 1.96
C PHE F 354 -13.39 20.33 1.21
N GLU F 355 -13.39 20.12 -0.11
CA GLU F 355 -14.53 20.53 -0.92
C GLU F 355 -15.73 19.63 -0.67
N GLN F 356 -15.53 18.32 -0.49
CA GLN F 356 -16.68 17.48 -0.15
C GLN F 356 -17.29 17.89 1.18
N SER F 357 -16.45 18.11 2.20
CA SER F 357 -16.97 18.53 3.49
C SER F 357 -17.72 19.86 3.38
N LEU F 358 -17.16 20.83 2.66
CA LEU F 358 -17.81 22.15 2.60
C LEU F 358 -19.05 22.14 1.71
N LEU F 359 -19.10 21.25 0.70
CA LEU F 359 -20.28 21.21 -0.17
C LEU F 359 -21.45 20.56 0.56
N ARG F 360 -21.23 19.37 1.13
CA ARG F 360 -22.00 18.88 2.28
C ARG F 360 -22.51 20.01 3.18
N TYR F 361 -21.56 20.71 3.80
CA TYR F 361 -21.78 21.77 4.77
C TYR F 361 -22.83 22.77 4.28
N ILE F 362 -22.55 23.45 3.18
CA ILE F 362 -23.40 24.57 2.81
C ILE F 362 -24.64 24.04 2.09
N ALA F 363 -24.59 22.78 1.64
CA ALA F 363 -25.74 22.19 0.96
C ALA F 363 -26.91 22.09 1.90
N ALA F 364 -26.74 21.42 3.04
CA ALA F 364 -27.85 21.49 4.00
C ALA F 364 -27.63 22.62 4.99
N GLY F 365 -26.84 23.60 4.57
CA GLY F 365 -27.03 24.96 5.02
C GLY F 365 -28.14 25.65 4.26
N LEU F 366 -27.83 26.26 3.12
CA LEU F 366 -28.83 26.85 2.24
C LEU F 366 -30.10 26.02 2.09
N GLY F 367 -30.04 24.69 2.23
CA GLY F 367 -31.25 23.94 2.45
C GLY F 367 -31.51 22.82 1.48
N VAL F 368 -31.20 23.02 0.20
CA VAL F 368 -31.42 21.99 -0.80
C VAL F 368 -30.10 21.26 -1.00
N SER F 369 -30.17 19.94 -0.88
CA SER F 369 -28.99 19.11 -0.83
C SER F 369 -28.26 19.13 -2.18
N TYR F 370 -26.93 19.09 -2.13
CA TYR F 370 -26.15 19.11 -3.37
C TYR F 370 -26.19 17.76 -4.09
N GLU F 371 -26.51 16.65 -3.39
CA GLU F 371 -26.49 15.39 -4.14
C GLU F 371 -27.52 15.44 -5.26
N GLN F 372 -28.25 16.56 -5.38
CA GLN F 372 -29.02 16.93 -6.55
C GLN F 372 -28.81 18.37 -6.99
N LEU F 373 -28.26 19.27 -6.16
CA LEU F 373 -27.93 20.59 -6.72
C LEU F 373 -26.75 20.50 -7.67
N SER F 374 -25.94 19.44 -7.54
CA SER F 374 -25.10 19.02 -8.64
C SER F 374 -24.96 17.51 -8.81
N ARG F 375 -25.77 16.71 -8.07
CA ARG F 375 -26.30 15.40 -8.50
C ARG F 375 -25.42 14.18 -8.18
N ASN F 376 -24.45 14.31 -7.28
CA ASN F 376 -23.64 13.12 -6.99
C ASN F 376 -24.47 11.83 -6.78
N TYR F 377 -23.91 10.69 -7.15
CA TYR F 377 -24.58 9.42 -6.88
C TYR F 377 -23.72 8.54 -6.00
N ALA F 378 -22.79 9.17 -5.30
CA ALA F 378 -21.77 8.50 -4.51
C ALA F 378 -22.40 7.80 -3.33
N GLN F 379 -22.20 6.47 -3.27
CA GLN F 379 -22.54 5.61 -2.14
C GLN F 379 -23.93 5.87 -1.55
N MET F 380 -24.86 6.37 -2.36
CA MET F 380 -26.18 6.70 -1.85
C MET F 380 -27.08 5.46 -1.92
N SER F 381 -27.88 5.25 -0.88
CA SER F 381 -28.58 4.00 -0.66
C SER F 381 -30.09 4.22 -0.61
N TYR F 382 -30.82 3.17 -0.21
CA TYR F 382 -32.27 3.17 -0.36
C TYR F 382 -32.93 4.03 0.73
N SER F 383 -32.60 3.74 2.00
CA SER F 383 -33.07 4.58 3.09
C SER F 383 -32.56 6.00 2.93
N THR F 384 -31.30 6.14 2.52
CA THR F 384 -30.77 7.43 2.11
C THR F 384 -31.77 8.17 1.22
N ALA F 385 -32.13 7.54 0.10
CA ALA F 385 -32.95 8.20 -0.89
C ALA F 385 -34.31 8.58 -0.33
N ARG F 386 -35.04 7.63 0.26
CA ARG F 386 -36.43 7.99 0.58
C ARG F 386 -36.51 8.85 1.83
N ALA F 387 -35.60 8.68 2.80
CA ALA F 387 -35.57 9.59 3.94
C ALA F 387 -35.25 11.02 3.50
N SER F 388 -34.18 11.18 2.71
CA SER F 388 -33.82 12.52 2.25
C SER F 388 -34.97 13.13 1.45
N ALA F 389 -35.56 12.34 0.55
CA ALA F 389 -36.64 12.86 -0.29
C ALA F 389 -37.85 13.27 0.53
N ASN F 390 -38.28 12.46 1.49
CA ASN F 390 -39.49 12.81 2.22
C ASN F 390 -39.26 13.99 3.14
N GLU F 391 -38.10 14.07 3.81
CA GLU F 391 -37.84 15.24 4.66
C GLU F 391 -37.74 16.50 3.82
N SER F 392 -37.04 16.45 2.68
CA SER F 392 -36.89 17.63 1.85
C SER F 392 -38.24 18.06 1.27
N TRP F 393 -39.08 17.10 0.88
CA TRP F 393 -40.37 17.43 0.30
C TRP F 393 -41.31 18.01 1.34
N ALA F 394 -41.31 17.46 2.57
CA ALA F 394 -42.11 18.05 3.63
C ALA F 394 -41.63 19.46 3.94
N TYR F 395 -40.32 19.69 3.82
CA TYR F 395 -39.76 21.00 4.13
C TYR F 395 -40.11 22.02 3.04
N PHE F 396 -40.16 21.56 1.80
CA PHE F 396 -40.70 22.39 0.73
C PHE F 396 -42.19 22.64 0.90
N MET F 397 -42.91 21.67 1.46
CA MET F 397 -44.31 21.93 1.78
C MET F 397 -44.41 23.03 2.81
N GLY F 398 -43.50 23.02 3.79
CA GLY F 398 -43.38 24.10 4.74
C GLY F 398 -43.16 25.45 4.08
N ARG F 399 -42.09 25.59 3.29
CA ARG F 399 -41.86 26.83 2.57
C ARG F 399 -43.05 27.24 1.70
N ARG F 400 -43.69 26.28 1.02
CA ARG F 400 -44.85 26.61 0.21
C ARG F 400 -45.96 27.22 1.05
N LYS F 401 -46.37 26.53 2.11
CA LYS F 401 -47.44 27.03 2.97
C LYS F 401 -47.05 28.30 3.70
N PHE F 402 -45.75 28.61 3.76
CA PHE F 402 -45.29 29.80 4.46
C PHE F 402 -45.19 31.04 3.57
N VAL F 403 -44.80 30.89 2.30
CA VAL F 403 -44.49 32.03 1.45
C VAL F 403 -45.27 31.99 0.14
N ALA F 404 -46.33 31.17 0.06
CA ALA F 404 -47.18 31.21 -1.12
C ALA F 404 -48.61 31.56 -0.76
N SER F 405 -49.08 31.07 0.39
CA SER F 405 -50.48 31.27 0.76
C SER F 405 -50.79 32.72 1.03
N ARG F 406 -49.80 33.50 1.47
CA ARG F 406 -50.02 34.95 1.64
C ARG F 406 -50.44 35.59 0.33
N GLN F 407 -49.63 35.41 -0.71
CA GLN F 407 -49.93 36.01 -2.01
C GLN F 407 -51.22 35.47 -2.57
N ALA F 408 -51.41 34.15 -2.44
CA ALA F 408 -52.62 33.52 -2.92
C ALA F 408 -53.87 34.13 -2.29
N SER F 409 -53.89 34.21 -0.95
CA SER F 409 -55.05 34.75 -0.25
C SER F 409 -55.25 36.23 -0.55
N GLN F 410 -54.16 36.99 -0.67
CA GLN F 410 -54.29 38.42 -0.96
C GLN F 410 -54.91 38.64 -2.33
N MET F 411 -54.39 37.94 -3.34
CA MET F 411 -54.91 38.07 -4.70
C MET F 411 -56.35 37.57 -4.78
N PHE F 412 -56.64 36.47 -4.09
CA PHE F 412 -57.99 35.94 -4.09
C PHE F 412 -58.96 36.90 -3.42
N LEU F 413 -58.54 37.54 -2.32
CA LEU F 413 -59.39 38.51 -1.66
C LEU F 413 -59.69 39.69 -2.58
N CYS F 414 -58.67 40.22 -3.25
CA CYS F 414 -58.91 41.33 -4.17
C CYS F 414 -59.86 40.93 -5.30
N TRP F 415 -59.60 39.75 -5.90
CA TRP F 415 -60.44 39.30 -7.01
C TRP F 415 -61.87 39.05 -6.56
N LEU F 416 -62.04 38.47 -5.37
CA LEU F 416 -63.38 38.19 -4.86
C LEU F 416 -64.12 39.47 -4.50
N GLU F 417 -63.40 40.46 -3.97
CA GLU F 417 -64.03 41.77 -3.75
C GLU F 417 -64.52 42.36 -5.07
N GLU F 418 -63.69 42.27 -6.11
CA GLU F 418 -64.12 42.76 -7.41
C GLU F 418 -65.33 41.99 -7.93
N ALA F 419 -65.33 40.67 -7.74
CA ALA F 419 -66.44 39.84 -8.19
C ALA F 419 -67.74 40.21 -7.46
N ILE F 420 -67.65 40.49 -6.16
CA ILE F 420 -68.83 40.90 -5.41
C ILE F 420 -69.29 42.28 -5.89
N VAL F 421 -68.35 43.16 -6.23
CA VAL F 421 -68.71 44.45 -6.79
C VAL F 421 -69.48 44.27 -8.09
N ARG F 422 -69.03 43.34 -8.94
CA ARG F 422 -69.62 43.13 -10.25
C ARG F 422 -70.81 42.18 -10.24
N ARG F 423 -71.12 41.61 -9.07
CA ARG F 423 -72.18 40.61 -8.93
C ARG F 423 -71.98 39.46 -9.92
N VAL F 424 -70.76 38.96 -10.00
CA VAL F 424 -70.48 37.78 -10.82
C VAL F 424 -70.98 36.52 -10.10
N VAL F 425 -70.59 36.36 -8.84
CA VAL F 425 -71.04 35.26 -8.02
C VAL F 425 -71.94 35.82 -6.92
N THR F 426 -72.90 35.01 -6.50
CA THR F 426 -73.93 35.43 -5.56
C THR F 426 -73.56 34.98 -4.15
N LEU F 427 -73.46 35.94 -3.24
CA LEU F 427 -73.21 35.62 -1.84
C LEU F 427 -74.44 34.94 -1.23
N PRO F 428 -74.25 34.13 -0.20
CA PRO F 428 -75.40 33.50 0.47
C PRO F 428 -76.36 34.55 1.03
N SER F 429 -77.65 34.27 0.91
CA SER F 429 -78.66 35.21 1.37
C SER F 429 -78.68 35.30 2.89
N LYS F 430 -78.35 34.21 3.58
CA LYS F 430 -78.37 34.16 5.03
C LYS F 430 -77.04 34.61 5.63
N ALA F 431 -76.31 35.48 4.94
CA ALA F 431 -75.01 35.95 5.42
C ALA F 431 -75.10 36.49 6.84
N ARG F 432 -74.47 35.79 7.77
CA ARG F 432 -74.46 36.23 9.16
C ARG F 432 -73.68 37.53 9.31
N PHE F 433 -72.63 37.70 8.51
CA PHE F 433 -71.88 38.95 8.46
C PHE F 433 -71.78 39.40 7.01
N SER F 434 -71.69 40.71 6.82
CA SER F 434 -71.56 41.25 5.48
C SER F 434 -70.24 40.84 4.85
N PHE F 435 -70.16 40.96 3.52
CA PHE F 435 -68.92 40.66 2.83
C PHE F 435 -67.78 41.52 3.33
N GLN F 436 -68.01 42.84 3.43
CA GLN F 436 -66.94 43.74 3.84
C GLN F 436 -66.50 43.45 5.26
N GLU F 437 -67.42 43.01 6.12
CA GLU F 437 -67.08 42.70 7.51
C GLU F 437 -66.34 41.37 7.63
N ALA F 438 -66.70 40.37 6.83
CA ALA F 438 -66.17 39.02 7.00
C ALA F 438 -65.44 38.58 5.73
N ARG F 439 -64.70 39.49 5.11
CA ARG F 439 -63.85 39.12 3.98
C ARG F 439 -62.95 37.94 4.32
N SER F 440 -62.39 37.92 5.53
CA SER F 440 -61.60 36.77 5.95
C SER F 440 -62.46 35.51 6.04
N ALA F 441 -63.66 35.63 6.60
CA ALA F 441 -64.54 34.47 6.73
C ALA F 441 -65.07 34.03 5.38
N TRP F 442 -65.57 34.97 4.58
CA TRP F 442 -66.06 34.62 3.24
C TRP F 442 -64.91 34.21 2.33
N GLY F 443 -63.84 34.99 2.30
CA GLY F 443 -62.73 34.73 1.40
C GLY F 443 -61.74 33.72 1.95
N ASN F 444 -62.17 32.88 2.89
CA ASN F 444 -61.31 31.81 3.39
C ASN F 444 -61.00 30.84 2.25
N CYS F 445 -59.72 30.57 2.05
CA CYS F 445 -59.32 29.76 0.91
C CYS F 445 -58.04 29.01 1.23
N ASP F 446 -57.81 27.93 0.49
CA ASP F 446 -56.57 27.19 0.50
C ASP F 446 -56.11 27.00 -0.94
N TRP F 447 -54.86 26.61 -1.11
CA TRP F 447 -54.26 26.51 -2.43
C TRP F 447 -53.41 25.25 -2.54
N ILE F 448 -53.33 24.73 -3.76
CA ILE F 448 -52.63 23.48 -4.06
C ILE F 448 -51.46 23.82 -4.96
N GLY F 449 -50.28 23.35 -4.60
CA GLY F 449 -49.05 23.65 -5.30
C GLY F 449 -48.75 22.67 -6.42
N SER F 450 -47.57 22.07 -6.35
CA SER F 450 -47.10 21.17 -7.40
C SER F 450 -47.93 19.90 -7.42
N GLY F 451 -47.82 19.15 -8.53
CA GLY F 451 -48.64 17.99 -8.75
C GLY F 451 -48.28 16.80 -7.86
N ARG F 452 -48.71 15.62 -8.31
CA ARG F 452 -48.59 14.38 -7.56
C ARG F 452 -47.14 13.95 -7.41
N MET F 453 -46.64 13.89 -6.19
CA MET F 453 -45.28 13.46 -5.91
C MET F 453 -45.04 12.02 -6.32
N ALA F 454 -43.95 11.79 -7.04
CA ALA F 454 -43.52 10.42 -7.32
C ALA F 454 -42.06 10.22 -6.91
N ILE F 455 -41.82 9.25 -6.03
CA ILE F 455 -40.47 8.96 -5.57
C ILE F 455 -40.15 7.47 -5.72
N ASP F 456 -41.05 6.61 -5.28
CA ASP F 456 -40.79 5.17 -5.21
C ASP F 456 -41.83 4.35 -5.94
N GLY F 457 -43.07 4.81 -6.00
CA GLY F 457 -44.16 4.01 -6.52
C GLY F 457 -44.77 3.11 -5.46
N LEU F 458 -44.07 2.04 -5.08
CA LEU F 458 -44.54 1.11 -4.06
C LEU F 458 -44.96 1.87 -2.81
N LYS F 459 -44.20 2.89 -2.44
CA LYS F 459 -44.54 3.70 -1.28
C LYS F 459 -45.92 4.30 -1.43
N GLU F 460 -46.10 5.14 -2.45
CA GLU F 460 -47.36 5.84 -2.64
C GLU F 460 -48.52 4.88 -2.80
N VAL F 461 -48.30 3.73 -3.44
CA VAL F 461 -49.42 2.83 -3.72
C VAL F 461 -49.82 2.07 -2.47
N GLN F 462 -48.86 1.67 -1.63
CA GLN F 462 -49.26 1.02 -0.40
C GLN F 462 -49.92 2.01 0.54
N GLU F 463 -49.45 3.26 0.56
CA GLU F 463 -50.14 4.30 1.31
C GLU F 463 -51.58 4.46 0.81
N ALA F 464 -51.74 4.51 -0.51
CA ALA F 464 -53.08 4.72 -1.09
C ALA F 464 -54.01 3.57 -0.75
N VAL F 465 -53.52 2.33 -0.87
CA VAL F 465 -54.39 1.19 -0.56
C VAL F 465 -54.75 1.18 0.92
N MET F 466 -53.80 1.51 1.81
CA MET F 466 -54.13 1.54 3.22
C MET F 466 -55.15 2.61 3.54
N LEU F 467 -54.99 3.81 2.96
CA LEU F 467 -55.92 4.89 3.21
C LEU F 467 -57.32 4.55 2.68
N ILE F 468 -57.38 3.94 1.48
CA ILE F 468 -58.69 3.69 0.89
C ILE F 468 -59.37 2.50 1.55
N GLU F 469 -58.60 1.61 2.20
CA GLU F 469 -59.27 0.52 2.90
C GLU F 469 -59.70 0.92 4.30
N ALA F 470 -58.88 1.69 5.01
CA ALA F 470 -59.23 2.07 6.38
C ALA F 470 -60.06 3.34 6.45
N GLY F 471 -60.26 4.03 5.34
CA GLY F 471 -60.98 5.29 5.38
C GLY F 471 -60.23 6.40 6.08
N LEU F 472 -58.93 6.25 6.26
CA LEU F 472 -58.13 7.23 6.99
C LEU F 472 -57.80 8.46 6.15
N SER F 473 -58.39 8.61 4.98
CA SER F 473 -58.18 9.76 4.12
C SER F 473 -59.53 10.35 3.72
N THR F 474 -59.61 11.68 3.77
CA THR F 474 -60.82 12.42 3.42
C THR F 474 -60.75 12.90 1.99
N TYR F 475 -61.83 13.54 1.55
CA TYR F 475 -61.82 14.21 0.25
C TYR F 475 -60.71 15.25 0.18
N GLU F 476 -60.65 16.14 1.17
CA GLU F 476 -59.74 17.27 1.09
C GLU F 476 -58.28 16.83 1.15
N LYS F 477 -57.91 15.97 2.10
CA LYS F 477 -56.50 15.61 2.19
C LYS F 477 -56.14 14.55 1.15
N GLU F 478 -57.09 13.73 0.72
CA GLU F 478 -56.82 12.86 -0.42
C GLU F 478 -56.51 13.66 -1.67
N CYS F 479 -57.32 14.68 -1.97
CA CYS F 479 -57.05 15.52 -3.12
C CYS F 479 -55.78 16.34 -2.94
N ALA F 480 -55.44 16.69 -1.69
CA ALA F 480 -54.16 17.35 -1.44
C ALA F 480 -52.99 16.42 -1.78
N LYS F 481 -53.08 15.17 -1.35
CA LYS F 481 -52.04 14.18 -1.64
C LYS F 481 -51.93 13.86 -3.13
N ARG F 482 -53.05 13.85 -3.86
CA ARG F 482 -53.07 13.34 -5.23
C ARG F 482 -53.03 14.45 -6.27
N GLY F 483 -53.26 15.70 -5.90
CA GLY F 483 -53.34 16.79 -6.85
C GLY F 483 -54.52 16.69 -7.80
N ASP F 484 -55.68 16.24 -7.31
CA ASP F 484 -56.88 16.06 -8.12
C ASP F 484 -58.08 16.62 -7.37
N ASP F 485 -59.28 16.29 -7.85
CA ASP F 485 -60.52 16.68 -7.20
C ASP F 485 -61.43 15.47 -7.10
N TYR F 486 -62.03 15.30 -5.92
CA TYR F 486 -62.96 14.18 -5.70
C TYR F 486 -64.21 14.29 -6.56
N GLN F 487 -64.78 15.49 -6.72
CA GLN F 487 -65.96 15.65 -7.55
C GLN F 487 -65.67 15.21 -8.99
N GLU F 488 -64.55 15.67 -9.54
CA GLU F 488 -64.24 15.32 -10.92
C GLU F 488 -63.83 13.87 -11.07
N ILE F 489 -63.14 13.29 -10.08
CA ILE F 489 -62.79 11.87 -10.18
C ILE F 489 -64.05 11.02 -10.13
N PHE F 490 -65.04 11.42 -9.33
CA PHE F 490 -66.29 10.66 -9.28
C PHE F 490 -67.10 10.82 -10.56
N ALA F 491 -67.20 12.05 -11.08
CA ALA F 491 -67.91 12.25 -12.34
C ALA F 491 -67.25 11.48 -13.48
N GLN F 492 -65.92 11.51 -13.52
CA GLN F 492 -65.21 10.82 -14.58
C GLN F 492 -65.24 9.30 -14.38
N GLN F 493 -65.38 8.83 -13.15
CA GLN F 493 -65.58 7.40 -12.94
C GLN F 493 -66.97 6.98 -13.40
N VAL F 494 -67.96 7.85 -13.19
CA VAL F 494 -69.30 7.60 -13.75
C VAL F 494 -69.21 7.48 -15.27
N ARG F 495 -68.51 8.44 -15.89
CA ARG F 495 -68.34 8.41 -17.34
C ARG F 495 -67.58 7.16 -17.77
N GLU F 496 -66.54 6.79 -17.02
CA GLU F 496 -65.78 5.57 -17.30
C GLU F 496 -66.69 4.36 -17.31
N THR F 497 -67.45 4.18 -16.23
CA THR F 497 -68.28 2.99 -16.11
C THR F 497 -69.34 2.95 -17.20
N MET F 498 -69.97 4.09 -17.50
CA MET F 498 -71.04 4.07 -18.50
C MET F 498 -70.48 3.86 -19.90
N GLU F 499 -69.30 4.41 -20.22
CA GLU F 499 -68.72 4.16 -21.53
C GLU F 499 -68.25 2.72 -21.67
N ARG F 500 -67.68 2.15 -20.59
CA ARG F 500 -67.30 0.73 -20.65
C ARG F 500 -68.53 -0.14 -20.84
N ARG F 501 -69.62 0.15 -20.14
CA ARG F 501 -70.85 -0.62 -20.32
C ARG F 501 -71.40 -0.48 -21.74
N ALA F 502 -71.38 0.74 -22.29
CA ALA F 502 -71.95 0.95 -23.61
C ALA F 502 -71.08 0.33 -24.71
N ALA F 503 -69.78 0.59 -24.70
CA ALA F 503 -68.87 0.07 -25.71
C ALA F 503 -68.57 -1.40 -25.52
N GLY F 504 -68.90 -1.99 -24.37
CA GLY F 504 -68.63 -3.38 -24.13
C GLY F 504 -67.40 -3.68 -23.29
N LEU F 505 -66.77 -2.65 -22.73
CA LEU F 505 -65.58 -2.87 -21.90
C LEU F 505 -65.98 -3.34 -20.51
N LYS F 506 -64.98 -3.44 -19.65
CA LYS F 506 -65.19 -3.97 -18.30
C LYS F 506 -64.97 -2.89 -17.26
N PRO F 507 -66.03 -2.32 -16.67
CA PRO F 507 -65.98 -1.29 -15.63
C PRO F 507 -64.98 -1.60 -14.51
N GLN G 34 -7.60 35.70 -14.69
CA GLN G 34 -8.47 35.03 -15.65
C GLN G 34 -9.82 35.75 -15.71
N LEU G 35 -10.18 36.44 -14.63
CA LEU G 35 -11.37 37.27 -14.62
C LEU G 35 -11.25 38.44 -15.59
N ARG G 36 -10.10 38.59 -16.24
CA ARG G 36 -9.87 39.71 -17.14
C ARG G 36 -10.66 39.61 -18.44
N SER G 37 -10.74 38.42 -19.04
CA SER G 37 -11.37 38.27 -20.34
C SER G 37 -12.88 38.10 -20.25
N TRP G 38 -13.46 38.28 -19.07
CA TRP G 38 -14.87 38.08 -18.81
C TRP G 38 -15.25 38.88 -17.57
N ASN G 39 -16.15 39.85 -17.72
CA ASN G 39 -16.29 40.79 -16.62
C ASN G 39 -17.74 41.08 -16.26
N PRO G 40 -18.14 40.78 -15.02
CA PRO G 40 -19.50 41.13 -14.59
C PRO G 40 -19.54 42.52 -13.97
N PRO G 41 -20.45 43.37 -14.43
CA PRO G 41 -20.77 44.59 -13.68
C PRO G 41 -21.67 44.26 -12.49
N SER G 42 -21.68 45.18 -11.53
CA SER G 42 -22.51 45.07 -10.34
C SER G 42 -23.74 45.95 -10.49
N GLU G 43 -24.84 45.34 -10.94
CA GLU G 43 -26.07 46.06 -11.25
C GLU G 43 -27.18 45.04 -11.45
N SER G 44 -28.40 45.53 -11.59
CA SER G 44 -29.52 44.67 -11.97
C SER G 44 -29.18 43.88 -13.22
N VAL G 45 -29.73 42.66 -13.30
CA VAL G 45 -29.31 41.71 -14.31
C VAL G 45 -29.59 42.22 -15.72
N ASP G 46 -30.73 42.89 -15.91
CA ASP G 46 -31.06 43.39 -17.25
C ASP G 46 -30.05 44.42 -17.73
N ALA G 47 -29.66 45.36 -16.87
CA ALA G 47 -28.70 46.38 -17.27
C ALA G 47 -27.27 45.86 -17.18
N ALA G 48 -27.07 44.68 -16.60
CA ALA G 48 -25.78 44.03 -16.59
C ALA G 48 -25.57 43.11 -17.79
N LEU G 49 -26.65 42.69 -18.46
CA LEU G 49 -26.58 41.86 -19.65
C LEU G 49 -26.75 42.64 -20.95
N LEU G 50 -27.72 43.55 -21.04
CA LEU G 50 -27.97 44.22 -22.31
C LEU G 50 -26.76 44.97 -22.86
N PRO G 51 -25.97 45.71 -22.06
CA PRO G 51 -24.77 46.35 -22.62
C PRO G 51 -23.78 45.36 -23.24
N ASN G 52 -23.60 44.19 -22.64
CA ASN G 52 -22.73 43.15 -23.20
C ASN G 52 -23.54 42.03 -23.86
N PHE G 53 -24.65 42.37 -24.48
CA PHE G 53 -25.50 41.37 -25.12
C PHE G 53 -24.79 40.72 -26.30
N THR G 54 -24.19 41.52 -27.18
CA THR G 54 -23.59 40.99 -28.39
C THR G 54 -22.40 40.08 -28.10
N ARG G 55 -21.54 40.47 -27.15
CA ARG G 55 -20.36 39.66 -26.86
C ARG G 55 -20.75 38.32 -26.22
N GLY G 56 -21.63 38.36 -25.22
CA GLY G 56 -22.06 37.11 -24.59
C GLY G 56 -22.76 36.19 -25.56
N ASN G 57 -23.66 36.73 -26.38
CA ASN G 57 -24.37 35.91 -27.35
C ASN G 57 -23.41 35.38 -28.42
N ALA G 58 -22.42 36.17 -28.82
CA ALA G 58 -21.46 35.72 -29.82
C ALA G 58 -20.60 34.58 -29.31
N ARG G 59 -20.12 34.70 -28.06
CA ARG G 59 -19.33 33.61 -27.50
C ARG G 59 -20.21 32.40 -27.19
N ALA G 60 -21.50 32.63 -26.92
CA ALA G 60 -22.44 31.53 -26.81
C ALA G 60 -22.57 30.80 -28.14
N ASP G 61 -22.65 31.54 -29.24
CA ASP G 61 -22.64 30.92 -30.57
C ASP G 61 -21.36 30.13 -30.78
N ASP G 62 -20.23 30.71 -30.38
CA ASP G 62 -18.95 30.04 -30.52
C ASP G 62 -18.96 28.69 -29.80
N LEU G 63 -19.43 28.66 -28.55
CA LEU G 63 -19.37 27.41 -27.80
C LEU G 63 -20.43 26.41 -28.26
N VAL G 64 -21.63 26.88 -28.61
CA VAL G 64 -22.64 25.95 -29.11
C VAL G 64 -22.28 25.40 -30.48
N ARG G 65 -21.38 26.07 -31.21
CA ARG G 65 -20.93 25.55 -32.49
C ARG G 65 -19.71 24.64 -32.34
N ASN G 66 -18.75 25.01 -31.49
CA ASN G 66 -17.54 24.23 -31.29
C ASN G 66 -17.72 23.05 -30.37
N ASN G 67 -18.78 23.05 -29.55
CA ASN G 67 -18.92 22.12 -28.44
C ASN G 67 -20.17 21.27 -28.62
N GLY G 68 -20.06 19.99 -28.24
CA GLY G 68 -21.17 19.08 -28.46
C GLY G 68 -22.22 19.14 -27.36
N TYR G 69 -21.84 19.66 -26.19
CA TYR G 69 -22.76 19.68 -25.05
C TYR G 69 -24.04 20.43 -25.36
N ALA G 70 -23.95 21.57 -26.03
CA ALA G 70 -25.15 22.33 -26.37
C ALA G 70 -26.05 21.54 -27.31
N ALA G 71 -25.46 20.86 -28.30
CA ALA G 71 -26.26 20.04 -29.21
C ALA G 71 -26.97 18.92 -28.46
N ASN G 72 -26.26 18.24 -27.56
CA ASN G 72 -26.90 17.15 -26.80
C ASN G 72 -28.00 17.70 -25.91
N ALA G 73 -27.76 18.86 -25.29
CA ALA G 73 -28.74 19.42 -24.37
C ALA G 73 -29.99 19.87 -25.12
N ILE G 74 -29.83 20.51 -26.27
CA ILE G 74 -31.00 20.93 -27.02
C ILE G 74 -31.74 19.73 -27.59
N GLN G 75 -31.00 18.68 -27.97
CA GLN G 75 -31.65 17.48 -28.49
C GLN G 75 -32.46 16.80 -27.39
N LEU G 76 -31.90 16.67 -26.19
CA LEU G 76 -32.65 16.05 -25.10
C LEU G 76 -33.83 16.91 -24.67
N HIS G 77 -33.66 18.23 -24.68
CA HIS G 77 -34.79 19.10 -24.37
C HIS G 77 -35.90 18.91 -25.38
N GLN G 78 -35.54 18.81 -26.66
CA GLN G 78 -36.53 18.53 -27.69
C GLN G 78 -37.24 17.22 -27.41
N ASP G 79 -36.49 16.16 -27.14
CA ASP G 79 -37.06 14.83 -27.02
C ASP G 79 -37.79 14.62 -25.69
N HIS G 80 -37.56 15.48 -24.70
CA HIS G 80 -38.34 15.43 -23.48
C HIS G 80 -39.56 16.34 -23.51
N ILE G 81 -39.46 17.49 -24.20
CA ILE G 81 -40.56 18.45 -24.19
C ILE G 81 -41.58 18.09 -25.25
N VAL G 82 -41.15 18.01 -26.50
CA VAL G 82 -42.06 17.72 -27.60
C VAL G 82 -41.98 16.23 -27.93
N GLY G 83 -40.78 15.70 -28.01
CA GLY G 83 -40.58 14.33 -28.41
C GLY G 83 -41.03 14.10 -29.84
N SER G 84 -41.90 13.11 -30.01
CA SER G 84 -42.40 12.78 -31.34
C SER G 84 -43.25 13.90 -31.92
N PHE G 85 -44.21 14.41 -31.13
CA PHE G 85 -45.14 15.41 -31.61
C PHE G 85 -45.70 16.20 -30.43
N PHE G 86 -46.48 17.24 -30.76
CA PHE G 86 -47.11 18.11 -29.77
C PHE G 86 -48.60 18.15 -30.12
N ARG G 87 -49.41 17.53 -29.27
CA ARG G 87 -50.81 17.26 -29.56
C ARG G 87 -51.72 18.31 -28.93
N LEU G 88 -52.62 18.86 -29.75
CA LEU G 88 -53.59 19.82 -29.29
C LEU G 88 -54.82 19.13 -28.70
N SER G 89 -55.37 19.73 -27.65
CA SER G 89 -56.64 19.29 -27.07
C SER G 89 -57.43 20.54 -26.68
N HIS G 90 -58.55 20.75 -27.35
CA HIS G 90 -59.37 21.95 -27.16
C HIS G 90 -60.43 21.68 -26.11
N ARG G 91 -60.43 22.47 -25.04
CA ARG G 91 -61.42 22.36 -23.97
C ARG G 91 -62.01 23.74 -23.71
N PRO G 92 -62.98 24.16 -24.52
CA PRO G 92 -63.68 25.41 -24.23
C PRO G 92 -64.37 25.32 -22.88
N SER G 93 -64.39 26.45 -22.17
CA SER G 93 -64.92 26.47 -20.81
C SER G 93 -66.43 26.31 -20.89
N TRP G 94 -66.85 25.06 -21.07
CA TRP G 94 -68.27 24.76 -21.23
C TRP G 94 -69.06 25.12 -19.98
N ARG G 95 -68.51 24.83 -18.80
CA ARG G 95 -69.23 25.09 -17.55
C ARG G 95 -69.44 26.59 -17.35
N TYR G 96 -68.41 27.39 -17.59
CA TYR G 96 -68.53 28.83 -17.36
C TYR G 96 -69.35 29.50 -18.47
N LEU G 97 -69.15 29.08 -19.72
CA LEU G 97 -69.87 29.66 -20.85
C LEU G 97 -71.28 29.13 -20.99
N GLY G 98 -71.67 28.13 -20.20
CA GLY G 98 -73.01 27.58 -20.33
C GLY G 98 -73.13 26.57 -21.46
N ILE G 99 -72.02 26.28 -22.13
CA ILE G 99 -71.99 25.33 -23.24
C ILE G 99 -72.13 23.93 -22.68
N GLY G 100 -72.88 23.10 -23.39
CA GLY G 100 -72.97 21.70 -23.00
C GLY G 100 -71.64 20.99 -23.22
N GLU G 101 -71.34 20.05 -22.33
CA GLU G 101 -70.08 19.32 -22.44
C GLU G 101 -70.05 18.45 -23.70
N GLU G 102 -71.19 17.87 -24.07
CA GLU G 102 -71.23 17.05 -25.28
C GLU G 102 -71.03 17.89 -26.53
N GLU G 103 -71.64 19.08 -26.59
CA GLU G 103 -71.43 19.97 -27.73
C GLU G 103 -69.99 20.45 -27.76
N ALA G 104 -69.42 20.77 -26.60
CA ALA G 104 -68.02 21.15 -26.55
C ALA G 104 -67.13 20.03 -27.06
N ARG G 105 -67.46 18.78 -26.69
CA ARG G 105 -66.61 17.66 -27.09
C ARG G 105 -66.71 17.40 -28.59
N ALA G 106 -67.92 17.52 -29.15
CA ALA G 106 -68.07 17.32 -30.60
C ALA G 106 -67.41 18.43 -31.38
N PHE G 107 -67.56 19.68 -30.92
CA PHE G 107 -66.89 20.80 -31.54
C PHE G 107 -65.38 20.64 -31.45
N SER G 108 -64.90 20.12 -30.32
CA SER G 108 -63.48 19.82 -30.18
C SER G 108 -63.05 18.71 -31.14
N ARG G 109 -63.89 17.71 -31.35
CA ARG G 109 -63.59 16.67 -32.33
C ARG G 109 -63.40 17.29 -33.71
N GLU G 110 -64.32 18.18 -34.10
CA GLU G 110 -64.23 18.83 -35.41
C GLU G 110 -62.96 19.65 -35.51
N VAL G 111 -62.66 20.47 -34.50
CA VAL G 111 -61.48 21.31 -34.56
C VAL G 111 -60.20 20.48 -34.52
N GLU G 112 -60.21 19.35 -33.81
CA GLU G 112 -59.01 18.51 -33.74
C GLU G 112 -58.76 17.82 -35.07
N ALA G 113 -59.81 17.32 -35.72
CA ALA G 113 -59.64 16.76 -37.05
C ALA G 113 -59.12 17.80 -38.02
N ALA G 114 -59.70 19.01 -38.00
CA ALA G 114 -59.24 20.07 -38.89
C ALA G 114 -57.79 20.44 -38.61
N TRP G 115 -57.42 20.55 -37.33
CA TRP G 115 -56.07 20.97 -36.99
C TRP G 115 -55.04 19.91 -37.35
N LYS G 116 -55.36 18.63 -37.11
CA LYS G 116 -54.42 17.57 -37.48
C LYS G 116 -54.25 17.50 -38.98
N GLU G 117 -55.34 17.61 -39.75
CA GLU G 117 -55.19 17.54 -41.21
C GLU G 117 -54.47 18.77 -41.75
N PHE G 118 -54.62 19.92 -41.10
CA PHE G 118 -53.93 21.12 -41.56
C PHE G 118 -52.46 21.08 -41.17
N ALA G 119 -52.13 20.45 -40.04
CA ALA G 119 -50.75 20.39 -39.58
C ALA G 119 -49.95 19.31 -40.30
N GLU G 120 -50.62 18.25 -40.78
CA GLU G 120 -49.92 17.13 -41.38
C GLU G 120 -49.51 17.39 -42.83
N ASP G 121 -49.49 18.65 -43.25
CA ASP G 121 -49.13 18.97 -44.63
C ASP G 121 -47.76 18.43 -44.97
N ASP G 122 -47.69 17.65 -46.06
CA ASP G 122 -46.48 16.90 -46.37
C ASP G 122 -45.48 17.74 -47.16
N CYS G 123 -45.90 18.91 -47.67
CA CYS G 123 -45.02 19.70 -48.50
C CYS G 123 -44.28 20.80 -47.74
N CYS G 124 -44.28 20.76 -46.40
CA CYS G 124 -43.57 21.74 -45.57
C CYS G 124 -44.12 23.14 -45.79
N CYS G 125 -45.40 23.25 -46.12
CA CYS G 125 -45.91 24.48 -46.70
C CYS G 125 -46.54 25.41 -45.68
N ILE G 126 -46.47 25.06 -44.39
CA ILE G 126 -47.17 25.85 -43.39
C ILE G 126 -46.35 27.08 -42.97
N ASP G 127 -45.10 27.16 -43.42
CA ASP G 127 -44.25 28.30 -43.12
C ASP G 127 -44.07 29.19 -44.34
N VAL G 128 -43.78 30.47 -44.11
CA VAL G 128 -43.49 31.39 -45.20
C VAL G 128 -42.20 30.98 -45.90
N GLU G 129 -41.22 30.51 -45.13
CA GLU G 129 -40.01 29.94 -45.71
C GLU G 129 -40.30 28.66 -46.49
N ARG G 130 -41.48 28.06 -46.27
CA ARG G 130 -41.95 26.92 -47.07
C ARG G 130 -41.11 25.68 -46.84
N LYS G 131 -40.37 25.65 -45.73
CA LYS G 131 -39.49 24.53 -45.44
C LYS G 131 -39.57 24.02 -44.00
N ARG G 132 -40.65 24.32 -43.27
CA ARG G 132 -40.80 23.80 -41.92
C ARG G 132 -42.27 23.50 -41.66
N THR G 133 -42.56 22.33 -41.10
CA THR G 133 -43.91 22.01 -40.65
C THR G 133 -44.11 22.51 -39.22
N PHE G 134 -45.24 22.13 -38.62
CA PHE G 134 -45.53 22.53 -37.24
C PHE G 134 -44.48 21.97 -36.28
N THR G 135 -44.00 20.76 -36.55
CA THR G 135 -42.99 20.15 -35.69
C THR G 135 -41.75 21.04 -35.59
N MET G 136 -41.22 21.48 -36.72
CA MET G 136 -40.06 22.36 -36.71
C MET G 136 -40.37 23.81 -36.35
N MET G 137 -41.62 24.26 -36.53
CA MET G 137 -42.05 25.46 -35.80
C MET G 137 -41.74 25.35 -34.33
N ILE G 138 -42.26 24.31 -33.68
CA ILE G 138 -42.03 24.15 -32.25
C ILE G 138 -40.55 23.91 -31.97
N ARG G 139 -39.87 23.19 -32.86
CA ARG G 139 -38.46 22.88 -32.67
C ARG G 139 -37.62 24.15 -32.63
N GLU G 140 -37.67 24.95 -33.70
CA GLU G 140 -36.87 26.17 -33.74
C GLU G 140 -37.31 27.15 -32.66
N GLY G 141 -38.62 27.25 -32.40
CA GLY G 141 -39.08 28.15 -31.36
C GLY G 141 -38.51 27.81 -30.00
N VAL G 142 -38.60 26.52 -29.62
CA VAL G 142 -38.11 26.12 -28.30
C VAL G 142 -36.58 26.21 -28.25
N ALA G 143 -35.90 25.90 -29.36
CA ALA G 143 -34.44 25.98 -29.37
C ALA G 143 -33.98 27.41 -29.18
N MET G 144 -34.62 28.36 -29.85
CA MET G 144 -34.22 29.76 -29.75
C MET G 144 -34.67 30.38 -28.43
N HIS G 145 -35.81 29.92 -27.89
CA HIS G 145 -36.23 30.38 -26.57
C HIS G 145 -35.38 29.76 -25.47
N ALA G 146 -34.66 28.68 -25.79
CA ALA G 146 -33.70 28.14 -24.85
C ALA G 146 -32.38 28.89 -24.92
N PHE G 147 -31.85 29.08 -26.14
CA PHE G 147 -30.62 29.81 -26.33
C PHE G 147 -30.69 31.26 -25.91
N ASN G 148 -31.53 32.07 -26.57
CA ASN G 148 -31.63 33.48 -26.24
C ASN G 148 -32.68 33.79 -25.18
N GLY G 149 -33.50 32.82 -24.79
CA GLY G 149 -34.55 33.05 -23.84
C GLY G 149 -35.83 33.61 -24.42
N GLU G 150 -35.87 33.89 -25.72
CA GLU G 150 -37.03 34.49 -26.35
C GLU G 150 -37.27 33.80 -27.69
N LEU G 151 -38.52 33.82 -28.13
CA LEU G 151 -38.85 33.41 -29.49
C LEU G 151 -39.84 34.38 -30.09
N PHE G 152 -39.72 34.53 -31.41
CA PHE G 152 -40.40 35.55 -32.21
C PHE G 152 -41.16 34.85 -33.31
N VAL G 153 -42.48 34.79 -33.22
CA VAL G 153 -43.31 34.27 -34.29
C VAL G 153 -44.13 35.42 -34.88
N GLN G 154 -44.42 35.34 -36.17
CA GLN G 154 -45.22 36.35 -36.85
C GLN G 154 -46.31 35.66 -37.66
N ALA G 155 -47.55 36.06 -37.44
CA ALA G 155 -48.70 35.53 -38.16
C ALA G 155 -48.90 36.33 -39.43
N THR G 156 -48.50 35.77 -40.57
CA THR G 156 -48.58 36.43 -41.85
C THR G 156 -49.66 35.77 -42.70
N TRP G 157 -50.13 36.51 -43.70
CA TRP G 157 -51.19 36.04 -44.59
C TRP G 157 -50.55 35.49 -45.87
N ASP G 158 -50.36 34.18 -45.90
CA ASP G 158 -49.92 33.49 -47.10
C ASP G 158 -50.98 33.58 -48.19
N THR G 159 -50.53 33.58 -49.44
CA THR G 159 -51.42 33.58 -50.59
C THR G 159 -51.49 32.24 -51.30
N SER G 160 -50.70 31.26 -50.89
CA SER G 160 -50.71 29.95 -51.54
C SER G 160 -52.00 29.22 -51.22
N SER G 161 -52.80 28.95 -52.26
CA SER G 161 -54.16 28.44 -52.12
C SER G 161 -54.22 26.92 -52.04
N SER G 162 -53.09 26.24 -51.81
CA SER G 162 -53.10 24.79 -51.69
C SER G 162 -53.82 24.32 -50.44
N ARG G 163 -54.06 25.21 -49.47
CA ARG G 163 -54.72 24.87 -48.23
C ARG G 163 -55.87 25.85 -48.01
N LEU G 164 -56.81 25.46 -47.16
CA LEU G 164 -57.96 26.33 -46.91
C LEU G 164 -57.57 27.55 -46.09
N PHE G 165 -56.53 27.45 -45.28
CA PHE G 165 -56.16 28.47 -44.31
C PHE G 165 -55.01 29.32 -44.86
N ARG G 166 -55.27 30.61 -45.07
CA ARG G 166 -54.28 31.53 -45.60
C ARG G 166 -53.35 32.13 -44.54
N THR G 167 -53.24 31.54 -43.36
CA THR G 167 -52.34 32.09 -42.36
C THR G 167 -51.14 31.17 -42.18
N GLN G 168 -49.94 31.73 -42.35
CA GLN G 168 -48.70 31.03 -42.03
C GLN G 168 -48.03 31.77 -40.89
N PHE G 169 -46.99 31.15 -40.33
CA PHE G 169 -46.29 31.70 -39.19
C PHE G 169 -44.79 31.68 -39.43
N ARG G 170 -44.22 32.85 -39.69
CA ARG G 170 -42.81 33.00 -40.01
C ARG G 170 -42.08 33.41 -38.74
N MET G 171 -40.98 32.72 -38.43
CA MET G 171 -40.24 33.01 -37.21
C MET G 171 -39.17 34.07 -37.52
N VAL G 172 -38.97 34.97 -36.56
CA VAL G 172 -38.17 36.18 -36.74
C VAL G 172 -36.92 36.06 -35.88
N SER G 173 -35.77 36.36 -36.47
CA SER G 173 -34.50 36.21 -35.76
C SER G 173 -34.37 37.23 -34.63
N PRO G 174 -33.65 36.89 -33.57
CA PRO G 174 -33.42 37.87 -32.49
C PRO G 174 -32.39 38.93 -32.86
N LYS G 175 -31.57 38.68 -33.88
CA LYS G 175 -30.64 39.71 -34.34
C LYS G 175 -31.39 40.90 -34.94
N ARG G 176 -32.60 40.65 -35.44
CA ARG G 176 -33.43 41.67 -36.05
C ARG G 176 -33.86 42.76 -35.06
N ILE G 177 -34.07 42.41 -33.79
CA ILE G 177 -34.57 43.34 -32.79
C ILE G 177 -33.42 44.16 -32.24
N SER G 178 -33.21 45.34 -32.83
CA SER G 178 -32.34 46.35 -32.28
C SER G 178 -33.01 47.69 -32.51
N ASN G 179 -32.52 48.72 -31.83
CA ASN G 179 -33.08 50.04 -32.01
C ASN G 179 -32.90 50.48 -33.47
N PRO G 180 -33.80 51.35 -33.99
CA PRO G 180 -33.70 51.73 -35.40
C PRO G 180 -32.32 52.25 -35.75
N ASN G 181 -31.64 51.51 -36.62
CA ASN G 181 -30.28 51.80 -37.04
C ASN G 181 -29.30 51.63 -35.87
N ASN G 182 -29.44 50.52 -35.14
CA ASN G 182 -28.44 50.04 -34.19
C ASN G 182 -28.10 51.10 -33.13
N THR G 183 -29.00 52.06 -32.93
CA THR G 183 -28.76 53.06 -31.90
C THR G 183 -28.82 52.42 -30.53
N GLY G 184 -28.11 53.02 -29.58
CA GLY G 184 -28.14 52.49 -28.22
C GLY G 184 -29.51 52.65 -27.60
N ASP G 185 -29.70 52.01 -26.45
CA ASP G 185 -30.96 52.11 -25.73
C ASP G 185 -31.35 53.57 -25.50
N SER G 186 -32.65 53.83 -25.49
CA SER G 186 -33.15 55.19 -25.30
C SER G 186 -34.20 55.22 -24.20
N ARG G 187 -34.89 56.35 -24.08
CA ARG G 187 -35.94 56.49 -23.05
C ARG G 187 -36.98 55.39 -23.17
N ASN G 188 -37.67 55.34 -24.31
CA ASN G 188 -38.72 54.34 -24.53
C ASN G 188 -38.38 53.36 -25.64
N CYS G 189 -37.42 53.67 -26.50
CA CYS G 189 -36.91 52.73 -27.50
C CYS G 189 -35.70 52.04 -26.89
N ARG G 190 -35.89 50.79 -26.47
CA ARG G 190 -34.93 50.11 -25.61
C ARG G 190 -34.55 48.78 -26.25
N ALA G 191 -33.36 48.74 -26.86
CA ALA G 191 -32.84 47.52 -27.48
C ALA G 191 -33.80 46.99 -28.56
N GLY G 192 -34.49 47.90 -29.23
CA GLY G 192 -35.36 47.53 -30.31
C GLY G 192 -36.84 47.50 -30.01
N VAL G 193 -37.23 47.49 -28.75
CA VAL G 193 -38.64 47.48 -28.38
C VAL G 193 -39.05 48.89 -27.97
N GLN G 194 -40.15 49.34 -28.55
CA GLN G 194 -40.74 50.63 -28.22
C GLN G 194 -41.82 50.39 -27.16
N ILE G 195 -41.59 50.89 -25.96
CA ILE G 195 -42.50 50.70 -24.84
C ILE G 195 -42.89 52.05 -24.29
N ASN G 196 -43.79 52.04 -23.32
CA ASN G 196 -44.18 53.27 -22.63
C ASN G 196 -43.34 53.43 -21.37
N ASP G 197 -43.66 54.42 -20.55
CA ASP G 197 -43.00 54.57 -19.26
C ASP G 197 -43.32 53.39 -18.36
N SER G 198 -44.54 52.86 -18.46
CA SER G 198 -44.96 51.70 -17.69
C SER G 198 -44.38 50.40 -18.22
N GLY G 199 -43.71 50.43 -19.37
CA GLY G 199 -43.04 49.27 -19.91
C GLY G 199 -43.83 48.49 -20.94
N ALA G 200 -45.10 48.82 -21.16
CA ALA G 200 -45.95 48.04 -22.06
C ALA G 200 -45.34 47.96 -23.45
N ALA G 201 -45.09 46.74 -23.91
CA ALA G 201 -44.41 46.49 -25.18
C ALA G 201 -45.36 46.83 -26.33
N LEU G 202 -45.14 47.99 -26.95
CA LEU G 202 -45.96 48.39 -28.08
C LEU G 202 -45.53 47.67 -29.36
N GLY G 203 -44.28 47.87 -29.78
CA GLY G 203 -43.82 47.26 -31.00
C GLY G 203 -42.31 47.13 -31.02
N TYR G 204 -41.79 46.81 -32.20
CA TYR G 204 -40.44 46.34 -32.37
C TYR G 204 -39.86 46.90 -33.66
N TYR G 205 -38.54 47.02 -33.68
CA TYR G 205 -37.80 47.46 -34.87
C TYR G 205 -37.00 46.29 -35.40
N VAL G 206 -37.53 45.65 -36.44
CA VAL G 206 -36.92 44.48 -37.07
C VAL G 206 -35.88 44.96 -38.07
N SER G 207 -34.61 44.67 -37.80
CA SER G 207 -33.54 44.95 -38.74
C SER G 207 -33.61 43.96 -39.89
N GLU G 208 -33.19 44.39 -41.07
CA GLU G 208 -33.22 43.52 -42.24
C GLU G 208 -32.25 42.35 -42.06
N ASP G 209 -32.60 41.23 -42.68
CA ASP G 209 -31.78 40.02 -42.60
C ASP G 209 -30.37 40.30 -43.10
N GLY G 210 -29.41 39.56 -42.55
CA GLY G 210 -28.01 39.65 -42.92
C GLY G 210 -27.45 38.48 -43.68
N TYR G 211 -28.28 37.65 -44.33
CA TYR G 211 -27.85 36.52 -45.13
C TYR G 211 -28.32 36.66 -46.56
N PRO G 212 -27.42 36.89 -47.53
CA PRO G 212 -25.95 36.76 -47.46
C PRO G 212 -25.29 37.81 -46.59
N GLY G 213 -24.03 37.59 -46.21
CA GLY G 213 -23.38 38.43 -45.22
C GLY G 213 -23.20 39.87 -45.64
N TRP G 214 -23.80 40.26 -46.76
CA TRP G 214 -23.69 41.63 -47.23
C TRP G 214 -25.03 42.30 -47.51
N MET G 215 -26.07 41.97 -46.75
CA MET G 215 -27.22 42.86 -46.86
C MET G 215 -27.14 43.90 -45.75
N PRO G 216 -27.49 45.15 -46.05
CA PRO G 216 -27.60 46.16 -44.99
C PRO G 216 -28.85 45.89 -44.16
N GLN G 217 -28.86 46.40 -42.93
CA GLN G 217 -30.03 46.26 -42.08
C GLN G 217 -30.88 47.53 -42.15
N LYS G 218 -32.18 47.35 -42.35
CA LYS G 218 -33.16 48.42 -42.23
C LYS G 218 -34.23 48.00 -41.22
N TRP G 219 -34.60 48.92 -40.35
CA TRP G 219 -35.47 48.62 -39.21
C TRP G 219 -36.92 48.95 -39.58
N THR G 220 -37.80 47.97 -39.37
CA THR G 220 -39.21 48.07 -39.73
C THR G 220 -40.07 47.90 -38.48
N TRP G 221 -41.18 48.62 -38.44
CA TRP G 221 -42.07 48.64 -37.28
C TRP G 221 -42.93 47.37 -37.27
N ILE G 222 -43.03 46.74 -36.12
CA ILE G 222 -43.88 45.56 -35.95
C ILE G 222 -44.58 45.62 -34.60
N PRO G 223 -45.91 45.77 -34.56
CA PRO G 223 -46.60 45.79 -33.26
C PRO G 223 -46.61 44.39 -32.63
N ARG G 224 -46.71 44.35 -31.30
CA ARG G 224 -46.70 43.07 -30.61
C ARG G 224 -47.98 42.28 -30.88
N GLU G 225 -49.14 42.93 -30.76
CA GLU G 225 -50.41 42.27 -31.03
C GLU G 225 -51.39 43.30 -31.57
N LEU G 226 -52.39 42.80 -32.30
CA LEU G 226 -53.43 43.66 -32.81
C LEU G 226 -54.41 44.04 -31.68
N PRO G 227 -55.05 45.21 -31.79
CA PRO G 227 -55.94 45.65 -30.70
C PRO G 227 -57.08 44.69 -30.41
N GLY G 228 -57.62 44.02 -31.42
CA GLY G 228 -58.70 43.08 -31.24
C GLY G 228 -58.32 41.77 -30.60
N GLY G 229 -57.12 41.67 -30.01
CA GLY G 229 -56.64 40.44 -29.44
C GLY G 229 -55.94 39.51 -30.40
N ARG G 230 -55.89 39.86 -31.69
CA ARG G 230 -55.19 39.03 -32.66
C ARG G 230 -53.71 38.98 -32.35
N ALA G 231 -53.15 37.78 -32.33
CA ALA G 231 -51.74 37.57 -32.00
C ALA G 231 -50.90 37.68 -33.25
N SER G 232 -50.45 38.89 -33.57
CA SER G 232 -49.64 39.09 -34.76
C SER G 232 -48.18 38.72 -34.50
N PHE G 233 -47.52 39.44 -33.58
CA PHE G 233 -46.12 39.19 -33.25
C PHE G 233 -46.03 38.52 -31.90
N ILE G 234 -45.99 37.19 -31.91
CA ILE G 234 -45.90 36.37 -30.71
C ILE G 234 -44.48 36.45 -30.20
N HIS G 235 -44.28 37.22 -29.13
CA HIS G 235 -42.99 37.41 -28.49
C HIS G 235 -43.01 36.72 -27.14
N VAL G 236 -42.54 35.48 -27.10
CA VAL G 236 -42.59 34.70 -25.86
C VAL G 236 -41.18 34.61 -25.29
N PHE G 237 -41.00 35.22 -24.12
CA PHE G 237 -39.71 35.15 -23.43
C PHE G 237 -39.98 35.07 -21.93
N GLU G 238 -39.01 34.49 -21.21
CA GLU G 238 -39.11 34.40 -19.76
C GLU G 238 -38.34 35.55 -19.13
N PRO G 239 -39.01 36.52 -18.51
CA PRO G 239 -38.30 37.57 -17.79
C PRO G 239 -37.99 37.19 -16.36
N VAL G 240 -36.70 37.22 -16.03
CA VAL G 240 -36.23 36.95 -14.68
C VAL G 240 -36.67 38.01 -13.70
N GLU G 241 -36.80 39.27 -14.15
CA GLU G 241 -37.27 40.35 -13.29
C GLU G 241 -38.17 41.26 -14.09
N ASP G 242 -38.72 42.27 -13.42
CA ASP G 242 -39.57 43.25 -14.07
C ASP G 242 -38.77 44.10 -15.05
N GLY G 243 -39.43 44.52 -16.12
CA GLY G 243 -38.83 45.40 -17.09
C GLY G 243 -37.79 44.75 -17.98
N GLN G 244 -37.47 43.48 -17.73
CA GLN G 244 -36.50 42.77 -18.55
C GLN G 244 -37.12 42.51 -19.92
N THR G 245 -36.31 42.62 -20.97
CA THR G 245 -36.79 42.47 -22.33
C THR G 245 -36.27 41.23 -23.03
N ARG G 246 -35.19 40.63 -22.52
CA ARG G 246 -34.54 39.50 -23.18
C ARG G 246 -34.50 38.32 -22.23
N GLY G 247 -34.23 37.13 -22.78
CA GLY G 247 -34.22 35.94 -21.96
C GLY G 247 -32.86 35.66 -21.36
N ALA G 248 -32.64 34.37 -21.08
CA ALA G 248 -31.44 33.90 -20.39
C ALA G 248 -30.39 33.47 -21.40
N ASN G 249 -29.14 33.39 -20.95
CA ASN G 249 -28.02 33.08 -21.82
C ASN G 249 -27.55 31.64 -21.60
N VAL G 250 -26.45 31.30 -22.25
CA VAL G 250 -25.76 30.05 -21.92
C VAL G 250 -24.28 30.30 -21.60
N PHE G 251 -23.55 30.99 -22.48
CA PHE G 251 -22.10 31.18 -22.36
C PHE G 251 -21.68 31.78 -21.02
N TYR G 252 -22.52 32.64 -20.45
CA TYR G 252 -22.16 33.36 -19.24
C TYR G 252 -22.09 32.42 -18.05
N SER G 253 -22.32 31.12 -18.27
CA SER G 253 -22.02 30.07 -17.33
C SER G 253 -21.26 28.91 -17.97
N VAL G 254 -20.71 29.09 -19.17
CA VAL G 254 -20.06 28.01 -19.91
C VAL G 254 -18.61 28.37 -20.25
N MET G 255 -18.23 29.62 -19.98
CA MET G 255 -16.82 29.97 -20.19
C MET G 255 -15.90 29.04 -19.42
N GLU G 256 -16.38 28.52 -18.27
CA GLU G 256 -15.51 27.70 -17.43
C GLU G 256 -15.32 26.30 -18.01
N GLN G 257 -16.34 25.74 -18.67
CA GLN G 257 -16.07 24.54 -19.47
C GLN G 257 -15.09 24.84 -20.59
N MET G 258 -15.26 25.98 -21.25
CA MET G 258 -14.33 26.32 -22.32
C MET G 258 -12.89 26.25 -21.82
N LYS G 259 -12.62 26.89 -20.69
CA LYS G 259 -11.23 27.03 -20.25
C LYS G 259 -10.74 25.80 -19.47
N MET G 260 -11.63 25.05 -18.80
CA MET G 260 -11.25 23.73 -18.30
C MET G 260 -10.94 22.74 -19.41
N LEU G 261 -11.73 22.70 -20.48
CA LEU G 261 -11.39 21.78 -21.56
C LEU G 261 -10.06 22.19 -22.18
N ASP G 262 -9.83 23.50 -22.34
CA ASP G 262 -8.53 23.96 -22.83
C ASP G 262 -7.39 23.53 -21.92
N THR G 263 -7.55 23.71 -20.60
CA THR G 263 -6.43 23.43 -19.70
C THR G 263 -6.17 21.94 -19.58
N LEU G 264 -7.22 21.12 -19.50
CA LEU G 264 -7.02 19.68 -19.45
C LEU G 264 -6.40 19.18 -20.75
N GLN G 265 -6.82 19.77 -21.87
CA GLN G 265 -6.28 19.39 -23.17
C GLN G 265 -4.79 19.68 -23.23
N ASN G 266 -4.40 20.89 -22.86
CA ASN G 266 -3.01 21.30 -22.91
C ASN G 266 -2.16 20.52 -21.91
N THR G 267 -2.71 20.24 -20.73
CA THR G 267 -1.91 19.54 -19.72
C THR G 267 -1.74 18.07 -20.11
N GLN G 268 -2.73 17.47 -20.76
CA GLN G 268 -2.50 16.12 -21.27
C GLN G 268 -1.48 16.12 -22.39
N LEU G 269 -1.52 17.13 -23.27
CA LEU G 269 -0.51 17.21 -24.32
C LEU G 269 0.89 17.34 -23.73
N GLN G 270 1.09 18.23 -22.76
CA GLN G 270 2.42 18.38 -22.17
C GLN G 270 2.85 17.11 -21.45
N SER G 271 1.93 16.47 -20.72
CA SER G 271 2.29 15.25 -20.00
C SER G 271 2.73 14.17 -20.98
N ALA G 272 1.98 14.01 -22.08
CA ALA G 272 2.32 12.99 -23.07
C ALA G 272 3.65 13.29 -23.73
N ILE G 273 3.91 14.56 -24.06
CA ILE G 273 5.14 14.87 -24.79
C ILE G 273 6.36 14.83 -23.89
N VAL G 274 6.18 14.95 -22.57
CA VAL G 274 7.36 15.00 -21.71
C VAL G 274 7.49 13.78 -20.81
N LYS G 275 6.61 12.78 -20.93
CA LYS G 275 6.97 11.54 -20.23
C LYS G 275 8.33 10.97 -20.65
N ALA G 276 8.82 11.07 -21.89
CA ALA G 276 10.14 10.55 -22.24
C ALA G 276 10.90 11.49 -23.15
N MET G 277 10.92 12.77 -22.83
CA MET G 277 11.85 13.69 -23.48
C MET G 277 13.24 13.45 -22.94
N TYR G 278 14.22 13.40 -23.84
CA TYR G 278 15.56 12.94 -23.47
C TYR G 278 16.59 13.86 -24.10
N ALA G 279 17.59 14.27 -23.31
CA ALA G 279 18.67 15.13 -23.76
C ALA G 279 19.86 14.25 -24.10
N ALA G 280 20.37 14.38 -25.32
CA ALA G 280 21.50 13.57 -25.79
C ALA G 280 22.67 14.50 -26.08
N THR G 281 23.46 14.77 -25.05
CA THR G 281 24.65 15.62 -25.20
C THR G 281 25.89 14.79 -24.86
N ILE G 282 27.05 15.41 -25.02
CA ILE G 282 28.31 14.76 -24.72
C ILE G 282 29.10 15.65 -23.77
N GLU G 283 29.55 15.06 -22.66
CA GLU G 283 30.47 15.69 -21.73
C GLU G 283 31.77 14.88 -21.76
N SER G 284 32.82 15.44 -21.17
CA SER G 284 34.09 14.72 -21.05
C SER G 284 34.70 15.05 -19.70
N GLU G 285 35.82 14.40 -19.42
CA GLU G 285 36.56 14.65 -18.19
C GLU G 285 37.25 16.01 -18.22
N LEU G 286 38.20 16.22 -19.14
CA LEU G 286 38.81 17.51 -19.46
C LEU G 286 38.89 18.44 -18.26
N ASP G 287 38.37 19.65 -18.43
CA ASP G 287 37.88 20.50 -17.34
C ASP G 287 38.90 20.63 -16.21
N THR G 288 40.11 21.06 -16.58
CA THR G 288 41.12 21.24 -15.55
C THR G 288 41.01 22.61 -14.91
N GLN G 289 39.79 23.00 -14.53
CA GLN G 289 39.50 24.19 -13.73
C GLN G 289 40.31 25.40 -14.16
N SER G 290 41.42 25.65 -13.45
CA SER G 290 42.27 26.80 -13.73
C SER G 290 42.88 26.71 -15.13
N ALA G 291 43.33 25.52 -15.51
CA ALA G 291 43.89 25.33 -16.84
C ALA G 291 42.86 25.59 -17.95
N MET G 292 41.64 25.09 -17.78
CA MET G 292 40.59 25.32 -18.78
C MET G 292 40.24 26.80 -18.85
N ASP G 293 40.14 27.47 -17.70
CA ASP G 293 39.84 28.89 -17.70
C ASP G 293 40.95 29.70 -18.35
N PHE G 294 42.21 29.35 -18.07
CA PHE G 294 43.34 30.05 -18.68
C PHE G 294 43.37 29.82 -20.18
N ILE G 295 43.08 28.59 -20.62
CA ILE G 295 43.02 28.31 -22.05
C ILE G 295 41.91 29.11 -22.73
N LEU G 296 40.74 29.20 -22.09
CA LEU G 296 39.64 29.97 -22.67
C LEU G 296 39.99 31.45 -22.74
N GLY G 297 40.63 31.98 -21.69
CA GLY G 297 41.01 33.39 -21.70
C GLY G 297 42.07 33.67 -22.76
N ALA G 298 43.05 32.76 -22.90
CA ALA G 298 44.08 32.94 -23.92
C ALA G 298 43.47 32.85 -25.31
N ASN G 299 42.49 31.96 -25.50
CA ASN G 299 41.78 31.91 -26.77
C ASN G 299 41.03 33.20 -27.04
N SER G 300 40.36 33.74 -26.03
CA SER G 300 39.63 34.99 -26.20
C SER G 300 40.57 36.12 -26.58
N GLN G 301 41.76 36.15 -25.97
CA GLN G 301 42.69 37.23 -26.25
C GLN G 301 43.38 37.04 -27.60
N GLU G 302 44.21 36.00 -27.73
CA GLU G 302 44.92 35.79 -28.99
C GLU G 302 45.13 34.33 -29.38
N GLN G 303 44.63 33.35 -28.63
CA GLN G 303 45.05 31.98 -28.87
C GLN G 303 43.86 31.10 -29.25
N ARG G 304 43.05 31.61 -30.19
CA ARG G 304 41.92 30.84 -30.71
C ARG G 304 42.35 29.57 -31.42
N GLU G 305 43.64 29.44 -31.77
CA GLU G 305 44.11 28.21 -32.40
C GLU G 305 43.94 27.01 -31.47
N ARG G 306 44.00 27.20 -30.15
CA ARG G 306 43.71 26.10 -29.24
C ARG G 306 42.28 25.62 -29.40
N LEU G 307 41.32 26.56 -29.44
CA LEU G 307 39.93 26.17 -29.62
C LEU G 307 39.70 25.52 -30.97
N THR G 308 40.33 26.06 -32.02
CA THR G 308 40.18 25.45 -33.34
C THR G 308 40.74 24.03 -33.37
N GLY G 309 41.90 23.83 -32.74
CA GLY G 309 42.47 22.49 -32.68
C GLY G 309 41.61 21.53 -31.89
N TRP G 310 41.08 21.98 -30.75
CA TRP G 310 40.21 21.11 -29.97
C TRP G 310 38.92 20.78 -30.72
N ILE G 311 38.36 21.77 -31.42
CA ILE G 311 37.15 21.52 -32.20
C ILE G 311 37.43 20.54 -33.33
N GLY G 312 38.60 20.67 -33.98
CA GLY G 312 38.98 19.71 -34.99
C GLY G 312 39.14 18.31 -34.43
N GLU G 313 39.78 18.20 -33.27
CA GLU G 313 39.95 16.90 -32.63
C GLU G 313 38.61 16.28 -32.26
N ILE G 314 37.67 17.09 -31.78
CA ILE G 314 36.36 16.56 -31.38
C ILE G 314 35.52 16.20 -32.61
N ALA G 315 35.66 16.98 -33.69
CA ALA G 315 34.98 16.61 -34.93
C ALA G 315 35.52 15.29 -35.47
N ALA G 316 36.83 15.13 -35.46
CA ALA G 316 37.43 13.85 -35.83
C ALA G 316 36.98 12.75 -34.87
N TYR G 317 36.78 13.11 -33.60
CA TYR G 317 36.30 12.15 -32.61
C TYR G 317 34.93 11.62 -32.99
N TYR G 318 33.99 12.53 -33.25
CA TYR G 318 32.62 12.15 -33.60
C TYR G 318 32.52 11.57 -35.00
N ALA G 319 33.52 11.77 -35.85
CA ALA G 319 33.47 11.17 -37.18
C ALA G 319 34.30 9.89 -37.26
N ALA G 320 35.02 9.55 -36.20
CA ALA G 320 35.72 8.28 -36.16
C ALA G 320 35.04 7.29 -35.21
N ALA G 321 34.32 7.81 -34.22
CA ALA G 321 33.44 7.04 -33.35
C ALA G 321 32.13 6.62 -34.02
N PRO G 322 31.61 7.38 -35.01
CA PRO G 322 30.16 7.57 -35.11
C PRO G 322 29.43 7.46 -33.78
N VAL G 323 29.35 8.58 -33.06
CA VAL G 323 28.64 8.63 -31.79
C VAL G 323 27.16 8.62 -32.09
N ARG G 324 26.55 7.45 -32.01
CA ARG G 324 25.16 7.25 -32.37
C ARG G 324 24.48 6.43 -31.27
N LEU G 325 23.29 6.85 -30.86
CA LEU G 325 22.66 6.22 -29.70
C LEU G 325 21.71 5.09 -30.13
N GLY G 326 20.86 5.35 -31.12
CA GLY G 326 19.76 4.46 -31.45
C GLY G 326 19.57 4.28 -32.94
N GLY G 327 18.38 4.63 -33.42
CA GLY G 327 18.20 4.83 -34.85
C GLY G 327 18.62 6.20 -35.33
N ALA G 328 18.88 7.13 -34.42
CA ALA G 328 19.18 8.51 -34.77
C ALA G 328 20.56 8.90 -34.28
N LYS G 329 21.11 9.94 -34.89
CA LYS G 329 22.42 10.46 -34.53
C LYS G 329 22.32 11.32 -33.27
N VAL G 330 23.29 11.16 -32.38
CA VAL G 330 23.40 12.00 -31.20
C VAL G 330 23.70 13.43 -31.66
N PRO G 331 22.91 14.42 -31.29
CA PRO G 331 23.18 15.79 -31.74
C PRO G 331 24.54 16.28 -31.27
N HIS G 332 25.25 16.91 -32.21
CA HIS G 332 26.66 17.22 -32.08
C HIS G 332 26.91 18.15 -30.91
N LEU G 333 27.53 17.60 -29.87
CA LEU G 333 27.96 18.37 -28.71
C LEU G 333 29.39 18.01 -28.35
N MET G 334 30.30 18.93 -28.70
CA MET G 334 31.66 18.85 -28.20
C MET G 334 31.67 19.03 -26.68
N PRO G 335 32.70 18.49 -26.00
CA PRO G 335 32.65 18.37 -24.55
C PRO G 335 32.47 19.70 -23.83
N GLY G 336 31.85 19.61 -22.64
CA GLY G 336 31.78 20.72 -21.72
C GLY G 336 30.49 21.50 -21.69
N ASP G 337 29.42 21.00 -22.32
CA ASP G 337 28.13 21.68 -22.33
C ASP G 337 27.02 20.65 -22.39
N SER G 338 26.06 20.76 -21.48
CA SER G 338 24.92 19.86 -21.43
C SER G 338 23.71 20.60 -20.85
N LEU G 339 22.53 20.10 -21.19
CA LEU G 339 21.28 20.65 -20.70
C LEU G 339 20.98 20.10 -19.31
N ASN G 340 20.42 20.96 -18.45
CA ASN G 340 20.01 20.59 -17.09
C ASN G 340 18.49 20.51 -17.05
N LEU G 341 17.95 19.34 -17.39
CA LEU G 341 16.50 19.16 -17.45
C LEU G 341 15.97 18.63 -16.11
N GLN G 342 16.36 19.33 -15.04
CA GLN G 342 15.75 19.10 -13.75
C GLN G 342 14.34 19.68 -13.76
N THR G 343 13.42 18.99 -13.09
CA THR G 343 12.00 19.18 -13.30
C THR G 343 11.36 19.97 -12.15
N ALA G 344 10.05 20.18 -12.27
CA ALA G 344 9.25 20.80 -11.23
C ALA G 344 8.72 19.70 -10.31
N GLN G 345 7.73 20.05 -9.48
CA GLN G 345 7.18 19.07 -8.54
C GLN G 345 6.53 17.91 -9.27
N ASP G 346 6.45 16.77 -8.60
CA ASP G 346 6.01 15.53 -9.23
C ASP G 346 4.89 14.85 -8.46
N THR G 347 3.96 15.64 -7.91
CA THR G 347 2.78 15.09 -7.26
C THR G 347 1.74 14.80 -8.33
N ASP G 348 0.73 13.98 -8.01
CA ASP G 348 -0.35 13.75 -8.95
C ASP G 348 -1.09 15.06 -9.25
N ASN G 349 -1.51 15.20 -10.49
CA ASN G 349 -2.12 16.43 -10.97
C ASN G 349 -3.45 16.74 -10.30
N GLY G 350 -4.13 15.73 -9.74
CA GLY G 350 -5.41 15.97 -9.08
C GLY G 350 -6.55 16.23 -10.03
N TYR G 351 -6.23 16.47 -11.31
CA TYR G 351 -7.25 16.77 -12.32
C TYR G 351 -8.37 15.74 -12.32
N SER G 352 -8.08 14.52 -11.90
CA SER G 352 -9.12 13.48 -11.84
C SER G 352 -10.29 13.94 -10.97
N VAL G 353 -10.04 14.17 -9.68
CA VAL G 353 -11.15 14.54 -8.81
C VAL G 353 -11.56 16.00 -9.04
N PHE G 354 -10.64 16.85 -9.49
CA PHE G 354 -11.10 18.16 -9.96
C PHE G 354 -12.20 18.03 -11.01
N GLU G 355 -11.94 17.25 -12.06
CA GLU G 355 -12.87 17.19 -13.18
C GLU G 355 -14.15 16.45 -12.80
N GLN G 356 -14.06 15.38 -12.01
CA GLN G 356 -15.30 14.74 -11.55
C GLN G 356 -16.15 15.68 -10.71
N SER G 357 -15.52 16.39 -9.76
CA SER G 357 -16.25 17.33 -8.94
C SER G 357 -16.88 18.43 -9.79
N LEU G 358 -16.14 18.99 -10.76
CA LEU G 358 -16.68 20.10 -11.53
C LEU G 358 -17.73 19.64 -12.55
N LEU G 359 -17.62 18.38 -13.02
CA LEU G 359 -18.60 17.90 -13.99
C LEU G 359 -19.93 17.61 -13.30
N ARG G 360 -19.91 16.82 -12.23
CA ARG G 360 -20.91 16.88 -11.16
C ARG G 360 -21.52 18.28 -11.00
N TYR G 361 -20.68 19.21 -10.58
CA TYR G 361 -21.02 20.59 -10.28
C TYR G 361 -21.90 21.21 -11.36
N ILE G 362 -21.36 21.33 -12.57
CA ILE G 362 -22.06 22.11 -13.58
C ILE G 362 -23.16 21.26 -14.22
N ALA G 363 -23.09 19.95 -14.02
CA ALA G 363 -24.11 19.07 -14.57
C ALA G 363 -25.46 19.35 -13.94
N ALA G 364 -25.55 19.29 -12.61
CA ALA G 364 -26.82 19.74 -12.04
C ALA G 364 -26.75 21.21 -11.66
N GLY G 365 -25.83 21.92 -12.31
CA GLY G 365 -26.03 23.33 -12.58
C GLY G 365 -26.92 23.54 -13.78
N LEU G 366 -26.36 23.57 -14.98
CA LEU G 366 -27.14 23.66 -16.22
C LEU G 366 -28.40 22.80 -16.22
N GLY G 367 -28.44 21.69 -15.49
CA GLY G 367 -29.71 21.07 -15.19
C GLY G 367 -29.84 19.62 -15.58
N VAL G 368 -29.28 19.23 -16.71
CA VAL G 368 -29.34 17.85 -17.15
C VAL G 368 -28.05 17.16 -16.72
N SER G 369 -28.23 16.04 -16.04
CA SER G 369 -27.12 15.37 -15.38
C SER G 369 -26.14 14.79 -16.41
N TYR G 370 -24.85 14.84 -16.07
CA TYR G 370 -23.85 14.33 -17.00
C TYR G 370 -23.81 12.80 -17.01
N GLU G 371 -24.33 12.12 -15.96
CA GLU G 371 -24.23 10.66 -16.04
C GLU G 371 -25.01 10.14 -17.24
N GLN G 372 -25.63 11.05 -17.99
CA GLN G 372 -26.13 10.82 -19.34
C GLN G 372 -25.77 11.90 -20.34
N LEU G 373 -25.34 13.10 -19.93
CA LEU G 373 -24.83 14.03 -20.94
C LEU G 373 -23.50 13.56 -21.48
N SER G 374 -22.80 12.72 -20.72
CA SER G 374 -21.77 11.88 -21.31
C SER G 374 -21.69 10.46 -20.74
N ARG G 375 -22.67 10.05 -19.91
CA ARG G 375 -23.19 8.67 -19.78
C ARG G 375 -22.44 7.77 -18.77
N ASN G 376 -21.67 8.34 -17.86
CA ASN G 376 -21.01 7.45 -16.90
C ASN G 376 -21.93 6.37 -16.30
N TYR G 377 -21.37 5.21 -15.98
CA TYR G 377 -22.16 4.18 -15.30
C TYR G 377 -21.55 3.83 -13.96
N ALA G 378 -20.74 4.75 -13.44
CA ALA G 378 -19.93 4.55 -12.26
C ALA G 378 -20.83 4.45 -11.04
N GLN G 379 -20.72 3.31 -10.35
CA GLN G 379 -21.32 3.05 -9.04
C GLN G 379 -22.78 3.50 -8.94
N MET G 380 -23.50 3.52 -10.05
CA MET G 380 -24.88 4.00 -10.01
C MET G 380 -25.81 2.83 -9.70
N SER G 381 -26.81 3.09 -8.87
CA SER G 381 -27.61 2.05 -8.25
C SER G 381 -29.09 2.21 -8.60
N TYR G 382 -29.94 1.43 -7.93
CA TYR G 382 -31.33 1.30 -8.35
C TYR G 382 -32.14 2.54 -7.93
N SER G 383 -32.09 2.86 -6.63
CA SER G 383 -32.72 4.10 -6.17
C SER G 383 -32.10 5.30 -6.85
N THR G 384 -30.78 5.29 -7.02
CA THR G 384 -30.10 6.27 -7.86
C THR G 384 -30.88 6.48 -9.15
N ALA G 385 -31.04 5.40 -9.92
CA ALA G 385 -31.60 5.48 -11.24
C ALA G 385 -33.02 6.03 -11.21
N ARG G 386 -33.91 5.43 -10.42
CA ARG G 386 -35.31 5.84 -10.57
C ARG G 386 -35.59 7.18 -9.90
N ALA G 387 -34.89 7.51 -8.80
CA ALA G 387 -35.05 8.83 -8.22
C ALA G 387 -34.56 9.91 -9.18
N SER G 388 -33.35 9.75 -9.73
CA SER G 388 -32.83 10.73 -10.67
C SER G 388 -33.76 10.86 -11.87
N ALA G 389 -34.21 9.73 -12.41
CA ALA G 389 -35.07 9.75 -13.59
C ALA G 389 -36.40 10.45 -13.32
N ASN G 390 -37.04 10.15 -12.19
CA ASN G 390 -38.36 10.74 -11.97
C ASN G 390 -38.25 12.23 -11.66
N GLU G 391 -37.24 12.65 -10.89
CA GLU G 391 -37.09 14.07 -10.64
C GLU G 391 -36.75 14.83 -11.91
N SER G 392 -35.84 14.29 -12.73
CA SER G 392 -35.47 14.96 -13.98
C SER G 392 -36.64 15.02 -14.94
N TRP G 393 -37.43 13.95 -15.01
CA TRP G 393 -38.57 13.93 -15.92
C TRP G 393 -39.67 14.89 -15.47
N ALA G 394 -39.94 14.95 -14.16
CA ALA G 394 -40.91 15.94 -13.67
C ALA G 394 -40.41 17.35 -13.95
N TYR G 395 -39.10 17.54 -13.89
CA TYR G 395 -38.54 18.88 -14.11
C TYR G 395 -38.61 19.26 -15.58
N PHE G 396 -38.44 18.29 -16.47
CA PHE G 396 -38.70 18.51 -17.88
C PHE G 396 -40.17 18.75 -18.15
N MET G 397 -41.05 18.12 -17.37
CA MET G 397 -42.47 18.43 -17.49
C MET G 397 -42.71 19.89 -17.11
N GLY G 398 -42.01 20.37 -16.08
CA GLY G 398 -42.02 21.76 -15.73
C GLY G 398 -41.60 22.66 -16.87
N ARG G 399 -40.39 22.46 -17.39
CA ARG G 399 -39.96 23.26 -18.55
C ARG G 399 -40.93 23.17 -19.72
N ARG G 400 -41.47 21.98 -20.01
CA ARG G 400 -42.42 21.84 -21.10
C ARG G 400 -43.64 22.74 -20.87
N LYS G 401 -44.29 22.59 -19.72
CA LYS G 401 -45.47 23.38 -19.42
C LYS G 401 -45.16 24.86 -19.29
N PHE G 402 -43.90 25.23 -19.11
CA PHE G 402 -43.52 26.62 -18.95
C PHE G 402 -43.17 27.31 -20.27
N VAL G 403 -42.54 26.61 -21.22
CA VAL G 403 -42.01 27.24 -22.42
C VAL G 403 -42.52 26.58 -23.70
N ALA G 404 -43.58 25.77 -23.60
CA ALA G 404 -44.17 25.23 -24.82
C ALA G 404 -45.63 25.65 -24.96
N SER G 405 -46.35 25.73 -23.83
CA SER G 405 -47.78 26.01 -23.88
C SER G 405 -48.06 27.42 -24.38
N ARG G 406 -47.13 28.35 -24.15
CA ARG G 406 -47.29 29.68 -24.71
C ARG G 406 -47.41 29.64 -26.22
N GLN G 407 -46.42 29.04 -26.89
CA GLN G 407 -46.41 28.98 -28.33
C GLN G 407 -47.60 28.17 -28.83
N ALA G 408 -47.89 27.07 -28.15
CA ALA G 408 -49.01 26.23 -28.54
C ALA G 408 -50.33 27.01 -28.50
N SER G 409 -50.60 27.70 -27.40
CA SER G 409 -51.84 28.46 -27.26
C SER G 409 -51.90 29.61 -28.25
N GLN G 410 -50.77 30.29 -28.47
CA GLN G 410 -50.76 31.42 -29.40
C GLN G 410 -51.08 30.95 -30.82
N MET G 411 -50.41 29.89 -31.27
CA MET G 411 -50.64 29.36 -32.61
C MET G 411 -52.06 28.83 -32.74
N PHE G 412 -52.55 28.15 -31.70
CA PHE G 412 -53.90 27.63 -31.73
C PHE G 412 -54.92 28.75 -31.79
N LEU G 413 -54.70 29.83 -31.04
CA LEU G 413 -55.61 30.97 -31.09
C LEU G 413 -55.65 31.59 -32.48
N CYS G 414 -54.49 31.78 -33.10
CA CYS G 414 -54.48 32.34 -34.45
C CYS G 414 -55.19 31.42 -35.44
N TRP G 415 -54.90 30.12 -35.37
CA TRP G 415 -55.52 29.17 -36.29
C TRP G 415 -57.03 29.09 -36.07
N LEU G 416 -57.47 29.12 -34.81
CA LEU G 416 -58.89 29.05 -34.51
C LEU G 416 -59.61 30.31 -34.95
N GLU G 417 -58.97 31.47 -34.79
CA GLU G 417 -59.55 32.70 -35.32
C GLU G 417 -59.73 32.61 -36.82
N GLU G 418 -58.71 32.08 -37.52
CA GLU G 418 -58.84 31.90 -38.97
C GLU G 418 -59.97 30.93 -39.31
N ALA G 419 -60.09 29.85 -38.53
CA ALA G 419 -61.14 28.87 -38.77
C ALA G 419 -62.52 29.47 -38.57
N ILE G 420 -62.68 30.31 -37.55
CA ILE G 420 -63.96 30.98 -37.33
C ILE G 420 -64.24 31.97 -38.47
N VAL G 421 -63.20 32.63 -38.97
CA VAL G 421 -63.37 33.50 -40.12
C VAL G 421 -63.87 32.71 -41.33
N ARG G 422 -63.32 31.52 -41.55
CA ARG G 422 -63.65 30.71 -42.71
C ARG G 422 -64.87 29.83 -42.49
N ARG G 423 -65.44 29.84 -41.29
CA ARG G 423 -66.56 28.97 -40.93
C ARG G 423 -66.23 27.51 -41.21
N VAL G 424 -65.05 27.07 -40.80
CA VAL G 424 -64.69 25.66 -40.92
C VAL G 424 -65.39 24.85 -39.84
N VAL G 425 -65.26 25.30 -38.59
CA VAL G 425 -65.93 24.68 -37.46
C VAL G 425 -66.99 25.65 -36.95
N THR G 426 -68.07 25.09 -36.41
CA THR G 426 -69.23 25.85 -35.99
C THR G 426 -69.17 26.11 -34.49
N LEU G 427 -69.21 27.38 -34.12
CA LEU G 427 -69.26 27.74 -32.71
C LEU G 427 -70.62 27.38 -32.12
N PRO G 428 -70.68 27.13 -30.81
CA PRO G 428 -71.98 26.83 -30.18
C PRO G 428 -72.97 27.98 -30.37
N SER G 429 -74.22 27.62 -30.61
CA SER G 429 -75.26 28.62 -30.84
C SER G 429 -75.57 29.40 -29.58
N LYS G 430 -75.44 28.76 -28.42
CA LYS G 430 -75.74 29.39 -27.13
C LYS G 430 -74.54 30.12 -26.54
N ALA G 431 -73.64 30.61 -27.40
CA ALA G 431 -72.44 31.29 -26.94
C ALA G 431 -72.78 32.41 -25.97
N ARG G 432 -72.39 32.24 -24.71
CA ARG G 432 -72.62 33.28 -23.71
C ARG G 432 -71.82 34.53 -24.02
N PHE G 433 -70.63 34.36 -24.58
CA PHE G 433 -69.80 35.47 -25.04
C PHE G 433 -69.39 35.20 -26.48
N SER G 434 -69.18 36.28 -27.22
CA SER G 434 -68.78 36.16 -28.61
C SER G 434 -67.38 35.57 -28.69
N PHE G 435 -67.03 35.08 -29.88
CA PHE G 435 -65.70 34.54 -30.10
C PHE G 435 -64.63 35.57 -29.83
N GLN G 436 -64.80 36.78 -30.39
CA GLN G 436 -63.78 37.82 -30.23
C GLN G 436 -63.65 38.23 -28.77
N GLU G 437 -64.75 38.19 -28.02
CA GLU G 437 -64.70 38.56 -26.61
C GLU G 437 -64.07 37.48 -25.74
N ALA G 438 -64.33 36.21 -26.04
CA ALA G 438 -63.92 35.10 -25.18
C ALA G 438 -62.98 34.16 -25.93
N ARG G 439 -62.09 34.72 -26.73
CA ARG G 439 -61.05 33.90 -27.37
C ARG G 439 -60.31 33.05 -26.36
N SER G 440 -60.00 33.61 -25.19
CA SER G 440 -59.37 32.81 -24.14
C SER G 440 -60.30 31.71 -23.66
N ALA G 441 -61.58 32.01 -23.47
CA ALA G 441 -62.53 31.01 -23.01
C ALA G 441 -62.81 29.98 -24.09
N TRP G 442 -63.09 30.42 -25.32
CA TRP G 442 -63.32 29.48 -26.40
C TRP G 442 -62.04 28.75 -26.78
N GLY G 443 -60.94 29.46 -26.95
CA GLY G 443 -59.70 28.87 -27.37
C GLY G 443 -58.88 28.27 -26.24
N ASN G 444 -59.55 27.94 -25.13
CA ASN G 444 -58.87 27.25 -24.05
C ASN G 444 -58.39 25.89 -24.52
N CYS G 445 -57.11 25.60 -24.31
CA CYS G 445 -56.54 24.37 -24.85
C CYS G 445 -55.39 23.91 -23.97
N ASP G 446 -55.09 22.62 -24.08
CA ASP G 446 -53.91 22.02 -23.47
C ASP G 446 -53.19 21.20 -24.54
N TRP G 447 -51.95 20.84 -24.25
CA TRP G 447 -51.12 20.17 -25.24
C TRP G 447 -50.33 19.04 -24.59
N ILE G 448 -50.04 18.02 -25.39
CA ILE G 448 -49.38 16.80 -24.95
C ILE G 448 -48.02 16.74 -25.64
N GLY G 449 -46.97 16.53 -24.87
CA GLY G 449 -45.61 16.53 -25.37
C GLY G 449 -45.15 15.16 -25.83
N SER G 450 -44.03 14.70 -25.25
CA SER G 450 -43.42 13.44 -25.66
C SER G 450 -44.30 12.26 -25.27
N GLY G 451 -44.01 11.11 -25.85
CA GLY G 451 -44.84 9.93 -25.69
C GLY G 451 -44.73 9.31 -24.30
N ARG G 452 -45.14 8.04 -24.25
CA ARG G 452 -45.24 7.29 -23.00
C ARG G 452 -43.86 7.02 -22.39
N MET G 453 -43.63 7.55 -21.18
CA MET G 453 -42.37 7.36 -20.47
C MET G 453 -42.15 5.90 -20.13
N ALA G 454 -40.95 5.40 -20.43
CA ALA G 454 -40.54 4.08 -19.96
C ALA G 454 -39.21 4.16 -19.22
N ILE G 455 -39.21 3.71 -17.96
CA ILE G 455 -37.99 3.72 -17.17
C ILE G 455 -37.74 2.33 -16.56
N ASP G 456 -38.75 1.73 -15.95
CA ASP G 456 -38.59 0.50 -15.19
C ASP G 456 -39.51 -0.61 -15.64
N GLY G 457 -40.69 -0.27 -16.17
CA GLY G 457 -41.70 -1.27 -16.47
C GLY G 457 -42.55 -1.60 -15.27
N LEU G 458 -42.01 -2.37 -14.31
CA LEU G 458 -42.73 -2.73 -13.09
C LEU G 458 -43.35 -1.50 -12.44
N LYS G 459 -42.61 -0.40 -12.43
CA LYS G 459 -43.12 0.84 -11.87
C LYS G 459 -44.41 1.26 -12.54
N GLU G 460 -44.34 1.51 -13.85
CA GLU G 460 -45.49 2.00 -14.59
C GLU G 460 -46.65 1.02 -14.53
N VAL G 461 -46.37 -0.27 -14.51
CA VAL G 461 -47.46 -1.24 -14.57
C VAL G 461 -48.15 -1.37 -13.22
N GLN G 462 -47.40 -1.29 -12.12
CA GLN G 462 -48.07 -1.33 -10.83
C GLN G 462 -48.85 -0.05 -10.60
N GLU G 463 -48.32 1.09 -11.06
CA GLU G 463 -49.09 2.33 -11.04
C GLU G 463 -50.38 2.19 -11.83
N ALA G 464 -50.28 1.62 -13.03
CA ALA G 464 -51.45 1.48 -13.89
C ALA G 464 -52.49 0.57 -13.25
N VAL G 465 -52.07 -0.56 -12.68
CA VAL G 465 -53.05 -1.46 -12.08
C VAL G 465 -53.70 -0.80 -10.87
N MET G 466 -52.92 -0.08 -10.06
CA MET G 466 -53.52 0.59 -8.91
C MET G 466 -54.53 1.65 -9.35
N LEU G 467 -54.18 2.45 -10.35
CA LEU G 467 -55.09 3.49 -10.82
C LEU G 467 -56.35 2.89 -11.41
N ILE G 468 -56.23 1.79 -12.17
CA ILE G 468 -57.39 1.25 -12.83
C ILE G 468 -58.26 0.46 -11.86
N GLU G 469 -57.69 -0.01 -10.74
CA GLU G 469 -58.54 -0.68 -9.77
C GLU G 469 -59.22 0.30 -8.82
N ALA G 470 -58.51 1.36 -8.39
CA ALA G 470 -59.11 2.29 -7.44
C ALA G 470 -59.86 3.42 -8.13
N GLY G 471 -59.80 3.51 -9.46
CA GLY G 471 -60.43 4.62 -10.14
C GLY G 471 -59.78 5.96 -9.90
N LEU G 472 -58.55 5.97 -9.39
CA LEU G 472 -57.85 7.21 -9.06
C LEU G 472 -57.29 7.93 -10.27
N SER G 473 -57.64 7.50 -11.48
CA SER G 473 -57.19 8.13 -12.71
C SER G 473 -58.40 8.42 -13.59
N THR G 474 -58.42 9.62 -14.18
CA THR G 474 -59.49 10.06 -15.05
C THR G 474 -59.11 9.84 -16.51
N TYR G 475 -60.05 10.16 -17.40
CA TYR G 475 -59.73 10.17 -18.83
C TYR G 475 -58.58 11.09 -19.14
N GLU G 476 -58.67 12.35 -18.67
CA GLU G 476 -57.69 13.35 -19.08
C GLU G 476 -56.30 13.05 -18.52
N LYS G 477 -56.19 12.73 -17.24
CA LYS G 477 -54.84 12.51 -16.72
C LYS G 477 -54.34 11.11 -17.06
N GLU G 478 -55.23 10.14 -17.25
CA GLU G 478 -54.80 8.86 -17.77
C GLU G 478 -54.20 9.01 -19.17
N CYS G 479 -54.87 9.74 -20.05
CA CYS G 479 -54.33 9.99 -21.39
C CYS G 479 -53.08 10.84 -21.34
N ALA G 480 -52.97 11.73 -20.36
CA ALA G 480 -51.73 12.48 -20.19
C ALA G 480 -50.57 11.56 -19.81
N LYS G 481 -50.82 10.63 -18.88
CA LYS G 481 -49.80 9.68 -18.48
C LYS G 481 -49.42 8.71 -19.59
N ARG G 482 -50.36 8.32 -20.45
CA ARG G 482 -50.14 7.24 -21.41
C ARG G 482 -49.83 7.75 -22.81
N GLY G 483 -50.05 9.03 -23.10
CA GLY G 483 -49.89 9.55 -24.44
C GLY G 483 -50.86 8.98 -25.46
N ASP G 484 -52.12 8.75 -25.07
CA ASP G 484 -53.14 8.17 -25.93
C ASP G 484 -54.43 8.97 -25.78
N ASP G 485 -55.53 8.40 -26.29
CA ASP G 485 -56.85 9.00 -26.15
C ASP G 485 -57.84 7.93 -25.70
N TYR G 486 -58.67 8.29 -24.71
CA TYR G 486 -59.68 7.37 -24.21
C TYR G 486 -60.73 7.01 -25.25
N GLN G 487 -61.17 7.98 -26.05
CA GLN G 487 -62.16 7.69 -27.08
C GLN G 487 -61.63 6.66 -28.06
N GLU G 488 -60.39 6.85 -28.54
CA GLU G 488 -59.83 5.93 -29.50
C GLU G 488 -59.48 4.59 -28.89
N ILE G 489 -59.03 4.56 -27.63
CA ILE G 489 -58.76 3.27 -26.99
C ILE G 489 -60.05 2.47 -26.81
N PHE G 490 -61.16 3.17 -26.51
CA PHE G 490 -62.43 2.47 -26.36
C PHE G 490 -62.96 1.98 -27.71
N ALA G 491 -62.88 2.82 -28.74
CA ALA G 491 -63.32 2.40 -30.06
C ALA G 491 -62.49 1.23 -30.57
N GLN G 492 -61.17 1.29 -30.36
CA GLN G 492 -60.32 0.20 -30.82
C GLN G 492 -60.47 -1.04 -29.96
N GLN G 493 -60.88 -0.90 -28.69
CA GLN G 493 -61.19 -2.09 -27.91
C GLN G 493 -62.49 -2.72 -28.39
N VAL G 494 -63.45 -1.90 -28.81
CA VAL G 494 -64.65 -2.43 -29.45
C VAL G 494 -64.28 -3.23 -30.69
N ARG G 495 -63.43 -2.63 -31.53
CA ARG G 495 -62.96 -3.31 -32.73
C ARG G 495 -62.20 -4.60 -32.39
N GLU G 496 -61.35 -4.54 -31.36
CA GLU G 496 -60.63 -5.71 -30.89
C GLU G 496 -61.59 -6.83 -30.54
N THR G 497 -62.55 -6.54 -29.67
CA THR G 497 -63.46 -7.57 -29.19
C THR G 497 -64.28 -8.14 -30.33
N MET G 498 -64.77 -7.30 -31.23
CA MET G 498 -65.62 -7.81 -32.30
C MET G 498 -64.82 -8.62 -33.31
N GLU G 499 -63.56 -8.22 -33.60
CA GLU G 499 -62.74 -9.02 -34.51
C GLU G 499 -62.33 -10.34 -33.86
N ARG G 500 -62.04 -10.34 -32.56
CA ARG G 500 -61.73 -11.60 -31.89
C ARG G 500 -62.94 -12.52 -31.90
N ARG G 501 -64.13 -11.99 -31.65
CA ARG G 501 -65.35 -12.80 -31.71
C ARG G 501 -65.59 -13.35 -33.11
N ALA G 502 -65.40 -12.52 -34.14
CA ALA G 502 -65.67 -12.96 -35.50
C ALA G 502 -64.65 -13.98 -35.99
N ALA G 503 -63.36 -13.68 -35.84
CA ALA G 503 -62.31 -14.57 -36.29
C ALA G 503 -62.12 -15.79 -35.40
N GLY G 504 -62.70 -15.79 -34.20
CA GLY G 504 -62.57 -16.91 -33.29
C GLY G 504 -61.55 -16.73 -32.19
N LEU G 505 -60.99 -15.53 -32.04
CA LEU G 505 -60.01 -15.31 -30.99
C LEU G 505 -60.69 -15.11 -29.64
N LYS G 506 -59.90 -14.76 -28.65
CA LYS G 506 -60.40 -14.63 -27.28
C LYS G 506 -60.33 -13.17 -26.83
N PRO G 507 -61.45 -12.44 -26.79
CA PRO G 507 -61.54 -11.05 -26.35
C PRO G 507 -60.81 -10.77 -25.05
N GLN H 34 -2.50 24.68 -30.60
CA GLN H 34 -3.20 23.61 -31.30
C GLN H 34 -4.46 24.16 -31.96
N LEU H 35 -4.99 25.26 -31.41
CA LEU H 35 -6.11 25.93 -32.03
C LEU H 35 -5.73 26.54 -33.37
N ARG H 36 -4.47 26.42 -33.77
CA ARG H 36 -4.00 27.01 -35.02
C ARG H 36 -4.53 26.28 -36.26
N SER H 37 -4.55 24.96 -36.25
CA SER H 37 -4.92 24.19 -37.44
C SER H 37 -6.42 24.02 -37.59
N TRP H 38 -7.21 24.70 -36.76
CA TRP H 38 -8.66 24.58 -36.73
C TRP H 38 -9.23 25.84 -36.11
N ASN H 39 -10.02 26.59 -36.86
CA ASN H 39 -10.33 27.94 -36.37
C ASN H 39 -11.80 28.30 -36.49
N PRO H 40 -12.45 28.59 -35.35
CA PRO H 40 -13.84 29.03 -35.41
C PRO H 40 -13.94 30.55 -35.52
N PRO H 41 -14.67 31.06 -36.49
CA PRO H 41 -15.07 32.47 -36.46
C PRO H 41 -16.21 32.70 -35.47
N SER H 42 -16.37 33.95 -35.06
CA SER H 42 -17.42 34.36 -34.14
C SER H 42 -18.54 35.01 -34.93
N GLU H 43 -19.56 34.23 -35.26
CA GLU H 43 -20.67 34.67 -36.10
C GLU H 43 -21.76 33.62 -36.03
N SER H 44 -22.91 33.94 -36.63
CA SER H 44 -23.98 32.97 -36.79
C SER H 44 -23.44 31.70 -37.45
N VAL H 45 -24.03 30.56 -37.07
CA VAL H 45 -23.47 29.26 -37.42
C VAL H 45 -23.44 29.06 -38.93
N ASP H 46 -24.48 29.52 -39.64
CA ASP H 46 -24.50 29.33 -41.09
C ASP H 46 -23.35 30.06 -41.78
N ALA H 47 -23.09 31.31 -41.39
CA ALA H 47 -22.02 32.08 -42.00
C ALA H 47 -20.67 31.71 -41.40
N ALA H 48 -20.66 30.94 -40.32
CA ALA H 48 -19.43 30.42 -39.74
C ALA H 48 -19.05 29.07 -40.32
N LEU H 49 -19.99 28.35 -40.92
CA LEU H 49 -19.73 27.06 -41.56
C LEU H 49 -19.59 27.14 -43.08
N LEU H 50 -20.48 27.88 -43.77
CA LEU H 50 -20.42 27.88 -45.23
C LEU H 50 -19.08 28.34 -45.80
N PRO H 51 -18.43 29.40 -45.29
CA PRO H 51 -17.11 29.75 -45.82
C PRO H 51 -16.08 28.63 -45.70
N ASN H 52 -16.09 27.87 -44.61
CA ASN H 52 -15.19 26.73 -44.45
C ASN H 52 -15.90 25.41 -44.66
N PHE H 53 -16.85 25.38 -45.60
CA PHE H 53 -17.61 24.16 -45.85
C PHE H 53 -16.72 23.07 -46.44
N THR H 54 -15.90 23.41 -47.43
CA THR H 54 -15.11 22.39 -48.13
C THR H 54 -14.06 21.78 -47.22
N ARG H 55 -13.39 22.60 -46.40
CA ARG H 55 -12.34 22.06 -45.53
C ARG H 55 -12.92 21.16 -44.45
N GLY H 56 -13.98 21.60 -43.78
CA GLY H 56 -14.60 20.78 -42.75
C GLY H 56 -15.14 19.48 -43.31
N ASN H 57 -15.82 19.54 -44.45
CA ASN H 57 -16.36 18.33 -45.06
C ASN H 57 -15.25 17.41 -45.55
N ALA H 58 -14.15 17.98 -46.05
CA ALA H 58 -13.05 17.15 -46.53
C ALA H 58 -12.36 16.42 -45.38
N ARG H 59 -12.13 17.11 -44.26
CA ARG H 59 -11.54 16.44 -43.11
C ARG H 59 -12.53 15.47 -42.46
N ALA H 60 -13.84 15.75 -42.60
CA ALA H 60 -14.84 14.78 -42.20
C ALA H 60 -14.74 13.51 -43.03
N ASP H 61 -14.56 13.66 -44.35
CA ASP H 61 -14.33 12.50 -45.20
C ASP H 61 -13.08 11.76 -44.77
N ASP H 62 -12.01 12.51 -44.46
CA ASP H 62 -10.77 11.89 -44.01
C ASP H 62 -10.99 11.03 -42.77
N LEU H 63 -11.71 11.56 -41.78
CA LEU H 63 -11.87 10.80 -40.53
C LEU H 63 -12.87 9.67 -40.69
N VAL H 64 -13.95 9.86 -41.45
CA VAL H 64 -14.89 8.76 -41.67
C VAL H 64 -14.29 7.66 -42.53
N ARG H 65 -13.24 7.96 -43.29
CA ARG H 65 -12.56 6.93 -44.06
C ARG H 65 -11.46 6.25 -43.28
N ASN H 66 -10.67 7.00 -42.51
CA ASN H 66 -9.56 6.45 -41.74
C ASN H 66 -10.00 5.82 -40.43
N ASN H 67 -11.20 6.15 -39.94
CA ASN H 67 -11.60 5.83 -38.58
C ASN H 67 -12.84 4.94 -38.60
N GLY H 68 -12.88 3.98 -37.67
CA GLY H 68 -13.98 3.03 -37.66
C GLY H 68 -15.21 3.55 -36.95
N TYR H 69 -15.05 4.56 -36.10
CA TYR H 69 -16.18 5.06 -35.30
C TYR H 69 -17.32 5.53 -36.18
N ALA H 70 -17.03 6.24 -37.27
CA ALA H 70 -18.10 6.70 -38.14
C ALA H 70 -18.84 5.54 -38.79
N ALA H 71 -18.10 4.50 -39.21
CA ALA H 71 -18.75 3.33 -39.78
C ALA H 71 -19.66 2.65 -38.76
N ASN H 72 -19.19 2.48 -37.52
CA ASN H 72 -20.01 1.85 -36.51
C ASN H 72 -21.24 2.69 -36.20
N ALA H 73 -21.06 4.02 -36.14
CA ALA H 73 -22.18 4.90 -35.82
C ALA H 73 -23.23 4.90 -36.92
N ILE H 74 -22.81 4.94 -38.18
CA ILE H 74 -23.78 4.92 -39.27
C ILE H 74 -24.45 3.55 -39.34
N GLN H 75 -23.72 2.48 -39.05
CA GLN H 75 -24.31 1.15 -39.07
C GLN H 75 -25.36 1.01 -37.98
N LEU H 76 -25.06 1.49 -36.76
CA LEU H 76 -26.05 1.40 -35.69
C LEU H 76 -27.24 2.31 -35.95
N HIS H 77 -27.00 3.49 -36.54
CA HIS H 77 -28.12 4.36 -36.88
C HIS H 77 -29.01 3.68 -37.90
N GLN H 78 -28.40 3.02 -38.90
CA GLN H 78 -29.18 2.26 -39.86
C GLN H 78 -30.02 1.19 -39.15
N ASP H 79 -29.39 0.40 -38.29
CA ASP H 79 -30.05 -0.75 -37.69
C ASP H 79 -31.04 -0.34 -36.59
N HIS H 80 -30.96 0.88 -36.08
CA HIS H 80 -31.98 1.36 -35.16
C HIS H 80 -33.10 2.10 -35.85
N ILE H 81 -32.82 2.80 -36.95
CA ILE H 81 -33.84 3.62 -37.60
C ILE H 81 -34.65 2.77 -38.57
N VAL H 82 -33.97 2.14 -39.53
CA VAL H 82 -34.66 1.34 -40.53
C VAL H 82 -34.61 -0.12 -40.11
N GLY H 83 -33.44 -0.58 -39.69
CA GLY H 83 -33.26 -1.98 -39.37
C GLY H 83 -33.41 -2.85 -40.61
N SER H 84 -34.29 -3.85 -40.47
CA SER H 84 -34.54 -4.78 -41.57
C SER H 84 -35.19 -4.07 -42.75
N PHE H 85 -36.24 -3.31 -42.50
CA PHE H 85 -37.02 -2.67 -43.56
C PHE H 85 -37.75 -1.46 -43.02
N PHE H 86 -38.38 -0.72 -43.94
CA PHE H 86 -39.15 0.48 -43.61
C PHE H 86 -40.54 0.29 -44.22
N ARG H 87 -41.53 0.09 -43.36
CA ARG H 87 -42.86 -0.34 -43.78
C ARG H 87 -43.81 0.86 -43.91
N LEU H 88 -44.49 0.93 -45.05
CA LEU H 88 -45.49 1.95 -45.29
C LEU H 88 -46.85 1.55 -44.71
N SER H 89 -47.56 2.54 -44.19
CA SER H 89 -48.94 2.36 -43.75
C SER H 89 -49.72 3.61 -44.14
N HIS H 90 -50.67 3.45 -45.05
CA HIS H 90 -51.44 4.57 -45.59
C HIS H 90 -52.71 4.76 -44.77
N ARG H 91 -52.87 5.96 -44.21
CA ARG H 91 -54.06 6.32 -43.43
C ARG H 91 -54.62 7.63 -43.96
N PRO H 92 -55.37 7.59 -45.05
CA PRO H 92 -56.05 8.80 -45.51
C PRO H 92 -57.00 9.31 -44.44
N SER H 93 -57.09 10.63 -44.35
CA SER H 93 -57.88 11.26 -43.28
C SER H 93 -59.35 11.02 -43.59
N TRP H 94 -59.80 9.80 -43.26
CA TRP H 94 -61.17 9.42 -43.55
C TRP H 94 -62.17 10.27 -42.78
N ARG H 95 -61.88 10.58 -41.52
CA ARG H 95 -62.82 11.36 -40.72
C ARG H 95 -62.99 12.77 -41.27
N TYR H 96 -61.88 13.41 -41.63
CA TYR H 96 -61.96 14.79 -42.12
C TYR H 96 -62.50 14.84 -43.55
N LEU H 97 -62.08 13.90 -44.40
CA LEU H 97 -62.53 13.87 -45.78
C LEU H 97 -63.92 13.27 -45.95
N GLY H 98 -64.51 12.74 -44.90
CA GLY H 98 -65.82 12.13 -45.01
C GLY H 98 -65.78 10.71 -45.56
N ILE H 99 -64.58 10.20 -45.78
CA ILE H 99 -64.38 8.85 -46.31
C ILE H 99 -64.70 7.84 -45.21
N GLY H 100 -65.35 6.75 -45.59
CA GLY H 100 -65.59 5.68 -44.63
C GLY H 100 -64.29 5.02 -44.23
N GLU H 101 -64.22 4.60 -42.96
CA GLU H 101 -63.01 3.95 -42.47
C GLU H 101 -62.77 2.61 -43.15
N GLU H 102 -63.85 1.87 -43.44
CA GLU H 102 -63.70 0.59 -44.12
C GLU H 102 -63.20 0.77 -45.56
N GLU H 103 -63.72 1.77 -46.27
CA GLU H 103 -63.24 2.04 -47.62
C GLU H 103 -61.80 2.51 -47.58
N ALA H 104 -61.46 3.35 -46.61
CA ALA H 104 -60.08 3.78 -46.45
C ALA H 104 -59.17 2.58 -46.19
N ARG H 105 -59.63 1.63 -45.38
CA ARG H 105 -58.79 0.49 -45.03
C ARG H 105 -58.60 -0.43 -46.23
N ALA H 106 -59.67 -0.65 -47.02
CA ALA H 106 -59.53 -1.49 -48.20
C ALA H 106 -58.66 -0.83 -49.27
N PHE H 107 -58.84 0.48 -49.46
CA PHE H 107 -58.00 1.23 -50.38
C PHE H 107 -56.54 1.18 -49.92
N SER H 108 -56.32 1.27 -48.61
CA SER H 108 -54.98 1.12 -48.06
C SER H 108 -54.43 -0.28 -48.29
N ARG H 109 -55.28 -1.31 -48.19
CA ARG H 109 -54.84 -2.66 -48.51
C ARG H 109 -54.35 -2.75 -49.95
N GLU H 110 -55.12 -2.17 -50.88
CA GLU H 110 -54.73 -2.19 -52.28
C GLU H 110 -53.41 -1.46 -52.50
N VAL H 111 -53.28 -0.26 -51.92
CA VAL H 111 -52.07 0.52 -52.13
C VAL H 111 -50.87 -0.15 -51.46
N GLU H 112 -51.09 -0.83 -50.32
CA GLU H 112 -49.99 -1.49 -49.65
C GLU H 112 -49.51 -2.69 -50.43
N ALA H 113 -50.44 -3.49 -50.97
CA ALA H 113 -50.04 -4.59 -51.83
C ALA H 113 -49.26 -4.09 -53.04
N ALA H 114 -49.78 -3.04 -53.69
CA ALA H 114 -49.10 -2.48 -54.85
C ALA H 114 -47.70 -1.97 -54.48
N TRP H 115 -47.59 -1.26 -53.35
CA TRP H 115 -46.32 -0.68 -52.98
C TRP H 115 -45.30 -1.74 -52.60
N LYS H 116 -45.73 -2.78 -51.87
CA LYS H 116 -44.80 -3.84 -51.51
C LYS H 116 -44.32 -4.60 -52.74
N GLU H 117 -45.24 -4.90 -53.68
CA GLU H 117 -44.81 -5.62 -54.88
C GLU H 117 -43.93 -4.75 -55.77
N PHE H 118 -44.15 -3.44 -55.76
CA PHE H 118 -43.31 -2.55 -56.57
C PHE H 118 -41.93 -2.35 -55.92
N ALA H 119 -41.89 -2.38 -54.59
CA ALA H 119 -40.63 -2.16 -53.88
C ALA H 119 -39.77 -3.42 -53.85
N GLU H 120 -40.38 -4.60 -53.91
CA GLU H 120 -39.65 -5.85 -53.78
C GLU H 120 -38.94 -6.26 -55.07
N ASP H 121 -38.76 -5.33 -56.01
CA ASP H 121 -38.13 -5.66 -57.27
C ASP H 121 -36.74 -6.26 -57.04
N ASP H 122 -36.50 -7.44 -57.62
CA ASP H 122 -35.29 -8.20 -57.29
C ASP H 122 -34.11 -7.78 -58.17
N CYS H 123 -34.36 -6.99 -59.21
CA CYS H 123 -33.28 -6.63 -60.12
C CYS H 123 -32.65 -5.27 -59.81
N CYS H 124 -32.92 -4.70 -58.63
CA CYS H 124 -32.34 -3.42 -58.23
C CYS H 124 -32.75 -2.29 -59.17
N CYS H 125 -33.93 -2.41 -59.77
CA CYS H 125 -34.25 -1.61 -60.94
C CYS H 125 -35.01 -0.33 -60.60
N ILE H 126 -35.21 -0.04 -59.31
CA ILE H 126 -36.06 1.09 -58.96
C ILE H 126 -35.26 2.40 -58.99
N ASP H 127 -33.95 2.32 -59.16
CA ASP H 127 -33.11 3.51 -59.25
C ASP H 127 -32.64 3.73 -60.68
N VAL H 128 -32.34 5.00 -61.00
CA VAL H 128 -31.78 5.32 -62.32
C VAL H 128 -30.40 4.70 -62.47
N GLU H 129 -29.62 4.67 -61.38
CA GLU H 129 -28.36 3.94 -61.38
C GLU H 129 -28.56 2.44 -61.53
N ARG H 130 -29.79 1.96 -61.30
CA ARG H 130 -30.17 0.57 -61.58
C ARG H 130 -29.45 -0.40 -60.64
N LYS H 131 -28.95 0.12 -59.51
CA LYS H 131 -28.21 -0.71 -58.56
C LYS H 131 -28.61 -0.50 -57.11
N ARG H 132 -29.79 0.05 -56.83
CA ARG H 132 -30.23 0.21 -55.45
C ARG H 132 -31.74 0.01 -55.39
N THR H 133 -32.20 -0.79 -54.42
CA THR H 133 -33.62 -0.93 -54.16
C THR H 133 -34.08 0.16 -53.20
N PHE H 134 -35.33 0.06 -52.72
CA PHE H 134 -35.86 1.04 -51.77
C PHE H 134 -35.06 1.03 -50.47
N THR H 135 -34.60 -0.16 -50.05
CA THR H 135 -33.82 -0.26 -48.83
C THR H 135 -32.59 0.63 -48.89
N MET H 136 -31.82 0.53 -49.97
CA MET H 136 -30.63 1.35 -50.13
C MET H 136 -30.93 2.79 -50.55
N MET H 137 -32.08 3.06 -51.16
CA MET H 137 -32.58 4.44 -51.18
C MET H 137 -32.57 5.03 -49.77
N ILE H 138 -33.27 4.39 -48.85
CA ILE H 138 -33.35 4.90 -47.49
C ILE H 138 -31.96 4.90 -46.84
N ARG H 139 -31.16 3.87 -47.14
CA ARG H 139 -29.84 3.75 -46.55
C ARG H 139 -28.94 4.92 -46.93
N GLU H 140 -28.74 5.15 -48.22
CA GLU H 140 -27.89 6.23 -48.66
C GLU H 140 -28.47 7.58 -48.26
N GLY H 141 -29.79 7.73 -48.35
CA GLY H 141 -30.41 8.99 -47.95
C GLY H 141 -30.14 9.33 -46.50
N VAL H 142 -30.37 8.37 -45.60
CA VAL H 142 -30.17 8.63 -44.19
C VAL H 142 -28.69 8.80 -43.87
N ALA H 143 -27.82 8.04 -44.55
CA ALA H 143 -26.39 8.18 -44.29
C ALA H 143 -25.89 9.56 -44.69
N MET H 144 -26.34 10.06 -45.85
CA MET H 144 -25.88 11.36 -46.32
C MET H 144 -26.55 12.50 -45.55
N HIS H 145 -27.80 12.30 -45.10
CA HIS H 145 -28.45 13.29 -44.25
C HIS H 145 -27.87 13.28 -42.84
N ALA H 146 -27.16 12.20 -42.48
CA ALA H 146 -26.43 12.20 -41.22
C ALA H 146 -25.09 12.89 -41.36
N PHE H 147 -24.33 12.52 -42.39
CA PHE H 147 -23.03 13.12 -42.64
C PHE H 147 -23.10 14.61 -42.96
N ASN H 148 -23.75 14.99 -44.07
CA ASN H 148 -23.84 16.39 -44.45
C ASN H 148 -25.06 17.10 -43.90
N GLY H 149 -25.99 16.39 -43.28
CA GLY H 149 -27.20 16.99 -42.78
C GLY H 149 -28.31 17.16 -43.79
N GLU H 150 -28.06 16.82 -45.05
CA GLU H 150 -29.04 17.01 -46.11
C GLU H 150 -29.04 15.77 -47.00
N LEU H 151 -30.18 15.53 -47.64
CA LEU H 151 -30.25 14.53 -48.69
C LEU H 151 -31.04 15.07 -49.86
N PHE H 152 -30.67 14.60 -51.06
CA PHE H 152 -31.10 15.11 -52.34
C PHE H 152 -31.67 13.95 -53.14
N VAL H 153 -32.98 13.90 -53.30
CA VAL H 153 -33.62 12.89 -54.15
C VAL H 153 -34.23 13.60 -55.35
N GLN H 154 -34.26 12.94 -56.49
CA GLN H 154 -34.85 13.48 -57.71
C GLN H 154 -35.80 12.46 -58.31
N ALA H 155 -37.03 12.87 -58.55
CA ALA H 155 -38.04 12.01 -59.17
C ALA H 155 -37.94 12.14 -60.69
N THR H 156 -37.36 11.12 -61.31
CA THR H 156 -37.15 11.12 -62.76
C THR H 156 -38.07 10.10 -63.40
N TRP H 157 -38.28 10.27 -64.71
CA TRP H 157 -39.17 9.41 -65.48
C TRP H 157 -38.32 8.36 -66.20
N ASP H 158 -38.20 7.18 -65.59
CA ASP H 158 -37.58 6.04 -66.22
C ASP H 158 -38.40 5.57 -67.42
N THR H 159 -37.70 5.02 -68.40
CA THR H 159 -38.34 4.46 -69.59
C THR H 159 -38.35 2.93 -69.60
N SER H 160 -37.72 2.29 -68.63
CA SER H 160 -37.67 0.83 -68.60
C SER H 160 -39.04 0.27 -68.26
N SER H 161 -39.62 -0.48 -69.19
CA SER H 161 -41.01 -0.92 -69.10
C SER H 161 -41.17 -2.23 -68.35
N SER H 162 -40.15 -2.68 -67.62
CA SER H 162 -40.27 -3.92 -66.86
C SER H 162 -41.24 -3.79 -65.69
N ARG H 163 -41.61 -2.57 -65.31
CA ARG H 163 -42.54 -2.33 -64.22
C ARG H 163 -43.64 -1.42 -64.72
N LEU H 164 -44.76 -1.40 -63.99
CA LEU H 164 -45.89 -0.56 -64.40
C LEU H 164 -45.60 0.92 -64.18
N PHE H 165 -44.74 1.24 -63.22
CA PHE H 165 -44.52 2.61 -62.78
C PHE H 165 -43.24 3.16 -63.39
N ARG H 166 -43.38 4.19 -64.23
CA ARG H 166 -42.25 4.81 -64.91
C ARG H 166 -41.53 5.86 -64.08
N THR H 167 -41.69 5.89 -62.77
CA THR H 167 -40.97 6.88 -61.97
C THR H 167 -39.88 6.20 -61.15
N GLN H 168 -38.64 6.66 -61.31
CA GLN H 168 -37.54 6.24 -60.47
C GLN H 168 -37.06 7.45 -59.67
N PHE H 169 -36.19 7.20 -58.69
CA PHE H 169 -35.70 8.25 -57.82
C PHE H 169 -34.19 8.18 -57.71
N ARG H 170 -33.52 9.12 -58.36
CA ARG H 170 -32.06 9.17 -58.42
C ARG H 170 -31.57 10.14 -57.36
N MET H 171 -30.61 9.72 -56.55
CA MET H 171 -30.10 10.57 -55.48
C MET H 171 -28.94 11.41 -56.02
N VAL H 172 -28.87 12.65 -55.55
CA VAL H 172 -27.99 13.68 -56.10
C VAL H 172 -26.94 14.03 -55.06
N SER H 173 -25.68 14.06 -55.46
CA SER H 173 -24.59 14.31 -54.54
C SER H 173 -24.63 15.75 -54.00
N PRO H 174 -24.16 15.96 -52.77
CA PRO H 174 -24.08 17.33 -52.24
C PRO H 174 -22.95 18.15 -52.84
N LYS H 175 -21.95 17.49 -53.44
CA LYS H 175 -20.90 18.23 -54.12
C LYS H 175 -21.45 18.98 -55.33
N ARG H 176 -22.55 18.48 -55.89
CA ARG H 176 -23.18 19.08 -57.06
C ARG H 176 -23.74 20.47 -56.79
N ILE H 177 -24.21 20.74 -55.57
CA ILE H 177 -24.85 22.00 -55.24
C ILE H 177 -23.78 23.04 -54.90
N SER H 178 -23.39 23.80 -55.91
CA SER H 178 -22.59 25.00 -55.73
C SER H 178 -23.13 26.06 -56.67
N ASN H 179 -22.72 27.31 -56.45
CA ASN H 179 -23.17 28.38 -57.33
C ASN H 179 -22.68 28.10 -58.75
N PRO H 180 -23.39 28.59 -59.78
CA PRO H 180 -23.00 28.29 -61.15
C PRO H 180 -21.56 28.65 -61.42
N ASN H 181 -20.76 27.61 -61.70
CA ASN H 181 -19.32 27.73 -61.91
C ASN H 181 -18.60 28.16 -60.63
N ASN H 182 -18.95 27.50 -59.52
CA ASN H 182 -18.19 27.56 -58.28
C ASN H 182 -18.01 29.00 -57.77
N THR H 183 -18.87 29.90 -58.22
CA THR H 183 -18.79 31.28 -57.74
C THR H 183 -19.15 31.34 -56.27
N GLY H 184 -18.62 32.34 -55.58
CA GLY H 184 -18.94 32.49 -54.17
C GLY H 184 -20.41 32.86 -53.99
N ASP H 185 -20.85 32.81 -52.74
CA ASP H 185 -22.23 33.18 -52.41
C ASP H 185 -22.56 34.56 -52.96
N SER H 186 -23.82 34.75 -53.34
CA SER H 186 -24.28 36.01 -53.89
C SER H 186 -25.51 36.50 -53.16
N ARG H 187 -26.16 37.54 -53.72
CA ARG H 187 -27.37 38.09 -53.11
C ARG H 187 -28.43 37.01 -52.92
N ASN H 188 -28.89 36.41 -54.01
CA ASN H 188 -29.92 35.38 -53.96
C ASN H 188 -29.43 34.02 -54.41
N CYS H 189 -28.30 33.94 -55.10
CA CYS H 189 -27.66 32.67 -55.44
C CYS H 189 -26.63 32.39 -54.34
N ARG H 190 -26.97 31.46 -53.44
CA ARG H 190 -26.24 31.29 -52.20
C ARG H 190 -25.82 29.84 -52.06
N ALA H 191 -24.54 29.56 -52.32
CA ALA H 191 -23.97 28.21 -52.21
C ALA H 191 -24.73 27.22 -53.09
N GLY H 192 -25.22 27.68 -54.22
CA GLY H 192 -25.88 26.82 -55.17
C GLY H 192 -27.39 26.87 -55.20
N VAL H 193 -28.01 27.43 -54.17
CA VAL H 193 -29.47 27.53 -54.13
C VAL H 193 -29.88 28.95 -54.50
N GLN H 194 -30.81 29.04 -55.44
CA GLN H 194 -31.39 30.31 -55.86
C GLN H 194 -32.66 30.53 -55.06
N ILE H 195 -32.65 31.55 -54.20
CA ILE H 195 -33.77 31.85 -53.32
C ILE H 195 -34.18 33.29 -53.56
N ASN H 196 -35.25 33.69 -52.88
CA ASN H 196 -35.70 35.07 -52.93
C ASN H 196 -35.11 35.83 -51.74
N ASP H 197 -35.55 37.08 -51.57
CA ASP H 197 -35.15 37.83 -50.38
C ASP H 197 -35.71 37.18 -49.12
N SER H 198 -36.91 36.62 -49.21
CA SER H 198 -37.54 35.93 -48.10
C SER H 198 -36.94 34.55 -47.84
N GLY H 199 -36.05 34.08 -48.72
CA GLY H 199 -35.36 32.82 -48.52
C GLY H 199 -35.98 31.62 -49.21
N ALA H 200 -37.15 31.76 -49.81
CA ALA H 200 -37.84 30.62 -50.41
C ALA H 200 -36.97 29.94 -51.45
N ALA H 201 -36.71 28.65 -51.23
CA ALA H 201 -35.82 27.88 -52.09
C ALA H 201 -36.49 27.61 -53.43
N LEU H 202 -36.10 28.37 -54.45
CA LEU H 202 -36.65 28.16 -55.78
C LEU H 202 -36.01 26.96 -56.46
N GLY H 203 -34.69 27.00 -56.67
CA GLY H 203 -34.03 25.91 -57.35
C GLY H 203 -32.56 25.86 -57.00
N TYR H 204 -31.84 25.05 -57.77
CA TYR H 204 -30.50 24.61 -57.43
C TYR H 204 -29.65 24.54 -58.69
N TYR H 205 -28.33 24.69 -58.50
CA TYR H 205 -27.36 24.57 -59.58
C TYR H 205 -26.53 23.31 -59.34
N VAL H 206 -26.89 22.24 -60.05
CA VAL H 206 -26.22 20.95 -59.93
C VAL H 206 -24.99 20.96 -60.81
N SER H 207 -23.81 20.89 -60.19
CA SER H 207 -22.56 20.75 -60.92
C SER H 207 -22.47 19.33 -61.48
N GLU H 208 -21.79 19.18 -62.60
CA GLU H 208 -21.63 17.88 -63.22
C GLU H 208 -20.79 16.97 -62.33
N ASP H 209 -21.07 15.66 -62.43
CA ASP H 209 -20.36 14.67 -61.64
C ASP H 209 -18.85 14.74 -61.91
N GLY H 210 -18.07 14.38 -60.90
CA GLY H 210 -16.63 14.35 -60.99
C GLY H 210 -15.98 12.98 -61.00
N TYR H 211 -16.73 11.92 -61.34
CA TYR H 211 -16.20 10.56 -61.42
C TYR H 211 -16.37 10.00 -62.83
N PRO H 212 -15.28 9.81 -63.59
CA PRO H 212 -13.87 9.78 -63.18
C PRO H 212 -13.33 11.14 -62.76
N GLY H 213 -12.20 11.18 -62.07
CA GLY H 213 -11.70 12.41 -61.48
C GLY H 213 -11.36 13.49 -62.47
N TRP H 214 -11.70 13.30 -63.74
CA TRP H 214 -11.42 14.30 -64.75
C TRP H 214 -12.64 14.72 -65.57
N MET H 215 -13.83 14.72 -64.97
CA MET H 215 -14.88 15.41 -65.71
C MET H 215 -14.97 16.85 -65.21
N PRO H 216 -15.18 17.82 -66.11
CA PRO H 216 -15.44 19.19 -65.67
C PRO H 216 -16.84 19.28 -65.09
N GLN H 217 -17.06 20.29 -64.26
CA GLN H 217 -18.39 20.52 -63.70
C GLN H 217 -19.13 21.57 -64.51
N LYS H 218 -20.38 21.27 -64.86
CA LYS H 218 -21.30 22.23 -65.44
C LYS H 218 -22.56 22.28 -64.60
N TRP H 219 -23.05 23.48 -64.33
CA TRP H 219 -24.15 23.70 -63.40
C TRP H 219 -25.48 23.77 -64.15
N THR H 220 -26.43 22.96 -63.70
CA THR H 220 -27.73 22.82 -64.34
C THR H 220 -28.84 23.20 -63.36
N TRP H 221 -29.89 23.81 -63.88
CA TRP H 221 -30.99 24.32 -63.07
C TRP H 221 -31.91 23.17 -62.67
N ILE H 222 -32.27 23.13 -61.38
CA ILE H 222 -33.20 22.12 -60.87
C ILE H 222 -34.15 22.77 -59.88
N PRO H 223 -35.45 22.87 -60.17
CA PRO H 223 -36.39 23.44 -59.20
C PRO H 223 -36.60 22.51 -58.03
N ARG H 224 -36.97 23.07 -56.87
CA ARG H 224 -37.17 22.25 -55.68
C ARG H 224 -38.41 21.37 -55.81
N GLU H 225 -39.52 21.95 -56.23
CA GLU H 225 -40.75 21.20 -56.43
C GLU H 225 -41.54 21.81 -57.57
N LEU H 226 -42.41 21.00 -58.16
CA LEU H 226 -43.28 21.49 -59.22
C LEU H 226 -44.43 22.30 -58.61
N PRO H 227 -44.98 23.25 -59.37
CA PRO H 227 -46.05 24.11 -58.81
C PRO H 227 -47.27 23.34 -58.35
N GLY H 228 -47.63 22.26 -59.03
CA GLY H 228 -48.78 21.47 -58.66
C GLY H 228 -48.61 20.61 -57.43
N GLY H 229 -47.56 20.85 -56.64
CA GLY H 229 -47.28 20.04 -55.48
C GLY H 229 -46.45 18.81 -55.74
N ARG H 230 -46.12 18.53 -57.01
CA ARG H 230 -45.30 17.37 -57.32
C ARG H 230 -43.90 17.54 -56.73
N ALA H 231 -43.43 16.50 -56.06
CA ALA H 231 -42.14 16.53 -55.38
C ALA H 231 -41.05 16.08 -56.35
N SER H 232 -40.48 17.03 -57.09
CA SER H 232 -39.44 16.68 -58.05
C SER H 232 -38.08 16.55 -57.36
N PHE H 233 -37.59 17.63 -56.75
CA PHE H 233 -36.30 17.62 -56.07
C PHE H 233 -36.51 17.66 -54.58
N ILE H 234 -36.54 16.47 -53.97
CA ILE H 234 -36.75 16.29 -52.55
C ILE H 234 -35.45 16.66 -51.84
N HIS H 235 -35.43 17.85 -51.23
CA HIS H 235 -34.28 18.36 -50.51
C HIS H 235 -34.60 18.37 -49.02
N VAL H 236 -34.22 17.31 -48.32
CA VAL H 236 -34.55 17.18 -46.90
C VAL H 236 -33.31 17.43 -46.08
N PHE H 237 -33.32 18.52 -45.31
CA PHE H 237 -32.21 18.82 -44.42
C PHE H 237 -32.77 19.43 -43.14
N GLU H 238 -32.00 19.29 -42.06
CA GLU H 238 -32.39 19.86 -40.79
C GLU H 238 -31.69 21.21 -40.60
N PRO H 239 -32.42 22.32 -40.65
CA PRO H 239 -31.80 23.61 -40.37
C PRO H 239 -31.82 23.95 -38.88
N VAL H 240 -30.62 24.18 -38.35
CA VAL H 240 -30.44 24.58 -36.96
C VAL H 240 -31.00 25.97 -36.69
N GLU H 241 -30.98 26.86 -37.69
CA GLU H 241 -31.53 28.19 -37.52
C GLU H 241 -32.21 28.59 -38.83
N ASP H 242 -32.82 29.78 -38.82
CA ASP H 242 -33.47 30.32 -40.01
C ASP H 242 -32.45 30.66 -41.08
N GLY H 243 -32.86 30.51 -42.33
CA GLY H 243 -32.02 30.87 -43.46
C GLY H 243 -30.87 29.93 -43.71
N GLN H 244 -30.66 28.93 -42.85
CA GLN H 244 -29.60 27.96 -43.04
C GLN H 244 -29.95 27.07 -44.22
N THR H 245 -28.94 26.72 -45.03
CA THR H 245 -29.15 25.95 -46.24
C THR H 245 -28.58 24.53 -46.16
N ARG H 246 -27.65 24.29 -45.24
CA ARG H 246 -26.95 23.01 -45.15
C ARG H 246 -27.17 22.41 -43.78
N GLY H 247 -26.86 21.12 -43.66
CA GLY H 247 -27.08 20.43 -42.40
C GLY H 247 -25.89 20.51 -41.47
N ALA H 248 -25.79 19.51 -40.61
CA ALA H 248 -24.79 19.46 -39.55
C ALA H 248 -23.59 18.66 -40.02
N ASN H 249 -22.45 18.85 -39.33
CA ASN H 249 -21.21 18.21 -39.71
C ASN H 249 -20.87 17.05 -38.77
N VAL H 250 -19.67 16.50 -38.94
CA VAL H 250 -19.14 15.58 -37.95
C VAL H 250 -17.75 16.01 -37.49
N PHE H 251 -16.81 16.25 -38.42
CA PHE H 251 -15.41 16.53 -38.10
C PHE H 251 -15.23 17.70 -37.15
N TYR H 252 -16.12 18.69 -37.21
CA TYR H 252 -15.97 19.90 -36.42
C TYR H 252 -16.18 19.62 -34.95
N SER H 253 -16.45 18.35 -34.59
CA SER H 253 -16.40 17.86 -33.23
C SER H 253 -15.59 16.57 -33.10
N VAL H 254 -14.81 16.20 -34.12
CA VAL H 254 -14.08 14.93 -34.12
C VAL H 254 -12.58 15.15 -34.30
N MET H 255 -12.19 16.40 -34.54
CA MET H 255 -10.74 16.68 -34.61
C MET H 255 -10.06 16.25 -33.32
N GLU H 256 -10.78 16.28 -32.19
CA GLU H 256 -10.15 15.98 -30.91
C GLU H 256 -9.92 14.48 -30.74
N GLN H 257 -10.82 13.64 -31.25
CA GLN H 257 -10.46 12.22 -31.34
C GLN H 257 -9.27 12.02 -32.24
N MET H 258 -9.24 12.71 -33.39
CA MET H 258 -8.10 12.56 -34.27
C MET H 258 -6.78 12.79 -33.52
N LYS H 259 -6.71 13.91 -32.78
CA LYS H 259 -5.43 14.28 -32.18
C LYS H 259 -5.18 13.57 -30.85
N MET H 260 -6.22 13.18 -30.10
CA MET H 260 -6.03 12.24 -28.99
C MET H 260 -5.56 10.86 -29.43
N LEU H 261 -6.13 10.30 -30.50
CA LEU H 261 -5.62 9.01 -30.95
C LEU H 261 -4.17 9.14 -31.40
N ASP H 262 -3.85 10.24 -32.09
CA ASP H 262 -2.46 10.48 -32.47
C ASP H 262 -1.55 10.56 -31.24
N THR H 263 -1.95 11.33 -30.22
CA THR H 263 -1.05 11.54 -29.09
C THR H 263 -0.91 10.28 -28.24
N LEU H 264 -2.00 9.54 -28.02
CA LEU H 264 -1.89 8.30 -27.27
C LEU H 264 -1.05 7.29 -28.04
N GLN H 265 -1.21 7.28 -29.37
CA GLN H 265 -0.45 6.36 -30.21
C GLN H 265 1.05 6.66 -30.09
N ASN H 266 1.41 7.92 -30.25
CA ASN H 266 2.82 8.31 -30.19
C ASN H 266 3.40 8.12 -28.80
N THR H 267 2.62 8.39 -27.76
CA THR H 267 3.16 8.26 -26.40
C THR H 267 3.32 6.79 -26.03
N GLN H 268 2.44 5.91 -26.52
CA GLN H 268 2.68 4.49 -26.29
C GLN H 268 3.91 4.03 -27.06
N LEU H 269 4.10 4.51 -28.29
CA LEU H 269 5.30 4.15 -29.03
C LEU H 269 6.57 4.57 -28.30
N GLN H 270 6.62 5.83 -27.83
CA GLN H 270 7.81 6.29 -27.11
C GLN H 270 8.01 5.51 -25.82
N SER H 271 6.93 5.25 -25.08
CA SER H 271 7.07 4.50 -23.83
C SER H 271 7.64 3.12 -24.10
N ALA H 272 7.12 2.44 -25.13
CA ALA H 272 7.58 1.09 -25.45
C ALA H 272 9.05 1.11 -25.88
N ILE H 273 9.43 2.09 -26.69
CA ILE H 273 10.79 2.08 -27.22
C ILE H 273 11.80 2.51 -26.18
N VAL H 274 11.38 3.23 -25.14
CA VAL H 274 12.36 3.73 -24.17
C VAL H 274 12.24 3.05 -22.80
N LYS H 275 11.34 2.07 -22.64
CA LYS H 275 11.49 1.31 -21.38
C LYS H 275 12.87 0.67 -21.21
N ALA H 276 13.60 0.21 -22.23
CA ALA H 276 14.92 -0.36 -22.03
C ALA H 276 15.92 0.09 -23.09
N MET H 277 15.95 1.38 -23.39
CA MET H 277 17.03 1.92 -24.20
C MET H 277 18.27 2.02 -23.33
N TYR H 278 19.41 1.61 -23.88
CA TYR H 278 20.62 1.42 -23.08
C TYR H 278 21.81 1.99 -23.85
N ALA H 279 22.64 2.75 -23.14
CA ALA H 279 23.84 3.35 -23.71
C ALA H 279 25.03 2.47 -23.36
N ALA H 280 25.78 2.05 -24.37
CA ALA H 280 26.92 1.16 -24.18
C ALA H 280 28.18 1.90 -24.61
N THR H 281 28.78 2.65 -23.69
CA THR H 281 30.00 3.38 -23.97
C THR H 281 31.10 2.86 -23.05
N ILE H 282 32.30 3.38 -23.24
CA ILE H 282 33.44 3.00 -22.42
C ILE H 282 34.08 4.26 -21.84
N GLU H 283 34.27 4.26 -20.53
CA GLU H 283 35.01 5.28 -19.82
C GLU H 283 36.25 4.61 -19.21
N SER H 284 37.19 5.43 -18.74
CA SER H 284 38.36 4.89 -18.06
C SER H 284 38.71 5.84 -16.91
N GLU H 285 39.72 5.43 -16.13
CA GLU H 285 40.21 6.24 -15.04
C GLU H 285 40.97 7.47 -15.56
N LEU H 286 42.09 7.27 -16.25
CA LEU H 286 42.83 8.29 -17.00
C LEU H 286 42.72 9.67 -16.37
N ASP H 287 42.30 10.64 -17.18
CA ASP H 287 41.67 11.88 -16.73
C ASP H 287 42.45 12.55 -15.60
N THR H 288 43.72 12.82 -15.86
CA THR H 288 44.52 13.50 -14.85
C THR H 288 44.36 15.01 -14.95
N GLN H 289 43.11 15.48 -15.05
CA GLN H 289 42.74 16.88 -14.95
C GLN H 289 43.69 17.79 -15.72
N SER H 290 44.64 18.39 -14.99
CA SER H 290 45.60 19.32 -15.59
C SER H 290 46.47 18.61 -16.64
N ALA H 291 46.92 17.40 -16.34
CA ALA H 291 47.72 16.65 -17.29
C ALA H 291 46.94 16.33 -18.56
N MET H 292 45.69 15.90 -18.43
CA MET H 292 44.88 15.61 -19.62
C MET H 292 44.64 16.88 -20.44
N ASP H 293 44.34 18.00 -19.77
CA ASP H 293 44.12 19.25 -20.48
C ASP H 293 45.39 19.70 -21.20
N PHE H 294 46.54 19.58 -20.53
CA PHE H 294 47.81 19.97 -21.15
C PHE H 294 48.13 19.08 -22.34
N ILE H 295 47.87 17.77 -22.22
CA ILE H 295 48.07 16.87 -23.33
C ILE H 295 47.17 17.21 -24.51
N LEU H 296 45.90 17.54 -24.24
CA LEU H 296 44.98 17.91 -25.31
C LEU H 296 45.42 19.20 -25.98
N GLY H 297 45.86 20.18 -25.20
CA GLY H 297 46.33 21.44 -25.77
C GLY H 297 47.59 21.25 -26.60
N ALA H 298 48.52 20.44 -26.10
CA ALA H 298 49.74 20.15 -26.86
C ALA H 298 49.43 19.41 -28.14
N ASN H 299 48.45 18.50 -28.09
CA ASN H 299 48.01 17.82 -29.32
C ASN H 299 47.41 18.82 -30.30
N SER H 300 46.57 19.74 -29.81
CA SER H 300 45.96 20.73 -30.67
C SER H 300 47.03 21.61 -31.33
N GLN H 301 48.06 21.96 -30.57
CA GLN H 301 49.10 22.83 -31.12
C GLN H 301 50.03 22.07 -32.05
N GLU H 302 50.82 21.12 -31.53
CA GLU H 302 51.74 20.38 -32.38
C GLU H 302 51.94 18.92 -32.00
N GLN H 303 51.24 18.38 -31.01
CA GLN H 303 51.63 17.06 -30.51
C GLN H 303 50.48 16.08 -30.67
N ARG H 304 49.90 16.04 -31.88
CA ARG H 304 48.87 15.08 -32.21
C ARG H 304 49.36 13.64 -32.16
N GLU H 305 50.67 13.43 -32.13
CA GLU H 305 51.20 12.07 -32.03
C GLU H 305 50.78 11.42 -30.71
N ARG H 306 50.59 12.20 -29.64
CA ARG H 306 50.05 11.63 -28.40
C ARG H 306 48.65 11.07 -28.61
N LEU H 307 47.78 11.84 -29.27
CA LEU H 307 46.43 11.36 -29.53
C LEU H 307 46.45 10.15 -30.46
N THR H 308 47.30 10.17 -31.47
CA THR H 308 47.39 9.02 -32.38
C THR H 308 47.85 7.77 -31.63
N GLY H 309 48.85 7.92 -30.76
CA GLY H 309 49.32 6.78 -29.98
C GLY H 309 48.27 6.26 -29.03
N TRP H 310 47.54 7.16 -28.36
CA TRP H 310 46.49 6.71 -27.46
C TRP H 310 45.36 6.02 -28.22
N ILE H 311 45.00 6.56 -29.39
CA ILE H 311 43.96 5.92 -30.20
C ILE H 311 44.41 4.55 -30.67
N GLY H 312 45.68 4.42 -31.05
CA GLY H 312 46.20 3.12 -31.42
C GLY H 312 46.17 2.14 -30.26
N GLU H 313 46.57 2.60 -29.07
CA GLU H 313 46.53 1.75 -27.89
C GLU H 313 45.11 1.31 -27.55
N ILE H 314 44.14 2.22 -27.71
CA ILE H 314 42.75 1.87 -27.38
C ILE H 314 42.16 0.96 -28.44
N ALA H 315 42.54 1.15 -29.71
CA ALA H 315 42.11 0.23 -30.75
C ALA H 315 42.66 -1.17 -30.51
N ALA H 316 43.94 -1.25 -30.15
CA ALA H 316 44.52 -2.54 -29.77
C ALA H 316 43.83 -3.09 -28.53
N TYR H 317 43.40 -2.19 -27.63
CA TYR H 317 42.68 -2.61 -26.44
C TYR H 317 41.38 -3.31 -26.80
N TYR H 318 40.58 -2.67 -27.64
CA TYR H 318 39.29 -3.22 -28.04
C TYR H 318 39.43 -4.39 -29.01
N ALA H 319 40.60 -4.56 -29.63
CA ALA H 319 40.78 -5.70 -30.52
C ALA H 319 41.52 -6.84 -29.83
N ALA H 320 42.00 -6.62 -28.61
CA ALA H 320 42.60 -7.71 -27.85
C ALA H 320 41.70 -8.16 -26.71
N ALA H 321 40.82 -7.28 -26.24
CA ALA H 321 39.73 -7.59 -25.31
C ALA H 321 38.56 -8.33 -25.96
N PRO H 322 38.30 -8.14 -27.28
CA PRO H 322 36.91 -8.08 -27.74
C PRO H 322 35.92 -7.60 -26.69
N VAL H 323 35.77 -6.28 -26.60
CA VAL H 323 34.83 -5.68 -25.66
C VAL H 323 33.44 -5.89 -26.22
N ARG H 324 32.75 -6.92 -25.73
CA ARG H 324 31.45 -7.32 -26.24
C ARG H 324 30.53 -7.57 -25.05
N LEU H 325 29.31 -7.06 -25.13
CA LEU H 325 28.42 -7.12 -23.96
C LEU H 325 27.52 -8.34 -24.01
N GLY H 326 26.89 -8.61 -25.16
CA GLY H 326 25.83 -9.59 -25.25
C GLY H 326 25.94 -10.44 -26.51
N GLY H 327 24.89 -10.41 -27.32
CA GLY H 327 25.01 -10.89 -28.68
C GLY H 327 25.59 -9.89 -29.65
N ALA H 328 25.72 -8.62 -29.24
CA ALA H 328 26.15 -7.55 -30.11
C ALA H 328 27.44 -6.92 -29.58
N LYS H 329 28.15 -6.26 -30.48
CA LYS H 329 29.39 -5.57 -30.13
C LYS H 329 29.10 -4.24 -29.46
N VAL H 330 29.86 -3.93 -28.42
CA VAL H 330 29.77 -2.63 -27.75
C VAL H 330 30.24 -1.58 -28.75
N PRO H 331 29.44 -0.54 -29.04
CA PRO H 331 29.88 0.47 -30.00
C PRO H 331 31.15 1.18 -29.55
N HIS H 332 32.06 1.33 -30.50
CA HIS H 332 33.44 1.72 -30.25
C HIS H 332 33.51 3.10 -29.61
N LEU H 333 33.87 3.12 -28.33
CA LEU H 333 34.09 4.35 -27.58
C LEU H 333 35.42 4.26 -26.84
N MET H 334 36.41 4.95 -27.36
CA MET H 334 37.64 5.17 -26.63
C MET H 334 37.37 6.02 -25.39
N PRO H 335 38.20 5.90 -24.35
CA PRO H 335 37.86 6.46 -23.04
C PRO H 335 37.61 7.97 -23.06
N GLY H 336 36.77 8.40 -22.13
CA GLY H 336 36.58 9.81 -21.85
C GLY H 336 35.35 10.45 -22.44
N ASP H 337 34.40 9.68 -22.97
CA ASP H 337 33.18 10.23 -23.56
C ASP H 337 32.05 9.23 -23.36
N SER H 338 30.93 9.72 -22.82
CA SER H 338 29.76 8.90 -22.60
C SER H 338 28.51 9.76 -22.68
N LEU H 339 27.39 9.11 -22.99
CA LEU H 339 26.10 9.77 -23.06
C LEU H 339 25.50 9.91 -21.67
N ASN H 340 24.83 11.04 -21.43
CA ASN H 340 24.14 11.32 -20.17
C ASN H 340 22.63 11.22 -20.41
N LEU H 341 22.11 10.00 -20.28
CA LEU H 341 20.69 9.74 -20.53
C LEU H 341 19.88 9.87 -19.24
N GLN H 342 20.08 10.99 -18.56
CA GLN H 342 19.21 11.37 -17.45
C GLN H 342 17.87 11.82 -18.01
N THR H 343 16.81 11.47 -17.30
CA THR H 343 15.46 11.48 -17.87
C THR H 343 14.66 12.67 -17.36
N ALA H 344 13.41 12.76 -17.83
CA ALA H 344 12.46 13.75 -17.37
C ALA H 344 11.69 13.18 -16.18
N GLN H 345 10.58 13.82 -15.82
CA GLN H 345 9.80 13.37 -14.66
C GLN H 345 9.24 11.98 -14.91
N ASP H 346 8.95 11.27 -13.81
CA ASP H 346 8.59 9.86 -13.88
C ASP H 346 7.29 9.56 -13.13
N THR H 347 6.33 10.48 -13.21
CA THR H 347 5.01 10.24 -12.62
C THR H 347 4.18 9.44 -13.63
N ASP H 348 3.10 8.83 -13.19
CA ASP H 348 2.21 8.14 -14.11
C ASP H 348 1.62 9.14 -15.12
N ASN H 349 1.46 8.67 -16.35
CA ASN H 349 1.04 9.52 -17.45
C ASN H 349 -0.39 10.04 -17.27
N GLY H 350 -1.22 9.38 -16.46
CA GLY H 350 -2.58 9.84 -16.27
C GLY H 350 -3.50 9.59 -17.44
N TYR H 351 -2.93 9.22 -18.60
CA TYR H 351 -3.70 8.98 -19.81
C TYR H 351 -4.85 8.03 -19.56
N SER H 352 -4.72 7.14 -18.58
CA SER H 352 -5.81 6.21 -18.28
C SER H 352 -7.10 6.96 -17.96
N VAL H 353 -7.09 7.78 -16.91
CA VAL H 353 -8.33 8.45 -16.55
C VAL H 353 -8.61 9.62 -17.49
N PHE H 354 -7.57 10.22 -18.10
CA PHE H 354 -7.85 11.15 -19.19
C PHE H 354 -8.73 10.49 -20.26
N GLU H 355 -8.32 9.32 -20.76
CA GLU H 355 -9.01 8.72 -21.88
C GLU H 355 -10.37 8.19 -21.48
N GLN H 356 -10.50 7.61 -20.28
CA GLN H 356 -11.84 7.19 -19.85
C GLN H 356 -12.78 8.39 -19.73
N SER H 357 -12.32 9.47 -19.10
CA SER H 357 -13.14 10.66 -18.97
C SER H 357 -13.53 11.22 -20.33
N LEU H 358 -12.59 11.29 -21.27
CA LEU H 358 -12.89 11.91 -22.57
C LEU H 358 -13.74 10.98 -23.44
N LEU H 359 -13.62 9.66 -23.26
CA LEU H 359 -14.42 8.74 -24.08
C LEU H 359 -15.87 8.73 -23.62
N ARG H 360 -16.09 8.54 -22.32
CA ARG H 360 -17.29 9.04 -21.63
C ARG H 360 -17.84 10.33 -22.25
N TYR H 361 -17.04 11.39 -22.15
CA TYR H 361 -17.37 12.73 -22.59
C TYR H 361 -17.96 12.74 -23.99
N ILE H 362 -17.20 12.32 -24.98
CA ILE H 362 -17.64 12.52 -26.35
C ILE H 362 -18.62 11.43 -26.74
N ALA H 363 -18.68 10.35 -25.95
CA ALA H 363 -19.63 9.27 -26.23
C ALA H 363 -21.05 9.76 -26.08
N ALA H 364 -21.41 10.31 -24.93
CA ALA H 364 -22.74 10.92 -24.90
C ALA H 364 -22.66 12.40 -25.22
N GLY H 365 -21.58 12.78 -25.92
CA GLY H 365 -21.65 13.89 -26.85
C GLY H 365 -22.27 13.49 -28.17
N LEU H 366 -21.47 12.99 -29.10
CA LEU H 366 -21.98 12.47 -30.37
C LEU H 366 -23.27 11.65 -30.23
N GLY H 367 -23.52 11.00 -29.09
CA GLY H 367 -24.87 10.53 -28.82
C GLY H 367 -24.99 9.07 -28.51
N VAL H 368 -24.23 8.22 -29.20
CA VAL H 368 -24.28 6.78 -28.97
C VAL H 368 -23.16 6.43 -28.02
N SER H 369 -23.52 5.76 -26.94
CA SER H 369 -22.60 5.50 -25.85
C SER H 369 -21.48 4.55 -26.27
N TYR H 370 -20.28 4.81 -25.74
CA TYR H 370 -19.15 3.96 -26.11
C TYR H 370 -19.20 2.60 -25.41
N GLU H 371 -19.94 2.46 -24.29
CA GLU H 371 -19.92 1.13 -23.67
C GLU H 371 -20.47 0.10 -24.63
N GLN H 372 -20.88 0.53 -25.83
CA GLN H 372 -21.12 -0.32 -26.98
C GLN H 372 -20.50 0.20 -28.28
N LEU H 373 -20.09 1.48 -28.38
CA LEU H 373 -19.34 1.85 -29.58
C LEU H 373 -17.96 1.25 -29.56
N SER H 374 -17.47 0.88 -28.38
CA SER H 374 -16.40 -0.10 -28.30
C SER H 374 -16.51 -1.09 -27.14
N ARG H 375 -17.66 -1.11 -26.42
CA ARG H 375 -18.26 -2.31 -25.80
C ARG H 375 -17.79 -2.60 -24.36
N ASN H 376 -17.19 -1.64 -23.67
CA ASN H 376 -16.79 -1.97 -22.30
C ASN H 376 -17.86 -2.70 -21.47
N TYR H 377 -17.45 -3.55 -20.54
CA TYR H 377 -18.40 -4.18 -19.66
C TYR H 377 -18.10 -3.85 -18.21
N ALA H 378 -17.36 -2.76 -18.02
CA ALA H 378 -16.81 -2.36 -16.73
C ALA H 378 -17.94 -1.93 -15.81
N GLN H 379 -18.03 -2.62 -14.67
CA GLN H 379 -18.90 -2.27 -13.54
C GLN H 379 -20.32 -1.89 -13.95
N MET H 380 -20.80 -2.41 -15.07
CA MET H 380 -22.12 -2.03 -15.54
C MET H 380 -23.17 -2.96 -14.92
N SER H 381 -24.30 -2.39 -14.52
CA SER H 381 -25.27 -3.06 -13.68
C SER H 381 -26.63 -3.14 -14.35
N TYR H 382 -27.64 -3.57 -13.58
CA TYR H 382 -28.92 -3.92 -14.17
C TYR H 382 -29.74 -2.67 -14.53
N SER H 383 -29.92 -1.78 -13.56
CA SER H 383 -30.56 -0.50 -13.84
C SER H 383 -29.76 0.28 -14.86
N THR H 384 -28.43 0.25 -14.74
CA THR H 384 -27.54 0.76 -15.78
C THR H 384 -28.02 0.31 -17.15
N ALA H 385 -28.09 -1.00 -17.34
CA ALA H 385 -28.38 -1.56 -18.65
C ALA H 385 -29.75 -1.12 -19.16
N ARG H 386 -30.81 -1.32 -18.37
CA ARG H 386 -32.12 -1.10 -18.97
C ARG H 386 -32.45 0.39 -19.07
N ALA H 387 -31.97 1.22 -18.13
CA ALA H 387 -32.16 2.66 -18.26
C ALA H 387 -31.43 3.20 -19.49
N SER H 388 -30.15 2.84 -19.64
CA SER H 388 -29.41 3.30 -20.80
C SER H 388 -30.07 2.83 -22.09
N ALA H 389 -30.46 1.55 -22.13
CA ALA H 389 -31.07 0.99 -23.34
C ALA H 389 -32.38 1.69 -23.69
N ASN H 390 -33.25 1.91 -22.71
CA ASN H 390 -34.55 2.49 -23.06
C ASN H 390 -34.41 3.96 -23.45
N GLU H 391 -33.55 4.72 -22.76
CA GLU H 391 -33.39 6.11 -23.16
C GLU H 391 -32.75 6.20 -24.55
N SER H 392 -31.74 5.39 -24.82
CA SER H 392 -31.08 5.43 -26.13
C SER H 392 -32.03 4.99 -27.23
N TRP H 393 -32.86 3.97 -26.96
CA TRP H 393 -33.79 3.49 -27.98
C TRP H 393 -34.90 4.50 -28.25
N ALA H 394 -35.43 5.15 -27.20
CA ALA H 394 -36.41 6.21 -27.42
C ALA H 394 -35.79 7.36 -28.21
N TYR H 395 -34.50 7.61 -27.98
CA TYR H 395 -33.84 8.72 -28.67
C TYR H 395 -33.59 8.37 -30.13
N PHE H 396 -33.30 7.11 -30.42
CA PHE H 396 -33.27 6.65 -31.80
C PHE H 396 -34.64 6.68 -32.43
N MET H 397 -35.69 6.44 -31.65
CA MET H 397 -37.04 6.60 -32.19
C MET H 397 -37.26 8.06 -32.57
N GLY H 398 -36.75 8.98 -31.76
CA GLY H 398 -36.75 10.39 -32.09
C GLY H 398 -36.07 10.68 -33.41
N ARG H 399 -34.79 10.31 -33.53
CA ARG H 399 -34.09 10.50 -34.80
C ARG H 399 -34.81 9.84 -35.98
N ARG H 400 -35.36 8.64 -35.78
CA ARG H 400 -36.07 7.98 -36.86
C ARG H 400 -37.26 8.82 -37.32
N LYS H 401 -38.14 9.19 -36.39
CA LYS H 401 -39.31 9.98 -36.73
C LYS H 401 -38.94 11.37 -37.23
N PHE H 402 -37.72 11.82 -36.99
CA PHE H 402 -37.31 13.15 -37.42
C PHE H 402 -36.66 13.17 -38.80
N VAL H 403 -35.90 12.15 -39.17
CA VAL H 403 -35.10 12.17 -40.39
C VAL H 403 -35.38 10.97 -41.30
N ALA H 404 -36.49 10.27 -41.06
CA ALA H 404 -36.86 9.20 -41.99
C ALA H 404 -38.23 9.44 -42.59
N SER H 405 -39.15 10.00 -41.80
CA SER H 405 -40.52 10.16 -42.26
C SER H 405 -40.62 11.17 -43.40
N ARG H 406 -39.70 12.14 -43.44
CA ARG H 406 -39.68 13.07 -44.56
C ARG H 406 -39.49 12.34 -45.88
N GLN H 407 -38.42 11.53 -45.96
CA GLN H 407 -38.13 10.81 -47.20
C GLN H 407 -39.25 9.82 -47.50
N ALA H 408 -39.72 9.13 -46.46
CA ALA H 408 -40.80 8.17 -46.64
C ALA H 408 -42.03 8.82 -47.24
N SER H 409 -42.49 9.93 -46.65
CA SER H 409 -43.69 10.60 -47.14
C SER H 409 -43.48 11.18 -48.52
N GLN H 410 -42.29 11.72 -48.81
CA GLN H 410 -42.04 12.30 -50.12
C GLN H 410 -42.09 11.22 -51.21
N MET H 411 -41.41 10.10 -50.97
CA MET H 411 -41.40 9.01 -51.93
C MET H 411 -42.79 8.42 -52.09
N PHE H 412 -43.51 8.27 -50.98
CA PHE H 412 -44.87 7.73 -51.03
C PHE H 412 -45.79 8.66 -51.80
N LEU H 413 -45.65 9.97 -51.62
CA LEU H 413 -46.46 10.92 -52.36
C LEU H 413 -46.20 10.82 -53.85
N CYS H 414 -44.92 10.76 -54.24
CA CYS H 414 -44.62 10.65 -55.67
C CYS H 414 -45.18 9.34 -56.24
N TRP H 415 -44.98 8.24 -55.53
CA TRP H 415 -45.46 6.94 -56.02
C TRP H 415 -46.97 6.91 -56.11
N LEU H 416 -47.65 7.50 -55.12
CA LEU H 416 -49.11 7.50 -55.11
C LEU H 416 -49.66 8.40 -56.21
N GLU H 417 -48.99 9.53 -56.47
CA GLU H 417 -49.38 10.35 -57.61
C GLU H 417 -49.26 9.57 -58.91
N GLU H 418 -48.17 8.82 -59.07
CA GLU H 418 -48.02 8.00 -60.26
C GLU H 418 -49.10 6.93 -60.33
N ALA H 419 -49.44 6.32 -59.20
CA ALA H 419 -50.47 5.29 -59.17
C ALA H 419 -51.83 5.87 -59.55
N ILE H 420 -52.14 7.07 -59.08
CA ILE H 420 -53.39 7.72 -59.46
C ILE H 420 -53.39 8.05 -60.94
N VAL H 421 -52.23 8.45 -61.48
CA VAL H 421 -52.12 8.69 -62.91
C VAL H 421 -52.42 7.42 -63.70
N ARG H 422 -51.90 6.29 -63.22
CA ARG H 422 -52.04 5.02 -63.93
C ARG H 422 -53.33 4.28 -63.59
N ARG H 423 -54.13 4.82 -62.66
CA ARG H 423 -55.34 4.17 -62.18
C ARG H 423 -55.05 2.75 -61.70
N VAL H 424 -53.99 2.60 -60.89
CA VAL H 424 -53.70 1.32 -60.28
C VAL H 424 -54.64 1.07 -59.11
N VAL H 425 -54.75 2.04 -58.21
CA VAL H 425 -55.66 1.99 -57.09
C VAL H 425 -56.74 3.03 -57.30
N THR H 426 -57.93 2.73 -56.78
CA THR H 426 -59.12 3.56 -57.01
C THR H 426 -59.34 4.47 -55.82
N LEU H 427 -59.38 5.78 -56.09
CA LEU H 427 -59.69 6.75 -55.05
C LEU H 427 -61.15 6.63 -54.65
N PRO H 428 -61.49 7.01 -53.42
CA PRO H 428 -62.89 6.98 -53.00
C PRO H 428 -63.76 7.87 -53.88
N SER H 429 -64.97 7.39 -54.18
CA SER H 429 -65.87 8.13 -55.05
C SER H 429 -66.39 9.40 -54.37
N LYS H 430 -66.54 9.37 -53.05
CA LYS H 430 -67.05 10.49 -52.29
C LYS H 430 -65.94 11.46 -51.87
N ALA H 431 -64.87 11.54 -52.65
CA ALA H 431 -63.74 12.41 -52.32
C ALA H 431 -64.20 13.83 -52.08
N ARG H 432 -64.08 14.28 -50.82
CA ARG H 432 -64.45 15.64 -50.47
C ARG H 432 -63.53 16.65 -51.15
N PHE H 433 -62.26 16.29 -51.32
CA PHE H 433 -61.31 17.10 -52.05
C PHE H 433 -60.63 16.23 -53.10
N SER H 434 -60.22 16.85 -54.20
CA SER H 434 -59.55 16.11 -55.26
C SER H 434 -58.20 15.62 -54.77
N PHE H 435 -57.66 14.64 -55.51
CA PHE H 435 -56.34 14.11 -55.18
C PHE H 435 -55.29 15.22 -55.21
N GLN H 436 -55.27 16.01 -56.28
CA GLN H 436 -54.26 17.05 -56.41
C GLN H 436 -54.39 18.10 -55.31
N GLU H 437 -55.61 18.35 -54.86
CA GLU H 437 -55.83 19.34 -53.80
C GLU H 437 -55.45 18.80 -52.43
N ALA H 438 -55.72 17.52 -52.16
CA ALA H 438 -55.54 16.96 -50.82
C ALA H 438 -54.54 15.81 -50.85
N ARG H 439 -53.46 15.98 -51.62
CA ARG H 439 -52.37 15.01 -51.59
C ARG H 439 -51.89 14.74 -50.17
N SER H 440 -51.79 15.79 -49.36
CA SER H 440 -51.43 15.60 -47.95
C SER H 440 -52.49 14.79 -47.22
N ALA H 441 -53.77 15.10 -47.46
CA ALA H 441 -54.84 14.38 -46.78
C ALA H 441 -54.97 12.96 -47.30
N TRP H 442 -54.97 12.78 -48.63
CA TRP H 442 -55.03 11.44 -49.19
C TRP H 442 -53.74 10.66 -48.92
N GLY H 443 -52.60 11.28 -49.16
CA GLY H 443 -51.33 10.59 -49.01
C GLY H 443 -50.80 10.62 -47.59
N ASN H 444 -51.68 10.81 -46.61
CA ASN H 444 -51.27 10.73 -45.22
C ASN H 444 -50.79 9.31 -44.91
N CYS H 445 -49.59 9.20 -44.34
CA CYS H 445 -49.00 7.90 -44.14
C CYS H 445 -48.08 7.94 -42.92
N ASP H 446 -47.82 6.75 -42.37
CA ASP H 446 -46.83 6.55 -41.33
C ASP H 446 -45.96 5.38 -41.73
N TRP H 447 -44.83 5.23 -41.06
CA TRP H 447 -43.85 4.22 -41.44
C TRP H 447 -43.28 3.54 -40.20
N ILE H 448 -42.90 2.29 -40.37
CA ILE H 448 -42.40 1.44 -39.29
C ILE H 448 -40.94 1.12 -39.59
N GLY H 449 -40.07 1.33 -38.61
CA GLY H 449 -38.65 1.15 -38.77
C GLY H 449 -38.19 -0.25 -38.45
N SER H 450 -37.23 -0.34 -37.51
CA SER H 450 -36.62 -1.61 -37.17
C SER H 450 -37.63 -2.52 -36.47
N GLY H 451 -37.29 -3.81 -36.39
CA GLY H 451 -38.21 -4.81 -35.87
C GLY H 451 -38.41 -4.72 -34.36
N ARG H 452 -38.89 -5.83 -33.81
CA ARG H 452 -39.28 -5.93 -32.41
C ARG H 452 -38.07 -5.83 -31.48
N MET H 453 -38.05 -4.80 -30.63
CA MET H 453 -36.97 -4.59 -29.68
C MET H 453 -36.91 -5.72 -28.66
N ALA H 454 -35.70 -6.24 -28.45
CA ALA H 454 -35.48 -7.18 -27.36
C ALA H 454 -34.31 -6.72 -26.48
N ILE H 455 -34.59 -6.54 -25.19
CA ILE H 455 -33.55 -6.12 -24.25
C ILE H 455 -33.50 -7.05 -23.04
N ASP H 456 -34.66 -7.35 -22.45
CA ASP H 456 -34.71 -8.08 -21.19
C ASP H 456 -35.59 -9.32 -21.27
N GLY H 457 -36.62 -9.31 -22.12
CA GLY H 457 -37.59 -10.37 -22.13
C GLY H 457 -38.69 -10.15 -21.11
N LEU H 458 -38.39 -10.36 -19.81
CA LEU H 458 -39.36 -10.16 -18.74
C LEU H 458 -40.03 -8.80 -18.86
N LYS H 459 -39.24 -7.79 -19.21
CA LYS H 459 -39.78 -6.44 -19.39
C LYS H 459 -40.89 -6.44 -20.43
N GLU H 460 -40.55 -6.81 -21.67
CA GLU H 460 -41.51 -6.77 -22.76
C GLU H 460 -42.71 -7.65 -22.50
N VAL H 461 -42.50 -8.80 -21.83
CA VAL H 461 -43.62 -9.73 -21.66
C VAL H 461 -44.56 -9.25 -20.57
N GLN H 462 -44.05 -8.64 -19.50
CA GLN H 462 -44.96 -8.10 -18.51
C GLN H 462 -45.70 -6.89 -19.05
N GLU H 463 -45.02 -6.07 -19.87
CA GLU H 463 -45.71 -4.99 -20.57
C GLU H 463 -46.82 -5.54 -21.45
N ALA H 464 -46.52 -6.59 -22.20
CA ALA H 464 -47.50 -7.17 -23.13
C ALA H 464 -48.70 -7.71 -22.37
N VAL H 465 -48.46 -8.45 -21.28
CA VAL H 465 -49.58 -9.01 -20.54
C VAL H 465 -50.42 -7.90 -19.92
N MET H 466 -49.78 -6.84 -19.40
CA MET H 466 -50.57 -5.75 -18.82
C MET H 466 -51.41 -5.05 -19.88
N LEU H 467 -50.82 -4.79 -21.06
CA LEU H 467 -51.56 -4.12 -22.12
C LEU H 467 -52.71 -4.98 -22.62
N ILE H 468 -52.49 -6.29 -22.75
CA ILE H 468 -53.54 -7.13 -23.31
C ILE H 468 -54.63 -7.42 -22.28
N GLU H 469 -54.32 -7.29 -20.98
CA GLU H 469 -55.38 -7.48 -20.00
C GLU H 469 -56.18 -6.20 -19.77
N ALA H 470 -55.51 -5.04 -19.74
CA ALA H 470 -56.22 -3.80 -19.47
C ALA H 470 -56.76 -3.15 -20.73
N GLY H 471 -56.42 -3.66 -21.91
CA GLY H 471 -56.86 -3.03 -23.14
C GLY H 471 -56.19 -1.70 -23.41
N LEU H 472 -55.08 -1.41 -22.73
CA LEU H 472 -54.40 -0.13 -22.86
C LEU H 472 -53.57 -0.02 -24.13
N SER H 473 -53.68 -0.98 -25.05
CA SER H 473 -52.97 -0.96 -26.31
C SER H 473 -53.97 -1.16 -27.46
N THR H 474 -53.80 -0.36 -28.51
CA THR H 474 -54.65 -0.42 -29.69
C THR H 474 -54.00 -1.26 -30.76
N TYR H 475 -54.72 -1.44 -31.88
CA TYR H 475 -54.12 -2.08 -33.05
C TYR H 475 -52.88 -1.35 -33.51
N GLU H 476 -52.99 -0.03 -33.71
CA GLU H 476 -51.89 0.72 -34.31
C GLU H 476 -50.67 0.77 -33.42
N LYS H 477 -50.83 1.09 -32.13
CA LYS H 477 -49.63 1.18 -31.31
C LYS H 477 -49.14 -0.19 -30.86
N GLU H 478 -50.04 -1.18 -30.77
CA GLU H 478 -49.58 -2.54 -30.55
C GLU H 478 -48.70 -3.02 -31.70
N CYS H 479 -49.15 -2.80 -32.94
CA CYS H 479 -48.34 -3.18 -34.09
C CYS H 479 -47.08 -2.35 -34.19
N ALA H 480 -47.12 -1.09 -33.72
CA ALA H 480 -45.89 -0.30 -33.67
C ALA H 480 -44.90 -0.90 -32.69
N LYS H 481 -45.37 -1.31 -31.51
CA LYS H 481 -44.51 -1.93 -30.51
C LYS H 481 -43.96 -3.28 -30.96
N ARG H 482 -44.73 -4.07 -31.72
CA ARG H 482 -44.40 -5.44 -32.01
C ARG H 482 -43.78 -5.63 -33.39
N GLY H 483 -43.88 -4.64 -34.27
CA GLY H 483 -43.42 -4.79 -35.64
C GLY H 483 -44.19 -5.80 -36.46
N ASP H 484 -45.51 -5.87 -36.27
CA ASP H 484 -46.38 -6.83 -36.95
C ASP H 484 -47.62 -6.11 -37.45
N ASP H 485 -48.62 -6.89 -37.85
CA ASP H 485 -49.91 -6.35 -38.27
C ASP H 485 -51.02 -7.13 -37.59
N TYR H 486 -52.02 -6.40 -37.08
CA TYR H 486 -53.16 -7.02 -36.41
C TYR H 486 -54.00 -7.85 -37.37
N GLN H 487 -54.22 -7.38 -38.60
CA GLN H 487 -55.00 -8.16 -39.56
C GLN H 487 -54.33 -9.50 -39.84
N GLU H 488 -53.02 -9.49 -40.08
CA GLU H 488 -52.34 -10.74 -40.38
C GLU H 488 -52.19 -11.63 -39.15
N ILE H 489 -52.01 -11.06 -37.95
CA ILE H 489 -51.93 -11.90 -36.76
C ILE H 489 -53.28 -12.57 -36.51
N PHE H 490 -54.39 -11.87 -36.79
CA PHE H 490 -55.70 -12.48 -36.60
C PHE H 490 -55.98 -13.55 -37.65
N ALA H 491 -55.64 -13.28 -38.91
CA ALA H 491 -55.84 -14.28 -39.95
C ALA H 491 -54.99 -15.52 -39.69
N GLN H 492 -53.75 -15.31 -39.26
CA GLN H 492 -52.88 -16.44 -38.99
C GLN H 492 -53.26 -17.16 -37.71
N GLN H 493 -53.91 -16.47 -36.76
CA GLN H 493 -54.44 -17.18 -35.59
C GLN H 493 -55.65 -18.01 -35.99
N VAL H 494 -56.47 -17.52 -36.92
CA VAL H 494 -57.54 -18.34 -37.47
C VAL H 494 -56.97 -19.59 -38.11
N ARG H 495 -55.93 -19.42 -38.94
CA ARG H 495 -55.28 -20.56 -39.57
C ARG H 495 -54.68 -21.50 -38.54
N GLU H 496 -54.05 -20.94 -37.50
CA GLU H 496 -53.50 -21.74 -36.41
C GLU H 496 -54.57 -22.61 -35.78
N THR H 497 -55.67 -21.98 -35.36
CA THR H 497 -56.72 -22.72 -34.66
C THR H 497 -57.32 -23.79 -35.54
N MET H 498 -57.58 -23.47 -36.82
CA MET H 498 -58.23 -24.46 -37.68
C MET H 498 -57.28 -25.61 -38.02
N GLU H 499 -55.98 -25.33 -38.20
CA GLU H 499 -55.04 -26.42 -38.45
C GLU H 499 -54.85 -27.29 -37.20
N ARG H 500 -54.80 -26.67 -36.02
CA ARG H 500 -54.72 -27.47 -34.80
C ARG H 500 -55.95 -28.34 -34.63
N ARG H 501 -57.14 -27.80 -34.90
CA ARG H 501 -58.35 -28.60 -34.82
C ARG H 501 -58.35 -29.74 -35.83
N ALA H 502 -57.91 -29.47 -37.07
CA ALA H 502 -57.93 -30.50 -38.10
C ALA H 502 -56.89 -31.59 -37.85
N ALA H 503 -55.64 -31.20 -37.59
CA ALA H 503 -54.57 -32.15 -37.36
C ALA H 503 -54.64 -32.82 -35.99
N GLY H 504 -55.44 -32.29 -35.07
CA GLY H 504 -55.56 -32.86 -33.75
C GLY H 504 -54.78 -32.14 -32.67
N LEU H 505 -54.18 -31.00 -32.97
CA LEU H 505 -53.42 -30.27 -31.97
C LEU H 505 -54.35 -29.51 -31.04
N LYS H 506 -53.74 -28.70 -30.17
CA LYS H 506 -54.50 -27.98 -29.15
C LYS H 506 -54.44 -26.48 -29.42
N PRO H 507 -55.49 -25.86 -29.95
CA PRO H 507 -55.61 -24.42 -30.22
C PRO H 507 -55.13 -23.54 -29.07
N GLN I 34 5.01 7.78 -38.30
CA GLN I 34 4.40 6.48 -38.57
C GLN I 34 3.33 6.62 -39.63
N LEU I 35 2.77 7.82 -39.77
CA LEU I 35 1.84 8.10 -40.85
C LEU I 35 2.51 8.03 -42.21
N ARG I 36 3.81 7.80 -42.25
CA ARG I 36 4.55 7.76 -43.50
C ARG I 36 4.24 6.54 -44.35
N SER I 37 4.14 5.36 -43.74
CA SER I 37 3.98 4.13 -44.49
C SER I 37 2.52 3.83 -44.84
N TRP I 38 1.63 4.78 -44.60
CA TRP I 38 0.19 4.64 -44.82
C TRP I 38 -0.41 6.02 -44.97
N ASN I 39 -0.99 6.31 -46.13
CA ASN I 39 -1.32 7.71 -46.37
C ASN I 39 -2.72 7.92 -46.93
N PRO I 40 -3.57 8.67 -46.22
CA PRO I 40 -4.89 8.97 -46.75
C PRO I 40 -4.86 10.26 -47.56
N PRO I 41 -5.37 10.24 -48.79
CA PRO I 41 -5.69 11.49 -49.48
C PRO I 41 -6.99 12.09 -48.96
N SER I 42 -7.15 13.39 -49.21
CA SER I 42 -8.33 14.13 -48.81
C SER I 42 -9.24 14.30 -50.02
N GLU I 43 -10.22 13.41 -50.15
CA GLU I 43 -11.10 13.38 -51.31
C GLU I 43 -12.26 12.43 -50.99
N SER I 44 -13.24 12.39 -51.89
CA SER I 44 -14.31 11.40 -51.79
C SER I 44 -13.72 10.00 -51.68
N VAL I 45 -14.44 9.14 -50.95
CA VAL I 45 -13.89 7.85 -50.54
C VAL I 45 -13.57 6.97 -51.76
N ASP I 46 -14.42 7.02 -52.79
CA ASP I 46 -14.17 6.19 -53.97
C ASP I 46 -12.87 6.57 -54.66
N ALA I 47 -12.63 7.87 -54.84
CA ALA I 47 -11.41 8.31 -55.50
C ALA I 47 -10.22 8.32 -54.54
N ALA I 48 -10.48 8.14 -53.25
CA ALA I 48 -9.42 7.98 -52.27
C ALA I 48 -9.00 6.53 -52.08
N LEU I 49 -9.85 5.58 -52.46
CA LEU I 49 -9.53 4.15 -52.38
C LEU I 49 -9.10 3.54 -53.70
N LEU I 50 -9.78 3.84 -54.80
CA LEU I 50 -9.44 3.17 -56.06
C LEU I 50 -7.99 3.38 -56.49
N PRO I 51 -7.39 4.58 -56.40
CA PRO I 51 -5.97 4.70 -56.76
C PRO I 51 -5.05 3.81 -55.95
N ASN I 52 -5.32 3.64 -54.64
CA ASN I 52 -4.53 2.74 -53.80
C ASN I 52 -5.26 1.44 -53.53
N PHE I 53 -6.01 0.93 -54.52
CA PHE I 53 -6.77 -0.30 -54.33
C PHE I 53 -5.84 -1.50 -54.16
N THR I 54 -4.83 -1.62 -55.02
CA THR I 54 -3.97 -2.80 -55.00
C THR I 54 -3.16 -2.89 -53.71
N ARG I 55 -2.62 -1.76 -53.24
CA ARG I 55 -1.80 -1.80 -52.03
C ARG I 55 -2.63 -2.12 -50.79
N GLY I 56 -3.77 -1.47 -50.63
CA GLY I 56 -4.62 -1.76 -49.50
C GLY I 56 -5.13 -3.18 -49.49
N ASN I 57 -5.56 -3.67 -50.65
CA ASN I 57 -6.03 -5.06 -50.73
C ASN I 57 -4.91 -6.05 -50.50
N ALA I 58 -3.70 -5.73 -50.99
CA ALA I 58 -2.57 -6.63 -50.80
C ALA I 58 -2.17 -6.73 -49.33
N ARG I 59 -2.13 -5.59 -48.63
CA ARG I 59 -1.80 -5.64 -47.20
C ARG I 59 -2.97 -6.25 -46.41
N ALA I 60 -4.19 -6.12 -46.92
CA ALA I 60 -5.31 -6.83 -46.32
C ALA I 60 -5.12 -8.34 -46.45
N ASP I 61 -4.68 -8.81 -47.62
CA ASP I 61 -4.34 -10.21 -47.79
C ASP I 61 -3.25 -10.62 -46.82
N ASP I 62 -2.23 -9.77 -46.68
CA ASP I 62 -1.13 -10.05 -45.75
C ASP I 62 -1.65 -10.26 -44.34
N LEU I 63 -2.52 -9.37 -43.86
CA LEU I 63 -2.96 -9.48 -42.47
C LEU I 63 -3.97 -10.61 -42.29
N VAL I 64 -4.87 -10.83 -43.25
CA VAL I 64 -5.80 -11.93 -43.13
C VAL I 64 -5.11 -13.28 -43.26
N ARG I 65 -3.91 -13.32 -43.84
CA ARG I 65 -3.16 -14.57 -43.90
C ARG I 65 -2.27 -14.76 -42.68
N ASN I 66 -1.61 -13.71 -42.20
CA ASN I 66 -0.71 -13.80 -41.06
C ASN I 66 -1.44 -13.78 -39.73
N ASN I 67 -2.68 -13.31 -39.69
CA ASN I 67 -3.37 -12.99 -38.45
C ASN I 67 -4.62 -13.84 -38.32
N GLY I 68 -4.90 -14.26 -37.08
CA GLY I 68 -6.03 -15.15 -36.86
C GLY I 68 -7.36 -14.43 -36.73
N TYR I 69 -7.30 -13.12 -36.42
CA TYR I 69 -8.53 -12.36 -36.19
C TYR I 69 -9.46 -12.40 -37.39
N ALA I 70 -8.92 -12.26 -38.60
CA ALA I 70 -9.76 -12.29 -39.79
C ALA I 70 -10.42 -13.65 -39.96
N ALA I 71 -9.68 -14.72 -39.70
CA ALA I 71 -10.26 -16.06 -39.79
C ALA I 71 -11.40 -16.23 -38.79
N ASN I 72 -11.18 -15.80 -37.54
CA ASN I 72 -12.24 -15.93 -36.54
C ASN I 72 -13.45 -15.09 -36.91
N ALA I 73 -13.21 -13.88 -37.43
CA ALA I 73 -14.31 -13.00 -37.77
C ALA I 73 -15.13 -13.55 -38.94
N ILE I 74 -14.46 -14.07 -39.96
CA ILE I 74 -15.20 -14.62 -41.09
C ILE I 74 -15.92 -15.90 -40.68
N GLN I 75 -15.32 -16.68 -39.78
CA GLN I 75 -15.96 -17.90 -39.32
C GLN I 75 -17.22 -17.56 -38.51
N LEU I 76 -17.14 -16.58 -37.62
CA LEU I 76 -18.32 -16.21 -36.85
C LEU I 76 -19.38 -15.56 -37.74
N HIS I 77 -18.97 -14.78 -38.72
CA HIS I 77 -19.95 -14.22 -39.65
C HIS I 77 -20.65 -15.32 -40.40
N GLN I 78 -19.90 -16.33 -40.84
CA GLN I 78 -20.52 -17.49 -41.48
C GLN I 78 -21.53 -18.15 -40.56
N ASP I 79 -21.13 -18.42 -39.31
CA ASP I 79 -21.97 -19.20 -38.41
C ASP I 79 -23.12 -18.38 -37.84
N HIS I 80 -23.08 -17.06 -37.95
CA HIS I 80 -24.23 -16.24 -37.57
C HIS I 80 -25.15 -15.96 -38.74
N ILE I 81 -24.61 -15.83 -39.95
CA ILE I 81 -25.44 -15.44 -41.09
C ILE I 81 -26.08 -16.67 -41.71
N VAL I 82 -25.27 -17.64 -42.11
CA VAL I 82 -25.79 -18.84 -42.75
C VAL I 82 -25.91 -19.95 -41.72
N GLY I 83 -24.86 -20.11 -40.91
CA GLY I 83 -24.83 -21.19 -39.96
C GLY I 83 -24.79 -22.54 -40.65
N SER I 84 -25.73 -23.40 -40.26
CA SER I 84 -25.80 -24.74 -40.84
C SER I 84 -26.17 -24.69 -42.31
N PHE I 85 -27.21 -23.93 -42.66
CA PHE I 85 -27.71 -23.89 -44.02
C PHE I 85 -28.47 -22.59 -44.26
N PHE I 86 -28.87 -22.38 -45.52
CA PHE I 86 -29.62 -21.21 -45.94
C PHE I 86 -30.86 -21.72 -46.66
N ARG I 87 -32.02 -21.53 -46.04
CA ARG I 87 -33.27 -22.16 -46.46
C ARG I 87 -34.10 -21.21 -47.30
N LEU I 88 -34.54 -21.69 -48.46
CA LEU I 88 -35.40 -20.94 -49.35
C LEU I 88 -36.87 -21.08 -48.94
N SER I 89 -37.62 -19.99 -49.08
CA SER I 89 -39.06 -20.01 -48.90
C SER I 89 -39.69 -19.11 -49.96
N HIS I 90 -40.44 -19.71 -50.87
CA HIS I 90 -41.02 -18.99 -52.01
C HIS I 90 -42.41 -18.51 -51.64
N ARG I 91 -42.63 -17.19 -51.73
CA ARG I 91 -43.92 -16.57 -51.47
C ARG I 91 -44.28 -15.66 -52.63
N PRO I 92 -44.80 -16.24 -53.71
CA PRO I 92 -45.31 -15.40 -54.81
C PRO I 92 -46.42 -14.50 -54.30
N SER I 93 -46.46 -13.27 -54.84
CA SER I 93 -47.41 -12.27 -54.37
C SER I 93 -48.80 -12.69 -54.82
N TRP I 94 -49.37 -13.64 -54.07
CA TRP I 94 -50.68 -14.17 -54.42
C TRP I 94 -51.76 -13.10 -54.36
N ARG I 95 -51.72 -12.24 -53.34
CA ARG I 95 -52.75 -11.21 -53.18
C ARG I 95 -52.72 -10.23 -54.34
N TYR I 96 -51.53 -9.77 -54.73
CA TYR I 96 -51.44 -8.78 -55.80
C TYR I 96 -51.68 -9.40 -57.17
N LEU I 97 -51.15 -10.61 -57.39
CA LEU I 97 -51.31 -11.30 -58.67
C LEU I 97 -52.67 -11.96 -58.81
N GLY I 98 -53.49 -11.98 -57.77
CA GLY I 98 -54.78 -12.63 -57.88
C GLY I 98 -54.71 -14.13 -57.69
N ILE I 99 -53.51 -14.65 -57.40
CA ILE I 99 -53.30 -16.07 -57.20
C ILE I 99 -53.88 -16.48 -55.86
N GLY I 100 -54.51 -17.65 -55.82
CA GLY I 100 -55.00 -18.17 -54.55
C GLY I 100 -53.84 -18.52 -53.63
N GLU I 101 -54.05 -18.30 -52.33
CA GLU I 101 -53.00 -18.61 -51.36
C GLU I 101 -52.71 -20.10 -51.30
N GLU I 102 -53.75 -20.94 -51.42
CA GLU I 102 -53.53 -22.38 -51.39
C GLU I 102 -52.75 -22.84 -52.62
N GLU I 103 -53.07 -22.31 -53.80
CA GLU I 103 -52.31 -22.66 -55.00
C GLU I 103 -50.88 -22.17 -54.90
N ALA I 104 -50.69 -20.96 -54.36
CA ALA I 104 -49.34 -20.46 -54.13
C ALA I 104 -48.57 -21.36 -53.18
N ARG I 105 -49.24 -21.85 -52.14
CA ARG I 105 -48.55 -22.67 -51.15
C ARG I 105 -48.18 -24.03 -51.73
N ALA I 106 -49.08 -24.63 -52.53
CA ALA I 106 -48.76 -25.92 -53.14
C ALA I 106 -47.66 -25.78 -54.19
N PHE I 107 -47.72 -24.71 -54.99
CA PHE I 107 -46.67 -24.44 -55.96
C PHE I 107 -45.34 -24.21 -55.25
N SER I 108 -45.38 -23.52 -54.10
CA SER I 108 -44.19 -23.34 -53.28
C SER I 108 -43.68 -24.67 -52.74
N ARG I 109 -44.59 -25.57 -52.35
CA ARG I 109 -44.18 -26.90 -51.92
C ARG I 109 -43.42 -27.61 -53.03
N GLU I 110 -43.95 -27.57 -54.25
CA GLU I 110 -43.30 -28.21 -55.39
C GLU I 110 -41.92 -27.60 -55.64
N VAL I 111 -41.84 -26.26 -55.66
CA VAL I 111 -40.55 -25.62 -55.96
C VAL I 111 -39.57 -25.86 -54.82
N GLU I 112 -40.04 -25.95 -53.58
CA GLU I 112 -39.13 -26.18 -52.46
C GLU I 112 -38.57 -27.58 -52.50
N ALA I 113 -39.42 -28.57 -52.79
CA ALA I 113 -38.93 -29.94 -52.95
C ALA I 113 -37.90 -30.01 -54.07
N ALA I 114 -38.21 -29.39 -55.21
CA ALA I 114 -37.28 -29.40 -56.33
C ALA I 114 -35.96 -28.72 -55.97
N TRP I 115 -36.04 -27.57 -55.29
CA TRP I 115 -34.83 -26.82 -54.98
C TRP I 115 -33.97 -27.56 -53.95
N LYS I 116 -34.60 -28.16 -52.94
CA LYS I 116 -33.81 -28.90 -51.95
C LYS I 116 -33.16 -30.12 -52.59
N GLU I 117 -33.87 -30.86 -53.44
CA GLU I 117 -33.26 -32.03 -54.06
C GLU I 117 -32.17 -31.62 -55.05
N PHE I 118 -32.31 -30.46 -55.69
CA PHE I 118 -31.28 -30.01 -56.62
C PHE I 118 -30.06 -29.48 -55.88
N ALA I 119 -30.27 -28.88 -54.70
CA ALA I 119 -29.17 -28.32 -53.93
C ALA I 119 -28.41 -29.38 -53.16
N GLU I 120 -29.07 -30.49 -52.79
CA GLU I 120 -28.45 -31.50 -51.97
C GLU I 120 -27.52 -32.43 -52.75
N ASP I 121 -27.10 -32.03 -53.95
CA ASP I 121 -26.24 -32.88 -54.76
C ASP I 121 -24.97 -33.23 -54.01
N ASP I 122 -24.68 -34.53 -53.92
CA ASP I 122 -23.61 -35.01 -53.06
C ASP I 122 -22.26 -34.99 -53.76
N CYS I 123 -22.24 -34.78 -55.08
CA CYS I 123 -20.99 -34.83 -55.82
C CYS I 123 -20.37 -33.46 -56.04
N CYS I 124 -20.82 -32.42 -55.34
CA CYS I 124 -20.27 -31.08 -55.44
C CYS I 124 -20.41 -30.52 -56.86
N CYS I 125 -21.46 -30.95 -57.56
CA CYS I 125 -21.49 -30.79 -59.01
C CYS I 125 -22.24 -29.53 -59.45
N ILE I 126 -22.68 -28.70 -58.51
CA ILE I 126 -23.51 -27.55 -58.89
C ILE I 126 -22.66 -26.38 -59.35
N ASP I 127 -21.34 -26.47 -59.20
CA ASP I 127 -20.43 -25.43 -59.65
C ASP I 127 -19.68 -25.86 -60.90
N VAL I 128 -19.25 -24.87 -61.70
CA VAL I 128 -18.42 -25.16 -62.86
C VAL I 128 -17.07 -25.72 -62.43
N GLU I 129 -16.53 -25.22 -61.33
CA GLU I 129 -15.33 -25.81 -60.74
C GLU I 129 -15.59 -27.22 -60.22
N ARG I 130 -16.86 -27.60 -60.05
CA ARG I 130 -17.25 -28.97 -59.73
C ARG I 130 -16.79 -29.37 -58.33
N LYS I 131 -16.49 -28.38 -57.48
CA LYS I 131 -16.01 -28.65 -56.14
C LYS I 131 -16.68 -27.81 -55.05
N ARG I 132 -17.86 -27.24 -55.31
CA ARG I 132 -18.56 -26.50 -54.27
C ARG I 132 -20.06 -26.71 -54.43
N THR I 133 -20.74 -26.99 -53.33
CA THR I 133 -22.19 -27.06 -53.32
C THR I 133 -22.78 -25.67 -53.08
N PHE I 134 -24.09 -25.59 -52.88
CA PHE I 134 -24.74 -24.31 -52.60
C PHE I 134 -24.23 -23.69 -51.31
N THR I 135 -23.93 -24.53 -50.32
CA THR I 135 -23.41 -24.03 -49.05
C THR I 135 -22.14 -23.22 -49.26
N MET I 136 -21.18 -23.77 -49.98
CA MET I 136 -19.94 -23.05 -50.26
C MET I 136 -20.06 -21.98 -51.34
N MET I 137 -21.06 -22.08 -52.23
CA MET I 137 -21.46 -20.87 -52.97
C MET I 137 -21.70 -19.71 -52.04
N ILE I 138 -22.61 -19.88 -51.07
CA ILE I 138 -22.92 -18.80 -50.14
C ILE I 138 -21.70 -18.46 -49.30
N ARG I 139 -20.91 -19.48 -48.93
CA ARG I 139 -19.73 -19.26 -48.09
C ARG I 139 -18.72 -18.35 -48.77
N GLU I 140 -18.26 -18.74 -49.95
CA GLU I 140 -17.27 -17.93 -50.67
C GLU I 140 -17.85 -16.57 -51.06
N GLY I 141 -19.12 -16.54 -51.46
CA GLY I 141 -19.72 -15.26 -51.82
C GLY I 141 -19.74 -14.28 -50.66
N VAL I 142 -20.20 -14.74 -49.50
CA VAL I 142 -20.26 -13.85 -48.34
C VAL I 142 -18.87 -13.49 -47.85
N ALA I 143 -17.93 -14.44 -47.91
CA ALA I 143 -16.56 -14.14 -47.47
C ALA I 143 -15.92 -13.08 -48.34
N MET I 144 -16.09 -13.18 -49.66
CA MET I 144 -15.49 -12.22 -50.57
C MET I 144 -16.24 -10.89 -50.56
N HIS I 145 -17.55 -10.91 -50.33
CA HIS I 145 -18.30 -9.67 -50.18
C HIS I 145 -18.01 -9.01 -48.84
N ALA I 146 -17.45 -9.77 -47.89
CA ALA I 146 -17.00 -9.17 -46.64
C ALA I 146 -15.61 -8.56 -46.81
N PHE I 147 -14.68 -9.33 -47.38
CA PHE I 147 -13.33 -8.85 -47.62
C PHE I 147 -13.26 -7.69 -48.58
N ASN I 148 -13.64 -7.88 -49.85
CA ASN I 148 -13.57 -6.82 -50.84
C ASN I 148 -14.84 -5.98 -50.92
N GLY I 149 -15.92 -6.37 -50.26
CA GLY I 149 -17.17 -5.65 -50.33
C GLY I 149 -18.03 -6.02 -51.51
N GLU I 150 -17.56 -6.89 -52.40
CA GLU I 150 -18.30 -7.25 -53.60
C GLU I 150 -18.20 -8.75 -53.81
N LEU I 151 -19.20 -9.31 -54.49
CA LEU I 151 -19.11 -10.68 -54.96
C LEU I 151 -19.63 -10.77 -56.38
N PHE I 152 -19.04 -11.72 -57.12
CA PHE I 152 -19.20 -11.87 -58.55
C PHE I 152 -19.65 -13.29 -58.83
N VAL I 153 -20.91 -13.47 -59.21
CA VAL I 153 -21.40 -14.78 -59.62
C VAL I 153 -21.74 -14.72 -61.10
N GLN I 154 -21.58 -15.84 -61.79
CA GLN I 154 -21.89 -15.93 -63.22
C GLN I 154 -22.74 -17.16 -63.46
N ALA I 155 -23.88 -16.96 -64.12
CA ALA I 155 -24.80 -18.05 -64.45
C ALA I 155 -24.38 -18.62 -65.81
N THR I 156 -23.76 -19.78 -65.77
CA THR I 156 -23.26 -20.44 -66.98
C THR I 156 -24.09 -21.69 -67.27
N TRP I 157 -24.03 -22.14 -68.51
CA TRP I 157 -24.79 -23.30 -68.96
C TRP I 157 -23.88 -24.53 -68.94
N ASP I 158 -23.94 -25.28 -67.86
CA ASP I 158 -23.27 -26.56 -67.75
C ASP I 158 -23.86 -27.55 -68.74
N THR I 159 -23.02 -28.47 -69.21
CA THR I 159 -23.45 -29.54 -70.10
C THR I 159 -23.53 -30.90 -69.42
N SER I 160 -23.14 -31.00 -68.15
CA SER I 160 -23.18 -32.28 -67.45
C SER I 160 -24.62 -32.67 -67.18
N SER I 161 -25.04 -33.79 -67.77
CA SER I 161 -26.45 -34.20 -67.77
C SER I 161 -26.83 -35.04 -66.55
N SER I 162 -26.00 -35.06 -65.50
CA SER I 162 -26.33 -35.81 -64.30
C SER I 162 -27.52 -35.20 -63.55
N ARG I 163 -27.89 -33.96 -63.86
CA ARG I 163 -29.00 -33.28 -63.20
C ARG I 163 -29.93 -32.74 -64.27
N LEU I 164 -31.16 -32.44 -63.88
CA LEU I 164 -32.13 -31.94 -64.85
C LEU I 164 -31.81 -30.51 -65.26
N PHE I 165 -31.15 -29.75 -64.40
CA PHE I 165 -30.94 -28.32 -64.61
C PHE I 165 -29.54 -28.06 -65.14
N ARG I 166 -29.45 -27.52 -66.36
CA ARG I 166 -28.17 -27.24 -67.00
C ARG I 166 -27.57 -25.91 -66.62
N THR I 167 -27.98 -25.28 -65.52
CA THR I 167 -27.39 -24.01 -65.13
C THR I 167 -26.53 -24.19 -63.89
N GLN I 168 -25.26 -23.81 -63.98
CA GLN I 168 -24.36 -23.74 -62.85
C GLN I 168 -23.99 -22.28 -62.61
N PHE I 169 -23.35 -22.03 -61.48
CA PHE I 169 -22.98 -20.67 -61.10
C PHE I 169 -21.53 -20.62 -60.66
N ARG I 170 -20.69 -20.06 -61.52
CA ARG I 170 -19.25 -19.97 -61.30
C ARG I 170 -18.93 -18.61 -60.72
N MET I 171 -18.17 -18.57 -59.64
CA MET I 171 -17.83 -17.30 -59.01
C MET I 171 -16.55 -16.75 -59.61
N VAL I 172 -16.50 -15.44 -59.77
CA VAL I 172 -15.47 -14.74 -60.53
C VAL I 172 -14.64 -13.90 -59.57
N SER I 173 -13.32 -14.00 -59.69
CA SER I 173 -12.42 -13.31 -58.77
C SER I 173 -12.49 -11.80 -58.97
N PRO I 174 -12.27 -11.02 -57.91
CA PRO I 174 -12.22 -9.55 -58.06
C PRO I 174 -10.94 -9.06 -58.72
N LYS I 175 -9.89 -9.87 -58.74
CA LYS I 175 -8.68 -9.48 -59.46
C LYS I 175 -8.93 -9.40 -60.96
N ARG I 176 -9.93 -10.15 -61.44
CA ARG I 176 -10.27 -10.18 -62.85
C ARG I 176 -10.80 -8.84 -63.36
N ILE I 177 -11.48 -8.06 -62.53
CA ILE I 177 -12.11 -6.82 -62.95
C ILE I 177 -11.08 -5.70 -62.91
N SER I 178 -10.45 -5.46 -64.05
CA SER I 178 -9.63 -4.28 -64.28
C SER I 178 -9.91 -3.80 -65.69
N ASN I 179 -9.50 -2.57 -65.99
CA ASN I 179 -9.69 -2.05 -67.32
C ASN I 179 -8.95 -2.93 -68.34
N PRO I 180 -9.42 -2.99 -69.59
CA PRO I 180 -8.78 -3.88 -70.56
C PRO I 180 -7.28 -3.61 -70.67
N ASN I 181 -6.50 -4.62 -70.28
CA ASN I 181 -5.05 -4.55 -70.22
C ASN I 181 -4.58 -3.55 -69.17
N ASN I 182 -5.18 -3.65 -67.98
CA ASN I 182 -4.68 -2.98 -66.77
C ASN I 182 -4.52 -1.48 -66.95
N THR I 183 -5.22 -0.91 -67.93
CA THR I 183 -5.16 0.53 -68.13
C THR I 183 -5.80 1.24 -66.95
N GLY I 184 -5.36 2.47 -66.70
CA GLY I 184 -5.95 3.24 -65.61
C GLY I 184 -7.40 3.59 -65.92
N ASP I 185 -8.10 4.10 -64.91
CA ASP I 185 -9.48 4.52 -65.06
C ASP I 185 -9.62 5.48 -66.24
N SER I 186 -10.77 5.41 -66.91
CA SER I 186 -11.03 6.27 -68.06
C SER I 186 -12.36 6.98 -67.90
N ARG I 187 -12.82 7.62 -68.98
CA ARG I 187 -14.10 8.34 -68.95
C ARG I 187 -15.23 7.42 -68.51
N ASN I 188 -15.50 6.37 -69.28
CA ASN I 188 -16.57 5.44 -68.97
C ASN I 188 -16.09 4.04 -68.64
N CYS I 189 -14.85 3.69 -68.97
CA CYS I 189 -14.21 2.45 -68.55
C CYS I 189 -13.45 2.73 -67.27
N ARG I 190 -14.01 2.32 -66.14
CA ARG I 190 -13.55 2.77 -64.83
C ARG I 190 -13.25 1.55 -63.97
N ALA I 191 -11.96 1.25 -63.81
CA ALA I 191 -11.51 0.13 -62.99
C ALA I 191 -12.12 -1.19 -63.44
N GLY I 192 -12.36 -1.31 -64.74
CA GLY I 192 -12.86 -2.56 -65.30
C GLY I 192 -14.32 -2.58 -65.65
N VAL I 193 -15.12 -1.65 -65.14
CA VAL I 193 -16.54 -1.60 -65.45
C VAL I 193 -16.78 -0.52 -66.50
N GLN I 194 -17.50 -0.91 -67.54
CA GLN I 194 -17.91 0.00 -68.60
C GLN I 194 -19.31 0.51 -68.26
N ILE I 195 -19.40 1.80 -67.98
CA ILE I 195 -20.65 2.42 -67.59
C ILE I 195 -20.95 3.58 -68.53
N ASN I 196 -22.10 4.20 -68.35
CA ASN I 196 -22.45 5.39 -69.11
C ASN I 196 -22.08 6.63 -68.31
N ASP I 197 -22.46 7.80 -68.81
CA ASP I 197 -22.26 9.02 -68.04
C ASP I 197 -23.10 9.01 -66.77
N SER I 198 -24.29 8.41 -66.84
CA SER I 198 -25.17 8.28 -65.69
C SER I 198 -24.71 7.20 -64.71
N GLY I 199 -23.70 6.42 -65.08
CA GLY I 199 -23.13 5.42 -64.19
C GLY I 199 -23.65 4.01 -64.37
N ALA I 200 -24.67 3.82 -65.19
CA ALA I 200 -25.30 2.51 -65.32
C ALA I 200 -24.28 1.45 -65.74
N ALA I 201 -24.14 0.42 -64.91
CA ALA I 201 -23.13 -0.61 -65.12
C ALA I 201 -23.54 -1.50 -66.29
N LEU I 202 -22.90 -1.28 -67.45
CA LEU I 202 -23.20 -2.09 -68.62
C LEU I 202 -22.51 -3.45 -68.52
N GLY I 203 -21.17 -3.45 -68.46
CA GLY I 203 -20.45 -4.70 -68.42
C GLY I 203 -19.08 -4.53 -67.79
N TYR I 204 -18.27 -5.57 -67.95
CA TYR I 204 -17.05 -5.75 -67.18
C TYR I 204 -15.97 -6.34 -68.06
N TYR I 205 -14.72 -6.07 -67.71
CA TYR I 205 -13.56 -6.63 -68.38
C TYR I 205 -12.86 -7.60 -67.44
N VAL I 206 -13.13 -8.89 -67.64
CA VAL I 206 -12.58 -9.96 -66.81
C VAL I 206 -11.19 -10.30 -67.33
N SER I 207 -10.17 -10.02 -66.51
CA SER I 207 -8.81 -10.44 -66.83
C SER I 207 -8.69 -11.95 -66.64
N GLU I 208 -7.80 -12.56 -67.42
CA GLU I 208 -7.60 -14.01 -67.33
C GLU I 208 -7.00 -14.37 -65.97
N ASP I 209 -7.34 -15.58 -65.52
CA ASP I 209 -6.85 -16.08 -64.24
C ASP I 209 -5.32 -16.07 -64.20
N GLY I 210 -4.77 -15.90 -63.01
CA GLY I 210 -3.35 -15.89 -62.77
C GLY I 210 -2.80 -17.09 -62.02
N TYR I 211 -3.51 -18.22 -61.99
CA TYR I 211 -3.05 -19.43 -61.34
C TYR I 211 -2.98 -20.58 -62.33
N PRO I 212 -1.77 -21.06 -62.68
CA PRO I 212 -0.47 -20.84 -62.02
C PRO I 212 0.05 -19.42 -62.19
N GLY I 213 1.03 -19.02 -61.38
CA GLY I 213 1.46 -17.65 -61.32
C GLY I 213 2.05 -17.11 -62.60
N TRP I 214 1.95 -17.88 -63.68
CA TRP I 214 2.49 -17.44 -64.96
C TRP I 214 1.48 -17.50 -66.10
N MET I 215 0.20 -17.27 -65.83
CA MET I 215 -0.64 -17.04 -67.00
C MET I 215 -0.75 -15.55 -67.24
N PRO I 216 -0.72 -15.10 -68.50
CA PRO I 216 -0.99 -13.70 -68.80
C PRO I 216 -2.47 -13.41 -68.61
N GLN I 217 -2.79 -12.14 -68.41
CA GLN I 217 -4.19 -11.74 -68.29
C GLN I 217 -4.70 -11.21 -69.62
N LYS I 218 -5.87 -11.69 -70.05
CA LYS I 218 -6.59 -11.14 -71.18
C LYS I 218 -7.99 -10.77 -70.71
N TRP I 219 -8.46 -9.60 -71.13
CA TRP I 219 -9.71 -9.02 -70.65
C TRP I 219 -10.85 -9.36 -71.60
N THR I 220 -11.92 -9.91 -71.04
CA THR I 220 -13.07 -10.39 -71.79
C THR I 220 -14.32 -9.64 -71.34
N TRP I 221 -15.22 -9.38 -72.29
CA TRP I 221 -16.43 -8.60 -72.03
C TRP I 221 -17.47 -9.47 -71.34
N ILE I 222 -18.08 -8.94 -70.28
CA ILE I 222 -19.16 -9.64 -69.57
C ILE I 222 -20.25 -8.64 -69.20
N PRO I 223 -21.45 -8.75 -69.76
CA PRO I 223 -22.52 -7.83 -69.37
C PRO I 223 -23.03 -8.15 -67.96
N ARG I 224 -23.58 -7.12 -67.30
CA ARG I 224 -24.06 -7.31 -65.94
C ARG I 224 -25.28 -8.21 -65.90
N GLU I 225 -26.27 -7.93 -66.76
CA GLU I 225 -27.47 -8.75 -66.83
C GLU I 225 -27.99 -8.75 -68.26
N LEU I 226 -28.76 -9.78 -68.58
CA LEU I 226 -29.38 -9.88 -69.89
C LEU I 226 -30.58 -8.92 -69.97
N PRO I 227 -30.91 -8.45 -71.17
CA PRO I 227 -32.02 -7.47 -71.29
C PRO I 227 -33.35 -8.00 -70.79
N GLY I 228 -33.63 -9.28 -70.96
CA GLY I 228 -34.87 -9.87 -70.51
C GLY I 228 -35.00 -10.05 -69.02
N GLY I 229 -34.12 -9.44 -68.22
CA GLY I 229 -34.11 -9.61 -66.79
C GLY I 229 -33.31 -10.80 -66.30
N ARG I 230 -32.76 -11.61 -67.19
CA ARG I 230 -31.96 -12.74 -66.77
C ARG I 230 -30.70 -12.27 -66.06
N ALA I 231 -30.43 -12.86 -64.90
CA ALA I 231 -29.30 -12.48 -64.07
C ALA I 231 -28.07 -13.27 -64.49
N SER I 232 -27.32 -12.73 -65.44
CA SER I 232 -26.12 -13.44 -65.90
C SER I 232 -24.94 -13.18 -64.97
N PHE I 233 -24.52 -11.93 -64.85
CA PHE I 233 -23.39 -11.56 -63.99
C PHE I 233 -23.90 -10.87 -62.74
N ILE I 234 -24.11 -11.64 -61.70
CA ILE I 234 -24.60 -11.15 -60.41
C ILE I 234 -23.45 -10.44 -59.71
N HIS I 235 -23.49 -9.12 -59.72
CA HIS I 235 -22.48 -8.28 -59.10
C HIS I 235 -23.09 -7.61 -57.88
N VAL I 236 -22.92 -8.21 -56.70
CA VAL I 236 -23.54 -7.70 -55.49
C VAL I 236 -22.46 -7.04 -54.64
N PHE I 237 -22.57 -5.72 -54.46
CA PHE I 237 -21.64 -5.00 -53.61
C PHE I 237 -22.40 -3.90 -52.89
N GLU I 238 -21.87 -3.49 -51.75
CA GLU I 238 -22.47 -2.41 -50.97
C GLU I 238 -21.76 -1.11 -51.29
N PRO I 239 -22.39 -0.17 -51.98
CA PRO I 239 -21.77 1.14 -52.21
C PRO I 239 -22.06 2.11 -51.08
N VAL I 240 -20.98 2.61 -50.48
CA VAL I 240 -21.07 3.60 -49.42
C VAL I 240 -21.60 4.94 -49.94
N GLU I 241 -21.32 5.28 -51.19
CA GLU I 241 -21.82 6.52 -51.78
C GLU I 241 -22.21 6.24 -53.23
N ASP I 242 -22.73 7.27 -53.88
CA ASP I 242 -23.10 7.18 -55.29
C ASP I 242 -21.87 7.03 -56.17
N GLY I 243 -22.03 6.31 -57.27
CA GLY I 243 -20.97 6.15 -58.24
C GLY I 243 -19.84 5.25 -57.79
N GLN I 244 -19.88 4.76 -56.55
CA GLN I 244 -18.85 3.86 -56.06
C GLN I 244 -18.99 2.51 -56.75
N THR I 245 -17.87 1.88 -57.08
CA THR I 245 -17.88 0.63 -57.82
C THR I 245 -17.41 -0.56 -57.00
N ARG I 246 -16.71 -0.32 -55.89
CA ARG I 246 -16.11 -1.39 -55.10
C ARG I 246 -16.63 -1.31 -53.67
N GLY I 247 -16.43 -2.39 -52.92
CA GLY I 247 -16.93 -2.44 -51.56
C GLY I 247 -15.94 -1.89 -50.55
N ALA I 248 -16.07 -2.37 -49.32
CA ALA I 248 -15.31 -1.88 -48.18
C ALA I 248 -14.08 -2.76 -47.97
N ASN I 249 -13.11 -2.22 -47.24
CA ASN I 249 -11.85 -2.92 -47.02
C ASN I 249 -11.77 -3.49 -45.61
N VAL I 250 -10.59 -4.02 -45.28
CA VAL I 250 -10.32 -4.37 -43.88
C VAL I 250 -9.02 -3.72 -43.40
N PHE I 251 -7.92 -3.88 -44.12
CA PHE I 251 -6.59 -3.43 -43.70
C PHE I 251 -6.53 -1.95 -43.36
N TYR I 252 -7.33 -1.14 -44.05
CA TYR I 252 -7.27 0.31 -43.89
C TYR I 252 -7.80 0.72 -42.52
N SER I 253 -8.19 -0.25 -41.70
CA SER I 253 -8.45 -0.06 -40.28
C SER I 253 -7.76 -1.10 -39.41
N VAL I 254 -6.81 -1.87 -39.97
CA VAL I 254 -6.17 -2.97 -39.25
C VAL I 254 -4.66 -2.79 -39.19
N MET I 255 -4.14 -1.78 -39.90
CA MET I 255 -2.71 -1.50 -39.79
C MET I 255 -2.32 -1.27 -38.33
N GLU I 256 -3.24 -0.75 -37.53
CA GLU I 256 -2.90 -0.40 -36.15
C GLU I 256 -2.80 -1.64 -35.27
N GLN I 257 -3.62 -2.67 -35.51
CA GLN I 257 -3.33 -3.95 -34.86
C GLN I 257 -2.00 -4.50 -35.31
N MET I 258 -1.71 -4.40 -36.62
CA MET I 258 -0.41 -4.90 -37.08
C MET I 258 0.73 -4.29 -36.27
N LYS I 259 0.72 -2.96 -36.13
CA LYS I 259 1.87 -2.30 -35.51
C LYS I 259 1.82 -2.30 -33.98
N MET I 260 0.63 -2.36 -33.37
CA MET I 260 0.53 -2.66 -31.94
C MET I 260 1.01 -4.07 -31.60
N LEU I 261 0.64 -5.08 -32.38
CA LEU I 261 1.14 -6.42 -32.09
C LEU I 261 2.65 -6.44 -32.24
N ASP I 262 3.18 -5.77 -33.27
CA ASP I 262 4.62 -5.68 -33.42
C ASP I 262 5.28 -5.00 -32.23
N THR I 263 4.73 -3.88 -31.77
CA THR I 263 5.39 -3.13 -30.70
C THR I 263 5.29 -3.85 -29.37
N LEU I 264 4.14 -4.44 -29.05
CA LEU I 264 4.03 -5.21 -27.81
C LEU I 264 4.95 -6.42 -27.85
N GLN I 265 5.05 -7.05 -29.02
CA GLN I 265 5.91 -8.21 -29.18
C GLN I 265 7.37 -7.84 -28.91
N ASN I 266 7.83 -6.76 -29.55
CA ASN I 266 9.22 -6.34 -29.41
C ASN I 266 9.50 -5.84 -27.99
N THR I 267 8.54 -5.16 -27.37
CA THR I 267 8.78 -4.64 -26.02
C THR I 267 8.79 -5.76 -25.00
N GLN I 268 7.97 -6.80 -25.20
CA GLN I 268 8.10 -7.94 -24.31
C GLN I 268 9.42 -8.66 -24.51
N LEU I 269 9.87 -8.78 -25.76
CA LEU I 269 11.18 -9.40 -26.00
C LEU I 269 12.30 -8.63 -25.30
N GLN I 270 12.33 -7.30 -25.46
CA GLN I 270 13.37 -6.51 -24.81
C GLN I 270 13.27 -6.60 -23.28
N SER I 271 12.05 -6.54 -22.74
CA SER I 271 11.90 -6.63 -21.29
C SER I 271 12.42 -7.96 -20.78
N ALA I 272 12.08 -9.05 -21.47
CA ALA I 272 12.53 -10.37 -21.03
C ALA I 272 14.04 -10.49 -21.12
N ILE I 273 14.64 -9.98 -22.19
CA ILE I 273 16.07 -10.18 -22.37
C ILE I 273 16.89 -9.26 -21.46
N VAL I 274 16.30 -8.16 -20.97
CA VAL I 274 17.09 -7.25 -20.16
C VAL I 274 16.67 -7.22 -18.69
N LYS I 275 15.70 -8.05 -18.28
CA LYS I 275 15.56 -8.16 -16.81
C LYS I 275 16.84 -8.58 -16.10
N ALA I 276 17.72 -9.43 -16.62
CA ALA I 276 18.96 -9.78 -15.92
C ALA I 276 20.16 -9.83 -16.84
N MET I 277 20.32 -8.83 -17.69
CA MET I 277 21.57 -8.66 -18.42
C MET I 277 22.61 -8.13 -17.46
N TYR I 278 23.82 -8.70 -17.52
CA TYR I 278 24.83 -8.45 -16.50
C TYR I 278 26.17 -8.25 -17.18
N ALA I 279 26.90 -7.21 -16.74
CA ALA I 279 28.22 -6.88 -17.27
C ALA I 279 29.26 -7.46 -16.32
N ALA I 280 30.17 -8.26 -16.86
CA ALA I 280 31.20 -8.92 -16.06
C ALA I 280 32.56 -8.40 -16.52
N THR I 281 33.00 -7.29 -15.93
CA THR I 281 34.30 -6.72 -16.25
C THR I 281 35.16 -6.72 -15.01
N ILE I 282 36.41 -6.28 -15.17
CA ILE I 282 37.34 -6.20 -14.05
C ILE I 282 37.91 -4.79 -13.99
N GLU I 283 37.83 -4.18 -12.82
CA GLU I 283 38.48 -2.91 -12.51
C GLU I 283 39.53 -3.18 -11.44
N SER I 284 40.41 -2.21 -11.21
CA SER I 284 41.39 -2.31 -10.14
C SER I 284 41.56 -0.94 -9.51
N GLU I 285 42.36 -0.90 -8.45
CA GLU I 285 42.67 0.35 -7.77
C GLU I 285 43.58 1.23 -8.62
N LEU I 286 44.81 0.78 -8.90
CA LEU I 286 45.74 1.37 -9.86
C LEU I 286 45.59 2.88 -9.98
N ASP I 287 45.39 3.36 -11.21
CA ASP I 287 44.75 4.64 -11.50
C ASP I 287 45.32 5.79 -10.68
N THR I 288 46.64 5.95 -10.77
CA THR I 288 47.25 7.05 -10.04
C THR I 288 47.21 8.34 -10.85
N GLN I 289 46.03 8.65 -11.41
CA GLN I 289 45.73 9.94 -12.04
C GLN I 289 46.86 10.44 -12.92
N SER I 290 47.68 11.34 -12.38
CA SER I 290 48.78 11.92 -13.13
C SER I 290 49.80 10.87 -13.53
N ALA I 291 50.11 9.94 -12.62
CA ALA I 291 51.05 8.88 -12.95
C ALA I 291 50.52 7.97 -14.05
N MET I 292 49.25 7.59 -14.01
CA MET I 292 48.67 6.76 -15.07
C MET I 292 48.67 7.50 -16.40
N ASP I 293 48.32 8.79 -16.39
CA ASP I 293 48.31 9.57 -17.63
C ASP I 293 49.73 9.70 -18.19
N PHE I 294 50.71 9.95 -17.33
CA PHE I 294 52.10 10.06 -17.78
C PHE I 294 52.59 8.73 -18.34
N ILE I 295 52.23 7.62 -17.70
CA ILE I 295 52.61 6.31 -18.22
C ILE I 295 51.98 6.04 -19.57
N LEU I 296 50.70 6.40 -19.74
CA LEU I 296 50.04 6.20 -21.02
C LEU I 296 50.68 7.06 -22.11
N GLY I 297 51.01 8.31 -21.79
CA GLY I 297 51.64 9.19 -22.76
C GLY I 297 53.04 8.68 -23.14
N ALA I 298 53.80 8.23 -22.14
CA ALA I 298 55.13 7.68 -22.42
C ALA I 298 55.02 6.42 -23.26
N ASN I 299 54.02 5.60 -23.01
CA ASN I 299 53.78 4.42 -23.84
C ASN I 299 53.44 4.83 -25.27
N SER I 300 52.58 5.83 -25.43
CA SER I 300 52.21 6.29 -26.77
C SER I 300 53.43 6.81 -27.51
N GLN I 301 54.32 7.53 -26.81
CA GLN I 301 55.50 8.08 -27.47
C GLN I 301 56.55 7.01 -27.75
N GLU I 302 57.15 6.45 -26.70
CA GLU I 302 58.19 5.45 -26.92
C GLU I 302 58.23 4.33 -25.88
N GLN I 303 57.32 4.27 -24.91
CA GLN I 303 57.53 3.35 -23.80
C GLN I 303 56.38 2.35 -23.72
N ARG I 304 56.05 1.74 -24.87
CA ARG I 304 55.05 0.69 -24.92
C ARG I 304 55.44 -0.54 -24.13
N GLU I 305 56.71 -0.66 -23.74
CA GLU I 305 57.12 -1.80 -22.91
C GLU I 305 56.41 -1.79 -21.56
N ARG I 306 56.06 -0.62 -21.04
CA ARG I 306 55.26 -0.58 -19.81
C ARG I 306 53.90 -1.23 -20.03
N LEU I 307 53.23 -0.88 -21.12
CA LEU I 307 51.93 -1.48 -21.40
C LEU I 307 52.05 -2.98 -21.64
N THR I 308 53.10 -3.40 -22.36
CA THR I 308 53.29 -4.83 -22.61
C THR I 308 53.53 -5.58 -21.29
N GLY I 309 54.35 -5.00 -20.41
CA GLY I 309 54.59 -5.63 -19.12
C GLY I 309 53.34 -5.70 -18.27
N TRP I 310 52.55 -4.63 -18.24
CA TRP I 310 51.31 -4.66 -17.47
C TRP I 310 50.32 -5.66 -18.04
N ILE I 311 50.24 -5.75 -19.37
CA ILE I 311 49.34 -6.72 -20.00
C ILE I 311 49.79 -8.14 -19.69
N GLY I 312 51.11 -8.37 -19.70
CA GLY I 312 51.62 -9.68 -19.32
C GLY I 312 51.30 -10.02 -17.88
N GLU I 313 51.47 -9.04 -16.98
CA GLU I 313 51.15 -9.27 -15.57
C GLU I 313 49.67 -9.56 -15.37
N ILE I 314 48.81 -8.87 -16.11
CA ILE I 314 47.37 -9.08 -15.95
C ILE I 314 46.95 -10.41 -16.57
N ALA I 315 47.58 -10.80 -17.68
CA ALA I 315 47.31 -12.12 -18.25
C ALA I 315 47.72 -13.22 -17.29
N ALA I 316 48.91 -13.08 -16.68
CA ALA I 316 49.32 -14.02 -15.64
C ALA I 316 48.37 -13.97 -14.46
N TYR I 317 47.82 -12.78 -14.18
CA TYR I 317 46.87 -12.63 -13.10
C TYR I 317 45.63 -13.48 -13.35
N TYR I 318 45.03 -13.32 -14.54
CA TYR I 318 43.82 -14.05 -14.90
C TYR I 318 44.08 -15.52 -15.17
N ALA I 319 45.35 -15.91 -15.40
CA ALA I 319 45.63 -17.32 -15.62
C ALA I 319 46.16 -17.99 -14.35
N ALA I 320 46.41 -17.22 -13.29
CA ALA I 320 46.78 -17.81 -12.01
C ALA I 320 45.64 -17.74 -11.01
N ALA I 321 44.73 -16.77 -11.17
CA ALA I 321 43.47 -16.67 -10.45
C ALA I 321 42.41 -17.67 -10.91
N PRO I 322 42.43 -18.11 -12.19
CA PRO I 322 41.17 -18.33 -12.90
C PRO I 322 40.02 -17.47 -12.41
N VAL I 323 39.93 -16.26 -12.96
CA VAL I 323 38.85 -15.34 -12.61
C VAL I 323 37.59 -15.84 -13.29
N ARG I 324 36.76 -16.56 -12.54
CA ARG I 324 35.57 -17.20 -13.06
C ARG I 324 34.42 -16.92 -12.09
N LEU I 325 33.26 -16.54 -12.64
CA LEU I 325 32.16 -16.11 -11.79
C LEU I 325 31.21 -17.25 -11.45
N GLY I 326 30.83 -18.04 -12.45
CA GLY I 326 29.75 -19.01 -12.29
C GLY I 326 30.05 -20.32 -12.97
N GLY I 327 29.19 -20.71 -13.91
CA GLY I 327 29.55 -21.76 -14.84
C GLY I 327 30.36 -21.29 -16.02
N ALA I 328 30.48 -19.97 -16.21
CA ALA I 328 31.14 -19.40 -17.36
C ALA I 328 32.32 -18.54 -16.94
N LYS I 329 33.24 -18.33 -17.87
CA LYS I 329 34.42 -17.52 -17.63
C LYS I 329 34.07 -16.03 -17.73
N VAL I 330 34.63 -15.25 -16.81
CA VAL I 330 34.49 -13.80 -16.84
C VAL I 330 35.21 -13.30 -18.09
N PRO I 331 34.54 -12.55 -18.97
CA PRO I 331 35.21 -12.08 -20.19
C PRO I 331 36.40 -11.18 -19.86
N HIS I 332 37.49 -11.45 -20.57
CA HIS I 332 38.82 -10.92 -20.26
C HIS I 332 38.83 -9.40 -20.31
N LEU I 333 38.93 -8.79 -19.13
CA LEU I 333 39.08 -7.35 -19.01
C LEU I 333 40.21 -7.02 -18.05
N MET I 334 41.35 -6.61 -18.62
CA MET I 334 42.40 -6.02 -17.83
C MET I 334 41.93 -4.71 -17.21
N PRO I 335 42.54 -4.31 -16.08
CA PRO I 335 41.97 -3.23 -15.27
C PRO I 335 41.83 -1.92 -16.02
N GLY I 336 40.83 -1.13 -15.59
CA GLY I 336 40.68 0.24 -16.02
C GLY I 336 39.63 0.49 -17.08
N ASP I 337 38.76 -0.48 -17.38
CA ASP I 337 37.72 -0.31 -18.39
C ASP I 337 36.51 -1.15 -18.00
N SER I 338 35.34 -0.52 -17.97
CA SER I 338 34.09 -1.20 -17.64
C SER I 338 32.94 -0.53 -18.36
N LEU I 339 31.87 -1.29 -18.55
CA LEU I 339 30.66 -0.78 -19.18
C LEU I 339 29.80 -0.05 -18.17
N ASN I 340 29.16 1.03 -18.61
CA ASN I 340 28.25 1.83 -17.78
C ASN I 340 26.82 1.55 -18.24
N LEU I 341 26.21 0.52 -17.68
CA LEU I 341 24.86 0.11 -18.08
C LEU I 341 23.82 0.77 -17.18
N GLN I 342 23.94 2.10 -17.05
CA GLN I 342 22.90 2.90 -16.44
C GLN I 342 21.72 2.98 -17.40
N THR I 343 20.51 2.96 -16.84
CA THR I 343 19.31 2.65 -17.61
C THR I 343 18.49 3.91 -17.88
N ALA I 344 17.37 3.72 -18.57
CA ALA I 344 16.40 4.78 -18.82
C ALA I 344 15.38 4.78 -17.68
N GLN I 345 14.25 5.46 -17.89
CA GLN I 345 13.25 5.57 -16.84
C GLN I 345 12.66 4.19 -16.54
N ASP I 346 12.13 4.05 -15.32
CA ASP I 346 11.70 2.75 -14.81
C ASP I 346 10.28 2.78 -14.29
N THR I 347 9.40 3.51 -14.96
CA THR I 347 7.98 3.52 -14.62
C THR I 347 7.32 2.32 -15.29
N ASP I 348 6.12 1.93 -14.85
CA ASP I 348 5.41 0.85 -15.52
C ASP I 348 5.09 1.25 -16.95
N ASN I 349 5.15 0.26 -17.84
CA ASN I 349 5.01 0.50 -19.27
C ASN I 349 3.61 0.99 -19.65
N GLY I 350 2.60 0.73 -18.81
CA GLY I 350 1.25 1.17 -19.13
C GLY I 350 0.57 0.37 -20.22
N TYR I 351 1.34 -0.45 -20.93
CA TYR I 351 0.81 -1.25 -22.03
C TYR I 351 -0.42 -2.04 -21.62
N SER I 352 -0.55 -2.37 -20.33
CA SER I 352 -1.71 -3.11 -19.86
C SER I 352 -3.00 -2.35 -20.20
N VAL I 353 -3.16 -1.14 -19.65
CA VAL I 353 -4.40 -0.44 -19.90
C VAL I 353 -4.42 0.15 -21.31
N PHE I 354 -3.25 0.46 -21.89
CA PHE I 354 -3.25 0.77 -23.32
C PHE I 354 -3.93 -0.33 -24.13
N GLU I 355 -3.50 -1.58 -23.94
CA GLU I 355 -3.99 -2.67 -24.77
C GLU I 355 -5.43 -3.01 -24.46
N GLN I 356 -5.83 -2.98 -23.19
CA GLN I 356 -7.25 -3.20 -22.89
C GLN I 356 -8.13 -2.14 -23.52
N SER I 357 -7.74 -0.86 -23.38
CA SER I 357 -8.50 0.22 -23.98
C SER I 357 -8.58 0.07 -25.49
N LEU I 358 -7.46 -0.25 -26.16
CA LEU I 358 -7.47 -0.32 -27.61
C LEU I 358 -8.18 -1.57 -28.12
N LEU I 359 -8.17 -2.66 -27.33
CA LEU I 359 -8.84 -3.88 -27.78
C LEU I 359 -10.35 -3.74 -27.68
N ARG I 360 -10.84 -3.33 -26.51
CA ARG I 360 -12.12 -2.61 -26.38
C ARG I 360 -12.47 -1.78 -27.62
N TYR I 361 -11.64 -0.76 -27.85
CA TYR I 361 -11.80 0.22 -28.92
C TYR I 361 -12.11 -0.44 -30.25
N ILE I 362 -11.18 -1.24 -30.76
CA ILE I 362 -11.33 -1.71 -32.13
C ILE I 362 -12.28 -2.90 -32.17
N ALA I 363 -12.55 -3.49 -31.01
CA ALA I 363 -13.47 -4.61 -30.94
C ALA I 363 -14.87 -4.18 -31.33
N ALA I 364 -15.42 -3.16 -30.65
CA ALA I 364 -16.69 -2.67 -31.17
C ALA I 364 -16.47 -1.50 -32.12
N GLY I 365 -15.26 -1.44 -32.68
CA GLY I 365 -15.08 -0.87 -34.00
C GLY I 365 -15.45 -1.86 -35.09
N LEU I 366 -14.51 -2.70 -35.51
CA LEU I 366 -14.78 -3.77 -36.47
C LEU I 366 -16.12 -4.49 -36.24
N GLY I 367 -16.62 -4.56 -35.01
CA GLY I 367 -18.02 -4.89 -34.82
C GLY I 367 -18.29 -6.07 -33.92
N VAL I 368 -17.45 -7.10 -33.96
CA VAL I 368 -17.64 -8.27 -33.12
C VAL I 368 -16.73 -8.11 -31.91
N SER I 369 -17.35 -8.23 -30.75
CA SER I 369 -16.68 -7.91 -29.49
C SER I 369 -15.55 -8.90 -29.21
N TYR I 370 -14.46 -8.38 -28.62
CA TYR I 370 -13.33 -9.25 -28.32
C TYR I 370 -13.60 -10.14 -27.11
N GLU I 371 -14.55 -9.78 -26.22
CA GLU I 371 -14.73 -10.68 -25.08
C GLU I 371 -15.14 -12.07 -25.54
N GLN I 372 -15.28 -12.25 -26.86
CA GLN I 372 -15.32 -13.54 -27.53
C GLN I 372 -14.43 -13.64 -28.75
N LEU I 373 -13.94 -12.53 -29.34
CA LEU I 373 -12.95 -12.72 -30.40
C LEU I 373 -11.63 -13.19 -29.83
N SER I 374 -11.41 -12.96 -28.55
CA SER I 374 -10.43 -13.75 -27.81
C SER I 374 -10.84 -14.10 -26.37
N ARG I 375 -12.09 -13.84 -25.98
CA ARG I 375 -12.88 -14.64 -25.01
C ARG I 375 -12.72 -14.23 -23.53
N ASN I 376 -12.22 -13.03 -23.26
CA ASN I 376 -12.11 -12.67 -21.83
C ASN I 376 -13.37 -12.98 -21.00
N TYR I 377 -13.20 -13.31 -19.73
CA TYR I 377 -14.35 -13.50 -18.86
C TYR I 377 -14.32 -12.53 -17.70
N ALA I 378 -13.57 -11.45 -17.88
CA ALA I 378 -13.26 -10.47 -16.84
C ALA I 378 -14.52 -9.72 -16.46
N GLN I 379 -14.88 -9.81 -15.18
CA GLN I 379 -15.94 -9.02 -14.53
C GLN I 379 -17.23 -8.92 -15.35
N MET I 380 -17.50 -9.92 -16.18
CA MET I 380 -18.68 -9.86 -17.03
C MET I 380 -19.88 -10.46 -16.28
N SER I 381 -21.03 -9.80 -16.43
CA SER I 381 -22.19 -10.05 -15.58
C SER I 381 -23.39 -10.50 -16.40
N TYR I 382 -24.55 -10.56 -15.75
CA TYR I 382 -25.72 -11.20 -16.36
C TYR I 382 -26.36 -10.30 -17.40
N SER I 383 -26.69 -9.05 -17.00
CA SER I 383 -27.18 -8.08 -17.96
C SER I 383 -26.16 -7.82 -19.04
N THR I 384 -24.88 -7.73 -18.65
CA THR I 384 -23.78 -7.73 -19.61
C THR I 384 -24.00 -8.77 -20.69
N ALA I 385 -24.11 -10.02 -20.27
CA ALA I 385 -24.17 -11.13 -21.20
C ALA I 385 -25.37 -11.03 -22.12
N ARG I 386 -26.58 -10.89 -21.56
CA ARG I 386 -27.73 -11.02 -22.45
C ARG I 386 -27.95 -9.76 -23.28
N ALA I 387 -27.62 -8.58 -22.75
CA ALA I 387 -27.69 -7.37 -23.56
C ALA I 387 -26.72 -7.42 -24.72
N SER I 388 -25.44 -7.75 -24.43
CA SER I 388 -24.46 -7.84 -25.50
C SER I 388 -24.88 -8.88 -26.53
N ALA I 389 -25.33 -10.05 -26.06
CA ALA I 389 -25.71 -11.12 -26.97
C ALA I 389 -26.88 -10.72 -27.86
N ASN I 390 -27.93 -10.11 -27.29
CA ASN I 390 -29.09 -9.81 -28.11
C ASN I 390 -28.80 -8.68 -29.10
N GLU I 391 -28.05 -7.65 -28.68
CA GLU I 391 -27.73 -6.60 -29.63
C GLU I 391 -26.83 -7.13 -30.74
N SER I 392 -25.82 -7.93 -30.41
CA SER I 392 -24.92 -8.46 -31.43
C SER I 392 -25.65 -9.40 -32.37
N TRP I 393 -26.58 -10.21 -31.84
CA TRP I 393 -27.32 -11.14 -32.69
C TRP I 393 -28.29 -10.41 -33.60
N ALA I 394 -28.98 -9.38 -33.10
CA ALA I 394 -29.83 -8.59 -33.97
C ALA I 394 -29.00 -7.90 -35.05
N TYR I 395 -27.78 -7.52 -34.72
CA TYR I 395 -26.94 -6.82 -35.68
C TYR I 395 -26.42 -7.78 -36.74
N PHE I 396 -26.14 -9.03 -36.35
CA PHE I 396 -25.86 -10.07 -37.34
C PHE I 396 -27.08 -10.40 -38.18
N MET I 397 -28.28 -10.30 -37.59
CA MET I 397 -29.48 -10.44 -38.41
C MET I 397 -29.54 -9.34 -39.46
N GLY I 398 -29.16 -8.13 -39.07
CA GLY I 398 -29.01 -7.03 -40.00
C GLY I 398 -28.06 -7.35 -41.13
N ARG I 399 -26.81 -7.68 -40.81
CA ARG I 399 -25.85 -8.06 -41.86
C ARG I 399 -26.37 -9.21 -42.72
N ARG I 400 -27.00 -10.21 -42.11
CA ARG I 400 -27.53 -11.33 -42.90
C ARG I 400 -28.55 -10.84 -43.91
N LYS I 401 -29.58 -10.12 -43.45
CA LYS I 401 -30.61 -9.63 -44.35
C LYS I 401 -30.07 -8.61 -45.34
N PHE I 402 -28.90 -8.03 -45.09
CA PHE I 402 -28.33 -7.04 -45.97
C PHE I 402 -27.43 -7.62 -47.06
N VAL I 403 -26.67 -8.68 -46.76
CA VAL I 403 -25.63 -9.18 -47.67
C VAL I 403 -25.80 -10.67 -47.97
N ALA I 404 -26.97 -11.24 -47.66
CA ALA I 404 -27.21 -12.62 -48.04
C ALA I 404 -28.42 -12.74 -48.96
N SER I 405 -29.44 -11.92 -48.72
CA SER I 405 -30.69 -12.04 -49.46
C SER I 405 -30.49 -11.68 -50.93
N ARG I 406 -29.54 -10.80 -51.22
CA ARG I 406 -29.24 -10.48 -52.62
C ARG I 406 -28.83 -11.74 -53.39
N GLN I 407 -27.82 -12.44 -52.89
CA GLN I 407 -27.34 -13.64 -53.56
C GLN I 407 -28.41 -14.69 -53.59
N ALA I 408 -29.13 -14.85 -52.48
CA ALA I 408 -30.20 -15.84 -52.41
C ALA I 408 -31.26 -15.58 -53.48
N SER I 409 -31.76 -14.34 -53.57
CA SER I 409 -32.79 -14.02 -54.53
C SER I 409 -32.28 -14.14 -55.96
N GLN I 410 -31.03 -13.74 -56.21
CA GLN I 410 -30.49 -13.81 -57.56
C GLN I 410 -30.39 -15.27 -58.02
N MET I 411 -29.82 -16.12 -57.17
CA MET I 411 -29.69 -17.54 -57.50
C MET I 411 -31.05 -18.19 -57.65
N PHE I 412 -31.98 -17.85 -56.77
CA PHE I 412 -33.33 -18.41 -56.84
C PHE I 412 -34.03 -17.97 -58.11
N LEU I 413 -33.86 -16.72 -58.52
CA LEU I 413 -34.45 -16.24 -59.77
C LEU I 413 -33.90 -17.01 -60.97
N CYS I 414 -32.58 -17.19 -61.02
CA CYS I 414 -32.01 -17.93 -62.13
C CYS I 414 -32.51 -19.37 -62.15
N TRP I 415 -32.51 -20.03 -60.98
CA TRP I 415 -32.95 -21.42 -60.92
C TRP I 415 -34.43 -21.55 -61.28
N LEU I 416 -35.26 -20.60 -60.83
CA LEU I 416 -36.68 -20.65 -61.13
C LEU I 416 -36.95 -20.38 -62.59
N GLU I 417 -36.19 -19.47 -63.21
CA GLU I 417 -36.30 -19.28 -64.65
C GLU I 417 -35.97 -20.56 -65.39
N GLU I 418 -34.90 -21.25 -64.97
CA GLU I 418 -34.56 -22.53 -65.59
C GLU I 418 -35.67 -23.56 -65.39
N ALA I 419 -36.25 -23.59 -64.19
CA ALA I 419 -37.33 -24.53 -63.91
C ALA I 419 -38.56 -24.26 -64.77
N ILE I 420 -38.88 -22.98 -64.98
CA ILE I 420 -40.00 -22.64 -65.86
C ILE I 420 -39.68 -23.02 -67.30
N VAL I 421 -38.42 -22.86 -67.70
CA VAL I 421 -38.02 -23.30 -69.04
C VAL I 421 -38.22 -24.80 -69.19
N ARG I 422 -37.87 -25.57 -68.17
CA ARG I 422 -37.94 -27.02 -68.22
C ARG I 422 -39.31 -27.58 -67.85
N ARG I 423 -40.24 -26.71 -67.46
CA ARG I 423 -41.56 -27.11 -66.98
C ARG I 423 -41.45 -28.14 -65.86
N VAL I 424 -40.58 -27.85 -64.89
CA VAL I 424 -40.49 -28.72 -63.70
C VAL I 424 -41.66 -28.44 -62.77
N VAL I 425 -41.89 -27.16 -62.47
CA VAL I 425 -43.01 -26.73 -61.64
C VAL I 425 -43.97 -25.95 -62.53
N THR I 426 -45.25 -26.03 -62.18
CA THR I 426 -46.32 -25.46 -63.00
C THR I 426 -46.72 -24.10 -62.43
N LEU I 427 -46.64 -23.07 -63.26
CA LEU I 427 -47.08 -21.75 -62.87
C LEU I 427 -48.61 -21.73 -62.76
N PRO I 428 -49.16 -20.84 -61.94
CA PRO I 428 -50.63 -20.73 -61.84
C PRO I 428 -51.24 -20.38 -63.20
N SER I 429 -52.40 -21.00 -63.47
CA SER I 429 -53.07 -20.78 -64.75
C SER I 429 -53.63 -19.37 -64.85
N LYS I 430 -54.04 -18.79 -63.72
CA LYS I 430 -54.62 -17.46 -63.67
C LYS I 430 -53.57 -16.37 -63.53
N ALA I 431 -52.36 -16.61 -64.03
CA ALA I 431 -51.27 -15.64 -63.90
C ALA I 431 -51.71 -14.28 -64.43
N ARG I 432 -51.80 -13.31 -63.53
CA ARG I 432 -52.16 -11.95 -63.93
C ARG I 432 -51.07 -11.33 -64.79
N PHE I 433 -49.81 -11.67 -64.51
CA PHE I 433 -48.69 -11.25 -65.33
C PHE I 433 -47.87 -12.48 -65.69
N SER I 434 -47.22 -12.41 -66.85
CA SER I 434 -46.39 -13.52 -67.30
C SER I 434 -45.19 -13.68 -66.38
N PHE I 435 -44.57 -14.87 -66.46
CA PHE I 435 -43.37 -15.12 -65.66
C PHE I 435 -42.28 -14.11 -65.98
N GLN I 436 -42.00 -13.90 -67.26
CA GLN I 436 -40.93 -12.99 -67.65
C GLN I 436 -41.21 -11.57 -67.20
N GLU I 437 -42.49 -11.17 -67.18
CA GLU I 437 -42.86 -9.83 -66.75
C GLU I 437 -42.79 -9.67 -65.24
N ALA I 438 -43.17 -10.68 -64.48
CA ALA I 438 -43.30 -10.57 -63.03
C ALA I 438 -42.38 -11.55 -62.32
N ARG I 439 -41.16 -11.71 -62.85
CA ARG I 439 -40.15 -12.53 -62.16
C ARG I 439 -39.97 -12.09 -60.71
N SER I 440 -39.99 -10.78 -60.47
CA SER I 440 -39.92 -10.29 -59.09
C SER I 440 -41.16 -10.71 -58.30
N ALA I 441 -42.34 -10.60 -58.90
CA ALA I 441 -43.56 -10.98 -58.21
C ALA I 441 -43.66 -12.48 -58.03
N TRP I 442 -43.41 -13.25 -59.10
CA TRP I 442 -43.43 -14.70 -58.98
C TRP I 442 -42.28 -15.21 -58.14
N GLY I 443 -41.06 -14.73 -58.40
CA GLY I 443 -39.90 -15.22 -57.70
C GLY I 443 -39.65 -14.52 -56.38
N ASN I 444 -40.70 -13.94 -55.79
CA ASN I 444 -40.59 -13.36 -54.46
C ASN I 444 -40.25 -14.44 -53.45
N CYS I 445 -39.21 -14.23 -52.67
CA CYS I 445 -38.73 -15.26 -51.77
C CYS I 445 -38.07 -14.64 -50.56
N ASP I 446 -38.00 -15.42 -49.48
CA ASP I 446 -37.25 -15.09 -48.29
C ASP I 446 -36.38 -16.29 -47.93
N TRP I 447 -35.41 -16.06 -47.05
CA TRP I 447 -34.44 -17.08 -46.71
C TRP I 447 -34.16 -17.09 -45.22
N ILE I 448 -33.83 -18.27 -44.72
CA ILE I 448 -33.60 -18.51 -43.29
C ILE I 448 -32.14 -18.87 -43.11
N GLY I 449 -31.47 -18.19 -42.18
CA GLY I 449 -30.05 -18.36 -41.95
C GLY I 449 -29.74 -19.44 -40.94
N SER I 450 -28.99 -19.06 -39.89
CA SER I 450 -28.55 -20.01 -38.89
C SER I 450 -29.72 -20.54 -38.07
N GLY I 451 -29.48 -21.62 -37.35
CA GLY I 451 -30.54 -22.31 -36.63
C GLY I 451 -31.02 -21.56 -35.41
N ARG I 452 -31.66 -22.32 -34.52
CA ARG I 452 -32.33 -21.78 -33.34
C ARG I 452 -31.34 -21.21 -32.34
N MET I 453 -31.42 -19.90 -32.07
CA MET I 453 -30.55 -19.24 -31.11
C MET I 453 -30.74 -19.77 -29.70
N ALA I 454 -29.63 -20.08 -29.04
CA ALA I 454 -29.69 -20.41 -27.62
C ALA I 454 -28.69 -19.55 -26.84
N ILE I 455 -29.21 -18.82 -25.85
CA ILE I 455 -28.36 -17.96 -25.03
C ILE I 455 -28.60 -18.23 -23.54
N ASP I 456 -29.87 -18.28 -23.12
CA ASP I 456 -30.22 -18.35 -21.71
C ASP I 456 -31.13 -19.53 -21.40
N GLY I 457 -31.96 -19.95 -22.33
CA GLY I 457 -32.98 -20.94 -22.06
C GLY I 457 -34.24 -20.32 -21.50
N LEU I 458 -34.22 -19.91 -20.22
CA LEU I 458 -35.37 -19.27 -19.58
C LEU I 458 -35.92 -18.14 -20.44
N LYS I 459 -35.02 -17.37 -21.04
CA LYS I 459 -35.44 -16.29 -21.92
C LYS I 459 -36.32 -16.81 -23.05
N GLU I 460 -35.75 -17.69 -23.88
CA GLU I 460 -36.47 -18.19 -25.05
C GLU I 460 -37.75 -18.91 -24.65
N VAL I 461 -37.75 -19.60 -23.51
CA VAL I 461 -38.92 -20.40 -23.16
C VAL I 461 -40.04 -19.51 -22.64
N GLN I 462 -39.71 -18.46 -21.88
CA GLN I 462 -40.77 -17.58 -21.45
C GLN I 462 -41.32 -16.78 -22.62
N GLU I 463 -40.45 -16.39 -23.56
CA GLU I 463 -40.93 -15.78 -24.80
C GLU I 463 -41.86 -16.72 -25.54
N ALA I 464 -41.48 -17.99 -25.66
CA ALA I 464 -42.29 -18.96 -26.39
C ALA I 464 -43.65 -19.15 -25.73
N VAL I 465 -43.67 -19.29 -24.40
CA VAL I 465 -44.95 -19.50 -23.73
C VAL I 465 -45.83 -18.26 -23.87
N MET I 466 -45.25 -17.07 -23.77
CA MET I 466 -46.07 -15.87 -23.93
C MET I 466 -46.63 -15.77 -25.34
N LEU I 467 -45.81 -16.05 -26.36
CA LEU I 467 -46.29 -15.97 -27.73
C LEU I 467 -47.37 -17.02 -28.00
N ILE I 468 -47.20 -18.22 -27.47
CA ILE I 468 -48.16 -19.27 -27.79
C ILE I 468 -49.45 -19.10 -26.99
N GLU I 469 -49.40 -18.38 -25.85
CA GLU I 469 -50.64 -18.15 -25.14
C GLU I 469 -51.39 -16.94 -25.68
N ALA I 470 -50.68 -15.86 -26.04
CA ALA I 470 -51.37 -14.67 -26.53
C ALA I 470 -51.61 -14.69 -28.03
N GLY I 471 -51.07 -15.68 -28.75
CA GLY I 471 -51.21 -15.69 -30.18
C GLY I 471 -50.43 -14.61 -30.89
N LEU I 472 -49.46 -13.99 -30.20
CA LEU I 472 -48.70 -12.89 -30.77
C LEU I 472 -47.63 -13.34 -31.75
N SER I 473 -47.62 -14.62 -32.13
CA SER I 473 -46.67 -15.14 -33.10
C SER I 473 -47.42 -15.88 -34.19
N THR I 474 -47.00 -15.65 -35.44
CA THR I 474 -47.60 -16.28 -36.60
C THR I 474 -46.80 -17.50 -37.01
N TYR I 475 -47.29 -18.19 -38.05
CA TYR I 475 -46.52 -19.27 -38.65
C TYR I 475 -45.16 -18.78 -39.14
N GLU I 476 -45.16 -17.70 -39.92
CA GLU I 476 -43.93 -17.27 -40.58
C GLU I 476 -42.90 -16.78 -39.57
N LYS I 477 -43.29 -15.91 -38.63
CA LYS I 477 -42.28 -15.39 -37.72
C LYS I 477 -41.97 -16.38 -36.61
N GLU I 478 -42.92 -17.25 -36.26
CA GLU I 478 -42.59 -18.34 -35.35
C GLU I 478 -41.53 -19.26 -35.96
N CYS I 479 -41.71 -19.66 -37.21
CA CYS I 479 -40.71 -20.48 -37.88
C CYS I 479 -39.41 -19.73 -38.09
N ALA I 480 -39.47 -18.42 -38.27
CA ALA I 480 -38.24 -17.63 -38.34
C ALA I 480 -37.49 -17.66 -37.01
N LYS I 481 -38.20 -17.52 -35.90
CA LYS I 481 -37.60 -17.57 -34.58
C LYS I 481 -37.05 -18.95 -34.24
N ARG I 482 -37.71 -20.03 -34.69
CA ARG I 482 -37.39 -21.37 -34.25
C ARG I 482 -36.53 -22.15 -35.24
N GLY I 483 -36.39 -21.67 -36.47
CA GLY I 483 -35.67 -22.41 -37.50
C GLY I 483 -36.33 -23.73 -37.89
N ASP I 484 -37.66 -23.75 -37.97
CA ASP I 484 -38.42 -24.94 -38.30
C ASP I 484 -39.50 -24.59 -39.30
N ASP I 485 -40.45 -25.51 -39.50
CA ASP I 485 -41.59 -25.28 -40.37
C ASP I 485 -42.86 -25.70 -39.66
N TYR I 486 -43.89 -24.86 -39.74
CA TYR I 486 -45.17 -25.16 -39.11
C TYR I 486 -45.86 -26.38 -39.73
N GLN I 487 -45.81 -26.53 -41.06
CA GLN I 487 -46.42 -27.68 -41.69
C GLN I 487 -45.79 -28.98 -41.18
N GLU I 488 -44.45 -29.02 -41.13
CA GLU I 488 -43.80 -30.24 -40.69
C GLU I 488 -43.94 -30.47 -39.19
N ILE I 489 -43.97 -29.40 -38.37
CA ILE I 489 -44.19 -29.60 -36.94
C ILE I 489 -45.59 -30.14 -36.69
N PHE I 490 -46.58 -29.69 -37.47
CA PHE I 490 -47.93 -30.21 -37.29
C PHE I 490 -48.06 -31.64 -37.77
N ALA I 491 -47.47 -31.96 -38.93
CA ALA I 491 -47.51 -33.34 -39.41
C ALA I 491 -46.80 -34.28 -38.44
N GLN I 492 -45.66 -33.85 -37.92
CA GLN I 492 -44.92 -34.69 -36.99
C GLN I 492 -45.60 -34.76 -35.63
N GLN I 493 -46.36 -33.74 -35.25
CA GLN I 493 -47.17 -33.86 -34.03
C GLN I 493 -48.32 -34.84 -34.23
N VAL I 494 -48.90 -34.85 -35.44
CA VAL I 494 -49.89 -35.88 -35.75
C VAL I 494 -49.27 -37.26 -35.61
N ARG I 495 -48.08 -37.44 -36.20
CA ARG I 495 -47.38 -38.72 -36.10
C ARG I 495 -47.06 -39.05 -34.65
N GLU I 496 -46.62 -38.05 -33.88
CA GLU I 496 -46.34 -38.25 -32.46
C GLU I 496 -47.56 -38.77 -31.73
N THR I 497 -48.69 -38.07 -31.88
CA THR I 497 -49.89 -38.45 -31.14
C THR I 497 -50.36 -39.83 -31.55
N MET I 498 -50.34 -40.14 -32.85
CA MET I 498 -50.86 -41.44 -33.27
C MET I 498 -49.93 -42.57 -32.86
N GLU I 499 -48.61 -42.35 -32.87
CA GLU I 499 -47.71 -43.41 -32.40
C GLU I 499 -47.80 -43.59 -30.89
N ARG I 500 -47.97 -42.50 -30.13
CA ARG I 500 -48.17 -42.64 -28.69
C ARG I 500 -49.46 -43.40 -28.40
N ARG I 501 -50.54 -43.09 -29.13
CA ARG I 501 -51.79 -43.82 -28.93
C ARG I 501 -51.64 -45.29 -29.29
N ALA I 502 -50.96 -45.59 -30.39
CA ALA I 502 -50.83 -46.99 -30.82
C ALA I 502 -49.92 -47.78 -29.90
N ALA I 503 -48.73 -47.27 -29.60
CA ALA I 503 -47.78 -47.97 -28.75
C ALA I 503 -48.16 -47.93 -27.28
N GLY I 504 -49.10 -47.07 -26.89
CA GLY I 504 -49.51 -46.99 -25.50
C GLY I 504 -48.92 -45.83 -24.73
N LEU I 505 -48.21 -44.92 -25.39
CA LEU I 505 -47.62 -43.78 -24.71
C LEU I 505 -48.67 -42.72 -24.43
N LYS I 506 -48.21 -41.58 -23.93
CA LYS I 506 -49.11 -40.50 -23.53
C LYS I 506 -48.91 -39.28 -24.43
N PRO I 507 -49.81 -39.03 -25.38
CA PRO I 507 -49.78 -37.88 -26.30
C PRO I 507 -49.49 -36.54 -25.61
N GLN J 34 12.95 -10.44 -35.74
CA GLN J 34 12.34 -11.74 -35.50
C GLN J 34 11.51 -12.15 -36.70
N LEU J 35 11.05 -11.17 -37.48
CA LEU J 35 10.37 -11.46 -38.73
C LEU J 35 11.29 -12.11 -39.74
N ARG J 36 12.57 -12.28 -39.40
CA ARG J 36 13.53 -12.86 -40.32
C ARG J 36 13.33 -14.34 -40.56
N SER J 37 13.05 -15.12 -39.51
CA SER J 37 12.95 -16.57 -39.63
C SER J 37 11.59 -17.05 -40.11
N TRP J 38 10.72 -16.12 -40.51
CA TRP J 38 9.36 -16.42 -40.91
C TRP J 38 8.87 -15.28 -41.80
N ASN J 39 8.55 -15.58 -43.05
CA ASN J 39 8.36 -14.47 -43.98
C ASN J 39 7.12 -14.59 -44.84
N PRO J 40 6.18 -13.64 -44.73
CA PRO J 40 5.02 -13.67 -45.61
C PRO J 40 5.26 -12.90 -46.88
N PRO J 41 5.02 -13.49 -48.04
CA PRO J 41 4.92 -12.73 -49.28
C PRO J 41 3.58 -12.00 -49.36
N SER J 42 3.54 -10.97 -50.20
CA SER J 42 2.34 -10.18 -50.45
C SER J 42 1.70 -10.62 -51.75
N GLU J 43 0.73 -11.51 -51.65
CA GLU J 43 0.09 -12.11 -52.82
C GLU J 43 -1.15 -12.85 -52.35
N SER J 44 -1.94 -13.34 -53.31
CA SER J 44 -3.06 -14.22 -52.99
C SER J 44 -2.59 -15.38 -52.13
N VAL J 45 -3.48 -15.84 -51.24
CA VAL J 45 -3.10 -16.78 -50.19
C VAL J 45 -2.60 -18.10 -50.79
N ASP J 46 -3.22 -18.57 -51.88
CA ASP J 46 -2.80 -19.83 -52.46
C ASP J 46 -1.36 -19.76 -52.98
N ALA J 47 -1.01 -18.68 -53.66
CA ALA J 47 0.35 -18.54 -54.20
C ALA J 47 1.30 -18.04 -53.14
N ALA J 48 0.79 -17.62 -51.98
CA ALA J 48 1.62 -17.27 -50.85
C ALA J 48 1.91 -18.45 -49.93
N LEU J 49 1.11 -19.51 -50.00
CA LEU J 49 1.32 -20.72 -49.21
C LEU J 49 1.97 -21.85 -49.99
N LEU J 50 1.53 -22.13 -51.22
CA LEU J 50 2.09 -23.28 -51.93
C LEU J 50 3.60 -23.23 -52.12
N PRO J 51 4.23 -22.11 -52.46
CA PRO J 51 5.70 -22.10 -52.53
C PRO J 51 6.39 -22.47 -51.24
N ASN J 52 5.86 -22.05 -50.08
CA ASN J 52 6.41 -22.42 -48.79
C ASN J 52 5.56 -23.49 -48.10
N PHE J 53 5.00 -24.41 -48.88
CA PHE J 53 4.16 -25.45 -48.32
C PHE J 53 4.96 -26.40 -47.42
N THR J 54 6.12 -26.86 -47.91
CA THR J 54 6.88 -27.86 -47.18
C THR J 54 7.42 -27.31 -45.86
N ARG J 55 7.91 -26.08 -45.85
CA ARG J 55 8.47 -25.52 -44.63
C ARG J 55 7.40 -25.28 -43.57
N GLY J 56 6.28 -24.67 -43.97
CA GLY J 56 5.21 -24.44 -43.03
C GLY J 56 4.64 -25.73 -42.47
N ASN J 57 4.41 -26.71 -43.33
CA ASN J 57 3.89 -27.99 -42.87
C ASN J 57 4.89 -28.72 -42.00
N ALA J 58 6.18 -28.61 -42.31
CA ALA J 58 7.21 -29.28 -41.50
C ALA J 58 7.29 -28.67 -40.11
N ARG J 59 7.25 -27.34 -40.01
CA ARG J 59 7.28 -26.72 -38.69
C ARG J 59 5.96 -26.94 -37.96
N ALA J 60 4.87 -27.11 -38.71
CA ALA J 60 3.61 -27.53 -38.09
C ALA J 60 3.74 -28.91 -37.47
N ASP J 61 4.39 -29.84 -38.19
CA ASP J 61 4.66 -31.15 -37.62
C ASP J 61 5.52 -31.02 -36.36
N ASP J 62 6.54 -30.16 -36.44
CA ASP J 62 7.41 -29.95 -35.29
C ASP J 62 6.61 -29.50 -34.07
N LEU J 63 5.72 -28.52 -34.23
CA LEU J 63 5.01 -28.01 -33.08
C LEU J 63 3.91 -28.96 -32.60
N VAL J 64 3.22 -29.63 -33.52
CA VAL J 64 2.22 -30.61 -33.10
C VAL J 64 2.83 -31.83 -32.46
N ARG J 65 4.12 -32.08 -32.69
CA ARG J 65 4.80 -33.18 -32.03
C ARG J 65 5.41 -32.77 -30.70
N ASN J 66 6.03 -31.59 -30.63
CA ASN J 66 6.67 -31.10 -29.42
C ASN J 66 5.69 -30.49 -28.42
N ASN J 67 4.50 -30.11 -28.86
CA ASN J 67 3.60 -29.29 -28.07
C ASN J 67 2.29 -30.04 -27.82
N GLY J 68 1.76 -29.87 -26.61
CA GLY J 68 0.56 -30.59 -26.23
C GLY J 68 -0.72 -29.94 -26.73
N TYR J 69 -0.66 -28.64 -27.05
CA TYR J 69 -1.87 -27.91 -27.44
C TYR J 69 -2.54 -28.53 -28.66
N ALA J 70 -1.76 -28.94 -29.65
CA ALA J 70 -2.35 -29.55 -30.84
C ALA J 70 -3.04 -30.87 -30.50
N ALA J 71 -2.42 -31.67 -29.63
CA ALA J 71 -3.05 -32.92 -29.22
C ALA J 71 -4.37 -32.66 -28.50
N ASN J 72 -4.39 -31.70 -27.58
CA ASN J 72 -5.62 -31.40 -26.87
C ASN J 72 -6.69 -30.87 -27.82
N ALA J 73 -6.28 -30.02 -28.77
CA ALA J 73 -7.24 -29.44 -29.70
C ALA J 73 -7.83 -30.50 -30.62
N ILE J 74 -7.01 -31.41 -31.13
CA ILE J 74 -7.54 -32.45 -32.00
C ILE J 74 -8.40 -33.42 -31.20
N GLN J 75 -8.03 -33.68 -29.95
CA GLN J 75 -8.84 -34.58 -29.12
C GLN J 75 -10.20 -33.96 -28.84
N LEU J 76 -10.24 -32.67 -28.50
CA LEU J 76 -11.53 -32.03 -28.24
C LEU J 76 -12.36 -31.92 -29.51
N HIS J 77 -11.71 -31.65 -30.65
CA HIS J 77 -12.45 -31.62 -31.91
C HIS J 77 -13.06 -32.98 -32.20
N GLN J 78 -12.29 -34.04 -31.96
CA GLN J 78 -12.83 -35.40 -32.11
C GLN J 78 -14.04 -35.59 -31.21
N ASP J 79 -13.92 -35.25 -29.93
CA ASP J 79 -14.96 -35.56 -28.96
C ASP J 79 -16.16 -34.62 -29.08
N HIS J 80 -16.01 -33.49 -29.77
CA HIS J 80 -17.17 -32.65 -30.04
C HIS J 80 -17.82 -32.97 -31.38
N ILE J 81 -17.05 -33.38 -32.37
CA ILE J 81 -17.60 -33.59 -33.70
C ILE J 81 -18.19 -35.00 -33.81
N VAL J 82 -17.36 -36.02 -33.55
CA VAL J 82 -17.82 -37.39 -33.67
C VAL J 82 -18.19 -37.90 -32.28
N GLY J 83 -17.35 -37.63 -31.30
CA GLY J 83 -17.57 -38.16 -29.97
C GLY J 83 -17.46 -39.67 -29.95
N SER J 84 -18.51 -40.29 -29.41
CA SER J 84 -18.54 -41.75 -29.31
C SER J 84 -18.60 -42.40 -30.68
N PHE J 85 -19.51 -41.93 -31.54
CA PHE J 85 -19.73 -42.54 -32.85
C PHE J 85 -20.35 -41.52 -33.80
N PHE J 86 -20.48 -41.93 -35.06
CA PHE J 86 -21.06 -41.10 -36.12
C PHE J 86 -22.16 -41.95 -36.77
N ARG J 87 -23.42 -41.54 -36.53
CA ARG J 87 -24.57 -42.35 -36.87
C ARG J 87 -25.17 -41.93 -38.21
N LEU J 88 -25.40 -42.91 -39.08
CA LEU J 88 -26.03 -42.68 -40.37
C LEU J 88 -27.55 -42.68 -40.24
N SER J 89 -28.19 -41.82 -41.02
CA SER J 89 -29.65 -41.80 -41.15
C SER J 89 -29.98 -41.51 -42.60
N HIS J 90 -30.59 -42.50 -43.26
CA HIS J 90 -30.89 -42.41 -44.69
C HIS J 90 -32.29 -41.86 -44.89
N ARG J 91 -32.40 -40.75 -45.61
CA ARG J 91 -33.69 -40.12 -45.92
C ARG J 91 -33.76 -39.87 -47.41
N PRO J 92 -34.09 -40.89 -48.20
CA PRO J 92 -34.32 -40.68 -49.62
C PRO J 92 -35.45 -39.69 -49.84
N SER J 93 -35.32 -38.86 -50.86
CA SER J 93 -36.27 -37.78 -51.10
C SER J 93 -37.58 -38.42 -51.58
N TRP J 94 -38.33 -38.94 -50.62
CA TRP J 94 -39.58 -39.64 -50.94
C TRP J 94 -40.59 -38.69 -51.59
N ARG J 95 -40.70 -37.46 -51.09
CA ARG J 95 -41.68 -36.53 -51.64
C ARG J 95 -41.37 -36.17 -53.09
N TYR J 96 -40.10 -35.90 -53.39
CA TYR J 96 -39.74 -35.51 -54.75
C TYR J 96 -39.75 -36.70 -55.70
N LEU J 97 -39.25 -37.86 -55.24
CA LEU J 97 -39.19 -39.05 -56.06
C LEU J 97 -40.53 -39.78 -56.17
N GLY J 98 -41.54 -39.35 -55.42
CA GLY J 98 -42.83 -40.02 -55.47
C GLY J 98 -42.87 -41.27 -54.61
N ILE J 99 -41.79 -41.54 -53.88
CA ILE J 99 -41.70 -42.70 -53.02
C ILE J 99 -42.57 -42.47 -51.78
N GLY J 100 -43.24 -43.52 -51.34
CA GLY J 100 -44.00 -43.42 -50.10
C GLY J 100 -43.08 -43.26 -48.91
N GLU J 101 -43.52 -42.49 -47.93
CA GLU J 101 -42.71 -42.26 -46.74
C GLU J 101 -42.53 -43.54 -45.94
N GLU J 102 -43.56 -44.38 -45.88
CA GLU J 102 -43.44 -45.65 -45.15
C GLU J 102 -42.46 -46.59 -45.84
N GLU J 103 -42.50 -46.67 -47.18
CA GLU J 103 -41.54 -47.51 -47.89
C GLU J 103 -40.14 -46.96 -47.74
N ALA J 104 -39.98 -45.64 -47.79
CA ALA J 104 -38.68 -45.03 -47.56
C ALA J 104 -38.18 -45.36 -46.16
N ARG J 105 -39.06 -45.34 -45.16
CA ARG J 105 -38.63 -45.59 -43.79
C ARG J 105 -38.24 -47.05 -43.60
N ALA J 106 -38.98 -47.98 -44.20
CA ALA J 106 -38.63 -49.40 -44.08
C ALA J 106 -37.34 -49.71 -44.84
N PHE J 107 -37.18 -49.13 -46.02
CA PHE J 107 -35.93 -49.28 -46.77
C PHE J 107 -34.77 -48.69 -46.00
N SER J 108 -34.99 -47.56 -45.31
CA SER J 108 -33.98 -46.98 -44.46
C SER J 108 -33.66 -47.89 -43.27
N ARG J 109 -34.68 -48.55 -42.71
CA ARG J 109 -34.44 -49.52 -41.64
C ARG J 109 -33.52 -50.63 -42.12
N GLU J 110 -33.79 -51.16 -43.32
CA GLU J 110 -32.96 -52.22 -43.86
C GLU J 110 -31.53 -51.74 -44.09
N VAL J 111 -31.37 -50.57 -44.71
CA VAL J 111 -30.02 -50.08 -44.99
C VAL J 111 -29.29 -49.72 -43.70
N GLU J 112 -30.01 -49.25 -42.68
CA GLU J 112 -29.35 -48.91 -41.42
C GLU J 112 -28.89 -50.15 -40.69
N ALA J 113 -29.71 -51.20 -40.67
CA ALA J 113 -29.27 -52.46 -40.09
C ALA J 113 -28.05 -53.00 -40.82
N ALA J 114 -28.09 -52.99 -42.15
CA ALA J 114 -26.95 -53.48 -42.92
C ALA J 114 -25.71 -52.64 -42.66
N TRP J 115 -25.85 -51.32 -42.61
CA TRP J 115 -24.68 -50.46 -42.43
C TRP J 115 -24.09 -50.61 -41.04
N LYS J 116 -24.94 -50.70 -40.01
CA LYS J 116 -24.41 -50.88 -38.66
C LYS J 116 -23.71 -52.22 -38.52
N GLU J 117 -24.28 -53.29 -39.07
CA GLU J 117 -23.62 -54.59 -38.95
C GLU J 117 -22.34 -54.64 -39.76
N PHE J 118 -22.28 -53.91 -40.88
CA PHE J 118 -21.07 -53.89 -41.68
C PHE J 118 -19.99 -53.03 -41.03
N ALA J 119 -20.40 -51.97 -40.33
CA ALA J 119 -19.44 -51.07 -39.70
C ALA J 119 -18.90 -51.62 -38.39
N GLU J 120 -19.68 -52.47 -37.70
CA GLU J 120 -19.30 -52.96 -36.39
C GLU J 120 -18.29 -54.11 -36.46
N ASP J 121 -17.62 -54.29 -37.59
CA ASP J 121 -16.67 -55.38 -37.74
C ASP J 121 -15.59 -55.29 -36.67
N ASP J 122 -15.40 -56.39 -35.94
CA ASP J 122 -14.56 -56.38 -34.76
C ASP J 122 -13.10 -56.62 -35.10
N CYS J 123 -12.80 -57.05 -36.33
CA CYS J 123 -11.43 -57.38 -36.70
C CYS J 123 -10.70 -56.24 -37.39
N CYS J 124 -11.23 -55.01 -37.35
CA CYS J 124 -10.58 -53.84 -37.95
C CYS J 124 -10.41 -54.01 -39.45
N CYS J 125 -11.32 -54.75 -40.08
CA CYS J 125 -11.05 -55.28 -41.41
C CYS J 125 -11.62 -54.39 -42.52
N ILE J 126 -12.20 -53.24 -42.18
CA ILE J 126 -12.88 -52.44 -43.19
C ILE J 126 -11.88 -51.57 -43.95
N ASP J 127 -10.62 -51.53 -43.51
CA ASP J 127 -9.58 -50.76 -44.20
C ASP J 127 -8.62 -51.69 -44.93
N VAL J 128 -7.99 -51.16 -45.98
CA VAL J 128 -6.97 -51.92 -46.70
C VAL J 128 -5.76 -52.17 -45.80
N GLU J 129 -5.43 -51.19 -44.96
CA GLU J 129 -4.41 -51.40 -43.93
C GLU J 129 -4.84 -52.42 -42.89
N ARG J 130 -6.13 -52.73 -42.83
CA ARG J 130 -6.66 -53.81 -42.00
C ARG J 130 -6.51 -53.51 -40.51
N LYS J 131 -6.33 -52.23 -40.18
CA LYS J 131 -6.15 -51.82 -38.79
C LYS J 131 -6.96 -50.62 -38.37
N ARG J 132 -8.03 -50.27 -39.08
CA ARG J 132 -8.89 -49.17 -38.67
C ARG J 132 -10.33 -49.49 -39.02
N THR J 133 -11.24 -49.26 -38.07
CA THR J 133 -12.67 -49.39 -38.33
C THR J 133 -13.20 -48.06 -38.87
N PHE J 134 -14.52 -47.95 -39.00
CA PHE J 134 -15.15 -46.72 -39.48
C PHE J 134 -14.86 -45.56 -38.54
N THR J 135 -14.81 -45.83 -37.23
CA THR J 135 -14.53 -44.78 -36.26
C THR J 135 -13.20 -44.10 -36.56
N MET J 136 -12.15 -44.90 -36.74
CA MET J 136 -10.84 -44.33 -37.05
C MET J 136 -10.68 -43.88 -38.51
N MET J 137 -11.49 -44.41 -39.43
CA MET J 137 -11.66 -43.70 -40.71
C MET J 137 -12.02 -42.24 -40.47
N ILE J 138 -13.11 -42.00 -39.75
CA ILE J 138 -13.54 -40.63 -39.50
C ILE J 138 -12.48 -39.89 -38.68
N ARG J 139 -11.85 -40.59 -37.74
CA ARG J 139 -10.86 -39.95 -36.87
C ARG J 139 -9.67 -39.42 -37.67
N GLU J 140 -9.00 -40.29 -38.42
CA GLU J 140 -7.86 -39.86 -39.21
C GLU J 140 -8.27 -38.86 -40.28
N GLY J 141 -9.43 -39.07 -40.91
CA GLY J 141 -9.87 -38.13 -41.92
C GLY J 141 -10.06 -36.73 -41.37
N VAL J 142 -10.76 -36.60 -40.24
CA VAL J 142 -11.01 -35.29 -39.66
C VAL J 142 -9.72 -34.70 -39.12
N ALA J 143 -8.84 -35.52 -38.55
CA ALA J 143 -7.58 -35.00 -38.03
C ALA J 143 -6.72 -34.43 -39.14
N MET J 144 -6.64 -35.13 -40.27
CA MET J 144 -5.81 -34.67 -41.37
C MET J 144 -6.46 -33.52 -42.12
N HIS J 145 -7.79 -33.48 -42.18
CA HIS J 145 -8.49 -32.34 -42.77
C HIS J 145 -8.44 -31.13 -41.84
N ALA J 146 -8.12 -31.35 -40.57
CA ALA J 146 -7.88 -30.22 -39.68
C ALA J 146 -6.46 -29.71 -39.82
N PHE J 147 -5.48 -30.61 -39.76
CA PHE J 147 -4.08 -30.24 -39.91
C PHE J 147 -3.76 -29.64 -41.28
N ASN J 148 -3.90 -30.41 -42.35
CA ASN J 148 -3.57 -29.92 -43.69
C ASN J 148 -4.74 -29.27 -44.40
N GLY J 149 -5.96 -29.35 -43.86
CA GLY J 149 -7.12 -28.81 -44.51
C GLY J 149 -7.76 -29.71 -45.54
N GLU J 150 -7.16 -30.87 -45.81
CA GLU J 150 -7.67 -31.77 -46.84
C GLU J 150 -7.61 -33.19 -46.31
N LEU J 151 -8.48 -34.04 -46.85
CA LEU J 151 -8.40 -35.47 -46.60
C LEU J 151 -8.61 -36.23 -47.91
N PHE J 152 -7.95 -37.38 -47.99
CA PHE J 152 -7.82 -38.18 -49.19
C PHE J 152 -8.29 -39.59 -48.88
N VAL J 153 -9.46 -39.97 -49.38
CA VAL J 153 -9.94 -41.34 -49.24
C VAL J 153 -9.96 -41.97 -50.62
N GLN J 154 -9.73 -43.29 -50.68
CA GLN J 154 -9.76 -44.04 -51.92
C GLN J 154 -10.62 -45.27 -51.76
N ALA J 155 -11.59 -45.44 -52.64
CA ALA J 155 -12.48 -46.60 -52.62
C ALA J 155 -11.85 -47.71 -53.44
N THR J 156 -11.29 -48.71 -52.76
CA THR J 156 -10.61 -49.82 -53.39
C THR J 156 -11.44 -51.09 -53.25
N TRP J 157 -11.16 -52.06 -54.10
CA TRP J 157 -11.88 -53.33 -54.12
C TRP J 157 -11.06 -54.37 -53.36
N ASP J 158 -11.38 -54.54 -52.09
CA ASP J 158 -10.82 -55.61 -51.28
C ASP J 158 -11.26 -56.97 -51.79
N THR J 159 -10.39 -57.96 -51.61
CA THR J 159 -10.69 -59.33 -51.98
C THR J 159 -10.99 -60.23 -50.79
N SER J 160 -10.85 -59.72 -49.56
CA SER J 160 -11.11 -60.54 -48.38
C SER J 160 -12.61 -60.82 -48.25
N SER J 161 -12.96 -62.10 -48.34
CA SER J 161 -14.36 -62.53 -48.43
C SER J 161 -15.02 -62.73 -47.08
N SER J 162 -14.42 -62.22 -46.00
CA SER J 162 -15.03 -62.36 -44.68
C SER J 162 -16.30 -61.53 -44.54
N ARG J 163 -16.52 -60.58 -45.45
CA ARG J 163 -17.71 -59.73 -45.43
C ARG J 163 -18.38 -59.77 -46.79
N LEU J 164 -19.64 -59.37 -46.84
CA LEU J 164 -20.37 -59.41 -48.10
C LEU J 164 -19.90 -58.33 -49.05
N PHE J 165 -19.37 -57.23 -48.52
CA PHE J 165 -19.05 -56.05 -49.30
C PHE J 165 -17.55 -56.00 -49.60
N ARG J 166 -17.19 -56.08 -50.88
CA ARG J 166 -15.80 -56.07 -51.30
C ARG J 166 -15.22 -54.68 -51.47
N THR J 167 -15.80 -53.64 -50.88
CA THR J 167 -15.22 -52.31 -51.00
C THR J 167 -14.63 -51.86 -49.67
N GLN J 168 -13.35 -51.52 -49.68
CA GLN J 168 -12.70 -50.90 -48.53
C GLN J 168 -12.30 -49.48 -48.92
N PHE J 169 -11.88 -48.70 -47.93
CA PHE J 169 -11.53 -47.32 -48.15
C PHE J 169 -10.19 -47.01 -47.49
N ARG J 170 -9.16 -46.87 -48.33
CA ARG J 170 -7.79 -46.63 -47.88
C ARG J 170 -7.52 -45.14 -47.94
N MET J 171 -6.98 -44.58 -46.86
CA MET J 171 -6.71 -43.15 -46.83
C MET J 171 -5.30 -42.89 -47.34
N VAL J 172 -5.15 -41.78 -48.07
CA VAL J 172 -3.96 -41.48 -48.85
C VAL J 172 -3.28 -40.26 -48.22
N SER J 173 -1.97 -40.34 -48.01
CA SER J 173 -1.23 -39.28 -47.36
C SER J 173 -1.18 -38.03 -48.24
N PRO J 174 -1.13 -36.83 -47.62
CA PRO J 174 -0.97 -35.61 -48.42
C PRO J 174 0.45 -35.42 -48.95
N LYS J 175 1.43 -36.10 -48.39
CA LYS J 175 2.78 -36.03 -48.94
C LYS J 175 2.84 -36.67 -50.33
N ARG J 176 1.92 -37.60 -50.61
CA ARG J 176 1.85 -38.28 -51.88
C ARG J 176 1.52 -37.35 -53.05
N ILE J 177 0.73 -36.31 -52.81
CA ILE J 177 0.27 -35.41 -53.87
C ILE J 177 1.35 -34.36 -54.14
N SER J 178 2.19 -34.65 -55.12
CA SER J 178 3.11 -33.67 -55.68
C SER J 178 3.13 -33.90 -57.18
N ASN J 179 3.67 -32.93 -57.92
CA ASN J 179 3.78 -33.09 -59.36
C ASN J 179 4.66 -34.29 -59.68
N PRO J 180 4.44 -34.95 -60.83
CA PRO J 180 5.22 -36.16 -61.14
C PRO J 180 6.71 -35.91 -61.05
N ASN J 181 7.34 -36.59 -60.10
CA ASN J 181 8.75 -36.44 -59.78
C ASN J 181 9.06 -35.05 -59.23
N ASN J 182 8.23 -34.62 -58.28
CA ASN J 182 8.52 -33.45 -57.43
C ASN J 182 8.80 -32.19 -58.25
N THR J 183 8.33 -32.17 -59.50
CA THR J 183 8.52 -30.98 -60.31
C THR J 183 7.69 -29.83 -59.75
N GLY J 184 8.14 -28.60 -60.00
CA GLY J 184 7.39 -27.45 -59.53
C GLY J 184 6.06 -27.34 -60.25
N ASP J 185 5.21 -26.45 -59.75
CA ASP J 185 3.91 -26.21 -60.36
C ASP J 185 4.06 -25.90 -61.84
N SER J 186 3.07 -26.31 -62.63
CA SER J 186 3.09 -26.10 -64.06
C SER J 186 1.79 -25.45 -64.53
N ARG J 187 1.59 -25.39 -65.84
CA ARG J 187 0.38 -24.80 -66.40
C ARG J 187 -0.87 -25.46 -65.83
N ASN J 188 -1.04 -26.75 -66.07
CA ASN J 188 -2.20 -27.49 -65.60
C ASN J 188 -1.87 -28.56 -64.57
N CYS J 189 -0.61 -28.96 -64.45
CA CYS J 189 -0.15 -29.85 -63.40
C CYS J 189 0.36 -28.97 -62.25
N ARG J 190 -0.44 -28.85 -61.19
CA ARG J 190 -0.22 -27.83 -60.19
C ARG J 190 -0.17 -28.50 -58.81
N ALA J 191 1.04 -28.65 -58.27
CA ALA J 191 1.26 -29.24 -56.96
C ALA J 191 0.67 -30.64 -56.87
N GLY J 192 0.70 -31.36 -57.99
CA GLY J 192 0.25 -32.74 -58.01
C GLY J 192 -1.11 -32.98 -58.61
N VAL J 193 -1.94 -31.95 -58.75
CA VAL J 193 -3.27 -32.12 -59.32
C VAL J 193 -3.24 -31.65 -60.77
N GLN J 194 -3.75 -32.50 -61.65
CA GLN J 194 -3.90 -32.20 -63.07
C GLN J 194 -5.29 -31.65 -63.30
N ILE J 195 -5.37 -30.37 -63.65
CA ILE J 195 -6.65 -29.69 -63.85
C ILE J 195 -6.67 -29.10 -65.25
N ASN J 196 -7.81 -28.53 -65.61
CA ASN J 196 -7.93 -27.84 -66.88
C ASN J 196 -7.65 -26.35 -66.68
N ASP J 197 -7.86 -25.56 -67.73
CA ASP J 197 -7.75 -24.10 -67.58
C ASP J 197 -8.82 -23.57 -66.65
N SER J 198 -10.00 -24.18 -66.67
CA SER J 198 -11.10 -23.81 -65.79
C SER J 198 -10.91 -24.31 -64.36
N GLY J 199 -9.88 -25.12 -64.11
CA GLY J 199 -9.57 -25.58 -62.78
C GLY J 199 -10.12 -26.93 -62.39
N ALA J 200 -10.97 -27.53 -63.23
CA ALA J 200 -11.63 -28.78 -62.87
C ALA J 200 -10.61 -29.86 -62.54
N ALA J 201 -10.69 -30.39 -61.32
CA ALA J 201 -9.73 -31.36 -60.82
C ALA J 201 -9.94 -32.69 -61.52
N LEU J 202 -9.09 -33.00 -62.50
CA LEU J 202 -9.19 -34.28 -63.19
C LEU J 202 -8.60 -35.41 -62.35
N GLY J 203 -7.31 -35.33 -62.02
CA GLY J 203 -6.68 -36.39 -61.27
C GLY J 203 -5.46 -35.89 -60.53
N TYR J 204 -4.69 -36.85 -60.02
CA TYR J 204 -3.66 -36.61 -59.03
C TYR J 204 -2.47 -37.50 -59.30
N TYR J 205 -1.30 -37.04 -58.87
CA TYR J 205 -0.05 -37.80 -58.97
C TYR J 205 0.38 -38.20 -57.56
N VAL J 206 0.09 -39.44 -57.19
CA VAL J 206 0.39 -40.00 -55.88
C VAL J 206 1.84 -40.48 -55.89
N SER J 207 2.69 -39.83 -55.10
CA SER J 207 4.06 -40.27 -54.91
C SER J 207 4.06 -41.52 -54.04
N GLU J 208 5.04 -42.39 -54.25
CA GLU J 208 5.14 -43.61 -53.47
C GLU J 208 5.44 -43.29 -52.01
N ASP J 209 4.95 -44.16 -51.13
CA ASP J 209 5.15 -44.00 -49.70
C ASP J 209 6.63 -43.91 -49.36
N GLY J 210 6.94 -43.19 -48.29
CA GLY J 210 8.29 -43.02 -47.80
C GLY J 210 8.61 -43.72 -46.49
N TYR J 211 7.85 -44.74 -46.10
CA TYR J 211 8.09 -45.50 -44.88
C TYR J 211 8.29 -46.97 -45.21
N PRO J 212 9.53 -47.50 -45.03
CA PRO J 212 10.68 -46.95 -44.31
C PRO J 212 11.29 -45.75 -44.99
N GLY J 213 12.11 -44.99 -44.28
CA GLY J 213 12.60 -43.71 -44.76
C GLY J 213 13.47 -43.80 -46.00
N TRP J 214 13.54 -44.99 -46.61
CA TRP J 214 14.35 -45.15 -47.81
C TRP J 214 13.59 -45.77 -48.97
N MET J 215 12.29 -45.50 -49.10
CA MET J 215 11.72 -45.87 -50.39
C MET J 215 11.74 -44.66 -51.31
N PRO J 216 12.05 -44.84 -52.58
CA PRO J 216 11.93 -43.74 -53.54
C PRO J 216 10.46 -43.46 -53.82
N GLN J 217 10.17 -42.25 -54.29
CA GLN J 217 8.80 -41.90 -54.65
C GLN J 217 8.60 -42.07 -56.16
N LYS J 218 7.51 -42.73 -56.53
CA LYS J 218 7.06 -42.79 -57.91
C LYS J 218 5.61 -42.31 -57.96
N TRP J 219 5.31 -41.49 -58.97
CA TRP J 219 4.02 -40.80 -59.05
C TRP J 219 3.08 -41.59 -59.95
N THR J 220 1.89 -41.87 -59.43
CA THR J 220 0.88 -42.67 -60.10
C THR J 220 -0.39 -41.85 -60.30
N TRP J 221 -1.06 -42.10 -61.42
CA TRP J 221 -2.25 -41.34 -61.80
C TRP J 221 -3.45 -41.85 -61.01
N ILE J 222 -4.24 -40.91 -60.48
CA ILE J 222 -5.47 -41.25 -59.75
C ILE J 222 -6.56 -40.25 -60.10
N PRO J 223 -7.62 -40.64 -60.79
CA PRO J 223 -8.70 -39.69 -61.08
C PRO J 223 -9.49 -39.35 -59.83
N ARG J 224 -10.11 -38.16 -59.83
CA ARG J 224 -10.85 -37.72 -58.66
C ARG J 224 -12.12 -38.55 -58.47
N GLU J 225 -12.89 -38.73 -59.53
CA GLU J 225 -14.10 -39.54 -59.46
C GLU J 225 -14.32 -40.23 -60.81
N LEU J 226 -15.08 -41.33 -60.77
CA LEU J 226 -15.42 -42.02 -61.99
C LEU J 226 -16.53 -41.28 -62.73
N PRO J 227 -16.58 -41.41 -64.06
CA PRO J 227 -17.58 -40.65 -64.83
C PRO J 227 -19.02 -40.94 -64.43
N GLY J 228 -19.33 -42.18 -64.05
CA GLY J 228 -20.67 -42.54 -63.64
C GLY J 228 -21.10 -42.02 -62.29
N GLY J 229 -20.36 -41.08 -61.71
CA GLY J 229 -20.65 -40.57 -60.38
C GLY J 229 -20.04 -41.36 -59.26
N ARG J 230 -19.37 -42.47 -59.55
CA ARG J 230 -18.73 -43.25 -58.50
C ARG J 230 -17.61 -42.45 -57.85
N ALA J 231 -17.61 -42.44 -56.52
CA ALA J 231 -16.65 -41.66 -55.75
C ALA J 231 -15.41 -42.51 -55.49
N SER J 232 -14.45 -42.44 -56.42
CA SER J 232 -13.22 -43.22 -56.24
C SER J 232 -12.25 -42.53 -55.31
N PHE J 233 -11.78 -41.33 -55.70
CA PHE J 233 -10.83 -40.58 -54.89
C PHE J 233 -11.53 -39.41 -54.24
N ILE J 234 -11.99 -39.62 -53.02
CA ILE J 234 -12.70 -38.62 -52.22
C ILE J 234 -11.67 -37.62 -51.71
N HIS J 235 -11.64 -36.45 -52.33
CA HIS J 235 -10.72 -35.37 -51.97
C HIS J 235 -11.53 -34.24 -51.35
N VAL J 236 -11.62 -34.24 -50.02
CA VAL J 236 -12.44 -33.24 -49.33
C VAL J 236 -11.52 -32.22 -48.68
N PHE J 237 -11.58 -30.98 -49.14
CA PHE J 237 -10.81 -29.91 -48.55
C PHE J 237 -11.64 -28.63 -48.58
N GLU J 238 -11.33 -27.73 -47.67
CA GLU J 238 -12.00 -26.44 -47.62
C GLU J 238 -11.16 -25.40 -48.35
N PRO J 239 -11.59 -24.91 -49.50
CA PRO J 239 -10.87 -23.83 -50.17
C PRO J 239 -11.32 -22.46 -49.69
N VAL J 240 -10.35 -21.70 -49.18
CA VAL J 240 -10.59 -20.33 -48.74
C VAL J 240 -10.92 -19.41 -49.90
N GLU J 241 -10.39 -19.66 -51.09
CA GLU J 241 -10.69 -18.87 -52.26
C GLU J 241 -10.79 -19.78 -53.47
N ASP J 242 -11.12 -19.19 -54.61
CA ASP J 242 -11.21 -19.94 -55.86
C ASP J 242 -9.84 -20.41 -56.32
N GLY J 243 -9.82 -21.57 -56.97
CA GLY J 243 -8.60 -22.11 -57.52
C GLY J 243 -7.64 -22.66 -56.49
N GLN J 244 -7.94 -22.53 -55.20
CA GLN J 244 -7.09 -23.06 -54.15
C GLN J 244 -7.17 -24.58 -54.16
N THR J 245 -6.04 -25.25 -53.94
CA THR J 245 -5.97 -26.69 -54.00
C THR J 245 -5.75 -27.35 -52.65
N ARG J 246 -5.27 -26.60 -51.66
CA ARG J 246 -4.90 -27.16 -50.37
C ARG J 246 -5.68 -26.45 -49.27
N GLY J 247 -5.70 -27.06 -48.09
CA GLY J 247 -6.46 -26.50 -47.00
C GLY J 247 -5.66 -25.51 -46.17
N ALA J 248 -6.07 -25.38 -44.90
CA ALA J 248 -5.51 -24.39 -43.99
C ALA J 248 -4.40 -25.02 -43.16
N ASN J 249 -3.56 -24.18 -42.57
CA ASN J 249 -2.42 -24.64 -41.82
C ASN J 249 -2.65 -24.51 -40.31
N VAL J 250 -1.60 -24.77 -39.54
CA VAL J 250 -1.63 -24.41 -38.12
C VAL J 250 -0.43 -23.56 -37.74
N PHE J 251 0.80 -24.00 -38.06
CA PHE J 251 2.03 -23.35 -37.63
C PHE J 251 2.11 -21.88 -38.01
N TYR J 252 1.51 -21.50 -39.14
CA TYR J 252 1.61 -20.14 -39.65
C TYR J 252 0.86 -19.17 -38.75
N SER J 253 0.25 -19.67 -37.68
CA SER J 253 -0.27 -18.86 -36.60
C SER J 253 0.17 -19.37 -35.22
N VAL J 254 1.17 -20.26 -35.16
CA VAL J 254 1.59 -20.88 -33.91
C VAL J 254 3.07 -20.63 -33.64
N MET J 255 3.77 -20.04 -34.61
CA MET J 255 5.17 -19.68 -34.35
C MET J 255 5.27 -18.79 -33.11
N GLU J 256 4.24 -17.99 -32.83
CA GLU J 256 4.32 -17.04 -31.73
C GLU J 256 4.17 -17.73 -30.38
N GLN J 257 3.35 -18.79 -30.29
CA GLN J 257 3.44 -19.62 -29.09
C GLN J 257 4.80 -20.26 -28.96
N MET J 258 5.35 -20.75 -30.07
CA MET J 258 6.69 -21.35 -29.98
C MET J 258 7.67 -20.39 -29.33
N LYS J 259 7.70 -19.15 -29.80
CA LYS J 259 8.75 -18.24 -29.35
C LYS J 259 8.39 -17.54 -28.03
N MET J 260 7.10 -17.36 -27.72
CA MET J 260 6.72 -16.98 -26.36
C MET J 260 7.03 -18.05 -25.33
N LEU J 261 6.76 -19.33 -25.62
CA LEU J 261 7.13 -20.35 -24.64
C LEU J 261 8.64 -20.38 -24.46
N ASP J 262 9.38 -20.24 -25.55
CA ASP J 262 10.84 -20.17 -25.44
C ASP J 262 11.28 -18.98 -24.57
N THR J 263 10.71 -17.80 -24.81
CA THR J 263 11.19 -16.61 -24.09
C THR J 263 10.79 -16.65 -22.61
N LEU J 264 9.56 -17.09 -22.31
CA LEU J 264 9.16 -17.20 -20.90
C LEU J 264 10.00 -18.26 -20.22
N GLN J 265 10.31 -19.34 -20.91
CA GLN J 265 11.11 -20.42 -20.34
C GLN J 265 12.50 -19.90 -19.99
N ASN J 266 13.15 -19.22 -20.94
CA ASN J 266 14.49 -18.72 -20.72
C ASN J 266 14.51 -17.62 -19.66
N THR J 267 13.49 -16.76 -19.64
CA THR J 267 13.50 -15.68 -18.66
C THR J 267 13.24 -16.20 -17.26
N GLN J 268 12.42 -17.24 -17.12
CA GLN J 268 12.29 -17.85 -15.80
C GLN J 268 13.59 -18.53 -15.38
N LEU J 269 14.27 -19.19 -16.32
CA LEU J 269 15.56 -19.79 -15.97
C LEU J 269 16.57 -18.73 -15.50
N GLN J 270 16.70 -17.63 -16.23
CA GLN J 270 17.63 -16.58 -15.82
C GLN J 270 17.22 -15.97 -14.48
N SER J 271 15.93 -15.72 -14.28
CA SER J 271 15.48 -15.14 -13.02
C SER J 271 15.83 -16.06 -11.85
N ALA J 272 15.56 -17.37 -12.02
CA ALA J 272 15.84 -18.32 -10.96
C ALA J 272 17.33 -18.41 -10.67
N ILE J 273 18.16 -18.41 -11.72
CA ILE J 273 19.59 -18.61 -11.49
C ILE J 273 20.25 -17.35 -10.94
N VAL J 274 19.64 -16.17 -11.14
CA VAL J 274 20.31 -14.96 -10.70
C VAL J 274 19.60 -14.28 -9.53
N LYS J 275 18.53 -14.87 -8.99
CA LYS J 275 18.09 -14.29 -7.71
C LYS J 275 19.18 -14.29 -6.63
N ALA J 276 20.10 -15.23 -6.52
CA ALA J 276 21.14 -15.19 -5.49
C ALA J 276 22.50 -15.60 -6.03
N MET J 277 22.88 -15.09 -7.19
CA MET J 277 24.27 -15.23 -7.65
C MET J 277 25.12 -14.27 -6.84
N TYR J 278 26.28 -14.76 -6.39
CA TYR J 278 27.08 -14.02 -5.41
C TYR J 278 28.54 -14.09 -5.83
N ALA J 279 29.22 -12.95 -5.78
CA ALA J 279 30.64 -12.84 -6.12
C ALA J 279 31.44 -12.87 -4.81
N ALA J 280 32.38 -13.80 -4.73
CA ALA J 280 33.21 -13.97 -3.53
C ALA J 280 34.65 -13.67 -3.89
N THR J 281 35.04 -12.40 -3.80
CA THR J 281 36.40 -11.98 -4.08
C THR J 281 36.99 -11.37 -2.82
N ILE J 282 38.26 -11.00 -2.91
CA ILE J 282 38.97 -10.38 -1.80
C ILE J 282 39.59 -9.08 -2.27
N GLU J 283 39.32 -8.01 -1.54
CA GLU J 283 39.97 -6.72 -1.73
C GLU J 283 40.76 -6.40 -0.46
N SER J 284 41.63 -5.41 -0.54
CA SER J 284 42.36 -4.97 0.64
C SER J 284 42.49 -3.45 0.59
N GLU J 285 43.06 -2.91 1.66
CA GLU J 285 43.30 -1.47 1.73
C GLU J 285 44.42 -1.04 0.78
N LEU J 286 45.65 -1.52 0.99
CA LEU J 286 46.78 -1.39 0.08
C LEU J 286 46.74 -0.11 -0.75
N ASP J 287 46.82 -0.26 -2.07
CA ASP J 287 46.32 0.71 -3.03
C ASP J 287 46.79 2.13 -2.73
N THR J 288 48.10 2.29 -2.62
CA THR J 288 48.62 3.64 -2.37
C THR J 288 48.81 4.40 -3.67
N GLN J 289 47.78 4.38 -4.52
CA GLN J 289 47.69 5.21 -5.72
C GLN J 289 49.00 5.29 -6.49
N SER J 290 49.74 6.38 -6.25
CA SER J 290 51.01 6.60 -6.95
C SER J 290 52.02 5.52 -6.62
N ALA J 291 52.09 5.14 -5.34
CA ALA J 291 53.02 4.07 -4.95
C ALA J 291 52.68 2.74 -5.60
N MET J 292 51.39 2.38 -5.65
CA MET J 292 50.99 1.14 -6.30
C MET J 292 51.30 1.17 -7.79
N ASP J 293 51.02 2.30 -8.45
CA ASP J 293 51.31 2.42 -9.87
C ASP J 293 52.81 2.35 -10.14
N PHE J 294 53.62 3.00 -9.30
CA PHE J 294 55.07 2.95 -9.47
C PHE J 294 55.59 1.54 -9.25
N ILE J 295 55.05 0.84 -8.25
CA ILE J 295 55.44 -0.55 -8.02
C ILE J 295 55.08 -1.44 -9.20
N LEU J 296 53.89 -1.25 -9.76
CA LEU J 296 53.48 -2.05 -10.93
C LEU J 296 54.37 -1.75 -12.13
N GLY J 297 54.70 -0.48 -12.35
CA GLY J 297 55.56 -0.12 -13.47
C GLY J 297 56.97 -0.68 -13.29
N ALA J 298 57.50 -0.61 -12.06
CA ALA J 298 58.82 -1.16 -11.79
C ALA J 298 58.82 -2.67 -11.96
N ASN J 299 57.73 -3.33 -11.56
CA ASN J 299 57.61 -4.76 -11.80
C ASN J 299 57.58 -5.07 -13.28
N SER J 300 56.82 -4.29 -14.06
CA SER J 300 56.76 -4.51 -15.50
C SER J 300 58.13 -4.33 -16.14
N GLN J 301 58.89 -3.35 -15.67
CA GLN J 301 60.21 -3.11 -16.26
C GLN J 301 61.24 -4.13 -15.80
N GLU J 302 61.59 -4.13 -14.52
CA GLU J 302 62.58 -5.07 -14.03
C GLU J 302 62.36 -5.59 -12.62
N GLN J 303 61.27 -5.24 -11.94
CA GLN J 303 61.20 -5.53 -10.50
C GLN J 303 60.00 -6.44 -10.21
N ARG J 304 59.88 -7.51 -11.00
CA ARG J 304 58.84 -8.51 -10.77
C ARG J 304 59.00 -9.22 -9.44
N GLU J 305 60.16 -9.11 -8.79
CA GLU J 305 60.34 -9.72 -7.48
C GLU J 305 59.37 -9.13 -6.45
N ARG J 306 58.99 -7.85 -6.60
CA ARG J 306 57.97 -7.29 -5.72
C ARG J 306 56.64 -8.02 -5.88
N LEU J 307 56.21 -8.24 -7.13
CA LEU J 307 54.97 -8.96 -7.35
C LEU J 307 55.05 -10.39 -6.86
N THR J 308 56.20 -11.05 -7.08
CA THR J 308 56.35 -12.43 -6.60
C THR J 308 56.29 -12.48 -5.07
N GLY J 309 56.93 -11.52 -4.40
CA GLY J 309 56.88 -11.48 -2.95
C GLY J 309 55.49 -11.22 -2.42
N TRP J 310 54.76 -10.28 -3.06
CA TRP J 310 53.40 -10.00 -2.63
C TRP J 310 52.49 -11.20 -2.86
N ILE J 311 52.66 -11.89 -4.00
CA ILE J 311 51.85 -13.07 -4.27
C ILE J 311 52.16 -14.17 -3.26
N GLY J 312 53.44 -14.34 -2.90
CA GLY J 312 53.78 -15.29 -1.86
C GLY J 312 53.17 -14.94 -0.53
N GLU J 313 53.21 -13.66 -0.16
CA GLU J 313 52.61 -13.22 1.10
C GLU J 313 51.10 -13.46 1.09
N ILE J 314 50.44 -13.22 -0.04
CA ILE J 314 48.98 -13.39 -0.09
C ILE J 314 48.62 -14.88 -0.10
N ALA J 315 49.44 -15.70 -0.76
CA ALA J 315 49.22 -17.14 -0.71
C ALA J 315 49.37 -17.66 0.71
N ALA J 316 50.42 -17.21 1.41
CA ALA J 316 50.56 -17.56 2.83
C ALA J 316 49.40 -17.00 3.64
N TYR J 317 48.87 -15.85 3.23
CA TYR J 317 47.72 -15.26 3.90
C TYR J 317 46.52 -16.17 3.82
N TYR J 318 46.18 -16.60 2.60
CA TYR J 318 45.03 -17.47 2.38
C TYR J 318 45.26 -18.89 2.86
N ALA J 319 46.50 -19.29 3.10
CA ALA J 319 46.75 -20.63 3.61
C ALA J 319 46.99 -20.62 5.13
N ALA J 320 47.06 -19.44 5.74
CA ALA J 320 47.13 -19.36 7.19
C ALA J 320 45.81 -18.88 7.80
N ALA J 321 45.02 -18.13 7.03
CA ALA J 321 43.66 -17.77 7.36
C ALA J 321 42.65 -18.91 7.19
N PRO J 322 42.90 -19.90 6.30
CA PRO J 322 41.79 -20.47 5.53
C PRO J 322 40.62 -19.52 5.33
N VAL J 323 40.70 -18.70 4.27
CA VAL J 323 39.64 -17.77 3.93
C VAL J 323 38.50 -18.58 3.32
N ARG J 324 37.51 -18.90 4.14
CA ARG J 324 36.41 -19.76 3.74
C ARG J 324 35.10 -19.12 4.21
N LEU J 325 34.10 -19.09 3.33
CA LEU J 325 32.88 -18.35 3.65
C LEU J 325 31.83 -19.25 4.28
N GLY J 326 31.59 -20.43 3.69
CA GLY J 326 30.47 -21.26 4.04
C GLY J 326 30.81 -22.72 4.11
N GLY J 327 30.14 -23.54 3.32
CA GLY J 327 30.61 -24.88 3.06
C GLY J 327 31.68 -24.97 1.99
N ALA J 328 31.89 -23.88 1.25
CA ALA J 328 32.80 -23.87 0.11
C ALA J 328 33.93 -22.87 0.33
N LYS J 329 35.02 -23.08 -0.39
CA LYS J 329 36.18 -22.18 -0.31
C LYS J 329 35.94 -20.94 -1.14
N VAL J 330 36.35 -19.79 -0.60
CA VAL J 330 36.30 -18.53 -1.32
C VAL J 330 37.28 -18.62 -2.48
N PRO J 331 36.84 -18.39 -3.71
CA PRO J 331 37.77 -18.50 -4.85
C PRO J 331 38.91 -17.51 -4.74
N HIS J 332 40.12 -18.02 -5.01
CA HIS J 332 41.37 -17.36 -4.70
C HIS J 332 41.48 -16.03 -5.45
N LEU J 333 41.39 -14.94 -4.69
CA LEU J 333 41.58 -13.60 -5.22
C LEU J 333 42.52 -12.83 -4.29
N MET J 334 43.76 -12.68 -4.75
CA MET J 334 44.68 -11.75 -4.12
C MET J 334 44.17 -10.31 -4.27
N PRO J 335 44.57 -9.42 -3.36
CA PRO J 335 43.91 -8.11 -3.27
C PRO J 335 43.99 -7.29 -4.55
N GLY J 336 42.98 -6.45 -4.73
CA GLY J 336 42.98 -5.43 -5.77
C GLY J 336 42.19 -5.74 -7.02
N ASP J 337 41.34 -6.77 -7.00
CA ASP J 337 40.53 -7.13 -8.16
C ASP J 337 39.22 -7.75 -7.68
N SER J 338 38.11 -7.22 -8.18
CA SER J 338 36.78 -7.73 -7.84
C SER J 338 35.84 -7.51 -9.00
N LEU J 339 34.79 -8.32 -9.04
CA LEU J 339 33.76 -8.20 -10.06
C LEU J 339 32.75 -7.12 -9.68
N ASN J 340 32.28 -6.40 -10.69
CA ASN J 340 31.27 -5.34 -10.53
C ASN J 340 29.95 -5.86 -11.09
N LEU J 341 29.18 -6.55 -10.26
CA LEU J 341 27.91 -7.14 -10.70
C LEU J 341 26.75 -6.18 -10.43
N GLN J 342 26.93 -4.95 -10.90
CA GLN J 342 25.83 -4.00 -10.95
C GLN J 342 24.87 -4.41 -12.06
N THR J 343 23.58 -4.23 -11.81
CA THR J 343 22.54 -4.90 -12.57
C THR J 343 21.86 -3.95 -13.55
N ALA J 344 20.89 -4.47 -14.29
CA ALA J 344 20.05 -3.70 -15.18
C ALA J 344 18.83 -3.21 -14.41
N GLN J 345 17.81 -2.75 -15.12
CA GLN J 345 16.62 -2.22 -14.47
C GLN J 345 15.90 -3.33 -13.69
N ASP J 346 15.13 -2.91 -12.69
CA ASP J 346 14.55 -3.85 -11.73
C ASP J 346 13.04 -3.64 -11.58
N THR J 347 12.36 -3.34 -12.68
CA THR J 347 10.91 -3.24 -12.67
C THR J 347 10.32 -4.64 -12.84
N ASP J 348 9.04 -4.83 -12.52
CA ASP J 348 8.42 -6.12 -12.76
C ASP J 348 8.41 -6.45 -14.25
N ASN J 349 8.60 -7.72 -14.56
CA ASN J 349 8.74 -8.18 -15.92
C ASN J 349 7.48 -7.98 -16.76
N GLY J 350 6.31 -7.86 -16.12
CA GLY J 350 5.08 -7.67 -16.87
C GLY J 350 4.59 -8.91 -17.58
N TYR J 351 5.44 -9.93 -17.67
CA TYR J 351 5.10 -11.17 -18.36
C TYR J 351 3.76 -11.73 -17.89
N SER J 352 3.36 -11.44 -16.65
CA SER J 352 2.09 -11.92 -16.15
C SER J 352 0.95 -11.46 -17.05
N VAL J 353 0.74 -10.15 -17.15
CA VAL J 353 -0.38 -9.68 -17.95
C VAL J 353 -0.09 -9.80 -19.44
N PHE J 354 1.19 -9.75 -19.85
CA PHE J 354 1.48 -10.13 -21.23
C PHE J 354 0.92 -11.51 -21.56
N GLU J 355 1.24 -12.52 -20.74
CA GLU J 355 0.86 -13.88 -21.07
C GLU J 355 -0.63 -14.10 -20.94
N GLN J 356 -1.27 -13.51 -19.93
CA GLN J 356 -2.73 -13.63 -19.85
C GLN J 356 -3.40 -13.01 -21.06
N SER J 357 -2.98 -11.80 -21.44
CA SER J 357 -3.54 -11.15 -22.61
C SER J 357 -3.33 -11.97 -23.86
N LEU J 358 -2.13 -12.51 -24.07
CA LEU J 358 -1.85 -13.24 -25.31
C LEU J 358 -2.52 -14.62 -25.31
N LEU J 359 -2.73 -15.22 -24.14
CA LEU J 359 -3.35 -16.54 -24.10
C LEU J 359 -4.85 -16.43 -24.39
N ARG J 360 -5.53 -15.55 -23.65
CA ARG J 360 -6.77 -14.91 -24.13
C ARG J 360 -6.82 -14.75 -25.65
N TYR J 361 -5.91 -13.92 -26.16
CA TYR J 361 -5.79 -13.54 -27.56
C TYR J 361 -5.86 -14.75 -28.49
N ILE J 362 -4.90 -15.65 -28.36
CA ILE J 362 -4.80 -16.71 -29.37
C ILE J 362 -5.79 -17.82 -29.05
N ALA J 363 -6.32 -17.83 -27.82
CA ALA J 363 -7.30 -18.83 -27.45
C ALA J 363 -8.57 -18.68 -28.27
N ALA J 364 -9.18 -17.50 -28.24
CA ALA J 364 -10.30 -17.35 -29.19
C ALA J 364 -9.82 -16.73 -30.48
N GLY J 365 -8.53 -16.89 -30.75
CA GLY J 365 -8.05 -16.99 -32.12
C GLY J 365 -8.25 -18.37 -32.69
N LEU J 366 -7.30 -19.28 -32.48
CA LEU J 366 -7.44 -20.67 -32.88
C LEU J 366 -8.83 -21.26 -32.62
N GLY J 367 -9.57 -20.78 -31.62
CA GLY J 367 -11.00 -21.06 -31.59
C GLY J 367 -11.50 -21.69 -30.32
N VAL J 368 -10.74 -22.60 -29.73
CA VAL J 368 -11.15 -23.25 -28.50
C VAL J 368 -10.50 -22.51 -27.34
N SER J 369 -11.33 -22.11 -26.40
CA SER J 369 -10.91 -21.23 -25.33
C SER J 369 -9.92 -21.92 -24.40
N TYR J 370 -8.95 -21.15 -23.90
CA TYR J 370 -7.95 -21.74 -23.03
C TYR J 370 -8.50 -21.99 -21.61
N GLU J 371 -9.60 -21.31 -21.21
CA GLU J 371 -10.04 -21.58 -19.85
C GLU J 371 -10.43 -23.04 -19.70
N GLN J 372 -10.31 -23.81 -20.78
CA GLN J 372 -10.31 -25.27 -20.78
C GLN J 372 -9.19 -25.89 -21.61
N LEU J 373 -8.54 -25.16 -22.53
CA LEU J 373 -7.36 -25.76 -23.16
C LEU J 373 -6.21 -25.87 -22.19
N SER J 374 -6.24 -25.06 -21.13
CA SER J 374 -5.47 -25.37 -19.94
C SER J 374 -6.16 -25.04 -18.62
N ARG J 375 -7.47 -24.69 -18.65
CA ARG J 375 -8.47 -24.98 -17.61
C ARG J 375 -8.59 -23.93 -16.48
N ASN J 376 -8.07 -22.73 -16.68
CA ASN J 376 -8.24 -21.75 -15.59
C ASN J 376 -9.65 -21.70 -14.99
N TYR J 377 -9.75 -21.39 -13.70
CA TYR J 377 -11.06 -21.22 -13.10
C TYR J 377 -11.21 -19.82 -12.52
N ALA J 378 -10.37 -18.91 -13.02
CA ALA J 378 -10.23 -17.56 -12.51
C ALA J 378 -11.50 -16.77 -12.78
N GLN J 379 -12.11 -16.28 -11.70
CA GLN J 379 -13.23 -15.33 -11.72
C GLN J 379 -14.31 -15.67 -12.73
N MET J 380 -14.48 -16.95 -13.05
CA MET J 380 -15.47 -17.33 -14.05
C MET J 380 -16.82 -17.56 -13.38
N SER J 381 -17.88 -17.10 -14.03
CA SER J 381 -19.20 -16.97 -13.42
C SER J 381 -20.24 -17.80 -14.17
N TYR J 382 -21.50 -17.60 -13.81
CA TYR J 382 -22.56 -18.50 -14.28
C TYR J 382 -22.93 -18.20 -15.73
N SER J 383 -23.26 -16.94 -16.01
CA SER J 383 -23.49 -16.53 -17.39
C SER J 383 -22.25 -16.75 -18.23
N THR J 384 -21.08 -16.44 -17.67
CA THR J 384 -19.82 -16.82 -18.29
C THR J 384 -19.88 -18.25 -18.80
N ALA J 385 -20.14 -19.18 -17.88
CA ALA J 385 -20.07 -20.60 -18.19
C ALA J 385 -21.06 -20.98 -19.27
N ARG J 386 -22.35 -20.65 -19.10
CA ARG J 386 -23.30 -21.22 -20.05
C ARG J 386 -23.29 -20.49 -21.38
N ALA J 387 -22.99 -19.18 -21.40
CA ALA J 387 -22.85 -18.48 -22.67
C ALA J 387 -21.65 -19.03 -23.45
N SER J 388 -20.48 -19.13 -22.79
CA SER J 388 -19.32 -19.66 -23.47
C SER J 388 -19.57 -21.07 -23.98
N ALA J 389 -20.19 -21.91 -23.13
CA ALA J 389 -20.44 -23.29 -23.51
C ALA J 389 -21.38 -23.40 -24.69
N ASN J 390 -22.48 -22.64 -24.70
CA ASN J 390 -23.44 -22.80 -25.78
C ASN J 390 -22.90 -22.24 -27.08
N GLU J 391 -22.19 -21.10 -27.04
CA GLU J 391 -21.62 -20.59 -28.28
C GLU J 391 -20.55 -21.53 -28.83
N SER J 392 -19.68 -22.05 -27.96
CA SER J 392 -18.63 -22.95 -28.42
C SER J 392 -19.21 -24.25 -28.96
N TRP J 393 -20.26 -24.76 -28.31
CA TRP J 393 -20.87 -26.00 -28.77
C TRP J 393 -21.60 -25.82 -30.09
N ALA J 394 -22.31 -24.71 -30.27
CA ALA J 394 -22.93 -24.43 -31.56
C ALA J 394 -21.87 -24.29 -32.64
N TYR J 395 -20.71 -23.73 -32.28
CA TYR J 395 -19.65 -23.53 -33.26
C TYR J 395 -18.99 -24.85 -33.64
N PHE J 396 -18.87 -25.76 -32.68
CA PHE J 396 -18.46 -27.12 -33.00
C PHE J 396 -19.50 -27.85 -33.82
N MET J 397 -20.79 -27.54 -33.61
CA MET J 397 -21.81 -28.10 -34.48
C MET J 397 -21.60 -27.60 -35.90
N GLY J 398 -21.23 -26.33 -36.05
CA GLY J 398 -20.84 -25.77 -37.32
C GLY J 398 -19.70 -26.54 -37.97
N ARG J 399 -18.56 -26.63 -37.29
CA ARG J 399 -17.44 -27.41 -37.83
C ARG J 399 -17.83 -28.85 -38.15
N ARG J 400 -18.63 -29.49 -37.30
CA ARG J 400 -19.06 -30.86 -37.58
C ARG J 400 -19.83 -30.94 -38.88
N LYS J 401 -20.88 -30.13 -39.03
CA LYS J 401 -21.69 -30.14 -40.23
C LYS J 401 -20.91 -29.68 -41.46
N PHE J 402 -19.78 -29.00 -41.25
CA PHE J 402 -18.99 -28.50 -42.36
C PHE J 402 -17.92 -29.48 -42.84
N VAL J 403 -17.30 -30.25 -41.95
CA VAL J 403 -16.13 -31.07 -42.31
C VAL J 403 -16.32 -32.53 -41.92
N ALA J 404 -17.56 -32.94 -41.63
CA ALA J 404 -17.79 -34.36 -41.38
C ALA J 404 -18.80 -34.94 -42.36
N SER J 405 -19.81 -34.14 -42.73
CA SER J 405 -20.88 -34.64 -43.58
C SER J 405 -20.39 -34.98 -44.96
N ARG J 406 -19.33 -34.29 -45.44
CA ARG J 406 -18.75 -34.64 -46.72
C ARG J 406 -18.27 -36.08 -46.73
N GLN J 407 -17.42 -36.44 -45.78
CA GLN J 407 -16.88 -37.79 -45.72
C GLN J 407 -17.99 -38.80 -45.47
N ALA J 408 -18.92 -38.45 -44.58
CA ALA J 408 -20.03 -39.34 -44.29
C ALA J 408 -20.84 -39.64 -45.54
N SER J 409 -21.25 -38.61 -46.29
CA SER J 409 -22.05 -38.81 -47.48
C SER J 409 -21.27 -39.54 -48.57
N GLN J 410 -19.97 -39.25 -48.71
CA GLN J 410 -19.17 -39.92 -49.74
C GLN J 410 -19.07 -41.42 -49.45
N MET J 411 -18.74 -41.75 -48.20
CA MET J 411 -18.62 -43.17 -47.82
C MET J 411 -19.96 -43.87 -47.92
N PHE J 412 -21.03 -43.19 -47.50
CA PHE J 412 -22.36 -43.79 -47.59
C PHE J 412 -22.77 -44.02 -49.03
N LEU J 413 -22.45 -43.07 -49.93
CA LEU J 413 -22.76 -43.25 -51.34
C LEU J 413 -22.02 -44.45 -51.92
N CYS J 414 -20.74 -44.58 -51.61
CA CYS J 414 -19.99 -45.74 -52.12
C CYS J 414 -20.55 -47.05 -51.58
N TRP J 415 -20.84 -47.09 -50.28
CA TRP J 415 -21.35 -48.31 -49.67
C TRP J 415 -22.74 -48.65 -50.23
N LEU J 416 -23.58 -47.64 -50.43
CA LEU J 416 -24.92 -47.88 -50.95
C LEU J 416 -24.88 -48.32 -52.41
N GLU J 417 -23.96 -47.77 -53.19
CA GLU J 417 -23.76 -48.26 -54.55
C GLU J 417 -23.36 -49.73 -54.53
N GLU J 418 -22.45 -50.10 -53.64
CA GLU J 418 -22.06 -51.50 -53.53
C GLU J 418 -23.25 -52.37 -53.12
N ALA J 419 -24.06 -51.88 -52.18
CA ALA J 419 -25.22 -52.63 -51.72
C ALA J 419 -26.24 -52.83 -52.84
N ILE J 420 -26.44 -51.81 -53.68
CA ILE J 420 -27.34 -51.95 -54.82
C ILE J 420 -26.77 -52.94 -55.82
N VAL J 421 -25.44 -52.93 -56.00
CA VAL J 421 -24.80 -53.91 -56.87
C VAL J 421 -25.05 -55.32 -56.35
N ARG J 422 -24.96 -55.52 -55.05
CA ARG J 422 -25.10 -56.84 -54.44
C ARG J 422 -26.55 -57.21 -54.14
N ARG J 423 -27.49 -56.30 -54.39
CA ARG J 423 -28.90 -56.51 -54.07
C ARG J 423 -29.07 -56.89 -52.59
N VAL J 424 -28.41 -56.16 -51.71
CA VAL J 424 -28.60 -56.37 -50.28
C VAL J 424 -29.91 -55.75 -49.83
N VAL J 425 -30.12 -54.49 -50.18
CA VAL J 425 -31.36 -53.78 -49.90
C VAL J 425 -32.07 -53.53 -51.23
N THR J 426 -33.40 -53.49 -51.15
CA THR J 426 -34.25 -53.40 -52.33
C THR J 426 -34.68 -51.96 -52.55
N LEU J 427 -34.37 -51.42 -53.71
CA LEU J 427 -34.81 -50.09 -54.07
C LEU J 427 -36.33 -50.08 -54.29
N PRO J 428 -36.98 -48.93 -54.10
CA PRO J 428 -38.43 -48.86 -54.36
C PRO J 428 -38.74 -49.19 -55.81
N SER J 429 -39.84 -49.92 -56.01
CA SER J 429 -40.23 -50.33 -57.35
C SER J 429 -40.69 -49.15 -58.20
N LYS J 430 -41.28 -48.14 -57.56
CA LYS J 430 -41.79 -46.96 -58.25
C LYS J 430 -40.73 -45.88 -58.42
N ALA J 431 -39.46 -46.27 -58.48
CA ALA J 431 -38.37 -45.31 -58.61
C ALA J 431 -38.60 -44.36 -59.78
N ARG J 432 -38.82 -43.09 -59.46
CA ARG J 432 -39.01 -42.08 -60.50
C ARG J 432 -37.74 -41.88 -61.31
N PHE J 433 -36.59 -42.00 -60.66
CA PHE J 433 -35.29 -41.96 -61.32
C PHE J 433 -34.49 -43.19 -60.91
N SER J 434 -33.61 -43.63 -61.81
CA SER J 434 -32.79 -44.78 -61.54
C SER J 434 -31.80 -44.45 -60.41
N PHE J 435 -31.25 -45.51 -59.81
CA PHE J 435 -30.25 -45.33 -58.77
C PHE J 435 -29.06 -44.53 -59.28
N GLN J 436 -28.51 -44.92 -60.43
CA GLN J 436 -27.33 -44.24 -60.96
C GLN J 436 -27.63 -42.78 -61.28
N GLU J 437 -28.86 -42.48 -61.70
CA GLU J 437 -29.23 -41.11 -62.02
C GLU J 437 -29.45 -40.27 -60.77
N ALA J 438 -30.04 -40.83 -59.73
CA ALA J 438 -30.44 -40.09 -58.55
C ALA J 438 -29.74 -40.59 -57.30
N ARG J 439 -28.45 -40.91 -57.44
CA ARG J 439 -27.65 -41.28 -56.27
C ARG J 439 -27.73 -40.22 -55.18
N SER J 440 -27.71 -38.94 -55.57
CA SER J 440 -27.91 -37.88 -54.58
C SER J 440 -29.29 -37.94 -53.96
N ALA J 441 -30.33 -38.17 -54.77
CA ALA J 441 -31.69 -38.24 -54.24
C ALA J 441 -31.90 -39.50 -53.42
N TRP J 442 -31.49 -40.66 -53.95
CA TRP J 442 -31.62 -41.90 -53.19
C TRP J 442 -30.68 -41.91 -51.98
N GLY J 443 -29.41 -41.55 -52.19
CA GLY J 443 -28.44 -41.61 -51.12
C GLY J 443 -28.42 -40.37 -50.24
N ASN J 444 -29.53 -39.64 -50.21
CA ASN J 444 -29.64 -38.50 -49.31
C ASN J 444 -29.59 -39.00 -47.87
N CYS J 445 -28.70 -38.40 -47.07
CA CYS J 445 -28.48 -38.89 -45.72
C CYS J 445 -28.04 -37.75 -44.83
N ASP J 446 -28.23 -37.96 -43.53
CA ASP J 446 -27.71 -37.08 -42.49
C ASP J 446 -27.00 -37.93 -41.46
N TRP J 447 -26.22 -37.30 -40.60
CA TRP J 447 -25.39 -38.02 -39.65
C TRP J 447 -25.41 -37.32 -38.29
N ILE J 448 -25.26 -38.12 -37.25
CA ILE J 448 -25.33 -37.67 -35.86
C ILE J 448 -23.95 -37.84 -35.24
N GLY J 449 -23.44 -36.79 -34.61
CA GLY J 449 -22.12 -36.78 -34.05
C GLY J 449 -22.07 -37.25 -32.61
N SER J 450 -21.54 -36.41 -31.74
CA SER J 450 -21.34 -36.77 -30.35
C SER J 450 -22.68 -36.91 -29.64
N GLY J 451 -22.66 -37.53 -28.46
CA GLY J 451 -23.87 -37.86 -27.74
C GLY J 451 -24.56 -36.65 -27.12
N ARG J 452 -25.40 -36.94 -26.14
CA ARG J 452 -26.26 -35.95 -25.49
C ARG J 452 -25.44 -34.93 -24.68
N MET J 453 -25.51 -33.67 -25.07
CA MET J 453 -24.80 -32.60 -24.37
C MET J 453 -25.30 -32.43 -22.94
N ALA J 454 -24.37 -32.36 -21.99
CA ALA J 454 -24.72 -32.00 -20.63
C ALA J 454 -23.86 -30.84 -20.14
N ILE J 455 -24.52 -29.76 -19.73
CA ILE J 455 -23.80 -28.59 -19.23
C ILE J 455 -24.35 -28.16 -17.88
N ASP J 456 -25.68 -28.06 -17.74
CA ASP J 456 -26.30 -27.49 -16.55
C ASP J 456 -27.32 -28.43 -15.93
N GLY J 457 -27.98 -29.26 -16.72
CA GLY J 457 -29.08 -30.05 -16.23
C GLY J 457 -30.40 -29.31 -16.28
N LEU J 458 -30.60 -28.35 -15.37
CA LEU J 458 -31.82 -27.54 -15.33
C LEU J 458 -32.12 -26.96 -16.70
N LYS J 459 -31.08 -26.52 -17.40
CA LYS J 459 -31.25 -25.97 -18.75
C LYS J 459 -31.92 -26.99 -19.66
N GLU J 460 -31.25 -28.12 -19.86
CA GLU J 460 -31.75 -29.14 -20.79
C GLU J 460 -33.12 -29.65 -20.38
N VAL J 461 -33.39 -29.74 -19.08
CA VAL J 461 -34.65 -30.33 -18.65
C VAL J 461 -35.80 -29.35 -18.81
N GLN J 462 -35.56 -28.06 -18.58
CA GLN J 462 -36.64 -27.12 -18.83
C GLN J 462 -36.89 -26.98 -20.32
N GLU J 463 -35.83 -27.03 -21.13
CA GLU J 463 -36.01 -27.07 -22.57
C GLU J 463 -36.85 -28.28 -22.98
N ALA J 464 -36.51 -29.45 -22.42
CA ALA J 464 -37.22 -30.68 -22.78
C ALA J 464 -38.69 -30.61 -22.40
N VAL J 465 -38.99 -30.12 -21.18
CA VAL J 465 -40.38 -30.05 -20.76
C VAL J 465 -41.15 -29.06 -21.63
N MET J 466 -40.53 -27.91 -21.98
CA MET J 466 -41.23 -26.96 -22.82
C MET J 466 -41.50 -27.54 -24.21
N LEU J 467 -40.50 -28.22 -24.80
CA LEU J 467 -40.70 -28.80 -26.12
C LEU J 467 -41.76 -29.90 -26.09
N ILE J 468 -41.77 -30.72 -25.04
CA ILE J 468 -42.70 -31.84 -25.03
C ILE J 468 -44.11 -31.36 -24.68
N GLU J 469 -44.25 -30.21 -24.02
CA GLU J 469 -45.59 -29.72 -23.75
C GLU J 469 -46.15 -28.93 -24.93
N ALA J 470 -45.32 -28.12 -25.59
CA ALA J 470 -45.83 -27.31 -26.70
C ALA J 470 -45.77 -28.03 -28.04
N GLY J 471 -45.16 -29.21 -28.10
CA GLY J 471 -45.01 -29.89 -29.36
C GLY J 471 -44.04 -29.22 -30.31
N LEU J 472 -43.20 -28.31 -29.81
CA LEU J 472 -42.28 -27.56 -30.65
C LEU J 472 -41.06 -28.37 -31.07
N SER J 473 -41.04 -29.67 -30.82
CA SER J 473 -39.95 -30.54 -31.22
C SER J 473 -40.51 -31.74 -31.98
N THR J 474 -39.84 -32.09 -33.08
CA THR J 474 -40.23 -33.21 -33.92
C THR J 474 -39.43 -34.44 -33.57
N TYR J 475 -39.74 -35.55 -34.24
CA TYR J 475 -38.93 -36.75 -34.12
C TYR J 475 -37.49 -36.47 -34.49
N GLU J 476 -37.26 -35.89 -35.66
CA GLU J 476 -35.90 -35.76 -36.17
C GLU J 476 -35.06 -34.81 -35.32
N LYS J 477 -35.59 -33.62 -34.98
CA LYS J 477 -34.75 -32.70 -34.23
C LYS J 477 -34.73 -33.06 -32.74
N GLU J 478 -35.78 -33.71 -32.24
CA GLU J 478 -35.69 -34.25 -30.88
C GLU J 478 -34.59 -35.30 -30.77
N CYS J 479 -34.54 -36.24 -31.72
CA CYS J 479 -33.48 -37.24 -31.71
C CYS J 479 -32.12 -36.62 -31.97
N ALA J 480 -32.07 -35.52 -32.74
CA ALA J 480 -30.80 -34.81 -32.91
C ALA J 480 -30.33 -34.20 -31.60
N LYS J 481 -31.25 -33.59 -30.85
CA LYS J 481 -30.91 -33.01 -29.55
C LYS J 481 -30.53 -34.06 -28.51
N ARG J 482 -31.14 -35.24 -28.55
CA ARG J 482 -31.00 -36.22 -27.49
C ARG J 482 -30.00 -37.32 -27.81
N GLY J 483 -29.60 -37.46 -29.07
CA GLY J 483 -28.74 -38.56 -29.48
C GLY J 483 -29.37 -39.93 -29.36
N ASP J 484 -30.66 -40.04 -29.68
CA ASP J 484 -31.41 -41.29 -29.57
C ASP J 484 -32.24 -41.48 -30.83
N ASP J 485 -33.18 -42.42 -30.77
CA ASP J 485 -34.12 -42.67 -31.86
C ASP J 485 -35.53 -42.77 -31.30
N TYR J 486 -36.47 -42.11 -31.97
CA TYR J 486 -37.87 -42.14 -31.54
C TYR J 486 -38.48 -43.53 -31.66
N GLN J 487 -38.18 -44.26 -32.74
CA GLN J 487 -38.72 -45.62 -32.88
C GLN J 487 -38.28 -46.50 -31.71
N GLU J 488 -36.98 -46.46 -31.39
CA GLU J 488 -36.49 -47.31 -30.31
C GLU J 488 -36.95 -46.83 -28.94
N ILE J 489 -37.07 -45.51 -28.72
CA ILE J 489 -37.59 -45.03 -27.44
C ILE J 489 -39.03 -45.46 -27.26
N PHE J 490 -39.81 -45.46 -28.34
CA PHE J 490 -41.21 -45.89 -28.23
C PHE J 490 -41.31 -47.39 -28.01
N ALA J 491 -40.52 -48.18 -28.74
CA ALA J 491 -40.55 -49.63 -28.54
C ALA J 491 -40.10 -49.99 -27.13
N GLN J 492 -39.06 -49.32 -26.64
CA GLN J 492 -38.58 -49.61 -25.30
C GLN J 492 -39.51 -49.07 -24.23
N GLN J 493 -40.29 -48.03 -24.52
CA GLN J 493 -41.31 -47.62 -23.58
C GLN J 493 -42.46 -48.62 -23.54
N VAL J 494 -42.79 -49.20 -24.69
CA VAL J 494 -43.76 -50.31 -24.69
C VAL J 494 -43.26 -51.45 -23.82
N ARG J 495 -41.99 -51.82 -24.00
CA ARG J 495 -41.40 -52.88 -23.19
C ARG J 495 -41.38 -52.50 -21.72
N GLU J 496 -41.05 -51.24 -21.42
CA GLU J 496 -41.07 -50.75 -20.05
C GLU J 496 -42.44 -50.94 -19.43
N THR J 497 -43.47 -50.42 -20.10
CA THR J 497 -44.82 -50.46 -19.53
C THR J 497 -45.29 -51.91 -19.35
N MET J 498 -45.01 -52.78 -20.32
CA MET J 498 -45.51 -54.14 -20.20
C MET J 498 -44.75 -54.93 -19.13
N GLU J 499 -43.45 -54.68 -18.98
CA GLU J 499 -42.72 -55.36 -17.91
C GLU J 499 -43.12 -54.83 -16.54
N ARG J 500 -43.38 -53.53 -16.41
CA ARG J 500 -43.87 -52.99 -15.14
C ARG J 500 -45.22 -53.58 -14.81
N ARG J 501 -46.11 -53.69 -15.79
CA ARG J 501 -47.42 -54.30 -15.55
C ARG J 501 -47.29 -55.76 -15.15
N ALA J 502 -46.41 -56.52 -15.84
CA ALA J 502 -46.29 -57.94 -15.54
C ALA J 502 -45.63 -58.19 -14.19
N ALA J 503 -44.49 -57.54 -13.92
CA ALA J 503 -43.77 -57.74 -12.67
C ALA J 503 -44.44 -57.04 -11.49
N GLY J 504 -45.38 -56.14 -11.73
CA GLY J 504 -46.05 -55.44 -10.66
C GLY J 504 -45.56 -54.04 -10.41
N LEU J 505 -44.68 -53.51 -11.26
CA LEU J 505 -44.18 -52.16 -11.05
C LEU J 505 -45.20 -51.13 -11.52
N LYS J 506 -44.78 -49.87 -11.51
CA LYS J 506 -45.69 -48.76 -11.84
C LYS J 506 -45.24 -48.09 -13.13
N PRO J 507 -45.91 -48.34 -14.27
CA PRO J 507 -45.64 -47.74 -15.57
C PRO J 507 -45.43 -46.23 -15.52
N GLN K 34 19.17 -25.06 -23.58
CA GLN K 34 18.45 -26.14 -22.90
C GLN K 34 17.85 -27.10 -23.92
N LEU K 35 17.61 -26.60 -25.14
CA LEU K 35 17.18 -27.46 -26.23
C LEU K 35 18.24 -28.47 -26.63
N ARG K 36 19.41 -28.40 -25.99
CA ARG K 36 20.51 -29.30 -26.33
C ARG K 36 20.28 -30.74 -25.89
N SER K 37 19.75 -30.96 -24.68
CA SER K 37 19.60 -32.30 -24.15
C SER K 37 18.33 -32.99 -24.61
N TRP K 38 17.62 -32.40 -25.56
CA TRP K 38 16.34 -32.91 -26.06
C TRP K 38 16.11 -32.33 -27.44
N ASN K 39 16.03 -33.18 -28.45
CA ASN K 39 16.09 -32.63 -29.80
C ASN K 39 15.03 -33.19 -30.74
N PRO K 40 14.16 -32.34 -31.28
CA PRO K 40 13.18 -32.81 -32.25
C PRO K 40 13.72 -32.69 -33.67
N PRO K 41 13.68 -33.78 -34.44
CA PRO K 41 13.88 -33.65 -35.90
C PRO K 41 12.62 -33.11 -36.56
N SER K 42 12.82 -32.58 -37.77
CA SER K 42 11.73 -32.04 -38.58
C SER K 42 11.34 -33.06 -39.64
N GLU K 43 10.31 -33.85 -39.35
CA GLU K 43 9.89 -34.95 -40.21
C GLU K 43 8.54 -35.44 -39.71
N SER K 44 7.93 -36.35 -40.48
CA SER K 44 6.73 -37.03 -40.03
C SER K 44 6.94 -37.65 -38.66
N VAL K 45 5.87 -37.68 -37.87
CA VAL K 45 5.99 -38.02 -36.45
C VAL K 45 6.52 -39.44 -36.26
N ASP K 46 6.10 -40.38 -37.11
CA ASP K 46 6.56 -41.76 -36.96
C ASP K 46 8.07 -41.86 -37.13
N ALA K 47 8.61 -41.21 -38.17
CA ALA K 47 10.04 -41.27 -38.41
C ALA K 47 10.81 -40.30 -37.53
N ALA K 48 10.10 -39.42 -36.82
CA ALA K 48 10.71 -38.55 -35.84
C ALA K 48 10.75 -39.17 -34.44
N LEU K 49 9.91 -40.17 -34.18
CA LEU K 49 9.89 -40.88 -32.90
C LEU K 49 10.61 -42.21 -32.92
N LEU K 50 10.42 -43.04 -33.95
CA LEU K 50 11.03 -44.36 -33.93
C LEU K 50 12.56 -44.34 -33.80
N PRO K 51 13.31 -43.47 -34.50
CA PRO K 51 14.76 -43.43 -34.26
C PRO K 51 15.15 -43.15 -32.82
N ASN K 52 14.44 -42.26 -32.12
CA ASN K 52 14.70 -41.97 -30.72
C ASN K 52 13.67 -42.64 -29.81
N PHE K 53 13.22 -43.84 -30.18
CA PHE K 53 12.22 -44.54 -29.38
C PHE K 53 12.77 -44.95 -28.02
N THR K 54 13.97 -45.52 -27.99
CA THR K 54 14.52 -46.04 -26.74
C THR K 54 14.82 -44.93 -25.74
N ARG K 55 15.38 -43.80 -26.21
CA ARG K 55 15.71 -42.73 -25.28
C ARG K 55 14.46 -42.07 -24.70
N GLY K 56 13.48 -41.77 -25.54
CA GLY K 56 12.25 -41.17 -25.06
C GLY K 56 11.51 -42.08 -24.09
N ASN K 57 11.41 -43.36 -24.44
CA ASN K 57 10.73 -44.32 -23.56
C ASN K 57 11.50 -44.51 -22.27
N ALA K 58 12.83 -44.50 -22.32
CA ALA K 58 13.64 -44.68 -21.11
C ALA K 58 13.48 -43.50 -20.17
N ARG K 59 13.50 -42.27 -20.70
CA ARG K 59 13.30 -41.12 -19.83
C ARG K 59 11.85 -41.03 -19.38
N ALA K 60 10.92 -41.57 -20.16
CA ALA K 60 9.54 -41.71 -19.69
C ALA K 60 9.47 -42.65 -18.50
N ASP K 61 10.18 -43.78 -18.57
CA ASP K 61 10.27 -44.67 -17.41
C ASP K 61 10.86 -43.94 -16.22
N ASP K 62 11.93 -43.16 -16.46
CA ASP K 62 12.55 -42.41 -15.39
C ASP K 62 11.56 -41.48 -14.69
N LEU K 63 10.78 -40.74 -15.47
CA LEU K 63 9.87 -39.78 -14.84
C LEU K 63 8.66 -40.45 -14.22
N VAL K 64 8.13 -41.50 -14.85
CA VAL K 64 7.00 -42.21 -14.24
C VAL K 64 7.41 -42.98 -13.00
N ARG K 65 8.70 -43.25 -12.83
CA ARG K 65 9.18 -43.89 -11.62
C ARG K 65 9.53 -42.88 -10.53
N ASN K 66 10.19 -41.79 -10.89
CA ASN K 66 10.61 -40.77 -9.93
C ASN K 66 9.48 -39.81 -9.53
N ASN K 67 8.43 -39.73 -10.33
CA ASN K 67 7.44 -38.67 -10.21
C ASN K 67 6.07 -39.28 -9.91
N GLY K 68 5.31 -38.59 -9.06
CA GLY K 68 4.01 -39.12 -8.64
C GLY K 68 2.90 -38.82 -9.63
N TYR K 69 3.09 -37.81 -10.48
CA TYR K 69 2.04 -37.40 -11.40
C TYR K 69 1.58 -38.54 -12.31
N ALA K 70 2.53 -39.32 -12.83
CA ALA K 70 2.15 -40.43 -13.69
C ALA K 70 1.33 -41.47 -12.94
N ALA K 71 1.72 -41.76 -11.70
CA ALA K 71 0.95 -42.70 -10.89
C ALA K 71 -0.47 -42.20 -10.66
N ASN K 72 -0.61 -40.93 -10.30
CA ASN K 72 -1.95 -40.38 -10.07
C ASN K 72 -2.77 -40.40 -11.35
N ALA K 73 -2.14 -40.06 -12.48
CA ALA K 73 -2.86 -40.02 -13.74
C ALA K 73 -3.32 -41.41 -14.18
N ILE K 74 -2.46 -42.41 -14.04
CA ILE K 74 -2.85 -43.75 -14.42
C ILE K 74 -3.91 -44.29 -13.47
N GLN K 75 -3.82 -43.93 -12.19
CA GLN K 75 -4.82 -44.38 -11.22
C GLN K 75 -6.18 -43.76 -11.54
N LEU K 76 -6.22 -42.46 -11.85
CA LEU K 76 -7.50 -41.83 -12.16
C LEU K 76 -8.05 -42.35 -13.49
N HIS K 77 -7.17 -42.61 -14.46
CA HIS K 77 -7.64 -43.18 -15.72
C HIS K 77 -8.25 -44.55 -15.47
N GLN K 78 -7.61 -45.35 -14.62
CA GLN K 78 -8.18 -46.64 -14.25
C GLN K 78 -9.56 -46.46 -13.62
N ASP K 79 -9.67 -45.56 -12.64
CA ASP K 79 -10.90 -45.43 -11.87
C ASP K 79 -12.00 -44.71 -12.65
N HIS K 80 -11.66 -44.01 -13.73
CA HIS K 80 -12.69 -43.44 -14.58
C HIS K 80 -13.08 -44.36 -15.73
N ILE K 81 -12.15 -45.16 -16.25
CA ILE K 81 -12.43 -45.98 -17.41
C ILE K 81 -13.06 -47.30 -16.98
N VAL K 82 -12.37 -48.05 -16.13
CA VAL K 82 -12.87 -49.34 -15.68
C VAL K 82 -13.54 -49.18 -14.33
N GLY K 83 -12.90 -48.45 -13.43
CA GLY K 83 -13.39 -48.32 -12.08
C GLY K 83 -13.38 -49.65 -11.34
N SER K 84 -14.55 -50.00 -10.81
CA SER K 84 -14.69 -51.24 -10.07
C SER K 84 -14.51 -52.46 -10.98
N PHE K 85 -15.20 -52.47 -12.11
CA PHE K 85 -15.19 -53.62 -13.01
C PHE K 85 -15.55 -53.18 -14.42
N PHE K 86 -15.44 -54.13 -15.35
CA PHE K 86 -15.76 -53.90 -16.76
C PHE K 86 -16.75 -54.99 -17.16
N ARG K 87 -17.99 -54.58 -17.40
CA ARG K 87 -19.11 -55.51 -17.56
C ARG K 87 -19.41 -55.76 -19.03
N LEU K 88 -19.51 -57.04 -19.38
CA LEU K 88 -19.86 -57.45 -20.73
C LEU K 88 -21.37 -57.46 -20.93
N SER K 89 -21.80 -57.08 -22.13
CA SER K 89 -23.20 -57.19 -22.54
C SER K 89 -23.22 -57.62 -23.99
N HIS K 90 -23.74 -58.82 -24.24
CA HIS K 90 -23.73 -59.40 -25.58
C HIS K 90 -25.04 -59.07 -26.29
N ARG K 91 -24.94 -58.42 -27.44
CA ARG K 91 -26.11 -58.06 -28.26
C ARG K 91 -25.87 -58.53 -29.68
N PRO K 92 -26.09 -59.82 -29.96
CA PRO K 92 -26.01 -60.28 -31.34
C PRO K 92 -27.04 -59.55 -32.20
N SER K 93 -26.64 -59.28 -33.44
CA SER K 93 -27.48 -58.48 -34.34
C SER K 93 -28.68 -59.33 -34.73
N TRP K 94 -29.65 -59.37 -33.81
CA TRP K 94 -30.84 -60.19 -34.02
C TRP K 94 -31.64 -59.70 -35.22
N ARG K 95 -31.78 -58.38 -35.38
CA ARG K 95 -32.58 -57.84 -36.48
C ARG K 95 -31.97 -58.19 -37.82
N TYR K 96 -30.65 -58.03 -37.96
CA TYR K 96 -30.01 -58.29 -39.24
C TYR K 96 -29.88 -59.78 -39.51
N LEU K 97 -29.56 -60.57 -38.49
CA LEU K 97 -29.41 -62.01 -38.65
C LEU K 97 -30.74 -62.75 -38.66
N GLY K 98 -31.85 -62.07 -38.43
CA GLY K 98 -33.14 -62.75 -38.42
C GLY K 98 -33.42 -63.46 -37.12
N ILE K 99 -32.53 -63.33 -36.14
CA ILE K 99 -32.67 -63.95 -34.83
C ILE K 99 -33.75 -63.22 -34.06
N GLY K 100 -34.57 -63.98 -33.32
CA GLY K 100 -35.54 -63.35 -32.46
C GLY K 100 -34.87 -62.62 -31.31
N GLU K 101 -35.46 -61.50 -30.90
CA GLU K 101 -34.89 -60.72 -29.82
C GLU K 101 -34.94 -61.49 -28.49
N GLU K 102 -36.01 -62.25 -28.27
CA GLU K 102 -36.11 -63.03 -27.03
C GLU K 102 -35.06 -64.15 -27.00
N GLU K 103 -34.85 -64.83 -28.13
CA GLU K 103 -33.81 -65.85 -28.17
C GLU K 103 -32.43 -65.24 -28.00
N ALA K 104 -32.21 -64.08 -28.63
CA ALA K 104 -30.94 -63.38 -28.43
C ALA K 104 -30.74 -63.01 -26.98
N ARG K 105 -31.80 -62.58 -26.30
CA ARG K 105 -31.67 -62.16 -24.91
C ARG K 105 -31.41 -63.34 -23.99
N ALA K 106 -32.07 -64.48 -24.24
CA ALA K 106 -31.82 -65.66 -23.42
C ALA K 106 -30.43 -66.23 -23.67
N PHE K 107 -30.00 -66.25 -24.93
CA PHE K 107 -28.65 -66.68 -25.26
C PHE K 107 -27.62 -65.75 -24.62
N SER K 108 -27.92 -64.45 -24.59
CA SER K 108 -27.07 -63.49 -23.90
C SER K 108 -27.05 -63.74 -22.41
N ARG K 109 -28.19 -64.11 -21.82
CA ARG K 109 -28.21 -64.48 -20.41
C ARG K 109 -27.28 -65.63 -20.13
N GLU K 110 -27.35 -66.67 -20.97
CA GLU K 110 -26.48 -67.83 -20.80
C GLU K 110 -25.01 -67.45 -20.92
N VAL K 111 -24.67 -66.69 -21.96
CA VAL K 111 -23.26 -66.31 -22.15
C VAL K 111 -22.78 -65.38 -21.05
N GLU K 112 -23.67 -64.53 -20.52
CA GLU K 112 -23.25 -63.61 -19.47
C GLU K 112 -23.01 -64.36 -18.17
N ALA K 113 -23.88 -65.32 -17.83
CA ALA K 113 -23.64 -66.15 -16.66
C ALA K 113 -22.33 -66.91 -16.80
N ALA K 114 -22.10 -67.51 -17.98
CA ALA K 114 -20.86 -68.26 -18.19
C ALA K 114 -19.65 -67.34 -18.09
N TRP K 115 -19.72 -66.15 -18.68
CA TRP K 115 -18.57 -65.26 -18.68
C TRP K 115 -18.27 -64.72 -17.29
N LYS K 116 -19.32 -64.37 -16.53
CA LYS K 116 -19.07 -63.88 -15.17
C LYS K 116 -18.49 -64.98 -14.29
N GLU K 117 -19.01 -66.21 -14.39
CA GLU K 117 -18.46 -67.27 -13.56
C GLU K 117 -17.04 -67.65 -13.98
N PHE K 118 -16.72 -67.50 -15.28
CA PHE K 118 -15.37 -67.81 -15.73
C PHE K 118 -14.40 -66.69 -15.35
N ALA K 119 -14.88 -65.44 -15.30
CA ALA K 119 -14.02 -64.31 -14.98
C ALA K 119 -13.79 -64.19 -13.48
N GLU K 120 -14.74 -64.65 -12.65
CA GLU K 120 -14.64 -64.47 -11.21
C GLU K 120 -13.71 -65.48 -10.55
N ASP K 121 -12.83 -66.13 -11.32
CA ASP K 121 -11.94 -67.13 -10.75
C ASP K 121 -11.09 -66.51 -9.64
N ASP K 122 -11.12 -67.15 -8.46
CA ASP K 122 -10.52 -66.55 -7.28
C ASP K 122 -9.03 -66.87 -7.16
N CYS K 123 -8.53 -67.80 -7.99
CA CYS K 123 -7.13 -68.20 -7.87
C CYS K 123 -6.22 -67.48 -8.84
N CYS K 124 -6.68 -66.40 -9.47
CA CYS K 124 -5.86 -65.60 -10.39
C CYS K 124 -5.40 -66.43 -11.59
N CYS K 125 -6.20 -67.42 -11.98
CA CYS K 125 -5.71 -68.48 -12.84
C CYS K 125 -6.00 -68.24 -14.31
N ILE K 126 -6.56 -67.07 -14.67
CA ILE K 126 -6.98 -66.86 -16.05
C ILE K 126 -5.80 -66.39 -16.90
N ASP K 127 -4.65 -66.10 -16.28
CA ASP K 127 -3.47 -65.70 -17.02
C ASP K 127 -2.43 -66.82 -17.03
N VAL K 128 -1.57 -66.80 -18.06
CA VAL K 128 -0.47 -67.75 -18.12
C VAL K 128 0.51 -67.52 -16.98
N GLU K 129 0.73 -66.24 -16.63
CA GLU K 129 1.51 -65.91 -15.45
C GLU K 129 0.83 -66.37 -14.17
N ARG K 130 -0.47 -66.66 -14.23
CA ARG K 130 -1.21 -67.27 -13.12
C ARG K 130 -1.34 -66.31 -11.95
N LYS K 131 -1.16 -65.01 -12.21
CA LYS K 131 -1.23 -64.01 -11.16
C LYS K 131 -2.06 -62.78 -11.50
N ARG K 132 -2.94 -62.85 -12.50
CA ARG K 132 -3.79 -61.72 -12.83
C ARG K 132 -5.15 -62.23 -13.26
N THR K 133 -6.22 -61.62 -12.73
CA THR K 133 -7.57 -61.90 -13.19
C THR K 133 -7.91 -61.00 -14.38
N PHE K 134 -9.17 -61.03 -14.80
CA PHE K 134 -9.62 -60.18 -15.90
C PHE K 134 -9.46 -58.71 -15.57
N THR K 135 -9.68 -58.34 -14.30
CA THR K 135 -9.54 -56.95 -13.89
C THR K 135 -8.15 -56.44 -14.18
N MET K 136 -7.11 -57.17 -13.76
CA MET K 136 -5.75 -56.76 -14.03
C MET K 136 -5.29 -57.02 -15.46
N MET K 137 -5.91 -57.95 -16.19
CA MET K 137 -5.80 -57.91 -17.64
C MET K 137 -6.11 -56.53 -18.18
N ILE K 138 -7.30 -56.03 -17.88
CA ILE K 138 -7.69 -54.72 -18.38
C ILE K 138 -6.79 -53.64 -17.80
N ARG K 139 -6.39 -53.79 -16.54
CA ARG K 139 -5.55 -52.80 -15.87
C ARG K 139 -4.21 -52.64 -16.57
N GLU K 140 -3.46 -53.73 -16.69
CA GLU K 140 -2.15 -53.66 -17.33
C GLU K 140 -2.28 -53.28 -18.80
N GLY K 141 -3.31 -53.80 -19.48
CA GLY K 141 -3.49 -53.44 -20.88
C GLY K 141 -3.71 -51.96 -21.09
N VAL K 142 -4.61 -51.37 -20.31
CA VAL K 142 -4.90 -49.95 -20.46
C VAL K 142 -3.71 -49.11 -20.00
N ALA K 143 -3.01 -49.55 -18.95
CA ALA K 143 -1.85 -48.78 -18.48
C ALA K 143 -0.75 -48.75 -19.53
N MET K 144 -0.48 -49.89 -20.17
CA MET K 144 0.57 -49.95 -21.17
C MET K 144 0.15 -49.31 -22.48
N HIS K 145 -1.14 -49.36 -22.82
CA HIS K 145 -1.64 -48.65 -23.98
C HIS K 145 -1.70 -47.15 -23.73
N ALA K 146 -1.66 -46.74 -22.46
CA ALA K 146 -1.55 -45.32 -22.16
C ALA K 146 -0.09 -44.87 -22.23
N PHE K 147 0.80 -45.60 -21.57
CA PHE K 147 2.22 -45.28 -21.59
C PHE K 147 2.84 -45.36 -22.98
N ASN K 148 2.88 -46.55 -23.58
CA ASN K 148 3.49 -46.71 -24.90
C ASN K 148 2.52 -46.50 -26.05
N GLY K 149 1.22 -46.38 -25.79
CA GLY K 149 0.24 -46.25 -26.84
C GLY K 149 -0.22 -47.55 -27.45
N GLU K 150 0.34 -48.68 -27.03
CA GLU K 150 0.00 -49.97 -27.61
C GLU K 150 -0.13 -50.99 -26.49
N LEU K 151 -0.92 -52.02 -26.74
CA LEU K 151 -0.96 -53.18 -25.86
C LEU K 151 -0.96 -54.45 -26.69
N PHE K 152 -0.36 -55.49 -26.09
CA PHE K 152 -0.04 -56.75 -26.75
C PHE K 152 -0.63 -57.88 -25.92
N VAL K 153 -1.71 -58.49 -26.42
CA VAL K 153 -2.28 -59.66 -25.76
C VAL K 153 -2.06 -60.86 -26.67
N GLN K 154 -1.90 -62.04 -26.08
CA GLN K 154 -1.72 -63.29 -26.82
C GLN K 154 -2.67 -64.34 -26.28
N ALA K 155 -3.44 -64.93 -27.16
CA ALA K 155 -4.39 -65.99 -26.80
C ALA K 155 -3.67 -67.32 -26.87
N THR K 156 -3.31 -67.87 -25.72
CA THR K 156 -2.58 -69.13 -25.62
C THR K 156 -3.49 -70.22 -25.08
N TRP K 157 -3.10 -71.47 -25.32
CA TRP K 157 -3.87 -72.62 -24.90
C TRP K 157 -3.28 -73.17 -23.60
N ASP K 158 -3.86 -72.74 -22.48
CA ASP K 158 -3.53 -73.29 -21.18
C ASP K 158 -3.93 -74.76 -21.10
N THR K 159 -3.18 -75.52 -20.30
CA THR K 159 -3.48 -76.92 -20.06
C THR K 159 -4.06 -77.19 -18.67
N SER K 160 -4.14 -76.16 -17.81
CA SER K 160 -4.68 -76.36 -16.48
C SER K 160 -6.18 -76.61 -16.54
N SER K 161 -6.59 -77.80 -16.10
CA SER K 161 -7.95 -78.29 -16.26
C SER K 161 -8.89 -77.86 -15.14
N SER K 162 -8.48 -76.90 -14.31
CA SER K 162 -9.36 -76.44 -13.24
C SER K 162 -10.58 -75.69 -13.75
N ARG K 163 -10.56 -75.27 -15.01
CA ARG K 163 -11.67 -74.55 -15.63
C ARG K 163 -12.05 -75.25 -16.92
N LEU K 164 -13.27 -74.97 -17.40
CA LEU K 164 -13.73 -75.62 -18.61
C LEU K 164 -13.02 -75.07 -19.84
N PHE K 165 -12.55 -73.83 -19.78
CA PHE K 165 -12.01 -73.13 -20.94
C PHE K 165 -10.48 -73.15 -20.90
N ARG K 166 -9.88 -73.80 -21.90
CA ARG K 166 -8.43 -73.93 -22.00
C ARG K 166 -7.75 -72.74 -22.65
N THR K 167 -8.37 -71.58 -22.74
CA THR K 167 -7.71 -70.43 -23.35
C THR K 167 -7.38 -69.39 -22.28
N GLN K 168 -6.10 -69.05 -22.18
CA GLN K 168 -5.66 -67.93 -21.34
C GLN K 168 -5.11 -66.84 -22.24
N PHE K 169 -4.86 -65.68 -21.66
CA PHE K 169 -4.38 -64.53 -22.41
C PHE K 169 -3.19 -63.91 -21.71
N ARG K 170 -2.01 -64.12 -22.29
CA ARG K 170 -0.75 -63.64 -21.73
C ARG K 170 -0.38 -62.34 -22.42
N MET K 171 -0.04 -61.32 -21.63
CA MET K 171 0.30 -60.02 -22.20
C MET K 171 1.80 -59.97 -22.47
N VAL K 172 2.15 -59.32 -23.58
CA VAL K 172 3.50 -59.35 -24.15
C VAL K 172 4.10 -57.95 -24.03
N SER K 173 5.33 -57.88 -23.55
CA SER K 173 5.98 -56.60 -23.32
C SER K 173 6.29 -55.89 -24.64
N PRO K 174 6.28 -54.55 -24.64
CA PRO K 174 6.66 -53.82 -25.86
C PRO K 174 8.16 -53.83 -26.13
N LYS K 175 8.97 -54.14 -25.12
CA LYS K 175 10.41 -54.28 -25.37
C LYS K 175 10.70 -55.47 -26.26
N ARG K 176 9.80 -56.46 -26.27
CA ARG K 176 9.96 -57.66 -27.07
C ARG K 176 9.92 -57.38 -28.57
N ILE K 177 9.16 -56.39 -29.00
CA ILE K 177 8.97 -56.10 -30.42
C ILE K 177 10.13 -55.24 -30.92
N SER K 178 11.14 -55.91 -31.46
CA SER K 178 12.20 -55.26 -32.22
C SER K 178 12.51 -56.16 -33.40
N ASN K 179 13.24 -55.61 -34.37
CA ASN K 179 13.62 -56.40 -35.52
C ASN K 179 14.48 -57.58 -35.07
N PRO K 180 14.46 -58.70 -35.81
CA PRO K 180 15.21 -59.88 -35.37
C PRO K 180 16.67 -59.56 -35.10
N ASN K 181 17.05 -59.70 -33.84
CA ASN K 181 18.39 -59.37 -33.35
C ASN K 181 18.65 -57.86 -33.44
N ASN K 182 17.67 -57.08 -32.98
CA ASN K 182 17.86 -55.65 -32.72
C ASN K 182 18.36 -54.88 -33.96
N THR K 183 18.16 -55.46 -35.15
CA THR K 183 18.57 -54.77 -36.36
C THR K 183 17.71 -53.53 -36.56
N GLY K 184 18.27 -52.54 -37.25
CA GLY K 184 17.51 -51.33 -37.53
C GLY K 184 16.36 -51.62 -38.47
N ASP K 185 15.47 -50.64 -38.61
CA ASP K 185 14.34 -50.77 -39.51
C ASP K 185 14.80 -51.16 -40.91
N SER K 186 13.95 -51.93 -41.59
CA SER K 186 14.28 -52.39 -42.94
C SER K 186 13.14 -52.08 -43.90
N ARG K 187 13.20 -52.65 -45.11
CA ARG K 187 12.17 -52.43 -46.11
C ARG K 187 10.79 -52.80 -45.56
N ASN K 188 10.60 -54.07 -45.21
CA ASN K 188 9.33 -54.56 -44.70
C ASN K 188 9.39 -55.01 -43.25
N CYS K 189 10.58 -55.27 -42.72
CA CYS K 189 10.76 -55.55 -41.30
C CYS K 189 11.08 -54.23 -40.61
N ARG K 190 10.10 -53.67 -39.91
CA ARG K 190 10.17 -52.29 -39.45
C ARG K 190 9.92 -52.25 -37.96
N ALA K 191 10.98 -52.08 -37.18
CA ALA K 191 10.90 -51.99 -35.72
C ALA K 191 10.23 -53.23 -35.12
N GLY K 192 10.43 -54.38 -35.76
CA GLY K 192 9.91 -55.62 -35.24
C GLY K 192 8.69 -56.17 -35.91
N VAL K 193 7.98 -55.36 -36.68
CA VAL K 193 6.77 -55.82 -37.37
C VAL K 193 7.12 -56.07 -38.83
N GLN K 194 6.74 -57.26 -39.30
CA GLN K 194 6.90 -57.64 -40.70
C GLN K 194 5.61 -57.32 -41.42
N ILE K 195 5.67 -56.36 -42.34
CA ILE K 195 4.51 -55.89 -43.08
C ILE K 195 4.80 -56.02 -44.57
N ASN K 196 3.79 -55.72 -45.37
CA ASN K 196 3.95 -55.70 -46.81
C ASN K 196 4.28 -54.28 -47.27
N ASP K 197 4.32 -54.06 -48.58
CA ASP K 197 4.49 -52.70 -49.09
C ASP K 197 3.28 -51.84 -48.74
N SER K 198 2.09 -52.45 -48.72
CA SER K 198 0.86 -51.76 -48.35
C SER K 198 0.74 -51.53 -46.85
N GLY K 199 1.65 -52.10 -46.06
CA GLY K 199 1.67 -51.88 -44.62
C GLY K 199 0.97 -52.92 -43.78
N ALA K 200 0.27 -53.87 -44.40
CA ALA K 200 -0.51 -54.85 -43.65
C ALA K 200 0.36 -55.62 -42.67
N ALA K 201 0.01 -55.53 -41.39
CA ALA K 201 0.80 -56.11 -40.32
C ALA K 201 0.64 -57.63 -40.36
N LEU K 202 1.67 -58.32 -40.88
CA LEU K 202 1.64 -59.77 -40.91
C LEU K 202 1.98 -60.37 -39.56
N GLY K 203 3.18 -60.10 -39.05
CA GLY K 203 3.59 -60.66 -37.79
C GLY K 203 4.66 -59.83 -37.13
N TYR K 204 5.25 -60.41 -36.10
CA TYR K 204 6.08 -59.69 -35.14
C TYR K 204 7.25 -60.57 -34.72
N TYR K 205 8.34 -59.90 -34.32
CA TYR K 205 9.53 -60.57 -33.80
C TYR K 205 9.65 -60.26 -32.32
N VAL K 206 9.22 -61.21 -31.49
CA VAL K 206 9.23 -61.08 -30.04
C VAL K 206 10.62 -61.45 -29.53
N SER K 207 11.33 -60.47 -28.98
CA SER K 207 12.61 -60.74 -28.33
C SER K 207 12.36 -61.43 -27.00
N GLU K 208 13.32 -62.26 -26.60
CA GLU K 208 13.20 -62.98 -25.34
C GLU K 208 13.20 -62.01 -24.16
N ASP K 209 12.51 -62.40 -23.09
CA ASP K 209 12.43 -61.60 -21.89
C ASP K 209 13.81 -61.31 -21.34
N GLY K 210 13.95 -60.15 -20.67
CA GLY K 210 15.17 -59.72 -20.05
C GLY K 210 15.20 -59.73 -18.53
N TYR K 211 14.31 -60.48 -17.89
CA TYR K 211 14.26 -60.59 -16.44
C TYR K 211 14.45 -62.04 -16.00
N PRO K 212 15.58 -62.38 -15.37
CA PRO K 212 16.59 -61.51 -14.75
C PRO K 212 17.41 -60.72 -15.78
N GLY K 213 18.11 -59.68 -15.34
CA GLY K 213 18.75 -58.76 -16.24
C GLY K 213 19.84 -59.36 -17.10
N TRP K 214 19.97 -60.70 -17.06
CA TRP K 214 20.99 -61.36 -17.86
C TRP K 214 20.44 -62.48 -18.74
N MET K 215 19.21 -62.35 -19.24
CA MET K 215 18.88 -63.29 -20.30
C MET K 215 19.16 -62.63 -21.64
N PRO K 216 19.71 -63.38 -22.61
CA PRO K 216 19.83 -62.84 -23.97
C PRO K 216 18.47 -62.79 -24.63
N GLN K 217 18.35 -61.94 -25.66
CA GLN K 217 17.10 -61.85 -26.39
C GLN K 217 17.20 -62.70 -27.66
N LYS K 218 16.17 -63.50 -27.90
CA LYS K 218 15.99 -64.21 -29.16
C LYS K 218 14.63 -63.87 -29.73
N TRP K 219 14.57 -63.61 -31.03
CA TRP K 219 13.37 -63.10 -31.69
C TRP K 219 12.58 -64.25 -32.29
N THR K 220 11.30 -64.31 -31.95
CA THR K 220 10.40 -65.38 -32.36
C THR K 220 9.24 -64.80 -33.17
N TRP K 221 8.79 -65.56 -34.17
CA TRP K 221 7.74 -65.11 -35.08
C TRP K 221 6.38 -65.24 -34.42
N ILE K 222 5.56 -64.20 -34.53
CA ILE K 222 4.19 -64.22 -34.00
C ILE K 222 3.25 -63.53 -34.99
N PRO K 223 2.32 -64.25 -35.61
CA PRO K 223 1.39 -63.59 -36.53
C PRO K 223 0.39 -62.74 -35.75
N ARG K 224 -0.15 -61.71 -36.42
CA ARG K 224 -1.09 -60.81 -35.76
C ARG K 224 -2.42 -61.52 -35.47
N GLU K 225 -2.96 -62.21 -36.46
CA GLU K 225 -4.21 -62.94 -36.28
C GLU K 225 -4.19 -64.18 -37.18
N LEU K 226 -5.00 -65.17 -36.80
CA LEU K 226 -5.14 -66.36 -37.60
C LEU K 226 -6.03 -66.08 -38.82
N PRO K 227 -5.82 -66.82 -39.91
CA PRO K 227 -6.61 -66.53 -41.13
C PRO K 227 -8.11 -66.67 -40.94
N GLY K 228 -8.57 -67.60 -40.10
CA GLY K 228 -9.97 -67.79 -39.85
C GLY K 228 -10.64 -66.74 -39.01
N GLY K 229 -9.98 -65.59 -38.79
CA GLY K 229 -10.50 -64.55 -37.94
C GLY K 229 -10.17 -64.71 -36.47
N ARG K 230 -9.51 -65.80 -36.08
CA ARG K 230 -9.14 -65.99 -34.68
C ARG K 230 -8.13 -64.93 -34.26
N ALA K 231 -8.40 -64.31 -33.12
CA ALA K 231 -7.56 -63.22 -32.61
C ALA K 231 -6.45 -63.80 -31.75
N SER K 232 -5.33 -64.13 -32.39
CA SER K 232 -4.20 -64.69 -31.64
C SER K 232 -3.39 -63.61 -30.95
N PHE K 233 -2.79 -62.70 -31.73
CA PHE K 233 -1.97 -61.62 -31.19
C PHE K 233 -2.73 -60.31 -31.30
N ILE K 234 -3.44 -59.95 -30.23
CA ILE K 234 -4.23 -58.74 -30.16
C ILE K 234 -3.28 -57.57 -29.96
N HIS K 235 -3.04 -56.82 -31.03
CA HIS K 235 -2.17 -55.66 -31.01
C HIS K 235 -3.01 -54.41 -31.16
N VAL K 236 -3.37 -53.79 -30.04
CA VAL K 236 -4.25 -52.63 -30.05
C VAL K 236 -3.42 -51.38 -29.77
N PHE K 237 -3.33 -50.50 -30.75
CA PHE K 237 -2.62 -49.24 -30.58
C PHE K 237 -3.36 -48.16 -31.35
N GLU K 238 -3.18 -46.93 -30.92
CA GLU K 238 -3.78 -45.78 -31.60
C GLU K 238 -2.76 -45.16 -32.53
N PRO K 239 -2.92 -45.28 -33.84
CA PRO K 239 -2.02 -44.59 -34.77
C PRO K 239 -2.48 -43.18 -35.08
N VAL K 240 -1.59 -42.22 -34.78
CA VAL K 240 -1.84 -40.82 -35.08
C VAL K 240 -1.88 -40.54 -36.58
N GLU K 241 -1.13 -41.30 -37.38
CA GLU K 241 -1.15 -41.14 -38.82
C GLU K 241 -1.06 -42.51 -39.47
N ASP K 242 -1.12 -42.53 -40.80
CA ASP K 242 -1.00 -43.77 -41.55
C ASP K 242 0.41 -44.34 -41.44
N GLY K 243 0.49 -45.67 -41.48
CA GLY K 243 1.76 -46.34 -41.46
C GLY K 243 2.47 -46.32 -40.13
N GLN K 244 1.93 -45.62 -39.13
CA GLN K 244 2.52 -45.57 -37.81
C GLN K 244 2.35 -46.94 -37.15
N THR K 245 3.38 -47.37 -36.41
CA THR K 245 3.37 -48.69 -35.79
C THR K 245 3.28 -48.64 -34.28
N ARG K 246 3.61 -47.50 -33.66
CA ARG K 246 3.68 -47.39 -32.21
C ARG K 246 2.73 -46.29 -31.74
N GLY K 247 2.45 -46.28 -30.45
CA GLY K 247 1.51 -45.32 -29.91
C GLY K 247 2.18 -44.02 -29.49
N ALA K 248 1.54 -43.35 -28.54
CA ALA K 248 1.96 -42.03 -28.08
C ALA K 248 2.84 -42.16 -26.85
N ASN K 249 3.60 -41.10 -26.56
CA ASN K 249 4.54 -41.12 -25.46
C ASN K 249 4.02 -40.31 -24.26
N VAL K 250 4.88 -40.15 -23.26
CA VAL K 250 4.59 -39.19 -22.21
C VAL K 250 5.74 -38.20 -22.02
N PHE K 251 6.98 -38.69 -21.85
CA PHE K 251 8.15 -37.86 -21.53
C PHE K 251 8.37 -36.73 -22.51
N TYR K 252 8.02 -36.94 -23.78
CA TYR K 252 8.31 -35.95 -24.82
C TYR K 252 7.44 -34.72 -24.65
N SER K 253 6.61 -34.70 -23.61
CA SER K 253 5.92 -33.50 -23.14
C SER K 253 6.06 -33.30 -21.64
N VAL K 254 6.97 -34.02 -20.98
CA VAL K 254 7.10 -33.98 -19.52
C VAL K 254 8.51 -33.57 -19.10
N MET K 255 9.42 -33.46 -20.07
CA MET K 255 10.76 -32.97 -19.73
C MET K 255 10.67 -31.60 -19.04
N GLU K 256 9.64 -30.81 -19.37
CA GLU K 256 9.56 -29.46 -18.85
C GLU K 256 9.10 -29.46 -17.39
N GLN K 257 8.22 -30.39 -16.99
CA GLN K 257 8.01 -30.57 -15.55
C GLN K 257 9.29 -31.02 -14.86
N MET K 258 10.03 -31.95 -15.49
CA MET K 258 11.27 -32.39 -14.87
C MET K 258 12.17 -31.19 -14.55
N LYS K 259 12.37 -30.31 -15.52
CA LYS K 259 13.34 -29.24 -15.33
C LYS K 259 12.78 -28.03 -14.58
N MET K 260 11.46 -27.78 -14.65
CA MET K 260 10.83 -26.83 -13.74
C MET K 260 10.88 -27.30 -12.28
N LEU K 261 10.60 -28.57 -12.01
CA LEU K 261 10.70 -29.02 -10.62
C LEU K 261 12.14 -28.90 -10.15
N ASP K 262 13.10 -29.25 -11.01
CA ASP K 262 14.51 -29.07 -10.64
C ASP K 262 14.83 -27.60 -10.34
N THR K 263 14.39 -26.67 -11.20
CA THR K 263 14.78 -25.28 -11.03
C THR K 263 14.09 -24.65 -9.82
N LEU K 264 12.80 -24.95 -9.61
CA LEU K 264 12.13 -24.43 -8.42
C LEU K 264 12.75 -25.01 -7.16
N GLN K 265 13.12 -26.29 -7.21
CA GLN K 265 13.74 -26.93 -6.06
C GLN K 265 15.06 -26.25 -5.71
N ASN K 266 15.92 -26.06 -6.71
CA ASN K 266 17.22 -25.46 -6.49
C ASN K 266 17.10 -24.00 -6.07
N THR K 267 16.14 -23.27 -6.64
CA THR K 267 16.01 -21.86 -6.30
C THR K 267 15.44 -21.68 -4.89
N GLN K 268 14.56 -22.59 -4.46
CA GLN K 268 14.14 -22.53 -3.07
C GLN K 268 15.28 -22.88 -2.13
N LEU K 269 16.11 -23.87 -2.49
CA LEU K 269 17.26 -24.18 -1.67
C LEU K 269 18.21 -22.99 -1.53
N GLN K 270 18.55 -22.33 -2.65
CA GLN K 270 19.43 -21.18 -2.58
C GLN K 270 18.81 -20.04 -1.78
N SER K 271 17.52 -19.78 -1.99
CA SER K 271 16.86 -18.71 -1.25
C SER K 271 16.90 -18.97 0.25
N ALA K 272 16.61 -20.22 0.64
CA ALA K 272 16.62 -20.57 2.06
C ALA K 272 18.02 -20.44 2.65
N ILE K 273 19.04 -20.90 1.91
CA ILE K 273 20.37 -20.91 2.49
C ILE K 273 20.99 -19.51 2.52
N VAL K 274 20.49 -18.58 1.68
CA VAL K 274 21.13 -17.27 1.65
C VAL K 274 20.25 -16.16 2.21
N LYS K 275 19.04 -16.48 2.73
CA LYS K 275 18.39 -15.40 3.48
C LYS K 275 19.25 -14.86 4.64
N ALA K 276 20.08 -15.61 5.36
CA ALA K 276 20.89 -15.05 6.43
C ALA K 276 22.31 -15.60 6.43
N MET K 277 22.94 -15.67 5.26
CA MET K 277 24.37 -15.94 5.22
C MET K 277 25.11 -14.69 5.65
N TYR K 278 26.12 -14.86 6.50
CA TYR K 278 26.76 -13.73 7.16
C TYR K 278 28.26 -13.92 7.14
N ALA K 279 28.98 -12.85 6.79
CA ALA K 279 30.44 -12.85 6.74
C ALA K 279 30.96 -12.25 8.05
N ALA K 280 31.83 -13.00 8.73
CA ALA K 280 32.37 -12.55 10.02
C ALA K 280 33.87 -12.39 9.86
N THR K 281 34.30 -11.21 9.43
CA THR K 281 35.72 -10.91 9.28
C THR K 281 36.08 -9.77 10.20
N ILE K 282 37.37 -9.43 10.23
CA ILE K 282 37.87 -8.33 11.04
C ILE K 282 38.64 -7.37 10.16
N GLU K 283 38.29 -6.10 10.24
CA GLU K 283 39.04 -5.01 9.62
C GLU K 283 39.58 -4.12 10.74
N SER K 284 40.50 -3.23 10.39
CA SER K 284 41.01 -2.27 11.36
C SER K 284 41.22 -0.94 10.66
N GLU K 285 41.61 0.06 11.44
CA GLU K 285 41.91 1.38 10.89
C GLU K 285 43.21 1.37 10.09
N LEU K 286 44.35 1.09 10.75
CA LEU K 286 45.64 0.83 10.12
C LEU K 286 45.83 1.59 8.83
N ASP K 287 46.18 0.86 7.77
CA ASP K 287 45.94 1.25 6.38
C ASP K 287 46.40 2.67 6.09
N THR K 288 47.68 2.93 6.38
CA THR K 288 48.21 4.26 6.09
C THR K 288 48.70 4.34 4.65
N GLN K 289 47.87 3.89 3.70
CA GLN K 289 48.06 4.08 2.27
C GLN K 289 49.50 3.84 1.83
N SER K 290 50.24 4.95 1.68
CA SER K 290 51.63 4.89 1.24
C SER K 290 52.49 4.12 2.24
N ALA K 291 52.28 4.36 3.53
CA ALA K 291 53.05 3.64 4.54
C ALA K 291 52.77 2.15 4.51
N MET K 292 51.50 1.75 4.38
CA MET K 292 51.17 0.32 4.30
C MET K 292 51.78 -0.32 3.06
N ASP K 293 51.69 0.39 1.92
CA ASP K 293 52.27 -0.15 0.69
C ASP K 293 53.78 -0.28 0.80
N PHE K 294 54.44 0.71 1.38
CA PHE K 294 55.90 0.66 1.56
C PHE K 294 56.28 -0.48 2.51
N ILE K 295 55.51 -0.66 3.58
CA ILE K 295 55.78 -1.77 4.49
C ILE K 295 55.61 -3.11 3.80
N LEU K 296 54.56 -3.26 2.99
CA LEU K 296 54.35 -4.50 2.26
C LEU K 296 55.47 -4.77 1.26
N GLY K 297 55.92 -3.73 0.55
CA GLY K 297 57.00 -3.89 -0.40
C GLY K 297 58.32 -4.23 0.30
N ALA K 298 58.60 -3.58 1.43
CA ALA K 298 59.80 -3.89 2.19
C ALA K 298 59.75 -5.31 2.73
N ASN K 299 58.56 -5.76 3.15
CA ASN K 299 58.42 -7.14 3.59
C ASN K 299 58.67 -8.11 2.43
N SER K 300 58.12 -7.80 1.25
CA SER K 300 58.33 -8.66 0.09
C SER K 300 59.81 -8.73 -0.26
N GLN K 301 60.52 -7.62 -0.15
CA GLN K 301 61.94 -7.61 -0.51
C GLN K 301 62.79 -8.28 0.56
N GLU K 302 62.88 -7.66 1.75
CA GLU K 302 63.71 -8.24 2.80
C GLU K 302 63.17 -8.06 4.22
N GLN K 303 61.99 -7.47 4.42
CA GLN K 303 61.62 -7.09 5.78
C GLN K 303 60.35 -7.80 6.21
N ARG K 304 60.32 -9.13 5.99
CA ARG K 304 59.20 -9.96 6.44
C ARG K 304 59.05 -9.97 7.96
N GLU K 305 60.07 -9.51 8.69
CA GLU K 305 59.94 -9.45 10.15
C GLU K 305 58.82 -8.49 10.57
N ARG K 306 58.56 -7.44 9.79
CA ARG K 306 57.41 -6.59 10.08
C ARG K 306 56.11 -7.36 10.01
N LEU K 307 55.93 -8.15 8.94
CA LEU K 307 54.71 -8.95 8.82
C LEU K 307 54.61 -9.98 9.93
N THR K 308 55.74 -10.62 10.26
CA THR K 308 55.72 -11.61 11.35
C THR K 308 55.34 -10.96 12.67
N GLY K 309 55.90 -9.78 12.96
CA GLY K 309 55.56 -9.08 14.18
C GLY K 309 54.11 -8.65 14.22
N TRP K 310 53.58 -8.16 13.11
CA TRP K 310 52.17 -7.77 13.07
C TRP K 310 51.27 -8.98 13.23
N ILE K 311 51.62 -10.10 12.60
CA ILE K 311 50.82 -11.32 12.74
C ILE K 311 50.85 -11.81 14.18
N GLY K 312 52.02 -11.74 14.82
CA GLY K 312 52.10 -12.10 16.23
C GLY K 312 51.25 -11.20 17.10
N GLU K 313 51.29 -9.89 16.84
CA GLU K 313 50.48 -8.95 17.61
C GLU K 313 48.99 -9.21 17.41
N ILE K 314 48.58 -9.56 16.19
CA ILE K 314 47.17 -9.80 15.93
C ILE K 314 46.72 -11.14 16.52
N ALA K 315 47.61 -12.13 16.50
CA ALA K 315 47.30 -13.40 17.15
C ALA K 315 47.15 -13.21 18.65
N ALA K 316 48.04 -12.44 19.26
CA ALA K 316 47.89 -12.08 20.68
C ALA K 316 46.62 -11.27 20.88
N TYR K 317 46.25 -10.46 19.90
CA TYR K 317 45.03 -9.67 19.98
C TYR K 317 43.81 -10.58 20.08
N TYR K 318 43.69 -11.53 19.16
CA TYR K 318 42.57 -12.45 19.13
C TYR K 318 42.61 -13.48 20.24
N ALA K 319 43.77 -13.67 20.89
CA ALA K 319 43.83 -14.61 22.00
C ALA K 319 43.76 -13.90 23.34
N ALA K 320 43.77 -12.57 23.35
CA ALA K 320 43.55 -11.82 24.59
C ALA K 320 42.18 -11.18 24.63
N ALA K 321 41.60 -10.90 23.46
CA ALA K 321 40.21 -10.49 23.29
C ALA K 321 39.20 -11.62 23.48
N PRO K 322 39.56 -12.88 23.20
CA PRO K 322 38.60 -13.80 22.56
C PRO K 322 37.55 -13.10 21.73
N VAL K 323 37.89 -12.85 20.46
CA VAL K 323 36.97 -12.23 19.52
C VAL K 323 35.94 -13.27 19.13
N ARG K 324 34.78 -13.23 19.79
CA ARG K 324 33.73 -14.22 19.60
C ARG K 324 32.40 -13.49 19.45
N LEU K 325 31.60 -13.91 18.48
CA LEU K 325 30.39 -13.16 18.17
C LEU K 325 29.17 -13.72 18.91
N GLY K 326 29.00 -15.04 18.89
CA GLY K 326 27.77 -15.66 19.35
C GLY K 326 28.01 -16.92 20.16
N GLY K 327 27.47 -18.03 19.70
CA GLY K 327 27.92 -19.32 20.19
C GLY K 327 29.16 -19.85 19.52
N ALA K 328 29.58 -19.22 18.41
CA ALA K 328 30.70 -19.69 17.62
C ALA K 328 31.81 -18.65 17.58
N LYS K 329 33.02 -19.12 17.28
CA LYS K 329 34.18 -18.25 17.17
C LYS K 329 34.19 -17.53 15.83
N VAL K 330 34.54 -16.24 15.86
CA VAL K 330 34.70 -15.45 14.64
C VAL K 330 35.89 -16.03 13.88
N PRO K 331 35.72 -16.41 12.61
CA PRO K 331 36.85 -16.99 11.87
C PRO K 331 38.00 -16.01 11.75
N HIS K 332 39.20 -16.54 11.99
CA HIS K 332 40.40 -15.75 12.21
C HIS K 332 40.74 -14.92 10.98
N LEU K 333 40.56 -13.61 11.12
CA LEU K 333 40.92 -12.65 10.09
C LEU K 333 41.71 -11.50 10.71
N MET K 334 43.02 -11.52 10.50
CA MET K 334 43.84 -10.37 10.81
C MET K 334 43.46 -9.19 9.91
N PRO K 335 43.70 -7.96 10.38
CA PRO K 335 43.13 -6.79 9.73
C PRO K 335 43.50 -6.64 8.26
N GLY K 336 42.59 -6.02 7.51
CA GLY K 336 42.86 -5.60 6.15
C GLY K 336 42.31 -6.47 5.05
N ASP K 337 41.43 -7.42 5.36
CA ASP K 337 40.84 -8.30 4.36
C ASP K 337 39.44 -8.68 4.79
N SER K 338 38.47 -8.49 3.89
CA SER K 338 37.09 -8.85 4.15
C SER K 338 36.40 -9.22 2.85
N LEU K 339 35.33 -10.00 2.98
CA LEU K 339 34.54 -10.42 1.83
C LEU K 339 33.54 -9.33 1.46
N ASN K 340 33.32 -9.17 0.15
CA ASN K 340 32.36 -8.20 -0.39
C ASN K 340 31.15 -8.97 -0.91
N LEU K 341 30.19 -9.23 -0.02
CA LEU K 341 29.00 -10.01 -0.37
C LEU K 341 27.88 -9.09 -0.83
N GLN K 342 28.21 -8.21 -1.76
CA GLN K 342 27.20 -7.43 -2.46
C GLN K 342 26.45 -8.34 -3.42
N THR K 343 25.15 -8.13 -3.56
CA THR K 343 24.25 -9.11 -4.12
C THR K 343 23.84 -8.75 -5.55
N ALA K 344 23.00 -9.60 -6.14
CA ALA K 344 22.41 -9.35 -7.44
C ALA K 344 21.08 -8.62 -7.24
N GLN K 345 20.25 -8.57 -8.28
CA GLN K 345 18.98 -7.86 -8.19
C GLN K 345 18.07 -8.51 -7.15
N ASP K 346 17.14 -7.71 -6.63
CA ASP K 346 16.32 -8.14 -5.50
C ASP K 346 14.83 -7.94 -5.77
N THR K 347 14.40 -8.21 -7.00
CA THR K 347 12.98 -8.18 -7.32
C THR K 347 12.37 -9.53 -6.95
N ASP K 348 11.04 -9.60 -6.84
CA ASP K 348 10.40 -10.88 -6.58
C ASP K 348 10.68 -11.85 -7.73
N ASN K 349 10.84 -13.12 -7.37
CA ASN K 349 11.24 -14.15 -8.31
C ASN K 349 10.17 -14.40 -9.39
N GLY K 350 8.91 -14.06 -9.12
CA GLY K 350 7.87 -14.29 -10.11
C GLY K 350 7.46 -15.74 -10.26
N TYR K 351 8.25 -16.64 -9.69
CA TYR K 351 7.98 -18.08 -9.80
C TYR K 351 6.55 -18.41 -9.41
N SER K 352 5.93 -17.61 -8.54
CA SER K 352 4.56 -17.85 -8.15
C SER K 352 3.64 -17.91 -9.36
N VAL K 353 3.54 -16.80 -10.11
CA VAL K 353 2.62 -16.79 -11.23
C VAL K 353 3.20 -17.58 -12.41
N PHE K 354 4.54 -17.67 -12.52
CA PHE K 354 5.07 -18.63 -13.48
C PHE K 354 4.51 -20.02 -13.26
N GLU K 355 4.60 -20.52 -12.02
CA GLU K 355 4.23 -21.91 -11.76
C GLU K 355 2.73 -22.10 -11.85
N GLN K 356 1.93 -21.14 -11.37
CA GLN K 356 0.48 -21.28 -11.54
C GLN K 356 0.10 -21.31 -13.01
N SER K 357 0.66 -20.39 -13.81
CA SER K 357 0.37 -20.37 -15.24
C SER K 357 0.78 -21.67 -15.90
N LEU K 358 1.98 -22.20 -15.58
CA LEU K 358 2.45 -23.39 -16.26
C LEU K 358 1.73 -24.65 -15.78
N LEU K 359 1.25 -24.66 -14.52
CA LEU K 359 0.56 -25.84 -14.01
C LEU K 359 -0.84 -25.93 -14.61
N ARG K 360 -1.61 -24.84 -14.53
CA ARG K 360 -2.68 -24.55 -15.48
C ARG K 360 -2.42 -25.10 -16.88
N TYR K 361 -1.38 -24.56 -17.51
CA TYR K 361 -0.97 -24.87 -18.87
C TYR K 361 -0.93 -26.36 -19.13
N ILE K 362 -0.07 -27.08 -18.43
CA ILE K 362 0.18 -28.46 -18.80
C ILE K 362 -0.91 -29.34 -18.21
N ALA K 363 -1.68 -28.81 -17.25
CA ALA K 363 -2.77 -29.58 -16.67
C ALA K 363 -3.84 -29.87 -17.70
N ALA K 364 -4.38 -28.83 -18.34
CA ALA K 364 -5.28 -29.18 -19.45
C ALA K 364 -4.51 -29.21 -20.77
N GLY K 365 -3.20 -29.43 -20.66
CA GLY K 365 -2.47 -30.11 -21.70
C GLY K 365 -2.64 -31.61 -21.60
N LEU K 366 -1.80 -32.28 -20.82
CA LEU K 366 -1.93 -33.71 -20.55
C LEU K 366 -3.37 -34.17 -20.34
N GLY K 367 -4.27 -33.32 -19.86
CA GLY K 367 -5.68 -33.60 -19.98
C GLY K 367 -6.46 -33.61 -18.70
N VAL K 368 -5.89 -34.11 -17.61
CA VAL K 368 -6.57 -34.14 -16.33
C VAL K 368 -6.13 -32.93 -15.54
N SER K 369 -7.10 -32.18 -15.07
CA SER K 369 -6.87 -30.88 -14.47
C SER K 369 -6.11 -31.03 -13.14
N TYR K 370 -5.21 -30.07 -12.87
CA TYR K 370 -4.45 -30.15 -11.64
C TYR K 370 -5.28 -29.74 -10.41
N GLU K 371 -6.39 -29.00 -10.59
CA GLU K 371 -7.12 -28.64 -9.38
C GLU K 371 -7.61 -29.89 -8.66
N GLN K 372 -7.32 -31.06 -9.23
CA GLN K 372 -7.40 -32.35 -8.55
C GLN K 372 -6.17 -33.23 -8.77
N LEU K 373 -5.31 -32.98 -9.77
CA LEU K 373 -4.06 -33.75 -9.79
C LEU K 373 -3.14 -33.35 -8.66
N SER K 374 -3.33 -32.15 -8.12
CA SER K 374 -2.85 -31.86 -6.80
C SER K 374 -3.77 -30.98 -5.95
N ARG K 375 -5.02 -30.74 -6.39
CA ARG K 375 -6.22 -30.56 -5.56
C ARG K 375 -6.50 -29.11 -5.10
N ASN K 376 -5.88 -28.12 -5.72
CA ASN K 376 -6.21 -26.76 -5.25
C ASN K 376 -7.71 -26.50 -5.05
N TYR K 377 -8.06 -25.64 -4.09
CA TYR K 377 -9.44 -25.26 -3.91
C TYR K 377 -9.62 -23.75 -4.08
N ALA K 378 -8.65 -23.15 -4.76
CA ALA K 378 -8.54 -21.70 -4.91
C ALA K 378 -9.68 -21.19 -5.76
N GLN K 379 -10.46 -20.28 -5.18
CA GLN K 379 -11.49 -19.49 -5.85
C GLN K 379 -12.38 -20.30 -6.79
N MET K 380 -12.56 -21.59 -6.52
CA MET K 380 -13.34 -22.43 -7.40
C MET K 380 -14.81 -22.38 -6.99
N SER K 381 -15.70 -22.33 -7.99
CA SER K 381 -17.09 -21.99 -7.78
C SER K 381 -18.01 -23.11 -8.27
N TYR K 382 -19.31 -22.82 -8.30
CA TYR K 382 -20.30 -23.88 -8.51
C TYR K 382 -20.36 -24.30 -9.97
N SER K 383 -20.55 -23.31 -10.86
CA SER K 383 -20.49 -23.60 -12.29
C SER K 383 -19.12 -24.12 -12.67
N THR K 384 -18.06 -23.54 -12.09
CA THR K 384 -16.73 -24.11 -12.19
C THR K 384 -16.76 -25.62 -11.99
N ALA K 385 -17.25 -26.03 -10.82
CA ALA K 385 -17.20 -27.43 -10.43
C ALA K 385 -17.98 -28.31 -11.40
N ARG K 386 -19.26 -27.99 -11.65
CA ARG K 386 -20.03 -28.97 -12.40
C ARG K 386 -19.71 -28.94 -13.89
N ALA K 387 -19.34 -27.77 -14.45
CA ALA K 387 -18.90 -27.73 -15.84
C ALA K 387 -17.62 -28.52 -16.03
N SER K 388 -16.61 -28.26 -15.17
CA SER K 388 -15.36 -29.00 -15.28
C SER K 388 -15.59 -30.49 -15.13
N ALA K 389 -16.40 -30.87 -14.13
CA ALA K 389 -16.65 -32.28 -13.87
C ALA K 389 -17.35 -32.96 -15.04
N ASN K 390 -18.38 -32.33 -15.61
CA ASN K 390 -19.11 -33.02 -16.67
C ASN K 390 -18.29 -33.09 -17.95
N GLU K 391 -17.54 -32.03 -18.29
CA GLU K 391 -16.71 -32.12 -19.48
C GLU K 391 -15.61 -33.16 -19.31
N SER K 392 -14.96 -33.18 -18.14
CA SER K 392 -13.88 -34.15 -17.92
C SER K 392 -14.43 -35.58 -17.91
N TRP K 393 -15.61 -35.78 -17.33
CA TRP K 393 -16.18 -37.12 -17.27
C TRP K 393 -16.63 -37.60 -18.65
N ALA K 394 -17.22 -36.72 -19.45
CA ALA K 394 -17.55 -37.09 -20.83
C ALA K 394 -16.29 -37.42 -21.62
N TYR K 395 -15.21 -36.71 -21.32
CA TYR K 395 -13.97 -36.94 -22.05
C TYR K 395 -13.32 -38.25 -21.64
N PHE K 396 -13.44 -38.62 -20.37
CA PHE K 396 -13.04 -39.95 -19.94
C PHE K 396 -13.95 -41.02 -20.53
N MET K 397 -15.23 -40.71 -20.74
CA MET K 397 -16.08 -41.64 -21.45
C MET K 397 -15.57 -41.84 -22.87
N GLY K 398 -15.11 -40.77 -23.49
CA GLY K 398 -14.44 -40.84 -24.78
C GLY K 398 -13.24 -41.77 -24.76
N ARG K 399 -12.26 -41.49 -23.89
CA ARG K 399 -11.10 -42.39 -23.78
C ARG K 399 -11.51 -43.83 -23.48
N ARG K 400 -12.49 -44.03 -22.61
CA ARG K 400 -12.93 -45.40 -22.31
C ARG K 400 -13.43 -46.10 -23.56
N LYS K 401 -14.39 -45.49 -24.27
CA LYS K 401 -14.93 -46.09 -25.47
C LYS K 401 -13.91 -46.20 -26.59
N PHE K 402 -12.80 -45.46 -26.49
CA PHE K 402 -11.77 -45.50 -27.52
C PHE K 402 -10.70 -46.54 -27.27
N VAL K 403 -10.30 -46.79 -26.02
CA VAL K 403 -9.15 -47.63 -25.72
C VAL K 403 -9.48 -48.75 -24.75
N ALA K 404 -10.77 -49.04 -24.56
CA ALA K 404 -11.13 -50.20 -23.75
C ALA K 404 -11.96 -51.19 -24.54
N SER K 405 -12.83 -50.70 -25.42
CA SER K 405 -13.74 -51.59 -26.15
C SER K 405 -12.99 -52.50 -27.10
N ARG K 406 -11.84 -52.06 -27.60
CA ARG K 406 -11.03 -52.94 -28.44
C ARG K 406 -10.63 -54.20 -27.69
N GLN K 407 -10.01 -54.04 -26.52
CA GLN K 407 -9.57 -55.20 -25.74
C GLN K 407 -10.76 -56.02 -25.30
N ALA K 408 -11.82 -55.34 -24.87
CA ALA K 408 -13.02 -56.04 -24.44
C ALA K 408 -13.58 -56.93 -25.55
N SER K 409 -13.77 -56.37 -26.75
CA SER K 409 -14.33 -57.13 -27.86
C SER K 409 -13.39 -58.24 -28.30
N GLN K 410 -12.09 -57.99 -28.29
CA GLN K 410 -11.13 -59.02 -28.72
C GLN K 410 -11.18 -60.21 -27.77
N MET K 411 -11.12 -59.93 -26.46
CA MET K 411 -11.16 -61.00 -25.46
C MET K 411 -12.49 -61.73 -25.50
N PHE K 412 -13.58 -60.98 -25.66
CA PHE K 412 -14.89 -61.60 -25.73
C PHE K 412 -15.02 -62.49 -26.96
N LEU K 413 -14.48 -62.05 -28.10
CA LEU K 413 -14.51 -62.86 -29.30
C LEU K 413 -13.74 -64.16 -29.11
N CYS K 414 -12.55 -64.09 -28.52
CA CYS K 414 -11.78 -65.32 -28.29
C CYS K 414 -12.52 -66.25 -27.33
N TRP K 415 -13.05 -65.71 -26.24
CA TRP K 415 -13.75 -66.53 -25.26
C TRP K 415 -15.02 -67.15 -25.86
N LEU K 416 -15.74 -66.38 -26.68
CA LEU K 416 -16.97 -66.89 -27.29
C LEU K 416 -16.65 -67.95 -28.33
N GLU K 417 -15.56 -67.78 -29.09
CA GLU K 417 -15.13 -68.84 -30.00
C GLU K 417 -14.83 -70.11 -29.23
N GLU K 418 -14.14 -69.99 -28.10
CA GLU K 418 -13.86 -71.17 -27.28
C GLU K 418 -15.15 -71.79 -26.76
N ALA K 419 -16.10 -70.96 -26.35
CA ALA K 419 -17.37 -71.47 -25.84
C ALA K 419 -18.15 -72.21 -26.93
N ILE K 420 -18.13 -71.70 -28.15
CA ILE K 420 -18.79 -72.38 -29.26
C ILE K 420 -18.07 -73.69 -29.56
N VAL K 421 -16.75 -73.71 -29.45
CA VAL K 421 -16.00 -74.95 -29.62
C VAL K 421 -16.44 -75.98 -28.58
N ARG K 422 -16.62 -75.55 -27.34
CA ARG K 422 -16.94 -76.44 -26.24
C ARG K 422 -18.44 -76.70 -26.11
N ARG K 423 -19.26 -76.05 -26.93
CA ARG K 423 -20.72 -76.14 -26.84
C ARG K 423 -21.21 -75.82 -25.43
N VAL K 424 -20.68 -74.73 -24.85
CA VAL K 424 -21.17 -74.27 -23.56
C VAL K 424 -22.51 -73.57 -23.72
N VAL K 425 -22.57 -72.63 -24.65
CA VAL K 425 -23.79 -71.92 -24.99
C VAL K 425 -24.23 -72.32 -26.38
N THR K 426 -25.53 -72.32 -26.61
CA THR K 426 -26.13 -72.82 -27.84
C THR K 426 -26.42 -71.65 -28.78
N LEU K 427 -25.85 -71.69 -29.97
CA LEU K 427 -26.14 -70.70 -30.99
C LEU K 427 -27.58 -70.86 -31.48
N PRO K 428 -28.20 -69.78 -31.97
CA PRO K 428 -29.55 -69.90 -32.53
C PRO K 428 -29.59 -70.88 -33.69
N SER K 429 -30.67 -71.66 -33.76
CA SER K 429 -30.81 -72.66 -34.80
C SER K 429 -31.02 -72.01 -36.17
N LYS K 430 -31.66 -70.85 -36.20
CA LYS K 430 -31.96 -70.14 -37.45
C LYS K 430 -30.83 -69.21 -37.86
N ALA K 431 -29.58 -69.54 -37.49
CA ALA K 431 -28.45 -68.70 -37.82
C ALA K 431 -28.39 -68.40 -39.31
N ARG K 432 -28.59 -67.13 -39.65
CA ARG K 432 -28.52 -66.72 -41.06
C ARG K 432 -27.11 -66.86 -41.59
N PHE K 433 -26.11 -66.62 -40.74
CA PHE K 433 -24.71 -66.84 -41.07
C PHE K 433 -24.07 -67.70 -40.00
N SER K 434 -23.07 -68.47 -40.40
CA SER K 434 -22.38 -69.33 -39.45
C SER K 434 -21.62 -68.49 -38.43
N PHE K 435 -21.25 -69.13 -37.32
CA PHE K 435 -20.47 -68.44 -36.30
C PHE K 435 -19.16 -67.92 -36.86
N GLN K 436 -18.43 -68.76 -37.58
CA GLN K 436 -17.13 -68.37 -38.11
C GLN K 436 -17.27 -67.23 -39.11
N GLU K 437 -18.37 -67.20 -39.86
CA GLU K 437 -18.59 -66.15 -40.84
C GLU K 437 -19.01 -64.83 -40.20
N ALA K 438 -19.82 -64.89 -39.14
CA ALA K 438 -20.42 -63.69 -38.55
C ALA K 438 -20.00 -63.54 -37.10
N ARG K 439 -18.73 -63.85 -36.80
CA ARG K 439 -18.19 -63.59 -35.46
C ARG K 439 -18.44 -62.15 -35.02
N SER K 440 -18.28 -61.20 -35.94
CA SER K 440 -18.60 -59.81 -35.61
C SER K 440 -20.08 -59.64 -35.32
N ALA K 441 -20.95 -60.26 -36.13
CA ALA K 441 -22.38 -60.13 -35.92
C ALA K 441 -22.82 -60.88 -34.67
N TRP K 442 -22.38 -62.13 -34.52
CA TRP K 442 -22.73 -62.89 -33.32
C TRP K 442 -22.05 -62.31 -32.08
N GLY K 443 -20.76 -62.04 -32.16
CA GLY K 443 -20.02 -61.55 -31.02
C GLY K 443 -20.11 -60.06 -30.82
N ASN K 444 -21.16 -59.43 -31.35
CA ASN K 444 -21.39 -58.02 -31.10
C ASN K 444 -21.64 -57.79 -29.63
N CYS K 445 -20.91 -56.86 -29.03
CA CYS K 445 -20.98 -56.66 -27.59
C CYS K 445 -20.66 -55.22 -27.25
N ASP K 446 -21.12 -54.82 -26.07
CA ASP K 446 -20.77 -53.54 -25.47
C ASP K 446 -20.33 -53.79 -24.04
N TRP K 447 -19.70 -52.79 -23.44
CA TRP K 447 -19.12 -52.96 -22.12
C TRP K 447 -19.37 -51.73 -21.27
N ILE K 448 -19.47 -51.95 -19.95
CA ILE K 448 -19.79 -50.92 -18.98
C ILE K 448 -18.58 -50.73 -18.08
N GLY K 449 -18.15 -49.49 -17.92
CA GLY K 449 -16.96 -49.16 -17.16
C GLY K 449 -17.23 -48.93 -15.70
N SER K 450 -16.83 -47.74 -15.22
CA SER K 450 -16.95 -47.42 -13.81
C SER K 450 -18.40 -47.28 -13.40
N GLY K 451 -18.65 -47.29 -12.09
CA GLY K 451 -19.99 -47.29 -11.56
C GLY K 451 -20.72 -45.97 -11.72
N ARG K 452 -21.76 -45.81 -10.90
CA ARG K 452 -22.67 -44.67 -10.97
C ARG K 452 -21.97 -43.36 -10.58
N MET K 453 -21.88 -42.42 -11.50
CA MET K 453 -21.28 -41.12 -11.24
C MET K 453 -22.05 -40.34 -10.18
N ALA K 454 -21.31 -39.80 -9.21
CA ALA K 454 -21.91 -38.87 -8.26
C ALA K 454 -21.10 -37.58 -8.20
N ILE K 455 -21.77 -36.46 -8.47
CA ILE K 455 -21.11 -35.16 -8.43
C ILE K 455 -21.88 -34.17 -7.56
N ASP K 456 -23.19 -34.09 -7.76
CA ASP K 456 -24.01 -33.06 -7.11
C ASP K 456 -25.19 -33.64 -6.35
N GLY K 457 -25.72 -34.78 -6.80
CA GLY K 457 -26.94 -35.31 -6.23
C GLY K 457 -28.18 -34.73 -6.88
N LEU K 458 -28.51 -33.46 -6.57
CA LEU K 458 -29.66 -32.78 -7.16
C LEU K 458 -29.65 -32.90 -8.67
N LYS K 459 -28.46 -32.78 -9.27
CA LYS K 459 -28.34 -32.93 -10.71
C LYS K 459 -28.87 -34.28 -11.18
N GLU K 460 -28.23 -35.36 -10.70
CA GLU K 460 -28.59 -36.69 -11.14
C GLU K 460 -30.04 -37.02 -10.83
N VAL K 461 -30.57 -36.51 -9.71
CA VAL K 461 -31.93 -36.90 -9.32
C VAL K 461 -32.96 -36.15 -10.15
N GLN K 462 -32.71 -34.89 -10.48
CA GLN K 462 -33.66 -34.21 -11.35
C GLN K 462 -33.60 -34.78 -12.75
N GLU K 463 -32.40 -35.15 -13.22
CA GLU K 463 -32.30 -35.86 -14.49
C GLU K 463 -33.10 -37.16 -14.45
N ALA K 464 -32.95 -37.92 -13.37
CA ALA K 464 -33.63 -39.21 -13.25
C ALA K 464 -35.14 -39.03 -13.26
N VAL K 465 -35.65 -38.06 -12.49
CA VAL K 465 -37.09 -37.86 -12.45
C VAL K 465 -37.61 -37.41 -13.81
N MET K 466 -36.88 -36.53 -14.50
CA MET K 466 -37.34 -36.10 -15.81
C MET K 466 -37.36 -37.27 -16.80
N LEU K 467 -36.31 -38.09 -16.79
CA LEU K 467 -36.27 -39.23 -17.71
C LEU K 467 -37.37 -40.23 -17.40
N ILE K 468 -37.64 -40.49 -16.12
CA ILE K 468 -38.62 -41.51 -15.79
C ILE K 468 -40.03 -40.99 -15.98
N GLU K 469 -40.23 -39.67 -15.97
CA GLU K 469 -41.58 -39.17 -16.24
C GLU K 469 -41.84 -39.03 -17.73
N ALA K 470 -40.86 -38.58 -18.51
CA ALA K 470 -41.09 -38.38 -19.93
C ALA K 470 -40.80 -39.63 -20.75
N GLY K 471 -40.26 -40.68 -20.14
CA GLY K 471 -39.90 -41.87 -20.90
C GLY K 471 -38.72 -41.66 -21.83
N LEU K 472 -37.95 -40.59 -21.64
CA LEU K 472 -36.84 -40.27 -22.52
C LEU K 472 -35.60 -41.13 -22.27
N SER K 473 -35.72 -42.17 -21.46
CA SER K 473 -34.62 -43.08 -21.18
C SER K 473 -35.08 -44.52 -21.40
N THR K 474 -34.23 -45.31 -22.06
CA THR K 474 -34.51 -46.70 -22.36
C THR K 474 -33.86 -47.60 -21.33
N TYR K 475 -34.10 -48.91 -21.47
CA TYR K 475 -33.40 -49.88 -20.64
C TYR K 475 -31.89 -49.75 -20.79
N GLU K 476 -31.41 -49.75 -22.04
CA GLU K 476 -29.97 -49.81 -22.26
C GLU K 476 -29.27 -48.54 -21.79
N LYS K 477 -29.78 -47.36 -22.15
CA LYS K 477 -29.06 -46.16 -21.74
C LYS K 477 -29.35 -45.80 -20.29
N GLU K 478 -30.51 -46.18 -19.76
CA GLU K 478 -30.73 -46.04 -18.33
C GLU K 478 -29.74 -46.87 -17.53
N CYS K 479 -29.54 -48.13 -17.91
CA CYS K 479 -28.57 -48.97 -17.24
C CYS K 479 -27.14 -48.48 -17.47
N ALA K 480 -26.88 -47.87 -18.62
CA ALA K 480 -25.57 -47.26 -18.84
C ALA K 480 -25.34 -46.09 -17.88
N LYS K 481 -26.35 -45.24 -17.70
CA LYS K 481 -26.25 -44.12 -16.78
C LYS K 481 -26.14 -44.56 -15.33
N ARG K 482 -26.80 -45.65 -14.94
CA ARG K 482 -26.92 -46.02 -13.53
C ARG K 482 -25.94 -47.11 -13.11
N GLY K 483 -25.30 -47.79 -14.06
CA GLY K 483 -24.44 -48.93 -13.73
C GLY K 483 -25.17 -50.11 -13.13
N ASP K 484 -26.37 -50.41 -13.62
CA ASP K 484 -27.19 -51.50 -13.11
C ASP K 484 -27.77 -52.29 -14.28
N ASP K 485 -28.75 -53.13 -13.98
CA ASP K 485 -29.47 -53.89 -15.00
C ASP K 485 -30.96 -53.78 -14.76
N TYR K 486 -31.71 -53.54 -15.84
CA TYR K 486 -33.17 -53.44 -15.74
C TYR K 486 -33.82 -54.75 -15.33
N GLN K 487 -33.35 -55.88 -15.86
CA GLN K 487 -33.92 -57.16 -15.47
C GLN K 487 -33.78 -57.40 -13.97
N GLU K 488 -32.57 -57.15 -13.43
CA GLU K 488 -32.36 -57.39 -12.02
C GLU K 488 -33.05 -56.36 -11.15
N ILE K 489 -33.14 -55.10 -11.59
CA ILE K 489 -33.87 -54.11 -10.80
C ILE K 489 -35.35 -54.46 -10.73
N PHE K 490 -35.90 -54.99 -11.84
CA PHE K 490 -37.31 -55.37 -11.82
C PHE K 490 -37.55 -56.62 -10.97
N ALA K 491 -36.67 -57.62 -11.08
CA ALA K 491 -36.81 -58.82 -10.25
C ALA K 491 -36.68 -58.47 -8.77
N GLN K 492 -35.72 -57.60 -8.44
CA GLN K 492 -35.53 -57.23 -7.05
C GLN K 492 -36.63 -56.30 -6.56
N GLN K 493 -37.27 -55.55 -7.45
CA GLN K 493 -38.43 -54.77 -7.03
C GLN K 493 -39.62 -55.70 -6.76
N VAL K 494 -39.75 -56.76 -7.56
CA VAL K 494 -40.75 -57.79 -7.26
C VAL K 494 -40.50 -58.37 -5.87
N ARG K 495 -39.25 -58.74 -5.60
CA ARG K 495 -38.89 -59.28 -4.30
C ARG K 495 -39.15 -58.26 -3.19
N GLU K 496 -38.81 -56.99 -3.44
CA GLU K 496 -39.07 -55.93 -2.48
C GLU K 496 -40.55 -55.86 -2.15
N THR K 497 -41.40 -55.76 -3.16
CA THR K 497 -42.83 -55.61 -2.93
C THR K 497 -43.41 -56.81 -2.20
N MET K 498 -43.00 -58.02 -2.60
CA MET K 498 -43.58 -59.20 -1.97
C MET K 498 -43.10 -59.37 -0.53
N GLU K 499 -41.83 -59.03 -0.24
CA GLU K 499 -41.37 -59.10 1.14
C GLU K 499 -42.01 -58.03 2.00
N ARG K 500 -42.21 -56.83 1.46
CA ARG K 500 -42.91 -55.80 2.22
C ARG K 500 -44.34 -56.22 2.51
N ARG K 501 -45.02 -56.80 1.52
CA ARG K 501 -46.39 -57.29 1.75
C ARG K 501 -46.42 -58.40 2.79
N ALA K 502 -45.47 -59.34 2.71
CA ALA K 502 -45.48 -60.46 3.65
C ALA K 502 -45.12 -60.03 5.07
N ALA K 503 -44.02 -59.30 5.23
CA ALA K 503 -43.57 -58.86 6.55
C ALA K 503 -44.43 -57.73 7.11
N GLY K 504 -45.25 -57.08 6.31
CA GLY K 504 -46.08 -56.00 6.79
C GLY K 504 -45.57 -54.61 6.46
N LEU K 505 -44.51 -54.49 5.65
CA LEU K 505 -43.99 -53.19 5.31
C LEU K 505 -44.84 -52.53 4.23
N LYS K 506 -44.36 -51.38 3.75
CA LYS K 506 -45.11 -50.60 2.78
C LYS K 506 -44.39 -50.58 1.44
N PRO K 507 -44.83 -51.35 0.43
CA PRO K 507 -44.27 -51.40 -0.92
C PRO K 507 -43.98 -50.03 -1.52
N GLN L 34 22.03 -32.27 -5.08
CA GLN L 34 21.12 -32.94 -4.14
C GLN L 34 20.69 -34.29 -4.72
N LEU L 35 20.73 -34.41 -6.04
CA LEU L 35 20.47 -35.68 -6.69
C LEU L 35 21.54 -36.71 -6.35
N ARG L 36 22.56 -36.33 -5.59
CA ARG L 36 23.65 -37.23 -5.25
C ARG L 36 23.25 -38.32 -4.27
N SER L 37 22.48 -37.98 -3.23
CA SER L 37 22.15 -38.93 -2.18
C SER L 37 20.96 -39.81 -2.52
N TRP L 38 20.48 -39.75 -3.76
CA TRP L 38 19.31 -40.48 -4.21
C TRP L 38 19.39 -40.61 -5.72
N ASN L 39 19.46 -41.84 -6.23
CA ASN L 39 19.82 -41.96 -7.64
C ASN L 39 18.94 -42.93 -8.41
N PRO L 40 18.24 -42.45 -9.44
CA PRO L 40 17.45 -43.36 -10.27
C PRO L 40 18.28 -43.89 -11.44
N PRO L 41 18.32 -45.21 -11.63
CA PRO L 41 18.80 -45.76 -12.89
C PRO L 41 17.74 -45.63 -13.98
N SER L 42 18.20 -45.71 -15.22
CA SER L 42 17.33 -45.64 -16.39
C SER L 42 17.10 -47.05 -16.93
N GLU L 43 15.99 -47.65 -16.52
CA GLU L 43 15.69 -49.04 -16.85
C GLU L 43 14.24 -49.31 -16.47
N SER L 44 13.75 -50.49 -16.85
CA SER L 44 12.44 -50.94 -16.40
C SER L 44 12.35 -50.85 -14.88
N VAL L 45 11.13 -50.56 -14.39
CA VAL L 45 10.95 -50.21 -12.98
C VAL L 45 11.34 -51.36 -12.06
N ASP L 46 11.05 -52.60 -12.45
CA ASP L 46 11.39 -53.73 -11.60
C ASP L 46 12.90 -53.85 -11.40
N ALA L 47 13.68 -53.72 -12.48
CA ALA L 47 15.12 -53.83 -12.37
C ALA L 47 15.75 -52.53 -11.90
N ALA L 48 14.96 -51.46 -11.82
CA ALA L 48 15.41 -50.20 -11.25
C ALA L 48 15.13 -50.11 -9.76
N LEU L 49 14.21 -50.92 -9.24
CA LEU L 49 13.89 -50.96 -7.82
C LEU L 49 14.53 -52.12 -7.08
N LEU L 50 14.50 -53.33 -7.63
CA LEU L 50 15.02 -54.48 -6.89
C LEU L 50 16.48 -54.33 -6.47
N PRO L 51 17.41 -53.85 -7.32
CA PRO L 51 18.78 -53.66 -6.83
C PRO L 51 18.90 -52.72 -5.65
N ASN L 52 18.11 -51.65 -5.60
CA ASN L 52 18.10 -50.74 -4.45
C ASN L 52 16.87 -50.95 -3.57
N PHE L 53 16.44 -52.21 -3.43
CA PHE L 53 15.27 -52.51 -2.62
C PHE L 53 15.51 -52.22 -1.15
N THR L 54 16.65 -52.67 -0.61
CA THR L 54 16.91 -52.54 0.81
C THR L 54 17.05 -51.08 1.23
N ARG L 55 17.76 -50.27 0.43
CA ARG L 55 17.97 -48.87 0.81
C ARG L 55 16.67 -48.08 0.76
N GLY L 56 15.90 -48.23 -0.31
CA GLY L 56 14.63 -47.53 -0.40
C GLY L 56 13.66 -47.92 0.69
N ASN L 57 13.55 -49.23 0.96
CA ASN L 57 12.67 -49.70 2.01
C ASN L 57 13.15 -49.25 3.38
N ALA L 58 14.47 -49.21 3.60
CA ALA L 58 15.00 -48.79 4.89
C ALA L 58 14.72 -47.31 5.14
N ARG L 59 14.91 -46.47 4.12
CA ARG L 59 14.62 -45.05 4.30
C ARG L 59 13.11 -44.82 4.37
N ALA L 60 12.33 -45.70 3.75
CA ALA L 60 10.88 -45.66 3.94
C ALA L 60 10.51 -45.95 5.38
N ASP L 61 11.16 -46.95 5.99
CA ASP L 61 10.97 -47.21 7.41
C ASP L 61 11.35 -45.99 8.23
N ASP L 62 12.48 -45.37 7.89
CA ASP L 62 12.93 -44.18 8.60
C ASP L 62 11.87 -43.09 8.58
N LEU L 63 11.30 -42.81 7.40
CA LEU L 63 10.35 -41.70 7.32
C LEU L 63 8.99 -42.07 7.92
N VAL L 64 8.54 -43.32 7.75
CA VAL L 64 7.28 -43.71 8.37
C VAL L 64 7.39 -43.80 9.89
N ARG L 65 8.61 -43.91 10.41
CA ARG L 65 8.79 -43.91 11.85
C ARG L 65 8.98 -42.50 12.41
N ASN L 66 9.75 -41.66 11.73
CA ASN L 66 10.04 -40.31 12.18
C ASN L 66 8.92 -39.33 11.86
N ASN L 67 8.05 -39.67 10.91
CA ASN L 67 7.11 -38.71 10.34
C ASN L 67 5.67 -39.16 10.60
N GLY L 68 4.80 -38.19 10.87
CA GLY L 68 3.42 -38.52 11.20
C GLY L 68 2.55 -38.75 9.99
N TYR L 69 2.96 -38.25 8.83
CA TYR L 69 2.13 -38.33 7.63
C TYR L 69 1.81 -39.78 7.27
N ALA L 70 2.79 -40.68 7.38
CA ALA L 70 2.53 -42.07 7.05
C ALA L 70 1.52 -42.69 8.01
N ALA L 71 1.63 -42.36 9.30
CA ALA L 71 0.66 -42.87 10.27
C ALA L 71 -0.74 -42.37 9.96
N ASN L 72 -0.87 -41.08 9.65
CA ASN L 72 -2.19 -40.53 9.33
C ASN L 72 -2.75 -41.17 8.06
N ALA L 73 -1.88 -41.38 7.06
CA ALA L 73 -2.34 -41.94 5.80
C ALA L 73 -2.78 -43.38 5.96
N ILE L 74 -2.02 -44.18 6.72
CA ILE L 74 -2.41 -45.57 6.91
C ILE L 74 -3.67 -45.65 7.78
N GLN L 75 -3.81 -44.73 8.74
CA GLN L 75 -5.00 -44.73 9.57
C GLN L 75 -6.24 -44.39 8.75
N LEU L 76 -6.14 -43.37 7.89
CA LEU L 76 -7.29 -43.01 7.05
C LEU L 76 -7.59 -44.10 6.03
N HIS L 77 -6.55 -44.74 5.48
CA HIS L 77 -6.80 -45.84 4.57
C HIS L 77 -7.52 -46.98 5.28
N GLN L 78 -7.12 -47.27 6.52
CA GLN L 78 -7.83 -48.26 7.31
C GLN L 78 -9.29 -47.88 7.49
N ASP L 79 -9.54 -46.63 7.90
CA ASP L 79 -10.89 -46.22 8.26
C ASP L 79 -11.77 -45.98 7.04
N HIS L 80 -11.18 -45.84 5.85
CA HIS L 80 -11.98 -45.77 4.63
C HIS L 80 -12.19 -47.13 3.99
N ILE L 81 -11.22 -48.03 4.09
CA ILE L 81 -11.32 -49.30 3.40
C ILE L 81 -12.09 -50.30 4.26
N VAL L 82 -11.63 -50.55 5.48
CA VAL L 82 -12.28 -51.51 6.35
C VAL L 82 -13.20 -50.78 7.31
N GLY L 83 -12.70 -49.69 7.88
CA GLY L 83 -13.46 -48.98 8.89
C GLY L 83 -13.66 -49.82 10.14
N SER L 84 -14.93 -49.93 10.52
CA SER L 84 -15.29 -50.70 11.71
C SER L 84 -14.99 -52.18 11.51
N PHE L 85 -15.45 -52.75 10.40
CA PHE L 85 -15.34 -54.18 10.14
C PHE L 85 -15.38 -54.46 8.65
N PHE L 86 -15.14 -55.72 8.29
CA PHE L 86 -15.16 -56.18 6.91
C PHE L 86 -16.11 -57.37 6.86
N ARG L 87 -17.26 -57.16 6.21
CA ARG L 87 -18.38 -58.10 6.26
C ARG L 87 -18.38 -59.02 5.05
N LEU L 88 -18.49 -60.32 5.31
CA LEU L 88 -18.58 -61.32 4.26
C LEU L 88 -20.03 -61.48 3.79
N SER L 89 -20.18 -61.71 2.48
CA SER L 89 -21.48 -62.04 1.89
C SER L 89 -21.23 -63.10 0.82
N HIS L 90 -21.75 -64.30 1.05
CA HIS L 90 -21.53 -65.43 0.16
C HIS L 90 -22.64 -65.51 -0.87
N ARG L 91 -22.28 -65.46 -2.15
CA ARG L 91 -23.23 -65.56 -3.25
C ARG L 91 -22.74 -66.62 -4.22
N PRO L 92 -22.98 -67.89 -3.92
CA PRO L 92 -22.67 -68.95 -4.89
C PRO L 92 -23.44 -68.73 -6.17
N SER L 93 -22.80 -69.05 -7.30
CA SER L 93 -23.39 -68.77 -8.61
C SER L 93 -24.54 -69.75 -8.81
N TRP L 94 -25.67 -69.41 -8.18
CA TRP L 94 -26.84 -70.28 -8.23
C TRP L 94 -27.37 -70.43 -9.66
N ARG L 95 -27.39 -69.34 -10.42
CA ARG L 95 -27.93 -69.39 -11.78
C ARG L 95 -27.07 -70.30 -12.68
N TYR L 96 -25.75 -70.16 -12.59
CA TYR L 96 -24.88 -70.95 -13.46
C TYR L 96 -24.79 -72.40 -12.99
N LEU L 97 -24.73 -72.62 -11.68
CA LEU L 97 -24.63 -73.96 -11.12
C LEU L 97 -25.96 -74.68 -11.07
N GLY L 98 -27.07 -74.02 -11.40
CA GLY L 98 -28.36 -74.67 -11.35
C GLY L 98 -28.95 -74.71 -9.95
N ILE L 99 -28.25 -74.10 -8.98
CA ILE L 99 -28.69 -74.07 -7.60
C ILE L 99 -29.86 -73.11 -7.47
N GLY L 100 -30.85 -73.48 -6.66
CA GLY L 100 -31.94 -72.57 -6.39
C GLY L 100 -31.46 -71.37 -5.60
N GLU L 101 -32.06 -70.21 -5.88
CA GLU L 101 -31.67 -69.00 -5.17
C GLU L 101 -32.03 -69.08 -3.69
N GLU L 102 -33.16 -69.69 -3.36
CA GLU L 102 -33.55 -69.82 -1.96
C GLU L 102 -32.60 -70.75 -1.20
N GLU L 103 -32.20 -71.86 -1.83
CA GLU L 103 -31.24 -72.76 -1.19
C GLU L 103 -29.89 -72.08 -1.04
N ALA L 104 -29.47 -71.32 -2.06
CA ALA L 104 -28.23 -70.57 -1.97
C ALA L 104 -28.31 -69.56 -0.83
N ARG L 105 -29.46 -68.91 -0.65
CA ARG L 105 -29.58 -67.89 0.38
C ARG L 105 -29.57 -68.51 1.77
N ALA L 106 -30.24 -69.66 1.94
CA ALA L 106 -30.23 -70.32 3.25
C ALA L 106 -28.85 -70.88 3.57
N PHE L 107 -28.17 -71.46 2.58
CA PHE L 107 -26.81 -71.94 2.77
C PHE L 107 -25.89 -70.78 3.10
N SER L 108 -26.11 -69.62 2.47
CA SER L 108 -25.35 -68.42 2.80
C SER L 108 -25.65 -67.96 4.22
N ARG L 109 -26.90 -68.07 4.66
CA ARG L 109 -27.23 -67.74 6.04
C ARG L 109 -26.43 -68.61 7.01
N GLU L 110 -26.39 -69.92 6.74
CA GLU L 110 -25.65 -70.83 7.60
C GLU L 110 -24.16 -70.48 7.61
N VAL L 111 -23.58 -70.26 6.43
CA VAL L 111 -22.14 -69.98 6.38
C VAL L 111 -21.84 -68.62 7.00
N GLU L 112 -22.75 -67.66 6.89
CA GLU L 112 -22.51 -66.34 7.48
C GLU L 112 -22.58 -66.40 8.99
N ALA L 113 -23.55 -67.13 9.54
CA ALA L 113 -23.59 -67.33 10.98
C ALA L 113 -22.32 -68.01 11.48
N ALA L 114 -21.90 -69.08 10.78
CA ALA L 114 -20.70 -69.78 11.18
C ALA L 114 -19.47 -68.88 11.10
N TRP L 115 -19.36 -68.09 10.03
CA TRP L 115 -18.18 -67.25 9.86
C TRP L 115 -18.14 -66.13 10.88
N LYS L 116 -19.28 -65.51 11.17
CA LYS L 116 -19.29 -64.45 12.16
C LYS L 116 -18.96 -64.98 13.55
N GLU L 117 -19.51 -66.15 13.92
CA GLU L 117 -19.20 -66.69 15.24
C GLU L 117 -17.76 -67.16 15.32
N PHE L 118 -17.18 -67.61 14.21
CA PHE L 118 -15.78 -68.03 14.23
C PHE L 118 -14.84 -66.83 14.24
N ALA L 119 -15.25 -65.72 13.62
CA ALA L 119 -14.41 -64.53 13.56
C ALA L 119 -14.47 -63.73 14.85
N GLU L 120 -15.59 -63.80 15.58
CA GLU L 120 -15.78 -62.98 16.76
C GLU L 120 -15.05 -63.52 17.99
N ASP L 121 -14.09 -64.42 17.80
CA ASP L 121 -13.38 -65.00 18.93
C ASP L 121 -12.74 -63.92 19.78
N ASP L 122 -13.03 -63.95 21.08
CA ASP L 122 -12.65 -62.85 21.96
C ASP L 122 -11.23 -63.02 22.50
N CYS L 123 -10.63 -64.20 22.32
CA CYS L 123 -9.31 -64.44 22.88
C CYS L 123 -8.17 -64.21 21.90
N CYS L 124 -8.44 -63.56 20.76
CA CYS L 124 -7.41 -63.24 19.77
C CYS L 124 -6.77 -64.51 19.21
N CYS L 125 -7.54 -65.60 19.17
CA CYS L 125 -6.95 -66.92 19.00
C CYS L 125 -6.92 -67.39 17.55
N ILE L 126 -7.34 -66.54 16.60
CA ILE L 126 -7.45 -66.99 15.22
C ILE L 126 -6.11 -66.92 14.50
N ASP L 127 -5.10 -66.34 15.14
CA ASP L 127 -3.76 -66.27 14.57
C ASP L 127 -2.80 -67.22 15.28
N VAL L 128 -1.76 -67.64 14.56
CA VAL L 128 -0.73 -68.48 15.16
C VAL L 128 0.03 -67.70 16.23
N GLU L 129 0.24 -66.40 16.00
CA GLU L 129 0.80 -65.53 17.03
C GLU L 129 -0.16 -65.37 18.20
N ARG L 130 -1.44 -65.72 18.03
CA ARG L 130 -2.41 -65.79 19.11
C ARG L 130 -2.72 -64.39 19.67
N LYS L 131 -2.42 -63.35 18.88
CA LYS L 131 -2.64 -61.99 19.33
C LYS L 131 -3.31 -61.09 18.29
N ARG L 132 -3.98 -61.64 17.29
CA ARG L 132 -4.68 -60.82 16.31
C ARG L 132 -5.96 -61.52 15.89
N THR L 133 -7.06 -60.79 15.85
CA THR L 133 -8.31 -61.31 15.32
C THR L 133 -8.36 -61.06 13.80
N PHE L 134 -9.52 -61.33 13.19
CA PHE L 134 -9.68 -61.11 11.76
C PHE L 134 -9.50 -59.63 11.41
N THR L 135 -9.95 -58.74 12.30
CA THR L 135 -9.82 -57.31 12.06
C THR L 135 -8.37 -56.93 11.85
N MET L 136 -7.49 -57.35 12.74
CA MET L 136 -6.07 -57.05 12.61
C MET L 136 -5.35 -57.92 11.59
N MET L 137 -5.87 -59.10 11.25
CA MET L 137 -5.46 -59.74 10.00
C MET L 137 -5.59 -58.77 8.84
N ILE L 138 -6.79 -58.23 8.62
CA ILE L 138 -6.99 -57.31 7.51
C ILE L 138 -6.16 -56.04 7.71
N ARG L 139 -6.03 -55.59 8.95
CA ARG L 139 -5.29 -54.37 9.24
C ARG L 139 -3.83 -54.50 8.84
N GLU L 140 -3.13 -55.49 9.39
CA GLU L 140 -1.71 -55.65 9.06
C GLU L 140 -1.53 -56.01 7.59
N GLY L 141 -2.43 -56.82 7.03
CA GLY L 141 -2.30 -57.17 5.62
C GLY L 141 -2.39 -55.95 4.72
N VAL L 142 -3.40 -55.10 4.94
CA VAL L 142 -3.56 -53.91 4.10
C VAL L 142 -2.45 -52.91 4.36
N ALA L 143 -2.00 -52.79 5.61
CA ALA L 143 -0.92 -51.85 5.90
C ALA L 143 0.37 -52.26 5.20
N MET L 144 0.70 -53.56 5.23
CA MET L 144 1.92 -54.02 4.60
C MET L 144 1.81 -54.06 3.08
N HIS L 145 0.61 -54.32 2.55
CA HIS L 145 0.39 -54.24 1.11
C HIS L 145 0.36 -52.80 0.63
N ALA L 146 0.18 -51.86 1.56
CA ALA L 146 0.31 -50.45 1.20
C ALA L 146 1.77 -50.02 1.23
N PHE L 147 2.48 -50.33 2.31
CA PHE L 147 3.89 -50.00 2.44
C PHE L 147 4.77 -50.68 1.40
N ASN L 148 4.86 -52.01 1.43
CA ASN L 148 5.71 -52.73 0.48
C ASN L 148 5.00 -53.12 -0.80
N GLY L 149 3.68 -52.95 -0.90
CA GLY L 149 2.94 -53.34 -2.07
C GLY L 149 2.53 -54.80 -2.09
N GLU L 150 2.93 -55.58 -1.11
CA GLU L 150 2.65 -57.01 -1.08
C GLU L 150 2.23 -57.41 0.33
N LEU L 151 1.45 -58.48 0.41
CA LEU L 151 1.17 -59.09 1.70
C LEU L 151 1.26 -60.62 1.56
N PHE L 152 1.67 -61.23 2.67
CA PHE L 152 2.04 -62.63 2.75
C PHE L 152 1.22 -63.28 3.85
N VAL L 153 0.25 -64.10 3.49
CA VAL L 153 -0.51 -64.87 4.47
C VAL L 153 -0.19 -66.34 4.28
N GLN L 154 -0.21 -67.11 5.37
CA GLN L 154 0.04 -68.54 5.32
C GLN L 154 -1.05 -69.27 6.08
N ALA L 155 -1.68 -70.23 5.43
CA ALA L 155 -2.73 -71.05 6.03
C ALA L 155 -2.08 -72.23 6.73
N THR L 156 -2.01 -72.17 8.05
CA THR L 156 -1.39 -73.22 8.86
C THR L 156 -2.44 -73.97 9.64
N TRP L 157 -2.09 -75.17 10.08
CA TRP L 157 -2.99 -76.04 10.82
C TRP L 157 -2.70 -75.90 12.31
N ASP L 158 -3.47 -75.04 12.96
CA ASP L 158 -3.43 -74.91 14.41
C ASP L 158 -3.93 -76.19 15.07
N THR L 159 -3.39 -76.47 16.25
CA THR L 159 -3.81 -77.62 17.04
C THR L 159 -4.66 -77.24 18.26
N SER L 160 -4.86 -75.95 18.51
CA SER L 160 -5.66 -75.53 19.65
C SER L 160 -7.14 -75.84 19.42
N SER L 161 -7.69 -76.72 20.26
CA SER L 161 -9.02 -77.28 20.04
C SER L 161 -10.13 -76.42 20.65
N SER L 162 -9.85 -75.17 21.01
CA SER L 162 -10.88 -74.30 21.55
C SER L 162 -11.94 -73.93 20.51
N ARG L 163 -11.64 -74.14 19.23
CA ARG L 163 -12.57 -73.82 18.15
C ARG L 163 -12.73 -75.05 17.27
N LEU L 164 -13.81 -75.07 16.48
CA LEU L 164 -14.06 -76.23 15.63
C LEU L 164 -13.08 -76.27 14.46
N PHE L 165 -12.56 -75.12 14.04
CA PHE L 165 -11.77 -75.00 12.82
C PHE L 165 -10.28 -74.95 13.18
N ARG L 166 -9.53 -75.96 12.73
CA ARG L 166 -8.10 -76.06 13.00
C ARG L 166 -7.23 -75.28 12.02
N THR L 167 -7.76 -74.31 11.29
CA THR L 167 -6.92 -73.54 10.38
C THR L 167 -6.76 -72.12 10.91
N GLN L 168 -5.50 -71.71 11.09
CA GLN L 168 -5.17 -70.32 11.39
C GLN L 168 -4.39 -69.74 10.23
N PHE L 169 -4.19 -68.43 10.25
CA PHE L 169 -3.51 -67.73 9.17
C PHE L 169 -2.44 -66.81 9.74
N ARG L 170 -1.19 -67.22 9.57
CA ARG L 170 -0.03 -66.49 10.09
C ARG L 170 0.54 -65.62 8.98
N MET L 171 0.76 -64.35 9.27
CA MET L 171 1.28 -63.45 8.25
C MET L 171 2.81 -63.46 8.29
N VAL L 172 3.41 -63.38 7.10
CA VAL L 172 4.84 -63.61 6.89
C VAL L 172 5.48 -62.29 6.48
N SER L 173 6.60 -61.96 7.12
CA SER L 173 7.26 -60.69 6.86
C SER L 173 7.86 -60.64 5.46
N PRO L 174 7.94 -59.46 4.85
CA PRO L 174 8.60 -59.35 3.54
C PRO L 174 10.10 -59.44 3.61
N LYS L 175 10.69 -59.22 4.80
CA LYS L 175 12.13 -59.38 4.94
C LYS L 175 12.53 -60.84 4.77
N ARG L 176 11.60 -61.76 5.03
CA ARG L 176 11.84 -63.19 4.91
C ARG L 176 12.11 -63.63 3.48
N ILE L 177 11.51 -62.97 2.49
CA ILE L 177 11.62 -63.38 1.09
C ILE L 177 12.90 -62.80 0.50
N SER L 178 13.97 -63.60 0.54
CA SER L 178 15.19 -63.33 -0.18
C SER L 178 15.69 -64.65 -0.74
N ASN L 179 16.62 -64.57 -1.69
CA ASN L 179 17.18 -65.79 -2.25
C ASN L 179 17.86 -66.60 -1.14
N PRO L 180 17.92 -67.93 -1.27
CA PRO L 180 18.50 -68.75 -0.20
C PRO L 180 19.89 -68.28 0.18
N ASN L 181 20.00 -67.81 1.42
CA ASN L 181 21.23 -67.23 1.96
C ASN L 181 21.60 -65.93 1.25
N ASN L 182 20.60 -65.06 1.08
CA ASN L 182 20.81 -63.66 0.69
C ASN L 182 21.58 -63.54 -0.62
N THR L 183 21.59 -64.59 -1.42
CA THR L 183 22.27 -64.52 -2.71
C THR L 183 21.55 -63.55 -3.63
N GLY L 184 22.28 -62.96 -4.56
CA GLY L 184 21.66 -62.05 -5.50
C GLY L 184 20.71 -62.79 -6.42
N ASP L 185 19.93 -62.01 -7.17
CA ASP L 185 18.99 -62.58 -8.13
C ASP L 185 19.70 -63.55 -9.06
N SER L 186 18.97 -64.58 -9.48
CA SER L 186 19.52 -65.61 -10.36
C SER L 186 18.61 -65.81 -11.57
N ARG L 187 18.89 -66.87 -12.34
CA ARG L 187 18.08 -67.17 -13.52
C ARG L 187 16.61 -67.31 -13.16
N ASN L 188 16.29 -68.29 -12.31
CA ASN L 188 14.91 -68.54 -11.91
C ASN L 188 14.64 -68.28 -10.43
N CYS L 189 15.69 -68.21 -9.61
CA CYS L 189 15.57 -67.80 -8.21
C CYS L 189 15.83 -66.30 -8.16
N ARG L 190 14.76 -65.52 -8.01
CA ARG L 190 14.81 -64.08 -8.23
C ARG L 190 14.27 -63.37 -7.00
N ALA L 191 15.17 -62.82 -6.18
CA ALA L 191 14.81 -62.08 -4.98
C ALA L 191 13.95 -62.92 -4.03
N GLY L 192 14.21 -64.23 -4.01
CA GLY L 192 13.54 -65.12 -3.10
C GLY L 192 12.44 -65.97 -3.69
N VAL L 193 11.94 -65.63 -4.87
CA VAL L 193 10.87 -66.40 -5.50
C VAL L 193 11.49 -67.28 -6.57
N GLN L 194 11.14 -68.56 -6.52
CA GLN L 194 11.56 -69.54 -7.52
C GLN L 194 10.45 -69.64 -8.56
N ILE L 195 10.75 -69.20 -9.78
CA ILE L 195 9.78 -69.18 -10.87
C ILE L 195 10.36 -69.96 -12.04
N ASN L 196 9.55 -70.11 -13.08
CA ASN L 196 10.00 -70.74 -14.30
C ASN L 196 10.49 -69.67 -15.28
N ASP L 197 10.81 -70.07 -16.51
CA ASP L 197 11.15 -69.10 -17.53
C ASP L 197 9.94 -68.23 -17.87
N SER L 198 8.75 -68.80 -17.83
CA SER L 198 7.51 -68.07 -18.06
C SER L 198 7.11 -67.19 -16.90
N GLY L 199 7.80 -67.29 -15.75
CA GLY L 199 7.55 -66.44 -14.62
C GLY L 199 6.63 -67.01 -13.56
N ALA L 200 6.02 -68.17 -13.79
CA ALA L 200 5.05 -68.71 -12.87
C ALA L 200 5.66 -68.91 -11.48
N ALA L 201 5.07 -68.26 -10.48
CA ALA L 201 5.60 -68.26 -9.12
C ALA L 201 5.38 -69.63 -8.50
N LEU L 202 6.43 -70.44 -8.44
CA LEU L 202 6.33 -71.74 -7.81
C LEU L 202 6.36 -71.64 -6.29
N GLY L 203 7.45 -71.12 -5.74
CA GLY L 203 7.56 -71.02 -4.30
C GLY L 203 8.53 -69.93 -3.89
N TYR L 204 8.87 -69.96 -2.61
CA TYR L 204 9.53 -68.85 -1.94
C TYR L 204 10.54 -69.38 -0.95
N TYR L 205 11.57 -68.56 -0.68
CA TYR L 205 12.58 -68.87 0.32
C TYR L 205 12.43 -67.91 1.49
N VAL L 206 11.79 -68.40 2.55
CA VAL L 206 11.52 -67.61 3.76
C VAL L 206 12.75 -67.65 4.64
N SER L 207 13.40 -66.50 4.82
CA SER L 207 14.51 -66.39 5.75
C SER L 207 13.96 -66.41 7.17
N GLU L 208 14.76 -66.92 8.10
CA GLU L 208 14.35 -66.98 9.49
C GLU L 208 14.19 -65.58 10.08
N ASP L 209 13.27 -65.48 11.04
CA ASP L 209 12.99 -64.21 11.70
C ASP L 209 14.26 -63.64 12.33
N GLY L 210 14.32 -62.31 12.39
CA GLY L 210 15.43 -61.59 12.99
C GLY L 210 15.14 -60.90 14.30
N TYR L 211 14.10 -61.30 15.03
CA TYR L 211 13.76 -60.74 16.33
C TYR L 211 13.77 -61.82 17.41
N PRO L 212 14.74 -61.78 18.35
CA PRO L 212 15.66 -60.68 18.68
C PRO L 212 16.69 -60.42 17.61
N GLY L 213 17.35 -59.26 17.65
CA GLY L 213 18.23 -58.83 16.57
C GLY L 213 19.42 -59.73 16.34
N TRP L 214 19.46 -60.88 17.00
CA TRP L 214 20.58 -61.79 16.81
C TRP L 214 20.16 -63.22 16.45
N MET L 215 19.06 -63.38 15.71
CA MET L 215 18.89 -64.71 15.15
C MET L 215 19.47 -64.74 13.74
N PRO L 216 20.16 -65.82 13.36
CA PRO L 216 20.58 -65.96 11.97
C PRO L 216 19.38 -66.27 11.09
N GLN L 217 19.52 -66.00 9.79
CA GLN L 217 18.45 -66.31 8.86
C GLN L 217 18.74 -67.63 8.16
N LYS L 218 17.74 -68.50 8.12
CA LYS L 218 17.78 -69.72 7.31
C LYS L 218 16.57 -69.73 6.39
N TRP L 219 16.79 -70.10 5.13
CA TRP L 219 15.78 -69.99 4.09
C TRP L 219 15.06 -71.31 3.93
N THR L 220 13.73 -71.27 3.99
CA THR L 220 12.88 -72.44 3.93
C THR L 220 11.93 -72.35 2.74
N TRP L 221 11.65 -73.50 2.13
CA TRP L 221 10.84 -73.56 0.92
C TRP L 221 9.36 -73.42 1.28
N ILE L 222 8.64 -72.59 0.54
CA ILE L 222 7.20 -72.42 0.73
C ILE L 222 6.51 -72.30 -0.63
N PRO L 223 5.69 -73.27 -1.03
CA PRO L 223 4.99 -73.13 -2.31
C PRO L 223 3.90 -72.06 -2.23
N ARG L 224 3.57 -71.48 -3.40
CA ARG L 224 2.57 -70.43 -3.42
C ARG L 224 1.18 -70.97 -3.12
N GLU L 225 0.80 -72.06 -3.77
CA GLU L 225 -0.50 -72.68 -3.53
C GLU L 225 -0.38 -74.18 -3.74
N LEU L 226 -1.30 -74.91 -3.12
CA LEU L 226 -1.34 -76.35 -3.31
C LEU L 226 -1.96 -76.70 -4.67
N PRO L 227 -1.58 -77.84 -5.24
CA PRO L 227 -2.09 -78.19 -6.58
C PRO L 227 -3.61 -78.28 -6.66
N GLY L 228 -4.26 -78.74 -5.60
CA GLY L 228 -5.71 -78.86 -5.59
C GLY L 228 -6.46 -77.56 -5.47
N GLY L 229 -5.79 -76.42 -5.66
CA GLY L 229 -6.41 -75.12 -5.51
C GLY L 229 -6.39 -74.58 -4.10
N ARG L 230 -5.88 -75.34 -3.13
CA ARG L 230 -5.81 -74.86 -1.76
C ARG L 230 -4.86 -73.67 -1.68
N ALA L 231 -5.30 -72.61 -1.02
CA ALA L 231 -4.53 -71.38 -0.90
C ALA L 231 -3.65 -71.46 0.33
N SER L 232 -2.43 -71.99 0.16
CA SER L 232 -1.51 -72.11 1.29
C SER L 232 -0.79 -70.78 1.55
N PHE L 233 0.00 -70.32 0.59
CA PHE L 233 0.75 -69.07 0.73
C PHE L 233 0.11 -67.99 -0.12
N ILE L 234 -0.78 -67.22 0.50
CA ILE L 234 -1.50 -66.14 -0.15
C ILE L 234 -0.53 -64.97 -0.32
N HIS L 235 -0.05 -64.78 -1.54
CA HIS L 235 0.88 -63.71 -1.89
C HIS L 235 0.16 -62.70 -2.76
N VAL L 236 -0.39 -61.65 -2.13
CA VAL L 236 -1.18 -60.66 -2.86
C VAL L 236 -0.36 -59.40 -3.00
N PHE L 237 -0.02 -59.06 -4.24
CA PHE L 237 0.72 -57.83 -4.52
C PHE L 237 0.21 -57.26 -5.84
N GLU L 238 0.36 -55.95 -5.99
CA GLU L 238 -0.03 -55.27 -7.22
C GLU L 238 1.20 -55.11 -8.11
N PRO L 239 1.30 -55.82 -9.23
CA PRO L 239 2.40 -55.60 -10.15
C PRO L 239 2.10 -54.50 -11.16
N VAL L 240 2.96 -53.49 -11.16
CA VAL L 240 2.86 -52.39 -12.11
C VAL L 240 3.13 -52.83 -13.54
N GLU L 241 3.98 -53.83 -13.73
CA GLU L 241 4.26 -54.36 -15.07
C GLU L 241 4.40 -55.87 -14.98
N ASP L 242 4.60 -56.49 -16.14
CA ASP L 242 4.79 -57.93 -16.20
C ASP L 242 6.11 -58.33 -15.57
N GLY L 243 6.13 -59.53 -14.97
CA GLY L 243 7.33 -60.07 -14.38
C GLY L 243 7.76 -59.41 -13.09
N GLN L 244 7.07 -58.35 -12.66
CA GLN L 244 7.39 -57.68 -11.42
C GLN L 244 7.01 -58.60 -10.26
N THR L 245 7.84 -58.60 -9.21
CA THR L 245 7.65 -59.48 -8.08
C THR L 245 7.26 -58.75 -6.80
N ARG L 246 7.52 -57.44 -6.73
CA ARG L 246 7.31 -56.68 -5.52
C ARG L 246 6.35 -55.53 -5.80
N GLY L 247 5.81 -54.94 -4.74
CA GLY L 247 4.84 -53.87 -4.90
C GLY L 247 5.49 -52.50 -5.00
N ALA L 248 4.72 -51.49 -4.60
CA ALA L 248 5.11 -50.10 -4.72
C ALA L 248 5.72 -49.61 -3.42
N ASN L 249 6.46 -48.50 -3.49
CA ASN L 249 7.17 -47.98 -2.34
C ASN L 249 6.47 -46.75 -1.79
N VAL L 250 7.12 -46.10 -0.82
CA VAL L 250 6.67 -44.77 -0.40
C VAL L 250 7.83 -43.77 -0.46
N PHE L 251 8.98 -44.07 0.17
CA PHE L 251 10.09 -43.14 0.31
C PHE L 251 10.57 -42.57 -1.01
N TYR L 252 10.48 -43.36 -2.09
CA TYR L 252 11.02 -42.95 -3.38
C TYR L 252 10.22 -41.81 -3.98
N SER L 253 9.19 -41.35 -3.25
CA SER L 253 8.50 -40.10 -3.54
C SER L 253 8.34 -39.23 -2.29
N VAL L 254 9.06 -39.53 -1.20
CA VAL L 254 8.91 -38.82 0.06
C VAL L 254 10.22 -38.20 0.53
N MET L 255 11.31 -38.52 -0.18
CA MET L 255 12.58 -37.86 0.16
C MET L 255 12.44 -36.34 0.11
N GLU L 256 11.54 -35.84 -0.74
CA GLU L 256 11.43 -34.39 -0.92
C GLU L 256 10.70 -33.74 0.25
N GLN L 257 9.70 -34.42 0.85
CA GLN L 257 9.21 -33.93 2.13
C GLN L 257 10.29 -33.97 3.19
N MET L 258 11.08 -35.04 3.21
CA MET L 258 12.16 -35.09 4.21
C MET L 258 13.03 -33.85 4.12
N LYS L 259 13.47 -33.51 2.91
CA LYS L 259 14.46 -32.44 2.79
C LYS L 259 13.81 -31.04 2.78
N MET L 260 12.56 -30.90 2.33
CA MET L 260 11.81 -29.67 2.57
C MET L 260 11.54 -29.42 4.05
N LEU L 261 11.14 -30.43 4.81
CA LEU L 261 10.93 -30.19 6.23
C LEU L 261 12.26 -29.80 6.89
N ASP L 262 13.36 -30.47 6.49
CA ASP L 262 14.66 -30.08 7.00
C ASP L 262 15.01 -28.64 6.66
N THR L 263 14.80 -28.22 5.41
CA THR L 263 15.23 -26.89 5.01
C THR L 263 14.35 -25.81 5.62
N LEU L 264 13.03 -26.02 5.69
CA LEU L 264 12.16 -25.04 6.34
C LEU L 264 12.48 -24.95 7.82
N GLN L 265 12.80 -26.10 8.43
CA GLN L 265 13.13 -26.12 9.85
C GLN L 265 14.39 -25.30 10.11
N ASN L 266 15.43 -25.55 9.32
CA ASN L 266 16.71 -24.86 9.52
C ASN L 266 16.58 -23.38 9.19
N THR L 267 15.79 -23.03 8.16
CA THR L 267 15.69 -21.63 7.78
C THR L 267 14.86 -20.86 8.82
N GLN L 268 13.86 -21.50 9.42
CA GLN L 268 13.18 -20.82 10.51
C GLN L 268 14.09 -20.65 11.72
N LEU L 269 14.91 -21.67 12.02
CA LEU L 269 15.86 -21.51 13.12
C LEU L 269 16.82 -20.37 12.88
N GLN L 270 17.41 -20.28 11.68
CA GLN L 270 18.34 -19.19 11.39
C GLN L 270 17.63 -17.83 11.44
N SER L 271 16.42 -17.75 10.89
CA SER L 271 15.70 -16.48 10.89
C SER L 271 15.43 -16.03 12.33
N ALA L 272 14.99 -16.97 13.18
CA ALA L 272 14.70 -16.62 14.56
C ALA L 272 15.96 -16.19 15.30
N ILE L 273 17.07 -16.89 15.08
CA ILE L 273 18.26 -16.58 15.86
C ILE L 273 18.94 -15.30 15.36
N VAL L 274 18.68 -14.89 14.12
CA VAL L 274 19.38 -13.70 13.62
C VAL L 274 18.46 -12.50 13.42
N LYS L 275 17.18 -12.60 13.77
CA LYS L 275 16.44 -11.32 13.80
C LYS L 275 17.08 -10.27 14.73
N ALA L 276 17.71 -10.58 15.87
CA ALA L 276 18.32 -9.55 16.70
C ALA L 276 19.68 -9.99 17.23
N MET L 277 20.53 -10.56 16.39
CA MET L 277 21.92 -10.76 16.77
C MET L 277 22.63 -9.41 16.71
N TYR L 278 23.44 -9.14 17.73
CA TYR L 278 23.99 -7.80 17.92
C TYR L 278 25.47 -7.92 18.29
N ALA L 279 26.29 -7.11 17.65
CA ALA L 279 27.73 -7.07 17.91
C ALA L 279 28.02 -5.92 18.86
N ALA L 280 28.68 -6.22 19.98
CA ALA L 280 28.99 -5.22 20.99
C ALA L 280 30.50 -5.09 21.09
N THR L 281 31.07 -4.22 20.26
CA THR L 281 32.50 -3.97 20.28
C THR L 281 32.74 -2.51 20.64
N ILE L 282 34.01 -2.15 20.76
CA ILE L 282 34.40 -0.78 21.07
C ILE L 282 35.39 -0.30 20.03
N GLU L 283 35.11 0.86 19.44
CA GLU L 283 36.02 1.57 18.56
C GLU L 283 36.38 2.89 19.24
N SER L 284 37.40 3.56 18.71
CA SER L 284 37.76 4.88 19.22
C SER L 284 38.19 5.74 18.04
N GLU L 285 38.46 7.01 18.34
CA GLU L 285 38.95 7.94 17.33
C GLU L 285 40.38 7.62 16.90
N LEU L 286 41.34 7.72 17.83
CA LEU L 286 42.72 7.26 17.67
C LEU L 286 43.21 7.34 16.23
N ASP L 287 43.71 6.22 15.73
CA ASP L 287 43.78 5.92 14.29
C ASP L 287 44.38 7.07 13.49
N THR L 288 45.59 7.48 13.88
CA THR L 288 46.24 8.54 13.13
C THR L 288 47.00 7.99 11.94
N GLN L 289 46.35 7.12 11.16
CA GLN L 289 46.83 6.63 9.87
C GLN L 289 48.31 6.29 9.89
N SER L 290 49.13 7.24 9.41
CA SER L 290 50.57 7.02 9.34
C SER L 290 51.18 6.84 10.73
N ALA L 291 50.74 7.64 11.70
CA ALA L 291 51.24 7.49 13.06
C ALA L 291 50.88 6.14 13.66
N MET L 292 49.65 5.67 13.47
CA MET L 292 49.26 4.36 13.99
C MET L 292 50.06 3.25 13.32
N ASP L 293 50.25 3.34 12.00
CA ASP L 293 51.03 2.32 11.29
C ASP L 293 52.48 2.33 11.75
N PHE L 294 53.06 3.51 11.94
CA PHE L 294 54.44 3.60 12.42
C PHE L 294 54.57 3.03 13.82
N ILE L 295 53.60 3.33 14.69
CA ILE L 295 53.60 2.77 16.04
C ILE L 295 53.50 1.26 16.01
N LEU L 296 52.63 0.71 15.17
CA LEU L 296 52.50 -0.74 15.07
C LEU L 296 53.78 -1.37 14.55
N GLY L 297 54.41 -0.76 13.54
CA GLY L 297 55.66 -1.29 13.01
C GLY L 297 56.78 -1.23 14.05
N ALA L 298 56.87 -0.12 14.78
CA ALA L 298 57.87 0.00 15.83
C ALA L 298 57.64 -1.02 16.93
N ASN L 299 56.37 -1.26 17.27
CA ASN L 299 56.05 -2.31 18.23
C ASN L 299 56.48 -3.67 17.73
N SER L 300 56.20 -3.96 16.45
CA SER L 300 56.58 -5.25 15.88
C SER L 300 58.09 -5.42 15.92
N GLN L 301 58.83 -4.36 15.64
CA GLN L 301 60.28 -4.46 15.62
C GLN L 301 60.88 -4.51 17.03
N GLU L 302 60.76 -3.43 17.79
CA GLU L 302 61.32 -3.42 19.14
C GLU L 302 60.53 -2.63 20.17
N GLN L 303 59.37 -2.06 19.84
CA GLN L 303 58.76 -1.11 20.76
C GLN L 303 57.38 -1.61 21.21
N ARG L 304 57.32 -2.89 21.62
CA ARG L 304 56.10 -3.46 22.15
C ARG L 304 55.65 -2.78 23.44
N GLU L 305 56.52 -2.00 24.09
CA GLU L 305 56.11 -1.28 25.28
C GLU L 305 54.99 -0.28 24.99
N ARG L 306 54.95 0.28 23.77
CA ARG L 306 53.82 1.13 23.41
C ARG L 306 52.51 0.35 23.43
N LEU L 307 52.50 -0.85 22.83
CA LEU L 307 51.28 -1.65 22.85
C LEU L 307 50.91 -2.08 24.26
N THR L 308 51.91 -2.44 25.07
CA THR L 308 51.62 -2.83 26.45
C THR L 308 51.02 -1.65 27.23
N GLY L 309 51.58 -0.45 27.05
CA GLY L 309 51.04 0.71 27.72
C GLY L 309 49.64 1.05 27.27
N TRP L 310 49.38 0.97 25.96
CA TRP L 310 48.03 1.23 25.47
C TRP L 310 47.04 0.19 25.98
N ILE L 311 47.44 -1.08 26.02
CA ILE L 311 46.57 -2.12 26.53
C ILE L 311 46.28 -1.90 28.01
N GLY L 312 47.30 -1.49 28.77
CA GLY L 312 47.08 -1.17 30.17
C GLY L 312 46.13 0.00 30.34
N GLU L 313 46.29 1.04 29.53
CA GLU L 313 45.40 2.20 29.61
C GLU L 313 43.97 1.80 29.25
N ILE L 314 43.79 0.93 28.26
CA ILE L 314 42.44 0.54 27.86
C ILE L 314 41.82 -0.40 28.89
N ALA L 315 42.63 -1.26 29.51
CA ALA L 315 42.13 -2.09 30.59
C ALA L 315 41.68 -1.23 31.77
N ALA L 316 42.49 -0.23 32.14
CA ALA L 316 42.07 0.72 33.16
C ALA L 316 40.83 1.48 32.72
N TYR L 317 40.73 1.73 31.41
CA TYR L 317 39.55 2.42 30.87
C TYR L 317 38.30 1.62 31.13
N TYR L 318 38.31 0.34 30.75
CA TYR L 318 37.16 -0.54 30.91
C TYR L 318 36.92 -0.94 32.36
N ALA L 319 37.92 -0.77 33.23
CA ALA L 319 37.70 -1.09 34.63
C ALA L 319 37.40 0.15 35.47
N ALA L 320 37.48 1.34 34.86
CA ALA L 320 37.08 2.56 35.55
C ALA L 320 35.76 3.09 35.02
N ALA L 321 35.43 2.78 33.76
CA ALA L 321 34.14 3.02 33.15
C ALA L 321 33.04 2.06 33.61
N PRO L 322 33.38 0.82 34.03
CA PRO L 322 32.53 -0.33 33.70
C PRO L 322 31.70 -0.14 32.43
N VAL L 323 32.29 -0.49 31.30
CA VAL L 323 31.61 -0.39 30.01
C VAL L 323 30.62 -1.54 29.94
N ARG L 324 29.36 -1.25 30.25
CA ARG L 324 28.31 -2.25 30.34
C ARG L 324 27.09 -1.73 29.61
N LEU L 325 26.47 -2.58 28.79
CA LEU L 325 25.39 -2.11 27.93
C LEU L 325 24.02 -2.32 28.59
N GLY L 326 23.78 -3.50 29.13
CA GLY L 326 22.45 -3.89 29.58
C GLY L 326 22.45 -4.63 30.89
N GLY L 327 21.95 -5.86 30.89
CA GLY L 327 22.21 -6.75 31.99
C GLY L 327 23.53 -7.47 31.89
N ALA L 328 24.20 -7.40 30.75
CA ALA L 328 25.43 -8.15 30.50
C ALA L 328 26.58 -7.20 30.22
N LYS L 329 27.79 -7.70 30.41
CA LYS L 329 29.00 -6.93 30.15
C LYS L 329 29.32 -6.91 28.66
N VAL L 330 29.73 -5.74 28.18
CA VAL L 330 30.18 -5.58 26.81
C VAL L 330 31.45 -6.39 26.64
N PRO L 331 31.52 -7.32 25.68
CA PRO L 331 32.74 -8.13 25.54
C PRO L 331 33.95 -7.26 25.22
N HIS L 332 35.05 -7.57 25.90
CA HIS L 332 36.23 -6.73 25.98
C HIS L 332 36.85 -6.54 24.60
N LEU L 333 36.72 -5.32 24.09
CA LEU L 333 37.34 -4.92 22.83
C LEU L 333 38.04 -3.59 23.01
N MET L 334 39.36 -3.64 23.11
CA MET L 334 40.17 -2.45 23.02
C MET L 334 40.04 -1.83 21.63
N PRO L 335 40.27 -0.52 21.51
CA PRO L 335 39.90 0.20 20.29
C PRO L 335 40.57 -0.33 19.04
N GLY L 336 39.86 -0.15 17.91
CA GLY L 336 40.42 -0.39 16.60
C GLY L 336 40.06 -1.69 15.93
N ASP L 337 39.07 -2.42 16.45
CA ASP L 337 38.64 -3.69 15.87
C ASP L 337 37.16 -3.89 16.14
N SER L 338 36.41 -4.18 15.08
CA SER L 338 34.98 -4.42 15.18
C SER L 338 34.54 -5.39 14.08
N LEU L 339 33.43 -6.07 14.34
CA LEU L 339 32.85 -7.00 13.38
C LEU L 339 32.02 -6.24 12.35
N ASN L 340 32.07 -6.70 11.10
CA ASN L 340 31.29 -6.13 10.00
C ASN L 340 30.17 -7.09 9.65
N LEU L 341 29.04 -6.96 10.34
CA LEU L 341 27.91 -7.87 10.14
C LEU L 341 26.94 -7.30 9.10
N GLN L 342 27.50 -6.93 7.96
CA GLN L 342 26.69 -6.61 6.80
C GLN L 342 26.11 -7.90 6.23
N THR L 343 24.87 -7.81 5.75
CA THR L 343 24.05 -8.98 5.53
C THR L 343 23.95 -9.33 4.04
N ALA L 344 23.21 -10.39 3.76
CA ALA L 344 22.89 -10.78 2.39
C ALA L 344 21.59 -10.10 1.96
N GLN L 345 21.00 -10.57 0.87
CA GLN L 345 19.78 -9.95 0.36
C GLN L 345 18.64 -10.09 1.37
N ASP L 346 17.67 -9.18 1.27
CA ASP L 346 16.62 -9.06 2.28
C ASP L 346 15.22 -9.08 1.66
N THR L 347 15.03 -9.90 0.63
CA THR L 347 13.71 -10.08 0.04
C THR L 347 12.96 -11.13 0.86
N ASP L 348 11.64 -11.20 0.72
CA ASP L 348 10.89 -12.24 1.39
C ASP L 348 11.33 -13.62 0.90
N ASN L 349 11.35 -14.57 1.83
CA ASN L 349 11.86 -15.90 1.55
C ASN L 349 11.03 -16.66 0.52
N GLY L 350 9.76 -16.30 0.34
CA GLY L 350 8.91 -16.99 -0.62
C GLY L 350 8.46 -18.36 -0.18
N TYR L 351 9.07 -18.88 0.89
CA TYR L 351 8.75 -20.21 1.40
C TYR L 351 7.25 -20.38 1.61
N SER L 352 6.53 -19.30 1.86
CA SER L 352 5.08 -19.39 2.03
C SER L 352 4.42 -20.03 0.82
N VAL L 353 4.54 -19.39 -0.34
CA VAL L 353 3.86 -19.95 -1.51
C VAL L 353 4.62 -21.15 -2.06
N PHE L 354 5.94 -21.24 -1.84
CA PHE L 354 6.60 -22.51 -2.12
C PHE L 354 5.92 -23.66 -1.41
N GLU L 355 5.74 -23.54 -0.10
CA GLU L 355 5.24 -24.66 0.70
C GLU L 355 3.78 -24.93 0.40
N GLN L 356 2.96 -23.89 0.21
CA GLN L 356 1.57 -24.16 -0.17
C GLN L 356 1.49 -24.87 -1.51
N SER L 357 2.25 -24.40 -2.51
CA SER L 357 2.25 -25.04 -3.80
C SER L 357 2.72 -26.49 -3.71
N LEU L 358 3.79 -26.76 -2.94
CA LEU L 358 4.32 -28.12 -2.89
C LEU L 358 3.44 -29.04 -2.05
N LEU L 359 2.72 -28.48 -1.05
CA LEU L 359 1.87 -29.33 -0.21
C LEU L 359 0.62 -29.75 -0.97
N ARG L 360 -0.09 -28.77 -1.55
CA ARG L 360 -0.94 -28.99 -2.73
C ARG L 360 -0.42 -30.12 -3.63
N TYR L 361 0.74 -29.88 -4.22
CA TYR L 361 1.40 -30.77 -5.18
C TYR L 361 1.41 -32.21 -4.71
N ILE L 362 2.07 -32.48 -3.60
CA ILE L 362 2.30 -33.87 -3.23
C ILE L 362 1.07 -34.43 -2.54
N ALA L 363 0.16 -33.54 -2.11
CA ALA L 363 -1.07 -34.00 -1.48
C ALA L 363 -1.93 -34.78 -2.46
N ALA L 364 -2.27 -34.18 -3.60
CA ALA L 364 -2.94 -35.04 -4.58
C ALA L 364 -1.93 -35.63 -5.55
N GLY L 365 -0.69 -35.72 -5.10
CA GLY L 365 0.20 -36.78 -5.54
C GLY L 365 -0.07 -38.07 -4.80
N LEU L 366 0.56 -38.26 -3.64
CA LEU L 366 0.29 -39.42 -2.79
C LEU L 366 -1.19 -39.79 -2.69
N GLY L 367 -2.11 -38.85 -2.84
CA GLY L 367 -3.49 -39.22 -3.11
C GLY L 367 -4.51 -38.66 -2.15
N VAL L 368 -4.19 -38.58 -0.86
CA VAL L 368 -5.11 -38.06 0.12
C VAL L 368 -4.77 -36.60 0.34
N SER L 369 -5.78 -35.76 0.20
CA SER L 369 -5.58 -34.32 0.19
C SER L 369 -5.13 -33.81 1.56
N TYR L 370 -4.25 -32.80 1.54
CA TYR L 370 -3.74 -32.27 2.80
C TYR L 370 -4.78 -31.39 3.50
N GLU L 371 -5.78 -30.86 2.78
CA GLU L 371 -6.72 -30.01 3.52
C GLU L 371 -7.41 -30.80 4.61
N GLN L 372 -7.08 -32.10 4.73
CA GLN L 372 -7.37 -32.93 5.87
C GLN L 372 -6.18 -33.77 6.34
N LEU L 373 -5.12 -33.97 5.54
CA LEU L 373 -3.95 -34.62 6.12
C LEU L 373 -3.25 -33.70 7.10
N SER L 374 -3.47 -32.40 6.98
CA SER L 374 -3.23 -31.51 8.09
C SER L 374 -4.26 -30.38 8.25
N ARG L 375 -5.37 -30.42 7.49
CA ARG L 375 -6.71 -29.94 7.88
C ARG L 375 -6.99 -28.45 7.58
N ASN L 376 -6.21 -27.82 6.70
CA ASN L 376 -6.54 -26.41 6.42
C ASN L 376 -8.04 -26.15 6.18
N TYR L 377 -8.51 -24.95 6.55
CA TYR L 377 -9.88 -24.60 6.25
C TYR L 377 -9.94 -23.35 5.38
N ALA L 378 -8.82 -23.08 4.70
CA ALA L 378 -8.59 -21.86 3.95
C ALA L 378 -9.51 -21.84 2.73
N GLN L 379 -10.35 -20.80 2.67
CA GLN L 379 -11.18 -20.44 1.52
C GLN L 379 -11.91 -21.63 0.89
N MET L 380 -12.20 -22.66 1.68
CA MET L 380 -12.83 -23.85 1.13
C MET L 380 -14.36 -23.67 1.18
N SER L 381 -15.02 -24.11 0.11
CA SER L 381 -16.42 -23.78 -0.15
C SER L 381 -17.27 -25.03 -0.25
N TYR L 382 -18.52 -24.85 -0.67
CA TYR L 382 -19.51 -25.92 -0.57
C TYR L 382 -19.30 -26.97 -1.66
N SER L 383 -19.26 -26.51 -2.92
CA SER L 383 -18.93 -27.42 -4.01
C SER L 383 -17.54 -28.00 -3.82
N THR L 384 -16.59 -27.18 -3.37
CA THR L 384 -15.30 -27.68 -2.93
C THR L 384 -15.46 -28.92 -2.08
N ALA L 385 -16.20 -28.77 -0.97
CA ALA L 385 -16.30 -29.83 0.02
C ALA L 385 -16.92 -31.09 -0.58
N ARG L 386 -18.10 -30.97 -1.21
CA ARG L 386 -18.77 -32.22 -1.56
C ARG L 386 -18.15 -32.86 -2.80
N ALA L 387 -17.62 -32.06 -3.75
CA ALA L 387 -16.91 -32.65 -4.87
C ALA L 387 -15.65 -33.38 -4.42
N SER L 388 -14.84 -32.72 -3.59
CA SER L 388 -13.62 -33.37 -3.10
C SER L 388 -13.97 -34.63 -2.32
N ALA L 389 -14.99 -34.55 -1.45
CA ALA L 389 -15.36 -35.69 -0.64
C ALA L 389 -15.86 -36.85 -1.48
N ASN L 390 -16.71 -36.60 -2.47
CA ASN L 390 -17.26 -37.72 -3.23
C ASN L 390 -16.20 -38.34 -4.14
N GLU L 391 -15.34 -37.54 -4.76
CA GLU L 391 -14.29 -38.12 -5.59
C GLU L 391 -13.31 -38.92 -4.74
N SER L 392 -12.90 -38.38 -3.58
CA SER L 392 -11.96 -39.09 -2.74
C SER L 392 -12.57 -40.38 -2.18
N TRP L 393 -13.85 -40.34 -1.83
CA TRP L 393 -14.50 -41.53 -1.28
C TRP L 393 -14.69 -42.60 -2.35
N ALA L 394 -15.07 -42.21 -3.57
CA ALA L 394 -15.14 -43.19 -4.66
C ALA L 394 -13.77 -43.79 -4.94
N TYR L 395 -12.72 -42.98 -4.78
CA TYR L 395 -11.37 -43.46 -5.06
C TYR L 395 -10.89 -44.42 -3.97
N PHE L 396 -11.30 -44.16 -2.72
CA PHE L 396 -11.07 -45.13 -1.66
C PHE L 396 -11.90 -46.39 -1.87
N MET L 397 -13.09 -46.26 -2.46
CA MET L 397 -13.84 -47.46 -2.82
C MET L 397 -13.07 -48.26 -3.85
N GLY L 398 -12.43 -47.57 -4.80
CA GLY L 398 -11.52 -48.20 -5.73
C GLY L 398 -10.40 -48.97 -5.05
N ARG L 399 -9.61 -48.28 -4.23
CA ARG L 399 -8.55 -48.97 -3.49
C ARG L 399 -9.08 -50.14 -2.65
N ARG L 400 -10.23 -49.96 -2.00
CA ARG L 400 -10.80 -51.05 -1.21
C ARG L 400 -11.08 -52.27 -2.07
N LYS L 401 -11.84 -52.09 -3.15
CA LYS L 401 -12.18 -53.20 -4.03
C LYS L 401 -10.95 -53.76 -4.75
N PHE L 402 -9.85 -53.02 -4.77
CA PHE L 402 -8.64 -53.48 -5.44
C PHE L 402 -7.68 -54.25 -4.53
N VAL L 403 -7.57 -53.88 -3.26
CA VAL L 403 -6.54 -54.44 -2.38
C VAL L 403 -7.14 -55.01 -1.09
N ALA L 404 -8.45 -55.23 -1.06
CA ALA L 404 -9.03 -55.89 0.10
C ALA L 404 -9.74 -57.18 -0.29
N SER L 405 -10.38 -57.18 -1.46
CA SER L 405 -11.18 -58.34 -1.87
C SER L 405 -10.31 -59.55 -2.12
N ARG L 406 -9.06 -59.35 -2.53
CA ARG L 406 -8.14 -60.48 -2.69
C ARG L 406 -7.98 -61.25 -1.38
N GLN L 407 -7.60 -60.54 -0.32
CA GLN L 407 -7.38 -61.18 0.97
C GLN L 407 -8.69 -61.77 1.49
N ALA L 408 -9.78 -61.01 1.33
CA ALA L 408 -11.08 -61.49 1.78
C ALA L 408 -11.46 -62.81 1.11
N SER L 409 -11.37 -62.86 -0.21
CA SER L 409 -11.73 -64.07 -0.95
C SER L 409 -10.80 -65.22 -0.63
N GLN L 410 -9.51 -64.94 -0.47
CA GLN L 410 -8.55 -66.01 -0.18
C GLN L 410 -8.85 -66.63 1.19
N MET L 411 -9.04 -65.78 2.19
CA MET L 411 -9.33 -66.27 3.54
C MET L 411 -10.68 -66.99 3.58
N PHE L 412 -11.66 -66.45 2.87
CA PHE L 412 -12.98 -67.08 2.83
C PHE L 412 -12.90 -68.44 2.14
N LEU L 413 -12.12 -68.56 1.06
CA LEU L 413 -11.96 -69.83 0.39
C LEU L 413 -11.32 -70.86 1.31
N CYS L 414 -10.26 -70.48 2.02
CA CYS L 414 -9.64 -71.42 2.94
C CYS L 414 -10.60 -71.85 4.04
N TRP L 415 -11.31 -70.89 4.63
CA TRP L 415 -12.23 -71.20 5.71
C TRP L 415 -13.38 -72.07 5.22
N LEU L 416 -13.89 -71.79 4.01
CA LEU L 416 -15.00 -72.58 3.47
C LEU L 416 -14.54 -73.99 3.11
N GLU L 417 -13.31 -74.13 2.61
CA GLU L 417 -12.78 -75.47 2.38
C GLU L 417 -12.70 -76.24 3.69
N GLU L 418 -12.24 -75.59 4.76
CA GLU L 418 -12.20 -76.25 6.06
C GLU L 418 -13.60 -76.62 6.53
N ALA L 419 -14.57 -75.74 6.32
CA ALA L 419 -15.94 -76.00 6.73
C ALA L 419 -16.53 -77.19 5.98
N ILE L 420 -16.24 -77.29 4.68
CA ILE L 420 -16.70 -78.43 3.90
C ILE L 420 -16.02 -79.71 4.38
N VAL L 421 -14.74 -79.61 4.75
CA VAL L 421 -14.06 -80.77 5.33
C VAL L 421 -14.74 -81.23 6.61
N ARG L 422 -15.14 -80.28 7.45
CA ARG L 422 -15.73 -80.59 8.74
C ARG L 422 -17.24 -80.81 8.68
N ARG L 423 -17.83 -80.64 7.50
CA ARG L 423 -19.28 -80.74 7.32
C ARG L 423 -20.02 -79.83 8.30
N VAL L 424 -19.57 -78.58 8.41
CA VAL L 424 -20.28 -77.60 9.22
C VAL L 424 -21.50 -77.11 8.48
N VAL L 425 -21.33 -76.69 7.23
CA VAL L 425 -22.42 -76.27 6.38
C VAL L 425 -22.58 -77.29 5.26
N THR L 426 -23.82 -77.45 4.80
CA THR L 426 -24.18 -78.47 3.84
C THR L 426 -24.23 -77.87 2.44
N LEU L 427 -23.43 -78.45 1.54
CA LEU L 427 -23.45 -78.03 0.15
C LEU L 427 -24.77 -78.46 -0.51
N PRO L 428 -25.22 -77.75 -1.54
CA PRO L 428 -26.44 -78.17 -2.25
C PRO L 428 -26.29 -79.57 -2.82
N SER L 429 -27.39 -80.34 -2.74
CA SER L 429 -27.37 -81.72 -3.22
C SER L 429 -27.27 -81.77 -4.73
N LYS L 430 -27.83 -80.78 -5.42
CA LYS L 430 -27.83 -80.74 -6.89
C LYS L 430 -26.59 -80.06 -7.44
N ALA L 431 -25.47 -80.12 -6.72
CA ALA L 431 -24.23 -79.48 -7.15
C ALA L 431 -23.87 -79.90 -8.56
N ARG L 432 -23.93 -78.94 -9.49
CA ARG L 432 -23.56 -79.21 -10.88
C ARG L 432 -22.07 -79.52 -10.99
N PHE L 433 -21.25 -78.88 -10.16
CA PHE L 433 -19.83 -79.17 -10.07
C PHE L 433 -19.47 -79.41 -8.61
N SER L 434 -18.45 -80.24 -8.41
CA SER L 434 -18.00 -80.55 -7.06
C SER L 434 -17.42 -79.30 -6.40
N PHE L 435 -17.32 -79.34 -5.07
CA PHE L 435 -16.72 -78.23 -4.35
C PHE L 435 -15.30 -77.97 -4.80
N GLN L 436 -14.48 -79.03 -4.89
CA GLN L 436 -13.09 -78.86 -5.27
C GLN L 436 -12.95 -78.31 -6.68
N GLU L 437 -13.88 -78.68 -7.56
CA GLU L 437 -13.85 -78.20 -8.93
C GLU L 437 -14.31 -76.76 -9.06
N ALA L 438 -15.31 -76.35 -8.29
CA ALA L 438 -15.94 -75.05 -8.45
C ALA L 438 -15.82 -74.22 -7.17
N ARG L 439 -14.66 -74.30 -6.52
CA ARG L 439 -14.38 -73.45 -5.37
C ARG L 439 -14.63 -71.98 -5.69
N SER L 440 -14.23 -71.54 -6.89
CA SER L 440 -14.53 -70.18 -7.30
C SER L 440 -16.03 -69.95 -7.43
N ALA L 441 -16.74 -70.91 -8.03
CA ALA L 441 -18.18 -70.76 -8.19
C ALA L 441 -18.92 -70.87 -6.86
N TRP L 442 -18.57 -71.89 -6.06
CA TRP L 442 -19.20 -72.02 -4.74
C TRP L 442 -18.76 -70.92 -3.81
N GLY L 443 -17.45 -70.66 -3.74
CA GLY L 443 -16.92 -69.67 -2.82
C GLY L 443 -16.97 -68.26 -3.35
N ASN L 444 -17.85 -68.00 -4.30
CA ASN L 444 -18.04 -66.64 -4.79
C ASN L 444 -18.58 -65.76 -3.65
N CYS L 445 -17.93 -64.63 -3.41
CA CYS L 445 -18.27 -63.81 -2.28
C CYS L 445 -17.95 -62.36 -2.57
N ASP L 446 -18.61 -61.47 -1.83
CA ASP L 446 -18.30 -60.05 -1.82
C ASP L 446 -18.18 -59.60 -0.37
N TRP L 447 -17.61 -58.42 -0.18
CA TRP L 447 -17.33 -57.93 1.16
C TRP L 447 -17.67 -56.45 1.28
N ILE L 448 -18.04 -56.06 2.50
CA ILE L 448 -18.50 -54.71 2.81
C ILE L 448 -17.47 -54.08 3.74
N GLY L 449 -17.00 -52.89 3.40
CA GLY L 449 -15.98 -52.20 4.14
C GLY L 449 -16.53 -51.33 5.25
N SER L 450 -16.16 -50.05 5.22
CA SER L 450 -16.53 -49.11 6.27
C SER L 450 -18.03 -48.86 6.26
N GLY L 451 -18.53 -48.28 7.34
CA GLY L 451 -19.95 -48.10 7.53
C GLY L 451 -20.55 -47.02 6.64
N ARG L 452 -21.73 -46.55 7.07
CA ARG L 452 -22.53 -45.60 6.30
C ARG L 452 -21.86 -44.24 6.20
N MET L 453 -21.54 -43.82 4.98
CA MET L 453 -20.92 -42.52 4.74
C MET L 453 -21.83 -41.37 5.14
N ALA L 454 -21.28 -40.42 5.89
CA ALA L 454 -22.00 -39.18 6.16
C ALA L 454 -21.14 -37.98 5.79
N ILE L 455 -21.68 -37.13 4.91
CA ILE L 455 -20.96 -35.94 4.49
C ILE L 455 -21.85 -34.69 4.63
N ASP L 456 -23.08 -34.76 4.15
CA ASP L 456 -23.95 -33.59 4.07
C ASP L 456 -25.28 -33.81 4.76
N GLY L 457 -25.78 -35.04 4.79
CA GLY L 457 -27.12 -35.30 5.27
C GLY L 457 -28.16 -35.12 4.19
N LEU L 458 -28.48 -33.88 3.82
CA LEU L 458 -29.45 -33.59 2.77
C LEU L 458 -29.15 -34.39 1.51
N LYS L 459 -27.86 -34.51 1.18
CA LYS L 459 -27.46 -35.29 0.02
C LYS L 459 -27.96 -36.73 0.13
N GLU L 460 -27.50 -37.44 1.16
CA GLU L 460 -27.85 -38.84 1.32
C GLU L 460 -29.34 -39.05 1.44
N VAL L 461 -30.05 -38.11 2.08
CA VAL L 461 -31.48 -38.33 2.31
C VAL L 461 -32.28 -38.09 1.05
N GLN L 462 -31.89 -37.11 0.23
CA GLN L 462 -32.61 -36.94 -1.02
C GLN L 462 -32.31 -38.09 -1.97
N GLU L 463 -31.06 -38.59 -1.96
CA GLU L 463 -30.75 -39.79 -2.72
C GLU L 463 -31.61 -40.96 -2.26
N ALA L 464 -31.73 -41.15 -0.94
CA ALA L 464 -32.49 -42.26 -0.39
C ALA L 464 -33.97 -42.16 -0.78
N VAL L 465 -34.55 -40.96 -0.66
CA VAL L 465 -35.97 -40.83 -1.01
C VAL L 465 -36.17 -41.07 -2.50
N MET L 466 -35.27 -40.58 -3.34
CA MET L 466 -35.43 -40.82 -4.77
C MET L 466 -35.32 -42.31 -5.09
N LEU L 467 -34.35 -43.00 -4.51
CA LEU L 467 -34.19 -44.42 -4.77
C LEU L 467 -35.39 -45.21 -4.28
N ILE L 468 -35.92 -44.87 -3.10
CA ILE L 468 -37.00 -45.66 -2.54
C ILE L 468 -38.31 -45.35 -3.24
N GLU L 469 -38.44 -44.18 -3.87
CA GLU L 469 -39.68 -43.91 -4.60
C GLU L 469 -39.64 -44.48 -6.02
N ALA L 470 -38.49 -44.40 -6.69
CA ALA L 470 -38.42 -44.89 -8.07
C ALA L 470 -38.04 -46.36 -8.14
N GLY L 471 -37.69 -47.00 -7.03
CA GLY L 471 -37.25 -48.37 -7.08
C GLY L 471 -35.92 -48.57 -7.73
N LEU L 472 -35.13 -47.51 -7.89
CA LEU L 472 -33.86 -47.57 -8.58
C LEU L 472 -32.75 -48.18 -7.72
N SER L 473 -33.08 -48.73 -6.56
CA SER L 473 -32.10 -49.36 -5.69
C SER L 473 -32.60 -50.76 -5.32
N THR L 474 -31.67 -51.73 -5.36
CA THR L 474 -31.97 -53.11 -5.04
C THR L 474 -31.60 -53.41 -3.59
N TYR L 475 -31.87 -54.64 -3.18
CA TYR L 475 -31.41 -55.10 -1.87
C TYR L 475 -29.90 -54.99 -1.75
N GLU L 476 -29.17 -55.54 -2.73
CA GLU L 476 -27.72 -55.65 -2.61
C GLU L 476 -27.06 -54.27 -2.64
N LYS L 477 -27.43 -53.41 -3.59
CA LYS L 477 -26.73 -52.13 -3.64
C LYS L 477 -27.28 -51.15 -2.61
N GLU L 478 -28.55 -51.30 -2.21
CA GLU L 478 -29.04 -50.52 -1.08
C GLU L 478 -28.27 -50.85 0.19
N CYS L 479 -28.08 -52.15 0.48
CA CYS L 479 -27.31 -52.54 1.65
C CYS L 479 -25.84 -52.15 1.51
N ALA L 480 -25.33 -52.12 0.28
CA ALA L 480 -23.97 -51.63 0.08
C ALA L 480 -23.86 -50.15 0.42
N LYS L 481 -24.84 -49.35 -0.01
CA LYS L 481 -24.86 -47.93 0.29
C LYS L 481 -25.06 -47.64 1.77
N ARG L 482 -25.84 -48.46 2.48
CA ARG L 482 -26.27 -48.16 3.84
C ARG L 482 -25.46 -48.89 4.90
N GLY L 483 -24.68 -49.91 4.52
CA GLY L 483 -23.97 -50.72 5.49
C GLY L 483 -24.86 -51.53 6.41
N ASP L 484 -25.97 -52.07 5.88
CA ASP L 484 -26.94 -52.84 6.66
C ASP L 484 -27.31 -54.09 5.88
N ASP L 485 -28.38 -54.75 6.33
CA ASP L 485 -28.92 -55.92 5.65
C ASP L 485 -30.43 -55.78 5.50
N TYR L 486 -30.93 -56.09 4.31
CA TYR L 486 -32.36 -56.00 4.05
C TYR L 486 -33.16 -57.01 4.87
N GLN L 487 -32.66 -58.23 5.02
CA GLN L 487 -33.37 -59.22 5.83
C GLN L 487 -33.54 -58.74 7.26
N GLU L 488 -32.46 -58.24 7.86
CA GLU L 488 -32.54 -57.78 9.25
C GLU L 488 -33.34 -56.49 9.38
N ILE L 489 -33.27 -55.58 8.41
CA ILE L 489 -34.07 -54.36 8.49
C ILE L 489 -35.56 -54.71 8.40
N PHE L 490 -35.91 -55.71 7.58
CA PHE L 490 -37.31 -56.10 7.49
C PHE L 490 -37.77 -56.82 8.74
N ALA L 491 -36.95 -57.73 9.28
CA ALA L 491 -37.32 -58.41 10.52
C ALA L 491 -37.47 -57.43 11.67
N GLN L 492 -36.55 -56.46 11.75
CA GLN L 492 -36.62 -55.49 12.83
C GLN L 492 -37.74 -54.48 12.60
N GLN L 493 -38.15 -54.24 11.36
CA GLN L 493 -39.33 -53.42 11.14
C GLN L 493 -40.60 -54.17 11.55
N VAL L 494 -40.63 -55.48 11.32
CA VAL L 494 -41.72 -56.30 11.84
C VAL L 494 -41.79 -56.16 13.35
N ARG L 495 -40.64 -56.32 14.01
CA ARG L 495 -40.58 -56.18 15.46
C ARG L 495 -40.99 -54.78 15.90
N GLU L 496 -40.54 -53.76 15.17
CA GLU L 496 -40.92 -52.39 15.47
C GLU L 496 -42.43 -52.24 15.44
N THR L 497 -43.05 -52.65 14.34
CA THR L 497 -44.48 -52.46 14.17
C THR L 497 -45.27 -53.21 15.24
N MET L 498 -44.86 -54.46 15.53
CA MET L 498 -45.62 -55.24 16.50
C MET L 498 -45.44 -54.71 17.91
N GLU L 499 -44.24 -54.22 18.26
CA GLU L 499 -44.07 -53.64 19.59
C GLU L 499 -44.81 -52.32 19.72
N ARG L 500 -44.82 -51.50 18.66
CA ARG L 500 -45.60 -50.27 18.70
C ARG L 500 -47.09 -50.57 18.86
N ARG L 501 -47.59 -51.57 18.13
CA ARG L 501 -48.99 -51.95 18.27
C ARG L 501 -49.29 -52.46 19.68
N ALA L 502 -48.41 -53.29 20.23
CA ALA L 502 -48.67 -53.86 21.55
C ALA L 502 -48.58 -52.82 22.66
N ALA L 503 -47.49 -52.04 22.69
CA ALA L 503 -47.29 -51.04 23.72
C ALA L 503 -48.17 -49.81 23.53
N GLY L 504 -48.78 -49.64 22.35
CA GLY L 504 -49.62 -48.49 22.11
C GLY L 504 -48.98 -47.39 21.29
N LEU L 505 -47.78 -47.61 20.76
CA LEU L 505 -47.13 -46.57 19.97
C LEU L 505 -47.70 -46.53 18.56
N LYS L 506 -47.07 -45.72 17.72
CA LYS L 506 -47.58 -45.49 16.38
C LYS L 506 -46.60 -46.05 15.35
N PRO L 507 -46.87 -47.21 14.73
CA PRO L 507 -46.05 -47.85 13.71
C PRO L 507 -45.57 -46.90 12.62
N ALA M 7 -25.62 16.63 96.59
CA ALA M 7 -24.83 16.23 95.43
C ALA M 7 -25.50 16.68 94.14
N GLN M 8 -24.95 17.72 93.52
CA GLN M 8 -25.43 18.25 92.26
C GLN M 8 -24.37 18.06 91.18
N LEU M 9 -24.82 18.12 89.93
CA LEU M 9 -24.00 17.70 88.79
C LEU M 9 -22.79 18.62 88.61
N LEU M 10 -21.89 18.17 87.73
CA LEU M 10 -20.68 18.93 87.42
C LEU M 10 -20.99 20.27 86.76
N ALA M 11 -22.01 20.30 85.89
CA ALA M 11 -22.30 21.50 85.12
C ALA M 11 -22.76 22.67 85.97
N ALA M 12 -23.11 22.44 87.24
CA ALA M 12 -23.48 23.52 88.16
C ALA M 12 -22.22 24.21 88.69
N ASN M 13 -21.42 24.73 87.76
CA ASN M 13 -20.15 25.39 88.07
C ASN M 13 -20.00 26.66 87.23
N GLU M 14 -21.07 27.45 87.18
CA GLU M 14 -21.11 28.65 86.34
C GLU M 14 -20.80 29.88 87.20
N GLN M 15 -19.71 30.57 86.88
CA GLN M 15 -19.35 31.81 87.57
C GLN M 15 -19.36 33.00 86.64
N LYS M 16 -18.61 32.94 85.53
CA LYS M 16 -18.32 34.10 84.69
C LYS M 16 -17.67 35.22 85.50
N PHE M 17 -16.92 34.84 86.54
CA PHE M 17 -16.23 35.77 87.43
C PHE M 17 -14.74 35.42 87.42
N LYS M 18 -14.00 36.00 86.48
CA LYS M 18 -12.54 35.87 86.42
C LYS M 18 -11.94 37.25 86.63
N PHE M 19 -11.54 37.53 87.87
CA PHE M 19 -11.08 38.85 88.29
C PHE M 19 -9.77 38.75 89.08
N ASP M 20 -8.84 37.96 88.57
CA ASP M 20 -7.51 37.88 89.18
C ASP M 20 -6.76 39.20 89.01
N PRO M 21 -5.96 39.62 89.99
CA PRO M 21 -5.30 40.95 89.94
C PRO M 21 -4.12 41.06 88.97
N LEU M 22 -4.46 41.01 87.68
CA LEU M 22 -3.58 41.40 86.59
C LEU M 22 -2.30 40.59 86.49
N PHE M 23 -2.17 39.53 87.28
CA PHE M 23 -0.98 38.68 87.20
C PHE M 23 -1.21 37.41 86.38
N LEU M 24 -2.16 36.57 86.78
CA LEU M 24 -2.44 35.34 86.06
C LEU M 24 -3.20 35.60 84.77
N ARG M 25 -3.70 36.82 84.56
CA ARG M 25 -4.45 37.17 83.37
C ARG M 25 -3.67 38.01 82.38
N LEU M 26 -2.56 38.61 82.80
CA LEU M 26 -1.81 39.54 81.97
C LEU M 26 -0.36 39.14 81.77
N PHE M 27 0.33 38.67 82.81
CA PHE M 27 1.68 38.16 82.63
C PHE M 27 1.74 36.65 82.48
N PHE M 28 0.78 35.92 83.03
CA PHE M 28 0.85 34.47 83.14
C PHE M 28 -0.31 33.79 82.42
N ARG M 29 -0.56 34.21 81.18
CA ARG M 29 -1.63 33.64 80.37
C ARG M 29 -1.31 32.23 79.87
N GLU M 30 -0.08 31.77 80.03
CA GLU M 30 0.47 30.68 79.22
C GLU M 30 0.18 29.34 79.90
N SER M 31 -1.08 28.93 79.90
CA SER M 31 -1.54 27.76 80.65
C SER M 31 -1.09 26.46 80.00
N TYR M 32 -0.61 25.52 80.82
CA TYR M 32 -0.23 24.18 80.33
C TYR M 32 -0.72 23.11 81.29
N PRO M 33 -2.01 22.81 81.30
CA PRO M 33 -2.46 21.61 82.03
C PRO M 33 -2.02 20.33 81.33
N PHE M 34 -1.54 19.39 82.14
CA PHE M 34 -0.93 18.15 81.67
C PHE M 34 -1.74 16.95 82.10
N THR M 35 -1.54 15.84 81.39
CA THR M 35 -2.03 14.53 81.80
C THR M 35 -1.02 13.83 82.71
N THR M 36 0.07 14.52 83.04
CA THR M 36 1.16 13.96 83.82
C THR M 36 1.37 14.79 85.07
N GLU M 37 1.93 14.14 86.10
CA GLU M 37 1.99 14.72 87.44
C GLU M 37 2.77 16.03 87.45
N LYS M 38 4.06 15.97 87.13
CA LYS M 38 4.97 17.08 87.31
C LYS M 38 4.87 18.06 86.13
N VAL M 39 5.68 19.11 86.22
CA VAL M 39 5.95 20.00 85.09
C VAL M 39 7.23 19.55 84.43
N TYR M 40 7.19 19.45 83.10
CA TYR M 40 8.34 18.99 82.32
C TYR M 40 8.71 20.11 81.37
N LEU M 41 9.54 21.04 81.85
CA LEU M 41 9.88 22.22 81.05
C LEU M 41 10.53 21.83 79.73
N SER M 42 11.19 20.67 79.68
CA SER M 42 11.66 20.15 78.40
C SER M 42 10.49 19.86 77.46
N GLN M 43 9.36 19.40 78.00
CA GLN M 43 8.18 19.14 77.18
C GLN M 43 7.58 20.43 76.64
N ILE M 44 7.49 21.47 77.46
CA ILE M 44 6.98 22.76 76.96
C ILE M 44 7.91 23.29 75.89
N PRO M 45 7.41 23.70 74.73
CA PRO M 45 8.31 24.32 73.74
C PRO M 45 8.91 25.61 74.22
N GLY M 46 8.16 26.38 75.01
CA GLY M 46 8.60 27.68 75.46
C GLY M 46 8.97 28.55 74.27
N LEU M 47 10.14 29.19 74.39
CA LEU M 47 10.74 29.83 73.25
C LEU M 47 11.35 28.79 72.31
N VAL M 48 11.07 28.96 71.01
CA VAL M 48 11.51 28.02 69.99
C VAL M 48 12.84 28.50 69.42
N ASN M 49 13.73 27.56 69.11
CA ASN M 49 14.95 27.88 68.38
C ASN M 49 14.56 28.49 67.04
N MET M 50 14.85 29.78 66.87
CA MET M 50 14.08 30.62 65.96
C MET M 50 14.96 31.55 65.14
N ALA M 51 16.00 31.03 64.49
CA ALA M 51 16.81 31.89 63.63
C ALA M 51 17.22 31.22 62.32
N LEU M 52 17.73 30.00 62.38
CA LEU M 52 18.50 29.42 61.29
C LEU M 52 17.61 29.02 60.12
N TYR M 53 18.12 29.26 58.91
CA TYR M 53 17.50 28.74 57.69
C TYR M 53 18.44 27.70 57.06
N VAL M 54 18.09 27.27 55.85
CA VAL M 54 18.87 26.26 55.15
C VAL M 54 19.20 26.77 53.75
N SER M 55 20.23 26.17 53.15
CA SER M 55 20.72 26.60 51.85
C SER M 55 19.67 26.38 50.76
N PRO M 56 19.73 27.18 49.68
CA PRO M 56 18.76 27.00 48.59
C PRO M 56 19.04 25.80 47.70
N ILE M 57 19.32 24.65 48.30
CA ILE M 57 19.42 23.41 47.54
C ILE M 57 18.53 22.35 48.17
N VAL M 58 18.70 22.09 49.47
CA VAL M 58 17.88 21.16 50.22
C VAL M 58 17.59 21.79 51.59
N SER M 59 16.88 21.04 52.42
CA SER M 59 16.58 21.52 53.76
C SER M 59 17.28 20.65 54.81
N GLY M 60 17.32 21.17 56.04
CA GLY M 60 18.12 20.58 57.09
C GLY M 60 17.38 19.58 57.95
N GLU M 61 17.84 19.49 59.20
CA GLU M 61 17.39 18.47 60.13
C GLU M 61 16.03 18.83 60.72
N VAL M 62 15.58 18.02 61.67
CA VAL M 62 14.29 18.21 62.32
C VAL M 62 14.52 19.01 63.60
N ILE M 63 13.69 20.03 63.82
CA ILE M 63 13.78 20.88 65.00
C ILE M 63 12.73 20.44 66.02
N ARG M 64 13.14 20.35 67.27
CA ARG M 64 12.34 19.81 68.37
C ARG M 64 12.02 20.92 69.36
N SER M 65 11.32 20.54 70.44
CA SER M 65 11.27 21.35 71.64
C SER M 65 12.64 21.26 72.30
N ARG M 66 13.30 22.39 72.50
CA ARG M 66 14.74 22.42 72.71
C ARG M 66 15.13 22.06 74.15
N GLY M 67 14.62 20.91 74.59
CA GLY M 67 15.12 20.21 75.76
C GLY M 67 15.48 21.04 76.97
N GLY M 68 14.47 21.59 77.65
CA GLY M 68 14.70 22.36 78.87
C GLY M 68 15.55 21.62 79.87
N SER M 69 16.53 22.32 80.45
CA SER M 69 17.51 21.66 81.31
C SER M 69 16.85 21.04 82.54
N THR M 70 16.01 21.80 83.23
CA THR M 70 15.29 21.30 84.40
C THR M 70 13.82 21.15 84.05
N SER M 71 13.32 19.92 84.19
CA SER M 71 11.95 19.60 83.82
C SER M 71 11.23 18.76 84.87
N GLU M 72 11.39 19.08 86.15
CA GLU M 72 10.82 18.26 87.23
C GLU M 72 10.56 19.15 88.45
N PHE M 73 9.32 19.62 88.59
CA PHE M 73 8.87 20.28 89.81
C PHE M 73 7.46 19.80 90.13
N THR M 74 7.10 19.91 91.41
CA THR M 74 5.83 19.39 91.91
C THR M 74 4.76 20.46 91.86
N PRO M 75 3.71 20.30 91.05
CA PRO M 75 2.62 21.28 91.08
C PRO M 75 1.91 21.29 92.43
N GLY M 76 1.37 22.45 92.79
CA GLY M 76 0.63 22.60 94.02
C GLY M 76 -0.76 22.01 93.95
N TYR M 77 -0.85 20.68 94.00
CA TYR M 77 -2.15 20.06 93.94
C TYR M 77 -2.96 20.44 95.17
N VAL M 78 -3.88 21.37 94.99
CA VAL M 78 -4.70 21.94 96.03
C VAL M 78 -6.12 21.40 95.86
N LYS M 79 -6.57 20.61 96.84
CA LYS M 79 -7.96 20.23 96.75
C LYS M 79 -8.66 20.52 98.08
N PRO M 80 -9.21 21.71 98.26
CA PRO M 80 -10.01 21.98 99.46
C PRO M 80 -11.47 21.62 99.26
N LYS M 81 -12.27 21.78 100.32
CA LYS M 81 -13.70 21.50 100.24
C LYS M 81 -14.41 22.32 101.30
N HIS M 82 -15.73 22.28 101.24
CA HIS M 82 -16.54 22.86 102.30
C HIS M 82 -17.86 22.10 102.36
N GLU M 83 -18.64 22.44 103.38
CA GLU M 83 -20.01 21.97 103.48
C GLU M 83 -20.96 23.06 103.00
N VAL M 84 -22.09 22.63 102.46
CA VAL M 84 -23.15 23.53 102.04
C VAL M 84 -24.44 23.14 102.76
N ASN M 85 -24.29 22.68 104.00
CA ASN M 85 -25.39 22.18 104.82
C ASN M 85 -26.51 23.22 104.90
N PRO M 86 -27.73 22.87 104.50
CA PRO M 86 -28.83 23.85 104.52
C PRO M 86 -29.32 24.17 105.92
N GLN M 87 -28.42 24.64 106.79
CA GLN M 87 -28.78 25.12 108.11
C GLN M 87 -28.56 26.61 108.28
N MET M 88 -27.91 27.28 107.34
CA MET M 88 -27.65 28.71 107.46
C MET M 88 -28.73 29.54 106.78
N THR M 89 -28.92 30.75 107.30
CA THR M 89 -29.43 31.81 106.45
C THR M 89 -28.27 32.38 105.63
N LEU M 90 -28.52 32.60 104.35
CA LEU M 90 -27.46 32.83 103.37
C LEU M 90 -27.30 34.31 103.07
N ARG M 91 -26.42 34.61 102.11
CA ARG M 91 -26.32 35.96 101.59
C ARG M 91 -27.62 36.31 100.89
N ARG M 92 -28.43 37.22 101.45
CA ARG M 92 -29.68 37.60 100.80
C ARG M 92 -29.47 38.88 100.01
N LEU M 93 -29.22 38.74 98.71
CA LEU M 93 -29.30 39.88 97.81
C LEU M 93 -30.61 40.62 98.06
N PRO M 94 -30.61 41.96 98.05
CA PRO M 94 -31.80 42.70 98.50
C PRO M 94 -33.11 42.28 97.85
N ASP M 95 -33.96 41.63 98.65
CA ASP M 95 -35.38 41.41 98.36
C ASP M 95 -35.65 40.79 96.99
N GLU M 96 -34.93 39.72 96.63
CA GLU M 96 -35.37 38.86 95.54
C GLU M 96 -36.05 37.61 96.09
N ASP M 97 -37.25 37.84 96.63
CA ASP M 97 -38.19 36.78 96.99
C ASP M 97 -37.57 35.74 97.91
N PRO M 98 -37.37 36.05 99.21
CA PRO M 98 -36.76 35.06 100.12
C PRO M 98 -37.54 33.75 100.24
N GLN M 99 -38.70 33.64 99.59
CA GLN M 99 -39.40 32.36 99.57
C GLN M 99 -38.56 31.26 98.93
N ASN M 100 -37.75 31.60 97.92
CA ASN M 100 -36.87 30.59 97.34
C ASN M 100 -35.72 30.25 98.25
N LEU M 101 -35.22 31.19 99.05
CA LEU M 101 -34.30 30.82 100.11
C LEU M 101 -34.94 29.85 101.08
N ALA M 102 -36.21 30.07 101.41
CA ALA M 102 -36.96 29.11 102.21
C ALA M 102 -36.97 27.72 101.57
N ASP M 103 -36.87 27.64 100.25
CA ASP M 103 -36.69 26.36 99.58
C ASP M 103 -35.32 25.79 99.94
N PRO M 104 -35.25 24.53 100.40
CA PRO M 104 -33.94 23.88 100.49
C PRO M 104 -33.25 23.74 99.14
N ALA M 105 -33.99 23.62 98.04
CA ALA M 105 -33.35 23.47 96.74
C ALA M 105 -32.61 24.75 96.33
N TYR M 106 -33.27 25.90 96.41
CA TYR M 106 -32.60 27.13 96.02
C TYR M 106 -31.51 27.51 97.01
N ARG M 107 -31.76 27.31 98.32
CA ARG M 107 -30.70 27.62 99.27
C ARG M 107 -29.48 26.75 98.99
N ARG M 108 -29.69 25.45 98.73
CA ARG M 108 -28.55 24.57 98.53
C ARG M 108 -27.82 24.91 97.23
N ARG M 109 -28.55 25.25 96.16
CA ARG M 109 -27.83 25.55 94.92
C ARG M 109 -27.08 26.87 95.00
N ARG M 110 -27.67 27.93 95.56
CA ARG M 110 -26.90 29.16 95.58
C ARG M 110 -25.86 29.13 96.68
N ILE M 111 -26.01 28.25 97.69
CA ILE M 111 -24.94 28.11 98.66
C ILE M 111 -23.79 27.29 98.09
N ILE M 112 -24.05 26.33 97.20
CA ILE M 112 -22.92 25.72 96.53
C ILE M 112 -22.27 26.73 95.59
N MET M 113 -23.08 27.63 95.01
CA MET M 113 -22.52 28.74 94.25
C MET M 113 -21.54 29.54 95.11
N GLN M 114 -22.00 29.98 96.29
CA GLN M 114 -21.18 30.78 97.20
C GLN M 114 -19.96 30.01 97.67
N ASN M 115 -20.15 28.76 98.06
CA ASN M 115 -19.05 27.93 98.52
C ASN M 115 -17.99 27.80 97.45
N MET M 116 -18.40 27.43 96.23
CA MET M 116 -17.40 27.18 95.20
C MET M 116 -16.70 28.47 94.81
N ARG M 117 -17.43 29.60 94.79
CA ARG M 117 -16.76 30.84 94.42
C ARG M 117 -15.72 31.22 95.47
N ASP M 118 -16.05 31.05 96.75
CA ASP M 118 -15.02 31.16 97.78
C ASP M 118 -13.84 30.26 97.45
N GLU M 119 -14.12 29.06 96.95
CA GLU M 119 -13.06 28.10 96.67
C GLU M 119 -12.12 28.59 95.57
N GLU M 120 -12.67 29.04 94.42
CA GLU M 120 -11.72 29.44 93.38
C GLU M 120 -11.05 30.76 93.72
N LEU M 121 -11.71 31.62 94.50
CA LEU M 121 -10.99 32.83 94.90
C LEU M 121 -9.92 32.50 95.93
N ALA M 122 -10.11 31.42 96.70
CA ALA M 122 -9.04 30.95 97.57
C ALA M 122 -7.84 30.46 96.77
N ILE M 123 -8.09 29.61 95.77
CA ILE M 123 -6.98 29.13 94.96
C ILE M 123 -6.36 30.28 94.18
N ALA M 124 -7.17 31.27 93.81
CA ALA M 124 -6.67 32.44 93.11
C ALA M 124 -5.76 33.28 94.01
N GLN M 125 -6.13 33.45 95.28
CA GLN M 125 -5.30 34.24 96.17
C GLN M 125 -4.01 33.51 96.54
N VAL M 126 -4.07 32.20 96.72
CA VAL M 126 -2.82 31.47 96.94
C VAL M 126 -1.97 31.49 95.68
N GLU M 127 -2.61 31.49 94.51
CA GLU M 127 -1.87 31.58 93.26
C GLU M 127 -1.23 32.96 93.11
N GLU M 128 -1.91 34.00 93.60
CA GLU M 128 -1.34 35.34 93.58
C GLU M 128 -0.17 35.47 94.56
N MET M 129 -0.24 34.79 95.71
CA MET M 129 0.95 34.75 96.56
C MET M 129 2.10 34.03 95.86
N GLN M 130 1.81 32.94 95.15
CA GLN M 130 2.83 32.30 94.34
C GLN M 130 3.40 33.26 93.30
N ALA M 131 2.54 34.05 92.66
CA ALA M 131 2.98 35.00 91.64
C ALA M 131 3.87 36.08 92.24
N VAL M 132 3.50 36.59 93.42
CA VAL M 132 4.29 37.66 94.02
C VAL M 132 5.63 37.13 94.50
N SER M 133 5.68 35.91 95.05
CA SER M 133 6.97 35.30 95.34
C SER M 133 7.78 35.13 94.06
N ALA M 134 7.14 34.65 92.99
CA ALA M 134 7.81 34.39 91.74
C ALA M 134 8.44 35.65 91.17
N VAL M 135 7.61 36.62 90.78
CA VAL M 135 8.20 37.90 90.41
C VAL M 135 8.20 38.81 91.64
N LEU M 136 8.95 38.40 92.66
CA LEU M 136 9.75 39.28 93.50
C LEU M 136 11.11 38.69 93.84
N LYS M 137 11.29 37.38 93.78
CA LYS M 137 12.61 36.81 94.02
C LYS M 137 13.03 35.71 93.06
N GLY M 138 12.15 35.23 92.18
CA GLY M 138 12.49 34.13 91.31
C GLY M 138 12.41 32.77 91.97
N LYS M 139 12.21 32.74 93.29
CA LYS M 139 12.08 31.54 94.08
C LYS M 139 10.62 31.38 94.49
N TYR M 140 10.14 30.14 94.45
CA TYR M 140 8.81 29.82 94.97
C TYR M 140 8.92 28.65 95.92
N THR M 141 8.23 28.73 97.05
CA THR M 141 8.24 27.70 98.08
C THR M 141 7.03 26.78 97.88
N MET M 142 7.22 25.71 97.11
CA MET M 142 6.28 24.60 97.06
C MET M 142 6.37 23.85 98.39
N THR M 143 5.53 24.23 99.34
CA THR M 143 5.66 23.70 100.68
C THR M 143 4.30 23.55 101.34
N GLY M 144 4.27 22.69 102.35
CA GLY M 144 3.09 22.48 103.18
C GLY M 144 3.41 21.40 104.18
N GLU M 145 2.63 21.39 105.26
CA GLU M 145 2.83 20.35 106.27
C GLU M 145 2.53 18.99 105.69
N ALA M 146 3.25 17.98 106.16
CA ALA M 146 3.23 16.63 105.56
C ALA M 146 3.55 16.70 104.07
N PHE M 147 4.56 17.51 103.72
CA PHE M 147 5.01 17.67 102.35
C PHE M 147 6.38 18.34 102.37
N ASP M 148 7.31 17.83 101.59
CA ASP M 148 8.65 18.39 101.57
C ASP M 148 8.65 19.75 100.89
N PRO M 149 9.39 20.73 101.42
CA PRO M 149 9.48 22.03 100.74
C PRO M 149 10.43 21.97 99.56
N VAL M 150 9.87 22.03 98.35
CA VAL M 150 10.62 22.14 97.11
C VAL M 150 10.73 23.61 96.75
N GLU M 151 11.96 24.08 96.56
CA GLU M 151 12.20 25.40 96.02
C GLU M 151 12.18 25.33 94.50
N VAL M 152 11.22 26.00 93.89
CA VAL M 152 11.09 26.07 92.43
C VAL M 152 11.66 27.41 92.01
N ASP M 153 12.79 27.38 91.29
CA ASP M 153 13.52 28.58 90.91
C ASP M 153 13.42 28.76 89.40
N MET M 154 12.94 29.93 88.98
CA MET M 154 13.07 30.25 87.56
C MET M 154 14.50 30.64 87.19
N GLY M 155 15.25 31.21 88.12
CA GLY M 155 16.63 31.56 87.85
C GLY M 155 16.90 33.05 87.88
N ARG M 156 16.18 33.78 88.73
CA ARG M 156 16.37 35.22 88.82
C ARG M 156 17.81 35.55 89.16
N SER M 157 18.39 36.44 88.36
CA SER M 157 19.81 36.76 88.45
C SER M 157 20.07 37.78 89.56
N GLU M 158 21.35 37.97 89.85
CA GLU M 158 21.75 38.90 90.91
C GLU M 158 21.44 40.34 90.54
N GLU M 159 21.69 40.75 89.30
CA GLU M 159 21.34 42.09 88.88
C GLU M 159 19.84 42.31 88.84
N ASN M 160 19.05 41.25 88.88
CA ASN M 160 17.61 41.35 89.07
C ASN M 160 17.21 41.41 90.54
N ASN M 161 18.17 41.37 91.45
CA ASN M 161 17.93 41.41 92.89
C ASN M 161 18.74 42.51 93.54
N ILE M 162 19.21 43.47 92.75
CA ILE M 162 19.98 44.57 93.31
C ILE M 162 19.06 45.51 94.09
N THR M 163 19.61 46.09 95.16
CA THR M 163 18.83 46.74 96.20
C THR M 163 19.06 48.24 96.20
N GLN M 164 17.99 49.00 96.47
CA GLN M 164 18.09 50.44 96.58
C GLN M 164 18.84 50.88 97.83
N SER M 165 18.68 50.17 98.95
CA SER M 165 19.36 50.56 100.18
C SER M 165 20.88 50.48 100.03
N GLY M 166 21.36 49.62 99.13
CA GLY M 166 22.78 49.57 98.86
C GLY M 166 23.28 50.90 98.32
N GLY M 167 24.33 51.42 98.92
CA GLY M 167 24.85 52.72 98.54
C GLY M 167 24.06 53.86 99.13
N THR M 168 23.31 54.58 98.29
CA THR M 168 22.52 55.72 98.72
C THR M 168 21.04 55.37 98.64
N GLU M 169 20.31 55.64 99.71
CA GLU M 169 18.88 55.36 99.79
C GLU M 169 18.08 56.58 99.34
N TRP M 170 16.90 56.31 98.77
CA TRP M 170 16.01 57.41 98.41
C TRP M 170 15.54 58.17 99.64
N SER M 171 15.33 57.48 100.75
CA SER M 171 15.06 58.17 102.01
C SER M 171 16.25 59.04 102.40
N LYS M 172 17.47 58.54 102.20
CA LYS M 172 18.69 59.31 102.45
C LYS M 172 19.10 60.11 101.21
N ARG M 173 18.17 60.89 100.69
CA ARG M 173 18.42 61.75 99.54
C ARG M 173 17.62 63.04 99.69
N ASP M 174 17.87 63.98 98.81
CA ASP M 174 17.12 65.23 98.81
C ASP M 174 15.68 64.96 98.39
N LYS M 175 14.74 65.30 99.26
CA LYS M 175 13.33 65.10 98.99
C LYS M 175 12.79 66.07 97.94
N SER M 176 13.58 67.06 97.53
CA SER M 176 13.12 68.09 96.61
C SER M 176 13.79 68.05 95.25
N THR M 177 15.12 67.91 95.19
CA THR M 177 15.85 68.03 93.94
C THR M 177 16.24 66.69 93.32
N TYR M 178 16.43 65.65 94.13
CA TYR M 178 16.84 64.37 93.58
C TYR M 178 15.75 63.77 92.71
N ASP M 179 16.15 63.21 91.57
CA ASP M 179 15.22 62.56 90.65
C ASP M 179 15.52 61.07 90.63
N PRO M 180 14.59 60.20 91.06
CA PRO M 180 14.84 58.76 91.02
C PRO M 180 14.71 58.15 89.63
N THR M 181 14.46 58.97 88.60
CA THR M 181 14.40 58.44 87.24
C THR M 181 15.73 57.82 86.85
N ASP M 182 16.84 58.43 87.28
CA ASP M 182 18.15 57.87 87.00
C ASP M 182 18.24 56.43 87.49
N ASP M 183 17.83 56.18 88.73
CA ASP M 183 17.73 54.82 89.23
C ASP M 183 16.71 54.01 88.42
N ILE M 184 15.67 54.66 87.90
CA ILE M 184 14.66 53.92 87.14
C ILE M 184 15.30 53.28 85.91
N GLU M 185 16.02 54.06 85.10
CA GLU M 185 16.69 53.41 83.97
C GLU M 185 17.86 52.55 84.43
N ALA M 186 18.48 52.88 85.56
CA ALA M 186 19.59 52.05 86.05
C ALA M 186 19.11 50.63 86.32
N TYR M 187 17.94 50.48 86.92
CA TYR M 187 17.40 49.15 87.17
C TYR M 187 16.69 48.58 85.95
N ALA M 188 16.19 49.43 85.04
CA ALA M 188 15.50 48.95 83.86
C ALA M 188 16.44 48.43 82.79
N LEU M 189 17.69 48.91 82.73
CA LEU M 189 18.58 48.52 81.65
C LEU M 189 18.88 47.03 81.70
N ASN M 190 19.13 46.48 82.89
CA ASN M 190 19.40 45.05 83.03
C ASN M 190 18.12 44.27 83.31
N ALA M 191 17.09 44.52 82.52
CA ALA M 191 15.82 43.84 82.66
C ALA M 191 15.43 43.03 81.42
N SER M 192 16.32 42.95 80.42
CA SER M 192 16.06 42.21 79.19
C SER M 192 14.79 42.70 78.50
N GLY M 193 14.57 44.00 78.51
CA GLY M 193 13.42 44.56 77.83
C GLY M 193 13.05 45.91 78.38
N VAL M 194 11.94 46.43 77.87
CA VAL M 194 11.40 47.73 78.25
C VAL M 194 10.41 47.54 79.39
N VAL M 195 10.45 48.48 80.34
CA VAL M 195 9.52 48.51 81.46
C VAL M 195 8.47 49.57 81.19
N ASN M 196 7.18 49.20 81.34
CA ASN M 196 6.10 50.13 81.08
C ASN M 196 5.08 50.22 82.22
N ILE M 197 5.29 49.52 83.33
CA ILE M 197 4.50 49.70 84.55
C ILE M 197 5.46 49.79 85.72
N ILE M 198 5.22 50.75 86.62
CA ILE M 198 6.09 50.97 87.75
C ILE M 198 5.30 50.72 89.04
N VAL M 199 4.41 49.72 89.00
CA VAL M 199 3.56 49.40 90.14
C VAL M 199 4.38 49.23 91.42
N PHE M 200 4.03 50.02 92.43
CA PHE M 200 4.67 50.02 93.74
C PHE M 200 3.74 49.42 94.77
N ASP M 201 4.32 49.01 95.89
CA ASP M 201 3.56 48.90 97.12
C ASP M 201 3.39 50.30 97.73
N PRO M 202 2.36 50.50 98.57
CA PRO M 202 1.93 51.87 98.92
C PRO M 202 3.02 52.80 99.43
N LYS M 203 3.71 52.43 100.51
CA LYS M 203 4.72 53.35 101.03
C LYS M 203 5.94 53.42 100.11
N GLY M 204 6.17 52.39 99.30
CA GLY M 204 7.19 52.49 98.28
C GLY M 204 6.90 53.62 97.29
N TRP M 205 5.67 53.66 96.79
CA TRP M 205 5.26 54.78 95.95
C TRP M 205 5.26 56.08 96.73
N ALA M 206 5.00 56.01 98.04
CA ALA M 206 5.02 57.22 98.86
C ALA M 206 6.39 57.88 98.85
N LEU M 207 7.44 57.11 99.16
CA LEU M 207 8.76 57.75 99.13
C LEU M 207 9.26 57.97 97.71
N PHE M 208 8.72 57.23 96.73
CA PHE M 208 9.02 57.54 95.34
C PHE M 208 8.52 58.94 94.98
N ARG M 209 7.26 59.23 95.29
CA ARG M 209 6.65 60.50 94.96
C ARG M 209 7.06 61.62 95.90
N SER M 210 7.65 61.30 97.05
CA SER M 210 8.14 62.33 97.95
C SER M 210 9.10 63.29 97.25
N PHE M 211 9.85 62.80 96.27
CA PHE M 211 10.70 63.67 95.47
C PHE M 211 9.83 64.58 94.61
N LYS M 212 10.16 65.88 94.61
CA LYS M 212 9.39 66.83 93.80
C LYS M 212 9.49 66.48 92.32
N ALA M 213 10.72 66.29 91.83
CA ALA M 213 10.92 65.95 90.42
C ALA M 213 9.93 64.90 89.95
N VAL M 214 9.63 63.91 90.80
CA VAL M 214 8.59 62.94 90.47
C VAL M 214 7.25 63.63 90.28
N LYS M 215 6.89 64.54 91.19
CA LYS M 215 5.52 65.05 91.20
C LYS M 215 5.27 66.08 90.09
N GLU M 216 6.29 66.84 89.69
CA GLU M 216 6.12 67.65 88.48
C GLU M 216 6.60 66.97 87.21
N LYS M 217 7.08 65.73 87.30
CA LYS M 217 7.36 64.94 86.09
C LYS M 217 6.19 64.03 85.73
N LEU M 218 5.37 63.65 86.70
CA LEU M 218 4.27 62.74 86.43
C LEU M 218 3.08 63.50 85.87
N ASP M 219 2.33 62.83 84.99
CA ASP M 219 1.11 63.37 84.41
C ASP M 219 -0.07 62.68 85.08
N THR M 220 -0.85 63.45 85.82
CA THR M 220 -2.05 62.92 86.46
C THR M 220 -3.15 62.60 85.46
N ARG M 221 -3.02 63.08 84.23
CA ARG M 221 -4.09 62.96 83.25
C ARG M 221 -4.28 61.50 82.84
N ARG M 222 -5.43 61.22 82.24
CA ARG M 222 -5.69 59.89 81.70
C ARG M 222 -4.65 59.56 80.64
N GLY M 223 -4.66 60.30 79.54
CA GLY M 223 -3.82 60.01 78.40
C GLY M 223 -3.82 58.52 78.12
N SER M 224 -5.01 57.97 77.85
CA SER M 224 -5.21 56.54 77.94
C SER M 224 -4.26 55.79 77.01
N ASN M 225 -3.29 55.11 77.61
CA ASN M 225 -2.25 54.43 76.85
C ASN M 225 -2.70 53.09 76.30
N SER M 226 -3.32 52.26 77.14
CA SER M 226 -3.62 50.89 76.76
C SER M 226 -4.87 50.45 77.49
N GLU M 227 -5.09 49.14 77.56
CA GLU M 227 -6.20 48.56 78.28
C GLU M 227 -5.95 48.47 79.78
N LEU M 228 -4.84 49.05 80.27
CA LEU M 228 -4.60 49.01 81.71
C LEU M 228 -5.61 49.86 82.47
N GLU M 229 -6.08 50.96 81.87
CA GLU M 229 -7.17 51.71 82.49
C GLU M 229 -8.42 50.86 82.58
N THR M 230 -8.72 50.08 81.55
CA THR M 230 -9.86 49.17 81.60
C THR M 230 -9.68 48.12 82.69
N ALA M 231 -8.45 47.62 82.83
CA ALA M 231 -8.17 46.64 83.88
C ALA M 231 -8.37 47.25 85.26
N VAL M 232 -7.96 48.49 85.45
CA VAL M 232 -8.16 49.16 86.74
C VAL M 232 -9.64 49.38 86.99
N LYS M 233 -10.39 49.81 85.96
CA LYS M 233 -11.83 49.99 86.13
C LYS M 233 -12.50 48.67 86.50
N ASP M 234 -12.04 47.56 85.91
CA ASP M 234 -12.56 46.25 86.30
C ASP M 234 -12.22 45.95 87.75
N LEU M 235 -10.93 45.91 88.08
CA LEU M 235 -10.47 45.61 89.43
C LEU M 235 -10.13 46.90 90.18
N GLY M 236 -11.16 47.71 90.39
CA GLY M 236 -11.00 48.88 91.23
C GLY M 236 -10.76 48.61 92.69
N LYS M 237 -10.41 47.37 93.05
CA LYS M 237 -10.25 47.02 94.46
C LYS M 237 -8.86 47.38 94.98
N ALA M 238 -7.81 46.79 94.39
CA ALA M 238 -6.49 46.87 94.99
C ALA M 238 -5.40 47.34 94.04
N VAL M 239 -5.68 47.44 92.75
CA VAL M 239 -4.77 48.06 91.79
C VAL M 239 -5.24 49.50 91.58
N SER M 240 -4.31 50.44 91.74
CA SER M 240 -4.62 51.86 91.68
C SER M 240 -3.74 52.52 90.65
N TYR M 241 -4.37 52.96 89.56
CA TYR M 241 -3.69 53.65 88.47
C TYR M 241 -3.41 55.08 88.90
N LYS M 242 -2.22 55.31 89.46
CA LYS M 242 -1.86 56.64 89.92
C LYS M 242 -1.90 57.65 88.78
N GLY M 243 -1.35 57.28 87.63
CA GLY M 243 -1.36 58.16 86.48
C GLY M 243 -0.16 57.88 85.60
N MET M 244 0.15 58.86 84.75
CA MET M 244 1.34 58.84 83.91
C MET M 244 2.50 59.51 84.63
N TYR M 245 3.66 58.87 84.56
CA TYR M 245 4.93 59.52 84.89
C TYR M 245 5.58 60.08 83.64
N GLY M 246 4.73 60.38 82.65
CA GLY M 246 5.20 60.73 81.32
C GLY M 246 5.31 59.50 80.44
N ASP M 247 6.53 59.02 80.25
CA ASP M 247 6.78 57.83 79.45
C ASP M 247 6.11 56.57 80.01
N VAL M 248 6.14 56.38 81.33
CA VAL M 248 5.78 55.11 81.94
C VAL M 248 4.53 55.27 82.78
N ALA M 249 3.80 54.16 82.97
CA ALA M 249 2.61 54.16 83.80
C ALA M 249 2.97 53.91 85.26
N ILE M 250 2.27 54.61 86.15
CA ILE M 250 2.49 54.49 87.59
C ILE M 250 1.26 53.82 88.18
N VAL M 251 1.48 52.67 88.83
CA VAL M 251 0.41 51.91 89.47
C VAL M 251 0.84 51.59 90.89
N VAL M 252 -0.12 51.31 91.75
CA VAL M 252 0.15 50.85 93.11
C VAL M 252 -0.76 49.66 93.41
N TYR M 253 -0.17 48.57 93.86
CA TYR M 253 -0.94 47.40 94.31
C TYR M 253 -0.93 47.36 95.83
N SER M 254 -2.13 47.34 96.41
CA SER M 254 -2.30 47.24 97.86
C SER M 254 -3.21 46.06 98.19
N GLY M 255 -3.07 44.96 97.45
CA GLY M 255 -3.89 43.80 97.72
C GLY M 255 -3.51 43.15 99.04
N GLN M 256 -4.47 42.48 99.66
CA GLN M 256 -4.30 41.89 100.97
C GLN M 256 -4.85 40.48 100.99
N TYR M 257 -4.14 39.58 101.68
CA TYR M 257 -4.64 38.23 101.91
C TYR M 257 -5.02 38.09 103.37
N VAL M 258 -6.13 37.41 103.63
CA VAL M 258 -6.68 37.25 104.96
C VAL M 258 -6.35 35.83 105.41
N GLU M 259 -5.27 35.69 106.18
CA GLU M 259 -4.77 34.37 106.53
C GLU M 259 -5.56 33.81 107.71
N ASN M 260 -5.02 32.74 108.31
CA ASN M 260 -5.80 31.88 109.21
C ASN M 260 -6.46 32.66 110.34
N GLY M 261 -5.78 33.65 110.90
CA GLY M 261 -6.36 34.39 111.99
C GLY M 261 -6.29 35.90 111.82
N VAL M 262 -5.50 36.34 110.84
CA VAL M 262 -5.21 37.76 110.65
C VAL M 262 -5.18 38.04 109.15
N LYS M 263 -5.09 39.32 108.81
CA LYS M 263 -4.96 39.77 107.43
C LYS M 263 -3.71 40.61 107.27
N LYS M 264 -3.10 40.57 106.09
CA LYS M 264 -1.94 41.39 105.81
C LYS M 264 -1.75 41.48 104.31
N ASN M 265 -1.05 42.54 103.86
CA ASN M 265 -0.89 42.78 102.43
C ASN M 265 -0.07 41.69 101.76
N PHE M 266 -0.38 41.44 100.49
CA PHE M 266 0.45 40.55 99.67
C PHE M 266 1.88 41.05 99.59
N LEU M 267 2.04 42.34 99.31
CA LEU M 267 3.29 43.04 99.07
C LEU M 267 4.10 43.22 100.35
N PRO M 268 5.41 43.05 100.24
CA PRO M 268 6.30 43.41 101.36
C PRO M 268 6.35 44.92 101.57
N ASP M 269 7.23 45.37 102.47
CA ASP M 269 7.21 46.77 102.89
C ASP M 269 7.50 47.72 101.73
N ASN M 270 8.60 47.49 101.01
CA ASN M 270 9.04 48.42 99.96
C ASN M 270 9.76 47.60 98.89
N THR M 271 9.04 47.24 97.83
CA THR M 271 9.60 46.40 96.78
C THR M 271 9.12 46.85 95.41
N MET M 272 9.86 46.43 94.39
CA MET M 272 9.63 46.80 93.01
C MET M 272 10.09 45.68 92.09
N VAL M 273 9.35 45.50 90.99
CA VAL M 273 9.78 44.65 89.88
C VAL M 273 9.66 45.44 88.58
N LEU M 274 10.78 45.58 87.89
CA LEU M 274 10.85 46.31 86.64
C LEU M 274 10.83 45.32 85.49
N GLY M 275 9.83 45.44 84.62
CA GLY M 275 9.70 44.54 83.48
C GLY M 275 8.54 44.96 82.60
N ASN M 276 8.26 44.11 81.61
CA ASN M 276 7.22 44.38 80.63
C ASN M 276 5.87 43.88 81.10
N THR M 277 4.82 44.40 80.46
CA THR M 277 3.47 43.88 80.62
C THR M 277 3.21 42.62 79.81
N GLN M 278 4.08 42.30 78.85
CA GLN M 278 3.93 41.10 78.03
C GLN M 278 4.97 40.04 78.34
N ALA M 279 5.47 39.99 79.57
CA ALA M 279 6.37 38.91 79.96
C ALA M 279 5.65 37.57 79.91
N ARG M 280 6.39 36.52 79.62
CA ARG M 280 5.80 35.21 79.36
C ARG M 280 5.65 34.47 80.69
N GLY M 281 4.42 34.11 81.03
CA GLY M 281 4.16 33.39 82.26
C GLY M 281 3.51 32.04 82.06
N LEU M 282 4.14 30.99 82.59
CA LEU M 282 3.65 29.64 82.40
C LEU M 282 2.72 29.27 83.55
N ARG M 283 1.64 28.56 83.21
CA ARG M 283 0.65 28.06 84.15
C ARG M 283 0.57 26.55 84.02
N THR M 284 1.71 25.87 84.10
CA THR M 284 1.72 24.42 84.07
C THR M 284 0.83 23.86 85.19
N TYR M 285 0.05 22.84 84.85
CA TYR M 285 -0.92 22.26 85.75
C TYR M 285 -0.71 20.76 85.77
N GLY M 286 -0.70 20.18 86.96
CA GLY M 286 -0.43 18.77 87.12
C GLY M 286 -1.67 17.92 86.96
N CYS M 287 -1.51 16.64 87.33
CA CYS M 287 -2.63 15.72 87.32
C CYS M 287 -3.68 16.11 88.34
N ILE M 288 -4.93 15.76 88.05
CA ILE M 288 -6.03 15.94 89.00
C ILE M 288 -6.40 14.56 89.54
N GLN M 289 -6.14 14.35 90.84
CA GLN M 289 -6.33 13.05 91.48
C GLN M 289 -7.79 12.91 91.93
N ASP M 290 -8.65 12.63 90.96
CA ASP M 290 -10.06 12.36 91.22
C ASP M 290 -10.56 11.34 90.23
N ALA M 291 -11.07 10.21 90.73
CA ALA M 291 -11.49 9.13 89.86
C ALA M 291 -12.45 9.62 88.79
N ASP M 292 -13.34 10.55 89.17
CA ASP M 292 -14.22 11.18 88.19
C ASP M 292 -13.42 11.88 87.10
N ALA M 293 -12.40 12.65 87.50
CA ALA M 293 -11.59 13.37 86.53
C ALA M 293 -10.87 12.43 85.58
N GLN M 294 -10.33 11.33 86.10
CA GLN M 294 -9.63 10.42 85.19
C GLN M 294 -10.60 9.72 84.23
N ARG M 295 -11.75 9.24 84.72
CA ARG M 295 -12.50 8.41 83.78
C ARG M 295 -13.35 9.27 82.86
N GLU M 296 -13.41 10.59 83.10
CA GLU M 296 -13.99 11.48 82.10
C GLU M 296 -12.97 12.39 81.43
N GLY M 297 -11.68 12.18 81.67
CA GLY M 297 -10.65 12.90 80.93
C GLY M 297 -10.34 14.31 81.38
N ILE M 298 -10.55 14.61 82.67
CA ILE M 298 -10.23 15.93 83.20
C ILE M 298 -8.94 15.82 83.99
N ASN M 299 -8.11 14.84 83.62
CA ASN M 299 -6.76 14.75 84.17
C ASN M 299 -5.89 15.91 83.71
N ALA M 300 -6.22 16.51 82.57
CA ALA M 300 -5.47 17.64 82.02
C ALA M 300 -6.43 18.81 81.87
N SER M 301 -6.51 19.65 82.90
CA SER M 301 -7.43 20.77 82.89
C SER M 301 -6.98 21.80 83.91
N ALA M 302 -7.79 22.85 84.05
CA ALA M 302 -7.51 23.87 85.05
C ALA M 302 -8.04 23.47 86.43
N ARG M 303 -9.36 23.38 86.56
CA ARG M 303 -10.02 23.19 87.84
C ARG M 303 -11.03 22.07 87.74
N TYR M 304 -11.44 21.54 88.90
CA TYR M 304 -12.49 20.54 88.92
C TYR M 304 -13.38 20.70 90.15
N PRO M 305 -14.65 21.05 89.97
CA PRO M 305 -15.60 21.06 91.09
C PRO M 305 -16.37 19.75 91.21
N LYS M 306 -16.98 19.50 92.36
CA LYS M 306 -17.98 18.45 92.47
C LYS M 306 -18.80 18.66 93.73
N ASN M 307 -20.05 18.21 93.67
CA ASN M 307 -20.94 18.15 94.84
C ASN M 307 -21.29 16.69 95.08
N TRP M 308 -21.18 16.25 96.33
CA TRP M 308 -21.11 14.82 96.59
C TRP M 308 -21.46 14.51 98.04
N VAL M 309 -22.13 13.37 98.23
CA VAL M 309 -22.68 12.95 99.51
C VAL M 309 -21.81 11.83 100.08
N THR M 310 -21.49 11.94 101.37
CA THR M 310 -20.84 10.87 102.11
C THR M 310 -21.89 10.10 102.89
N THR M 311 -21.89 8.78 102.72
CA THR M 311 -22.77 7.87 103.44
C THR M 311 -21.97 7.12 104.48
N GLY M 312 -22.46 7.17 105.73
CA GLY M 312 -21.79 6.46 106.80
C GLY M 312 -21.50 7.33 108.01
N ASP M 313 -20.23 7.31 108.46
CA ASP M 313 -19.87 8.13 109.62
C ASP M 313 -20.04 9.62 109.35
N PRO M 314 -19.38 10.23 108.35
CA PRO M 314 -19.66 11.63 108.05
C PRO M 314 -20.78 11.77 107.02
N ALA M 315 -21.95 11.21 107.34
CA ALA M 315 -23.04 11.15 106.38
C ALA M 315 -23.56 12.56 106.14
N ARG M 316 -23.00 13.22 105.14
CA ARG M 316 -23.23 14.63 104.89
C ARG M 316 -23.11 14.86 103.39
N GLU M 317 -22.94 16.12 102.99
CA GLU M 317 -22.75 16.44 101.58
C GLU M 317 -21.88 17.67 101.47
N PHE M 318 -20.94 17.63 100.53
CA PHE M 318 -19.84 18.57 100.44
C PHE M 318 -19.65 19.05 99.01
N THR M 319 -18.97 20.20 98.90
CA THR M 319 -18.46 20.69 97.63
C THR M 319 -16.94 20.64 97.66
N MET M 320 -16.36 20.01 96.64
CA MET M 320 -14.94 19.67 96.58
C MET M 320 -14.35 20.37 95.37
N ILE M 321 -13.24 21.07 95.55
CA ILE M 321 -12.56 21.76 94.45
C ILE M 321 -11.14 21.26 94.37
N GLN M 322 -10.71 20.88 93.17
CA GLN M 322 -9.37 20.31 92.97
C GLN M 322 -8.65 21.02 91.83
N SER M 323 -7.36 21.25 92.04
CA SER M 323 -6.52 21.94 91.07
C SER M 323 -5.08 21.53 91.33
N ALA M 324 -4.17 21.94 90.43
CA ALA M 324 -2.74 21.67 90.59
C ALA M 324 -1.94 22.67 89.77
N PRO M 325 -1.85 23.91 90.22
CA PRO M 325 -1.04 24.91 89.50
C PRO M 325 0.42 24.92 89.95
N LEU M 326 1.30 25.19 88.99
CA LEU M 326 2.71 25.42 89.28
C LEU M 326 3.21 26.57 88.41
N MET M 327 2.40 27.61 88.30
CA MET M 327 2.72 28.81 87.55
C MET M 327 4.07 29.39 87.91
N LEU M 328 4.84 29.74 86.88
CA LEU M 328 6.16 30.33 87.00
C LEU M 328 6.31 31.38 85.90
N LEU M 329 7.50 31.97 85.82
CA LEU M 329 7.84 32.94 84.78
C LEU M 329 8.88 32.33 83.85
N ALA M 330 8.68 32.49 82.54
CA ALA M 330 9.62 31.93 81.58
C ALA M 330 10.98 32.60 81.70
N ASP M 331 11.01 33.93 81.80
CA ASP M 331 12.25 34.68 81.92
C ASP M 331 12.31 35.38 83.26
N PRO M 332 12.97 34.77 84.26
CA PRO M 332 13.15 35.48 85.54
C PRO M 332 13.98 36.75 85.40
N ASP M 333 14.87 36.80 84.42
CA ASP M 333 15.67 37.99 84.16
C ASP M 333 14.84 39.13 83.58
N GLU M 334 13.60 38.87 83.17
CA GLU M 334 12.74 39.91 82.62
C GLU M 334 12.43 41.00 83.63
N PHE M 335 12.36 40.66 84.91
CA PHE M 335 12.05 41.63 85.96
C PHE M 335 13.23 41.79 86.90
N VAL M 336 13.58 43.05 87.16
CA VAL M 336 14.56 43.41 88.18
C VAL M 336 13.80 43.67 89.48
N SER M 337 14.14 42.91 90.52
CA SER M 337 13.47 43.00 91.82
C SER M 337 14.33 43.81 92.77
N VAL M 338 13.80 44.92 93.24
CA VAL M 338 14.54 45.87 94.07
C VAL M 338 13.77 46.08 95.36
N GLN M 339 14.47 45.97 96.48
CA GLN M 339 13.94 46.44 97.75
C GLN M 339 14.33 47.90 97.92
N LEU M 340 13.38 48.71 98.35
CA LEU M 340 13.52 50.17 98.33
C LEU M 340 14.05 50.68 99.67
N ALA M 341 14.28 51.99 99.70
CA ALA M 341 14.77 52.65 100.91
C ALA M 341 13.73 52.58 102.02
N ALA N 7 0.18 15.69 56.68
CA ALA N 7 0.09 16.38 55.40
C ALA N 7 -1.36 16.64 55.01
N GLN N 8 -1.78 17.90 55.13
CA GLN N 8 -3.13 18.32 54.77
C GLN N 8 -3.05 19.29 53.60
N LEU N 9 -4.19 19.45 52.92
CA LEU N 9 -4.24 20.13 51.63
C LEU N 9 -3.90 21.62 51.78
N LEU N 10 -3.71 22.25 50.62
CA LEU N 10 -3.39 23.67 50.57
C LEU N 10 -4.53 24.53 51.11
N ALA N 11 -5.77 24.14 50.84
CA ALA N 11 -6.93 24.96 51.21
C ALA N 11 -7.09 25.11 52.72
N ALA N 12 -6.41 24.30 53.52
CA ALA N 12 -6.46 24.42 54.98
C ALA N 12 -5.54 25.56 55.45
N ASN N 13 -5.82 26.75 54.92
CA ASN N 13 -5.02 27.94 55.19
C ASN N 13 -5.94 29.14 55.45
N GLU N 14 -6.97 28.93 56.25
CA GLU N 14 -7.99 29.95 56.51
C GLU N 14 -7.68 30.65 57.83
N GLN N 15 -7.41 31.97 57.76
CA GLN N 15 -7.19 32.77 58.95
C GLN N 15 -8.25 33.84 59.13
N LYS N 16 -8.45 34.69 58.12
CA LYS N 16 -9.24 35.93 58.24
C LYS N 16 -8.70 36.81 59.35
N PHE N 17 -7.38 36.74 59.59
CA PHE N 17 -6.68 37.51 60.62
C PHE N 17 -5.58 38.32 59.94
N LYS N 18 -5.92 39.52 59.48
CA LYS N 18 -4.95 40.46 58.92
C LYS N 18 -4.92 41.68 59.82
N PHE N 19 -3.95 41.72 60.73
CA PHE N 19 -3.86 42.75 61.77
C PHE N 19 -2.45 43.32 61.86
N ASP N 20 -1.87 43.64 60.71
CA ASP N 20 -0.56 44.29 60.68
C ASP N 20 -0.66 45.72 61.23
N PRO N 21 0.35 46.20 61.95
CA PRO N 21 0.26 47.53 62.63
C PRO N 21 0.35 48.74 61.70
N LEU N 22 -0.69 48.91 60.88
CA LEU N 22 -0.96 50.14 60.15
C LEU N 22 0.13 50.53 59.15
N PHE N 23 1.12 49.68 58.94
CA PHE N 23 2.16 49.98 57.96
C PHE N 23 1.96 49.30 56.64
N LEU N 24 1.90 47.96 56.62
CA LEU N 24 1.69 47.22 55.38
C LEU N 24 0.25 47.29 54.89
N ARG N 25 -0.65 47.80 55.72
CA ARG N 25 -2.07 47.91 55.38
C ARG N 25 -2.51 49.33 55.03
N LEU N 26 -1.72 50.33 55.40
CA LEU N 26 -2.11 51.73 55.25
C LEU N 26 -1.13 52.55 54.42
N PHE N 27 0.17 52.36 54.60
CA PHE N 27 1.14 53.04 53.74
C PHE N 27 1.63 52.16 52.60
N PHE N 28 1.63 50.84 52.77
CA PHE N 28 2.29 49.94 51.84
C PHE N 28 1.31 48.94 51.23
N ARG N 29 0.17 49.44 50.74
CA ARG N 29 -0.85 48.61 50.13
C ARG N 29 -0.45 48.10 48.75
N GLU N 30 0.65 48.61 48.18
CA GLU N 30 0.90 48.57 46.75
C GLU N 30 1.64 47.28 46.38
N SER N 31 0.96 46.15 46.47
CA SER N 31 1.57 44.83 46.33
C SER N 31 1.92 44.52 44.88
N TYR N 32 3.13 43.98 44.66
CA TYR N 32 3.55 43.55 43.33
C TYR N 32 4.26 42.21 43.38
N PRO N 33 3.52 41.12 43.58
CA PRO N 33 4.15 39.80 43.39
C PRO N 33 4.46 39.52 41.93
N PHE N 34 5.65 38.98 41.70
CA PHE N 34 6.21 38.77 40.37
C PHE N 34 6.40 37.28 40.09
N THR N 35 6.49 36.96 38.80
CA THR N 35 6.91 35.65 38.34
C THR N 35 8.43 35.59 38.19
N THR N 36 9.11 36.67 38.56
CA THR N 36 10.55 36.80 38.39
C THR N 36 11.20 37.05 39.74
N GLU N 37 12.47 36.68 39.83
CA GLU N 37 13.18 36.65 41.13
C GLU N 37 13.21 38.02 41.79
N LYS N 38 13.87 38.98 41.16
CA LYS N 38 14.17 40.25 41.77
C LYS N 38 12.99 41.21 41.65
N VAL N 39 13.18 42.41 42.18
CA VAL N 39 12.30 43.54 41.93
C VAL N 39 12.88 44.37 40.80
N TYR N 40 12.03 44.73 39.86
CA TYR N 40 12.45 45.48 38.68
C TYR N 40 11.65 46.78 38.68
N LEU N 41 12.17 47.79 39.39
CA LEU N 41 11.44 49.04 39.54
C LEU N 41 11.16 49.69 38.19
N SER N 42 11.99 49.42 37.19
CA SER N 42 11.66 49.84 35.82
C SER N 42 10.38 49.17 35.33
N GLN N 43 10.16 47.91 35.72
CA GLN N 43 8.95 47.20 35.33
C GLN N 43 7.72 47.79 36.01
N ILE N 44 7.79 48.12 37.30
CA ILE N 44 6.66 48.75 37.97
C ILE N 44 6.38 50.11 37.33
N PRO N 45 5.13 50.42 36.97
CA PRO N 45 4.85 51.76 36.44
C PRO N 45 5.10 52.84 37.47
N GLY N 46 4.82 52.56 38.73
CA GLY N 46 4.92 53.53 39.80
C GLY N 46 4.07 54.75 39.47
N LEU N 47 4.69 55.91 39.63
CA LEU N 47 4.09 57.14 39.12
C LEU N 47 4.27 57.21 37.61
N VAL N 48 3.19 57.56 36.91
CA VAL N 48 3.15 57.61 35.45
C VAL N 48 3.48 59.02 35.02
N ASN N 49 4.22 59.14 33.91
CA ASN N 49 4.43 60.43 33.26
C ASN N 49 3.08 61.01 32.88
N MET N 50 2.67 62.10 33.55
CA MET N 50 1.26 62.40 33.73
C MET N 50 0.97 63.89 33.54
N ALA N 51 1.43 64.50 32.45
CA ALA N 51 1.07 65.89 32.20
C ALA N 51 0.74 66.19 30.74
N LEU N 52 1.58 65.74 29.81
CA LEU N 52 1.59 66.26 28.45
C LEU N 52 0.38 65.79 27.65
N TYR N 53 -0.16 66.70 26.83
CA TYR N 53 -1.16 66.35 25.84
C TYR N 53 -0.57 66.56 24.45
N VAL N 54 -1.43 66.45 23.43
CA VAL N 54 -1.00 66.57 22.04
C VAL N 54 -1.88 67.60 21.35
N SER N 55 -1.37 68.13 20.23
CA SER N 55 -2.05 69.18 19.49
C SER N 55 -3.38 68.69 18.92
N PRO N 56 -4.33 69.60 18.70
CA PRO N 56 -5.62 69.19 18.13
C PRO N 56 -5.58 68.91 16.64
N ILE N 57 -4.57 68.16 16.18
CA ILE N 57 -4.53 67.70 14.80
C ILE N 57 -4.33 66.18 14.78
N VAL N 58 -3.27 65.71 15.43
CA VAL N 58 -2.98 64.29 15.56
C VAL N 58 -2.52 64.04 16.99
N SER N 59 -2.16 62.78 17.26
CA SER N 59 -1.67 62.43 18.58
C SER N 59 -0.20 62.00 18.51
N GLY N 60 0.44 61.95 19.68
CA GLY N 60 1.87 61.77 19.76
C GLY N 60 2.31 60.33 19.89
N GLU N 61 3.47 60.17 20.53
CA GLU N 61 4.16 58.89 20.61
C GLU N 61 3.51 57.99 21.65
N VAL N 62 4.13 56.83 21.88
CA VAL N 62 3.63 55.84 22.83
C VAL N 62 4.33 56.09 24.17
N ILE N 63 3.54 56.08 25.25
CA ILE N 63 4.05 56.30 26.60
C ILE N 63 4.18 54.94 27.29
N ARG N 64 5.31 54.74 27.97
CA ARG N 64 5.69 53.48 28.58
C ARG N 64 5.73 53.63 30.10
N SER N 65 6.10 52.54 30.78
CA SER N 65 6.55 52.62 32.16
C SER N 65 7.92 53.28 32.14
N ARG N 66 8.06 54.40 32.85
CA ARG N 66 9.14 55.35 32.59
C ARG N 66 10.47 54.90 33.21
N GLY N 67 10.85 53.66 32.89
CA GLY N 67 12.21 53.17 33.06
C GLY N 67 12.92 53.53 34.35
N GLY N 68 12.50 52.96 35.47
CA GLY N 68 13.15 53.19 36.74
C GLY N 68 14.66 52.97 36.68
N SER N 69 15.41 53.91 37.26
CA SER N 69 16.86 53.87 37.12
C SER N 69 17.46 52.61 37.72
N THR N 70 17.07 52.27 38.95
CA THR N 70 17.54 51.07 39.62
C THR N 70 16.41 50.07 39.70
N SER N 71 16.62 48.89 39.11
CA SER N 71 15.59 47.86 39.04
C SER N 71 16.11 46.48 39.40
N GLU N 72 16.93 46.36 40.45
CA GLU N 72 17.56 45.09 40.80
C GLU N 72 17.85 45.06 42.29
N PHE N 73 16.96 44.45 43.07
CA PHE N 73 17.21 44.15 44.47
C PHE N 73 16.66 42.77 44.78
N THR N 74 17.21 42.15 45.83
CA THR N 74 16.89 40.77 46.18
C THR N 74 15.76 40.74 47.18
N PRO N 75 14.60 40.19 46.85
CA PRO N 75 13.52 40.05 47.84
C PRO N 75 13.93 39.11 48.96
N GLY N 76 13.38 39.34 50.15
CA GLY N 76 13.65 38.52 51.30
C GLY N 76 12.90 37.21 51.26
N TYR N 77 13.37 36.28 50.43
CA TYR N 77 12.69 35.00 50.35
C TYR N 77 12.83 34.27 51.68
N VAL N 78 11.75 34.30 52.44
CA VAL N 78 11.67 33.73 53.78
C VAL N 78 10.83 32.47 53.71
N LYS N 79 11.46 31.34 53.97
CA LYS N 79 10.62 30.14 54.07
C LYS N 79 10.91 29.40 55.36
N PRO N 80 10.23 29.72 56.45
CA PRO N 80 10.39 28.93 57.68
C PRO N 80 9.41 27.76 57.73
N LYS N 81 9.52 26.96 58.79
CA LYS N 81 8.63 25.83 58.96
C LYS N 81 8.55 25.50 60.45
N HIS N 82 7.64 24.59 60.77
CA HIS N 82 7.59 24.02 62.10
C HIS N 82 7.04 22.61 62.02
N GLU N 83 7.07 21.94 63.17
CA GLU N 83 6.39 20.66 63.33
C GLU N 83 5.05 20.86 64.01
N VAL N 84 4.11 19.99 63.68
CA VAL N 84 2.80 19.97 64.32
C VAL N 84 2.57 18.59 64.91
N ASN N 85 3.65 17.98 65.40
CA ASN N 85 3.64 16.63 65.94
C ASN N 85 2.56 16.49 67.02
N PRO N 86 1.62 15.56 66.88
CA PRO N 86 0.56 15.42 67.88
C PRO N 86 1.03 14.80 69.18
N GLN N 87 2.01 15.45 69.82
CA GLN N 87 2.44 15.06 71.15
C GLN N 87 2.15 16.10 72.21
N MET N 88 1.72 17.30 71.83
CA MET N 88 1.44 18.35 72.80
C MET N 88 -0.02 18.36 73.21
N THR N 89 -0.26 18.83 74.43
CA THR N 89 -1.55 19.44 74.72
C THR N 89 -1.52 20.89 74.22
N LEU N 90 -2.61 21.28 73.56
CA LEU N 90 -2.63 22.48 72.74
C LEU N 90 -3.27 23.66 73.48
N ARG N 91 -3.43 24.77 72.77
CA ARG N 91 -4.19 25.88 73.31
C ARG N 91 -5.64 25.44 73.45
N ARG N 92 -6.14 25.28 74.67
CA ARG N 92 -7.54 24.87 74.85
C ARG N 92 -8.40 26.11 75.12
N LEU N 93 -9.02 26.62 74.07
CA LEU N 93 -10.08 27.60 74.24
C LEU N 93 -11.06 27.08 75.30
N PRO N 94 -11.56 27.95 76.19
CA PRO N 94 -12.33 27.45 77.35
C PRO N 94 -13.48 26.49 77.00
N ASP N 95 -13.27 25.22 77.36
CA ASP N 95 -14.32 24.20 77.42
C ASP N 95 -15.15 24.08 76.16
N GLU N 96 -14.52 24.02 74.98
CA GLU N 96 -15.20 23.53 73.78
C GLU N 96 -14.84 22.07 73.52
N ASP N 97 -15.36 21.20 74.39
CA ASP N 97 -15.34 19.75 74.20
C ASP N 97 -13.95 19.20 73.95
N PRO N 98 -13.09 19.10 74.97
CA PRO N 98 -11.72 18.59 74.74
C PRO N 98 -11.67 17.18 74.17
N GLN N 99 -12.82 16.52 73.99
CA GLN N 99 -12.83 15.23 73.32
C GLN N 99 -12.28 15.32 71.90
N ASN N 100 -12.53 16.43 71.21
CA ASN N 100 -11.96 16.59 69.88
C ASN N 100 -10.46 16.86 69.93
N LEU N 101 -9.97 17.54 70.97
CA LEU N 101 -8.53 17.59 71.16
C LEU N 101 -7.96 16.19 71.36
N ALA N 102 -8.68 15.34 72.10
CA ALA N 102 -8.28 13.94 72.21
C ALA N 102 -8.20 13.26 70.85
N ASP N 103 -8.97 13.72 69.87
CA ASP N 103 -8.80 13.25 68.50
C ASP N 103 -7.46 13.71 67.96
N PRO N 104 -6.64 12.80 67.41
CA PRO N 104 -5.47 13.27 66.63
C PRO N 104 -5.83 14.11 65.43
N ALA N 105 -7.00 13.89 64.82
CA ALA N 105 -7.38 14.68 63.65
C ALA N 105 -7.62 16.14 64.02
N TYR N 106 -8.44 16.39 65.04
CA TYR N 106 -8.71 17.78 65.41
C TYR N 106 -7.47 18.44 66.01
N ARG N 107 -6.72 17.71 66.85
CA ARG N 107 -5.51 18.30 67.39
C ARG N 107 -4.56 18.69 66.25
N ARG N 108 -4.39 17.79 65.27
CA ARG N 108 -3.45 18.09 64.19
C ARG N 108 -3.93 19.26 63.34
N ARG N 109 -5.23 19.34 63.06
CA ARG N 109 -5.68 20.43 62.20
C ARG N 109 -5.62 21.78 62.93
N ARG N 110 -6.04 21.84 64.20
CA ARG N 110 -5.99 23.16 64.81
C ARG N 110 -4.56 23.49 65.23
N ILE N 111 -3.68 22.49 65.37
CA ILE N 111 -2.28 22.80 65.62
C ILE N 111 -1.59 23.26 64.35
N ILE N 112 -1.99 22.77 63.17
CA ILE N 112 -1.45 23.40 61.97
C ILE N 112 -2.01 24.80 61.84
N MET N 113 -3.26 25.01 62.28
CA MET N 113 -3.79 26.37 62.35
C MET N 113 -2.88 27.28 63.19
N GLN N 114 -2.58 26.83 64.42
CA GLN N 114 -1.75 27.60 65.33
C GLN N 114 -0.34 27.80 64.78
N ASN N 115 0.25 26.73 64.25
CA ASN N 115 1.59 26.82 63.69
C ASN N 115 1.64 27.83 62.56
N MET N 116 0.71 27.72 61.60
CA MET N 116 0.80 28.59 60.45
C MET N 116 0.52 30.03 60.85
N ARG N 117 -0.40 30.26 61.81
CA ARG N 117 -0.66 31.64 62.21
C ARG N 117 0.57 32.24 62.86
N ASP N 118 1.26 31.47 63.72
CA ASP N 118 2.57 31.92 64.19
C ASP N 118 3.47 32.26 63.02
N GLU N 119 3.40 31.46 61.95
CA GLU N 119 4.27 31.68 60.80
C GLU N 119 4.00 33.02 60.11
N GLU N 120 2.72 33.32 59.79
CA GLU N 120 2.51 34.57 59.07
C GLU N 120 2.70 35.76 60.00
N LEU N 121 2.45 35.60 61.31
CA LEU N 121 2.74 36.73 62.17
C LEU N 121 4.24 36.91 62.34
N ALA N 122 5.02 35.84 62.19
CA ALA N 122 6.47 35.98 62.15
C ALA N 122 6.92 36.76 60.93
N ILE N 123 6.41 36.38 59.76
CA ILE N 123 6.80 37.12 58.56
C ILE N 123 6.28 38.54 58.63
N ALA N 124 5.12 38.74 59.28
CA ALA N 124 4.58 40.08 59.44
C ALA N 124 5.45 40.94 60.35
N GLN N 125 5.96 40.36 61.44
CA GLN N 125 6.81 41.14 62.33
C GLN N 125 8.17 41.44 61.71
N VAL N 126 8.74 40.49 60.97
CA VAL N 126 9.98 40.83 60.27
C VAL N 126 9.71 41.85 59.17
N GLU N 127 8.53 41.81 58.56
CA GLU N 127 8.16 42.79 57.56
C GLU N 127 7.97 44.16 58.21
N GLU N 128 7.47 44.20 59.44
CA GLU N 128 7.33 45.46 60.15
C GLU N 128 8.69 46.02 60.57
N MET N 129 9.65 45.15 60.91
CA MET N 129 11.01 45.65 61.11
C MET N 129 11.57 46.23 59.81
N GLN N 130 11.32 45.56 58.69
CA GLN N 130 11.71 46.14 57.40
C GLN N 130 11.06 47.49 57.19
N ALA N 131 9.77 47.62 57.52
CA ALA N 131 9.05 48.88 57.36
C ALA N 131 9.63 49.98 58.23
N VAL N 132 9.96 49.65 59.47
CA VAL N 132 10.47 50.68 60.39
C VAL N 132 11.88 51.11 59.95
N SER N 133 12.71 50.17 59.49
CA SER N 133 13.98 50.57 58.90
C SER N 133 13.75 51.47 57.68
N ALA N 134 12.81 51.07 56.82
CA ALA N 134 12.53 51.78 55.58
C ALA N 134 12.11 53.22 55.88
N VAL N 135 10.95 53.41 56.50
CA VAL N 135 10.63 54.75 56.95
C VAL N 135 11.08 54.90 58.39
N LEU N 136 12.40 54.83 58.59
CA LEU N 136 13.15 55.66 59.53
C LEU N 136 14.48 56.11 58.97
N LYS N 137 15.05 55.41 57.98
CA LYS N 137 16.30 55.89 57.37
C LYS N 137 16.35 55.79 55.86
N GLY N 138 15.38 55.18 55.20
CA GLY N 138 15.44 55.00 53.76
C GLY N 138 16.32 53.86 53.32
N LYS N 139 17.06 53.26 54.26
CA LYS N 139 17.93 52.12 54.02
C LYS N 139 17.30 50.88 54.62
N TYR N 140 17.42 49.76 53.90
CA TYR N 140 16.99 48.47 54.43
C TYR N 140 18.13 47.48 54.24
N THR N 141 18.36 46.67 55.27
CA THR N 141 19.43 45.67 55.26
C THR N 141 18.84 44.32 54.87
N MET N 142 18.86 44.02 53.57
CA MET N 142 18.62 42.68 53.07
C MET N 142 19.82 41.82 53.43
N THR N 143 19.75 41.15 54.58
CA THR N 143 20.91 40.45 55.10
C THR N 143 20.50 39.20 55.84
N GLY N 144 21.45 38.29 55.96
CA GLY N 144 21.28 37.07 56.71
C GLY N 144 22.55 36.25 56.58
N GLU N 145 22.75 35.34 57.53
CA GLU N 145 23.92 34.48 57.47
C GLU N 145 23.84 33.59 56.24
N ALA N 146 25.01 33.29 55.66
CA ALA N 146 25.11 32.62 54.36
C ALA N 146 24.31 33.39 53.30
N PHE N 147 24.45 34.71 53.31
CA PHE N 147 23.79 35.59 52.36
C PHE N 147 24.47 36.95 52.43
N ASP N 148 24.76 37.54 51.28
CA ASP N 148 25.44 38.83 51.26
C ASP N 148 24.49 39.93 51.71
N PRO N 149 24.95 40.89 52.50
CA PRO N 149 24.08 42.01 52.90
C PRO N 149 23.97 43.03 51.77
N VAL N 150 22.79 43.09 51.17
CA VAL N 150 22.44 44.09 50.18
C VAL N 150 21.72 45.23 50.89
N GLU N 151 22.24 46.43 50.72
CA GLU N 151 21.55 47.63 51.18
C GLU N 151 20.58 48.08 50.10
N VAL N 152 19.29 48.06 50.41
CA VAL N 152 18.25 48.51 49.50
C VAL N 152 17.84 49.90 49.95
N ASP N 153 18.13 50.90 49.12
CA ASP N 153 17.92 52.30 49.46
C ASP N 153 16.81 52.86 48.59
N MET N 154 15.77 53.41 49.22
CA MET N 154 14.82 54.19 48.43
C MET N 154 15.37 55.54 48.03
N GLY N 155 16.27 56.12 48.83
CA GLY N 155 16.88 57.39 48.47
C GLY N 155 16.51 58.51 49.42
N ARG N 156 16.33 58.19 50.70
CA ARG N 156 15.98 59.21 51.67
C ARG N 156 17.03 60.32 51.70
N SER N 157 16.57 61.55 51.59
CA SER N 157 17.44 62.70 51.46
C SER N 157 17.95 63.16 52.82
N GLU N 158 18.93 64.08 52.78
CA GLU N 158 19.53 64.58 54.01
C GLU N 158 18.56 65.42 54.82
N GLU N 159 17.76 66.27 54.17
CA GLU N 159 16.75 67.04 54.90
C GLU N 159 15.66 66.15 55.46
N ASN N 160 15.56 64.91 55.00
CA ASN N 160 14.68 63.91 55.61
C ASN N 160 15.36 63.18 56.76
N ASN N 161 16.61 63.52 57.07
CA ASN N 161 17.37 62.88 58.15
C ASN N 161 17.91 63.92 59.11
N ILE N 162 17.36 65.13 59.07
CA ILE N 162 17.82 66.18 59.98
C ILE N 162 17.38 65.88 61.40
N THR N 163 18.22 66.28 62.36
CA THR N 163 18.15 65.79 63.73
C THR N 163 17.74 66.92 64.68
N GLN N 164 16.93 66.57 65.67
CA GLN N 164 16.53 67.53 66.70
C GLN N 164 17.67 67.90 67.63
N SER N 165 18.56 66.96 67.96
CA SER N 165 19.66 67.27 68.86
C SER N 165 20.61 68.32 68.26
N GLY N 166 20.67 68.39 66.93
CA GLY N 166 21.45 69.44 66.28
C GLY N 166 20.92 70.81 66.67
N GLY N 167 21.82 71.68 67.13
CA GLY N 167 21.42 73.00 67.59
C GLY N 167 20.86 72.98 69.00
N THR N 168 19.56 73.21 69.12
CA THR N 168 18.88 73.24 70.41
C THR N 168 17.99 72.01 70.54
N GLU N 169 18.11 71.32 71.67
CA GLU N 169 17.32 70.14 71.96
C GLU N 169 16.05 70.50 72.71
N TRP N 170 15.00 69.71 72.49
CA TRP N 170 13.76 69.92 73.23
C TRP N 170 13.97 69.67 74.72
N SER N 171 14.81 68.70 75.08
CA SER N 171 15.20 68.54 76.47
C SER N 171 15.92 69.79 76.98
N LYS N 172 16.77 70.38 76.15
CA LYS N 172 17.45 71.63 76.48
C LYS N 172 16.63 72.85 76.06
N ARG N 173 15.38 72.87 76.50
CA ARG N 173 14.48 73.99 76.23
C ARG N 173 13.59 74.20 77.43
N ASP N 174 12.81 75.28 77.39
CA ASP N 174 11.85 75.56 78.45
C ASP N 174 10.73 74.54 78.41
N LYS N 175 10.56 73.80 79.51
CA LYS N 175 9.51 72.79 79.60
C LYS N 175 8.11 73.39 79.69
N SER N 176 8.00 74.71 79.86
CA SER N 176 6.72 75.36 80.06
C SER N 176 6.28 76.26 78.91
N THR N 177 7.18 77.11 78.38
CA THR N 177 6.80 78.11 77.40
C THR N 177 7.15 77.74 75.97
N TYR N 178 8.19 76.93 75.76
CA TYR N 178 8.59 76.57 74.40
C TYR N 178 7.51 75.73 73.74
N ASP N 179 7.24 76.04 72.47
CA ASP N 179 6.27 75.28 71.67
C ASP N 179 7.02 74.54 70.57
N PRO N 180 7.00 73.21 70.54
CA PRO N 180 7.66 72.47 69.47
C PRO N 180 6.90 72.45 68.16
N THR N 181 5.76 73.15 68.09
CA THR N 181 5.03 73.23 66.81
C THR N 181 5.88 73.90 65.74
N ASP N 182 6.68 74.90 66.13
CA ASP N 182 7.57 75.54 65.17
C ASP N 182 8.48 74.51 64.51
N ASP N 183 9.11 73.65 65.31
CA ASP N 183 9.87 72.55 64.76
C ASP N 183 8.98 71.61 63.96
N ILE N 184 7.71 71.47 64.35
CA ILE N 184 6.82 70.56 63.64
C ILE N 184 6.67 71.01 62.18
N GLU N 185 6.34 72.28 61.95
CA GLU N 185 6.28 72.71 60.54
C GLU N 185 7.67 72.81 59.93
N ALA N 186 8.69 73.07 60.74
CA ALA N 186 10.05 73.13 60.20
C ALA N 186 10.45 71.82 59.56
N TYR N 187 10.12 70.69 60.21
CA TYR N 187 10.41 69.40 59.63
C TYR N 187 9.36 68.95 58.63
N ALA N 188 8.14 69.46 58.74
CA ALA N 188 7.07 69.07 57.81
C ALA N 188 7.19 69.75 56.46
N LEU N 189 7.79 70.93 56.39
CA LEU N 189 7.83 71.66 55.13
C LEU N 189 8.61 70.91 54.07
N ASN N 190 9.74 70.33 54.43
CA ASN N 190 10.56 69.55 53.49
C ASN N 190 10.19 68.08 53.53
N ALA N 191 8.89 67.79 53.46
CA ALA N 191 8.39 66.42 53.46
C ALA N 191 7.64 66.05 52.19
N SER N 192 7.60 66.96 51.21
CA SER N 192 6.90 66.72 49.93
C SER N 192 5.43 66.39 50.17
N GLY N 193 4.81 67.07 51.11
CA GLY N 193 3.40 66.86 51.37
C GLY N 193 3.01 67.28 52.76
N VAL N 194 1.76 67.02 53.09
CA VAL N 194 1.16 67.34 54.37
C VAL N 194 1.32 66.16 55.32
N VAL N 195 1.61 66.47 56.58
CA VAL N 195 1.72 65.46 57.63
C VAL N 195 0.45 65.50 58.47
N ASN N 196 -0.16 64.33 58.69
CA ASN N 196 -1.39 64.27 59.46
C ASN N 196 -1.36 63.24 60.59
N ILE N 197 -0.23 62.57 60.82
CA ILE N 197 -0.03 61.72 61.99
C ILE N 197 1.34 62.04 62.58
N ILE N 198 1.40 62.18 63.90
CA ILE N 198 2.65 62.54 64.56
C ILE N 198 3.05 61.40 65.50
N VAL N 199 2.81 60.17 65.05
CA VAL N 199 3.11 58.99 65.87
C VAL N 199 4.55 59.01 66.38
N PHE N 200 4.68 58.94 67.70
CA PHE N 200 5.95 58.94 68.40
C PHE N 200 6.24 57.56 68.98
N ASP N 201 7.50 57.32 69.29
CA ASP N 201 7.84 56.32 70.27
C ASP N 201 7.62 56.89 71.67
N PRO N 202 7.41 56.02 72.68
CA PRO N 202 6.84 56.47 73.96
C PRO N 202 7.54 57.65 74.62
N LYS N 203 8.84 57.54 74.91
CA LYS N 203 9.52 58.64 75.58
C LYS N 203 9.69 59.83 74.65
N GLY N 204 9.71 59.61 73.33
CA GLY N 204 9.66 60.73 72.41
C GLY N 204 8.42 61.57 72.59
N TRP N 205 7.26 60.93 72.64
CA TRP N 205 6.03 61.65 72.94
C TRP N 205 6.05 62.21 74.35
N ALA N 206 6.76 61.54 75.26
CA ALA N 206 6.86 62.06 76.63
C ALA N 206 7.51 63.43 76.66
N LEU N 207 8.70 63.56 76.05
CA LEU N 207 9.31 64.89 76.07
C LEU N 207 8.64 65.85 75.10
N PHE N 208 7.92 65.34 74.10
CA PHE N 208 7.08 66.23 73.28
C PHE N 208 6.00 66.88 74.13
N ARG N 209 5.26 66.09 74.90
CA ARG N 209 4.17 66.60 75.71
C ARG N 209 4.64 67.27 76.99
N SER N 210 5.91 67.09 77.37
CA SER N 210 6.43 67.79 78.55
C SER N 210 6.27 69.30 78.44
N PHE N 211 6.30 69.83 77.22
CA PHE N 211 6.01 71.25 77.01
C PHE N 211 4.54 71.52 77.29
N LYS N 212 4.27 72.57 78.07
CA LYS N 212 2.89 72.92 78.39
C LYS N 212 2.11 73.26 77.12
N ALA N 213 2.68 74.16 76.30
CA ALA N 213 2.03 74.56 75.06
C ALA N 213 1.45 73.37 74.31
N VAL N 214 2.17 72.24 74.31
CA VAL N 214 1.63 71.02 73.74
C VAL N 214 0.36 70.59 74.47
N LYS N 215 0.38 70.62 75.80
CA LYS N 215 -0.71 69.99 76.55
C LYS N 215 -1.97 70.84 76.57
N GLU N 216 -1.85 72.18 76.50
CA GLU N 216 -3.05 72.98 76.29
C GLU N 216 -3.30 73.31 74.82
N LYS N 217 -2.47 72.82 73.90
CA LYS N 217 -2.78 72.91 72.48
C LYS N 217 -3.45 71.64 71.96
N LEU N 218 -3.22 70.50 72.60
CA LEU N 218 -3.79 69.26 72.13
C LEU N 218 -5.23 69.11 72.60
N ASP N 219 -6.04 68.46 71.77
CA ASP N 219 -7.43 68.16 72.10
C ASP N 219 -7.52 66.67 72.43
N THR N 220 -7.84 66.37 73.69
CA THR N 220 -8.02 64.98 74.11
C THR N 220 -9.28 64.37 73.53
N ARG N 221 -10.17 65.18 72.99
CA ARG N 221 -11.47 64.69 72.54
C ARG N 221 -11.32 63.77 71.34
N ARG N 222 -12.36 62.99 71.09
CA ARG N 222 -12.40 62.15 69.90
C ARG N 222 -12.28 63.00 68.65
N GLY N 223 -13.28 63.85 68.41
CA GLY N 223 -13.36 64.63 67.19
C GLY N 223 -12.99 63.77 65.99
N SER N 224 -13.75 62.69 65.79
CA SER N 224 -13.29 61.59 64.94
C SER N 224 -13.00 62.10 63.54
N ASN N 225 -11.71 62.12 63.20
CA ASN N 225 -11.27 62.67 61.92
C ASN N 225 -11.42 61.68 60.78
N SER N 226 -10.98 60.44 60.97
CA SER N 226 -10.91 59.49 59.87
C SER N 226 -11.11 58.09 60.44
N GLU N 227 -10.72 57.09 59.67
CA GLU N 227 -10.76 55.70 60.09
C GLU N 227 -9.59 55.31 60.98
N LEU N 228 -8.75 56.28 61.38
CA LEU N 228 -7.63 55.94 62.26
C LEU N 228 -8.13 55.53 63.63
N GLU N 229 -9.23 56.11 64.11
CA GLU N 229 -9.83 55.63 65.35
C GLU N 229 -10.28 54.18 65.21
N THR N 230 -10.86 53.83 64.07
CA THR N 230 -11.26 52.44 63.83
C THR N 230 -10.03 51.54 63.80
N ALA N 231 -8.94 52.01 63.20
CA ALA N 231 -7.71 51.24 63.17
C ALA N 231 -7.16 51.00 64.58
N VAL N 232 -7.22 52.03 65.43
CA VAL N 232 -6.77 51.87 66.81
C VAL N 232 -7.67 50.91 67.58
N LYS N 233 -8.99 51.02 67.38
CA LYS N 233 -9.90 50.08 68.02
C LYS N 233 -9.61 48.64 67.58
N ASP N 234 -9.28 48.46 66.31
CA ASP N 234 -8.89 47.13 65.84
C ASP N 234 -7.60 46.68 66.52
N LEU N 235 -6.52 47.43 66.34
CA LEU N 235 -5.22 47.11 66.92
C LEU N 235 -4.99 47.91 68.21
N GLY N 236 -5.84 47.64 69.20
CA GLY N 236 -5.62 48.22 70.51
C GLY N 236 -4.40 47.72 71.25
N LYS N 237 -3.47 47.06 70.56
CA LYS N 237 -2.32 46.46 71.23
C LYS N 237 -1.20 47.48 71.40
N ALA N 238 -0.67 48.03 70.31
CA ALA N 238 0.57 48.78 70.39
C ALA N 238 0.49 50.16 69.75
N VAL N 239 -0.58 50.47 69.01
CA VAL N 239 -0.83 51.82 68.51
C VAL N 239 -1.80 52.48 69.47
N SER N 240 -1.44 53.67 69.95
CA SER N 240 -2.20 54.38 70.96
C SER N 240 -2.54 55.77 70.44
N TYR N 241 -3.83 55.98 70.18
CA TYR N 241 -4.36 57.25 69.71
C TYR N 241 -4.41 58.21 70.88
N LYS N 242 -3.34 59.00 71.06
CA LYS N 242 -3.31 59.94 72.17
C LYS N 242 -4.45 60.95 72.09
N GLY N 243 -4.70 61.48 70.90
CA GLY N 243 -5.78 62.42 70.71
C GLY N 243 -5.45 63.38 69.58
N MET N 244 -6.16 64.50 69.57
CA MET N 244 -5.92 65.59 68.64
C MET N 244 -4.94 66.58 69.24
N TYR N 245 -3.98 67.00 68.42
CA TYR N 245 -3.15 68.17 68.71
C TYR N 245 -3.76 69.39 68.05
N GLY N 246 -5.07 69.35 67.82
CA GLY N 246 -5.76 70.34 67.02
C GLY N 246 -5.81 69.92 65.58
N ASP N 247 -4.94 70.53 64.76
CA ASP N 247 -4.86 70.20 63.34
C ASP N 247 -4.46 68.75 63.07
N VAL N 248 -3.53 68.20 63.83
CA VAL N 248 -2.89 66.93 63.48
C VAL N 248 -3.23 65.89 64.54
N ALA N 249 -3.17 64.62 64.13
CA ALA N 249 -3.42 63.51 65.03
C ALA N 249 -2.14 63.10 65.76
N ILE N 250 -2.28 62.77 67.04
CA ILE N 250 -1.16 62.36 67.87
C ILE N 250 -1.32 60.87 68.18
N VAL N 251 -0.34 60.07 67.79
CA VAL N 251 -0.35 58.64 68.02
C VAL N 251 0.99 58.26 68.64
N VAL N 252 1.02 57.12 69.32
CA VAL N 252 2.25 56.55 69.86
C VAL N 252 2.28 55.07 69.52
N TYR N 253 3.38 54.62 68.92
CA TYR N 253 3.59 53.19 68.67
C TYR N 253 4.60 52.66 69.67
N SER N 254 4.21 51.63 70.40
CA SER N 254 5.07 50.95 71.36
C SER N 254 5.12 49.46 71.06
N GLY N 255 5.13 49.10 69.78
CA GLY N 255 5.21 47.70 69.41
C GLY N 255 6.56 47.11 69.76
N GLN N 256 6.57 45.81 70.01
CA GLN N 256 7.76 45.11 70.46
C GLN N 256 7.93 43.81 69.67
N TYR N 257 9.18 43.49 69.32
CA TYR N 257 9.50 42.21 68.72
C TYR N 257 10.26 41.37 69.73
N VAL N 258 9.94 40.08 69.76
CA VAL N 258 10.52 39.15 70.73
C VAL N 258 11.54 38.32 69.98
N GLU N 259 12.81 38.71 70.10
CA GLU N 259 13.87 38.10 69.31
C GLU N 259 14.32 36.79 69.95
N ASN N 260 15.46 36.27 69.48
CA ASN N 260 15.85 34.89 69.73
C ASN N 260 15.86 34.55 71.22
N GLY N 261 16.30 35.47 72.07
CA GLY N 261 16.36 35.18 73.49
C GLY N 261 15.75 36.25 74.36
N VAL N 262 15.46 37.41 73.77
CA VAL N 262 15.00 38.57 74.51
C VAL N 262 13.95 39.27 73.67
N LYS N 263 13.31 40.28 74.27
CA LYS N 263 12.32 41.11 73.60
C LYS N 263 12.74 42.58 73.70
N LYS N 264 12.37 43.36 72.69
CA LYS N 264 12.67 44.78 72.72
C LYS N 264 11.77 45.48 71.70
N ASN N 265 11.55 46.78 71.91
CA ASN N 265 10.64 47.54 71.05
C ASN N 265 11.15 47.62 69.62
N PHE N 266 10.21 47.68 68.68
CA PHE N 266 10.55 47.96 67.29
C PHE N 266 11.25 49.31 67.15
N LEU N 267 10.70 50.33 67.78
CA LEU N 267 11.11 51.72 67.72
C LEU N 267 12.41 51.96 68.48
N PRO N 268 13.28 52.80 67.91
CA PRO N 268 14.46 53.27 68.65
C PRO N 268 14.07 54.20 69.79
N ASP N 269 15.07 54.79 70.44
CA ASP N 269 14.82 55.53 71.68
C ASP N 269 13.89 56.73 71.45
N ASN N 270 14.23 57.59 70.49
CA ASN N 270 13.49 58.83 70.27
C ASN N 270 13.57 59.17 68.78
N THR N 271 12.55 58.79 68.02
CA THR N 271 12.55 59.01 66.59
C THR N 271 11.16 59.42 66.11
N MET N 272 11.14 60.00 64.91
CA MET N 272 9.96 60.56 64.29
C MET N 272 10.08 60.46 62.78
N VAL N 273 8.93 60.21 62.12
CA VAL N 273 8.82 60.33 60.67
C VAL N 273 7.60 61.19 60.36
N LEU N 274 7.83 62.30 59.66
CA LEU N 274 6.79 63.24 59.28
C LEU N 274 6.40 62.98 57.83
N GLY N 275 5.13 62.65 57.61
CA GLY N 275 4.64 62.37 56.28
C GLY N 275 3.13 62.14 56.29
N ASN N 276 2.61 61.74 55.14
CA ASN N 276 1.18 61.52 54.96
C ASN N 276 0.78 60.10 55.34
N THR N 277 -0.52 59.92 55.54
CA THR N 277 -1.11 58.60 55.70
C THR N 277 -1.34 57.89 54.38
N GLN N 278 -1.28 58.62 53.26
CA GLN N 278 -1.46 58.03 51.94
C GLN N 278 -0.18 57.97 51.13
N ALA N 279 0.98 57.85 51.79
CA ALA N 279 2.22 57.66 51.07
C ALA N 279 2.20 56.32 50.35
N ARG N 280 2.90 56.26 49.21
CA ARG N 280 2.82 55.10 48.34
C ARG N 280 3.87 54.07 48.77
N GLY N 281 3.41 52.88 49.13
CA GLY N 281 4.31 51.83 49.56
C GLY N 281 4.25 50.59 48.69
N LEU N 282 5.39 50.17 48.17
CA LEU N 282 5.46 49.02 47.28
C LEU N 282 5.72 47.75 48.07
N ARG N 283 5.05 46.68 47.68
CA ARG N 283 5.20 45.35 48.27
C ARG N 283 5.61 44.38 47.18
N THR N 284 6.68 44.71 46.46
CA THR N 284 7.21 43.79 45.45
C THR N 284 7.55 42.45 46.09
N TYR N 285 7.19 41.37 45.41
CA TYR N 285 7.35 40.02 45.92
C TYR N 285 8.06 39.21 44.86
N GLY N 286 9.06 38.44 45.27
CA GLY N 286 9.87 37.66 44.35
C GLY N 286 9.26 36.32 44.02
N CYS N 287 10.08 35.49 43.37
CA CYS N 287 9.68 34.12 43.06
C CYS N 287 9.49 33.31 44.33
N ILE N 288 8.61 32.31 44.26
CA ILE N 288 8.43 31.36 45.34
C ILE N 288 9.07 30.04 44.91
N GLN N 289 10.15 29.64 45.57
CA GLN N 289 10.93 28.46 45.17
C GLN N 289 10.32 27.20 45.80
N ASP N 290 9.20 26.77 45.21
CA ASP N 290 8.56 25.53 45.62
C ASP N 290 7.94 24.87 44.40
N ALA N 291 8.35 23.63 44.14
CA ALA N 291 7.92 22.94 42.93
C ALA N 291 6.40 22.95 42.82
N ASP N 292 5.71 22.80 43.97
CA ASP N 292 4.25 22.92 43.99
C ASP N 292 3.82 24.30 43.48
N ALA N 293 4.47 25.35 43.97
CA ALA N 293 4.11 26.70 43.57
C ALA N 293 4.31 26.91 42.08
N GLN N 294 5.42 26.41 41.52
CA GLN N 294 5.61 26.61 40.09
C GLN N 294 4.62 25.83 39.26
N ARG N 295 4.35 24.55 39.59
CA ARG N 295 3.54 23.82 38.62
C ARG N 295 2.06 24.10 38.82
N GLU N 296 1.70 24.83 39.89
CA GLU N 296 0.32 25.32 39.98
C GLU N 296 0.23 26.84 39.84
N GLY N 297 1.31 27.52 39.48
CA GLY N 297 1.25 28.94 39.17
C GLY N 297 1.23 29.90 40.34
N ILE N 298 1.81 29.51 41.46
CA ILE N 298 1.88 30.39 42.63
C ILE N 298 3.28 30.96 42.71
N ASN N 299 3.96 31.02 41.56
CA ASN N 299 5.24 31.72 41.48
C ASN N 299 5.09 33.22 41.68
N ALA N 300 3.90 33.75 41.42
CA ALA N 300 3.62 35.18 41.59
C ALA N 300 2.45 35.32 42.56
N SER N 301 2.77 35.44 43.84
CA SER N 301 1.74 35.53 44.87
C SER N 301 2.31 36.16 46.12
N ALA N 302 1.48 36.22 47.15
CA ALA N 302 1.95 36.73 48.44
C ALA N 302 2.64 35.64 49.25
N ARG N 303 1.89 34.62 49.67
CA ARG N 303 2.35 33.62 50.61
C ARG N 303 2.03 32.24 50.08
N TYR N 304 2.72 31.23 50.63
CA TYR N 304 2.41 29.86 50.27
C TYR N 304 2.56 28.93 51.48
N PRO N 305 1.47 28.33 51.97
CA PRO N 305 1.58 27.31 53.01
C PRO N 305 1.62 25.90 52.44
N LYS N 306 2.07 24.93 53.23
CA LYS N 306 1.86 23.53 52.88
C LYS N 306 2.06 22.67 54.11
N ASN N 307 1.37 21.53 54.14
CA ASN N 307 1.57 20.49 55.15
C ASN N 307 2.03 19.23 54.44
N TRP N 308 3.09 18.61 54.95
CA TRP N 308 3.83 17.65 54.15
C TRP N 308 4.65 16.72 55.02
N VAL N 309 4.76 15.48 54.57
CA VAL N 309 5.39 14.40 55.33
C VAL N 309 6.75 14.09 54.71
N THR N 310 7.76 13.94 55.56
CA THR N 310 9.07 13.46 55.16
C THR N 310 9.18 11.97 55.48
N THR N 311 9.55 11.19 54.47
CA THR N 311 9.77 9.76 54.60
C THR N 311 11.27 9.47 54.57
N GLY N 312 11.74 8.75 55.58
CA GLY N 312 13.14 8.40 55.66
C GLY N 312 13.80 8.76 56.97
N ASP N 313 14.94 9.46 56.90
CA ASP N 313 15.63 9.85 58.13
C ASP N 313 14.78 10.77 59.01
N PRO N 314 14.35 11.94 58.53
CA PRO N 314 13.44 12.77 59.36
C PRO N 314 11.98 12.41 59.08
N ALA N 315 11.63 11.15 59.26
CA ALA N 315 10.31 10.68 58.89
C ALA N 315 9.28 11.30 59.82
N ARG N 316 8.75 12.45 59.42
CA ARG N 316 7.92 13.27 60.28
C ARG N 316 6.93 14.01 59.38
N GLU N 317 6.31 15.06 59.90
CA GLU N 317 5.40 15.87 59.11
C GLU N 317 5.43 17.31 59.61
N PHE N 318 5.47 18.24 58.66
CA PHE N 318 5.79 19.64 58.92
C PHE N 318 4.80 20.56 58.21
N THR N 319 4.75 21.79 58.71
CA THR N 319 4.08 22.89 58.03
C THR N 319 5.13 23.89 57.57
N MET N 320 5.08 24.23 56.29
CA MET N 320 6.11 25.02 55.61
C MET N 320 5.44 26.29 55.08
N ILE N 321 6.04 27.44 55.35
CA ILE N 321 5.51 28.72 54.88
C ILE N 321 6.59 29.41 54.05
N GLN N 322 6.22 29.88 52.87
CA GLN N 322 7.19 30.49 51.97
C GLN N 322 6.67 31.84 51.46
N SER N 323 7.57 32.80 51.38
CA SER N 323 7.24 34.16 50.94
C SER N 323 8.51 34.80 50.42
N ALA N 324 8.37 35.99 49.82
CA ALA N 324 9.52 36.76 49.33
C ALA N 324 9.15 38.22 49.20
N PRO N 325 9.03 38.94 50.33
CA PRO N 325 8.74 40.36 50.27
C PRO N 325 9.98 41.23 50.16
N LEU N 326 9.85 42.33 49.44
CA LEU N 326 10.88 43.36 49.38
C LEU N 326 10.22 44.74 49.41
N MET N 327 9.22 44.87 50.27
CA MET N 327 8.50 46.12 50.48
C MET N 327 9.42 47.30 50.73
N LEU N 328 9.13 48.40 50.03
CA LEU N 328 9.85 49.66 50.13
C LEU N 328 8.85 50.80 50.05
N LEU N 329 9.36 52.03 50.04
CA LEU N 329 8.55 53.22 49.89
C LEU N 329 8.86 53.88 48.54
N ALA N 330 7.81 54.29 47.83
CA ALA N 330 8.01 54.89 46.52
C ALA N 330 8.74 56.24 46.65
N ASP N 331 8.34 57.06 47.61
CA ASP N 331 8.95 58.36 47.83
C ASP N 331 9.62 58.39 49.19
N PRO N 332 10.93 58.12 49.28
CA PRO N 332 11.62 58.27 50.57
C PRO N 332 11.60 59.69 51.08
N ASP N 333 11.53 60.68 50.20
CA ASP N 333 11.44 62.08 50.59
C ASP N 333 10.10 62.43 51.21
N GLU N 334 9.11 61.54 51.11
CA GLU N 334 7.79 61.80 51.68
C GLU N 334 7.84 61.94 53.20
N PHE N 335 8.76 61.25 53.86
CA PHE N 335 8.88 61.31 55.31
C PHE N 335 10.22 61.90 55.72
N VAL N 336 10.15 62.85 56.64
CA VAL N 336 11.33 63.42 57.29
C VAL N 336 11.58 62.62 58.56
N SER N 337 12.76 62.03 58.66
CA SER N 337 13.13 61.18 59.79
C SER N 337 14.02 61.98 60.73
N VAL N 338 13.57 62.16 61.96
CA VAL N 338 14.23 63.00 62.94
C VAL N 338 14.50 62.16 64.19
N GLN N 339 15.72 62.20 64.68
CA GLN N 339 16.02 61.70 66.01
C GLN N 339 15.86 62.85 67.00
N LEU N 340 15.21 62.57 68.12
CA LEU N 340 14.75 63.59 69.04
C LEU N 340 15.78 63.84 70.13
N ALA N 341 15.48 64.84 70.97
CA ALA N 341 16.34 65.18 72.09
C ALA N 341 16.40 64.04 73.10
N ALA O 7 -10.36 46.83 21.90
CA ALA O 7 -11.41 47.79 21.58
C ALA O 7 -12.71 47.42 22.27
N GLN O 8 -13.05 48.16 23.33
CA GLN O 8 -14.28 47.96 24.08
C GLN O 8 -15.17 49.19 23.94
N LEU O 9 -16.45 49.00 24.22
CA LEU O 9 -17.48 49.98 23.88
C LEU O 9 -17.30 51.26 24.68
N LEU O 10 -18.06 52.29 24.27
CA LEU O 10 -18.02 53.59 24.94
C LEU O 10 -18.52 53.51 26.37
N ALA O 11 -19.53 52.69 26.64
CA ALA O 11 -20.15 52.63 27.95
C ALA O 11 -19.21 52.11 29.03
N ALA O 12 -18.07 51.52 28.66
CA ALA O 12 -17.09 51.07 29.64
C ALA O 12 -16.23 52.26 30.12
N ASN O 13 -16.92 53.24 30.67
CA ASN O 13 -16.30 54.47 31.14
C ASN O 13 -16.88 54.88 32.50
N GLU O 14 -16.99 53.92 33.40
CA GLU O 14 -17.63 54.13 34.70
C GLU O 14 -16.53 54.35 35.75
N GLN O 15 -16.54 55.54 36.36
CA GLN O 15 -15.62 55.86 37.45
C GLN O 15 -16.34 56.11 38.76
N LYS O 16 -17.29 57.05 38.77
CA LYS O 16 -17.87 57.60 40.00
C LYS O 16 -16.79 58.15 40.92
N PHE O 17 -15.71 58.67 40.32
CA PHE O 17 -14.58 59.25 41.04
C PHE O 17 -14.38 60.67 40.55
N LYS O 18 -15.07 61.62 41.17
CA LYS O 18 -14.88 63.05 40.89
C LYS O 18 -14.35 63.70 42.16
N PHE O 19 -13.04 63.89 42.21
CA PHE O 19 -12.35 64.37 43.41
C PHE O 19 -11.36 65.47 43.06
N ASP O 20 -11.82 66.44 42.26
CA ASP O 20 -11.00 67.60 41.95
C ASP O 20 -10.82 68.48 43.20
N PRO O 21 -9.66 69.11 43.39
CA PRO O 21 -9.38 69.87 44.64
C PRO O 21 -10.11 71.20 44.76
N LEU O 22 -11.43 71.12 44.93
CA LEU O 22 -12.27 72.22 45.38
C LEU O 22 -12.27 73.43 44.45
N PHE O 23 -11.65 73.33 43.28
CA PHE O 23 -11.65 74.43 42.33
C PHE O 23 -12.68 74.28 41.23
N LEU O 24 -12.59 73.20 40.45
CA LEU O 24 -13.53 72.96 39.37
C LEU O 24 -14.88 72.48 39.87
N ARG O 25 -14.98 72.13 41.16
CA ARG O 25 -16.22 71.64 41.76
C ARG O 25 -16.91 72.68 42.63
N LEU O 26 -16.21 73.72 43.06
CA LEU O 26 -16.73 74.69 44.01
C LEU O 26 -16.73 76.11 43.50
N PHE O 27 -15.69 76.55 42.81
CA PHE O 27 -15.69 77.87 42.19
C PHE O 27 -16.08 77.84 40.72
N PHE O 28 -15.82 76.74 40.02
CA PHE O 28 -15.94 76.68 38.57
C PHE O 28 -16.94 75.63 38.13
N ARG O 29 -18.13 75.65 38.73
CA ARG O 29 -19.20 74.71 38.40
C ARG O 29 -19.85 75.01 37.05
N GLU O 30 -19.55 76.15 36.45
CA GLU O 30 -20.40 76.76 35.43
C GLU O 30 -20.00 76.25 34.05
N SER O 31 -20.29 74.98 33.77
CA SER O 31 -19.83 74.30 32.57
C SER O 31 -20.59 74.75 31.33
N TYR O 32 -19.86 74.99 30.24
CA TYR O 32 -20.47 75.36 28.96
C TYR O 32 -19.80 74.62 27.81
N PRO O 33 -20.06 73.32 27.65
CA PRO O 33 -19.63 72.66 26.42
C PRO O 33 -20.43 73.12 25.21
N PHE O 34 -19.71 73.37 24.11
CA PHE O 34 -20.25 73.95 22.90
C PHE O 34 -20.16 72.98 21.73
N THR O 35 -20.99 73.23 20.73
CA THR O 35 -20.89 72.57 19.44
C THR O 35 -19.94 73.33 18.51
N THR O 36 -19.31 74.39 19.03
CA THR O 36 -18.45 75.27 18.25
C THR O 36 -17.06 75.30 18.87
N GLU O 37 -16.07 75.60 18.02
CA GLU O 37 -14.67 75.46 18.40
C GLU O 37 -14.32 76.32 19.61
N LYS O 38 -14.42 77.63 19.46
CA LYS O 38 -13.90 78.56 20.44
C LYS O 38 -14.90 78.78 21.57
N VAL O 39 -14.51 79.63 22.51
CA VAL O 39 -15.42 80.18 23.52
C VAL O 39 -15.91 81.52 23.03
N TYR O 40 -17.21 81.74 23.13
CA TYR O 40 -17.85 82.97 22.65
C TYR O 40 -18.54 83.60 23.87
N LEU O 41 -17.77 84.39 24.62
CA LEU O 41 -18.30 84.97 25.86
C LEU O 41 -19.53 85.82 25.59
N SER O 42 -19.64 86.39 24.39
CA SER O 42 -20.88 87.05 24.00
C SER O 42 -22.05 86.07 23.97
N GLN O 43 -21.80 84.82 23.57
CA GLN O 43 -22.84 83.80 23.55
C GLN O 43 -23.28 83.41 24.95
N ILE O 44 -22.34 83.24 25.88
CA ILE O 44 -22.70 82.94 27.27
C ILE O 44 -23.49 84.11 27.84
N PRO O 45 -24.65 83.87 28.47
CA PRO O 45 -25.36 84.98 29.11
C PRO O 45 -24.57 85.59 30.26
N GLY O 46 -23.83 84.76 30.99
CA GLY O 46 -23.10 85.20 32.16
C GLY O 46 -24.04 85.85 33.14
N LEU O 47 -23.62 87.02 33.62
CA LEU O 47 -24.53 87.88 34.37
C LEU O 47 -25.50 88.57 33.41
N VAL O 48 -26.77 88.57 33.78
CA VAL O 48 -27.84 89.11 32.96
C VAL O 48 -28.08 90.56 33.37
N ASN O 49 -28.37 91.42 32.39
CA ASN O 49 -28.82 92.78 32.68
C ASN O 49 -30.09 92.69 33.51
N MET O 50 -30.01 93.12 34.78
CA MET O 50 -30.90 92.59 35.81
C MET O 50 -31.38 93.70 36.76
N ALA O 51 -31.91 94.79 36.22
CA ALA O 51 -32.49 95.81 37.11
C ALA O 51 -33.78 96.41 36.58
N LEU O 52 -33.82 96.80 35.31
CA LEU O 52 -34.84 97.72 34.81
C LEU O 52 -36.19 97.04 34.68
N TYR O 53 -37.25 97.79 35.04
CA TYR O 53 -38.62 97.38 34.76
C TYR O 53 -39.23 98.33 33.74
N VAL O 54 -40.53 98.19 33.51
CA VAL O 54 -41.24 99.01 32.54
C VAL O 54 -42.47 99.65 33.20
N SER O 55 -42.96 100.71 32.58
CA SER O 55 -44.07 101.48 33.13
C SER O 55 -45.34 100.65 33.19
N PRO O 56 -46.25 100.97 34.12
CA PRO O 56 -47.51 100.21 34.21
C PRO O 56 -48.52 100.55 33.12
N ILE O 57 -48.07 100.63 31.88
CA ILE O 57 -48.98 100.78 30.74
C ILE O 57 -48.70 99.70 29.71
N VAL O 58 -47.45 99.61 29.25
CA VAL O 58 -47.00 98.59 28.31
C VAL O 58 -45.64 98.09 28.77
N SER O 59 -45.06 97.17 27.99
CA SER O 59 -43.74 96.67 28.30
C SER O 59 -42.73 97.08 27.23
N GLY O 60 -41.45 96.93 27.56
CA GLY O 60 -40.39 97.47 26.76
C GLY O 60 -39.84 96.50 25.73
N GLU O 61 -38.55 96.71 25.41
CA GLU O 61 -37.89 96.01 24.32
C GLU O 61 -37.50 94.60 24.73
N VAL O 62 -36.79 93.91 23.85
CA VAL O 62 -36.34 92.54 24.09
C VAL O 62 -34.95 92.59 24.67
N ILE O 63 -34.71 91.80 25.72
CA ILE O 63 -33.42 91.73 26.40
C ILE O 63 -32.68 90.48 25.92
N ARG O 64 -31.40 90.63 25.61
CA ARG O 64 -30.56 89.60 25.01
C ARG O 64 -29.48 89.19 25.99
N SER O 65 -28.63 88.27 25.54
CA SER O 65 -27.33 88.05 26.18
C SER O 65 -26.47 89.25 25.85
N ARG O 66 -25.98 89.95 26.88
CA ARG O 66 -25.52 91.33 26.71
C ARG O 66 -24.10 91.40 26.12
N GLY O 67 -23.95 90.73 24.98
CA GLY O 67 -22.83 90.95 24.07
C GLY O 67 -21.46 91.12 24.69
N GLY O 68 -20.88 90.05 25.24
CA GLY O 68 -19.55 90.10 25.79
C GLY O 68 -18.54 90.70 24.84
N SER O 69 -17.69 91.60 25.34
CA SER O 69 -16.78 92.34 24.47
C SER O 69 -15.80 91.42 23.75
N THR O 70 -15.16 90.51 24.49
CA THR O 70 -14.23 89.56 23.92
C THR O 70 -14.87 88.17 23.96
N SER O 71 -15.01 87.56 22.79
CA SER O 71 -15.66 86.27 22.67
C SER O 71 -14.90 85.29 21.77
N GLU O 72 -13.57 85.23 21.89
CA GLU O 72 -12.76 84.40 21.00
C GLU O 72 -11.48 83.98 21.72
N PHE O 73 -11.49 82.79 22.30
CA PHE O 73 -10.27 82.16 22.81
C PHE O 73 -10.29 80.69 22.45
N THR O 74 -9.09 80.09 22.42
CA THR O 74 -8.92 78.71 21.96
C THR O 74 -8.98 77.77 23.14
N PRO O 75 -9.98 76.88 23.21
CA PRO O 75 -9.99 75.88 24.29
C PRO O 75 -8.81 74.92 24.18
N GLY O 76 -8.37 74.42 25.33
CA GLY O 76 -7.27 73.47 25.38
C GLY O 76 -7.68 72.08 24.95
N TYR O 77 -7.85 71.88 23.65
CA TYR O 77 -8.25 70.56 23.18
C TYR O 77 -7.12 69.57 23.47
N VAL O 78 -7.32 68.78 24.50
CA VAL O 78 -6.37 67.82 25.00
C VAL O 78 -6.86 66.42 24.65
N LYS O 79 -6.13 65.74 23.78
CA LYS O 79 -6.51 64.36 23.56
C LYS O 79 -5.30 63.44 23.74
N PRO O 80 -5.04 62.97 24.95
CA PRO O 80 -3.97 61.97 25.11
C PRO O 80 -4.48 60.55 24.95
N LYS O 81 -3.57 59.59 25.04
CA LYS O 81 -3.94 58.19 24.92
C LYS O 81 -2.91 57.36 25.66
N HIS O 82 -3.20 56.06 25.78
CA HIS O 82 -2.22 55.10 26.27
C HIS O 82 -2.51 53.75 25.65
N GLU O 83 -1.61 52.81 25.92
CA GLU O 83 -1.83 51.41 25.60
C GLU O 83 -2.29 50.66 26.83
N VAL O 84 -3.09 49.63 26.60
CA VAL O 84 -3.54 48.73 27.67
C VAL O 84 -3.13 47.31 27.31
N ASN O 85 -1.97 47.19 26.67
CA ASN O 85 -1.44 45.92 26.18
C ASN O 85 -1.40 44.89 27.30
N PRO O 86 -2.06 43.74 27.15
CA PRO O 86 -2.07 42.74 28.22
C PRO O 86 -0.75 42.01 28.38
N GLN O 87 0.32 42.77 28.64
CA GLN O 87 1.61 42.19 28.97
C GLN O 87 2.06 42.49 30.39
N MET O 88 1.37 43.37 31.11
CA MET O 88 1.75 43.71 32.47
C MET O 88 1.03 42.83 33.50
N THR O 89 1.69 42.64 34.63
CA THR O 89 0.95 42.40 35.86
C THR O 89 0.45 43.73 36.42
N LEU O 90 -0.81 43.75 36.83
CA LEU O 90 -1.54 44.98 37.08
C LEU O 90 -1.56 45.33 38.57
N ARG O 91 -2.30 46.37 38.90
CA ARG O 91 -2.57 46.69 40.30
C ARG O 91 -3.42 45.57 40.87
N ARG O 92 -2.88 44.74 41.77
CA ARG O 92 -3.68 43.68 42.37
C ARG O 92 -4.20 44.13 43.73
N LEU O 93 -5.44 44.61 43.74
CA LEU O 93 -6.16 44.79 44.99
C LEU O 93 -6.02 43.52 45.83
N PRO O 94 -5.82 43.62 47.15
CA PRO O 94 -5.47 42.43 47.94
C PRO O 94 -6.41 41.24 47.76
N ASP O 95 -5.89 40.20 47.10
CA ASP O 95 -6.45 38.85 47.07
C ASP O 95 -7.93 38.80 46.68
N GLU O 96 -8.32 39.49 45.61
CA GLU O 96 -9.60 39.22 44.95
C GLU O 96 -9.37 38.34 43.72
N ASP O 97 -9.02 37.08 43.99
CA ASP O 97 -9.00 36.01 43.00
C ASP O 97 -8.16 36.36 41.77
N PRO O 98 -6.82 36.33 41.87
CA PRO O 98 -5.99 36.68 40.71
C PRO O 98 -6.21 35.80 39.49
N GLN O 99 -7.08 34.78 39.59
CA GLN O 99 -7.41 33.99 38.41
C GLN O 99 -8.06 34.86 37.34
N ASN O 100 -8.85 35.86 37.72
CA ASN O 100 -9.42 36.74 36.72
C ASN O 100 -8.38 37.69 36.12
N LEU O 101 -7.36 38.08 36.90
CA LEU O 101 -6.23 38.77 36.29
C LEU O 101 -5.56 37.87 35.26
N ALA O 102 -5.43 36.58 35.56
CA ALA O 102 -4.93 35.63 34.58
C ALA O 102 -5.77 35.62 33.30
N ASP O 103 -7.05 35.97 33.40
CA ASP O 103 -7.87 36.18 32.22
C ASP O 103 -7.38 37.41 31.46
N PRO O 104 -7.11 37.29 30.15
CA PRO O 104 -6.90 38.50 29.35
C PRO O 104 -8.11 39.43 29.33
N ALA O 105 -9.33 38.90 29.45
CA ALA O 105 -10.50 39.76 29.43
C ALA O 105 -10.56 40.67 30.66
N TYR O 106 -10.42 40.10 31.85
CA TYR O 106 -10.49 40.92 33.04
C TYR O 106 -9.26 41.83 33.16
N ARG O 107 -8.07 41.32 32.82
CA ARG O 107 -6.92 42.20 32.87
C ARG O 107 -7.11 43.38 31.92
N ARG O 108 -7.60 43.12 30.70
CA ARG O 108 -7.74 44.21 29.74
C ARG O 108 -8.82 45.20 30.19
N ARG O 109 -9.93 44.72 30.75
CA ARG O 109 -10.96 45.68 31.14
C ARG O 109 -10.54 46.50 32.36
N ARG O 110 -9.93 45.89 33.37
CA ARG O 110 -9.60 46.73 34.51
C ARG O 110 -8.33 47.55 34.21
N ILE O 111 -7.53 47.14 33.22
CA ILE O 111 -6.41 47.98 32.84
C ILE O 111 -6.89 49.15 31.98
N ILE O 112 -7.96 49.00 31.20
CA ILE O 112 -8.50 50.19 30.57
C ILE O 112 -9.14 51.08 31.63
N MET O 113 -9.71 50.47 32.68
CA MET O 113 -10.17 51.24 33.82
C MET O 113 -9.03 52.10 34.39
N GLN O 114 -7.90 51.45 34.70
CA GLN O 114 -6.76 52.15 35.27
C GLN O 114 -6.20 53.19 34.32
N ASN O 115 -6.05 52.84 33.05
CA ASN O 115 -5.54 53.77 32.06
C ASN O 115 -6.41 55.00 31.97
N MET O 116 -7.73 54.80 31.82
CA MET O 116 -8.58 55.95 31.61
C MET O 116 -8.65 56.81 32.87
N ARG O 117 -8.62 56.19 34.06
CA ARG O 117 -8.65 57.00 35.27
C ARG O 117 -7.39 57.85 35.38
N ASP O 118 -6.23 57.28 35.07
CA ASP O 118 -5.03 58.11 34.92
C ASP O 118 -5.28 59.25 33.95
N GLU O 119 -6.01 58.97 32.87
CA GLU O 119 -6.25 59.99 31.86
C GLU O 119 -7.08 61.16 32.40
N GLU O 120 -8.21 60.87 33.06
CA GLU O 120 -9.01 62.04 33.50
C GLU O 120 -8.34 62.72 34.67
N LEU O 121 -7.56 62.00 35.49
CA LEU O 121 -6.86 62.72 36.55
C LEU O 121 -5.72 63.55 35.96
N ALA O 122 -5.17 63.14 34.82
CA ALA O 122 -4.21 63.97 34.10
C ALA O 122 -4.86 65.26 33.61
N ILE O 123 -6.01 65.15 32.95
CA ILE O 123 -6.68 66.35 32.47
C ILE O 123 -7.14 67.18 33.65
N ALA O 124 -7.49 66.54 34.77
CA ALA O 124 -7.89 67.27 35.96
C ALA O 124 -6.73 68.04 36.57
N GLN O 125 -5.54 67.45 36.60
CA GLN O 125 -4.39 68.16 37.16
C GLN O 125 -3.92 69.28 36.25
N VAL O 126 -3.96 69.09 34.94
CA VAL O 126 -3.65 70.22 34.06
C VAL O 126 -4.72 71.29 34.16
N GLU O 127 -5.98 70.90 34.40
CA GLU O 127 -7.04 71.87 34.59
C GLU O 127 -6.85 72.63 35.90
N GLU O 128 -6.33 71.95 36.93
CA GLU O 128 -6.04 72.61 38.19
C GLU O 128 -4.86 73.57 38.05
N MET O 129 -3.85 73.24 37.23
CA MET O 129 -2.84 74.24 36.94
C MET O 129 -3.43 75.44 36.21
N GLN O 130 -4.34 75.20 35.27
CA GLN O 130 -5.04 76.31 34.64
C GLN O 130 -5.80 77.14 35.68
N ALA O 131 -6.45 76.48 36.64
CA ALA O 131 -7.21 77.18 37.67
C ALA O 131 -6.29 78.02 38.56
N VAL O 132 -5.14 77.48 38.93
CA VAL O 132 -4.26 78.21 39.82
C VAL O 132 -3.63 79.40 39.09
N SER O 133 -3.28 79.24 37.82
CA SER O 133 -2.87 80.41 37.02
C SER O 133 -4.00 81.43 36.97
N ALA O 134 -5.22 80.97 36.70
CA ALA O 134 -6.36 81.85 36.54
C ALA O 134 -6.60 82.67 37.80
N VAL O 135 -6.98 82.00 38.90
CA VAL O 135 -7.02 82.75 40.15
C VAL O 135 -5.69 82.58 40.87
N LEU O 136 -4.63 83.09 40.25
CA LEU O 136 -3.53 83.78 40.91
C LEU O 136 -3.06 85.00 40.14
N LYS O 137 -3.29 85.09 38.84
CA LYS O 137 -2.91 86.29 38.11
C LYS O 137 -3.95 86.80 37.11
N GLY O 138 -5.03 86.07 36.86
CA GLY O 138 -5.99 86.49 35.86
C GLY O 138 -5.57 86.19 34.45
N LYS O 139 -4.33 85.73 34.25
CA LYS O 139 -3.78 85.35 32.96
C LYS O 139 -3.67 83.84 32.90
N TYR O 140 -3.99 83.27 31.73
CA TYR O 140 -3.76 81.85 31.49
C TYR O 140 -3.00 81.70 30.19
N THR O 141 -2.02 80.80 30.19
CA THR O 141 -1.19 80.54 29.02
C THR O 141 -1.73 79.33 28.28
N MET O 142 -2.61 79.57 27.31
CA MET O 142 -3.00 78.57 26.33
C MET O 142 -1.82 78.35 25.39
N THR O 143 -0.98 77.38 25.72
CA THR O 143 0.26 77.21 25.00
C THR O 143 0.64 75.74 24.90
N GLY O 144 1.47 75.45 23.91
CA GLY O 144 2.03 74.14 23.71
C GLY O 144 2.89 74.16 22.48
N GLU O 145 3.81 73.20 22.39
CA GLU O 145 4.66 73.12 21.21
C GLU O 145 3.83 72.82 19.98
N ALA O 146 4.26 73.36 18.84
CA ALA O 146 3.46 73.36 17.61
C ALA O 146 2.08 73.96 17.85
N PHE O 147 2.04 75.08 18.59
CA PHE O 147 0.81 75.80 18.90
C PHE O 147 1.18 77.17 19.41
N ASP O 148 0.50 78.20 18.91
CA ASP O 148 0.82 79.55 19.33
C ASP O 148 0.38 79.79 20.77
N PRO O 149 1.16 80.50 21.58
CA PRO O 149 0.73 80.80 22.94
C PRO O 149 -0.26 81.96 22.95
N VAL O 150 -1.52 81.64 23.24
CA VAL O 150 -2.57 82.62 23.44
C VAL O 150 -2.68 82.92 24.93
N GLU O 151 -2.57 84.19 25.28
CA GLU O 151 -2.85 84.63 26.64
C GLU O 151 -4.34 84.88 26.77
N VAL O 152 -5.00 84.12 27.64
CA VAL O 152 -6.42 84.28 27.91
C VAL O 152 -6.52 85.03 29.24
N ASP O 153 -7.02 86.26 29.19
CA ASP O 153 -7.07 87.14 30.35
C ASP O 153 -8.52 87.35 30.75
N MET O 154 -8.84 87.04 32.01
CA MET O 154 -10.14 87.47 32.52
C MET O 154 -10.19 88.96 32.79
N GLY O 155 -9.07 89.57 33.14
CA GLY O 155 -9.03 91.00 33.38
C GLY O 155 -8.72 91.36 34.82
N ARG O 156 -7.90 90.57 35.49
CA ARG O 156 -7.55 90.84 36.87
C ARG O 156 -6.92 92.21 37.00
N SER O 157 -7.45 93.01 37.93
CA SER O 157 -7.06 94.39 38.09
C SER O 157 -5.78 94.52 38.91
N GLU O 158 -5.23 95.73 38.92
CA GLU O 158 -3.99 95.98 39.64
C GLU O 158 -4.17 95.87 41.14
N GLU O 159 -5.27 96.39 41.69
CA GLU O 159 -5.54 96.23 43.12
C GLU O 159 -5.80 94.78 43.50
N ASN O 160 -6.07 93.92 42.53
CA ASN O 160 -6.13 92.48 42.76
C ASN O 160 -4.76 91.81 42.64
N ASN O 161 -3.71 92.58 42.37
CA ASN O 161 -2.35 92.06 42.23
C ASN O 161 -1.39 92.81 43.15
N ILE O 162 -1.94 93.51 44.15
CA ILE O 162 -1.08 94.24 45.07
C ILE O 162 -0.33 93.27 45.98
N THR O 163 0.89 93.65 46.35
CA THR O 163 1.87 92.74 46.92
C THR O 163 2.14 93.08 48.38
N GLN O 164 2.34 92.03 49.19
CA GLN O 164 2.70 92.22 50.59
C GLN O 164 4.11 92.74 50.78
N SER O 165 5.06 92.33 49.93
CA SER O 165 6.43 92.79 50.08
C SER O 165 6.54 94.30 49.85
N GLY O 166 5.62 94.87 49.07
CA GLY O 166 5.59 96.31 48.92
C GLY O 166 5.37 96.99 50.25
N GLY O 167 6.22 97.96 50.57
CA GLY O 167 6.15 98.64 51.85
C GLY O 167 6.76 97.84 52.98
N THR O 168 5.93 97.32 53.88
CA THR O 168 6.38 96.55 55.02
C THR O 168 5.98 95.09 54.84
N GLU O 169 6.94 94.20 55.04
CA GLU O 169 6.73 92.77 54.89
C GLU O 169 6.34 92.16 56.24
N TRP O 170 5.54 91.09 56.18
CA TRP O 170 5.20 90.37 57.41
C TRP O 170 6.43 89.74 58.04
N SER O 171 7.37 89.26 57.22
CA SER O 171 8.65 88.83 57.76
C SER O 171 9.38 89.98 58.43
N LYS O 172 9.32 91.17 57.84
CA LYS O 172 9.89 92.37 58.43
C LYS O 172 8.90 93.07 59.35
N ARG O 173 8.34 92.32 60.29
CA ARG O 173 7.41 92.85 61.28
C ARG O 173 7.62 92.14 62.59
N ASP O 174 6.95 92.63 63.63
CA ASP O 174 7.02 91.98 64.94
C ASP O 174 6.31 90.64 64.88
N LYS O 175 7.05 89.57 65.19
CA LYS O 175 6.51 88.23 65.19
C LYS O 175 5.54 87.98 66.35
N SER O 176 5.44 88.91 67.30
CA SER O 176 4.63 88.71 68.48
C SER O 176 3.41 89.63 68.56
N THR O 177 3.57 90.92 68.29
CA THR O 177 2.50 91.89 68.51
C THR O 177 1.77 92.29 67.25
N TYR O 178 2.42 92.24 66.08
CA TYR O 178 1.75 92.64 64.86
C TYR O 178 0.62 91.69 64.51
N ASP O 179 -0.50 92.25 64.07
CA ASP O 179 -1.66 91.48 63.65
C ASP O 179 -1.86 91.66 62.16
N PRO O 180 -1.74 90.60 61.34
CA PRO O 180 -1.98 90.74 59.90
C PRO O 180 -3.45 90.82 59.51
N THR O 181 -4.36 90.83 60.48
CA THR O 181 -5.77 91.01 60.16
C THR O 181 -6.02 92.34 59.48
N ASP O 182 -5.31 93.39 59.90
CA ASP O 182 -5.44 94.68 59.23
C ASP O 182 -5.17 94.56 57.75
N ASP O 183 -4.07 93.89 57.37
CA ASP O 183 -3.83 93.60 55.97
C ASP O 183 -4.91 92.69 55.40
N ILE O 184 -5.50 91.83 56.22
CA ILE O 184 -6.53 90.93 55.71
C ILE O 184 -7.72 91.73 55.18
N GLU O 185 -8.25 92.66 55.99
CA GLU O 185 -9.34 93.47 55.44
C GLU O 185 -8.83 94.48 54.40
N ALA O 186 -7.56 94.90 54.50
CA ALA O 186 -7.02 95.81 53.50
C ALA O 186 -7.06 95.19 52.12
N TYR O 187 -6.71 93.91 52.01
CA TYR O 187 -6.77 93.24 50.71
C TYR O 187 -8.18 92.72 50.40
N ALA O 188 -9.00 92.49 51.43
CA ALA O 188 -10.35 91.99 51.19
C ALA O 188 -11.32 93.08 50.73
N LEU O 189 -11.07 94.34 51.08
CA LEU O 189 -12.02 95.40 50.75
C LEU O 189 -12.17 95.57 49.24
N ASN O 190 -11.06 95.53 48.52
CA ASN O 190 -11.09 95.66 47.06
C ASN O 190 -11.16 94.31 46.39
N ALA O 191 -12.08 93.46 46.85
CA ALA O 191 -12.28 92.14 46.28
C ALA O 191 -13.67 91.93 45.71
N SER O 192 -14.50 92.99 45.68
CA SER O 192 -15.86 92.91 45.14
C SER O 192 -16.68 91.83 45.86
N GLY O 193 -16.50 91.72 47.16
CA GLY O 193 -17.28 90.78 47.93
C GLY O 193 -16.59 90.40 49.23
N VAL O 194 -17.21 89.46 49.92
CA VAL O 194 -16.72 88.96 51.20
C VAL O 194 -15.82 87.76 50.97
N VAL O 195 -14.75 87.68 51.75
CA VAL O 195 -13.82 86.56 51.72
C VAL O 195 -14.09 85.66 52.91
N ASN O 196 -14.23 84.36 52.66
CA ASN O 196 -14.53 83.42 53.74
C ASN O 196 -13.60 82.21 53.76
N ILE O 197 -12.59 82.15 52.90
CA ILE O 197 -11.52 81.16 52.99
C ILE O 197 -10.20 81.88 52.81
N ILE O 198 -9.22 81.54 53.65
CA ILE O 198 -7.92 82.20 53.61
C ILE O 198 -6.86 81.16 53.27
N VAL O 199 -7.20 80.22 52.38
CA VAL O 199 -6.29 79.14 52.00
C VAL O 199 -4.93 79.69 51.57
N PHE O 200 -3.89 79.22 52.24
CA PHE O 200 -2.50 79.59 51.98
C PHE O 200 -1.76 78.43 51.35
N ASP O 201 -0.64 78.76 50.73
CA ASP O 201 0.41 77.77 50.53
C ASP O 201 1.20 77.61 51.84
N PRO O 202 1.87 76.44 52.02
CA PRO O 202 2.34 76.07 53.37
C PRO O 202 3.17 77.10 54.10
N LYS O 203 4.29 77.54 53.51
CA LYS O 203 5.11 78.51 54.22
C LYS O 203 4.44 79.89 54.31
N GLY O 204 3.54 80.19 53.38
CA GLY O 204 2.74 81.39 53.52
C GLY O 204 1.92 81.37 54.79
N TRP O 205 1.20 80.26 55.03
CA TRP O 205 0.50 80.11 56.29
C TRP O 205 1.47 80.06 57.47
N ALA O 206 2.69 79.56 57.25
CA ALA O 206 3.67 79.51 58.32
C ALA O 206 4.00 80.91 58.82
N LEU O 207 4.36 81.83 57.92
CA LEU O 207 4.67 83.17 58.41
C LEU O 207 3.42 83.95 58.77
N PHE O 208 2.25 83.55 58.24
CA PHE O 208 1.00 84.13 58.71
C PHE O 208 0.79 83.82 60.19
N ARG O 209 0.91 82.54 60.55
CA ARG O 209 0.68 82.11 61.93
C ARG O 209 1.85 82.41 62.86
N SER O 210 3.02 82.75 62.31
CA SER O 210 4.14 83.13 63.15
C SER O 210 3.79 84.29 64.08
N PHE O 211 2.88 85.17 63.67
CA PHE O 211 2.39 86.22 64.54
C PHE O 211 1.55 85.61 65.66
N LYS O 212 1.81 86.02 66.89
CA LYS O 212 1.04 85.50 68.02
C LYS O 212 -0.44 85.85 67.88
N ALA O 213 -0.73 87.13 67.63
CA ALA O 213 -2.11 87.58 67.48
C ALA O 213 -2.91 86.62 66.62
N VAL O 214 -2.29 86.08 65.56
CA VAL O 214 -2.95 85.06 64.75
C VAL O 214 -3.26 83.83 65.60
N LYS O 215 -2.30 83.38 66.41
CA LYS O 215 -2.45 82.07 67.05
C LYS O 215 -3.40 82.12 68.24
N GLU O 216 -3.50 83.25 68.94
CA GLU O 216 -4.58 83.38 69.93
C GLU O 216 -5.83 84.04 69.38
N LYS O 217 -5.86 84.40 68.10
CA LYS O 217 -7.10 84.83 67.47
C LYS O 217 -7.80 83.70 66.75
N LEU O 218 -7.06 82.67 66.32
CA LEU O 218 -7.67 81.58 65.58
C LEU O 218 -8.31 80.58 66.53
N ASP O 219 -9.40 79.97 66.07
CA ASP O 219 -10.09 78.92 66.82
C ASP O 219 -9.76 77.58 66.16
N THR O 220 -9.05 76.73 66.90
CA THR O 220 -8.73 75.40 66.41
C THR O 220 -9.94 74.49 66.35
N ARG O 221 -11.05 74.88 66.99
CA ARG O 221 -12.20 74.02 67.11
C ARG O 221 -12.86 73.80 65.76
N ARG O 222 -13.69 72.76 65.68
CA ARG O 222 -14.47 72.51 64.49
C ARG O 222 -15.37 73.70 64.19
N GLY O 223 -16.32 73.97 65.09
CA GLY O 223 -17.34 74.98 64.86
C GLY O 223 -17.84 74.92 63.44
N SER O 224 -18.40 73.77 63.07
CA SER O 224 -18.58 73.43 61.66
C SER O 224 -19.43 74.49 60.96
N ASN O 225 -18.78 75.27 60.09
CA ASN O 225 -19.45 76.37 59.43
C ASN O 225 -20.26 75.94 58.23
N SER O 226 -19.70 75.11 57.37
CA SER O 226 -20.34 74.79 56.10
C SER O 226 -19.91 73.38 55.70
N GLU O 227 -20.09 73.06 54.43
CA GLU O 227 -19.67 71.79 53.86
C GLU O 227 -18.19 71.74 53.54
N LEU O 228 -17.42 72.77 53.92
CA LEU O 228 -15.99 72.74 53.66
C LEU O 228 -15.29 71.66 54.49
N GLU O 229 -15.78 71.41 55.71
CA GLU O 229 -15.26 70.29 56.48
C GLU O 229 -15.52 68.97 55.76
N THR O 230 -16.71 68.81 55.17
CA THR O 230 -17.00 67.61 54.39
C THR O 230 -16.08 67.51 53.18
N ALA O 231 -15.81 68.65 52.54
CA ALA O 231 -14.89 68.65 51.40
C ALA O 231 -13.49 68.24 51.82
N VAL O 232 -13.03 68.70 52.97
CA VAL O 232 -11.71 68.30 53.47
C VAL O 232 -11.69 66.82 53.82
N LYS O 233 -12.75 66.33 54.47
CA LYS O 233 -12.82 64.90 54.76
C LYS O 233 -12.78 64.07 53.47
N ASP O 234 -13.46 64.54 52.43
CA ASP O 234 -13.37 63.86 51.14
C ASP O 234 -11.94 63.89 50.59
N LEU O 235 -11.41 65.09 50.37
CA LEU O 235 -10.06 65.26 49.84
C LEU O 235 -9.07 65.54 50.97
N GLY O 236 -8.92 64.55 51.85
CA GLY O 236 -7.89 64.64 52.86
C GLY O 236 -6.47 64.58 52.37
N LYS O 237 -6.25 64.76 51.06
CA LYS O 237 -4.91 64.63 50.49
C LYS O 237 -4.11 65.91 50.63
N ALA O 238 -4.59 67.01 50.02
CA ALA O 238 -3.75 68.19 49.88
C ALA O 238 -4.41 69.48 50.37
N VAL O 239 -5.71 69.45 50.68
CA VAL O 239 -6.37 70.58 51.33
C VAL O 239 -6.44 70.28 52.82
N SER O 240 -5.97 71.22 53.62
CA SER O 240 -5.85 71.04 55.06
C SER O 240 -6.60 72.15 55.78
N TYR O 241 -7.70 71.77 56.42
CA TYR O 241 -8.53 72.69 57.18
C TYR O 241 -7.84 73.00 58.49
N LYS O 242 -7.05 74.08 58.51
CA LYS O 242 -6.32 74.45 59.73
C LYS O 242 -7.28 74.70 60.89
N GLY O 243 -8.36 75.43 60.63
CA GLY O 243 -9.34 75.71 61.65
C GLY O 243 -10.03 77.03 61.38
N MET O 244 -10.63 77.57 62.43
CA MET O 244 -11.25 78.88 62.41
C MET O 244 -10.25 79.94 62.84
N TYR O 245 -10.21 81.05 62.10
CA TYR O 245 -9.56 82.26 62.55
C TYR O 245 -10.58 83.18 63.21
N GLY O 246 -11.64 82.58 63.74
CA GLY O 246 -12.79 83.31 64.22
C GLY O 246 -13.81 83.49 63.12
N ASP O 247 -13.86 84.68 62.55
CA ASP O 247 -14.79 84.98 61.46
C ASP O 247 -14.55 84.13 60.22
N VAL O 248 -13.30 83.89 59.84
CA VAL O 248 -12.97 83.33 58.54
C VAL O 248 -12.35 81.95 58.71
N ALA O 249 -12.47 81.12 57.68
CA ALA O 249 -11.88 79.79 57.68
C ALA O 249 -10.44 79.84 57.18
N ILE O 250 -9.58 79.05 57.83
CA ILE O 250 -8.17 78.98 57.48
C ILE O 250 -7.91 77.61 56.86
N VAL O 251 -7.42 77.61 55.62
CA VAL O 251 -7.12 76.38 54.89
C VAL O 251 -5.70 76.52 54.34
N VAL O 252 -5.07 75.38 54.04
CA VAL O 252 -3.78 75.36 53.37
C VAL O 252 -3.84 74.32 52.26
N TYR O 253 -3.47 74.72 51.05
CA TYR O 253 -3.36 73.79 49.92
C TYR O 253 -1.88 73.51 49.66
N SER O 254 -1.53 72.23 49.69
CA SER O 254 -0.18 71.77 49.39
C SER O 254 -0.20 70.73 48.30
N GLY O 255 -1.07 70.92 47.30
CA GLY O 255 -1.13 69.98 46.20
C GLY O 255 0.12 70.05 45.34
N GLN O 256 0.44 68.94 44.70
CA GLN O 256 1.66 68.81 43.91
C GLN O 256 1.35 68.16 42.57
N TYR O 257 2.00 68.65 41.52
CA TYR O 257 1.92 68.02 40.21
C TYR O 257 3.26 67.36 39.90
N VAL O 258 3.20 66.18 39.31
CA VAL O 258 4.38 65.37 39.03
C VAL O 258 4.64 65.49 37.53
N GLU O 259 5.56 66.39 37.18
CA GLU O 259 5.79 66.71 35.77
C GLU O 259 6.69 65.67 35.12
N ASN O 260 7.21 66.00 33.94
CA ASN O 260 7.81 65.01 33.05
C ASN O 260 8.91 64.20 33.72
N GLY O 261 9.73 64.83 34.55
CA GLY O 261 10.81 64.11 35.20
C GLY O 261 10.90 64.34 36.68
N VAL O 262 10.16 65.34 37.18
CA VAL O 262 10.25 65.76 38.58
C VAL O 262 8.84 66.10 39.06
N LYS O 263 8.72 66.35 40.36
CA LYS O 263 7.48 66.77 40.97
C LYS O 263 7.68 68.10 41.71
N LYS O 264 6.62 68.90 41.76
CA LYS O 264 6.69 70.16 42.48
C LYS O 264 5.27 70.64 42.77
N ASN O 265 5.13 71.48 43.79
CA ASN O 265 3.82 71.94 44.23
C ASN O 265 3.14 72.79 43.14
N PHE O 266 1.81 72.70 43.12
CA PHE O 266 1.02 73.59 42.27
C PHE O 266 1.27 75.05 42.64
N LEU O 267 1.24 75.36 43.92
CA LEU O 267 1.33 76.69 44.51
C LEU O 267 2.73 77.25 44.43
N PRO O 268 2.85 78.54 44.13
CA PRO O 268 4.15 79.22 44.24
C PRO O 268 4.59 79.35 45.68
N ASP O 269 5.69 80.07 45.91
CA ASP O 269 6.33 80.10 47.23
C ASP O 269 5.40 80.67 48.30
N ASN O 270 4.85 81.86 48.07
CA ASN O 270 4.05 82.56 49.07
C ASN O 270 3.01 83.41 48.34
N THR O 271 1.80 82.88 48.21
CA THR O 271 0.75 83.56 47.48
C THR O 271 -0.59 83.38 48.17
N MET O 272 -1.52 84.27 47.81
CA MET O 272 -2.85 84.34 48.40
C MET O 272 -3.84 84.88 47.38
N VAL O 273 -5.07 84.35 47.43
CA VAL O 273 -6.20 84.91 46.70
C VAL O 273 -7.35 85.10 47.68
N LEU O 274 -7.81 86.34 47.80
CA LEU O 274 -8.90 86.72 48.69
C LEU O 274 -10.18 86.83 47.87
N GLY O 275 -11.18 86.03 48.21
CA GLY O 275 -12.44 86.05 47.51
C GLY O 275 -13.45 85.13 48.17
N ASN O 276 -14.58 84.96 47.51
CA ASN O 276 -15.68 84.15 48.02
C ASN O 276 -15.54 82.70 47.60
N THR O 277 -16.28 81.83 48.30
CA THR O 277 -16.43 80.44 47.92
C THR O 277 -17.46 80.25 46.82
N GLN O 278 -18.30 81.26 46.55
CA GLN O 278 -19.30 81.18 45.50
C GLN O 278 -18.98 82.06 44.30
N ALA O 279 -17.71 82.30 44.01
CA ALA O 279 -17.34 83.03 42.81
C ALA O 279 -17.73 82.22 41.59
N ARG O 280 -18.05 82.93 40.50
CA ARG O 280 -18.61 82.29 39.31
C ARG O 280 -17.46 81.84 38.41
N GLY O 281 -17.41 80.54 38.14
CA GLY O 281 -16.37 80.00 37.29
C GLY O 281 -16.90 79.30 36.06
N LEU O 282 -16.44 79.73 34.88
CA LEU O 282 -16.91 79.19 33.63
C LEU O 282 -16.03 78.03 33.19
N ARG O 283 -16.66 76.98 32.67
CA ARG O 283 -16.00 75.79 32.13
C ARG O 283 -16.38 75.63 30.68
N THR O 284 -16.20 76.67 29.89
CA THR O 284 -16.45 76.58 28.45
C THR O 284 -15.62 75.45 27.84
N TYR O 285 -16.25 74.67 26.97
CA TYR O 285 -15.63 73.49 26.38
C TYR O 285 -15.81 73.60 24.87
N GLY O 286 -14.75 73.33 24.13
CA GLY O 286 -14.76 73.45 22.69
C GLY O 286 -15.27 72.21 22.00
N CYS O 287 -15.08 72.19 20.68
CA CYS O 287 -15.45 71.03 19.88
C CYS O 287 -14.58 69.83 20.24
N ILE O 288 -15.14 68.65 20.07
CA ILE O 288 -14.38 67.41 20.22
C ILE O 288 -14.13 66.83 18.84
N GLN O 289 -12.85 66.81 18.42
CA GLN O 289 -12.48 66.40 17.06
C GLN O 289 -12.33 64.88 17.01
N ASP O 290 -13.46 64.21 16.97
CA ASP O 290 -13.50 62.76 16.81
C ASP O 290 -14.72 62.37 16.01
N ALA O 291 -14.50 61.70 14.88
CA ALA O 291 -15.59 61.36 13.97
C ALA O 291 -16.72 60.67 14.71
N ASP O 292 -16.35 59.79 15.67
CA ASP O 292 -17.36 59.17 16.53
C ASP O 292 -18.17 60.22 17.27
N ALA O 293 -17.49 61.20 17.86
CA ALA O 293 -18.16 62.22 18.63
C ALA O 293 -19.11 63.03 17.76
N GLN O 294 -18.68 63.39 16.54
CA GLN O 294 -19.59 64.17 15.71
C GLN O 294 -20.80 63.35 15.25
N ARG O 295 -20.61 62.10 14.84
CA ARG O 295 -21.79 61.47 14.23
C ARG O 295 -22.69 60.89 15.30
N GLU O 296 -22.26 60.88 16.57
CA GLU O 296 -23.19 60.57 17.64
C GLU O 296 -23.52 61.77 18.53
N GLY O 297 -23.09 62.97 18.16
CA GLY O 297 -23.52 64.18 18.85
C GLY O 297 -22.80 64.50 20.14
N ILE O 298 -21.55 64.07 20.28
CA ILE O 298 -20.76 64.38 21.47
C ILE O 298 -19.78 65.49 21.12
N ASN O 299 -20.15 66.30 20.12
CA ASN O 299 -19.39 67.50 19.81
C ASN O 299 -19.50 68.54 20.92
N ALA O 300 -20.57 68.48 21.72
CA ALA O 300 -20.80 69.41 22.83
C ALA O 300 -20.92 68.58 24.10
N SER O 301 -19.81 68.38 24.79
CA SER O 301 -19.80 67.55 25.99
C SER O 301 -18.57 67.88 26.82
N ALA O 302 -18.41 67.15 27.91
CA ALA O 302 -17.23 67.31 28.74
C ALA O 302 -16.05 66.51 28.21
N ARG O 303 -16.17 65.17 28.24
CA ARG O 303 -15.06 64.27 27.95
C ARG O 303 -15.52 63.21 26.96
N TYR O 304 -14.54 62.56 26.32
CA TYR O 304 -14.88 61.44 25.44
C TYR O 304 -13.80 60.36 25.52
N PRO O 305 -14.15 59.17 26.03
CA PRO O 305 -13.23 58.03 25.98
C PRO O 305 -13.46 57.15 24.76
N LYS O 306 -12.49 56.32 24.41
CA LYS O 306 -12.73 55.23 23.47
C LYS O 306 -11.61 54.20 23.59
N ASN O 307 -11.96 52.95 23.27
CA ASN O 307 -11.00 51.86 23.15
C ASN O 307 -11.05 51.36 21.71
N TRP O 308 -9.88 51.21 21.10
CA TRP O 308 -9.84 51.10 19.64
C TRP O 308 -8.55 50.46 19.16
N VAL O 309 -8.66 49.69 18.09
CA VAL O 309 -7.58 48.87 17.56
C VAL O 309 -7.04 49.52 16.28
N THR O 310 -5.72 49.60 16.18
CA THR O 310 -5.05 50.01 14.95
C THR O 310 -4.60 48.78 14.19
N THR O 311 -4.98 48.71 12.92
CA THR O 311 -4.58 47.64 12.02
C THR O 311 -3.53 48.16 11.04
N GLY O 312 -2.42 47.45 10.96
CA GLY O 312 -1.36 47.85 10.05
C GLY O 312 -0.01 47.98 10.70
N ASP O 313 0.66 49.12 10.49
CA ASP O 313 1.98 49.33 11.09
C ASP O 313 1.92 49.32 12.61
N PRO O 314 1.16 50.20 13.28
CA PRO O 314 1.04 50.10 14.74
C PRO O 314 -0.14 49.20 15.13
N ALA O 315 -0.11 47.96 14.66
CA ALA O 315 -1.26 47.08 14.85
C ALA O 315 -1.36 46.72 16.32
N ARG O 316 -2.13 47.51 17.06
CA ARG O 316 -2.19 47.44 18.51
C ARG O 316 -3.59 47.85 18.93
N GLU O 317 -3.74 48.19 20.20
CA GLU O 317 -5.03 48.66 20.70
C GLU O 317 -4.80 49.65 21.85
N PHE O 318 -5.55 50.74 21.83
CA PHE O 318 -5.28 51.91 22.66
C PHE O 318 -6.57 52.40 23.31
N THR O 319 -6.38 53.18 24.38
CA THR O 319 -7.45 53.96 24.99
C THR O 319 -7.15 55.43 24.78
N MET O 320 -8.14 56.15 24.24
CA MET O 320 -8.00 57.52 23.77
C MET O 320 -8.96 58.38 24.56
N ILE O 321 -8.48 59.49 25.11
CA ILE O 321 -9.32 60.41 25.87
C ILE O 321 -9.23 61.78 25.24
N GLN O 322 -10.38 62.41 24.99
CA GLN O 322 -10.42 63.70 24.32
C GLN O 322 -11.29 64.68 25.10
N SER O 323 -10.83 65.93 25.16
CA SER O 323 -11.51 66.99 25.89
C SER O 323 -11.06 68.32 25.30
N ALA O 324 -11.72 69.40 25.74
CA ALA O 324 -11.35 70.75 25.30
C ALA O 324 -11.84 71.77 26.31
N PRO O 325 -11.20 71.88 27.47
CA PRO O 325 -11.60 72.88 28.46
C PRO O 325 -10.90 74.22 28.26
N LEU O 326 -11.63 75.29 28.57
CA LEU O 326 -11.06 76.63 28.61
C LEU O 326 -11.65 77.38 29.80
N MET O 327 -11.73 76.67 30.93
CA MET O 327 -12.21 77.23 32.18
C MET O 327 -11.53 78.53 32.57
N LEU O 328 -12.34 79.50 32.96
CA LEU O 328 -11.90 80.82 33.40
C LEU O 328 -12.77 81.25 34.57
N LEU O 329 -12.55 82.49 35.04
CA LEU O 329 -13.35 83.08 36.10
C LEU O 329 -14.16 84.23 35.53
N ALA O 330 -15.44 84.30 35.89
CA ALA O 330 -16.30 85.36 35.37
C ALA O 330 -15.83 86.73 35.87
N ASP O 331 -15.52 86.83 37.16
CA ASP O 331 -15.07 88.08 37.76
C ASP O 331 -13.64 87.95 38.24
N PRO O 332 -12.65 88.35 37.44
CA PRO O 332 -11.27 88.33 37.94
C PRO O 332 -11.06 89.26 39.12
N ASP O 333 -11.84 90.34 39.21
CA ASP O 333 -11.77 91.25 40.34
C ASP O 333 -12.30 90.64 41.63
N GLU O 334 -12.96 89.48 41.56
CA GLU O 334 -13.48 88.84 42.75
C GLU O 334 -12.38 88.42 43.72
N PHE O 335 -11.19 88.09 43.21
CA PHE O 335 -10.08 87.66 44.05
C PHE O 335 -8.93 88.65 43.95
N VAL O 336 -8.42 89.03 45.11
CA VAL O 336 -7.20 89.82 45.22
C VAL O 336 -6.03 88.86 45.38
N SER O 337 -5.08 88.93 44.45
CA SER O 337 -3.93 88.03 44.41
C SER O 337 -2.73 88.76 44.98
N VAL O 338 -2.18 88.24 46.08
CA VAL O 338 -1.10 88.87 46.82
C VAL O 338 0.06 87.89 46.93
N GLN O 339 1.25 88.35 46.58
CA GLN O 339 2.47 87.62 46.93
C GLN O 339 2.93 88.09 48.30
N LEU O 340 3.31 87.13 49.14
CA LEU O 340 3.55 87.39 50.55
C LEU O 340 5.01 87.69 50.83
N ALA O 341 5.30 88.02 52.07
CA ALA O 341 6.66 88.31 52.50
C ALA O 341 7.54 87.08 52.39
N ALA P 7 -46.94 77.71 26.39
CA ALA P 7 -47.93 77.96 27.42
C ALA P 7 -48.12 76.74 28.32
N GLN P 8 -47.57 76.80 29.52
CA GLN P 8 -47.68 75.72 30.49
C GLN P 8 -48.47 76.22 31.71
N LEU P 9 -49.00 75.27 32.47
CA LEU P 9 -49.98 75.56 33.50
C LEU P 9 -49.39 76.40 34.62
N LEU P 10 -50.29 76.90 35.48
CA LEU P 10 -49.88 77.71 36.63
C LEU P 10 -49.03 76.94 37.62
N ALA P 11 -49.33 75.65 37.83
CA ALA P 11 -48.65 74.86 38.83
C ALA P 11 -47.17 74.65 38.53
N ALA P 12 -46.72 74.93 37.31
CA ALA P 12 -45.30 74.83 36.97
C ALA P 12 -44.55 76.07 37.48
N ASN P 13 -44.63 76.28 38.78
CA ASN P 13 -44.03 77.44 39.45
C ASN P 13 -43.35 77.00 40.74
N GLU P 14 -42.59 75.90 40.67
CA GLU P 14 -41.96 75.32 41.86
C GLU P 14 -40.50 75.77 41.92
N GLN P 15 -40.16 76.50 42.99
CA GLN P 15 -38.77 76.91 43.22
C GLN P 15 -38.20 76.30 44.49
N LYS P 16 -38.86 76.49 45.63
CA LYS P 16 -38.30 76.21 46.95
C LYS P 16 -36.98 76.95 47.16
N PHE P 17 -36.87 78.13 46.54
CA PHE P 17 -35.69 78.99 46.63
C PHE P 17 -36.12 80.35 47.15
N LYS P 18 -36.14 80.51 48.47
CA LYS P 18 -36.41 81.79 49.12
C LYS P 18 -35.17 82.20 49.88
N PHE P 19 -34.36 83.06 49.27
CA PHE P 19 -33.05 83.44 49.80
C PHE P 19 -32.86 84.95 49.74
N ASP P 20 -33.87 85.68 50.19
CA ASP P 20 -33.76 87.14 50.29
C ASP P 20 -32.77 87.52 51.39
N PRO P 21 -31.99 88.59 51.22
CA PRO P 21 -30.92 88.94 52.18
C PRO P 21 -31.40 89.54 53.50
N LEU P 22 -32.06 88.68 54.29
CA LEU P 22 -32.33 88.92 55.71
C LEU P 22 -33.19 90.14 55.98
N PHE P 23 -33.74 90.77 54.94
CA PHE P 23 -34.62 91.92 55.15
C PHE P 23 -36.09 91.56 55.05
N LEU P 24 -36.54 91.03 53.92
CA LEU P 24 -37.93 90.66 53.75
C LEU P 24 -38.29 89.38 54.49
N ARG P 25 -37.28 88.66 55.00
CA ARG P 25 -37.49 87.41 55.72
C ARG P 25 -37.33 87.54 57.23
N LEU P 26 -36.69 88.61 57.70
CA LEU P 26 -36.37 88.77 59.11
C LEU P 26 -36.93 90.03 59.74
N PHE P 27 -36.90 91.16 59.05
CA PHE P 27 -37.54 92.37 59.55
C PHE P 27 -38.94 92.58 58.98
N PHE P 28 -39.21 92.09 57.78
CA PHE P 28 -40.42 92.44 57.06
C PHE P 28 -41.26 91.20 56.74
N ARG P 29 -41.49 90.36 57.75
CA ARG P 29 -42.29 89.16 57.60
C ARG P 29 -43.77 89.44 57.46
N GLU P 30 -44.20 90.68 57.69
CA GLU P 30 -45.59 90.99 58.03
C GLU P 30 -46.39 91.24 56.76
N SER P 31 -46.65 90.19 55.97
CA SER P 31 -47.24 90.30 54.65
C SER P 31 -48.74 90.61 54.73
N TYR P 32 -49.19 91.54 53.89
CA TYR P 32 -50.61 91.88 53.80
C TYR P 32 -51.04 92.03 52.35
N PRO P 33 -51.17 90.94 51.61
CA PRO P 33 -51.81 91.06 50.29
C PRO P 33 -53.31 91.35 50.41
N PHE P 34 -53.77 92.27 49.57
CA PHE P 34 -55.13 92.80 49.61
C PHE P 34 -55.89 92.46 48.35
N THR P 35 -57.21 92.52 48.45
CA THR P 35 -58.10 92.46 47.31
C THR P 35 -58.34 93.86 46.74
N THR P 36 -57.68 94.87 47.32
CA THR P 36 -57.89 96.26 46.96
C THR P 36 -56.56 96.86 46.51
N GLU P 37 -56.68 97.91 45.68
CA GLU P 37 -55.52 98.45 44.99
C GLU P 37 -54.45 98.94 45.95
N LYS P 38 -54.77 99.95 46.75
CA LYS P 38 -53.79 100.65 47.56
C LYS P 38 -53.52 99.91 48.86
N VAL P 39 -52.63 100.49 49.66
CA VAL P 39 -52.44 100.09 51.05
C VAL P 39 -53.27 101.02 51.92
N TYR P 40 -54.00 100.41 52.86
CA TYR P 40 -54.90 101.16 53.76
C TYR P 40 -54.42 100.89 55.18
N LEU P 41 -53.45 101.69 55.63
CA LEU P 41 -52.85 101.46 56.95
C LEU P 41 -53.89 101.51 58.06
N SER P 42 -54.98 102.26 57.84
CA SER P 42 -56.10 102.20 58.77
C SER P 42 -56.71 100.81 58.81
N GLN P 43 -56.74 100.12 57.66
CA GLN P 43 -57.27 98.75 57.63
C GLN P 43 -56.37 97.78 58.37
N ILE P 44 -55.06 97.89 58.20
CA ILE P 44 -54.14 97.01 58.95
C ILE P 44 -54.29 97.29 60.44
N PRO P 45 -54.45 96.27 61.28
CA PRO P 45 -54.49 96.53 62.73
C PRO P 45 -53.18 97.08 63.24
N GLY P 46 -52.07 96.63 62.68
CA GLY P 46 -50.76 97.01 63.16
C GLY P 46 -50.61 96.69 64.63
N LEU P 47 -50.11 97.67 65.37
CA LEU P 47 -50.16 97.60 66.82
C LEU P 47 -51.58 97.89 67.31
N VAL P 48 -52.05 97.05 68.24
CA VAL P 48 -53.41 97.14 68.77
C VAL P 48 -53.38 98.00 70.03
N ASN P 49 -54.43 98.79 70.23
CA ASN P 49 -54.62 99.51 71.48
C ASN P 49 -54.71 98.48 72.60
N MET P 50 -53.70 98.46 73.47
CA MET P 50 -53.36 97.24 74.20
C MET P 50 -53.02 97.52 75.67
N ALA P 51 -53.88 98.24 76.38
CA ALA P 51 -53.65 98.43 77.82
C ALA P 51 -54.90 98.34 78.67
N LEU P 52 -55.97 99.01 78.27
CA LEU P 52 -57.08 99.30 79.17
C LEU P 52 -57.93 98.08 79.46
N TYR P 53 -58.36 97.95 80.71
CA TYR P 53 -59.35 96.96 81.10
C TYR P 53 -60.64 97.68 81.52
N VAL P 54 -61.58 96.91 82.06
CA VAL P 54 -62.88 97.45 82.47
C VAL P 54 -63.15 97.05 83.91
N SER P 55 -64.06 97.79 84.55
CA SER P 55 -64.37 97.60 85.96
C SER P 55 -64.99 96.22 86.20
N PRO P 56 -64.83 95.68 87.42
CA PRO P 56 -65.43 94.36 87.72
C PRO P 56 -66.93 94.41 87.95
N ILE P 57 -67.67 95.11 87.08
CA ILE P 57 -69.13 95.06 87.11
C ILE P 57 -69.66 94.71 85.72
N VAL P 58 -69.26 95.48 84.70
CA VAL P 58 -69.62 95.23 83.31
C VAL P 58 -68.38 95.47 82.45
N SER P 59 -68.56 95.31 81.14
CA SER P 59 -67.46 95.57 80.22
C SER P 59 -67.75 96.78 79.34
N GLY P 60 -66.71 97.27 78.68
CA GLY P 60 -66.78 98.53 77.98
C GLY P 60 -67.15 98.41 76.52
N GLU P 61 -66.66 99.37 75.75
CA GLU P 61 -67.04 99.56 74.36
C GLU P 61 -66.32 98.55 73.46
N VAL P 62 -66.52 98.69 72.15
CA VAL P 62 -65.91 97.81 71.16
C VAL P 62 -64.61 98.45 70.69
N ILE P 63 -63.55 97.64 70.62
CA ILE P 63 -62.24 98.10 70.18
C ILE P 63 -62.04 97.69 68.73
N ARG P 64 -61.53 98.61 67.92
CA ARG P 64 -61.39 98.47 66.48
C ARG P 64 -59.91 98.45 66.11
N SER P 65 -59.65 98.36 64.80
CA SER P 65 -58.35 98.71 64.26
C SER P 65 -58.23 100.22 64.34
N ARG P 66 -57.21 100.72 65.03
CA ARG P 66 -57.20 102.08 65.54
C ARG P 66 -56.84 103.11 64.47
N GLY P 67 -57.58 103.03 63.35
CA GLY P 67 -57.66 104.10 62.37
C GLY P 67 -56.37 104.82 62.01
N GLY P 68 -55.48 104.14 61.30
CA GLY P 68 -54.23 104.74 60.86
C GLY P 68 -54.45 106.06 60.14
N SER P 69 -53.64 107.07 60.48
CA SER P 69 -53.87 108.42 59.97
C SER P 69 -53.75 108.47 58.44
N THR P 70 -52.68 107.90 57.91
CA THR P 70 -52.47 107.86 56.46
C THR P 70 -52.66 106.43 55.98
N SER P 71 -53.61 106.23 55.06
CA SER P 71 -53.95 104.91 54.56
C SER P 71 -54.09 104.87 53.04
N GLU P 72 -53.20 105.52 52.31
CA GLU P 72 -53.32 105.62 50.85
C GLU P 72 -51.93 105.77 50.23
N PHE P 73 -51.35 104.67 49.78
CA PHE P 73 -50.15 104.70 48.96
C PHE P 73 -50.27 103.67 47.85
N THR P 74 -49.51 103.89 46.77
CA THR P 74 -49.62 103.07 45.58
C THR P 74 -48.62 101.93 45.63
N PRO P 75 -49.05 100.67 45.69
CA PRO P 75 -48.09 99.56 45.64
C PRO P 75 -47.37 99.52 44.30
N GLY P 76 -46.13 99.01 44.32
CA GLY P 76 -45.34 98.88 43.12
C GLY P 76 -45.76 97.72 42.27
N TYR P 77 -46.88 97.87 41.56
CA TYR P 77 -47.33 96.77 40.72
C TYR P 77 -46.33 96.55 39.60
N VAL P 78 -45.53 95.51 39.77
CA VAL P 78 -44.45 95.14 38.86
C VAL P 78 -44.88 93.91 38.09
N LYS P 79 -45.04 94.05 36.79
CA LYS P 79 -45.29 92.84 36.02
C LYS P 79 -44.33 92.75 34.85
N PRO P 80 -43.16 92.16 35.02
CA PRO P 80 -42.27 91.93 33.88
C PRO P 80 -42.56 90.61 33.19
N LYS P 81 -41.83 90.34 32.12
CA LYS P 81 -41.97 89.09 31.38
C LYS P 81 -40.68 88.80 30.66
N HIS P 82 -40.62 87.60 30.08
CA HIS P 82 -39.54 87.25 29.18
C HIS P 82 -40.05 86.24 28.17
N GLU P 83 -39.19 85.93 27.20
CA GLU P 83 -39.42 84.84 26.28
C GLU P 83 -38.63 83.62 26.72
N VAL P 84 -39.17 82.44 26.41
CA VAL P 84 -38.50 81.19 26.67
C VAL P 84 -38.38 80.43 25.36
N ASN P 85 -38.18 81.17 24.27
CA ASN P 85 -38.11 80.64 22.92
C ASN P 85 -37.07 79.52 22.83
N PRO P 86 -37.46 78.31 22.41
CA PRO P 86 -36.50 77.20 22.35
C PRO P 86 -35.50 77.33 21.23
N GLN P 87 -34.74 78.43 21.21
CA GLN P 87 -33.65 78.60 20.28
C GLN P 87 -32.29 78.64 20.96
N MET P 88 -32.23 78.70 22.29
CA MET P 88 -30.95 78.76 22.98
C MET P 88 -30.48 77.37 23.39
N THR P 89 -29.16 77.23 23.49
CA THR P 89 -28.61 76.24 24.40
C THR P 89 -28.61 76.83 25.82
N LEU P 90 -29.04 76.01 26.77
CA LEU P 90 -29.42 76.48 28.10
C LEU P 90 -28.29 76.26 29.11
N ARG P 91 -28.58 76.56 30.36
CA ARG P 91 -27.66 76.22 31.45
C ARG P 91 -27.60 74.70 31.55
N ARG P 92 -26.47 74.08 31.18
CA ARG P 92 -26.35 72.64 31.29
C ARG P 92 -25.65 72.27 32.58
N LEU P 93 -26.42 71.95 33.60
CA LEU P 93 -25.88 71.30 34.79
C LEU P 93 -25.00 70.13 34.34
N PRO P 94 -23.84 69.92 34.99
CA PRO P 94 -22.87 68.94 34.46
C PRO P 94 -23.44 67.57 34.16
N ASP P 95 -23.53 67.26 32.86
CA ASP P 95 -23.74 65.92 32.32
C ASP P 95 -24.93 65.19 32.93
N GLU P 96 -26.10 65.83 33.04
CA GLU P 96 -27.35 65.10 33.25
C GLU P 96 -28.09 64.93 31.93
N ASP P 97 -27.52 64.07 31.08
CA ASP P 97 -28.18 63.57 29.88
C ASP P 97 -28.68 64.69 28.97
N PRO P 98 -27.80 65.37 28.23
CA PRO P 98 -28.26 66.48 27.36
C PRO P 98 -29.27 66.05 26.30
N GLN P 99 -29.59 64.75 26.20
CA GLN P 99 -30.64 64.32 25.29
C GLN P 99 -31.98 64.95 25.64
N ASN P 100 -32.26 65.18 26.93
CA ASN P 100 -33.49 65.86 27.28
C ASN P 100 -33.45 67.35 26.96
N LEU P 101 -32.27 67.98 27.04
CA LEU P 101 -32.16 69.33 26.49
C LEU P 101 -32.46 69.33 25.00
N ALA P 102 -32.01 68.30 24.28
CA ALA P 102 -32.38 68.15 22.87
C ALA P 102 -33.88 68.08 22.70
N ASP P 103 -34.61 67.60 23.70
CA ASP P 103 -36.07 67.68 23.68
C ASP P 103 -36.52 69.13 23.76
N PRO P 104 -37.38 69.60 22.85
CA PRO P 104 -38.02 70.90 23.07
C PRO P 104 -38.86 70.95 24.34
N ALA P 105 -39.44 69.83 24.77
CA ALA P 105 -40.26 69.84 25.98
C ALA P 105 -39.42 70.13 27.22
N TYR P 106 -38.33 69.39 27.41
CA TYR P 106 -37.51 69.62 28.60
C TYR P 106 -36.79 70.96 28.52
N ARG P 107 -36.30 71.35 27.33
CA ARG P 107 -35.66 72.64 27.24
C ARG P 107 -36.66 73.74 27.60
N ARG P 108 -37.89 73.65 27.08
CA ARG P 108 -38.85 74.71 27.34
C ARG P 108 -39.26 74.73 28.81
N ARG P 109 -39.42 73.57 29.45
CA ARG P 109 -39.84 73.62 30.85
C ARG P 109 -38.72 74.10 31.76
N ARG P 110 -37.48 73.65 31.56
CA ARG P 110 -36.47 74.14 32.49
C ARG P 110 -36.04 75.57 32.12
N ILE P 111 -36.30 76.00 30.88
CA ILE P 111 -36.03 77.40 30.56
C ILE P 111 -37.13 78.30 31.12
N ILE P 112 -38.38 77.83 31.22
CA ILE P 112 -39.34 78.64 31.97
C ILE P 112 -38.97 78.64 33.44
N MET P 113 -38.42 77.53 33.94
CA MET P 113 -37.87 77.51 35.29
C MET P 113 -36.84 78.63 35.47
N GLN P 114 -35.84 78.67 34.58
CA GLN P 114 -34.77 79.66 34.65
C GLN P 114 -35.32 81.07 34.49
N ASN P 115 -36.19 81.27 33.51
CA ASN P 115 -36.78 82.58 33.28
C ASN P 115 -37.52 83.07 34.52
N MET P 116 -38.40 82.24 35.07
CA MET P 116 -39.20 82.71 36.18
C MET P 116 -38.34 82.96 37.40
N ARG P 117 -37.31 82.12 37.63
CA ARG P 117 -36.46 82.35 38.79
C ARG P 117 -35.72 83.67 38.66
N ASP P 118 -35.21 83.98 37.45
CA ASP P 118 -34.70 85.32 37.21
C ASP P 118 -35.74 86.36 37.57
N GLU P 119 -37.00 86.07 37.24
CA GLU P 119 -38.07 87.04 37.48
C GLU P 119 -38.26 87.31 38.98
N GLU P 120 -38.39 86.26 39.80
CA GLU P 120 -38.65 86.57 41.21
C GLU P 120 -37.39 87.11 41.87
N LEU P 121 -36.20 86.74 41.41
CA LEU P 121 -35.02 87.36 42.01
C LEU P 121 -34.90 88.81 41.56
N ALA P 122 -35.43 89.15 40.38
CA ALA P 122 -35.51 90.55 39.99
C ALA P 122 -36.43 91.34 40.91
N ILE P 123 -37.64 90.81 41.15
CA ILE P 123 -38.55 91.52 42.03
C ILE P 123 -37.99 91.54 43.45
N ALA P 124 -37.24 90.50 43.84
CA ALA P 124 -36.62 90.46 45.15
C ALA P 124 -35.53 91.52 45.27
N GLN P 125 -34.72 91.72 44.23
CA GLN P 125 -33.67 92.72 44.31
C GLN P 125 -34.23 94.14 44.28
N VAL P 126 -35.28 94.38 43.49
CA VAL P 126 -35.91 95.69 43.56
C VAL P 126 -36.59 95.89 44.91
N GLU P 127 -37.11 94.82 45.49
CA GLU P 127 -37.71 94.91 46.82
C GLU P 127 -36.64 95.19 47.87
N GLU P 128 -35.44 94.65 47.68
CA GLU P 128 -34.34 94.93 48.60
C GLU P 128 -33.85 96.37 48.46
N MET P 129 -33.86 96.93 47.24
CA MET P 129 -33.60 98.35 47.11
C MET P 129 -34.66 99.18 47.83
N GLN P 130 -35.92 98.77 47.72
CA GLN P 130 -36.98 99.44 48.49
C GLN P 130 -36.70 99.33 49.98
N ALA P 131 -36.25 98.16 50.45
CA ALA P 131 -35.97 97.95 51.86
C ALA P 131 -34.81 98.84 52.33
N VAL P 132 -33.76 98.95 51.52
CA VAL P 132 -32.61 99.73 51.94
C VAL P 132 -32.95 101.21 51.93
N SER P 133 -33.74 101.69 50.97
CA SER P 133 -34.24 103.06 51.05
C SER P 133 -35.08 103.24 52.31
N ALA P 134 -35.97 102.28 52.58
CA ALA P 134 -36.88 102.37 53.71
C ALA P 134 -36.12 102.48 55.02
N VAL P 135 -35.40 101.43 55.40
CA VAL P 135 -34.52 101.59 56.54
C VAL P 135 -33.13 101.97 56.05
N LEU P 136 -33.04 103.15 55.43
CA LEU P 136 -31.93 104.09 55.59
C LEU P 136 -32.39 105.53 55.67
N LYS P 137 -33.59 105.87 55.18
CA LYS P 137 -34.07 107.23 55.33
C LYS P 137 -35.53 107.36 55.72
N GLY P 138 -36.30 106.27 55.76
CA GLY P 138 -37.72 106.37 56.05
C GLY P 138 -38.56 106.81 54.87
N LYS P 139 -37.92 107.21 53.78
CA LYS P 139 -38.57 107.62 52.55
C LYS P 139 -38.38 106.54 51.50
N TYR P 140 -39.43 106.29 50.72
CA TYR P 140 -39.33 105.39 49.57
C TYR P 140 -39.89 106.10 48.35
N THR P 141 -39.20 105.96 47.23
CA THR P 141 -39.59 106.59 45.96
C THR P 141 -40.37 105.57 45.13
N MET P 142 -41.70 105.57 45.28
CA MET P 142 -42.60 104.89 44.37
C MET P 142 -42.61 105.67 43.06
N THR P 143 -41.74 105.28 42.13
CA THR P 143 -41.55 106.08 40.93
C THR P 143 -41.23 105.19 39.75
N GLY P 144 -41.48 105.73 38.56
CA GLY P 144 -41.15 105.09 37.31
C GLY P 144 -41.62 105.97 36.19
N GLU P 145 -41.04 105.76 35.01
CA GLU P 145 -41.45 106.54 33.85
C GLU P 145 -42.90 106.23 33.51
N ALA P 146 -43.60 107.24 33.00
CA ALA P 146 -45.06 107.18 32.81
C ALA P 146 -45.76 106.80 34.11
N PHE P 147 -45.32 107.41 35.21
CA PHE P 147 -45.90 107.18 36.53
C PHE P 147 -45.42 108.29 37.45
N ASP P 148 -46.34 108.85 38.23
CA ASP P 148 -45.97 109.95 39.11
C ASP P 148 -45.13 109.44 40.27
N PRO P 149 -44.09 110.17 40.68
CA PRO P 149 -43.30 109.74 41.85
C PRO P 149 -44.02 110.08 43.14
N VAL P 150 -44.50 109.03 43.82
CA VAL P 150 -45.09 109.15 45.14
C VAL P 150 -44.01 108.85 46.17
N GLU P 151 -43.80 109.78 47.10
CA GLU P 151 -42.94 109.55 48.23
C GLU P 151 -43.75 108.88 49.33
N VAL P 152 -43.37 107.65 49.68
CA VAL P 152 -44.03 106.90 50.74
C VAL P 152 -43.13 107.00 51.97
N ASP P 153 -43.60 107.70 53.00
CA ASP P 153 -42.80 107.98 54.19
C ASP P 153 -43.39 107.21 55.37
N MET P 154 -42.55 106.41 56.02
CA MET P 154 -42.97 105.85 57.30
C MET P 154 -42.94 106.89 58.41
N GLY P 155 -42.06 107.88 58.33
CA GLY P 155 -42.01 108.92 59.33
C GLY P 155 -40.73 108.93 60.14
N ARG P 156 -39.62 108.56 59.51
CA ARG P 156 -38.34 108.54 60.21
C ARG P 156 -38.01 109.92 60.78
N SER P 157 -37.69 109.94 62.06
CA SER P 157 -37.49 111.18 62.79
C SER P 157 -36.08 111.73 62.56
N GLU P 158 -35.88 112.97 63.01
CA GLU P 158 -34.60 113.63 62.84
C GLU P 158 -33.50 112.97 63.65
N GLU P 159 -33.78 112.58 64.90
CA GLU P 159 -32.79 111.87 65.70
C GLU P 159 -32.48 110.50 65.14
N ASN P 160 -33.31 109.98 64.24
CA ASN P 160 -33.01 108.78 63.50
C ASN P 160 -32.21 109.06 62.23
N ASN P 161 -31.88 110.32 61.97
CA ASN P 161 -31.11 110.72 60.79
C ASN P 161 -29.90 111.54 61.18
N ILE P 162 -29.51 111.47 62.46
CA ILE P 162 -28.35 112.22 62.91
C ILE P 162 -27.07 111.60 62.34
N THR P 163 -26.10 112.46 62.07
CA THR P 163 -24.95 112.12 61.24
C THR P 163 -23.66 112.08 62.05
N GLN P 164 -22.79 111.14 61.72
CA GLN P 164 -21.49 111.04 62.36
C GLN P 164 -20.55 112.19 61.97
N SER P 165 -20.61 112.64 60.71
CA SER P 165 -19.72 113.72 60.29
C SER P 165 -20.01 115.01 61.05
N GLY P 166 -21.23 115.19 61.53
CA GLY P 166 -21.53 116.34 62.37
C GLY P 166 -20.69 116.32 63.63
N GLY P 167 -20.03 117.44 63.92
CA GLY P 167 -19.14 117.52 65.06
C GLY P 167 -17.79 116.90 64.79
N THR P 168 -17.52 115.77 65.42
CA THR P 168 -16.26 115.06 65.28
C THR P 168 -16.47 113.77 64.49
N GLU P 169 -15.64 113.55 63.48
CA GLU P 169 -15.72 112.37 62.64
C GLU P 169 -14.81 111.28 63.18
N TRP P 170 -15.22 110.02 62.95
CA TRP P 170 -14.37 108.90 63.33
C TRP P 170 -13.06 108.90 62.55
N SER P 171 -13.09 109.31 61.28
CA SER P 171 -11.86 109.52 60.55
C SER P 171 -11.01 110.59 61.21
N LYS P 172 -11.65 111.66 61.68
CA LYS P 172 -10.97 112.73 62.42
C LYS P 172 -10.93 112.44 63.91
N ARG P 173 -10.42 111.26 64.25
CA ARG P 173 -10.27 110.84 65.64
C ARG P 173 -9.01 110.00 65.76
N ASP P 174 -8.64 109.68 67.00
CA ASP P 174 -7.49 108.81 67.24
C ASP P 174 -7.80 107.40 66.78
N LYS P 175 -7.00 106.90 65.84
CA LYS P 175 -7.18 105.55 65.31
C LYS P 175 -6.81 104.47 66.32
N SER P 176 -6.21 104.84 67.45
CA SER P 176 -5.75 103.86 68.43
C SER P 176 -6.51 103.87 69.73
N THR P 177 -6.77 105.04 70.32
CA THR P 177 -7.35 105.12 71.65
C THR P 177 -8.85 105.41 71.66
N TYR P 178 -9.37 106.09 70.66
CA TYR P 178 -10.78 106.43 70.65
C TYR P 178 -11.64 105.16 70.52
N ASP P 179 -12.71 105.11 71.29
CA ASP P 179 -13.65 104.00 71.25
C ASP P 179 -14.98 104.49 70.70
N PRO P 180 -15.44 103.99 69.54
CA PRO P 180 -16.73 104.42 69.00
C PRO P 180 -17.93 103.78 69.70
N THR P 181 -17.70 103.00 70.75
CA THR P 181 -18.83 102.43 71.50
C THR P 181 -19.67 103.53 72.10
N ASP P 182 -19.03 104.60 72.58
CA ASP P 182 -19.78 105.74 73.12
C ASP P 182 -20.79 106.25 72.11
N ASP P 183 -20.34 106.47 70.86
CA ASP P 183 -21.27 106.81 69.80
C ASP P 183 -22.29 105.69 69.57
N ILE P 184 -21.88 104.44 69.78
CA ILE P 184 -22.80 103.33 69.55
C ILE P 184 -24.02 103.46 70.46
N GLU P 185 -23.81 103.62 71.77
CA GLU P 185 -24.99 103.82 72.63
C GLU P 185 -25.61 105.19 72.41
N ALA P 186 -24.83 106.18 72.00
CA ALA P 186 -25.39 107.50 71.73
C ALA P 186 -26.45 107.44 70.64
N TYR P 187 -26.19 106.67 69.58
CA TYR P 187 -27.17 106.53 68.52
C TYR P 187 -28.20 105.45 68.84
N ALA P 188 -27.87 104.49 69.70
CA ALA P 188 -28.80 103.43 70.05
C ALA P 188 -29.86 103.87 71.05
N LEU P 189 -29.58 104.87 71.88
CA LEU P 189 -30.53 105.26 72.91
C LEU P 189 -31.83 105.78 72.32
N ASN P 190 -31.74 106.60 71.27
CA ASN P 190 -32.93 107.13 70.61
C ASN P 190 -33.35 106.25 69.45
N ALA P 191 -33.44 104.94 69.69
CA ALA P 191 -33.86 103.98 68.68
C ALA P 191 -35.12 103.24 69.05
N SER P 192 -35.76 103.59 70.17
CA SER P 192 -36.99 102.95 70.63
C SER P 192 -36.79 101.45 70.80
N GLY P 193 -35.64 101.05 71.32
CA GLY P 193 -35.38 99.64 71.57
C GLY P 193 -33.91 99.34 71.61
N VAL P 194 -33.62 98.06 71.74
CA VAL P 194 -32.26 97.54 71.82
C VAL P 194 -31.77 97.19 70.43
N VAL P 195 -30.50 97.48 70.17
CA VAL P 195 -29.84 97.15 68.91
C VAL P 195 -28.95 95.93 69.14
N ASN P 196 -29.09 94.93 68.27
CA ASN P 196 -28.31 93.71 68.41
C ASN P 196 -27.60 93.29 67.13
N ILE P 197 -27.67 94.07 66.06
CA ILE P 197 -26.85 93.87 64.87
C ILE P 197 -26.28 95.22 64.46
N ILE P 198 -24.99 95.24 64.13
CA ILE P 198 -24.31 96.49 63.77
C ILE P 198 -23.83 96.38 62.33
N VAL P 199 -24.63 95.74 61.48
CA VAL P 199 -24.28 95.53 60.07
C VAL P 199 -23.87 96.84 59.41
N PHE P 200 -22.66 96.85 58.86
CA PHE P 200 -22.07 97.98 58.18
C PHE P 200 -22.00 97.71 56.68
N ASP P 201 -21.85 98.78 55.91
CA ASP P 201 -21.28 98.66 54.59
C ASP P 201 -19.75 98.56 54.72
N PRO P 202 -19.07 97.97 53.70
CA PRO P 202 -17.68 97.53 53.89
C PRO P 202 -16.72 98.57 54.45
N LYS P 203 -16.56 99.72 53.78
CA LYS P 203 -15.60 100.70 54.27
C LYS P 203 -16.10 101.36 55.56
N GLY P 204 -17.42 101.37 55.79
CA GLY P 204 -17.92 101.81 57.08
C GLY P 204 -17.40 100.94 58.21
N TRP P 205 -17.50 99.63 58.05
CA TRP P 205 -16.91 98.72 59.02
C TRP P 205 -15.40 98.86 59.05
N ALA P 206 -14.79 99.21 57.92
CA ALA P 206 -13.34 99.39 57.88
C ALA P 206 -12.90 100.50 58.83
N LEU P 207 -13.50 101.69 58.71
CA LEU P 207 -13.08 102.74 59.64
C LEU P 207 -13.64 102.53 61.04
N PHE P 208 -14.71 101.75 61.18
CA PHE P 208 -15.15 101.35 62.52
C PHE P 208 -14.07 100.52 63.22
N ARG P 209 -13.56 99.50 62.54
CA ARG P 209 -12.56 98.61 63.12
C ARG P 209 -11.16 99.21 63.12
N SER P 210 -10.93 100.29 62.38
CA SER P 210 -9.63 100.95 62.41
C SER P 210 -9.24 101.35 63.82
N PHE P 211 -10.21 101.66 64.68
CA PHE P 211 -9.93 101.92 66.08
C PHE P 211 -9.48 100.63 66.77
N LYS P 212 -8.38 100.71 67.53
CA LYS P 212 -7.90 99.53 68.23
C LYS P 212 -8.93 99.03 69.23
N ALA P 213 -9.44 99.93 70.08
CA ALA P 213 -10.44 99.54 71.07
C ALA P 213 -11.50 98.63 70.47
N VAL P 214 -11.91 98.90 69.23
CA VAL P 214 -12.83 97.98 68.54
C VAL P 214 -12.20 96.61 68.40
N LYS P 215 -10.93 96.54 67.98
CA LYS P 215 -10.37 95.25 67.59
C LYS P 215 -10.00 94.39 68.79
N GLU P 216 -9.63 94.98 69.93
CA GLU P 216 -9.50 94.18 71.14
C GLU P 216 -10.77 94.16 71.99
N LYS P 217 -11.85 94.82 71.56
CA LYS P 217 -13.13 94.66 72.22
C LYS P 217 -14.00 93.61 71.53
N LEU P 218 -13.78 93.38 70.24
CA LEU P 218 -14.61 92.42 69.51
C LEU P 218 -14.12 91.00 69.76
N ASP P 219 -15.06 90.07 69.76
CA ASP P 219 -14.77 88.64 69.89
C ASP P 219 -14.94 88.00 68.52
N THR P 220 -13.83 87.50 67.96
CA THR P 220 -13.89 86.81 66.69
C THR P 220 -14.56 85.45 66.79
N ARG P 221 -14.75 84.95 68.01
CA ARG P 221 -15.25 83.60 68.20
C ARG P 221 -16.69 83.49 67.73
N ARG P 222 -17.14 82.25 67.51
CA ARG P 222 -18.52 81.99 67.18
C ARG P 222 -19.43 82.49 68.29
N GLY P 223 -19.33 81.89 69.47
CA GLY P 223 -20.21 82.18 70.58
C GLY P 223 -21.64 82.30 70.09
N SER P 224 -22.14 81.22 69.48
CA SER P 224 -23.33 81.30 68.64
C SER P 224 -24.51 81.85 69.42
N ASN P 225 -24.90 83.08 69.09
CA ASN P 225 -25.95 83.77 69.82
C ASN P 225 -27.34 83.35 69.38
N SER P 226 -27.59 83.30 68.09
CA SER P 226 -28.94 83.09 67.58
C SER P 226 -28.84 82.37 66.25
N GLU P 227 -29.93 82.41 65.48
CA GLU P 227 -29.98 81.84 64.15
C GLU P 227 -29.34 82.73 63.10
N LEU P 228 -28.70 83.83 63.50
CA LEU P 228 -28.04 84.68 62.52
C LEU P 228 -26.85 83.98 61.89
N GLU P 229 -26.14 83.15 62.65
CA GLU P 229 -25.10 82.32 62.04
C GLU P 229 -25.67 81.39 60.99
N THR P 230 -26.84 80.79 61.27
CA THR P 230 -27.49 79.94 60.27
C THR P 230 -27.89 80.76 59.05
N ALA P 231 -28.36 81.98 59.25
CA ALA P 231 -28.72 82.85 58.14
C ALA P 231 -27.50 83.18 57.28
N VAL P 232 -26.36 83.43 57.92
CA VAL P 232 -25.14 83.70 57.16
C VAL P 232 -24.68 82.46 56.41
N LYS P 233 -24.75 81.29 57.05
CA LYS P 233 -24.39 80.05 56.35
C LYS P 233 -25.29 79.84 55.14
N ASP P 234 -26.58 80.16 55.27
CA ASP P 234 -27.48 80.08 54.12
C ASP P 234 -27.06 81.07 53.04
N LEU P 235 -27.05 82.35 53.36
CA LEU P 235 -26.68 83.41 52.41
C LEU P 235 -25.23 83.82 52.61
N GLY P 236 -24.33 82.88 52.37
CA GLY P 236 -22.91 83.20 52.36
C GLY P 236 -22.45 84.10 51.24
N LYS P 237 -23.38 84.76 50.55
CA LYS P 237 -23.01 85.57 49.39
C LYS P 237 -22.56 86.98 49.81
N ALA P 238 -23.45 87.74 50.46
CA ALA P 238 -23.20 89.16 50.63
C ALA P 238 -23.36 89.63 52.08
N VAL P 239 -23.88 88.79 52.97
CA VAL P 239 -23.90 89.09 54.40
C VAL P 239 -22.72 88.36 55.03
N SER P 240 -21.90 89.09 55.78
CA SER P 240 -20.67 88.57 56.34
C SER P 240 -20.68 88.79 57.85
N TYR P 241 -20.78 87.69 58.58
CA TYR P 241 -20.79 87.71 60.04
C TYR P 241 -19.35 87.92 60.52
N LYS P 242 -18.99 89.19 60.75
CA LYS P 242 -17.64 89.49 61.20
C LYS P 242 -17.32 88.80 62.52
N GLY P 243 -18.26 88.84 63.46
CA GLY P 243 -18.06 88.18 64.74
C GLY P 243 -18.84 88.92 65.82
N MET P 244 -18.43 88.66 67.07
CA MET P 244 -18.96 89.34 68.23
C MET P 244 -18.13 90.58 68.54
N TYR P 245 -18.83 91.68 68.82
CA TYR P 245 -18.22 92.85 69.44
C TYR P 245 -18.40 92.78 70.95
N GLY P 246 -18.55 91.56 71.47
CA GLY P 246 -18.94 91.33 72.84
C GLY P 246 -20.44 91.24 72.97
N ASP P 247 -21.07 92.31 73.44
CA ASP P 247 -22.51 92.36 73.59
C ASP P 247 -23.27 92.23 72.27
N VAL P 248 -22.79 92.86 71.20
CA VAL P 248 -23.57 93.01 69.98
C VAL P 248 -22.90 92.24 68.84
N ALA P 249 -23.70 91.86 67.85
CA ALA P 249 -23.19 91.16 66.68
C ALA P 249 -22.72 92.16 65.62
N ILE P 250 -21.61 91.82 64.97
CA ILE P 250 -21.03 92.66 63.92
C ILE P 250 -21.21 91.94 62.59
N VAL P 251 -21.91 92.59 61.66
CA VAL P 251 -22.16 92.04 60.34
C VAL P 251 -21.77 93.11 59.32
N VAL P 252 -21.51 92.67 58.09
CA VAL P 252 -21.26 93.58 56.97
C VAL P 252 -22.06 93.10 55.77
N TYR P 253 -22.85 93.98 55.18
CA TYR P 253 -23.56 93.68 53.95
C TYR P 253 -22.85 94.36 52.78
N SER P 254 -22.48 93.57 51.78
CA SER P 254 -21.85 94.06 50.56
C SER P 254 -22.62 93.59 49.34
N GLY P 255 -23.95 93.55 49.45
CA GLY P 255 -24.76 93.14 48.32
C GLY P 255 -24.70 94.16 47.20
N GLN P 256 -24.89 93.68 45.97
CA GLN P 256 -24.76 94.50 44.78
C GLN P 256 -25.94 94.25 43.84
N TYR P 257 -26.44 95.31 43.22
CA TYR P 257 -27.45 95.19 42.19
C TYR P 257 -26.82 95.52 40.84
N VAL P 258 -27.19 94.75 39.83
CA VAL P 258 -26.62 94.87 38.49
C VAL P 258 -27.66 95.59 37.63
N GLU P 259 -27.50 96.89 37.48
CA GLU P 259 -28.51 97.71 36.82
C GLU P 259 -28.36 97.61 35.30
N ASN P 260 -29.03 98.52 34.59
CA ASN P 260 -29.27 98.36 33.15
C ASN P 260 -27.99 98.14 32.36
N GLY P 261 -26.91 98.83 32.73
CA GLY P 261 -25.67 98.68 31.99
C GLY P 261 -24.46 98.43 32.87
N VAL P 262 -24.62 98.63 34.17
CA VAL P 262 -23.51 98.57 35.11
C VAL P 262 -24.01 97.91 36.40
N LYS P 263 -23.08 97.64 37.30
CA LYS P 263 -23.38 97.08 38.60
C LYS P 263 -22.83 97.98 39.71
N LYS P 264 -23.51 98.00 40.85
CA LYS P 264 -23.04 98.79 41.97
C LYS P 264 -23.71 98.28 43.25
N ASN P 265 -23.08 98.53 44.39
CA ASN P 265 -23.58 98.02 45.66
C ASN P 265 -24.93 98.62 46.01
N PHE P 266 -25.74 97.84 46.71
CA PHE P 266 -26.99 98.34 47.29
C PHE P 266 -26.71 99.50 48.25
N LEU P 267 -25.75 99.31 49.14
CA LEU P 267 -25.38 100.20 50.23
C LEU P 267 -24.66 101.45 49.71
N PRO P 268 -24.98 102.59 50.31
CA PRO P 268 -24.19 103.80 50.04
C PRO P 268 -22.79 103.71 50.63
N ASP P 269 -22.03 104.81 50.57
CA ASP P 269 -20.61 104.76 50.90
C ASP P 269 -20.38 104.36 52.35
N ASN P 270 -21.03 105.04 53.30
CA ASN P 270 -20.78 104.82 54.72
C ASN P 270 -22.08 105.13 55.47
N THR P 271 -22.86 104.09 55.76
CA THR P 271 -24.15 104.26 56.42
C THR P 271 -24.38 103.15 57.44
N MET P 272 -25.31 103.44 58.35
CA MET P 272 -25.66 102.57 59.46
C MET P 272 -27.12 102.75 59.83
N VAL P 273 -27.75 101.64 60.24
CA VAL P 273 -29.07 101.68 60.87
C VAL P 273 -29.01 100.88 62.16
N LEU P 274 -29.33 101.55 63.27
CA LEU P 274 -29.32 100.94 64.59
C LEU P 274 -30.74 100.58 64.98
N GLY P 275 -30.98 99.30 65.23
CA GLY P 275 -32.30 98.83 65.60
C GLY P 275 -32.27 97.36 65.94
N ASN P 276 -33.46 96.80 66.15
CA ASN P 276 -33.62 95.41 66.54
C ASN P 276 -33.71 94.49 65.34
N THR P 277 -33.49 93.20 65.58
CA THR P 277 -33.73 92.16 64.59
C THR P 277 -35.20 91.79 64.50
N GLN P 278 -36.03 92.18 65.47
CA GLN P 278 -37.45 91.88 65.44
C GLN P 278 -38.31 93.11 65.19
N ALA P 279 -37.80 94.10 64.46
CA ALA P 279 -38.61 95.24 64.07
C ALA P 279 -39.73 94.78 63.14
N ARG P 280 -40.86 95.48 63.20
CA ARG P 280 -42.06 95.05 62.50
C ARG P 280 -42.05 95.61 61.08
N GLY P 281 -42.08 94.72 60.09
CA GLY P 281 -42.07 95.16 58.71
C GLY P 281 -43.28 94.70 57.93
N LEU P 282 -43.98 95.65 57.32
CA LEU P 282 -45.21 95.36 56.59
C LEU P 282 -44.89 95.10 55.13
N ARG P 283 -45.56 94.10 54.56
CA ARG P 283 -45.46 93.71 53.16
C ARG P 283 -46.83 93.83 52.50
N THR P 284 -47.47 94.98 52.64
CA THR P 284 -48.74 95.21 51.98
C THR P 284 -48.60 95.00 50.48
N TYR P 285 -49.58 94.33 49.89
CA TYR P 285 -49.55 93.94 48.49
C TYR P 285 -50.87 94.38 47.86
N GLY P 286 -50.78 95.00 46.69
CA GLY P 286 -51.95 95.53 46.03
C GLY P 286 -52.67 94.50 45.18
N CYS P 287 -53.59 95.00 44.37
CA CYS P 287 -54.31 94.15 43.43
C CYS P 287 -53.37 93.61 42.37
N ILE P 288 -53.71 92.44 41.85
CA ILE P 288 -52.99 91.85 40.72
C ILE P 288 -53.88 91.98 39.49
N GLN P 289 -53.45 92.80 38.52
CA GLN P 289 -54.25 93.12 37.34
C GLN P 289 -54.03 92.05 36.27
N ASP P 290 -54.66 90.90 36.48
CA ASP P 290 -54.65 89.82 35.52
C ASP P 290 -55.97 89.10 35.55
N ALA P 291 -56.66 89.05 34.40
CA ALA P 291 -57.99 88.47 34.36
C ALA P 291 -58.00 87.07 34.95
N ASP P 292 -56.93 86.30 34.70
CA ASP P 292 -56.79 84.99 35.33
C ASP P 292 -56.80 85.12 36.86
N ALA P 293 -56.03 86.07 37.38
CA ALA P 293 -55.94 86.25 38.81
C ALA P 293 -57.29 86.62 39.41
N GLN P 294 -58.03 87.51 38.76
CA GLN P 294 -59.33 87.85 39.33
C GLN P 294 -60.32 86.70 39.28
N ARG P 295 -60.40 85.97 38.16
CA ARG P 295 -61.51 85.02 38.12
C ARG P 295 -61.14 83.73 38.84
N GLU P 296 -59.88 83.58 39.26
CA GLU P 296 -59.55 82.49 40.17
C GLU P 296 -59.18 82.96 41.57
N GLY P 297 -59.36 84.24 41.88
CA GLY P 297 -59.19 84.70 43.25
C GLY P 297 -57.77 84.96 43.71
N ILE P 298 -56.86 85.28 42.79
CA ILE P 298 -55.48 85.59 43.16
C ILE P 298 -55.30 87.10 43.11
N ASN P 299 -56.40 87.82 43.30
CA ASN P 299 -56.34 89.27 43.46
C ASN P 299 -55.64 89.66 44.75
N ALA P 300 -55.63 88.78 45.74
CA ALA P 300 -54.99 89.02 47.03
C ALA P 300 -53.97 87.92 47.26
N SER P 301 -52.74 88.16 46.85
CA SER P 301 -51.68 87.17 46.97
C SER P 301 -50.33 87.85 46.89
N ALA P 302 -49.28 87.02 46.91
CA ALA P 302 -47.94 87.55 46.77
C ALA P 302 -47.56 87.74 45.30
N ARG P 303 -47.46 86.65 44.55
CA ARG P 303 -46.92 86.66 43.19
C ARG P 303 -47.86 85.89 42.28
N TYR P 304 -47.71 86.13 40.97
CA TYR P 304 -48.47 85.36 40.00
C TYR P 304 -47.65 85.10 38.75
N PRO P 305 -47.33 83.83 38.47
CA PRO P 305 -46.69 83.48 37.20
C PRO P 305 -47.69 83.05 36.14
N LYS P 306 -47.29 83.06 34.87
CA LYS P 306 -48.06 82.38 33.84
C LYS P 306 -47.19 82.18 32.61
N ASN P 307 -47.50 81.11 31.86
CA ASN P 307 -46.90 80.85 30.56
C ASN P 307 -48.01 80.88 29.52
N TRP P 308 -47.78 81.60 28.43
CA TRP P 308 -48.91 81.99 27.58
C TRP P 308 -48.43 82.36 26.19
N VAL P 309 -49.27 82.04 25.20
CA VAL P 309 -48.95 82.17 23.79
C VAL P 309 -49.71 83.37 23.22
N THR P 310 -49.02 84.20 22.44
CA THR P 310 -49.63 85.27 21.67
C THR P 310 -49.83 84.81 20.24
N THR P 311 -51.06 84.93 19.76
CA THR P 311 -51.41 84.61 18.38
C THR P 311 -51.62 85.91 17.60
N GLY P 312 -50.93 86.00 16.46
CA GLY P 312 -51.06 87.18 15.62
C GLY P 312 -49.75 87.83 15.26
N ASP P 313 -49.65 89.15 15.49
CA ASP P 313 -48.40 89.85 15.18
C ASP P 313 -47.23 89.34 16.00
N PRO P 314 -47.27 89.39 17.34
CA PRO P 314 -46.16 88.79 18.11
C PRO P 314 -46.45 87.33 18.44
N ALA P 315 -46.68 86.52 17.39
CA ALA P 315 -47.11 85.15 17.59
C ALA P 315 -45.97 84.36 18.20
N ARG P 316 -45.93 84.31 19.53
CA ARG P 316 -44.81 83.78 20.27
C ARG P 316 -45.36 83.19 21.57
N GLU P 317 -44.48 82.96 22.54
CA GLU P 317 -44.90 82.46 23.83
C GLU P 317 -43.97 82.99 24.91
N PHE P 318 -44.55 83.42 26.02
CA PHE P 318 -43.87 84.20 27.05
C PHE P 318 -44.18 83.67 28.43
N THR P 319 -43.31 84.04 29.37
CA THR P 319 -43.54 83.86 30.80
C THR P 319 -43.71 85.23 31.43
N MET P 320 -44.81 85.40 32.17
CA MET P 320 -45.24 86.69 32.70
C MET P 320 -45.28 86.56 34.22
N ILE P 321 -44.69 87.52 34.93
CA ILE P 321 -44.70 87.52 36.38
C ILE P 321 -45.30 88.83 36.85
N GLN P 322 -46.26 88.75 37.78
CA GLN P 322 -46.96 89.93 38.27
C GLN P 322 -46.97 89.96 39.79
N SER P 323 -46.78 91.16 40.34
CA SER P 323 -46.73 91.37 41.77
C SER P 323 -47.08 92.82 42.04
N ALA P 324 -47.25 93.16 43.32
CA ALA P 324 -47.53 94.54 43.74
C ALA P 324 -47.14 94.74 45.19
N PRO P 325 -45.85 94.82 45.49
CA PRO P 325 -45.42 95.06 46.86
C PRO P 325 -45.31 96.54 47.20
N LEU P 326 -45.61 96.87 48.45
CA LEU P 326 -45.40 98.20 48.99
C LEU P 326 -44.88 98.09 50.42
N MET P 327 -43.96 97.15 50.62
CA MET P 327 -43.32 96.91 51.90
C MET P 327 -42.76 98.19 52.52
N LEU P 328 -43.03 98.35 53.81
CA LEU P 328 -42.57 99.48 54.60
C LEU P 328 -42.21 98.96 56.00
N LEU P 329 -41.85 99.90 56.89
CA LEU P 329 -41.55 99.58 58.27
C LEU P 329 -42.62 100.20 59.17
N ALA P 330 -43.11 99.42 60.14
CA ALA P 330 -44.14 99.92 61.03
C ALA P 330 -43.64 101.08 61.88
N ASP P 331 -42.44 100.93 62.44
CA ASP P 331 -41.83 101.96 63.28
C ASP P 331 -40.58 102.50 62.61
N PRO P 332 -40.67 103.60 61.88
CA PRO P 332 -39.44 104.22 61.33
C PRO P 332 -38.49 104.68 62.41
N ASP P 333 -39.00 105.04 63.59
CA ASP P 333 -38.16 105.44 64.71
C ASP P 333 -37.39 104.28 65.31
N GLU P 334 -37.71 103.04 64.92
CA GLU P 334 -37.00 101.88 65.45
C GLU P 334 -35.53 101.87 65.06
N PHE P 335 -35.19 102.43 63.90
CA PHE P 335 -33.81 102.45 63.44
C PHE P 335 -33.31 103.89 63.33
N VAL P 336 -32.12 104.10 63.89
CA VAL P 336 -31.40 105.36 63.74
C VAL P 336 -30.47 105.22 62.54
N SER P 337 -30.64 106.09 61.56
CA SER P 337 -29.88 106.05 60.32
C SER P 337 -28.78 107.11 60.38
N VAL P 338 -27.53 106.66 60.31
CA VAL P 338 -26.37 107.53 60.47
C VAL P 338 -25.49 107.38 59.24
N GLN P 339 -25.08 108.51 58.67
CA GLN P 339 -24.00 108.51 57.69
C GLN P 339 -22.70 108.70 58.43
N LEU P 340 -21.69 107.93 58.06
CA LEU P 340 -20.46 107.81 58.82
C LEU P 340 -19.41 108.77 58.31
N ALA P 341 -18.28 108.80 59.01
CA ALA P 341 -17.15 109.64 58.63
C ALA P 341 -16.57 109.22 57.28
N ALA Q 7 -70.14 84.37 68.10
CA ALA Q 7 -70.20 83.58 69.32
C ALA Q 7 -70.09 82.09 69.01
N GLN Q 8 -68.93 81.51 69.28
CA GLN Q 8 -68.68 80.09 69.07
C GLN Q 8 -68.42 79.42 70.42
N LEU Q 9 -68.57 78.10 70.43
CA LEU Q 9 -68.62 77.34 71.67
C LEU Q 9 -67.27 77.38 72.40
N LEU Q 10 -67.30 76.90 73.65
CA LEU Q 10 -66.10 76.86 74.48
C LEU Q 10 -65.04 75.91 73.90
N ALA Q 11 -65.46 74.79 73.31
CA ALA Q 11 -64.52 73.79 72.83
C ALA Q 11 -63.65 74.27 71.70
N ALA Q 12 -63.98 75.41 71.06
CA ALA Q 12 -63.14 75.97 70.01
C ALA Q 12 -61.97 76.74 70.62
N ASN Q 13 -61.18 76.01 71.41
CA ASN Q 13 -60.04 76.57 72.12
C ASN Q 13 -58.85 75.63 72.02
N GLU Q 14 -58.58 75.14 70.82
CA GLU Q 14 -57.53 74.14 70.58
C GLU Q 14 -56.28 74.85 70.07
N GLN Q 15 -55.19 74.77 70.83
CA GLN Q 15 -53.91 75.33 70.40
C GLN Q 15 -52.84 74.25 70.23
N LYS Q 16 -52.60 73.45 71.26
CA LYS Q 16 -51.44 72.56 71.34
C LYS Q 16 -50.13 73.33 71.16
N PHE Q 17 -50.14 74.59 71.61
CA PHE Q 17 -48.99 75.49 71.52
C PHE Q 17 -48.66 75.98 72.93
N LYS Q 18 -47.83 75.23 73.65
CA LYS Q 18 -47.33 75.63 74.96
C LYS Q 18 -45.82 75.78 74.85
N PHE Q 19 -45.38 77.02 74.67
CA PHE Q 19 -43.98 77.34 74.40
C PHE Q 19 -43.50 78.48 75.28
N ASP Q 20 -43.80 78.42 76.57
CA ASP Q 20 -43.30 79.39 77.52
C ASP Q 20 -41.79 79.25 77.69
N PRO Q 21 -41.04 80.35 77.87
CA PRO Q 21 -39.56 80.29 77.92
C PRO Q 21 -38.97 79.69 79.20
N LEU Q 22 -39.19 78.39 79.37
CA LEU Q 22 -38.47 77.57 80.33
C LEU Q 22 -38.66 77.98 81.78
N PHE Q 23 -39.54 78.93 82.05
CA PHE Q 23 -39.80 79.34 83.43
C PHE Q 23 -41.06 78.72 84.02
N LEU Q 24 -42.21 78.95 83.40
CA LEU Q 24 -43.46 78.37 83.90
C LEU Q 24 -43.59 76.89 83.59
N ARG Q 25 -42.70 76.36 82.75
CA ARG Q 25 -42.72 74.95 82.36
C ARG Q 25 -41.64 74.12 83.04
N LEU Q 26 -40.61 74.75 83.58
CA LEU Q 26 -39.46 74.04 84.14
C LEU Q 26 -39.20 74.35 85.60
N PHE Q 27 -39.31 75.61 86.02
CA PHE Q 27 -39.19 75.92 87.45
C PHE Q 27 -40.54 76.03 88.15
N PHE Q 28 -41.60 76.39 87.43
CA PHE Q 28 -42.87 76.75 88.05
C PHE Q 28 -44.00 75.83 87.57
N ARG Q 29 -43.76 74.52 87.61
CA ARG Q 29 -44.75 73.52 87.19
C ARG Q 29 -45.88 73.37 88.19
N GLU Q 30 -45.77 73.96 89.39
CA GLU Q 30 -46.52 73.55 90.56
C GLU Q 30 -47.85 74.31 90.62
N SER Q 31 -48.76 74.01 89.71
CA SER Q 31 -49.99 74.76 89.53
C SER Q 31 -50.99 74.49 90.66
N TYR Q 32 -51.62 75.55 91.17
CA TYR Q 32 -52.66 75.41 92.18
C TYR Q 32 -53.83 76.34 91.88
N PRO Q 33 -54.66 76.02 90.89
CA PRO Q 33 -55.92 76.76 90.75
C PRO Q 33 -56.90 76.44 91.88
N PHE Q 34 -57.54 77.49 92.39
CA PHE Q 34 -58.39 77.43 93.56
C PHE Q 34 -59.83 77.79 93.20
N THR Q 35 -60.74 77.36 94.07
CA THR Q 35 -62.13 77.80 94.02
C THR Q 35 -62.30 79.07 94.86
N THR Q 36 -61.21 79.60 95.40
CA THR Q 36 -61.24 80.75 96.30
C THR Q 36 -60.38 81.86 95.71
N GLU Q 37 -60.71 83.10 96.11
CA GLU Q 37 -60.13 84.28 95.48
C GLU Q 37 -58.62 84.31 95.62
N LYS Q 38 -58.12 84.40 96.84
CA LYS Q 38 -56.71 84.66 97.11
C LYS Q 38 -55.90 83.38 97.04
N VAL Q 39 -54.60 83.52 97.27
CA VAL Q 39 -53.70 82.40 97.52
C VAL Q 39 -53.57 82.23 99.02
N TYR Q 40 -53.69 80.99 99.47
CA TYR Q 40 -53.63 80.67 100.90
C TYR Q 40 -52.48 79.70 101.09
N LEU Q 41 -51.27 80.25 101.26
CA LEU Q 41 -50.07 79.43 101.35
C LEU Q 41 -50.16 78.44 102.50
N SER Q 42 -50.93 78.76 103.54
CA SER Q 42 -51.22 77.78 104.58
C SER Q 42 -52.00 76.60 104.02
N GLN Q 43 -52.89 76.85 103.06
CA GLN Q 43 -53.64 75.76 102.44
C GLN Q 43 -52.75 74.87 101.59
N ILE Q 44 -51.85 75.44 100.81
CA ILE Q 44 -50.92 74.62 100.03
C ILE Q 44 -50.04 73.80 100.99
N PRO Q 45 -49.90 72.50 100.78
CA PRO Q 45 -48.99 71.73 101.64
C PRO Q 45 -47.55 72.17 101.47
N GLY Q 46 -47.16 72.55 100.25
CA GLY Q 46 -45.79 72.90 99.95
C GLY Q 46 -44.86 71.76 100.32
N LEU Q 47 -43.79 72.11 101.02
CA LEU Q 47 -42.96 71.11 101.66
C LEU Q 47 -43.66 70.57 102.91
N VAL Q 48 -43.65 69.25 103.05
CA VAL Q 48 -44.33 68.56 104.14
C VAL Q 48 -43.33 68.35 105.27
N ASN Q 49 -43.80 68.48 106.52
CA ASN Q 49 -42.99 68.10 107.67
C ASN Q 49 -42.64 66.63 107.54
N MET Q 50 -41.35 66.34 107.34
CA MET Q 50 -40.94 65.12 106.64
C MET Q 50 -39.72 64.47 107.30
N ALA Q 51 -39.75 64.25 108.62
CA ALA Q 51 -38.65 63.53 109.25
C ALA Q 51 -39.10 62.53 110.31
N LEU Q 52 -39.99 62.94 111.21
CA LEU Q 52 -40.20 62.24 112.47
C LEU Q 52 -40.96 60.93 112.28
N TYR Q 53 -40.55 59.90 113.02
CA TYR Q 53 -41.29 58.66 113.11
C TYR Q 53 -41.84 58.50 114.53
N VAL Q 54 -42.40 57.34 114.82
CA VAL Q 54 -42.99 57.07 116.13
C VAL Q 54 -42.41 55.77 116.67
N SER Q 55 -42.52 55.60 118.00
CA SER Q 55 -41.94 54.47 118.69
C SER Q 55 -42.60 53.16 118.24
N PRO Q 56 -41.88 52.03 118.34
CA PRO Q 56 -42.47 50.75 117.94
C PRO Q 56 -43.46 50.18 118.96
N ILE Q 57 -44.36 51.01 119.46
CA ILE Q 57 -45.45 50.53 120.30
C ILE Q 57 -46.79 51.02 119.75
N VAL Q 58 -46.91 52.34 119.57
CA VAL Q 58 -48.10 52.95 118.98
C VAL Q 58 -47.64 54.04 118.02
N SER Q 59 -48.61 54.74 117.44
CA SER Q 59 -48.28 55.84 116.54
C SER Q 59 -48.75 57.17 117.13
N GLY Q 60 -48.23 58.25 116.54
CA GLY Q 60 -48.40 59.57 117.11
C GLY Q 60 -49.60 60.33 116.58
N GLU Q 61 -49.47 61.65 116.60
CA GLU Q 61 -50.58 62.56 116.31
C GLU Q 61 -50.82 62.65 114.81
N VAL Q 62 -51.74 63.54 114.42
CA VAL Q 62 -52.10 63.75 113.03
C VAL Q 62 -51.26 64.89 112.47
N ILE Q 63 -50.70 64.69 111.28
CA ILE Q 63 -49.87 65.69 110.61
C ILE Q 63 -50.71 66.40 109.56
N ARG Q 64 -50.59 67.72 109.52
CA ARG Q 64 -51.40 68.60 108.68
C ARG Q 64 -50.52 69.27 107.64
N SER Q 65 -51.15 70.13 106.83
CA SER Q 65 -50.41 71.12 106.05
C SER Q 65 -49.91 72.16 107.03
N ARG Q 66 -48.59 72.35 107.07
CA ARG Q 66 -47.94 72.98 108.22
C ARG Q 66 -48.08 74.51 108.21
N GLY Q 67 -49.32 74.95 108.09
CA GLY Q 67 -49.72 76.32 108.41
C GLY Q 67 -48.80 77.43 107.96
N GLY Q 68 -48.73 77.69 106.66
CA GLY Q 68 -47.92 78.78 106.14
C GLY Q 68 -48.19 80.10 106.82
N SER Q 69 -47.13 80.82 107.17
CA SER Q 69 -47.28 82.02 107.99
C SER Q 69 -48.10 83.09 107.26
N THR Q 70 -47.78 83.36 106.00
CA THR Q 70 -48.50 84.33 105.20
C THR Q 70 -49.30 83.58 104.12
N SER Q 71 -50.62 83.76 104.14
CA SER Q 71 -51.50 83.05 103.23
C SER Q 71 -52.55 83.97 102.60
N GLU Q 72 -52.18 85.17 102.17
CA GLU Q 72 -53.13 86.14 101.64
C GLU Q 72 -52.43 87.07 100.66
N PHE Q 73 -52.54 86.76 99.37
CA PHE Q 73 -52.12 87.67 98.31
C PHE Q 73 -53.15 87.63 97.19
N THR Q 74 -53.18 88.71 96.41
CA THR Q 74 -54.20 88.89 95.37
C THR Q 74 -53.68 88.35 94.05
N PRO Q 75 -54.29 87.30 93.48
CA PRO Q 75 -53.87 86.84 92.15
C PRO Q 75 -54.15 87.90 91.09
N GLY Q 76 -53.34 87.90 90.04
CA GLY Q 76 -53.50 88.82 88.94
C GLY Q 76 -54.63 88.43 88.02
N TYR Q 77 -55.86 88.66 88.46
CA TYR Q 77 -56.99 88.31 87.61
C TYR Q 77 -56.97 89.18 86.36
N VAL Q 78 -56.53 88.58 85.27
CA VAL Q 78 -56.36 89.22 83.99
C VAL Q 78 -57.45 88.73 83.05
N LYS Q 79 -58.34 89.64 82.66
CA LYS Q 79 -59.29 89.21 81.64
C LYS Q 79 -59.31 90.20 80.48
N PRO Q 80 -58.46 90.02 79.48
CA PRO Q 80 -58.55 90.86 78.29
C PRO Q 80 -59.51 90.30 77.26
N LYS Q 81 -59.69 91.03 76.16
CA LYS Q 81 -60.55 90.57 75.08
C LYS Q 81 -60.09 91.23 73.79
N HIS Q 82 -60.71 90.78 72.69
CA HIS Q 82 -60.52 91.46 71.42
C HIS Q 82 -61.78 91.24 70.57
N GLU Q 83 -61.79 91.92 69.42
CA GLU Q 83 -62.80 91.67 68.41
C GLU Q 83 -62.23 90.77 67.33
N VAL Q 84 -63.12 89.99 66.72
CA VAL Q 84 -62.77 89.14 65.60
C VAL Q 84 -63.67 89.50 64.42
N ASN Q 85 -63.99 90.78 64.31
CA ASN Q 85 -64.90 91.30 63.30
C ASN Q 85 -64.45 90.88 61.90
N PRO Q 86 -65.30 90.19 61.13
CA PRO Q 86 -64.88 89.73 59.80
C PRO Q 86 -64.79 90.86 58.78
N GLN Q 87 -63.96 91.86 59.07
CA GLN Q 87 -63.66 92.92 58.12
C GLN Q 87 -62.21 92.91 57.65
N MET Q 88 -61.34 92.11 58.25
CA MET Q 88 -59.94 92.08 57.86
C MET Q 88 -59.67 90.99 56.84
N THR Q 89 -58.66 91.21 56.01
CA THR Q 89 -57.92 90.10 55.45
C THR Q 89 -56.92 89.59 56.48
N LEU Q 90 -56.86 88.26 56.62
CA LEU Q 90 -56.21 87.62 57.75
C LEU Q 90 -54.80 87.15 57.40
N ARG Q 91 -54.18 86.46 58.35
CA ARG Q 91 -52.92 85.79 58.07
C ARG Q 91 -53.18 84.68 57.06
N ARG Q 92 -52.70 84.82 55.82
CA ARG Q 92 -52.91 83.78 54.83
C ARG Q 92 -51.67 82.89 54.75
N LEU Q 93 -51.72 81.77 55.46
CA LEU Q 93 -50.74 80.72 55.24
C LEU Q 93 -50.63 80.44 53.74
N PRO Q 94 -49.41 80.22 53.21
CA PRO Q 94 -49.26 80.17 51.74
C PRO Q 94 -50.21 79.23 51.02
N ASP Q 95 -51.14 79.84 50.29
CA ASP Q 95 -51.96 79.18 49.27
C ASP Q 95 -52.66 77.92 49.75
N GLU Q 96 -53.32 77.96 50.91
CA GLU Q 96 -54.31 76.93 51.25
C GLU Q 96 -55.71 77.44 50.97
N ASP Q 97 -56.02 77.56 49.68
CA ASP Q 97 -57.37 77.80 49.19
C ASP Q 97 -58.03 79.02 49.82
N PRO Q 98 -57.65 80.24 49.43
CA PRO Q 98 -58.26 81.44 50.03
C PRO Q 98 -59.77 81.53 49.87
N GLN Q 99 -60.38 80.59 49.14
CA GLN Q 99 -61.84 80.56 49.06
C GLN Q 99 -62.47 80.39 50.43
N ASN Q 100 -61.84 79.62 51.32
CA ASN Q 100 -62.39 79.49 52.67
C ASN Q 100 -62.18 80.76 53.49
N LEU Q 101 -61.11 81.51 53.25
CA LEU Q 101 -61.02 82.84 53.84
C LEU Q 101 -62.16 83.71 53.35
N ALA Q 102 -62.51 83.60 52.06
CA ALA Q 102 -63.68 84.30 51.55
C ALA Q 102 -64.95 83.92 52.31
N ASP Q 103 -65.00 82.71 52.87
CA ASP Q 103 -66.09 82.34 53.76
C ASP Q 103 -66.01 83.17 55.04
N PRO Q 104 -67.10 83.83 55.44
CA PRO Q 104 -67.13 84.40 56.79
C PRO Q 104 -66.97 83.37 57.90
N ALA Q 105 -67.43 82.13 57.67
CA ALA Q 105 -67.30 81.11 58.72
C ALA Q 105 -65.84 80.76 58.98
N TYR Q 106 -65.08 80.44 57.93
CA TYR Q 106 -63.69 80.08 58.14
C TYR Q 106 -62.86 81.28 58.58
N ARG Q 107 -63.13 82.47 58.01
CA ARG Q 107 -62.38 83.63 58.47
C ARG Q 107 -62.64 83.87 59.94
N ARG Q 108 -63.91 83.78 60.38
CA ARG Q 108 -64.22 84.05 61.77
C ARG Q 108 -63.61 83.00 62.69
N ARG Q 109 -63.63 81.72 62.29
CA ARG Q 109 -63.08 80.72 63.20
C ARG Q 109 -61.56 80.81 63.29
N ARG Q 110 -60.86 80.99 62.18
CA ARG Q 110 -59.41 81.03 62.33
C ARG Q 110 -58.97 82.39 62.86
N ILE Q 111 -59.81 83.43 62.75
CA ILE Q 111 -59.46 84.69 63.38
C ILE Q 111 -59.72 84.63 64.89
N ILE Q 112 -60.71 83.86 65.35
CA ILE Q 112 -60.79 83.67 66.79
C ILE Q 112 -59.60 82.82 67.24
N MET Q 113 -59.16 81.89 66.39
CA MET Q 113 -57.93 81.16 66.68
C MET Q 113 -56.76 82.13 66.90
N GLN Q 114 -56.56 83.03 65.94
CA GLN Q 114 -55.47 84.00 66.00
C GLN Q 114 -55.62 84.94 67.20
N ASN Q 115 -56.83 85.44 67.41
CA ASN Q 115 -57.09 86.34 68.52
C ASN Q 115 -56.76 85.66 69.84
N MET Q 116 -57.30 84.46 70.06
CA MET Q 116 -57.11 83.83 71.35
C MET Q 116 -55.65 83.46 71.56
N ARG Q 117 -54.95 83.03 70.49
CA ARG Q 117 -53.54 82.70 70.69
C ARG Q 117 -52.73 83.93 71.07
N ASP Q 118 -53.01 85.08 70.42
CA ASP Q 118 -52.45 86.33 70.91
C ASP Q 118 -52.76 86.52 72.39
N GLU Q 119 -53.97 86.15 72.79
CA GLU Q 119 -54.39 86.36 74.17
C GLU Q 119 -53.55 85.52 75.15
N GLU Q 120 -53.41 84.21 74.89
CA GLU Q 120 -52.66 83.44 75.89
C GLU Q 120 -51.18 83.76 75.82
N LEU Q 121 -50.66 84.15 74.65
CA LEU Q 121 -49.26 84.55 74.64
C LEU Q 121 -49.08 85.89 75.35
N ALA Q 122 -50.11 86.73 75.36
CA ALA Q 122 -50.08 87.95 76.16
C ALA Q 122 -50.01 87.62 77.65
N ILE Q 123 -50.90 86.75 78.11
CA ILE Q 123 -50.88 86.39 79.53
C ILE Q 123 -49.57 85.66 79.85
N ALA Q 124 -49.03 84.91 78.89
CA ALA Q 124 -47.78 84.22 79.09
C ALA Q 124 -46.61 85.19 79.22
N GLN Q 125 -46.60 86.25 78.40
CA GLN Q 125 -45.50 87.21 78.50
C GLN Q 125 -45.61 88.06 79.76
N VAL Q 126 -46.82 88.43 80.18
CA VAL Q 126 -46.93 89.12 81.46
C VAL Q 126 -46.57 88.18 82.60
N GLU Q 127 -46.86 86.89 82.46
CA GLU Q 127 -46.48 85.92 83.47
C GLU Q 127 -44.97 85.75 83.52
N GLU Q 128 -44.31 85.84 82.36
CA GLU Q 128 -42.86 85.78 82.31
C GLU Q 128 -42.22 87.02 82.92
N MET Q 129 -42.84 88.20 82.75
CA MET Q 129 -42.36 89.36 83.50
C MET Q 129 -42.52 89.16 85.00
N GLN Q 130 -43.65 88.57 85.42
CA GLN Q 130 -43.80 88.22 86.82
C GLN Q 130 -42.70 87.26 87.28
N ALA Q 131 -42.38 86.27 86.44
CA ALA Q 131 -41.34 85.30 86.77
C ALA Q 131 -39.97 85.95 86.89
N VAL Q 132 -39.65 86.87 85.98
CA VAL Q 132 -38.33 87.50 86.02
C VAL Q 132 -38.22 88.43 87.22
N SER Q 133 -39.29 89.16 87.57
CA SER Q 133 -39.29 89.91 88.81
C SER Q 133 -39.10 88.97 90.00
N ALA Q 134 -39.84 87.86 90.00
CA ALA Q 134 -39.81 86.92 91.11
C ALA Q 134 -38.41 86.38 91.33
N VAL Q 135 -37.89 85.60 90.37
CA VAL Q 135 -36.49 85.23 90.48
C VAL Q 135 -35.66 86.24 89.70
N LEU Q 136 -35.68 87.48 90.15
CA LEU Q 136 -34.53 88.38 90.21
C LEU Q 136 -34.47 89.19 91.48
N LYS Q 137 -35.58 89.40 92.19
CA LYS Q 137 -35.51 90.11 93.45
C LYS Q 137 -36.35 89.51 94.58
N GLY Q 138 -37.16 88.49 94.32
CA GLY Q 138 -38.03 87.95 95.35
C GLY Q 138 -39.28 88.77 95.60
N LYS Q 139 -39.37 89.95 94.99
CA LYS Q 139 -40.51 90.85 95.09
C LYS Q 139 -41.27 90.83 93.77
N TYR Q 140 -42.60 90.85 93.88
CA TYR Q 140 -43.44 90.99 92.70
C TYR Q 140 -44.44 92.11 92.94
N THR Q 141 -44.64 92.95 91.94
CA THR Q 141 -45.55 94.08 92.01
C THR Q 141 -46.90 93.69 91.42
N MET Q 142 -47.80 93.19 92.27
CA MET Q 142 -49.21 93.04 91.93
C MET Q 142 -49.82 94.43 91.86
N THR Q 143 -49.83 95.02 90.66
CA THR Q 143 -50.22 96.41 90.54
C THR Q 143 -50.93 96.64 89.22
N GLY Q 144 -51.70 97.72 89.19
CA GLY Q 144 -52.39 98.17 88.00
C GLY Q 144 -53.21 99.39 88.36
N GLU Q 145 -53.54 100.18 87.34
CA GLU Q 145 -54.36 101.36 87.58
C GLU Q 145 -55.74 100.93 88.07
N ALA Q 146 -56.34 101.76 88.93
CA ALA Q 146 -57.56 101.41 89.65
C ALA Q 146 -57.38 100.08 90.40
N PHE Q 147 -56.24 99.92 91.05
CA PHE Q 147 -55.91 98.75 91.83
C PHE Q 147 -54.72 99.07 92.73
N ASP Q 148 -54.80 98.68 93.99
CA ASP Q 148 -53.71 98.99 94.91
C ASP Q 148 -52.49 98.12 94.59
N PRO Q 149 -51.29 98.68 94.66
CA PRO Q 149 -50.09 97.86 94.43
C PRO Q 149 -49.74 97.04 95.67
N VAL Q 150 -49.95 95.74 95.57
CA VAL Q 150 -49.56 94.77 96.59
C VAL Q 150 -48.19 94.22 96.22
N GLU Q 151 -47.24 94.34 97.14
CA GLU Q 151 -45.95 93.69 96.99
C GLU Q 151 -46.06 92.26 97.52
N VAL Q 152 -45.87 91.29 96.64
CA VAL Q 152 -45.89 89.88 97.01
C VAL Q 152 -44.44 89.43 97.09
N ASP Q 153 -44.00 89.10 98.30
CA ASP Q 153 -42.60 88.77 98.57
C ASP Q 153 -42.50 87.30 98.93
N MET Q 154 -41.67 86.55 98.20
CA MET Q 154 -41.34 85.21 98.65
C MET Q 154 -40.39 85.23 99.84
N GLY Q 155 -39.52 86.24 99.93
CA GLY Q 155 -38.62 86.33 101.06
C GLY Q 155 -37.17 86.20 100.68
N ARG Q 156 -36.80 86.68 99.50
CA ARG Q 156 -35.42 86.59 99.05
C ARG Q 156 -34.49 87.29 100.04
N SER Q 157 -33.45 86.56 100.45
CA SER Q 157 -32.55 87.02 101.48
C SER Q 157 -31.50 87.97 100.93
N GLU Q 158 -30.77 88.60 101.84
CA GLU Q 158 -29.75 89.57 101.45
C GLU Q 158 -28.58 88.90 100.73
N GLU Q 159 -28.12 87.74 101.21
CA GLU Q 159 -27.07 87.03 100.52
C GLU Q 159 -27.52 86.51 99.16
N ASN Q 160 -28.82 86.48 98.90
CA ASN Q 160 -29.34 86.20 97.56
C ASN Q 160 -29.44 87.46 96.71
N ASN Q 161 -29.05 88.62 97.24
CA ASN Q 161 -29.10 89.89 96.52
C ASN Q 161 -27.74 90.57 96.55
N ILE Q 162 -26.68 89.81 96.84
CA ILE Q 162 -25.35 90.40 96.87
C ILE Q 162 -24.88 90.71 95.44
N THR Q 163 -24.10 91.78 95.32
CA THR Q 163 -23.84 92.43 94.05
C THR Q 163 -22.38 92.25 93.64
N GLN Q 164 -22.16 92.07 92.33
CA GLN Q 164 -20.81 91.97 91.80
C GLN Q 164 -20.06 93.30 91.84
N SER Q 165 -20.76 94.42 91.61
CA SER Q 165 -20.08 95.71 91.62
C SER Q 165 -19.52 96.05 92.99
N GLY Q 166 -20.11 95.49 94.05
CA GLY Q 166 -19.54 95.66 95.38
C GLY Q 166 -18.14 95.08 95.45
N GLY Q 167 -17.20 95.88 95.94
CA GLY Q 167 -15.81 95.46 95.98
C GLY Q 167 -15.10 95.60 94.66
N THR Q 168 -14.79 94.48 94.02
CA THR Q 168 -14.11 94.45 92.74
C THR Q 168 -15.06 93.99 91.65
N GLU Q 169 -15.12 94.74 90.56
CA GLU Q 169 -15.98 94.45 89.43
C GLU Q 169 -15.24 93.59 88.40
N TRP Q 170 -15.99 92.75 87.70
CA TRP Q 170 -15.39 91.97 86.62
C TRP Q 170 -14.89 92.86 85.50
N SER Q 171 -15.58 93.96 85.21
CA SER Q 171 -15.04 94.96 84.29
C SER Q 171 -13.75 95.53 84.83
N LYS Q 172 -13.68 95.78 86.13
CA LYS Q 172 -12.46 96.26 86.78
C LYS Q 172 -11.58 95.09 87.23
N ARG Q 173 -11.27 94.19 86.30
CA ARG Q 173 -10.42 93.05 86.56
C ARG Q 173 -9.60 92.76 85.31
N ASP Q 174 -8.65 91.84 85.44
CA ASP Q 174 -7.85 91.42 84.30
C ASP Q 174 -8.72 90.64 83.32
N LYS Q 175 -8.80 91.13 82.09
CA LYS Q 175 -9.59 90.48 81.06
C LYS Q 175 -8.97 89.18 80.57
N SER Q 176 -7.74 88.88 80.98
CA SER Q 176 -7.03 87.71 80.49
C SER Q 176 -6.81 86.63 81.54
N THR Q 177 -6.36 86.99 82.74
CA THR Q 177 -5.96 86.01 83.74
C THR Q 177 -7.00 85.76 84.82
N TYR Q 178 -7.84 86.74 85.13
CA TYR Q 178 -8.83 86.55 86.17
C TYR Q 178 -9.86 85.51 85.77
N ASP Q 179 -10.21 84.64 86.71
CA ASP Q 179 -11.22 83.61 86.50
C ASP Q 179 -12.43 83.92 87.36
N PRO Q 180 -13.60 84.18 86.78
CA PRO Q 180 -14.80 84.45 87.58
C PRO Q 180 -15.43 83.20 88.17
N THR Q 181 -14.82 82.02 87.98
CA THR Q 181 -15.35 80.81 88.61
C THR Q 181 -15.34 80.93 90.12
N ASP Q 182 -14.29 81.57 90.67
CA ASP Q 182 -14.25 81.79 92.12
C ASP Q 182 -15.50 82.51 92.60
N ASP Q 183 -15.88 83.60 91.91
CA ASP Q 183 -17.15 84.24 92.21
C ASP Q 183 -18.32 83.32 91.96
N ILE Q 184 -18.20 82.41 90.97
CA ILE Q 184 -19.30 81.52 90.67
C ILE Q 184 -19.64 80.65 91.88
N GLU Q 185 -18.63 79.98 92.46
CA GLU Q 185 -18.95 79.21 93.67
C GLU Q 185 -19.22 80.13 94.86
N ALA Q 186 -18.63 81.33 94.88
CA ALA Q 186 -18.90 82.25 95.98
C ALA Q 186 -20.37 82.59 96.06
N TYR Q 187 -21.00 82.83 94.91
CA TYR Q 187 -22.43 83.12 94.91
C TYR Q 187 -23.27 81.85 94.94
N ALA Q 188 -22.73 80.72 94.48
CA ALA Q 188 -23.48 79.47 94.48
C ALA Q 188 -23.57 78.82 95.86
N LEU Q 189 -22.59 79.06 96.74
CA LEU Q 189 -22.59 78.38 98.02
C LEU Q 189 -23.80 78.74 98.86
N ASN Q 190 -24.16 80.02 98.89
CA ASN Q 190 -25.34 80.47 99.65
C ASN Q 190 -26.58 80.48 98.77
N ALA Q 191 -26.81 79.38 98.06
CA ALA Q 191 -27.99 79.24 97.20
C ALA Q 191 -28.90 78.10 97.61
N SER Q 192 -28.61 77.44 98.74
CA SER Q 192 -29.41 76.32 99.23
C SER Q 192 -29.52 75.21 98.19
N GLY Q 193 -28.44 74.94 97.48
CA GLY Q 193 -28.44 73.88 96.50
C GLY Q 193 -27.38 74.07 95.46
N VAL Q 194 -27.40 73.17 94.48
CA VAL Q 194 -26.45 73.17 93.37
C VAL Q 194 -27.02 73.97 92.22
N VAL Q 195 -26.15 74.73 91.55
CA VAL Q 195 -26.50 75.51 90.37
C VAL Q 195 -26.00 74.77 89.13
N ASN Q 196 -26.88 74.59 88.14
CA ASN Q 196 -26.51 73.87 86.94
C ASN Q 196 -26.86 74.61 85.65
N ILE Q 197 -27.38 75.84 85.74
CA ILE Q 197 -27.54 76.72 84.58
C ILE Q 197 -27.01 78.10 84.96
N ILE Q 198 -26.25 78.71 84.07
CA ILE Q 198 -25.66 80.01 84.35
C ILE Q 198 -26.20 81.02 83.34
N VAL Q 199 -27.48 80.88 82.99
CA VAL Q 199 -28.12 81.76 82.01
C VAL Q 199 -27.89 83.23 82.34
N PHE Q 200 -27.32 83.96 81.39
CA PHE Q 200 -27.02 85.37 81.49
C PHE Q 200 -27.95 86.16 80.58
N ASP Q 201 -28.05 87.45 80.87
CA ASP Q 201 -28.44 88.40 79.85
C ASP Q 201 -27.24 88.71 78.95
N PRO Q 202 -27.50 89.16 77.70
CA PRO Q 202 -26.44 89.14 76.67
C PRO Q 202 -25.13 89.80 77.06
N LYS Q 203 -25.14 91.08 77.42
CA LYS Q 203 -23.88 91.73 77.75
C LYS Q 203 -23.30 91.20 79.06
N GLY Q 204 -24.15 90.68 79.95
CA GLY Q 204 -23.62 89.99 81.12
C GLY Q 204 -22.76 88.81 80.75
N TRP Q 205 -23.26 87.96 79.86
CA TRP Q 205 -22.43 86.88 79.34
C TRP Q 205 -21.25 87.40 78.56
N ALA Q 206 -21.40 88.57 77.93
CA ALA Q 206 -20.29 89.15 77.17
C ALA Q 206 -19.10 89.44 78.09
N LEU Q 207 -19.33 90.17 79.19
CA LEU Q 207 -18.19 90.43 80.06
C LEU Q 207 -17.81 89.21 80.89
N PHE Q 208 -18.71 88.24 81.06
CA PHE Q 208 -18.32 86.97 81.65
C PHE Q 208 -17.29 86.26 80.79
N ARG Q 209 -17.57 86.14 79.48
CA ARG Q 209 -16.68 85.43 78.58
C ARG Q 209 -15.49 86.27 78.15
N SER Q 210 -15.50 87.58 78.41
CA SER Q 210 -14.34 88.41 78.10
C SER Q 210 -13.08 87.89 78.77
N PHE Q 211 -13.21 87.26 79.93
CA PHE Q 211 -12.08 86.61 80.59
C PHE Q 211 -11.64 85.40 79.78
N LYS Q 212 -10.33 85.29 79.52
CA LYS Q 212 -9.83 84.16 78.76
C LYS Q 212 -10.12 82.85 79.49
N ALA Q 213 -9.77 82.77 80.78
CA ALA Q 213 -10.00 81.57 81.56
C ALA Q 213 -11.39 81.00 81.30
N VAL Q 214 -12.39 81.86 81.15
CA VAL Q 214 -13.72 81.40 80.77
C VAL Q 214 -13.68 80.71 79.40
N LYS Q 215 -13.00 81.32 78.43
CA LYS Q 215 -13.13 80.85 77.06
C LYS Q 215 -12.33 79.56 76.81
N GLU Q 216 -11.22 79.36 77.50
CA GLU Q 216 -10.58 78.04 77.44
C GLU Q 216 -11.01 77.10 78.56
N LYS Q 217 -11.91 77.52 79.43
CA LYS Q 217 -12.53 76.60 80.38
C LYS Q 217 -13.86 76.06 79.88
N LEU Q 218 -14.54 76.78 79.01
CA LEU Q 218 -15.84 76.35 78.52
C LEU Q 218 -15.68 75.34 77.40
N ASP Q 219 -16.62 74.40 77.33
CA ASP Q 219 -16.66 73.40 76.26
C ASP Q 219 -17.79 73.79 75.31
N THR Q 220 -17.41 74.14 74.08
CA THR Q 220 -18.41 74.47 73.06
C THR Q 220 -19.18 73.25 72.59
N ARG Q 221 -18.71 72.05 72.92
CA ARG Q 221 -19.30 70.83 72.39
C ARG Q 221 -20.69 70.62 72.95
N ARG Q 222 -21.46 69.77 72.29
CA ARG Q 222 -22.78 69.38 72.78
C ARG Q 222 -22.65 68.75 74.15
N GLY Q 223 -22.00 67.59 74.22
CA GLY Q 223 -21.93 66.81 75.44
C GLY Q 223 -23.27 66.78 76.13
N SER Q 224 -24.28 66.27 75.42
CA SER Q 224 -25.67 66.52 75.79
C SER Q 224 -25.94 66.05 77.21
N ASN Q 225 -26.13 67.01 78.12
CA ASN Q 225 -26.31 66.71 79.53
C ASN Q 225 -27.73 66.28 79.87
N SER Q 226 -28.73 67.01 79.39
CA SER Q 226 -30.09 66.79 79.82
C SER Q 226 -31.02 67.17 78.67
N GLU Q 227 -32.29 67.38 78.99
CA GLU Q 227 -33.29 67.83 78.03
C GLU Q 227 -33.23 69.32 77.77
N LEU Q 228 -32.23 70.03 78.32
CA LEU Q 228 -32.13 71.46 78.06
C LEU Q 228 -31.79 71.73 76.60
N GLU Q 229 -31.00 70.86 75.97
CA GLU Q 229 -30.78 70.99 74.53
C GLU Q 229 -32.09 70.85 73.77
N THR Q 230 -32.94 69.90 74.18
CA THR Q 230 -34.25 69.76 73.54
C THR Q 230 -35.09 71.00 73.76
N ALA Q 231 -35.03 71.58 74.95
CA ALA Q 231 -35.77 72.80 75.24
C ALA Q 231 -35.29 73.95 74.36
N VAL Q 232 -33.98 74.06 74.14
CA VAL Q 232 -33.46 75.11 73.27
C VAL Q 232 -33.87 74.86 71.83
N LYS Q 233 -33.83 73.61 71.37
CA LYS Q 233 -34.28 73.31 70.02
C LYS Q 233 -35.76 73.66 69.85
N ASP Q 234 -36.57 73.42 70.88
CA ASP Q 234 -37.96 73.85 70.83
C ASP Q 234 -38.06 75.37 70.76
N LEU Q 235 -37.55 76.06 71.76
CA LEU Q 235 -37.59 77.52 71.82
C LEU Q 235 -36.27 78.12 71.33
N GLY Q 236 -35.97 77.88 70.06
CA GLY Q 236 -34.84 78.53 69.43
C GLY Q 236 -34.95 80.03 69.26
N LYS Q 237 -35.91 80.67 69.94
CA LYS Q 237 -36.14 82.09 69.75
C LYS Q 237 -35.20 82.93 70.61
N ALA Q 238 -35.30 82.78 71.93
CA ALA Q 238 -34.65 83.74 72.82
C ALA Q 238 -33.77 83.09 73.89
N VAL Q 239 -33.82 81.76 74.04
CA VAL Q 239 -32.88 81.04 74.89
C VAL Q 239 -31.79 80.47 74.00
N SER Q 240 -30.55 80.75 74.34
CA SER Q 240 -29.40 80.39 73.54
C SER Q 240 -28.43 79.56 74.37
N TYR Q 241 -28.33 78.28 74.03
CA TYR Q 241 -27.45 77.35 74.69
C TYR Q 241 -26.02 77.61 74.22
N LYS Q 242 -25.29 78.45 74.96
CA LYS Q 242 -23.92 78.78 74.56
C LYS Q 242 -23.06 77.53 74.52
N GLY Q 243 -23.17 76.67 75.52
CA GLY Q 243 -22.40 75.44 75.55
C GLY Q 243 -22.13 75.02 76.99
N MET Q 244 -21.14 74.16 77.13
CA MET Q 244 -20.66 73.72 78.44
C MET Q 244 -19.55 74.63 78.92
N TYR Q 245 -19.62 75.02 80.19
CA TYR Q 245 -18.49 75.61 80.90
C TYR Q 245 -17.72 74.53 81.64
N GLY Q 246 -17.82 73.29 81.15
CA GLY Q 246 -17.34 72.13 81.85
C GLY Q 246 -18.41 71.54 82.73
N ASP Q 247 -18.33 71.80 84.03
CA ASP Q 247 -19.31 71.31 84.98
C ASP Q 247 -20.72 71.84 84.73
N VAL Q 248 -20.85 73.11 84.38
CA VAL Q 248 -22.15 73.78 84.39
C VAL Q 248 -22.53 74.18 82.97
N ALA Q 249 -23.83 74.32 82.73
CA ALA Q 249 -24.34 74.74 81.43
C ALA Q 249 -24.39 76.26 81.35
N ILE Q 250 -24.04 76.79 80.17
CA ILE Q 250 -24.03 78.22 79.92
C ILE Q 250 -25.16 78.53 78.94
N VAL Q 251 -26.08 79.38 79.37
CA VAL Q 251 -27.22 79.78 78.55
C VAL Q 251 -27.30 81.31 78.57
N VAL Q 252 -27.95 81.87 77.56
CA VAL Q 252 -28.23 83.30 77.53
C VAL Q 252 -29.68 83.50 77.12
N TYR Q 253 -30.41 84.28 77.91
CA TYR Q 253 -31.78 84.66 77.57
C TYR Q 253 -31.79 86.10 77.08
N SER Q 254 -32.32 86.30 75.88
CA SER Q 254 -32.47 87.62 75.28
C SER Q 254 -33.91 87.86 74.86
N GLY Q 255 -34.85 87.37 75.67
CA GLY Q 255 -36.26 87.57 75.36
C GLY Q 255 -36.65 89.03 75.49
N GLN Q 256 -37.66 89.43 74.73
CA GLN Q 256 -38.09 90.81 74.67
C GLN Q 256 -39.60 90.89 74.76
N TYR Q 257 -40.10 91.89 75.49
CA TYR Q 257 -41.53 92.18 75.53
C TYR Q 257 -41.79 93.47 74.77
N VAL Q 258 -42.88 93.48 74.01
CA VAL Q 258 -43.24 94.60 73.16
C VAL Q 258 -44.37 95.35 73.85
N GLU Q 259 -44.02 96.41 74.57
CA GLU Q 259 -44.99 97.11 75.41
C GLU Q 259 -45.82 98.07 74.56
N ASN Q 260 -46.55 98.96 75.24
CA ASN Q 260 -47.64 99.71 74.62
C ASN Q 260 -47.20 100.46 73.37
N GLY Q 261 -46.01 101.02 73.37
CA GLY Q 261 -45.56 101.76 72.20
C GLY Q 261 -44.18 101.38 71.72
N VAL Q 262 -43.45 100.63 72.54
CA VAL Q 262 -42.06 100.30 72.28
C VAL Q 262 -41.81 98.86 72.71
N LYS Q 263 -40.63 98.36 72.39
CA LYS Q 263 -40.19 97.04 72.78
C LYS Q 263 -38.89 97.12 73.56
N LYS Q 264 -38.70 96.18 74.50
CA LYS Q 264 -37.45 96.15 75.25
C LYS Q 264 -37.31 94.77 75.88
N ASN Q 265 -36.07 94.39 76.20
CA ASN Q 265 -35.79 93.06 76.72
C ASN Q 265 -36.44 92.85 78.09
N PHE Q 266 -36.83 91.60 78.35
CA PHE Q 266 -37.29 91.21 79.69
C PHE Q 266 -36.21 91.49 80.73
N LEU Q 267 -34.98 91.07 80.45
CA LEU Q 267 -33.82 91.09 81.32
C LEU Q 267 -33.29 92.51 81.50
N PRO Q 268 -32.89 92.84 82.72
CA PRO Q 268 -32.15 94.09 82.96
C PRO Q 268 -30.77 94.06 82.33
N ASP Q 269 -29.97 95.09 82.59
CA ASP Q 269 -28.71 95.27 81.88
C ASP Q 269 -27.75 94.10 82.13
N ASN Q 270 -27.48 93.78 83.41
CA ASN Q 270 -26.48 92.78 83.76
C ASN Q 270 -26.92 92.12 85.06
N THR Q 271 -27.59 90.97 84.95
CA THR Q 271 -28.11 90.28 86.12
C THR Q 271 -27.94 88.78 85.99
N MET Q 272 -28.02 88.10 87.13
CA MET Q 272 -27.81 86.67 87.25
C MET Q 272 -28.63 86.12 88.40
N VAL Q 273 -29.13 84.90 88.22
CA VAL Q 273 -29.73 84.12 89.30
C VAL Q 273 -29.09 82.74 89.32
N LEU Q 274 -28.48 82.39 90.45
CA LEU Q 274 -27.82 81.11 90.65
C LEU Q 274 -28.75 80.19 91.41
N GLY Q 275 -29.09 79.06 90.81
CA GLY Q 275 -29.97 78.09 91.44
C GLY Q 275 -30.10 76.85 90.59
N ASN Q 276 -31.01 75.97 91.01
CA ASN Q 276 -31.22 74.69 90.35
C ASN Q 276 -32.26 74.82 89.24
N THR Q 277 -32.26 73.81 88.36
CA THR Q 277 -33.30 73.65 87.36
C THR Q 277 -34.56 73.01 87.92
N GLN Q 278 -34.49 72.41 89.11
CA GLN Q 278 -35.65 71.79 89.73
C GLN Q 278 -36.15 72.57 90.95
N ALA Q 279 -35.97 73.88 90.98
CA ALA Q 279 -36.53 74.68 92.05
C ALA Q 279 -38.06 74.64 91.97
N ARG Q 280 -38.70 74.76 93.14
CA ARG Q 280 -40.13 74.54 93.23
C ARG Q 280 -40.85 75.86 92.96
N GLY Q 281 -41.69 75.88 91.93
CA GLY Q 281 -42.43 77.07 91.60
C GLY Q 281 -43.93 76.91 91.65
N LEU Q 282 -44.60 77.75 92.42
CA LEU Q 282 -46.04 77.65 92.61
C LEU Q 282 -46.76 78.51 91.58
N ARG Q 283 -47.86 77.98 91.06
CA ARG Q 283 -48.73 78.65 90.10
C ARG Q 283 -50.13 78.74 90.69
N THR Q 284 -50.24 79.28 91.90
CA THR Q 284 -51.56 79.49 92.50
C THR Q 284 -52.42 80.36 91.59
N TYR Q 285 -53.68 79.97 91.45
CA TYR Q 285 -54.60 80.62 90.54
C TYR Q 285 -55.87 80.94 91.32
N GLY Q 286 -56.36 82.16 91.16
CA GLY Q 286 -57.52 82.62 91.90
C GLY Q 286 -58.83 82.23 91.24
N CYS Q 287 -59.91 82.84 91.75
CA CYS Q 287 -61.23 82.64 91.18
C CYS Q 287 -61.31 83.22 89.78
N ILE Q 288 -62.17 82.63 88.95
CA ILE Q 288 -62.46 83.17 87.64
C ILE Q 288 -63.85 83.80 87.68
N GLN Q 289 -63.91 85.13 87.55
CA GLN Q 289 -65.15 85.87 87.69
C GLN Q 289 -65.91 85.89 86.36
N ASP Q 290 -66.54 84.76 86.06
CA ASP Q 290 -67.39 84.64 84.88
C ASP Q 290 -68.53 83.70 85.20
N ALA Q 291 -69.77 84.21 85.04
CA ALA Q 291 -70.95 83.44 85.42
C ALA Q 291 -70.93 82.07 84.76
N ASP Q 292 -70.47 82.01 83.49
CA ASP Q 292 -70.29 80.73 82.82
C ASP Q 292 -69.34 79.83 83.61
N ALA Q 293 -68.21 80.39 84.03
CA ALA Q 293 -67.21 79.61 84.75
C ALA Q 293 -67.78 79.07 86.06
N GLN Q 294 -68.52 79.90 86.80
CA GLN Q 294 -69.06 79.38 88.05
C GLN Q 294 -70.12 78.31 87.83
N ARG Q 295 -71.04 78.50 86.88
CA ARG Q 295 -72.14 77.53 86.88
C ARG Q 295 -71.73 76.27 86.14
N GLU Q 296 -70.56 76.27 85.47
CA GLU Q 296 -70.03 75.02 84.95
C GLU Q 296 -68.78 74.54 85.68
N GLY Q 297 -68.40 75.19 86.79
CA GLY Q 297 -67.33 74.67 87.63
C GLY Q 297 -65.92 74.98 87.17
N ILE Q 298 -65.71 76.08 86.45
CA ILE Q 298 -64.38 76.46 86.00
C ILE Q 298 -63.90 77.60 86.89
N ASN Q 299 -64.44 77.66 88.11
CA ASN Q 299 -63.93 78.60 89.11
C ASN Q 299 -62.51 78.23 89.54
N ALA Q 300 -62.13 76.97 89.40
CA ALA Q 300 -60.80 76.50 89.78
C ALA Q 300 -60.16 75.88 88.54
N SER Q 301 -59.42 76.69 87.79
CA SER Q 301 -58.81 76.24 86.56
C SER Q 301 -57.67 77.16 86.18
N ALA Q 302 -57.07 76.88 85.02
CA ALA Q 302 -56.01 77.75 84.52
C ALA Q 302 -56.58 78.95 83.77
N ARG Q 303 -57.23 78.69 82.63
CA ARG Q 303 -57.65 79.74 81.71
C ARG Q 303 -59.11 79.52 81.34
N TYR Q 304 -59.74 80.57 80.82
CA TYR Q 304 -61.10 80.44 80.30
C TYR Q 304 -61.31 81.31 79.07
N PRO Q 305 -61.55 80.70 77.91
CA PRO Q 305 -61.93 81.48 76.72
C PRO Q 305 -63.43 81.56 76.54
N LYS Q 306 -63.90 82.51 75.74
CA LYS Q 306 -65.28 82.47 75.27
C LYS Q 306 -65.42 83.38 74.06
N ASN Q 307 -66.37 83.03 73.19
CA ASN Q 307 -66.79 83.87 72.07
C ASN Q 307 -68.26 84.23 72.27
N TRP Q 308 -68.58 85.51 72.12
CA TRP Q 308 -69.84 86.01 72.66
C TRP Q 308 -70.25 87.32 72.00
N VAL Q 309 -71.56 87.47 71.83
CA VAL Q 309 -72.15 88.59 71.10
C VAL Q 309 -72.78 89.55 72.09
N THR Q 310 -72.52 90.85 71.88
CA THR Q 310 -73.19 91.92 72.61
C THR Q 310 -74.33 92.47 71.77
N THR Q 311 -75.52 92.50 72.35
CA THR Q 311 -76.71 93.06 71.73
C THR Q 311 -77.03 94.41 72.35
N GLY Q 312 -77.18 95.42 71.51
CA GLY Q 312 -77.50 96.75 71.98
C GLY Q 312 -76.57 97.83 71.49
N ASP Q 313 -76.03 98.64 72.41
CA ASP Q 313 -75.11 99.70 72.01
C ASP Q 313 -73.85 99.15 71.36
N PRO Q 314 -73.04 98.32 72.02
CA PRO Q 314 -71.90 97.73 71.32
C PRO Q 314 -72.27 96.40 70.65
N ALA Q 315 -73.28 96.45 69.78
CA ALA Q 315 -73.81 95.23 69.20
C ALA Q 315 -72.78 94.63 68.27
N ARG Q 316 -71.95 93.74 68.82
CA ARG Q 316 -70.78 93.22 68.14
C ARG Q 316 -70.55 91.81 68.66
N GLU Q 317 -69.35 91.27 68.43
CA GLU Q 317 -69.00 89.95 68.93
C GLU Q 317 -67.52 89.91 69.22
N PHE Q 318 -67.17 89.31 70.37
CA PHE Q 318 -65.84 89.41 70.94
C PHE Q 318 -65.35 88.04 71.41
N THR Q 319 -64.04 87.95 71.56
CA THR Q 319 -63.39 86.83 72.23
C THR Q 319 -62.78 87.33 73.53
N MET Q 320 -63.12 86.64 74.63
CA MET Q 320 -62.80 87.07 75.98
C MET Q 320 -61.94 85.98 76.61
N ILE Q 321 -60.82 86.37 77.22
CA ILE Q 321 -59.93 85.42 77.89
C ILE Q 321 -59.78 85.86 79.33
N GLN Q 322 -59.95 84.91 80.27
CA GLN Q 322 -59.89 85.21 81.69
C GLN Q 322 -58.96 84.24 82.40
N SER Q 323 -58.19 84.79 83.34
CA SER Q 323 -57.23 84.02 84.11
C SER Q 323 -56.97 84.75 85.42
N ALA Q 324 -56.23 84.11 86.32
CA ALA Q 324 -55.85 84.73 87.60
C ALA Q 324 -54.62 84.03 88.16
N PRO Q 325 -53.43 84.28 87.59
CA PRO Q 325 -52.22 83.69 88.12
C PRO Q 325 -51.57 84.54 89.20
N LEU Q 326 -50.95 83.87 90.17
CA LEU Q 326 -50.13 84.53 91.18
C LEU Q 326 -48.89 83.66 91.44
N MET Q 327 -48.32 83.15 90.36
CA MET Q 327 -47.10 82.35 90.42
C MET Q 327 -45.98 83.01 91.21
N LEU Q 328 -45.37 82.21 92.08
CA LEU Q 328 -44.25 82.62 92.92
C LEU Q 328 -43.26 81.46 93.01
N LEU Q 329 -42.21 81.65 93.81
CA LEU Q 329 -41.22 80.61 94.05
C LEU Q 329 -41.33 80.14 95.50
N ALA Q 330 -41.29 78.82 95.71
CA ALA Q 330 -41.40 78.29 97.06
C ALA Q 330 -40.22 78.70 97.91
N ASP Q 331 -39.01 78.60 97.37
CA ASP Q 331 -37.78 78.95 98.09
C ASP Q 331 -37.12 80.13 97.41
N PRO Q 332 -37.36 81.36 97.87
CA PRO Q 332 -36.63 82.50 97.30
C PRO Q 332 -35.13 82.42 97.54
N ASP Q 333 -34.71 81.75 98.62
CA ASP Q 333 -33.30 81.55 98.91
C ASP Q 333 -32.63 80.58 97.95
N GLU Q 334 -33.41 79.86 97.13
CA GLU Q 334 -32.85 78.93 96.17
C GLU Q 334 -31.98 79.62 95.13
N PHE Q 335 -32.30 80.85 94.77
CA PHE Q 335 -31.54 81.59 93.77
C PHE Q 335 -30.87 82.80 94.39
N VAL Q 336 -29.59 82.95 94.10
CA VAL Q 336 -28.82 84.14 94.44
C VAL Q 336 -28.89 85.09 93.26
N SER Q 337 -29.40 86.30 93.49
CA SER Q 337 -29.60 87.30 92.45
C SER Q 337 -28.48 88.33 92.55
N VAL Q 338 -27.69 88.43 91.48
CA VAL Q 338 -26.51 89.28 91.46
C VAL Q 338 -26.62 90.24 90.28
N GLN Q 339 -26.40 91.52 90.53
CA GLN Q 339 -26.19 92.48 89.46
C GLN Q 339 -24.69 92.53 89.16
N LEU Q 340 -24.37 92.52 87.88
CA LEU Q 340 -23.00 92.31 87.43
C LEU Q 340 -22.28 93.63 87.23
N ALA Q 341 -21.00 93.53 86.88
CA ALA Q 341 -20.17 94.70 86.63
C ALA Q 341 -20.67 95.45 85.40
N ALA R 7 -58.91 51.16 103.57
CA ALA R 7 -58.12 49.95 103.70
C ALA R 7 -58.00 49.21 102.37
N GLN R 8 -56.83 49.30 101.75
CA GLN R 8 -56.55 48.64 100.49
C GLN R 8 -55.45 47.60 100.71
N LEU R 9 -55.37 46.65 99.77
CA LEU R 9 -54.57 45.44 99.95
C LEU R 9 -53.08 45.78 100.01
N LEU R 10 -52.30 44.76 100.39
CA LEU R 10 -50.85 44.90 100.50
C LEU R 10 -50.21 45.16 99.14
N ALA R 11 -50.71 44.55 98.08
CA ALA R 11 -50.10 44.66 96.75
C ALA R 11 -50.14 46.07 96.19
N ALA R 12 -50.94 46.97 96.76
CA ALA R 12 -50.97 48.37 96.32
C ALA R 12 -49.79 49.14 96.92
N ASN R 13 -48.60 48.64 96.60
CA ASN R 13 -47.35 49.20 97.11
C ASN R 13 -46.31 49.28 95.99
N GLU R 14 -46.74 49.77 94.83
CA GLU R 14 -45.89 49.82 93.65
C GLU R 14 -45.30 51.22 93.49
N GLN R 15 -43.97 51.32 93.56
CA GLN R 15 -43.27 52.58 93.35
C GLN R 15 -42.37 52.55 92.13
N LYS R 16 -41.45 51.58 92.06
CA LYS R 16 -40.34 51.57 91.09
C LYS R 16 -39.52 52.86 91.19
N PHE R 17 -39.45 53.41 92.40
CA PHE R 17 -38.71 54.65 92.69
C PHE R 17 -37.70 54.35 93.79
N LYS R 18 -36.51 53.90 93.40
CA LYS R 18 -35.40 53.69 94.33
C LYS R 18 -34.29 54.66 93.94
N PHE R 19 -34.22 55.78 94.63
CA PHE R 19 -33.30 56.87 94.30
C PHE R 19 -32.58 57.38 95.54
N ASP R 20 -32.06 56.45 96.33
CA ASP R 20 -31.25 56.82 97.49
C ASP R 20 -29.92 57.42 97.04
N PRO R 21 -29.39 58.42 97.74
CA PRO R 21 -28.16 59.13 97.29
C PRO R 21 -26.86 58.35 97.42
N LEU R 22 -26.74 57.30 96.61
CA LEU R 22 -25.48 56.61 96.35
C LEU R 22 -24.85 55.97 97.58
N PHE R 23 -25.53 55.97 98.71
CA PHE R 23 -25.00 55.34 99.91
C PHE R 23 -25.56 53.95 100.16
N LEU R 24 -26.87 53.83 100.31
CA LEU R 24 -27.50 52.54 100.54
C LEU R 24 -27.56 51.69 99.28
N ARG R 25 -27.27 52.27 98.12
CA ARG R 25 -27.31 51.57 96.84
C ARG R 25 -25.93 51.22 96.30
N LEU R 26 -24.88 51.87 96.79
CA LEU R 26 -23.53 51.70 96.25
C LEU R 26 -22.51 51.23 97.27
N PHE R 27 -22.53 51.74 98.51
CA PHE R 27 -21.66 51.22 99.55
C PHE R 27 -22.34 50.20 100.44
N PHE R 28 -23.66 50.26 100.60
CA PHE R 28 -24.37 49.48 101.60
C PHE R 28 -25.40 48.57 100.97
N ARG R 29 -25.00 47.83 99.93
CA ARG R 29 -25.89 46.90 99.23
C ARG R 29 -26.19 45.64 100.04
N GLU R 30 -25.49 45.43 101.16
CA GLU R 30 -25.34 44.12 101.77
C GLU R 30 -26.47 43.88 102.77
N SER R 31 -27.69 43.70 102.26
CA SER R 31 -28.90 43.64 103.09
C SER R 31 -29.00 42.31 103.84
N TYR R 32 -29.36 42.39 105.13
CA TYR R 32 -29.57 41.19 105.94
C TYR R 32 -30.82 41.34 106.80
N PRO R 33 -32.01 41.24 106.22
CA PRO R 33 -33.21 41.14 107.05
C PRO R 33 -33.28 39.80 107.77
N PHE R 34 -33.64 39.86 109.05
CA PHE R 34 -33.63 38.72 109.95
C PHE R 34 -35.04 38.40 110.43
N THR R 35 -35.21 37.16 110.89
CA THR R 35 -36.40 36.73 111.61
C THR R 35 -36.25 36.99 113.11
N THR R 36 -35.13 37.60 113.50
CA THR R 36 -34.80 37.83 114.90
C THR R 36 -34.62 39.32 115.13
N GLU R 37 -34.83 39.73 116.39
CA GLU R 37 -34.92 41.15 116.74
C GLU R 37 -33.63 41.89 116.39
N LYS R 38 -32.52 41.53 117.04
CA LYS R 38 -31.29 42.28 116.99
C LYS R 38 -30.48 41.92 115.74
N VAL R 39 -29.35 42.57 115.60
CA VAL R 39 -28.31 42.18 114.64
C VAL R 39 -27.30 41.31 115.37
N TYR R 40 -26.95 40.19 114.74
CA TYR R 40 -26.03 39.23 115.32
C TYR R 40 -24.85 39.10 114.36
N LEU R 41 -23.87 40.00 114.53
CA LEU R 41 -22.74 40.04 113.60
C LEU R 41 -21.99 38.71 113.57
N SER R 42 -22.05 37.95 114.66
CA SER R 42 -21.52 36.59 114.62
C SER R 42 -22.30 35.72 113.63
N GLN R 43 -23.61 35.95 113.52
CA GLN R 43 -24.42 35.20 112.56
C GLN R 43 -24.08 35.56 111.12
N ILE R 44 -23.89 36.84 110.82
CA ILE R 44 -23.47 37.24 109.47
C ILE R 44 -22.10 36.64 109.16
N PRO R 45 -21.92 35.98 108.02
CA PRO R 45 -20.57 35.50 107.68
C PRO R 45 -19.59 36.62 107.48
N GLY R 46 -20.05 37.75 106.95
CA GLY R 46 -19.18 38.85 106.62
C GLY R 46 -18.06 38.41 105.71
N LEU R 47 -16.84 38.80 106.07
CA LEU R 47 -15.66 38.25 105.45
C LEU R 47 -15.40 36.84 105.99
N VAL R 48 -15.13 35.91 105.08
CA VAL R 48 -14.92 34.51 105.42
C VAL R 48 -13.44 34.27 105.63
N ASN R 49 -13.10 33.41 106.59
CA ASN R 49 -11.73 32.94 106.77
C ASN R 49 -11.31 32.26 105.47
N MET R 50 -10.36 32.86 104.75
CA MET R 50 -10.25 32.68 103.32
C MET R 50 -8.80 32.53 102.85
N ALA R 51 -8.03 31.64 103.48
CA ALA R 51 -6.67 31.41 102.99
C ALA R 51 -6.27 29.94 103.00
N LEU R 52 -6.51 29.22 104.10
CA LEU R 52 -5.84 27.96 104.38
C LEU R 52 -6.37 26.84 103.50
N TYR R 53 -5.45 25.98 103.05
CA TYR R 53 -5.81 24.73 102.40
C TYR R 53 -5.39 23.56 103.28
N VAL R 54 -5.51 22.35 102.74
CA VAL R 54 -5.17 21.14 103.49
C VAL R 54 -4.20 20.30 102.66
N SER R 55 -3.49 19.40 103.35
CA SER R 55 -2.46 18.59 102.73
C SER R 55 -3.05 17.64 101.69
N PRO R 56 -2.26 17.25 100.69
CA PRO R 56 -2.77 16.33 99.66
C PRO R 56 -2.88 14.88 100.13
N ILE R 57 -3.43 14.66 101.32
CA ILE R 57 -3.73 13.31 101.78
C ILE R 57 -5.19 13.23 102.21
N VAL R 58 -5.60 14.11 103.12
CA VAL R 58 -6.98 14.21 103.59
C VAL R 58 -7.32 15.70 103.71
N SER R 59 -8.55 15.96 104.16
CA SER R 59 -8.96 17.34 104.36
C SER R 59 -9.20 17.62 105.84
N GLY R 60 -9.29 18.92 106.16
CA GLY R 60 -9.29 19.37 107.54
C GLY R 60 -10.67 19.51 108.15
N GLU R 61 -10.75 20.43 109.12
CA GLU R 61 -11.93 20.60 109.95
C GLU R 61 -13.02 21.36 109.20
N VAL R 62 -14.09 21.66 109.91
CA VAL R 62 -15.24 22.38 109.35
C VAL R 62 -15.05 23.87 109.62
N ILE R 63 -15.28 24.69 108.61
CA ILE R 63 -15.14 26.14 108.72
C ILE R 63 -16.54 26.74 108.88
N ARG R 64 -16.66 27.68 109.81
CA ARG R 64 -17.93 28.29 110.21
C ARG R 64 -17.94 29.76 109.83
N SER R 65 -19.03 30.43 110.18
CA SER R 65 -19.05 31.90 110.25
C SER R 65 -18.21 32.28 111.46
N ARG R 66 -17.17 33.08 111.24
CA ARG R 66 -16.07 33.18 112.21
C ARG R 66 -16.41 34.10 113.39
N GLY R 67 -17.55 33.81 114.02
CA GLY R 67 -17.88 34.31 115.34
C GLY R 67 -17.57 35.75 115.64
N GLY R 68 -18.31 36.68 115.05
CA GLY R 68 -18.13 38.09 115.31
C GLY R 68 -18.14 38.42 116.78
N SER R 69 -17.19 39.25 117.23
CA SER R 69 -17.03 39.49 118.66
C SER R 69 -18.25 40.15 119.27
N THR R 70 -18.76 41.20 118.63
CA THR R 70 -19.96 41.89 119.09
C THR R 70 -21.11 41.59 118.14
N SER R 71 -22.18 41.00 118.67
CA SER R 71 -23.32 40.58 117.86
C SER R 71 -24.66 40.97 118.48
N GLU R 72 -24.78 42.18 119.02
CA GLU R 72 -26.00 42.60 119.72
C GLU R 72 -26.15 44.11 119.62
N PHE R 73 -26.94 44.57 118.66
CA PHE R 73 -27.35 45.97 118.60
C PHE R 73 -28.83 46.02 118.21
N THR R 74 -29.48 47.14 118.56
CA THR R 74 -30.91 47.29 118.38
C THR R 74 -31.20 47.95 117.04
N PRO R 75 -31.85 47.27 116.11
CA PRO R 75 -32.23 47.94 114.85
C PRO R 75 -33.23 49.06 115.10
N GLY R 76 -33.20 50.07 114.23
CA GLY R 76 -34.10 51.20 114.32
C GLY R 76 -35.49 50.85 113.81
N TYR R 77 -36.25 50.12 114.61
CA TYR R 77 -37.59 49.76 114.18
C TYR R 77 -38.44 51.02 114.09
N VAL R 78 -38.63 51.48 112.86
CA VAL R 78 -39.35 52.70 112.53
C VAL R 78 -40.69 52.33 111.94
N LYS R 79 -41.76 52.66 112.64
CA LYS R 79 -43.05 52.45 112.00
C LYS R 79 -43.88 53.73 112.07
N PRO R 80 -43.76 54.61 111.09
CA PRO R 80 -44.65 55.77 111.04
C PRO R 80 -45.95 55.48 110.29
N LYS R 81 -46.84 56.46 110.24
CA LYS R 81 -48.09 56.32 109.51
C LYS R 81 -48.58 57.70 109.11
N HIS R 82 -49.63 57.70 108.31
CA HIS R 82 -50.34 58.93 108.00
C HIS R 82 -51.80 58.62 107.71
N GLU R 83 -52.57 59.67 107.54
CA GLU R 83 -53.94 59.55 107.06
C GLU R 83 -53.98 59.87 105.57
N VAL R 84 -54.93 59.24 104.89
CA VAL R 84 -55.18 59.50 103.47
C VAL R 84 -56.64 59.91 103.32
N ASN R 85 -57.16 60.63 104.32
CA ASN R 85 -58.54 61.05 104.37
C ASN R 85 -58.94 61.80 103.09
N PRO R 86 -59.95 61.33 102.38
CA PRO R 86 -60.35 61.99 101.12
C PRO R 86 -61.03 63.34 101.34
N GLN R 87 -60.34 64.26 102.01
CA GLN R 87 -60.81 65.62 102.16
C GLN R 87 -59.93 66.64 101.45
N MET R 88 -58.77 66.24 100.95
CA MET R 88 -57.88 67.17 100.27
C MET R 88 -58.10 67.18 98.77
N THR R 89 -57.80 68.33 98.16
CA THR R 89 -57.39 68.30 96.76
C THR R 89 -55.90 67.92 96.70
N LEU R 90 -55.58 67.02 95.77
CA LEU R 90 -54.31 66.32 95.77
C LEU R 90 -53.32 66.96 94.80
N ARG R 91 -52.16 66.30 94.65
CA ARG R 91 -51.23 66.69 93.61
C ARG R 91 -51.86 66.42 92.26
N ARG R 92 -52.23 67.43 91.50
CA ARG R 92 -52.82 67.20 90.18
C ARG R 92 -51.74 67.33 89.11
N LEU R 93 -51.19 66.19 88.70
CA LEU R 93 -50.39 66.14 87.49
C LEU R 93 -51.15 66.86 86.37
N PRO R 94 -50.45 67.65 85.52
CA PRO R 94 -51.17 68.51 84.58
C PRO R 94 -52.21 67.81 83.72
N ASP R 95 -53.48 68.12 84.01
CA ASP R 95 -54.64 67.83 83.16
C ASP R 95 -54.72 66.38 82.70
N GLU R 96 -54.57 65.42 83.61
CA GLU R 96 -55.01 64.05 83.34
C GLU R 96 -56.38 63.79 83.98
N ASP R 97 -57.40 64.43 83.39
CA ASP R 97 -58.80 64.15 83.67
C ASP R 97 -59.13 64.23 85.15
N PRO R 98 -59.23 65.44 85.73
CA PRO R 98 -59.54 65.55 87.17
C PRO R 98 -60.86 64.91 87.58
N GLN R 99 -61.63 64.39 86.62
CA GLN R 99 -62.84 63.66 86.98
C GLN R 99 -62.52 62.44 87.85
N ASN R 100 -61.39 61.78 87.62
CA ASN R 100 -61.02 60.67 88.49
C ASN R 100 -60.56 61.13 89.86
N LEU R 101 -59.94 62.32 89.96
CA LEU R 101 -59.73 62.89 91.29
C LEU R 101 -61.05 63.13 91.99
N ALA R 102 -62.07 63.59 91.24
CA ALA R 102 -63.41 63.70 91.80
C ALA R 102 -63.92 62.37 92.34
N ASP R 103 -63.46 61.26 91.79
CA ASP R 103 -63.75 59.95 92.35
C ASP R 103 -63.06 59.83 93.71
N PRO R 104 -63.79 59.45 94.77
CA PRO R 104 -63.11 59.04 96.01
C PRO R 104 -62.19 57.85 95.84
N ALA R 105 -62.50 56.94 94.92
CA ALA R 105 -61.64 55.77 94.73
C ALA R 105 -60.27 56.16 94.19
N TYR R 106 -60.24 56.94 93.11
CA TYR R 106 -58.95 57.32 92.54
C TYR R 106 -58.20 58.28 93.46
N ARG R 107 -58.92 59.23 94.09
CA ARG R 107 -58.23 60.12 95.01
C ARG R 107 -57.61 59.31 96.14
N ARG R 108 -58.35 58.34 96.71
CA ARG R 108 -57.83 57.58 97.83
C ARG R 108 -56.65 56.71 97.41
N ARG R 109 -56.71 56.09 96.22
CA ARG R 109 -55.60 55.23 95.85
C ARG R 109 -54.35 56.04 95.51
N ARG R 110 -54.47 57.15 94.78
CA ARG R 110 -53.23 57.85 94.48
C ARG R 110 -52.76 58.67 95.69
N ILE R 111 -53.65 58.96 96.64
CA ILE R 111 -53.19 59.60 97.87
C ILE R 111 -52.51 58.60 98.78
N ILE R 112 -52.92 57.32 98.77
CA ILE R 112 -52.10 56.35 99.50
C ILE R 112 -50.77 56.18 98.78
N MET R 113 -50.77 56.28 97.45
CA MET R 113 -49.51 56.30 96.71
C MET R 113 -48.60 57.41 97.23
N GLN R 114 -49.13 58.64 97.27
CA GLN R 114 -48.36 59.80 97.72
C GLN R 114 -47.92 59.66 99.17
N ASN R 115 -48.85 59.23 100.03
CA ASN R 115 -48.53 59.05 101.44
C ASN R 115 -47.40 58.06 101.62
N MET R 116 -47.52 56.88 100.99
CA MET R 116 -46.53 55.85 101.23
C MET R 116 -45.19 56.27 100.64
N ARG R 117 -45.19 56.96 99.49
CA ARG R 117 -43.90 57.37 98.94
C ARG R 117 -43.22 58.38 99.85
N ASP R 118 -43.98 59.33 100.41
CA ASP R 118 -43.43 60.15 101.48
C ASP R 118 -42.85 59.29 102.58
N GLU R 119 -43.52 58.20 102.90
CA GLU R 119 -43.08 57.34 104.00
C GLU R 119 -41.71 56.69 103.70
N GLU R 120 -41.56 56.07 102.52
CA GLU R 120 -40.26 55.41 102.32
C GLU R 120 -39.17 56.43 102.07
N LEU R 121 -39.50 57.61 101.53
CA LEU R 121 -38.44 58.61 101.41
C LEU R 121 -38.08 59.19 102.78
N ALA R 122 -39.03 59.17 103.72
CA ALA R 122 -38.71 59.53 105.10
C ALA R 122 -37.74 58.53 105.71
N ILE R 123 -38.05 57.23 105.59
CA ILE R 123 -37.15 56.23 106.15
C ILE R 123 -35.81 56.27 105.41
N ALA R 124 -35.84 56.60 104.13
CA ALA R 124 -34.60 56.70 103.35
C ALA R 124 -33.75 57.86 103.82
N GLN R 125 -34.36 59.01 104.12
CA GLN R 125 -33.59 60.16 104.58
C GLN R 125 -33.06 59.95 106.00
N VAL R 126 -33.83 59.31 106.88
CA VAL R 126 -33.28 58.99 108.19
C VAL R 126 -32.18 57.93 108.05
N GLU R 127 -32.31 57.03 107.08
CA GLU R 127 -31.27 56.05 106.84
C GLU R 127 -30.01 56.71 106.28
N GLU R 128 -30.18 57.76 105.48
CA GLU R 128 -29.03 58.50 104.99
C GLU R 128 -28.36 59.31 106.09
N MET R 129 -29.12 59.83 107.05
CA MET R 129 -28.47 60.42 108.22
C MET R 129 -27.70 59.37 109.00
N GLN R 130 -28.25 58.17 109.15
CA GLN R 130 -27.51 57.07 109.76
C GLN R 130 -26.23 56.78 108.98
N ALA R 131 -26.30 56.78 107.65
CA ALA R 131 -25.14 56.51 106.81
C ALA R 131 -24.07 57.58 106.97
N VAL R 132 -24.49 58.85 107.03
CA VAL R 132 -23.51 59.92 107.13
C VAL R 132 -22.85 59.92 108.51
N SER R 133 -23.61 59.63 109.57
CA SER R 133 -22.99 59.43 110.87
C SER R 133 -22.01 58.26 110.82
N ALA R 134 -22.44 57.15 110.20
CA ALA R 134 -21.63 55.95 110.14
C ALA R 134 -20.30 56.21 109.45
N VAL R 135 -20.34 56.52 108.16
CA VAL R 135 -19.09 56.95 107.53
C VAL R 135 -19.04 58.47 107.57
N LEU R 136 -18.97 59.02 108.78
CA LEU R 136 -18.16 60.17 109.15
C LEU R 136 -17.48 60.02 110.50
N LYS R 137 -17.99 59.17 111.39
CA LYS R 137 -17.29 58.96 112.66
C LYS R 137 -17.22 57.51 113.12
N GLY R 138 -17.88 56.57 112.44
CA GLY R 138 -17.89 55.19 112.90
C GLY R 138 -18.85 54.93 114.03
N LYS R 139 -19.45 55.98 114.58
CA LYS R 139 -20.44 55.91 115.65
C LYS R 139 -21.81 56.22 115.08
N TYR R 140 -22.81 55.48 115.54
CA TYR R 140 -24.20 55.79 115.21
C TYR R 140 -25.01 55.85 116.49
N THR R 141 -25.89 56.84 116.58
CA THR R 141 -26.74 57.05 117.75
C THR R 141 -28.10 56.42 117.50
N MET R 142 -28.25 55.15 117.89
CA MET R 142 -29.56 54.50 117.99
C MET R 142 -30.29 55.12 119.17
N THR R 143 -31.08 56.16 118.92
CA THR R 143 -31.67 56.92 119.99
C THR R 143 -33.04 57.43 119.60
N GLY R 144 -33.83 57.73 120.62
CA GLY R 144 -35.13 58.33 120.46
C GLY R 144 -35.77 58.48 121.83
N GLU R 145 -36.74 59.38 121.92
CA GLU R 145 -37.43 59.57 123.18
C GLU R 145 -38.18 58.30 123.55
N ALA R 146 -38.28 58.04 124.86
CA ALA R 146 -38.78 56.77 125.38
C ALA R 146 -38.01 55.59 124.79
N PHE R 147 -36.68 55.74 124.71
CA PHE R 147 -35.79 54.71 124.19
C PHE R 147 -34.38 55.05 124.61
N ASP R 148 -33.64 54.06 125.09
CA ASP R 148 -32.28 54.31 125.54
C ASP R 148 -31.36 54.57 124.35
N PRO R 149 -30.44 55.53 124.45
CA PRO R 149 -29.50 55.75 123.35
C PRO R 149 -28.38 54.72 123.36
N VAL R 150 -28.42 53.82 122.39
CA VAL R 150 -27.36 52.84 122.16
C VAL R 150 -26.40 53.42 121.12
N GLU R 151 -25.13 53.48 121.46
CA GLU R 151 -24.08 53.81 120.51
C GLU R 151 -23.65 52.55 119.79
N VAL R 152 -23.87 52.51 118.48
CA VAL R 152 -23.47 51.40 117.65
C VAL R 152 -22.19 51.81 116.94
N ASP R 153 -21.09 51.16 117.28
CA ASP R 153 -19.77 51.53 116.77
C ASP R 153 -19.26 50.43 115.85
N MET R 154 -18.92 50.80 114.61
CA MET R 154 -18.20 49.85 113.77
C MET R 154 -16.75 49.71 114.21
N GLY R 155 -16.15 50.75 114.77
CA GLY R 155 -14.79 50.66 115.24
C GLY R 155 -13.82 51.55 114.49
N ARG R 156 -14.29 52.71 114.04
CA ARG R 156 -13.45 53.63 113.31
C ARG R 156 -12.22 54.01 114.13
N SER R 157 -11.05 53.87 113.53
CA SER R 157 -9.79 54.06 114.22
C SER R 157 -9.42 55.54 114.29
N GLU R 158 -8.38 55.82 115.10
CA GLU R 158 -7.94 57.20 115.28
C GLU R 158 -7.34 57.77 114.01
N GLU R 159 -6.52 57.00 113.29
CA GLU R 159 -5.98 57.47 112.03
C GLU R 159 -7.06 57.67 110.97
N ASN R 160 -8.25 57.11 111.18
CA ASN R 160 -9.40 57.40 110.34
C ASN R 160 -10.16 58.63 110.81
N ASN R 161 -9.71 59.29 111.88
CA ASN R 161 -10.35 60.47 112.42
C ASN R 161 -9.35 61.62 112.54
N ILE R 162 -8.22 61.53 111.84
CA ILE R 162 -7.23 62.58 111.89
C ILE R 162 -7.74 63.82 111.16
N THR R 163 -7.34 64.99 111.66
CA THR R 163 -7.97 66.25 111.31
C THR R 163 -7.02 67.14 110.51
N GLN R 164 -7.58 67.86 109.54
CA GLN R 164 -6.79 68.80 108.74
C GLN R 164 -6.38 70.03 109.55
N SER R 165 -7.23 70.51 110.46
CA SER R 165 -6.87 71.69 111.24
C SER R 165 -5.67 71.44 112.13
N GLY R 166 -5.44 70.19 112.51
CA GLY R 166 -4.24 69.85 113.25
C GLY R 166 -3.00 70.18 112.45
N GLY R 167 -2.07 70.91 113.06
CA GLY R 167 -0.87 71.35 112.37
C GLY R 167 -1.12 72.55 111.48
N THR R 168 -1.07 72.34 110.16
CA THR R 168 -1.26 73.40 109.19
C THR R 168 -2.60 73.21 108.48
N GLU R 169 -3.39 74.28 108.41
CA GLU R 169 -4.70 74.26 107.77
C GLU R 169 -4.57 74.67 106.31
N TRP R 170 -5.46 74.11 105.48
CA TRP R 170 -5.50 74.52 104.08
C TRP R 170 -5.88 75.98 103.94
N SER R 171 -6.76 76.49 104.80
CA SER R 171 -7.02 77.91 104.84
C SER R 171 -5.76 78.68 105.20
N LYS R 172 -4.98 78.15 106.14
CA LYS R 172 -3.69 78.74 106.52
C LYS R 172 -2.55 78.20 105.66
N ARG R 173 -2.73 78.30 104.34
CA ARG R 173 -1.72 77.87 103.39
C ARG R 173 -1.76 78.80 102.20
N ASP R 174 -0.79 78.64 101.30
CA ASP R 174 -0.76 79.42 100.08
C ASP R 174 -1.90 79.01 99.16
N LYS R 175 -2.76 79.97 98.83
CA LYS R 175 -3.90 79.70 97.96
C LYS R 175 -3.50 79.46 96.51
N SER R 176 -2.24 79.68 96.16
CA SER R 176 -1.78 79.57 94.79
C SER R 176 -0.82 78.41 94.53
N THR R 177 0.18 78.22 95.39
CA THR R 177 1.23 77.24 95.13
C THR R 177 1.06 75.93 95.89
N TYR R 178 0.42 75.95 97.05
CA TYR R 178 0.27 74.72 97.82
C TYR R 178 -0.63 73.73 97.09
N ASP R 179 -0.23 72.47 97.11
CA ASP R 179 -1.01 71.40 96.51
C ASP R 179 -1.52 70.48 97.61
N PRO R 180 -2.84 70.35 97.81
CA PRO R 180 -3.36 69.45 98.82
C PRO R 180 -3.34 67.98 98.43
N THR R 181 -2.79 67.66 97.25
CA THR R 181 -2.66 66.25 96.87
C THR R 181 -1.78 65.50 97.85
N ASP R 182 -0.73 66.14 98.35
CA ASP R 182 0.12 65.50 99.35
C ASP R 182 -0.70 65.04 100.55
N ASP R 183 -1.56 65.92 101.07
CA ASP R 183 -2.50 65.51 102.11
C ASP R 183 -3.46 64.44 101.60
N ILE R 184 -3.79 64.47 100.31
CA ILE R 184 -4.72 63.48 99.78
C ILE R 184 -4.15 62.08 99.95
N GLU R 185 -2.91 61.85 99.49
CA GLU R 185 -2.35 60.51 99.73
C GLU R 185 -2.00 60.30 101.20
N ALA R 186 -1.70 61.37 101.94
CA ALA R 186 -1.40 61.22 103.35
C ALA R 186 -2.58 60.62 104.10
N TYR R 187 -3.79 61.08 103.78
CA TYR R 187 -4.98 60.52 104.41
C TYR R 187 -5.45 59.23 103.73
N ALA R 188 -5.11 59.05 102.45
CA ALA R 188 -5.53 57.85 101.74
C ALA R 188 -4.70 56.62 102.09
N LEU R 189 -3.45 56.80 102.50
CA LEU R 189 -2.58 55.65 102.75
C LEU R 189 -3.12 54.78 103.88
N ASN R 190 -3.59 55.39 104.96
CA ASN R 190 -4.14 54.65 106.08
C ASN R 190 -5.65 54.49 105.95
N ALA R 191 -6.10 54.06 104.77
CA ALA R 191 -7.50 53.82 104.51
C ALA R 191 -7.82 52.38 104.16
N SER R 192 -6.84 51.49 104.24
CA SER R 192 -7.02 50.06 103.93
C SER R 192 -7.57 49.87 102.51
N GLY R 193 -7.07 50.66 101.57
CA GLY R 193 -7.48 50.52 100.19
C GLY R 193 -7.28 51.78 99.41
N VAL R 194 -7.73 51.73 98.17
CA VAL R 194 -7.62 52.84 97.22
C VAL R 194 -8.87 53.71 97.32
N VAL R 195 -8.68 55.02 97.22
CA VAL R 195 -9.76 55.99 97.22
C VAL R 195 -9.97 56.46 95.78
N ASN R 196 -11.23 56.44 95.33
CA ASN R 196 -11.53 56.85 93.97
C ASN R 196 -12.67 57.85 93.87
N ILE R 197 -13.21 58.33 95.00
CA ILE R 197 -14.15 59.45 95.01
C ILE R 197 -13.71 60.40 96.12
N ILE R 198 -13.71 61.70 95.83
CA ILE R 198 -13.26 62.69 96.79
C ILE R 198 -14.43 63.61 97.11
N VAL R 199 -15.64 63.05 97.18
CA VAL R 199 -16.85 63.82 97.44
C VAL R 199 -16.70 64.70 98.67
N PHE R 200 -16.89 66.00 98.49
CA PHE R 200 -16.81 67.01 99.53
C PHE R 200 -18.20 67.54 99.85
N ASP R 201 -18.30 68.16 101.02
CA ASP R 201 -19.35 69.13 101.25
C ASP R 201 -18.96 70.46 100.59
N PRO R 202 -19.97 71.31 100.26
CA PRO R 202 -19.72 72.42 99.33
C PRO R 202 -18.54 73.32 99.66
N LYS R 203 -18.52 73.94 100.84
CA LYS R 203 -17.42 74.84 101.15
C LYS R 203 -16.12 74.08 101.37
N GLY R 204 -16.20 72.80 101.74
CA GLY R 204 -14.99 71.98 101.77
C GLY R 204 -14.34 71.88 100.41
N TRP R 205 -15.15 71.57 99.39
CA TRP R 205 -14.63 71.58 98.02
C TRP R 205 -14.22 72.98 97.61
N ALA R 206 -14.87 74.00 98.16
CA ALA R 206 -14.51 75.38 97.82
C ALA R 206 -13.08 75.68 98.23
N LEU R 207 -12.71 75.42 99.49
CA LEU R 207 -11.33 75.70 99.87
C LEU R 207 -10.37 74.66 99.32
N PHE R 208 -10.86 73.47 98.97
CA PHE R 208 -10.01 72.52 98.26
C PHE R 208 -9.58 73.09 96.90
N ARG R 209 -10.54 73.58 96.12
CA ARG R 209 -10.27 74.10 94.80
C ARG R 209 -9.69 75.51 94.81
N SER R 210 -9.75 76.20 95.96
CA SER R 210 -9.11 77.51 96.05
C SER R 210 -7.64 77.47 95.69
N PHE R 211 -6.97 76.34 95.95
CA PHE R 211 -5.59 76.16 95.51
C PHE R 211 -5.54 76.06 94.00
N LYS R 212 -4.63 76.82 93.38
CA LYS R 212 -4.49 76.77 91.93
C LYS R 212 -4.12 75.38 91.46
N ALA R 213 -3.07 74.80 92.06
CA ALA R 213 -2.63 73.46 91.70
C ALA R 213 -3.80 72.51 91.52
N VAL R 214 -4.81 72.62 92.38
CA VAL R 214 -6.04 71.84 92.20
C VAL R 214 -6.69 72.18 90.86
N LYS R 215 -6.81 73.47 90.54
CA LYS R 215 -7.65 73.85 89.41
C LYS R 215 -6.97 73.59 88.06
N GLU R 216 -5.63 73.65 87.99
CA GLU R 216 -4.97 73.18 86.78
C GLU R 216 -4.52 71.72 86.86
N LYS R 217 -4.80 71.03 87.96
CA LYS R 217 -4.60 69.58 88.01
C LYS R 217 -5.87 68.81 87.70
N LEU R 218 -7.03 69.42 87.94
CA LEU R 218 -8.29 68.72 87.70
C LEU R 218 -8.67 68.78 86.23
N ASP R 219 -9.32 67.72 85.76
CA ASP R 219 -9.83 67.65 84.40
C ASP R 219 -11.35 67.84 84.46
N THR R 220 -11.82 68.94 83.87
CA THR R 220 -13.25 69.20 83.80
C THR R 220 -13.97 68.26 82.84
N ARG R 221 -13.22 67.56 82.00
CA ARG R 221 -13.83 66.75 80.96
C ARG R 221 -14.58 65.58 81.54
N ARG R 222 -15.46 64.99 80.72
CA ARG R 222 -16.17 63.78 81.12
C ARG R 222 -15.17 62.67 81.42
N GLY R 223 -14.43 62.23 80.39
CA GLY R 223 -13.54 61.09 80.51
C GLY R 223 -14.22 59.99 81.30
N SER R 224 -15.36 59.52 80.80
CA SER R 224 -16.28 58.74 81.60
C SER R 224 -15.60 57.51 82.18
N ASN R 225 -15.38 57.52 83.48
CA ASN R 225 -14.64 56.46 84.15
C ASN R 225 -15.52 55.24 84.44
N SER R 226 -16.70 55.45 85.00
CA SER R 226 -17.51 54.35 85.49
C SER R 226 -18.97 54.76 85.38
N GLU R 227 -19.83 54.04 86.09
CA GLU R 227 -21.25 54.34 86.16
C GLU R 227 -21.57 55.47 87.11
N LEU R 228 -20.56 56.15 87.67
CA LEU R 228 -20.85 57.27 88.55
C LEU R 228 -21.47 58.44 87.80
N GLU R 229 -21.08 58.64 86.54
CA GLU R 229 -21.76 59.64 85.72
C GLU R 229 -23.24 59.28 85.55
N THR R 230 -23.54 58.00 85.33
CA THR R 230 -24.93 57.57 85.24
C THR R 230 -25.66 57.81 86.55
N ALA R 231 -24.99 57.55 87.67
CA ALA R 231 -25.59 57.80 88.97
C ALA R 231 -25.90 59.28 89.17
N VAL R 232 -25.00 60.16 88.74
CA VAL R 232 -25.23 61.59 88.85
C VAL R 232 -26.38 62.01 87.94
N LYS R 233 -26.42 61.48 86.71
CA LYS R 233 -27.54 61.80 85.82
C LYS R 233 -28.86 61.35 86.43
N ASP R 234 -28.87 60.20 87.09
CA ASP R 234 -30.08 59.76 87.80
C ASP R 234 -30.43 60.73 88.92
N LEU R 235 -29.52 60.89 89.89
CA LEU R 235 -29.75 61.78 91.02
C LEU R 235 -29.06 63.13 90.79
N GLY R 236 -29.53 63.83 89.77
CA GLY R 236 -29.09 65.19 89.56
C GLY R 236 -29.50 66.20 90.61
N LYS R 237 -29.96 65.73 91.78
CA LYS R 237 -30.47 66.64 92.80
C LYS R 237 -29.34 67.19 93.67
N ALA R 238 -28.62 66.30 94.37
CA ALA R 238 -27.72 66.78 95.42
C ALA R 238 -26.31 66.23 95.30
N VAL R 239 -26.06 65.27 94.41
CA VAL R 239 -24.71 64.81 94.10
C VAL R 239 -24.28 65.51 92.82
N SER R 240 -23.12 66.15 92.87
CA SER R 240 -22.62 66.97 91.77
C SER R 240 -21.24 66.49 91.36
N TYR R 241 -21.17 65.91 90.17
CA TYR R 241 -19.94 65.39 89.61
C TYR R 241 -19.12 66.58 89.10
N LYS R 242 -18.22 67.09 89.95
CA LYS R 242 -17.42 68.24 89.56
C LYS R 242 -16.56 67.92 88.35
N GLY R 243 -15.94 66.75 88.33
CA GLY R 243 -15.13 66.35 87.20
C GLY R 243 -14.03 65.41 87.65
N MET R 244 -13.01 65.30 86.80
CA MET R 244 -11.80 64.55 87.09
C MET R 244 -10.77 65.44 87.74
N TYR R 245 -10.14 64.95 88.80
CA TYR R 245 -8.91 65.53 89.33
C TYR R 245 -7.70 64.83 88.73
N GLY R 246 -7.90 64.25 87.55
CA GLY R 246 -6.92 63.37 86.94
C GLY R 246 -7.19 61.93 87.34
N ASP R 247 -6.39 61.43 88.27
CA ASP R 247 -6.54 60.06 88.76
C ASP R 247 -7.90 59.80 89.43
N VAL R 248 -8.40 60.74 90.22
CA VAL R 248 -9.53 60.49 91.10
C VAL R 248 -10.72 61.34 90.67
N ALA R 249 -11.92 60.88 91.02
CA ALA R 249 -13.14 61.60 90.73
C ALA R 249 -13.46 62.60 91.82
N ILE R 250 -13.94 63.78 91.42
CA ILE R 250 -14.29 64.85 92.34
C ILE R 250 -15.81 65.00 92.33
N VAL R 251 -16.42 64.82 93.50
CA VAL R 251 -17.87 64.95 93.64
C VAL R 251 -18.14 65.87 94.82
N VAL R 252 -19.33 66.45 94.85
CA VAL R 252 -19.78 67.25 95.98
C VAL R 252 -21.22 66.84 96.32
N TYR R 253 -21.45 66.52 97.59
CA TYR R 253 -22.80 66.23 98.07
C TYR R 253 -23.30 67.43 98.86
N SER R 254 -24.46 67.95 98.46
CA SER R 254 -25.12 69.05 99.15
C SER R 254 -26.55 68.67 99.49
N GLY R 255 -26.76 67.42 99.88
CA GLY R 255 -28.09 66.99 100.26
C GLY R 255 -28.53 67.65 101.55
N GLN R 256 -29.85 67.80 101.70
CA GLN R 256 -30.43 68.50 102.83
C GLN R 256 -31.60 67.69 103.39
N TYR R 257 -31.72 67.67 104.72
CA TYR R 257 -32.87 67.09 105.38
C TYR R 257 -33.72 68.20 105.98
N VAL R 258 -35.03 68.06 105.86
CA VAL R 258 -35.98 69.08 106.30
C VAL R 258 -36.59 68.57 107.60
N GLU R 259 -36.05 69.05 108.72
CA GLU R 259 -36.43 68.52 110.02
C GLU R 259 -37.73 69.17 110.48
N ASN R 260 -38.04 69.00 111.78
CA ASN R 260 -39.38 69.25 112.30
C ASN R 260 -39.89 70.65 111.99
N GLY R 261 -39.01 71.65 112.05
CA GLY R 261 -39.45 73.01 111.79
C GLY R 261 -38.56 73.75 110.81
N VAL R 262 -37.39 73.19 110.52
CA VAL R 262 -36.39 73.86 109.71
C VAL R 262 -35.73 72.83 108.80
N LYS R 263 -34.90 73.30 107.89
CA LYS R 263 -34.13 72.45 107.00
C LYS R 263 -32.64 72.76 107.14
N LYS R 264 -31.80 71.74 106.93
CA LYS R 264 -30.37 71.95 106.99
C LYS R 264 -29.68 70.78 106.28
N ASN R 265 -28.45 71.01 105.83
CA ASN R 265 -27.73 70.00 105.06
C ASN R 265 -27.42 68.78 105.90
N PHE R 266 -27.38 67.62 105.23
CA PHE R 266 -26.92 66.39 105.87
C PHE R 266 -25.49 66.54 106.37
N LEU R 267 -24.62 67.08 105.52
CA LEU R 267 -23.18 67.23 105.72
C LEU R 267 -22.86 68.31 106.73
N PRO R 268 -21.86 68.06 107.58
CA PRO R 268 -21.33 69.12 108.44
C PRO R 268 -20.59 70.18 107.64
N ASP R 269 -19.94 71.12 108.34
CA ASP R 269 -19.38 72.29 107.68
C ASP R 269 -18.30 71.90 106.67
N ASN R 270 -17.30 71.13 107.10
CA ASN R 270 -16.14 70.81 106.26
C ASN R 270 -15.64 69.43 106.67
N THR R 271 -16.07 68.40 105.94
CA THR R 271 -15.69 67.03 106.27
C THR R 271 -15.41 66.23 105.01
N MET R 272 -14.71 65.12 105.21
CA MET R 272 -14.26 64.24 104.14
C MET R 272 -14.17 62.81 104.65
N VAL R 273 -14.49 61.85 103.77
CA VAL R 273 -14.23 60.45 104.00
C VAL R 273 -13.51 59.88 102.79
N LEU R 274 -12.32 59.34 103.02
CA LEU R 274 -11.47 58.77 101.97
C LEU R 274 -11.63 57.26 102.02
N GLY R 275 -12.10 56.68 100.90
CA GLY R 275 -12.29 55.25 100.82
C GLY R 275 -12.70 54.85 99.42
N ASN R 276 -13.06 53.57 99.27
CA ASN R 276 -13.42 52.99 97.99
C ASN R 276 -14.91 53.15 97.73
N THR R 277 -15.28 53.00 96.45
CA THR R 277 -16.67 52.90 96.05
C THR R 277 -17.25 51.52 96.28
N GLN R 278 -16.42 50.50 96.50
CA GLN R 278 -16.89 49.16 96.75
C GLN R 278 -16.69 48.71 98.20
N ALA R 279 -16.72 49.64 99.15
CA ALA R 279 -16.67 49.27 100.55
C ALA R 279 -17.92 48.47 100.92
N ARG R 280 -17.77 47.57 101.88
CA ARG R 280 -18.84 46.62 102.21
C ARG R 280 -19.76 47.24 103.25
N GLY R 281 -21.03 47.38 102.90
CA GLY R 281 -21.99 47.95 103.82
C GLY R 281 -23.13 47.03 104.16
N LEU R 282 -23.34 46.80 105.45
CA LEU R 282 -24.36 45.87 105.92
C LEU R 282 -25.67 46.63 106.16
N ARG R 283 -26.78 45.99 105.78
CA ARG R 283 -28.13 46.50 105.98
C ARG R 283 -28.91 45.50 106.80
N THR R 284 -28.37 45.11 107.95
CA THR R 284 -29.10 44.22 108.85
C THR R 284 -30.45 44.83 109.22
N TYR R 285 -31.49 44.00 109.21
CA TYR R 285 -32.85 44.44 109.44
C TYR R 285 -33.45 43.55 110.52
N GLY R 286 -34.12 44.17 111.48
CA GLY R 286 -34.68 43.44 112.61
C GLY R 286 -36.05 42.86 112.31
N CYS R 287 -36.69 42.40 113.38
CA CYS R 287 -38.06 41.89 113.28
C CYS R 287 -39.02 43.01 112.91
N ILE R 288 -40.11 42.64 112.24
CA ILE R 288 -41.19 43.57 111.95
C ILE R 288 -42.36 43.22 112.86
N GLN R 289 -42.68 44.12 113.79
CA GLN R 289 -43.71 43.86 114.80
C GLN R 289 -45.08 44.22 114.25
N ASP R 290 -45.60 43.32 113.42
CA ASP R 290 -46.95 43.46 112.87
C ASP R 290 -47.54 42.08 112.70
N ALA R 291 -48.69 41.84 113.35
CA ALA R 291 -49.30 40.52 113.34
C ALA R 291 -49.47 40.01 111.92
N ASP R 292 -49.83 40.91 111.00
CA ASP R 292 -49.89 40.55 109.58
C ASP R 292 -48.54 40.04 109.09
N ALA R 293 -47.48 40.76 109.42
CA ALA R 293 -46.14 40.38 108.97
C ALA R 293 -45.75 39.01 109.51
N GLN R 294 -46.04 38.74 110.79
CA GLN R 294 -45.66 37.43 111.30
C GLN R 294 -46.47 36.31 110.69
N ARG R 295 -47.80 36.47 110.54
CA ARG R 295 -48.52 35.27 110.13
C ARG R 295 -48.45 35.08 108.62
N GLU R 296 -47.91 36.07 107.89
CA GLU R 296 -47.60 35.83 106.47
C GLU R 296 -46.10 35.77 106.19
N GLY R 297 -45.25 35.77 107.21
CA GLY R 297 -43.84 35.54 107.01
C GLY R 297 -43.01 36.73 106.55
N ILE R 298 -43.44 37.95 106.88
CA ILE R 298 -42.69 39.14 106.52
C ILE R 298 -41.96 39.64 107.75
N ASN R 299 -41.68 38.71 108.68
CA ASN R 299 -40.83 39.03 109.82
C ASN R 299 -39.40 39.29 109.39
N ALA R 300 -38.98 38.76 108.24
CA ALA R 300 -37.64 38.95 107.72
C ALA R 300 -37.76 39.57 106.33
N SER R 301 -37.73 40.90 106.29
CA SER R 301 -37.89 41.61 105.03
C SER R 301 -37.33 43.01 105.17
N ALA R 302 -37.48 43.80 104.10
CA ALA R 302 -37.06 45.19 104.15
C ALA R 302 -38.13 46.09 104.76
N ARG R 303 -39.27 46.21 104.10
CA ARG R 303 -40.30 47.17 104.45
C ARG R 303 -41.66 46.47 104.50
N TYR R 304 -42.62 47.12 105.17
CA TYR R 304 -43.97 46.60 105.16
C TYR R 304 -44.99 47.73 105.15
N PRO R 305 -45.78 47.85 104.08
CA PRO R 305 -46.89 48.82 104.07
C PRO R 305 -48.21 48.18 104.46
N LYS R 306 -49.19 49.00 104.84
CA LYS R 306 -50.56 48.51 104.95
C LYS R 306 -51.52 49.69 104.95
N ASN R 307 -52.73 49.45 104.46
CA ASN R 307 -53.84 50.39 104.55
C ASN R 307 -54.95 49.75 105.36
N TRP R 308 -55.48 50.49 106.34
CA TRP R 308 -56.23 49.84 107.40
C TRP R 308 -57.15 50.83 108.11
N VAL R 309 -58.32 50.35 108.51
CA VAL R 309 -59.38 51.17 109.08
C VAL R 309 -59.44 50.91 110.58
N THR R 310 -59.54 51.98 111.36
CA THR R 310 -59.81 51.92 112.79
C THR R 310 -61.29 52.15 113.04
N THR R 311 -61.92 51.22 113.76
CA THR R 311 -63.31 51.30 114.16
C THR R 311 -63.39 51.66 115.63
N GLY R 312 -64.16 52.70 115.94
CA GLY R 312 -64.34 53.11 117.31
C GLY R 312 -64.03 54.58 117.56
N ASP R 313 -63.19 54.87 118.55
CA ASP R 313 -62.84 56.26 118.85
C ASP R 313 -62.14 56.94 117.67
N PRO R 314 -60.99 56.45 117.20
CA PRO R 314 -60.39 57.06 116.00
C PRO R 314 -60.88 56.38 114.72
N ALA R 315 -62.21 56.37 114.54
CA ALA R 315 -62.79 55.62 113.44
C ALA R 315 -62.42 56.29 112.12
N ARG R 316 -61.31 55.85 111.55
CA ARG R 316 -60.70 56.51 110.41
C ARG R 316 -60.00 55.43 109.59
N GLU R 317 -59.10 55.84 108.71
CA GLU R 317 -58.33 54.90 107.91
C GLU R 317 -56.96 55.48 107.60
N PHE R 318 -55.94 54.65 107.73
CA PHE R 318 -54.55 55.09 107.76
C PHE R 318 -53.69 54.21 106.86
N THR R 319 -52.53 54.75 106.49
CA THR R 319 -51.46 54.01 105.86
C THR R 319 -50.29 53.91 106.82
N MET R 320 -49.82 52.70 107.05
CA MET R 320 -48.84 52.37 108.08
C MET R 320 -47.63 51.78 107.39
N ILE R 321 -46.43 52.28 107.71
CA ILE R 321 -45.19 51.77 107.13
C ILE R 321 -44.29 51.32 108.27
N GLN R 322 -43.74 50.10 108.15
CA GLN R 322 -42.91 49.54 109.20
C GLN R 322 -41.61 49.00 108.63
N SER R 323 -40.52 49.24 109.36
CA SER R 323 -39.19 48.82 108.96
C SER R 323 -38.33 48.71 110.21
N ALA R 324 -37.11 48.18 110.04
CA ALA R 324 -36.16 48.07 111.15
C ALA R 324 -34.74 47.95 110.60
N PRO R 325 -34.18 49.06 110.10
CA PRO R 325 -32.80 49.02 109.61
C PRO R 325 -31.78 49.30 110.70
N LEU R 326 -30.63 48.66 110.59
CA LEU R 326 -29.48 48.95 111.43
C LEU R 326 -28.21 48.89 110.59
N MET R 327 -28.30 49.47 109.39
CA MET R 327 -27.19 49.56 108.45
C MET R 327 -25.92 50.12 109.09
N LEU R 328 -24.80 49.46 108.82
CA LEU R 328 -23.48 49.83 109.30
C LEU R 328 -22.48 49.56 108.18
N LEU R 329 -21.19 49.79 108.49
CA LEU R 329 -20.10 49.51 107.57
C LEU R 329 -19.28 48.35 108.10
N ALA R 330 -18.94 47.40 107.23
CA ALA R 330 -18.16 46.24 107.66
C ALA R 330 -16.77 46.65 108.12
N ASP R 331 -16.12 47.52 107.36
CA ASP R 331 -14.77 47.99 107.69
C ASP R 331 -14.81 49.49 107.98
N PRO R 332 -14.91 49.90 109.24
CA PRO R 332 -14.82 51.33 109.56
C PRO R 332 -13.47 51.93 109.20
N ASP R 333 -12.41 51.13 109.21
CA ASP R 333 -11.09 51.58 108.81
C ASP R 333 -10.97 51.84 107.31
N GLU R 334 -11.97 51.41 106.53
CA GLU R 334 -11.94 51.64 105.09
C GLU R 334 -11.97 53.12 104.73
N PHE R 335 -12.60 53.95 105.54
CA PHE R 335 -12.68 55.37 105.28
C PHE R 335 -11.97 56.16 106.36
N VAL R 336 -11.14 57.10 105.91
CA VAL R 336 -10.50 58.08 106.79
C VAL R 336 -11.38 59.31 106.83
N SER R 337 -11.84 59.69 108.02
CA SER R 337 -12.75 60.81 108.21
C SER R 337 -11.95 62.00 108.72
N VAL R 338 -11.96 63.08 107.93
CA VAL R 338 -11.15 64.27 108.20
C VAL R 338 -12.08 65.48 108.26
N GLN R 339 -11.94 66.27 109.31
CA GLN R 339 -12.53 67.60 109.32
C GLN R 339 -11.52 68.58 108.74
N LEU R 340 -12.01 69.46 107.87
CA LEU R 340 -11.16 70.30 107.04
C LEU R 340 -10.90 71.64 107.71
N ALA R 341 -10.05 72.44 107.06
CA ALA R 341 -9.72 73.77 107.54
C ALA R 341 -10.94 74.68 107.52
N ALA S 7 19.24 -83.54 53.95
CA ALA S 7 19.38 -82.50 52.95
C ALA S 7 18.39 -81.37 53.19
N GLN S 8 18.89 -80.26 53.70
CA GLN S 8 18.09 -79.07 53.96
C GLN S 8 18.55 -77.93 53.06
N LEU S 9 17.68 -76.94 52.89
CA LEU S 9 17.86 -75.92 51.88
C LEU S 9 19.07 -75.04 52.18
N LEU S 10 19.43 -74.22 51.17
CA LEU S 10 20.56 -73.32 51.30
C LEU S 10 20.34 -72.26 52.37
N ALA S 11 19.10 -71.77 52.51
CA ALA S 11 18.82 -70.68 53.43
C ALA S 11 19.03 -71.05 54.89
N ALA S 12 19.17 -72.34 55.22
CA ALA S 12 19.46 -72.77 56.58
C ALA S 12 20.95 -72.60 56.89
N ASN S 13 21.42 -71.36 56.75
CA ASN S 13 22.82 -71.00 56.95
C ASN S 13 22.92 -69.70 57.75
N GLU S 14 22.14 -69.61 58.82
CA GLU S 14 22.07 -68.39 59.62
C GLU S 14 22.96 -68.55 60.85
N GLN S 15 23.98 -67.68 60.95
CA GLN S 15 24.86 -67.66 62.12
C GLN S 15 24.77 -66.34 62.88
N LYS S 16 24.99 -65.22 62.20
CA LYS S 16 25.20 -63.91 62.85
C LYS S 16 26.35 -63.97 63.84
N PHE S 17 27.33 -64.83 63.55
CA PHE S 17 28.52 -65.02 64.38
C PHE S 17 29.76 -64.76 63.52
N LYS S 18 30.18 -63.50 63.46
CA LYS S 18 31.43 -63.11 62.78
C LYS S 18 32.37 -62.55 63.84
N PHE S 19 33.28 -63.39 64.31
CA PHE S 19 34.17 -63.06 65.42
C PHE S 19 35.61 -63.44 65.09
N ASP S 20 36.06 -63.08 63.90
CA ASP S 20 37.46 -63.28 63.53
C ASP S 20 38.38 -62.38 64.34
N PRO S 21 39.57 -62.83 64.72
CA PRO S 21 40.46 -62.06 65.63
C PRO S 21 41.14 -60.85 64.99
N LEU S 22 40.32 -59.85 64.67
CA LEU S 22 40.77 -58.49 64.35
C LEU S 22 41.66 -58.41 63.12
N PHE S 23 41.84 -59.50 62.39
CA PHE S 23 42.66 -59.46 61.18
C PHE S 23 41.84 -59.35 59.91
N LEU S 24 40.96 -60.31 59.65
CA LEU S 24 40.12 -60.28 58.46
C LEU S 24 39.00 -59.27 58.56
N ARG S 25 38.77 -58.70 59.75
CA ARG S 25 37.72 -57.73 59.98
C ARG S 25 38.22 -56.30 60.10
N LEU S 26 39.51 -56.11 60.36
CA LEU S 26 40.08 -54.80 60.63
C LEU S 26 41.20 -54.40 59.69
N PHE S 27 42.10 -55.31 59.33
CA PHE S 27 43.11 -55.00 58.33
C PHE S 27 42.73 -55.49 56.93
N PHE S 28 41.93 -56.54 56.83
CA PHE S 28 41.70 -57.22 55.57
C PHE S 28 40.22 -57.20 55.17
N ARG S 29 39.60 -56.02 55.25
CA ARG S 29 38.20 -55.85 54.91
C ARG S 29 37.95 -55.92 53.40
N GLU S 30 39.00 -55.91 52.58
CA GLU S 30 38.92 -55.53 51.18
C GLU S 30 38.60 -56.76 50.32
N SER S 31 37.38 -57.28 50.43
CA SER S 31 36.99 -58.54 49.82
C SER S 31 36.82 -58.41 48.30
N TYR S 32 37.34 -59.38 47.56
CA TYR S 32 37.17 -59.41 46.10
C TYR S 32 36.86 -60.83 45.62
N PRO S 33 35.64 -61.32 45.86
CA PRO S 33 35.26 -62.57 45.20
C PRO S 33 35.07 -62.39 43.69
N PHE S 34 35.59 -63.36 42.94
CA PHE S 34 35.65 -63.30 41.49
C PHE S 34 34.81 -64.41 40.87
N THR S 35 34.45 -64.20 39.60
CA THR S 35 33.86 -65.23 38.77
C THR S 35 34.95 -66.04 38.06
N THR S 36 36.21 -65.75 38.36
CA THR S 36 37.35 -66.36 37.70
C THR S 36 38.22 -67.04 38.74
N GLU S 37 38.97 -68.05 38.28
CA GLU S 37 39.69 -68.95 39.18
C GLU S 37 40.70 -68.20 40.04
N LYS S 38 41.71 -67.60 39.41
CA LYS S 38 42.85 -67.04 40.11
C LYS S 38 42.53 -65.63 40.62
N VAL S 39 43.53 -65.05 41.28
CA VAL S 39 43.54 -63.63 41.61
C VAL S 39 44.31 -62.90 40.52
N TYR S 40 43.74 -61.79 40.05
CA TYR S 40 44.33 -61.01 38.97
C TYR S 40 44.55 -59.59 39.53
N LEU S 41 45.70 -59.40 40.19
CA LEU S 41 45.98 -58.13 40.84
C LEU S 41 45.93 -56.97 39.85
N SER S 42 46.22 -57.23 38.58
CA SER S 42 46.01 -56.23 37.55
C SER S 42 44.54 -55.85 37.43
N GLN S 43 43.64 -56.82 37.62
CA GLN S 43 42.21 -56.54 37.58
C GLN S 43 41.76 -55.68 38.76
N ILE S 44 42.24 -55.98 39.96
CA ILE S 44 41.90 -55.15 41.13
C ILE S 44 42.45 -53.74 40.91
N PRO S 45 41.64 -52.70 41.10
CA PRO S 45 42.19 -51.34 40.99
C PRO S 45 43.23 -51.06 42.05
N GLY S 46 43.06 -51.61 43.25
CA GLY S 46 43.93 -51.34 44.37
C GLY S 46 44.01 -49.84 44.62
N LEU S 47 45.24 -49.36 44.78
CA LEU S 47 45.47 -47.93 44.78
C LEU S 47 45.39 -47.40 43.35
N VAL S 48 44.68 -46.29 43.19
CA VAL S 48 44.44 -45.67 41.89
C VAL S 48 45.51 -44.62 41.64
N ASN S 49 45.96 -44.50 40.39
CA ASN S 49 46.83 -43.41 39.99
C ASN S 49 46.10 -42.10 40.26
N MET S 50 46.60 -41.32 41.22
CA MET S 50 45.75 -40.40 41.97
C MET S 50 46.44 -39.05 42.21
N ALA S 51 46.99 -38.42 41.17
CA ALA S 51 47.56 -37.09 41.34
C ALA S 51 47.25 -36.13 40.20
N LEU S 52 47.44 -36.56 38.95
CA LEU S 52 47.55 -35.66 37.82
C LEU S 52 46.21 -35.05 37.44
N TYR S 53 46.24 -33.76 37.09
CA TYR S 53 45.09 -33.10 36.49
C TYR S 53 45.43 -32.73 35.04
N VAL S 54 44.55 -31.97 34.41
CA VAL S 54 44.72 -31.56 33.02
C VAL S 54 44.58 -30.05 32.91
N SER S 55 45.11 -29.51 31.81
CA SER S 55 45.15 -28.07 31.61
C SER S 55 43.73 -27.50 31.48
N PRO S 56 43.55 -26.22 31.81
CA PRO S 56 42.21 -25.61 31.70
C PRO S 56 41.82 -25.26 30.27
N ILE S 57 42.03 -26.20 29.33
CA ILE S 57 41.54 -26.04 27.97
C ILE S 57 40.73 -27.27 27.57
N VAL S 58 41.33 -28.45 27.68
CA VAL S 58 40.69 -29.72 27.40
C VAL S 58 41.11 -30.71 28.48
N SER S 59 40.63 -31.94 28.35
CA SER S 59 41.01 -32.98 29.29
C SER S 59 41.83 -34.07 28.60
N GLY S 60 42.47 -34.90 29.42
CA GLY S 60 43.46 -35.83 28.93
C GLY S 60 42.91 -37.21 28.60
N GLU S 61 43.78 -38.20 28.73
CA GLU S 61 43.51 -39.55 28.29
C GLU S 61 42.62 -40.29 29.29
N VAL S 62 42.40 -41.57 29.04
CA VAL S 62 41.56 -42.41 29.90
C VAL S 62 42.46 -43.11 30.91
N ILE S 63 42.04 -43.11 32.17
CA ILE S 63 42.80 -43.74 33.26
C ILE S 63 42.15 -45.09 33.56
N ARG S 64 42.99 -46.11 33.73
CA ARG S 64 42.58 -47.50 33.90
C ARG S 64 42.96 -47.98 35.29
N SER S 65 42.67 -49.26 35.54
CA SER S 65 43.29 -49.98 36.65
C SER S 65 44.74 -50.21 36.26
N ARG S 66 45.68 -49.72 37.08
CA ARG S 66 47.04 -49.50 36.62
C ARG S 66 47.87 -50.80 36.61
N GLY S 67 47.32 -51.81 35.94
CA GLY S 67 48.06 -52.98 35.49
C GLY S 67 49.05 -53.58 36.47
N GLY S 68 48.55 -54.22 37.53
CA GLY S 68 49.41 -54.88 38.49
C GLY S 68 50.40 -55.82 37.84
N SER S 69 51.66 -55.76 38.27
CA SER S 69 52.72 -56.52 37.60
C SER S 69 52.47 -58.02 37.68
N THR S 70 52.17 -58.53 38.86
CA THR S 70 51.88 -59.94 39.06
C THR S 70 50.39 -60.11 39.36
N SER S 71 49.71 -60.88 38.51
CA SER S 71 48.26 -61.07 38.63
C SER S 71 47.85 -62.52 38.49
N GLU S 72 48.57 -63.45 39.10
CA GLU S 72 48.29 -64.88 38.94
C GLU S 72 48.75 -65.63 40.19
N PHE S 73 47.82 -65.89 41.10
CA PHE S 73 48.05 -66.80 42.21
C PHE S 73 46.82 -67.66 42.43
N THR S 74 47.03 -68.82 43.06
CA THR S 74 45.98 -69.81 43.21
C THR S 74 45.26 -69.61 44.55
N PRO S 75 43.98 -69.26 44.55
CA PRO S 75 43.25 -69.16 45.83
C PRO S 75 43.15 -70.53 46.51
N GLY S 76 43.08 -70.50 47.83
CA GLY S 76 42.96 -71.70 48.62
C GLY S 76 41.56 -72.26 48.60
N TYR S 77 41.18 -72.89 47.49
CA TYR S 77 39.84 -73.46 47.41
C TYR S 77 39.70 -74.58 48.42
N VAL S 78 39.04 -74.27 49.52
CA VAL S 78 38.85 -75.17 50.65
C VAL S 78 37.40 -75.63 50.65
N LYS S 79 37.20 -76.92 50.43
CA LYS S 79 35.84 -77.39 50.59
C LYS S 79 35.80 -78.61 51.51
N PRO S 80 35.67 -78.41 52.82
CA PRO S 80 35.49 -79.56 53.72
C PRO S 80 34.03 -79.93 53.88
N LYS S 81 33.77 -80.99 54.65
CA LYS S 81 32.42 -81.42 54.91
C LYS S 81 32.41 -82.19 56.22
N HIS S 82 31.20 -82.51 56.67
CA HIS S 82 31.02 -83.42 57.79
C HIS S 82 29.71 -84.15 57.64
N GLU S 83 29.48 -85.10 58.54
CA GLU S 83 28.19 -85.76 58.67
C GLU S 83 27.42 -85.13 59.83
N VAL S 84 26.10 -85.15 59.71
CA VAL S 84 25.21 -84.69 60.76
C VAL S 84 24.26 -85.84 61.11
N ASN S 85 24.78 -87.06 61.05
CA ASN S 85 24.00 -88.27 61.27
C ASN S 85 23.28 -88.22 62.62
N PRO S 86 21.96 -88.34 62.65
CA PRO S 86 21.23 -88.26 63.92
C PRO S 86 21.43 -89.47 64.81
N GLN S 87 22.67 -89.77 65.15
CA GLN S 87 22.98 -90.80 66.12
C GLN S 87 23.61 -90.27 67.40
N MET S 88 23.98 -89.00 67.45
CA MET S 88 24.59 -88.43 68.64
C MET S 88 23.56 -87.79 69.56
N THR S 89 23.88 -87.78 70.85
CA THR S 89 23.35 -86.73 71.71
C THR S 89 24.20 -85.46 71.53
N LEU S 90 23.51 -84.33 71.41
CA LEU S 90 24.12 -83.10 70.91
C LEU S 90 24.51 -82.18 72.05
N ARG S 91 24.98 -80.98 71.69
CA ARG S 91 25.19 -79.93 72.68
C ARG S 91 23.84 -79.53 73.25
N ARG S 92 23.56 -79.86 74.52
CA ARG S 92 22.28 -79.46 75.11
C ARG S 92 22.45 -78.19 75.92
N LEU S 93 22.14 -77.06 75.30
CA LEU S 93 21.98 -75.82 76.05
C LEU S 93 21.09 -76.08 77.26
N PRO S 94 21.41 -75.51 78.43
CA PRO S 94 20.71 -75.91 79.66
C PRO S 94 19.18 -75.87 79.58
N ASP S 95 18.60 -77.07 79.57
CA ASP S 95 17.17 -77.30 79.82
C ASP S 95 16.24 -76.44 78.95
N GLU S 96 16.48 -76.39 77.65
CA GLU S 96 15.46 -75.92 76.71
C GLU S 96 14.77 -77.11 76.05
N ASP S 97 13.97 -77.81 76.86
CA ASP S 97 13.04 -78.82 76.39
C ASP S 97 13.70 -79.89 75.54
N PRO S 98 14.45 -80.83 76.13
CA PRO S 98 15.13 -81.87 75.32
C PRO S 98 14.17 -82.73 74.49
N GLN S 99 12.86 -82.54 74.62
CA GLN S 99 11.92 -83.24 73.77
C GLN S 99 12.15 -82.92 72.30
N ASN S 100 12.55 -81.68 71.98
CA ASN S 100 12.85 -81.37 70.59
C ASN S 100 14.18 -82.00 70.13
N LEU S 101 15.14 -82.16 71.04
CA LEU S 101 16.30 -82.97 70.69
C LEU S 101 15.88 -84.39 70.38
N ALA S 102 14.92 -84.94 71.14
CA ALA S 102 14.35 -86.24 70.83
C ALA S 102 13.76 -86.27 69.42
N ASP S 103 13.31 -85.14 68.91
CA ASP S 103 12.90 -85.05 67.51
C ASP S 103 14.12 -85.23 66.61
N PRO S 104 14.07 -86.13 65.63
CA PRO S 104 15.11 -86.12 64.59
C PRO S 104 15.16 -84.84 63.80
N ALA S 105 14.04 -84.14 63.63
CA ALA S 105 14.05 -82.89 62.87
C ALA S 105 14.86 -81.80 63.58
N TYR S 106 14.58 -81.57 64.86
CA TYR S 106 15.32 -80.53 65.56
C TYR S 106 16.77 -80.93 65.79
N ARG S 107 17.01 -82.21 66.12
CA ARG S 107 18.39 -82.63 66.29
C ARG S 107 19.16 -82.41 64.99
N ARG S 108 18.57 -82.80 63.85
CA ARG S 108 19.29 -82.68 62.58
C ARG S 108 19.51 -81.21 62.22
N ARG S 109 18.53 -80.34 62.46
CA ARG S 109 18.74 -78.96 62.06
C ARG S 109 19.76 -78.26 62.97
N ARG S 110 19.70 -78.47 64.28
CA ARG S 110 20.67 -77.75 65.08
C ARG S 110 22.04 -78.44 65.01
N ILE S 111 22.09 -79.72 64.61
CA ILE S 111 23.39 -80.34 64.39
C ILE S 111 23.99 -79.88 63.06
N ILE S 112 23.18 -79.57 62.05
CA ILE S 112 23.78 -78.94 60.88
C ILE S 112 24.22 -77.53 61.25
N MET S 113 23.49 -76.87 62.15
CA MET S 113 23.95 -75.58 62.68
C MET S 113 25.34 -75.73 63.29
N GLN S 114 25.51 -76.70 64.20
CA GLN S 114 26.78 -76.92 64.88
C GLN S 114 27.87 -77.32 63.89
N ASN S 115 27.55 -78.23 62.98
CA ASN S 115 28.53 -78.69 62.00
C ASN S 115 29.01 -77.51 61.15
N MET S 116 28.08 -76.73 60.61
CA MET S 116 28.50 -75.68 59.70
C MET S 116 29.27 -74.61 60.45
N ARG S 117 28.89 -74.31 61.70
CA ARG S 117 29.63 -73.28 62.44
C ARG S 117 31.05 -73.75 62.70
N ASP S 118 31.23 -75.03 63.07
CA ASP S 118 32.58 -75.59 63.10
C ASP S 118 33.28 -75.37 61.77
N GLU S 119 32.54 -75.52 60.67
CA GLU S 119 33.15 -75.39 59.34
C GLU S 119 33.67 -73.97 59.09
N GLU S 120 32.84 -72.94 59.33
CA GLU S 120 33.36 -71.61 59.00
C GLU S 120 34.40 -71.19 60.01
N LEU S 121 34.33 -71.66 61.25
CA LEU S 121 35.41 -71.31 62.17
C LEU S 121 36.69 -72.04 61.79
N ALA S 122 36.58 -73.22 61.17
CA ALA S 122 37.75 -73.88 60.61
C ALA S 122 38.38 -73.07 59.50
N ILE S 123 37.56 -72.63 58.55
CA ILE S 123 38.12 -71.84 57.45
C ILE S 123 38.64 -70.50 58.00
N ALA S 124 38.00 -69.98 59.05
CA ALA S 124 38.46 -68.75 59.66
C ALA S 124 39.81 -68.92 60.34
N GLN S 125 40.02 -70.05 61.03
CA GLN S 125 41.30 -70.27 61.69
C GLN S 125 42.42 -70.55 60.68
N VAL S 126 42.13 -71.27 59.60
CA VAL S 126 43.15 -71.43 58.57
C VAL S 126 43.41 -70.10 57.88
N GLU S 127 42.39 -69.25 57.75
CA GLU S 127 42.58 -67.93 57.18
C GLU S 127 43.40 -67.06 58.10
N GLU S 128 43.25 -67.22 59.41
CA GLU S 128 44.06 -66.49 60.37
C GLU S 128 45.52 -66.97 60.36
N MET S 129 45.76 -68.27 60.14
CA MET S 129 47.13 -68.70 59.92
C MET S 129 47.70 -68.08 58.65
N GLN S 130 46.90 -68.00 57.58
CA GLN S 130 47.34 -67.30 56.38
C GLN S 130 47.67 -65.84 56.69
N ALA S 131 46.84 -65.19 57.51
CA ALA S 131 47.06 -63.79 57.87
C ALA S 131 48.33 -63.61 58.67
N VAL S 132 48.60 -64.51 59.61
CA VAL S 132 49.79 -64.37 60.44
C VAL S 132 51.05 -64.64 59.63
N SER S 133 51.01 -65.62 58.72
CA SER S 133 52.12 -65.77 57.79
C SER S 133 52.31 -64.51 56.94
N ALA S 134 51.19 -63.98 56.43
CA ALA S 134 51.23 -62.81 55.56
C ALA S 134 51.88 -61.62 56.26
N VAL S 135 51.22 -61.10 57.29
CA VAL S 135 51.91 -60.09 58.08
C VAL S 135 52.59 -60.77 59.25
N LEU S 136 53.56 -61.62 58.94
CA LEU S 136 54.82 -61.76 59.67
C LEU S 136 56.02 -61.93 58.76
N LYS S 137 55.84 -62.38 57.52
CA LYS S 137 56.97 -62.48 56.61
C LYS S 137 56.70 -61.99 55.19
N GLY S 138 55.47 -61.67 54.83
CA GLY S 138 55.17 -61.28 53.46
C GLY S 138 55.03 -62.45 52.51
N LYS S 139 55.36 -63.65 52.97
CA LYS S 139 55.27 -64.89 52.21
C LYS S 139 54.10 -65.71 52.74
N TYR S 140 53.36 -66.33 51.82
CA TYR S 140 52.31 -67.27 52.20
C TYR S 140 52.51 -68.56 51.42
N THR S 141 52.35 -69.69 52.10
CA THR S 141 52.52 -71.00 51.51
C THR S 141 51.15 -71.55 51.10
N MET S 142 50.76 -71.29 49.85
CA MET S 142 49.64 -71.96 49.21
C MET S 142 50.07 -73.40 48.93
N THR S 143 49.79 -74.30 49.87
CA THR S 143 50.31 -75.65 49.78
C THR S 143 49.32 -76.65 50.36
N GLY S 144 49.49 -77.89 49.92
CA GLY S 144 48.72 -79.01 50.43
C GLY S 144 49.13 -80.24 49.68
N GLU S 145 48.86 -81.40 50.29
CA GLU S 145 49.19 -82.65 49.63
C GLU S 145 48.37 -82.80 48.37
N ALA S 146 48.96 -83.45 47.35
CA ALA S 146 48.39 -83.50 46.00
C ALA S 146 48.10 -82.09 45.48
N PHE S 147 49.04 -81.18 45.71
CA PHE S 147 48.95 -79.80 45.26
C PHE S 147 50.33 -79.17 45.34
N ASP S 148 50.72 -78.46 44.30
CA ASP S 148 52.04 -77.84 44.29
C ASP S 148 52.10 -76.68 45.28
N PRO S 149 53.20 -76.51 46.02
CA PRO S 149 53.31 -75.36 46.91
C PRO S 149 53.68 -74.10 46.15
N VAL S 150 52.72 -73.19 46.04
CA VAL S 150 52.93 -71.87 45.46
C VAL S 150 53.23 -70.90 46.60
N GLU S 151 54.36 -70.21 46.49
CA GLU S 151 54.67 -69.11 47.39
C GLU S 151 54.04 -67.84 46.86
N VAL S 152 53.11 -67.28 47.62
CA VAL S 152 52.44 -66.04 47.27
C VAL S 152 53.10 -64.94 48.11
N ASP S 153 53.81 -64.03 47.44
CA ASP S 153 54.60 -63.00 48.11
C ASP S 153 53.97 -61.65 47.83
N MET S 154 53.64 -60.91 48.90
CA MET S 154 53.27 -59.51 48.70
C MET S 154 54.49 -58.65 48.39
N GLY S 155 55.66 -59.01 48.90
CA GLY S 155 56.86 -58.25 48.60
C GLY S 155 57.45 -57.57 49.82
N ARG S 156 57.35 -58.21 50.98
CA ARG S 156 57.88 -57.63 52.21
C ARG S 156 59.38 -57.38 52.05
N SER S 157 59.79 -56.16 52.37
CA SER S 157 61.17 -55.72 52.17
C SER S 157 62.07 -56.17 53.30
N GLU S 158 63.38 -56.01 53.08
CA GLU S 158 64.36 -56.42 54.08
C GLU S 158 64.28 -55.59 55.34
N GLU S 159 64.12 -54.27 55.21
CA GLU S 159 63.96 -53.43 56.39
C GLU S 159 62.66 -53.71 57.13
N ASN S 160 61.72 -54.42 56.51
CA ASN S 160 60.54 -54.92 57.19
C ASN S 160 60.78 -56.27 57.85
N ASN S 161 61.99 -56.82 57.73
CA ASN S 161 62.34 -58.12 58.31
C ASN S 161 63.58 -58.00 59.17
N ILE S 162 63.92 -56.78 59.59
CA ILE S 162 65.08 -56.59 60.44
C ILE S 162 64.81 -57.13 61.84
N THR S 163 65.85 -57.65 62.47
CA THR S 163 65.72 -58.49 63.65
C THR S 163 66.29 -57.80 64.89
N GLN S 164 65.62 -58.00 66.02
CA GLN S 164 66.10 -57.46 67.29
C GLN S 164 67.35 -58.16 67.79
N SER S 165 67.48 -59.47 67.57
CA SER S 165 68.67 -60.18 68.05
C SER S 165 69.93 -59.68 67.35
N GLY S 166 69.81 -59.14 66.14
CA GLY S 166 70.95 -58.53 65.49
C GLY S 166 71.49 -57.37 66.30
N GLY S 167 72.79 -57.38 66.55
CA GLY S 167 73.41 -56.37 67.38
C GLY S 167 73.20 -56.62 68.86
N THR S 168 72.39 -55.79 69.50
CA THR S 168 72.12 -55.90 70.92
C THR S 168 70.69 -56.37 71.14
N GLU S 169 70.53 -57.39 71.99
CA GLU S 169 69.23 -57.96 72.30
C GLU S 169 68.63 -57.28 73.52
N TRP S 170 67.30 -57.22 73.55
CA TRP S 170 66.63 -56.69 74.72
C TRP S 170 66.87 -57.56 75.95
N SER S 171 66.96 -58.87 75.77
CA SER S 171 67.39 -59.73 76.86
C SER S 171 68.79 -59.38 77.31
N LYS S 172 69.67 -59.09 76.35
CA LYS S 172 71.04 -58.65 76.65
C LYS S 172 71.12 -57.13 76.81
N ARG S 173 70.26 -56.59 77.68
CA ARG S 173 70.23 -55.17 77.98
C ARG S 173 69.90 -54.99 79.45
N ASP S 174 69.99 -53.75 79.91
CA ASP S 174 69.63 -53.43 81.28
C ASP S 174 68.12 -53.57 81.46
N LYS S 175 67.71 -54.45 82.37
CA LYS S 175 66.30 -54.66 82.64
C LYS S 175 65.64 -53.50 83.36
N SER S 176 66.42 -52.52 83.81
CA SER S 176 65.89 -51.41 84.60
C SER S 176 65.94 -50.07 83.88
N THR S 177 67.07 -49.71 83.25
CA THR S 177 67.24 -48.38 82.69
C THR S 177 67.04 -48.31 81.19
N TYR S 178 67.27 -49.39 80.46
CA TYR S 178 67.12 -49.34 79.01
C TYR S 178 65.66 -49.14 78.64
N ASP S 179 65.43 -48.28 77.65
CA ASP S 179 64.09 -48.02 77.13
C ASP S 179 64.00 -48.54 75.71
N PRO S 180 63.13 -49.53 75.43
CA PRO S 180 63.00 -50.02 74.05
C PRO S 180 62.18 -49.12 73.15
N THR S 181 61.75 -47.95 73.63
CA THR S 181 61.05 -47.02 72.78
C THR S 181 61.93 -46.57 71.61
N ASP S 182 63.22 -46.38 71.87
CA ASP S 182 64.14 -46.03 70.80
C ASP S 182 64.06 -47.04 69.66
N ASP S 183 64.13 -48.33 69.99
CA ASP S 183 63.91 -49.36 68.99
C ASP S 183 62.51 -49.28 68.40
N ILE S 184 61.53 -48.83 69.20
CA ILE S 184 60.16 -48.76 68.70
C ILE S 184 60.09 -47.79 67.51
N GLU S 185 60.61 -46.57 67.68
CA GLU S 185 60.58 -45.69 66.51
C GLU S 185 61.60 -46.11 65.46
N ALA S 186 62.68 -46.79 65.87
CA ALA S 186 63.65 -47.27 64.90
C ALA S 186 63.01 -48.23 63.90
N TYR S 187 62.16 -49.13 64.39
CA TYR S 187 61.47 -50.05 63.50
C TYR S 187 60.22 -49.43 62.89
N ALA S 188 59.63 -48.42 63.54
CA ALA S 188 58.43 -47.78 63.02
C ALA S 188 58.72 -46.82 61.88
N LEU S 189 59.91 -46.23 61.83
CA LEU S 189 60.19 -45.22 60.81
C LEU S 189 60.12 -45.80 59.41
N ASN S 190 60.68 -46.99 59.21
CA ASN S 190 60.64 -47.65 57.90
C ASN S 190 59.43 -48.56 57.78
N ALA S 191 58.25 -48.06 58.13
CA ALA S 191 57.01 -48.81 58.05
C ALA S 191 56.01 -48.19 57.10
N SER S 192 56.37 -47.12 56.40
CA SER S 192 55.48 -46.43 55.46
C SER S 192 54.19 -45.97 56.15
N GLY S 193 54.32 -45.48 57.37
CA GLY S 193 53.17 -44.97 58.08
C GLY S 193 53.37 -45.00 59.58
N VAL S 194 52.31 -44.62 60.27
CA VAL S 194 52.29 -44.55 61.73
C VAL S 194 51.82 -45.89 62.30
N VAL S 195 52.44 -46.31 63.39
CA VAL S 195 52.07 -47.52 64.12
C VAL S 195 51.28 -47.12 65.35
N ASN S 196 50.12 -47.75 65.55
CA ASN S 196 49.28 -47.43 66.69
C ASN S 196 48.83 -48.65 67.48
N ILE S 197 49.30 -49.85 67.14
CA ILE S 197 49.11 -51.04 67.98
C ILE S 197 50.44 -51.76 68.06
N ILE S 198 50.81 -52.20 69.27
CA ILE S 198 52.09 -52.85 69.48
C ILE S 198 51.82 -54.28 69.96
N VAL S 199 50.79 -54.91 69.40
CA VAL S 199 50.40 -56.27 69.79
C VAL S 199 51.60 -57.23 69.74
N PHE S 200 51.87 -57.86 70.87
CA PHE S 200 52.96 -58.82 71.04
C PHE S 200 52.39 -60.23 71.17
N ASP S 201 53.25 -61.20 70.95
CA ASP S 201 53.03 -62.51 71.52
C ASP S 201 53.47 -62.50 72.99
N PRO S 202 52.92 -63.43 73.81
CA PRO S 202 53.00 -63.27 75.27
C PRO S 202 54.39 -63.02 75.85
N LYS S 203 55.34 -63.93 75.60
CA LYS S 203 56.67 -63.72 76.18
C LYS S 203 57.40 -62.56 75.52
N GLY S 204 57.04 -62.24 74.27
CA GLY S 204 57.57 -61.02 73.66
C GLY S 204 57.19 -59.79 74.45
N TRP S 205 55.91 -59.67 74.79
CA TRP S 205 55.49 -58.58 75.67
C TRP S 205 56.10 -58.71 77.05
N ALA S 206 56.38 -59.94 77.49
CA ALA S 206 56.99 -60.13 78.79
C ALA S 206 58.37 -59.47 78.85
N LEU S 207 59.24 -59.77 77.89
CA LEU S 207 60.55 -59.12 77.94
C LEU S 207 60.48 -57.66 77.51
N PHE S 208 59.45 -57.27 76.76
CA PHE S 208 59.24 -55.85 76.50
C PHE S 208 58.99 -55.09 77.79
N ARG S 209 58.05 -55.59 78.61
CA ARG S 209 57.69 -54.93 79.85
C ARG S 209 58.69 -55.17 80.97
N SER S 210 59.60 -56.14 80.82
CA SER S 210 60.63 -56.34 81.82
C SER S 210 61.44 -55.08 82.08
N PHE S 211 61.59 -54.23 81.08
CA PHE S 211 62.24 -52.94 81.27
C PHE S 211 61.35 -52.04 82.13
N LYS S 212 61.94 -51.41 83.15
CA LYS S 212 61.17 -50.53 84.00
C LYS S 212 60.59 -49.36 83.21
N ALA S 213 61.44 -48.67 82.44
CA ALA S 213 60.99 -47.55 81.62
C ALA S 213 59.68 -47.86 80.93
N VAL S 214 59.51 -49.08 80.44
CA VAL S 214 58.23 -49.49 79.87
C VAL S 214 57.13 -49.39 80.92
N LYS S 215 57.38 -49.90 82.13
CA LYS S 215 56.29 -50.06 83.08
C LYS S 215 55.88 -48.75 83.74
N GLU S 216 56.80 -47.80 83.90
CA GLU S 216 56.37 -46.46 84.31
C GLU S 216 56.13 -45.51 83.13
N LYS S 217 56.30 -45.97 81.89
CA LYS S 217 55.89 -45.20 80.74
C LYS S 217 54.49 -45.58 80.25
N LEU S 218 54.05 -46.81 80.52
CA LEU S 218 52.75 -47.25 80.06
C LEU S 218 51.65 -46.76 80.98
N ASP S 219 50.49 -46.49 80.41
CA ASP S 219 49.30 -46.09 81.16
C ASP S 219 48.35 -47.28 81.20
N THR S 220 48.13 -47.82 82.40
CA THR S 220 47.20 -48.91 82.57
C THR S 220 45.75 -48.47 82.39
N ARG S 221 45.49 -47.18 82.38
CA ARG S 221 44.13 -46.67 82.37
C ARG S 221 43.46 -46.98 81.04
N ARG S 222 42.14 -46.90 81.03
CA ARG S 222 41.37 -47.06 79.81
C ARG S 222 41.79 -46.00 78.79
N GLY S 223 41.53 -44.73 79.10
CA GLY S 223 41.76 -43.63 78.18
C GLY S 223 41.29 -44.01 76.80
N SER S 224 40.01 -44.34 76.67
CA SER S 224 39.51 -45.08 75.52
C SER S 224 39.81 -44.33 74.24
N ASN S 225 40.74 -44.87 73.46
CA ASN S 225 41.20 -44.22 72.24
C ASN S 225 40.28 -44.44 71.06
N SER S 226 39.85 -45.67 70.83
CA SER S 226 39.13 -46.00 69.62
C SER S 226 38.19 -47.16 69.93
N GLU S 227 37.72 -47.83 68.89
CA GLU S 227 36.87 -49.00 69.01
C GLU S 227 37.66 -50.26 69.31
N LEU S 228 38.97 -50.15 69.55
CA LEU S 228 39.75 -51.35 69.88
C LEU S 228 39.35 -51.92 71.23
N GLU S 229 38.97 -51.06 72.18
CA GLU S 229 38.42 -51.57 73.43
C GLU S 229 37.14 -52.36 73.19
N THR S 230 36.28 -51.87 72.29
CA THR S 230 35.07 -52.62 71.94
C THR S 230 35.42 -53.94 71.29
N ALA S 231 36.44 -53.95 70.44
CA ALA S 231 36.88 -55.18 69.80
C ALA S 231 37.37 -56.19 70.82
N VAL S 232 38.12 -55.71 71.83
CA VAL S 232 38.60 -56.60 72.88
C VAL S 232 37.43 -57.13 73.71
N LYS S 233 36.48 -56.25 74.05
CA LYS S 233 35.31 -56.72 74.79
C LYS S 233 34.54 -57.77 73.99
N ASP S 234 34.45 -57.61 72.68
CA ASP S 234 33.83 -58.63 71.84
C ASP S 234 34.64 -59.93 71.90
N LEU S 235 35.91 -59.88 71.48
CA LEU S 235 36.77 -61.05 71.47
C LEU S 235 37.67 -61.07 72.70
N GLY S 236 37.03 -61.18 73.87
CA GLY S 236 37.78 -61.38 75.09
C GLY S 236 38.52 -62.69 75.21
N LYS S 237 38.67 -63.43 74.11
CA LYS S 237 39.28 -64.76 74.18
C LYS S 237 40.81 -64.67 74.13
N ALA S 238 41.36 -64.13 73.05
CA ALA S 238 42.80 -64.26 72.82
C ALA S 238 43.50 -62.94 72.53
N VAL S 239 42.76 -61.86 72.32
CA VAL S 239 43.34 -60.51 72.23
C VAL S 239 43.18 -59.85 73.59
N SER S 240 44.29 -59.35 74.12
CA SER S 240 44.34 -58.79 75.46
C SER S 240 44.87 -57.36 75.40
N TYR S 241 43.99 -56.41 75.68
CA TYR S 241 44.32 -55.00 75.68
C TYR S 241 45.08 -54.69 76.97
N LYS S 242 46.42 -54.75 76.90
CA LYS S 242 47.23 -54.50 78.08
C LYS S 242 46.99 -53.10 78.61
N GLY S 243 46.94 -52.10 77.73
CA GLY S 243 46.68 -50.75 78.15
C GLY S 243 47.35 -49.77 77.19
N MET S 244 47.52 -48.54 77.68
CA MET S 244 48.23 -47.50 76.96
C MET S 244 49.70 -47.52 77.33
N TYR S 245 50.56 -47.42 76.32
CA TYR S 245 51.97 -47.10 76.51
C TYR S 245 52.18 -45.60 76.38
N GLY S 246 51.11 -44.83 76.64
CA GLY S 246 51.09 -43.42 76.37
C GLY S 246 50.54 -43.15 74.99
N ASP S 247 51.45 -42.85 74.04
CA ASP S 247 51.06 -42.59 72.67
C ASP S 247 50.40 -43.79 71.98
N VAL S 248 50.89 -45.01 72.21
CA VAL S 248 50.51 -46.16 71.42
C VAL S 248 49.77 -47.17 72.29
N ALA S 249 48.94 -47.99 71.65
CA ALA S 249 48.20 -49.02 72.35
C ALA S 249 49.03 -50.30 72.45
N ILE S 250 48.93 -50.97 73.59
CA ILE S 250 49.66 -52.21 73.86
C ILE S 250 48.65 -53.34 73.91
N VAL S 251 48.82 -54.32 73.02
CA VAL S 251 47.93 -55.48 72.95
C VAL S 251 48.82 -56.73 72.95
N VAL S 252 48.23 -57.86 73.33
CA VAL S 252 48.89 -59.15 73.25
C VAL S 252 47.92 -60.15 72.64
N TYR S 253 48.36 -60.85 71.59
CA TYR S 253 47.58 -61.93 71.01
C TYR S 253 48.17 -63.27 71.44
N SER S 254 47.35 -64.11 72.04
CA SER S 254 47.73 -65.45 72.46
C SER S 254 46.77 -66.48 71.88
N GLY S 255 46.34 -66.25 70.64
CA GLY S 255 45.44 -67.21 69.99
C GLY S 255 46.15 -68.52 69.71
N GLN S 256 45.37 -69.59 69.66
CA GLN S 256 45.92 -70.94 69.49
C GLN S 256 45.09 -71.69 68.46
N TYR S 257 45.77 -72.47 67.62
CA TYR S 257 45.10 -73.38 66.70
C TYR S 257 45.31 -74.80 67.17
N VAL S 258 44.26 -75.62 67.06
CA VAL S 258 44.27 -76.99 67.55
C VAL S 258 44.39 -77.88 66.32
N GLU S 259 45.61 -78.31 66.04
CA GLU S 259 45.89 -79.04 64.80
C GLU S 259 45.51 -80.52 64.96
N ASN S 260 45.98 -81.34 64.01
CA ASN S 260 45.43 -82.68 63.83
C ASN S 260 45.47 -83.51 65.11
N GLY S 261 46.53 -83.39 65.89
CA GLY S 261 46.63 -84.18 67.10
C GLY S 261 46.98 -83.39 68.33
N VAL S 262 47.41 -82.14 68.13
CA VAL S 262 47.93 -81.30 69.21
C VAL S 262 47.43 -79.88 68.97
N LYS S 263 47.67 -79.01 69.95
CA LYS S 263 47.36 -77.60 69.87
C LYS S 263 48.61 -76.77 70.10
N LYS S 264 48.67 -75.59 69.46
CA LYS S 264 49.79 -74.70 69.66
C LYS S 264 49.38 -73.30 69.22
N ASN S 265 50.07 -72.29 69.74
CA ASN S 265 49.72 -70.91 69.45
C ASN S 265 49.93 -70.56 67.98
N PHE S 266 49.09 -69.65 67.48
CA PHE S 266 49.29 -69.09 66.15
C PHE S 266 50.64 -68.42 66.04
N LEU S 267 50.98 -67.60 67.02
CA LEU S 267 52.17 -66.74 67.09
C LEU S 267 53.43 -67.56 67.34
N PRO S 268 54.52 -67.19 66.67
CA PRO S 268 55.83 -67.76 67.01
C PRO S 268 56.31 -67.29 68.36
N ASP S 269 57.56 -67.64 68.71
CA ASP S 269 58.05 -67.42 70.06
C ASP S 269 58.07 -65.94 70.44
N ASN S 270 58.70 -65.11 69.61
CA ASN S 270 58.90 -63.70 69.93
C ASN S 270 58.92 -62.92 68.62
N THR S 271 57.78 -62.35 68.23
CA THR S 271 57.68 -61.64 66.97
C THR S 271 56.80 -60.40 67.13
N MET S 272 56.97 -59.49 66.16
CA MET S 272 56.30 -58.20 66.15
C MET S 272 56.08 -57.75 64.71
N VAL S 273 54.95 -57.07 64.48
CA VAL S 273 54.70 -56.36 63.24
C VAL S 273 54.26 -54.94 63.58
N LEU S 274 55.02 -53.97 63.06
CA LEU S 274 54.76 -52.55 63.30
C LEU S 274 54.06 -51.98 62.08
N GLY S 275 52.86 -51.46 62.28
CA GLY S 275 52.08 -50.88 61.20
C GLY S 275 50.81 -50.26 61.72
N ASN S 276 49.96 -49.83 60.78
CA ASN S 276 48.71 -49.15 61.10
C ASN S 276 47.58 -50.14 61.30
N THR S 277 46.52 -49.64 61.95
CA THR S 277 45.27 -50.37 62.05
C THR S 277 44.42 -50.27 60.78
N GLN S 278 44.73 -49.34 59.89
CA GLN S 278 43.99 -49.17 58.64
C GLN S 278 44.79 -49.60 57.43
N ALA S 279 45.70 -50.56 57.57
CA ALA S 279 46.40 -51.10 56.41
C ALA S 279 45.42 -51.82 55.51
N ARG S 280 45.72 -51.82 54.21
CA ARG S 280 44.77 -52.31 53.21
C ARG S 280 44.99 -53.80 53.02
N GLY S 281 43.95 -54.58 53.28
CA GLY S 281 44.03 -56.02 53.12
C GLY S 281 43.05 -56.59 52.11
N LEU S 282 43.57 -57.32 51.13
CA LEU S 282 42.74 -57.86 50.06
C LEU S 282 42.27 -59.26 50.44
N ARG S 283 41.01 -59.56 50.13
CA ARG S 283 40.38 -60.85 50.34
C ARG S 283 39.90 -61.40 49.00
N THR S 284 40.79 -61.44 48.01
CA THR S 284 40.44 -62.03 46.73
C THR S 284 39.95 -63.46 46.92
N TYR S 285 38.89 -63.82 46.22
CA TYR S 285 38.24 -65.10 46.35
C TYR S 285 38.08 -65.70 44.96
N GLY S 286 38.42 -66.97 44.81
CA GLY S 286 38.38 -67.63 43.53
C GLY S 286 37.02 -68.18 43.19
N CYS S 287 37.00 -69.00 42.14
CA CYS S 287 35.78 -69.67 41.73
C CYS S 287 35.34 -70.68 42.79
N ILE S 288 34.03 -70.93 42.85
CA ILE S 288 33.48 -71.96 43.71
C ILE S 288 33.04 -73.12 42.82
N GLN S 289 33.72 -74.26 42.94
CA GLN S 289 33.49 -75.41 42.07
C GLN S 289 32.34 -76.26 42.61
N ASP S 290 31.14 -75.75 42.41
CA ASP S 290 29.93 -76.48 42.77
C ASP S 290 28.85 -76.18 41.75
N ALA S 291 28.32 -77.24 41.12
CA ALA S 291 27.35 -77.05 40.04
C ALA S 291 26.19 -76.18 40.51
N ASP S 292 25.77 -76.36 41.77
CA ASP S 292 24.75 -75.49 42.36
C ASP S 292 25.21 -74.03 42.32
N ALA S 293 26.44 -73.77 42.73
CA ALA S 293 26.96 -72.41 42.77
C ALA S 293 26.99 -71.80 41.39
N GLN S 294 27.43 -72.56 40.37
CA GLN S 294 27.46 -71.97 39.04
C GLN S 294 26.06 -71.69 38.50
N ARG S 295 25.11 -72.63 38.65
CA ARG S 295 23.88 -72.37 37.92
C ARG S 295 22.97 -71.43 38.71
N GLU S 296 23.34 -71.11 39.95
CA GLU S 296 22.63 -70.03 40.64
C GLU S 296 23.49 -68.78 40.85
N GLY S 297 24.68 -68.73 40.26
CA GLY S 297 25.48 -67.51 40.28
C GLY S 297 26.26 -67.23 41.54
N ILE S 298 26.66 -68.26 42.28
CA ILE S 298 27.46 -68.09 43.48
C ILE S 298 28.90 -68.46 43.14
N ASN S 299 29.25 -68.33 41.86
CA ASN S 299 30.64 -68.49 41.45
C ASN S 299 31.51 -67.36 42.00
N ALA S 300 30.91 -66.20 42.30
CA ALA S 300 31.63 -65.05 42.84
C ALA S 300 31.00 -64.68 44.18
N SER S 301 31.54 -65.25 45.25
CA SER S 301 30.98 -65.02 46.58
C SER S 301 32.03 -65.34 47.62
N ALA S 302 31.61 -65.25 48.89
CA ALA S 302 32.49 -65.61 49.98
C ALA S 302 32.47 -67.11 50.25
N ARG S 303 31.33 -67.63 50.71
CA ARG S 303 31.21 -69.00 51.19
C ARG S 303 30.00 -69.65 50.54
N TYR S 304 29.97 -70.98 50.60
CA TYR S 304 28.81 -71.71 50.12
C TYR S 304 28.54 -72.95 50.97
N PRO S 305 27.42 -72.99 51.69
CA PRO S 305 27.03 -74.22 52.40
C PRO S 305 26.07 -75.07 51.59
N LYS S 306 25.94 -76.34 51.95
CA LYS S 306 24.83 -77.15 51.43
C LYS S 306 24.65 -78.38 52.31
N ASN S 307 23.40 -78.86 52.36
CA ASN S 307 23.07 -80.12 52.99
C ASN S 307 22.49 -81.05 51.93
N TRP S 308 22.99 -82.28 51.88
CA TRP S 308 22.81 -83.09 50.70
C TRP S 308 22.99 -84.57 51.00
N VAL S 309 22.20 -85.39 50.30
CA VAL S 309 22.12 -86.83 50.54
C VAL S 309 22.85 -87.56 49.42
N THR S 310 23.66 -88.54 49.79
CA THR S 310 24.29 -89.47 48.85
C THR S 310 23.49 -90.75 48.80
N THR S 311 23.08 -91.15 47.59
CA THR S 311 22.38 -92.39 47.35
C THR S 311 23.32 -93.40 46.71
N GLY S 312 23.39 -94.59 47.31
CA GLY S 312 24.23 -95.64 46.79
C GLY S 312 25.18 -96.23 47.81
N ASP S 313 26.48 -96.29 47.47
CA ASP S 313 27.45 -96.85 48.40
C ASP S 313 27.54 -96.03 49.69
N PRO S 314 27.88 -94.74 49.66
CA PRO S 314 27.84 -93.96 50.90
C PRO S 314 26.49 -93.31 51.12
N ALA S 315 25.44 -94.15 51.17
CA ALA S 315 24.08 -93.63 51.22
C ALA S 315 23.85 -92.98 52.56
N ARG S 316 24.12 -91.67 52.63
CA ARG S 316 24.16 -90.93 53.88
C ARG S 316 23.73 -89.50 53.57
N GLU S 317 24.01 -88.58 54.49
CA GLU S 317 23.70 -87.18 54.26
C GLU S 317 24.72 -86.32 54.98
N PHE S 318 25.19 -85.27 54.30
CA PHE S 318 26.35 -84.50 54.70
C PHE S 318 26.07 -83.01 54.60
N THR S 319 26.89 -82.24 55.31
CA THR S 319 26.97 -80.80 55.16
C THR S 319 28.32 -80.44 54.56
N MET S 320 28.28 -79.66 53.47
CA MET S 320 29.44 -79.37 52.64
C MET S 320 29.65 -77.86 52.66
N ILE S 321 30.89 -77.42 52.91
CA ILE S 321 31.20 -76.01 52.93
C ILE S 321 32.32 -75.76 51.92
N GLN S 322 32.14 -74.76 51.07
CA GLN S 322 33.11 -74.47 50.01
C GLN S 322 33.48 -72.99 50.02
N SER S 323 34.76 -72.72 49.80
CA SER S 323 35.29 -71.36 49.78
C SER S 323 36.58 -71.37 48.98
N ALA S 324 37.12 -70.17 48.72
CA ALA S 324 38.39 -70.03 48.00
C ALA S 324 39.01 -68.69 48.32
N PRO S 325 39.57 -68.52 49.52
CA PRO S 325 40.24 -67.27 49.86
C PRO S 325 41.71 -67.26 49.47
N LEU S 326 42.18 -66.07 49.09
CA LEU S 326 43.61 -65.85 48.86
C LEU S 326 43.99 -64.47 49.40
N MET S 327 43.46 -64.16 50.58
CA MET S 327 43.73 -62.92 51.29
C MET S 327 45.23 -62.62 51.40
N LEU S 328 45.58 -61.38 51.09
CA LEU S 328 46.94 -60.87 51.16
C LEU S 328 46.89 -59.44 51.69
N LEU S 329 48.05 -58.79 51.74
CA LEU S 329 48.17 -57.40 52.13
C LEU S 329 48.59 -56.57 50.93
N ALA S 330 47.94 -55.42 50.74
CA ALA S 330 48.26 -54.56 49.60
C ALA S 330 49.67 -54.01 49.72
N ASP S 331 50.05 -53.54 50.90
CA ASP S 331 51.38 -52.98 51.14
C ASP S 331 52.13 -53.85 52.13
N PRO S 332 52.96 -54.78 51.67
CA PRO S 332 53.80 -55.55 52.62
C PRO S 332 54.77 -54.67 53.38
N ASP S 333 55.20 -53.56 52.79
CA ASP S 333 56.08 -52.61 53.46
C ASP S 333 55.40 -51.85 54.59
N GLU S 334 54.07 -51.95 54.69
CA GLU S 334 53.34 -51.26 55.74
C GLU S 334 53.72 -51.77 57.13
N PHE S 335 54.09 -53.04 57.25
CA PHE S 335 54.45 -53.61 58.54
C PHE S 335 55.91 -54.05 58.53
N VAL S 336 56.62 -53.65 59.58
CA VAL S 336 57.97 -54.11 59.85
C VAL S 336 57.88 -55.33 60.76
N SER S 337 58.41 -56.45 60.30
CA SER S 337 58.34 -57.72 61.02
C SER S 337 59.68 -57.97 61.69
N VAL S 338 59.66 -58.05 63.03
CA VAL S 338 60.86 -58.18 63.83
C VAL S 338 60.74 -59.41 64.70
N GLN S 339 61.77 -60.24 64.70
CA GLN S 339 61.91 -61.29 65.70
C GLN S 339 62.68 -60.71 66.88
N LEU S 340 62.19 -61.00 68.09
CA LEU S 340 62.66 -60.34 69.29
C LEU S 340 63.77 -61.13 69.96
N ALA S 341 64.32 -60.55 71.03
CA ALA S 341 65.37 -61.18 71.80
C ALA S 341 64.87 -62.46 72.47
N ALA T 7 26.20 -42.41 31.20
CA ALA T 7 25.78 -41.03 31.43
C ALA T 7 24.40 -40.98 32.08
N GLN T 8 24.38 -40.67 33.38
CA GLN T 8 23.15 -40.55 34.13
C GLN T 8 22.98 -39.10 34.60
N LEU T 9 21.74 -38.76 34.95
CA LEU T 9 21.36 -37.38 35.16
C LEU T 9 22.06 -36.78 36.37
N LEU T 10 21.94 -35.45 36.51
CA LEU T 10 22.53 -34.73 37.62
C LEU T 10 21.94 -35.14 38.96
N ALA T 11 20.63 -35.40 39.00
CA ALA T 11 19.96 -35.69 40.26
C ALA T 11 20.43 -36.98 40.92
N ALA T 12 21.16 -37.83 40.20
CA ALA T 12 21.72 -39.05 40.79
C ALA T 12 22.99 -38.73 41.57
N ASN T 13 22.83 -37.85 42.56
CA ASN T 13 23.92 -37.37 43.39
C ASN T 13 23.49 -37.34 44.86
N GLU T 14 22.84 -38.41 45.31
CA GLU T 14 22.28 -38.46 46.67
C GLU T 14 23.24 -39.23 47.57
N GLN T 15 23.76 -38.55 48.59
CA GLN T 15 24.62 -39.18 49.59
C GLN T 15 24.01 -39.17 50.98
N LYS T 16 23.63 -38.00 51.48
CA LYS T 16 23.28 -37.79 52.90
C LYS T 16 24.42 -38.24 53.81
N PHE T 17 25.65 -38.11 53.33
CA PHE T 17 26.86 -38.49 54.06
C PHE T 17 27.77 -37.26 54.15
N LYS T 18 27.57 -36.46 55.19
CA LYS T 18 28.44 -35.31 55.47
C LYS T 18 29.10 -35.57 56.81
N PHE T 19 30.34 -36.07 56.78
CA PHE T 19 31.06 -36.51 57.95
C PHE T 19 32.49 -35.98 57.96
N ASP T 20 32.63 -34.69 57.67
CA ASP T 20 33.93 -34.03 57.75
C ASP T 20 34.40 -33.94 59.20
N PRO T 21 35.70 -34.08 59.48
CA PRO T 21 36.20 -34.13 60.87
C PRO T 21 36.21 -32.79 61.61
N LEU T 22 35.00 -32.30 61.88
CA LEU T 22 34.76 -31.22 62.85
C LEU T 22 35.43 -29.90 62.48
N PHE T 23 36.02 -29.80 61.30
CA PHE T 23 36.64 -28.55 60.87
C PHE T 23 35.76 -27.74 59.94
N LEU T 24 35.40 -28.30 58.79
CA LEU T 24 34.55 -27.61 57.83
C LEU T 24 33.10 -27.54 58.28
N ARG T 25 32.73 -28.28 59.32
CA ARG T 25 31.37 -28.32 59.83
C ARG T 25 31.18 -27.54 61.12
N LEU T 26 32.26 -27.24 61.83
CA LEU T 26 32.19 -26.62 63.15
C LEU T 26 32.92 -25.29 63.24
N PHE T 27 34.11 -25.17 62.66
CA PHE T 27 34.80 -23.88 62.62
C PHE T 27 34.57 -23.13 61.31
N PHE T 28 34.33 -23.83 60.21
CA PHE T 28 34.33 -23.23 58.88
C PHE T 28 32.98 -23.39 58.19
N ARG T 29 31.90 -23.06 58.91
CA ARG T 29 30.56 -23.16 58.37
C ARG T 29 30.24 -22.06 57.34
N GLU T 30 31.12 -21.06 57.21
CA GLU T 30 30.76 -19.77 56.63
C GLU T 30 30.97 -19.80 55.12
N SER T 31 30.13 -20.54 54.40
CA SER T 31 30.32 -20.81 52.98
C SER T 31 29.98 -19.58 52.13
N TYR T 32 30.83 -19.30 51.14
CA TYR T 32 30.58 -18.20 50.21
C TYR T 32 30.91 -18.63 48.78
N PRO T 33 30.07 -19.45 48.16
CA PRO T 33 30.24 -19.68 46.72
C PRO T 33 29.87 -18.44 45.90
N PHE T 34 30.71 -18.16 44.90
CA PHE T 34 30.63 -16.94 44.11
C PHE T 34 30.34 -17.28 42.65
N THR T 35 29.83 -16.27 41.94
CA THR T 35 29.71 -16.31 40.49
C THR T 35 30.99 -15.79 39.83
N THR T 36 32.00 -15.47 40.63
CA THR T 36 33.24 -14.88 40.17
C THR T 36 34.41 -15.78 40.56
N GLU T 37 35.49 -15.66 39.78
CA GLU T 37 36.61 -16.60 39.90
C GLU T 37 37.22 -16.58 41.29
N LYS T 38 37.80 -15.45 41.68
CA LYS T 38 38.61 -15.36 42.88
C LYS T 38 37.74 -15.17 44.12
N VAL T 39 38.41 -15.08 45.26
CA VAL T 39 37.79 -14.63 46.51
C VAL T 39 38.07 -13.15 46.66
N TYR T 40 37.01 -12.40 47.00
CA TYR T 40 37.11 -10.96 47.14
C TYR T 40 36.71 -10.62 48.58
N LEU T 41 37.68 -10.68 49.49
CA LEU T 41 37.40 -10.47 50.90
C LEU T 41 36.77 -9.12 51.15
N SER T 42 37.04 -8.13 50.30
CA SER T 42 36.32 -6.87 50.37
C SER T 42 34.83 -7.07 50.10
N GLN T 43 34.49 -8.00 49.20
CA GLN T 43 33.09 -8.28 48.92
C GLN T 43 32.40 -8.96 50.10
N ILE T 44 33.05 -9.91 50.76
CA ILE T 44 32.47 -10.54 51.94
C ILE T 44 32.29 -9.49 53.03
N PRO T 45 31.11 -9.38 53.66
CA PRO T 45 30.98 -8.44 54.77
C PRO T 45 31.86 -8.81 55.95
N GLY T 46 32.04 -10.10 56.18
CA GLY T 46 32.78 -10.58 57.34
C GLY T 46 32.20 -10.01 58.62
N LEU T 47 33.07 -9.50 59.46
CA LEU T 47 32.64 -8.70 60.59
C LEU T 47 32.21 -7.31 60.11
N VAL T 48 31.06 -6.86 60.61
CA VAL T 48 30.47 -5.59 60.22
C VAL T 48 30.93 -4.51 61.19
N ASN T 49 31.18 -3.31 60.69
CA ASN T 49 31.43 -2.15 61.54
C ASN T 49 30.19 -1.95 62.43
N MET T 50 30.37 -2.18 63.73
CA MET T 50 29.25 -2.58 64.58
C MET T 50 29.27 -1.87 65.93
N ALA T 51 29.39 -0.55 65.96
CA ALA T 51 29.31 0.16 67.23
C ALA T 51 28.52 1.46 67.16
N LEU T 52 28.78 2.30 66.16
CA LEU T 52 28.39 3.70 66.21
C LEU T 52 26.89 3.87 66.00
N TYR T 53 26.30 4.81 66.74
CA TYR T 53 24.94 5.25 66.50
C TYR T 53 24.96 6.71 66.03
N VAL T 54 23.77 7.30 65.94
CA VAL T 54 23.64 8.67 65.46
C VAL T 54 22.81 9.48 66.47
N SER T 55 22.96 10.79 66.40
CA SER T 55 22.32 11.70 67.34
C SER T 55 20.80 11.63 67.23
N PRO T 56 20.08 11.94 68.32
CA PRO T 56 18.62 11.91 68.26
C PRO T 56 17.99 13.10 67.53
N ILE T 57 18.53 13.46 66.37
CA ILE T 57 17.91 14.46 65.52
C ILE T 57 17.73 13.90 64.11
N VAL T 58 18.81 13.42 63.51
CA VAL T 58 18.78 12.80 62.20
C VAL T 58 19.70 11.58 62.24
N SER T 59 19.82 10.91 61.09
CA SER T 59 20.70 9.75 61.00
C SER T 59 21.86 10.03 60.06
N GLY T 60 22.88 9.17 60.14
CA GLY T 60 24.15 9.41 59.49
C GLY T 60 24.25 8.81 58.10
N GLU T 61 25.48 8.50 57.73
CA GLU T 61 25.83 8.08 56.38
C GLU T 61 25.45 6.62 56.14
N VAL T 62 25.81 6.10 54.97
CA VAL T 62 25.51 4.73 54.59
C VAL T 62 26.70 3.86 54.96
N ILE T 63 26.43 2.71 55.57
CA ILE T 63 27.47 1.77 56.00
C ILE T 63 27.54 0.64 54.98
N ARG T 64 28.75 0.27 54.59
CA ARG T 64 29.03 -0.69 53.53
C ARG T 64 29.69 -1.92 54.12
N SER T 65 30.04 -2.87 53.24
CA SER T 65 31.00 -3.91 53.57
C SER T 65 32.37 -3.24 53.63
N ARG T 66 33.03 -3.35 54.78
CA ARG T 66 34.12 -2.43 55.12
C ARG T 66 35.44 -2.79 54.43
N GLY T 67 35.36 -2.93 53.10
CA GLY T 67 36.51 -2.93 52.23
C GLY T 67 37.74 -3.69 52.67
N GLY T 68 37.67 -5.02 52.67
CA GLY T 68 38.81 -5.84 53.03
C GLY T 68 40.06 -5.48 52.27
N SER T 69 41.18 -5.38 52.98
CA SER T 69 42.41 -4.87 52.36
C SER T 69 42.88 -5.77 51.22
N THR T 70 42.93 -7.08 51.46
CA THR T 70 43.33 -8.04 50.43
C THR T 70 42.11 -8.84 50.01
N SER T 71 41.79 -8.77 48.71
CA SER T 71 40.61 -9.42 48.17
C SER T 71 40.88 -10.18 46.87
N GLU T 72 42.00 -10.91 46.78
CA GLU T 72 42.38 -11.57 45.55
C GLU T 72 43.23 -12.80 45.88
N PHE T 73 42.58 -13.98 45.93
CA PHE T 73 43.29 -15.25 46.00
C PHE T 73 42.60 -16.25 45.08
N THR T 74 43.36 -17.26 44.66
CA THR T 74 42.88 -18.23 43.69
C THR T 74 42.26 -19.42 44.39
N PRO T 75 40.97 -19.67 44.23
CA PRO T 75 40.37 -20.89 44.82
C PRO T 75 40.96 -22.14 44.19
N GLY T 76 40.98 -23.21 44.97
CA GLY T 76 41.48 -24.49 44.51
C GLY T 76 40.49 -25.21 43.62
N TYR T 77 40.35 -24.76 42.38
CA TYR T 77 39.41 -25.41 41.49
C TYR T 77 39.89 -26.82 41.21
N VAL T 78 39.24 -27.77 41.87
CA VAL T 78 39.57 -29.18 41.81
C VAL T 78 38.49 -29.89 41.00
N LYS T 79 38.87 -30.42 39.86
CA LYS T 79 37.89 -31.24 39.16
C LYS T 79 38.49 -32.59 38.80
N PRO T 80 38.38 -33.59 39.67
CA PRO T 80 38.81 -34.93 39.30
C PRO T 80 37.69 -35.73 38.65
N LYS T 81 38.01 -36.94 38.23
CA LYS T 81 37.03 -37.83 37.63
C LYS T 81 37.45 -39.26 37.84
N HIS T 82 36.56 -40.18 37.47
CA HIS T 82 36.91 -41.59 37.41
C HIS T 82 36.05 -42.26 36.35
N GLU T 83 36.36 -43.53 36.11
CA GLU T 83 35.52 -44.39 35.29
C GLU T 83 34.65 -45.26 36.18
N VAL T 84 33.47 -45.59 35.67
CA VAL T 84 32.56 -46.51 36.33
C VAL T 84 32.26 -47.66 35.39
N ASN T 85 33.27 -48.06 34.61
CA ASN T 85 33.14 -49.09 33.60
C ASN T 85 32.59 -50.38 34.21
N PRO T 86 31.47 -50.90 33.70
CA PRO T 86 30.88 -52.11 34.28
C PRO T 86 31.67 -53.37 33.98
N GLN T 87 32.94 -53.39 34.37
CA GLN T 87 33.76 -54.58 34.26
C GLN T 87 34.17 -55.14 35.63
N MET T 88 33.92 -54.43 36.71
CA MET T 88 34.31 -54.90 38.04
C MET T 88 33.17 -55.65 38.72
N THR T 89 33.54 -56.58 39.60
CA THR T 89 32.67 -56.91 40.70
C THR T 89 32.84 -55.86 41.80
N LEU T 90 31.71 -55.42 42.35
CA LEU T 90 31.65 -54.21 43.15
C LEU T 90 31.66 -54.53 44.64
N ARG T 91 31.50 -53.49 45.46
CA ARG T 91 31.30 -53.70 46.89
C ARG T 91 29.96 -54.40 47.08
N ARG T 92 29.95 -55.67 47.50
CA ARG T 92 28.69 -56.36 47.73
C ARG T 92 28.33 -56.31 49.21
N LEU T 93 27.48 -55.35 49.57
CA LEU T 93 26.85 -55.38 50.88
C LEU T 93 26.26 -56.78 51.11
N PRO T 94 26.38 -57.33 52.33
CA PRO T 94 26.03 -58.74 52.53
C PRO T 94 24.66 -59.15 52.01
N ASP T 95 24.67 -59.94 50.93
CA ASP T 95 23.53 -60.71 50.44
C ASP T 95 22.25 -59.89 50.26
N GLU T 96 22.35 -58.73 49.61
CA GLU T 96 21.15 -58.08 49.06
C GLU T 96 21.02 -58.37 47.58
N ASP T 97 20.70 -59.63 47.27
CA ASP T 97 20.29 -60.07 45.95
C ASP T 97 21.30 -59.71 44.86
N PRO T 98 22.44 -60.40 44.77
CA PRO T 98 23.44 -60.05 43.74
C PRO T 98 22.92 -60.14 42.32
N GLN T 99 21.68 -60.56 42.11
CA GLN T 99 21.10 -60.53 40.78
C GLN T 99 21.05 -59.12 40.22
N ASN T 100 20.82 -58.11 41.07
CA ASN T 100 20.84 -56.74 40.57
C ASN T 100 22.25 -56.27 40.28
N LEU T 101 23.26 -56.75 41.01
CA LEU T 101 24.63 -56.50 40.57
C LEU T 101 24.88 -57.11 39.20
N ALA T 102 24.33 -58.31 38.95
CA ALA T 102 24.39 -58.89 37.62
C ALA T 102 23.77 -57.96 36.57
N ASP T 103 22.82 -57.13 36.96
CA ASP T 103 22.31 -56.10 36.06
C ASP T 103 23.39 -55.07 35.79
N PRO T 104 23.69 -54.76 34.52
CA PRO T 104 24.53 -53.58 34.26
C PRO T 104 23.93 -52.28 34.75
N ALA T 105 22.61 -52.16 34.81
CA ALA T 105 22.00 -50.91 35.28
C ALA T 105 22.28 -50.68 36.75
N TYR T 106 22.01 -51.68 37.60
CA TYR T 106 22.25 -51.49 39.02
C TYR T 106 23.74 -51.40 39.33
N ARG T 107 24.56 -52.22 38.66
CA ARG T 107 26.00 -52.12 38.90
C ARG T 107 26.47 -50.72 38.54
N ARG T 108 26.04 -50.20 37.40
CA ARG T 108 26.52 -48.89 36.97
C ARG T 108 26.03 -47.79 37.91
N ARG T 109 24.78 -47.86 38.37
CA ARG T 109 24.31 -46.78 39.23
C ARG T 109 24.96 -46.83 40.61
N ARG T 110 25.11 -48.00 41.21
CA ARG T 110 25.71 -47.98 42.54
C ARG T 110 27.23 -47.82 42.43
N ILE T 111 27.82 -48.12 41.27
CA ILE T 111 29.24 -47.82 41.10
C ILE T 111 29.47 -46.34 40.85
N ILE T 112 28.53 -45.63 40.21
CA ILE T 112 28.68 -44.19 40.19
C ILE T 112 28.46 -43.63 41.58
N MET T 113 27.58 -44.26 42.36
CA MET T 113 27.46 -43.89 43.78
C MET T 113 28.81 -44.00 44.48
N GLN T 114 29.45 -45.16 44.36
CA GLN T 114 30.74 -45.41 45.02
C GLN T 114 31.82 -44.46 44.49
N ASN T 115 31.88 -44.29 43.18
CA ASN T 115 32.86 -43.41 42.57
C ASN T 115 32.70 -42.00 43.09
N MET T 116 31.48 -41.46 43.04
CA MET T 116 31.30 -40.07 43.42
C MET T 116 31.56 -39.89 44.91
N ARG T 117 31.18 -40.87 45.75
CA ARG T 117 31.44 -40.70 47.17
C ARG T 117 32.93 -40.69 47.45
N ASP T 118 33.69 -41.56 46.78
CA ASP T 118 35.15 -41.43 46.83
C ASP T 118 35.57 -40.02 46.43
N GLU T 119 34.90 -39.45 45.44
CA GLU T 119 35.27 -38.13 44.93
C GLU T 119 35.07 -37.05 46.00
N GLU T 120 33.89 -36.99 46.64
CA GLU T 120 33.72 -35.90 47.59
C GLU T 120 34.53 -36.16 48.85
N LEU T 121 34.78 -37.41 49.21
CA LEU T 121 35.65 -37.62 50.36
C LEU T 121 37.09 -37.27 50.01
N ALA T 122 37.47 -37.39 48.73
CA ALA T 122 38.78 -36.91 48.30
C ALA T 122 38.88 -35.39 48.44
N ILE T 123 37.88 -34.68 47.94
CA ILE T 123 37.93 -33.22 48.07
C ILE T 123 37.83 -32.82 49.53
N ALA T 124 37.11 -33.62 50.34
CA ALA T 124 37.00 -33.34 51.77
C ALA T 124 38.34 -33.53 52.47
N GLN T 125 39.08 -34.57 52.12
CA GLN T 125 40.38 -34.79 52.75
C GLN T 125 41.41 -33.77 52.32
N VAL T 126 41.40 -33.36 51.05
CA VAL T 126 42.29 -32.28 50.66
C VAL T 126 41.88 -30.97 51.32
N GLU T 127 40.57 -30.78 51.53
CA GLU T 127 40.09 -29.60 52.22
C GLU T 127 40.51 -29.63 53.69
N GLU T 128 40.55 -30.82 54.28
CA GLU T 128 41.01 -30.95 55.67
C GLU T 128 42.51 -30.70 55.78
N MET T 129 43.29 -31.11 54.77
CA MET T 129 44.70 -30.70 54.77
C MET T 129 44.82 -29.18 54.66
N GLN T 130 44.00 -28.56 53.82
CA GLN T 130 43.98 -27.09 53.78
C GLN T 130 43.63 -26.51 55.14
N ALA T 131 42.66 -27.10 55.83
CA ALA T 131 42.24 -26.62 57.15
C ALA T 131 43.36 -26.76 58.18
N VAL T 132 44.09 -27.89 58.15
CA VAL T 132 45.13 -28.10 59.14
C VAL T 132 46.31 -27.16 58.86
N SER T 133 46.65 -26.94 57.59
CA SER T 133 47.64 -25.90 57.28
C SER T 133 47.16 -24.54 57.78
N ALA T 134 45.90 -24.22 57.51
CA ALA T 134 45.34 -22.92 57.86
C ALA T 134 45.42 -22.68 59.36
N VAL T 135 44.68 -23.46 60.14
CA VAL T 135 44.89 -23.36 61.58
C VAL T 135 45.90 -24.42 62.00
N LEU T 136 47.13 -24.28 61.50
CA LEU T 136 48.36 -24.53 62.24
C LEU T 136 49.43 -23.50 61.97
N LYS T 137 49.38 -22.78 60.84
CA LYS T 137 50.36 -21.72 60.61
C LYS T 137 49.79 -20.44 60.03
N GLY T 138 48.52 -20.38 59.66
CA GLY T 138 47.97 -19.19 59.03
C GLY T 138 48.31 -19.06 57.56
N LYS T 139 49.18 -19.92 57.05
CA LYS T 139 49.60 -19.96 55.67
C LYS T 139 48.97 -21.17 54.99
N TYR T 140 48.52 -20.99 53.75
CA TYR T 140 48.06 -22.10 52.94
C TYR T 140 48.76 -22.05 51.60
N THR T 141 49.18 -23.22 51.11
CA THR T 141 49.88 -23.35 49.84
C THR T 141 48.88 -23.73 48.76
N MET T 142 48.31 -22.73 48.09
CA MET T 142 47.59 -22.92 46.85
C MET T 142 48.58 -23.28 45.76
N THR T 143 48.82 -24.57 45.56
CA THR T 143 49.89 -25.00 44.67
C THR T 143 49.52 -26.29 43.96
N GLY T 144 50.19 -26.51 42.84
CA GLY T 144 50.05 -27.72 42.07
C GLY T 144 50.92 -27.60 40.84
N GLU T 145 51.25 -28.76 40.27
CA GLU T 145 52.07 -28.74 39.06
C GLU T 145 51.30 -28.08 37.93
N ALA T 146 52.04 -27.40 37.05
CA ALA T 146 51.45 -26.52 36.03
C ALA T 146 50.53 -25.49 36.66
N PHE T 147 50.97 -24.91 37.78
CA PHE T 147 50.22 -23.89 38.49
C PHE T 147 51.16 -23.20 39.47
N ASP T 148 51.10 -21.87 39.50
CA ASP T 148 52.00 -21.13 40.38
C ASP T 148 51.60 -21.32 41.84
N PRO T 149 52.56 -21.47 42.75
CA PRO T 149 52.21 -21.58 44.17
C PRO T 149 51.90 -20.21 44.77
N VAL T 150 50.63 -19.98 45.06
CA VAL T 150 50.17 -18.79 45.76
C VAL T 150 50.09 -19.12 47.25
N GLU T 151 50.76 -18.32 48.06
CA GLU T 151 50.62 -18.40 49.51
C GLU T 151 49.44 -17.54 49.93
N VAL T 152 48.42 -18.18 50.49
CA VAL T 152 47.23 -17.49 50.98
C VAL T 152 47.38 -17.39 52.49
N ASP T 153 47.56 -16.18 53.00
CA ASP T 153 47.83 -15.95 54.41
C ASP T 153 46.64 -15.25 55.05
N MET T 154 46.10 -15.85 56.11
CA MET T 154 45.12 -15.10 56.91
C MET T 154 45.78 -14.02 57.76
N GLY T 155 47.03 -14.23 58.17
CA GLY T 155 47.73 -13.23 58.95
C GLY T 155 48.04 -13.67 60.36
N ARG T 156 48.32 -14.96 60.54
CA ARG T 156 48.63 -15.47 61.87
C ARG T 156 49.83 -14.75 62.45
N SER T 157 49.67 -14.25 63.67
CA SER T 157 50.67 -13.42 64.32
C SER T 157 51.77 -14.27 64.95
N GLU T 158 52.84 -13.58 65.37
CA GLU T 158 53.98 -14.27 65.97
C GLU T 158 53.63 -14.89 67.32
N GLU T 159 52.87 -14.17 68.16
CA GLU T 159 52.44 -14.75 69.42
C GLU T 159 51.48 -15.92 69.22
N ASN T 160 50.91 -16.07 68.03
CA ASN T 160 50.15 -17.26 67.69
C ASN T 160 51.02 -18.38 67.14
N ASN T 161 52.34 -18.16 67.06
CA ASN T 161 53.28 -19.16 66.57
C ASN T 161 54.40 -19.40 67.57
N ILE T 162 54.17 -19.01 68.83
CA ILE T 162 55.19 -19.22 69.84
C ILE T 162 55.29 -20.70 70.19
N THR T 163 56.51 -21.13 70.51
CA THR T 163 56.86 -22.54 70.56
C THR T 163 57.14 -23.00 71.98
N GLN T 164 56.73 -24.23 72.28
CA GLN T 164 57.01 -24.83 73.59
C GLN T 164 58.48 -25.17 73.77
N SER T 165 59.18 -25.60 72.72
CA SER T 165 60.58 -25.95 72.87
C SER T 165 61.43 -24.74 73.23
N GLY T 166 60.98 -23.54 72.88
CA GLY T 166 61.67 -22.34 73.30
C GLY T 166 61.68 -22.24 74.83
N GLY T 167 62.87 -22.02 75.38
CA GLY T 167 63.01 -21.97 76.83
C GLY T 167 63.07 -23.35 77.45
N THR T 168 62.01 -23.72 78.18
CA THR T 168 61.92 -25.00 78.86
C THR T 168 60.89 -25.88 78.17
N GLU T 169 61.27 -27.11 77.87
CA GLU T 169 60.40 -28.07 77.20
C GLU T 169 59.66 -28.91 78.23
N TRP T 170 58.45 -29.34 77.86
CA TRP T 170 57.70 -30.24 78.73
C TRP T 170 58.41 -31.57 78.89
N SER T 171 59.06 -32.06 77.85
CA SER T 171 59.92 -33.22 77.99
C SER T 171 61.05 -32.95 78.97
N LYS T 172 61.62 -31.75 78.91
CA LYS T 172 62.66 -31.32 79.85
C LYS T 172 62.05 -30.67 81.09
N ARG T 173 61.12 -31.37 81.72
CA ARG T 173 60.48 -30.91 82.94
C ARG T 173 60.21 -32.11 83.84
N ASP T 174 59.76 -31.83 85.06
CA ASP T 174 59.40 -32.89 85.98
C ASP T 174 58.13 -33.59 85.50
N LYS T 175 58.24 -34.90 85.26
CA LYS T 175 57.11 -35.69 84.80
C LYS T 175 56.05 -35.89 85.87
N SER T 176 56.32 -35.51 87.11
CA SER T 176 55.41 -35.75 88.22
C SER T 176 54.80 -34.49 88.81
N THR T 177 55.59 -33.45 89.07
CA THR T 177 55.10 -32.28 89.78
C THR T 177 54.77 -31.10 88.87
N TYR T 178 55.41 -30.98 87.72
CA TYR T 178 55.14 -29.85 86.84
C TYR T 178 53.72 -29.92 86.30
N ASP T 179 53.05 -28.77 86.27
CA ASP T 179 51.71 -28.65 85.73
C ASP T 179 51.75 -27.80 84.46
N PRO T 180 51.42 -28.35 83.29
CA PRO T 180 51.41 -27.54 82.07
C PRO T 180 50.21 -26.64 81.93
N THR T 181 49.33 -26.58 82.94
CA THR T 181 48.21 -25.65 82.90
C THR T 181 48.70 -24.21 82.83
N ASP T 182 49.79 -23.90 83.54
CA ASP T 182 50.36 -22.56 83.46
C ASP T 182 50.67 -22.18 82.02
N ASP T 183 51.33 -23.06 81.28
CA ASP T 183 51.52 -22.85 79.85
C ASP T 183 50.19 -22.80 79.11
N ILE T 184 49.19 -23.52 79.59
CA ILE T 184 47.90 -23.53 78.91
C ILE T 184 47.30 -22.13 78.90
N GLU T 185 47.22 -21.47 80.07
CA GLU T 185 46.71 -20.10 80.02
C GLU T 185 47.74 -19.14 79.42
N ALA T 186 49.03 -19.46 79.51
CA ALA T 186 50.03 -18.60 78.89
C ALA T 186 49.82 -18.49 77.39
N TYR T 187 49.51 -19.61 76.74
CA TYR T 187 49.25 -19.59 75.31
C TYR T 187 47.80 -19.19 75.01
N ALA T 188 46.88 -19.41 75.94
CA ALA T 188 45.49 -19.06 75.70
C ALA T 188 45.21 -17.56 75.84
N LEU T 189 46.00 -16.84 76.62
CA LEU T 189 45.72 -15.42 76.86
C LEU T 189 45.82 -14.61 75.58
N ASN T 190 46.82 -14.87 74.76
CA ASN T 190 46.98 -14.15 73.49
C ASN T 190 46.33 -14.91 72.35
N ALA T 191 45.07 -15.33 72.56
CA ALA T 191 44.31 -16.03 71.54
C ALA T 191 43.05 -15.29 71.12
N SER T 192 42.84 -14.08 71.62
CA SER T 192 41.67 -13.27 71.28
C SER T 192 40.38 -14.01 71.60
N GLY T 193 40.36 -14.71 72.73
CA GLY T 193 39.16 -15.39 73.15
C GLY T 193 39.46 -16.54 74.09
N VAL T 194 38.41 -17.26 74.42
CA VAL T 194 38.47 -18.40 75.33
C VAL T 194 38.70 -19.68 74.53
N VAL T 195 39.52 -20.56 75.08
CA VAL T 195 39.80 -21.86 74.48
C VAL T 195 39.01 -22.92 75.25
N ASN T 196 38.29 -23.77 74.52
CA ASN T 196 37.48 -24.80 75.17
C ASN T 196 37.70 -26.20 74.59
N ILE T 197 38.64 -26.36 73.65
CA ILE T 197 39.07 -27.69 73.20
C ILE T 197 40.59 -27.68 73.15
N ILE T 198 41.20 -28.75 73.66
CA ILE T 198 42.66 -28.84 73.73
C ILE T 198 43.11 -30.02 72.86
N VAL T 199 42.44 -30.23 71.73
CA VAL T 199 42.73 -31.34 70.84
C VAL T 199 44.22 -31.39 70.49
N PHE T 200 44.84 -32.52 70.78
CA PHE T 200 46.25 -32.78 70.53
C PHE T 200 46.40 -33.79 69.39
N ASP T 201 47.59 -33.81 68.81
CA ASP T 201 48.03 -34.99 68.11
C ASP T 201 48.52 -36.03 69.13
N PRO T 202 48.52 -37.34 68.76
CA PRO T 202 48.64 -38.40 69.76
C PRO T 202 49.81 -38.28 70.74
N LYS T 203 51.04 -38.23 70.24
CA LYS T 203 52.17 -38.15 71.16
C LYS T 203 52.23 -36.80 71.86
N GLY T 204 51.67 -35.76 71.25
CA GLY T 204 51.55 -34.50 71.96
C GLY T 204 50.71 -34.63 73.21
N TRP T 205 49.54 -35.27 73.08
CA TRP T 205 48.74 -35.55 74.27
C TRP T 205 49.45 -36.53 75.19
N ALA T 206 50.29 -37.41 74.63
CA ALA T 206 51.03 -38.35 75.46
C ALA T 206 51.95 -37.63 76.43
N LEU T 207 52.79 -36.72 75.93
CA LEU T 207 53.67 -36.02 76.86
C LEU T 207 52.91 -34.95 77.66
N PHE T 208 51.76 -34.49 77.17
CA PHE T 208 50.91 -33.64 77.99
C PHE T 208 50.43 -34.38 79.24
N ARG T 209 49.89 -35.59 79.04
CA ARG T 209 49.37 -36.37 80.15
C ARG T 209 50.44 -37.07 80.97
N SER T 210 51.69 -37.14 80.45
CA SER T 210 52.77 -37.71 81.23
C SER T 210 52.94 -37.02 82.58
N PHE T 211 52.61 -35.74 82.66
CA PHE T 211 52.61 -35.04 83.94
C PHE T 211 51.49 -35.56 84.81
N LYS T 212 51.80 -35.87 86.08
CA LYS T 212 50.78 -36.38 86.99
C LYS T 212 49.68 -35.34 87.19
N ALA T 213 50.06 -34.10 87.52
CA ALA T 213 49.09 -33.03 87.72
C ALA T 213 48.01 -33.05 86.66
N VAL T 214 48.38 -33.33 85.40
CA VAL T 214 47.38 -33.50 84.35
C VAL T 214 46.44 -34.65 84.68
N LYS T 215 46.99 -35.79 85.11
CA LYS T 215 46.17 -36.99 85.19
C LYS T 215 45.26 -36.99 86.42
N GLU T 216 45.65 -36.35 87.52
CA GLU T 216 44.70 -36.14 88.60
C GLU T 216 43.97 -34.80 88.53
N LYS T 217 44.23 -33.99 87.51
CA LYS T 217 43.42 -32.80 87.26
C LYS T 217 42.32 -33.06 86.25
N LEU T 218 42.50 -34.03 85.36
CA LEU T 218 41.52 -34.30 84.33
C LEU T 218 40.39 -35.17 84.88
N ASP T 219 39.19 -34.94 84.37
CA ASP T 219 38.01 -35.73 84.71
C ASP T 219 37.71 -36.66 83.56
N THR T 220 37.86 -37.97 83.80
CA THR T 220 37.53 -38.97 82.78
C THR T 220 36.04 -39.06 82.53
N ARG T 221 35.21 -38.50 83.40
CA ARG T 221 33.77 -38.67 83.33
C ARG T 221 33.22 -37.98 82.09
N ARG T 222 32.01 -38.37 81.72
CA ARG T 222 31.30 -37.70 80.62
C ARG T 222 31.12 -36.23 80.94
N GLY T 223 30.34 -35.93 81.98
CA GLY T 223 29.97 -34.57 82.32
C GLY T 223 29.63 -33.80 81.06
N SER T 224 28.62 -34.28 80.33
CA SER T 224 28.43 -33.89 78.94
C SER T 224 28.26 -32.38 78.83
N ASN T 225 29.27 -31.72 78.27
CA ASN T 225 29.29 -30.27 78.19
C ASN T 225 28.47 -29.74 77.02
N SER T 226 28.64 -30.31 75.84
CA SER T 226 28.05 -29.74 74.65
C SER T 226 27.76 -30.88 73.66
N GLU T 227 27.57 -30.52 72.40
CA GLU T 227 27.36 -31.49 71.34
C GLU T 227 28.66 -32.10 70.84
N LEU T 228 29.79 -31.81 71.49
CA LEU T 228 31.05 -32.41 71.06
C LEU T 228 31.06 -33.91 71.30
N GLU T 229 30.40 -34.38 72.37
CA GLU T 229 30.24 -35.81 72.56
C GLU T 229 29.44 -36.42 71.42
N THR T 230 28.39 -35.74 70.97
CA THR T 230 27.62 -36.23 69.83
C THR T 230 28.48 -36.25 68.57
N ALA T 231 29.33 -35.24 68.39
CA ALA T 231 30.23 -35.21 67.25
C ALA T 231 31.20 -36.37 67.28
N VAL T 232 31.73 -36.70 68.46
CA VAL T 232 32.65 -37.83 68.58
C VAL T 232 31.90 -39.14 68.31
N LYS T 233 30.69 -39.28 68.84
CA LYS T 233 29.91 -40.48 68.55
C LYS T 233 29.65 -40.63 67.06
N ASP T 234 29.39 -39.52 66.37
CA ASP T 234 29.25 -39.56 64.92
C ASP T 234 30.56 -39.99 64.26
N LEU T 235 31.62 -39.22 64.46
CA LEU T 235 32.92 -39.51 63.87
C LEU T 235 33.82 -40.22 64.88
N GLY T 236 33.41 -41.42 65.28
CA GLY T 236 34.25 -42.25 66.10
C GLY T 236 35.51 -42.78 65.45
N LYS T 237 35.89 -42.21 64.30
CA LYS T 237 37.04 -42.72 63.56
C LYS T 237 38.35 -42.15 64.09
N ALA T 238 38.52 -40.82 64.03
CA ALA T 238 39.83 -40.24 64.25
C ALA T 238 39.84 -39.11 65.29
N VAL T 239 38.67 -38.65 65.73
CA VAL T 239 38.58 -37.72 66.86
C VAL T 239 38.24 -38.53 68.09
N SER T 240 39.04 -38.34 69.15
CA SER T 240 38.92 -39.13 70.36
C SER T 240 38.74 -38.19 71.55
N TYR T 241 37.56 -38.23 72.12
CA TYR T 241 37.21 -37.42 73.29
C TYR T 241 37.85 -38.04 74.52
N LYS T 242 39.05 -37.58 74.87
CA LYS T 242 39.75 -38.14 76.01
C LYS T 242 38.94 -37.95 77.29
N GLY T 243 38.37 -36.76 77.48
CA GLY T 243 37.57 -36.50 78.65
C GLY T 243 37.63 -35.02 79.02
N MET T 244 37.27 -34.74 80.26
CA MET T 244 37.38 -33.41 80.84
C MET T 244 38.72 -33.24 81.52
N TYR T 245 39.36 -32.10 81.28
CA TYR T 245 40.47 -31.64 82.09
C TYR T 245 39.98 -30.71 83.19
N GLY T 246 38.71 -30.89 83.56
CA GLY T 246 38.02 -29.97 84.44
C GLY T 246 37.30 -28.90 83.64
N ASP T 247 37.90 -27.71 83.59
CA ASP T 247 37.33 -26.60 82.84
C ASP T 247 37.24 -26.86 81.34
N VAL T 248 38.24 -27.50 80.75
CA VAL T 248 38.36 -27.56 79.30
C VAL T 248 38.23 -29.00 78.83
N ALA T 249 37.82 -29.17 77.58
CA ALA T 249 37.68 -30.49 76.98
C ALA T 249 39.01 -30.94 76.37
N ILE T 250 39.31 -32.22 76.53
CA ILE T 250 40.55 -32.82 76.00
C ILE T 250 40.16 -33.75 74.87
N VAL T 251 40.69 -33.47 73.67
CA VAL T 251 40.43 -34.29 72.49
C VAL T 251 41.77 -34.62 71.86
N VAL T 252 41.79 -35.69 71.05
CA VAL T 252 42.97 -36.05 70.27
C VAL T 252 42.51 -36.38 68.85
N TYR T 253 43.13 -35.75 67.86
CA TYR T 253 42.89 -36.07 66.47
C TYR T 253 44.05 -36.89 65.93
N SER T 254 43.74 -38.06 65.39
CA SER T 254 44.72 -38.95 64.78
C SER T 254 44.30 -39.31 63.36
N GLY T 255 43.72 -38.34 62.65
CA GLY T 255 43.30 -38.59 61.29
C GLY T 255 44.50 -38.77 60.37
N GLN T 256 44.30 -39.55 59.30
CA GLN T 256 45.37 -39.89 58.39
C GLN T 256 44.90 -39.71 56.95
N TYR T 257 45.80 -39.21 56.10
CA TYR T 257 45.55 -39.14 54.67
C TYR T 257 46.42 -40.16 53.96
N VAL T 258 45.84 -40.82 52.96
CA VAL T 258 46.50 -41.90 52.23
C VAL T 258 46.93 -41.32 50.88
N GLU T 259 48.19 -40.91 50.80
CA GLU T 259 48.67 -40.19 49.63
C GLU T 259 49.00 -41.18 48.50
N ASN T 260 49.72 -40.69 47.50
CA ASN T 260 49.83 -41.38 46.22
C ASN T 260 50.35 -42.81 46.37
N GLY T 261 51.30 -43.04 47.27
CA GLY T 261 51.83 -44.38 47.43
C GLY T 261 51.88 -44.85 48.86
N VAL T 262 51.67 -43.92 49.80
CA VAL T 262 51.84 -44.20 51.23
C VAL T 262 50.73 -43.46 51.98
N LYS T 263 50.64 -43.73 53.27
CA LYS T 263 49.70 -43.06 54.16
C LYS T 263 50.46 -42.43 55.32
N LYS T 264 49.92 -41.31 55.83
CA LYS T 264 50.53 -40.65 56.97
C LYS T 264 49.50 -39.72 57.61
N ASN T 265 49.70 -39.41 58.89
CA ASN T 265 48.73 -38.61 59.63
C ASN T 265 48.65 -37.19 59.07
N PHE T 266 47.45 -36.61 59.17
CA PHE T 266 47.28 -35.20 58.86
C PHE T 266 48.16 -34.33 59.74
N LEU T 267 48.17 -34.59 61.03
CA LEU T 267 48.83 -33.84 62.09
C LEU T 267 50.35 -34.03 62.05
N PRO T 268 51.10 -32.96 62.28
CA PRO T 268 52.55 -33.09 62.48
C PRO T 268 52.87 -33.79 63.79
N ASP T 269 54.16 -33.84 64.14
CA ASP T 269 54.60 -34.65 65.26
C ASP T 269 53.97 -34.20 66.58
N ASN T 270 54.10 -32.92 66.91
CA ASN T 270 53.65 -32.40 68.22
C ASN T 270 53.22 -30.95 68.02
N THR T 271 51.92 -30.73 67.84
CA THR T 271 51.40 -29.40 67.58
C THR T 271 50.08 -29.18 68.30
N MET T 272 49.74 -27.90 68.45
CA MET T 272 48.56 -27.45 69.18
C MET T 272 48.05 -26.15 68.59
N VAL T 273 46.73 -26.00 68.59
CA VAL T 273 46.08 -24.73 68.29
C VAL T 273 45.08 -24.42 69.40
N LEU T 274 45.27 -23.30 70.07
CA LEU T 274 44.41 -22.85 71.15
C LEU T 274 43.44 -21.81 70.63
N GLY T 275 42.14 -22.11 70.74
CA GLY T 275 41.12 -21.21 70.28
C GLY T 275 39.74 -21.72 70.64
N ASN T 276 38.72 -21.04 70.11
CA ASN T 276 37.33 -21.35 70.40
C ASN T 276 36.79 -22.38 69.43
N THR T 277 35.68 -23.00 69.82
CA THR T 277 34.89 -23.86 68.93
C THR T 277 34.00 -23.06 68.00
N GLN T 278 33.79 -21.77 68.25
CA GLN T 278 32.96 -20.93 67.39
C GLN T 278 33.77 -19.91 66.61
N ALA T 279 35.03 -20.21 66.29
CA ALA T 279 35.80 -19.33 65.43
C ALA T 279 35.18 -19.27 64.04
N ARG T 280 35.35 -18.13 63.38
CA ARG T 280 34.65 -17.88 62.13
C ARG T 280 35.50 -18.40 60.98
N GLY T 281 34.95 -19.35 60.21
CA GLY T 281 35.67 -19.91 59.09
C GLY T 281 34.98 -19.71 57.76
N LEU T 282 35.69 -19.12 56.80
CA LEU T 282 35.12 -18.80 55.51
C LEU T 282 35.38 -19.96 54.54
N ARG T 283 34.37 -20.25 53.73
CA ARG T 283 34.41 -21.28 52.69
C ARG T 283 34.12 -20.64 51.35
N THR T 284 34.87 -19.58 51.01
CA THR T 284 34.72 -18.96 49.70
C THR T 284 34.96 -19.98 48.61
N TYR T 285 34.11 -19.94 47.58
CA TYR T 285 34.12 -20.91 46.50
C TYR T 285 34.15 -20.13 45.19
N GLY T 286 35.02 -20.55 44.28
CA GLY T 286 35.18 -19.86 43.01
C GLY T 286 34.20 -20.30 41.96
N CYS T 287 34.47 -19.88 40.73
CA CYS T 287 33.67 -20.29 39.59
C CYS T 287 33.81 -21.77 39.33
N ILE T 288 32.76 -22.37 38.78
CA ILE T 288 32.80 -23.76 38.33
C ILE T 288 32.87 -23.77 36.81
N GLN T 289 34.01 -24.22 36.26
CA GLN T 289 34.26 -24.16 34.81
C GLN T 289 33.67 -25.40 34.15
N ASP T 290 32.34 -25.38 34.00
CA ASP T 290 31.64 -26.42 33.28
C ASP T 290 30.46 -25.81 32.55
N ALA T 291 30.42 -26.00 31.23
CA ALA T 291 29.39 -25.35 30.41
C ALA T 291 28.00 -25.68 30.95
N ASP T 292 27.81 -26.91 31.43
CA ASP T 292 26.55 -27.27 32.09
C ASP T 292 26.29 -26.37 33.29
N ALA T 293 27.30 -26.17 34.12
CA ALA T 293 27.15 -25.36 35.32
C ALA T 293 26.79 -23.93 34.96
N GLN T 294 27.45 -23.35 33.95
CA GLN T 294 27.10 -21.97 33.61
C GLN T 294 25.70 -21.86 33.03
N ARG T 295 25.29 -22.76 32.13
CA ARG T 295 24.02 -22.43 31.47
C ARG T 295 22.85 -22.90 32.34
N GLU T 296 23.12 -23.61 33.43
CA GLU T 296 22.06 -23.86 34.41
C GLU T 296 22.28 -23.13 35.73
N GLY T 297 23.26 -22.24 35.81
CA GLY T 297 23.40 -21.38 36.98
C GLY T 297 24.08 -22.00 38.19
N ILE T 298 24.96 -22.98 37.99
CA ILE T 298 25.68 -23.60 39.09
C ILE T 298 27.10 -23.05 39.08
N ASN T 299 27.26 -21.84 38.54
CA ASN T 299 28.53 -21.13 38.64
C ASN T 299 28.84 -20.73 40.08
N ALA T 300 27.81 -20.59 40.90
CA ALA T 300 27.97 -20.20 42.31
C ALA T 300 27.34 -21.30 43.17
N SER T 301 28.16 -22.28 43.56
CA SER T 301 27.66 -23.40 44.33
C SER T 301 28.81 -24.07 45.05
N ALA T 302 28.50 -25.16 45.74
CA ALA T 302 29.54 -25.93 46.41
C ALA T 302 30.21 -26.91 45.45
N ARG T 303 29.47 -27.90 44.97
CA ARG T 303 30.02 -29.02 44.21
C ARG T 303 29.20 -29.23 42.95
N TYR T 304 29.78 -29.94 41.98
CA TYR T 304 29.04 -30.29 40.79
C TYR T 304 29.43 -31.69 40.29
N PRO T 305 28.51 -32.65 40.32
CA PRO T 305 28.77 -33.95 39.70
C PRO T 305 28.25 -34.05 38.28
N LYS T 306 28.73 -35.01 37.52
CA LYS T 306 28.07 -35.36 36.26
C LYS T 306 28.53 -36.74 35.81
N ASN T 307 27.66 -37.42 35.08
CA ASN T 307 27.97 -38.68 34.41
C ASN T 307 27.82 -38.47 32.92
N TRP T 308 28.81 -38.90 32.14
CA TRP T 308 28.92 -38.41 30.78
C TRP T 308 29.77 -39.32 29.92
N VAL T 309 29.40 -39.44 28.66
CA VAL T 309 29.99 -40.37 27.71
C VAL T 309 30.89 -39.60 26.74
N THR T 310 32.08 -40.12 26.50
CA THR T 310 32.98 -39.62 25.47
C THR T 310 32.84 -40.50 24.22
N THR T 311 32.58 -39.85 23.09
CA THR T 311 32.50 -40.51 21.80
C THR T 311 33.75 -40.20 20.99
N GLY T 312 34.38 -41.25 20.49
CA GLY T 312 35.57 -41.08 19.68
C GLY T 312 36.77 -41.89 20.15
N ASP T 313 37.91 -41.22 20.33
CA ASP T 313 39.11 -41.93 20.78
C ASP T 313 38.91 -42.53 22.17
N PRO T 314 38.62 -41.75 23.23
CA PRO T 314 38.34 -42.37 24.52
C PRO T 314 36.85 -42.67 24.68
N ALA T 315 36.31 -43.45 23.75
CA ALA T 315 34.87 -43.68 23.73
C ALA T 315 34.48 -44.51 24.94
N ARG T 316 34.13 -43.82 26.02
CA ARG T 316 33.91 -44.44 27.32
C ARG T 316 32.86 -43.62 28.05
N GLU T 317 32.77 -43.80 29.36
CA GLU T 317 31.84 -43.02 30.16
C GLU T 317 32.41 -42.83 31.56
N PHE T 318 32.29 -41.61 32.08
CA PHE T 318 33.01 -41.17 33.25
C PHE T 318 32.08 -40.43 34.20
N THR T 319 32.51 -40.35 35.46
CA THR T 319 31.92 -39.49 36.46
C THR T 319 32.91 -38.39 36.80
N MET T 320 32.44 -37.14 36.73
CA MET T 320 33.27 -35.95 36.83
C MET T 320 32.77 -35.14 38.02
N ILE T 321 33.68 -34.72 38.90
CA ILE T 321 33.33 -33.92 40.06
C ILE T 321 34.13 -32.63 40.01
N GLN T 322 33.45 -31.50 40.18
CA GLN T 322 34.10 -30.20 40.09
C GLN T 322 33.75 -29.33 41.30
N SER T 323 34.75 -28.61 41.79
CA SER T 323 34.61 -27.75 42.95
C SER T 323 35.69 -26.68 42.89
N ALA T 324 35.62 -25.71 43.79
CA ALA T 324 36.62 -24.64 43.88
C ALA T 324 36.59 -24.02 45.27
N PRO T 325 37.10 -24.72 46.29
CA PRO T 325 37.15 -24.15 47.63
C PRO T 325 38.43 -23.36 47.89
N LEU T 326 38.28 -22.30 48.69
CA LEU T 326 39.42 -21.54 49.18
C LEU T 326 39.17 -21.17 50.64
N MET T 327 38.66 -22.13 51.39
CA MET T 327 38.40 -21.98 52.81
C MET T 327 39.60 -21.44 53.59
N LEU T 328 39.32 -20.45 54.44
CA LEU T 328 40.30 -19.82 55.31
C LEU T 328 39.65 -19.53 56.65
N LEU T 329 40.39 -18.87 57.53
CA LEU T 329 39.90 -18.46 58.84
C LEU T 329 39.80 -16.94 58.88
N ALA T 330 38.68 -16.43 59.40
CA ALA T 330 38.49 -14.98 59.45
C ALA T 330 39.51 -14.34 60.39
N ASP T 331 39.72 -14.93 61.56
CA ASP T 331 40.67 -14.40 62.55
C ASP T 331 41.81 -15.40 62.74
N PRO T 332 42.93 -15.23 62.05
CA PRO T 332 44.09 -16.09 62.32
C PRO T 332 44.62 -15.95 63.73
N ASP T 333 44.45 -14.78 64.35
CA ASP T 333 44.86 -14.55 65.73
C ASP T 333 43.98 -15.30 66.73
N GLU T 334 42.86 -15.86 66.28
CA GLU T 334 41.99 -16.61 67.18
C GLU T 334 42.65 -17.85 67.75
N PHE T 335 43.57 -18.46 67.01
CA PHE T 335 44.25 -19.66 67.46
C PHE T 335 45.75 -19.40 67.61
N VAL T 336 46.27 -19.82 68.75
CA VAL T 336 47.70 -19.82 69.01
C VAL T 336 48.25 -21.19 68.63
N SER T 337 49.19 -21.21 67.69
CA SER T 337 49.76 -22.45 67.16
C SER T 337 51.11 -22.68 67.81
N VAL T 338 51.23 -23.79 68.53
CA VAL T 338 52.41 -24.11 69.31
C VAL T 338 52.94 -25.47 68.87
N GLN T 339 54.23 -25.54 68.60
CA GLN T 339 54.91 -26.82 68.46
C GLN T 339 55.42 -27.24 69.83
N LEU T 340 55.21 -28.50 70.18
CA LEU T 340 55.42 -28.99 71.54
C LEU T 340 56.82 -29.56 71.71
N ALA T 341 57.11 -29.94 72.94
CA ALA T 341 58.40 -30.54 73.28
C ALA T 341 58.58 -31.88 72.57
N ALA U 7 10.57 -2.04 51.62
CA ALA U 7 9.74 -1.65 52.75
C ALA U 7 8.77 -2.77 53.12
N GLN U 8 9.06 -3.45 54.23
CA GLN U 8 8.22 -4.51 54.74
C GLN U 8 7.67 -4.11 56.09
N LEU U 9 6.59 -4.79 56.49
CA LEU U 9 5.78 -4.37 57.63
C LEU U 9 6.56 -4.46 58.94
N LEU U 10 5.97 -3.88 59.99
CA LEU U 10 6.57 -3.91 61.32
C LEU U 10 6.68 -5.32 61.88
N ALA U 11 5.69 -6.17 61.61
CA ALA U 11 5.65 -7.50 62.21
C ALA U 11 6.78 -8.40 61.74
N ALA U 12 7.50 -8.02 60.68
CA ALA U 12 8.66 -8.79 60.22
C ALA U 12 9.89 -8.47 61.08
N ASN U 13 9.73 -8.73 62.38
CA ASN U 13 10.76 -8.44 63.37
C ASN U 13 10.88 -9.60 64.36
N GLU U 14 10.89 -10.81 63.84
CA GLU U 14 10.90 -12.02 64.66
C GLU U 14 12.33 -12.55 64.78
N GLN U 15 12.85 -12.58 66.00
CA GLN U 15 14.17 -13.13 66.27
C GLN U 15 14.11 -14.36 67.18
N LYS U 16 13.49 -14.23 68.36
CA LYS U 16 13.59 -15.22 69.43
C LYS U 16 15.05 -15.49 69.81
N PHE U 17 15.89 -14.46 69.66
CA PHE U 17 17.32 -14.53 69.97
C PHE U 17 17.64 -13.45 70.99
N LYS U 18 17.50 -13.78 72.27
CA LYS U 18 17.89 -12.88 73.36
C LYS U 18 19.02 -13.57 74.13
N PHE U 19 20.24 -13.18 73.83
CA PHE U 19 21.44 -13.83 74.35
C PHE U 19 22.44 -12.79 74.85
N ASP U 20 21.96 -11.81 75.61
CA ASP U 20 22.84 -10.84 76.24
C ASP U 20 23.69 -11.49 77.33
N PRO U 21 24.95 -11.08 77.50
CA PRO U 21 25.88 -11.77 78.44
C PRO U 21 25.60 -11.51 79.93
N LEU U 22 24.47 -12.05 80.39
CA LEU U 22 24.17 -12.20 81.81
C LEU U 22 24.09 -10.89 82.58
N PHE U 23 24.15 -9.75 81.90
CA PHE U 23 24.04 -8.46 82.58
C PHE U 23 22.65 -7.86 82.47
N LEU U 24 22.18 -7.60 81.27
CA LEU U 24 20.85 -7.03 81.06
C LEU U 24 19.73 -8.04 81.31
N ARG U 25 20.07 -9.32 81.44
CA ARG U 25 19.10 -10.37 81.65
C ARG U 25 19.07 -10.90 83.08
N LEU U 26 20.11 -10.63 83.87
CA LEU U 26 20.25 -11.19 85.21
C LEU U 26 20.38 -10.14 86.30
N PHE U 27 21.15 -9.08 86.08
CA PHE U 27 21.21 -7.99 87.04
C PHE U 27 20.28 -6.83 86.71
N PHE U 28 19.97 -6.63 85.42
CA PHE U 28 19.29 -5.42 84.98
C PHE U 28 17.97 -5.75 84.29
N ARG U 29 17.15 -6.60 84.93
CA ARG U 29 15.86 -6.99 84.40
C ARG U 29 14.82 -5.88 84.50
N GLU U 30 15.12 -4.79 85.20
CA GLU U 30 14.11 -3.88 85.73
C GLU U 30 13.79 -2.79 84.71
N SER U 31 13.13 -3.17 83.62
CA SER U 31 12.90 -2.29 82.48
C SER U 31 11.85 -1.23 82.78
N TYR U 32 12.12 0.01 82.38
CA TYR U 32 11.16 1.11 82.54
C TYR U 32 11.12 1.98 81.27
N PRO U 33 10.53 1.49 80.19
CA PRO U 33 10.27 2.41 79.07
C PRO U 33 9.20 3.43 79.39
N PHE U 34 9.46 4.68 79.00
CA PHE U 34 8.64 5.82 79.34
C PHE U 34 8.03 6.45 78.10
N THR U 35 6.95 7.20 78.32
CA THR U 35 6.38 8.07 77.30
C THR U 35 7.04 9.45 77.33
N THR U 36 8.05 9.62 78.18
CA THR U 36 8.71 10.89 78.38
C THR U 36 10.20 10.74 78.09
N GLU U 37 10.82 11.87 77.72
CA GLU U 37 12.18 11.87 77.19
C GLU U 37 13.17 11.27 78.19
N LYS U 38 13.35 11.93 79.32
CA LYS U 38 14.41 11.62 80.26
C LYS U 38 14.02 10.45 81.17
N VAL U 39 14.94 10.10 82.06
CA VAL U 39 14.65 9.22 83.18
C VAL U 39 14.35 10.08 84.40
N TYR U 40 13.28 9.72 85.10
CA TYR U 40 12.82 10.48 86.26
C TYR U 40 12.84 9.52 87.45
N LEU U 41 14.01 9.40 88.09
CA LEU U 41 14.17 8.43 89.18
C LEU U 41 13.17 8.68 90.30
N SER U 42 12.72 9.93 90.46
CA SER U 42 11.63 10.21 91.38
C SER U 42 10.35 9.51 90.95
N GLN U 43 10.12 9.41 89.63
CA GLN U 43 8.94 8.71 89.12
C GLN U 43 9.02 7.21 89.38
N ILE U 44 10.18 6.59 89.16
CA ILE U 44 10.32 5.17 89.47
C ILE U 44 10.13 4.94 90.96
N PRO U 45 9.29 3.99 91.38
CA PRO U 45 9.18 3.70 92.81
C PRO U 45 10.47 3.18 93.40
N GLY U 46 11.22 2.40 92.62
CA GLY U 46 12.43 1.76 93.11
C GLY U 46 12.14 0.94 94.34
N LEU U 47 12.98 1.13 95.35
CA LEU U 47 12.67 0.60 96.66
C LEU U 47 11.59 1.46 97.34
N VAL U 48 10.61 0.79 97.92
CA VAL U 48 9.47 1.44 98.54
C VAL U 48 9.76 1.62 100.02
N ASN U 49 9.33 2.75 100.59
CA ASN U 49 9.37 2.96 102.03
C ASN U 49 8.55 1.86 102.68
N MET U 50 9.22 0.96 103.41
CA MET U 50 8.71 -0.39 103.61
C MET U 50 8.92 -0.88 105.04
N ALA U 51 8.50 -0.10 106.04
CA ALA U 51 8.57 -0.59 107.41
C ALA U 51 7.36 -0.23 108.26
N LEU U 52 6.91 1.01 108.22
CA LEU U 52 6.04 1.56 109.25
C LEU U 52 4.62 1.02 109.12
N TYR U 53 4.00 0.75 110.28
CA TYR U 53 2.58 0.45 110.34
C TYR U 53 1.87 1.57 111.09
N VAL U 54 0.58 1.35 111.37
CA VAL U 54 -0.24 2.33 112.06
C VAL U 54 -0.91 1.71 113.27
N SER U 55 -1.33 2.55 114.20
CA SER U 55 -1.92 2.11 115.46
C SER U 55 -3.23 1.35 115.21
N PRO U 56 -3.59 0.44 116.13
CA PRO U 56 -4.85 -0.30 115.96
C PRO U 56 -6.10 0.51 116.29
N ILE U 57 -6.17 1.75 115.82
CA ILE U 57 -7.40 2.55 115.93
C ILE U 57 -7.81 3.06 114.56
N VAL U 58 -6.90 3.76 113.88
CA VAL U 58 -7.12 4.26 112.52
C VAL U 58 -5.84 4.02 111.73
N SER U 59 -5.86 4.46 110.47
CA SER U 59 -4.68 4.34 109.63
C SER U 59 -4.11 5.71 109.29
N GLY U 60 -2.88 5.71 108.78
CA GLY U 60 -2.12 6.93 108.60
C GLY U 60 -2.27 7.56 107.24
N GLU U 61 -1.20 8.27 106.84
CA GLU U 61 -1.21 9.10 105.65
C GLU U 61 -1.04 8.25 104.39
N VAL U 62 -0.92 8.92 103.25
CA VAL U 62 -0.76 8.26 101.96
C VAL U 62 0.74 8.15 101.66
N ILE U 63 1.16 6.97 101.21
CA ILE U 63 2.56 6.72 100.88
C ILE U 63 2.72 6.80 99.37
N ARG U 64 3.78 7.48 98.92
CA ARG U 64 4.04 7.78 97.53
C ARG U 64 5.29 7.06 97.06
N SER U 65 5.66 7.29 95.81
CA SER U 65 7.00 7.00 95.33
C SER U 65 7.93 8.03 95.95
N ARG U 66 8.92 7.56 96.71
CA ARG U 66 9.60 8.41 97.69
C ARG U 66 10.64 9.34 97.05
N GLY U 67 10.17 10.09 96.04
CA GLY U 67 10.86 11.26 95.54
C GLY U 67 12.36 11.18 95.37
N GLY U 68 12.83 10.41 94.39
CA GLY U 68 14.24 10.31 94.12
C GLY U 68 14.91 11.66 93.95
N SER U 69 16.08 11.83 94.59
CA SER U 69 16.72 13.14 94.63
C SER U 69 17.08 13.64 93.24
N THR U 70 17.73 12.79 92.45
CA THR U 70 18.10 13.14 91.08
C THR U 70 17.22 12.35 90.11
N SER U 71 16.49 13.07 89.26
CA SER U 71 15.55 12.45 88.34
C SER U 71 15.65 13.03 86.93
N GLU U 72 16.85 13.26 86.41
CA GLU U 72 17.04 13.90 85.12
C GLU U 72 18.35 13.44 84.50
N PHE U 73 18.29 12.43 83.62
CA PHE U 73 19.42 12.06 82.79
C PHE U 73 18.91 11.75 81.39
N THR U 74 19.82 11.85 80.41
CA THR U 74 19.46 11.71 79.01
C THR U 74 19.65 10.27 78.56
N PRO U 75 18.59 9.57 78.17
CA PRO U 75 18.76 8.21 77.65
C PRO U 75 19.54 8.22 76.33
N GLY U 76 20.26 7.14 76.08
CA GLY U 76 21.03 6.99 74.86
C GLY U 76 20.17 6.67 73.67
N TYR U 77 19.45 7.66 73.15
CA TYR U 77 18.60 7.40 72.00
C TYR U 77 19.46 7.05 70.80
N VAL U 78 19.51 5.76 70.51
CA VAL U 78 20.34 5.18 69.46
C VAL U 78 19.42 4.77 68.32
N LYS U 79 19.57 5.42 67.18
CA LYS U 79 18.82 4.93 66.04
C LYS U 79 19.74 4.72 64.84
N PRO U 80 20.34 3.55 64.70
CA PRO U 80 21.11 3.27 63.49
C PRO U 80 20.26 2.69 62.38
N LYS U 81 20.87 2.45 61.22
CA LYS U 81 20.16 1.85 60.10
C LYS U 81 21.17 1.14 59.22
N HIS U 82 20.65 0.42 58.23
CA HIS U 82 21.48 -0.14 57.18
C HIS U 82 20.66 -0.26 55.91
N GLU U 83 21.34 -0.63 54.84
CA GLU U 83 20.69 -1.00 53.60
C GLU U 83 20.59 -2.52 53.49
N VAL U 84 19.55 -2.97 52.82
CA VAL U 84 19.35 -4.38 52.53
C VAL U 84 19.24 -4.57 51.02
N ASN U 85 19.99 -3.75 50.29
CA ASN U 85 19.95 -3.72 48.83
C ASN U 85 20.20 -5.12 48.26
N PRO U 86 19.26 -5.64 47.45
CA PRO U 86 19.44 -6.99 46.90
C PRO U 86 20.51 -7.09 45.83
N GLN U 87 21.74 -6.69 46.18
CA GLN U 87 22.88 -6.87 45.29
C GLN U 87 23.91 -7.86 45.82
N MET U 88 23.78 -8.30 47.07
CA MET U 88 24.74 -9.23 47.64
C MET U 88 24.30 -10.68 47.47
N THR U 89 25.28 -11.58 47.41
CA THR U 89 25.05 -12.93 47.85
C THR U 89 25.15 -12.98 49.38
N LEU U 90 24.19 -13.69 49.99
CA LEU U 90 23.94 -13.58 51.41
C LEU U 90 24.58 -14.73 52.17
N ARG U 91 24.31 -14.78 53.48
CA ARG U 91 24.70 -15.92 54.28
C ARG U 91 23.90 -17.13 53.80
N ARG U 92 24.54 -18.10 53.15
CA ARG U 92 23.81 -19.28 52.70
C ARG U 92 23.99 -20.41 53.71
N LEU U 93 23.01 -20.56 54.60
CA LEU U 93 22.91 -21.76 55.41
C LEU U 93 23.05 -22.98 54.50
N PRO U 94 23.78 -24.03 54.92
CA PRO U 94 24.11 -25.12 54.00
C PRO U 94 22.93 -25.71 53.25
N ASP U 95 22.89 -25.44 51.95
CA ASP U 95 22.06 -26.14 50.96
C ASP U 95 20.58 -26.21 51.35
N GLU U 96 19.97 -25.11 51.77
CA GLU U 96 18.51 -25.00 51.79
C GLU U 96 18.01 -24.25 50.56
N ASP U 97 18.13 -24.92 49.42
CA ASP U 97 17.51 -24.50 48.16
C ASP U 97 17.86 -23.06 47.78
N PRO U 98 19.07 -22.81 47.28
CA PRO U 98 19.44 -21.42 46.92
C PRO U 98 18.55 -20.80 45.86
N GLN U 99 17.58 -21.54 45.31
CA GLN U 99 16.63 -20.95 44.39
C GLN U 99 15.84 -19.83 45.05
N ASN U 100 15.52 -19.95 46.35
CA ASN U 100 14.83 -18.86 47.03
C ASN U 100 15.76 -17.67 47.27
N LEU U 101 17.06 -17.90 47.49
CA LEU U 101 17.98 -16.77 47.48
C LEU U 101 17.96 -16.08 46.12
N ALA U 102 17.89 -16.85 45.04
CA ALA U 102 17.72 -16.27 43.71
C ALA U 102 16.47 -15.39 43.63
N ASP U 103 15.45 -15.68 44.43
CA ASP U 103 14.31 -14.79 44.55
C ASP U 103 14.74 -13.48 45.21
N PRO U 104 14.43 -12.33 44.61
CA PRO U 104 14.59 -11.07 45.35
C PRO U 104 13.74 -10.99 46.60
N ALA U 105 12.57 -11.63 46.63
CA ALA U 105 11.72 -11.58 47.81
C ALA U 105 12.37 -12.28 49.00
N TYR U 106 12.83 -13.51 48.82
CA TYR U 106 13.44 -14.21 49.94
C TYR U 106 14.78 -13.61 50.32
N ARG U 107 15.58 -13.20 49.32
CA ARG U 107 16.85 -12.55 49.67
C ARG U 107 16.58 -11.30 50.49
N ARG U 108 15.61 -10.48 50.06
CA ARG U 108 15.36 -9.23 50.77
C ARG U 108 14.82 -9.49 52.18
N ARG U 109 13.94 -10.48 52.35
CA ARG U 109 13.40 -10.69 53.68
C ARG U 109 14.45 -11.29 54.62
N ARG U 110 15.24 -12.26 54.19
CA ARG U 110 16.19 -12.79 55.15
C ARG U 110 17.39 -11.85 55.29
N ILE U 111 17.61 -10.95 54.33
CA ILE U 111 18.66 -9.95 54.53
C ILE U 111 18.18 -8.85 55.47
N ILE U 112 16.87 -8.53 55.49
CA ILE U 112 16.42 -7.63 56.55
C ILE U 112 16.49 -8.35 57.89
N MET U 113 16.26 -9.67 57.88
CA MET U 113 16.48 -10.46 59.10
C MET U 113 17.92 -10.28 59.59
N GLN U 114 18.89 -10.51 58.71
CA GLN U 114 20.30 -10.41 59.07
C GLN U 114 20.67 -9.00 59.48
N ASN U 115 20.22 -8.01 58.72
CA ASN U 115 20.50 -6.61 59.04
C ASN U 115 19.98 -6.25 60.42
N MET U 116 18.72 -6.57 60.69
CA MET U 116 18.15 -6.13 61.95
C MET U 116 18.79 -6.88 63.10
N ARG U 117 19.13 -8.16 62.92
CA ARG U 117 19.77 -8.87 64.03
C ARG U 117 21.14 -8.27 64.34
N ASP U 118 21.90 -7.92 63.30
CA ASP U 118 23.12 -7.14 63.53
C ASP U 118 22.78 -5.88 64.32
N GLU U 119 21.64 -5.26 64.02
CA GLU U 119 21.27 -4.01 64.68
C GLU U 119 21.03 -4.21 66.18
N GLU U 120 20.22 -5.21 66.56
CA GLU U 120 19.96 -5.32 68.00
C GLU U 120 21.19 -5.87 68.72
N LEU U 121 22.01 -6.67 68.06
CA LEU U 121 23.23 -7.09 68.75
C LEU U 121 24.21 -5.92 68.87
N ALA U 122 24.15 -4.96 67.95
CA ALA U 122 24.92 -3.73 68.12
C ALA U 122 24.45 -2.94 69.32
N ILE U 123 23.15 -2.73 69.44
CA ILE U 123 22.65 -1.98 70.59
C ILE U 123 22.91 -2.78 71.87
N ALA U 124 22.88 -4.11 71.78
CA ALA U 124 23.16 -4.94 72.94
C ALA U 124 24.61 -4.83 73.37
N GLN U 125 25.55 -4.78 72.42
CA GLN U 125 26.95 -4.66 72.78
C GLN U 125 27.29 -3.28 73.32
N VAL U 126 26.68 -2.23 72.76
CA VAL U 126 26.89 -0.91 73.36
C VAL U 126 26.23 -0.84 74.73
N GLU U 127 25.12 -1.55 74.92
CA GLU U 127 24.47 -1.59 76.22
C GLU U 127 25.34 -2.36 77.21
N GLU U 128 26.04 -3.38 76.75
CA GLU U 128 26.96 -4.12 77.61
C GLU U 128 28.18 -3.29 77.98
N MET U 129 28.67 -2.44 77.06
CA MET U 129 29.70 -1.49 77.46
C MET U 129 29.17 -0.52 78.51
N GLN U 130 27.93 -0.05 78.34
CA GLN U 130 27.33 0.77 79.39
C GLN U 130 27.26 0.02 80.72
N ALA U 131 26.90 -1.26 80.67
CA ALA U 131 26.80 -2.07 81.88
C ALA U 131 28.16 -2.24 82.56
N VAL U 132 29.21 -2.47 81.76
CA VAL U 132 30.52 -2.70 82.35
C VAL U 132 31.07 -1.40 82.93
N SER U 133 30.84 -0.26 82.27
CA SER U 133 31.17 1.02 82.90
C SER U 133 30.40 1.20 84.20
N ALA U 134 29.08 0.90 84.16
CA ALA U 134 28.22 1.10 85.30
C ALA U 134 28.70 0.29 86.50
N VAL U 135 28.64 -1.04 86.40
CA VAL U 135 29.28 -1.82 87.46
C VAL U 135 30.70 -2.15 87.03
N LEU U 136 31.51 -1.12 86.90
CA LEU U 136 32.92 -1.10 87.30
C LEU U 136 33.32 0.20 87.95
N LYS U 137 32.62 1.31 87.71
CA LYS U 137 32.96 2.55 88.40
C LYS U 137 31.77 3.35 88.92
N GLY U 138 30.53 2.96 88.62
CA GLY U 138 29.39 3.74 89.03
C GLY U 138 29.13 4.95 88.16
N LYS U 139 30.04 5.27 87.24
CA LYS U 139 29.94 6.37 86.30
C LYS U 139 29.66 5.82 84.92
N TYR U 140 28.78 6.51 84.18
CA TYR U 140 28.54 6.18 82.79
C TYR U 140 28.67 7.44 81.96
N THR U 141 29.32 7.34 80.81
CA THR U 141 29.55 8.46 79.91
C THR U 141 28.48 8.45 78.82
N MET U 142 27.37 9.14 79.07
CA MET U 142 26.40 9.48 78.03
C MET U 142 27.03 10.52 77.12
N THR U 143 27.68 10.05 76.04
CA THR U 143 28.46 10.95 75.22
C THR U 143 28.40 10.50 73.76
N GLY U 144 28.69 11.47 72.89
CA GLY U 144 28.79 11.23 71.47
C GLY U 144 29.07 12.54 70.79
N GLU U 145 29.61 12.47 69.58
CA GLU U 145 29.90 13.69 68.83
C GLU U 145 28.59 14.40 68.50
N ALA U 146 28.65 15.73 68.47
CA ALA U 146 27.47 16.58 68.37
C ALA U 146 26.47 16.25 69.49
N PHE U 147 27.01 16.07 70.70
CA PHE U 147 26.20 15.77 71.88
C PHE U 147 27.06 16.02 73.11
N ASP U 148 26.51 16.68 74.10
CA ASP U 148 27.27 16.99 75.31
C ASP U 148 27.51 15.72 76.12
N PRO U 149 28.69 15.53 76.70
CA PRO U 149 28.91 14.36 77.55
C PRO U 149 28.32 14.57 78.93
N VAL U 150 27.23 13.84 79.21
CA VAL U 150 26.61 13.80 80.52
C VAL U 150 27.17 12.60 81.28
N GLU U 151 27.71 12.85 82.46
CA GLU U 151 28.11 11.79 83.38
C GLU U 151 26.89 11.38 84.20
N VAL U 152 26.47 10.14 84.04
CA VAL U 152 25.36 9.58 84.79
C VAL U 152 25.96 8.72 85.89
N ASP U 153 25.80 9.15 87.14
CA ASP U 153 26.42 8.50 88.28
C ASP U 153 25.33 7.84 89.13
N MET U 154 25.47 6.54 89.38
CA MET U 154 24.61 5.92 90.39
C MET U 154 25.04 6.30 91.80
N GLY U 155 26.32 6.55 92.02
CA GLY U 155 26.79 6.96 93.33
C GLY U 155 27.71 5.95 93.98
N ARG U 156 28.52 5.27 93.18
CA ARG U 156 29.44 4.27 93.72
C ARG U 156 30.37 4.92 94.73
N SER U 157 30.45 4.30 95.91
CA SER U 157 31.20 4.86 97.03
C SER U 157 32.68 4.54 96.92
N GLU U 158 33.47 5.19 97.78
CA GLU U 158 34.92 5.01 97.76
C GLU U 158 35.31 3.61 98.18
N GLU U 159 34.68 3.06 99.22
CA GLU U 159 34.97 1.68 99.62
C GLU U 159 34.54 0.67 98.57
N ASN U 160 33.72 1.08 97.61
CA ASN U 160 33.41 0.26 96.45
C ASN U 160 34.41 0.45 95.32
N ASN U 161 35.43 1.30 95.52
CA ASN U 161 36.46 1.56 94.52
C ASN U 161 37.85 1.35 95.10
N ILE U 162 37.93 0.63 96.22
CA ILE U 162 39.22 0.36 96.83
C ILE U 162 40.02 -0.63 95.98
N THR U 163 41.33 -0.46 95.97
CA THR U 163 42.21 -1.07 94.99
C THR U 163 43.11 -2.11 95.64
N GLN U 164 43.35 -3.20 94.90
CA GLN U 164 44.26 -4.24 95.37
C GLN U 164 45.72 -3.80 95.35
N SER U 165 46.13 -2.99 94.38
CA SER U 165 47.52 -2.54 94.31
C SER U 165 47.88 -1.68 95.51
N GLY U 166 46.90 -1.02 96.13
CA GLY U 166 47.16 -0.28 97.35
C GLY U 166 47.64 -1.22 98.44
N GLY U 167 48.76 -0.85 99.07
CA GLY U 167 49.35 -1.69 100.08
C GLY U 167 50.15 -2.84 99.50
N THR U 168 49.65 -4.06 99.64
CA THR U 168 50.31 -5.26 99.15
C THR U 168 49.54 -5.82 97.97
N GLU U 169 50.26 -6.11 96.89
CA GLU U 169 49.67 -6.65 95.68
C GLU U 169 49.71 -8.17 95.70
N TRP U 170 48.72 -8.79 95.04
CA TRP U 170 48.73 -10.23 94.92
C TRP U 170 49.93 -10.72 94.10
N SER U 171 50.32 -9.95 93.08
CA SER U 171 51.57 -10.26 92.38
C SER U 171 52.75 -10.17 93.34
N LYS U 172 52.74 -9.18 94.22
CA LYS U 172 53.77 -9.02 95.24
C LYS U 172 53.42 -9.78 96.52
N ARG U 173 53.12 -11.07 96.36
CA ARG U 173 52.80 -11.94 97.47
C ARG U 173 53.35 -13.33 97.17
N ASP U 174 53.27 -14.20 98.17
CA ASP U 174 53.69 -15.58 97.99
C ASP U 174 52.73 -16.30 97.06
N LYS U 175 53.25 -16.81 95.94
CA LYS U 175 52.44 -17.52 94.97
C LYS U 175 51.98 -18.89 95.46
N SER U 176 52.49 -19.35 96.60
CA SER U 176 52.18 -20.68 97.10
C SER U 176 51.36 -20.69 98.39
N THR U 177 51.71 -19.88 99.38
CA THR U 177 51.07 -19.94 100.68
C THR U 177 50.01 -18.88 100.92
N TYR U 178 50.11 -17.72 100.28
CA TYR U 178 49.14 -16.67 100.50
C TYR U 178 47.77 -17.08 99.97
N ASP U 179 46.74 -16.77 100.75
CA ASP U 179 45.36 -17.05 100.37
C ASP U 179 44.64 -15.72 100.15
N PRO U 180 44.17 -15.43 98.93
CA PRO U 180 43.44 -14.19 98.68
C PRO U 180 41.99 -14.21 99.18
N THR U 181 41.57 -15.30 99.83
CA THR U 181 40.23 -15.33 100.40
C THR U 181 40.06 -14.24 101.46
N ASP U 182 41.10 -13.98 102.24
CA ASP U 182 41.03 -12.89 103.22
C ASP U 182 40.66 -11.58 102.54
N ASP U 183 41.33 -11.24 101.45
CA ASP U 183 40.92 -10.08 100.66
C ASP U 183 39.51 -10.26 100.10
N ILE U 184 39.11 -11.50 99.80
CA ILE U 184 37.78 -11.71 99.25
C ILE U 184 36.70 -11.24 100.23
N GLU U 185 36.78 -11.69 101.49
CA GLU U 185 35.78 -11.16 102.44
C GLU U 185 36.07 -9.72 102.80
N ALA U 186 37.33 -9.28 102.73
CA ALA U 186 37.64 -7.89 103.02
C ALA U 186 36.90 -6.95 102.06
N TYR U 187 36.87 -7.30 100.78
CA TYR U 187 36.15 -6.48 99.82
C TYR U 187 34.65 -6.81 99.79
N ALA U 188 34.27 -8.02 100.20
CA ALA U 188 32.86 -8.39 100.20
C ALA U 188 32.08 -7.79 101.37
N LEU U 189 32.73 -7.50 102.49
CA LEU U 189 32.01 -7.03 103.66
C LEU U 189 31.34 -5.69 103.40
N ASN U 190 32.03 -4.78 102.73
CA ASN U 190 31.45 -3.47 102.41
C ASN U 190 30.79 -3.47 101.04
N ALA U 191 29.97 -4.49 100.78
CA ALA U 191 29.25 -4.61 99.53
C ALA U 191 27.74 -4.56 99.69
N SER U 192 27.25 -4.32 100.91
CA SER U 192 25.81 -4.27 101.18
C SER U 192 25.11 -5.56 100.76
N GLY U 193 25.75 -6.68 101.00
CA GLY U 193 25.14 -7.96 100.70
C GLY U 193 26.17 -9.04 100.52
N VAL U 194 25.67 -10.21 100.13
CA VAL U 194 26.49 -11.40 99.91
C VAL U 194 26.91 -11.46 98.46
N VAL U 195 28.16 -11.89 98.23
CA VAL U 195 28.70 -12.07 96.89
C VAL U 195 28.71 -13.56 96.58
N ASN U 196 28.17 -13.93 95.41
CA ASN U 196 28.11 -15.33 95.03
C ASN U 196 28.66 -15.61 93.63
N ILE U 197 29.21 -14.61 92.95
CA ILE U 197 29.95 -14.82 91.71
C ILE U 197 31.23 -14.00 91.79
N ILE U 198 32.36 -14.62 91.39
CA ILE U 198 33.64 -13.95 91.47
C ILE U 198 34.20 -13.80 90.06
N VAL U 199 33.33 -13.53 89.09
CA VAL U 199 33.73 -13.40 87.69
C VAL U 199 34.89 -12.43 87.54
N PHE U 200 35.97 -12.92 86.94
CA PHE U 200 37.19 -12.17 86.67
C PHE U 200 37.32 -11.90 85.19
N ASP U 201 38.15 -10.93 84.87
CA ASP U 201 38.77 -10.89 83.55
C ASP U 201 39.94 -11.88 83.51
N PRO U 202 40.33 -12.35 82.31
CA PRO U 202 41.19 -13.54 82.21
C PRO U 202 42.47 -13.51 83.04
N LYS U 203 43.34 -12.52 82.84
CA LYS U 203 44.58 -12.50 83.59
C LYS U 203 44.35 -12.17 85.06
N GLY U 204 43.24 -11.49 85.38
CA GLY U 204 42.88 -11.32 86.77
C GLY U 204 42.64 -12.66 87.46
N TRP U 205 41.85 -13.52 86.82
CA TRP U 205 41.68 -14.87 87.35
C TRP U 205 42.99 -15.64 87.31
N ALA U 206 43.86 -15.34 86.35
CA ALA U 206 45.14 -16.02 86.26
C ALA U 206 45.98 -15.77 87.52
N LEU U 207 46.16 -14.51 87.91
CA LEU U 207 46.94 -14.29 89.12
C LEU U 207 46.15 -14.60 90.38
N PHE U 208 44.81 -14.63 90.30
CA PHE U 208 44.04 -15.13 91.42
C PHE U 208 44.35 -16.60 91.68
N ARG U 209 44.29 -17.43 90.63
CA ARG U 209 44.53 -18.86 90.77
C ARG U 209 46.00 -19.22 90.89
N SER U 210 46.91 -18.28 90.58
CA SER U 210 48.33 -18.55 90.76
C SER U 210 48.66 -18.96 92.19
N PHE U 211 47.90 -18.48 93.17
CA PHE U 211 48.06 -18.93 94.54
C PHE U 211 47.60 -20.37 94.67
N LYS U 212 48.42 -21.21 95.31
CA LYS U 212 48.06 -22.60 95.49
C LYS U 212 46.78 -22.74 96.30
N ALA U 213 46.72 -22.07 97.45
CA ALA U 213 45.54 -22.12 98.31
C ALA U 213 44.26 -21.99 97.50
N VAL U 214 44.27 -21.13 96.48
CA VAL U 214 43.13 -21.05 95.56
C VAL U 214 42.89 -22.39 94.88
N LYS U 215 43.96 -23.00 94.37
CA LYS U 215 43.76 -24.15 93.49
C LYS U 215 43.39 -25.43 94.24
N GLU U 216 43.85 -25.59 95.49
CA GLU U 216 43.32 -26.68 96.30
C GLU U 216 42.14 -26.27 97.18
N LYS U 217 41.70 -25.01 97.12
CA LYS U 217 40.45 -24.62 97.76
C LYS U 217 39.26 -24.66 96.80
N LEU U 218 39.52 -24.52 95.50
CA LEU U 218 38.43 -24.50 94.54
C LEU U 218 38.00 -25.92 94.19
N ASP U 219 36.71 -26.07 93.92
CA ASP U 219 36.14 -27.35 93.50
C ASP U 219 35.85 -27.26 92.00
N THR U 220 36.57 -28.07 91.21
CA THR U 220 36.34 -28.11 89.77
C THR U 220 35.02 -28.78 89.43
N ARG U 221 34.39 -29.46 90.37
CA ARG U 221 33.20 -30.24 90.08
C ARG U 221 32.04 -29.34 89.71
N ARG U 222 31.03 -29.94 89.09
CA ARG U 222 29.80 -29.22 88.79
C ARG U 222 29.17 -28.70 90.08
N GLY U 223 28.73 -29.63 90.94
CA GLY U 223 28.00 -29.28 92.14
C GLY U 223 26.97 -28.21 91.83
N SER U 224 26.05 -28.52 90.91
CA SER U 224 25.27 -27.49 90.25
C SER U 224 24.48 -26.68 91.27
N ASN U 225 24.90 -25.43 91.45
CA ASN U 225 24.31 -24.56 92.46
C ASN U 225 23.01 -23.93 92.01
N SER U 226 22.97 -23.38 90.80
CA SER U 226 21.84 -22.59 90.37
C SER U 226 21.72 -22.72 88.86
N GLU U 227 20.99 -21.80 88.25
CA GLU U 227 20.83 -21.74 86.81
C GLU U 227 22.00 -21.07 86.11
N LEU U 228 23.08 -20.76 86.85
CA LEU U 228 24.25 -20.16 86.21
C LEU U 228 24.93 -21.15 85.27
N GLU U 229 24.92 -22.44 85.60
CA GLU U 229 25.42 -23.43 84.66
C GLU U 229 24.59 -23.44 83.38
N THR U 230 23.26 -23.31 83.51
CA THR U 230 22.42 -23.22 82.32
C THR U 230 22.73 -21.97 81.52
N ALA U 231 22.99 -20.86 82.21
CA ALA U 231 23.35 -19.63 81.52
C ALA U 231 24.66 -19.78 80.76
N VAL U 232 25.65 -20.47 81.35
CA VAL U 232 26.91 -20.71 80.67
C VAL U 232 26.72 -21.62 79.47
N LYS U 233 25.91 -22.68 79.64
CA LYS U 233 25.62 -23.55 78.50
C LYS U 233 24.95 -22.79 77.37
N ASP U 234 24.06 -21.86 77.70
CA ASP U 234 23.46 -21.00 76.68
C ASP U 234 24.52 -20.14 76.02
N LEU U 235 25.19 -19.29 76.79
CA LEU U 235 26.23 -18.39 76.27
C LEU U 235 27.62 -18.99 76.50
N GLY U 236 27.87 -20.12 75.87
CA GLY U 236 29.20 -20.69 75.86
C GLY U 236 30.25 -19.90 75.13
N LYS U 237 29.97 -18.63 74.81
CA LYS U 237 30.91 -17.84 74.01
C LYS U 237 31.97 -17.20 74.88
N ALA U 238 31.56 -16.34 75.83
CA ALA U 238 32.54 -15.48 76.51
C ALA U 238 32.44 -15.54 78.02
N VAL U 239 31.42 -16.18 78.59
CA VAL U 239 31.35 -16.45 80.02
C VAL U 239 31.81 -17.88 80.24
N SER U 240 32.76 -18.06 81.14
CA SER U 240 33.39 -19.35 81.37
C SER U 240 33.27 -19.69 82.85
N TYR U 241 32.46 -20.71 83.13
CA TYR U 241 32.24 -21.20 84.48
C TYR U 241 33.45 -22.02 84.90
N LYS U 242 34.41 -21.38 85.57
CA LYS U 242 35.62 -22.08 85.98
C LYS U 242 35.28 -23.23 86.92
N GLY U 243 34.40 -22.99 87.88
CA GLY U 243 34.00 -24.03 88.80
C GLY U 243 33.60 -23.42 90.14
N MET U 244 33.60 -24.27 91.16
CA MET U 244 33.36 -23.86 92.53
C MET U 244 34.68 -23.52 93.22
N TYR U 245 34.68 -22.39 93.93
CA TYR U 245 35.73 -22.10 94.90
C TYR U 245 35.31 -22.57 96.29
N GLY U 246 34.42 -23.57 96.32
CA GLY U 246 33.76 -23.99 97.53
C GLY U 246 32.46 -23.24 97.74
N ASP U 247 32.48 -22.25 98.62
CA ASP U 247 31.30 -21.44 98.89
C ASP U 247 30.81 -20.65 97.67
N VAL U 248 31.71 -20.09 96.87
CA VAL U 248 31.36 -19.11 95.86
C VAL U 248 31.66 -19.66 94.48
N ALA U 249 30.94 -19.15 93.48
CA ALA U 249 31.15 -19.55 92.09
C ALA U 249 32.25 -18.72 91.45
N ILE U 250 33.08 -19.37 90.64
CA ILE U 250 34.18 -18.72 89.94
C ILE U 250 33.85 -18.69 88.45
N VAL U 251 33.78 -17.49 87.89
CA VAL U 251 33.48 -17.29 86.48
C VAL U 251 34.55 -16.37 85.90
N VAL U 252 34.71 -16.42 84.58
CA VAL U 252 35.59 -15.50 83.87
C VAL U 252 34.86 -14.99 82.63
N TYR U 253 34.80 -13.67 82.48
CA TYR U 253 34.24 -13.06 81.28
C TYR U 253 35.38 -12.56 80.40
N SER U 254 35.41 -13.02 79.15
CA SER U 254 36.38 -12.59 78.16
C SER U 254 35.68 -12.08 76.91
N GLY U 255 34.56 -11.38 77.10
CA GLY U 255 33.84 -10.83 75.97
C GLY U 255 34.63 -9.72 75.30
N GLN U 256 34.40 -9.55 74.00
CA GLN U 256 35.14 -8.59 73.20
C GLN U 256 34.19 -7.79 72.32
N TYR U 257 34.46 -6.49 72.18
CA TYR U 257 33.73 -5.65 71.26
C TYR U 257 34.64 -5.30 70.09
N VAL U 258 34.07 -5.30 68.89
CA VAL U 258 34.82 -5.08 67.66
C VAL U 258 34.49 -3.65 67.20
N GLU U 259 35.37 -2.72 67.53
CA GLU U 259 35.11 -1.31 67.31
C GLU U 259 35.41 -0.95 65.86
N ASN U 260 35.48 0.36 65.59
CA ASN U 260 35.41 0.87 64.22
C ASN U 260 36.47 0.25 63.31
N GLY U 261 37.67 0.02 63.82
CA GLY U 261 38.72 -0.54 62.98
C GLY U 261 39.43 -1.71 63.61
N VAL U 262 39.22 -1.93 64.91
CA VAL U 262 39.94 -2.93 65.67
C VAL U 262 38.96 -3.59 66.65
N LYS U 263 39.43 -4.64 67.31
CA LYS U 263 38.66 -5.33 68.34
C LYS U 263 39.45 -5.35 69.64
N LYS U 264 38.72 -5.34 70.76
CA LYS U 264 39.37 -5.43 72.06
C LYS U 264 38.34 -5.85 73.10
N ASN U 265 38.82 -6.42 74.21
CA ASN U 265 37.93 -6.96 75.23
C ASN U 265 37.10 -5.86 75.89
N PHE U 266 35.89 -6.22 76.30
CA PHE U 266 35.06 -5.33 77.11
C PHE U 266 35.78 -4.96 78.41
N LEU U 267 36.32 -5.96 79.09
CA LEU U 267 36.95 -5.89 80.40
C LEU U 267 38.31 -5.19 80.34
N PRO U 268 38.59 -4.36 81.33
CA PRO U 268 39.95 -3.82 81.48
C PRO U 268 40.96 -4.90 81.88
N ASP U 269 42.19 -4.49 82.18
CA ASP U 269 43.27 -5.44 82.36
C ASP U 269 43.00 -6.38 83.54
N ASN U 270 42.71 -5.84 84.71
CA ASN U 270 42.57 -6.63 85.93
C ASN U 270 41.56 -5.92 86.84
N THR U 271 40.31 -6.35 86.77
CA THR U 271 39.24 -5.71 87.55
C THR U 271 38.28 -6.76 88.10
N MET U 272 37.53 -6.33 89.11
CA MET U 272 36.60 -7.17 89.85
C MET U 272 35.45 -6.32 90.36
N VAL U 273 34.26 -6.91 90.38
CA VAL U 273 33.10 -6.36 91.07
C VAL U 273 32.51 -7.43 91.97
N LEU U 274 32.44 -7.14 93.26
CA LEU U 274 31.91 -8.06 94.26
C LEU U 274 30.48 -7.63 94.60
N GLY U 275 29.53 -8.55 94.37
CA GLY U 275 28.14 -8.27 94.64
C GLY U 275 27.29 -9.50 94.40
N ASN U 276 25.97 -9.30 94.48
CA ASN U 276 25.01 -10.39 94.34
C ASN U 276 24.62 -10.60 92.89
N THR U 277 24.05 -11.77 92.62
CA THR U 277 23.42 -12.07 91.34
C THR U 277 22.03 -11.47 91.22
N GLN U 278 21.42 -11.04 92.33
CA GLN U 278 20.10 -10.44 92.30
C GLN U 278 20.12 -8.95 92.58
N ALA U 279 21.20 -8.26 92.24
CA ALA U 279 21.23 -6.81 92.36
C ALA U 279 20.20 -6.19 91.43
N ARG U 280 19.66 -5.03 91.83
CA ARG U 280 18.54 -4.43 91.11
C ARG U 280 19.09 -3.53 90.01
N GLY U 281 18.73 -3.83 88.76
CA GLY U 281 19.19 -3.04 87.65
C GLY U 281 18.07 -2.41 86.84
N LEU U 282 18.12 -1.09 86.69
CA LEU U 282 17.07 -0.36 86.00
C LEU U 282 17.41 -0.22 84.52
N ARG U 283 16.40 -0.39 83.68
CA ARG U 283 16.48 -0.24 82.23
C ARG U 283 15.54 0.85 81.78
N THR U 284 15.64 2.02 82.38
CA THR U 284 14.82 3.15 81.94
C THR U 284 15.05 3.44 80.46
N TYR U 285 13.97 3.68 79.75
CA TYR U 285 14.00 3.88 78.30
C TYR U 285 13.28 5.17 77.99
N GLY U 286 13.87 5.98 77.13
CA GLY U 286 13.31 7.28 76.79
C GLY U 286 12.28 7.22 75.68
N CYS U 287 11.93 8.39 75.19
CA CYS U 287 11.01 8.51 74.06
C CYS U 287 11.66 7.93 72.81
N ILE U 288 10.80 7.43 71.91
CA ILE U 288 11.24 6.97 70.60
C ILE U 288 10.78 8.00 69.57
N GLN U 289 11.74 8.70 68.96
CA GLN U 289 11.44 9.80 68.04
C GLN U 289 11.20 9.26 66.64
N ASP U 290 10.01 8.69 66.46
CA ASP U 290 9.58 8.21 65.16
C ASP U 290 8.08 8.42 65.02
N ALA U 291 7.67 9.17 63.99
CA ALA U 291 6.27 9.52 63.83
C ALA U 291 5.39 8.28 63.87
N ASP U 292 5.88 7.18 63.27
CA ASP U 292 5.18 5.90 63.36
C ASP U 292 4.99 5.47 64.81
N ALA U 293 6.07 5.57 65.59
CA ALA U 293 6.02 5.15 66.98
C ALA U 293 5.03 5.99 67.77
N GLN U 294 5.01 7.31 67.55
CA GLN U 294 4.07 8.11 68.31
C GLN U 294 2.63 7.83 67.90
N ARG U 295 2.32 7.72 66.60
CA ARG U 295 0.89 7.66 66.31
C ARG U 295 0.37 6.25 66.46
N GLU U 296 1.25 5.26 66.70
CA GLU U 296 0.77 3.95 67.11
C GLU U 296 1.12 3.60 68.55
N GLY U 297 1.64 4.54 69.32
CA GLY U 297 1.82 4.32 70.75
C GLY U 297 3.05 3.53 71.17
N ILE U 298 4.11 3.59 70.37
CA ILE U 298 5.35 2.89 70.71
C ILE U 298 6.34 3.93 71.22
N ASN U 299 5.82 5.03 71.74
CA ASN U 299 6.66 6.02 72.42
C ASN U 299 7.23 5.46 73.72
N ALA U 300 6.59 4.45 74.31
CA ALA U 300 7.04 3.83 75.54
C ALA U 300 7.23 2.34 75.27
N SER U 301 8.45 1.97 74.87
CA SER U 301 8.73 0.58 74.53
C SER U 301 10.23 0.33 74.62
N ALA U 302 10.63 -0.88 74.25
CA ALA U 302 12.04 -1.21 74.21
C ALA U 302 12.69 -0.77 72.90
N ARG U 303 12.28 -1.38 71.79
CA ARG U 303 12.93 -1.21 70.50
C ARG U 303 11.89 -0.93 69.44
N TYR U 304 12.34 -0.38 68.31
CA TYR U 304 11.44 -0.19 67.17
C TYR U 304 12.16 -0.42 65.86
N PRO U 305 11.77 -1.45 65.11
CA PRO U 305 12.29 -1.64 63.74
C PRO U 305 11.40 -1.02 62.69
N LYS U 306 11.94 -0.80 61.49
CA LYS U 306 11.09 -0.51 60.34
C LYS U 306 11.88 -0.74 59.06
N ASN U 307 11.16 -1.09 58.00
CA ASN U 307 11.70 -1.18 56.64
C ASN U 307 10.97 -0.17 55.77
N TRP U 308 11.72 0.62 55.01
CA TRP U 308 11.15 1.84 54.46
C TRP U 308 11.97 2.34 53.27
N VAL U 309 11.26 2.92 52.31
CA VAL U 309 11.81 3.33 51.03
C VAL U 309 11.94 4.84 51.00
N THR U 310 13.09 5.33 50.54
CA THR U 310 13.31 6.74 50.28
C THR U 310 13.11 7.01 48.80
N THR U 311 12.25 7.97 48.48
CA THR U 311 12.00 8.41 47.12
C THR U 311 12.67 9.76 46.89
N GLY U 312 13.46 9.84 45.83
CA GLY U 312 14.14 11.07 45.49
C GLY U 312 15.63 10.94 45.31
N ASP U 313 16.41 11.78 45.99
CA ASP U 313 17.86 11.70 45.87
C ASP U 313 18.40 10.36 46.36
N PRO U 314 18.20 9.96 47.62
CA PRO U 314 18.65 8.62 48.02
C PRO U 314 17.55 7.58 47.80
N ALA U 315 17.09 7.48 46.56
CA ALA U 315 15.94 6.63 46.26
C ALA U 315 16.34 5.18 46.44
N ARG U 316 16.13 4.67 47.65
CA ARG U 316 16.64 3.36 48.06
C ARG U 316 15.66 2.80 49.07
N GLU U 317 16.10 1.79 49.82
CA GLU U 317 15.27 1.21 50.87
C GLU U 317 16.16 0.69 51.99
N PHE U 318 15.75 0.97 53.23
CA PHE U 318 16.58 0.80 54.40
C PHE U 318 15.82 0.11 55.52
N THR U 319 16.59 -0.44 56.45
CA THR U 319 16.08 -0.94 57.72
C THR U 319 16.60 -0.05 58.84
N MET U 320 15.68 0.46 59.67
CA MET U 320 15.96 1.48 60.67
C MET U 320 15.62 0.88 62.03
N ILE U 321 16.52 1.01 63.00
CA ILE U 321 16.30 0.51 64.34
C ILE U 321 16.45 1.66 65.31
N GLN U 322 15.48 1.83 66.21
CA GLN U 322 15.49 2.94 67.15
C GLN U 322 15.26 2.44 68.57
N SER U 323 15.99 3.04 69.51
CA SER U 323 15.92 2.68 70.92
C SER U 323 16.40 3.86 71.73
N ALA U 324 16.26 3.76 73.06
CA ALA U 324 16.73 4.81 73.97
C ALA U 324 16.93 4.23 75.36
N PRO U 325 17.98 3.44 75.57
CA PRO U 325 18.25 2.91 76.90
C PRO U 325 19.11 3.83 77.76
N LEU U 326 18.84 3.81 79.06
CA LEU U 326 19.69 4.50 80.03
C LEU U 326 19.81 3.62 81.28
N MET U 327 20.02 2.33 81.04
CA MET U 327 20.21 1.34 82.09
C MET U 327 21.28 1.75 83.09
N LEU U 328 20.95 1.59 84.37
CA LEU U 328 21.82 1.89 85.50
C LEU U 328 21.62 0.83 86.56
N LEU U 329 22.29 1.00 87.69
CA LEU U 329 22.14 0.11 88.85
C LEU U 329 21.47 0.88 89.98
N ALA U 330 20.49 0.24 90.62
CA ALA U 330 19.78 0.90 91.72
C ALA U 330 20.70 1.16 92.89
N ASP U 331 21.52 0.18 93.27
CA ASP U 331 22.45 0.32 94.38
C ASP U 331 23.88 0.22 93.88
N PRO U 332 24.54 1.35 93.61
CA PRO U 332 25.96 1.29 93.24
C PRO U 332 26.84 0.72 94.34
N ASP U 333 26.43 0.88 95.60
CA ASP U 333 27.16 0.31 96.72
C ASP U 333 27.05 -1.21 96.78
N GLU U 334 26.16 -1.81 95.99
CA GLU U 334 26.01 -3.26 95.99
C GLU U 334 27.27 -3.98 95.51
N PHE U 335 28.04 -3.36 94.62
CA PHE U 335 29.25 -3.96 94.10
C PHE U 335 30.47 -3.15 94.50
N VAL U 336 31.48 -3.86 95.00
CA VAL U 336 32.79 -3.28 95.28
C VAL U 336 33.66 -3.51 94.06
N SER U 337 34.16 -2.41 93.48
CA SER U 337 34.95 -2.46 92.25
C SER U 337 36.42 -2.32 92.62
N VAL U 338 37.21 -3.34 92.29
CA VAL U 338 38.62 -3.42 92.67
C VAL U 338 39.44 -3.60 91.42
N GLN U 339 40.49 -2.79 91.27
CA GLN U 339 41.52 -3.07 90.29
C GLN U 339 42.59 -3.93 90.95
N LEU U 340 43.02 -4.96 90.24
CA LEU U 340 43.85 -6.01 90.81
C LEU U 340 45.33 -5.71 90.61
N ALA U 341 46.16 -6.58 91.18
CA ALA U 341 47.61 -6.47 91.06
C ALA U 341 48.05 -6.65 89.61
N ALA V 7 -12.79 -2.84 93.63
CA ALA V 7 -13.20 -3.90 94.55
C ALA V 7 -13.31 -5.24 93.81
N GLN V 8 -12.33 -6.11 94.04
CA GLN V 8 -12.31 -7.44 93.44
C GLN V 8 -12.42 -8.49 94.54
N LEU V 9 -12.81 -9.70 94.14
CA LEU V 9 -13.21 -10.73 95.08
C LEU V 9 -12.03 -11.19 95.95
N LEU V 10 -12.37 -11.97 96.98
CA LEU V 10 -11.37 -12.50 97.90
C LEU V 10 -10.41 -13.46 97.20
N ALA V 11 -10.91 -14.26 96.26
CA ALA V 11 -10.09 -15.28 95.62
C ALA V 11 -8.95 -14.71 94.79
N ALA V 12 -8.95 -13.41 94.50
CA ALA V 12 -7.85 -12.78 93.78
C ALA V 12 -6.70 -12.49 94.73
N ASN V 13 -6.20 -13.55 95.35
CA ASN V 13 -5.13 -13.48 96.34
C ASN V 13 -4.12 -14.59 96.11
N GLU V 14 -3.73 -14.80 94.85
CA GLU V 14 -2.85 -15.89 94.47
C GLU V 14 -1.42 -15.37 94.34
N GLN V 15 -0.52 -15.89 95.18
CA GLN V 15 0.89 -15.55 95.11
C GLN V 15 1.77 -16.74 94.74
N LYS V 16 1.67 -17.82 95.52
CA LYS V 16 2.62 -18.94 95.46
C LYS V 16 4.05 -18.45 95.69
N PHE V 17 4.19 -17.39 96.49
CA PHE V 17 5.48 -16.78 96.83
C PHE V 17 5.62 -16.78 98.35
N LYS V 18 6.16 -17.86 98.90
CA LYS V 18 6.48 -17.94 100.32
C LYS V 18 7.99 -18.11 100.45
N PHE V 19 8.66 -17.00 100.71
CA PHE V 19 10.12 -16.94 100.72
C PHE V 19 10.62 -16.21 101.96
N ASP V 20 10.08 -16.55 103.11
CA ASP V 20 10.57 -16.00 104.37
C ASP V 20 11.97 -16.52 104.68
N PRO V 21 12.85 -15.71 105.28
CA PRO V 21 14.26 -16.10 105.49
C PRO V 21 14.50 -17.13 106.59
N LEU V 22 14.02 -18.35 106.33
CA LEU V 22 14.41 -19.55 107.08
C LEU V 22 14.03 -19.50 108.56
N PHE V 23 13.28 -18.49 108.99
CA PHE V 23 12.86 -18.42 110.38
C PHE V 23 11.43 -18.89 110.60
N LEU V 24 10.46 -18.25 109.94
CA LEU V 24 9.06 -18.65 110.08
C LEU V 24 8.74 -19.92 109.32
N ARG V 25 9.66 -20.39 108.47
CA ARG V 25 9.46 -21.60 107.68
C ARG V 25 10.23 -22.80 108.21
N LEU V 26 11.24 -22.59 109.05
CA LEU V 26 12.12 -23.65 109.50
C LEU V 26 12.16 -23.81 111.01
N PHE V 27 12.19 -22.73 111.77
CA PHE V 27 12.11 -22.84 113.22
C PHE V 27 10.69 -22.63 113.76
N PHE V 28 9.86 -21.87 113.06
CA PHE V 28 8.57 -21.42 113.58
C PHE V 28 7.42 -21.90 112.72
N ARG V 29 7.41 -23.19 112.38
CA ARG V 29 6.36 -23.79 111.57
C ARG V 29 5.05 -23.95 112.33
N GLU V 30 5.05 -23.74 113.65
CA GLU V 30 4.03 -24.28 114.54
C GLU V 30 2.87 -23.29 114.66
N SER V 31 2.09 -23.13 113.59
CA SER V 31 1.06 -22.10 113.50
C SER V 31 -0.15 -22.44 114.36
N TYR V 32 -0.66 -21.44 115.09
CA TYR V 32 -1.88 -21.61 115.88
C TYR V 32 -2.80 -20.40 115.73
N PRO V 33 -3.47 -20.26 114.58
CA PRO V 33 -4.53 -19.23 114.52
C PRO V 33 -5.74 -19.63 115.36
N PHE V 34 -6.26 -18.63 116.09
CA PHE V 34 -7.31 -18.82 117.07
C PHE V 34 -8.57 -18.07 116.66
N THR V 35 -9.69 -18.50 117.23
CA THR V 35 -10.95 -17.77 117.16
C THR V 35 -11.06 -16.76 118.31
N THR V 36 -10.00 -16.66 119.12
CA THR V 36 -9.99 -15.82 120.31
C THR V 36 -8.86 -14.81 120.19
N GLU V 37 -9.04 -13.69 120.90
CA GLU V 37 -8.15 -12.53 120.74
C GLU V 37 -6.70 -12.88 121.05
N LYS V 38 -6.43 -13.23 122.31
CA LYS V 38 -5.08 -13.37 122.81
C LYS V 38 -4.49 -14.74 122.47
N VAL V 39 -3.25 -14.95 122.88
CA VAL V 39 -2.63 -16.27 122.90
C VAL V 39 -2.82 -16.86 124.29
N TYR V 40 -3.23 -18.12 124.32
CA TYR V 40 -3.50 -18.82 125.58
C TYR V 40 -2.57 -20.03 125.61
N LEU V 41 -1.34 -19.83 126.08
CA LEU V 41 -0.35 -20.90 126.07
C LEU V 41 -0.83 -22.12 126.85
N SER V 42 -1.70 -21.92 127.84
CA SER V 42 -2.34 -23.05 128.48
C SER V 42 -3.21 -23.84 127.51
N GLN V 43 -3.85 -23.15 126.57
CA GLN V 43 -4.66 -23.82 125.55
C GLN V 43 -3.80 -24.63 124.59
N ILE V 44 -2.67 -24.09 124.14
CA ILE V 44 -1.77 -24.86 123.27
C ILE V 44 -1.25 -26.07 124.03
N PRO V 45 -1.31 -27.28 123.47
CA PRO V 45 -0.71 -28.43 124.16
C PRO V 45 0.79 -28.29 124.31
N GLY V 46 1.46 -27.69 123.32
CA GLY V 46 2.89 -27.58 123.31
C GLY V 46 3.53 -28.96 123.44
N LEU V 47 4.50 -29.06 124.34
CA LEU V 47 5.00 -30.35 124.74
C LEU V 47 4.00 -31.04 125.68
N VAL V 48 3.76 -32.31 125.41
CA VAL V 48 2.78 -33.10 126.15
C VAL V 48 3.50 -33.83 127.28
N ASN V 49 2.84 -33.94 128.43
CA ASN V 49 3.33 -34.79 129.51
C ASN V 49 3.45 -36.22 128.99
N MET V 50 4.68 -36.71 128.87
CA MET V 50 4.99 -37.76 127.90
C MET V 50 5.93 -38.81 128.47
N ALA V 51 5.62 -39.37 129.65
CA ALA V 51 6.43 -40.45 130.17
C ALA V 51 5.63 -41.58 130.81
N LEU V 52 4.68 -41.24 131.68
CA LEU V 52 4.13 -42.19 132.63
C LEU V 52 3.19 -43.20 131.95
N TYR V 53 3.27 -44.45 132.39
CA TYR V 53 2.32 -45.48 132.02
C TYR V 53 1.51 -45.88 133.24
N VAL V 54 0.70 -46.93 133.09
CA VAL V 54 -0.16 -47.41 134.17
C VAL V 54 0.08 -48.90 134.38
N SER V 55 -0.30 -49.39 135.56
CA SER V 55 -0.07 -50.76 135.94
C SER V 55 -0.86 -51.72 135.05
N PRO V 56 -0.37 -52.96 134.89
CA PRO V 56 -1.10 -53.93 134.05
C PRO V 56 -2.34 -54.52 134.72
N ILE V 57 -3.16 -53.67 135.34
CA ILE V 57 -4.45 -54.11 135.86
C ILE V 57 -5.56 -53.21 135.31
N VAL V 58 -5.41 -51.90 135.52
CA VAL V 58 -6.34 -50.90 135.00
C VAL V 58 -5.53 -49.72 134.48
N SER V 59 -6.24 -48.69 134.02
CA SER V 59 -5.56 -47.49 133.54
C SER V 59 -5.89 -46.30 134.44
N GLY V 60 -5.10 -45.23 134.27
CA GLY V 60 -5.12 -44.12 135.19
C GLY V 60 -6.06 -43.00 134.77
N GLU V 61 -5.70 -41.80 135.19
CA GLU V 61 -6.56 -40.62 135.06
C GLU V 61 -6.50 -40.07 133.64
N VAL V 62 -7.16 -38.94 133.43
CA VAL V 62 -7.22 -38.28 132.13
C VAL V 62 -6.10 -37.27 132.05
N ILE V 63 -5.39 -37.24 130.93
CA ILE V 63 -4.28 -36.32 130.71
C ILE V 63 -4.77 -35.17 129.83
N ARG V 64 -4.42 -33.96 130.20
CA ARG V 64 -4.89 -32.72 129.57
C ARG V 64 -3.73 -32.01 128.89
N SER V 65 -4.03 -30.85 128.31
CA SER V 65 -3.01 -29.88 127.97
C SER V 65 -2.51 -29.28 129.27
N ARG V 66 -1.21 -29.40 129.53
CA ARG V 66 -0.69 -29.27 130.89
C ARG V 66 -0.54 -27.81 131.32
N GLY V 67 -1.65 -27.07 131.18
CA GLY V 67 -1.85 -25.79 131.84
C GLY V 67 -0.68 -24.83 131.88
N GLY V 68 -0.33 -24.26 130.72
CA GLY V 68 0.74 -23.27 130.66
C GLY V 68 0.58 -22.16 131.68
N SER V 69 1.67 -21.82 132.36
CA SER V 69 1.59 -20.87 133.47
C SER V 69 1.11 -19.50 133.00
N THR V 70 1.71 -18.97 131.94
CA THR V 70 1.32 -17.68 131.38
C THR V 70 0.62 -17.92 130.04
N SER V 71 -0.63 -17.47 129.95
CA SER V 71 -1.44 -17.69 128.76
C SER V 71 -2.18 -16.43 128.31
N GLU V 72 -1.52 -15.27 128.32
CA GLU V 72 -2.18 -14.01 127.99
C GLU V 72 -1.15 -13.03 127.43
N PHE V 73 -1.08 -12.95 126.10
CA PHE V 73 -0.32 -11.90 125.43
C PHE V 73 -1.12 -11.40 124.23
N THR V 74 -0.81 -10.17 123.81
CA THR V 74 -1.58 -9.51 122.76
C THR V 74 -0.93 -9.76 121.40
N PRO V 75 -1.60 -10.46 120.49
CA PRO V 75 -1.04 -10.62 119.14
C PRO V 75 -0.92 -9.29 118.42
N GLY V 76 0.05 -9.19 117.53
CA GLY V 76 0.27 -7.99 116.75
C GLY V 76 -0.73 -7.85 115.62
N TYR V 77 -1.96 -7.48 115.94
CA TYR V 77 -2.96 -7.33 114.90
C TYR V 77 -2.56 -6.18 113.98
N VAL V 78 -2.03 -6.55 112.83
CA VAL V 78 -1.52 -5.64 111.83
C VAL V 78 -2.49 -5.61 110.66
N LYS V 79 -3.12 -4.45 110.45
CA LYS V 79 -3.93 -4.37 109.24
C LYS V 79 -3.56 -3.13 108.45
N PRO V 80 -2.59 -3.21 107.54
CA PRO V 80 -2.31 -2.08 106.67
C PRO V 80 -3.14 -2.12 105.39
N LYS V 81 -2.99 -1.10 104.56
CA LYS V 81 -3.71 -1.04 103.30
C LYS V 81 -2.91 -0.18 102.33
N HIS V 82 -3.37 -0.16 101.08
CA HIS V 82 -2.85 0.77 100.10
C HIS V 82 -3.93 1.07 99.08
N GLU V 83 -3.63 2.01 98.20
CA GLU V 83 -4.46 2.29 97.05
C GLU V 83 -3.86 1.60 95.82
N VAL V 84 -4.75 1.24 94.90
CA VAL V 84 -4.36 0.66 93.62
C VAL V 84 -4.95 1.52 92.51
N ASN V 85 -5.01 2.82 92.75
CA ASN V 85 -5.61 3.78 91.83
C ASN V 85 -4.99 3.67 90.44
N PRO V 86 -5.79 3.42 89.41
CA PRO V 86 -5.23 3.25 88.06
C PRO V 86 -4.75 4.57 87.45
N GLN V 87 -3.83 5.24 88.12
CA GLN V 87 -3.18 6.42 87.59
C GLN V 87 -1.69 6.22 87.32
N MET V 88 -1.11 5.11 87.76
CA MET V 88 0.31 4.87 87.55
C MET V 88 0.57 4.07 86.29
N THR V 89 1.75 4.28 85.70
CA THR V 89 2.36 3.22 84.92
C THR V 89 3.05 2.24 85.87
N LEU V 90 2.85 0.95 85.61
CA LEU V 90 3.15 -0.10 86.56
C LEU V 90 4.50 -0.76 86.27
N ARG V 91 4.80 -1.80 87.03
CA ARG V 91 5.96 -2.63 86.73
C ARG V 91 5.70 -3.33 85.40
N ARG V 92 6.41 -2.98 84.33
CA ARG V 92 6.22 -3.64 83.05
C ARG V 92 7.26 -4.73 82.87
N LEU V 93 6.90 -5.96 83.20
CA LEU V 93 7.70 -7.11 82.79
C LEU V 93 8.02 -6.98 81.30
N PRO V 94 9.26 -7.31 80.88
CA PRO V 94 9.67 -7.00 79.51
C PRO V 94 8.72 -7.47 78.41
N ASP V 95 8.06 -6.51 77.79
CA ASP V 95 7.34 -6.66 76.52
C ASP V 95 6.35 -7.82 76.51
N GLU V 96 5.51 -7.95 77.53
CA GLU V 96 4.31 -8.79 77.43
C GLU V 96 3.09 -7.92 77.15
N ASP V 97 3.05 -7.39 75.93
CA ASP V 97 1.88 -6.73 75.36
C ASP V 97 1.34 -5.62 76.24
N PRO V 98 1.99 -4.45 76.29
CA PRO V 98 1.50 -3.35 77.16
C PRO V 98 0.09 -2.89 76.83
N GLN V 99 -0.54 -3.43 75.78
CA GLN V 99 -1.93 -3.12 75.52
C GLN V 99 -2.84 -3.52 76.68
N ASN V 100 -2.52 -4.62 77.38
CA ASN V 100 -3.32 -4.97 78.54
C ASN V 100 -3.05 -4.05 79.73
N LEU V 101 -1.82 -3.53 79.86
CA LEU V 101 -1.62 -2.45 80.83
C LEU V 101 -2.47 -1.25 80.48
N ALA V 102 -2.59 -0.93 79.19
CA ALA V 102 -3.52 0.12 78.77
C ALA V 102 -4.94 -0.16 79.21
N ASP V 103 -5.31 -1.43 79.37
CA ASP V 103 -6.59 -1.77 79.97
C ASP V 103 -6.61 -1.36 81.43
N PRO V 104 -7.62 -0.61 81.88
CA PRO V 104 -7.79 -0.43 83.33
C PRO V 104 -8.03 -1.73 84.08
N ALA V 105 -8.64 -2.73 83.44
CA ALA V 105 -8.89 -3.99 84.14
C ALA V 105 -7.59 -4.73 84.46
N TYR V 106 -6.72 -4.90 83.47
CA TYR V 106 -5.47 -5.61 83.73
C TYR V 106 -4.55 -4.78 84.61
N ARG V 107 -4.49 -3.46 84.40
CA ARG V 107 -3.65 -2.66 85.27
C ARG V 107 -4.13 -2.78 86.70
N ARG V 108 -5.44 -2.70 86.93
CA ARG V 108 -5.96 -2.75 88.29
C ARG V 108 -5.72 -4.12 88.92
N ARG V 109 -5.90 -5.20 88.16
CA ARG V 109 -5.71 -6.51 88.79
C ARG V 109 -4.24 -6.79 89.08
N ARG V 110 -3.32 -6.47 88.17
CA ARG V 110 -1.94 -6.79 88.51
C ARG V 110 -1.37 -5.76 89.47
N ILE V 111 -1.98 -4.57 89.58
CA ILE V 111 -1.54 -3.64 90.60
C ILE V 111 -2.07 -4.04 91.97
N ILE V 112 -3.25 -4.66 92.05
CA ILE V 112 -3.62 -5.22 93.34
C ILE V 112 -2.72 -6.40 93.67
N MET V 113 -2.29 -7.15 92.63
CA MET V 113 -1.28 -8.18 92.85
C MET V 113 -0.02 -7.59 93.49
N GLN V 114 0.52 -6.52 92.88
CA GLN V 114 1.73 -5.88 93.37
C GLN V 114 1.52 -5.29 94.76
N ASN V 115 0.40 -4.60 94.96
CA ASN V 115 0.10 -4.01 96.25
C ASN V 115 0.05 -5.08 97.34
N MET V 116 -0.71 -6.14 97.10
CA MET V 116 -0.87 -7.11 98.16
C MET V 116 0.43 -7.84 98.42
N ARG V 117 1.24 -8.11 97.39
CA ARG V 117 2.51 -8.79 97.64
C ARG V 117 3.42 -7.92 98.47
N ASP V 118 3.47 -6.61 98.17
CA ASP V 118 4.15 -5.69 99.09
C ASP V 118 3.61 -5.84 100.49
N GLU V 119 2.30 -6.03 100.61
CA GLU V 119 1.67 -6.12 101.93
C GLU V 119 2.16 -7.35 102.71
N GLU V 120 2.12 -8.55 102.09
CA GLU V 120 2.52 -9.70 102.89
C GLU V 120 4.03 -9.71 103.10
N LEU V 121 4.80 -9.14 102.18
CA LEU V 121 6.23 -9.08 102.48
C LEU V 121 6.52 -8.05 103.56
N ALA V 122 5.66 -7.03 103.70
CA ALA V 122 5.77 -6.12 104.84
C ALA V 122 5.50 -6.84 106.14
N ILE V 123 4.39 -7.59 106.20
CA ILE V 123 4.10 -8.31 107.44
C ILE V 123 5.17 -9.37 107.68
N ALA V 124 5.74 -9.93 106.62
CA ALA V 124 6.80 -10.92 106.76
C ALA V 124 8.07 -10.29 107.32
N GLN V 125 8.42 -9.09 106.87
CA GLN V 125 9.63 -8.45 107.39
C GLN V 125 9.45 -7.98 108.82
N VAL V 126 8.26 -7.48 109.17
CA VAL V 126 8.04 -7.14 110.58
C VAL V 126 8.02 -8.41 111.43
N GLU V 127 7.54 -9.52 110.87
CA GLU V 127 7.55 -10.79 111.57
C GLU V 127 8.97 -11.30 111.75
N GLU V 128 9.84 -11.04 110.77
CA GLU V 128 11.24 -11.41 110.89
C GLU V 128 11.96 -10.55 111.91
N MET V 129 11.60 -9.27 112.03
CA MET V 129 12.13 -8.49 113.15
C MET V 129 11.67 -9.05 114.48
N GLN V 130 10.40 -9.46 114.57
CA GLN V 130 9.93 -10.13 115.77
C GLN V 130 10.74 -11.39 116.05
N ALA V 131 11.04 -12.16 115.00
CA ALA V 131 11.80 -13.40 115.15
C ALA V 131 13.22 -13.12 115.63
N VAL V 132 13.86 -12.09 115.08
CA VAL V 132 15.24 -11.80 115.47
C VAL V 132 15.29 -11.28 116.91
N SER V 133 14.32 -10.46 117.31
CA SER V 133 14.22 -10.09 118.72
C SER V 133 14.03 -11.33 119.59
N ALA V 134 13.11 -12.20 119.17
CA ALA V 134 12.77 -13.39 119.93
C ALA V 134 14.00 -14.28 120.15
N VAL V 135 14.53 -14.85 119.07
CA VAL V 135 15.80 -15.54 119.24
C VAL V 135 16.92 -14.56 118.90
N LEU V 136 17.04 -13.52 119.71
CA LEU V 136 18.31 -12.95 120.17
C LEU V 136 18.27 -12.55 121.62
N LYS V 137 17.10 -12.30 122.22
CA LYS V 137 17.06 -11.98 123.64
C LYS V 137 15.94 -12.68 124.41
N GLY V 138 15.01 -13.37 123.76
CA GLY V 138 13.90 -13.96 124.46
C GLY V 138 12.79 -12.99 124.79
N LYS V 139 13.03 -11.70 124.57
CA LYS V 139 12.06 -10.63 124.79
C LYS V 139 11.57 -10.12 123.44
N TYR V 140 10.26 -9.84 123.38
CA TYR V 140 9.69 -9.20 122.20
C TYR V 140 8.87 -8.00 122.65
N THR V 141 9.01 -6.90 121.92
CA THR V 141 8.32 -5.65 122.23
C THR V 141 7.05 -5.57 121.38
N MET V 142 5.94 -6.06 121.91
CA MET V 142 4.61 -5.79 121.37
C MET V 142 4.28 -4.34 121.65
N THR V 143 4.59 -3.46 120.70
CA THR V 143 4.48 -2.03 120.96
C THR V 143 4.08 -1.30 119.69
N GLY V 144 3.53 -0.11 119.89
CA GLY V 144 3.17 0.79 118.82
C GLY V 144 2.51 2.01 119.42
N GLU V 145 2.52 3.10 118.65
CA GLU V 145 1.89 4.32 119.13
C GLU V 145 0.39 4.09 119.29
N ALA V 146 -0.19 4.77 120.29
CA ALA V 146 -1.57 4.51 120.71
C ALA V 146 -1.77 3.03 121.04
N PHE V 147 -0.81 2.46 121.74
CA PHE V 147 -0.85 1.07 122.18
C PHE V 147 0.20 0.86 123.26
N ASP V 148 -0.18 0.18 124.33
CA ASP V 148 0.76 -0.03 125.43
C ASP V 148 1.84 -1.02 125.02
N PRO V 149 3.10 -0.78 125.40
CA PRO V 149 4.15 -1.75 125.09
C PRO V 149 4.11 -2.94 126.05
N VAL V 150 3.70 -4.09 125.54
CA VAL V 150 3.72 -5.35 126.26
C VAL V 150 5.02 -6.06 125.92
N GLU V 151 5.78 -6.42 126.94
CA GLU V 151 6.95 -7.28 126.77
C GLU V 151 6.50 -8.72 126.82
N VAL V 152 6.67 -9.44 125.72
CA VAL V 152 6.34 -10.86 125.63
C VAL V 152 7.64 -11.62 125.76
N ASP V 153 7.79 -12.35 126.87
CA ASP V 153 9.03 -13.05 127.19
C ASP V 153 8.81 -14.55 127.10
N MET V 154 9.61 -15.23 126.29
CA MET V 154 9.60 -16.69 126.34
C MET V 154 10.31 -17.20 127.60
N GLY V 155 11.31 -16.48 128.11
CA GLY V 155 11.99 -16.89 129.31
C GLY V 155 13.44 -17.24 129.09
N ARG V 156 14.10 -16.54 128.16
CA ARG V 156 15.50 -16.81 127.88
C ARG V 156 16.35 -16.64 129.14
N SER V 157 17.15 -17.66 129.44
CA SER V 157 17.90 -17.71 130.67
C SER V 157 19.19 -16.89 130.56
N GLU V 158 19.84 -16.71 131.71
CA GLU V 158 21.08 -15.93 131.75
C GLU V 158 22.21 -16.62 131.01
N GLU V 159 22.36 -17.94 131.18
CA GLU V 159 23.38 -18.67 130.44
C GLU V 159 23.10 -18.67 128.94
N ASN V 160 21.90 -18.34 128.52
CA ASN V 160 21.58 -18.12 127.12
C ASN V 160 21.87 -16.69 126.67
N ASN V 161 22.35 -15.84 127.58
CA ASN V 161 22.67 -14.45 127.27
C ASN V 161 24.09 -14.11 127.67
N ILE V 162 24.92 -15.14 127.85
CA ILE V 162 26.31 -14.89 128.22
C ILE V 162 27.08 -14.33 127.03
N THR V 163 28.04 -13.46 127.33
CA THR V 163 28.65 -12.57 126.35
C THR V 163 30.11 -12.94 126.10
N GLN V 164 30.52 -12.81 124.83
CA GLN V 164 31.92 -13.06 124.47
C GLN V 164 32.86 -11.99 124.99
N SER V 165 32.42 -10.73 125.03
CA SER V 165 33.30 -9.66 125.52
C SER V 165 33.66 -9.85 126.99
N GLY V 166 32.80 -10.53 127.74
CA GLY V 166 33.13 -10.85 129.12
C GLY V 166 34.38 -11.71 129.19
N GLY V 167 35.33 -11.32 130.00
CA GLY V 167 36.59 -12.03 130.10
C GLY V 167 37.54 -11.69 128.96
N THR V 168 37.76 -12.65 128.06
CA THR V 168 38.66 -12.47 126.94
C THR V 168 37.85 -12.40 125.65
N GLU V 169 38.14 -11.38 124.84
CA GLU V 169 37.46 -11.17 123.58
C GLU V 169 38.21 -11.86 122.44
N TRP V 170 37.46 -12.29 121.43
CA TRP V 170 38.10 -12.87 120.25
C TRP V 170 38.96 -11.85 119.52
N SER V 171 38.52 -10.58 119.50
CA SER V 171 39.38 -9.52 118.98
C SER V 171 40.66 -9.41 119.83
N LYS V 172 40.52 -9.54 121.15
CA LYS V 172 41.67 -9.55 122.06
C LYS V 172 42.23 -10.95 122.24
N ARG V 173 42.53 -11.61 121.13
CA ARG V 173 43.12 -12.95 121.13
C ARG V 173 44.09 -13.06 119.97
N ASP V 174 44.81 -14.17 119.93
CA ASP V 174 45.73 -14.43 118.83
C ASP V 174 44.93 -14.70 117.56
N LYS V 175 45.16 -13.89 116.53
CA LYS V 175 44.47 -14.05 115.26
C LYS V 175 44.93 -15.27 114.48
N SER V 176 45.99 -15.94 114.93
CA SER V 176 46.56 -17.06 114.20
C SER V 176 46.40 -18.41 114.91
N THR V 177 46.68 -18.48 116.20
CA THR V 177 46.70 -19.77 116.90
C THR V 177 45.46 -20.06 117.71
N TYR V 178 44.76 -19.04 118.19
CA TYR V 178 43.57 -19.28 119.01
C TYR V 178 42.47 -19.92 118.17
N ASP V 179 41.81 -20.91 118.76
CA ASP V 179 40.69 -21.59 118.13
C ASP V 179 39.41 -21.27 118.89
N PRO V 180 38.43 -20.60 118.27
CA PRO V 180 37.18 -20.31 118.96
C PRO V 180 36.23 -21.50 119.06
N THR V 181 36.65 -22.68 118.60
CA THR V 181 35.82 -23.87 118.76
C THR V 181 35.57 -24.17 120.23
N ASP V 182 36.58 -23.95 121.08
CA ASP V 182 36.40 -24.14 122.51
C ASP V 182 35.23 -23.32 123.03
N ASP V 183 35.18 -22.03 122.67
CA ASP V 183 34.01 -21.22 122.98
C ASP V 183 32.76 -21.76 122.31
N ILE V 184 32.91 -22.37 121.13
CA ILE V 184 31.73 -22.89 120.43
C ILE V 184 31.04 -23.95 121.28
N GLU V 185 31.79 -24.96 121.75
CA GLU V 185 31.12 -25.93 122.62
C GLU V 185 30.81 -25.33 123.99
N ALA V 186 31.58 -24.35 124.44
CA ALA V 186 31.29 -23.72 125.73
C ALA V 186 29.90 -23.09 125.73
N TYR V 187 29.54 -22.42 124.63
CA TYR V 187 28.20 -21.84 124.53
C TYR V 187 27.16 -22.85 124.08
N ALA V 188 27.58 -23.90 123.37
CA ALA V 188 26.63 -24.91 122.90
C ALA V 188 26.18 -25.87 123.99
N LEU V 189 27.00 -26.10 125.02
CA LEU V 189 26.66 -27.08 126.03
C LEU V 189 25.39 -26.70 126.79
N ASN V 190 25.26 -25.42 127.14
CA ASN V 190 24.07 -24.95 127.86
C ASN V 190 23.02 -24.43 126.88
N ALA V 191 22.73 -25.21 125.83
CA ALA V 191 21.73 -24.85 124.84
C ALA V 191 20.58 -25.83 124.78
N SER V 192 20.54 -26.82 125.68
CA SER V 192 19.48 -27.83 125.70
C SER V 192 19.36 -28.55 124.37
N GLY V 193 20.48 -28.85 123.76
CA GLY V 193 20.48 -29.59 122.51
C GLY V 193 21.74 -29.36 121.71
N VAL V 194 21.73 -29.94 120.51
CA VAL V 194 22.85 -29.86 119.58
C VAL V 194 22.66 -28.66 118.67
N VAL V 195 23.76 -27.97 118.37
CA VAL V 195 23.77 -26.84 117.44
C VAL V 195 24.34 -27.31 116.12
N ASN V 196 23.65 -27.02 115.02
CA ASN V 196 24.10 -27.44 113.71
C ASN V 196 24.13 -26.31 112.67
N ILE V 197 23.84 -25.08 113.06
CA ILE V 197 24.04 -23.92 112.21
C ILE V 197 24.72 -22.83 113.05
N ILE V 198 25.74 -22.19 112.48
CA ILE V 198 26.49 -21.17 113.22
C ILE V 198 26.33 -19.84 112.50
N VAL V 199 25.12 -19.59 111.97
CA VAL V 199 24.83 -18.36 111.23
C VAL V 199 25.26 -17.13 112.02
N PHE V 200 26.12 -16.32 111.41
CA PHE V 200 26.64 -15.08 111.96
C PHE V 200 26.04 -13.89 111.23
N ASP V 201 26.12 -12.74 111.87
CA ASP V 201 26.09 -11.49 111.15
C ASP V 201 27.47 -11.23 110.53
N PRO V 202 27.54 -10.41 109.46
CA PRO V 202 28.74 -10.38 108.60
C PRO V 202 30.06 -10.17 109.34
N LYS V 203 30.21 -9.06 110.07
CA LYS V 203 31.49 -8.82 110.74
C LYS V 203 31.71 -9.79 111.88
N GLY V 204 30.63 -10.33 112.46
CA GLY V 204 30.80 -11.41 113.43
C GLY V 204 31.50 -12.61 112.83
N TRP V 205 31.03 -13.05 111.66
CA TRP V 205 31.73 -14.12 110.95
C TRP V 205 33.11 -13.67 110.51
N ALA V 206 33.29 -12.37 110.25
CA ALA V 206 34.60 -11.88 109.85
C ALA V 206 35.63 -12.11 110.96
N LEU V 207 35.34 -11.68 112.19
CA LEU V 207 36.33 -11.92 113.24
C LEU V 207 36.33 -13.37 113.69
N PHE V 208 35.25 -14.12 113.45
CA PHE V 208 35.29 -15.56 113.67
C PHE V 208 36.33 -16.22 112.77
N ARG V 209 36.28 -15.93 111.47
CA ARG V 209 37.18 -16.54 110.51
C ARG V 209 38.56 -15.90 110.51
N SER V 210 38.72 -14.74 111.14
CA SER V 210 40.05 -14.14 111.25
C SER V 210 41.05 -15.09 111.88
N PHE V 211 40.61 -15.96 112.78
CA PHE V 211 41.47 -16.99 113.34
C PHE V 211 41.83 -18.00 112.26
N LYS V 212 43.11 -18.33 112.16
CA LYS V 212 43.55 -19.31 111.15
C LYS V 212 42.90 -20.66 111.41
N ALA V 213 42.99 -21.16 112.64
CA ALA V 213 42.40 -22.44 113.00
C ALA V 213 41.01 -22.60 112.40
N VAL V 214 40.22 -21.52 112.39
CA VAL V 214 38.92 -21.56 111.73
C VAL V 214 39.10 -21.85 110.24
N LYS V 215 40.04 -21.17 109.59
CA LYS V 215 40.08 -21.22 108.13
C LYS V 215 40.67 -22.52 107.61
N GLU V 216 41.60 -23.15 108.34
CA GLU V 216 41.99 -24.50 107.96
C GLU V 216 41.20 -25.59 108.68
N LYS V 217 40.23 -25.24 109.53
CA LYS V 217 39.31 -26.22 110.06
C LYS V 217 38.02 -26.30 109.27
N LEU V 218 37.64 -25.24 108.58
CA LEU V 218 36.40 -25.22 107.82
C LEU V 218 36.59 -25.90 106.48
N ASP V 219 35.53 -26.56 106.01
CA ASP V 219 35.51 -27.19 104.70
C ASP V 219 34.66 -26.32 103.77
N THR V 220 35.30 -25.74 102.76
CA THR V 220 34.59 -24.94 101.77
C THR V 220 33.72 -25.79 100.86
N ARG V 221 33.90 -27.11 100.87
CA ARG V 221 33.21 -27.97 99.93
C ARG V 221 31.72 -28.00 100.23
N ARG V 222 30.95 -28.46 99.24
CA ARG V 222 29.52 -28.66 99.43
C ARG V 222 29.28 -29.65 100.55
N GLY V 223 29.69 -30.90 100.34
CA GLY V 223 29.40 -31.98 101.28
C GLY V 223 27.97 -31.89 101.75
N SER V 224 27.04 -31.95 100.81
CA SER V 224 25.67 -31.51 101.06
C SER V 224 25.06 -32.28 102.23
N ASN V 225 24.87 -31.58 103.34
CA ASN V 225 24.40 -32.20 104.57
C ASN V 225 22.89 -32.38 104.58
N SER V 226 22.14 -31.35 104.22
CA SER V 226 20.69 -31.36 104.39
C SER V 226 20.08 -30.49 103.31
N GLU V 227 18.82 -30.10 103.52
CA GLU V 227 18.12 -29.21 102.62
C GLU V 227 18.49 -27.74 102.83
N LEU V 228 19.48 -27.45 103.68
CA LEU V 228 19.88 -26.07 103.88
C LEU V 228 20.52 -25.49 102.63
N GLU V 229 21.24 -26.31 101.87
CA GLU V 229 21.74 -25.85 100.57
C GLU V 229 20.58 -25.48 99.65
N THR V 230 19.52 -26.30 99.64
CA THR V 230 18.36 -25.97 98.84
C THR V 230 17.71 -24.67 99.31
N ALA V 231 17.66 -24.47 100.63
CA ALA V 231 17.12 -23.23 101.17
C ALA V 231 17.93 -22.02 100.74
N VAL V 232 19.26 -22.16 100.74
CA VAL V 232 20.12 -21.06 100.28
C VAL V 232 19.93 -20.81 98.80
N LYS V 233 19.85 -21.87 98.00
CA LYS V 233 19.59 -21.68 96.57
C LYS V 233 18.26 -20.98 96.34
N ASP V 234 17.24 -21.30 97.13
CA ASP V 234 15.98 -20.58 97.05
C ASP V 234 16.16 -19.11 97.42
N LEU V 235 16.59 -18.85 98.65
CA LEU V 235 16.79 -17.48 99.13
C LEU V 235 18.27 -17.09 99.02
N GLY V 236 18.75 -17.03 97.78
CA GLY V 236 20.07 -16.51 97.52
C GLY V 236 20.26 -15.04 97.81
N LYS V 237 19.33 -14.41 98.51
CA LYS V 237 19.39 -12.97 98.73
C LYS V 237 20.28 -12.62 99.92
N ALA V 238 19.92 -13.10 101.12
CA ALA V 238 20.56 -12.58 102.33
C ALA V 238 21.10 -13.68 103.24
N VAL V 239 20.79 -14.94 102.98
CA VAL V 239 21.41 -16.06 103.68
C VAL V 239 22.54 -16.60 102.80
N SER V 240 23.72 -16.71 103.37
CA SER V 240 24.92 -17.08 102.64
C SER V 240 25.55 -18.30 103.30
N TYR V 241 25.48 -19.42 102.60
CA TYR V 241 26.06 -20.68 103.06
C TYR V 241 27.57 -20.62 102.87
N LYS V 242 28.29 -20.20 103.91
CA LYS V 242 29.74 -20.08 103.81
C LYS V 242 30.37 -21.43 103.49
N GLY V 243 29.92 -22.48 104.17
CA GLY V 243 30.45 -23.82 103.93
C GLY V 243 30.36 -24.65 105.19
N MET V 244 31.15 -25.72 105.20
CA MET V 244 31.30 -26.59 106.35
C MET V 244 32.45 -26.11 107.22
N TYR V 245 32.20 -26.07 108.53
CA TYR V 245 33.27 -25.96 109.51
C TYR V 245 33.69 -27.35 109.99
N GLY V 246 33.46 -28.35 109.13
CA GLY V 246 33.60 -29.73 109.51
C GLY V 246 32.29 -30.29 110.03
N ASP V 247 32.19 -30.42 111.35
CA ASP V 247 30.97 -30.92 111.98
C ASP V 247 29.75 -30.04 111.73
N VAL V 248 29.90 -28.72 111.77
CA VAL V 248 28.77 -27.81 111.82
C VAL V 248 28.73 -26.97 110.54
N ALA V 249 27.54 -26.48 110.20
CA ALA V 249 27.36 -25.63 109.04
C ALA V 249 27.60 -24.16 109.40
N ILE V 250 28.24 -23.44 108.50
CA ILE V 250 28.55 -22.03 108.69
C ILE V 250 27.69 -21.22 107.71
N VAL V 251 26.87 -20.33 108.26
CA VAL V 251 25.99 -19.49 107.46
C VAL V 251 26.18 -18.05 107.94
N VAL V 252 25.84 -17.10 107.07
CA VAL V 252 25.83 -15.69 107.43
C VAL V 252 24.54 -15.07 106.94
N TYR V 253 23.81 -14.39 107.82
CA TYR V 253 22.62 -13.64 107.44
C TYR V 253 22.96 -12.16 107.41
N SER V 254 22.71 -11.53 106.27
CA SER V 254 22.90 -10.10 106.10
C SER V 254 21.62 -9.44 105.58
N GLY V 255 20.48 -9.91 106.08
CA GLY V 255 19.21 -9.32 105.67
C GLY V 255 19.07 -7.90 106.19
N GLN V 256 18.31 -7.10 105.46
CA GLN V 256 18.14 -5.69 105.77
C GLN V 256 16.67 -5.32 105.70
N TYR V 257 16.23 -4.46 106.62
CA TYR V 257 14.89 -3.88 106.57
C TYR V 257 15.01 -2.41 106.21
N VAL V 258 14.09 -1.95 105.37
CA VAL V 258 14.10 -0.59 104.85
C VAL V 258 13.01 0.17 105.59
N GLU V 259 13.41 0.90 106.62
CA GLU V 259 12.45 1.54 107.51
C GLU V 259 11.96 2.85 106.90
N ASN V 260 11.30 3.67 107.72
CA ASN V 260 10.48 4.78 107.23
C ASN V 260 11.26 5.72 106.32
N GLY V 261 12.53 5.99 106.63
CA GLY V 261 13.29 6.90 105.81
C GLY V 261 14.66 6.36 105.42
N VAL V 262 15.08 5.27 106.06
CA VAL V 262 16.42 4.73 105.89
C VAL V 262 16.32 3.21 105.88
N LYS V 263 17.43 2.56 105.57
CA LYS V 263 17.56 1.11 105.61
C LYS V 263 18.69 0.70 106.54
N LYS V 264 18.53 -0.47 107.15
CA LYS V 264 19.59 -0.99 108.01
C LYS V 264 19.37 -2.49 108.22
N ASN V 265 20.44 -3.20 108.55
CA ASN V 265 20.37 -4.65 108.68
C ASN V 265 19.46 -5.07 109.82
N PHE V 266 18.82 -6.23 109.66
CA PHE V 266 18.06 -6.84 110.74
C PHE V 266 18.96 -7.11 111.93
N LEU V 267 20.12 -7.71 111.70
CA LEU V 267 21.09 -8.17 112.67
C LEU V 267 21.82 -7.01 113.34
N PRO V 268 22.05 -7.13 114.64
CA PRO V 268 22.94 -6.17 115.33
C PRO V 268 24.39 -6.34 114.91
N ASP V 269 25.29 -5.62 115.57
CA ASP V 269 26.68 -5.55 115.10
C ASP V 269 27.35 -6.92 115.11
N ASN V 270 27.32 -7.62 116.24
CA ASN V 270 28.04 -8.88 116.40
C ASN V 270 27.25 -9.75 117.38
N THR V 271 26.44 -10.65 116.85
CA THR V 271 25.60 -11.49 117.69
C THR V 271 25.53 -12.90 117.12
N MET V 272 25.12 -13.82 118.00
CA MET V 272 25.05 -15.24 117.71
C MET V 272 23.94 -15.89 118.51
N VAL V 273 23.28 -16.88 117.92
CA VAL V 273 22.36 -17.76 118.63
C VAL V 273 22.73 -19.20 118.31
N LEU V 274 23.05 -19.96 119.34
CA LEU V 274 23.43 -21.36 119.23
C LEU V 274 22.22 -22.23 119.56
N GLY V 275 21.81 -23.05 118.60
CA GLY V 275 20.68 -23.93 118.79
C GLY V 275 20.48 -24.84 117.60
N ASN V 276 19.38 -25.58 117.62
CA ASN V 276 19.06 -26.55 116.59
C ASN V 276 18.29 -25.91 115.45
N THR V 277 18.27 -26.61 114.31
CA THR V 277 17.42 -26.26 113.18
C THR V 277 15.98 -26.73 113.37
N GLN V 278 15.73 -27.62 114.32
CA GLN V 278 14.39 -28.11 114.59
C GLN V 278 13.81 -27.62 115.90
N ALA V 279 14.22 -26.42 116.34
CA ALA V 279 13.61 -25.84 117.53
C ALA V 279 12.14 -25.53 117.26
N ARG V 280 11.34 -25.58 118.32
CA ARG V 280 9.89 -25.49 118.17
C ARG V 280 9.48 -24.02 118.22
N GLY V 281 8.85 -23.55 117.15
CA GLY V 281 8.42 -22.17 117.09
C GLY V 281 6.92 -22.00 116.90
N LEU V 282 6.28 -21.27 117.81
CA LEU V 282 4.84 -21.09 117.78
C LEU V 282 4.49 -19.85 116.97
N ARG V 283 3.43 -19.96 116.18
CA ARG V 283 2.87 -18.88 115.37
C ARG V 283 1.43 -18.64 115.78
N THR V 284 1.20 -18.45 117.07
CA THR V 284 -0.15 -18.12 117.53
C THR V 284 -0.66 -16.87 116.83
N TYR V 285 -1.93 -16.92 116.42
CA TYR V 285 -2.54 -15.85 115.65
C TYR V 285 -3.84 -15.48 116.33
N GLY V 286 -4.09 -14.18 116.48
CA GLY V 286 -5.26 -13.70 117.17
C GLY V 286 -6.48 -13.60 116.28
N CYS V 287 -7.50 -12.94 116.81
CA CYS V 287 -8.71 -12.68 116.04
C CYS V 287 -8.43 -11.73 114.88
N ILE V 288 -9.21 -11.87 113.81
CA ILE V 288 -9.15 -10.95 112.69
C ILE V 288 -10.40 -10.05 112.75
N GLN V 289 -10.20 -8.76 113.01
CA GLN V 289 -11.30 -7.83 113.23
C GLN V 289 -11.78 -7.29 111.88
N ASP V 290 -12.53 -8.13 111.17
CA ASP V 290 -13.15 -7.73 109.92
C ASP V 290 -14.49 -8.43 109.79
N ALA V 291 -15.56 -7.65 109.64
CA ALA V 291 -16.91 -8.21 109.62
C ALA V 291 -17.02 -9.32 108.59
N ASP V 292 -16.35 -9.13 107.44
CA ASP V 292 -16.28 -10.20 106.43
C ASP V 292 -15.66 -11.46 107.02
N ALA V 293 -14.54 -11.31 107.73
CA ALA V 293 -13.85 -12.46 108.30
C ALA V 293 -14.73 -13.18 109.30
N GLN V 294 -15.44 -12.43 110.16
CA GLN V 294 -16.29 -13.13 111.13
C GLN V 294 -17.46 -13.84 110.46
N ARG V 295 -18.14 -13.20 109.50
CA ARG V 295 -19.36 -13.88 109.08
C ARG V 295 -19.06 -14.94 108.04
N GLU V 296 -17.81 -15.03 107.56
CA GLU V 296 -17.42 -16.18 106.76
C GLU V 296 -16.43 -17.10 107.47
N GLY V 297 -16.15 -16.87 108.75
CA GLY V 297 -15.36 -17.81 109.53
C GLY V 297 -13.86 -17.72 109.36
N ILE V 298 -13.33 -16.54 109.03
CA ILE V 298 -11.89 -16.36 108.89
C ILE V 298 -11.40 -15.64 110.13
N ASN V 299 -12.13 -15.80 111.23
CA ASN V 299 -11.66 -15.30 112.53
C ASN V 299 -10.43 -16.07 113.01
N ALA V 300 -10.25 -17.30 112.53
CA ALA V 300 -9.12 -18.14 112.91
C ALA V 300 -8.39 -18.53 111.63
N SER V 301 -7.39 -17.72 111.26
CA SER V 301 -6.65 -17.97 110.04
C SER V 301 -5.31 -17.25 110.11
N ALA V 302 -4.57 -17.32 109.00
CA ALA V 302 -3.30 -16.61 108.92
C ALA V 302 -3.50 -15.16 108.49
N ARG V 303 -3.97 -14.94 107.27
CA ARG V 303 -4.02 -13.63 106.65
C ARG V 303 -5.41 -13.40 106.06
N TYR V 304 -5.72 -12.14 105.80
CA TYR V 304 -6.97 -11.83 105.11
C TYR V 304 -6.79 -10.64 104.18
N PRO V 305 -6.92 -10.83 102.87
CA PRO V 305 -6.93 -9.70 101.94
C PRO V 305 -8.35 -9.25 101.60
N LYS V 306 -8.48 -8.04 101.07
CA LYS V 306 -9.74 -7.64 100.44
C LYS V 306 -9.50 -6.42 99.55
N ASN V 307 -10.32 -6.31 98.51
CA ASN V 307 -10.36 -5.13 97.66
C ASN V 307 -11.76 -4.51 97.77
N TRP V 308 -11.81 -3.20 97.98
CA TRP V 308 -13.04 -2.60 98.48
C TRP V 308 -13.09 -1.11 98.20
N VAL V 309 -14.30 -0.63 97.92
CA VAL V 309 -14.53 0.74 97.49
C VAL V 309 -15.15 1.52 98.63
N THR V 310 -14.64 2.73 98.87
CA THR V 310 -15.24 3.68 99.79
C THR V 310 -16.08 4.68 99.02
N THR V 311 -17.33 4.82 99.44
CA THR V 311 -18.26 5.78 98.86
C THR V 311 -18.46 6.94 99.82
N GLY V 312 -18.27 8.15 99.31
CA GLY V 312 -18.43 9.34 100.12
C GLY V 312 -17.25 10.29 100.09
N ASP V 313 -16.76 10.67 101.28
CA ASP V 313 -15.62 11.57 101.34
C ASP V 313 -14.37 10.96 100.71
N PRO V 314 -13.85 9.82 101.18
CA PRO V 314 -12.72 9.20 100.48
C PRO V 314 -13.20 8.22 99.41
N ALA V 315 -14.00 8.73 98.47
CA ALA V 315 -14.63 7.85 97.49
C ALA V 315 -13.56 7.31 96.56
N ARG V 316 -13.02 6.15 96.92
CA ARG V 316 -11.85 5.58 96.27
C ARG V 316 -11.97 4.06 96.36
N GLU V 317 -10.87 3.37 96.12
CA GLU V 317 -10.86 1.92 96.25
C GLU V 317 -9.48 1.46 96.70
N PHE V 318 -9.46 0.52 97.63
CA PHE V 318 -8.26 0.15 98.38
C PHE V 318 -8.12 -1.36 98.46
N THR V 319 -6.88 -1.77 98.74
CA THR V 319 -6.57 -3.15 99.11
C THR V 319 -6.15 -3.17 100.58
N MET V 320 -6.79 -4.04 101.36
CA MET V 320 -6.65 -4.08 102.81
C MET V 320 -6.14 -5.45 103.19
N ILE V 321 -5.10 -5.50 104.02
CA ILE V 321 -4.52 -6.76 104.47
C ILE V 321 -4.57 -6.78 105.99
N GLN V 322 -5.06 -7.87 106.56
CA GLN V 322 -5.22 -7.99 108.01
C GLN V 322 -4.62 -9.30 108.51
N SER V 323 -3.95 -9.21 109.66
CA SER V 323 -3.29 -10.36 110.27
C SER V 323 -3.16 -10.08 111.76
N ALA V 324 -2.72 -11.09 112.51
CA ALA V 324 -2.47 -10.94 113.95
C ALA V 324 -1.51 -12.01 114.43
N PRO V 325 -0.22 -11.89 114.11
CA PRO V 325 0.76 -12.85 114.59
C PRO V 325 1.33 -12.50 115.94
N LEU V 326 1.63 -13.52 116.73
CA LEU V 326 2.35 -13.36 117.98
C LEU V 326 3.35 -14.52 118.14
N MET V 327 4.02 -14.83 117.03
CA MET V 327 5.05 -15.87 116.99
C MET V 327 6.09 -15.72 118.08
N LEU V 328 6.39 -16.83 118.72
CA LEU V 328 7.38 -16.93 119.79
C LEU V 328 8.13 -18.25 119.64
N LEU V 329 9.02 -18.53 120.58
CA LEU V 329 9.76 -19.79 120.63
C LEU V 329 9.31 -20.59 121.84
N ALA V 330 9.07 -21.89 121.65
CA ALA V 330 8.61 -22.73 122.75
C ALA V 330 9.68 -22.84 123.83
N ASP V 331 10.93 -23.06 123.43
CA ASP V 331 12.04 -23.19 124.37
C ASP V 331 13.03 -22.05 124.16
N PRO V 332 12.92 -20.98 124.94
CA PRO V 332 13.93 -19.91 124.85
C PRO V 332 15.32 -20.39 125.24
N ASP V 333 15.42 -21.39 126.10
CA ASP V 333 16.70 -21.97 126.49
C ASP V 333 17.34 -22.78 125.37
N GLU V 334 16.61 -23.05 124.29
CA GLU V 334 17.17 -23.79 123.16
C GLU V 334 18.31 -23.06 122.50
N PHE V 335 18.30 -21.73 122.49
CA PHE V 335 19.35 -20.94 121.86
C PHE V 335 20.09 -20.12 122.90
N VAL V 336 21.41 -20.18 122.82
CA VAL V 336 22.30 -19.33 123.60
C VAL V 336 22.62 -18.10 122.77
N SER V 337 22.28 -16.93 123.29
CA SER V 337 22.47 -15.67 122.58
C SER V 337 23.71 -14.97 123.12
N VAL V 338 24.69 -14.76 122.25
CA VAL V 338 26.00 -14.23 122.62
C VAL V 338 26.26 -12.99 121.78
N GLN V 339 26.65 -11.90 122.44
CA GLN V 339 27.23 -10.76 121.75
C GLN V 339 28.73 -10.97 121.66
N LEU V 340 29.29 -10.71 120.48
CA LEU V 340 30.66 -11.08 120.16
C LEU V 340 31.62 -9.94 120.46
N ALA V 341 32.90 -10.23 120.27
CA ALA V 341 33.95 -9.24 120.48
C ALA V 341 33.84 -8.10 119.48
N ALA W 7 -15.39 -42.44 120.99
CA ALA W 7 -15.14 -43.85 120.69
C ALA W 7 -15.53 -44.18 119.26
N GLN W 8 -14.52 -44.33 118.40
CA GLN W 8 -14.72 -44.68 117.01
C GLN W 8 -14.11 -46.05 116.73
N LEU W 9 -14.56 -46.67 115.64
CA LEU W 9 -14.29 -48.09 115.37
C LEU W 9 -12.81 -48.33 115.13
N LEU W 10 -12.45 -49.62 115.11
CA LEU W 10 -11.07 -50.03 114.88
C LEU W 10 -10.58 -49.64 113.48
N ALA W 11 -11.45 -49.72 112.47
CA ALA W 11 -11.05 -49.47 111.10
C ALA W 11 -10.61 -48.04 110.84
N ALA W 12 -10.88 -47.11 111.76
CA ALA W 12 -10.42 -45.73 111.63
C ALA W 12 -8.96 -45.61 112.05
N ASN W 13 -8.11 -46.39 111.37
CA ASN W 13 -6.69 -46.46 111.66
C ASN W 13 -5.89 -46.45 110.35
N GLU W 14 -6.24 -45.54 109.45
CA GLU W 14 -5.64 -45.48 108.12
C GLU W 14 -4.57 -44.39 108.11
N GLN W 15 -3.32 -44.78 107.87
CA GLN W 15 -2.21 -43.84 107.75
C GLN W 15 -1.60 -43.85 106.36
N LYS W 16 -1.16 -45.02 105.88
CA LYS W 16 -0.31 -45.15 104.70
C LYS W 16 0.96 -44.32 104.83
N PHE W 17 1.43 -44.17 106.08
CA PHE W 17 2.63 -43.41 106.41
C PHE W 17 3.60 -44.34 107.15
N LYS W 18 4.43 -45.04 106.40
CA LYS W 18 5.49 -45.87 106.98
C LYS W 18 6.82 -45.30 106.51
N PHE W 19 7.45 -44.51 107.38
CA PHE W 19 8.65 -43.75 107.05
C PHE W 19 9.70 -43.90 108.14
N ASP W 20 9.91 -45.13 108.60
CA ASP W 20 10.97 -45.41 109.57
C ASP W 20 12.35 -45.22 108.93
N PRO W 21 13.35 -44.71 109.67
CA PRO W 21 14.67 -44.37 109.08
C PRO W 21 15.55 -45.57 108.74
N LEU W 22 15.11 -46.31 107.73
CA LEU W 22 15.93 -47.31 107.04
C LEU W 22 16.44 -48.44 107.92
N PHE W 23 15.99 -48.51 109.16
CA PHE W 23 16.39 -49.61 110.04
C PHE W 23 15.37 -50.71 110.14
N LEU W 24 14.15 -50.40 110.59
CA LEU W 24 13.10 -51.40 110.70
C LEU W 24 12.52 -51.79 109.36
N ARG W 25 12.84 -51.06 108.30
CA ARG W 25 12.34 -51.32 106.96
C ARG W 25 13.36 -51.96 106.04
N LEU W 26 14.65 -51.89 106.37
CA LEU W 26 15.71 -52.35 105.50
C LEU W 26 16.60 -53.42 106.13
N PHE W 27 16.96 -53.29 107.40
CA PHE W 27 17.70 -54.36 108.07
C PHE W 27 16.81 -55.28 108.88
N PHE W 28 15.67 -54.81 109.37
CA PHE W 28 14.86 -55.54 110.34
C PHE W 28 13.47 -55.80 109.81
N ARG W 29 13.38 -56.32 108.58
CA ARG W 29 12.10 -56.65 107.96
C ARG W 29 11.45 -57.89 108.56
N GLU W 30 12.16 -58.63 109.40
CA GLU W 30 11.86 -60.03 109.68
C GLU W 30 10.89 -60.13 110.86
N SER W 31 9.63 -59.71 110.65
CA SER W 31 8.65 -59.57 111.71
C SER W 31 8.15 -60.93 112.19
N TYR W 32 8.05 -61.10 113.51
CA TYR W 32 7.49 -62.33 114.10
C TYR W 32 6.55 -61.98 115.26
N PRO W 33 5.34 -61.49 114.97
CA PRO W 33 4.35 -61.39 116.05
C PRO W 33 3.85 -62.77 116.47
N PHE W 34 3.74 -62.94 117.80
CA PHE W 34 3.42 -64.21 118.42
C PHE W 34 2.10 -64.14 119.16
N THR W 35 1.52 -65.32 119.39
CA THR W 35 0.38 -65.48 120.28
C THR W 35 0.85 -65.71 121.71
N THR W 36 2.16 -65.66 121.93
CA THR W 36 2.76 -65.96 123.22
C THR W 36 3.56 -64.75 123.70
N GLU W 37 3.72 -64.67 125.03
CA GLU W 37 4.26 -63.46 125.65
C GLU W 37 5.67 -63.15 125.16
N LYS W 38 6.62 -64.04 125.43
CA LYS W 38 8.03 -63.79 125.22
C LYS W 38 8.42 -64.05 123.77
N VAL W 39 9.70 -63.83 123.49
CA VAL W 39 10.32 -64.28 122.26
C VAL W 39 11.00 -65.61 122.52
N TYR W 40 10.77 -66.56 121.61
CA TYR W 40 11.30 -67.91 121.75
C TYR W 40 12.19 -68.17 120.53
N LEU W 41 13.45 -67.76 120.62
CA LEU W 41 14.35 -67.87 119.48
C LEU W 41 14.49 -69.31 119.00
N SER W 42 14.29 -70.28 119.90
CA SER W 42 14.21 -71.67 119.48
C SER W 42 13.02 -71.89 118.55
N GLN W 43 11.91 -71.19 118.80
CA GLN W 43 10.74 -71.31 117.95
C GLN W 43 10.98 -70.72 116.56
N ILE W 44 11.62 -69.56 116.49
CA ILE W 44 11.94 -68.97 115.17
C ILE W 44 12.90 -69.90 114.44
N PRO W 45 12.62 -70.25 113.18
CA PRO W 45 13.59 -71.06 112.42
C PRO W 45 14.92 -70.34 112.22
N GLY W 46 14.87 -69.01 112.04
CA GLY W 46 16.04 -68.24 111.74
C GLY W 46 16.74 -68.78 110.52
N LEU W 47 18.06 -68.96 110.64
CA LEU W 47 18.81 -69.71 109.66
C LEU W 47 18.55 -71.20 109.83
N VAL W 48 18.30 -71.88 108.71
CA VAL W 48 17.97 -73.30 108.69
C VAL W 48 19.25 -74.10 108.49
N ASN W 49 19.35 -75.24 109.15
CA ASN W 49 20.43 -76.19 108.89
C ASN W 49 20.35 -76.60 107.42
N MET W 50 21.34 -76.18 106.64
CA MET W 50 21.14 -76.00 105.20
C MET W 50 22.32 -76.51 104.38
N ALA W 51 22.76 -77.75 104.61
CA ALA W 51 23.82 -78.30 103.77
C ALA W 51 23.59 -79.76 103.38
N LEU W 52 23.27 -80.61 104.35
CA LEU W 52 23.40 -82.06 104.20
C LEU W 52 22.34 -82.63 103.29
N TYR W 53 22.75 -83.60 102.46
CA TYR W 53 21.82 -84.41 101.68
C TYR W 53 21.87 -85.84 102.18
N VAL W 54 21.20 -86.74 101.46
CA VAL W 54 21.13 -88.14 101.84
C VAL W 54 21.55 -89.01 100.66
N SER W 55 21.93 -90.26 100.97
CA SER W 55 22.45 -91.18 99.97
C SER W 55 21.38 -91.52 98.93
N PRO W 56 21.79 -91.88 97.71
CA PRO W 56 20.80 -92.24 96.68
C PRO W 56 20.19 -93.63 96.87
N ILE W 57 19.79 -93.96 98.08
CA ILE W 57 19.03 -95.19 98.34
C ILE W 57 17.75 -94.86 99.09
N VAL W 58 17.87 -94.19 100.22
CA VAL W 58 16.74 -93.74 101.02
C VAL W 58 17.04 -92.33 101.52
N SER W 59 16.11 -91.78 102.30
CA SER W 59 16.31 -90.46 102.86
C SER W 59 16.44 -90.53 104.39
N GLY W 60 16.91 -89.43 104.96
CA GLY W 60 17.31 -89.41 106.35
C GLY W 60 16.21 -88.96 107.30
N GLU W 61 16.65 -88.38 108.41
CA GLU W 61 15.78 -88.04 109.53
C GLU W 61 14.99 -86.77 109.24
N VAL W 62 14.23 -86.32 110.23
CA VAL W 62 13.42 -85.13 110.13
C VAL W 62 14.22 -83.93 110.63
N ILE W 63 14.19 -82.83 109.88
CA ILE W 63 14.91 -81.61 110.24
C ILE W 63 13.92 -80.63 110.86
N ARG W 64 14.32 -80.00 111.95
CA ARG W 64 13.47 -79.13 112.76
C ARG W 64 14.01 -77.70 112.69
N SER W 65 13.34 -76.82 113.43
CA SER W 65 13.91 -75.53 113.79
C SER W 65 15.00 -75.80 114.81
N ARG W 66 16.24 -75.39 114.51
CA ARG W 66 17.42 -75.95 115.17
C ARG W 66 17.65 -75.34 116.55
N GLY W 67 16.61 -75.38 117.37
CA GLY W 67 16.70 -75.18 118.81
C GLY W 67 17.61 -74.08 119.31
N GLY W 68 17.23 -72.83 119.10
CA GLY W 68 17.99 -71.69 119.58
C GLY W 68 18.33 -71.81 121.06
N SER W 69 19.59 -71.52 121.41
CA SER W 69 20.06 -71.75 122.77
C SER W 69 19.30 -70.91 123.78
N THR W 70 19.16 -69.61 123.51
CA THR W 70 18.41 -68.70 124.38
C THR W 70 17.12 -68.31 123.69
N SER W 71 15.99 -68.61 124.34
CA SER W 71 14.68 -68.35 123.77
C SER W 71 13.72 -67.71 124.76
N GLU W 72 14.17 -66.73 125.54
CA GLU W 72 13.35 -66.13 126.59
C GLU W 72 13.80 -64.69 126.83
N PHE W 73 13.13 -63.73 126.20
CA PHE W 73 13.30 -62.32 126.52
C PHE W 73 11.93 -61.65 126.52
N THR W 74 11.85 -60.52 127.24
CA THR W 74 10.59 -59.83 127.45
C THR W 74 10.39 -58.76 126.37
N PRO W 75 9.39 -58.88 125.51
CA PRO W 75 9.12 -57.81 124.55
C PRO W 75 8.70 -56.52 125.24
N GLY W 76 9.02 -55.40 124.61
CA GLY W 76 8.66 -54.09 125.14
C GLY W 76 7.20 -53.77 124.93
N TYR W 77 6.33 -54.38 125.73
CA TYR W 77 4.92 -54.10 125.58
C TYR W 77 4.65 -52.66 125.95
N VAL W 78 4.46 -51.84 124.92
CA VAL W 78 4.26 -50.41 125.03
C VAL W 78 2.81 -50.11 124.71
N LYS W 79 2.08 -49.63 125.71
CA LYS W 79 0.74 -49.19 125.38
C LYS W 79 0.50 -47.77 125.89
N PRO W 80 0.81 -46.75 125.10
CA PRO W 80 0.47 -45.39 125.51
C PRO W 80 -0.93 -44.99 125.05
N LYS W 81 -1.35 -43.78 125.42
CA LYS W 81 -2.65 -43.26 125.01
C LYS W 81 -2.59 -41.75 125.01
N HIS W 82 -3.67 -41.16 124.51
CA HIS W 82 -3.85 -39.72 124.63
C HIS W 82 -5.34 -39.42 124.66
N GLU W 83 -5.65 -38.15 124.90
CA GLU W 83 -7.00 -37.65 124.74
C GLU W 83 -7.14 -36.93 123.40
N VAL W 84 -8.35 -36.98 122.87
CA VAL W 84 -8.68 -36.27 121.64
C VAL W 84 -9.86 -35.34 121.93
N ASN W 85 -9.89 -34.79 123.14
CA ASN W 85 -10.97 -33.95 123.62
C ASN W 85 -11.21 -32.79 122.65
N PRO W 86 -12.43 -32.64 122.13
CA PRO W 86 -12.71 -31.56 121.17
C PRO W 86 -12.75 -30.18 121.80
N GLN W 87 -11.67 -29.80 122.45
CA GLN W 87 -11.52 -28.44 122.97
C GLN W 87 -10.42 -27.65 122.28
N MET W 88 -9.60 -28.27 121.45
CA MET W 88 -8.52 -27.57 120.77
C MET W 88 -8.94 -27.06 119.40
N THR W 89 -8.31 -25.98 118.97
CA THR W 89 -8.15 -25.76 117.55
C THR W 89 -6.97 -26.60 117.04
N LEU W 90 -7.18 -27.26 115.91
CA LEU W 90 -6.32 -28.34 115.46
C LEU W 90 -5.32 -27.85 114.42
N ARG W 91 -4.55 -28.79 113.86
CA ARG W 91 -3.70 -28.49 112.72
C ARG W 91 -4.60 -28.15 111.54
N ARG W 92 -4.62 -26.89 111.11
CA ARG W 92 -5.45 -26.52 109.96
C ARG W 92 -4.59 -26.50 108.70
N LEU W 93 -4.61 -27.60 107.95
CA LEU W 93 -4.09 -27.59 106.60
C LEU W 93 -4.64 -26.37 105.86
N PRO W 94 -3.83 -25.68 105.05
CA PRO W 94 -4.28 -24.39 104.50
C PRO W 94 -5.63 -24.41 103.79
N ASP W 95 -6.61 -23.78 104.45
CA ASP W 95 -7.89 -23.39 103.86
C ASP W 95 -8.62 -24.53 103.16
N GLU W 96 -8.74 -25.70 103.80
CA GLU W 96 -9.72 -26.69 103.37
C GLU W 96 -10.97 -26.62 104.27
N ASP W 97 -11.72 -25.53 104.08
CA ASP W 97 -13.06 -25.37 104.64
C ASP W 97 -13.10 -25.59 106.15
N PRO W 98 -12.63 -24.63 106.96
CA PRO W 98 -12.64 -24.81 108.41
C PRO W 98 -14.03 -25.03 109.00
N GLN W 99 -15.08 -24.97 108.19
CA GLN W 99 -16.41 -25.31 108.68
C GLN W 99 -16.48 -26.74 109.18
N ASN W 100 -15.75 -27.66 108.56
CA ASN W 100 -15.74 -29.03 109.07
C ASN W 100 -14.93 -29.15 110.35
N LEU W 101 -13.88 -28.34 110.53
CA LEU W 101 -13.27 -28.26 111.84
C LEU W 101 -14.25 -27.78 112.88
N ALA W 102 -15.10 -26.81 112.52
CA ALA W 102 -16.18 -26.38 113.40
C ALA W 102 -17.10 -27.55 113.77
N ASP W 103 -17.20 -28.55 112.92
CA ASP W 103 -17.91 -29.78 113.28
C ASP W 103 -17.14 -30.52 114.37
N PRO W 104 -17.79 -30.88 115.47
CA PRO W 104 -17.15 -31.82 116.40
C PRO W 104 -16.83 -33.17 115.78
N ALA W 105 -17.60 -33.63 114.80
CA ALA W 105 -17.33 -34.92 114.18
C ALA W 105 -16.01 -34.90 113.40
N TYR W 106 -15.83 -33.91 112.53
CA TYR W 106 -14.59 -33.88 111.76
C TYR W 106 -13.40 -33.53 112.64
N ARG W 107 -13.58 -32.60 113.59
CA ARG W 107 -12.46 -32.30 114.48
C ARG W 107 -12.05 -33.55 115.24
N ARG W 108 -13.03 -34.31 115.77
CA ARG W 108 -12.69 -35.49 116.55
C ARG W 108 -12.03 -36.56 115.69
N ARG W 109 -12.52 -36.76 114.46
CA ARG W 109 -11.91 -37.82 113.66
C ARG W 109 -10.51 -37.45 113.19
N ARG W 110 -10.28 -36.22 112.75
CA ARG W 110 -8.92 -35.94 112.30
C ARG W 110 -7.99 -35.71 113.49
N ILE W 111 -8.55 -35.39 114.67
CA ILE W 111 -7.69 -35.32 115.85
C ILE W 111 -7.34 -36.72 116.35
N ILE W 112 -8.21 -37.71 116.19
CA ILE W 112 -7.76 -39.06 116.49
C ILE W 112 -6.74 -39.49 115.44
N MET W 113 -6.89 -39.02 114.20
CA MET W 113 -5.85 -39.25 113.19
C MET W 113 -4.51 -38.71 113.69
N GLN W 114 -4.49 -37.45 114.09
CA GLN W 114 -3.26 -36.80 114.56
C GLN W 114 -2.71 -37.49 115.80
N ASN W 115 -3.57 -37.78 116.77
CA ASN W 115 -3.16 -38.44 117.99
C ASN W 115 -2.51 -39.78 117.68
N MET W 116 -3.19 -40.61 116.90
CA MET W 116 -2.66 -41.95 116.68
C MET W 116 -1.37 -41.89 115.87
N ARG W 117 -1.27 -40.96 114.91
CA ARG W 117 -0.02 -40.88 114.15
C ARG W 117 1.14 -40.47 115.05
N ASP W 118 0.91 -39.52 115.96
CA ASP W 118 1.90 -39.26 116.99
C ASP W 118 2.25 -40.53 117.73
N GLU W 119 1.25 -41.37 117.99
CA GLU W 119 1.47 -42.59 118.74
C GLU W 119 2.39 -43.56 118.01
N GLU W 120 2.11 -43.86 116.72
CA GLU W 120 2.99 -44.85 116.08
C GLU W 120 4.34 -44.24 115.79
N LEU W 121 4.44 -42.93 115.58
CA LEU W 121 5.77 -42.37 115.41
C LEU W 121 6.53 -42.36 116.73
N ALA W 122 5.82 -42.30 117.85
CA ALA W 122 6.47 -42.48 119.15
C ALA W 122 7.02 -43.88 119.30
N ILE W 123 6.20 -44.89 119.01
CA ILE W 123 6.70 -46.25 119.13
C ILE W 123 7.81 -46.49 118.10
N ALA W 124 7.73 -45.83 116.95
CA ALA W 124 8.77 -45.96 115.93
C ALA W 124 10.08 -45.35 116.41
N GLN W 125 10.03 -44.19 117.07
CA GLN W 125 11.26 -43.57 117.53
C GLN W 125 11.87 -44.33 118.70
N VAL W 126 11.04 -44.87 119.60
CA VAL W 126 11.62 -45.72 120.64
C VAL W 126 12.16 -47.00 120.05
N GLU W 127 11.54 -47.50 118.98
CA GLU W 127 12.05 -48.68 118.30
C GLU W 127 13.37 -48.38 117.60
N GLU W 128 13.51 -47.16 117.08
CA GLU W 128 14.78 -46.75 116.47
C GLU W 128 15.87 -46.58 117.51
N MET W 129 15.53 -46.11 118.72
CA MET W 129 16.54 -46.14 119.78
C MET W 129 16.93 -47.57 120.13
N GLN W 130 15.96 -48.48 120.16
CA GLN W 130 16.29 -49.89 120.35
C GLN W 130 17.22 -50.38 119.25
N ALA W 131 16.95 -49.99 118.00
CA ALA W 131 17.77 -50.41 116.87
C ALA W 131 19.19 -49.87 116.97
N VAL W 132 19.34 -48.61 117.37
CA VAL W 132 20.66 -48.02 117.44
C VAL W 132 21.46 -48.63 118.59
N SER W 133 20.81 -48.91 119.73
CA SER W 133 21.48 -49.67 120.77
C SER W 133 21.90 -51.05 120.25
N ALA W 134 20.98 -51.72 119.55
CA ALA W 134 21.22 -53.07 119.06
C ALA W 134 22.41 -53.11 118.12
N VAL W 135 22.31 -52.46 116.96
CA VAL W 135 23.52 -52.34 116.15
C VAL W 135 24.18 -51.00 116.49
N LEU W 136 24.65 -50.88 117.73
CA LEU W 136 25.90 -50.24 118.08
C LEU W 136 26.65 -50.98 119.17
N LYS W 137 25.99 -51.81 119.99
CA LYS W 137 26.71 -52.59 120.97
C LYS W 137 26.27 -54.04 121.10
N GLY W 138 25.20 -54.47 120.44
CA GLY W 138 24.71 -55.81 120.61
C GLY W 138 23.90 -56.02 121.86
N LYS W 139 23.86 -55.03 122.74
CA LYS W 139 23.11 -55.04 123.99
C LYS W 139 21.90 -54.12 123.84
N TYR W 140 20.77 -54.56 124.38
CA TYR W 140 19.58 -53.70 124.46
C TYR W 140 19.07 -53.72 125.89
N THR W 141 18.69 -52.55 126.38
CA THR W 141 18.18 -52.39 127.74
C THR W 141 16.65 -52.41 127.71
N MET W 142 16.06 -53.59 127.87
CA MET W 142 14.65 -53.74 128.16
C MET W 142 14.41 -53.27 129.58
N THR W 143 14.07 -51.99 129.73
CA THR W 143 14.01 -51.41 131.06
C THR W 143 12.92 -50.34 131.12
N GLY W 144 12.47 -50.08 132.34
CA GLY W 144 11.50 -49.04 132.63
C GLY W 144 11.20 -49.06 134.10
N GLU W 145 10.69 -47.94 134.61
CA GLU W 145 10.34 -47.88 136.02
C GLU W 145 9.21 -48.85 136.30
N ALA W 146 9.22 -49.41 137.52
CA ALA W 146 8.33 -50.52 137.89
C ALA W 146 8.46 -51.67 136.90
N PHE W 147 9.70 -51.99 136.53
CA PHE W 147 10.02 -53.08 135.62
C PHE W 147 11.50 -53.38 135.73
N ASP W 148 11.84 -54.67 135.81
CA ASP W 148 13.24 -55.04 135.96
C ASP W 148 13.99 -54.80 134.66
N PRO W 149 15.22 -54.30 134.71
CA PRO W 149 16.01 -54.13 133.48
C PRO W 149 16.60 -55.44 133.02
N VAL W 150 16.06 -55.96 131.92
CA VAL W 150 16.58 -57.15 131.25
C VAL W 150 17.53 -56.68 130.14
N GLU W 151 18.76 -57.18 130.18
CA GLU W 151 19.69 -56.97 129.08
C GLU W 151 19.47 -58.06 128.05
N VAL W 152 19.05 -57.65 126.85
CA VAL W 152 18.85 -58.57 125.73
C VAL W 152 20.06 -58.44 124.82
N ASP W 153 20.85 -59.51 124.75
CA ASP W 153 22.12 -59.49 124.02
C ASP W 153 21.99 -60.41 122.80
N MET W 154 22.27 -59.86 121.62
CA MET W 154 22.42 -60.73 120.46
C MET W 154 23.74 -61.49 120.49
N GLY W 155 24.78 -60.92 121.08
CA GLY W 155 26.05 -61.60 121.18
C GLY W 155 27.16 -60.94 120.40
N ARG W 156 27.13 -59.62 120.32
CA ARG W 156 28.16 -58.89 119.60
C ARG W 156 29.54 -59.21 120.15
N SER W 157 30.45 -59.57 119.27
CA SER W 157 31.77 -60.04 119.66
C SER W 157 32.71 -58.87 119.93
N GLU W 158 33.88 -59.20 120.49
CA GLU W 158 34.85 -58.17 120.83
C GLU W 158 35.44 -57.52 119.59
N GLU W 159 35.76 -58.30 118.56
CA GLU W 159 36.25 -57.71 117.32
C GLU W 159 35.20 -56.88 116.61
N ASN W 160 33.93 -57.01 116.99
CA ASN W 160 32.88 -56.12 116.54
C ASN W 160 32.76 -54.87 117.41
N ASN W 161 33.58 -54.74 118.44
CA ASN W 161 33.57 -53.60 119.35
C ASN W 161 34.95 -52.96 119.44
N ILE W 162 35.82 -53.25 118.49
CA ILE W 162 37.15 -52.67 118.50
C ILE W 162 37.07 -51.18 118.17
N THR W 163 37.98 -50.41 118.77
CA THR W 163 37.87 -48.96 118.85
C THR W 163 38.96 -48.29 118.03
N GLN W 164 38.59 -47.18 117.38
CA GLN W 164 39.56 -46.39 116.63
C GLN W 164 40.55 -45.65 117.53
N SER W 165 40.12 -45.18 118.70
CA SER W 165 41.02 -44.46 119.58
C SER W 165 42.15 -45.36 120.08
N GLY W 166 41.91 -46.67 120.14
CA GLY W 166 42.97 -47.59 120.49
C GLY W 166 44.11 -47.50 119.48
N GLY W 167 45.32 -47.35 119.98
CA GLY W 167 46.48 -47.19 119.12
C GLY W 167 46.60 -45.78 118.57
N THR W 168 46.37 -45.62 117.27
CA THR W 168 46.47 -44.34 116.59
C THR W 168 45.08 -43.85 116.22
N GLU W 169 44.78 -42.59 116.55
CA GLU W 169 43.51 -41.98 116.26
C GLU W 169 43.56 -41.25 114.93
N TRP W 170 42.40 -41.20 114.24
CA TRP W 170 42.33 -40.44 113.01
C TRP W 170 42.56 -38.96 113.26
N SER W 171 42.08 -38.44 114.39
CA SER W 171 42.43 -37.08 114.78
C SER W 171 43.94 -36.94 114.96
N LYS W 172 44.57 -37.94 115.55
CA LYS W 172 46.02 -37.97 115.72
C LYS W 172 46.70 -38.62 114.51
N ARG W 173 46.38 -38.10 113.33
CA ARG W 173 46.98 -38.58 112.09
C ARG W 173 47.14 -37.40 111.14
N ASP W 174 47.82 -37.64 110.03
CA ASP W 174 47.98 -36.62 109.01
C ASP W 174 46.64 -36.33 108.34
N LYS W 175 46.20 -35.08 108.43
CA LYS W 175 44.93 -34.68 107.83
C LYS W 175 44.99 -34.63 106.31
N SER W 176 46.16 -34.78 105.72
CA SER W 176 46.33 -34.66 104.27
C SER W 176 46.68 -35.96 103.57
N THR W 177 47.64 -36.73 104.10
CA THR W 177 48.16 -37.89 103.40
C THR W 177 47.60 -39.22 103.90
N TYR W 178 47.20 -39.30 105.17
CA TYR W 178 46.69 -40.55 105.70
C TYR W 178 45.37 -40.91 105.03
N ASP W 179 45.22 -42.20 104.70
CA ASP W 179 44.00 -42.73 104.11
C ASP W 179 43.33 -43.67 105.09
N PRO W 180 42.12 -43.36 105.58
CA PRO W 180 41.45 -44.28 106.51
C PRO W 180 40.81 -45.48 105.83
N THR W 181 41.00 -45.65 104.51
CA THR W 181 40.50 -46.84 103.84
C THR W 181 41.14 -48.09 104.41
N ASP W 182 42.42 -48.03 104.75
CA ASP W 182 43.08 -49.17 105.37
C ASP W 182 42.33 -49.62 106.62
N ASP W 183 41.99 -48.68 107.50
CA ASP W 183 41.13 -49.00 108.63
C ASP W 183 39.77 -49.48 108.17
N ILE W 184 39.28 -48.99 107.03
CA ILE W 184 37.96 -49.40 106.56
C ILE W 184 37.94 -50.91 106.30
N GLU W 185 38.90 -51.42 105.53
CA GLU W 185 38.90 -52.87 105.35
C GLU W 185 39.36 -53.59 106.61
N ALA W 186 40.18 -52.94 107.46
CA ALA W 186 40.59 -53.58 108.70
C ALA W 186 39.39 -53.90 109.57
N TYR W 187 38.43 -52.99 109.66
CA TYR W 187 37.24 -53.25 110.44
C TYR W 187 36.20 -54.04 109.65
N ALA W 188 36.23 -53.97 108.31
CA ALA W 188 35.26 -54.70 107.51
C ALA W 188 35.57 -56.18 107.40
N LEU W 189 36.84 -56.58 107.52
CA LEU W 189 37.20 -57.97 107.32
C LEU W 189 36.54 -58.88 108.35
N ASN W 190 36.52 -58.46 109.61
CA ASN W 190 35.89 -59.24 110.67
C ASN W 190 34.44 -58.83 110.88
N ALA W 191 33.69 -58.73 109.78
CA ALA W 191 32.28 -58.37 109.83
C ALA W 191 31.37 -59.45 109.29
N SER W 192 31.91 -60.62 108.95
CA SER W 192 31.12 -61.74 108.42
C SER W 192 30.34 -61.33 107.17
N GLY W 193 30.97 -60.54 106.32
CA GLY W 193 30.32 -60.14 105.08
C GLY W 193 30.91 -58.86 104.53
N VAL W 194 30.29 -58.41 103.45
CA VAL W 194 30.69 -57.19 102.75
C VAL W 194 29.93 -56.01 103.31
N VAL W 195 30.62 -54.88 103.44
CA VAL W 195 30.02 -53.62 103.89
C VAL W 195 29.81 -52.73 102.68
N ASN W 196 28.59 -52.19 102.54
CA ASN W 196 28.28 -51.34 101.40
C ASN W 196 27.64 -50.01 101.78
N ILE W 197 27.50 -49.71 103.08
CA ILE W 197 27.12 -48.38 103.55
C ILE W 197 28.05 -47.99 104.68
N ILE W 198 28.53 -46.75 104.65
CA ILE W 198 29.48 -46.28 105.66
C ILE W 198 28.84 -45.12 106.43
N VAL W 199 27.53 -45.24 106.69
CA VAL W 199 26.78 -44.19 107.38
C VAL W 199 27.46 -43.80 108.69
N PHE W 200 27.78 -42.52 108.81
CA PHE W 200 28.41 -41.93 109.97
C PHE W 200 27.43 -41.05 110.73
N ASP W 201 27.76 -40.79 111.98
CA ASP W 201 27.22 -39.62 112.65
C ASP W 201 28.00 -38.39 112.20
N PRO W 202 27.40 -37.18 112.29
CA PRO W 202 27.93 -36.01 111.56
C PRO W 202 29.40 -35.70 111.77
N LYS W 203 29.84 -35.49 113.01
CA LYS W 203 31.25 -35.16 113.21
C LYS W 203 32.15 -36.35 112.94
N GLY W 204 31.63 -37.58 113.08
CA GLY W 204 32.38 -38.73 112.65
C GLY W 204 32.73 -38.68 111.17
N TRP W 205 31.73 -38.39 110.34
CA TRP W 205 32.00 -38.19 108.92
C TRP W 205 32.86 -36.96 108.70
N ALA W 206 32.77 -35.97 109.58
CA ALA W 206 33.60 -34.78 109.44
C ALA W 206 35.08 -35.12 109.53
N LEU W 207 35.48 -35.83 110.59
CA LEU W 207 36.89 -36.17 110.67
C LEU W 207 37.27 -37.30 109.71
N PHE W 208 36.31 -38.09 109.27
CA PHE W 208 36.58 -39.04 108.19
C PHE W 208 36.99 -38.30 106.92
N ARG W 209 36.20 -37.31 106.51
CA ARG W 209 36.45 -36.57 105.28
C ARG W 209 37.55 -35.53 105.43
N SER W 210 37.95 -35.20 106.67
CA SER W 210 39.06 -34.28 106.87
C SER W 210 40.32 -34.74 106.15
N PHE W 211 40.50 -36.04 106.01
CA PHE W 211 41.61 -36.57 105.22
C PHE W 211 41.40 -36.26 103.74
N LYS W 212 42.43 -35.74 103.09
CA LYS W 212 42.32 -35.42 101.67
C LYS W 212 42.03 -36.67 100.86
N ALA W 213 42.84 -37.72 101.06
CA ALA W 213 42.64 -38.97 100.34
C ALA W 213 41.17 -39.36 100.28
N VAL W 214 40.43 -39.14 101.36
CA VAL W 214 38.98 -39.36 101.33
C VAL W 214 38.33 -38.47 100.29
N LYS W 215 38.69 -37.18 100.27
CA LYS W 215 37.92 -36.23 99.47
C LYS W 215 38.22 -36.33 97.98
N GLU W 216 39.45 -36.72 97.60
CA GLU W 216 39.67 -37.05 96.20
C GLU W 216 39.51 -38.53 95.87
N LYS W 217 39.15 -39.36 96.84
CA LYS W 217 38.75 -40.73 96.57
C LYS W 217 37.25 -40.89 96.43
N LEU W 218 36.47 -40.01 97.05
CA LEU W 218 35.03 -40.12 97.00
C LEU W 218 34.49 -39.52 95.71
N ASP W 219 33.40 -40.12 95.21
CA ASP W 219 32.70 -39.63 94.03
C ASP W 219 31.42 -38.94 94.49
N THR W 220 31.35 -37.62 94.28
CA THR W 220 30.15 -36.88 94.61
C THR W 220 28.98 -37.20 93.69
N ARG W 221 29.24 -37.86 92.57
CA ARG W 221 28.23 -38.08 91.55
C ARG W 221 27.16 -39.03 92.07
N ARG W 222 26.01 -39.02 91.40
CA ARG W 222 24.94 -39.96 91.71
C ARG W 222 25.44 -41.39 91.53
N GLY W 223 25.78 -41.75 90.30
CA GLY W 223 26.14 -43.12 89.97
C GLY W 223 25.20 -44.09 90.65
N SER W 224 23.91 -43.97 90.36
CA SER W 224 22.88 -44.55 91.21
C SER W 224 23.09 -46.06 91.34
N ASN W 225 23.50 -46.49 92.52
CA ASN W 225 23.82 -47.88 92.77
C ASN W 225 22.60 -48.75 93.02
N SER W 226 21.71 -48.29 93.88
CA SER W 226 20.60 -49.14 94.33
C SER W 226 19.42 -48.22 94.65
N GLU W 227 18.47 -48.76 95.42
CA GLU W 227 17.31 -48.01 95.87
C GLU W 227 17.62 -47.15 97.08
N LEU W 228 18.88 -47.05 97.50
CA LEU W 228 19.22 -46.20 98.63
C LEU W 228 19.01 -44.73 98.29
N GLU W 229 19.26 -44.33 97.04
CA GLU W 229 18.91 -42.97 96.63
C GLU W 229 17.41 -42.73 96.75
N THR W 230 16.59 -43.70 96.37
CA THR W 230 15.14 -43.57 96.54
C THR W 230 14.77 -43.48 98.01
N ALA W 231 15.45 -44.24 98.86
CA ALA W 231 15.20 -44.17 100.29
C ALA W 231 15.55 -42.80 100.85
N VAL W 232 16.66 -42.21 100.39
CA VAL W 232 17.03 -40.87 100.84
C VAL W 232 16.02 -39.84 100.33
N LYS W 233 15.59 -39.96 99.08
CA LYS W 233 14.58 -39.04 98.56
C LYS W 233 13.29 -39.14 99.38
N ASP W 234 12.92 -40.35 99.78
CA ASP W 234 11.76 -40.52 100.66
C ASP W 234 12.00 -39.84 102.00
N LEU W 235 13.03 -40.28 102.73
CA LEU W 235 13.35 -39.72 104.04
C LEU W 235 14.48 -38.69 103.92
N GLY W 236 14.18 -37.61 103.22
CA GLY W 236 15.09 -36.49 103.16
C GLY W 236 15.28 -35.74 104.46
N LYS W 237 14.85 -36.31 105.59
CA LYS W 237 14.91 -35.61 106.86
C LYS W 237 16.27 -35.75 107.51
N ALA W 238 16.68 -36.99 107.84
CA ALA W 238 17.85 -37.18 108.70
C ALA W 238 18.89 -38.13 108.13
N VAL W 239 18.59 -38.83 107.04
CA VAL W 239 19.58 -39.62 106.32
C VAL W 239 20.06 -38.79 105.15
N SER W 240 21.38 -38.64 105.03
CA SER W 240 21.98 -37.78 104.03
C SER W 240 22.98 -38.59 103.20
N TYR W 241 22.63 -38.80 101.95
CA TYR W 241 23.45 -39.53 101.00
C TYR W 241 24.59 -38.62 100.56
N LYS W 242 25.73 -38.72 101.25
CA LYS W 242 26.88 -37.87 100.91
C LYS W 242 27.33 -38.11 99.47
N GLY W 243 27.41 -39.38 99.09
CA GLY W 243 27.82 -39.71 97.73
C GLY W 243 28.51 -41.06 97.71
N MET W 244 29.25 -41.28 96.63
CA MET W 244 30.09 -42.46 96.46
C MET W 244 31.48 -42.20 97.01
N TYR W 245 32.01 -43.15 97.76
CA TYR W 245 33.43 -43.21 98.08
C TYR W 245 34.15 -44.10 97.07
N GLY W 246 33.57 -44.21 95.88
CA GLY W 246 34.00 -45.18 94.89
C GLY W 246 33.25 -46.49 95.05
N ASP W 247 33.90 -47.48 95.64
CA ASP W 247 33.28 -48.77 95.87
C ASP W 247 32.07 -48.72 96.79
N VAL W 248 32.11 -47.92 97.84
CA VAL W 248 31.12 -47.99 98.91
C VAL W 248 30.32 -46.70 98.97
N ALA W 249 29.10 -46.79 99.49
CA ALA W 249 28.24 -45.62 99.65
C ALA W 249 28.52 -44.92 100.97
N ILE W 250 28.50 -43.59 100.94
CA ILE W 250 28.75 -42.76 102.12
C ILE W 250 27.43 -42.10 102.50
N VAL W 251 26.97 -42.35 103.73
CA VAL W 251 25.74 -41.79 104.25
C VAL W 251 26.05 -41.19 105.61
N VAL W 252 25.20 -40.25 106.04
CA VAL W 252 25.29 -39.69 107.38
C VAL W 252 23.89 -39.65 107.98
N TYR W 253 23.73 -40.21 109.18
CA TYR W 253 22.47 -40.12 109.91
C TYR W 253 22.61 -39.09 111.02
N SER W 254 21.72 -38.11 111.02
CA SER W 254 21.67 -37.08 112.04
C SER W 254 20.28 -37.00 112.66
N GLY W 255 19.65 -38.16 112.83
CA GLY W 255 18.33 -38.19 113.43
C GLY W 255 18.37 -37.80 114.89
N GLN W 256 17.27 -37.24 115.38
CA GLN W 256 17.19 -36.73 116.75
C GLN W 256 15.90 -37.19 117.40
N TYR W 257 15.99 -37.54 118.68
CA TYR W 257 14.81 -37.83 119.48
C TYR W 257 14.59 -36.70 120.47
N VAL W 258 13.32 -36.34 120.65
CA VAL W 258 12.93 -35.22 121.50
C VAL W 258 12.38 -35.82 122.79
N GLU W 259 13.23 -35.89 123.81
CA GLU W 259 12.86 -36.59 125.04
C GLU W 259 12.02 -35.68 125.93
N ASN W 260 11.86 -36.08 127.20
CA ASN W 260 10.82 -35.53 128.07
C ASN W 260 10.88 -34.01 128.17
N GLY W 261 12.09 -33.44 128.22
CA GLY W 261 12.20 -32.01 128.34
C GLY W 261 13.14 -31.37 127.35
N VAL W 262 13.94 -32.21 126.66
CA VAL W 262 15.00 -31.74 125.80
C VAL W 262 15.03 -32.65 124.56
N LYS W 263 15.85 -32.26 123.58
CA LYS W 263 16.07 -33.04 122.38
C LYS W 263 17.56 -33.33 122.22
N LYS W 264 17.88 -34.48 121.61
CA LYS W 264 19.26 -34.81 121.35
C LYS W 264 19.31 -35.91 120.29
N ASN W 265 20.44 -36.00 119.60
CA ASN W 265 20.58 -36.94 118.49
C ASN W 265 20.49 -38.39 118.97
N PHE W 266 19.96 -39.25 118.09
CA PHE W 266 19.98 -40.68 118.35
C PHE W 266 21.41 -41.19 118.50
N LEU W 267 22.29 -40.78 117.59
CA LEU W 267 23.67 -41.21 117.45
C LEU W 267 24.55 -40.63 118.55
N PRO W 268 25.47 -41.44 119.07
CA PRO W 268 26.51 -40.91 119.96
C PRO W 268 27.48 -40.01 119.22
N ASP W 269 28.55 -39.58 119.92
CA ASP W 269 29.43 -38.55 119.38
C ASP W 269 30.10 -39.00 118.09
N ASN W 270 30.76 -40.17 118.10
CA ASN W 270 31.55 -40.63 116.95
C ASN W 270 31.51 -42.15 116.95
N THR W 271 30.61 -42.72 116.15
CA THR W 271 30.45 -44.17 116.11
C THR W 271 30.18 -44.64 114.68
N MET W 272 30.40 -45.93 114.48
CA MET W 272 30.30 -46.58 113.18
C MET W 272 29.89 -48.03 113.37
N VAL W 273 29.07 -48.52 112.43
CA VAL W 273 28.78 -49.94 112.30
C VAL W 273 29.03 -50.36 110.86
N LEU W 274 29.93 -51.33 110.68
CA LEU W 274 30.30 -51.86 109.37
C LEU W 274 29.56 -53.17 109.15
N GLY W 275 28.74 -53.20 108.10
CA GLY W 275 27.99 -54.40 107.78
C GLY W 275 27.23 -54.22 106.47
N ASN W 276 26.39 -55.20 106.16
CA ASN W 276 25.62 -55.23 104.93
C ASN W 276 24.30 -54.49 105.07
N THR W 277 23.72 -54.15 103.93
CA THR W 277 22.36 -53.64 103.86
C THR W 277 21.31 -54.74 103.94
N GLN W 278 21.70 -56.00 103.76
CA GLN W 278 20.77 -57.11 103.85
C GLN W 278 20.99 -57.97 105.08
N ALA W 279 21.47 -57.39 106.17
CA ALA W 279 21.58 -58.14 107.42
C ALA W 279 20.18 -58.51 107.92
N ARG W 280 20.11 -59.64 108.62
CA ARG W 280 18.81 -60.20 109.00
C ARG W 280 18.39 -59.61 110.34
N GLY W 281 17.23 -58.94 110.35
CA GLY W 281 16.73 -58.34 111.56
C GLY W 281 15.38 -58.87 111.98
N LEU W 282 15.30 -59.36 113.22
CA LEU W 282 14.07 -59.96 113.72
C LEU W 282 13.23 -58.89 114.43
N ARG W 283 11.92 -58.96 114.21
CA ARG W 283 10.92 -58.09 114.83
C ARG W 283 9.94 -58.93 115.61
N THR W 284 10.44 -59.79 116.50
CA THR W 284 9.57 -60.58 117.34
C THR W 284 8.65 -59.66 118.15
N TYR W 285 7.38 -60.04 118.23
CA TYR W 285 6.35 -59.23 118.86
C TYR W 285 5.63 -60.11 119.87
N GLY W 286 5.40 -59.59 121.07
CA GLY W 286 4.78 -60.36 122.12
C GLY W 286 3.26 -60.30 122.07
N CYS W 287 2.66 -60.79 123.15
CA CYS W 287 1.20 -60.74 123.29
C CYS W 287 0.72 -59.29 123.40
N ILE W 288 -0.51 -59.06 122.95
CA ILE W 288 -1.15 -57.77 123.11
C ILE W 288 -2.22 -57.92 124.20
N GLN W 289 -2.01 -57.27 125.34
CA GLN W 289 -2.88 -57.41 126.51
C GLN W 289 -4.07 -56.46 126.39
N ASP W 290 -5.02 -56.84 125.54
CA ASP W 290 -6.27 -56.11 125.39
C ASP W 290 -7.38 -57.08 125.09
N ALA W 291 -8.41 -57.07 125.94
CA ALA W 291 -9.50 -58.04 125.82
C ALA W 291 -10.07 -58.04 124.42
N ASP W 292 -10.18 -56.85 123.81
CA ASP W 292 -10.58 -56.75 122.41
C ASP W 292 -9.65 -57.55 121.51
N ALA W 293 -8.35 -57.38 121.71
CA ALA W 293 -7.36 -58.07 120.88
C ALA W 293 -7.47 -59.57 121.03
N GLN W 294 -7.65 -60.06 122.26
CA GLN W 294 -7.75 -61.52 122.39
C GLN W 294 -9.04 -62.06 121.78
N ARG W 295 -10.19 -61.41 121.99
CA ARG W 295 -11.39 -62.12 121.55
C ARG W 295 -11.62 -61.89 120.07
N GLU W 296 -10.85 -61.00 119.44
CA GLU W 296 -10.87 -60.94 117.97
C GLU W 296 -9.59 -61.43 117.32
N GLY W 297 -8.67 -62.01 118.09
CA GLY W 297 -7.51 -62.66 117.50
C GLY W 297 -6.36 -61.76 117.09
N ILE W 298 -6.21 -60.61 117.76
CA ILE W 298 -5.11 -59.70 117.46
C ILE W 298 -4.05 -59.86 118.56
N ASN W 299 -4.04 -61.04 119.18
CA ASN W 299 -2.97 -61.37 120.12
C ASN W 299 -1.63 -61.52 119.41
N ALA W 300 -1.65 -61.82 118.12
CA ALA W 300 -0.43 -61.99 117.33
C ALA W 300 -0.50 -61.00 116.16
N SER W 301 0.06 -59.81 116.38
CA SER W 301 0.01 -58.77 115.36
C SER W 301 1.09 -57.75 115.63
N ALA W 302 1.11 -56.70 114.80
CA ALA W 302 2.05 -55.62 115.02
C ALA W 302 1.54 -54.61 116.04
N ARG W 303 0.46 -53.91 115.72
CA ARG W 303 -0.04 -52.79 116.50
C ARG W 303 -1.53 -52.94 116.73
N TYR W 304 -2.04 -52.22 117.73
CA TYR W 304 -3.48 -52.21 117.96
C TYR W 304 -3.94 -50.83 118.42
N PRO W 305 -4.76 -50.15 117.61
CA PRO W 305 -5.38 -48.90 118.07
C PRO W 305 -6.77 -49.12 118.64
N LYS W 306 -7.28 -48.15 119.40
CA LYS W 306 -8.70 -48.13 119.74
C LYS W 306 -9.09 -46.73 120.21
N ASN W 307 -10.35 -46.39 120.00
CA ASN W 307 -10.96 -45.18 120.54
C ASN W 307 -12.10 -45.59 121.46
N TRP W 308 -12.13 -45.02 122.65
CA TRP W 308 -12.92 -45.61 123.71
C TRP W 308 -13.24 -44.61 124.81
N VAL W 309 -14.43 -44.75 125.38
CA VAL W 309 -14.98 -43.80 126.35
C VAL W 309 -14.91 -44.42 127.74
N THR W 310 -14.46 -43.63 128.71
CA THR W 310 -14.52 -44.00 130.12
C THR W 310 -15.73 -43.34 130.77
N THR W 311 -16.54 -44.15 131.42
CA THR W 311 -17.71 -43.69 132.15
C THR W 311 -17.42 -43.76 133.65
N GLY W 312 -17.66 -42.64 134.32
CA GLY W 312 -17.44 -42.58 135.76
C GLY W 312 -16.55 -41.45 136.21
N ASP W 313 -15.52 -41.77 137.01
CA ASP W 313 -14.61 -40.72 137.47
C ASP W 313 -13.87 -40.03 136.32
N PRO W 314 -13.10 -40.74 135.49
CA PRO W 314 -12.49 -40.07 134.33
C PRO W 314 -13.41 -40.16 133.11
N ALA W 315 -14.63 -39.65 133.25
CA ALA W 315 -15.62 -39.81 132.20
C ALA W 315 -15.22 -38.99 131.00
N ARG W 316 -14.48 -39.61 130.09
CA ARG W 316 -13.82 -38.92 128.99
C ARG W 316 -13.75 -39.90 127.82
N GLU W 317 -12.91 -39.60 126.84
CA GLU W 317 -12.72 -40.50 125.72
C GLU W 317 -11.29 -40.37 125.20
N PHE W 318 -10.68 -41.51 124.91
CA PHE W 318 -9.24 -41.62 124.68
C PHE W 318 -8.95 -42.45 123.44
N THR W 319 -7.74 -42.27 122.92
CA THR W 319 -7.17 -43.15 121.90
C THR W 319 -6.00 -43.91 122.52
N MET W 320 -6.03 -45.22 122.38
CA MET W 320 -5.12 -46.14 123.05
C MET W 320 -4.37 -46.91 121.98
N ILE W 321 -3.04 -46.97 122.10
CA ILE W 321 -2.21 -47.70 121.14
C ILE W 321 -1.40 -48.74 121.91
N GLN W 322 -1.42 -49.98 121.43
CA GLN W 322 -0.74 -51.06 122.12
C GLN W 322 0.15 -51.84 121.15
N SER W 323 1.33 -52.22 121.62
CA SER W 323 2.31 -52.94 120.82
C SER W 323 3.23 -53.69 121.78
N ALA W 324 4.08 -54.55 121.22
CA ALA W 324 5.07 -55.29 122.02
C ALA W 324 6.22 -55.74 121.13
N PRO W 325 7.10 -54.82 120.73
CA PRO W 325 8.25 -55.20 119.92
C PRO W 325 9.46 -55.60 120.76
N LEU W 326 10.23 -56.55 120.24
CA LEU W 326 11.51 -56.93 120.81
C LEU W 326 12.50 -57.19 119.69
N MET W 327 12.47 -56.32 118.69
CA MET W 327 13.38 -56.36 117.55
C MET W 327 14.84 -56.47 117.97
N LEU W 328 15.54 -57.39 117.29
CA LEU W 328 16.96 -57.65 117.50
C LEU W 328 17.60 -57.94 116.14
N LEU W 329 18.88 -58.28 116.17
CA LEU W 329 19.62 -58.66 114.97
C LEU W 329 19.98 -60.13 115.05
N ALA W 330 19.78 -60.86 113.94
CA ALA W 330 20.09 -62.28 113.94
C ALA W 330 21.58 -62.53 114.12
N ASP W 331 22.41 -61.77 113.41
CA ASP W 331 23.86 -61.91 113.48
C ASP W 331 24.47 -60.65 114.06
N PRO W 332 24.73 -60.59 115.37
CA PRO W 332 25.43 -59.42 115.92
C PRO W 332 26.83 -59.26 115.36
N ASP W 333 27.48 -60.36 114.96
CA ASP W 333 28.79 -60.32 114.35
C ASP W 333 28.77 -59.71 112.95
N GLU W 334 27.58 -59.51 112.37
CA GLU W 334 27.48 -58.92 111.04
C GLU W 334 28.01 -57.50 110.99
N PHE W 335 27.88 -56.75 112.08
CA PHE W 335 28.34 -55.37 112.13
C PHE W 335 29.47 -55.22 113.15
N VAL W 336 30.52 -54.55 112.71
CA VAL W 336 31.62 -54.14 113.56
C VAL W 336 31.33 -52.73 114.07
N SER W 337 31.24 -52.57 115.38
CA SER W 337 30.90 -51.30 116.00
C SER W 337 32.18 -50.65 116.52
N VAL W 338 32.48 -49.47 115.99
CA VAL W 338 33.72 -48.76 116.28
C VAL W 338 33.39 -47.38 116.80
N GLN W 339 33.98 -47.00 117.92
CA GLN W 339 33.99 -45.61 118.36
C GLN W 339 35.20 -44.93 117.73
N LEU W 340 34.99 -43.73 117.22
CA LEU W 340 35.97 -43.05 116.38
C LEU W 340 36.84 -42.12 117.22
N ALA W 341 37.83 -41.53 116.55
CA ALA W 341 38.74 -40.58 117.18
C ALA W 341 37.99 -39.33 117.64
N ALA X 7 0.65 -84.07 98.71
CA ALA X 7 1.12 -84.49 97.39
C ALA X 7 0.52 -83.62 96.30
N GLN X 8 1.33 -82.72 95.75
CA GLN X 8 0.94 -81.84 94.68
C GLN X 8 1.74 -82.17 93.42
N LEU X 9 1.22 -81.73 92.27
CA LEU X 9 1.72 -82.18 90.98
C LEU X 9 3.15 -81.69 90.73
N LEU X 10 3.75 -82.24 89.67
CA LEU X 10 5.10 -81.87 89.28
C LEU X 10 5.21 -80.41 88.86
N ALA X 11 4.18 -79.88 88.18
CA ALA X 11 4.25 -78.54 87.64
C ALA X 11 4.32 -77.46 88.72
N ALA X 12 4.05 -77.80 89.97
CA ALA X 12 4.18 -76.83 91.08
C ALA X 12 5.64 -76.70 91.49
N ASN X 13 6.46 -76.32 90.52
CA ASN X 13 7.91 -76.17 90.71
C ASN X 13 8.40 -74.89 90.05
N GLU X 14 7.68 -73.80 90.27
CA GLU X 14 7.98 -72.53 89.62
C GLU X 14 8.78 -71.64 90.58
N GLN X 15 10.01 -71.30 90.20
CA GLN X 15 10.85 -70.40 90.98
C GLN X 15 11.16 -69.11 90.23
N LYS X 16 11.72 -69.21 89.03
CA LYS X 16 12.32 -68.08 88.32
C LYS X 16 13.39 -67.39 89.16
N PHE X 17 14.06 -68.19 90.00
CA PHE X 17 15.13 -67.72 90.89
C PHE X 17 16.38 -68.53 90.59
N LYS X 18 17.18 -68.06 89.65
CA LYS X 18 18.49 -68.65 89.33
C LYS X 18 19.55 -67.60 89.63
N PHE X 19 20.16 -67.70 90.81
CA PHE X 19 21.08 -66.70 91.33
C PHE X 19 22.34 -67.37 91.87
N ASP X 20 22.89 -68.31 91.12
CA ASP X 20 24.17 -68.94 91.50
C ASP X 20 25.31 -67.93 91.40
N PRO X 21 26.30 -67.97 92.29
CA PRO X 21 27.37 -66.95 92.32
C PRO X 21 28.40 -67.05 91.19
N LEU X 22 27.93 -66.76 89.98
CA LEU X 22 28.78 -66.48 88.83
C LEU X 22 29.68 -67.64 88.41
N PHE X 23 29.52 -68.81 89.01
CA PHE X 23 30.31 -69.96 88.63
C PHE X 23 29.58 -70.91 87.70
N LEU X 24 28.45 -71.46 88.13
CA LEU X 24 27.67 -72.36 87.30
C LEU X 24 26.91 -71.65 86.19
N ARG X 25 26.86 -70.32 86.23
CA ARG X 25 26.16 -69.52 85.24
C ARG X 25 27.09 -68.82 84.26
N LEU X 26 28.37 -68.70 84.58
CA LEU X 26 29.31 -67.93 83.77
C LEU X 26 30.51 -68.74 83.29
N PHE X 27 31.08 -69.59 84.12
CA PHE X 27 32.15 -70.48 83.67
C PHE X 27 31.66 -71.86 83.29
N PHE X 28 30.56 -72.33 83.90
CA PHE X 28 30.15 -73.72 83.79
C PHE X 28 28.75 -73.84 83.18
N ARG X 29 28.52 -73.14 82.06
CA ARG X 29 27.24 -73.17 81.36
C ARG X 29 27.00 -74.48 80.63
N GLU X 30 28.01 -75.35 80.53
CA GLU X 30 28.06 -76.39 79.50
C GLU X 30 27.39 -77.66 80.03
N SER X 31 26.07 -77.63 80.17
CA SER X 31 25.32 -78.70 80.82
C SER X 31 25.20 -79.93 79.93
N TYR X 32 25.41 -81.11 80.52
CA TYR X 32 25.25 -82.38 79.80
C TYR X 32 24.52 -83.40 80.67
N PRO X 33 23.21 -83.25 80.85
CA PRO X 33 22.46 -84.35 81.47
C PRO X 33 22.35 -85.56 80.54
N PHE X 34 22.54 -86.74 81.12
CA PHE X 34 22.64 -87.99 80.40
C PHE X 34 21.50 -88.92 80.79
N THR X 35 21.23 -89.89 79.91
CA THR X 35 20.37 -91.02 80.20
C THR X 35 21.16 -92.16 80.83
N THR X 36 22.44 -91.93 81.08
CA THR X 36 23.34 -92.96 81.59
C THR X 36 23.95 -92.49 82.90
N GLU X 37 24.35 -93.47 83.72
CA GLU X 37 24.76 -93.19 85.10
C GLU X 37 25.94 -92.23 85.16
N LYS X 38 27.09 -92.65 84.64
CA LYS X 38 28.33 -91.94 84.82
C LYS X 38 28.48 -90.80 83.82
N VAL X 39 29.60 -90.09 83.92
CA VAL X 39 30.04 -89.16 82.90
C VAL X 39 31.01 -89.87 81.99
N TYR X 40 30.81 -89.70 80.68
CA TYR X 40 31.63 -90.37 79.67
C TYR X 40 32.27 -89.27 78.83
N LEU X 41 33.41 -88.77 79.30
CA LEU X 41 34.07 -87.64 78.62
C LEU X 41 34.40 -87.97 77.18
N SER X 42 34.60 -89.25 76.86
CA SER X 42 34.72 -89.66 75.47
C SER X 42 33.44 -89.37 74.70
N GLN X 43 32.28 -89.53 75.35
CA GLN X 43 31.01 -89.23 74.70
C GLN X 43 30.84 -87.74 74.44
N ILE X 44 31.19 -86.89 75.40
CA ILE X 44 31.12 -85.44 75.17
C ILE X 44 32.07 -85.06 74.05
N PRO X 45 31.63 -84.30 73.04
CA PRO X 45 32.57 -83.84 72.01
C PRO X 45 33.64 -82.93 72.58
N GLY X 46 33.29 -82.11 73.56
CA GLY X 46 34.19 -81.13 74.11
C GLY X 46 34.73 -80.23 73.03
N LEU X 47 36.05 -80.05 73.03
CA LEU X 47 36.72 -79.42 71.91
C LEU X 47 36.82 -80.42 70.75
N VAL X 48 36.49 -79.94 69.55
CA VAL X 48 36.47 -80.76 68.35
C VAL X 48 37.81 -80.65 67.65
N ASN X 49 38.28 -81.76 67.08
CA ASN X 49 39.46 -81.72 66.21
C ASN X 49 39.16 -80.79 65.05
N MET X 50 39.88 -79.65 65.01
CA MET X 50 39.34 -78.45 64.36
C MET X 50 40.42 -77.73 63.55
N ALA X 51 41.14 -78.43 62.67
CA ALA X 51 42.09 -77.74 61.82
C ALA X 51 42.11 -78.26 60.38
N LEU X 52 42.17 -79.57 60.19
CA LEU X 52 42.57 -80.17 58.92
C LEU X 52 41.48 -80.03 57.86
N TYR X 53 41.91 -79.75 56.64
CA TYR X 53 41.03 -79.80 55.47
C TYR X 53 41.48 -80.95 54.57
N VAL X 54 40.88 -81.02 53.38
CA VAL X 54 41.18 -82.08 52.42
C VAL X 54 41.52 -81.47 51.07
N SER X 55 42.21 -82.24 50.24
CA SER X 55 42.69 -81.77 48.96
C SER X 55 41.53 -81.42 48.03
N PRO X 56 41.74 -80.51 47.07
CA PRO X 56 40.66 -80.15 46.13
C PRO X 56 40.41 -81.18 45.06
N ILE X 57 40.34 -82.46 45.43
CA ILE X 57 39.92 -83.51 44.51
C ILE X 57 38.78 -84.31 45.12
N VAL X 58 38.98 -84.85 46.32
CA VAL X 58 37.98 -85.58 47.07
C VAL X 58 38.06 -85.15 48.53
N SER X 59 37.22 -85.77 49.36
CA SER X 59 37.26 -85.48 50.78
C SER X 59 37.71 -86.69 51.58
N GLY X 60 38.04 -86.45 52.84
CA GLY X 60 38.70 -87.45 53.66
C GLY X 60 37.75 -88.29 54.49
N GLU X 61 38.27 -88.77 55.62
CA GLU X 61 37.59 -89.73 56.46
C GLU X 61 36.52 -89.06 57.30
N VAL X 62 35.91 -89.85 58.19
CA VAL X 62 34.85 -89.36 59.07
C VAL X 62 35.47 -88.93 60.39
N ILE X 63 35.07 -87.76 60.88
CA ILE X 63 35.58 -87.21 62.13
C ILE X 63 34.55 -87.47 63.23
N ARG X 64 35.03 -87.91 64.39
CA ARG X 64 34.21 -88.35 65.50
C ARG X 64 34.40 -87.41 66.68
N SER X 65 33.73 -87.72 67.79
CA SER X 65 34.08 -87.17 69.09
C SER X 65 35.39 -87.84 69.51
N ARG X 66 36.43 -87.03 69.75
CA ARG X 66 37.80 -87.52 69.72
C ARG X 66 38.18 -88.24 71.02
N GLY X 67 37.35 -89.22 71.37
CA GLY X 67 37.70 -90.25 72.34
C GLY X 67 38.44 -89.81 73.59
N GLY X 68 37.76 -89.10 74.49
CA GLY X 68 38.36 -88.69 75.74
C GLY X 68 39.01 -89.84 76.49
N SER X 69 40.24 -89.62 77.00
CA SER X 69 41.00 -90.70 77.59
C SER X 69 40.30 -91.28 78.81
N THR X 70 39.85 -90.44 79.72
CA THR X 70 39.14 -90.87 80.91
C THR X 70 37.67 -90.48 80.78
N SER X 71 36.78 -91.48 80.83
CA SER X 71 35.36 -91.26 80.64
C SER X 71 34.51 -91.99 81.67
N GLU X 72 34.89 -91.98 82.94
CA GLU X 72 34.20 -92.74 83.97
C GLU X 72 34.38 -92.07 85.33
N PHE X 73 33.41 -91.26 85.72
CA PHE X 73 33.34 -90.72 87.08
C PHE X 73 31.90 -90.77 87.56
N THR X 74 31.73 -90.78 88.89
CA THR X 74 30.41 -90.94 89.49
C THR X 74 29.79 -89.59 89.77
N PRO X 75 28.68 -89.23 89.13
CA PRO X 75 28.01 -87.98 89.46
C PRO X 75 27.48 -87.99 90.88
N GLY X 76 27.41 -86.80 91.49
CA GLY X 76 26.91 -86.65 92.83
C GLY X 76 25.41 -86.73 92.91
N TYR X 77 24.86 -87.94 92.79
CA TYR X 77 23.42 -88.07 92.85
C TYR X 77 22.94 -87.69 94.24
N VAL X 78 22.39 -86.49 94.32
CA VAL X 78 21.91 -85.89 95.56
C VAL X 78 20.40 -85.89 95.54
N LYS X 79 19.81 -86.65 96.46
CA LYS X 79 18.36 -86.54 96.55
C LYS X 79 17.95 -86.28 98.00
N PRO X 80 17.87 -85.03 98.42
CA PRO X 80 17.34 -84.75 99.76
C PRO X 80 15.83 -84.56 99.74
N LYS X 81 15.25 -84.35 100.93
CA LYS X 81 13.83 -84.12 101.04
C LYS X 81 13.56 -83.33 102.30
N HIS X 82 12.31 -82.91 102.45
CA HIS X 82 11.86 -82.32 103.70
C HIS X 82 10.37 -82.60 103.87
N GLU X 83 9.86 -82.22 105.03
CA GLU X 83 8.43 -82.22 105.28
C GLU X 83 7.88 -80.80 105.12
N VAL X 84 6.62 -80.75 104.71
CA VAL X 84 5.91 -79.48 104.60
C VAL X 84 4.64 -79.56 105.45
N ASN X 85 4.76 -80.26 106.58
CA ASN X 85 3.65 -80.51 107.48
C ASN X 85 2.97 -79.20 107.89
N PRO X 86 1.67 -79.04 107.64
CA PRO X 86 0.99 -77.79 107.98
C PRO X 86 0.79 -77.60 109.47
N GLN X 87 1.88 -77.61 110.22
CA GLN X 87 1.84 -77.28 111.64
C GLN X 87 2.59 -76.00 111.98
N MET X 88 3.33 -75.43 111.05
CA MET X 88 4.08 -74.21 111.32
C MET X 88 3.30 -72.96 110.95
N THR X 89 3.59 -71.87 111.65
CA THR X 89 3.40 -70.56 111.05
C THR X 89 4.60 -70.26 110.14
N LEU X 90 4.31 -69.74 108.96
CA LEU X 90 5.27 -69.70 107.87
C LEU X 90 5.92 -68.33 107.74
N ARG X 91 6.73 -68.15 106.70
CA ARG X 91 7.25 -66.84 106.37
C ARG X 91 6.09 -65.96 105.94
N ARG X 92 5.71 -64.96 106.74
CA ARG X 92 4.61 -64.07 106.35
C ARG X 92 5.17 -62.81 105.72
N LEU X 93 5.22 -62.78 104.39
CA LEU X 93 5.45 -61.54 103.68
C LEU X 93 4.51 -60.47 104.25
N PRO X 94 4.97 -59.23 104.42
CA PRO X 94 4.17 -58.23 105.15
C PRO X 94 2.74 -58.08 104.67
N ASP X 95 1.80 -58.55 105.49
CA ASP X 95 0.38 -58.23 105.40
C ASP X 95 -0.23 -58.47 104.02
N GLU X 96 0.03 -59.62 103.41
CA GLU X 96 -0.78 -60.08 102.29
C GLU X 96 -1.80 -61.12 102.76
N ASP X 97 -2.79 -60.61 103.52
CA ASP X 97 -3.99 -61.36 103.88
C ASP X 97 -3.69 -62.69 104.54
N PRO X 98 -3.27 -62.71 105.82
CA PRO X 98 -2.94 -63.99 106.47
C PRO X 98 -4.11 -64.98 106.53
N GLN X 99 -5.29 -64.59 106.07
CA GLN X 99 -6.40 -65.53 105.99
C GLN X 99 -6.07 -66.70 105.07
N ASN X 100 -5.29 -66.47 104.00
CA ASN X 100 -4.90 -67.59 103.15
C ASN X 100 -3.84 -68.46 103.82
N LEU X 101 -2.97 -67.88 104.65
CA LEU X 101 -2.12 -68.73 105.49
C LEU X 101 -2.97 -69.59 106.41
N ALA X 102 -4.04 -69.03 106.96
CA ALA X 102 -4.99 -69.83 107.73
C ALA X 102 -5.55 -70.99 106.92
N ASP X 103 -5.63 -70.86 105.60
CA ASP X 103 -5.97 -71.98 104.75
C ASP X 103 -4.85 -73.03 104.79
N PRO X 104 -5.18 -74.29 105.05
CA PRO X 104 -4.18 -75.35 104.84
C PRO X 104 -3.71 -75.46 103.40
N ALA X 105 -4.57 -75.13 102.42
CA ALA X 105 -4.15 -75.23 101.03
C ALA X 105 -3.06 -74.22 100.69
N TYR X 106 -3.27 -72.95 101.03
CA TYR X 106 -2.25 -71.95 100.71
C TYR X 106 -1.01 -72.14 101.56
N ARG X 107 -1.17 -72.48 102.84
CA ARG X 107 0.02 -72.72 103.66
C ARG X 107 0.82 -73.87 103.06
N ARG X 108 0.15 -74.96 102.67
CA ARG X 108 0.88 -76.11 102.16
C ARG X 108 1.55 -75.79 100.83
N ARG X 109 0.89 -75.04 99.94
CA ARG X 109 1.52 -74.78 98.67
C ARG X 109 2.69 -73.81 98.80
N ARG X 110 2.56 -72.74 99.59
CA ARG X 110 3.71 -71.85 99.64
C ARG X 110 4.80 -72.43 100.56
N ILE X 111 4.45 -73.37 101.44
CA ILE X 111 5.49 -74.04 102.21
C ILE X 111 6.22 -75.07 101.36
N ILE X 112 5.55 -75.71 100.39
CA ILE X 112 6.33 -76.52 99.46
C ILE X 112 7.18 -75.62 98.59
N MET X 113 6.68 -74.42 98.27
CA MET X 113 7.52 -73.43 97.59
C MET X 113 8.79 -73.16 98.39
N GLN X 114 8.64 -72.82 99.68
CA GLN X 114 9.77 -72.51 100.54
C GLN X 114 10.70 -73.71 100.70
N ASN X 115 10.11 -74.89 100.94
CA ASN X 115 10.90 -76.10 101.10
C ASN X 115 11.74 -76.37 99.86
N MET X 116 11.10 -76.36 98.69
CA MET X 116 11.83 -76.72 97.50
C MET X 116 12.90 -75.69 97.17
N ARG X 117 12.61 -74.39 97.43
CA ARG X 117 13.63 -73.39 97.14
C ARG X 117 14.83 -73.57 98.04
N ASP X 118 14.60 -73.86 99.33
CA ASP X 118 15.71 -74.28 100.18
C ASP X 118 16.46 -75.44 99.55
N GLU X 119 15.72 -76.37 98.94
CA GLU X 119 16.34 -77.56 98.37
C GLU X 119 17.29 -77.21 97.21
N GLU X 120 16.81 -76.40 96.23
CA GLU X 120 17.72 -76.16 95.12
C GLU X 120 18.84 -75.21 95.53
N LEU X 121 18.62 -74.33 96.51
CA LEU X 121 19.74 -73.53 96.95
C LEU X 121 20.74 -74.37 97.74
N ALA X 122 20.27 -75.45 98.38
CA ALA X 122 21.19 -76.41 98.99
C ALA X 122 22.05 -77.09 97.95
N ILE X 123 21.40 -77.62 96.90
CA ILE X 123 22.20 -78.28 95.87
C ILE X 123 23.09 -77.27 95.16
N ALA X 124 22.64 -76.01 95.06
CA ALA X 124 23.46 -74.97 94.46
C ALA X 124 24.68 -74.65 95.31
N GLN X 125 24.52 -74.60 96.63
CA GLN X 125 25.67 -74.31 97.48
C GLN X 125 26.65 -75.48 97.53
N VAL X 126 26.16 -76.72 97.54
CA VAL X 126 27.09 -77.83 97.46
C VAL X 126 27.77 -77.87 96.09
N GLU X 127 27.05 -77.44 95.04
CA GLU X 127 27.64 -77.36 93.72
C GLU X 127 28.70 -76.27 93.67
N GLU X 128 28.48 -75.18 94.40
CA GLU X 128 29.48 -74.12 94.46
C GLU X 128 30.71 -74.55 95.25
N MET X 129 30.53 -75.37 96.30
CA MET X 129 31.71 -75.97 96.93
C MET X 129 32.45 -76.87 95.96
N GLN X 130 31.73 -77.65 95.16
CA GLN X 130 32.37 -78.44 94.13
C GLN X 130 33.14 -77.54 93.15
N ALA X 131 32.54 -76.41 92.78
CA ALA X 131 33.18 -75.48 91.84
C ALA X 131 34.45 -74.89 92.44
N VAL X 132 34.41 -74.51 93.71
CA VAL X 132 35.57 -73.88 94.32
C VAL X 132 36.69 -74.90 94.50
N SER X 133 36.36 -76.14 94.86
CA SER X 133 37.38 -77.19 94.85
C SER X 133 37.96 -77.36 93.45
N ALA X 134 37.07 -77.42 92.45
CA ALA X 134 37.48 -77.65 91.07
C ALA X 134 38.44 -76.58 90.60
N VAL X 135 37.98 -75.34 90.48
CA VAL X 135 38.94 -74.28 90.21
C VAL X 135 39.36 -73.66 91.53
N LEU X 136 40.03 -74.47 92.35
CA LEU X 136 41.17 -74.07 93.16
C LEU X 136 42.26 -75.12 93.19
N LYS X 137 41.97 -76.39 92.93
CA LYS X 137 43.03 -77.39 92.88
C LYS X 137 42.93 -78.37 91.72
N GLY X 138 41.86 -78.36 90.93
CA GLY X 138 41.71 -79.34 89.87
C GLY X 138 41.23 -80.69 90.35
N LYS X 139 41.17 -80.89 91.66
CA LYS X 139 40.70 -82.11 92.30
C LYS X 139 39.33 -81.86 92.91
N TYR X 140 38.44 -82.85 92.77
CA TYR X 140 37.15 -82.80 93.45
C TYR X 140 36.95 -84.10 94.21
N THR X 141 36.44 -84.00 95.42
CA THR X 141 36.19 -85.15 96.28
C THR X 141 34.73 -85.57 96.16
N MET X 142 34.45 -86.48 95.23
CA MET X 142 33.18 -87.20 95.18
C MET X 142 33.14 -88.16 96.36
N THR X 143 32.59 -87.72 97.47
CA THR X 143 32.67 -88.50 98.69
C THR X 143 31.42 -88.31 99.54
N GLY X 144 31.20 -89.29 100.41
CA GLY X 144 30.11 -89.24 101.37
C GLY X 144 30.13 -90.53 102.15
N GLU X 145 29.51 -90.49 103.34
CA GLU X 145 29.45 -91.69 104.15
C GLU X 145 28.62 -92.76 103.43
N ALA X 146 28.99 -94.02 103.65
CA ALA X 146 28.45 -95.15 102.88
C ALA X 146 28.62 -94.92 101.38
N PHE X 147 29.79 -94.43 100.99
CA PHE X 147 30.14 -94.18 99.60
C PHE X 147 31.64 -94.01 99.50
N ASP X 148 32.24 -94.65 98.51
CA ASP X 148 33.69 -94.56 98.36
C ASP X 148 34.10 -93.17 97.89
N PRO X 149 35.18 -92.60 98.41
CA PRO X 149 35.64 -91.31 97.92
C PRO X 149 36.40 -91.44 96.59
N VAL X 150 35.76 -90.98 95.53
CA VAL X 150 36.37 -90.91 94.20
C VAL X 150 36.96 -89.52 94.03
N GLU X 151 38.24 -89.44 93.71
CA GLU X 151 38.87 -88.19 93.33
C GLU X 151 38.66 -87.99 91.84
N VAL X 152 37.95 -86.93 91.48
CA VAL X 152 37.71 -86.57 90.09
C VAL X 152 38.66 -85.43 89.76
N ASP X 153 39.62 -85.69 88.89
CA ASP X 153 40.69 -84.74 88.56
C ASP X 153 40.50 -84.27 87.13
N MET X 154 40.42 -82.95 86.94
CA MET X 154 40.51 -82.43 85.59
C MET X 154 41.92 -82.47 85.05
N GLY X 155 42.93 -82.36 85.92
CA GLY X 155 44.30 -82.44 85.48
C GLY X 155 45.07 -81.15 85.66
N ARG X 156 44.76 -80.40 86.72
CA ARG X 156 45.44 -79.15 86.98
C ARG X 156 46.94 -79.37 87.11
N SER X 157 47.71 -78.59 86.37
CA SER X 157 49.14 -78.77 86.28
C SER X 157 49.85 -78.11 87.45
N GLU X 158 51.16 -78.40 87.57
CA GLU X 158 51.95 -77.87 88.67
C GLU X 158 52.13 -76.36 88.56
N GLU X 159 52.38 -75.84 87.35
CA GLU X 159 52.48 -74.40 87.18
C GLU X 159 51.15 -73.70 87.42
N ASN X 160 50.05 -74.44 87.44
CA ASN X 160 48.76 -73.90 87.86
C ASN X 160 48.56 -74.00 89.37
N ASN X 161 49.54 -74.52 90.10
CA ASN X 161 49.47 -74.65 91.55
C ASN X 161 50.67 -74.02 92.22
N ILE X 162 51.37 -73.14 91.49
CA ILE X 162 52.53 -72.47 92.07
C ILE X 162 52.08 -71.45 93.11
N THR X 163 52.91 -71.28 94.14
CA THR X 163 52.52 -70.62 95.37
C THR X 163 53.26 -69.30 95.55
N GLN X 164 52.55 -68.30 96.08
CA GLN X 164 53.15 -67.01 96.38
C GLN X 164 54.14 -67.07 97.54
N SER X 165 53.85 -67.89 98.56
CA SER X 165 54.75 -67.97 99.70
C SER X 165 56.12 -68.52 99.31
N GLY X 166 56.17 -69.32 98.24
CA GLY X 166 57.46 -69.78 97.74
C GLY X 166 58.32 -68.60 97.32
N GLY X 167 59.55 -68.58 97.80
CA GLY X 167 60.45 -67.47 97.52
C GLY X 167 60.17 -66.26 98.39
N THR X 168 59.63 -65.20 97.78
CA THR X 168 59.34 -63.96 98.48
C THR X 168 57.83 -63.79 98.59
N GLU X 169 57.35 -63.49 99.79
CA GLU X 169 55.93 -63.30 100.06
C GLU X 169 55.57 -61.84 99.92
N TRP X 170 54.32 -61.59 99.52
CA TRP X 170 53.83 -60.22 99.45
C TRP X 170 53.79 -59.58 100.84
N SER X 171 53.47 -60.36 101.86
CA SER X 171 53.59 -59.85 103.23
C SER X 171 55.04 -59.50 103.54
N LYS X 172 55.97 -60.33 103.08
CA LYS X 172 57.40 -60.06 103.23
C LYS X 172 57.94 -59.24 102.07
N ARG X 173 57.30 -58.10 101.81
CA ARG X 173 57.71 -57.18 100.77
C ARG X 173 57.43 -55.76 101.23
N ASP X 174 57.90 -54.80 100.45
CA ASP X 174 57.64 -53.40 100.74
C ASP X 174 56.16 -53.10 100.53
N LYS X 175 55.49 -52.63 101.58
CA LYS X 175 54.08 -52.31 101.50
C LYS X 175 53.81 -51.04 100.70
N SER X 176 54.84 -50.31 100.31
CA SER X 176 54.68 -49.03 99.62
C SER X 176 55.16 -49.05 98.18
N THR X 177 56.33 -49.59 97.89
CA THR X 177 56.93 -49.49 96.56
C THR X 177 56.77 -50.75 95.72
N TYR X 178 56.66 -51.93 96.33
CA TYR X 178 56.54 -53.14 95.56
C TYR X 178 55.22 -53.18 94.80
N ASP X 179 55.28 -53.61 93.55
CA ASP X 179 54.09 -53.76 92.70
C ASP X 179 53.85 -55.23 92.43
N PRO X 180 52.74 -55.81 92.88
CA PRO X 180 52.45 -57.22 92.60
C PRO X 180 51.97 -57.49 91.18
N THR X 181 51.92 -56.46 90.33
CA THR X 181 51.55 -56.68 88.94
C THR X 181 52.53 -57.62 88.26
N ASP X 182 53.82 -57.49 88.58
CA ASP X 182 54.81 -58.40 88.02
C ASP X 182 54.43 -59.85 88.29
N ASP X 183 54.10 -60.16 89.54
CA ASP X 183 53.58 -61.49 89.85
C ASP X 183 52.27 -61.76 89.11
N ILE X 184 51.47 -60.72 88.86
CA ILE X 184 50.21 -60.93 88.18
C ILE X 184 50.44 -61.51 86.79
N GLU X 185 51.31 -60.88 85.99
CA GLU X 185 51.58 -61.49 84.68
C GLU X 185 52.42 -62.75 84.82
N ALA X 186 53.23 -62.86 85.87
CA ALA X 186 54.02 -64.08 86.07
C ALA X 186 53.12 -65.29 86.21
N TYR X 187 52.03 -65.15 86.96
CA TYR X 187 51.09 -66.27 87.10
C TYR X 187 50.10 -66.33 85.95
N ALA X 188 49.85 -65.21 85.26
CA ALA X 188 48.91 -65.22 84.15
C ALA X 188 49.49 -65.81 82.88
N LEU X 189 50.81 -65.75 82.70
CA LEU X 189 51.41 -66.22 81.44
C LEU X 189 51.17 -67.70 81.23
N ASN X 190 51.32 -68.51 82.28
CA ASN X 190 51.10 -69.95 82.19
C ASN X 190 49.67 -70.31 82.56
N ALA X 191 48.70 -69.60 81.98
CA ALA X 191 47.30 -69.84 82.23
C ALA X 191 46.54 -70.23 80.96
N SER X 192 47.22 -70.41 79.84
CA SER X 192 46.60 -70.80 78.57
C SER X 192 45.51 -69.80 78.17
N GLY X 193 45.77 -68.52 78.38
CA GLY X 193 44.83 -67.50 77.98
C GLY X 193 45.00 -66.22 78.78
N VAL X 194 44.10 -65.29 78.52
CA VAL X 194 44.09 -63.98 79.15
C VAL X 194 43.22 -64.03 80.41
N VAL X 195 43.68 -63.35 81.45
CA VAL X 195 42.94 -63.23 82.70
C VAL X 195 42.30 -61.85 82.75
N ASN X 196 41.00 -61.80 83.05
CA ASN X 196 40.29 -60.54 83.10
C ASN X 196 39.48 -60.33 84.38
N ILE X 197 39.55 -61.25 85.34
CA ILE X 197 39.00 -61.05 86.68
C ILE X 197 40.04 -61.49 87.69
N ILE X 198 40.24 -60.69 88.73
CA ILE X 198 41.25 -60.99 89.74
C ILE X 198 40.56 -61.19 91.08
N VAL X 199 39.38 -61.82 91.05
CA VAL X 199 38.59 -62.05 92.26
C VAL X 199 39.43 -62.71 93.35
N PHE X 200 39.49 -62.04 94.50
CA PHE X 200 40.21 -62.49 95.69
C PHE X 200 39.24 -62.94 96.76
N ASP X 201 39.75 -63.71 97.70
CA ASP X 201 39.13 -63.78 99.01
C ASP X 201 39.53 -62.55 99.83
N PRO X 202 38.72 -62.17 100.85
CA PRO X 202 38.83 -60.83 101.44
C PRO X 202 40.23 -60.42 101.89
N LYS X 203 40.86 -61.18 102.79
CA LYS X 203 42.17 -60.78 103.26
C LYS X 203 43.24 -60.93 102.17
N GLY X 204 43.01 -61.81 101.21
CA GLY X 204 43.89 -61.86 100.05
C GLY X 204 43.91 -60.54 99.30
N TRP X 205 42.72 -60.01 99.01
CA TRP X 205 42.65 -58.69 98.41
C TRP X 205 43.18 -57.62 99.36
N ALA X 206 43.06 -57.84 100.66
CA ALA X 206 43.57 -56.87 101.62
C ALA X 206 45.09 -56.71 101.49
N LEU X 207 45.83 -57.82 101.51
CA LEU X 207 47.27 -57.66 101.37
C LEU X 207 47.67 -57.37 99.92
N PHE X 208 46.82 -57.69 98.94
CA PHE X 208 47.06 -57.23 97.58
C PHE X 208 47.04 -55.71 97.51
N ARG X 209 45.99 -55.09 98.06
CA ARG X 209 45.84 -53.65 97.99
C ARG X 209 46.70 -52.92 99.01
N SER X 210 47.26 -53.63 99.99
CA SER X 210 48.17 -52.99 100.94
C SER X 210 49.34 -52.29 100.24
N PHE X 211 49.75 -52.81 99.09
CA PHE X 211 50.76 -52.13 98.28
C PHE X 211 50.19 -50.85 97.70
N LYS X 212 50.94 -49.75 97.83
CA LYS X 212 50.47 -48.48 97.30
C LYS X 212 50.29 -48.55 95.79
N ALA X 213 51.32 -49.03 95.09
CA ALA X 213 51.25 -49.17 93.63
C ALA X 213 49.91 -49.73 93.19
N VAL X 214 49.38 -50.70 93.92
CA VAL X 214 48.04 -51.20 93.63
C VAL X 214 47.01 -50.08 93.75
N LYS X 215 47.09 -49.29 94.83
CA LYS X 215 45.99 -48.38 95.12
C LYS X 215 46.00 -47.14 94.23
N GLU X 216 47.17 -46.69 93.78
CA GLU X 216 47.17 -45.66 92.73
C GLU X 216 47.25 -46.22 91.33
N LYS X 217 47.27 -47.54 91.15
CA LYS X 217 47.13 -48.14 89.84
C LYS X 217 45.70 -48.54 89.53
N LEU X 218 44.89 -48.81 90.56
CA LEU X 218 43.53 -49.23 90.35
C LEU X 218 42.63 -48.04 90.09
N ASP X 219 41.60 -48.25 89.26
CA ASP X 219 40.60 -47.24 88.96
C ASP X 219 39.32 -47.62 89.71
N THR X 220 38.94 -46.79 90.68
CA THR X 220 37.70 -47.01 91.41
C THR X 220 36.46 -46.76 90.56
N ARG X 221 36.63 -46.13 89.41
CA ARG X 221 35.48 -45.72 88.60
C ARG X 221 34.76 -46.93 88.03
N ARG X 222 33.53 -46.71 87.60
CA ARG X 222 32.76 -47.75 86.92
C ARG X 222 33.51 -48.21 85.68
N GLY X 223 33.65 -47.31 84.70
CA GLY X 223 34.21 -47.65 83.40
C GLY X 223 33.66 -48.97 82.93
N SER X 224 32.34 -49.05 82.78
CA SER X 224 31.65 -50.33 82.71
C SER X 224 32.18 -51.15 81.55
N ASN X 225 32.90 -52.22 81.89
CA ASN X 225 33.56 -53.04 80.88
C ASN X 225 32.62 -54.05 80.24
N SER X 226 31.84 -54.75 81.03
CA SER X 226 31.05 -55.87 80.52
C SER X 226 29.80 -55.99 81.38
N GLU X 227 29.16 -57.15 81.30
CA GLU X 227 27.99 -57.46 82.11
C GLU X 227 28.34 -57.89 83.52
N LEU X 228 29.62 -57.82 83.90
CA LEU X 228 29.99 -58.19 85.26
C LEU X 228 29.41 -57.22 86.29
N GLU X 229 29.31 -55.94 85.93
CA GLU X 229 28.61 -55.00 86.80
C GLU X 229 27.16 -55.39 86.98
N THR X 230 26.50 -55.83 85.91
CA THR X 230 25.13 -56.30 86.02
C THR X 230 25.05 -57.53 86.90
N ALA X 231 26.03 -58.43 86.78
CA ALA X 231 26.06 -59.62 87.62
C ALA X 231 26.22 -59.25 89.09
N VAL X 232 27.06 -58.26 89.39
CA VAL X 232 27.24 -57.82 90.77
C VAL X 232 25.96 -57.17 91.28
N LYS X 233 25.32 -56.33 90.46
CA LYS X 233 24.05 -55.74 90.86
C LYS X 233 23.01 -56.80 91.16
N ASP X 234 22.98 -57.87 90.35
CA ASP X 234 22.09 -58.99 90.64
C ASP X 234 22.44 -59.65 91.97
N LEU X 235 23.66 -60.17 92.07
CA LEU X 235 24.13 -60.84 93.29
C LEU X 235 24.96 -59.90 94.13
N GLY X 236 24.32 -58.85 94.62
CA GLY X 236 24.96 -57.96 95.57
C GLY X 236 25.24 -58.56 96.93
N LYS X 237 25.18 -59.89 97.06
CA LYS X 237 25.34 -60.53 98.35
C LYS X 237 26.82 -60.76 98.68
N ALA X 238 27.52 -61.53 97.86
CA ALA X 238 28.85 -62.00 98.26
C ALA X 238 29.93 -61.74 97.22
N VAL X 239 29.57 -61.31 96.01
CA VAL X 239 30.53 -60.87 95.02
C VAL X 239 30.58 -59.35 95.08
N SER X 240 31.79 -58.80 95.22
CA SER X 240 31.99 -57.38 95.41
C SER X 240 32.94 -56.85 94.35
N TYR X 241 32.39 -56.05 93.45
CA TYR X 241 33.14 -55.44 92.37
C TYR X 241 33.95 -54.28 92.94
N LYS X 242 35.20 -54.56 93.32
CA LYS X 242 36.04 -53.53 93.90
C LYS X 242 36.25 -52.37 92.93
N GLY X 243 36.51 -52.68 91.67
CA GLY X 243 36.69 -51.65 90.67
C GLY X 243 37.63 -52.14 89.58
N MET X 244 38.16 -51.17 88.84
CA MET X 244 39.18 -51.42 87.82
C MET X 244 40.56 -51.32 88.42
N TYR X 245 41.41 -52.27 88.08
CA TYR X 245 42.86 -52.16 88.30
C TYR X 245 43.52 -51.60 87.05
N GLY X 246 42.75 -50.88 86.25
CA GLY X 246 43.16 -50.47 84.93
C GLY X 246 42.74 -51.48 83.89
N ASP X 247 43.70 -52.29 83.44
CA ASP X 247 43.43 -53.32 82.45
C ASP X 247 42.43 -54.37 82.93
N VAL X 248 42.52 -54.80 84.19
CA VAL X 248 41.81 -55.98 84.67
C VAL X 248 40.78 -55.57 85.71
N ALA X 249 39.74 -56.40 85.86
CA ALA X 249 38.71 -56.16 86.86
C ALA X 249 39.10 -56.77 88.20
N ILE X 250 38.80 -56.06 89.28
CA ILE X 250 39.10 -56.51 90.63
C ILE X 250 37.79 -56.85 91.32
N VAL X 251 37.66 -58.09 91.76
CA VAL X 251 36.46 -58.57 92.45
C VAL X 251 36.90 -59.27 93.72
N VAL X 252 36.00 -59.37 94.68
CA VAL X 252 36.23 -60.14 95.90
C VAL X 252 35.00 -60.98 96.18
N TYR X 253 35.21 -62.29 96.37
CA TYR X 253 34.14 -63.19 96.78
C TYR X 253 34.28 -63.51 98.25
N SER X 254 33.22 -63.25 99.02
CA SER X 254 33.17 -63.56 100.43
C SER X 254 31.95 -64.40 100.75
N GLY X 255 31.61 -65.33 99.86
CA GLY X 255 30.48 -66.20 100.08
C GLY X 255 30.75 -67.17 101.23
N GLN X 256 29.67 -67.58 101.89
CA GLN X 256 29.77 -68.43 103.07
C GLN X 256 28.77 -69.56 102.98
N TYR X 257 29.18 -70.75 103.41
CA TYR X 257 28.28 -71.89 103.53
C TYR X 257 28.02 -72.16 105.01
N VAL X 258 26.78 -72.48 105.33
CA VAL X 258 26.35 -72.68 106.71
C VAL X 258 26.20 -74.19 106.90
N GLU X 259 27.23 -74.81 107.46
CA GLU X 259 27.28 -76.26 107.54
C GLU X 259 26.47 -76.75 108.74
N ASN X 260 26.65 -78.02 109.10
CA ASN X 260 25.72 -78.74 109.98
C ASN X 260 25.49 -78.00 111.30
N GLY X 261 26.53 -77.41 111.87
CA GLY X 261 26.37 -76.73 113.14
C GLY X 261 26.94 -75.33 113.17
N VAL X 262 27.74 -74.99 112.14
CA VAL X 262 28.48 -73.74 112.11
C VAL X 262 28.44 -73.21 110.68
N LYS X 263 28.94 -71.99 110.50
CA LYS X 263 29.08 -71.37 109.19
C LYS X 263 30.52 -70.96 108.96
N LYS X 264 30.94 -70.99 107.70
CA LYS X 264 32.29 -70.55 107.35
C LYS X 264 32.34 -70.25 105.86
N ASN X 265 33.31 -69.42 105.46
CA ASN X 265 33.40 -68.99 104.08
C ASN X 265 33.72 -70.16 103.14
N PHE X 266 33.22 -70.04 101.91
CA PHE X 266 33.58 -70.99 100.86
C PHE X 266 35.08 -70.97 100.62
N LEU X 267 35.65 -69.77 100.50
CA LEU X 267 37.04 -69.49 100.15
C LEU X 267 37.98 -69.83 101.30
N PRO X 268 39.13 -70.40 100.97
CA PRO X 268 40.21 -70.55 101.96
C PRO X 268 40.80 -69.21 102.37
N ASP X 269 41.87 -69.25 103.17
CA ASP X 269 42.39 -68.03 103.78
C ASP X 269 42.87 -67.02 102.73
N ASN X 270 43.74 -67.46 101.81
CA ASN X 270 44.36 -66.55 100.84
C ASN X 270 44.63 -67.34 99.57
N THR X 271 43.72 -67.26 98.60
CA THR X 271 43.85 -68.02 97.37
C THR X 271 43.42 -67.19 96.17
N MET X 272 43.86 -67.64 95.00
CA MET X 272 43.63 -66.97 93.73
C MET X 272 43.57 -67.99 92.61
N VAL X 273 42.72 -67.72 91.63
CA VAL X 273 42.70 -68.44 90.36
C VAL X 273 42.73 -67.43 89.22
N LEU X 274 43.76 -67.54 88.38
CA LEU X 274 43.95 -66.64 87.24
C LEU X 274 43.46 -67.36 85.99
N GLY X 275 42.48 -66.76 85.32
CA GLY X 275 41.93 -67.34 84.10
C GLY X 275 40.91 -66.42 83.48
N ASN X 276 40.25 -66.92 82.44
CA ASN X 276 39.27 -66.14 81.68
C ASN X 276 37.89 -66.26 82.29
N THR X 277 37.02 -65.32 81.90
CA THR X 277 35.60 -65.39 82.21
C THR X 277 34.84 -66.33 81.28
N GLN X 278 35.44 -66.72 80.16
CA GLN X 278 34.79 -67.64 79.22
C GLN X 278 35.43 -69.02 79.21
N ALA X 279 36.00 -69.46 80.33
CA ALA X 279 36.51 -70.82 80.41
C ALA X 279 35.35 -71.82 80.30
N ARG X 280 35.65 -72.99 79.75
CA ARG X 280 34.62 -73.95 79.41
C ARG X 280 34.36 -74.84 80.62
N GLY X 281 33.12 -74.82 81.11
CA GLY X 281 32.76 -75.64 82.26
C GLY X 281 31.66 -76.64 81.97
N LEU X 282 31.93 -77.90 82.25
CA LEU X 282 30.98 -78.97 81.96
C LEU X 282 30.11 -79.23 83.18
N ARG X 283 28.82 -79.46 82.92
CA ARG X 283 27.82 -79.78 83.93
C ARG X 283 27.21 -81.13 83.61
N THR X 284 28.05 -82.14 83.42
CA THR X 284 27.54 -83.49 83.19
C THR X 284 26.63 -83.92 84.34
N TYR X 285 25.52 -84.55 83.99
CA TYR X 285 24.49 -84.93 84.95
C TYR X 285 24.18 -86.40 84.73
N GLY X 286 24.11 -87.16 85.81
CA GLY X 286 23.88 -88.59 85.74
C GLY X 286 22.41 -88.94 85.65
N CYS X 287 22.15 -90.24 85.82
CA CYS X 287 20.78 -90.74 85.85
C CYS X 287 20.04 -90.21 87.08
N ILE X 288 18.73 -90.08 86.94
CA ILE X 288 17.87 -89.72 88.07
C ILE X 288 17.11 -90.98 88.48
N GLN X 289 17.40 -91.49 89.68
CA GLN X 289 16.83 -92.76 90.15
C GLN X 289 15.47 -92.51 90.80
N ASP X 290 14.48 -92.29 89.95
CA ASP X 290 13.10 -92.13 90.39
C ASP X 290 12.17 -92.73 89.36
N ALA X 291 11.36 -93.70 89.78
CA ALA X 291 10.50 -94.41 88.85
C ALA X 291 9.67 -93.44 88.02
N ASP X 292 9.20 -92.36 88.66
CA ASP X 292 8.50 -91.30 87.94
C ASP X 292 9.38 -90.73 86.83
N ALA X 293 10.63 -90.43 87.17
CA ALA X 293 11.53 -89.83 86.20
C ALA X 293 11.78 -90.77 85.02
N GLN X 294 11.96 -92.07 85.29
CA GLN X 294 12.19 -92.97 84.16
C GLN X 294 10.95 -93.12 83.29
N ARG X 295 9.76 -93.28 83.88
CA ARG X 295 8.67 -93.63 82.97
C ARG X 295 8.09 -92.38 82.32
N GLU X 296 8.53 -91.19 82.74
CA GLU X 296 8.18 -89.99 81.99
C GLU X 296 9.39 -89.36 81.29
N GLY X 297 10.54 -90.01 81.29
CA GLY X 297 11.67 -89.55 80.50
C GLY X 297 12.50 -88.43 81.09
N ILE X 298 12.54 -88.32 82.41
CA ILE X 298 13.34 -87.30 83.07
C ILE X 298 14.61 -87.97 83.61
N ASN X 299 14.99 -89.08 82.99
CA ASN X 299 16.27 -89.70 83.30
C ASN X 299 17.45 -88.83 82.87
N ALA X 300 17.23 -87.95 81.89
CA ALA X 300 18.26 -87.05 81.39
C ALA X 300 17.77 -85.62 81.56
N SER X 301 18.09 -85.01 82.69
CA SER X 301 17.62 -83.67 82.98
C SER X 301 18.50 -83.04 84.05
N ALA X 302 18.12 -81.83 84.46
CA ALA X 302 18.85 -81.17 85.53
C ALA X 302 18.36 -81.62 86.91
N ARG X 303 17.11 -81.30 87.24
CA ARG X 303 16.57 -81.48 88.58
C ARG X 303 15.22 -82.18 88.48
N TYR X 304 14.79 -82.75 89.61
CA TYR X 304 13.45 -83.33 89.66
C TYR X 304 12.81 -83.12 91.02
N PRO X 305 11.72 -82.35 91.09
CA PRO X 305 10.96 -82.24 92.35
C PRO X 305 9.79 -83.21 92.40
N LYS X 306 9.26 -83.46 93.59
CA LYS X 306 7.97 -84.12 93.72
C LYS X 306 7.41 -83.90 95.10
N ASN X 307 6.08 -83.90 95.19
CA ASN X 307 5.35 -83.87 96.46
C ASN X 307 4.54 -85.16 96.56
N TRP X 308 4.63 -85.83 97.70
CA TRP X 308 4.21 -87.23 97.75
C TRP X 308 3.93 -87.67 99.17
N VAL X 309 2.93 -88.53 99.30
CA VAL X 309 2.40 -88.98 100.59
C VAL X 309 2.88 -90.40 100.86
N THR X 310 3.34 -90.65 102.08
CA THR X 310 3.65 -91.98 102.56
C THR X 310 2.49 -92.51 103.38
N THR X 311 2.01 -93.69 103.03
CA THR X 311 0.95 -94.38 103.75
C THR X 311 1.54 -95.53 104.54
N GLY X 312 1.23 -95.56 105.83
CA GLY X 312 1.71 -96.63 106.69
C GLY X 312 2.42 -96.14 107.94
N ASP X 313 3.63 -96.64 108.17
CA ASP X 313 4.38 -96.22 109.36
C ASP X 313 4.70 -94.73 109.33
N PRO X 314 5.42 -94.21 108.33
CA PRO X 314 5.63 -92.76 108.27
C PRO X 314 4.53 -92.08 107.47
N ALA X 315 3.28 -92.28 107.89
CA ALA X 315 2.15 -91.80 107.11
C ALA X 315 2.13 -90.28 107.16
N ARG X 316 2.78 -89.67 106.17
CA ARG X 316 3.03 -88.23 106.17
C ARG X 316 3.06 -87.78 104.72
N GLU X 317 3.61 -86.61 104.47
CA GLU X 317 3.75 -86.10 103.11
C GLU X 317 5.00 -85.22 103.02
N PHE X 318 5.75 -85.41 101.95
CA PHE X 318 7.10 -84.87 101.82
C PHE X 318 7.30 -84.23 100.45
N THR X 319 8.31 -83.36 100.39
CA THR X 319 8.83 -82.84 99.14
C THR X 319 10.24 -83.40 98.92
N MET X 320 10.46 -83.98 97.75
CA MET X 320 11.65 -84.75 97.42
C MET X 320 12.32 -84.06 96.24
N ILE X 321 13.62 -83.81 96.33
CA ILE X 321 14.37 -83.19 95.24
C ILE X 321 15.52 -84.12 94.87
N GLN X 322 15.66 -84.39 93.57
CA GLN X 322 16.69 -85.31 93.09
C GLN X 322 17.49 -84.68 91.95
N SER X 323 18.80 -84.92 91.99
CA SER X 323 19.72 -84.39 91.00
C SER X 323 20.95 -85.28 90.96
N ALA X 324 21.84 -85.03 90.00
CA ALA X 324 23.09 -85.78 89.89
C ALA X 324 24.11 -84.96 89.09
N PRO X 325 24.68 -83.92 89.69
CA PRO X 325 25.69 -83.14 88.99
C PRO X 325 27.10 -83.68 89.21
N LEU X 326 27.93 -83.54 88.17
CA LEU X 326 29.35 -83.84 88.26
C LEU X 326 30.12 -82.78 87.48
N MET X 327 29.72 -81.53 87.65
CA MET X 327 30.36 -80.38 87.03
C MET X 327 31.86 -80.36 87.25
N LEU X 328 32.59 -80.10 86.16
CA LEU X 328 34.04 -79.99 86.14
C LEU X 328 34.44 -78.87 85.20
N LEU X 329 35.74 -78.69 85.01
CA LEU X 329 36.28 -77.72 84.07
C LEU X 329 36.95 -78.46 82.92
N ALA X 330 36.68 -78.00 81.69
CA ALA X 330 37.26 -78.65 80.52
C ALA X 330 38.78 -78.50 80.51
N ASP X 331 39.27 -77.29 80.80
CA ASP X 331 40.71 -77.02 80.81
C ASP X 331 41.15 -76.65 82.21
N PRO X 332 41.65 -77.60 83.00
CA PRO X 332 42.19 -77.24 84.32
C PRO X 332 43.39 -76.31 84.23
N ASP X 333 44.14 -76.37 83.14
CA ASP X 333 45.28 -75.48 82.91
C ASP X 333 44.84 -74.05 82.64
N GLU X 334 43.55 -73.81 82.40
CA GLU X 334 43.07 -72.47 82.14
C GLU X 334 43.25 -71.54 83.33
N PHE X 335 43.21 -72.07 84.54
CA PHE X 335 43.36 -71.26 85.75
C PHE X 335 44.62 -71.67 86.50
N VAL X 336 45.40 -70.66 86.88
CA VAL X 336 46.54 -70.84 87.76
C VAL X 336 46.07 -70.59 89.18
N SER X 337 46.23 -71.58 90.05
CA SER X 337 45.77 -71.53 91.43
C SER X 337 46.95 -71.24 92.34
N VAL X 338 46.89 -70.12 93.04
CA VAL X 338 47.99 -69.63 93.86
C VAL X 338 47.48 -69.42 95.27
N GLN X 339 48.21 -69.96 96.25
CA GLN X 339 48.00 -69.58 97.63
C GLN X 339 48.90 -68.38 97.94
N LEU X 340 48.35 -67.40 98.62
CA LEU X 340 48.98 -66.10 98.78
C LEU X 340 49.79 -66.03 100.07
N ALA X 341 50.47 -64.91 100.25
CA ALA X 341 51.27 -64.67 101.44
C ALA X 341 50.39 -64.60 102.69
N ALA Y 7 18.43 -76.66 -63.59
CA ALA Y 7 18.41 -75.31 -63.04
C ALA Y 7 17.89 -75.31 -61.61
N GLN Y 8 18.80 -75.14 -60.66
CA GLN Y 8 18.47 -75.09 -59.24
C GLN Y 8 18.80 -73.70 -58.70
N LEU Y 9 18.20 -73.38 -57.56
CA LEU Y 9 18.20 -72.02 -57.04
C LEU Y 9 19.60 -71.58 -56.64
N LEU Y 10 19.73 -70.27 -56.37
CA LEU Y 10 21.00 -69.69 -55.95
C LEU Y 10 21.47 -70.24 -54.61
N ALA Y 11 20.54 -70.49 -53.68
CA ALA Y 11 20.92 -70.90 -52.33
C ALA Y 11 21.59 -72.26 -52.29
N ALA Y 12 21.54 -73.05 -53.37
CA ALA Y 12 22.22 -74.34 -53.44
C ALA Y 12 23.71 -74.12 -53.74
N ASN Y 13 24.36 -73.36 -52.87
CA ASN Y 13 25.77 -73.00 -53.02
C ASN Y 13 26.49 -73.12 -51.68
N GLU Y 14 26.25 -74.22 -50.97
CA GLU Y 14 26.79 -74.42 -49.63
C GLU Y 14 28.02 -75.30 -49.72
N GLN Y 15 29.17 -74.75 -49.31
CA GLN Y 15 30.42 -75.51 -49.25
C GLN Y 15 30.95 -75.65 -47.83
N LYS Y 16 31.14 -74.52 -47.14
CA LYS Y 16 31.90 -74.47 -45.87
C LYS Y 16 33.30 -75.04 -46.05
N PHE Y 17 33.85 -74.89 -47.25
CA PHE Y 17 35.19 -75.37 -47.61
C PHE Y 17 36.01 -74.18 -48.10
N LYS Y 18 36.67 -73.48 -47.18
CA LYS Y 18 37.59 -72.40 -47.52
C LYS Y 18 38.97 -72.81 -47.05
N PHE Y 19 39.77 -73.32 -47.97
CA PHE Y 19 41.07 -73.92 -47.67
C PHE Y 19 42.14 -73.40 -48.64
N ASP Y 20 42.15 -72.10 -48.87
CA ASP Y 20 43.20 -71.47 -49.68
C ASP Y 20 44.55 -71.55 -48.97
N PRO Y 21 45.65 -71.75 -49.69
CA PRO Y 21 46.98 -71.97 -49.07
C PRO Y 21 47.62 -70.72 -48.46
N LEU Y 22 47.00 -70.24 -47.37
CA LEU Y 22 47.60 -69.28 -46.46
C LEU Y 22 47.94 -67.93 -47.09
N PHE Y 23 47.55 -67.71 -48.34
CA PHE Y 23 47.81 -66.43 -48.99
C PHE Y 23 46.60 -65.50 -48.98
N LEU Y 24 45.49 -65.92 -49.58
CA LEU Y 24 44.28 -65.11 -49.61
C LEU Y 24 43.57 -65.07 -48.26
N ARG Y 25 43.96 -65.92 -47.32
CA ARG Y 25 43.35 -65.99 -46.01
C ARG Y 25 44.19 -65.37 -44.90
N LEU Y 26 45.48 -65.17 -45.14
CA LEU Y 26 46.41 -64.69 -44.12
C LEU Y 26 47.12 -63.39 -44.47
N PHE Y 27 47.57 -63.23 -45.72
CA PHE Y 27 48.14 -61.96 -46.14
C PHE Y 27 47.14 -61.06 -46.85
N PHE Y 28 46.14 -61.63 -47.50
CA PHE Y 28 45.26 -60.88 -48.40
C PHE Y 28 43.81 -60.94 -47.95
N ARG Y 29 43.57 -60.67 -46.68
CA ARG Y 29 42.22 -60.68 -46.11
C ARG Y 29 41.40 -59.48 -46.55
N GLU Y 30 42.01 -58.49 -47.19
CA GLU Y 30 41.48 -57.14 -47.25
C GLU Y 30 40.57 -56.99 -48.47
N SER Y 31 39.41 -57.63 -48.44
CA SER Y 31 38.52 -57.74 -49.59
C SER Y 31 37.80 -56.42 -49.88
N TYR Y 32 37.73 -56.04 -51.15
CA TYR Y 32 37.01 -54.84 -51.57
C TYR Y 32 36.21 -55.11 -52.84
N PRO Y 33 35.10 -55.84 -52.74
CA PRO Y 33 34.20 -55.90 -53.89
C PRO Y 33 33.48 -54.58 -54.13
N PHE Y 34 33.41 -54.20 -55.41
CA PHE Y 34 32.91 -52.90 -55.83
C PHE Y 34 31.66 -53.05 -56.68
N THR Y 35 30.89 -51.96 -56.75
CA THR Y 35 29.79 -51.84 -57.70
C THR Y 35 30.29 -51.28 -59.03
N THR Y 36 31.60 -51.07 -59.14
CA THR Y 36 32.21 -50.45 -60.32
C THR Y 36 33.23 -51.40 -60.92
N GLU Y 37 33.47 -51.21 -62.22
CA GLU Y 37 34.25 -52.18 -62.99
C GLU Y 37 35.67 -52.33 -62.44
N LYS Y 38 36.44 -51.26 -62.48
CA LYS Y 38 37.87 -51.32 -62.20
C LYS Y 38 38.13 -51.27 -60.70
N VAL Y 39 39.41 -51.32 -60.35
CA VAL Y 39 39.88 -50.99 -59.01
C VAL Y 39 40.32 -49.54 -59.00
N TYR Y 40 39.89 -48.83 -57.96
CA TYR Y 40 40.18 -47.41 -57.83
C TYR Y 40 40.93 -47.22 -56.51
N LEU Y 41 42.25 -47.40 -56.56
CA LEU Y 41 43.06 -47.36 -55.34
C LEU Y 41 42.90 -46.02 -54.62
N SER Y 42 42.59 -44.95 -55.36
CA SER Y 42 42.25 -43.70 -54.71
C SER Y 42 40.98 -43.84 -53.87
N GLN Y 43 40.03 -44.66 -54.32
CA GLN Y 43 38.81 -44.89 -53.56
C GLN Y 43 39.08 -45.67 -52.28
N ILE Y 44 39.91 -46.71 -52.35
CA ILE Y 44 40.27 -47.46 -51.13
C ILE Y 44 40.99 -46.53 -50.17
N PRO Y 45 40.60 -46.47 -48.90
CA PRO Y 45 41.37 -45.66 -47.94
C PRO Y 45 42.78 -46.18 -47.76
N GLY Y 46 42.97 -47.49 -47.80
CA GLY Y 46 44.25 -48.11 -47.54
C GLY Y 46 44.77 -47.68 -46.19
N LEU Y 47 46.04 -47.28 -46.18
CA LEU Y 47 46.59 -46.61 -45.02
C LEU Y 47 46.08 -45.17 -44.95
N VAL Y 48 45.65 -44.76 -43.77
CA VAL Y 48 45.07 -43.44 -43.53
C VAL Y 48 46.17 -42.49 -43.09
N ASN Y 49 46.11 -41.25 -43.54
CA ASN Y 49 46.99 -40.19 -43.04
C ASN Y 49 46.76 -40.07 -41.54
N MET Y 50 47.77 -40.44 -40.75
CA MET Y 50 47.52 -40.93 -39.39
C MET Y 50 48.55 -40.39 -38.40
N ALA Y 51 48.77 -39.07 -38.37
CA ALA Y 51 49.67 -38.51 -37.37
C ALA Y 51 49.17 -37.20 -36.77
N LEU Y 52 48.74 -36.26 -37.59
CA LEU Y 52 48.62 -34.86 -37.20
C LEU Y 52 47.43 -34.64 -36.28
N TYR Y 53 47.62 -33.78 -35.28
CA TYR Y 53 46.52 -33.30 -34.45
C TYR Y 53 46.34 -31.79 -34.71
N VAL Y 54 45.48 -31.17 -33.90
CA VAL Y 54 45.18 -29.75 -34.04
C VAL Y 54 45.38 -29.05 -32.70
N SER Y 55 45.55 -27.73 -32.76
CA SER Y 55 45.85 -26.94 -31.58
C SER Y 55 44.67 -26.97 -30.60
N PRO Y 56 44.95 -26.77 -29.30
CA PRO Y 56 43.86 -26.76 -28.31
C PRO Y 56 43.02 -25.50 -28.31
N ILE Y 57 42.63 -25.02 -29.48
CA ILE Y 57 41.69 -23.91 -29.58
C ILE Y 57 40.52 -24.30 -30.49
N VAL Y 58 40.82 -24.73 -31.71
CA VAL Y 58 39.84 -25.21 -32.67
C VAL Y 58 40.40 -26.44 -33.36
N SER Y 59 39.62 -26.97 -34.30
CA SER Y 59 40.09 -28.13 -35.06
C SER Y 59 40.29 -27.76 -36.53
N GLY Y 60 40.98 -28.64 -37.24
CA GLY Y 60 41.45 -28.35 -38.57
C GLY Y 60 40.50 -28.79 -39.67
N GLU Y 61 41.09 -29.08 -40.83
CA GLU Y 61 40.35 -29.35 -42.05
C GLU Y 61 39.78 -30.76 -42.05
N VAL Y 62 39.17 -31.15 -43.17
CA VAL Y 62 38.58 -32.47 -43.32
C VAL Y 62 39.60 -33.39 -43.96
N ILE Y 63 39.73 -34.60 -43.42
CA ILE Y 63 40.67 -35.60 -43.91
C ILE Y 63 39.91 -36.61 -44.76
N ARG Y 64 40.47 -36.95 -45.91
CA ARG Y 64 39.84 -37.79 -46.93
C ARG Y 64 40.61 -39.10 -47.06
N SER Y 65 40.15 -39.93 -47.99
CA SER Y 65 40.97 -41.03 -48.51
C SER Y 65 42.05 -40.40 -49.38
N ARG Y 66 43.32 -40.65 -49.04
CA ARG Y 66 44.40 -39.79 -49.50
C ARG Y 66 44.82 -40.09 -50.94
N GLY Y 67 43.82 -40.08 -51.82
CA GLY Y 67 44.03 -40.00 -53.26
C GLY Y 67 45.15 -40.82 -53.86
N GLY Y 68 44.98 -42.14 -53.90
CA GLY Y 68 45.95 -43.02 -54.51
C GLY Y 68 46.36 -42.59 -55.91
N SER Y 69 47.65 -42.60 -56.18
CA SER Y 69 48.15 -42.04 -57.45
C SER Y 69 47.60 -42.82 -58.64
N THR Y 70 47.68 -44.14 -58.61
CA THR Y 70 47.16 -44.99 -59.68
C THR Y 70 45.92 -45.71 -59.18
N SER Y 71 44.80 -45.49 -59.86
CA SER Y 71 43.52 -46.06 -59.45
C SER Y 71 42.74 -46.67 -60.61
N GLU Y 72 43.41 -47.39 -61.51
CA GLU Y 72 42.76 -47.94 -62.70
C GLU Y 72 43.47 -49.20 -63.15
N PHE Y 73 42.94 -50.36 -62.74
CA PHE Y 73 43.39 -51.64 -63.29
C PHE Y 73 42.16 -52.52 -63.52
N THR Y 74 42.31 -53.50 -64.41
CA THR Y 74 41.21 -54.34 -64.83
C THR Y 74 41.15 -55.59 -63.98
N PRO Y 75 40.09 -55.80 -63.20
CA PRO Y 75 39.97 -57.06 -62.45
C PRO Y 75 39.83 -58.24 -63.39
N GLY Y 76 40.29 -59.40 -62.94
CA GLY Y 76 40.21 -60.64 -63.70
C GLY Y 76 38.82 -61.22 -63.68
N TYR Y 77 37.89 -60.63 -64.43
CA TYR Y 77 36.55 -61.17 -64.44
C TYR Y 77 36.56 -62.55 -65.07
N VAL Y 78 36.47 -63.54 -64.21
CA VAL Y 78 36.54 -64.95 -64.57
C VAL Y 78 35.14 -65.53 -64.44
N LYS Y 79 34.56 -65.95 -65.57
CA LYS Y 79 33.31 -66.66 -65.42
C LYS Y 79 33.34 -67.97 -66.19
N PRO Y 80 33.79 -69.06 -65.55
CA PRO Y 80 33.71 -70.36 -66.22
C PRO Y 80 32.40 -71.06 -65.95
N LYS Y 81 32.22 -72.24 -66.55
CA LYS Y 81 31.01 -73.01 -66.34
C LYS Y 81 31.33 -74.48 -66.60
N HIS Y 82 30.35 -75.32 -66.30
CA HIS Y 82 30.43 -76.73 -66.68
C HIS Y 82 29.02 -77.27 -66.86
N GLU Y 83 28.96 -78.49 -67.34
CA GLU Y 83 27.71 -79.24 -67.40
C GLU Y 83 27.64 -80.20 -66.21
N VAL Y 84 26.41 -80.45 -65.77
CA VAL Y 84 26.14 -81.42 -64.72
C VAL Y 84 25.16 -82.45 -65.25
N ASN Y 85 25.30 -82.77 -66.54
CA ASN Y 85 24.42 -83.69 -67.24
C ASN Y 85 24.32 -85.02 -66.50
N PRO Y 86 23.13 -85.46 -66.12
CA PRO Y 86 23.00 -86.72 -65.37
C PRO Y 86 23.23 -87.95 -66.23
N GLN Y 87 24.40 -88.04 -66.85
CA GLN Y 87 24.81 -89.23 -67.58
C GLN Y 87 26.00 -89.95 -66.95
N MET Y 88 26.65 -89.35 -65.95
CA MET Y 88 27.79 -89.97 -65.31
C MET Y 88 27.40 -90.78 -64.09
N THR Y 89 28.19 -91.81 -63.80
CA THR Y 89 28.31 -92.25 -62.42
C THR Y 89 29.29 -91.34 -61.68
N LEU Y 90 28.91 -90.93 -60.48
CA LEU Y 90 29.55 -89.83 -59.78
C LEU Y 90 30.56 -90.32 -58.76
N ARG Y 91 31.11 -89.38 -57.99
CA ARG Y 91 31.94 -89.73 -56.85
C ARG Y 91 31.07 -90.44 -55.82
N ARG Y 92 31.24 -91.73 -55.62
CA ARG Y 92 30.43 -92.44 -54.61
C ARG Y 92 31.21 -92.54 -53.31
N LEU Y 93 30.95 -91.62 -52.39
CA LEU Y 93 31.40 -91.78 -51.02
C LEU Y 93 31.03 -93.18 -50.54
N PRO Y 94 31.91 -93.87 -49.80
CA PRO Y 94 31.67 -95.30 -49.51
C PRO Y 94 30.30 -95.62 -48.93
N ASP Y 95 29.48 -96.28 -49.76
CA ASP Y 95 28.26 -96.98 -49.36
C ASP Y 95 27.30 -96.12 -48.54
N GLU Y 96 27.01 -94.89 -48.97
CA GLU Y 96 25.85 -94.16 -48.48
C GLU Y 96 24.69 -94.27 -49.47
N ASP Y 97 24.13 -95.49 -49.53
CA ASP Y 97 22.87 -95.77 -50.22
C ASP Y 97 22.88 -95.31 -51.67
N PRO Y 98 23.55 -96.00 -52.58
CA PRO Y 98 23.58 -95.56 -53.98
C PRO Y 98 22.21 -95.47 -54.65
N GLN Y 99 21.15 -95.85 -53.94
CA GLN Y 99 19.81 -95.66 -54.48
C GLN Y 99 19.51 -94.19 -54.74
N ASN Y 100 20.03 -93.29 -53.90
CA ASN Y 100 19.83 -91.87 -54.17
C ASN Y 100 20.67 -91.38 -55.35
N LEU Y 101 21.85 -91.96 -55.57
CA LEU Y 101 22.55 -91.69 -56.83
C LEU Y 101 21.70 -92.15 -58.01
N ALA Y 102 21.03 -93.30 -57.89
CA ALA Y 102 20.10 -93.72 -58.91
C ALA Y 102 19.00 -92.68 -59.16
N ASP Y 103 18.67 -91.87 -58.16
CA ASP Y 103 17.78 -90.74 -58.36
C ASP Y 103 18.46 -89.70 -59.24
N PRO Y 104 17.82 -89.25 -60.33
CA PRO Y 104 18.33 -88.07 -61.03
C PRO Y 104 18.38 -86.82 -60.16
N ALA Y 105 17.48 -86.68 -59.19
CA ALA Y 105 17.50 -85.50 -58.34
C ALA Y 105 18.75 -85.43 -57.47
N TYR Y 106 19.06 -86.52 -56.76
CA TYR Y 106 20.24 -86.49 -55.91
C TYR Y 106 21.51 -86.47 -56.73
N ARG Y 107 21.55 -87.23 -57.84
CA ARG Y 107 22.76 -87.17 -58.66
C ARG Y 107 22.97 -85.75 -59.16
N ARG Y 108 21.91 -85.09 -59.64
CA ARG Y 108 22.08 -83.75 -60.19
C ARG Y 108 22.48 -82.75 -59.10
N ARG Y 109 21.91 -82.86 -57.90
CA ARG Y 109 22.27 -81.87 -56.88
C ARG Y 109 23.69 -82.09 -56.38
N ARG Y 110 24.11 -83.33 -56.13
CA ARG Y 110 25.47 -83.45 -55.61
C ARG Y 110 26.48 -83.32 -56.74
N ILE Y 111 26.07 -83.49 -58.00
CA ILE Y 111 26.98 -83.21 -59.10
C ILE Y 111 27.11 -81.71 -59.33
N ILE Y 112 26.06 -80.92 -59.08
CA ILE Y 112 26.28 -79.48 -59.11
C ILE Y 112 27.16 -79.08 -57.93
N MET Y 113 27.01 -79.78 -56.80
CA MET Y 113 27.95 -79.58 -55.69
C MET Y 113 29.39 -79.78 -56.15
N GLN Y 114 29.66 -80.94 -56.76
CA GLN Y 114 31.00 -81.28 -57.22
C GLN Y 114 31.49 -80.30 -58.28
N ASN Y 115 30.63 -79.98 -59.25
CA ASN Y 115 30.99 -79.06 -60.31
C ASN Y 115 31.38 -77.70 -59.73
N MET Y 116 30.52 -77.16 -58.86
CA MET Y 116 30.79 -75.81 -58.38
C MET Y 116 32.02 -75.80 -57.49
N ARG Y 117 32.24 -76.86 -56.70
CA ARG Y 117 33.44 -76.86 -55.86
C ARG Y 117 34.69 -76.90 -56.71
N ASP Y 118 34.69 -77.71 -57.78
CA ASP Y 118 35.77 -77.60 -58.76
C ASP Y 118 35.92 -76.18 -59.25
N GLU Y 119 34.80 -75.48 -59.44
CA GLU Y 119 34.84 -74.12 -59.96
C GLU Y 119 35.54 -73.16 -58.99
N GLU Y 120 35.14 -73.17 -57.71
CA GLU Y 120 35.79 -72.18 -56.83
C GLU Y 120 37.22 -72.58 -56.53
N LEU Y 121 37.54 -73.88 -56.55
CA LEU Y 121 38.94 -74.23 -56.35
C LEU Y 121 39.75 -73.87 -57.60
N ALA Y 122 39.13 -73.85 -58.77
CA ALA Y 122 39.79 -73.33 -59.96
C ALA Y 122 40.10 -71.86 -59.83
N ILE Y 123 39.10 -71.07 -59.43
CA ILE Y 123 39.35 -69.64 -59.29
C ILE Y 123 40.34 -69.41 -58.14
N ALA Y 124 40.33 -70.27 -57.13
CA ALA Y 124 41.27 -70.16 -56.02
C ALA Y 124 42.70 -70.46 -56.47
N GLN Y 125 42.88 -71.47 -57.33
CA GLN Y 125 44.22 -71.78 -57.79
C GLN Y 125 44.75 -70.72 -58.75
N VAL Y 126 43.89 -70.18 -59.62
CA VAL Y 126 44.36 -69.07 -60.45
C VAL Y 126 44.64 -67.85 -59.60
N GLU Y 127 43.88 -67.65 -58.52
CA GLU Y 127 44.13 -66.55 -57.61
C GLU Y 127 45.45 -66.75 -56.87
N GLU Y 128 45.79 -68.01 -56.55
CA GLU Y 128 47.06 -68.30 -55.92
C GLU Y 128 48.22 -68.09 -56.88
N MET Y 129 48.05 -68.40 -58.17
CA MET Y 129 49.08 -68.01 -59.13
C MET Y 129 49.23 -66.49 -59.19
N GLN Y 130 48.11 -65.76 -59.16
CA GLN Y 130 48.21 -64.30 -59.08
C GLN Y 130 48.96 -63.87 -57.82
N ALA Y 131 48.70 -64.53 -56.69
CA ALA Y 131 49.37 -64.19 -55.43
C ALA Y 131 50.87 -64.46 -55.51
N VAL Y 132 51.26 -65.58 -56.11
CA VAL Y 132 52.67 -65.93 -56.16
C VAL Y 132 53.40 -64.99 -57.12
N SER Y 133 52.78 -64.62 -58.24
CA SER Y 133 53.36 -63.59 -59.08
C SER Y 133 53.50 -62.27 -58.30
N ALA Y 134 52.44 -61.90 -57.58
CA ALA Y 134 52.41 -60.65 -56.85
C ALA Y 134 53.53 -60.58 -55.83
N VAL Y 135 53.48 -61.43 -54.81
CA VAL Y 135 54.64 -61.50 -53.93
C VAL Y 135 55.55 -62.62 -54.42
N LEU Y 136 56.09 -62.44 -55.62
CA LEU Y 136 57.46 -62.79 -55.99
C LEU Y 136 58.12 -61.75 -56.86
N LYS Y 137 57.36 -60.91 -57.58
CA LYS Y 137 57.99 -59.85 -58.36
C LYS Y 137 57.31 -58.50 -58.28
N GLY Y 138 56.14 -58.39 -57.64
CA GLY Y 138 55.44 -57.13 -57.62
C GLY Y 138 54.67 -56.83 -58.88
N LYS Y 139 54.85 -57.64 -59.93
CA LYS Y 139 54.18 -57.53 -61.20
C LYS Y 139 53.14 -58.65 -61.31
N TYR Y 140 51.98 -58.31 -61.86
CA TYR Y 140 50.98 -59.33 -62.19
C TYR Y 140 50.53 -59.13 -63.63
N THR Y 141 50.39 -60.24 -64.35
CA THR Y 141 50.00 -60.24 -65.75
C THR Y 141 48.50 -60.48 -65.84
N MET Y 142 47.72 -59.40 -65.84
CA MET Y 142 46.31 -59.44 -66.23
C MET Y 142 46.24 -59.68 -67.73
N THR Y 143 46.14 -60.95 -68.12
CA THR Y 143 46.25 -61.29 -69.53
C THR Y 143 45.37 -62.49 -69.85
N GLY Y 144 45.04 -62.59 -71.14
CA GLY Y 144 44.30 -63.70 -71.67
C GLY Y 144 44.07 -63.47 -73.14
N GLU Y 145 43.80 -64.55 -73.86
CA GLU Y 145 43.54 -64.42 -75.29
C GLU Y 145 42.27 -63.61 -75.50
N ALA Y 146 42.24 -62.84 -76.60
CA ALA Y 146 41.19 -61.86 -76.85
C ALA Y 146 41.07 -60.88 -75.67
N PHE Y 147 42.22 -60.44 -75.16
CA PHE Y 147 42.27 -59.50 -74.06
C PHE Y 147 43.68 -58.93 -73.99
N ASP Y 148 43.79 -57.63 -73.82
CA ASP Y 148 45.11 -57.00 -73.78
C ASP Y 148 45.83 -57.34 -72.48
N PRO Y 149 47.14 -57.62 -72.52
CA PRO Y 149 47.86 -57.88 -71.28
C PRO Y 149 48.18 -56.58 -70.55
N VAL Y 150 47.51 -56.37 -69.43
CA VAL Y 150 47.78 -55.27 -68.53
C VAL Y 150 48.72 -55.75 -67.44
N GLU Y 151 49.85 -55.06 -67.29
CA GLU Y 151 50.75 -55.30 -66.17
C GLU Y 151 50.27 -54.48 -64.98
N VAL Y 152 49.89 -55.15 -63.90
CA VAL Y 152 49.45 -54.50 -62.68
C VAL Y 152 50.62 -54.58 -61.71
N ASP Y 153 51.20 -53.43 -61.39
CA ASP Y 153 52.42 -53.37 -60.57
C ASP Y 153 52.06 -52.73 -59.23
N MET Y 154 52.38 -53.43 -58.14
CA MET Y 154 52.30 -52.77 -56.84
C MET Y 154 53.46 -51.81 -56.63
N GLY Y 155 54.62 -52.08 -57.22
CA GLY Y 155 55.75 -51.18 -57.09
C GLY Y 155 56.92 -51.78 -56.35
N ARG Y 156 57.13 -53.10 -56.50
CA ARG Y 156 58.22 -53.76 -55.82
C ARG Y 156 59.55 -53.13 -56.20
N SER Y 157 60.33 -52.77 -55.19
CA SER Y 157 61.57 -52.03 -55.38
C SER Y 157 62.71 -52.97 -55.77
N GLU Y 158 63.83 -52.35 -56.17
CA GLU Y 158 64.99 -53.12 -56.60
C GLU Y 158 65.63 -53.88 -55.45
N GLU Y 159 65.74 -53.26 -54.26
CA GLU Y 159 66.27 -53.97 -53.10
C GLU Y 159 65.34 -55.09 -52.64
N ASN Y 160 64.10 -55.10 -53.10
CA ASN Y 160 63.19 -56.21 -52.89
C ASN Y 160 63.34 -57.29 -53.97
N ASN Y 161 64.23 -57.09 -54.93
CA ASN Y 161 64.46 -58.04 -56.02
C ASN Y 161 65.93 -58.41 -56.11
N ILE Y 162 66.69 -58.16 -55.04
CA ILE Y 162 68.11 -58.50 -55.05
C ILE Y 162 68.28 -60.01 -54.97
N THR Y 163 69.33 -60.50 -55.63
CA THR Y 163 69.48 -61.90 -55.95
C THR Y 163 70.63 -62.53 -55.16
N GLN Y 164 70.44 -63.79 -54.75
CA GLN Y 164 71.49 -64.53 -54.06
C GLN Y 164 72.64 -64.90 -54.99
N SER Y 165 72.36 -65.24 -56.25
CA SER Y 165 73.43 -65.62 -57.17
C SER Y 165 74.40 -64.47 -57.42
N GLY Y 166 73.94 -63.23 -57.27
CA GLY Y 166 74.84 -62.10 -57.37
C GLY Y 166 75.90 -62.17 -56.30
N GLY Y 167 77.17 -62.03 -56.71
CA GLY Y 167 78.28 -62.15 -55.80
C GLY Y 167 78.63 -63.59 -55.48
N THR Y 168 78.34 -64.03 -54.25
CA THR Y 168 78.64 -65.38 -53.80
C THR Y 168 77.35 -66.15 -53.62
N GLU Y 169 77.30 -67.35 -54.19
CA GLU Y 169 76.12 -68.21 -54.12
C GLU Y 169 76.23 -69.15 -52.92
N TRP Y 170 75.08 -69.51 -52.35
CA TRP Y 170 75.07 -70.50 -51.28
C TRP Y 170 75.56 -71.85 -51.75
N SER Y 171 75.25 -72.22 -53.00
CA SER Y 171 75.87 -73.41 -53.57
C SER Y 171 77.38 -73.27 -53.65
N LYS Y 172 77.85 -72.08 -54.01
CA LYS Y 172 79.28 -71.78 -54.04
C LYS Y 172 79.77 -71.26 -52.70
N ARG Y 173 79.49 -72.02 -51.64
CA ARG Y 173 79.93 -71.69 -50.30
C ARG Y 173 80.25 -72.98 -49.55
N ASP Y 174 80.81 -72.83 -48.36
CA ASP Y 174 81.10 -73.98 -47.52
C ASP Y 174 79.80 -74.60 -47.03
N LYS Y 175 79.58 -75.87 -47.35
CA LYS Y 175 78.38 -76.58 -46.94
C LYS Y 175 78.36 -76.89 -45.46
N SER Y 176 79.46 -76.66 -44.74
CA SER Y 176 79.56 -77.02 -43.34
C SER Y 176 79.65 -75.82 -42.40
N THR Y 177 80.48 -74.82 -42.71
CA THR Y 177 80.74 -73.72 -41.78
C THR Y 177 79.99 -72.44 -42.10
N TYR Y 178 79.64 -72.21 -43.36
CA TYR Y 178 78.95 -70.98 -43.71
C TYR Y 178 77.55 -70.97 -43.11
N ASP Y 179 77.16 -69.81 -42.57
CA ASP Y 179 75.84 -69.60 -42.01
C ASP Y 179 75.07 -68.62 -42.87
N PRO Y 180 73.96 -69.03 -43.50
CA PRO Y 180 73.17 -68.09 -44.31
C PRO Y 180 72.30 -67.15 -43.50
N THR Y 181 72.39 -67.19 -42.16
CA THR Y 181 71.65 -66.25 -41.35
C THR Y 181 72.08 -64.81 -41.64
N ASP Y 182 73.38 -64.60 -41.89
CA ASP Y 182 73.86 -63.28 -42.25
C ASP Y 182 73.10 -62.74 -43.46
N ASP Y 183 72.99 -63.55 -44.50
CA ASP Y 183 72.15 -63.17 -45.63
C ASP Y 183 70.69 -63.01 -45.22
N ILE Y 184 70.25 -63.79 -44.22
CA ILE Y 184 68.85 -63.68 -43.80
C ILE Y 184 68.54 -62.28 -43.29
N GLU Y 185 69.36 -61.76 -42.37
CA GLU Y 185 69.10 -60.39 -41.94
C GLU Y 185 69.48 -59.39 -43.03
N ALA Y 186 70.44 -59.73 -43.90
CA ALA Y 186 70.80 -58.81 -44.97
C ALA Y 186 69.61 -58.54 -45.88
N TYR Y 187 68.84 -59.57 -46.20
CA TYR Y 187 67.66 -59.37 -47.02
C TYR Y 187 66.46 -58.93 -46.20
N ALA Y 188 66.43 -59.23 -44.90
CA ALA Y 188 65.31 -58.83 -44.06
C ALA Y 188 65.34 -57.36 -43.67
N LEU Y 189 66.53 -56.74 -43.62
CA LEU Y 189 66.62 -55.36 -43.16
C LEU Y 189 65.86 -54.41 -44.07
N ASN Y 190 65.98 -54.60 -45.38
CA ASN Y 190 65.28 -53.74 -46.35
C ASN Y 190 63.94 -54.36 -46.74
N ALA Y 191 63.16 -54.77 -45.74
CA ALA Y 191 61.85 -55.35 -45.97
C ALA Y 191 60.73 -54.54 -45.34
N SER Y 192 61.04 -53.38 -44.75
CA SER Y 192 60.04 -52.52 -44.12
C SER Y 192 59.28 -53.26 -43.03
N GLY Y 193 59.99 -54.08 -42.27
CA GLY Y 193 59.36 -54.79 -41.17
C GLY Y 193 60.13 -56.04 -40.81
N VAL Y 194 59.55 -56.79 -39.87
CA VAL Y 194 60.12 -58.02 -39.35
C VAL Y 194 59.60 -59.20 -40.16
N VAL Y 195 60.49 -60.16 -40.42
CA VAL Y 195 60.15 -61.39 -41.12
C VAL Y 195 60.04 -62.51 -40.10
N ASN Y 196 58.93 -63.26 -40.16
CA ASN Y 196 58.71 -64.34 -39.21
C ASN Y 196 58.35 -65.66 -39.87
N ILE Y 197 58.34 -65.75 -41.19
CA ILE Y 197 58.21 -67.02 -41.92
C ILE Y 197 59.26 -67.03 -43.02
N ILE Y 198 59.95 -68.16 -43.16
CA ILE Y 198 61.02 -68.27 -44.15
C ILE Y 198 60.63 -69.36 -45.15
N VAL Y 199 59.35 -69.42 -45.49
CA VAL Y 199 58.83 -70.44 -46.41
C VAL Y 199 59.64 -70.47 -47.71
N PHE Y 200 60.18 -71.64 -48.02
CA PHE Y 200 60.97 -71.90 -49.21
C PHE Y 200 60.20 -72.77 -50.18
N ASP Y 201 60.64 -72.74 -51.43
CA ASP Y 201 60.36 -73.85 -52.32
C ASP Y 201 61.32 -75.00 -52.02
N PRO Y 202 60.94 -76.25 -52.37
CA PRO Y 202 61.63 -77.43 -51.81
C PRO Y 202 63.15 -77.44 -51.94
N LYS Y 203 63.68 -77.35 -53.15
CA LYS Y 203 65.13 -77.41 -53.29
C LYS Y 203 65.80 -76.15 -52.75
N GLY Y 204 65.07 -75.03 -52.71
CA GLY Y 204 65.58 -73.85 -52.04
C GLY Y 204 65.85 -74.12 -50.57
N TRP Y 205 64.87 -74.71 -49.88
CA TRP Y 205 65.11 -75.12 -48.50
C TRP Y 205 66.16 -76.21 -48.42
N ALA Y 206 66.29 -77.02 -49.47
CA ALA Y 206 67.31 -78.06 -49.46
C ALA Y 206 68.71 -77.48 -49.37
N LEU Y 207 69.03 -76.52 -50.26
CA LEU Y 207 70.37 -75.95 -50.16
C LEU Y 207 70.48 -74.97 -48.99
N PHE Y 208 69.37 -74.44 -48.49
CA PHE Y 208 69.41 -73.67 -47.26
C PHE Y 208 69.88 -74.55 -46.10
N ARG Y 209 69.25 -75.71 -45.94
CA ARG Y 209 69.57 -76.60 -44.83
C ARG Y 209 70.85 -77.41 -45.07
N SER Y 210 71.36 -77.44 -46.30
CA SER Y 210 72.62 -78.11 -46.55
C SER Y 210 73.75 -77.58 -45.67
N PHE Y 211 73.70 -76.32 -45.30
CA PHE Y 211 74.65 -75.77 -44.35
C PHE Y 211 74.41 -76.37 -42.97
N LYS Y 212 75.49 -76.82 -42.32
CA LYS Y 212 75.35 -77.41 -40.99
C LYS Y 212 74.80 -76.39 -40.01
N ALA Y 213 75.42 -75.19 -39.97
CA ALA Y 213 74.97 -74.14 -39.06
C ALA Y 213 73.46 -74.02 -39.05
N VAL Y 214 72.82 -74.16 -40.21
CA VAL Y 214 71.36 -74.20 -40.27
C VAL Y 214 70.82 -75.36 -39.45
N LYS Y 215 71.40 -76.54 -39.62
CA LYS Y 215 70.77 -77.74 -39.06
C LYS Y 215 70.98 -77.86 -37.56
N GLU Y 216 72.08 -77.35 -37.02
CA GLU Y 216 72.17 -77.26 -35.55
C GLU Y 216 71.73 -75.91 -35.01
N LYS Y 217 71.28 -74.98 -35.86
CA LYS Y 217 70.64 -73.77 -35.38
C LYS Y 217 69.12 -73.89 -35.33
N LEU Y 218 68.55 -74.76 -36.16
CA LEU Y 218 67.10 -74.90 -36.22
C LEU Y 218 66.61 -75.79 -35.10
N ASP Y 219 65.41 -75.49 -34.60
CA ASP Y 219 64.75 -76.29 -33.58
C ASP Y 219 63.64 -77.08 -34.25
N THR Y 220 63.79 -78.41 -34.27
CA THR Y 220 62.76 -79.27 -34.83
C THR Y 220 61.51 -79.32 -33.96
N ARG Y 221 61.59 -78.85 -32.73
CA ARG Y 221 60.50 -78.99 -31.79
C ARG Y 221 59.31 -78.15 -32.22
N ARG Y 222 58.15 -78.47 -31.66
CA ARG Y 222 56.94 -77.67 -31.89
C ARG Y 222 57.18 -76.24 -31.44
N GLY Y 223 57.37 -76.05 -30.12
CA GLY Y 223 57.46 -74.72 -29.54
C GLY Y 223 56.41 -73.82 -30.13
N SER Y 224 55.15 -74.20 -29.97
CA SER Y 224 54.08 -73.64 -30.80
C SER Y 224 54.02 -72.13 -30.65
N ASN Y 225 54.41 -71.44 -31.72
CA ASN Y 225 54.49 -69.98 -31.68
C ASN Y 225 53.15 -69.30 -31.89
N SER Y 226 52.39 -69.74 -32.90
CA SER Y 226 51.18 -69.02 -33.28
C SER Y 226 50.21 -70.03 -33.85
N GLU Y 227 49.22 -69.54 -34.58
CA GLU Y 227 48.24 -70.37 -35.26
C GLU Y 227 48.75 -70.95 -36.57
N LEU Y 228 50.04 -70.76 -36.88
CA LEU Y 228 50.58 -71.33 -38.12
C LEU Y 228 50.61 -72.85 -38.05
N GLU Y 229 50.86 -73.42 -36.86
CA GLU Y 229 50.74 -74.86 -36.72
C GLU Y 229 49.32 -75.32 -37.01
N THR Y 230 48.32 -74.57 -36.53
CA THR Y 230 46.94 -74.92 -36.84
C THR Y 230 46.66 -74.82 -38.33
N ALA Y 231 47.24 -73.80 -38.98
CA ALA Y 231 47.08 -73.66 -40.42
C ALA Y 231 47.69 -74.83 -41.17
N VAL Y 232 48.86 -75.29 -40.72
CA VAL Y 232 49.48 -76.45 -41.36
C VAL Y 232 48.66 -77.71 -41.13
N LYS Y 233 48.14 -77.89 -39.91
CA LYS Y 233 47.28 -79.04 -39.64
C LYS Y 233 46.04 -79.01 -40.53
N ASP Y 234 45.48 -77.83 -40.75
CA ASP Y 234 44.37 -77.70 -41.69
C ASP Y 234 44.79 -78.08 -43.10
N LEU Y 235 45.76 -77.36 -43.66
CA LEU Y 235 46.24 -77.60 -45.01
C LEU Y 235 47.52 -78.43 -44.98
N GLY Y 236 47.39 -79.66 -44.48
CA GLY Y 236 48.50 -80.60 -44.55
C GLY Y 236 48.88 -81.05 -45.93
N LYS Y 237 48.41 -80.37 -46.98
CA LYS Y 237 48.66 -80.82 -48.35
C LYS Y 237 50.02 -80.33 -48.85
N ALA Y 238 50.21 -79.01 -48.92
CA ALA Y 238 51.37 -78.49 -49.64
C ALA Y 238 52.19 -77.49 -48.83
N VAL Y 239 51.71 -77.05 -47.67
CA VAL Y 239 52.51 -76.25 -46.75
C VAL Y 239 53.07 -77.19 -45.69
N SER Y 240 54.37 -77.14 -45.49
CA SER Y 240 55.08 -78.05 -44.61
C SER Y 240 55.87 -77.26 -43.58
N TYR Y 241 55.41 -77.33 -42.33
CA TYR Y 241 56.05 -76.66 -41.21
C TYR Y 241 57.31 -77.43 -40.83
N LYS Y 242 58.45 -77.03 -41.40
CA LYS Y 242 59.69 -77.72 -41.12
C LYS Y 242 60.03 -77.66 -39.63
N GLY Y 243 59.86 -76.50 -39.02
CA GLY Y 243 60.13 -76.36 -37.61
C GLY Y 243 60.57 -74.93 -37.30
N MET Y 244 61.20 -74.79 -36.14
CA MET Y 244 61.81 -73.54 -35.71
C MET Y 244 63.26 -73.47 -36.16
N TYR Y 245 63.64 -72.32 -36.71
CA TYR Y 245 65.04 -71.97 -36.89
C TYR Y 245 65.54 -71.17 -35.69
N GLY Y 246 64.88 -71.36 -34.55
CA GLY Y 246 65.08 -70.54 -33.39
C GLY Y 246 64.13 -69.37 -33.37
N ASP Y 247 64.62 -68.19 -33.74
CA ASP Y 247 63.80 -66.99 -33.80
C ASP Y 247 62.66 -67.09 -34.81
N VAL Y 248 62.89 -67.66 -35.98
CA VAL Y 248 61.97 -67.56 -37.10
C VAL Y 248 61.42 -68.93 -37.43
N ALA Y 249 60.23 -68.97 -38.04
CA ALA Y 249 59.60 -70.20 -38.46
C ALA Y 249 60.07 -70.60 -39.85
N ILE Y 250 60.28 -71.89 -40.05
CA ILE Y 250 60.74 -72.45 -41.32
C ILE Y 250 59.58 -73.24 -41.92
N VAL Y 251 59.15 -72.85 -43.12
CA VAL Y 251 58.07 -73.51 -43.82
C VAL Y 251 58.55 -73.80 -45.25
N VAL Y 252 57.91 -74.76 -45.89
CA VAL Y 252 58.16 -75.06 -47.30
C VAL Y 252 56.82 -75.22 -48.00
N TYR Y 253 56.63 -74.49 -49.10
CA TYR Y 253 55.45 -74.64 -49.94
C TYR Y 253 55.83 -75.41 -51.20
N SER Y 254 55.13 -76.52 -51.43
CA SER Y 254 55.32 -77.33 -52.62
C SER Y 254 53.99 -77.53 -53.36
N GLY Y 255 53.17 -76.48 -53.38
CA GLY Y 255 51.90 -76.56 -54.08
C GLY Y 255 52.10 -76.67 -55.58
N GLN Y 256 51.14 -77.30 -56.24
CA GLN Y 256 51.23 -77.57 -57.67
C GLN Y 256 49.92 -77.22 -58.35
N TYR Y 257 50.01 -76.64 -59.54
CA TYR Y 257 48.84 -76.40 -60.37
C TYR Y 257 48.87 -77.36 -61.55
N VAL Y 258 47.70 -77.88 -61.90
CA VAL Y 258 47.56 -78.88 -62.96
C VAL Y 258 46.98 -78.16 -64.17
N GLU Y 259 47.85 -77.77 -65.08
CA GLU Y 259 47.44 -76.93 -66.20
C GLU Y 259 46.81 -77.79 -67.31
N ASN Y 260 46.65 -77.19 -68.49
CA ASN Y 260 45.78 -77.75 -69.52
C ASN Y 260 46.12 -79.19 -69.87
N GLY Y 261 47.40 -79.53 -69.92
CA GLY Y 261 47.77 -80.89 -70.27
C GLY Y 261 48.76 -81.52 -69.32
N VAL Y 262 49.36 -80.70 -68.45
CA VAL Y 262 50.43 -81.14 -67.58
C VAL Y 262 50.25 -80.47 -66.22
N LYS Y 263 51.06 -80.89 -65.26
CA LYS Y 263 51.08 -80.31 -63.92
C LYS Y 263 52.48 -79.81 -63.59
N LYS Y 264 52.55 -78.76 -62.78
CA LYS Y 264 53.84 -78.25 -62.34
C LYS Y 264 53.64 -77.39 -61.11
N ASN Y 265 54.70 -77.22 -60.33
CA ASN Y 265 54.60 -76.49 -59.07
C ASN Y 265 54.29 -75.01 -59.30
N PHE Y 266 53.57 -74.44 -58.34
CA PHE Y 266 53.35 -72.99 -58.35
C PHE Y 266 54.68 -72.24 -58.30
N LEU Y 267 55.56 -72.65 -57.40
CA LEU Y 267 56.83 -72.03 -57.07
C LEU Y 267 57.86 -72.25 -58.18
N PRO Y 268 58.65 -71.22 -58.46
CA PRO Y 268 59.81 -71.39 -59.34
C PRO Y 268 60.89 -72.24 -58.69
N ASP Y 269 62.04 -72.35 -59.36
CA ASP Y 269 63.06 -73.30 -58.93
C ASP Y 269 63.58 -72.99 -57.52
N ASN Y 270 64.02 -71.76 -57.29
CA ASN Y 270 64.66 -71.38 -56.02
C ASN Y 270 64.35 -69.91 -55.76
N THR Y 271 63.32 -69.65 -54.95
CA THR Y 271 62.89 -68.29 -54.69
C THR Y 271 62.48 -68.13 -53.23
N MET Y 272 62.46 -66.88 -52.79
CA MET Y 272 62.17 -66.49 -51.42
C MET Y 272 61.52 -65.13 -51.39
N VAL Y 273 60.59 -64.95 -50.45
CA VAL Y 273 60.04 -63.64 -50.11
C VAL Y 273 60.13 -63.45 -48.60
N LEU Y 274 60.83 -62.40 -48.19
CA LEU Y 274 61.02 -62.07 -46.79
C LEU Y 274 60.05 -60.97 -46.41
N GLY Y 275 59.19 -61.25 -45.44
CA GLY Y 275 58.22 -60.28 -44.98
C GLY Y 275 57.44 -60.81 -43.80
N ASN Y 276 56.41 -60.05 -43.40
CA ASN Y 276 55.60 -60.37 -42.24
C ASN Y 276 54.45 -61.28 -42.62
N THR Y 277 53.87 -61.91 -41.59
CA THR Y 277 52.62 -62.64 -41.74
C THR Y 277 51.39 -61.74 -41.72
N GLN Y 278 51.55 -60.49 -41.30
CA GLN Y 278 50.43 -59.54 -41.27
C GLN Y 278 50.57 -58.44 -42.31
N ALA Y 279 51.20 -58.74 -43.45
CA ALA Y 279 51.24 -57.77 -44.54
C ALA Y 279 49.83 -57.55 -45.08
N ARG Y 280 49.59 -56.34 -45.59
CA ARG Y 280 48.24 -55.94 -45.97
C ARG Y 280 48.00 -56.34 -47.42
N GLY Y 281 46.99 -57.18 -47.64
CA GLY Y 281 46.67 -57.63 -48.98
C GLY Y 281 45.27 -57.27 -49.42
N LEU Y 282 45.17 -56.58 -50.56
CA LEU Y 282 43.88 -56.11 -51.05
C LEU Y 282 43.28 -57.16 -51.99
N ARG Y 283 41.97 -57.35 -51.88
CA ARG Y 283 41.18 -58.25 -52.71
C ARG Y 283 40.09 -57.45 -53.42
N THR Y 284 40.49 -56.38 -54.10
CA THR Y 284 39.53 -55.61 -54.88
C THR Y 284 38.84 -56.50 -55.90
N TYR Y 285 37.52 -56.32 -56.03
CA TYR Y 285 36.70 -57.16 -56.86
C TYR Y 285 35.87 -56.25 -57.77
N GLY Y 286 35.81 -56.58 -59.04
CA GLY Y 286 35.12 -55.74 -60.01
C GLY Y 286 33.63 -56.06 -60.08
N CYS Y 287 33.01 -55.49 -61.12
CA CYS Y 287 31.61 -55.76 -61.39
C CYS Y 287 31.39 -57.21 -61.77
N ILE Y 288 30.20 -57.72 -61.48
CA ILE Y 288 29.80 -59.05 -61.92
C ILE Y 288 28.79 -58.88 -63.04
N GLN Y 289 29.17 -59.28 -64.26
CA GLN Y 289 28.35 -59.07 -65.45
C GLN Y 289 27.34 -60.22 -65.60
N ASP Y 290 26.29 -60.15 -64.77
CA ASP Y 290 25.19 -61.10 -64.85
C ASP Y 290 23.90 -60.39 -64.50
N ALA Y 291 22.94 -60.42 -65.42
CA ALA Y 291 21.70 -59.68 -65.23
C ALA Y 291 21.06 -60.02 -63.89
N ASP Y 292 21.14 -61.31 -63.50
CA ASP Y 292 20.68 -61.72 -62.18
C ASP Y 292 21.41 -60.96 -61.08
N ALA Y 293 22.73 -60.87 -61.19
CA ALA Y 293 23.53 -60.20 -60.18
C ALA Y 293 23.16 -58.73 -60.08
N GLN Y 294 22.97 -58.06 -61.22
CA GLN Y 294 22.61 -56.65 -61.12
C GLN Y 294 21.23 -56.44 -60.54
N ARG Y 295 20.22 -57.22 -60.96
CA ARG Y 295 18.89 -56.81 -60.49
C ARG Y 295 18.62 -57.34 -59.10
N GLU Y 296 19.52 -58.19 -58.56
CA GLU Y 296 19.42 -58.52 -57.14
C GLU Y 296 20.56 -57.94 -56.31
N GLY Y 297 21.40 -57.09 -56.89
CA GLY Y 297 22.40 -56.38 -56.10
C GLY Y 297 23.66 -57.14 -55.76
N ILE Y 298 24.05 -58.10 -56.58
CA ILE Y 298 25.28 -58.85 -56.36
C ILE Y 298 26.34 -58.33 -57.33
N ASN Y 299 26.18 -57.07 -57.74
CA ASN Y 299 27.22 -56.40 -58.52
C ASN Y 299 28.47 -56.16 -57.69
N ALA Y 300 28.34 -56.10 -56.36
CA ALA Y 300 29.46 -55.89 -55.45
C ALA Y 300 29.51 -57.06 -54.48
N SER Y 301 30.28 -58.09 -54.85
CA SER Y 301 30.36 -59.29 -54.03
C SER Y 301 31.62 -60.05 -54.37
N ALA Y 302 31.77 -61.21 -53.74
CA ALA Y 302 32.91 -62.07 -54.05
C ALA Y 302 32.63 -62.95 -55.27
N ARG Y 303 31.68 -63.87 -55.16
CA ARG Y 303 31.43 -64.90 -56.16
C ARG Y 303 29.95 -64.94 -56.49
N TYR Y 304 29.63 -65.55 -57.63
CA TYR Y 304 28.23 -65.77 -57.98
C TYR Y 304 28.04 -67.09 -58.70
N PRO Y 305 27.32 -68.03 -58.09
CA PRO Y 305 26.95 -69.27 -58.81
C PRO Y 305 25.58 -69.19 -59.45
N LYS Y 306 25.30 -70.07 -60.40
CA LYS Y 306 23.92 -70.27 -60.85
C LYS Y 306 23.82 -71.59 -61.58
N ASN Y 307 22.62 -72.18 -61.54
CA ASN Y 307 22.27 -73.35 -62.31
C ASN Y 307 21.12 -72.97 -63.25
N TRP Y 308 21.25 -73.32 -64.53
CA TRP Y 308 20.42 -72.67 -65.53
C TRP Y 308 20.35 -73.51 -66.81
N VAL Y 309 19.18 -73.47 -67.44
CA VAL Y 309 18.86 -74.30 -68.60
C VAL Y 309 18.90 -73.44 -69.86
N THR Y 310 19.53 -73.95 -70.90
CA THR Y 310 19.49 -73.35 -72.23
C THR Y 310 18.45 -74.07 -73.07
N THR Y 311 17.53 -73.30 -73.65
CA THR Y 311 16.51 -73.81 -74.55
C THR Y 311 16.86 -73.43 -75.98
N GLY Y 312 16.87 -74.43 -76.85
CA GLY Y 312 17.17 -74.19 -78.25
C GLY Y 312 18.26 -75.07 -78.81
N ASP Y 313 19.27 -74.44 -79.44
CA ASP Y 313 20.37 -75.23 -80.01
C ASP Y 313 21.15 -75.97 -78.94
N PRO Y 314 21.75 -75.31 -77.93
CA PRO Y 314 22.40 -76.07 -76.85
C PRO Y 314 21.42 -76.35 -75.71
N ALA Y 315 20.31 -77.02 -76.04
CA ALA Y 315 19.25 -77.22 -75.07
C ALA Y 315 19.73 -78.18 -73.99
N ARG Y 316 20.30 -77.61 -72.93
CA ARG Y 316 21.00 -78.36 -71.91
C ARG Y 316 20.84 -77.61 -70.59
N GLU Y 317 21.67 -77.94 -69.61
CA GLU Y 317 21.64 -77.24 -68.34
C GLU Y 317 23.04 -77.22 -67.74
N PHE Y 318 23.43 -76.07 -67.21
CA PHE Y 318 24.81 -75.77 -66.84
C PHE Y 318 24.88 -75.13 -65.46
N THR Y 319 26.07 -75.21 -64.88
CA THR Y 319 26.41 -74.45 -63.69
C THR Y 319 27.47 -73.41 -64.06
N MET Y 320 27.19 -72.16 -63.71
CA MET Y 320 27.96 -71.00 -64.14
C MET Y 320 28.51 -70.32 -62.90
N ILE Y 321 29.81 -70.02 -62.89
CA ILE Y 321 30.45 -69.35 -61.75
C ILE Y 321 31.09 -68.08 -62.27
N GLN Y 322 30.84 -66.96 -61.59
CA GLN Y 322 31.35 -65.66 -62.03
C GLN Y 322 32.02 -64.94 -60.87
N SER Y 323 33.15 -64.30 -61.17
CA SER Y 323 33.94 -63.57 -60.19
C SER Y 323 34.76 -62.52 -60.92
N ALA Y 324 35.43 -61.65 -60.16
CA ALA Y 324 36.30 -60.63 -60.73
C ALA Y 324 37.31 -60.16 -59.68
N PRO Y 325 38.31 -60.99 -59.38
CA PRO Y 325 39.34 -60.57 -58.42
C PRO Y 325 40.49 -59.83 -59.08
N LEU Y 326 41.05 -58.87 -58.34
CA LEU Y 326 42.28 -58.19 -58.74
C LEU Y 326 43.15 -57.97 -57.51
N MET Y 327 43.22 -59.01 -56.68
CA MET Y 327 44.04 -59.02 -55.47
C MET Y 327 45.48 -58.60 -55.73
N LEU Y 328 45.97 -57.71 -54.87
CA LEU Y 328 47.32 -57.18 -54.91
C LEU Y 328 47.83 -57.05 -53.48
N LEU Y 329 49.04 -56.51 -53.33
CA LEU Y 329 49.63 -56.23 -52.03
C LEU Y 329 49.72 -54.73 -51.84
N ALA Y 330 49.35 -54.25 -50.64
CA ALA Y 330 49.39 -52.82 -50.37
C ALA Y 330 50.82 -52.30 -50.38
N ASP Y 331 51.73 -53.04 -49.74
CA ASP Y 331 53.14 -52.64 -49.67
C ASP Y 331 54.00 -53.67 -50.39
N PRO Y 332 54.33 -53.43 -51.67
CA PRO Y 332 55.26 -54.35 -52.35
C PRO Y 332 56.63 -54.37 -51.72
N ASP Y 333 57.04 -53.27 -51.08
CA ASP Y 333 58.31 -53.22 -50.37
C ASP Y 333 58.32 -54.07 -49.10
N GLU Y 334 57.16 -54.55 -48.67
CA GLU Y 334 57.10 -55.37 -47.46
C GLU Y 334 57.86 -56.68 -47.62
N PHE Y 335 57.94 -57.23 -48.83
CA PHE Y 335 58.63 -58.48 -49.07
C PHE Y 335 59.81 -58.27 -49.99
N VAL Y 336 60.95 -58.81 -49.59
CA VAL Y 336 62.15 -58.88 -50.41
C VAL Y 336 62.14 -60.20 -51.16
N SER Y 337 62.15 -60.13 -52.49
CA SER Y 337 62.07 -61.31 -53.35
C SER Y 337 63.47 -61.63 -53.86
N VAL Y 338 63.95 -62.82 -53.51
CA VAL Y 338 65.31 -63.25 -53.80
C VAL Y 338 65.25 -64.56 -54.58
N GLN Y 339 65.97 -64.62 -55.70
CA GLN Y 339 66.23 -65.89 -56.35
C GLN Y 339 67.52 -66.47 -55.77
N LEU Y 340 67.50 -67.76 -55.46
CA LEU Y 340 68.54 -68.40 -54.68
C LEU Y 340 69.60 -69.01 -55.58
N ALA Y 341 70.64 -69.54 -54.94
CA ALA Y 341 71.74 -70.19 -55.65
C ALA Y 341 71.25 -71.44 -56.37
N ALA Z 7 25.46 -37.76 -37.21
CA ALA Z 7 25.49 -37.49 -35.78
C ALA Z 7 24.54 -38.40 -35.02
N GLN Z 8 25.10 -39.39 -34.34
CA GLN Z 8 24.33 -40.34 -33.54
C GLN Z 8 24.71 -40.18 -32.07
N LEU Z 9 23.83 -40.67 -31.20
CA LEU Z 9 23.90 -40.38 -29.78
C LEU Z 9 25.15 -40.99 -29.14
N LEU Z 10 25.40 -40.58 -27.90
CA LEU Z 10 26.55 -41.07 -27.14
C LEU Z 10 26.45 -42.56 -26.86
N ALA Z 11 25.24 -43.07 -26.60
CA ALA Z 11 25.07 -44.47 -26.21
C ALA Z 11 25.44 -45.45 -27.31
N ALA Z 12 25.61 -44.99 -28.55
CA ALA Z 12 26.04 -45.85 -29.65
C ALA Z 12 27.56 -46.06 -29.59
N ASN Z 13 28.00 -46.59 -28.45
CA ASN Z 13 29.43 -46.81 -28.18
C ASN Z 13 29.63 -48.18 -27.54
N GLU Z 14 28.97 -49.20 -28.09
CA GLU Z 14 29.00 -50.54 -27.53
C GLU Z 14 30.03 -51.39 -28.27
N GLN Z 15 31.05 -51.85 -27.55
CA GLN Z 15 32.05 -52.74 -28.12
C GLN Z 15 32.06 -54.10 -27.44
N LYS Z 16 32.20 -54.15 -26.12
CA LYS Z 16 32.49 -55.38 -25.38
C LYS Z 16 33.75 -56.06 -25.91
N PHE Z 17 34.69 -55.25 -26.40
CA PHE Z 17 35.96 -55.72 -26.95
C PHE Z 17 37.09 -55.04 -26.20
N LYS Z 18 37.53 -55.64 -25.09
CA LYS Z 18 38.68 -55.17 -24.33
C LYS Z 18 39.74 -56.27 -24.38
N PHE Z 19 40.69 -56.10 -25.30
CA PHE Z 19 41.70 -57.12 -25.59
C PHE Z 19 43.09 -56.51 -25.65
N ASP Z 20 43.41 -55.67 -24.66
CA ASP Z 20 44.75 -55.11 -24.54
C ASP Z 20 45.77 -56.20 -24.19
N PRO Z 21 46.99 -56.16 -24.71
CA PRO Z 21 47.98 -57.24 -24.51
C PRO Z 21 48.59 -57.32 -23.11
N LEU Z 22 47.74 -57.68 -22.14
CA LEU Z 22 48.17 -58.12 -20.82
C LEU Z 22 48.93 -57.06 -20.02
N PHE Z 23 49.02 -55.83 -20.53
CA PHE Z 23 49.70 -54.79 -19.78
C PHE Z 23 48.74 -53.86 -19.04
N LEU Z 24 47.83 -53.21 -19.75
CA LEU Z 24 46.86 -52.31 -19.11
C LEU Z 24 45.77 -53.07 -18.38
N ARG Z 25 45.67 -54.38 -18.58
CA ARG Z 25 44.66 -55.21 -17.96
C ARG Z 25 45.18 -56.05 -16.80
N LEU Z 26 46.50 -56.25 -16.71
CA LEU Z 26 47.10 -57.14 -15.74
C LEU Z 26 48.10 -56.46 -14.82
N PHE Z 27 48.96 -55.58 -15.33
CA PHE Z 27 49.86 -54.82 -14.47
C PHE Z 27 49.33 -53.44 -14.14
N PHE Z 28 48.50 -52.85 -15.00
CA PHE Z 28 48.14 -51.45 -14.89
C PHE Z 28 46.62 -51.28 -14.74
N ARG Z 29 46.02 -52.05 -13.83
CA ARG Z 29 44.59 -51.99 -13.58
C ARG Z 29 44.17 -50.73 -12.83
N GLU Z 30 45.13 -49.95 -12.32
CA GLU Z 30 44.90 -49.01 -11.23
C GLU Z 30 44.48 -47.65 -11.80
N SER Z 31 43.28 -47.57 -12.36
CA SER Z 31 42.82 -46.40 -13.10
C SER Z 31 42.47 -45.25 -12.16
N TYR Z 32 42.92 -44.04 -12.54
CA TYR Z 32 42.58 -42.83 -11.78
C TYR Z 32 42.20 -41.68 -12.72
N PRO Z 33 41.02 -41.72 -13.32
CA PRO Z 33 40.55 -40.52 -14.02
C PRO Z 33 40.19 -39.40 -13.06
N PHE Z 34 40.62 -38.19 -13.43
CA PHE Z 34 40.53 -37.01 -12.58
C PHE Z 34 39.61 -35.97 -13.21
N THR Z 35 39.12 -35.06 -12.36
CA THR Z 35 38.44 -33.85 -12.80
C THR Z 35 39.43 -32.73 -13.03
N THR Z 36 40.72 -33.01 -12.88
CA THR Z 36 41.78 -32.02 -12.96
C THR Z 36 42.76 -32.42 -14.05
N GLU Z 37 43.45 -31.41 -14.60
CA GLU Z 37 44.25 -31.59 -15.80
C GLU Z 37 45.36 -32.63 -15.59
N LYS Z 38 46.29 -32.34 -14.69
CA LYS Z 38 47.50 -33.12 -14.54
C LYS Z 38 47.27 -34.35 -13.67
N VAL Z 39 48.33 -35.13 -13.48
CA VAL Z 39 48.38 -36.18 -12.48
C VAL Z 39 49.03 -35.61 -11.23
N TYR Z 40 48.41 -35.87 -10.09
CA TYR Z 40 48.90 -35.36 -8.80
C TYR Z 40 49.18 -36.57 -7.93
N LEU Z 41 50.40 -37.11 -8.06
CA LEU Z 41 50.75 -38.33 -7.33
C LEU Z 41 50.61 -38.15 -5.83
N SER Z 42 50.75 -36.92 -5.33
CA SER Z 42 50.43 -36.65 -3.94
C SER Z 42 48.97 -36.90 -3.64
N GLN Z 43 48.09 -36.61 -4.60
CA GLN Z 43 46.66 -36.86 -4.43
C GLN Z 43 46.36 -38.36 -4.39
N ILE Z 44 46.96 -39.14 -5.27
CA ILE Z 44 46.76 -40.60 -5.23
C ILE Z 44 47.28 -41.14 -3.92
N PRO Z 45 46.51 -41.96 -3.19
CA PRO Z 45 47.05 -42.56 -1.96
C PRO Z 45 48.21 -43.50 -2.25
N GLY Z 46 48.16 -44.20 -3.38
CA GLY Z 46 49.15 -45.20 -3.71
C GLY Z 46 49.27 -46.23 -2.61
N LEU Z 47 50.51 -46.50 -2.22
CA LEU Z 47 50.76 -47.26 -1.01
C LEU Z 47 50.52 -46.38 0.21
N VAL Z 48 49.81 -46.93 1.19
CA VAL Z 48 49.43 -46.22 2.41
C VAL Z 48 50.47 -46.49 3.48
N ASN Z 49 50.79 -45.48 4.28
CA ASN Z 49 51.61 -45.66 5.47
C ASN Z 49 50.93 -46.68 6.37
N MET Z 50 51.54 -47.85 6.52
CA MET Z 50 50.78 -49.06 6.84
C MET Z 50 51.50 -49.93 7.86
N ALA Z 51 51.93 -49.36 8.99
CA ALA Z 51 52.52 -50.18 10.03
C ALA Z 51 52.10 -49.80 11.44
N LEU Z 52 52.15 -48.51 11.78
CA LEU Z 52 52.14 -48.06 13.15
C LEU Z 52 50.78 -48.21 13.80
N TYR Z 53 50.77 -48.62 15.07
CA TYR Z 53 49.57 -48.60 15.89
C TYR Z 53 49.75 -47.58 17.01
N VAL Z 54 48.80 -47.56 17.94
CA VAL Z 54 48.82 -46.61 19.04
C VAL Z 54 48.68 -47.36 20.37
N SER Z 55 49.10 -46.71 21.45
CA SER Z 55 49.12 -47.32 22.77
C SER Z 55 47.70 -47.66 23.23
N PRO Z 56 47.56 -48.67 24.12
CA PRO Z 56 46.23 -49.02 24.61
C PRO Z 56 45.68 -48.07 25.65
N ILE Z 57 45.78 -46.76 25.41
CA ILE Z 57 45.14 -45.77 26.26
C ILE Z 57 44.28 -44.84 25.40
N VAL Z 58 44.90 -44.22 24.39
CA VAL Z 58 44.21 -43.35 23.44
C VAL Z 58 44.74 -43.66 22.05
N SER Z 59 44.24 -42.92 21.07
CA SER Z 59 44.72 -43.09 19.71
C SER Z 59 45.45 -41.84 19.22
N GLY Z 60 46.18 -42.00 18.12
CA GLY Z 60 47.10 -40.98 17.66
C GLY Z 60 46.50 -40.01 16.66
N GLU Z 61 47.38 -39.49 15.82
CA GLU Z 61 47.04 -38.40 14.90
C GLU Z 61 46.27 -38.91 13.70
N VAL Z 62 46.01 -38.02 12.75
CA VAL Z 62 45.27 -38.34 11.54
C VAL Z 62 46.27 -38.72 10.45
N ILE Z 63 45.99 -39.80 9.73
CA ILE Z 63 46.85 -40.29 8.65
C ILE Z 63 46.24 -39.85 7.32
N ARG Z 64 47.09 -39.35 6.43
CA ARG Z 64 46.69 -38.76 5.15
C ARG Z 64 47.22 -39.61 4.01
N SER Z 65 46.95 -39.15 2.79
CA SER Z 65 47.68 -39.61 1.62
C SER Z 65 49.08 -39.02 1.71
N ARG Z 66 50.10 -39.87 1.73
CA ARG Z 66 51.42 -39.48 2.23
C ARG Z 66 52.23 -38.69 1.21
N GLY Z 67 51.60 -37.62 0.71
CA GLY Z 67 52.27 -36.54 0.02
C GLY Z 67 53.36 -36.92 -0.97
N GLY Z 68 52.98 -37.50 -2.11
CA GLY Z 68 53.93 -37.84 -3.14
C GLY Z 68 54.83 -36.69 -3.53
N SER Z 69 56.14 -36.96 -3.64
CA SER Z 69 57.11 -35.88 -3.84
C SER Z 69 56.86 -35.15 -5.15
N THR Z 70 56.69 -35.88 -6.25
CA THR Z 70 56.41 -35.30 -7.56
C THR Z 70 54.96 -35.59 -7.93
N SER Z 71 54.19 -34.53 -8.15
CA SER Z 71 52.77 -34.66 -8.45
C SER Z 71 52.32 -33.78 -9.61
N GLU Z 72 53.10 -33.71 -10.69
CA GLU Z 72 52.80 -32.81 -11.80
C GLU Z 72 53.39 -33.39 -13.09
N PHE Z 73 52.56 -34.09 -13.87
CA PHE Z 73 52.92 -34.50 -15.21
C PHE Z 73 51.71 -34.31 -16.11
N THR Z 74 51.97 -34.18 -17.42
CA THR Z 74 50.93 -33.87 -18.39
C THR Z 74 50.38 -35.15 -18.99
N PRO Z 75 49.10 -35.47 -18.78
CA PRO Z 75 48.53 -36.65 -19.43
C PRO Z 75 48.48 -36.47 -20.95
N GLY Z 76 48.56 -37.59 -21.65
CA GLY Z 76 48.52 -37.59 -23.10
C GLY Z 76 47.13 -37.40 -23.63
N TYR Z 77 46.62 -36.17 -23.56
CA TYR Z 77 45.28 -35.92 -24.06
C TYR Z 77 45.25 -36.15 -25.57
N VAL Z 78 44.71 -37.29 -25.95
CA VAL Z 78 44.64 -37.76 -27.32
C VAL Z 78 43.20 -37.64 -27.79
N LYS Z 79 42.96 -36.77 -28.76
CA LYS Z 79 41.62 -36.77 -29.31
C LYS Z 79 41.69 -36.87 -30.84
N PRO Z 80 41.70 -38.07 -31.39
CA PRO Z 80 41.62 -38.20 -32.86
C PRO Z 80 40.17 -38.27 -33.34
N LYS Z 81 40.01 -38.35 -34.65
CA LYS Z 81 38.67 -38.46 -35.24
C LYS Z 81 38.80 -39.13 -36.59
N HIS Z 82 37.64 -39.43 -37.17
CA HIS Z 82 37.59 -39.89 -38.55
C HIS Z 82 36.25 -39.48 -39.16
N GLU Z 83 36.13 -39.72 -40.45
CA GLU Z 83 34.86 -39.60 -41.15
C GLU Z 83 34.23 -40.97 -41.30
N VAL Z 84 32.91 -40.99 -41.33
CA VAL Z 84 32.13 -42.20 -41.58
C VAL Z 84 31.22 -41.95 -42.77
N ASN Z 85 31.72 -41.17 -43.73
CA ASN Z 85 30.97 -40.76 -44.90
C ASN Z 85 30.41 -41.99 -45.63
N PRO Z 86 29.09 -42.06 -45.83
CA PRO Z 86 28.50 -43.23 -46.49
C PRO Z 86 28.78 -43.29 -47.99
N GLN Z 87 30.07 -43.29 -48.35
CA GLN Z 87 30.47 -43.49 -49.73
C GLN Z 87 31.23 -44.79 -49.95
N MET Z 88 31.61 -45.49 -48.90
CA MET Z 88 32.36 -46.74 -49.05
C MET Z 88 31.45 -47.95 -49.07
N THR Z 89 31.90 -49.00 -49.75
CA THR Z 89 31.48 -50.33 -49.37
C THR Z 89 32.31 -50.80 -48.17
N LEU Z 90 31.63 -51.39 -47.20
CA LEU Z 90 32.18 -51.59 -45.87
C LEU Z 90 32.70 -53.02 -45.70
N ARG Z 91 33.13 -53.33 -44.48
CA ARG Z 91 33.47 -54.71 -44.14
C ARG Z 91 32.18 -55.53 -44.19
N ARG Z 92 32.05 -56.42 -45.17
CA ARG Z 92 30.84 -57.26 -45.24
C ARG Z 92 31.11 -58.61 -44.61
N LEU Z 93 30.74 -58.75 -43.34
CA LEU Z 93 30.67 -60.07 -42.72
C LEU Z 93 29.92 -61.02 -43.66
N PRO Z 94 30.37 -62.27 -43.80
CA PRO Z 94 29.80 -63.14 -44.85
C PRO Z 94 28.28 -63.23 -44.86
N ASP Z 95 27.68 -62.63 -45.88
CA ASP Z 95 26.29 -62.85 -46.30
C ASP Z 95 25.29 -62.68 -45.15
N GLU Z 96 25.39 -61.60 -44.37
CA GLU Z 96 24.27 -61.18 -43.53
C GLU Z 96 23.50 -60.05 -44.20
N ASP Z 97 22.79 -60.41 -45.27
CA ASP Z 97 21.80 -59.56 -45.91
C ASP Z 97 22.35 -58.20 -46.30
N PRO Z 98 23.16 -58.10 -47.37
CA PRO Z 98 23.73 -56.79 -47.75
C PRO Z 98 22.69 -55.73 -48.08
N GLN Z 99 21.41 -56.07 -48.05
CA GLN Z 99 20.37 -55.06 -48.22
C GLN Z 99 20.44 -53.99 -47.13
N ASN Z 100 20.81 -54.36 -45.91
CA ASN Z 100 20.97 -53.36 -44.87
C ASN Z 100 22.22 -52.52 -45.07
N LEU Z 101 23.28 -53.07 -45.64
CA LEU Z 101 24.39 -52.23 -46.07
C LEU Z 101 23.92 -51.23 -47.12
N ALA Z 102 23.05 -51.66 -48.03
CA ALA Z 102 22.44 -50.73 -48.97
C ALA Z 102 21.69 -49.61 -48.27
N ASP Z 103 21.20 -49.85 -47.06
CA ASP Z 103 20.64 -48.78 -46.25
C ASP Z 103 21.75 -47.82 -45.83
N PRO Z 104 21.59 -46.51 -46.06
CA PRO Z 104 22.51 -45.56 -45.42
C PRO Z 104 22.48 -45.60 -43.91
N ALA Z 105 21.35 -45.95 -43.29
CA ALA Z 105 21.29 -46.01 -41.84
C ALA Z 105 22.18 -47.12 -41.28
N TYR Z 106 22.04 -48.33 -41.79
CA TYR Z 106 22.86 -49.42 -41.28
C TYR Z 106 24.32 -49.25 -41.66
N ARG Z 107 24.59 -48.80 -42.89
CA ARG Z 107 25.99 -48.57 -43.25
C ARG Z 107 26.60 -47.54 -42.32
N ARG Z 108 25.89 -46.44 -42.06
CA ARG Z 108 26.46 -45.39 -41.22
C ARG Z 108 26.66 -45.87 -39.78
N ARG Z 109 25.70 -46.64 -39.24
CA ARG Z 109 25.89 -47.06 -37.85
C ARG Z 109 27.00 -48.10 -37.72
N ARG Z 110 27.08 -49.08 -38.60
CA ARG Z 110 28.16 -50.04 -38.40
C ARG Z 110 29.50 -49.47 -38.85
N ILE Z 111 29.49 -48.43 -39.70
CA ILE Z 111 30.75 -47.78 -40.02
C ILE Z 111 31.20 -46.88 -38.88
N ILE Z 112 30.29 -46.28 -38.11
CA ILE Z 112 30.77 -45.60 -36.92
C ILE Z 112 31.25 -46.64 -35.92
N MET Z 113 30.63 -47.83 -35.89
CA MET Z 113 31.16 -48.92 -35.09
C MET Z 113 32.61 -49.22 -35.47
N GLN Z 114 32.86 -49.43 -36.76
CA GLN Z 114 34.20 -49.75 -37.25
C GLN Z 114 35.17 -48.61 -36.99
N ASN Z 115 34.75 -47.37 -37.27
CA ASN Z 115 35.60 -46.21 -37.05
C ASN Z 115 36.00 -46.11 -35.59
N MET Z 116 35.02 -46.18 -34.69
CA MET Z 116 35.35 -45.97 -33.29
C MET Z 116 36.20 -47.11 -32.76
N ARG Z 117 35.96 -48.35 -33.22
CA ARG Z 117 36.79 -49.45 -32.72
C ARG Z 117 38.23 -49.28 -33.18
N ASP Z 118 38.43 -48.85 -34.44
CA ASP Z 118 39.77 -48.45 -34.86
C ASP Z 118 40.33 -47.40 -33.90
N GLU Z 119 39.48 -46.47 -33.46
CA GLU Z 119 39.92 -45.39 -32.60
C GLU Z 119 40.42 -45.91 -31.25
N GLU Z 120 39.63 -46.76 -30.56
CA GLU Z 120 40.12 -47.17 -29.24
C GLU Z 120 41.28 -48.14 -29.38
N LEU Z 121 41.34 -48.91 -30.46
CA LEU Z 121 42.52 -49.76 -30.60
C LEU Z 121 43.75 -48.93 -30.95
N ALA Z 122 43.55 -47.77 -31.59
CA ALA Z 122 44.65 -46.83 -31.78
C ALA Z 122 45.16 -46.30 -30.45
N ILE Z 123 44.25 -45.82 -29.60
CA ILE Z 123 44.68 -45.31 -28.31
C ILE Z 123 45.27 -46.44 -27.48
N ALA Z 124 44.76 -47.66 -27.65
CA ALA Z 124 45.29 -48.81 -26.94
C ALA Z 124 46.71 -49.14 -27.37
N GLN Z 125 46.99 -49.06 -28.68
CA GLN Z 125 48.33 -49.36 -29.15
C GLN Z 125 49.32 -48.28 -28.77
N VAL Z 126 48.91 -47.01 -28.80
CA VAL Z 126 49.81 -45.97 -28.32
C VAL Z 126 50.01 -46.11 -26.80
N GLU Z 127 48.98 -46.57 -26.10
CA GLU Z 127 49.11 -46.80 -24.67
C GLU Z 127 50.05 -47.97 -24.39
N GLU Z 128 50.03 -48.98 -25.26
CA GLU Z 128 50.95 -50.09 -25.12
C GLU Z 128 52.39 -49.67 -25.43
N MET Z 129 52.60 -48.77 -26.39
CA MET Z 129 53.94 -48.21 -26.55
C MET Z 129 54.37 -47.44 -25.30
N GLN Z 130 53.46 -46.68 -24.70
CA GLN Z 130 53.77 -46.03 -23.44
C GLN Z 130 54.14 -47.06 -22.37
N ALA Z 131 53.40 -48.18 -22.32
CA ALA Z 131 53.67 -49.22 -21.34
C ALA Z 131 55.03 -49.87 -21.56
N VAL Z 132 55.39 -50.12 -22.81
CA VAL Z 132 56.66 -50.78 -23.09
C VAL Z 132 57.82 -49.84 -22.79
N SER Z 133 57.69 -48.55 -23.11
CA SER Z 133 58.68 -47.58 -22.66
C SER Z 133 58.78 -47.56 -21.15
N ALA Z 134 57.62 -47.53 -20.48
CA ALA Z 134 57.57 -47.45 -19.03
C ALA Z 134 58.29 -48.62 -18.38
N VAL Z 135 57.76 -49.83 -18.55
CA VAL Z 135 58.53 -50.98 -18.10
C VAL Z 135 59.35 -51.51 -19.28
N LEU Z 136 60.27 -50.68 -19.75
CA LEU Z 136 61.60 -51.09 -20.21
C LEU Z 136 62.68 -50.13 -19.78
N LYS Z 137 62.37 -48.87 -19.48
CA LYS Z 137 63.40 -47.96 -19.00
C LYS Z 137 62.97 -47.07 -17.84
N GLY Z 138 61.71 -47.07 -17.44
CA GLY Z 138 61.26 -46.18 -16.38
C GLY Z 138 61.02 -44.76 -16.84
N LYS Z 139 61.39 -44.44 -18.07
CA LYS Z 139 61.20 -43.15 -18.70
C LYS Z 139 60.09 -43.23 -19.74
N TYR Z 140 59.25 -42.21 -19.78
CA TYR Z 140 58.25 -42.11 -20.84
C TYR Z 140 58.34 -40.73 -21.48
N THR Z 141 58.25 -40.68 -22.80
CA THR Z 141 58.34 -39.45 -23.57
C THR Z 141 56.94 -38.94 -23.86
N MET Z 142 56.41 -38.09 -22.99
CA MET Z 142 55.23 -37.30 -23.27
C MET Z 142 55.61 -36.24 -24.29
N THR Z 143 55.42 -36.55 -25.56
CA THR Z 143 55.93 -35.67 -26.61
C THR Z 143 55.01 -35.70 -27.82
N GLY Z 144 55.12 -34.65 -28.61
CA GLY Z 144 54.39 -34.52 -29.86
C GLY Z 144 54.71 -33.17 -30.47
N GLU Z 145 54.51 -33.06 -31.77
CA GLU Z 145 54.76 -31.80 -32.44
C GLU Z 145 53.80 -30.74 -31.92
N ALA Z 146 54.27 -29.50 -31.87
CA ALA Z 146 53.55 -28.41 -31.20
C ALA Z 146 53.22 -28.78 -29.76
N PHE Z 147 54.18 -29.37 -29.07
CA PHE Z 147 54.05 -29.77 -27.67
C PHE Z 147 55.43 -30.06 -27.13
N ASP Z 148 55.72 -29.55 -25.93
CA ASP Z 148 57.04 -29.75 -25.34
C ASP Z 148 57.21 -31.21 -24.90
N PRO Z 149 58.38 -31.80 -25.12
CA PRO Z 149 58.61 -33.17 -24.64
C PRO Z 149 58.90 -33.19 -23.14
N VAL Z 150 57.94 -33.70 -22.39
CA VAL Z 150 58.08 -33.93 -20.95
C VAL Z 150 58.52 -35.36 -20.75
N GLU Z 151 59.62 -35.55 -20.05
CA GLU Z 151 60.05 -36.88 -19.62
C GLU Z 151 59.37 -37.20 -18.30
N VAL Z 152 58.53 -38.23 -18.31
CA VAL Z 152 57.84 -38.69 -17.10
C VAL Z 152 58.59 -39.92 -16.62
N ASP Z 153 59.23 -39.80 -15.46
CA ASP Z 153 60.09 -40.85 -14.92
C ASP Z 153 59.44 -41.43 -13.67
N MET Z 154 59.24 -42.74 -13.65
CA MET Z 154 58.86 -43.38 -12.40
C MET Z 154 60.05 -43.49 -11.44
N GLY Z 155 61.26 -43.60 -11.96
CA GLY Z 155 62.43 -43.66 -11.09
C GLY Z 155 63.16 -44.98 -11.16
N ARG Z 156 63.17 -45.61 -12.33
CA ARG Z 156 63.85 -46.89 -12.49
C ARG Z 156 65.32 -46.76 -12.12
N SER Z 157 65.77 -47.65 -11.26
CA SER Z 157 67.11 -47.59 -10.69
C SER Z 157 68.14 -48.20 -11.65
N GLU Z 158 69.41 -47.98 -11.32
CA GLU Z 158 70.49 -48.48 -12.17
C GLU Z 158 70.57 -50.00 -12.16
N GLU Z 159 70.40 -50.63 -10.99
CA GLU Z 159 70.37 -52.09 -10.95
C GLU Z 159 69.17 -52.67 -11.66
N ASN Z 160 68.16 -51.86 -11.96
CA ASN Z 160 67.05 -52.27 -12.82
C ASN Z 160 67.36 -52.03 -14.29
N ASN Z 161 68.54 -51.51 -14.62
CA ASN Z 161 68.94 -51.25 -16.00
C ASN Z 161 70.28 -51.92 -16.31
N ILE Z 162 70.67 -52.90 -15.49
CA ILE Z 162 71.92 -53.60 -15.74
C ILE Z 162 71.79 -54.49 -16.98
N THR Z 163 72.90 -54.63 -17.70
CA THR Z 163 72.90 -55.16 -19.06
C THR Z 163 73.60 -56.50 -19.12
N GLN Z 164 73.06 -57.40 -19.95
CA GLN Z 164 73.68 -58.70 -20.18
C GLN Z 164 74.97 -58.60 -20.96
N SER Z 165 75.07 -57.69 -21.93
CA SER Z 165 76.30 -57.57 -22.71
C SER Z 165 77.48 -57.16 -21.84
N GLY Z 166 77.22 -56.47 -20.74
CA GLY Z 166 78.29 -56.15 -19.81
C GLY Z 166 78.92 -57.42 -19.26
N GLY Z 167 80.25 -57.49 -19.34
CA GLY Z 167 80.96 -58.67 -18.90
C GLY Z 167 80.93 -59.78 -19.93
N THR Z 168 80.18 -60.84 -19.64
CA THR Z 168 80.06 -62.00 -20.52
C THR Z 168 78.67 -62.05 -21.12
N GLU Z 169 78.60 -62.20 -22.44
CA GLU Z 169 77.34 -62.27 -23.16
C GLU Z 169 76.88 -63.72 -23.29
N TRP Z 170 75.56 -63.90 -23.33
CA TRP Z 170 75.02 -65.24 -23.57
C TRP Z 170 75.40 -65.75 -24.95
N SER Z 171 75.45 -64.87 -25.94
CA SER Z 171 76.00 -65.26 -27.24
C SER Z 171 77.45 -65.68 -27.12
N LYS Z 172 78.22 -64.97 -26.30
CA LYS Z 172 79.62 -65.33 -26.02
C LYS Z 172 79.71 -66.29 -24.84
N ARG Z 173 78.97 -67.39 -24.92
CA ARG Z 173 78.99 -68.42 -23.89
C ARG Z 173 78.81 -69.77 -24.57
N ASP Z 174 78.96 -70.83 -23.78
CA ASP Z 174 78.76 -72.18 -24.29
C ASP Z 174 77.28 -72.40 -24.57
N LYS Z 175 76.96 -72.71 -25.83
CA LYS Z 175 75.59 -72.94 -26.25
C LYS Z 175 75.02 -74.25 -25.70
N SER Z 176 75.85 -75.08 -25.09
CA SER Z 176 75.42 -76.40 -24.62
C SER Z 176 75.40 -76.55 -23.10
N THR Z 177 76.45 -76.11 -22.41
CA THR Z 177 76.58 -76.36 -20.98
C THR Z 177 76.21 -75.18 -20.10
N TYR Z 178 76.35 -73.95 -20.59
CA TYR Z 178 76.04 -72.79 -19.77
C TYR Z 178 74.54 -72.73 -19.47
N ASP Z 179 74.22 -72.41 -18.23
CA ASP Z 179 72.83 -72.25 -17.80
C ASP Z 179 72.58 -70.79 -17.46
N PRO Z 180 71.69 -70.10 -18.17
CA PRO Z 180 71.40 -68.70 -17.85
C PRO Z 180 70.49 -68.53 -16.64
N THR Z 181 70.12 -69.61 -15.96
CA THR Z 181 69.33 -69.48 -14.74
C THR Z 181 70.08 -68.69 -13.68
N ASP Z 182 71.40 -68.88 -13.60
CA ASP Z 182 72.19 -68.10 -12.66
C ASP Z 182 72.00 -66.61 -12.89
N ASP Z 183 72.08 -66.15 -14.14
CA ASP Z 183 71.74 -64.77 -14.46
C ASP Z 183 70.28 -64.48 -14.14
N ILE Z 184 69.40 -65.47 -14.28
CA ILE Z 184 67.99 -65.23 -14.00
C ILE Z 184 67.79 -64.80 -12.56
N GLU Z 185 68.34 -65.55 -11.60
CA GLU Z 185 68.19 -65.07 -10.22
C GLU Z 185 69.09 -63.87 -9.96
N ALA Z 186 70.19 -63.73 -10.67
CA ALA Z 186 71.05 -62.56 -10.48
C ALA Z 186 70.30 -61.28 -10.78
N TYR Z 187 69.50 -61.27 -11.85
CA TYR Z 187 68.71 -60.08 -12.17
C TYR Z 187 67.40 -60.04 -11.38
N ALA Z 188 66.90 -61.20 -10.93
CA ALA Z 188 65.66 -61.23 -10.17
C ALA Z 188 65.81 -60.79 -8.73
N LEU Z 189 67.01 -60.95 -8.14
CA LEU Z 189 67.18 -60.64 -6.73
C LEU Z 189 66.95 -59.16 -6.45
N ASN Z 190 67.47 -58.28 -7.31
CA ASN Z 190 67.28 -56.85 -7.13
C ASN Z 190 66.06 -56.36 -7.91
N ALA Z 191 64.94 -57.05 -7.74
CA ALA Z 191 63.69 -56.67 -8.39
C ALA Z 191 62.58 -56.34 -7.40
N SER Z 192 62.88 -56.31 -6.11
CA SER Z 192 61.89 -55.99 -5.06
C SER Z 192 60.70 -56.93 -5.13
N GLY Z 193 60.96 -58.20 -5.39
CA GLY Z 193 59.89 -59.18 -5.42
C GLY Z 193 60.27 -60.39 -6.24
N VAL Z 194 59.29 -61.27 -6.38
CA VAL Z 194 59.43 -62.52 -7.11
C VAL Z 194 59.01 -62.30 -8.56
N VAL Z 195 59.75 -62.93 -9.49
CA VAL Z 195 59.45 -62.89 -10.91
C VAL Z 195 58.81 -64.21 -11.29
N ASN Z 196 57.67 -64.13 -12.00
CA ASN Z 196 56.96 -65.33 -12.40
C ASN Z 196 56.61 -65.38 -13.88
N ILE Z 197 57.02 -64.39 -14.66
CA ILE Z 197 56.92 -64.43 -16.12
C ILE Z 197 58.24 -63.98 -16.70
N ILE Z 198 58.74 -64.71 -17.71
CA ILE Z 198 60.03 -64.40 -18.31
C ILE Z 198 59.82 -64.02 -19.77
N VAL Z 199 58.72 -63.32 -20.05
CA VAL Z 199 58.37 -62.93 -21.41
C VAL Z 199 59.54 -62.24 -22.12
N PHE Z 200 59.93 -62.81 -23.25
CA PHE Z 200 61.02 -62.32 -24.08
C PHE Z 200 60.46 -61.71 -25.37
N ASP Z 201 61.29 -60.90 -26.01
CA ASP Z 201 61.13 -60.67 -27.43
C ASP Z 201 61.71 -61.85 -28.20
N PRO Z 202 61.26 -62.08 -29.45
CA PRO Z 202 61.50 -63.38 -30.12
C PRO Z 202 62.95 -63.84 -30.15
N LYS Z 203 63.86 -63.05 -30.72
CA LYS Z 203 65.25 -63.52 -30.79
C LYS Z 203 65.90 -63.54 -29.41
N GLY Z 204 65.42 -62.73 -28.48
CA GLY Z 204 65.88 -62.84 -27.11
C GLY Z 204 65.60 -64.21 -26.53
N TRP Z 205 64.35 -64.68 -26.68
CA TRP Z 205 64.05 -66.04 -26.28
C TRP Z 205 64.81 -67.06 -27.11
N ALA Z 206 65.12 -66.72 -28.35
CA ALA Z 206 65.88 -67.64 -29.21
C ALA Z 206 67.26 -67.92 -28.61
N LEU Z 207 68.01 -66.87 -28.29
CA LEU Z 207 69.33 -67.15 -27.70
C LEU Z 207 69.23 -67.59 -26.26
N PHE Z 208 68.11 -67.29 -25.57
CA PHE Z 208 67.89 -67.87 -24.25
C PHE Z 208 67.79 -69.39 -24.34
N ARG Z 209 66.94 -69.88 -25.26
CA ARG Z 209 66.72 -71.32 -25.40
C ARG Z 209 67.84 -72.02 -26.16
N SER Z 210 68.72 -71.26 -26.84
CA SER Z 210 69.86 -71.89 -27.51
C SER Z 210 70.69 -72.72 -26.55
N PHE Z 211 70.75 -72.35 -25.28
CA PHE Z 211 71.42 -73.15 -24.28
C PHE Z 211 70.63 -74.44 -24.05
N LYS Z 212 71.34 -75.57 -24.04
CA LYS Z 212 70.67 -76.85 -23.81
C LYS Z 212 70.02 -76.89 -22.45
N ALA Z 213 70.78 -76.54 -21.40
CA ALA Z 213 70.26 -76.53 -20.04
C ALA Z 213 68.87 -75.92 -19.98
N VAL Z 214 68.64 -74.85 -20.76
CA VAL Z 214 67.30 -74.28 -20.85
C VAL Z 214 66.32 -75.31 -21.40
N LYS Z 215 66.71 -76.01 -22.48
CA LYS Z 215 65.72 -76.81 -23.20
C LYS Z 215 65.40 -78.12 -22.48
N GLU Z 216 66.34 -78.69 -21.73
CA GLU Z 216 65.96 -79.80 -20.85
C GLU Z 216 65.60 -79.37 -19.43
N LYS Z 217 65.63 -78.07 -19.13
CA LYS Z 217 65.09 -77.58 -17.87
C LYS Z 217 63.65 -77.11 -18.01
N LEU Z 218 63.25 -76.69 -19.19
CA LEU Z 218 61.89 -76.19 -19.38
C LEU Z 218 60.90 -77.33 -19.56
N ASP Z 219 59.69 -77.12 -19.07
CA ASP Z 219 58.60 -78.07 -19.22
C ASP Z 219 57.64 -77.53 -20.28
N THR Z 220 57.55 -78.26 -21.39
CA THR Z 220 56.64 -77.89 -22.46
C THR Z 220 55.17 -78.11 -22.07
N ARG Z 221 54.93 -78.86 -20.99
CA ARG Z 221 53.58 -79.25 -20.65
C ARG Z 221 52.76 -78.04 -20.21
N ARG Z 222 51.44 -78.21 -20.21
CA ARG Z 222 50.55 -77.18 -19.71
C ARG Z 222 50.87 -76.88 -18.25
N GLY Z 223 50.66 -77.87 -17.38
CA GLY Z 223 50.78 -77.68 -15.95
C GLY Z 223 50.16 -76.36 -15.53
N SER Z 224 48.87 -76.21 -15.81
CA SER Z 224 48.25 -74.89 -15.82
C SER Z 224 48.41 -74.21 -14.47
N ASN Z 225 49.25 -73.18 -14.45
CA ASN Z 225 49.58 -72.49 -13.21
C ASN Z 225 48.52 -71.48 -12.80
N SER Z 226 48.07 -70.64 -13.71
CA SER Z 226 47.20 -69.53 -13.37
C SER Z 226 46.30 -69.24 -14.57
N GLU Z 227 45.72 -68.05 -14.57
CA GLU Z 227 44.87 -67.59 -15.67
C GLU Z 227 45.69 -67.07 -16.85
N LEU Z 228 47.02 -67.20 -16.81
CA LEU Z 228 47.82 -66.74 -17.94
C LEU Z 228 47.57 -67.58 -19.18
N GLU Z 229 47.30 -68.88 -19.01
CA GLU Z 229 46.89 -69.69 -20.15
C GLU Z 229 45.58 -69.17 -20.75
N THR Z 230 44.63 -68.79 -19.89
CA THR Z 230 43.38 -68.21 -20.39
C THR Z 230 43.64 -66.89 -21.11
N ALA Z 231 44.58 -66.08 -20.60
CA ALA Z 231 44.93 -64.83 -21.25
C ALA Z 231 45.53 -65.09 -22.63
N VAL Z 232 46.38 -66.11 -22.75
CA VAL Z 232 46.97 -66.44 -24.04
C VAL Z 232 45.90 -66.96 -25.00
N LYS Z 233 44.99 -67.80 -24.51
CA LYS Z 233 43.90 -68.27 -25.36
C LYS Z 233 43.05 -67.11 -25.85
N ASP Z 234 42.81 -66.12 -24.99
CA ASP Z 234 42.11 -64.92 -25.43
C ASP Z 234 42.90 -64.17 -26.49
N LEU Z 235 44.11 -63.74 -26.15
CA LEU Z 235 44.97 -63.00 -27.08
C LEU Z 235 46.00 -63.93 -27.71
N GLY Z 236 45.49 -64.88 -28.48
CA GLY Z 236 46.36 -65.72 -29.28
C GLY Z 236 47.10 -65.03 -30.40
N LYS Z 237 47.13 -63.70 -30.41
CA LYS Z 237 47.74 -62.96 -31.51
C LYS Z 237 49.25 -62.83 -31.33
N ALA Z 238 49.68 -62.17 -30.25
CA ALA Z 238 51.08 -61.76 -30.16
C ALA Z 238 51.76 -62.19 -28.86
N VAL Z 239 51.01 -62.69 -27.87
CA VAL Z 239 51.58 -63.29 -26.68
C VAL Z 239 51.59 -64.80 -26.89
N SER Z 240 52.75 -65.41 -26.70
CA SER Z 240 52.94 -66.83 -26.96
C SER Z 240 53.47 -67.51 -25.71
N TYR Z 241 52.64 -68.35 -25.12
CA TYR Z 241 52.97 -69.10 -23.92
C TYR Z 241 53.88 -70.26 -24.33
N LYS Z 242 55.19 -70.04 -24.25
CA LYS Z 242 56.14 -71.08 -24.65
C LYS Z 242 55.97 -72.33 -23.79
N GLY Z 243 55.82 -72.14 -22.48
CA GLY Z 243 55.63 -73.26 -21.59
C GLY Z 243 56.19 -72.94 -20.22
N MET Z 244 56.41 -74.00 -19.45
CA MET Z 244 57.06 -73.91 -18.15
C MET Z 244 58.56 -74.06 -18.29
N TYR Z 245 59.30 -73.20 -17.60
CA TYR Z 245 60.71 -73.40 -17.36
C TYR Z 245 60.93 -74.11 -16.02
N GLY Z 246 59.91 -74.85 -15.59
CA GLY Z 246 59.86 -75.40 -14.26
C GLY Z 246 59.17 -74.45 -13.30
N ASP Z 247 59.96 -73.76 -12.49
CA ASP Z 247 59.43 -72.79 -11.54
C ASP Z 247 58.68 -71.63 -12.20
N VAL Z 248 59.19 -71.10 -13.31
CA VAL Z 248 58.72 -69.84 -13.86
C VAL Z 248 58.07 -70.09 -15.22
N ALA Z 249 57.16 -69.18 -15.60
CA ALA Z 249 56.50 -69.25 -16.90
C ALA Z 249 57.33 -68.55 -17.96
N ILE Z 250 57.35 -69.15 -19.16
CA ILE Z 250 58.10 -68.62 -20.29
C ILE Z 250 57.09 -68.12 -21.33
N VAL Z 251 57.16 -66.84 -21.64
CA VAL Z 251 56.27 -66.22 -22.62
C VAL Z 251 57.13 -65.45 -23.61
N VAL Z 252 56.58 -65.20 -24.80
CA VAL Z 252 57.23 -64.35 -25.79
C VAL Z 252 56.18 -63.39 -26.36
N TYR Z 253 56.50 -62.11 -26.34
CA TYR Z 253 55.65 -61.10 -26.96
C TYR Z 253 56.28 -60.66 -28.28
N SER Z 254 55.52 -60.77 -29.36
CA SER Z 254 55.94 -60.34 -30.68
C SER Z 254 54.91 -59.38 -31.28
N GLY Z 255 54.35 -58.52 -30.44
CA GLY Z 255 53.38 -57.56 -30.92
C GLY Z 255 54.04 -56.52 -31.82
N GLN Z 256 53.26 -55.97 -32.75
CA GLN Z 256 53.77 -55.04 -33.73
C GLN Z 256 52.83 -53.85 -33.85
N TYR Z 257 53.41 -52.65 -34.00
CA TYR Z 257 52.64 -51.45 -34.28
C TYR Z 257 52.88 -51.04 -35.73
N VAL Z 258 51.82 -50.61 -36.39
CA VAL Z 258 51.87 -50.25 -37.81
C VAL Z 258 51.85 -48.72 -37.88
N GLU Z 259 53.04 -48.14 -38.01
CA GLU Z 259 53.18 -46.68 -37.93
C GLU Z 259 52.81 -46.04 -39.27
N ASN Z 260 53.15 -44.76 -39.42
CA ASN Z 260 52.58 -43.92 -40.46
C ASN Z 260 52.76 -44.50 -41.85
N GLY Z 261 53.90 -45.13 -42.12
CA GLY Z 261 54.12 -45.69 -43.44
C GLY Z 261 54.63 -47.11 -43.43
N VAL Z 262 55.03 -47.59 -42.26
CA VAL Z 262 55.66 -48.90 -42.12
C VAL Z 262 55.16 -49.53 -40.83
N LYS Z 263 55.52 -50.80 -40.63
CA LYS Z 263 55.19 -51.54 -39.42
C LYS Z 263 56.48 -52.07 -38.79
N LYS Z 264 56.46 -52.18 -37.46
CA LYS Z 264 57.62 -52.74 -36.75
C LYS Z 264 57.17 -53.17 -35.37
N ASN Z 265 57.92 -54.09 -34.77
CA ASN Z 265 57.55 -54.65 -33.48
C ASN Z 265 57.59 -53.60 -32.37
N PHE Z 266 56.71 -53.77 -31.39
CA PHE Z 266 56.76 -52.95 -30.18
C PHE Z 266 58.10 -53.10 -29.48
N LEU Z 267 58.56 -54.34 -29.31
CA LEU Z 267 59.74 -54.75 -28.57
C LEU Z 267 61.02 -54.39 -29.32
N PRO Z 268 62.03 -53.93 -28.59
CA PRO Z 268 63.37 -53.77 -29.18
C PRO Z 268 64.01 -55.12 -29.50
N ASP Z 269 65.28 -55.09 -29.91
CA ASP Z 269 65.92 -56.28 -30.45
C ASP Z 269 65.99 -57.41 -29.42
N ASN Z 270 66.53 -57.12 -28.24
CA ASN Z 270 66.77 -58.15 -27.21
C ASN Z 270 66.65 -57.48 -25.85
N THR Z 271 65.48 -57.59 -25.23
CA THR Z 271 65.24 -56.94 -23.95
C THR Z 271 64.41 -57.83 -23.04
N MET Z 272 64.46 -57.53 -21.75
CA MET Z 272 63.81 -58.29 -20.70
C MET Z 272 63.43 -57.36 -19.55
N VAL Z 273 62.29 -57.66 -18.92
CA VAL Z 273 61.91 -57.04 -17.66
C VAL Z 273 61.53 -58.14 -16.68
N LEU Z 274 62.23 -58.18 -15.55
CA LEU Z 274 62.01 -59.18 -14.51
C LEU Z 274 61.17 -58.55 -13.41
N GLY Z 275 60.01 -59.12 -13.14
CA GLY Z 275 59.12 -58.61 -12.12
C GLY Z 275 57.91 -59.51 -11.94
N ASN Z 276 56.97 -59.05 -11.13
CA ASN Z 276 55.78 -59.81 -10.80
C ASN Z 276 54.66 -59.55 -11.80
N THR Z 277 53.68 -60.45 -11.80
CA THR Z 277 52.44 -60.25 -12.53
C THR Z 277 51.46 -59.35 -11.80
N GLN Z 278 51.68 -59.09 -10.51
CA GLN Z 278 50.81 -58.22 -9.74
C GLN Z 278 51.47 -56.89 -9.38
N ALA Z 279 52.38 -56.39 -10.21
CA ALA Z 279 52.94 -55.07 -9.99
C ALA Z 279 51.86 -54.01 -10.15
N ARG Z 280 52.02 -52.91 -9.41
CA ARG Z 280 50.96 -51.91 -9.32
C ARG Z 280 51.14 -50.91 -10.46
N GLY Z 281 50.13 -50.79 -11.30
CA GLY Z 281 50.19 -49.86 -12.41
C GLY Z 281 49.11 -48.81 -12.39
N LEU Z 282 49.50 -47.54 -12.44
CA LEU Z 282 48.56 -46.44 -12.35
C LEU Z 282 48.12 -46.02 -13.75
N ARG Z 283 46.84 -45.72 -13.89
CA ARG Z 283 46.22 -45.24 -15.13
C ARG Z 283 45.60 -43.88 -14.88
N THR Z 284 46.38 -42.95 -14.32
CA THR Z 284 45.88 -41.60 -14.13
C THR Z 284 45.41 -41.01 -15.46
N TYR Z 285 44.27 -40.34 -15.42
CA TYR Z 285 43.62 -39.80 -16.61
C TYR Z 285 43.32 -38.34 -16.34
N GLY Z 286 43.62 -37.48 -17.32
CA GLY Z 286 43.44 -36.06 -17.16
C GLY Z 286 42.04 -35.60 -17.51
N CYS Z 287 41.90 -34.28 -17.61
CA CYS Z 287 40.64 -33.69 -18.02
C CYS Z 287 40.32 -34.06 -19.47
N ILE Z 288 39.02 -34.10 -19.77
CA ILE Z 288 38.56 -34.29 -21.15
C ILE Z 288 38.01 -32.95 -21.65
N GLN Z 289 38.70 -32.36 -22.63
CA GLN Z 289 38.37 -31.02 -23.11
C GLN Z 289 37.28 -31.12 -24.19
N ASP Z 290 36.06 -31.34 -23.72
CA ASP Z 290 34.89 -31.35 -24.59
C ASP Z 290 33.71 -30.79 -23.84
N ALA Z 291 33.11 -29.72 -24.41
CA ALA Z 291 32.02 -29.03 -23.72
C ALA Z 291 30.93 -30.01 -23.31
N ASP Z 292 30.65 -31.00 -24.18
CA ASP Z 292 29.71 -32.06 -23.81
C ASP Z 292 30.16 -32.78 -22.56
N ALA Z 293 31.45 -33.15 -22.51
CA ALA Z 293 31.97 -33.88 -21.37
C ALA Z 293 31.85 -33.07 -20.09
N GLN Z 294 32.17 -31.77 -20.15
CA GLN Z 294 32.06 -31.00 -18.91
C GLN Z 294 30.61 -30.83 -18.47
N ARG Z 295 29.68 -30.53 -19.39
CA ARG Z 295 28.37 -30.18 -18.83
C ARG Z 295 27.57 -31.43 -18.54
N GLU Z 296 28.06 -32.62 -18.93
CA GLU Z 296 27.45 -33.84 -18.44
C GLU Z 296 28.34 -34.62 -17.48
N GLY Z 297 29.46 -34.05 -17.04
CA GLY Z 297 30.25 -34.66 -15.98
C GLY Z 297 31.18 -35.79 -16.39
N ILE Z 298 31.64 -35.78 -17.65
CA ILE Z 298 32.57 -36.81 -18.12
C ILE Z 298 33.97 -36.18 -18.16
N ASN Z 299 34.17 -35.15 -17.33
CA ASN Z 299 35.51 -34.61 -17.16
C ASN Z 299 36.44 -35.59 -16.47
N ALA Z 300 35.89 -36.54 -15.71
CA ALA Z 300 36.68 -37.55 -15.00
C ALA Z 300 36.19 -38.92 -15.47
N SER Z 301 36.84 -39.45 -16.50
CA SER Z 301 36.43 -40.72 -17.06
C SER Z 301 37.59 -41.32 -17.85
N ALA Z 302 37.31 -42.46 -18.48
CA ALA Z 302 38.32 -43.08 -19.33
C ALA Z 302 38.31 -42.48 -20.73
N ARG Z 303 37.23 -42.68 -21.48
CA ARG Z 303 37.14 -42.35 -22.90
C ARG Z 303 35.87 -41.56 -23.16
N TYR Z 304 35.84 -40.87 -24.30
CA TYR Z 304 34.62 -40.19 -24.70
C TYR Z 304 34.45 -40.23 -26.22
N PRO Z 305 33.42 -40.92 -26.71
CA PRO Z 305 33.09 -40.87 -28.14
C PRO Z 305 32.05 -39.82 -28.46
N LYS Z 306 31.94 -39.43 -29.72
CA LYS Z 306 30.77 -38.66 -30.17
C LYS Z 306 30.68 -38.72 -31.69
N ASN Z 307 29.46 -38.62 -32.19
CA ASN Z 307 29.18 -38.49 -33.62
C ASN Z 307 28.49 -37.15 -33.84
N TRP Z 308 28.96 -36.39 -34.81
CA TRP Z 308 28.65 -34.97 -34.85
C TRP Z 308 28.86 -34.38 -36.24
N VAL Z 309 27.98 -33.44 -36.58
CA VAL Z 309 27.92 -32.85 -37.92
C VAL Z 309 28.52 -31.45 -37.88
N THR Z 310 29.36 -31.13 -38.85
CA THR Z 310 29.87 -29.78 -39.07
C THR Z 310 29.05 -29.11 -40.17
N THR Z 311 28.53 -27.93 -39.85
CA THR Z 311 27.79 -27.11 -40.79
C THR Z 311 28.65 -25.94 -41.24
N GLY Z 312 28.77 -25.77 -42.55
CA GLY Z 312 29.55 -24.68 -43.10
C GLY Z 312 30.60 -25.11 -44.10
N ASP Z 313 31.84 -24.67 -43.89
CA ASP Z 313 32.91 -25.04 -44.81
C ASP Z 313 33.15 -26.55 -44.84
N PRO Z 314 33.49 -27.20 -43.72
CA PRO Z 314 33.60 -28.67 -43.76
C PRO Z 314 32.27 -29.34 -43.41
N ALA Z 315 31.24 -29.01 -44.18
CA ALA Z 315 29.90 -29.47 -43.86
C ALA Z 315 29.83 -30.97 -44.07
N ARG Z 316 30.10 -31.71 -43.00
CA ARG Z 316 30.28 -33.16 -43.06
C ARG Z 316 29.83 -33.73 -41.73
N GLU Z 317 30.22 -34.97 -41.45
CA GLU Z 317 29.90 -35.59 -40.16
C GLU Z 317 31.00 -36.56 -39.78
N PHE Z 318 31.39 -36.53 -38.51
CA PHE Z 318 32.60 -37.17 -38.02
C PHE Z 318 32.31 -37.93 -36.74
N THR Z 319 33.22 -38.87 -36.45
CA THR Z 319 33.29 -39.54 -35.15
C THR Z 319 34.57 -39.10 -34.45
N MET Z 320 34.42 -38.63 -33.21
CA MET Z 320 35.48 -38.00 -32.45
C MET Z 320 35.70 -38.82 -31.19
N ILE Z 321 36.95 -39.15 -30.89
CA ILE Z 321 37.28 -39.92 -29.69
C ILE Z 321 38.29 -39.11 -28.88
N GLN Z 322 38.02 -38.97 -27.58
CA GLN Z 322 38.87 -38.16 -26.71
C GLN Z 322 39.24 -38.95 -25.45
N SER Z 323 40.50 -38.80 -25.04
CA SER Z 323 41.03 -39.48 -23.87
C SER Z 323 42.22 -38.68 -23.37
N ALA Z 324 42.74 -39.07 -22.20
CA ALA Z 324 43.92 -38.44 -21.61
C ALA Z 324 44.60 -39.38 -20.63
N PRO Z 325 45.28 -40.41 -21.12
CA PRO Z 325 45.99 -41.33 -20.23
C PRO Z 325 47.40 -40.87 -19.92
N LEU Z 326 47.84 -41.16 -18.70
CA LEU Z 326 49.24 -40.96 -18.30
C LEU Z 326 49.68 -42.12 -17.43
N MET Z 327 49.29 -43.33 -17.85
CA MET Z 327 49.65 -44.57 -17.18
C MET Z 327 51.15 -44.69 -16.92
N LEU Z 328 51.47 -45.08 -15.69
CA LEU Z 328 52.84 -45.29 -15.22
C LEU Z 328 52.86 -46.52 -14.32
N LEU Z 329 54.02 -46.80 -13.75
CA LEU Z 329 54.19 -47.89 -12.79
C LEU Z 329 54.49 -47.30 -11.43
N ALA Z 330 53.82 -47.85 -10.40
CA ALA Z 330 54.02 -47.34 -9.04
C ALA Z 330 55.45 -47.60 -8.56
N ASP Z 331 55.95 -48.80 -8.80
CA ASP Z 331 57.30 -49.18 -8.39
C ASP Z 331 58.15 -49.46 -9.61
N PRO Z 332 58.92 -48.49 -10.10
CA PRO Z 332 59.84 -48.77 -11.21
C PRO Z 332 60.91 -49.79 -10.84
N ASP Z 333 61.27 -49.88 -9.57
CA ASP Z 333 62.24 -50.86 -9.09
C ASP Z 333 61.68 -52.28 -9.12
N GLU Z 334 60.37 -52.44 -9.32
CA GLU Z 334 59.77 -53.77 -9.38
C GLU Z 334 60.29 -54.60 -10.53
N PHE Z 335 60.67 -53.97 -11.64
CA PHE Z 335 61.17 -54.68 -12.80
C PHE Z 335 62.61 -54.29 -13.08
N VAL Z 336 63.44 -55.32 -13.29
CA VAL Z 336 64.80 -55.15 -13.74
C VAL Z 336 64.80 -55.25 -15.27
N SER Z 337 65.27 -54.19 -15.92
CA SER Z 337 65.28 -54.10 -17.38
C SER Z 337 66.67 -54.39 -17.89
N VAL Z 338 66.80 -55.45 -18.69
CA VAL Z 338 68.09 -55.94 -19.16
C VAL Z 338 68.05 -55.98 -20.68
N GLN Z 339 69.07 -55.43 -21.31
CA GLN Z 339 69.32 -55.67 -22.72
C GLN Z 339 70.21 -56.90 -22.85
N LEU Z 340 69.86 -57.78 -23.78
CA LEU Z 340 70.45 -59.11 -23.86
C LEU Z 340 71.64 -59.12 -24.83
N ALA Z 341 72.29 -60.26 -24.89
CA ALA Z 341 73.43 -60.46 -25.78
C ALA Z 341 72.99 -60.36 -27.25
N ALA AA 7 29.22 -42.67 10.25
CA ALA AA 7 29.02 -43.72 11.24
C ALA AA 7 28.04 -44.76 10.75
N GLN AA 8 28.57 -45.93 10.39
CA GLN AA 8 27.77 -47.05 9.92
C GLN AA 8 27.91 -48.21 10.90
N LEU AA 9 26.95 -49.13 10.83
CA LEU AA 9 26.78 -50.15 11.85
C LEU AA 9 27.96 -51.13 11.88
N LEU AA 10 27.99 -51.95 12.93
CA LEU AA 10 29.05 -52.94 13.10
C LEU AA 10 29.02 -53.99 12.00
N ALA AA 11 27.84 -54.39 11.55
CA ALA AA 11 27.71 -55.47 10.57
C ALA AA 11 28.32 -55.13 9.22
N ALA AA 12 28.64 -53.86 8.95
CA ALA AA 12 29.30 -53.47 7.70
C ALA AA 12 30.80 -53.76 7.80
N ASN AA 13 31.11 -55.03 8.04
CA ASN AA 13 32.49 -55.50 8.21
C ASN AA 13 32.70 -56.80 7.46
N GLU AA 14 32.22 -56.85 6.22
CA GLU AA 14 32.26 -58.07 5.42
C GLU AA 14 33.46 -58.01 4.47
N GLN AA 15 34.40 -58.95 4.63
CA GLN AA 15 35.54 -59.06 3.73
C GLN AA 15 35.56 -60.37 2.96
N LYS AA 16 35.50 -61.50 3.67
CA LYS AA 16 35.78 -62.82 3.09
C LYS AA 16 37.15 -62.87 2.43
N PHE AA 17 38.09 -62.08 2.97
CA PHE AA 17 39.45 -61.99 2.48
C PHE AA 17 40.40 -62.32 3.63
N LYS AA 18 40.71 -63.61 3.78
CA LYS AA 18 41.69 -64.08 4.75
C LYS AA 18 42.84 -64.73 3.98
N PHE AA 19 43.90 -63.96 3.77
CA PHE AA 19 45.02 -64.37 2.92
C PHE AA 19 46.35 -64.09 3.61
N ASP AA 20 46.45 -64.48 4.87
CA ASP AA 20 47.71 -64.37 5.60
C ASP AA 20 48.74 -65.35 5.04
N PRO AA 21 50.03 -64.99 4.99
CA PRO AA 21 51.05 -65.84 4.34
C PRO AA 21 51.45 -67.09 5.12
N LEU AA 22 50.50 -68.02 5.22
CA LEU AA 22 50.75 -69.40 5.63
C LEU AA 22 51.29 -69.54 7.05
N PHE AA 23 51.36 -68.45 7.81
CA PHE AA 23 51.83 -68.53 9.18
C PHE AA 23 50.71 -68.56 10.20
N LEU AA 24 49.86 -67.53 10.23
CA LEU AA 24 48.75 -67.48 11.17
C LEU AA 24 47.62 -68.41 10.78
N ARG AA 25 47.66 -68.98 9.57
CA ARG AA 25 46.63 -69.87 9.06
C ARG AA 25 47.04 -71.33 9.07
N LEU AA 26 48.34 -71.62 9.15
CA LEU AA 26 48.86 -72.98 9.03
C LEU AA 26 49.66 -73.44 10.23
N PHE AA 27 50.51 -72.60 10.81
CA PHE AA 27 51.20 -72.96 12.04
C PHE AA 27 50.51 -72.43 13.29
N PHE AA 28 49.78 -71.32 13.19
CA PHE AA 28 49.28 -70.61 14.36
C PHE AA 28 47.76 -70.51 14.35
N ARG AA 29 47.10 -71.64 14.11
CA ARG AA 29 45.64 -71.70 14.08
C ARG AA 29 45.01 -71.59 15.47
N GLU AA 30 45.83 -71.66 16.53
CA GLU AA 30 45.35 -72.02 17.87
C GLU AA 30 44.93 -70.76 18.62
N SER AA 31 43.81 -70.16 18.21
CA SER AA 31 43.37 -68.86 18.70
C SER AA 31 42.81 -68.95 20.12
N TYR AA 32 43.20 -68.01 20.98
CA TYR AA 32 42.66 -67.95 22.34
C TYR AA 32 42.35 -66.50 22.73
N PRO AA 33 41.27 -65.94 22.19
CA PRO AA 33 40.81 -64.65 22.73
C PRO AA 33 40.23 -64.79 24.13
N PHE AA 34 40.61 -63.85 25.00
CA PHE AA 34 40.30 -63.89 26.43
C PHE AA 34 39.41 -62.72 26.81
N THR AA 35 38.72 -62.88 27.94
CA THR AA 35 38.02 -61.79 28.60
C THR AA 35 38.94 -61.05 29.56
N THR AA 36 40.22 -61.45 29.59
CA THR AA 36 41.19 -60.91 30.54
C THR AA 36 42.36 -60.30 29.76
N GLU AA 37 43.02 -59.34 30.41
CA GLU AA 37 44.02 -58.53 29.73
C GLU AA 37 45.15 -59.36 29.15
N LYS AA 38 45.92 -60.02 30.01
CA LYS AA 38 47.15 -60.68 29.63
C LYS AA 38 46.89 -62.06 29.04
N VAL AA 39 47.96 -62.73 28.66
CA VAL AA 39 47.95 -64.15 28.35
C VAL AA 39 48.36 -64.92 29.58
N TYR AA 40 47.60 -65.97 29.89
CA TYR AA 40 47.84 -66.78 31.08
C TYR AA 40 48.09 -68.21 30.60
N LEU AA 41 49.35 -68.50 30.26
CA LEU AA 41 49.68 -69.80 29.69
C LEU AA 41 49.31 -70.94 30.63
N SER AA 42 49.27 -70.67 31.94
CA SER AA 42 48.73 -71.65 32.87
C SER AA 42 47.26 -71.92 32.60
N GLN AA 43 46.51 -70.89 32.19
CA GLN AA 43 45.10 -71.06 31.87
C GLN AA 43 44.91 -71.89 30.60
N ILE AA 44 45.70 -71.65 29.56
CA ILE AA 44 45.62 -72.47 28.35
C ILE AA 44 45.97 -73.91 28.69
N PRO AA 45 45.17 -74.90 28.30
CA PRO AA 45 45.57 -76.30 28.52
C PRO AA 45 46.83 -76.66 27.77
N GLY AA 46 47.00 -76.12 26.57
CA GLY AA 46 48.11 -76.48 25.72
C GLY AA 46 48.14 -77.98 25.48
N LEU AA 47 49.32 -78.54 25.65
CA LEU AA 47 49.45 -79.99 25.71
C LEU AA 47 48.97 -80.50 27.07
N VAL AA 48 48.15 -81.55 27.03
CA VAL AA 48 47.54 -82.13 28.21
C VAL AA 48 48.43 -83.25 28.73
N ASN AA 49 48.53 -83.38 30.05
CA ASN AA 49 49.18 -84.53 30.66
C ASN AA 49 48.45 -85.79 30.20
N MET AA 50 49.13 -86.61 29.40
CA MET AA 50 48.43 -87.49 28.46
C MET AA 50 49.06 -88.88 28.40
N ALA AA 51 49.27 -89.53 29.55
CA ALA AA 51 49.76 -90.90 29.51
C ALA AA 51 49.10 -91.82 30.53
N LEU AA 52 48.99 -91.38 31.79
CA LEU AA 52 48.74 -92.27 32.91
C LEU AA 52 47.31 -92.78 32.93
N TYR AA 53 47.14 -94.06 33.26
CA TYR AA 53 45.84 -94.63 33.55
C TYR AA 53 45.76 -95.00 35.03
N VAL AA 54 44.68 -95.69 35.40
CA VAL AA 54 44.46 -96.08 36.79
C VAL AA 54 44.19 -97.58 36.85
N SER AA 55 44.38 -98.14 38.04
CA SER AA 55 44.25 -99.58 38.25
C SER AA 55 42.81 -100.04 38.01
N PRO AA 56 42.63 -101.31 37.63
CA PRO AA 56 41.27 -101.82 37.40
C PRO AA 56 40.49 -102.11 38.68
N ILE AA 57 40.52 -101.18 39.64
CA ILE AA 57 39.68 -101.29 40.83
C ILE AA 57 38.89 -100.00 41.01
N VAL AA 58 39.60 -98.86 41.06
CA VAL AA 58 38.99 -97.54 41.17
C VAL AA 58 39.76 -96.60 40.24
N SER AA 59 39.35 -95.34 40.25
CA SER AA 59 40.04 -94.34 39.45
C SER AA 59 40.73 -93.31 40.33
N GLY AA 60 41.63 -92.53 39.71
CA GLY AA 60 42.52 -91.67 40.43
C GLY AA 60 42.00 -90.25 40.62
N GLU AA 61 42.95 -89.33 40.72
CA GLU AA 61 42.69 -87.95 41.09
C GLU AA 61 42.13 -87.17 39.89
N VAL AA 62 41.95 -85.87 40.08
CA VAL AA 62 41.44 -84.99 39.04
C VAL AA 62 42.62 -84.38 38.30
N ILE AA 63 42.54 -84.35 36.98
CA ILE AA 63 43.58 -83.80 36.12
C ILE AA 63 43.15 -82.42 35.67
N ARG AA 64 44.07 -81.46 35.73
CA ARG AA 64 43.83 -80.05 35.47
C ARG AA 64 44.59 -79.62 34.22
N SER AA 65 44.48 -78.32 33.91
CA SER AA 65 45.41 -77.67 33.00
C SER AA 65 46.72 -77.54 33.76
N ARG AA 66 47.79 -78.10 33.20
CA ARG AA 66 48.98 -78.42 33.99
C ARG AA 66 49.87 -77.20 34.23
N GLY AA 67 49.24 -76.13 34.75
CA GLY AA 67 49.93 -75.01 35.37
C GLY AA 67 51.18 -74.50 34.68
N GLY AA 68 51.02 -73.85 33.53
CA GLY AA 68 52.16 -73.27 32.83
C GLY AA 68 53.01 -72.38 33.72
N SER AA 69 54.32 -72.54 33.63
CA SER AA 69 55.22 -71.86 34.56
C SER AA 69 55.12 -70.34 34.42
N THR AA 70 55.17 -69.83 33.19
CA THR AA 70 55.06 -68.40 32.94
C THR AA 70 53.71 -68.13 32.27
N SER AA 71 52.89 -67.29 32.91
CA SER AA 71 51.54 -67.01 32.43
C SER AA 71 51.22 -65.53 32.46
N GLU AA 72 52.13 -64.65 32.06
CA GLU AA 72 51.94 -63.21 32.16
C GLU AA 72 52.76 -62.51 31.07
N PHE AA 73 52.11 -62.20 29.95
CA PHE AA 73 52.70 -61.33 28.93
C PHE AA 73 51.62 -60.38 28.42
N THR AA 74 52.07 -59.25 27.87
CA THR AA 74 51.17 -58.18 27.45
C THR AA 74 50.81 -58.36 25.98
N PRO AA 75 49.55 -58.60 25.64
CA PRO AA 75 49.18 -58.66 24.23
C PRO AA 75 49.36 -57.32 23.55
N GLY AA 76 49.63 -57.36 22.24
CA GLY AA 76 49.80 -56.16 21.45
C GLY AA 76 48.49 -55.49 21.12
N TYR AA 77 47.89 -54.82 22.10
CA TYR AA 77 46.62 -54.17 21.83
C TYR AA 77 46.84 -53.04 20.83
N VAL AA 78 46.46 -53.32 19.59
CA VAL AA 78 46.63 -52.43 18.45
C VAL AA 78 45.27 -51.86 18.08
N LYS AA 79 45.12 -50.56 18.25
CA LYS AA 79 43.88 -49.98 17.74
C LYS AA 79 44.18 -48.79 16.85
N PRO AA 80 44.37 -49.00 15.55
CA PRO AA 80 44.52 -47.86 14.65
C PRO AA 80 43.18 -47.37 14.11
N LYS AA 81 43.21 -46.30 13.32
CA LYS AA 81 42.00 -45.78 12.71
C LYS AA 81 42.38 -45.04 11.44
N HIS AA 82 41.36 -44.63 10.70
CA HIS AA 82 41.55 -43.73 9.58
C HIS AA 82 40.30 -42.91 9.38
N GLU AA 83 40.39 -41.96 8.47
CA GLU AA 83 39.23 -41.21 8.01
C GLU AA 83 38.74 -41.78 6.68
N VAL AA 84 37.44 -41.67 6.46
CA VAL AA 84 36.82 -42.07 5.21
C VAL AA 84 36.08 -40.87 4.63
N ASN AA 85 36.65 -39.68 4.84
CA ASN AA 85 36.05 -38.43 4.42
C ASN AA 85 35.70 -38.45 2.94
N PRO AA 86 34.45 -38.22 2.57
CA PRO AA 86 34.06 -38.28 1.16
C PRO AA 86 34.57 -37.09 0.34
N GLN AA 87 35.88 -36.89 0.33
CA GLN AA 87 36.51 -35.89 -0.52
C GLN AA 87 37.40 -36.49 -1.59
N MET AA 88 37.67 -37.79 -1.55
CA MET AA 88 38.52 -38.42 -2.55
C MET AA 88 37.72 -38.99 -3.70
N THR AA 89 38.36 -39.05 -4.87
CA THR AA 89 38.00 -40.07 -5.84
C THR AA 89 38.67 -41.39 -5.45
N LEU AA 90 37.90 -42.47 -5.52
CA LEU AA 90 38.26 -43.73 -4.89
C LEU AA 90 38.86 -44.70 -5.90
N ARG AA 91 39.12 -45.92 -5.43
CA ARG AA 91 39.51 -46.99 -6.33
C ARG AA 91 38.32 -47.31 -7.24
N ARG AA 92 38.40 -46.98 -8.53
CA ARG AA 92 37.30 -47.28 -9.43
C ARG AA 92 37.58 -48.58 -10.18
N LEU AA 93 37.02 -49.68 -9.66
CA LEU AA 93 36.98 -50.91 -10.43
C LEU AA 93 36.45 -50.60 -11.83
N PRO AA 94 37.01 -51.21 -12.89
CA PRO AA 94 36.68 -50.78 -14.25
C PRO AA 94 35.19 -50.71 -14.57
N ASP AA 95 34.71 -49.47 -14.71
CA ASP AA 95 33.42 -49.14 -15.32
C ASP AA 95 32.24 -49.90 -14.71
N GLU AA 96 32.13 -49.97 -13.39
CA GLU AA 96 30.87 -50.34 -12.75
C GLU AA 96 30.12 -49.09 -12.29
N ASP AA 97 29.62 -48.35 -13.27
CA ASP AA 97 28.67 -47.26 -13.06
C ASP AA 97 29.17 -46.23 -12.06
N PRO AA 98 30.11 -45.36 -12.43
CA PRO AA 98 30.63 -44.36 -11.47
C PRO AA 98 29.57 -43.42 -10.91
N GLN AA 99 28.33 -43.53 -11.37
CA GLN AA 99 27.25 -42.73 -10.79
C GLN AA 99 27.07 -43.05 -9.31
N ASN AA 100 27.28 -44.31 -8.90
CA ASN AA 100 27.20 -44.62 -7.48
C ASN AA 100 28.39 -44.08 -6.70
N LEU AA 101 29.57 -44.01 -7.32
CA LEU AA 101 30.66 -43.28 -6.68
C LEU AA 101 30.28 -41.82 -6.49
N ALA AA 102 29.59 -41.23 -7.47
CA ALA AA 102 29.06 -39.89 -7.31
C ALA AA 102 28.13 -39.78 -6.10
N ASP AA 103 27.48 -40.88 -5.73
CA ASP AA 103 26.72 -40.91 -4.49
C ASP AA 103 27.68 -40.81 -3.29
N PRO AA 104 27.44 -39.89 -2.37
CA PRO AA 104 28.18 -39.95 -1.09
C PRO AA 104 27.93 -41.24 -0.31
N ALA AA 105 26.74 -41.85 -0.44
CA ALA AA 105 26.48 -43.08 0.29
C ALA AA 105 27.36 -44.23 -0.19
N TYR AA 106 27.39 -44.47 -1.51
CA TYR AA 106 28.20 -45.57 -2.00
C TYR AA 106 29.70 -45.27 -1.85
N ARG AA 107 30.10 -44.02 -2.09
CA ARG AA 107 31.51 -43.72 -1.89
C ARG AA 107 31.90 -43.96 -0.44
N ARG AA 108 31.07 -43.52 0.51
CA ARG AA 108 31.42 -43.68 1.91
C ARG AA 108 31.43 -45.14 2.32
N ARG AA 109 30.48 -45.94 1.84
CA ARG AA 109 30.48 -47.34 2.26
C ARG AA 109 31.64 -48.12 1.65
N ARG AA 110 31.94 -47.92 0.36
CA ARG AA 110 33.04 -48.73 -0.17
C ARG AA 110 34.39 -48.14 0.26
N ILE AA 111 34.42 -46.86 0.66
CA ILE AA 111 35.66 -46.34 1.22
C ILE AA 111 35.86 -46.82 2.65
N ILE AA 112 34.80 -47.05 3.42
CA ILE AA 112 35.03 -47.71 4.70
C ILE AA 112 35.44 -49.15 4.45
N MET AA 113 34.92 -49.77 3.39
CA MET AA 113 35.41 -51.09 2.99
C MET AA 113 36.92 -51.06 2.76
N GLN AA 114 37.38 -50.12 1.93
CA GLN AA 114 38.80 -50.01 1.60
C GLN AA 114 39.63 -49.67 2.84
N ASN AA 115 39.16 -48.71 3.64
CA ASN AA 115 39.87 -48.33 4.85
C ASN AA 115 40.03 -49.52 5.77
N MET AA 116 38.94 -50.23 6.07
CA MET AA 116 39.03 -51.29 7.04
C MET AA 116 39.89 -52.43 6.51
N ARG AA 117 39.82 -52.72 5.21
CA ARG AA 117 40.65 -53.79 4.68
C ARG AA 117 42.12 -53.44 4.79
N ASP AA 118 42.48 -52.19 4.50
CA ASP AA 118 43.83 -51.73 4.81
C ASP AA 118 44.15 -51.98 6.27
N GLU AA 119 43.17 -51.76 7.15
CA GLU AA 119 43.40 -51.91 8.58
C GLU AA 119 43.72 -53.36 8.95
N GLU AA 120 42.91 -54.33 8.50
CA GLU AA 120 43.22 -55.69 8.95
C GLU AA 120 44.46 -56.22 8.25
N LEU AA 121 44.75 -55.75 7.03
CA LEU AA 121 46.00 -56.20 6.43
C LEU AA 121 47.20 -55.55 7.11
N ALA AA 122 47.00 -54.37 7.70
CA ALA AA 122 48.05 -53.78 8.54
C ALA AA 122 48.30 -54.62 9.77
N ILE AA 123 47.23 -54.99 10.48
CA ILE AA 123 47.43 -55.80 11.67
C ILE AA 123 47.97 -57.17 11.27
N ALA AA 124 47.59 -57.66 10.09
CA ALA AA 124 48.10 -58.94 9.61
C ALA AA 124 49.58 -58.87 9.31
N GLN AA 125 50.05 -57.77 8.71
CA GLN AA 125 51.48 -57.66 8.40
C GLN AA 125 52.31 -57.45 9.66
N VAL AA 126 51.81 -56.68 10.63
CA VAL AA 126 52.53 -56.59 11.89
C VAL AA 126 52.51 -57.92 12.62
N GLU AA 127 51.43 -58.69 12.47
CA GLU AA 127 51.35 -60.02 13.07
C GLU AA 127 52.33 -60.97 12.39
N GLU AA 128 52.53 -60.80 11.08
CA GLU AA 128 53.51 -61.61 10.37
C GLU AA 128 54.94 -61.24 10.77
N MET AA 129 55.21 -59.96 11.03
CA MET AA 129 56.50 -59.63 11.61
C MET AA 129 56.69 -60.27 12.98
N GLN AA 130 55.63 -60.27 13.80
CA GLN AA 130 55.70 -60.99 15.06
C GLN AA 130 55.98 -62.47 14.85
N ALA AA 131 55.34 -63.07 13.84
CA ALA AA 131 55.54 -64.48 13.55
C ALA AA 131 56.97 -64.77 13.10
N VAL AA 132 57.53 -63.90 12.26
CA VAL AA 132 58.87 -64.15 11.75
C VAL AA 132 59.90 -63.96 12.87
N SER AA 133 59.71 -62.97 13.75
CA SER AA 133 60.55 -62.88 14.94
C SER AA 133 60.41 -64.14 15.79
N ALA AA 134 59.17 -64.58 16.00
CA ALA AA 134 58.89 -65.73 16.85
C ALA AA 134 59.60 -66.98 16.33
N VAL AA 135 59.20 -67.46 15.16
CA VAL AA 135 59.99 -68.54 14.57
C VAL AA 135 61.00 -67.92 13.62
N LEU AA 136 61.92 -67.15 14.17
CA LEU AA 136 63.33 -67.11 13.79
C LEU AA 136 64.26 -67.02 14.99
N LYS AA 137 63.80 -66.53 16.14
CA LYS AA 137 64.67 -66.51 17.32
C LYS AA 137 64.01 -66.95 18.61
N GLY AA 138 62.70 -67.18 18.63
CA GLY AA 138 62.03 -67.52 19.88
C GLY AA 138 61.74 -66.33 20.77
N LYS AA 139 62.27 -65.16 20.42
CA LYS AA 139 62.07 -63.91 21.13
C LYS AA 139 61.14 -63.02 20.32
N TYR AA 140 60.25 -62.33 21.02
CA TYR AA 140 59.41 -61.33 20.40
C TYR AA 140 59.49 -60.04 21.20
N THR AA 141 59.59 -58.92 20.51
CA THR AA 141 59.70 -57.60 21.14
C THR AA 141 58.33 -56.96 21.18
N MET AA 142 57.61 -57.17 22.28
CA MET AA 142 56.41 -56.40 22.60
C MET AA 142 56.86 -55.00 22.99
N THR AA 143 56.90 -54.10 22.02
CA THR AA 143 57.48 -52.79 22.26
C THR AA 143 56.76 -51.73 21.45
N GLY AA 144 56.90 -50.50 21.91
CA GLY AA 144 56.37 -49.33 21.23
C GLY AA 144 56.67 -48.11 22.07
N GLU AA 145 56.65 -46.95 21.42
CA GLU AA 145 56.90 -45.72 22.14
C GLU AA 145 55.79 -45.48 23.16
N ALA AA 146 56.14 -44.87 24.29
CA ALA AA 146 55.25 -44.76 25.44
C ALA AA 146 54.73 -46.13 25.86
N PHE AA 147 55.63 -47.11 25.89
CA PHE AA 147 55.32 -48.48 26.29
C PHE AA 147 56.62 -49.21 26.56
N ASP AA 148 56.68 -49.94 27.66
CA ASP AA 148 57.91 -50.65 28.01
C ASP AA 148 58.13 -51.83 27.07
N PRO AA 149 59.36 -52.08 26.64
CA PRO AA 149 59.62 -53.25 25.80
C PRO AA 149 59.68 -54.53 26.63
N VAL AA 150 58.66 -55.36 26.48
CA VAL AA 150 58.61 -56.68 27.08
C VAL AA 150 59.12 -57.69 26.06
N GLU AA 151 60.13 -58.45 26.45
CA GLU AA 151 60.59 -59.58 25.66
C GLU AA 151 59.74 -60.80 26.00
N VAL AA 152 59.00 -61.30 25.02
CA VAL AA 152 58.17 -62.49 25.18
C VAL AA 152 58.94 -63.64 24.54
N ASP AA 153 59.38 -64.59 25.37
CA ASP AA 153 60.23 -65.68 24.92
C ASP AA 153 59.45 -66.99 25.01
N MET AA 154 59.36 -67.71 23.90
CA MET AA 154 58.85 -69.07 23.99
C MET AA 154 59.87 -70.02 24.59
N GLY AA 155 61.16 -69.76 24.40
CA GLY AA 155 62.18 -70.60 24.99
C GLY AA 155 63.02 -71.34 23.97
N ARG AA 156 63.25 -70.71 22.82
CA ARG AA 156 64.05 -71.35 21.78
C ARG AA 156 65.44 -71.71 22.30
N SER AA 157 65.83 -72.96 22.10
CA SER AA 157 67.05 -73.49 22.66
C SER AA 157 68.25 -73.12 21.80
N GLU AA 158 69.44 -73.39 22.34
CA GLU AA 158 70.68 -73.06 21.63
C GLU AA 158 70.87 -73.91 20.39
N GLU AA 159 70.57 -75.21 20.46
CA GLU AA 159 70.66 -76.05 19.28
C GLU AA 159 69.63 -75.68 18.23
N ASN AA 160 68.61 -74.90 18.59
CA ASN AA 160 67.69 -74.32 17.62
C ASN AA 160 68.19 -73.00 17.07
N ASN AA 161 69.36 -72.54 17.49
CA ASN AA 161 69.95 -71.29 17.04
C ASN AA 161 71.36 -71.51 16.52
N ILE AA 162 71.70 -72.75 16.20
CA ILE AA 162 73.03 -73.04 15.67
C ILE AA 162 73.15 -72.50 14.25
N THR AA 163 74.37 -72.07 13.91
CA THR AA 163 74.61 -71.23 12.75
C THR AA 163 75.42 -71.99 11.69
N GLN AA 164 75.08 -71.75 10.42
CA GLN AA 164 75.83 -72.34 9.31
C GLN AA 164 77.22 -71.75 9.16
N SER AA 165 77.39 -70.45 9.42
CA SER AA 165 78.71 -69.84 9.28
C SER AA 165 79.71 -70.41 10.26
N GLY AA 166 79.23 -70.93 11.39
CA GLY AA 166 80.12 -71.61 12.32
C GLY AA 166 80.76 -72.81 11.66
N GLY AA 167 82.09 -72.90 11.76
CA GLY AA 167 82.82 -73.98 11.12
C GLY AA 167 83.03 -73.74 9.64
N THR AA 168 82.34 -74.51 8.80
CA THR AA 168 82.45 -74.40 7.36
C THR AA 168 81.17 -73.83 6.78
N GLU AA 169 81.31 -72.82 5.93
CA GLU AA 169 80.17 -72.16 5.30
C GLU AA 169 79.87 -72.81 3.95
N TRP AA 170 78.58 -72.77 3.58
CA TRP AA 170 78.20 -73.27 2.27
C TRP AA 170 78.82 -72.44 1.15
N SER AA 171 78.95 -71.13 1.36
CA SER AA 171 79.71 -70.31 0.42
C SER AA 171 81.16 -70.78 0.35
N LYS AA 172 81.74 -71.13 1.50
CA LYS AA 172 83.10 -71.66 1.56
C LYS AA 172 83.09 -73.19 1.43
N ARG AA 173 82.46 -73.67 0.36
CA ARG AA 173 82.41 -75.09 0.05
C ARG AA 173 82.44 -75.27 -1.46
N ASP AA 174 82.56 -76.52 -1.89
CA ASP AA 174 82.53 -76.83 -3.31
C ASP AA 174 81.14 -76.59 -3.86
N LYS AA 175 81.05 -75.70 -4.84
CA LYS AA 175 79.77 -75.37 -5.47
C LYS AA 175 79.24 -76.50 -6.34
N SER AA 176 80.03 -77.54 -6.58
CA SER AA 176 79.64 -78.62 -7.48
C SER AA 176 79.41 -79.95 -6.78
N THR AA 177 80.29 -80.38 -5.89
CA THR AA 177 80.23 -81.71 -5.31
C THR AA 177 79.64 -81.75 -3.91
N TYR AA 178 79.75 -80.68 -3.14
CA TYR AA 178 79.23 -80.70 -1.78
C TYR AA 178 77.71 -80.78 -1.79
N ASP AA 179 77.17 -81.60 -0.90
CA ASP AA 179 75.73 -81.77 -0.74
C ASP AA 179 75.31 -81.21 0.61
N PRO AA 180 74.48 -80.16 0.66
CA PRO AA 180 74.03 -79.63 1.95
C PRO AA 180 72.95 -80.45 2.61
N THR AA 181 72.57 -81.59 2.02
CA THR AA 181 71.59 -82.47 2.67
C THR AA 181 72.12 -82.96 4.01
N ASP AA 182 73.41 -83.24 4.10
CA ASP AA 182 73.99 -83.65 5.37
C ASP AA 182 73.70 -82.63 6.46
N ASP AA 183 73.95 -81.34 6.16
CA ASP AA 183 73.55 -80.29 7.08
C ASP AA 183 72.05 -80.26 7.28
N ILE AA 184 71.27 -80.63 6.26
CA ILE AA 184 69.83 -80.61 6.39
C ILE AA 184 69.37 -81.55 7.51
N GLU AA 185 69.82 -82.81 7.47
CA GLU AA 185 69.44 -83.67 8.60
C GLU AA 185 70.18 -83.29 9.87
N ALA AA 186 71.37 -82.71 9.77
CA ALA AA 186 72.10 -82.29 10.96
C ALA AA 186 71.29 -81.28 11.75
N TYR AA 187 70.67 -80.32 11.06
CA TYR AA 187 69.84 -79.34 11.75
C TYR AA 187 68.43 -79.86 12.02
N ALA AA 188 67.96 -80.83 11.23
CA ALA AA 188 66.62 -81.37 11.42
C ALA AA 188 66.52 -82.33 12.60
N LEU AA 189 67.63 -83.01 12.95
CA LEU AA 189 67.56 -84.02 14.00
C LEU AA 189 67.18 -83.41 15.34
N ASN AA 190 67.74 -82.26 15.69
CA ASN AA 190 67.42 -81.59 16.94
C ASN AA 190 66.29 -80.58 16.75
N ALA AA 191 65.21 -81.01 16.10
CA ALA AA 191 64.06 -80.16 15.87
C ALA AA 191 62.78 -80.70 16.52
N SER AA 192 62.88 -81.79 17.29
CA SER AA 192 61.73 -82.39 17.96
C SER AA 192 60.64 -82.76 16.96
N GLY AA 193 61.04 -83.27 15.81
CA GLY AA 193 60.07 -83.71 14.82
C GLY AA 193 60.65 -83.73 13.43
N VAL AA 194 59.78 -84.02 12.48
CA VAL AA 194 60.13 -84.11 11.07
C VAL AA 194 59.92 -82.76 10.41
N VAL AA 195 60.84 -82.41 9.51
CA VAL AA 195 60.76 -81.18 8.73
C VAL AA 195 60.29 -81.53 7.32
N ASN AA 196 59.26 -80.82 6.84
CA ASN AA 196 58.72 -81.10 5.51
C ASN AA 196 58.59 -79.86 4.64
N ILE AA 197 59.04 -78.69 5.09
CA ILE AA 197 59.17 -77.50 4.25
C ILE AA 197 60.53 -76.88 4.51
N ILE AA 198 61.22 -76.49 3.45
CA ILE AA 198 62.56 -75.93 3.57
C ILE AA 198 62.53 -74.50 3.05
N VAL AA 199 61.45 -73.78 3.32
CA VAL AA 199 61.27 -72.41 2.86
C VAL AA 199 62.48 -71.55 3.22
N PHE AA 200 63.08 -70.95 2.20
CA PHE AA 200 64.24 -70.08 2.32
C PHE AA 200 63.84 -68.63 2.04
N ASP AA 201 64.69 -67.72 2.49
CA ASP AA 201 64.73 -66.41 1.89
C ASP AA 201 65.51 -66.47 0.58
N PRO AA 202 65.27 -65.52 -0.35
CA PRO AA 202 65.71 -65.70 -1.74
C PRO AA 202 67.18 -66.06 -1.93
N LYS AA 203 68.11 -65.22 -1.45
CA LYS AA 203 69.51 -65.54 -1.66
C LYS AA 203 69.96 -66.74 -0.84
N GLY AA 204 69.27 -67.02 0.27
CA GLY AA 204 69.53 -68.26 0.98
C GLY AA 204 69.28 -69.47 0.11
N TRP AA 205 68.12 -69.51 -0.54
CA TRP AA 205 67.85 -70.58 -1.50
C TRP AA 205 68.81 -70.51 -2.68
N ALA AA 206 69.28 -69.31 -3.03
CA ALA AA 206 70.23 -69.18 -4.13
C ALA AA 206 71.51 -69.94 -3.83
N LEU AA 207 72.13 -69.69 -2.67
CA LEU AA 207 73.36 -70.44 -2.40
C LEU AA 207 73.07 -71.88 -1.99
N PHE AA 208 71.86 -72.19 -1.54
CA PHE AA 208 71.48 -73.58 -1.35
C PHE AA 208 71.51 -74.34 -2.67
N ARG AA 209 70.86 -73.79 -3.70
CA ARG AA 209 70.78 -74.44 -4.99
C ARG AA 209 72.04 -74.29 -5.82
N SER AA 210 72.95 -73.39 -5.44
CA SER AA 210 74.23 -73.27 -6.14
C SER AA 210 74.98 -74.59 -6.18
N PHE AA 211 74.80 -75.44 -5.18
CA PHE AA 211 75.38 -76.78 -5.20
C PHE AA 211 74.67 -77.62 -6.26
N LYS AA 212 75.46 -78.31 -7.09
CA LYS AA 212 74.87 -79.15 -8.13
C LYS AA 212 74.03 -80.25 -7.51
N ALA AA 213 74.59 -80.99 -6.55
CA ALA AA 213 73.87 -82.07 -5.89
C ALA AA 213 72.45 -81.66 -5.55
N VAL AA 214 72.25 -80.41 -5.12
CA VAL AA 214 70.90 -79.90 -4.90
C VAL AA 214 70.10 -79.93 -6.20
N LYS AA 215 70.70 -79.46 -7.30
CA LYS AA 215 69.90 -79.23 -8.50
C LYS AA 215 69.58 -80.53 -9.24
N GLU AA 216 70.44 -81.55 -9.17
CA GLU AA 216 70.02 -82.85 -9.67
C GLU AA 216 69.42 -83.76 -8.60
N LYS AA 217 69.29 -83.29 -7.36
CA LYS AA 217 68.53 -84.01 -6.36
C LYS AA 217 67.10 -83.53 -6.25
N LEU AA 218 66.85 -82.28 -6.62
CA LEU AA 218 65.50 -81.72 -6.50
C LEU AA 218 64.64 -82.15 -7.68
N ASP AA 219 63.35 -82.33 -7.43
CA ASP AA 219 62.38 -82.65 -8.46
C ASP AA 219 61.56 -81.40 -8.74
N THR AA 220 61.70 -80.86 -9.95
CA THR AA 220 60.92 -79.69 -10.36
C THR AA 220 59.44 -80.03 -10.56
N ARG AA 221 59.10 -81.31 -10.62
CA ARG AA 221 57.74 -81.71 -10.97
C ARG AA 221 56.78 -81.33 -9.85
N ARG AA 222 55.50 -81.31 -10.19
CA ARG AA 222 54.46 -81.09 -9.19
C ARG AA 222 54.52 -82.16 -8.12
N GLY AA 223 54.26 -83.41 -8.50
CA GLY AA 223 54.16 -84.50 -7.55
C GLY AA 223 53.38 -84.06 -6.33
N SER AA 224 52.13 -83.64 -6.55
CA SER AA 224 51.41 -82.85 -5.55
C SER AA 224 51.32 -83.60 -4.23
N ASN AA 225 52.06 -83.12 -3.23
CA ASN AA 225 52.14 -83.79 -1.95
C ASN AA 225 50.95 -83.48 -1.05
N SER AA 226 50.58 -82.21 -0.92
CA SER AA 226 49.59 -81.81 0.06
C SER AA 226 48.86 -80.59 -0.48
N GLU AA 227 48.19 -79.87 0.40
CA GLU AA 227 47.49 -78.64 0.07
C GLU AA 227 48.42 -77.45 0.00
N LEU AA 228 49.74 -77.66 0.10
CA LEU AA 228 50.67 -76.54 0.00
C LEU AA 228 50.67 -75.95 -1.41
N GLU AA 229 50.48 -76.79 -2.43
CA GLU AA 229 50.31 -76.26 -3.78
C GLU AA 229 49.08 -75.38 -3.87
N THR AA 230 47.98 -75.80 -3.23
CA THR AA 230 46.78 -74.96 -3.20
C THR AA 230 47.04 -73.65 -2.47
N ALA AA 231 47.81 -73.71 -1.38
CA ALA AA 231 48.16 -72.50 -0.65
C ALA AA 231 48.98 -71.55 -1.51
N VAL AA 232 49.92 -72.09 -2.29
CA VAL AA 232 50.72 -71.25 -3.18
C VAL AA 232 49.86 -70.66 -4.29
N LYS AA 233 48.96 -71.46 -4.85
CA LYS AA 233 48.04 -70.92 -5.87
C LYS AA 233 47.19 -69.80 -5.30
N ASP AA 234 46.75 -69.95 -4.05
CA ASP AA 234 46.03 -68.86 -3.40
C ASP AA 234 46.90 -67.63 -3.24
N LEU AA 235 48.01 -67.77 -2.50
CA LEU AA 235 48.93 -66.66 -2.27
C LEU AA 235 50.11 -66.73 -3.22
N GLY AA 236 49.81 -66.58 -4.51
CA GLY AA 236 50.86 -66.47 -5.50
C GLY AA 236 51.70 -65.20 -5.43
N LYS AA 237 51.62 -64.47 -4.32
CA LYS AA 237 52.32 -63.20 -4.21
C LYS AA 237 53.77 -63.39 -3.78
N ALA AA 238 53.99 -63.96 -2.59
CA ALA AA 238 55.32 -63.93 -2.00
C ALA AA 238 55.82 -65.29 -1.54
N VAL AA 239 54.98 -66.32 -1.54
CA VAL AA 239 55.41 -67.69 -1.30
C VAL AA 239 55.57 -68.36 -2.66
N SER AA 240 56.73 -68.95 -2.90
CA SER AA 240 57.07 -69.54 -4.18
C SER AA 240 57.47 -70.99 -3.98
N TYR AA 241 56.62 -71.87 -4.49
CA TYR AA 241 56.83 -73.31 -4.42
C TYR AA 241 57.88 -73.70 -5.46
N LYS AA 242 59.15 -73.74 -5.05
CA LYS AA 242 60.21 -74.07 -5.98
C LYS AA 242 60.02 -75.46 -6.57
N GLY AA 243 59.67 -76.43 -5.74
CA GLY AA 243 59.43 -77.77 -6.21
C GLY AA 243 59.74 -78.78 -5.12
N MET AA 244 59.94 -80.01 -5.54
CA MET AA 244 60.36 -81.11 -4.67
C MET AA 244 61.88 -81.19 -4.65
N TYR AA 245 62.44 -81.34 -3.45
CA TYR AA 245 63.82 -81.77 -3.28
C TYR AA 245 63.88 -83.28 -3.11
N GLY AA 246 62.87 -83.96 -3.64
CA GLY AA 246 62.66 -85.37 -3.39
C GLY AA 246 61.76 -85.58 -2.19
N ASP AA 247 62.36 -85.93 -1.06
CA ASP AA 247 61.62 -86.14 0.18
C ASP AA 247 60.89 -84.89 0.67
N VAL AA 248 61.52 -83.72 0.58
CA VAL AA 248 61.03 -82.53 1.26
C VAL AA 248 60.62 -81.48 0.23
N ALA AA 249 59.72 -80.59 0.63
CA ALA AA 249 59.26 -79.50 -0.22
C ALA AA 249 60.18 -78.30 -0.10
N ILE AA 250 60.44 -77.64 -1.23
CA ILE AA 250 61.30 -76.47 -1.29
C ILE AA 250 60.42 -75.26 -1.59
N VAL AA 251 60.43 -74.28 -0.69
CA VAL AA 251 59.65 -73.06 -0.84
C VAL AA 251 60.58 -71.88 -0.61
N VAL AA 252 60.21 -70.72 -1.13
CA VAL AA 252 60.93 -69.48 -0.87
C VAL AA 252 59.91 -68.40 -0.53
N TYR AA 253 60.11 -67.72 0.60
CA TYR AA 253 59.29 -66.57 0.97
C TYR AA 253 60.07 -65.29 0.72
N SER AA 254 59.49 -64.40 -0.08
CA SER AA 254 60.07 -63.09 -0.38
C SER AA 254 59.08 -61.99 -0.05
N GLY AA 255 58.32 -62.17 1.03
CA GLY AA 255 57.37 -61.15 1.42
C GLY AA 255 58.07 -59.89 1.90
N GLN AA 256 57.39 -58.75 1.73
CA GLN AA 256 57.97 -57.45 2.05
C GLN AA 256 56.97 -56.62 2.84
N TYR AA 257 57.46 -55.88 3.82
CA TYR AA 257 56.66 -54.91 4.56
C TYR AA 257 57.08 -53.51 4.15
N VAL AA 258 56.11 -52.63 4.00
CA VAL AA 258 56.33 -51.26 3.53
C VAL AA 258 56.20 -50.37 4.76
N GLU AA 259 57.35 -50.02 5.35
CA GLU AA 259 57.36 -49.30 6.62
C GLU AA 259 57.13 -47.81 6.37
N ASN AA 260 57.40 -47.00 7.40
CA ASN AA 260 56.93 -45.62 7.45
C ASN AA 260 57.36 -44.81 6.24
N GLY AA 261 58.58 -45.02 5.74
CA GLY AA 261 59.03 -44.26 4.60
C GLY AA 261 59.65 -45.10 3.51
N VAL AA 262 59.90 -46.37 3.80
CA VAL AA 262 60.62 -47.26 2.89
C VAL AA 262 59.98 -48.64 2.98
N LYS AA 263 60.40 -49.53 2.10
CA LYS AA 263 59.96 -50.91 2.09
C LYS AA 263 61.17 -51.85 2.19
N LYS AA 264 60.97 -53.01 2.81
CA LYS AA 264 62.04 -53.99 2.89
C LYS AA 264 61.42 -55.35 3.23
N ASN AA 265 62.15 -56.41 2.89
CA ASN AA 265 61.63 -57.77 3.07
C ASN AA 265 61.42 -58.09 4.54
N PHE AA 266 60.42 -58.94 4.80
CA PHE AA 266 60.22 -59.49 6.14
C PHE AA 266 61.45 -60.26 6.59
N LEU AA 267 61.96 -61.12 5.73
CA LEU AA 267 63.06 -62.06 5.97
C LEU AA 267 64.40 -61.34 6.05
N PRO AA 268 65.25 -61.78 6.99
CA PRO AA 268 66.64 -61.32 7.00
C PRO AA 268 67.43 -61.84 5.81
N ASP AA 269 68.74 -61.58 5.80
CA ASP AA 269 69.54 -61.86 4.61
C ASP AA 269 69.54 -63.34 4.24
N ASN AA 270 69.88 -64.21 5.21
CA ASN AA 270 70.04 -65.64 4.94
C ASN AA 270 69.68 -66.40 6.22
N THR AA 271 68.43 -66.87 6.29
CA THR AA 271 67.95 -67.56 7.47
C THR AA 271 67.07 -68.73 7.10
N MET AA 272 66.90 -69.63 8.07
CA MET AA 272 66.16 -70.87 7.91
C MET AA 272 65.54 -71.28 9.23
N VAL AA 273 64.35 -71.87 9.16
CA VAL AA 273 63.73 -72.54 10.29
C VAL AA 273 63.29 -73.94 9.84
N LEU AA 274 63.82 -74.95 10.52
CA LEU AA 274 63.52 -76.34 10.24
C LEU AA 274 62.48 -76.84 11.23
N GLY AA 275 61.34 -77.28 10.72
CA GLY AA 275 60.27 -77.78 11.56
C GLY AA 275 59.13 -78.32 10.72
N ASN AA 276 58.04 -78.66 11.42
CA ASN AA 276 56.88 -79.26 10.78
C ASN AA 276 55.91 -78.19 10.29
N THR AA 277 55.01 -78.61 9.40
CA THR AA 277 53.88 -77.79 8.98
C THR AA 277 52.74 -77.82 9.98
N GLN AA 278 52.74 -78.76 10.92
CA GLN AA 278 51.69 -78.85 11.94
C GLN AA 278 52.18 -78.46 13.32
N ALA AA 279 53.16 -77.57 13.42
CA ALA AA 279 53.58 -77.07 14.72
C ALA AA 279 52.46 -76.26 15.35
N ARG AA 280 52.41 -76.28 16.68
CA ARG AA 280 51.28 -75.70 17.40
C ARG AA 280 51.55 -74.23 17.64
N GLY AA 281 50.66 -73.37 17.14
CA GLY AA 281 50.82 -71.95 17.32
C GLY AA 281 49.66 -71.29 18.03
N LEU AA 282 49.96 -70.58 19.12
CA LEU AA 282 48.93 -69.96 19.94
C LEU AA 282 48.68 -68.54 19.46
N ARG AA 283 47.41 -68.15 19.44
CA ARG AA 283 46.95 -66.81 19.08
C ARG AA 283 46.19 -66.22 20.25
N THR AA 284 46.79 -66.21 21.43
CA THR AA 284 46.16 -65.59 22.58
C THR AA 284 45.86 -64.13 22.29
N TYR AA 285 44.67 -63.69 22.70
CA TYR AA 285 44.17 -62.35 22.40
C TYR AA 285 43.72 -61.73 23.71
N GLY AA 286 44.10 -60.49 23.94
CA GLY AA 286 43.78 -59.81 25.17
C GLY AA 286 42.42 -59.15 25.16
N CYS AA 287 42.19 -58.31 26.17
CA CYS AA 287 40.96 -57.54 26.25
C CYS AA 287 40.89 -56.53 25.12
N ILE AA 288 39.67 -56.20 24.72
CA ILE AA 288 39.43 -55.13 23.75
C ILE AA 288 38.86 -53.93 24.51
N GLN AA 289 39.64 -52.85 24.57
CA GLN AA 289 39.28 -51.67 25.37
C GLN AA 289 38.38 -50.75 24.55
N ASP AA 290 37.12 -51.15 24.43
CA ASP AA 290 36.11 -50.34 23.78
C ASP AA 290 34.77 -50.55 24.47
N ALA AA 291 34.19 -49.45 24.96
CA ALA AA 291 32.96 -49.55 25.74
C ALA AA 291 31.90 -50.33 24.99
N ASP AA 292 31.83 -50.14 23.66
CA ASP AA 292 30.94 -50.95 22.84
C ASP AA 292 31.26 -52.44 22.98
N ALA AA 293 32.53 -52.78 22.89
CA ALA AA 293 32.94 -54.18 22.99
C ALA AA 293 32.57 -54.78 24.33
N GLN AA 294 32.78 -54.04 25.42
CA GLN AA 294 32.43 -54.61 26.71
C GLN AA 294 30.92 -54.77 26.87
N ARG AA 295 30.11 -53.77 26.49
CA ARG AA 295 28.72 -53.93 26.88
C ARG AA 295 27.98 -54.80 25.88
N GLU AA 296 28.62 -55.17 24.77
CA GLU AA 296 28.04 -56.21 23.91
C GLU AA 296 28.83 -57.51 23.93
N GLY AA 297 29.83 -57.65 24.80
CA GLY AA 297 30.49 -58.93 24.98
C GLY AA 297 31.56 -59.29 23.97
N ILE AA 298 32.20 -58.29 23.37
CA ILE AA 298 33.27 -58.54 22.41
C ILE AA 298 34.61 -58.27 23.11
N ASN AA 299 34.60 -58.41 24.43
CA ASN AA 299 35.85 -58.35 25.19
C ASN AA 299 36.74 -59.55 24.88
N ALA AA 300 36.17 -60.66 24.43
CA ALA AA 300 36.90 -61.87 24.09
C ALA AA 300 36.61 -62.21 22.63
N SER AA 301 37.45 -61.70 21.73
CA SER AA 301 37.23 -61.91 20.32
C SER AA 301 38.53 -61.67 19.56
N ALA AA 302 38.45 -61.76 18.24
CA ALA AA 302 39.62 -61.48 17.42
C ALA AA 302 39.78 -59.99 17.15
N ARG AA 303 38.83 -59.40 16.42
CA ARG AA 303 38.94 -58.03 15.93
C ARG AA 303 37.66 -57.27 16.24
N TYR AA 304 37.76 -55.94 16.20
CA TYR AA 304 36.56 -55.13 16.36
C TYR AA 304 36.62 -53.89 15.48
N PRO AA 305 35.72 -53.77 14.49
CA PRO AA 305 35.62 -52.53 13.72
C PRO AA 305 34.56 -51.60 14.25
N LYS AA 306 34.61 -50.32 13.88
CA LYS AA 306 33.47 -49.43 14.09
C LYS AA 306 33.62 -48.21 13.20
N ASN AA 307 32.47 -47.63 12.83
CA ASN AA 307 32.40 -46.36 12.14
C ASN AA 307 31.65 -45.38 13.02
N TRP AA 308 32.21 -44.18 13.20
CA TRP AA 308 31.78 -43.34 14.31
C TRP AA 308 32.15 -41.88 14.07
N VAL AA 309 31.27 -41.00 14.54
CA VAL AA 309 31.37 -39.57 14.29
C VAL AA 309 31.84 -38.87 15.57
N THR AA 310 32.79 -37.96 15.43
CA THR AA 310 33.21 -37.07 16.51
C THR AA 310 32.52 -35.73 16.35
N THR AA 311 31.86 -35.29 17.42
CA THR AA 311 31.20 -33.99 17.47
C THR AA 311 32.03 -33.04 18.34
N GLY AA 312 32.33 -31.87 17.78
CA GLY AA 312 33.10 -30.88 18.51
C GLY AA 312 34.32 -30.37 17.77
N ASP AA 313 35.48 -30.41 18.44
CA ASP AA 313 36.71 -29.94 17.78
C ASP AA 313 37.06 -30.77 16.56
N PRO AA 314 37.28 -32.09 16.68
CA PRO AA 314 37.52 -32.89 15.46
C PRO AA 314 36.21 -33.43 14.89
N ALA AA 315 35.28 -32.52 14.59
CA ALA AA 315 33.94 -32.93 14.18
C ALA AA 315 34.02 -33.59 12.82
N ARG AA 316 34.19 -34.91 12.82
CA ARG AA 316 34.49 -35.68 11.62
C ARG AA 316 33.89 -37.06 11.80
N GLU AA 317 34.33 -38.01 10.99
CA GLU AA 317 33.87 -39.38 11.11
C GLU AA 317 34.98 -40.33 10.68
N PHE AA 318 35.16 -41.40 11.45
CA PHE AA 318 36.33 -42.26 11.36
C PHE AA 318 35.92 -43.73 11.39
N THR AA 319 36.85 -44.56 10.91
CA THR AA 319 36.77 -46.00 11.06
C THR AA 319 37.89 -46.45 11.99
N MET AA 320 37.52 -47.21 13.02
CA MET AA 320 38.40 -47.57 14.12
C MET AA 320 38.49 -49.09 14.15
N ILE AA 321 39.71 -49.63 14.23
CA ILE AA 321 39.92 -51.07 14.28
C ILE AA 321 40.71 -51.37 15.54
N GLN AA 322 40.24 -52.35 16.32
CA GLN AA 322 40.88 -52.70 17.59
C GLN AA 322 41.12 -54.20 17.67
N SER AA 323 42.28 -54.56 18.20
CA SER AA 323 42.70 -55.95 18.35
C SER AA 323 43.72 -56.03 19.47
N ALA AA 324 44.09 -57.25 19.84
CA ALA AA 324 45.12 -57.48 20.87
C ALA AA 324 45.70 -58.87 20.72
N PRO AA 325 46.53 -59.09 19.70
CA PRO AA 325 47.17 -60.40 19.54
C PRO AA 325 48.49 -60.51 20.29
N LEU AA 326 48.76 -61.72 20.78
CA LEU AA 326 50.06 -62.05 21.37
C LEU AA 326 50.44 -63.46 20.93
N MET AA 327 50.23 -63.74 19.66
CA MET AA 327 50.58 -65.02 19.05
C MET AA 327 52.02 -65.42 19.32
N LEU AA 328 52.19 -66.68 19.70
CA LEU AA 328 53.48 -67.30 19.97
C LEU AA 328 53.46 -68.73 19.45
N LEU AA 329 54.55 -69.46 19.70
CA LEU AA 329 54.66 -70.86 19.34
C LEU AA 329 54.70 -71.70 20.61
N ALA AA 330 53.92 -72.80 20.62
CA ALA AA 330 53.88 -73.65 21.80
C ALA AA 330 55.23 -74.31 22.05
N ASP AA 331 55.86 -74.82 21.00
CA ASP AA 331 57.16 -75.49 21.11
C ASP AA 331 58.21 -74.69 20.34
N PRO AA 332 58.96 -73.81 21.01
CA PRO AA 332 60.06 -73.13 20.32
C PRO AA 332 61.14 -74.08 19.83
N ASP AA 333 61.31 -75.22 20.50
CA ASP AA 333 62.26 -76.23 20.08
C ASP AA 333 61.83 -76.96 18.81
N GLU AA 334 60.58 -76.77 18.37
CA GLU AA 334 60.11 -77.41 17.16
C GLU AA 334 60.86 -76.96 15.92
N PHE AA 335 61.35 -75.72 15.90
CA PHE AA 335 62.07 -75.20 14.75
C PHE AA 335 63.51 -74.86 15.13
N VAL AA 336 64.43 -75.33 14.30
CA VAL AA 336 65.84 -74.98 14.39
C VAL AA 336 66.07 -73.77 13.50
N SER AA 337 66.55 -72.67 14.09
CA SER AA 337 66.77 -71.42 13.38
C SER AA 337 68.24 -71.28 13.07
N VAL AA 338 68.57 -71.21 11.79
CA VAL AA 338 69.95 -71.20 11.31
C VAL AA 338 70.15 -69.96 10.45
N GLN AA 339 71.21 -69.21 10.73
CA GLN AA 339 71.68 -68.20 9.80
C GLN AA 339 72.68 -68.85 8.85
N LEU AA 340 72.54 -68.54 7.57
CA LEU AA 340 73.25 -69.25 6.51
C LEU AA 340 74.56 -68.56 6.16
N ALA AA 341 75.31 -69.19 5.26
CA ALA AA 341 76.57 -68.65 4.79
C ALA AA 341 76.36 -67.35 4.03
N ALA BA 7 24.83 -85.71 31.22
CA ALA BA 7 24.57 -87.06 30.72
C ALA BA 7 23.86 -87.02 29.37
N GLN BA 8 24.62 -87.31 28.32
CA GLN BA 8 24.08 -87.35 26.96
C GLN BA 8 24.18 -88.78 26.42
N LEU BA 9 23.39 -89.04 25.39
CA LEU BA 9 23.15 -90.40 24.92
C LEU BA 9 24.42 -91.03 24.35
N LEU BA 10 24.35 -92.34 24.11
CA LEU BA 10 25.46 -93.09 23.55
C LEU BA 10 25.82 -92.63 22.15
N ALA BA 11 24.81 -92.28 21.33
CA ALA BA 11 25.04 -91.94 19.94
C ALA BA 11 25.87 -90.67 19.76
N ALA BA 12 26.06 -89.87 20.81
CA ALA BA 12 26.90 -88.67 20.74
C ALA BA 12 28.37 -89.07 20.86
N ASN BA 13 28.81 -89.92 19.92
CA ASN BA 13 30.16 -90.46 19.90
C ASN BA 13 30.70 -90.45 18.48
N GLU BA 14 30.51 -89.35 17.78
CA GLU BA 14 30.87 -89.24 16.37
C GLU BA 14 32.22 -88.52 16.26
N GLN BA 15 33.22 -89.21 15.72
CA GLN BA 15 34.53 -88.62 15.47
C GLN BA 15 34.88 -88.58 13.99
N LYS BA 16 34.84 -89.73 13.32
CA LYS BA 16 35.40 -89.90 11.97
C LYS BA 16 36.87 -89.50 11.93
N PHE BA 17 37.56 -89.71 13.06
CA PHE BA 17 38.99 -89.40 13.22
C PHE BA 17 39.71 -90.67 13.64
N LYS BA 18 40.15 -91.46 12.66
CA LYS BA 18 40.97 -92.64 12.91
C LYS BA 18 42.32 -92.41 12.25
N PHE BA 19 43.29 -91.99 13.04
CA PHE BA 19 44.61 -91.57 12.56
C PHE BA 19 45.71 -92.20 13.39
N ASP BA 20 45.61 -93.49 13.65
CA ASP BA 20 46.66 -94.22 14.34
C ASP BA 20 47.90 -94.33 13.47
N PRO BA 21 49.11 -94.26 14.03
CA PRO BA 21 50.36 -94.22 13.22
C PRO BA 21 50.76 -95.55 12.57
N LEU BA 22 49.94 -95.97 11.60
CA LEU BA 22 50.29 -97.01 10.65
C LEU BA 22 50.54 -98.38 11.28
N PHE BA 23 50.30 -98.53 12.58
CA PHE BA 23 50.48 -99.82 13.23
C PHE BA 23 49.19 -100.58 13.42
N LEU BA 24 48.23 -100.02 14.14
CA LEU BA 24 46.95 -100.67 14.36
C LEU BA 24 46.05 -100.65 13.12
N ARG BA 25 46.42 -99.87 12.10
CA ARG BA 25 45.65 -99.75 10.88
C ARG BA 25 46.25 -100.49 9.71
N LEU BA 26 47.52 -100.86 9.77
CA LEU BA 26 48.24 -101.45 8.65
C LEU BA 26 48.83 -102.82 8.96
N PHE BA 27 49.41 -103.02 10.13
CA PHE BA 27 49.88 -104.35 10.52
C PHE BA 27 48.89 -105.10 11.39
N PHE BA 28 48.05 -104.40 12.15
CA PHE BA 28 47.23 -105.02 13.18
C PHE BA 28 45.74 -104.79 12.93
N ARG BA 29 45.30 -105.03 11.70
CA ARG BA 29 43.91 -104.87 11.31
C ARG BA 29 43.00 -105.95 11.90
N GLU BA 30 43.57 -107.00 12.49
CA GLU BA 30 42.89 -108.28 12.67
C GLU BA 30 42.14 -108.28 14.01
N SER BA 31 41.08 -107.50 14.11
CA SER BA 31 40.37 -107.27 15.36
C SER BA 31 39.54 -108.47 15.78
N TYR BA 32 39.61 -108.82 17.07
CA TYR BA 32 38.80 -109.91 17.62
C TYR BA 32 38.21 -109.52 18.97
N PRO BA 33 37.21 -108.65 19.00
CA PRO BA 33 36.48 -108.45 20.26
C PRO BA 33 35.65 -109.68 20.63
N PHE BA 34 35.70 -110.02 21.92
CA PHE BA 34 35.11 -111.24 22.45
C PHE BA 34 34.01 -110.91 23.45
N THR BA 35 33.14 -111.89 23.67
CA THR BA 35 32.17 -111.87 24.75
C THR BA 35 32.77 -112.46 26.02
N THR BA 36 34.05 -112.83 25.98
CA THR BA 36 34.72 -113.50 27.07
C THR BA 36 35.93 -112.68 27.50
N GLU BA 37 36.32 -112.86 28.76
CA GLU BA 37 37.31 -111.99 29.39
C GLU BA 37 38.65 -112.03 28.65
N LYS BA 38 39.29 -113.18 28.63
CA LYS BA 38 40.66 -113.31 28.16
C LYS BA 38 40.70 -113.43 26.64
N VAL BA 39 41.92 -113.55 26.13
CA VAL BA 39 42.17 -113.94 24.74
C VAL BA 39 42.41 -115.44 24.72
N TYR BA 40 41.76 -116.12 23.79
CA TYR BA 40 41.85 -117.57 23.66
C TYR BA 40 42.39 -117.86 22.27
N LEU BA 41 43.73 -117.86 22.13
CA LEU BA 41 44.34 -118.02 20.82
C LEU BA 41 43.93 -119.34 20.18
N SER BA 42 43.60 -120.34 20.98
CA SER BA 42 43.01 -121.57 20.43
C SER BA 42 41.67 -121.27 19.76
N GLN BA 43 40.89 -120.34 20.31
CA GLN BA 43 39.62 -119.97 19.70
C GLN BA 43 39.81 -119.25 18.38
N ILE BA 44 40.77 -118.33 18.30
CA ILE BA 44 41.05 -117.65 17.02
C ILE BA 44 41.52 -118.68 16.00
N PRO BA 45 40.95 -118.71 14.79
CA PRO BA 45 41.48 -119.62 13.77
C PRO BA 45 42.91 -119.29 13.38
N GLY BA 46 43.25 -118.02 13.36
CA GLY BA 46 44.55 -117.57 12.91
C GLY BA 46 44.83 -118.08 11.51
N LEU BA 47 46.02 -118.64 11.34
CA LEU BA 47 46.32 -119.40 10.15
C LEU BA 47 45.64 -120.77 10.21
N VAL BA 48 45.01 -121.14 9.10
CA VAL BA 48 44.25 -122.38 8.99
C VAL BA 48 45.16 -123.46 8.44
N ASN BA 49 45.00 -124.69 8.95
CA ASN BA 49 45.66 -125.85 8.36
C ASN BA 49 45.22 -125.96 6.91
N MET BA 50 46.15 -125.74 5.98
CA MET BA 50 45.79 -125.25 4.65
C MET BA 50 46.60 -125.95 3.55
N ALA BA 51 46.66 -127.27 3.55
CA ALA BA 51 47.33 -127.96 2.45
C ALA BA 51 46.60 -129.21 1.96
N LEU BA 52 46.17 -130.08 2.88
CA LEU BA 52 45.82 -131.45 2.54
C LEU BA 52 44.50 -131.54 1.81
N TYR BA 53 44.45 -132.43 0.81
CA TYR BA 53 43.20 -132.79 0.16
C TYR BA 53 42.87 -134.25 0.48
N VAL BA 54 41.85 -134.77 -0.18
CA VAL BA 54 41.40 -136.15 0.06
C VAL BA 54 41.32 -136.89 -1.27
N SER BA 55 41.34 -138.22 -1.19
CA SER BA 55 41.37 -139.07 -2.37
C SER BA 55 40.09 -138.91 -3.19
N PRO BA 56 40.16 -139.16 -4.51
CA PRO BA 56 38.96 -139.05 -5.35
C PRO BA 56 37.98 -140.20 -5.19
N ILE BA 57 37.69 -140.60 -3.96
CA ILE BA 57 36.64 -141.58 -3.69
C ILE BA 57 35.67 -141.03 -2.66
N VAL BA 58 36.18 -140.62 -1.50
CA VAL BA 58 35.40 -140.01 -0.44
C VAL BA 58 36.20 -138.84 0.13
N SER BA 59 35.63 -138.20 1.14
CA SER BA 59 36.32 -137.10 1.80
C SER BA 59 36.68 -137.46 3.24
N GLY BA 60 37.57 -136.65 3.82
CA GLY BA 60 38.16 -136.98 5.09
C GLY BA 60 37.44 -136.40 6.29
N GLU BA 61 38.21 -136.17 7.34
CA GLU BA 61 37.68 -135.79 8.64
C GLU BA 61 37.30 -134.31 8.66
N VAL BA 62 36.90 -133.84 9.84
CA VAL BA 62 36.49 -132.44 10.03
C VAL BA 62 37.70 -131.64 10.50
N ILE BA 63 37.90 -130.47 9.89
CA ILE BA 63 39.01 -129.59 10.22
C ILE BA 63 38.50 -128.48 11.13
N ARG BA 64 39.25 -128.19 12.19
CA ARG BA 64 38.88 -127.26 13.25
C ARG BA 64 39.80 -126.06 13.23
N SER BA 65 39.58 -125.15 14.17
CA SER BA 65 40.59 -124.16 14.54
C SER BA 65 41.69 -124.91 15.28
N ARG BA 66 42.92 -124.83 14.78
CA ARG BA 66 43.95 -125.81 15.12
C ARG BA 66 44.60 -125.53 16.48
N GLY BA 67 43.73 -125.41 17.49
CA GLY BA 67 44.12 -125.49 18.89
C GLY BA 67 45.40 -124.79 19.31
N GLY BA 68 45.39 -123.46 19.32
CA GLY BA 68 46.56 -122.70 19.76
C GLY BA 68 47.07 -123.15 21.11
N SER BA 69 48.40 -123.31 21.21
CA SER BA 69 48.98 -123.89 22.42
C SER BA 69 48.70 -123.04 23.65
N THR BA 70 48.94 -121.73 23.56
CA THR BA 70 48.68 -120.82 24.66
C THR BA 70 47.48 -119.95 24.29
N SER BA 71 46.44 -120.01 25.12
CA SER BA 71 45.20 -119.29 24.87
C SER BA 71 44.67 -118.57 26.11
N GLU BA 72 45.52 -117.91 26.88
CA GLU BA 72 45.12 -117.28 28.13
C GLU BA 72 46.04 -116.11 28.44
N PHE BA 73 45.61 -114.90 28.06
CA PHE BA 73 46.26 -113.67 28.49
C PHE BA 73 45.20 -112.64 28.85
N THR BA 74 45.59 -111.67 29.69
CA THR BA 74 44.66 -110.69 30.22
C THR BA 74 44.64 -109.45 29.35
N PRO BA 75 43.52 -109.13 28.70
CA PRO BA 75 43.46 -107.88 27.93
C PRO BA 75 43.59 -106.67 28.83
N GLY BA 76 44.13 -105.58 28.28
CA GLY BA 76 44.29 -104.35 29.00
C GLY BA 76 43.01 -103.59 29.14
N TYR BA 77 42.13 -104.04 30.03
CA TYR BA 77 40.87 -103.35 30.21
C TYR BA 77 41.12 -101.97 30.79
N VAL BA 78 41.05 -100.98 29.91
CA VAL BA 78 41.33 -99.58 30.22
C VAL BA 78 40.01 -98.83 30.23
N LYS BA 79 39.66 -98.32 31.42
CA LYS BA 79 38.48 -97.47 31.42
C LYS BA 79 38.79 -96.15 32.12
N PRO BA 80 39.27 -95.15 31.40
CA PRO BA 80 39.44 -93.83 32.02
C PRO BA 80 38.20 -92.98 31.91
N LYS BA 81 38.25 -91.78 32.48
CA LYS BA 81 37.13 -90.85 32.41
C LYS BA 81 37.66 -89.44 32.57
N HIS BA 82 36.76 -88.48 32.37
CA HIS BA 82 37.06 -87.10 32.69
C HIS BA 82 35.76 -86.38 33.04
N GLU BA 83 35.92 -85.14 33.48
CA GLU BA 83 34.79 -84.25 33.68
C GLU BA 83 34.67 -83.31 32.47
N VAL BA 84 33.43 -82.92 32.20
CA VAL BA 84 33.14 -81.95 31.15
C VAL BA 84 32.39 -80.78 31.77
N ASN BA 85 32.73 -80.46 33.02
CA ASN BA 85 32.07 -79.43 33.79
C ASN BA 85 32.04 -78.10 33.03
N PRO BA 86 30.86 -77.53 32.79
CA PRO BA 86 30.79 -76.27 32.03
C PRO BA 86 31.29 -75.06 32.80
N GLN BA 87 32.54 -75.12 33.27
CA GLN BA 87 33.18 -73.97 33.89
C GLN BA 87 34.34 -73.42 33.07
N MET BA 88 34.78 -74.11 32.02
CA MET BA 88 35.90 -73.64 31.22
C MET BA 88 35.44 -72.83 30.03
N THR BA 89 36.31 -71.91 29.60
CA THR BA 89 36.29 -71.51 28.21
C THR BA 89 37.04 -72.56 27.37
N LEU BA 90 36.46 -72.92 26.25
CA LEU BA 90 36.85 -74.11 25.51
C LEU BA 90 37.78 -73.77 24.35
N ARG BA 91 38.10 -74.79 23.55
CA ARG BA 91 38.80 -74.56 22.30
C ARG BA 91 37.88 -73.78 21.37
N ARG BA 92 38.19 -72.52 21.09
CA ARG BA 92 37.34 -71.74 20.18
C ARG BA 92 37.94 -71.75 18.79
N LEU BA 93 37.45 -72.65 17.95
CA LEU BA 93 37.73 -72.57 16.52
C LEU BA 93 37.47 -71.14 16.05
N PRO BA 94 38.32 -70.58 15.17
CA PRO BA 94 38.22 -69.15 14.86
C PRO BA 94 36.83 -68.66 14.47
N ASP BA 95 36.22 -67.90 15.37
CA ASP BA 95 35.05 -67.05 15.11
C ASP BA 95 33.89 -67.80 14.45
N GLU BA 96 33.53 -68.97 14.97
CA GLU BA 96 32.22 -69.56 14.66
C GLU BA 96 31.23 -69.28 15.78
N ASP BA 97 30.83 -68.01 15.88
CA ASP BA 97 29.73 -67.55 16.71
C ASP BA 97 29.86 -68.00 18.16
N PRO BA 98 30.74 -67.37 18.96
CA PRO BA 98 30.91 -67.78 20.36
C PRO BA 98 29.64 -67.69 21.20
N GLN BA 99 28.53 -67.19 20.63
CA GLN BA 99 27.27 -67.20 21.34
C GLN BA 99 26.83 -68.62 21.69
N ASN BA 100 27.13 -69.60 20.83
CA ASN BA 100 26.79 -70.97 21.18
C ASN BA 100 27.71 -71.54 22.24
N LEU BA 101 28.98 -71.10 22.29
CA LEU BA 101 29.80 -71.44 23.45
C LEU BA 101 29.19 -70.86 24.72
N ALA BA 102 28.64 -69.64 24.64
CA ALA BA 102 27.91 -69.08 25.76
C ALA BA 102 26.76 -69.98 26.19
N ASP BA 103 26.20 -70.74 25.27
CA ASP BA 103 25.21 -71.76 25.63
C ASP BA 103 25.87 -72.85 26.45
N PRO BA 104 25.33 -73.20 27.62
CA PRO BA 104 25.78 -74.42 28.29
C PRO BA 104 25.56 -75.68 27.47
N ALA BA 105 24.53 -75.73 26.63
CA ALA BA 105 24.28 -76.92 25.83
C ALA BA 105 25.39 -77.15 24.81
N TYR BA 106 25.72 -76.13 24.02
CA TYR BA 106 26.77 -76.32 23.02
C TYR BA 106 28.14 -76.49 23.67
N ARG BA 107 28.41 -75.73 24.74
CA ARG BA 107 29.70 -75.91 25.40
C ARG BA 107 29.80 -77.34 25.91
N ARG BA 108 28.74 -77.85 26.54
CA ARG BA 108 28.82 -79.19 27.11
C ARG BA 108 28.95 -80.26 26.03
N ARG BA 109 28.24 -80.10 24.90
CA ARG BA 109 28.33 -81.14 23.88
C ARG BA 109 29.69 -81.11 23.18
N ARG BA 110 30.21 -79.94 22.84
CA ARG BA 110 31.50 -80.00 22.15
C ARG BA 110 32.63 -80.24 23.14
N ILE BA 111 32.42 -79.99 24.43
CA ILE BA 111 33.43 -80.37 25.41
C ILE BA 111 33.40 -81.87 25.67
N ILE BA 112 32.23 -82.52 25.59
CA ILE BA 112 32.29 -83.98 25.64
C ILE BA 112 32.93 -84.51 24.37
N MET BA 113 32.73 -83.82 23.24
CA MET BA 113 33.47 -84.16 22.02
C MET BA 113 34.97 -84.12 22.28
N GLN BA 114 35.46 -83.00 22.81
CA GLN BA 114 36.89 -82.83 23.08
C GLN BA 114 37.39 -83.84 24.10
N ASN BA 115 36.65 -84.03 25.19
CA ASN BA 115 37.03 -84.97 26.22
C ASN BA 115 37.16 -86.37 25.64
N MET BA 116 36.13 -86.83 24.92
CA MET BA 116 36.17 -88.21 24.45
C MET BA 116 37.26 -88.38 23.41
N ARG BA 117 37.50 -87.37 22.56
CA ARG BA 117 38.56 -87.54 21.57
C ARG BA 117 39.92 -87.64 22.25
N ASP BA 118 40.16 -86.82 23.28
CA ASP BA 118 41.34 -87.04 24.12
C ASP BA 118 41.38 -88.47 24.62
N GLU BA 119 40.21 -89.01 24.99
CA GLU BA 119 40.16 -90.35 25.54
C GLU BA 119 40.61 -91.42 24.52
N GLU BA 120 40.04 -91.39 23.31
CA GLU BA 120 40.44 -92.47 22.39
C GLU BA 120 41.85 -92.25 21.89
N LEU BA 121 42.32 -91.00 21.81
CA LEU BA 121 43.72 -90.83 21.43
C LEU BA 121 44.65 -91.26 22.56
N ALA BA 122 44.18 -91.19 23.81
CA ALA BA 122 44.93 -91.75 24.92
C ALA BA 122 45.04 -93.27 24.80
N ILE BA 123 43.90 -93.93 24.57
CA ILE BA 123 43.97 -95.39 24.43
C ILE BA 123 44.76 -95.76 23.18
N ALA BA 124 44.71 -94.91 22.14
CA ALA BA 124 45.47 -95.17 20.92
C ALA BA 124 46.96 -95.05 21.17
N GLN BA 125 47.39 -94.06 21.96
CA GLN BA 125 48.81 -93.90 22.23
C GLN BA 125 49.33 -95.00 23.15
N VAL BA 126 48.54 -95.42 24.15
CA VAL BA 126 48.97 -96.55 24.94
C VAL BA 126 48.98 -97.82 24.11
N GLU BA 127 48.07 -97.93 23.15
CA GLU BA 127 48.06 -99.08 22.25
C GLU BA 127 49.27 -99.06 21.33
N GLU BA 128 49.72 -97.87 20.93
CA GLU BA 128 50.92 -97.75 20.13
C GLU BA 128 52.17 -98.08 20.93
N MET BA 129 52.20 -97.74 22.22
CA MET BA 129 53.30 -98.22 23.05
C MET BA 129 53.27 -99.74 23.15
N GLN BA 130 52.09 -100.33 23.28
CA GLN BA 130 51.99 -101.79 23.24
C GLN BA 130 52.51 -102.34 21.91
N ALA BA 131 52.17 -101.68 20.81
CA ALA BA 131 52.63 -102.12 19.49
C ALA BA 131 54.14 -102.04 19.36
N VAL BA 132 54.73 -100.96 19.85
CA VAL BA 132 56.17 -100.80 19.71
C VAL BA 132 56.91 -101.80 20.59
N SER BA 133 56.41 -102.07 21.80
CA SER BA 133 56.97 -103.16 22.60
C SER BA 133 56.83 -104.49 21.85
N ALA BA 134 55.64 -104.74 21.30
CA ALA BA 134 55.36 -105.99 20.61
C ALA BA 134 56.33 -106.22 19.45
N VAL BA 135 56.25 -105.39 18.42
CA VAL BA 135 57.27 -105.48 17.40
C VAL BA 135 58.37 -104.47 17.73
N LEU BA 136 59.04 -104.70 18.84
CA LEU BA 136 60.48 -104.52 19.01
C LEU BA 136 61.12 -105.61 19.83
N LYS BA 137 60.37 -106.34 20.67
CA LYS BA 137 60.97 -107.45 21.39
C LYS BA 137 60.11 -108.71 21.45
N GLY BA 138 58.87 -108.69 20.99
CA GLY BA 138 58.01 -109.86 21.10
C GLY BA 138 57.40 -110.02 22.47
N LYS BA 139 57.81 -109.23 23.44
CA LYS BA 139 57.31 -109.22 24.80
C LYS BA 139 56.45 -107.99 25.02
N TYR BA 140 55.34 -108.16 25.72
CA TYR BA 140 54.52 -107.03 26.13
C TYR BA 140 54.27 -107.13 27.63
N THR BA 141 54.36 -106.00 28.32
CA THR BA 141 54.15 -105.93 29.76
C THR BA 141 52.72 -105.50 30.05
N MET BA 142 51.82 -106.47 30.19
CA MET BA 142 50.50 -106.25 30.75
C MET BA 142 50.65 -105.97 32.23
N THR BA 143 50.77 -104.69 32.59
CA THR BA 143 51.11 -104.35 33.96
C THR BA 143 50.43 -103.05 34.36
N GLY BA 144 50.30 -102.88 35.66
CA GLY BA 144 49.78 -101.66 36.25
C GLY BA 144 49.72 -101.85 37.75
N GLU BA 145 49.69 -100.72 38.47
CA GLU BA 145 49.61 -100.80 39.92
C GLU BA 145 48.29 -101.44 40.33
N ALA BA 146 48.32 -102.17 41.44
CA ALA BA 146 47.20 -103.01 41.86
C ALA BA 146 46.79 -103.98 40.75
N PHE BA 147 47.80 -104.58 40.10
CA PHE BA 147 47.59 -105.54 39.03
C PHE BA 147 48.90 -106.27 38.80
N ASP BA 148 48.82 -107.59 38.67
CA ASP BA 148 50.05 -108.38 38.48
C ASP BA 148 50.61 -108.15 37.08
N PRO BA 149 51.93 -108.04 36.94
CA PRO BA 149 52.51 -107.90 35.60
C PRO BA 149 52.58 -109.24 34.88
N VAL BA 150 51.73 -109.38 33.87
CA VAL BA 150 51.74 -110.54 32.98
C VAL BA 150 52.59 -110.19 31.77
N GLU BA 151 53.58 -111.02 31.49
CA GLU BA 151 54.34 -110.92 30.25
C GLU BA 151 53.61 -111.70 29.17
N VAL BA 152 53.17 -110.99 28.14
CA VAL BA 152 52.50 -111.61 26.99
C VAL BA 152 53.53 -111.69 25.88
N ASP BA 153 53.92 -112.91 25.52
CA ASP BA 153 54.98 -113.14 24.55
C ASP BA 153 54.38 -113.76 23.30
N MET BA 154 54.62 -113.12 22.15
CA MET BA 154 54.30 -113.79 20.90
C MET BA 154 55.29 -114.89 20.56
N GLY BA 155 56.55 -114.76 20.99
CA GLY BA 155 57.53 -115.79 20.74
C GLY BA 155 58.65 -115.36 19.84
N ARG BA 156 59.03 -114.08 19.91
CA ARG BA 156 60.10 -113.57 19.06
C ARG BA 156 61.38 -114.37 19.29
N SER BA 157 61.97 -114.83 18.20
CA SER BA 157 63.12 -115.71 18.25
C SER BA 157 64.41 -114.93 18.45
N GLU BA 158 65.49 -115.67 18.73
CA GLU BA 158 66.79 -115.05 18.96
C GLU BA 158 67.35 -114.39 17.71
N GLU BA 159 67.22 -115.05 16.56
CA GLU BA 159 67.67 -114.42 15.31
C GLU BA 159 66.83 -113.22 14.93
N ASN BA 160 65.67 -113.04 15.55
CA ASN BA 160 64.89 -111.81 15.42
C ASN BA 160 65.31 -110.75 16.43
N ASN BA 161 66.29 -111.04 17.28
CA ASN BA 161 66.78 -110.11 18.29
C ASN BA 161 68.29 -109.93 18.17
N ILE BA 162 68.86 -110.29 17.02
CA ILE BA 162 70.29 -110.13 16.83
C ILE BA 162 70.64 -108.65 16.68
N THR BA 163 71.82 -108.29 17.16
CA THR BA 163 72.19 -106.90 17.42
C THR BA 163 73.29 -106.45 16.47
N GLN BA 164 73.19 -105.18 16.04
CA GLN BA 164 74.23 -104.59 15.19
C GLN BA 164 75.53 -104.34 15.94
N SER BA 165 75.46 -103.97 17.22
CA SER BA 165 76.68 -103.70 17.98
C SER BA 165 77.53 -104.95 18.13
N GLY BA 166 76.91 -106.12 18.09
CA GLY BA 166 77.67 -107.36 18.11
C GLY BA 166 78.58 -107.44 16.90
N GLY BA 167 79.86 -107.73 17.16
CA GLY BA 167 80.84 -107.77 16.09
C GLY BA 167 81.32 -106.39 15.69
N THR BA 168 80.93 -105.95 14.49
CA THR BA 168 81.33 -104.65 13.96
C THR BA 168 80.13 -103.73 13.93
N GLU BA 169 80.29 -102.52 14.46
CA GLU BA 169 79.24 -101.52 14.51
C GLU BA 169 79.30 -100.62 13.27
N TRP BA 170 78.14 -100.13 12.86
CA TRP BA 170 78.09 -99.18 11.75
C TRP BA 170 78.82 -97.88 12.11
N SER BA 171 78.72 -97.45 13.36
CA SER BA 171 79.54 -96.33 13.81
C SER BA 171 81.02 -96.67 13.70
N LYS BA 172 81.39 -97.90 14.04
CA LYS BA 172 82.77 -98.38 13.89
C LYS BA 172 83.00 -98.98 12.52
N ARG BA 173 82.67 -98.20 11.48
CA ARG BA 173 82.89 -98.62 10.09
C ARG BA 173 83.25 -97.40 9.28
N ASP BA 174 83.63 -97.63 8.02
CA ASP BA 174 83.93 -96.54 7.11
C ASP BA 174 82.67 -95.78 6.78
N LYS BA 175 82.66 -94.48 7.09
CA LYS BA 175 81.51 -93.64 6.82
C LYS BA 175 81.32 -93.35 5.32
N SER BA 176 82.29 -93.74 4.49
CA SER BA 176 82.23 -93.42 3.07
C SER BA 176 82.04 -94.64 2.17
N THR BA 177 82.79 -95.72 2.39
CA THR BA 177 82.78 -96.86 1.48
C THR BA 177 81.93 -98.02 1.94
N TYR BA 178 81.73 -98.19 3.25
CA TYR BA 178 80.95 -99.32 3.73
C TYR BA 178 79.48 -99.17 3.31
N ASP BA 179 78.90 -100.28 2.88
CA ASP BA 179 77.48 -100.32 2.50
C ASP BA 179 76.72 -101.18 3.50
N PRO BA 180 75.78 -100.63 4.25
CA PRO BA 180 75.00 -101.45 5.19
C PRO BA 180 73.92 -102.29 4.53
N THR BA 181 73.83 -102.28 3.20
CA THR BA 181 72.88 -103.14 2.52
C THR BA 181 73.16 -104.61 2.81
N ASP BA 182 74.45 -104.97 2.88
CA ASP BA 182 74.80 -106.35 3.22
C ASP BA 182 74.16 -106.77 4.53
N ASP BA 183 74.28 -105.93 5.56
CA ASP BA 183 73.56 -106.18 6.81
C ASP BA 183 72.06 -106.15 6.59
N ILE BA 184 71.57 -105.36 5.64
CA ILE BA 184 70.13 -105.28 5.41
C ILE BA 184 69.60 -106.65 5.00
N GLU BA 185 70.21 -107.28 3.99
CA GLU BA 185 69.73 -108.62 3.65
C GLU BA 185 70.13 -109.64 4.71
N ALA BA 186 71.23 -109.41 5.43
CA ALA BA 186 71.62 -110.33 6.48
C ALA BA 186 70.55 -110.45 7.54
N TYR BA 187 69.96 -109.32 7.93
CA TYR BA 187 68.87 -109.35 8.91
C TYR BA 187 67.53 -109.66 8.27
N ALA BA 188 67.36 -109.38 6.98
CA ALA BA 188 66.10 -109.65 6.31
C ALA BA 188 65.90 -111.12 5.97
N LEU BA 189 66.98 -111.89 5.78
CA LEU BA 189 66.83 -113.28 5.36
C LEU BA 189 66.10 -114.11 6.40
N ASN BA 190 66.43 -113.92 7.68
CA ASN BA 190 65.77 -114.65 8.75
C ASN BA 190 64.57 -113.87 9.30
N ALA BA 191 63.72 -113.38 8.40
CA ALA BA 191 62.53 -112.64 8.78
C ALA BA 191 61.24 -113.31 8.32
N SER BA 192 61.33 -114.51 7.75
CA SER BA 192 60.15 -115.25 7.28
C SER BA 192 59.35 -114.43 6.27
N GLY BA 193 60.04 -113.72 5.40
CA GLY BA 193 59.36 -112.95 4.37
C GLY BA 193 60.23 -111.82 3.86
N VAL BA 194 59.61 -111.03 2.98
CA VAL BA 194 60.25 -109.89 2.35
C VAL BA 194 60.00 -108.64 3.19
N VAL BA 195 61.03 -107.80 3.28
CA VAL BA 195 60.94 -106.51 3.99
C VAL BA 195 60.82 -105.41 2.95
N ASN BA 196 59.84 -104.53 3.13
CA ASN BA 196 59.63 -103.44 2.18
C ASN BA 196 59.52 -102.07 2.83
N ILE BA 197 59.70 -101.97 4.15
CA ILE BA 197 59.83 -100.68 4.83
C ILE BA 197 61.01 -100.77 5.78
N ILE BA 198 61.85 -99.74 5.80
CA ILE BA 198 63.05 -99.74 6.63
C ILE BA 198 62.93 -98.60 7.64
N VAL BA 199 61.72 -98.36 8.13
CA VAL BA 199 61.46 -97.27 9.08
C VAL BA 199 62.44 -97.33 10.25
N PHE BA 200 63.16 -96.23 10.45
CA PHE BA 200 64.13 -96.05 11.52
C PHE BA 200 63.60 -95.07 12.56
N ASP BA 201 64.21 -95.12 13.73
CA ASP BA 201 64.19 -93.98 14.62
C ASP BA 201 65.23 -92.96 14.15
N PRO BA 202 65.06 -91.67 14.50
CA PRO BA 202 65.80 -90.60 13.81
C PRO BA 202 67.31 -90.78 13.73
N LYS BA 203 67.99 -90.91 14.87
CA LYS BA 203 69.45 -91.04 14.82
C LYS BA 203 69.87 -92.38 14.24
N GLY BA 204 69.02 -93.39 14.34
CA GLY BA 204 69.28 -94.64 13.64
C GLY BA 204 69.38 -94.44 12.14
N TRP BA 205 68.40 -93.74 11.57
CA TRP BA 205 68.48 -93.39 10.16
C TRP BA 205 69.65 -92.45 9.89
N ALA BA 206 70.01 -91.63 10.88
CA ALA BA 206 71.15 -90.72 10.71
C ALA BA 206 72.43 -91.49 10.46
N LEU BA 207 72.76 -92.45 11.33
CA LEU BA 207 73.99 -93.19 11.08
C LEU BA 207 73.83 -94.20 9.94
N PHE BA 208 72.60 -94.59 9.62
CA PHE BA 208 72.38 -95.38 8.41
C PHE BA 208 72.79 -94.60 7.16
N ARG BA 209 72.29 -93.37 7.04
CA ARG BA 209 72.57 -92.55 5.88
C ARG BA 209 73.95 -91.90 5.92
N SER BA 210 74.63 -91.92 7.06
CA SER BA 210 75.99 -91.40 7.13
C SER BA 210 76.91 -92.07 6.13
N PHE BA 211 76.64 -93.34 5.80
CA PHE BA 211 77.39 -94.02 4.76
C PHE BA 211 77.04 -93.42 3.41
N LYS BA 212 78.07 -93.11 2.60
CA LYS BA 212 77.83 -92.54 1.28
C LYS BA 212 77.02 -93.51 0.42
N ALA BA 213 77.48 -94.76 0.34
CA ALA BA 213 76.79 -95.77 -0.47
C ALA BA 213 75.28 -95.70 -0.27
N VAL BA 214 74.83 -95.46 0.96
CA VAL BA 214 73.41 -95.25 1.20
C VAL BA 214 72.91 -94.03 0.43
N LYS BA 215 73.66 -92.92 0.48
CA LYS BA 215 73.10 -91.68 -0.04
C LYS BA 215 73.11 -91.61 -1.56
N GLU BA 216 74.07 -92.26 -2.22
CA GLU BA 216 73.94 -92.39 -3.68
C GLU BA 216 73.27 -93.69 -4.12
N LYS BA 217 72.83 -94.53 -3.18
CA LYS BA 217 71.99 -95.66 -3.53
C LYS BA 217 70.50 -95.35 -3.36
N LEU BA 218 70.16 -94.41 -2.51
CA LEU BA 218 68.76 -94.08 -2.26
C LEU BA 218 68.23 -93.16 -3.34
N ASP BA 219 66.95 -93.31 -3.68
CA ASP BA 219 66.27 -92.45 -4.63
C ASP BA 219 65.36 -91.51 -3.83
N THR BA 220 65.67 -90.22 -3.89
CA THR BA 220 64.84 -89.23 -3.23
C THR BA 220 63.50 -89.02 -3.91
N ARG BA 221 63.36 -89.54 -5.14
CA ARG BA 221 62.17 -89.27 -5.93
C ARG BA 221 60.95 -89.95 -5.31
N ARG BA 222 59.77 -89.50 -5.73
CA ARG BA 222 58.53 -90.13 -5.32
C ARG BA 222 58.51 -91.59 -5.74
N GLY BA 223 58.50 -91.82 -7.06
CA GLY BA 223 58.36 -93.16 -7.60
C GLY BA 223 57.30 -93.92 -6.84
N SER BA 224 56.08 -93.38 -6.84
CA SER BA 224 55.07 -93.79 -5.88
C SER BA 224 54.81 -95.29 -5.96
N ASN BA 225 55.25 -96.00 -4.92
CA ASN BA 225 55.16 -97.45 -4.92
C ASN BA 225 53.78 -97.96 -4.51
N SER BA 226 53.22 -97.42 -3.44
CA SER BA 226 52.00 -97.96 -2.87
C SER BA 226 51.23 -96.82 -2.21
N GLU BA 227 50.30 -97.17 -1.33
CA GLU BA 227 49.53 -96.21 -0.57
C GLU BA 227 50.29 -95.69 0.64
N LEU BA 228 51.58 -96.03 0.79
CA LEU BA 228 52.33 -95.50 1.92
C LEU BA 228 52.55 -94.01 1.80
N GLU BA 229 52.70 -93.49 0.57
CA GLU BA 229 52.74 -92.05 0.40
C GLU BA 229 51.44 -91.41 0.85
N THR BA 230 50.30 -92.03 0.54
CA THR BA 230 49.02 -91.51 1.01
C THR BA 230 48.94 -91.56 2.53
N ALA BA 231 49.47 -92.62 3.14
CA ALA BA 231 49.49 -92.72 4.59
C ALA BA 231 50.34 -91.61 5.21
N VAL BA 232 51.48 -91.30 4.59
CA VAL BA 232 52.33 -90.22 5.10
C VAL BA 232 51.64 -88.88 4.94
N LYS BA 233 50.99 -88.66 3.79
CA LYS BA 233 50.25 -87.41 3.60
C LYS BA 233 49.15 -87.27 4.64
N ASP BA 234 48.48 -88.38 4.98
CA ASP BA 234 47.49 -88.34 6.05
C ASP BA 234 48.14 -87.99 7.39
N LEU BA 235 49.08 -88.83 7.83
CA LEU BA 235 49.78 -88.61 9.11
C LEU BA 235 51.13 -87.96 8.87
N GLY BA 236 51.09 -86.73 8.35
CA GLY BA 236 52.29 -85.94 8.24
C GLY BA 236 52.91 -85.49 9.55
N LYS BA 237 52.51 -86.10 10.67
CA LYS BA 237 53.00 -85.67 11.97
C LYS BA 237 54.34 -86.31 12.31
N ALA BA 238 54.38 -87.65 12.40
CA ALA BA 238 55.54 -88.30 12.99
C ALA BA 238 56.12 -89.41 12.11
N VAL BA 239 55.44 -89.80 11.04
CA VAL BA 239 56.00 -90.72 10.05
C VAL BA 239 56.52 -89.87 8.89
N SER BA 240 57.78 -90.08 8.52
CA SER BA 240 58.46 -89.28 7.52
C SER BA 240 58.99 -90.20 6.43
N TYR BA 241 58.39 -90.09 5.26
CA TYR BA 241 58.79 -90.86 4.08
C TYR BA 241 60.06 -90.25 3.51
N LYS BA 242 61.22 -90.78 3.94
CA LYS BA 242 62.49 -90.25 3.47
C LYS BA 242 62.60 -90.38 1.95
N GLY BA 243 62.22 -91.53 1.41
CA GLY BA 243 62.28 -91.73 -0.02
C GLY BA 243 62.49 -93.20 -0.33
N MET BA 244 62.94 -93.45 -1.56
CA MET BA 244 63.32 -94.77 -2.02
C MET BA 244 64.79 -95.01 -1.76
N TYR BA 245 65.11 -96.20 -1.24
CA TYR BA 245 66.47 -96.72 -1.23
C TYR BA 245 66.69 -97.59 -2.46
N GLY BA 246 65.92 -97.33 -3.50
CA GLY BA 246 65.87 -98.21 -4.66
C GLY BA 246 64.78 -99.25 -4.50
N ASP BA 247 65.17 -100.47 -4.16
CA ASP BA 247 64.22 -101.55 -3.95
C ASP BA 247 63.25 -101.30 -2.80
N VAL BA 248 63.70 -100.73 -1.70
CA VAL BA 248 62.94 -100.70 -0.46
C VAL BA 248 62.61 -99.25 -0.11
N ALA BA 249 61.53 -99.07 0.65
CA ALA BA 249 61.11 -97.76 1.12
C ALA BA 249 61.82 -97.39 2.42
N ILE BA 250 62.20 -96.13 2.53
CA ILE BA 250 62.89 -95.61 3.72
C ILE BA 250 61.95 -94.67 4.43
N VAL BA 251 61.63 -94.99 5.69
CA VAL BA 251 60.75 -94.18 6.51
C VAL BA 251 61.44 -93.94 7.85
N VAL BA 252 61.01 -92.88 8.54
CA VAL BA 252 61.49 -92.59 9.89
C VAL BA 252 60.29 -92.26 10.76
N TYR BA 253 60.17 -92.93 11.90
CA TYR BA 253 59.13 -92.62 12.87
C TYR BA 253 59.77 -91.88 14.04
N SER BA 254 59.25 -90.69 14.34
CA SER BA 254 59.70 -89.88 15.46
C SER BA 254 58.51 -89.52 16.34
N GLY BA 255 57.58 -90.45 16.52
CA GLY BA 255 56.44 -90.19 17.37
C GLY BA 255 56.85 -90.09 18.84
N GLN BA 256 56.07 -89.32 19.60
CA GLN BA 256 56.39 -89.04 20.98
C GLN BA 256 55.15 -89.22 21.84
N TYR BA 257 55.32 -89.78 23.03
CA TYR BA 257 54.26 -89.85 24.02
C TYR BA 257 54.57 -88.89 25.16
N VAL BA 258 53.53 -88.21 25.63
CA VAL BA 258 53.65 -87.18 26.66
C VAL BA 258 53.15 -87.80 27.96
N GLU BA 259 54.09 -88.29 28.77
CA GLU BA 259 53.74 -89.04 29.97
C GLU BA 259 53.37 -88.09 31.10
N ASN BA 260 53.31 -88.64 32.32
CA ASN BA 260 52.65 -87.97 33.45
C ASN BA 260 53.21 -86.57 33.70
N GLY BA 261 54.53 -86.39 33.56
CA GLY BA 261 55.10 -85.09 33.82
C GLY BA 261 56.03 -84.60 32.72
N VAL BA 262 56.39 -85.50 31.80
CA VAL BA 262 57.39 -85.22 30.78
C VAL BA 262 56.94 -85.88 29.49
N LYS BA 263 57.65 -85.58 28.41
CA LYS BA 263 57.42 -86.19 27.10
C LYS BA 263 58.69 -86.86 26.61
N LYS BA 264 58.53 -87.93 25.83
CA LYS BA 264 59.68 -88.61 25.25
C LYS BA 264 59.20 -89.46 24.09
N ASN BA 265 60.12 -89.77 23.17
CA ASN BA 265 59.76 -90.52 21.96
C ASN BA 265 59.31 -91.93 22.29
N PHE BA 266 58.40 -92.44 21.46
CA PHE BA 266 58.01 -93.84 21.54
C PHE BA 266 59.21 -94.75 21.33
N LEU BA 267 60.01 -94.48 20.31
CA LEU BA 267 61.14 -95.25 19.85
C LEU BA 267 62.32 -95.15 20.80
N PRO BA 268 63.01 -96.27 21.02
CA PRO BA 268 64.30 -96.22 21.73
C PRO BA 268 65.38 -95.53 20.91
N ASP BA 269 66.61 -95.55 21.42
CA ASP BA 269 67.68 -94.74 20.82
C ASP BA 269 67.96 -95.14 19.37
N ASN BA 270 68.20 -96.42 19.13
CA ASN BA 270 68.62 -96.90 17.80
C ASN BA 270 68.09 -98.33 17.63
N THR BA 271 66.94 -98.46 16.99
CA THR BA 271 66.32 -99.77 16.82
C THR BA 271 65.70 -99.90 15.43
N MET BA 272 65.46 -101.15 15.05
CA MET BA 272 64.95 -101.52 13.74
C MET BA 272 64.13 -102.80 13.84
N VAL BA 273 63.07 -102.86 13.04
CA VAL BA 273 62.32 -104.11 12.83
C VAL BA 273 62.18 -104.33 11.32
N LEU BA 274 62.69 -105.47 10.86
CA LEU BA 274 62.66 -105.85 9.45
C LEU BA 274 61.51 -106.83 9.25
N GLY BA 275 60.57 -106.46 8.39
CA GLY BA 275 59.43 -107.31 8.09
C GLY BA 275 58.57 -106.71 7.01
N ASN BA 276 57.42 -107.33 6.78
CA ASN BA 276 56.50 -106.93 5.73
C ASN BA 276 55.52 -105.88 6.22
N THR BA 277 54.89 -105.20 5.27
CA THR BA 277 53.77 -104.31 5.54
C THR BA 277 52.46 -105.05 5.71
N GLN BA 278 52.39 -106.33 5.32
CA GLN BA 278 51.19 -107.13 5.47
C GLN BA 278 51.32 -108.20 6.54
N ALA BA 279 52.14 -107.98 7.57
CA ALA BA 279 52.20 -108.93 8.68
C ALA BA 279 50.86 -108.96 9.41
N ARG BA 280 50.55 -110.11 9.98
CA ARG BA 280 49.22 -110.33 10.55
C ARG BA 280 49.23 -109.87 12.01
N GLY BA 281 48.36 -108.92 12.32
CA GLY BA 281 48.29 -108.41 13.68
C GLY BA 281 46.93 -108.58 14.32
N LEU BA 282 46.89 -109.23 15.47
CA LEU BA 282 45.64 -109.52 16.16
C LEU BA 282 45.30 -108.40 17.12
N ARG BA 283 44.03 -108.04 17.18
CA ARG BA 283 43.47 -107.03 18.08
C ARG BA 283 42.41 -107.68 18.95
N THR BA 284 42.76 -108.78 19.61
CA THR BA 284 41.82 -109.41 20.54
C THR BA 284 41.39 -108.41 21.61
N TYR BA 285 40.10 -108.42 21.91
CA TYR BA 285 39.49 -107.46 22.83
C TYR BA 285 38.69 -108.25 23.85
N GLY BA 286 38.85 -107.90 25.12
CA GLY BA 286 38.19 -108.62 26.19
C GLY BA 286 36.79 -108.12 26.46
N CYS BA 287 36.24 -108.58 27.58
CA CYS BA 287 34.93 -108.15 28.03
C CYS BA 287 34.96 -106.66 28.38
N ILE BA 288 33.80 -106.02 28.23
CA ILE BA 288 33.62 -104.63 28.67
C ILE BA 288 32.76 -104.65 29.93
N GLN BA 289 33.35 -104.28 31.07
CA GLN BA 289 32.68 -104.36 32.37
C GLN BA 289 31.85 -103.10 32.61
N ASP BA 290 30.70 -103.04 31.93
CA ASP BA 290 29.75 -101.97 32.11
C ASP BA 290 28.34 -102.52 31.95
N ALA BA 291 27.53 -102.35 33.00
CA ALA BA 291 26.19 -102.93 33.00
C ALA BA 291 25.42 -102.52 31.75
N ASP BA 292 25.61 -101.27 31.31
CA ASP BA 292 25.03 -100.83 30.04
C ASP BA 292 25.50 -101.70 28.89
N ALA BA 293 26.80 -101.96 28.83
CA ALA BA 293 27.37 -102.74 27.75
C ALA BA 293 26.82 -104.15 27.74
N GLN BA 294 26.70 -104.78 28.92
CA GLN BA 294 26.16 -106.13 28.92
C GLN BA 294 24.69 -106.17 28.54
N ARG BA 295 23.86 -105.26 29.05
CA ARG BA 295 22.44 -105.51 28.79
C ARG BA 295 22.05 -104.97 27.42
N GLU BA 296 22.95 -104.25 26.74
CA GLU BA 296 22.71 -103.94 25.33
C GLU BA 296 23.65 -104.67 24.38
N GLY BA 297 24.45 -105.62 24.86
CA GLY BA 297 25.23 -106.47 23.98
C GLY BA 297 26.53 -105.88 23.46
N ILE BA 298 27.14 -104.95 24.19
CA ILE BA 298 28.41 -104.36 23.77
C ILE BA 298 29.51 -105.00 24.60
N ASN BA 299 29.26 -106.22 25.09
CA ASN BA 299 30.31 -107.00 25.74
C ASN BA 299 31.40 -107.42 24.76
N ALA BA 300 31.08 -107.47 23.47
CA ALA BA 300 32.03 -107.85 22.43
C ALA BA 300 32.09 -106.71 21.42
N SER BA 301 33.02 -105.78 21.64
CA SER BA 301 33.14 -104.61 20.78
C SER BA 301 34.52 -104.01 20.93
N ALA BA 302 34.72 -102.89 20.24
CA ALA BA 302 35.99 -102.17 20.37
C ALA BA 302 36.00 -101.25 21.58
N ARG BA 303 35.14 -100.23 21.57
CA ARG BA 303 35.17 -99.15 22.55
C ARG BA 303 33.76 -98.91 23.07
N TYR BA 304 33.68 -98.24 24.22
CA TYR BA 304 32.37 -97.85 24.74
C TYR BA 304 32.44 -96.51 25.44
N PRO BA 305 31.77 -95.48 24.90
CA PRO BA 305 31.66 -94.20 25.61
C PRO BA 305 30.38 -94.10 26.43
N LYS BA 306 30.34 -93.16 27.38
CA LYS BA 306 29.08 -92.79 28.00
C LYS BA 306 29.23 -91.45 28.69
N ASN BA 307 28.12 -90.72 28.79
CA ASN BA 307 28.02 -89.49 29.57
C ASN BA 307 26.98 -89.71 30.66
N TRP BA 308 27.32 -89.36 31.88
CA TRP BA 308 26.56 -89.88 33.02
C TRP BA 308 26.77 -89.02 34.26
N VAL BA 309 25.70 -88.90 35.04
CA VAL BA 309 25.65 -88.01 36.20
C VAL BA 309 25.74 -88.84 37.47
N THR BA 310 26.57 -88.39 38.41
CA THR BA 310 26.64 -88.96 39.75
C THR BA 310 25.82 -88.10 40.70
N THR BA 311 24.90 -88.74 41.41
CA THR BA 311 24.08 -88.09 42.42
C THR BA 311 24.56 -88.50 43.81
N GLY BA 312 24.82 -87.48 44.64
CA GLY BA 312 25.27 -87.73 45.99
C GLY BA 312 26.53 -86.99 46.37
N ASP BA 313 27.53 -87.72 46.89
CA ASP BA 313 28.79 -87.08 47.28
C ASP BA 313 29.49 -86.45 46.08
N PRO BA 314 29.87 -87.20 45.03
CA PRO BA 314 30.45 -86.56 43.85
C PRO BA 314 29.37 -86.17 42.84
N ALA BA 315 28.41 -85.36 43.29
CA ALA BA 315 27.26 -85.05 42.46
C ALA BA 315 27.71 -84.18 41.30
N ARG BA 316 28.05 -84.83 40.20
CA ARG BA 316 28.69 -84.19 39.06
C ARG BA 316 28.26 -84.94 37.80
N GLU BA 317 28.99 -84.74 36.71
CA GLU BA 317 28.70 -85.45 35.48
C GLU BA 317 30.00 -85.65 34.70
N PHE BA 318 30.16 -86.86 34.17
CA PHE BA 318 31.43 -87.33 33.63
C PHE BA 318 31.24 -88.00 32.27
N THR BA 319 32.34 -88.09 31.54
CA THR BA 319 32.43 -88.90 30.34
C THR BA 319 33.38 -90.06 30.61
N MET BA 320 32.91 -91.27 30.34
CA MET BA 320 33.59 -92.51 30.71
C MET BA 320 33.87 -93.28 29.42
N ILE BA 321 35.12 -93.74 29.25
CA ILE BA 321 35.50 -94.50 28.07
C ILE BA 321 36.06 -95.84 28.53
N GLN BA 322 35.58 -96.93 27.94
CA GLN BA 322 35.98 -98.27 28.35
C GLN BA 322 36.40 -99.09 27.14
N SER BA 323 37.47 -99.87 27.31
CA SER BA 323 38.02 -100.71 26.26
C SER BA 323 38.80 -101.84 26.92
N ALA BA 324 39.24 -102.80 26.10
CA ALA BA 324 40.06 -103.91 26.59
C ALA BA 324 40.85 -104.52 25.44
N PRO BA 325 41.89 -103.84 24.96
CA PRO BA 325 42.72 -104.39 23.90
C PRO BA 325 43.86 -105.26 24.42
N LEU BA 326 44.18 -106.29 23.66
CA LEU BA 326 45.36 -107.12 23.91
C LEU BA 326 46.02 -107.46 22.58
N MET BA 327 46.12 -106.46 21.71
CA MET BA 327 46.75 -106.58 20.41
C MET BA 327 48.15 -107.17 20.49
N LEU BA 328 48.41 -108.13 19.60
CA LEU BA 328 49.68 -108.82 19.48
C LEU BA 328 49.96 -109.05 18.00
N LEU BA 329 51.07 -109.74 17.72
CA LEU BA 329 51.45 -110.10 16.35
C LEU BA 329 51.33 -111.61 16.20
N ALA BA 330 50.73 -112.06 15.09
CA ALA BA 330 50.56 -113.49 14.86
C ALA BA 330 51.91 -114.19 14.70
N ASP BA 331 52.81 -113.59 13.92
CA ASP BA 331 54.13 -114.16 13.69
C ASP BA 331 55.19 -113.24 14.25
N PRO BA 332 55.66 -113.48 15.47
CA PRO BA 332 56.79 -112.68 16.00
C PRO BA 332 58.05 -112.84 15.18
N ASP BA 333 58.24 -113.99 14.54
CA ASP BA 333 59.39 -114.22 13.68
C ASP BA 333 59.33 -113.41 12.39
N GLU BA 334 58.19 -112.79 12.09
CA GLU BA 334 58.06 -111.98 10.88
C GLU BA 334 59.00 -110.78 10.88
N PHE BA 335 59.30 -110.23 12.06
CA PHE BA 335 60.16 -109.07 12.16
C PHE BA 335 61.43 -109.41 12.93
N VAL BA 336 62.56 -109.01 12.36
CA VAL BA 336 63.86 -109.09 13.01
C VAL BA 336 64.11 -107.76 13.70
N SER BA 337 64.30 -107.81 15.02
CA SER BA 337 64.48 -106.62 15.84
C SER BA 337 65.96 -106.45 16.14
N VAL BA 338 66.53 -105.35 15.70
CA VAL BA 338 67.96 -105.09 15.80
C VAL BA 338 68.17 -103.77 16.53
N GLN BA 339 69.03 -103.78 17.54
CA GLN BA 339 69.54 -102.54 18.10
C GLN BA 339 70.79 -102.14 17.33
N LEU BA 340 70.89 -100.87 17.00
CA LEU BA 340 71.88 -100.37 16.06
C LEU BA 340 73.13 -99.89 16.79
N ALA BA 341 74.13 -99.50 16.01
CA ALA BA 341 75.38 -98.98 16.54
C ALA BA 341 75.15 -97.67 17.27
N ALA CA 7 23.86 -126.77 5.99
CA ALA CA 7 23.64 -127.02 4.58
C ALA CA 7 22.65 -126.03 3.99
N GLN CA 8 23.17 -125.08 3.21
CA GLN CA 8 22.35 -124.08 2.55
C GLN CA 8 22.45 -124.26 1.04
N LEU CA 9 21.48 -123.70 0.32
CA LEU CA 9 21.29 -123.99 -1.09
C LEU CA 9 22.45 -123.47 -1.94
N LEU CA 10 22.45 -123.90 -3.21
CA LEU CA 10 23.48 -123.50 -4.15
C LEU CA 10 23.46 -121.99 -4.42
N ALA CA 11 22.27 -121.40 -4.47
CA ALA CA 11 22.14 -119.99 -4.84
C ALA CA 11 22.78 -119.05 -3.83
N ALA CA 12 23.12 -119.52 -2.63
CA ALA CA 12 23.81 -118.70 -1.63
C ALA CA 12 25.30 -118.62 -1.95
N ASN CA 13 25.59 -118.13 -3.15
CA ASN CA 13 26.95 -118.02 -3.66
C ASN CA 13 27.15 -116.67 -4.35
N GLU CA 14 26.69 -115.60 -3.69
CA GLU CA 14 26.73 -114.26 -4.28
C GLU CA 14 27.94 -113.50 -3.72
N GLN CA 15 28.85 -113.13 -4.61
CA GLN CA 15 30.01 -112.32 -4.23
C GLN CA 15 30.01 -110.96 -4.90
N LYS CA 16 29.93 -110.92 -6.24
CA LYS CA 16 30.18 -109.71 -7.03
C LYS CA 16 31.58 -109.14 -6.72
N PHE CA 17 32.52 -110.03 -6.39
CA PHE CA 17 33.89 -109.67 -6.07
C PHE CA 17 34.82 -110.44 -7.01
N LYS CA 18 35.10 -109.86 -8.17
CA LYS CA 18 36.07 -110.43 -9.12
C LYS CA 18 37.20 -109.42 -9.25
N PHE CA 19 38.29 -109.67 -8.51
CA PHE CA 19 39.41 -108.74 -8.41
C PHE CA 19 40.74 -109.46 -8.59
N ASP CA 20 40.81 -110.32 -9.61
CA ASP CA 20 42.07 -110.99 -9.95
C ASP CA 20 43.08 -109.98 -10.48
N PRO CA 21 44.37 -110.13 -10.18
CA PRO CA 21 45.39 -109.12 -10.55
C PRO CA 21 45.76 -109.09 -12.03
N LEU CA 22 44.79 -108.65 -12.84
CA LEU CA 22 45.03 -108.25 -14.23
C LEU CA 22 45.54 -109.36 -15.14
N PHE CA 23 45.61 -110.59 -14.65
CA PHE CA 23 46.06 -111.69 -15.49
C PHE CA 23 44.93 -112.52 -16.05
N LEU CA 24 44.10 -113.11 -15.18
CA LEU CA 24 42.98 -113.92 -15.63
C LEU CA 24 41.83 -113.07 -16.17
N ARG CA 25 41.88 -111.75 -15.97
CA ARG CA 25 40.84 -110.84 -16.43
C ARG CA 25 41.24 -110.04 -17.66
N LEU CA 26 42.53 -109.96 -17.97
CA LEU CA 26 43.02 -109.11 -19.04
C LEU CA 26 43.79 -109.85 -20.12
N PHE CA 27 44.64 -110.81 -19.75
CA PHE CA 27 45.32 -111.63 -20.74
C PHE CA 27 44.62 -112.96 -20.98
N PHE CA 28 43.92 -113.49 -19.98
CA PHE CA 28 43.41 -114.86 -20.01
C PHE CA 28 41.90 -114.90 -19.90
N ARG CA 29 41.22 -114.08 -20.69
CA ARG CA 29 39.76 -114.02 -20.70
C ARG CA 29 39.12 -115.23 -21.35
N GLU CA 30 39.91 -116.08 -22.01
CA GLU CA 30 39.42 -117.00 -23.04
C GLU CA 30 38.99 -118.32 -22.40
N SER CA 31 37.90 -118.30 -21.64
CA SER CA 31 37.47 -119.43 -20.82
C SER CA 31 36.89 -120.56 -21.67
N TYR CA 32 37.28 -121.80 -21.37
CA TYR CA 32 36.73 -122.97 -22.05
C TYR CA 32 36.43 -124.08 -21.05
N PRO CA 33 35.37 -123.95 -20.26
CA PRO CA 33 34.93 -125.12 -19.47
C PRO CA 33 34.32 -126.20 -20.35
N PHE CA 34 34.71 -127.44 -20.06
CA PHE CA 34 34.37 -128.61 -20.86
C PHE CA 34 33.50 -129.57 -20.07
N THR CA 35 32.79 -130.42 -20.82
CA THR CA 35 32.10 -131.57 -20.26
C THR CA 35 33.02 -132.79 -20.19
N THR CA 36 34.28 -132.61 -20.57
CA THR CA 36 35.26 -133.68 -20.66
C THR CA 36 36.45 -133.37 -19.75
N GLU CA 37 37.12 -134.44 -19.32
CA GLU CA 37 38.14 -134.33 -18.28
C GLU CA 37 39.27 -133.39 -18.69
N LYS CA 38 40.00 -133.74 -19.73
CA LYS CA 38 41.23 -133.07 -20.09
C LYS CA 38 40.96 -131.81 -20.92
N VAL CA 39 42.03 -131.13 -21.29
CA VAL CA 39 41.99 -130.08 -22.30
C VAL CA 39 42.37 -130.70 -23.63
N TYR CA 40 41.59 -130.37 -24.66
CA TYR CA 40 41.80 -130.92 -26.00
C TYR CA 40 42.03 -129.73 -26.93
N LEU CA 41 43.30 -129.29 -27.01
CA LEU CA 41 43.61 -128.10 -27.79
C LEU CA 41 43.20 -128.26 -29.25
N SER CA 42 43.16 -129.49 -29.75
CA SER CA 42 42.59 -129.73 -31.06
C SER CA 42 41.11 -129.36 -31.11
N GLN CA 43 40.39 -129.58 -30.01
CA GLN CA 43 38.98 -129.21 -29.94
C GLN CA 43 38.80 -127.70 -29.93
N ILE CA 44 39.61 -126.96 -29.18
CA ILE CA 44 39.52 -125.49 -29.19
C ILE CA 44 39.86 -124.99 -30.60
N PRO CA 45 39.04 -124.11 -31.18
CA PRO CA 45 39.41 -123.54 -32.48
C PRO CA 45 40.68 -122.71 -32.41
N GLY CA 46 40.87 -122.01 -31.29
CA GLY CA 46 41.99 -121.10 -31.14
C GLY CA 46 42.00 -120.08 -32.26
N LEU CA 47 43.17 -119.90 -32.86
CA LEU CA 47 43.27 -119.16 -34.10
C LEU CA 47 42.76 -120.01 -35.26
N VAL CA 48 41.93 -119.40 -36.10
CA VAL CA 48 41.29 -120.07 -37.22
C VAL CA 48 42.15 -119.88 -38.46
N ASN CA 49 42.23 -120.92 -39.30
CA ASN CA 49 42.86 -120.79 -40.61
C ASN CA 49 42.12 -119.72 -41.39
N MET CA 50 42.78 -118.59 -41.65
CA MET CA 50 42.09 -117.32 -41.84
C MET CA 50 42.69 -116.51 -42.99
N ALA CA 51 42.88 -117.11 -44.17
CA ALA CA 51 43.35 -116.32 -45.30
C ALA CA 51 42.66 -116.67 -46.62
N LEU CA 52 42.54 -117.96 -46.94
CA LEU CA 52 42.26 -118.40 -48.30
C LEU CA 52 40.81 -118.13 -48.70
N TYR CA 53 40.63 -117.72 -49.95
CA TYR CA 53 39.31 -117.63 -50.56
C TYR CA 53 39.21 -118.66 -51.68
N VAL CA 54 38.12 -118.60 -52.43
CA VAL CA 54 37.87 -119.53 -53.52
C VAL CA 54 37.57 -118.77 -54.80
N SER CA 55 37.73 -119.45 -55.93
CA SER CA 55 37.58 -118.83 -57.24
C SER CA 55 36.14 -118.37 -57.47
N PRO CA 56 35.94 -117.36 -58.31
CA PRO CA 56 34.57 -116.88 -58.57
C PRO CA 56 33.77 -117.78 -59.51
N ILE CA 57 33.81 -119.10 -59.27
CA ILE CA 57 32.95 -120.02 -59.99
C ILE CA 57 32.18 -120.88 -58.99
N VAL CA 58 32.91 -121.56 -58.09
CA VAL CA 58 32.32 -122.37 -57.03
C VAL CA 58 33.11 -122.12 -55.75
N SER CA 59 32.72 -122.82 -54.69
CA SER CA 59 33.44 -122.70 -53.43
C SER CA 59 34.14 -124.01 -53.07
N GLY CA 60 35.05 -123.92 -52.11
CA GLY CA 60 35.95 -125.00 -51.81
C GLY CA 60 35.45 -125.93 -50.71
N GLU CA 61 36.42 -126.54 -50.02
CA GLU CA 61 36.16 -127.60 -49.07
C GLU CA 61 35.64 -127.02 -47.74
N VAL CA 62 35.48 -127.90 -46.76
CA VAL CA 62 34.99 -127.52 -45.44
C VAL CA 62 36.19 -127.24 -44.54
N ILE CA 63 36.13 -126.14 -43.80
CA ILE CA 63 37.20 -125.75 -42.89
C ILE CA 63 36.80 -126.12 -41.47
N ARG CA 64 37.74 -126.70 -40.73
CA ARG CA 64 37.52 -127.27 -39.40
C ARG CA 64 38.30 -126.47 -38.36
N SER CA 65 38.21 -126.91 -37.12
CA SER CA 65 39.16 -126.52 -36.10
C SER CA 65 40.47 -127.22 -36.42
N ARG CA 66 41.54 -126.46 -36.62
CA ARG CA 66 42.72 -126.94 -37.34
C ARG CA 66 43.62 -127.82 -36.46
N GLY CA 67 43.00 -128.83 -35.85
CA GLY CA 67 43.70 -129.96 -35.27
C GLY CA 67 44.97 -129.69 -34.50
N GLY CA 68 44.83 -129.08 -33.31
CA GLY CA 68 45.98 -128.83 -32.46
C GLY CA 68 46.84 -130.05 -32.23
N SER CA 69 48.16 -129.89 -32.35
CA SER CA 69 49.06 -131.05 -32.30
C SER CA 69 48.97 -131.77 -30.96
N THR CA 70 49.06 -131.03 -29.85
CA THR CA 70 48.96 -131.60 -28.52
C THR CA 70 47.63 -131.19 -27.90
N SER CA 71 46.81 -132.18 -27.55
CA SER CA 71 45.48 -131.93 -27.01
C SER CA 71 45.18 -132.78 -25.78
N GLU CA 72 46.12 -132.92 -24.85
CA GLU CA 72 45.95 -133.79 -23.70
C GLU CA 72 46.79 -133.28 -22.54
N PHE CA 73 46.17 -132.51 -21.64
CA PHE CA 73 46.78 -132.14 -20.36
C PHE CA 73 45.73 -132.23 -19.27
N THR CA 74 46.20 -132.40 -18.04
CA THR CA 74 45.33 -132.63 -16.89
C THR CA 74 44.99 -131.31 -16.21
N PRO CA 75 43.73 -130.88 -16.22
CA PRO CA 75 43.37 -129.67 -15.48
C PRO CA 75 43.57 -129.85 -13.98
N GLY CA 76 43.87 -128.74 -13.31
CA GLY CA 76 44.07 -128.75 -11.87
C GLY CA 76 42.78 -128.83 -11.11
N TYR CA 77 42.17 -130.01 -11.07
CA TYR CA 77 40.91 -130.15 -10.35
C TYR CA 77 41.17 -129.93 -8.87
N VAL CA 78 40.79 -128.74 -8.41
CA VAL CA 78 41.00 -128.29 -7.05
C VAL CA 78 39.66 -128.29 -6.34
N LYS CA 79 39.52 -129.15 -5.34
CA LYS CA 79 38.30 -129.04 -4.55
C LYS CA 79 38.63 -128.95 -3.06
N PRO CA 80 38.84 -127.76 -2.53
CA PRO CA 80 39.02 -127.63 -1.08
C PRO CA 80 37.69 -127.44 -0.36
N LYS CA 81 37.76 -127.36 0.96
CA LYS CA 81 36.56 -127.15 1.77
C LYS CA 81 36.97 -126.50 3.08
N HIS CA 82 35.96 -126.10 3.85
CA HIS CA 82 36.19 -125.65 5.21
C HIS CA 82 34.94 -125.94 6.03
N GLU CA 83 35.06 -125.71 7.33
CA GLU CA 83 33.93 -125.73 8.23
C GLU CA 83 33.45 -124.31 8.49
N VAL CA 84 32.15 -124.19 8.73
CA VAL CA 84 31.54 -122.92 9.10
C VAL CA 84 30.83 -123.09 10.44
N ASN CA 85 31.42 -123.92 11.30
CA ASN CA 85 30.84 -124.26 12.59
C ASN CA 85 30.52 -123.01 13.40
N PRO CA 86 29.26 -122.82 13.82
CA PRO CA 86 28.90 -121.61 14.56
C PRO CA 86 29.44 -121.59 15.98
N GLN CA 87 30.76 -121.70 16.12
CA GLN CA 87 31.41 -121.54 17.42
C GLN CA 87 32.31 -120.31 17.49
N MET CA 88 32.55 -119.64 16.37
CA MET CA 88 33.41 -118.46 16.39
C MET CA 88 32.62 -117.17 16.56
N THR CA 89 33.26 -116.18 17.14
CA THR CA 89 32.90 -114.80 16.83
C THR CA 89 33.55 -114.40 15.50
N LEU CA 90 32.76 -113.75 14.66
CA LEU CA 90 33.10 -113.58 13.25
C LEU CA 90 33.69 -112.21 12.98
N ARG CA 91 33.92 -111.92 11.70
CA ARG CA 91 34.31 -110.57 11.30
C ARG CA 91 33.13 -109.65 11.56
N ARG CA 92 33.23 -108.75 12.54
CA ARG CA 92 32.14 -107.82 12.81
C ARG CA 92 32.41 -106.49 12.13
N LEU CA 93 31.82 -106.31 10.94
CA LEU CA 93 31.77 -105.00 10.34
C LEU CA 93 31.27 -103.99 11.38
N PRO CA 94 31.84 -102.78 11.43
CA PRO CA 94 31.53 -101.88 12.55
C PRO CA 94 30.05 -101.65 12.82
N ASP CA 95 29.59 -102.21 13.95
CA ASP CA 95 28.31 -101.88 14.58
C ASP CA 95 27.11 -101.96 13.63
N GLU CA 96 26.98 -103.03 12.86
CA GLU CA 96 25.71 -103.36 12.22
C GLU CA 96 24.97 -104.43 13.02
N ASP CA 97 24.49 -104.02 14.20
CA ASP CA 97 23.55 -104.79 15.01
C ASP CA 97 24.07 -106.20 15.30
N PRO CA 98 25.03 -106.37 16.21
CA PRO CA 98 25.55 -107.72 16.51
C PRO CA 98 24.50 -108.70 17.01
N GLN CA 99 23.25 -108.25 17.20
CA GLN CA 99 22.18 -109.17 17.56
C GLN CA 99 21.98 -110.23 16.49
N ASN CA 100 22.16 -109.88 15.22
CA ASN CA 100 22.05 -110.90 14.17
C ASN CA 100 23.24 -111.84 14.16
N LEU CA 101 24.44 -111.37 14.53
CA LEU CA 101 25.52 -112.31 14.78
C LEU CA 101 25.16 -113.27 15.90
N ALA CA 102 24.50 -112.77 16.95
CA ALA CA 102 23.99 -113.65 17.99
C ALA CA 102 23.05 -114.72 17.43
N ASP CA 103 22.37 -114.42 16.32
CA ASP CA 103 21.60 -115.44 15.62
C ASP CA 103 22.54 -116.48 15.03
N PRO CA 104 22.30 -117.78 15.29
CA PRO CA 104 23.02 -118.80 14.52
C PRO CA 104 22.74 -118.75 13.03
N ALA CA 105 21.55 -118.29 12.62
CA ALA CA 105 21.25 -118.23 11.19
C ALA CA 105 22.12 -117.19 10.47
N TYR CA 106 22.17 -115.97 11.00
CA TYR CA 106 22.97 -114.95 10.33
C TYR CA 106 24.46 -115.25 10.47
N ARG CA 107 24.89 -115.73 11.64
CA ARG CA 107 26.31 -116.07 11.76
C ARG CA 107 26.67 -117.15 10.74
N ARG CA 108 25.84 -118.17 10.61
CA ARG CA 108 26.17 -119.26 9.69
C ARG CA 108 26.15 -118.79 8.25
N ARG CA 109 25.19 -117.95 7.86
CA ARG CA 109 25.17 -117.54 6.47
C ARG CA 109 26.32 -116.59 6.13
N ARG CA 110 26.64 -115.63 7.00
CA ARG CA 110 27.73 -114.75 6.58
C ARG CA 110 29.08 -115.43 6.81
N ILE CA 111 29.13 -116.47 7.66
CA ILE CA 111 30.37 -117.23 7.76
C ILE CA 111 30.55 -118.16 6.57
N ILE CA 112 29.47 -118.67 5.97
CA ILE CA 112 29.67 -119.39 4.72
C ILE CA 112 30.06 -118.38 3.64
N MET CA 113 29.54 -117.15 3.72
CA MET CA 113 30.01 -116.09 2.83
C MET CA 113 31.53 -115.93 2.95
N GLN CA 114 32.01 -115.74 4.18
CA GLN CA 114 33.44 -115.54 4.42
C GLN CA 114 34.26 -116.75 4.01
N ASN CA 115 33.80 -117.95 4.37
CA ASN CA 115 34.49 -119.17 4.01
C ASN CA 115 34.62 -119.29 2.51
N MET CA 116 33.51 -119.14 1.79
CA MET CA 116 33.58 -119.37 0.35
C MET CA 116 34.42 -118.31 -0.32
N ARG CA 117 34.36 -117.05 0.16
CA ARG CA 117 35.18 -116.02 -0.47
C ARG CA 117 36.66 -116.32 -0.27
N ASP CA 118 37.04 -116.76 0.94
CA ASP CA 118 38.40 -117.27 1.11
C ASP CA 118 38.69 -118.36 0.09
N GLU CA 119 37.69 -119.21 -0.19
CA GLU CA 119 37.91 -120.32 -1.11
C GLU CA 119 38.21 -119.84 -2.53
N GLU CA 120 37.38 -118.92 -3.08
CA GLU CA 120 37.67 -118.55 -4.46
C GLU CA 120 38.91 -117.68 -4.53
N LEU CA 121 39.22 -116.92 -3.48
CA LEU CA 121 40.47 -116.17 -3.56
C LEU CA 121 41.67 -117.10 -3.41
N ALA CA 122 41.49 -118.24 -2.75
CA ALA CA 122 42.53 -119.27 -2.73
C ALA CA 122 42.76 -119.84 -4.12
N ILE CA 123 41.67 -120.23 -4.80
CA ILE CA 123 41.83 -120.77 -6.14
C ILE CA 123 42.36 -119.69 -7.08
N ALA CA 124 41.99 -118.43 -6.83
CA ALA CA 124 42.49 -117.32 -7.63
C ALA CA 124 43.98 -117.12 -7.45
N GLN CA 125 44.47 -117.22 -6.21
CA GLN CA 125 45.89 -117.03 -5.97
C GLN CA 125 46.71 -118.20 -6.51
N VAL CA 126 46.21 -119.42 -6.39
CA VAL CA 126 46.92 -120.53 -7.02
C VAL CA 126 46.87 -120.40 -8.55
N GLU CA 127 45.78 -119.86 -9.07
CA GLU CA 127 45.68 -119.62 -10.51
C GLU CA 127 46.64 -118.54 -10.95
N GLU CA 128 46.86 -117.54 -10.09
CA GLU CA 128 47.84 -116.50 -10.39
C GLU CA 128 49.27 -117.03 -10.34
N MET CA 129 49.55 -117.96 -9.42
CA MET CA 129 50.85 -118.63 -9.48
C MET CA 129 51.00 -119.42 -10.78
N GLN CA 130 49.93 -120.10 -11.21
CA GLN CA 130 49.97 -120.77 -12.52
C GLN CA 130 50.23 -119.77 -13.63
N ALA CA 131 49.60 -118.59 -13.57
CA ALA CA 131 49.78 -117.56 -14.59
C ALA CA 131 51.21 -117.04 -14.61
N VAL CA 132 51.80 -116.82 -13.43
CA VAL CA 132 53.14 -116.27 -13.39
C VAL CA 132 54.15 -117.31 -13.87
N SER CA 133 53.96 -118.59 -13.53
CA SER CA 133 54.79 -119.63 -14.13
C SER CA 133 54.63 -119.64 -15.64
N ALA CA 134 53.37 -119.57 -16.10
CA ALA CA 134 53.07 -119.64 -17.52
C ALA CA 134 53.76 -118.53 -18.29
N VAL CA 135 53.36 -117.29 -18.05
CA VAL CA 135 54.14 -116.19 -18.63
C VAL CA 135 55.18 -115.75 -17.61
N LEU CA 136 56.11 -116.64 -17.30
CA LEU CA 136 57.52 -116.35 -17.08
C LEU CA 136 58.44 -117.40 -17.69
N LYS CA 137 57.97 -118.63 -17.90
CA LYS CA 137 58.82 -119.62 -18.55
C LYS CA 137 58.13 -120.46 -19.61
N GLY CA 138 56.82 -120.35 -19.80
CA GLY CA 138 56.13 -121.20 -20.74
C GLY CA 138 55.85 -122.60 -20.24
N LYS CA 139 56.40 -122.95 -19.08
CA LYS CA 139 56.22 -124.23 -18.43
C LYS CA 139 55.31 -124.05 -17.22
N TYR CA 140 54.42 -125.00 -17.01
CA TYR CA 140 53.60 -125.03 -15.81
C TYR CA 140 53.70 -126.42 -15.18
N THR CA 141 53.83 -126.46 -13.86
CA THR CA 141 53.95 -127.70 -13.11
C THR CA 141 52.58 -128.10 -12.57
N MET CA 142 51.84 -128.89 -13.34
CA MET CA 142 50.66 -129.59 -12.86
C MET CA 142 51.12 -130.69 -11.91
N THR CA 143 51.19 -130.37 -10.61
CA THR CA 143 51.79 -131.28 -9.67
C THR CA 143 51.10 -131.19 -8.32
N GLY CA 144 51.24 -132.26 -7.55
CA GLY CA 144 50.75 -132.33 -6.19
C GLY CA 144 51.06 -133.70 -5.64
N GLU CA 145 51.07 -133.80 -4.31
CA GLU CA 145 51.32 -135.08 -3.69
C GLU CA 145 50.21 -136.06 -4.04
N ALA CA 146 50.55 -137.34 -4.15
CA ALA CA 146 49.65 -138.37 -4.67
C ALA CA 146 49.10 -137.96 -6.04
N PHE CA 147 49.99 -137.44 -6.90
CA PHE CA 147 49.64 -137.02 -8.25
C PHE CA 147 50.93 -136.85 -9.03
N ASP CA 148 50.96 -137.36 -10.25
CA ASP CA 148 52.18 -137.27 -11.06
C ASP CA 148 52.39 -135.84 -11.53
N PRO CA 149 53.62 -135.34 -11.53
CA PRO CA 149 53.87 -134.00 -12.05
C PRO CA 149 53.90 -133.98 -13.58
N VAL CA 150 52.86 -133.40 -14.16
CA VAL CA 150 52.79 -133.17 -15.60
C VAL CA 150 53.30 -131.77 -15.89
N GLU CA 151 54.28 -131.67 -16.77
CA GLU CA 151 54.74 -130.38 -17.27
C GLU CA 151 53.87 -130.00 -18.46
N VAL CA 152 53.13 -128.91 -18.33
CA VAL CA 152 52.28 -128.38 -19.39
C VAL CA 152 53.03 -127.23 -20.01
N ASP CA 153 53.46 -127.38 -21.26
CA ASP CA 153 54.29 -126.41 -21.95
C ASP CA 153 53.49 -125.77 -23.07
N MET CA 154 53.40 -124.44 -23.06
CA MET CA 154 52.87 -123.76 -24.24
C MET CA 154 53.87 -123.75 -25.39
N GLY CA 155 55.16 -123.74 -25.09
CA GLY CA 155 56.16 -123.78 -26.13
C GLY CA 155 57.01 -122.51 -26.21
N ARG CA 156 57.27 -121.90 -25.05
CA ARG CA 156 58.07 -120.68 -25.03
C ARG CA 156 59.43 -120.93 -25.64
N SER CA 157 59.80 -120.07 -26.59
CA SER CA 157 61.01 -120.24 -27.36
C SER CA 157 62.24 -119.73 -26.61
N GLU CA 158 63.41 -120.04 -27.15
CA GLU CA 158 64.66 -119.64 -26.52
C GLU CA 158 64.86 -118.13 -26.54
N GLU CA 159 64.54 -117.48 -27.66
CA GLU CA 159 64.64 -116.03 -27.72
C GLU CA 159 63.62 -115.35 -26.81
N ASN CA 160 62.61 -116.07 -26.33
CA ASN CA 160 61.71 -115.59 -25.30
C ASN CA 160 62.24 -115.85 -23.90
N ASN CA 161 63.41 -116.47 -23.78
CA ASN CA 161 64.02 -116.78 -22.49
C ASN CA 161 65.44 -116.23 -22.41
N ILE CA 162 65.77 -115.27 -23.29
CA ILE CA 162 67.09 -114.68 -23.27
C ILE CA 162 67.25 -113.79 -22.04
N THR CA 163 68.48 -113.74 -21.51
CA THR CA 163 68.74 -113.22 -20.18
C THR CA 163 69.56 -111.94 -20.25
N GLN CA 164 69.24 -111.01 -19.35
CA GLN CA 164 69.99 -109.77 -19.25
C GLN CA 164 71.40 -109.96 -18.70
N SER CA 165 71.59 -110.89 -17.75
CA SER CA 165 72.92 -111.11 -17.19
C SER CA 165 73.89 -111.62 -18.24
N GLY CA 166 73.40 -112.28 -19.28
CA GLY CA 166 74.26 -112.69 -20.38
C GLY CA 166 74.89 -111.48 -21.04
N GLY CA 167 76.20 -111.51 -21.19
CA GLY CA 167 76.93 -110.38 -21.75
C GLY CA 167 77.16 -109.27 -20.74
N THR CA 168 76.48 -108.15 -20.91
CA THR CA 168 76.61 -107.00 -20.03
C THR CA 168 75.34 -106.84 -19.20
N GLU CA 169 75.51 -106.68 -17.90
CA GLU CA 169 74.40 -106.53 -16.97
C GLU CA 169 74.09 -105.04 -16.76
N TRP CA 170 72.82 -104.75 -16.50
CA TRP CA 170 72.44 -103.37 -16.19
C TRP CA 170 73.09 -102.90 -14.89
N SER CA 171 73.24 -103.80 -13.92
CA SER CA 171 74.03 -103.47 -12.74
C SER CA 171 75.47 -103.15 -13.12
N LYS CA 172 76.03 -103.92 -14.05
CA LYS CA 172 77.38 -103.69 -14.56
C LYS CA 172 77.35 -102.72 -15.76
N ARG CA 173 76.72 -101.57 -15.56
CA ARG CA 173 76.65 -100.53 -16.58
C ARG CA 173 76.71 -99.17 -15.89
N ASP CA 174 76.81 -98.13 -16.71
CA ASP CA 174 76.80 -96.77 -16.18
C ASP CA 174 75.42 -96.44 -15.64
N LYS CA 175 75.35 -96.10 -14.36
CA LYS CA 175 74.09 -95.76 -13.71
C LYS CA 175 73.55 -94.41 -14.17
N SER CA 176 74.33 -93.64 -14.92
CA SER CA 176 73.92 -92.30 -15.32
C SER CA 176 73.66 -92.14 -16.80
N THR CA 177 74.54 -92.65 -17.67
CA THR CA 177 74.44 -92.40 -19.10
C THR CA 177 73.82 -93.55 -19.89
N TYR CA 178 73.95 -94.79 -19.42
CA TYR CA 178 73.41 -95.90 -20.17
C TYR CA 178 71.89 -95.84 -20.21
N ASP CA 179 71.32 -96.13 -21.38
CA ASP CA 179 69.88 -96.17 -21.57
C ASP CA 179 69.45 -97.61 -21.83
N PRO CA 180 68.64 -98.23 -20.98
CA PRO CA 180 68.18 -99.60 -21.23
C PRO CA 180 67.07 -99.70 -22.26
N THR CA 181 66.68 -98.58 -22.89
CA THR CA 181 65.69 -98.63 -23.95
C THR CA 181 66.18 -99.48 -25.11
N ASP CA 182 67.47 -99.39 -25.42
CA ASP CA 182 68.03 -100.24 -26.47
C ASP CA 182 67.75 -101.71 -26.21
N ASP CA 183 68.00 -102.17 -24.98
CA ASP CA 183 67.62 -103.52 -24.59
C ASP CA 183 66.11 -103.69 -24.64
N ILE CA 184 65.35 -102.63 -24.39
CA ILE CA 184 63.89 -102.75 -24.41
C ILE CA 184 63.42 -103.16 -25.79
N GLU CA 185 63.84 -102.45 -26.83
CA GLU CA 185 63.43 -102.91 -28.17
C GLU CA 185 64.16 -104.17 -28.58
N ALA CA 186 65.37 -104.41 -28.05
CA ALA CA 186 66.08 -105.64 -28.38
C ALA CA 186 65.28 -106.86 -27.95
N TYR CA 187 64.68 -106.81 -26.75
CA TYR CA 187 63.86 -107.92 -26.30
C TYR CA 187 62.43 -107.85 -26.84
N ALA CA 188 61.96 -106.66 -27.21
CA ALA CA 188 60.61 -106.53 -27.74
C ALA CA 188 60.49 -106.97 -29.19
N LEU CA 189 61.57 -106.90 -29.97
CA LEU CA 189 61.47 -107.22 -31.40
C LEU CA 189 61.08 -108.67 -31.62
N ASN CA 190 61.66 -109.59 -30.85
CA ASN CA 190 61.33 -111.01 -30.98
C ASN CA 190 60.22 -111.40 -30.01
N ALA CA 191 59.15 -110.62 -29.99
CA ALA CA 191 58.00 -110.90 -29.13
C ALA CA 191 56.72 -111.13 -29.91
N SER CA 192 56.79 -111.18 -31.23
CA SER CA 192 55.62 -111.41 -32.09
C SER CA 192 54.53 -110.37 -31.83
N GLY CA 193 54.93 -109.12 -31.62
CA GLY CA 193 53.97 -108.06 -31.42
C GLY CA 193 54.58 -106.89 -30.69
N VAL CA 194 53.71 -105.93 -30.39
CA VAL CA 194 54.08 -104.70 -29.69
C VAL CA 194 53.91 -104.89 -28.21
N VAL CA 195 54.84 -104.34 -27.43
CA VAL CA 195 54.78 -104.36 -25.97
C VAL CA 195 54.33 -103.00 -25.49
N ASN CA 196 53.33 -102.98 -24.60
CA ASN CA 196 52.80 -101.72 -24.09
C ASN CA 196 52.70 -101.66 -22.57
N ILE CA 197 53.16 -102.70 -21.86
CA ILE CA 197 53.32 -102.65 -20.41
C ILE CA 197 54.69 -103.21 -20.06
N ILE CA 198 55.40 -102.54 -19.16
CA ILE CA 198 56.75 -102.96 -18.79
C ILE CA 198 56.76 -103.31 -17.31
N VAL CA 199 55.67 -103.93 -16.84
CA VAL CA 199 55.53 -104.29 -15.44
C VAL CA 199 56.75 -105.08 -14.94
N PHE CA 200 57.38 -104.56 -13.89
CA PHE CA 200 58.54 -105.14 -13.25
C PHE CA 200 58.17 -105.71 -11.89
N ASP CA 201 59.02 -106.58 -11.39
CA ASP CA 201 59.08 -106.81 -9.96
C ASP CA 201 59.90 -105.68 -9.32
N PRO CA 202 59.68 -105.43 -8.00
CA PRO CA 202 60.14 -104.16 -7.39
C PRO CA 202 61.61 -103.82 -7.63
N LYS CA 203 62.53 -104.68 -7.21
CA LYS CA 203 63.95 -104.33 -7.39
C LYS CA 203 64.35 -104.36 -8.86
N GLY CA 204 63.65 -105.12 -9.68
CA GLY CA 204 63.87 -105.04 -11.11
C GLY CA 204 63.61 -103.64 -11.65
N TRP CA 205 62.46 -103.08 -11.29
CA TRP CA 205 62.20 -101.68 -11.64
C TRP CA 205 63.18 -100.74 -10.97
N ALA CA 206 63.66 -101.11 -9.78
CA ALA CA 206 64.63 -100.27 -9.09
C ALA CA 206 65.91 -100.10 -9.91
N LEU CA 207 66.51 -101.20 -10.35
CA LEU CA 207 67.72 -101.03 -11.16
C LEU CA 207 67.41 -100.57 -12.57
N PHE CA 208 66.18 -100.78 -13.04
CA PHE CA 208 65.78 -100.17 -14.31
C PHE CA 208 65.81 -98.65 -14.21
N ARG CA 209 65.18 -98.09 -13.18
CA ARG CA 209 65.11 -96.65 -13.00
C ARG CA 209 66.39 -96.05 -12.45
N SER CA 210 67.31 -96.87 -11.93
CA SER CA 210 68.59 -96.34 -11.47
C SER CA 210 69.32 -95.58 -12.57
N PHE CA 211 69.12 -95.96 -13.83
CA PHE CA 211 69.67 -95.20 -14.94
C PHE CA 211 68.96 -93.85 -15.05
N LYS CA 212 69.75 -92.78 -15.18
CA LYS CA 212 69.16 -91.45 -15.30
C LYS CA 212 68.29 -91.35 -16.54
N ALA CA 213 68.84 -91.75 -17.69
CA ALA CA 213 68.08 -91.71 -18.94
C ALA CA 213 66.66 -92.21 -18.75
N VAL CA 214 66.48 -93.26 -17.95
CA VAL CA 214 65.13 -93.72 -17.62
C VAL CA 214 64.35 -92.62 -16.91
N LYS CA 215 64.98 -91.96 -15.92
CA LYS CA 215 64.20 -91.08 -15.06
C LYS CA 215 63.86 -89.75 -15.72
N GLU CA 216 64.70 -89.25 -16.62
CA GLU CA 216 64.27 -88.10 -17.43
C GLU CA 216 63.65 -88.50 -18.77
N LYS CA 217 63.51 -89.79 -19.06
CA LYS CA 217 62.72 -90.23 -20.20
C LYS CA 217 61.30 -90.58 -19.82
N LEU CA 218 61.06 -90.96 -18.57
CA LEU CA 218 59.73 -91.36 -18.15
C LEU CA 218 58.88 -90.14 -17.82
N ASP CA 219 57.58 -90.25 -18.09
CA ASP CA 219 56.62 -89.21 -17.77
C ASP CA 219 55.82 -89.68 -16.55
N THR CA 220 55.98 -88.95 -15.44
CA THR CA 220 55.24 -89.25 -14.23
C THR CA 220 53.76 -88.90 -14.37
N ARG CA 221 53.40 -88.14 -15.39
CA ARG CA 221 52.03 -87.64 -15.51
C ARG CA 221 51.06 -88.77 -15.79
N ARG CA 222 49.78 -88.49 -15.56
CA ARG CA 222 48.74 -89.45 -15.89
C ARG CA 222 48.77 -89.76 -17.38
N GLY CA 223 48.49 -88.75 -18.21
CA GLY CA 223 48.35 -88.94 -19.64
C GLY CA 223 47.57 -90.19 -19.93
N SER CA 224 46.33 -90.25 -19.44
CA SER CA 224 45.61 -91.50 -19.31
C SER CA 224 45.49 -92.20 -20.65
N ASN CA 225 46.22 -93.29 -20.82
CA ASN CA 225 46.28 -94.00 -22.09
C ASN CA 225 45.08 -94.92 -22.30
N SER CA 226 44.73 -95.71 -21.31
CA SER CA 226 43.73 -96.75 -21.49
C SER CA 226 43.03 -96.97 -20.17
N GLU CA 227 42.35 -98.11 -20.04
CA GLU CA 227 41.68 -98.50 -18.82
C GLU CA 227 42.64 -99.10 -17.79
N LEU CA 228 43.95 -99.08 -18.05
CA LEU CA 228 44.89 -99.61 -17.08
C LEU CA 228 44.92 -98.76 -15.82
N GLU CA 229 44.74 -97.44 -15.95
CA GLU CA 229 44.60 -96.61 -14.76
C GLU CA 229 43.38 -97.02 -13.95
N THR CA 230 42.27 -97.32 -14.63
CA THR CA 230 41.08 -97.80 -13.92
C THR CA 230 41.35 -99.13 -13.23
N ALA CA 231 42.11 -100.01 -13.90
CA ALA CA 231 42.46 -101.29 -13.30
C ALA CA 231 43.32 -101.09 -12.05
N VAL CA 232 44.26 -100.15 -12.09
CA VAL CA 232 45.08 -99.88 -10.92
C VAL CA 232 44.24 -99.28 -9.80
N LYS CA 233 43.33 -98.35 -10.13
CA LYS CA 233 42.44 -97.81 -9.12
C LYS CA 233 41.60 -98.90 -8.47
N ASP CA 234 41.14 -99.86 -9.27
CA ASP CA 234 40.42 -101.00 -8.70
C ASP CA 234 41.32 -101.81 -7.78
N LEU CA 235 42.42 -102.35 -8.32
CA LEU CA 235 43.36 -103.16 -7.56
C LEU CA 235 44.55 -102.32 -7.11
N GLY CA 236 44.26 -101.33 -6.27
CA GLY CA 236 45.34 -100.57 -5.65
C GLY CA 236 46.19 -101.32 -4.66
N LYS CA 237 46.11 -102.66 -4.66
CA LYS CA 237 46.82 -103.45 -3.67
C LYS CA 237 48.27 -103.71 -4.10
N ALA CA 238 48.46 -104.39 -5.23
CA ALA CA 238 49.79 -104.90 -5.56
C ALA CA 238 50.26 -104.53 -6.96
N VAL CA 239 49.39 -103.97 -7.80
CA VAL CA 239 49.81 -103.41 -9.08
C VAL CA 239 49.97 -101.91 -8.89
N SER CA 240 51.12 -101.39 -9.29
CA SER CA 240 51.47 -100.00 -9.07
C SER CA 240 51.84 -99.36 -10.40
N TYR CA 241 50.99 -98.45 -10.85
CA TYR CA 241 51.17 -97.71 -12.09
C TYR CA 241 52.23 -96.64 -11.85
N LYS CA 242 53.49 -96.97 -12.15
CA LYS CA 242 54.56 -96.00 -11.93
C LYS CA 242 54.34 -94.75 -12.76
N GLY CA 243 53.97 -94.91 -14.02
CA GLY CA 243 53.72 -93.77 -14.88
C GLY CA 243 54.00 -94.13 -16.32
N MET CA 244 54.19 -93.10 -17.13
CA MET CA 244 54.58 -93.22 -18.52
C MET CA 244 56.09 -93.19 -18.64
N TYR CA 245 56.63 -94.11 -19.44
CA TYR CA 245 58.00 -94.02 -19.92
C TYR CA 245 58.04 -93.34 -21.28
N GLY CA 246 57.02 -92.51 -21.53
CA GLY CA 246 56.79 -91.95 -22.85
C GLY CA 246 55.87 -92.83 -23.66
N ASP CA 247 56.45 -93.59 -24.59
CA ASP CA 247 55.68 -94.50 -25.42
C ASP CA 247 54.97 -95.60 -24.64
N VAL CA 248 55.62 -96.17 -23.62
CA VAL CA 248 55.15 -97.40 -22.99
C VAL CA 248 54.76 -97.11 -21.54
N ALA CA 249 53.87 -97.94 -21.01
CA ALA CA 249 53.44 -97.81 -19.61
C ALA CA 249 54.38 -98.58 -18.70
N ILE CA 250 54.66 -98.00 -17.53
CA ILE CA 250 55.54 -98.61 -16.54
C ILE CA 250 54.69 -99.01 -15.35
N VAL CA 251 54.70 -100.30 -15.03
CA VAL CA 251 53.94 -100.84 -13.91
C VAL CA 251 54.90 -101.70 -13.08
N VAL CA 252 54.54 -101.90 -11.82
CA VAL CA 252 55.28 -102.80 -10.93
C VAL CA 252 54.27 -103.68 -10.20
N TYR CA 253 54.48 -105.00 -10.25
CA TYR CA 253 53.67 -105.93 -9.49
C TYR CA 253 54.48 -106.42 -8.30
N SER CA 254 53.92 -106.26 -7.10
CA SER CA 254 54.52 -106.73 -5.86
C SER CA 254 53.54 -107.60 -5.09
N GLY CA 255 52.77 -108.41 -5.82
CA GLY CA 255 51.82 -109.30 -5.17
C GLY CA 255 52.54 -110.39 -4.39
N GLN CA 256 51.89 -110.88 -3.34
CA GLN CA 256 52.48 -111.86 -2.44
C GLN CA 256 51.48 -112.97 -2.16
N TYR CA 257 51.98 -114.20 -2.10
CA TYR CA 257 51.18 -115.34 -1.67
C TYR CA 257 51.64 -115.78 -0.29
N VAL CA 258 50.67 -116.13 0.55
CA VAL CA 258 50.93 -116.50 1.94
C VAL CA 258 50.79 -118.02 2.02
N GLU CA 259 51.94 -118.70 1.96
CA GLU CA 259 51.94 -120.15 1.86
C GLU CA 259 51.74 -120.77 3.25
N ASN CA 260 52.01 -122.08 3.34
CA ASN CA 260 51.56 -122.88 4.48
C ASN CA 260 52.02 -122.31 5.82
N GLY CA 261 53.24 -121.79 5.88
CA GLY CA 261 53.73 -121.26 7.15
C GLY CA 261 54.33 -119.88 7.03
N VAL CA 262 54.57 -119.43 5.80
CA VAL CA 262 55.28 -118.18 5.54
C VAL CA 262 54.62 -117.50 4.36
N LYS CA 263 55.04 -116.27 4.09
CA LYS CA 263 54.58 -115.49 2.95
C LYS CA 263 55.77 -115.07 2.09
N LYS CA 264 55.54 -114.94 0.78
CA LYS CA 264 56.59 -114.48 -0.11
C LYS CA 264 55.95 -114.01 -1.40
N ASN CA 265 56.66 -113.14 -2.13
CA ASN CA 265 56.12 -112.55 -3.34
C ASN CA 265 55.88 -113.60 -4.43
N PHE CA 266 54.86 -113.34 -5.25
CA PHE CA 266 54.64 -114.16 -6.43
C PHE CA 266 55.85 -114.12 -7.36
N LEU CA 267 56.37 -112.92 -7.61
CA LEU CA 267 57.44 -112.60 -8.55
C LEU CA 267 58.79 -113.07 -8.03
N PRO CA 268 59.62 -113.61 -8.92
CA PRO CA 268 61.02 -113.87 -8.57
C PRO CA 268 61.81 -112.60 -8.37
N ASP CA 269 63.12 -112.73 -8.18
CA ASP CA 269 63.95 -111.59 -7.77
C ASP CA 269 63.93 -110.47 -8.81
N ASN CA 270 64.24 -110.80 -10.07
CA ASN CA 270 64.38 -109.78 -11.12
C ASN CA 270 63.98 -110.43 -12.45
N THR CA 271 62.73 -110.24 -12.85
CA THR CA 271 62.22 -110.84 -14.08
C THR CA 271 61.32 -109.88 -14.83
N MET CA 272 61.13 -110.19 -16.10
CA MET CA 272 60.37 -109.38 -17.03
C MET CA 272 59.73 -110.25 -18.10
N VAL CA 273 58.52 -109.87 -18.52
CA VAL CA 273 57.88 -110.43 -19.69
C VAL CA 273 57.42 -109.30 -20.60
N LEU CA 274 57.93 -109.31 -21.83
CA LEU CA 274 57.61 -108.29 -22.83
C LEU CA 274 56.55 -108.85 -23.77
N GLY CA 275 55.40 -108.18 -23.83
CA GLY CA 275 54.32 -108.60 -24.69
C GLY CA 275 53.18 -107.61 -24.66
N ASN CA 276 52.07 -107.99 -25.29
CA ASN CA 276 50.90 -107.13 -25.43
C ASN CA 276 49.97 -107.30 -24.24
N THR CA 277 49.08 -106.33 -24.08
CA THR CA 277 47.96 -106.42 -23.14
C THR CA 277 46.81 -107.24 -23.69
N GLN CA 278 46.78 -107.51 -25.00
CA GLN CA 278 45.72 -108.30 -25.60
C GLN CA 278 46.19 -109.67 -26.05
N ALA CA 279 47.19 -110.25 -25.39
CA ALA CA 279 47.60 -111.62 -25.69
C ALA CA 279 46.48 -112.58 -25.35
N ARG CA 280 46.41 -113.68 -26.08
CA ARG CA 280 45.28 -114.60 -25.99
C ARG CA 280 45.57 -115.61 -24.89
N GLY CA 281 44.71 -115.66 -23.88
CA GLY CA 281 44.89 -116.59 -22.79
C GLY CA 281 43.72 -117.55 -22.61
N LEU CA 282 44.02 -118.85 -22.62
CA LEU CA 282 42.99 -119.86 -22.54
C LEU CA 282 42.77 -120.26 -21.08
N ARG CA 283 41.51 -120.45 -20.71
CA ARG CA 283 41.08 -120.89 -19.39
C ARG CA 283 40.30 -122.19 -19.53
N THR CA 284 40.90 -123.18 -20.19
CA THR CA 284 40.26 -124.48 -20.29
C THR CA 284 39.98 -125.04 -18.90
N TYR CA 285 38.80 -125.62 -18.74
CA TYR CA 285 38.33 -126.10 -17.44
C TYR CA 285 37.86 -127.54 -17.64
N GLY CA 286 38.27 -128.42 -16.73
CA GLY CA 286 37.94 -129.83 -16.84
C GLY CA 286 36.59 -130.16 -16.25
N CYS CA 287 36.36 -131.48 -16.11
CA CYS CA 287 35.14 -131.96 -15.48
C CYS CA 287 35.10 -131.58 -14.02
N ILE CA 288 33.89 -131.43 -13.49
CA ILE CA 288 33.69 -131.21 -12.06
C ILE CA 288 33.13 -132.49 -11.46
N GLN CA 289 33.92 -133.15 -10.61
CA GLN CA 289 33.57 -134.46 -10.06
C GLN CA 289 32.70 -134.28 -8.82
N ASP CA 290 31.43 -133.96 -9.06
CA ASP CA 290 30.44 -133.85 -8.01
C ASP CA 290 29.09 -134.31 -8.53
N ALA CA 291 28.53 -135.33 -7.88
CA ALA CA 291 27.28 -135.92 -8.36
C ALA CA 291 26.22 -134.86 -8.59
N ASP CA 292 26.18 -133.86 -7.69
CA ASP CA 292 25.28 -132.72 -7.89
C ASP CA 292 25.57 -132.02 -9.21
N ALA CA 293 26.84 -131.76 -9.49
CA ALA CA 293 27.22 -131.07 -10.71
C ALA CA 293 26.83 -131.86 -11.94
N GLN CA 294 27.04 -133.18 -11.92
CA GLN CA 294 26.65 -133.94 -13.12
C GLN CA 294 25.14 -133.99 -13.30
N ARG CA 295 24.36 -134.21 -12.24
CA ARG CA 295 22.95 -134.45 -12.55
C ARG CA 295 22.21 -133.13 -12.72
N GLU CA 296 22.86 -132.00 -12.42
CA GLU CA 296 22.28 -130.72 -12.81
C GLU CA 296 23.05 -130.01 -13.93
N GLY CA 297 24.03 -130.67 -14.54
CA GLY CA 297 24.68 -130.12 -15.72
C GLY CA 297 25.74 -129.08 -15.49
N ILE CA 298 26.41 -129.12 -14.34
CA ILE CA 298 27.49 -128.19 -14.04
C ILE CA 298 28.81 -128.92 -14.23
N ASN CA 299 28.80 -129.96 -15.07
CA ASN CA 299 30.03 -130.62 -15.47
C ASN CA 299 30.91 -129.70 -16.32
N ALA CA 300 30.32 -128.72 -16.97
CA ALA CA 300 31.04 -127.77 -17.81
C ALA CA 300 30.77 -126.36 -17.29
N SER CA 301 31.62 -125.90 -16.38
CA SER CA 301 31.43 -124.59 -15.77
C SER CA 301 32.74 -124.10 -15.20
N ALA CA 302 32.68 -122.94 -14.54
CA ALA CA 302 33.86 -122.42 -13.87
C ALA CA 302 34.04 -123.02 -12.49
N ARG CA 303 33.12 -122.74 -11.58
CA ARG CA 303 33.26 -123.07 -10.17
C ARG CA 303 31.99 -123.74 -9.68
N TYR CA 304 32.10 -124.45 -8.55
CA TYR CA 304 30.92 -125.02 -7.92
C TYR CA 304 31.01 -124.98 -6.41
N PRO CA 305 30.14 -124.21 -5.75
CA PRO CA 305 30.06 -124.25 -4.28
C PRO CA 305 28.99 -125.21 -3.79
N LYS CA 306 29.08 -125.59 -2.51
CA LYS CA 306 27.96 -126.26 -1.86
C LYS CA 306 28.14 -126.20 -0.35
N ASN CA 307 27.00 -126.20 0.35
CA ASN CA 307 26.96 -126.32 1.81
C ASN CA 307 26.21 -127.60 2.15
N TRP CA 308 26.79 -128.41 3.04
CA TRP CA 308 26.37 -129.80 3.13
C TRP CA 308 26.76 -130.41 4.48
N VAL CA 309 25.88 -131.28 4.97
CA VAL CA 309 26.01 -131.86 6.30
C VAL CA 309 26.46 -133.31 6.17
N THR CA 310 27.44 -133.70 6.99
CA THR CA 310 27.86 -135.09 7.12
C THR CA 310 27.20 -135.70 8.35
N THR CA 311 26.53 -136.83 8.15
CA THR CA 311 25.90 -137.59 9.20
C THR CA 311 26.72 -138.83 9.51
N GLY CA 312 27.05 -139.01 10.78
CA GLY CA 312 27.82 -140.16 11.19
C GLY CA 312 29.06 -139.84 12.00
N ASP CA 313 30.21 -140.38 11.58
CA ASP CA 313 31.46 -140.09 12.31
C ASP CA 313 31.81 -138.61 12.27
N PRO CA 314 32.01 -137.98 11.11
CA PRO CA 314 32.25 -136.53 11.11
C PRO CA 314 30.93 -135.76 10.99
N ALA CA 315 30.03 -136.00 11.94
CA ALA CA 315 28.69 -135.43 11.84
C ALA CA 315 28.77 -133.93 12.04
N ARG CA 316 28.93 -133.20 10.94
CA ARG CA 316 29.23 -131.78 10.96
C ARG CA 316 28.60 -131.17 9.72
N GLU CA 317 29.04 -129.96 9.36
CA GLU CA 317 28.55 -129.31 8.15
C GLU CA 317 29.66 -128.43 7.58
N PHE CA 318 29.81 -128.49 6.26
CA PHE CA 318 30.96 -127.95 5.56
C PHE CA 318 30.53 -127.15 4.34
N THR CA 319 31.46 -126.29 3.89
CA THR CA 319 31.35 -125.63 2.60
C THR CA 319 32.45 -126.16 1.69
N MET CA 320 32.06 -126.61 0.50
CA MET CA 320 32.91 -127.33 -0.43
C MET CA 320 32.98 -126.52 -1.71
N ILE CA 321 34.18 -126.28 -2.23
CA ILE CA 321 34.36 -125.54 -3.47
C ILE CA 321 35.14 -126.42 -4.43
N GLN CA 322 34.65 -126.53 -5.66
CA GLN CA 322 35.26 -127.40 -6.66
C GLN CA 322 35.47 -126.65 -7.97
N SER CA 323 36.63 -126.91 -8.59
CA SER CA 323 37.01 -126.25 -9.84
C SER CA 323 38.02 -127.15 -10.54
N ALA CA 324 38.36 -126.79 -11.78
CA ALA CA 324 39.38 -127.52 -12.55
C ALA CA 324 39.94 -126.63 -13.65
N PRO CA 325 40.77 -125.66 -13.28
CA PRO CA 325 41.40 -124.80 -14.30
C PRO CA 325 42.70 -125.37 -14.84
N LEU CA 326 42.95 -125.11 -16.12
CA LEU CA 326 44.22 -125.43 -16.75
C LEU CA 326 44.61 -124.29 -17.69
N MET CA 327 44.39 -123.07 -17.22
CA MET CA 327 44.74 -121.85 -17.96
C MET CA 327 46.17 -121.86 -18.47
N LEU CA 328 46.31 -121.48 -19.74
CA LEU CA 328 47.59 -121.38 -20.43
C LEU CA 328 47.56 -120.16 -21.34
N LEU CA 329 48.62 -119.97 -22.10
CA LEU CA 329 48.72 -118.89 -23.08
C LEU CA 329 48.72 -119.49 -24.48
N ALA CA 330 47.93 -118.89 -25.39
CA ALA CA 330 47.86 -119.40 -26.75
C ALA CA 330 49.20 -119.25 -27.46
N ASP CA 331 49.83 -118.10 -27.32
CA ASP CA 331 51.12 -117.83 -27.97
C ASP CA 331 52.18 -117.63 -26.90
N PRO CA 332 52.94 -118.67 -26.56
CA PRO CA 332 54.06 -118.46 -25.62
C PRO CA 332 55.13 -117.54 -26.18
N ASP CA 333 55.28 -117.48 -27.50
CA ASP CA 333 56.22 -116.57 -28.13
C ASP CA 333 55.79 -115.11 -28.03
N GLU CA 334 54.55 -114.85 -27.60
CA GLU CA 334 54.08 -113.48 -27.45
C GLU CA 334 54.87 -112.69 -26.42
N PHE CA 335 55.37 -113.36 -25.38
CA PHE CA 335 56.12 -112.69 -24.33
C PHE CA 335 57.56 -113.20 -24.29
N VAL CA 336 58.48 -112.25 -24.24
CA VAL CA 336 59.90 -112.53 -24.03
C VAL CA 336 60.16 -112.45 -22.53
N SER CA 337 60.64 -113.54 -21.96
CA SER CA 337 60.89 -113.64 -20.52
C SER CA 337 62.38 -113.47 -20.26
N VAL CA 338 62.72 -112.43 -19.51
CA VAL CA 338 64.11 -112.04 -19.26
C VAL CA 338 64.34 -112.00 -17.76
N GLN CA 339 65.41 -112.66 -17.31
CA GLN CA 339 65.90 -112.44 -15.96
C GLN CA 339 66.91 -111.29 -16.00
N LEU CA 340 66.79 -110.39 -15.03
CA LEU CA 340 67.51 -109.12 -15.07
C LEU CA 340 68.83 -109.21 -14.32
N ALA CA 341 69.59 -108.12 -14.38
CA ALA CA 341 70.86 -108.02 -13.69
C ALA CA 341 70.68 -108.09 -12.18
N ALA DA 7 19.41 -120.66 -43.30
CA ALA DA 7 19.22 -119.57 -44.25
C ALA DA 7 18.47 -118.41 -43.60
N GLN DA 8 19.18 -117.34 -43.30
CA GLN DA 8 18.61 -116.14 -42.71
C GLN DA 8 18.76 -114.98 -43.67
N LEU DA 9 17.95 -113.95 -43.46
CA LEU DA 9 17.77 -112.87 -44.43
C LEU DA 9 19.06 -112.07 -44.61
N LEU DA 10 19.04 -111.22 -45.64
CA LEU DA 10 20.19 -110.36 -45.94
C LEU DA 10 20.46 -109.36 -44.83
N ALA DA 11 19.41 -108.82 -44.21
CA ALA DA 11 19.57 -107.77 -43.21
C ALA DA 11 20.31 -108.23 -41.97
N ALA DA 12 20.50 -109.53 -41.77
CA ALA DA 12 21.26 -110.04 -40.64
C ALA DA 12 22.77 -109.95 -40.94
N ASN DA 13 23.21 -108.73 -41.20
CA ASN DA 13 24.59 -108.44 -41.56
C ASN DA 13 25.07 -107.19 -40.83
N GLU DA 14 24.79 -107.12 -39.53
CA GLU DA 14 25.10 -105.95 -38.73
C GLU DA 14 26.39 -106.19 -37.96
N GLN DA 15 27.42 -105.37 -38.24
CA GLN DA 15 28.69 -105.45 -37.52
C GLN DA 15 28.97 -104.17 -36.73
N LYS DA 16 28.97 -103.02 -37.41
CA LYS DA 16 29.50 -101.76 -36.86
C LYS DA 16 30.94 -101.92 -36.40
N PHE DA 17 31.68 -102.80 -37.08
CA PHE DA 17 33.08 -103.08 -36.79
C PHE DA 17 33.90 -102.82 -38.06
N LYS DA 18 34.34 -101.59 -38.23
CA LYS DA 18 35.23 -101.22 -39.33
C LYS DA 18 36.55 -100.75 -38.72
N PHE DA 19 37.52 -101.65 -38.67
CA PHE DA 19 38.79 -101.42 -37.99
C PHE DA 19 39.97 -101.83 -38.87
N ASP DA 20 39.94 -101.43 -40.12
CA ASP DA 20 41.06 -101.67 -41.02
C ASP DA 20 42.27 -100.85 -40.61
N PRO DA 21 43.50 -101.37 -40.74
CA PRO DA 21 44.70 -100.67 -40.23
C PRO DA 21 45.15 -99.46 -41.04
N LEU DA 22 44.33 -98.41 -40.99
CA LEU DA 22 44.70 -97.07 -41.42
C LEU DA 22 45.05 -96.95 -42.90
N PHE DA 23 44.87 -98.02 -43.68
CA PHE DA 23 45.15 -97.96 -45.10
C PHE DA 23 43.91 -97.75 -45.95
N LEU DA 24 42.94 -98.65 -45.87
CA LEU DA 24 41.71 -98.53 -46.63
C LEU DA 24 40.77 -97.47 -46.07
N ARG DA 25 41.05 -96.97 -44.87
CA ARG DA 25 40.23 -95.96 -44.21
C ARG DA 25 40.83 -94.56 -44.26
N LEU DA 26 42.13 -94.44 -44.52
CA LEU DA 26 42.83 -93.17 -44.45
C LEU DA 26 43.51 -92.76 -45.75
N PHE DA 27 44.15 -93.69 -46.46
CA PHE DA 27 44.70 -93.38 -47.77
C PHE DA 27 43.79 -93.78 -48.91
N PHE DA 28 42.95 -94.79 -48.73
CA PHE DA 28 42.20 -95.39 -49.82
C PHE DA 28 40.69 -95.29 -49.59
N ARG DA 29 40.22 -94.09 -49.25
CA ARG DA 29 38.80 -93.85 -49.01
C ARG DA 29 37.98 -93.83 -50.30
N GLU DA 30 38.63 -93.83 -51.46
CA GLU DA 30 38.03 -93.37 -52.71
C GLU DA 30 37.34 -94.54 -53.42
N SER DA 31 36.23 -95.01 -52.85
CA SER DA 31 35.56 -96.23 -53.30
C SER DA 31 34.81 -96.00 -54.62
N TYR DA 32 34.95 -96.96 -55.54
CA TYR DA 32 34.22 -96.91 -56.81
C TYR DA 32 33.67 -98.28 -57.18
N PRO DA 33 32.61 -98.73 -56.50
CA PRO DA 33 31.92 -99.93 -56.99
C PRO DA 33 31.17 -99.67 -58.28
N PHE DA 34 31.30 -100.61 -59.22
CA PHE DA 34 30.80 -100.50 -60.58
C PHE DA 34 29.72 -101.53 -60.85
N THR DA 35 28.91 -101.25 -61.86
CA THR DA 35 27.98 -102.21 -62.43
C THR DA 35 28.66 -103.03 -63.54
N THR DA 36 29.96 -102.80 -63.75
CA THR DA 36 30.71 -103.43 -64.81
C THR DA 36 31.88 -104.20 -64.22
N GLU DA 37 32.33 -105.21 -64.97
CA GLU DA 37 33.29 -106.18 -64.46
C GLU DA 37 34.59 -105.51 -64.04
N LYS DA 38 35.31 -104.92 -64.99
CA LYS DA 38 36.67 -104.44 -64.78
C LYS DA 38 36.66 -103.06 -64.14
N VAL DA 39 37.86 -102.55 -63.91
CA VAL DA 39 38.08 -101.15 -63.57
C VAL DA 39 38.41 -100.40 -64.84
N TYR DA 40 37.76 -99.25 -65.03
CA TYR DA 40 37.93 -98.43 -66.22
C TYR DA 40 38.43 -97.07 -65.76
N LEU DA 41 39.76 -96.95 -65.59
CA LEU DA 41 40.33 -95.72 -65.06
C LEU DA 41 39.98 -94.52 -65.92
N SER DA 42 39.73 -94.73 -67.21
CA SER DA 42 39.19 -93.66 -68.04
C SER DA 42 37.82 -93.22 -67.56
N GLN DA 43 37.00 -94.16 -67.07
CA GLN DA 43 35.69 -93.81 -66.54
C GLN DA 43 35.79 -93.01 -65.25
N ILE DA 44 36.69 -93.38 -64.34
CA ILE DA 44 36.88 -92.60 -63.11
C ILE DA 44 37.37 -91.20 -63.48
N PRO DA 45 36.76 -90.13 -62.95
CA PRO DA 45 37.31 -88.80 -63.23
C PRO DA 45 38.69 -88.62 -62.65
N GLY DA 46 38.96 -89.22 -61.50
CA GLY DA 46 40.22 -89.03 -60.81
C GLY DA 46 40.48 -87.57 -60.56
N LEU DA 47 41.70 -87.15 -60.89
CA LEU DA 47 42.00 -85.73 -60.94
C LEU DA 47 41.40 -85.12 -62.20
N VAL DA 48 40.75 -83.96 -62.03
CA VAL DA 48 40.05 -83.28 -63.11
C VAL DA 48 41.00 -82.26 -63.73
N ASN DA 49 40.93 -82.10 -65.05
CA ASN DA 49 41.64 -81.03 -65.73
C ASN DA 49 41.14 -79.70 -65.16
N MET DA 50 42.03 -78.99 -64.44
CA MET DA 50 41.59 -78.07 -63.40
C MET DA 50 42.40 -76.77 -63.41
N ALA DA 51 42.53 -76.12 -64.57
CA ALA DA 51 43.20 -74.83 -64.58
C ALA DA 51 42.53 -73.80 -65.48
N LEU DA 52 42.19 -74.17 -66.72
CA LEU DA 52 41.90 -73.21 -67.77
C LEU DA 52 40.56 -72.53 -67.57
N TYR DA 53 40.52 -71.23 -67.87
CA TYR DA 53 39.27 -70.49 -67.95
C TYR DA 53 39.04 -70.06 -69.39
N VAL DA 54 38.01 -69.23 -69.61
CA VAL DA 54 37.65 -68.77 -70.94
C VAL DA 54 37.58 -67.25 -70.95
N SER DA 55 37.67 -66.67 -72.14
CA SER DA 55 37.70 -65.22 -72.31
C SER DA 55 36.39 -64.59 -71.85
N PRO DA 56 36.43 -63.32 -71.43
CA PRO DA 56 35.18 -62.65 -71.00
C PRO DA 56 34.28 -62.22 -72.15
N ILE DA 57 34.07 -63.11 -73.12
CA ILE DA 57 33.08 -62.85 -74.17
C ILE DA 57 32.12 -64.03 -74.27
N VAL DA 58 32.65 -65.25 -74.43
CA VAL DA 58 31.87 -66.47 -74.47
C VAL DA 58 32.62 -67.53 -73.67
N SER DA 59 32.06 -68.74 -73.64
CA SER DA 59 32.71 -69.84 -72.96
C SER DA 59 33.14 -70.92 -73.95
N GLY DA 60 34.00 -71.82 -73.48
CA GLY DA 60 34.67 -72.77 -74.34
C GLY DA 60 33.95 -74.11 -74.47
N GLU DA 61 34.74 -75.13 -74.73
CA GLU DA 61 34.25 -76.46 -75.06
C GLU DA 61 33.78 -77.20 -73.81
N VAL DA 62 33.40 -78.46 -74.00
CA VAL DA 62 32.91 -79.30 -72.91
C VAL DA 62 34.10 -80.09 -72.35
N ILE DA 63 34.21 -80.14 -71.02
CA ILE DA 63 35.28 -80.85 -70.34
C ILE DA 63 34.74 -82.18 -69.85
N ARG DA 64 35.51 -83.25 -70.06
CA ARG DA 64 35.12 -84.62 -69.80
C ARG DA 64 35.98 -85.19 -68.67
N SER DA 65 35.74 -86.47 -68.37
CA SER DA 65 36.70 -87.26 -67.61
C SER DA 65 37.87 -87.54 -68.54
N ARG DA 66 39.07 -87.13 -68.15
CA ARG DA 66 40.17 -86.95 -69.10
C ARG DA 66 40.85 -88.27 -69.47
N GLY DA 67 40.01 -89.22 -69.91
CA GLY DA 67 40.46 -90.40 -70.64
C GLY DA 67 41.72 -91.09 -70.15
N GLY DA 68 41.64 -91.75 -69.00
CA GLY DA 68 42.76 -92.50 -68.47
C GLY DA 68 43.36 -93.46 -69.49
N SER DA 69 44.70 -93.46 -69.58
CA SER DA 69 45.35 -94.23 -70.64
C SER DA 69 45.07 -95.72 -70.52
N THR DA 70 45.23 -96.29 -69.32
CA THR DA 70 44.96 -97.69 -69.06
C THR DA 70 43.69 -97.80 -68.22
N SER DA 71 42.69 -98.51 -68.75
CA SER DA 71 41.40 -98.63 -68.08
C SER DA 71 40.88 -100.07 -68.10
N GLU DA 72 41.73 -101.06 -67.84
CA GLU DA 72 41.34 -102.46 -67.92
C GLU DA 72 42.20 -103.30 -66.99
N PHE DA 73 41.68 -103.56 -65.78
CA PHE DA 73 42.28 -104.53 -64.88
C PHE DA 73 41.18 -105.35 -64.23
N THR DA 74 41.55 -106.55 -63.77
CA THR DA 74 40.58 -107.51 -63.23
C THR DA 74 40.46 -107.34 -61.73
N PRO DA 75 39.30 -106.94 -61.20
CA PRO DA 75 39.13 -106.88 -59.75
C PRO DA 75 39.24 -108.26 -59.13
N GLY DA 76 39.70 -108.31 -57.87
CA GLY DA 76 39.82 -109.54 -57.14
C GLY DA 76 38.48 -110.04 -56.63
N TYR DA 77 37.67 -110.60 -57.52
CA TYR DA 77 36.38 -111.09 -57.08
C TYR DA 77 36.58 -112.27 -56.14
N VAL DA 78 36.42 -111.99 -54.86
CA VAL DA 78 36.63 -112.93 -53.78
C VAL DA 78 35.27 -113.33 -53.22
N LYS DA 79 34.93 -114.60 -53.38
CA LYS DA 79 33.71 -115.03 -52.71
C LYS DA 79 33.97 -116.28 -51.89
N PRO DA 80 34.37 -116.15 -50.63
CA PRO DA 80 34.49 -117.33 -49.78
C PRO DA 80 33.19 -117.64 -49.06
N LYS DA 81 33.19 -118.73 -48.29
CA LYS DA 81 32.02 -119.12 -47.52
C LYS DA 81 32.47 -119.95 -46.34
N HIS DA 82 31.52 -120.25 -45.46
CA HIS DA 82 31.75 -121.20 -44.39
C HIS DA 82 30.43 -121.86 -44.03
N GLU DA 83 30.53 -122.86 -43.16
CA GLU DA 83 29.36 -123.46 -42.54
C GLU DA 83 29.14 -122.87 -41.15
N VAL DA 84 27.87 -122.83 -40.76
CA VAL DA 84 27.50 -122.39 -39.42
C VAL DA 84 26.69 -123.51 -38.76
N ASN DA 85 27.07 -124.75 -39.07
CA ASN DA 85 26.37 -125.93 -38.59
C ASN DA 85 26.25 -125.92 -37.06
N PRO DA 86 25.03 -125.99 -36.53
CA PRO DA 86 24.86 -125.94 -35.07
C PRO DA 86 25.32 -127.21 -34.36
N GLN DA 87 26.59 -127.57 -34.54
CA GLN DA 87 27.18 -128.67 -33.81
C GLN DA 87 28.29 -128.23 -32.86
N MET DA 88 28.71 -126.97 -32.92
CA MET DA 88 29.78 -126.50 -32.04
C MET DA 88 29.23 -125.86 -30.77
N THR DA 89 30.03 -125.93 -29.72
CA THR DA 89 29.94 -124.90 -28.69
C THR DA 89 30.72 -123.67 -29.15
N LEU DA 90 30.11 -122.50 -28.95
CA LEU DA 90 30.54 -121.28 -29.61
C LEU DA 90 31.40 -120.43 -28.68
N ARG DA 91 31.75 -119.23 -29.16
CA ARG DA 91 32.40 -118.25 -28.31
C ARG DA 91 31.40 -117.82 -27.23
N ARG DA 92 31.62 -118.19 -25.98
CA ARG DA 92 30.70 -117.78 -24.91
C ARG DA 92 31.26 -116.56 -24.20
N LEU DA 93 30.79 -115.39 -24.62
CA LEU DA 93 31.00 -114.18 -23.83
C LEU DA 93 30.64 -114.47 -22.37
N PRO DA 94 31.42 -113.97 -21.40
CA PRO DA 94 31.23 -114.40 -20.01
C PRO DA 94 29.81 -114.30 -19.49
N ASP DA 95 29.19 -115.46 -19.30
CA ASP DA 95 27.97 -115.65 -18.51
C ASP DA 95 26.82 -114.71 -18.93
N GLU DA 96 26.54 -114.60 -20.22
CA GLU DA 96 25.26 -114.04 -20.67
C GLU DA 96 24.30 -115.17 -21.04
N ASP DA 97 23.84 -115.88 -20.01
CA ASP DA 97 22.74 -116.83 -20.10
C ASP DA 97 22.96 -117.88 -21.18
N PRO DA 98 23.82 -118.88 -20.95
CA PRO DA 98 24.06 -119.90 -21.99
C PRO DA 98 22.82 -120.68 -22.40
N GLN DA 99 21.67 -120.43 -21.76
CA GLN DA 99 20.44 -121.06 -22.21
C GLN DA 99 20.09 -120.67 -23.64
N ASN DA 100 20.41 -119.44 -24.05
CA ASN DA 100 20.16 -119.06 -25.44
C ASN DA 100 21.16 -119.73 -26.39
N LEU DA 101 22.39 -119.97 -25.94
CA LEU DA 101 23.28 -120.82 -26.74
C LEU DA 101 22.69 -122.20 -26.90
N ALA DA 102 22.07 -122.73 -25.84
CA ALA DA 102 21.35 -124.00 -25.96
C ALA DA 102 20.26 -123.93 -27.01
N ASP DA 103 19.71 -122.76 -27.27
CA ASP DA 103 18.79 -122.58 -28.40
C ASP DA 103 19.55 -122.76 -29.71
N PRO DA 104 19.07 -123.62 -30.61
CA PRO DA 104 19.62 -123.60 -31.98
C PRO DA 104 19.44 -122.27 -32.69
N ALA DA 105 18.37 -121.52 -32.39
CA ALA DA 105 18.17 -120.24 -33.06
C ALA DA 105 19.26 -119.23 -32.68
N TYR DA 106 19.50 -119.05 -31.39
CA TYR DA 106 20.51 -118.08 -31.00
C TYR DA 106 21.91 -118.55 -31.37
N ARG DA 107 22.19 -119.85 -31.21
CA ARG DA 107 23.50 -120.33 -31.61
C ARG DA 107 23.71 -120.09 -33.10
N ARG DA 108 22.70 -120.39 -33.91
CA ARG DA 108 22.88 -120.23 -35.36
C ARG DA 108 23.03 -118.76 -35.74
N ARG DA 109 22.26 -117.86 -35.10
CA ARG DA 109 22.39 -116.47 -35.51
C ARG DA 109 23.71 -115.87 -35.05
N ARG DA 110 24.16 -116.13 -33.83
CA ARG DA 110 25.41 -115.49 -33.46
C ARG DA 110 26.60 -116.24 -34.08
N ILE DA 111 26.42 -117.49 -34.51
CA ILE DA 111 27.49 -118.15 -35.24
C ILE DA 111 27.54 -117.65 -36.67
N ILE DA 112 26.42 -117.26 -37.28
CA ILE DA 112 26.55 -116.59 -38.58
C ILE DA 112 27.18 -115.22 -38.37
N MET DA 113 26.90 -114.58 -37.23
CA MET DA 113 27.61 -113.35 -36.89
C MET DA 113 29.13 -113.58 -36.88
N GLN DA 114 29.56 -114.59 -36.14
CA GLN DA 114 30.99 -114.91 -36.01
C GLN DA 114 31.58 -115.30 -37.36
N ASN DA 115 30.88 -116.16 -38.10
CA ASN DA 115 31.36 -116.59 -39.40
C ASN DA 115 31.55 -115.41 -40.32
N MET DA 116 30.53 -114.56 -40.45
CA MET DA 116 30.63 -113.48 -41.41
C MET DA 116 31.69 -112.48 -40.99
N ARG DA 117 31.84 -112.23 -39.68
CA ARG DA 117 32.87 -111.28 -39.27
C ARG DA 117 34.26 -111.81 -39.59
N ASP DA 118 34.48 -113.11 -39.37
CA ASP DA 118 35.70 -113.73 -39.88
C ASP DA 118 35.84 -113.47 -41.37
N GLU DA 119 34.73 -113.53 -42.10
CA GLU DA 119 34.77 -113.37 -43.55
C GLU DA 119 35.23 -111.96 -43.95
N GLU DA 120 34.62 -110.91 -43.36
CA GLU DA 120 35.05 -109.58 -43.84
C GLU DA 120 36.43 -109.25 -43.30
N LEU DA 121 36.82 -109.78 -42.15
CA LEU DA 121 38.19 -109.52 -41.72
C LEU DA 121 39.18 -110.30 -42.59
N ALA DA 122 38.75 -111.43 -43.15
CA ALA DA 122 39.59 -112.11 -44.14
C ALA DA 122 39.77 -111.27 -45.39
N ILE DA 123 38.67 -110.75 -45.94
CA ILE DA 123 38.81 -109.92 -47.13
C ILE DA 123 39.57 -108.65 -46.79
N ALA DA 124 39.43 -108.15 -45.56
CA ALA DA 124 40.16 -106.97 -45.13
C ALA DA 124 41.66 -107.24 -45.05
N GLN DA 125 42.06 -108.40 -44.53
CA GLN DA 125 43.48 -108.70 -44.45
C GLN DA 125 44.10 -108.98 -45.81
N VAL DA 126 43.36 -109.64 -46.71
CA VAL DA 126 43.89 -109.78 -48.06
C VAL DA 126 43.93 -108.43 -48.76
N GLU DA 127 42.99 -107.54 -48.45
CA GLU DA 127 43.02 -106.20 -49.01
C GLU DA 127 44.20 -105.40 -48.46
N GLU DA 128 44.55 -105.63 -47.20
CA GLU DA 128 45.72 -104.98 -46.62
C GLU DA 128 47.01 -105.51 -47.22
N MET DA 129 47.08 -106.82 -47.54
CA MET DA 129 48.23 -107.29 -48.31
C MET DA 129 48.30 -106.63 -49.68
N GLN DA 130 47.15 -106.47 -50.33
CA GLN DA 130 47.12 -105.72 -51.59
C GLN DA 130 47.63 -104.30 -51.39
N ALA DA 131 47.22 -103.65 -50.30
CA ALA DA 131 47.65 -102.28 -50.01
C ALA DA 131 49.14 -102.20 -49.77
N VAL DA 132 49.70 -103.16 -49.03
CA VAL DA 132 51.12 -103.11 -48.72
C VAL DA 132 51.95 -103.38 -49.98
N SER DA 133 51.50 -104.31 -50.83
CA SER DA 133 52.15 -104.46 -52.13
C SER DA 133 52.07 -103.18 -52.94
N ALA DA 134 50.88 -102.57 -52.96
CA ALA DA 134 50.64 -101.36 -53.74
C ALA DA 134 51.56 -100.24 -53.31
N VAL DA 135 51.40 -99.74 -52.08
CA VAL DA 135 52.39 -98.80 -51.60
C VAL DA 135 53.44 -99.57 -50.81
N LEU DA 136 54.17 -100.44 -51.51
CA LEU DA 136 55.60 -100.67 -51.33
C LEU DA 136 56.33 -100.84 -52.64
N LYS DA 137 55.66 -101.22 -53.73
CA LYS DA 137 56.34 -101.31 -55.02
C LYS DA 137 55.57 -100.75 -56.20
N GLY DA 138 54.31 -100.35 -56.04
CA GLY DA 138 53.52 -99.89 -57.16
C GLY DA 138 52.97 -101.00 -58.02
N LYS DA 139 53.37 -102.24 -57.77
CA LYS DA 139 52.91 -103.43 -58.47
C LYS DA 139 52.00 -104.23 -57.55
N TYR DA 140 50.93 -104.77 -58.12
CA TYR DA 140 50.07 -105.68 -57.39
C TYR DA 140 49.86 -106.94 -58.22
N THR DA 141 49.91 -108.09 -57.57
CA THR DA 141 49.76 -109.38 -58.22
C THR DA 141 48.32 -109.84 -58.08
N MET DA 142 47.49 -109.50 -59.06
CA MET DA 142 46.17 -110.10 -59.23
C MET DA 142 46.37 -111.54 -59.70
N THR DA 143 46.42 -112.47 -58.75
CA THR DA 143 46.80 -113.83 -59.09
C THR DA 143 46.06 -114.81 -58.20
N GLY DA 144 45.97 -116.05 -58.69
CA GLY DA 144 45.39 -117.16 -57.96
C GLY DA 144 45.41 -118.37 -58.85
N GLU DA 145 45.34 -119.54 -58.22
CA GLU DA 145 45.31 -120.77 -59.00
C GLU DA 145 44.04 -120.82 -59.84
N ALA DA 146 44.16 -121.44 -61.03
CA ALA DA 146 43.10 -121.40 -62.04
C ALA DA 146 42.72 -119.95 -62.37
N PHE DA 147 43.73 -119.10 -62.50
CA PHE DA 147 43.54 -117.70 -62.84
C PHE DA 147 44.87 -117.13 -63.28
N ASP DA 148 44.87 -116.37 -64.37
CA ASP DA 148 46.13 -115.82 -64.87
C ASP DA 148 46.62 -114.70 -63.96
N PRO DA 149 47.93 -114.63 -63.71
CA PRO DA 149 48.45 -113.52 -62.89
C PRO DA 149 48.57 -112.25 -63.70
N VAL DA 150 47.69 -111.29 -63.39
CA VAL DA 150 47.73 -109.96 -63.96
C VAL DA 150 48.52 -109.06 -63.01
N GLU DA 151 49.54 -108.40 -63.53
CA GLU DA 151 50.26 -107.38 -62.79
C GLU DA 151 49.54 -106.05 -62.99
N VAL DA 152 49.01 -105.50 -61.90
CA VAL DA 152 48.33 -104.21 -61.93
C VAL DA 152 49.33 -103.18 -61.39
N ASP DA 153 49.77 -102.28 -62.25
CA ASP DA 153 50.81 -101.31 -61.91
C ASP DA 153 50.20 -99.92 -61.88
N MET DA 154 50.36 -99.23 -60.75
CA MET DA 154 50.02 -97.81 -60.75
C MET DA 154 51.07 -96.97 -61.48
N GLY DA 155 52.33 -97.41 -61.48
CA GLY DA 155 53.36 -96.69 -62.20
C GLY DA 155 54.42 -96.10 -61.30
N ARG DA 156 54.73 -96.78 -60.19
CA ARG DA 156 55.74 -96.29 -59.27
C ARG DA 156 57.08 -96.10 -59.98
N SER DA 157 57.65 -94.92 -59.82
CA SER DA 157 58.85 -94.52 -60.53
C SER DA 157 60.10 -95.07 -59.86
N GLU DA 158 61.23 -94.94 -60.57
CA GLU DA 158 62.48 -95.45 -60.05
C GLU DA 158 62.96 -94.68 -58.83
N GLU DA 159 62.83 -93.35 -58.86
CA GLU DA 159 63.19 -92.56 -57.68
C GLU DA 159 62.28 -92.83 -56.50
N ASN DA 160 61.13 -93.46 -56.72
CA ASN DA 160 60.29 -93.95 -55.65
C ASN DA 160 60.68 -95.34 -55.18
N ASN DA 161 61.71 -95.93 -55.78
CA ASN DA 161 62.18 -97.27 -55.43
C ASN DA 161 63.68 -97.25 -55.11
N ILE DA 162 64.22 -96.06 -54.83
CA ILE DA 162 65.63 -95.97 -54.49
C ILE DA 162 65.88 -96.56 -53.11
N THR DA 163 67.07 -97.16 -52.96
CA THR DA 163 67.36 -98.06 -51.85
C THR DA 163 68.39 -97.45 -50.92
N GLN DA 164 68.22 -97.69 -49.61
CA GLN DA 164 69.19 -97.23 -48.62
C GLN DA 164 70.50 -98.00 -48.67
N SER DA 165 70.45 -99.30 -48.97
CA SER DA 165 71.68 -100.09 -49.02
C SER DA 165 72.61 -99.60 -50.13
N GLY DA 166 72.05 -99.00 -51.18
CA GLY DA 166 72.87 -98.41 -52.21
C GLY DA 166 73.75 -97.31 -51.64
N GLY DA 167 75.05 -97.39 -51.92
CA GLY DA 167 76.00 -96.44 -51.38
C GLY DA 167 76.38 -96.75 -49.94
N THR DA 168 75.92 -95.93 -49.01
CA THR DA 168 76.22 -96.10 -47.59
C THR DA 168 74.96 -96.53 -46.85
N GLU DA 169 75.10 -97.57 -46.04
CA GLU DA 169 73.98 -98.11 -45.27
C GLU DA 169 73.95 -97.46 -43.89
N TRP DA 170 72.74 -97.35 -43.33
CA TRP DA 170 72.61 -96.85 -41.97
C TRP DA 170 73.27 -97.79 -40.97
N SER DA 171 73.20 -99.10 -41.21
CA SER DA 171 73.97 -100.03 -40.39
C SER DA 171 75.46 -99.77 -40.53
N LYS DA 172 75.91 -99.45 -41.74
CA LYS DA 172 77.31 -99.09 -42.00
C LYS DA 172 77.52 -97.59 -41.83
N ARG DA 173 77.11 -97.06 -40.68
CA ARG DA 173 77.30 -95.66 -40.35
C ARG DA 173 77.57 -95.53 -38.86
N ASP DA 174 77.90 -94.32 -38.43
CA ASP DA 174 78.11 -94.06 -37.01
C ASP DA 174 76.79 -94.14 -36.27
N LYS DA 175 76.73 -95.05 -35.29
CA LYS DA 175 75.52 -95.23 -34.50
C LYS DA 175 75.27 -94.07 -33.54
N SER DA 176 76.21 -93.15 -33.41
CA SER DA 176 76.09 -92.06 -32.45
C SER DA 176 75.94 -90.68 -33.08
N THR DA 177 76.75 -90.35 -34.08
CA THR DA 177 76.77 -89.00 -34.63
C THR DA 177 76.00 -88.84 -35.93
N TYR DA 178 75.86 -89.89 -36.73
CA TYR DA 178 75.16 -89.77 -37.99
C TYR DA 178 73.68 -89.48 -37.76
N ASP DA 179 73.14 -88.56 -38.56
CA ASP DA 179 71.72 -88.22 -38.50
C ASP DA 179 71.06 -88.67 -39.79
N PRO DA 180 70.10 -89.60 -39.73
CA PRO DA 180 69.40 -90.03 -40.95
C PRO DA 180 68.35 -89.05 -41.44
N THR DA 181 68.21 -87.89 -40.79
CA THR DA 181 67.28 -86.88 -41.28
C THR DA 181 67.66 -86.41 -42.67
N ASP DA 182 68.97 -86.29 -42.94
CA ASP DA 182 69.41 -85.91 -44.28
C ASP DA 182 68.84 -86.86 -45.32
N ASP DA 183 68.96 -88.17 -45.09
CA ASP DA 183 68.30 -89.13 -45.96
C ASP DA 183 66.79 -88.97 -45.94
N ILE DA 184 66.23 -88.53 -44.81
CA ILE DA 184 64.78 -88.37 -44.74
C ILE DA 184 64.30 -87.34 -45.75
N GLU DA 185 64.91 -86.16 -45.78
CA GLU DA 185 64.50 -85.20 -46.81
C GLU DA 185 64.99 -85.63 -48.19
N ALA DA 186 66.10 -86.37 -48.26
CA ALA DA 186 66.58 -86.83 -49.56
C ALA DA 186 65.55 -87.71 -50.24
N TYR DA 187 64.91 -88.61 -49.48
CA TYR DA 187 63.88 -89.45 -50.06
C TYR DA 187 62.53 -88.75 -50.11
N ALA DA 188 62.30 -87.75 -49.25
CA ALA DA 188 61.03 -87.04 -49.24
C ALA DA 188 60.90 -86.03 -50.37
N LEU DA 189 62.02 -85.49 -50.87
CA LEU DA 189 61.94 -84.43 -51.88
C LEU DA 189 61.29 -84.95 -53.17
N ASN DA 190 61.65 -86.15 -53.60
CA ASN DA 190 61.07 -86.74 -54.81
C ASN DA 190 59.86 -87.60 -54.48
N ALA DA 191 58.95 -87.05 -53.68
CA ALA DA 191 57.73 -87.76 -53.29
C ALA DA 191 56.46 -87.04 -53.74
N SER DA 192 56.59 -85.95 -54.50
CA SER DA 192 55.45 -85.18 -54.99
C SER DA 192 54.56 -84.71 -53.84
N GLY DA 193 55.18 -84.29 -52.75
CA GLY DA 193 54.43 -83.77 -51.63
C GLY DA 193 55.20 -83.87 -50.34
N VAL DA 194 54.52 -83.50 -49.27
CA VAL DA 194 55.07 -83.50 -47.92
C VAL DA 194 54.78 -84.84 -47.26
N VAL DA 195 55.76 -85.34 -46.50
CA VAL DA 195 55.62 -86.57 -45.74
C VAL DA 195 55.40 -86.21 -44.27
N ASN DA 196 54.38 -86.79 -43.66
CA ASN DA 196 54.06 -86.50 -42.27
C ASN DA 196 53.91 -87.73 -41.39
N ILE DA 197 54.13 -88.93 -41.93
CA ILE DA 197 54.21 -90.16 -41.13
C ILE DA 197 55.44 -90.94 -41.60
N ILE DA 198 56.21 -91.45 -40.64
CA ILE DA 198 57.43 -92.17 -40.97
C ILE DA 198 57.29 -93.61 -40.48
N VAL DA 199 56.09 -94.17 -40.59
CA VAL DA 199 55.81 -95.52 -40.13
C VAL DA 199 56.82 -96.52 -40.68
N PHE DA 200 57.48 -97.22 -39.77
CA PHE DA 200 58.49 -98.23 -40.06
C PHE DA 200 57.94 -99.62 -39.75
N ASP DA 201 58.59 -100.62 -40.33
CA ASP DA 201 58.54 -101.95 -39.76
C ASP DA 201 59.51 -102.03 -38.58
N PRO DA 202 59.28 -102.97 -37.64
CA PRO DA 202 59.93 -102.89 -36.32
C PRO DA 202 61.44 -102.73 -36.34
N LYS DA 203 62.17 -103.66 -36.96
CA LYS DA 203 63.63 -103.54 -36.94
C LYS DA 203 64.11 -102.37 -37.81
N GLY DA 204 63.31 -101.97 -38.80
CA GLY DA 204 63.63 -100.76 -39.53
C GLY DA 204 63.66 -99.54 -38.62
N TRP DA 205 62.62 -99.38 -37.80
CA TRP DA 205 62.64 -98.33 -36.79
C TRP DA 205 63.73 -98.55 -35.77
N ALA DA 206 64.09 -99.81 -35.51
CA ALA DA 206 65.15 -100.10 -34.56
C ALA DA 206 66.48 -99.50 -35.02
N LEU DA 207 66.88 -99.79 -36.26
CA LEU DA 207 68.15 -99.20 -36.70
C LEU DA 207 68.00 -97.72 -37.03
N PHE DA 208 66.78 -97.24 -37.30
CA PHE DA 208 66.57 -95.81 -37.42
C PHE DA 208 66.88 -95.10 -36.10
N ARG DA 209 66.32 -95.60 -35.00
CA ARG DA 209 66.50 -94.99 -33.70
C ARG DA 209 67.85 -95.33 -33.06
N SER DA 210 68.57 -96.32 -33.59
CA SER DA 210 69.89 -96.63 -33.08
C SER DA 210 70.81 -95.41 -33.12
N PHE DA 211 70.61 -94.51 -34.08
CA PHE DA 211 71.36 -93.27 -34.11
C PHE DA 211 70.92 -92.37 -32.96
N LYS DA 212 71.90 -91.83 -32.23
CA LYS DA 212 71.57 -90.95 -31.11
C LYS DA 212 70.80 -89.74 -31.58
N ALA DA 213 71.33 -89.04 -32.60
CA ALA DA 213 70.66 -87.86 -33.14
C ALA DA 213 69.16 -88.07 -33.27
N VAL DA 214 68.74 -89.26 -33.69
CA VAL DA 214 67.32 -89.59 -33.72
C VAL DA 214 66.73 -89.50 -32.32
N LYS DA 215 67.41 -90.08 -31.33
CA LYS DA 215 66.76 -90.25 -30.02
C LYS DA 215 66.71 -88.95 -29.23
N GLU DA 216 67.68 -88.04 -29.41
CA GLU DA 216 67.51 -86.71 -28.82
C GLU DA 216 66.89 -85.70 -29.79
N LYS DA 217 66.54 -86.10 -31.00
CA LYS DA 217 65.75 -85.26 -31.88
C LYS DA 217 64.26 -85.56 -31.79
N LEU DA 218 63.90 -86.77 -31.41
CA LEU DA 218 62.49 -87.14 -31.34
C LEU DA 218 61.87 -86.66 -30.03
N ASP DA 219 60.59 -86.31 -30.10
CA ASP DA 219 59.82 -85.90 -28.93
C ASP DA 219 58.89 -87.05 -28.57
N THR DA 220 59.12 -87.63 -27.39
CA THR DA 220 58.26 -88.70 -26.90
C THR DA 220 56.90 -88.19 -26.48
N ARG DA 221 56.73 -86.88 -26.35
CA ARG DA 221 55.50 -86.32 -25.81
C ARG DA 221 54.35 -86.54 -26.79
N ARG DA 222 53.13 -86.40 -26.26
CA ARG DA 222 51.94 -86.46 -27.10
C ARG DA 222 52.00 -85.38 -28.16
N GLY DA 223 51.96 -84.11 -27.73
CA GLY DA 223 51.87 -82.98 -28.63
C GLY DA 223 50.87 -83.28 -29.74
N SER DA 224 49.63 -83.55 -29.35
CA SER DA 224 48.68 -84.20 -30.24
C SER DA 224 48.50 -83.40 -31.52
N ASN DA 225 49.02 -83.94 -32.62
CA ASN DA 225 49.01 -83.24 -33.90
C ASN DA 225 47.68 -83.36 -34.63
N SER DA 226 47.13 -84.57 -34.71
CA SER DA 226 45.96 -84.81 -35.54
C SER DA 226 45.16 -85.94 -34.92
N GLU DA 227 44.29 -86.53 -35.72
CA GLU DA 227 43.49 -87.68 -35.31
C GLU DA 227 44.25 -88.99 -35.39
N LEU DA 228 45.56 -88.94 -35.67
CA LEU DA 228 46.33 -90.18 -35.72
C LEU DA 228 46.46 -90.81 -34.34
N GLU DA 229 46.53 -89.98 -33.29
CA GLU DA 229 46.49 -90.53 -31.93
C GLU DA 229 45.17 -91.24 -31.69
N THR DA 230 44.06 -90.68 -32.15
CA THR DA 230 42.77 -91.35 -32.02
C THR DA 230 42.76 -92.66 -32.80
N ALA DA 231 43.36 -92.66 -33.99
CA ALA DA 231 43.43 -93.88 -34.78
C ALA DA 231 44.24 -94.96 -34.06
N VAL DA 232 45.34 -94.56 -33.42
CA VAL DA 232 46.15 -95.53 -32.67
C VAL DA 232 45.38 -96.05 -31.46
N LYS DA 233 44.67 -95.15 -30.75
CA LYS DA 233 43.85 -95.60 -29.62
C LYS DA 233 42.79 -96.58 -30.08
N ASP DA 234 42.20 -96.34 -31.26
CA ASP DA 234 41.24 -97.31 -31.81
C ASP DA 234 41.93 -98.64 -32.12
N LEU DA 235 42.93 -98.61 -33.00
CA LEU DA 235 43.66 -99.82 -33.38
C LEU DA 235 44.97 -99.93 -32.60
N GLY DA 236 44.83 -100.08 -31.29
CA GLY DA 236 45.98 -100.37 -30.45
C GLY DA 236 46.62 -101.72 -30.67
N LYS DA 237 46.30 -102.40 -31.77
CA LYS DA 237 46.81 -103.75 -32.00
C LYS DA 237 48.19 -103.73 -32.62
N ALA DA 238 48.32 -103.15 -33.83
CA ALA DA 238 49.53 -103.34 -34.61
C ALA DA 238 50.15 -102.03 -35.10
N VAL DA 239 49.44 -100.91 -34.97
CA VAL DA 239 50.02 -99.59 -35.24
C VAL DA 239 50.45 -99.00 -33.92
N SER DA 240 51.71 -98.56 -33.84
CA SER DA 240 52.30 -98.07 -32.61
C SER DA 240 52.85 -96.68 -32.84
N TYR DA 241 52.20 -95.70 -32.20
CA TYR DA 241 52.58 -94.30 -32.28
C TYR DA 241 53.80 -94.10 -31.39
N LYS DA 242 55.00 -94.21 -31.99
CA LYS DA 242 56.22 -94.04 -31.21
C LYS DA 242 56.29 -92.66 -30.58
N GLY DA 243 55.96 -91.63 -31.34
CA GLY DA 243 55.96 -90.28 -30.81
C GLY DA 243 56.25 -89.29 -31.93
N MET DA 244 56.67 -88.10 -31.51
CA MET DA 244 57.11 -87.05 -32.42
C MET DA 244 58.61 -87.15 -32.66
N TYR DA 245 59.00 -87.03 -33.92
CA TYR DA 245 60.39 -86.77 -34.28
C TYR DA 245 60.62 -85.27 -34.44
N GLY DA 246 59.80 -84.50 -33.75
CA GLY DA 246 59.74 -83.06 -33.96
C GLY DA 246 58.72 -82.70 -35.01
N ASP DA 247 59.20 -82.39 -36.21
CA ASP DA 247 58.31 -82.05 -37.32
C ASP DA 247 57.38 -83.18 -37.72
N VAL DA 248 57.84 -84.42 -37.74
CA VAL DA 248 57.12 -85.52 -38.36
C VAL DA 248 56.72 -86.54 -37.31
N ALA DA 249 55.66 -87.29 -37.59
CA ALA DA 249 55.19 -88.34 -36.69
C ALA DA 249 55.92 -89.64 -36.97
N ILE DA 250 56.25 -90.36 -35.89
CA ILE DA 250 56.94 -91.64 -35.98
C ILE DA 250 55.97 -92.74 -35.57
N VAL DA 251 55.73 -93.68 -36.47
CA VAL DA 251 54.82 -94.79 -36.23
C VAL DA 251 55.55 -96.07 -36.62
N VAL DA 252 55.09 -97.19 -36.07
CA VAL DA 252 55.60 -98.51 -36.45
C VAL DA 252 54.42 -99.44 -36.66
N TYR DA 253 54.36 -100.10 -37.80
CA TYR DA 253 53.37 -101.12 -38.07
C TYR DA 253 54.00 -102.49 -37.95
N SER DA 254 53.42 -103.33 -37.10
CA SER DA 254 53.86 -104.71 -36.91
C SER DA 254 52.69 -105.67 -37.10
N GLY DA 255 51.83 -105.37 -38.06
CA GLY DA 255 50.70 -106.24 -38.33
C GLY DA 255 51.16 -107.56 -38.92
N GLN DA 256 50.37 -108.60 -38.68
CA GLN DA 256 50.72 -109.96 -39.09
C GLN DA 256 49.52 -110.63 -39.74
N TYR DA 257 49.76 -111.38 -40.80
CA TYR DA 257 48.75 -112.22 -41.42
C TYR DA 257 49.04 -113.68 -41.11
N VAL DA 258 47.98 -114.43 -40.83
CA VAL DA 258 48.09 -115.83 -40.41
C VAL DA 258 47.68 -116.67 -41.63
N GLU DA 259 48.67 -117.13 -42.37
CA GLU DA 259 48.41 -117.81 -43.64
C GLU DA 259 48.02 -119.26 -43.39
N ASN DA 260 48.04 -120.06 -44.46
CA ASN DA 260 47.39 -121.37 -44.47
C ASN DA 260 47.87 -122.27 -43.34
N GLY DA 261 49.16 -122.23 -43.03
CA GLY DA 261 49.68 -123.09 -41.98
C GLY DA 261 50.54 -122.36 -40.96
N VAL DA 262 50.92 -121.12 -41.27
CA VAL DA 262 51.86 -120.37 -40.45
C VAL DA 262 51.40 -118.91 -40.43
N LYS DA 263 52.05 -118.11 -39.61
CA LYS DA 263 51.81 -116.68 -39.51
C LYS DA 263 53.10 -115.92 -39.77
N LYS DA 264 52.96 -114.72 -40.34
CA LYS DA 264 54.13 -113.88 -40.57
C LYS DA 264 53.67 -112.44 -40.78
N ASN DA 265 54.56 -111.48 -40.54
CA ASN DA 265 54.20 -110.07 -40.62
C ASN DA 265 53.84 -109.67 -42.04
N PHE DA 266 52.93 -108.70 -42.14
CA PHE DA 266 52.62 -108.09 -43.43
C PHE DA 266 53.86 -107.46 -44.05
N LEU DA 267 54.61 -106.70 -43.26
CA LEU DA 267 55.76 -105.91 -43.63
C LEU DA 267 56.97 -106.79 -43.92
N PRO DA 268 57.74 -106.43 -44.95
CA PRO DA 268 59.04 -107.06 -45.17
C PRO DA 268 60.05 -106.69 -44.09
N ASP DA 269 61.30 -107.10 -44.27
CA ASP DA 269 62.29 -106.98 -43.22
C ASP DA 269 62.54 -105.52 -42.84
N ASN DA 270 62.85 -104.67 -43.82
CA ASN DA 270 63.24 -103.29 -43.56
C ASN DA 270 62.80 -102.44 -44.75
N THR DA 271 61.62 -101.81 -44.64
CA THR DA 271 61.08 -101.03 -45.73
C THR DA 271 60.41 -99.76 -45.22
N MET DA 272 60.24 -98.82 -46.14
CA MET DA 272 59.70 -97.50 -45.86
C MET DA 272 58.96 -96.97 -47.08
N VAL DA 273 57.87 -96.24 -46.82
CA VAL DA 273 57.19 -95.46 -47.84
C VAL DA 273 57.01 -94.04 -47.32
N LEU DA 274 57.56 -93.07 -48.05
CA LEU DA 274 57.50 -91.66 -47.70
C LEU DA 274 56.40 -91.01 -48.53
N GLY DA 275 55.41 -90.44 -47.85
CA GLY DA 275 54.31 -89.78 -48.53
C GLY DA 275 53.38 -89.13 -47.53
N ASN DA 276 52.25 -88.62 -48.04
CA ASN DA 276 51.28 -87.90 -47.24
C ASN DA 276 50.26 -88.85 -46.63
N THR DA 277 49.56 -88.36 -45.62
CA THR DA 277 48.40 -89.03 -45.05
C THR DA 277 47.14 -88.83 -45.87
N GLN DA 278 47.13 -87.87 -46.79
CA GLN DA 278 45.97 -87.62 -47.64
C GLN DA 278 46.21 -88.01 -49.09
N ALA DA 279 47.05 -89.01 -49.34
CA ALA DA 279 47.20 -89.52 -50.70
C ALA DA 279 45.91 -90.15 -51.17
N ARG DA 280 45.67 -90.09 -52.48
CA ARG DA 280 44.40 -90.49 -53.04
C ARG DA 280 44.42 -91.98 -53.35
N GLY DA 281 43.52 -92.73 -52.73
CA GLY DA 281 43.46 -94.16 -52.95
C GLY DA 281 42.14 -94.64 -53.50
N LEU DA 282 42.19 -95.34 -54.63
CA LEU DA 282 40.97 -95.80 -55.30
C LEU DA 282 40.61 -97.20 -54.82
N ARG DA 283 39.32 -97.42 -54.63
CA ARG DA 283 38.75 -98.70 -54.22
C ARG DA 283 37.74 -99.15 -55.28
N THR DA 284 38.18 -99.18 -56.53
CA THR DA 284 37.32 -99.69 -57.59
C THR DA 284 36.87 -101.11 -57.27
N TYR DA 285 35.59 -101.38 -57.51
CA TYR DA 285 34.97 -102.65 -57.18
C TYR DA 285 34.25 -103.16 -58.41
N GLY DA 286 34.44 -104.44 -58.71
CA GLY DA 286 33.86 -105.03 -59.91
C GLY DA 286 32.44 -105.51 -59.70
N CYS DA 287 31.97 -106.27 -60.68
CA CYS DA 287 30.65 -106.87 -60.60
C CYS DA 287 30.60 -107.92 -59.48
N ILE DA 288 29.41 -108.10 -58.92
CA ILE DA 288 29.17 -109.16 -57.95
C ILE DA 288 28.36 -110.25 -58.63
N GLN DA 289 28.96 -111.43 -58.82
CA GLN DA 289 28.35 -112.52 -59.57
C GLN DA 289 27.46 -113.34 -58.64
N ASP DA 290 26.29 -112.78 -58.35
CA ASP DA 290 25.28 -113.47 -57.56
C ASP DA 290 23.91 -113.08 -58.06
N ALA DA 291 23.12 -114.08 -58.47
CA ALA DA 291 21.81 -113.80 -59.07
C ALA DA 291 20.98 -112.91 -58.16
N ASP DA 292 21.08 -113.14 -56.84
CA ASP DA 292 20.42 -112.25 -55.89
C ASP DA 292 20.90 -110.81 -56.04
N ALA DA 293 22.22 -110.63 -56.14
CA ALA DA 293 22.79 -109.30 -56.27
C ALA DA 293 22.32 -108.61 -57.53
N GLN DA 294 22.27 -109.34 -58.66
CA GLN DA 294 21.82 -108.68 -59.88
C GLN DA 294 20.34 -108.33 -59.82
N ARG DA 295 19.47 -109.23 -59.33
CA ARG DA 295 18.07 -108.88 -59.52
C ARG DA 295 17.59 -107.95 -58.41
N GLU DA 296 18.43 -107.69 -57.39
CA GLU DA 296 18.12 -106.63 -56.46
C GLU DA 296 19.06 -105.43 -56.56
N GLY DA 297 19.93 -105.40 -57.57
CA GLY DA 297 20.74 -104.21 -57.83
C GLY DA 297 21.97 -104.03 -56.97
N ILE DA 298 22.55 -105.12 -56.48
CA ILE DA 298 23.77 -105.04 -55.68
C ILE DA 298 24.94 -105.44 -56.57
N ASN DA 299 24.77 -105.28 -57.87
CA ASN DA 299 25.88 -105.46 -58.80
C ASN DA 299 26.96 -104.39 -58.61
N ALA DA 300 26.60 -103.25 -58.06
CA ALA DA 300 27.53 -102.15 -57.81
C ALA DA 300 27.50 -101.82 -56.33
N SER DA 301 28.37 -102.47 -55.56
CA SER DA 301 28.39 -102.28 -54.12
C SER DA 301 29.74 -102.70 -53.57
N ALA DA 302 29.86 -102.64 -52.25
CA ALA DA 302 31.08 -103.10 -51.60
C ALA DA 302 31.08 -104.61 -51.39
N ARG DA 303 30.17 -105.10 -50.55
CA ARG DA 303 30.18 -106.48 -50.09
C ARG DA 303 28.78 -107.06 -50.23
N TYR DA 304 28.70 -108.39 -50.21
CA TYR DA 304 27.40 -109.04 -50.21
C TYR DA 304 27.41 -110.31 -49.37
N PRO DA 305 26.67 -110.34 -48.27
CA PRO DA 305 26.51 -111.59 -47.50
C PRO DA 305 25.26 -112.35 -47.90
N LYS DA 306 25.20 -113.64 -47.55
CA LYS DA 306 23.94 -114.37 -47.61
C LYS DA 306 24.04 -115.63 -46.78
N ASN DA 307 22.89 -116.07 -46.25
CA ASN DA 307 22.75 -117.35 -45.58
C ASN DA 307 21.76 -118.19 -46.36
N TRP DA 308 22.13 -119.44 -46.63
CA TRP DA 308 21.45 -120.18 -47.69
C TRP DA 308 21.65 -121.69 -47.52
N VAL DA 309 20.61 -122.44 -47.88
CA VAL DA 309 20.55 -123.88 -47.67
C VAL DA 309 20.73 -124.58 -49.01
N THR DA 310 21.57 -125.61 -49.02
CA THR DA 310 21.72 -126.51 -50.16
C THR DA 310 20.89 -127.76 -49.93
N THR DA 311 20.04 -128.08 -50.89
CA THR DA 311 19.22 -129.28 -50.88
C THR DA 311 19.77 -130.29 -51.86
N GLY DA 312 20.00 -131.50 -51.37
CA GLY DA 312 20.52 -132.57 -52.21
C GLY DA 312 21.75 -133.24 -51.67
N ASP DA 313 22.80 -133.34 -52.50
CA ASP DA 313 24.04 -133.98 -52.04
C ASP DA 313 24.66 -133.24 -50.86
N PRO DA 314 25.04 -131.96 -50.98
CA PRO DA 314 25.54 -131.24 -49.80
C PRO DA 314 24.40 -130.56 -49.05
N ALA DA 315 23.42 -131.35 -48.62
CA ALA DA 315 22.22 -130.78 -48.02
C ALA DA 315 22.58 -130.18 -46.67
N ARG DA 316 22.91 -128.90 -46.69
CA ARG DA 316 23.48 -128.22 -45.53
C ARG DA 316 23.05 -126.77 -45.59
N GLU DA 317 23.71 -125.91 -44.84
CA GLU DA 317 23.42 -124.48 -44.88
C GLU DA 317 24.69 -123.70 -44.60
N PHE DA 318 24.91 -122.64 -45.37
CA PHE DA 318 26.18 -121.94 -45.44
C PHE DA 318 25.98 -120.43 -45.38
N THR DA 319 27.05 -119.74 -45.02
CA THR DA 319 27.15 -118.29 -45.14
C THR DA 319 28.18 -117.96 -46.22
N MET DA 320 27.76 -117.14 -47.18
CA MET DA 320 28.52 -116.84 -48.38
C MET DA 320 28.81 -115.35 -48.40
N ILE DA 321 30.06 -114.97 -48.64
CA ILE DA 321 30.45 -113.57 -48.71
C ILE DA 321 31.09 -113.32 -50.06
N GLN DA 322 30.66 -112.27 -50.75
CA GLN DA 322 31.14 -111.97 -52.08
C GLN DA 322 31.57 -110.50 -52.19
N SER DA 323 32.68 -110.27 -52.87
CA SER DA 323 33.24 -108.95 -53.05
C SER DA 323 34.11 -108.96 -54.31
N ALA DA 324 34.57 -107.79 -54.72
CA ALA DA 324 35.47 -107.66 -55.86
C ALA DA 324 36.25 -106.35 -55.78
N PRO DA 325 37.23 -106.27 -54.89
CA PRO DA 325 38.05 -105.07 -54.80
C PRO DA 325 39.25 -105.09 -55.74
N LEU DA 326 39.61 -103.92 -56.24
CA LEU DA 326 40.84 -103.74 -57.00
C LEU DA 326 41.47 -102.41 -56.60
N MET DA 327 41.48 -102.13 -55.31
CA MET DA 327 42.07 -100.94 -54.73
C MET DA 327 43.51 -100.71 -55.20
N LEU DA 328 43.79 -99.47 -55.58
CA LEU DA 328 45.09 -99.02 -56.04
C LEU DA 328 45.33 -97.62 -55.49
N LEU DA 329 46.46 -97.03 -55.89
CA LEU DA 329 46.80 -95.66 -55.52
C LEU DA 329 46.77 -94.79 -56.76
N ALA DA 330 46.16 -93.60 -56.65
CA ALA DA 330 46.06 -92.70 -57.80
C ALA DA 330 47.43 -92.22 -58.23
N ASP DA 331 48.28 -91.83 -57.28
CA ASP DA 331 49.62 -91.34 -57.56
C ASP DA 331 50.65 -92.28 -56.97
N PRO DA 332 51.18 -93.22 -57.74
CA PRO DA 332 52.27 -94.06 -57.23
C PRO DA 332 53.51 -93.27 -56.88
N ASP DA 333 53.74 -92.14 -57.56
CA ASP DA 333 54.87 -91.28 -57.25
C ASP DA 333 54.72 -90.55 -55.93
N GLU DA 334 53.53 -90.59 -55.32
CA GLU DA 334 53.31 -89.93 -54.04
C GLU DA 334 54.18 -90.52 -52.93
N PHE DA 335 54.49 -91.81 -52.99
CA PHE DA 335 55.29 -92.46 -51.98
C PHE DA 335 56.60 -92.96 -52.56
N VAL DA 336 57.68 -92.64 -51.86
CA VAL DA 336 59.00 -93.18 -52.17
C VAL DA 336 59.21 -94.43 -51.33
N SER DA 337 59.44 -95.56 -52.00
CA SER DA 337 59.59 -96.85 -51.35
C SER DA 337 61.07 -97.19 -51.26
N VAL DA 338 61.57 -97.34 -50.04
CA VAL DA 338 62.98 -97.54 -49.76
C VAL DA 338 63.14 -98.83 -48.96
N GLN DA 339 64.04 -99.69 -49.39
CA GLN DA 339 64.49 -100.79 -48.56
C GLN DA 339 65.69 -100.31 -47.75
N LEU DA 340 65.70 -100.64 -46.47
CA LEU DA 340 66.63 -100.06 -45.52
C LEU DA 340 67.88 -100.92 -45.37
N ALA DA 341 68.82 -100.42 -44.58
CA ALA DA 341 70.06 -101.14 -44.31
C ALA DA 341 69.78 -102.43 -43.53
N ALA EA 7 -26.93 27.79 -93.61
CA ALA EA 7 -26.40 27.87 -92.25
C ALA EA 7 -26.31 26.49 -91.62
N GLN EA 8 -25.08 25.98 -91.52
CA GLN EA 8 -24.80 24.69 -90.91
C GLN EA 8 -23.96 24.89 -89.66
N LEU EA 9 -23.97 23.87 -88.79
CA LEU EA 9 -23.45 24.01 -87.44
C LEU EA 9 -21.93 24.22 -87.45
N LEU EA 10 -21.41 24.57 -86.27
CA LEU EA 10 -19.98 24.80 -86.10
C LEU EA 10 -19.17 23.54 -86.34
N ALA EA 11 -19.67 22.37 -85.93
CA ALA EA 11 -18.92 21.13 -86.02
C ALA EA 11 -18.63 20.70 -87.44
N ALA EA 12 -19.28 21.29 -88.45
CA ALA EA 12 -19.01 21.00 -89.85
C ALA EA 12 -17.75 21.75 -90.31
N ASN EA 13 -16.65 21.49 -89.62
CA ASN EA 13 -15.38 22.16 -89.87
C ASN EA 13 -14.24 21.14 -89.82
N GLU EA 14 -14.44 20.01 -90.48
CA GLU EA 14 -13.49 18.90 -90.45
C GLU EA 14 -12.62 18.94 -91.70
N GLN EA 15 -11.31 19.13 -91.52
CA GLN EA 15 -10.36 19.10 -92.63
C GLN EA 15 -9.36 17.97 -92.51
N LYS EA 16 -8.65 17.88 -91.38
CA LYS EA 16 -7.48 17.01 -91.23
C LYS EA 16 -6.43 17.30 -92.31
N PHE EA 17 -6.38 18.57 -92.75
CA PHE EA 17 -5.44 19.03 -93.77
C PHE EA 17 -4.63 20.18 -93.19
N LYS EA 18 -3.51 19.85 -92.54
CA LYS EA 18 -2.58 20.85 -92.03
C LYS EA 18 -1.25 20.64 -92.78
N PHE EA 19 -1.03 21.45 -93.81
CA PHE EA 19 0.10 21.29 -94.71
C PHE EA 19 0.78 22.64 -94.96
N ASP EA 20 1.02 23.38 -93.88
CA ASP EA 20 1.77 24.63 -93.99
C ASP EA 20 3.24 24.35 -94.34
N PRO EA 21 3.89 25.20 -95.15
CA PRO EA 21 5.26 24.91 -95.63
C PRO EA 21 6.37 25.09 -94.59
N LEU EA 22 6.35 24.18 -93.60
CA LEU EA 22 7.48 23.96 -92.70
C LEU EA 22 7.84 25.17 -91.84
N PHE EA 23 7.06 26.24 -91.89
CA PHE EA 23 7.34 27.40 -91.07
C PHE EA 23 6.50 27.47 -89.81
N LEU EA 24 5.18 27.49 -89.94
CA LEU EA 24 4.29 27.54 -88.79
C LEU EA 24 4.18 26.20 -88.08
N ARG EA 25 4.71 25.14 -88.68
CA ARG EA 25 4.66 23.80 -88.11
C ARG EA 25 5.99 23.34 -87.53
N LEU EA 26 7.10 23.98 -87.90
CA LEU EA 26 8.43 23.54 -87.52
C LEU EA 26 9.23 24.59 -86.77
N PHE EA 27 9.17 25.85 -87.16
CA PHE EA 27 9.82 26.91 -86.40
C PHE EA 27 8.87 27.64 -85.46
N PHE EA 28 7.58 27.69 -85.79
CA PHE EA 28 6.64 28.55 -85.09
C PHE EA 28 5.50 27.74 -84.46
N ARG EA 29 5.86 26.68 -83.74
CA ARG EA 29 4.88 25.82 -83.07
C ARG EA 29 4.27 26.48 -81.84
N GLU EA 30 4.80 27.62 -81.40
CA GLU EA 30 4.62 28.10 -80.03
C GLU EA 30 3.36 28.97 -79.95
N SER EA 31 2.20 28.36 -80.07
CA SER EA 31 0.92 29.07 -80.18
C SER EA 31 0.49 29.67 -78.85
N TYR EA 32 0.03 30.93 -78.89
CA TYR EA 32 -0.50 31.60 -77.71
C TYR EA 32 -1.78 32.36 -78.03
N PRO EA 33 -2.90 31.66 -78.23
CA PRO EA 33 -4.17 32.39 -78.31
C PRO EA 33 -4.58 32.97 -76.96
N PHE EA 34 -5.05 34.21 -76.99
CA PHE EA 34 -5.36 34.99 -75.79
C PHE EA 34 -6.84 35.32 -75.73
N THR EA 35 -7.30 35.63 -74.53
CA THR EA 35 -8.61 36.21 -74.29
C THR EA 35 -8.56 37.73 -74.39
N THR EA 36 -7.39 38.28 -74.74
CA THR EA 36 -7.17 39.71 -74.78
C THR EA 36 -6.72 40.11 -76.18
N GLU EA 37 -6.98 41.38 -76.51
CA GLU EA 37 -6.81 41.85 -77.88
C GLU EA 37 -5.38 41.69 -78.37
N LYS EA 38 -4.44 42.39 -77.74
CA LYS EA 38 -3.09 42.51 -78.23
C LYS EA 38 -2.25 41.31 -77.83
N VAL EA 39 -0.99 41.33 -78.24
CA VAL EA 39 0.04 40.43 -77.72
C VAL EA 39 0.77 41.14 -76.60
N TYR EA 40 0.96 40.44 -75.49
CA TYR EA 40 1.61 41.00 -74.31
C TYR EA 40 2.84 40.13 -74.03
N LEU EA 41 3.96 40.46 -74.69
CA LEU EA 41 5.16 39.65 -74.57
C LEU EA 41 5.63 39.54 -73.13
N SER EA 42 5.32 40.55 -72.30
CA SER EA 42 5.56 40.42 -70.88
C SER EA 42 4.74 39.29 -70.27
N GLN EA 43 3.52 39.08 -70.76
CA GLN EA 43 2.68 38.00 -70.27
C GLN EA 43 3.24 36.63 -70.67
N ILE EA 44 3.71 36.48 -71.91
CA ILE EA 44 4.31 35.21 -72.32
C ILE EA 44 5.56 34.96 -71.48
N PRO EA 45 5.73 33.77 -70.89
CA PRO EA 45 6.99 33.50 -70.17
C PRO EA 45 8.19 33.50 -71.09
N GLY EA 46 8.02 33.04 -72.33
CA GLY EA 46 9.11 32.90 -73.26
C GLY EA 46 10.22 32.05 -72.66
N LEU EA 47 11.44 32.56 -72.78
CA LEU EA 47 12.55 31.98 -72.04
C LEU EA 47 12.46 32.40 -70.57
N VAL EA 48 12.65 31.43 -69.69
CA VAL EA 48 12.53 31.62 -68.24
C VAL EA 48 13.92 31.94 -67.69
N ASN EA 49 13.97 32.84 -66.70
CA ASN EA 49 15.20 33.08 -65.95
C ASN EA 49 15.61 31.76 -65.30
N MET EA 50 16.73 31.19 -65.77
CA MET EA 50 16.94 29.75 -65.68
C MET EA 50 18.38 29.40 -65.27
N ALA EA 51 18.90 29.99 -64.20
CA ALA EA 51 20.21 29.60 -63.72
C ALA EA 51 20.33 29.50 -62.21
N LEU EA 52 19.85 30.50 -61.48
CA LEU EA 52 20.23 30.71 -60.09
C LEU EA 52 19.57 29.68 -59.17
N TYR EA 53 20.34 29.22 -58.18
CA TYR EA 53 19.81 28.42 -57.09
C TYR EA 53 19.91 29.22 -55.80
N VAL EA 54 19.61 28.56 -54.67
CA VAL EA 54 19.62 29.20 -53.37
C VAL EA 54 20.49 28.38 -52.42
N SER EA 55 20.94 29.03 -51.34
CA SER EA 55 21.85 28.43 -50.38
C SER EA 55 21.20 27.25 -49.67
N PRO EA 56 22.00 26.28 -49.20
CA PRO EA 56 21.42 25.13 -48.49
C PRO EA 56 20.99 25.43 -47.07
N ILE EA 57 20.28 26.55 -46.87
CA ILE EA 57 19.68 26.85 -45.57
C ILE EA 57 18.19 27.14 -45.76
N VAL EA 58 17.87 28.11 -46.62
CA VAL EA 58 16.51 28.47 -46.97
C VAL EA 58 16.44 28.70 -48.47
N SER EA 59 15.26 29.08 -48.94
CA SER EA 59 15.10 29.37 -50.36
C SER EA 59 14.78 30.85 -50.57
N GLY EA 60 14.90 31.29 -51.82
CA GLY EA 60 14.86 32.70 -52.15
C GLY EA 60 13.48 33.21 -52.53
N GLU EA 61 13.48 34.24 -53.36
CA GLU EA 61 12.28 34.99 -53.69
C GLU EA 61 11.44 34.24 -54.72
N VAL EA 62 10.37 34.88 -55.18
CA VAL EA 62 9.46 34.29 -56.16
C VAL EA 62 9.90 34.73 -57.55
N ILE EA 63 9.94 33.79 -58.48
CA ILE EA 63 10.35 34.06 -59.86
C ILE EA 63 9.09 34.16 -60.72
N ARG EA 64 9.06 35.16 -61.58
CA ARG EA 64 7.90 35.52 -62.40
C ARG EA 64 8.22 35.28 -63.87
N SER EA 65 7.25 35.61 -64.73
CA SER EA 65 7.51 35.83 -66.14
C SER EA 65 8.27 37.13 -66.26
N ARG EA 66 9.47 37.08 -66.85
CA ARG EA 66 10.46 38.14 -66.63
C ARG EA 66 10.19 39.37 -67.51
N GLY EA 67 8.96 39.87 -67.41
CA GLY EA 67 8.60 41.21 -67.84
C GLY EA 67 9.16 41.68 -69.17
N GLY EA 68 8.68 41.11 -70.28
CA GLY EA 68 9.11 41.53 -71.60
C GLY EA 68 9.00 43.03 -71.80
N SER EA 69 10.05 43.63 -72.37
CA SER EA 69 10.11 45.09 -72.47
C SER EA 69 8.98 45.65 -73.31
N THR EA 70 8.75 45.08 -74.49
CA THR EA 70 7.67 45.51 -75.37
C THR EA 70 6.59 44.43 -75.38
N SER EA 71 5.38 44.81 -74.98
CA SER EA 71 4.27 43.87 -74.88
C SER EA 71 2.98 44.42 -75.48
N GLU EA 72 3.03 45.06 -76.64
CA GLU EA 72 1.86 45.70 -77.24
C GLU EA 72 2.02 45.74 -78.76
N PHE EA 73 1.44 44.77 -79.44
CA PHE EA 73 1.31 44.80 -80.90
C PHE EA 73 -0.08 44.30 -81.28
N THR EA 74 -0.53 44.71 -82.47
CA THR EA 74 -1.88 44.43 -82.93
C THR EA 74 -1.90 43.14 -83.74
N PRO EA 75 -2.57 42.09 -83.29
CA PRO EA 75 -2.69 40.88 -84.11
C PRO EA 75 -3.46 41.15 -85.39
N GLY EA 76 -3.14 40.40 -86.43
CA GLY EA 76 -3.81 40.52 -87.71
C GLY EA 76 -5.18 39.88 -87.71
N TYR EA 77 -6.15 40.52 -87.08
CA TYR EA 77 -7.49 39.95 -87.04
C TYR EA 77 -8.05 39.92 -88.45
N VAL EA 78 -8.03 38.73 -89.04
CA VAL EA 78 -8.45 38.47 -90.40
C VAL EA 78 -9.78 37.72 -90.35
N LYS EA 79 -10.83 38.37 -90.85
CA LYS EA 79 -12.06 37.61 -90.95
C LYS EA 79 -12.64 37.72 -92.36
N PRO EA 80 -12.25 36.85 -93.28
CA PRO EA 80 -12.89 36.85 -94.60
C PRO EA 80 -14.12 35.96 -94.63
N LYS EA 81 -14.79 35.94 -95.78
CA LYS EA 81 -15.97 35.10 -95.96
C LYS EA 81 -16.13 34.80 -97.44
N HIS EA 82 -17.08 33.92 -97.72
CA HIS EA 82 -17.50 33.67 -99.09
C HIS EA 82 -18.95 33.23 -99.09
N GLU EA 83 -19.49 33.11 -100.30
CA GLU EA 83 -20.79 32.50 -100.50
C GLU EA 83 -20.63 31.06 -100.94
N VAL EA 84 -21.61 30.23 -100.57
CA VAL EA 84 -21.66 28.85 -101.00
C VAL EA 84 -22.98 28.61 -101.70
N ASN EA 85 -23.44 29.62 -102.43
CA ASN EA 85 -24.72 29.60 -103.12
C ASN EA 85 -24.83 28.38 -104.03
N PRO EA 86 -25.85 27.54 -103.85
CA PRO EA 86 -25.96 26.33 -104.67
C PRO EA 86 -26.39 26.62 -106.11
N GLN EA 87 -25.61 27.43 -106.80
CA GLN EA 87 -25.82 27.67 -108.22
C GLN EA 87 -24.69 27.14 -109.09
N MET EA 88 -23.58 26.71 -108.51
CA MET EA 88 -22.46 26.20 -109.29
C MET EA 88 -22.52 24.69 -109.46
N THR EA 89 -21.95 24.22 -110.56
CA THR EA 89 -21.40 22.88 -110.57
C THR EA 89 -20.03 22.90 -109.90
N LEU EA 90 -19.79 21.91 -109.04
CA LEU EA 90 -18.69 21.95 -108.10
C LEU EA 90 -17.50 21.13 -108.59
N ARG EA 91 -16.49 21.02 -107.73
CA ARG EA 91 -15.39 20.11 -108.00
C ARG EA 91 -15.93 18.68 -107.97
N ARG EA 92 -16.00 18.00 -109.11
CA ARG EA 92 -16.49 16.62 -109.11
C ARG EA 92 -15.31 15.66 -109.09
N LEU EA 93 -14.96 15.19 -107.90
CA LEU EA 93 -14.06 14.04 -107.78
C LEU EA 93 -14.54 12.95 -108.73
N PRO EA 94 -13.63 12.25 -109.42
CA PRO EA 94 -14.07 11.34 -110.49
C PRO EA 94 -15.13 10.33 -110.09
N ASP EA 95 -16.34 10.55 -110.62
CA ASP EA 95 -17.43 9.57 -110.65
C ASP EA 95 -17.76 8.96 -109.28
N GLU EA 96 -17.89 9.78 -108.24
CA GLU EA 96 -18.55 9.34 -107.02
C GLU EA 96 -20.01 9.84 -107.00
N ASP EA 97 -20.81 9.23 -107.87
CA ASP EA 97 -22.26 9.37 -107.86
C ASP EA 97 -22.72 10.82 -107.89
N PRO EA 98 -22.65 11.49 -109.04
CA PRO EA 98 -23.07 12.90 -109.10
C PRO EA 98 -24.53 13.15 -108.72
N GLN EA 99 -25.28 12.08 -108.43
CA GLN EA 99 -26.64 12.26 -107.94
C GLN EA 99 -26.66 13.03 -106.62
N ASN EA 100 -25.65 12.83 -105.76
CA ASN EA 100 -25.60 13.60 -104.53
C ASN EA 100 -25.20 15.05 -104.78
N LEU EA 101 -24.38 15.32 -105.80
CA LEU EA 101 -24.19 16.71 -106.22
C LEU EA 101 -25.51 17.32 -106.66
N ALA EA 102 -26.33 16.54 -107.37
CA ALA EA 102 -27.67 17.01 -107.72
C ALA EA 102 -28.49 17.36 -106.48
N ASP EA 103 -28.20 16.74 -105.34
CA ASP EA 103 -28.79 17.15 -104.08
C ASP EA 103 -28.29 18.53 -103.70
N PRO EA 104 -29.19 19.49 -103.40
CA PRO EA 104 -28.72 20.73 -102.77
C PRO EA 104 -28.05 20.52 -101.42
N ALA EA 105 -28.42 19.48 -100.67
CA ALA EA 105 -27.79 19.26 -99.37
C ALA EA 105 -26.33 18.88 -99.52
N TYR EA 106 -26.03 17.88 -100.36
CA TYR EA 106 -24.64 17.48 -100.52
C TYR EA 106 -23.82 18.54 -101.24
N ARG EA 107 -24.40 19.20 -102.24
CA ARG EA 107 -23.65 20.26 -102.90
C ARG EA 107 -23.31 21.35 -101.89
N ARG EA 108 -24.29 21.75 -101.06
CA ARG EA 108 -24.03 22.84 -100.12
C ARG EA 108 -23.01 22.42 -99.07
N ARG EA 109 -23.07 21.19 -98.58
CA ARG EA 109 -22.12 20.82 -97.53
C ARG EA 109 -20.71 20.67 -98.10
N ARG EA 110 -20.53 20.05 -99.26
CA ARG EA 110 -19.15 19.92 -99.71
C ARG EA 110 -18.66 21.23 -100.32
N ILE EA 111 -19.57 22.13 -100.71
CA ILE EA 111 -19.13 23.45 -101.14
C ILE EA 111 -18.74 24.31 -99.95
N ILE EA 112 -19.40 24.15 -98.78
CA ILE EA 112 -18.86 24.84 -97.61
C ILE EA 112 -17.53 24.22 -97.23
N MET EA 113 -17.36 22.90 -97.44
CA MET EA 113 -16.06 22.28 -97.25
C MET EA 113 -15.00 22.99 -98.12
N GLN EA 114 -15.29 23.11 -99.42
CA GLN EA 114 -14.35 23.72 -100.36
C GLN EA 114 -14.10 25.19 -100.01
N ASN EA 115 -15.17 25.92 -99.71
CA ASN EA 115 -15.05 27.33 -99.36
C ASN EA 115 -14.15 27.50 -98.14
N MET EA 116 -14.44 26.75 -97.08
CA MET EA 116 -13.70 26.98 -95.86
C MET EA 116 -12.25 26.54 -96.03
N ARG EA 117 -11.99 25.47 -96.80
CA ARG EA 117 -10.60 25.07 -96.98
C ARG EA 117 -9.84 26.13 -97.75
N ASP EA 118 -10.45 26.71 -98.78
CA ASP EA 118 -9.85 27.90 -99.40
C ASP EA 118 -9.57 28.96 -98.35
N GLU EA 119 -10.48 29.11 -97.39
CA GLU EA 119 -10.32 30.15 -96.37
C GLU EA 119 -9.09 29.90 -95.49
N GLU EA 120 -8.94 28.69 -94.94
CA GLU EA 120 -7.78 28.52 -94.05
C GLU EA 120 -6.49 28.48 -94.86
N LEU EA 121 -6.52 28.03 -96.11
CA LEU EA 121 -5.29 28.09 -96.88
C LEU EA 121 -4.97 29.54 -97.25
N ALA EA 122 -5.99 30.40 -97.36
CA ALA EA 122 -5.74 31.82 -97.52
C ALA EA 122 -5.06 32.41 -96.30
N ILE EA 123 -5.61 32.14 -95.12
CA ILE EA 123 -4.97 32.67 -93.91
C ILE EA 123 -3.59 32.05 -93.73
N ALA EA 124 -3.42 30.81 -94.16
CA ALA EA 124 -2.12 30.15 -94.08
C ALA EA 124 -1.10 30.80 -95.00
N GLN EA 125 -1.51 31.17 -96.22
CA GLN EA 125 -0.57 31.80 -97.14
C GLN EA 125 -0.24 33.22 -96.71
N VAL EA 126 -1.21 33.97 -96.18
CA VAL EA 126 -0.86 35.29 -95.65
C VAL EA 126 0.02 35.14 -94.40
N GLU EA 127 -0.19 34.08 -93.63
CA GLU EA 127 0.66 33.82 -92.47
C GLU EA 127 2.07 33.45 -92.91
N GLU EA 128 2.19 32.74 -94.03
CA GLU EA 128 3.51 32.41 -94.56
C GLU EA 128 4.22 33.64 -95.12
N MET EA 129 3.47 34.58 -95.71
CA MET EA 129 4.10 35.86 -96.05
C MET EA 129 4.58 36.60 -94.81
N GLN EA 130 3.78 36.57 -93.74
CA GLN EA 130 4.23 37.13 -92.47
C GLN EA 130 5.50 36.45 -91.99
N ALA EA 131 5.56 35.11 -92.12
CA ALA EA 131 6.73 34.36 -91.68
C ALA EA 131 7.96 34.71 -92.50
N VAL EA 132 7.81 34.85 -93.81
CA VAL EA 132 8.96 35.14 -94.66
C VAL EA 132 9.45 36.56 -94.40
N SER EA 133 8.55 37.52 -94.20
CA SER EA 133 8.98 38.85 -93.76
C SER EA 133 9.71 38.76 -92.43
N ALA EA 134 9.15 38.00 -91.48
CA ALA EA 134 9.71 37.89 -90.15
C ALA EA 134 11.12 37.35 -90.19
N VAL EA 135 11.28 36.08 -90.60
CA VAL EA 135 12.64 35.61 -90.82
C VAL EA 135 12.98 35.82 -92.29
N LEU EA 136 13.03 37.08 -92.71
CA LEU EA 136 14.02 37.61 -93.64
C LEU EA 136 14.51 38.98 -93.24
N LYS EA 137 13.76 39.76 -92.45
CA LYS EA 137 14.26 41.05 -92.00
C LYS EA 137 14.01 41.36 -90.53
N GLY EA 138 13.25 40.54 -89.80
CA GLY EA 138 12.93 40.86 -88.43
C GLY EA 138 11.82 41.88 -88.27
N LYS EA 139 11.39 42.48 -89.38
CA LYS EA 139 10.31 43.45 -89.42
C LYS EA 139 9.08 42.80 -90.06
N TYR EA 140 7.90 43.11 -89.50
CA TYR EA 140 6.65 42.68 -90.11
C TYR EA 140 5.74 43.89 -90.22
N THR EA 141 5.06 44.00 -91.36
CA THR EA 141 4.16 45.11 -91.65
C THR EA 141 2.74 44.68 -91.33
N MET EA 142 2.30 44.94 -90.09
CA MET EA 142 0.89 44.87 -89.72
C MET EA 142 0.18 46.04 -90.37
N THR EA 143 -0.36 45.82 -91.56
CA THR EA 143 -0.90 46.92 -92.34
C THR EA 143 -2.10 46.46 -93.15
N GLY EA 144 -2.91 47.44 -93.53
CA GLY EA 144 -4.06 47.23 -94.39
C GLY EA 144 -4.78 48.55 -94.55
N GLU EA 145 -5.56 48.64 -95.62
CA GLU EA 145 -6.32 49.86 -95.86
C GLU EA 145 -7.35 50.05 -94.74
N ALA EA 146 -7.62 51.31 -94.40
CA ALA EA 146 -8.41 51.65 -93.21
C ALA EA 146 -7.83 51.01 -91.96
N PHE EA 147 -6.50 51.06 -91.84
CA PHE EA 147 -5.79 50.52 -90.69
C PHE EA 147 -4.37 51.08 -90.70
N ASP EA 148 -3.91 51.53 -89.55
CA ASP EA 148 -2.57 52.12 -89.48
C ASP EA 148 -1.50 51.03 -89.65
N PRO EA 149 -0.43 51.30 -90.38
CA PRO EA 149 0.65 50.32 -90.49
C PRO EA 149 1.54 50.32 -89.26
N VAL EA 150 1.42 49.25 -88.47
CA VAL EA 150 2.28 49.02 -87.32
C VAL EA 150 3.44 48.13 -87.77
N GLU EA 151 4.66 48.58 -87.54
CA GLU EA 151 5.84 47.76 -87.73
C GLU EA 151 6.08 46.96 -86.46
N VAL EA 152 6.00 45.63 -86.58
CA VAL EA 152 6.25 44.73 -85.47
C VAL EA 152 7.65 44.16 -85.68
N ASP EA 153 8.57 44.53 -84.79
CA ASP EA 153 9.99 44.18 -84.93
C ASP EA 153 10.35 43.19 -83.83
N MET EA 154 10.89 42.03 -84.21
CA MET EA 154 11.49 41.17 -83.21
C MET EA 154 12.83 41.71 -82.73
N GLY EA 155 13.57 42.42 -83.59
CA GLY EA 155 14.83 42.99 -83.19
C GLY EA 155 16.02 42.41 -83.91
N ARG EA 156 15.83 42.05 -85.18
CA ARG EA 156 16.92 41.47 -85.96
C ARG EA 156 18.10 42.43 -86.02
N SER EA 157 19.27 41.92 -85.69
CA SER EA 157 20.47 42.73 -85.56
C SER EA 157 21.11 42.98 -86.92
N GLU EA 158 22.09 43.89 -86.93
CA GLU EA 158 22.78 44.25 -88.16
C GLU EA 158 23.61 43.10 -88.71
N GLU EA 159 24.32 42.38 -87.83
CA GLU EA 159 25.07 41.22 -88.30
C GLU EA 159 24.17 40.09 -88.78
N ASN EA 160 22.88 40.14 -88.47
CA ASN EA 160 21.90 39.25 -89.06
C ASN EA 160 21.35 39.77 -90.38
N ASN EA 161 21.81 40.93 -90.84
CA ASN EA 161 21.36 41.54 -92.08
C ASN EA 161 22.54 41.86 -92.99
N ILE EA 162 23.70 41.24 -92.71
CA ILE EA 162 24.87 41.49 -93.55
C ILE EA 162 24.69 40.84 -94.91
N THR EA 163 25.25 41.47 -95.93
CA THR EA 163 24.92 41.21 -97.32
C THR EA 163 26.10 40.58 -98.05
N GLN EA 164 25.80 39.64 -98.95
CA GLN EA 164 26.82 39.02 -99.78
C GLN EA 164 27.39 39.96 -100.82
N SER EA 165 26.57 40.85 -101.39
CA SER EA 165 27.06 41.77 -102.41
C SER EA 165 28.09 42.73 -101.85
N GLY EA 166 28.04 43.00 -100.55
CA GLY EA 166 29.08 43.80 -99.92
C GLY EA 166 30.43 43.14 -100.05
N GLY EA 167 31.42 43.90 -100.53
CA GLY EA 167 32.73 43.35 -100.76
C GLY EA 167 32.82 42.57 -102.05
N THR EA 168 32.96 41.25 -101.95
CA THR EA 168 33.07 40.37 -103.10
C THR EA 168 31.80 39.54 -103.24
N GLU EA 169 31.25 39.51 -104.44
CA GLU EA 169 30.04 38.77 -104.74
C GLU EA 169 30.39 37.37 -105.24
N TRP EA 170 29.50 36.42 -104.95
CA TRP EA 170 29.69 35.06 -105.46
C TRP EA 170 29.61 35.04 -106.98
N SER EA 171 28.76 35.87 -107.58
CA SER EA 171 28.79 36.03 -109.03
C SER EA 171 30.13 36.58 -109.49
N LYS EA 172 30.70 37.52 -108.74
CA LYS EA 172 32.02 38.06 -109.02
C LYS EA 172 33.11 37.24 -108.33
N ARG EA 173 33.10 35.93 -108.56
CA ARG EA 173 34.09 35.02 -108.02
C ARG EA 173 34.36 33.93 -109.04
N ASP EA 174 35.37 33.11 -108.74
CA ASP EA 174 35.68 31.97 -109.60
C ASP EA 174 34.57 30.94 -109.50
N LYS EA 175 33.95 30.63 -110.64
CA LYS EA 175 32.88 29.65 -110.69
C LYS EA 175 33.37 28.22 -110.49
N SER EA 176 34.69 28.00 -110.48
CA SER EA 176 35.24 26.67 -110.39
C SER EA 176 35.97 26.38 -109.09
N THR EA 177 36.83 27.29 -108.62
CA THR EA 177 37.68 27.01 -107.47
C THR EA 177 37.19 27.62 -106.17
N TYR EA 178 36.44 28.73 -106.22
CA TYR EA 178 35.99 29.35 -105.00
C TYR EA 178 34.99 28.46 -104.28
N ASP EA 179 35.13 28.39 -102.95
CA ASP EA 179 34.23 27.62 -102.11
C ASP EA 179 33.43 28.58 -101.23
N PRO EA 180 32.10 28.65 -101.37
CA PRO EA 180 31.31 29.53 -100.50
C PRO EA 180 31.09 28.99 -99.11
N THR EA 181 31.68 27.84 -98.77
CA THR EA 181 31.57 27.33 -97.41
C THR EA 181 32.17 28.30 -96.41
N ASP EA 182 33.28 28.95 -96.79
CA ASP EA 182 33.88 29.95 -95.91
C ASP EA 182 32.86 31.03 -95.53
N ASP EA 183 32.14 31.56 -96.52
CA ASP EA 183 31.05 32.47 -96.23
C ASP EA 183 29.96 31.78 -95.42
N ILE EA 184 29.77 30.48 -95.62
CA ILE EA 184 28.72 29.78 -94.88
C ILE EA 184 28.98 29.84 -93.39
N GLU EA 185 30.19 29.48 -92.95
CA GLU EA 185 30.46 29.62 -91.51
C GLU EA 185 30.61 31.08 -91.12
N ALA EA 186 31.04 31.95 -92.04
CA ALA EA 186 31.15 33.37 -91.72
C ALA EA 186 29.81 33.95 -91.32
N TYR EA 187 28.74 33.58 -92.03
CA TYR EA 187 27.42 34.05 -91.67
C TYR EA 187 26.78 33.20 -90.57
N ALA EA 188 27.20 31.94 -90.43
CA ALA EA 188 26.63 31.09 -89.40
C ALA EA 188 27.16 31.38 -88.00
N LEU EA 189 28.38 31.91 -87.89
CA LEU EA 189 28.98 32.11 -86.57
C LEU EA 189 28.16 33.11 -85.74
N ASN EA 190 27.72 34.20 -86.35
CA ASN EA 190 26.92 35.20 -85.64
C ASN EA 190 25.43 34.91 -85.80
N ALA EA 191 25.03 33.67 -85.56
CA ALA EA 191 23.64 33.27 -85.65
C ALA EA 191 23.08 32.75 -84.33
N SER EA 192 23.87 32.82 -83.25
CA SER EA 192 23.44 32.36 -81.93
C SER EA 192 23.01 30.90 -81.97
N GLY EA 193 23.74 30.09 -82.71
CA GLY EA 193 23.45 28.67 -82.77
C GLY EA 193 23.98 28.03 -84.02
N VAL EA 194 23.65 26.75 -84.17
CA VAL EA 194 24.07 25.93 -85.30
C VAL EA 194 23.01 26.01 -86.40
N VAL EA 195 23.47 26.07 -87.64
CA VAL EA 195 22.60 26.07 -88.82
C VAL EA 195 22.63 24.67 -89.43
N ASN EA 196 21.45 24.11 -89.70
CA ASN EA 196 21.37 22.77 -90.27
C ASN EA 196 20.46 22.69 -91.49
N ILE EA 197 19.92 23.81 -91.98
CA ILE EA 197 19.23 23.86 -93.26
C ILE EA 197 19.72 25.08 -94.00
N ILE EA 198 20.01 24.93 -95.30
CA ILE EA 198 20.53 26.02 -96.10
C ILE EA 198 19.54 26.32 -97.22
N VAL EA 199 18.24 26.24 -96.90
CA VAL EA 199 17.19 26.47 -97.88
C VAL EA 199 17.39 27.81 -98.61
N PHE EA 200 17.47 27.72 -99.93
CA PHE EA 200 17.64 28.86 -100.82
C PHE EA 200 16.36 29.13 -101.59
N ASP EA 201 16.27 30.34 -102.13
CA ASP EA 201 15.41 30.57 -103.26
C ASP EA 201 16.10 30.08 -104.53
N PRO EA 202 15.34 29.76 -105.60
CA PRO EA 202 15.89 28.97 -106.71
C PRO EA 202 17.18 29.48 -107.32
N LYS EA 203 17.20 30.71 -107.82
CA LYS EA 203 18.42 31.20 -108.44
C LYS EA 203 19.52 31.45 -107.42
N GLY EA 204 19.15 31.69 -106.17
CA GLY EA 204 20.16 31.74 -105.11
C GLY EA 204 20.91 30.43 -104.99
N TRP EA 205 20.18 29.32 -104.94
CA TRP EA 205 20.82 28.02 -104.95
C TRP EA 205 21.54 27.78 -106.27
N ALA EA 206 21.05 28.36 -107.35
CA ALA EA 206 21.69 28.20 -108.65
C ALA EA 206 23.12 28.75 -108.62
N LEU EA 207 23.28 30.00 -108.19
CA LEU EA 207 24.65 30.53 -108.15
C LEU EA 207 25.44 29.96 -106.98
N PHE EA 208 24.77 29.45 -105.94
CA PHE EA 208 25.49 28.72 -104.91
C PHE EA 208 26.15 27.47 -105.48
N ARG EA 209 25.38 26.67 -106.22
CA ARG EA 209 25.88 25.43 -106.78
C ARG EA 209 26.72 25.63 -108.03
N SER EA 210 26.69 26.83 -108.63
CA SER EA 210 27.56 27.11 -109.78
C SER EA 210 29.02 26.87 -109.46
N PHE EA 211 29.42 27.06 -108.21
CA PHE EA 211 30.78 26.73 -107.78
C PHE EA 211 30.96 25.22 -107.79
N LYS EA 212 32.07 24.76 -108.40
CA LYS EA 212 32.33 23.33 -108.44
C LYS EA 212 32.47 22.75 -107.04
N ALA EA 213 33.32 23.38 -106.22
CA ALA EA 213 33.53 22.91 -104.85
C ALA EA 213 32.22 22.55 -104.17
N VAL EA 214 31.16 23.34 -104.42
CA VAL EA 214 29.84 22.97 -103.92
C VAL EA 214 29.40 21.63 -104.49
N LYS EA 215 29.57 21.43 -105.80
CA LYS EA 215 28.95 20.27 -106.43
C LYS EA 215 29.70 18.97 -106.15
N GLU EA 216 31.02 19.02 -105.96
CA GLU EA 216 31.69 17.82 -105.44
C GLU EA 216 31.83 17.80 -103.93
N LYS EA 217 31.31 18.80 -103.22
CA LYS EA 217 31.23 18.72 -101.77
C LYS EA 217 29.86 18.22 -101.30
N LEU EA 218 28.82 18.42 -102.10
CA LEU EA 218 27.49 18.02 -101.70
C LEU EA 218 27.28 16.53 -101.96
N ASP EA 219 26.48 15.90 -101.10
CA ASP EA 219 26.10 14.51 -101.24
C ASP EA 219 24.66 14.45 -101.73
N THR EA 220 24.48 13.95 -102.94
CA THR EA 220 23.14 13.79 -103.49
C THR EA 220 22.35 12.68 -102.80
N ARG EA 221 23.03 11.85 -102.03
CA ARG EA 221 22.39 10.66 -101.46
C ARG EA 221 21.37 11.07 -100.41
N ARG EA 222 20.47 10.13 -100.09
CA ARG EA 222 19.51 10.35 -99.02
C ARG EA 222 20.23 10.61 -97.71
N GLY EA 223 20.97 9.62 -97.21
CA GLY EA 223 21.59 9.69 -95.90
C GLY EA 223 20.65 10.31 -94.90
N SER EA 224 19.49 9.67 -94.72
CA SER EA 224 18.35 10.32 -94.09
C SER EA 224 18.71 10.82 -92.69
N ASN EA 225 18.81 12.13 -92.56
CA ASN EA 225 19.25 12.74 -91.31
C ASN EA 225 18.14 12.85 -90.29
N SER EA 226 16.97 13.32 -90.68
CA SER EA 226 15.91 13.63 -89.74
C SER EA 226 14.57 13.43 -90.44
N GLU EA 227 13.53 14.01 -89.87
CA GLU EA 227 12.19 13.97 -90.43
C GLU EA 227 11.99 15.01 -91.54
N LEU EA 228 13.06 15.71 -91.95
CA LEU EA 228 12.92 16.68 -93.02
C LEU EA 228 12.62 16.00 -94.35
N GLU EA 229 13.16 14.80 -94.57
CA GLU EA 229 12.77 14.03 -95.75
C GLU EA 229 11.29 13.70 -95.71
N THR EA 230 10.76 13.33 -94.54
CA THR EA 230 9.33 13.08 -94.42
C THR EA 230 8.52 14.34 -94.69
N ALA EA 231 9.02 15.49 -94.22
CA ALA EA 231 8.35 16.76 -94.47
C ALA EA 231 8.32 17.07 -95.96
N VAL EA 232 9.41 16.80 -96.66
CA VAL EA 232 9.45 17.04 -98.11
C VAL EA 232 8.50 16.08 -98.83
N LYS EA 233 8.49 14.81 -98.42
CA LYS EA 233 7.55 13.87 -99.02
C LYS EA 233 6.11 14.30 -98.81
N ASP EA 234 5.81 14.85 -97.63
CA ASP EA 234 4.48 15.41 -97.39
C ASP EA 234 4.21 16.59 -98.32
N LEU EA 235 5.02 17.63 -98.22
CA LEU EA 235 4.86 18.84 -99.04
C LEU EA 235 5.81 18.80 -100.23
N GLY EA 236 5.60 17.83 -101.10
CA GLY EA 236 6.33 17.78 -102.35
C GLY EA 236 6.01 18.89 -103.32
N LYS EA 237 5.35 19.96 -102.87
CA LYS EA 237 4.93 21.02 -103.78
C LYS EA 237 6.04 22.04 -104.02
N ALA EA 238 6.50 22.70 -102.96
CA ALA EA 238 7.37 23.86 -103.14
C ALA EA 238 8.66 23.81 -102.32
N VAL EA 239 8.79 22.85 -101.40
CA VAL EA 239 10.06 22.60 -100.72
C VAL EA 239 10.75 21.45 -101.42
N SER EA 240 12.00 21.65 -101.81
CA SER EA 240 12.76 20.69 -102.59
C SER EA 240 14.05 20.35 -101.86
N TYR EA 241 14.12 19.12 -101.39
CA TYR EA 241 15.29 18.60 -100.67
C TYR EA 241 16.36 18.29 -101.71
N LYS EA 242 17.26 19.26 -101.95
CA LYS EA 242 18.31 19.06 -102.94
C LYS EA 242 19.19 17.88 -102.56
N GLY EA 243 19.57 17.80 -101.29
CA GLY EA 243 20.40 16.71 -100.82
C GLY EA 243 21.26 17.16 -99.64
N MET EA 244 22.31 16.39 -99.39
CA MET EA 244 23.30 16.71 -98.40
C MET EA 244 24.43 17.52 -99.01
N TYR EA 245 24.83 18.58 -98.31
CA TYR EA 245 26.09 19.27 -98.59
C TYR EA 245 27.19 18.70 -97.70
N GLY EA 246 27.01 17.46 -97.27
CA GLY EA 246 27.85 16.85 -96.26
C GLY EA 246 27.27 17.07 -94.88
N ASP EA 247 27.86 18.02 -94.15
CA ASP EA 247 27.39 18.35 -92.81
C ASP EA 247 25.95 18.88 -92.78
N VAL EA 248 25.56 19.72 -93.73
CA VAL EA 248 24.33 20.48 -93.65
C VAL EA 248 23.37 20.03 -94.75
N ALA EA 249 22.08 20.23 -94.52
CA ALA EA 249 21.05 19.90 -95.50
C ALA EA 249 20.84 21.07 -96.45
N ILE EA 250 20.64 20.74 -97.73
CA ILE EA 250 20.40 21.74 -98.78
C ILE EA 250 18.96 21.61 -99.22
N VAL EA 251 18.20 22.70 -99.09
CA VAL EA 251 16.80 22.74 -99.48
C VAL EA 251 16.61 23.98 -100.35
N VAL EA 252 15.55 23.96 -101.16
CA VAL EA 252 15.15 25.12 -101.95
C VAL EA 252 13.64 25.31 -101.81
N TYR EA 253 13.22 26.51 -101.44
CA TYR EA 253 11.80 26.84 -101.39
C TYR EA 253 11.46 27.71 -102.59
N SER EA 254 10.48 27.26 -103.38
CA SER EA 254 9.98 28.00 -104.53
C SER EA 254 8.48 28.18 -104.43
N GLY EA 255 7.98 28.43 -103.22
CA GLY EA 255 6.56 28.65 -103.04
C GLY EA 255 6.12 29.96 -103.66
N GLN EA 256 4.85 30.01 -104.06
CA GLN EA 256 4.31 31.16 -104.77
C GLN EA 256 2.96 31.54 -104.19
N TYR EA 257 2.71 32.83 -104.08
CA TYR EA 257 1.40 33.34 -103.70
C TYR EA 257 0.74 33.97 -104.91
N VAL EA 258 -0.56 33.73 -105.04
CA VAL EA 258 -1.34 34.19 -106.19
C VAL EA 258 -2.17 35.39 -105.72
N GLU EA 259 -1.66 36.58 -105.98
CA GLU EA 259 -2.26 37.79 -105.44
C GLU EA 259 -3.46 38.20 -106.30
N ASN EA 260 -3.92 39.44 -106.09
CA ASN EA 260 -5.24 39.87 -106.56
C ASN EA 260 -5.42 39.66 -108.07
N GLY EA 261 -4.38 39.90 -108.86
CA GLY EA 261 -4.51 39.73 -110.29
C GLY EA 261 -3.40 38.92 -110.92
N VAL EA 262 -2.34 38.67 -110.15
CA VAL EA 262 -1.15 38.02 -110.67
C VAL EA 262 -0.62 37.07 -109.59
N LYS EA 263 0.38 36.28 -109.97
CA LYS EA 263 1.07 35.38 -109.05
C LYS EA 263 2.55 35.68 -109.04
N LYS EA 264 3.19 35.43 -107.89
CA LYS EA 264 4.63 35.63 -107.79
C LYS EA 264 5.14 34.87 -106.57
N ASN EA 265 6.43 34.55 -106.58
CA ASN EA 265 7.02 33.74 -105.52
C ASN EA 265 6.99 34.48 -104.19
N PHE EA 266 6.87 33.70 -103.11
CA PHE EA 266 7.02 34.25 -101.76
C PHE EA 266 8.39 34.88 -101.58
N LEU EA 267 9.44 34.17 -101.99
CA LEU EA 267 10.84 34.49 -101.83
C LEU EA 267 11.27 35.64 -102.74
N PRO EA 268 12.10 36.53 -102.22
CA PRO EA 268 12.74 37.53 -103.08
C PRO EA 268 13.75 36.91 -104.02
N ASP EA 269 14.49 37.75 -104.75
CA ASP EA 269 15.34 37.25 -105.84
C ASP EA 269 16.43 36.31 -105.32
N ASN EA 270 17.20 36.74 -104.33
CA ASN EA 270 18.35 35.98 -103.84
C ASN EA 270 18.53 36.28 -102.36
N THR EA 271 18.00 35.42 -101.50
CA THR EA 271 18.05 35.65 -100.07
C THR EA 271 18.30 34.33 -99.33
N MET EA 272 18.75 34.48 -98.08
CA MET EA 272 19.12 33.38 -97.22
C MET EA 272 18.88 33.74 -95.77
N VAL EA 273 18.47 32.76 -94.98
CA VAL EA 273 18.42 32.86 -93.52
C VAL EA 273 19.14 31.66 -92.92
N LEU EA 274 20.18 31.95 -92.13
CA LEU EA 274 20.99 30.92 -91.48
C LEU EA 274 20.53 30.79 -90.04
N GLY EA 275 20.08 29.60 -89.66
CA GLY EA 275 19.63 29.34 -88.32
C GLY EA 275 19.28 27.89 -88.12
N ASN EA 276 18.71 27.59 -86.96
CA ASN EA 276 18.37 26.22 -86.58
C ASN EA 276 16.97 25.86 -87.06
N THR EA 277 16.71 24.56 -87.08
CA THR EA 277 15.37 24.03 -87.30
C THR EA 277 14.51 24.05 -86.05
N GLN EA 278 15.10 24.26 -84.87
CA GLN EA 278 14.36 24.33 -83.62
C GLN EA 278 14.32 25.73 -83.04
N ALA EA 279 14.37 26.76 -83.88
CA ALA EA 279 14.21 28.13 -83.38
C ALA EA 279 12.79 28.31 -82.84
N ARG EA 280 12.67 29.19 -81.86
CA ARG EA 280 11.42 29.32 -81.12
C ARG EA 280 10.53 30.35 -81.84
N GLY EA 281 9.35 29.91 -82.25
CA GLY EA 281 8.43 30.80 -82.93
C GLY EA 281 7.10 30.95 -82.23
N LEU EA 282 6.72 32.19 -81.95
CA LEU EA 282 5.50 32.47 -81.22
C LEU EA 282 4.35 32.68 -82.19
N ARG EA 283 3.18 32.15 -81.84
CA ARG EA 283 1.94 32.28 -82.59
C ARG EA 283 0.89 32.94 -81.71
N THR EA 284 1.23 34.08 -81.12
CA THR EA 284 0.25 34.82 -80.34
C THR EA 284 -0.98 35.14 -81.18
N TYR EA 285 -2.15 34.96 -80.58
CA TYR EA 285 -3.43 35.12 -81.26
C TYR EA 285 -4.28 36.06 -80.43
N GLY EA 286 -4.92 37.01 -81.08
CA GLY EA 286 -5.72 38.00 -80.40
C GLY EA 286 -7.14 37.54 -80.15
N CYS EA 287 -7.97 38.51 -79.74
CA CYS EA 287 -9.39 38.24 -79.53
C CYS EA 287 -10.07 37.91 -80.85
N ILE EA 288 -11.13 37.11 -80.76
CA ILE EA 288 -11.98 36.83 -81.91
C ILE EA 288 -13.29 37.59 -81.73
N GLN EA 289 -13.52 38.58 -82.60
CA GLN EA 289 -14.67 39.48 -82.48
C GLN EA 289 -15.89 38.85 -83.15
N ASP EA 290 -16.48 37.88 -82.46
CA ASP EA 290 -17.71 37.25 -82.90
C ASP EA 290 -18.54 36.89 -81.69
N ALA EA 291 -19.78 37.42 -81.65
CA ALA EA 291 -20.63 37.23 -80.47
C ALA EA 291 -20.74 35.75 -80.13
N ASP EA 292 -20.83 34.90 -81.16
CA ASP EA 292 -20.82 33.46 -80.94
C ASP EA 292 -19.56 33.02 -80.20
N ALA EA 293 -18.41 33.51 -80.66
CA ALA EA 293 -17.13 33.14 -80.04
C ALA EA 293 -17.07 33.57 -78.59
N GLN EA 294 -17.54 34.79 -78.28
CA GLN EA 294 -17.47 35.20 -76.89
C GLN EA 294 -18.43 34.41 -76.01
N ARG EA 295 -19.67 34.17 -76.45
CA ARG EA 295 -20.56 33.58 -75.46
C ARG EA 295 -20.39 32.08 -75.39
N GLU EA 296 -19.59 31.49 -76.29
CA GLU EA 296 -19.19 30.10 -76.10
C GLU EA 296 -17.71 29.93 -75.77
N GLY EA 297 -16.99 31.01 -75.52
CA GLY EA 297 -15.63 30.92 -75.02
C GLY EA 297 -14.54 30.64 -76.04
N ILE EA 298 -14.76 31.05 -77.29
CA ILE EA 298 -13.75 30.88 -78.35
C ILE EA 298 -13.07 32.21 -78.57
N ASN EA 299 -13.08 33.06 -77.54
CA ASN EA 299 -12.30 34.29 -77.58
C ASN EA 299 -10.80 34.02 -77.58
N ALA EA 300 -10.39 32.86 -77.07
CA ALA EA 300 -8.99 32.47 -77.02
C ALA EA 300 -8.84 31.15 -77.77
N SER EA 301 -8.54 31.23 -79.06
CA SER EA 301 -8.44 30.04 -79.89
C SER EA 301 -7.63 30.37 -81.14
N ALA EA 302 -7.52 29.37 -82.01
CA ALA EA 302 -6.84 29.59 -83.28
C ALA EA 302 -7.78 30.20 -84.32
N ARG EA 303 -8.80 29.46 -84.73
CA ARG EA 303 -9.65 29.82 -85.86
C ARG EA 303 -11.11 29.69 -85.45
N TYR EA 304 -11.98 30.33 -86.22
CA TYR EA 304 -13.42 30.16 -85.98
C TYR EA 304 -14.19 30.18 -87.30
N PRO EA 305 -14.81 29.06 -87.67
CA PRO EA 305 -15.71 29.06 -88.83
C PRO EA 305 -17.16 29.28 -88.45
N LYS EA 306 -18.00 29.65 -89.41
CA LYS EA 306 -19.45 29.59 -89.21
C LYS EA 306 -20.15 29.63 -90.56
N ASN EA 307 -21.33 29.02 -90.61
CA ASN EA 307 -22.23 29.11 -91.74
C ASN EA 307 -23.52 29.77 -91.27
N TRP EA 308 -24.00 30.76 -92.03
CA TRP EA 308 -24.97 31.68 -91.47
C TRP EA 308 -25.73 32.41 -92.56
N VAL EA 309 -27.01 32.67 -92.29
CA VAL EA 309 -27.95 33.22 -93.26
C VAL EA 309 -28.22 34.68 -92.91
N THR EA 310 -28.18 35.55 -93.92
CA THR EA 310 -28.60 36.94 -93.79
C THR EA 310 -30.02 37.08 -94.29
N THR EA 311 -30.88 37.65 -93.45
CA THR EA 311 -32.27 37.94 -93.80
C THR EA 311 -32.43 39.44 -94.03
N GLY EA 312 -33.01 39.77 -95.18
CA GLY EA 312 -33.24 41.16 -95.51
C GLY EA 312 -32.69 41.58 -96.87
N ASP EA 313 -31.90 42.66 -96.88
CA ASP EA 313 -31.33 43.12 -98.16
C ASP EA 313 -30.39 42.08 -98.77
N PRO EA 314 -29.31 41.66 -98.10
CA PRO EA 314 -28.49 40.59 -98.67
C PRO EA 314 -28.97 39.22 -98.21
N ALA EA 315 -30.24 38.91 -98.48
CA ALA EA 315 -30.85 37.70 -97.96
C ALA EA 315 -30.22 36.50 -98.64
N ARG EA 316 -29.16 35.98 -98.03
CA ARG EA 316 -28.32 34.96 -98.64
C ARG EA 316 -27.77 34.10 -97.51
N GLU EA 317 -26.73 33.33 -97.81
CA GLU EA 317 -26.08 32.52 -96.79
C GLU EA 317 -24.59 32.38 -97.11
N PHE EA 318 -23.77 32.52 -96.08
CA PHE EA 318 -22.34 32.69 -96.21
C PHE EA 318 -21.58 31.79 -95.26
N THR EA 319 -20.30 31.58 -95.58
CA THR EA 319 -19.34 30.96 -94.68
C THR EA 319 -18.31 32.01 -94.28
N MET EA 320 -18.12 32.15 -92.97
CA MET EA 320 -17.33 33.22 -92.38
C MET EA 320 -16.19 32.58 -91.60
N ILE EA 321 -14.96 33.05 -91.82
CA ILE EA 321 -13.79 32.52 -91.11
C ILE EA 321 -13.12 33.68 -90.40
N GLN EA 322 -12.81 33.50 -89.12
CA GLN EA 322 -12.21 34.55 -88.31
C GLN EA 322 -10.99 34.04 -87.57
N SER EA 323 -9.96 34.88 -87.51
CA SER EA 323 -8.69 34.55 -86.87
C SER EA 323 -8.02 35.84 -86.49
N ALA EA 324 -6.91 35.73 -85.74
CA ALA EA 324 -6.11 36.89 -85.35
C ALA EA 324 -4.70 36.45 -84.99
N PRO EA 325 -3.89 36.11 -85.98
CA PRO EA 325 -2.50 35.75 -85.71
C PRO EA 325 -1.56 36.94 -85.70
N LEU EA 326 -0.54 36.85 -84.84
CA LEU EA 326 0.55 37.81 -84.81
C LEU EA 326 1.86 37.08 -84.57
N MET EA 327 2.00 35.94 -85.25
CA MET EA 327 3.20 35.12 -85.18
C MET EA 327 4.49 35.91 -85.43
N LEU EA 328 5.47 35.67 -84.57
CA LEU EA 328 6.78 36.29 -84.63
C LEU EA 328 7.83 35.24 -84.25
N LEU EA 329 9.09 35.67 -84.19
CA LEU EA 329 10.19 34.83 -83.76
C LEU EA 329 10.71 35.31 -82.41
N ALA EA 330 10.95 34.37 -81.49
CA ALA EA 330 11.44 34.75 -80.18
C ALA EA 330 12.83 35.37 -80.26
N ASP EA 331 13.72 34.76 -81.03
CA ASP EA 331 15.09 35.24 -81.19
C ASP EA 331 15.32 35.67 -82.63
N PRO EA 332 15.17 36.96 -82.95
CA PRO EA 332 15.51 37.42 -84.31
C PRO EA 332 16.97 37.23 -84.64
N ASP EA 333 17.85 37.25 -83.64
CA ASP EA 333 19.27 37.01 -83.84
C ASP EA 333 19.58 35.56 -84.19
N GLU EA 334 18.60 34.66 -84.04
CA GLU EA 334 18.82 33.26 -84.38
C GLU EA 334 19.13 33.05 -85.85
N PHE EA 335 18.59 33.88 -86.73
CA PHE EA 335 18.81 33.75 -88.16
C PHE EA 335 19.55 34.97 -88.70
N VAL EA 336 20.59 34.69 -89.48
CA VAL EA 336 21.32 35.71 -90.23
C VAL EA 336 20.69 35.79 -91.62
N SER EA 337 20.20 36.97 -91.97
CA SER EA 337 19.51 37.20 -93.24
C SER EA 337 20.48 37.88 -94.20
N VAL EA 338 20.75 37.21 -95.31
CA VAL EA 338 21.75 37.66 -96.28
C VAL EA 338 21.08 37.76 -97.64
N GLN EA 339 21.26 38.89 -98.31
CA GLN EA 339 20.93 38.99 -99.72
C GLN EA 339 22.17 38.60 -100.52
N LEU EA 340 21.96 37.79 -101.55
CA LEU EA 340 23.04 37.12 -102.26
C LEU EA 340 23.49 37.94 -103.46
N ALA EA 341 24.53 37.44 -104.12
CA ALA EA 341 25.07 38.07 -105.32
C ALA EA 341 24.06 38.04 -106.46
N ALA FA 7 -1.04 23.23 -54.02
CA ALA FA 7 -0.38 22.11 -53.36
C ALA FA 7 -1.15 20.80 -53.57
N GLN FA 8 -0.61 19.95 -54.44
CA GLN FA 8 -1.21 18.65 -54.73
C GLN FA 8 -0.25 17.55 -54.28
N LEU FA 9 -0.81 16.35 -54.11
CA LEU FA 9 -0.12 15.26 -53.44
C LEU FA 9 1.10 14.79 -54.24
N LEU FA 10 1.91 13.96 -53.59
CA LEU FA 10 3.10 13.41 -54.22
C LEU FA 10 2.77 12.51 -55.40
N ALA FA 11 1.68 11.74 -55.30
CA ALA FA 11 1.35 10.77 -56.34
C ALA FA 11 1.01 11.41 -57.68
N ALA FA 12 0.78 12.72 -57.72
CA ALA FA 12 0.53 13.42 -58.98
C ALA FA 12 1.85 13.70 -59.71
N ASN FA 13 2.57 12.62 -59.99
CA ASN FA 13 3.89 12.67 -60.63
C ASN FA 13 3.99 11.60 -61.70
N GLU FA 14 2.95 11.47 -62.52
CA GLU FA 14 2.88 10.41 -63.52
C GLU FA 14 3.29 10.98 -64.88
N GLN FA 15 4.37 10.44 -65.45
CA GLN FA 15 4.83 10.83 -66.78
C GLN FA 15 4.77 9.67 -67.77
N LYS FA 16 5.41 8.55 -67.44
CA LYS FA 16 5.68 7.47 -68.40
C LYS FA 16 6.42 7.98 -69.63
N PHE FA 17 7.24 9.00 -69.42
CA PHE FA 17 8.05 9.63 -70.48
C PHE FA 17 9.52 9.57 -70.06
N LYS FA 18 10.18 8.48 -70.41
CA LYS FA 18 11.63 8.33 -70.19
C LYS FA 18 12.29 8.20 -71.56
N PHE FA 19 12.81 9.31 -72.06
CA PHE FA 19 13.35 9.41 -73.41
C PHE FA 19 14.72 10.10 -73.41
N ASP FA 20 15.58 9.68 -72.49
CA ASP FA 20 16.95 10.18 -72.47
C ASP FA 20 17.73 9.69 -73.69
N PRO FA 21 18.62 10.50 -74.26
CA PRO FA 21 19.32 10.13 -75.53
C PRO FA 21 20.39 9.05 -75.38
N LEU FA 22 19.94 7.83 -75.09
CA LEU FA 22 20.74 6.62 -75.21
C LEU FA 22 21.97 6.58 -74.33
N PHE FA 23 22.15 7.55 -73.44
CA PHE FA 23 23.29 7.54 -72.55
C PHE FA 23 22.96 7.03 -71.16
N LEU FA 24 22.02 7.67 -70.46
CA LEU FA 24 21.63 7.23 -69.12
C LEU FA 24 20.77 5.99 -69.15
N ARG FA 25 20.28 5.58 -70.33
CA ARG FA 25 19.44 4.41 -70.48
C ARG FA 25 20.16 3.21 -71.06
N LEU FA 26 21.31 3.40 -71.69
CA LEU FA 26 22.02 2.34 -72.39
C LEU FA 26 23.43 2.11 -71.89
N PHE FA 27 24.19 3.15 -71.60
CA PHE FA 27 25.51 2.97 -71.00
C PHE FA 27 25.50 3.11 -69.48
N PHE FA 28 24.58 3.88 -68.93
CA PHE FA 28 24.62 4.27 -67.53
C PHE FA 28 23.38 3.81 -66.77
N ARG FA 29 23.02 2.54 -66.95
CA ARG FA 29 21.87 1.96 -66.28
C ARG FA 29 22.09 1.72 -64.79
N GLU FA 30 23.32 1.87 -64.31
CA GLU FA 30 23.77 1.26 -63.06
C GLU FA 30 23.50 2.21 -61.90
N SER FA 31 22.23 2.40 -61.55
CA SER FA 31 21.81 3.41 -60.59
C SER FA 31 22.15 3.00 -59.15
N TYR FA 32 22.67 3.95 -58.37
CA TYR FA 32 22.97 3.71 -56.96
C TYR FA 32 22.54 4.90 -56.11
N PRO FA 33 21.24 5.09 -55.89
CA PRO FA 33 20.83 6.07 -54.88
C PRO FA 33 21.16 5.62 -53.47
N PHE FA 34 21.69 6.56 -52.68
CA PHE FA 34 22.21 6.30 -51.35
C PHE FA 34 21.41 7.04 -50.30
N THR FA 35 21.52 6.55 -49.06
CA THR FA 35 21.02 7.25 -47.89
C THR FA 35 22.09 8.19 -47.33
N THR FA 36 23.23 8.29 -48.02
CA THR FA 36 24.37 9.07 -47.57
C THR FA 36 24.72 10.11 -48.62
N GLU FA 37 25.35 11.20 -48.16
CA GLU FA 37 25.55 12.37 -48.99
C GLU FA 37 26.36 12.06 -50.24
N LYS FA 38 27.62 11.65 -50.05
CA LYS FA 38 28.57 11.53 -51.15
C LYS FA 38 28.40 10.19 -51.87
N VAL FA 39 29.24 9.99 -52.88
CA VAL FA 39 29.43 8.69 -53.51
C VAL FA 39 30.63 8.02 -52.86
N TYR FA 40 30.47 6.75 -52.52
CA TYR FA 40 31.52 5.99 -51.85
C TYR FA 40 31.84 4.80 -52.75
N LEU FA 41 32.74 5.01 -53.72
CA LEU FA 41 33.05 3.97 -54.69
C LEU FA 41 33.56 2.70 -54.02
N SER FA 42 34.17 2.84 -52.84
CA SER FA 42 34.50 1.66 -52.05
C SER FA 42 33.26 0.90 -51.64
N GLN FA 43 32.16 1.61 -51.35
CA GLN FA 43 30.91 0.96 -50.99
C GLN FA 43 30.29 0.22 -52.17
N ILE FA 44 30.30 0.82 -53.36
CA ILE FA 44 29.79 0.12 -54.54
C ILE FA 44 30.65 -1.12 -54.80
N PRO FA 45 30.05 -2.30 -55.00
CA PRO FA 45 30.87 -3.46 -55.36
C PRO FA 45 31.56 -3.29 -56.69
N GLY FA 46 30.91 -2.62 -57.65
CA GLY FA 46 31.42 -2.48 -58.98
C GLY FA 46 31.71 -3.84 -59.59
N LEU FA 47 32.90 -3.96 -60.16
CA LEU FA 47 33.41 -5.26 -60.56
C LEU FA 47 33.90 -6.01 -59.31
N VAL FA 48 33.52 -7.28 -59.23
CA VAL FA 48 33.82 -8.13 -58.09
C VAL FA 48 35.11 -8.89 -58.39
N ASN FA 49 35.94 -9.08 -57.36
CA ASN FA 49 37.11 -9.96 -57.47
C ASN FA 49 36.60 -11.35 -57.81
N MET FA 50 36.93 -11.81 -59.03
CA MET FA 50 36.09 -12.80 -59.71
C MET FA 50 36.93 -13.87 -60.42
N ALA FA 51 37.89 -14.48 -59.74
CA ALA FA 51 38.64 -15.57 -60.35
C ALA FA 51 38.91 -16.74 -59.42
N LEU FA 52 39.39 -16.47 -58.20
CA LEU FA 52 40.03 -17.48 -57.38
C LEU FA 52 39.03 -18.48 -56.80
N TYR FA 53 39.43 -19.75 -56.77
CA TYR FA 53 38.69 -20.78 -56.05
C TYR FA 53 39.54 -21.26 -54.88
N VAL FA 54 39.06 -22.32 -54.22
CA VAL FA 54 39.75 -22.87 -53.06
C VAL FA 54 39.96 -24.37 -53.26
N SER FA 55 40.92 -24.92 -52.50
CA SER FA 55 41.30 -26.32 -52.64
C SER FA 55 40.15 -27.25 -52.26
N PRO FA 56 40.14 -28.46 -52.82
CA PRO FA 56 39.06 -29.41 -52.49
C PRO FA 56 39.22 -30.06 -51.13
N ILE FA 57 39.52 -29.27 -50.10
CA ILE FA 57 39.52 -29.76 -48.73
C ILE FA 57 38.65 -28.85 -47.86
N VAL FA 58 38.93 -27.56 -47.86
CA VAL FA 58 38.16 -26.56 -47.14
C VAL FA 58 38.01 -25.34 -48.03
N SER FA 59 37.36 -24.31 -47.50
CA SER FA 59 37.19 -23.07 -48.25
C SER FA 59 37.96 -21.94 -47.58
N GLY FA 60 38.13 -20.84 -48.33
CA GLY FA 60 39.01 -19.77 -47.93
C GLY FA 60 38.32 -18.66 -47.15
N GLU FA 61 38.89 -17.46 -47.29
CA GLU FA 61 38.49 -16.31 -46.49
C GLU FA 61 37.21 -15.69 -47.03
N VAL FA 62 36.81 -14.57 -46.44
CA VAL FA 62 35.60 -13.86 -46.82
C VAL FA 62 35.97 -12.79 -47.86
N ILE FA 63 35.19 -12.71 -48.93
CA ILE FA 63 35.42 -11.74 -50.00
C ILE FA 63 34.45 -10.58 -49.81
N ARG FA 64 34.97 -9.36 -49.95
CA ARG FA 64 34.26 -8.12 -49.69
C ARG FA 64 34.07 -7.34 -50.98
N SER FA 65 33.46 -6.16 -50.86
CA SER FA 65 33.54 -5.14 -51.90
C SER FA 65 34.96 -4.60 -51.87
N ARG FA 66 35.66 -4.69 -52.99
CA ARG FA 66 37.12 -4.62 -52.99
C ARG FA 66 37.63 -3.17 -52.90
N GLY FA 67 37.13 -2.46 -51.89
CA GLY FA 67 37.72 -1.22 -51.41
C GLY FA 67 38.20 -0.23 -52.45
N GLY FA 68 37.28 0.40 -53.18
CA GLY FA 68 37.64 1.41 -54.15
C GLY FA 68 38.56 2.47 -53.59
N SER FA 69 39.61 2.81 -54.35
CA SER FA 69 40.65 3.70 -53.83
C SER FA 69 40.08 5.08 -53.49
N THR FA 70 39.33 5.68 -54.41
CA THR FA 70 38.71 6.98 -54.20
C THR FA 70 37.21 6.79 -54.05
N SER FA 71 36.68 7.21 -52.89
CA SER FA 71 35.27 7.03 -52.57
C SER FA 71 34.63 8.28 -52.00
N GLU FA 72 34.91 9.45 -52.56
CA GLU FA 72 34.42 10.72 -52.01
C GLU FA 72 34.30 11.75 -53.12
N PHE FA 73 33.09 11.90 -53.67
CA PHE FA 73 32.78 12.99 -54.57
C PHE FA 73 31.39 13.53 -54.24
N THR FA 74 31.14 14.78 -54.62
CA THR FA 74 29.92 15.48 -54.26
C THR FA 74 28.88 15.30 -55.36
N PRO FA 75 27.76 14.63 -55.10
CA PRO FA 75 26.70 14.55 -56.13
C PRO FA 75 26.12 15.92 -56.43
N GLY FA 76 25.65 16.09 -57.66
CA GLY FA 76 25.03 17.32 -58.09
C GLY FA 76 23.63 17.49 -57.57
N TYR FA 77 23.50 17.81 -56.27
CA TYR FA 77 22.17 17.98 -55.72
C TYR FA 77 21.50 19.19 -56.37
N VAL FA 78 20.60 18.89 -57.29
CA VAL FA 78 19.88 19.87 -58.09
C VAL FA 78 18.45 19.92 -57.60
N LYS FA 79 18.07 21.06 -57.05
CA LYS FA 79 16.66 21.19 -56.73
C LYS FA 79 16.09 22.48 -57.30
N PRO FA 80 15.60 22.45 -58.54
CA PRO FA 80 14.91 23.64 -59.07
C PRO FA 80 13.43 23.64 -58.75
N LYS FA 81 12.75 24.70 -59.15
CA LYS FA 81 11.31 24.80 -58.93
C LYS FA 81 10.72 25.72 -59.99
N HIS FA 82 9.39 25.79 -60.00
CA HIS FA 82 8.70 26.78 -60.81
C HIS FA 82 7.37 27.10 -60.15
N GLU FA 83 6.70 28.10 -60.71
CA GLU FA 83 5.32 28.40 -60.35
C GLU FA 83 4.38 27.79 -61.36
N VAL FA 84 3.19 27.45 -60.88
CA VAL FA 84 2.11 26.94 -61.74
C VAL FA 84 0.89 27.83 -61.56
N ASN FA 85 1.14 29.12 -61.35
CA ASN FA 85 0.11 30.11 -61.08
C ASN FA 85 -0.97 30.07 -62.16
N PRO FA 86 -2.23 29.86 -61.80
CA PRO FA 86 -3.29 29.78 -62.82
C PRO FA 86 -3.64 31.12 -63.43
N GLN FA 87 -2.65 31.78 -64.02
CA GLN FA 87 -2.89 33.01 -64.77
C GLN FA 87 -2.60 32.86 -66.26
N MET FA 88 -2.02 31.75 -66.69
CA MET FA 88 -1.71 31.56 -68.10
C MET FA 88 -2.82 30.82 -68.83
N THR FA 89 -2.93 31.09 -70.12
CA THR FA 89 -3.47 30.09 -71.02
C THR FA 89 -2.37 29.08 -71.37
N LEU FA 90 -2.74 27.80 -71.34
CA LEU FA 90 -1.77 26.72 -71.32
C LEU FA 90 -1.57 26.11 -72.70
N ARG FA 91 -0.80 25.04 -72.75
CA ARG FA 91 -0.70 24.25 -73.98
C ARG FA 91 -2.05 23.60 -74.24
N ARG FA 92 -2.77 24.04 -75.27
CA ARG FA 92 -4.07 23.43 -75.57
C ARG FA 92 -3.89 22.38 -76.67
N LEU FA 93 -3.76 21.12 -76.25
CA LEU FA 93 -3.89 20.01 -77.20
C LEU FA 93 -5.15 20.22 -78.03
N PRO FA 94 -5.11 19.94 -79.34
CA PRO FA 94 -6.23 20.33 -80.21
C PRO FA 94 -7.61 19.88 -79.73
N ASP FA 95 -8.40 20.87 -79.30
CA ASP FA 95 -9.85 20.75 -79.10
C ASP FA 95 -10.25 19.56 -78.23
N GLU FA 96 -9.60 19.37 -77.08
CA GLU FA 96 -10.16 18.50 -76.04
C GLU FA 96 -10.84 19.36 -74.96
N ASP FA 97 -11.98 19.94 -75.35
CA ASP FA 97 -12.91 20.59 -74.42
C ASP FA 97 -12.24 21.65 -73.56
N PRO FA 98 -11.92 22.83 -74.11
CA PRO FA 98 -11.25 23.87 -73.30
C PRO FA 98 -12.05 24.31 -72.07
N GLN FA 99 -13.27 23.80 -71.89
CA GLN FA 99 -14.01 24.10 -70.68
C GLN FA 99 -13.27 23.62 -69.43
N ASN FA 100 -12.55 22.50 -69.52
CA ASN FA 100 -11.76 22.07 -68.38
C ASN FA 100 -10.53 22.93 -68.16
N LEU FA 101 -9.94 23.48 -69.23
CA LEU FA 101 -8.93 24.51 -69.03
C LEU FA 101 -9.51 25.71 -68.30
N ALA FA 102 -10.74 26.09 -68.64
CA ALA FA 102 -11.43 27.13 -67.90
C ALA FA 102 -11.55 26.79 -66.41
N ASP FA 103 -11.57 25.51 -66.06
CA ASP FA 103 -11.49 25.10 -64.67
C ASP FA 103 -10.12 25.45 -64.11
N PRO FA 104 -10.04 26.14 -62.98
CA PRO FA 104 -8.75 26.25 -62.29
C PRO FA 104 -8.19 24.91 -61.85
N ALA FA 105 -9.03 23.93 -61.55
CA ALA FA 105 -8.52 22.63 -61.12
C ALA FA 105 -7.77 21.92 -62.25
N TYR FA 106 -8.40 21.81 -63.42
CA TYR FA 106 -7.72 21.13 -64.52
C TYR FA 106 -6.53 21.93 -65.04
N ARG FA 107 -6.67 23.26 -65.11
CA ARG FA 107 -5.52 24.05 -65.55
C ARG FA 107 -4.36 23.84 -64.58
N ARG FA 108 -4.63 23.87 -63.27
CA ARG FA 108 -3.54 23.75 -62.31
C ARG FA 108 -2.92 22.36 -62.36
N ARG FA 109 -3.73 21.31 -62.51
CA ARG FA 109 -3.13 19.98 -62.52
C ARG FA 109 -2.33 19.72 -63.80
N ARG FA 110 -2.83 20.11 -64.96
CA ARG FA 110 -2.03 19.81 -66.14
C ARG FA 110 -0.89 20.80 -66.28
N ILE FA 111 -0.98 21.97 -65.63
CA ILE FA 111 0.16 22.87 -65.63
C ILE FA 111 1.24 22.38 -64.66
N ILE FA 112 0.86 21.72 -63.56
CA ILE FA 112 1.93 21.10 -62.77
C ILE FA 112 2.50 19.92 -63.55
N MET FA 113 1.67 19.24 -64.34
CA MET FA 113 2.20 18.23 -65.26
C MET FA 113 3.27 18.83 -66.17
N GLN FA 114 2.93 19.93 -66.85
CA GLN FA 114 3.86 20.58 -67.77
C GLN FA 114 5.09 21.10 -67.06
N ASN FA 115 4.90 21.75 -65.92
CA ASN FA 115 6.02 22.27 -65.14
C ASN FA 115 6.98 21.16 -64.76
N MET FA 116 6.44 20.08 -64.17
CA MET FA 116 7.33 19.05 -63.67
C MET FA 116 8.03 18.35 -64.82
N ARG FA 117 7.34 18.15 -65.96
CA ARG FA 117 8.00 17.49 -67.08
C ARG FA 117 9.15 18.35 -67.60
N ASP FA 118 8.93 19.67 -67.71
CA ASP FA 118 10.07 20.56 -67.97
C ASP FA 118 11.17 20.33 -66.97
N GLU FA 119 10.80 20.10 -65.70
CA GLU FA 119 11.81 19.93 -64.65
C GLU FA 119 12.66 18.68 -64.87
N GLU FA 120 12.03 17.52 -65.11
CA GLU FA 120 12.88 16.33 -65.24
C GLU FA 120 13.62 16.35 -66.57
N LEU FA 121 13.06 16.98 -67.61
CA LEU FA 121 13.86 17.07 -68.83
C LEU FA 121 15.01 18.06 -68.66
N ALA FA 122 14.86 19.05 -67.78
CA ALA FA 122 15.98 19.91 -67.42
C ALA FA 122 17.09 19.11 -66.73
N ILE FA 123 16.72 18.34 -65.71
CA ILE FA 123 17.74 17.55 -65.03
C ILE FA 123 18.31 16.51 -65.97
N ALA FA 124 17.50 16.01 -66.91
CA ALA FA 124 17.99 15.05 -67.89
C ALA FA 124 18.99 15.68 -68.84
N GLN FA 125 18.75 16.91 -69.29
CA GLN FA 125 19.67 17.56 -70.20
C GLN FA 125 20.97 17.95 -69.49
N VAL FA 126 20.89 18.41 -68.24
CA VAL FA 126 22.13 18.66 -67.52
C VAL FA 126 22.86 17.36 -67.24
N GLU FA 127 22.12 16.26 -67.04
CA GLU FA 127 22.74 14.97 -66.85
C GLU FA 127 23.41 14.49 -68.14
N GLU FA 128 22.81 14.82 -69.28
CA GLU FA 128 23.42 14.48 -70.56
C GLU FA 128 24.67 15.31 -70.83
N MET FA 129 24.70 16.57 -70.40
CA MET FA 129 25.96 17.31 -70.46
C MET FA 129 27.02 16.67 -69.56
N GLN FA 130 26.62 16.22 -68.37
CA GLN FA 130 27.54 15.48 -67.53
C GLN FA 130 28.05 14.23 -68.24
N ALA FA 131 27.15 13.52 -68.93
CA ALA FA 131 27.53 12.30 -69.64
C ALA FA 131 28.50 12.59 -70.78
N VAL FA 132 28.26 13.66 -71.52
CA VAL FA 132 29.12 13.96 -72.65
C VAL FA 132 30.49 14.43 -72.16
N SER FA 133 30.55 15.21 -71.08
CA SER FA 133 31.85 15.50 -70.47
C SER FA 133 32.53 14.22 -70.02
N ALA FA 134 31.78 13.34 -69.36
CA ALA FA 134 32.33 12.11 -68.82
C ALA FA 134 32.94 11.24 -69.91
N VAL FA 135 32.11 10.74 -70.83
CA VAL FA 135 32.71 10.08 -71.98
C VAL FA 135 32.84 11.09 -73.11
N LEU FA 136 33.67 12.10 -72.88
CA LEU FA 136 34.57 12.68 -73.88
C LEU FA 136 35.93 13.01 -73.30
N LYS FA 137 36.07 13.20 -71.99
CA LYS FA 137 37.39 13.45 -71.42
C LYS FA 137 37.68 12.69 -70.13
N GLY FA 138 36.72 12.00 -69.53
CA GLY FA 138 36.95 11.35 -68.26
C GLY FA 138 36.89 12.28 -67.08
N LYS FA 139 36.80 13.59 -67.31
CA LYS FA 139 36.70 14.61 -66.29
C LYS FA 139 35.29 15.17 -66.29
N TYR FA 140 34.77 15.42 -65.09
CA TYR FA 140 33.48 16.10 -64.96
C TYR FA 140 33.65 17.26 -63.98
N THR FA 141 33.05 18.41 -64.32
CA THR FA 141 33.13 19.61 -63.51
C THR FA 141 31.88 19.70 -62.64
N MET FA 142 31.97 19.16 -61.43
CA MET FA 142 30.99 19.41 -60.38
C MET FA 142 31.18 20.85 -59.91
N THR FA 143 30.44 21.77 -60.50
CA THR FA 143 30.69 23.18 -60.25
C THR FA 143 29.39 23.96 -60.30
N GLY FA 144 29.42 25.12 -59.66
CA GLY FA 144 28.32 26.07 -59.68
C GLY FA 144 28.68 27.24 -58.80
N GLU FA 145 28.01 28.37 -59.04
CA GLU FA 145 28.27 29.54 -58.23
C GLU FA 145 27.88 29.27 -56.78
N ALA FA 146 28.61 29.89 -55.85
CA ALA FA 146 28.50 29.57 -54.42
C ALA FA 146 28.68 28.08 -54.17
N PHE FA 147 29.67 27.49 -54.85
CA PHE FA 147 30.01 26.07 -54.71
C PHE FA 147 31.38 25.86 -55.30
N ASP FA 148 32.22 25.12 -54.60
CA ASP FA 148 33.58 24.88 -55.08
C ASP FA 148 33.56 23.93 -56.29
N PRO FA 149 34.37 24.18 -57.31
CA PRO FA 149 34.43 23.25 -58.44
C PRO FA 149 35.27 22.03 -58.11
N VAL FA 150 34.60 20.89 -57.95
CA VAL FA 150 35.24 19.60 -57.76
C VAL FA 150 35.36 18.94 -59.13
N GLU FA 151 36.58 18.55 -59.49
CA GLU FA 151 36.81 17.74 -60.67
C GLU FA 151 36.65 16.28 -60.29
N VAL FA 152 35.66 15.62 -60.89
CA VAL FA 152 35.41 14.20 -60.66
C VAL FA 152 35.98 13.46 -61.86
N ASP FA 153 37.03 12.68 -61.64
CA ASP FA 153 37.76 12.01 -62.71
C ASP FA 153 37.53 10.50 -62.58
N MET FA 154 37.05 9.88 -63.66
CA MET FA 154 37.05 8.44 -63.69
C MET FA 154 38.45 7.87 -63.93
N GLY FA 155 39.30 8.60 -64.64
CA GLY FA 155 40.66 8.16 -64.86
C GLY FA 155 40.97 7.85 -66.30
N ARG FA 156 40.37 8.61 -67.23
CA ARG FA 156 40.61 8.38 -68.64
C ARG FA 156 42.08 8.52 -68.97
N SER FA 157 42.61 7.51 -69.65
CA SER FA 157 44.05 7.42 -69.92
C SER FA 157 44.44 8.27 -71.12
N GLU FA 158 45.75 8.41 -71.30
CA GLU FA 158 46.26 9.22 -72.41
C GLU FA 158 45.96 8.60 -73.77
N GLU FA 159 46.12 7.28 -73.90
CA GLU FA 159 45.77 6.63 -75.15
C GLU FA 159 44.28 6.67 -75.43
N ASN FA 160 43.46 7.00 -74.43
CA ASN FA 160 42.05 7.27 -74.64
C ASN FA 160 41.79 8.72 -75.01
N ASN FA 161 42.83 9.55 -75.10
CA ASN FA 161 42.71 10.96 -75.44
C ASN FA 161 43.61 11.32 -76.61
N ILE FA 162 44.05 10.30 -77.36
CA ILE FA 162 44.90 10.56 -78.52
C ILE FA 162 44.08 11.22 -79.63
N THR FA 163 44.74 12.09 -80.39
CA THR FA 163 44.08 13.04 -81.27
C THR FA 163 44.35 12.72 -82.73
N GLN FA 164 43.34 12.91 -83.57
CA GLN FA 164 43.48 12.73 -85.01
C GLN FA 164 44.36 13.80 -85.66
N SER FA 165 44.29 15.04 -85.18
CA SER FA 165 45.09 16.11 -85.79
C SER FA 165 46.57 15.85 -85.59
N GLY FA 166 46.95 15.12 -84.56
CA GLY FA 166 48.34 14.74 -84.38
C GLY FA 166 48.82 13.90 -85.55
N GLY FA 167 49.94 14.29 -86.13
CA GLY FA 167 50.47 13.61 -87.30
C GLY FA 167 49.77 14.02 -88.57
N THR FA 168 48.97 13.12 -89.15
CA THR FA 168 48.25 13.37 -90.38
C THR FA 168 46.76 13.49 -90.09
N GLU FA 169 46.14 14.54 -90.61
CA GLU FA 169 44.72 14.79 -90.42
C GLU FA 169 43.91 14.18 -91.56
N TRP FA 170 42.68 13.78 -91.24
CA TRP FA 170 41.79 13.27 -92.29
C TRP FA 170 41.46 14.36 -93.30
N SER FA 171 41.33 15.60 -92.86
CA SER FA 171 41.21 16.71 -93.80
C SER FA 171 42.45 16.81 -94.68
N LYS FA 172 43.63 16.62 -94.09
CA LYS FA 172 44.89 16.60 -94.82
C LYS FA 172 45.21 15.21 -95.34
N ARG FA 173 44.26 14.61 -96.05
CA ARG FA 173 44.43 13.29 -96.64
C ARG FA 173 43.69 13.26 -97.97
N ASP FA 174 43.89 12.17 -98.71
CA ASP FA 174 43.18 11.98 -99.97
C ASP FA 174 41.70 11.75 -99.70
N LYS FA 175 40.85 12.62 -100.25
CA LYS FA 175 39.41 12.51 -100.07
C LYS FA 175 38.81 11.32 -100.83
N SER FA 176 39.59 10.67 -101.68
CA SER FA 176 39.08 9.60 -102.53
C SER FA 176 39.62 8.22 -102.18
N THR FA 177 40.94 8.08 -101.97
CA THR FA 177 41.55 6.78 -101.80
C THR FA 177 41.85 6.41 -100.36
N TYR FA 178 42.08 7.39 -99.49
CA TYR FA 178 42.40 7.08 -98.10
C TYR FA 178 41.20 6.45 -97.40
N ASP FA 179 41.48 5.42 -96.61
CA ASP FA 179 40.46 4.74 -95.83
C ASP FA 179 40.71 4.99 -94.34
N PRO FA 180 39.80 5.65 -93.63
CA PRO FA 180 40.01 5.88 -92.20
C PRO FA 180 39.71 4.67 -91.33
N THR FA 181 39.40 3.52 -91.93
CA THR FA 181 39.21 2.30 -91.16
C THR FA 181 40.47 1.93 -90.41
N ASP FA 182 41.64 2.13 -91.04
CA ASP FA 182 42.90 1.87 -90.36
C ASP FA 182 42.99 2.63 -89.05
N ASP FA 183 42.68 3.93 -89.08
CA ASP FA 183 42.58 4.70 -87.84
C ASP FA 183 41.48 4.16 -86.94
N ILE FA 184 40.42 3.60 -87.52
CA ILE FA 184 39.32 3.10 -86.70
C ILE FA 184 39.81 1.98 -85.80
N GLU FA 185 40.50 0.98 -86.37
CA GLU FA 185 41.03 -0.07 -85.47
C GLU FA 185 42.21 0.46 -84.66
N ALA FA 186 42.95 1.45 -85.18
CA ALA FA 186 44.06 2.00 -84.42
C ALA FA 186 43.58 2.59 -83.10
N TYR FA 187 42.45 3.30 -83.13
CA TYR FA 187 41.91 3.86 -81.90
C TYR FA 187 41.06 2.85 -81.13
N ALA FA 188 40.52 1.83 -81.82
CA ALA FA 188 39.71 0.84 -81.15
C ALA FA 188 40.52 -0.19 -80.37
N LEU FA 189 41.77 -0.44 -80.78
CA LEU FA 189 42.56 -1.49 -80.13
C LEU FA 189 42.81 -1.17 -78.67
N ASN FA 190 43.14 0.07 -78.36
CA ASN FA 190 43.39 0.49 -76.98
C ASN FA 190 42.12 1.03 -76.33
N ALA FA 191 41.02 0.28 -76.47
CA ALA FA 191 39.75 0.67 -75.88
C ALA FA 191 39.24 -0.34 -74.87
N SER FA 192 40.02 -1.37 -74.55
CA SER FA 192 39.63 -2.40 -73.59
C SER FA 192 38.32 -3.07 -73.99
N GLY FA 193 38.15 -3.31 -75.28
CA GLY FA 193 36.95 -4.00 -75.75
C GLY FA 193 36.67 -3.69 -77.19
N VAL FA 194 35.53 -4.20 -77.65
CA VAL FA 194 35.07 -4.05 -79.02
C VAL FA 194 34.19 -2.82 -79.12
N VAL FA 195 34.34 -2.09 -80.22
CA VAL FA 195 33.52 -0.92 -80.52
C VAL FA 195 32.48 -1.31 -81.56
N ASN FA 196 31.21 -0.97 -81.28
CA ASN FA 196 30.13 -1.33 -82.20
C ASN FA 196 29.22 -0.16 -82.55
N ILE FA 197 29.52 1.05 -82.08
CA ILE FA 197 28.84 2.26 -82.54
C ILE FA 197 29.90 3.32 -82.82
N ILE FA 198 29.77 4.02 -83.95
CA ILE FA 198 30.76 5.02 -84.34
C ILE FA 198 30.08 6.38 -84.39
N VAL FA 199 29.16 6.62 -83.45
CA VAL FA 199 28.41 7.87 -83.41
C VAL FA 199 29.33 9.08 -83.46
N PHE FA 200 29.10 9.93 -84.45
CA PHE FA 200 29.86 11.16 -84.68
C PHE FA 200 29.01 12.37 -84.34
N ASP FA 201 29.68 13.49 -84.13
CA ASP FA 201 29.03 14.78 -84.31
C ASP FA 201 28.97 15.10 -85.81
N PRO FA 202 28.02 15.97 -86.23
CA PRO FA 202 27.66 16.07 -87.65
C PRO FA 202 28.82 16.29 -88.61
N LYS FA 203 29.60 17.36 -88.44
CA LYS FA 203 30.68 17.60 -89.38
C LYS FA 203 31.80 16.58 -89.21
N GLY FA 204 31.93 15.98 -88.03
CA GLY FA 204 32.86 14.88 -87.87
C GLY FA 204 32.51 13.72 -88.80
N TRP FA 205 31.24 13.32 -88.79
CA TRP FA 205 30.79 12.31 -89.74
C TRP FA 205 30.90 12.81 -91.18
N ALA FA 206 30.77 14.12 -91.38
CA ALA FA 206 30.89 14.67 -92.73
C ALA FA 206 32.28 14.41 -93.30
N LEU FA 207 33.34 14.77 -92.56
CA LEU FA 207 34.66 14.51 -93.12
C LEU FA 207 35.03 13.04 -93.02
N PHE FA 208 34.39 12.28 -92.13
CA PHE FA 208 34.57 10.82 -92.15
C PHE FA 208 34.08 10.24 -93.46
N ARG FA 209 32.86 10.59 -93.86
CA ARG FA 209 32.26 10.05 -95.08
C ARG FA 209 32.78 10.72 -96.35
N SER FA 210 33.47 11.86 -96.23
CA SER FA 210 34.07 12.49 -97.40
C SER FA 210 35.00 11.54 -98.15
N PHE FA 211 35.63 10.61 -97.44
CA PHE FA 211 36.43 9.59 -98.09
C PHE FA 211 35.52 8.62 -98.85
N LYS FA 212 35.88 8.34 -100.11
CA LYS FA 212 35.07 7.43 -100.91
C LYS FA 212 35.02 6.04 -100.27
N ALA FA 213 36.19 5.49 -99.93
CA ALA FA 213 36.26 4.18 -99.31
C ALA FA 213 35.20 4.01 -98.23
N VAL FA 214 34.95 5.06 -97.45
CA VAL FA 214 33.86 5.03 -96.49
C VAL FA 214 32.52 4.81 -97.19
N LYS FA 215 32.27 5.55 -98.27
CA LYS FA 215 30.94 5.57 -98.84
C LYS FA 215 30.61 4.31 -99.64
N GLU FA 216 31.61 3.66 -100.26
CA GLU FA 216 31.36 2.34 -100.82
C GLU FA 216 31.70 1.19 -99.87
N LYS FA 217 32.15 1.49 -98.65
CA LYS FA 217 32.28 0.46 -97.63
C LYS FA 217 31.06 0.38 -96.73
N LEU FA 218 30.33 1.48 -96.58
CA LEU FA 218 29.18 1.49 -95.69
C LEU FA 218 27.97 0.88 -96.38
N ASP FA 219 27.12 0.22 -95.58
CA ASP FA 219 25.87 -0.35 -96.06
C ASP FA 219 24.73 0.54 -95.57
N THR FA 220 24.04 1.18 -96.52
CA THR FA 220 22.89 2.01 -96.17
C THR FA 220 21.70 1.19 -95.71
N ARG FA 221 21.74 -0.13 -95.94
CA ARG FA 221 20.58 -0.97 -95.67
C ARG FA 221 20.31 -1.05 -94.18
N ARG FA 222 19.09 -1.48 -93.84
CA ARG FA 222 18.75 -1.71 -92.44
C ARG FA 222 19.67 -2.78 -91.84
N GLY FA 223 19.59 -4.00 -92.37
CA GLY FA 223 20.32 -5.12 -91.80
C GLY FA 223 20.24 -5.10 -90.29
N SER FA 224 19.02 -5.14 -89.76
CA SER FA 224 18.78 -4.75 -88.39
C SER FA 224 19.61 -5.59 -87.43
N ASN FA 225 20.61 -4.94 -86.82
CA ASN FA 225 21.56 -5.64 -85.96
C ASN FA 225 21.02 -5.86 -84.56
N SER FA 226 20.46 -4.83 -83.95
CA SER FA 226 20.09 -4.89 -82.55
C SER FA 226 18.89 -3.98 -82.32
N GLU FA 227 18.64 -3.63 -81.07
CA GLU FA 227 17.58 -2.72 -80.69
C GLU FA 227 17.96 -1.26 -80.90
N LEU FA 228 19.12 -0.99 -81.50
CA LEU FA 228 19.50 0.40 -81.74
C LEU FA 228 18.58 1.05 -82.77
N GLU FA 229 18.11 0.29 -83.76
CA GLU FA 229 17.10 0.82 -84.66
C GLU FA 229 15.83 1.19 -83.90
N THR FA 230 15.42 0.37 -82.95
CA THR FA 230 14.26 0.70 -82.13
C THR FA 230 14.51 1.95 -81.31
N ALA FA 231 15.73 2.09 -80.78
CA ALA FA 231 16.08 3.29 -80.03
C ALA FA 231 16.01 4.54 -80.89
N VAL FA 232 16.49 4.44 -82.14
CA VAL FA 232 16.42 5.58 -83.06
C VAL FA 232 14.97 5.90 -83.41
N LYS FA 233 14.16 4.87 -83.65
CA LYS FA 233 12.74 5.11 -83.92
C LYS FA 233 12.07 5.80 -82.74
N ASP FA 234 12.43 5.41 -81.52
CA ASP FA 234 11.92 6.10 -80.34
C ASP FA 234 12.38 7.56 -80.32
N LEU FA 235 13.70 7.77 -80.27
CA LEU FA 235 14.26 9.12 -80.24
C LEU FA 235 14.70 9.55 -81.63
N GLY FA 236 13.73 9.68 -82.52
CA GLY FA 236 13.99 10.25 -83.82
C GLY FA 236 14.36 11.71 -83.83
N LYS FA 237 14.71 12.28 -82.68
CA LYS FA 237 14.99 13.71 -82.60
C LYS FA 237 16.42 14.02 -82.99
N ALA FA 238 17.40 13.49 -82.24
CA ALA FA 238 18.76 13.96 -82.38
C ALA FA 238 19.79 12.83 -82.60
N VAL FA 239 19.38 11.58 -82.46
CA VAL FA 239 20.23 10.45 -82.83
C VAL FA 239 19.78 9.98 -84.22
N SER FA 240 20.75 9.87 -85.12
CA SER FA 240 20.48 9.55 -86.52
C SER FA 240 21.28 8.34 -86.92
N TYR FA 241 20.57 7.24 -87.16
CA TYR FA 241 21.16 5.98 -87.57
C TYR FA 241 21.53 6.09 -89.05
N LYS FA 242 22.77 6.48 -89.33
CA LYS FA 242 23.21 6.64 -90.72
C LYS FA 242 23.10 5.32 -91.47
N GLY FA 243 23.53 4.23 -90.85
CA GLY FA 243 23.44 2.93 -91.49
C GLY FA 243 24.56 2.03 -90.99
N MET FA 244 24.81 0.98 -91.76
CA MET FA 244 25.91 0.05 -91.52
C MET FA 244 27.15 0.53 -92.25
N TYR FA 245 28.29 0.49 -91.56
CA TYR FA 245 29.60 0.58 -92.19
C TYR FA 245 30.14 -0.81 -92.48
N GLY FA 246 29.23 -1.77 -92.60
CA GLY FA 246 29.58 -3.17 -92.66
C GLY FA 246 29.57 -3.79 -91.28
N ASP FA 247 30.75 -3.98 -90.71
CA ASP FA 247 30.88 -4.54 -89.37
C ASP FA 247 30.24 -3.69 -88.29
N VAL FA 248 30.37 -2.36 -88.36
CA VAL FA 248 30.05 -1.48 -87.25
C VAL FA 248 28.88 -0.59 -87.64
N ALA FA 249 28.14 -0.11 -86.63
CA ALA FA 249 27.03 0.79 -86.85
C ALA FA 249 27.51 2.24 -86.88
N ILE FA 250 26.92 3.03 -87.77
CA ILE FA 250 27.26 4.43 -87.94
C ILE FA 250 26.08 5.26 -87.45
N VAL FA 251 26.31 6.10 -86.45
CA VAL FA 251 25.28 6.97 -85.88
C VAL FA 251 25.84 8.38 -85.83
N VAL FA 252 24.94 9.36 -85.77
CA VAL FA 252 25.33 10.75 -85.58
C VAL FA 252 24.42 11.37 -84.53
N TYR FA 253 25.01 11.98 -83.51
CA TYR FA 253 24.25 12.71 -82.50
C TYR FA 253 24.39 14.20 -82.76
N SER FA 254 23.26 14.88 -82.91
CA SER FA 254 23.21 16.33 -83.10
C SER FA 254 22.30 16.96 -82.06
N GLY FA 255 22.34 16.45 -80.84
CA GLY FA 255 21.52 17.01 -79.78
C GLY FA 255 22.00 18.41 -79.40
N GLN FA 256 21.07 19.22 -78.91
CA GLN FA 256 21.36 20.61 -78.59
C GLN FA 256 20.76 20.95 -77.23
N TYR FA 257 21.49 21.75 -76.46
CA TYR FA 257 20.99 22.29 -75.21
C TYR FA 257 20.73 23.78 -75.38
N VAL FA 258 19.64 24.26 -74.81
CA VAL FA 258 19.20 25.64 -74.96
C VAL FA 258 19.52 26.33 -73.64
N GLU FA 259 20.66 27.02 -73.61
CA GLU FA 259 21.17 27.60 -72.37
C GLU FA 259 20.46 28.93 -72.07
N ASN FA 260 21.02 29.68 -71.13
CA ASN FA 260 20.31 30.79 -70.50
C ASN FA 260 19.77 31.80 -71.51
N GLY FA 261 20.53 32.08 -72.57
CA GLY FA 261 20.07 33.05 -73.54
C GLY FA 261 20.18 32.57 -74.98
N VAL FA 262 20.89 31.46 -75.18
CA VAL FA 262 21.20 30.96 -76.52
C VAL FA 262 21.11 29.45 -76.49
N LYS FA 263 21.20 28.84 -77.66
CA LYS FA 263 21.22 27.39 -77.83
C LYS FA 263 22.48 26.97 -78.57
N LYS FA 264 22.96 25.76 -78.25
CA LYS FA 264 24.12 25.23 -78.94
C LYS FA 264 24.17 23.73 -78.73
N ASN FA 265 24.85 23.02 -79.63
CA ASN FA 265 24.90 21.57 -79.58
C ASN FA 265 25.62 21.08 -78.34
N PHE FA 266 25.19 19.91 -77.86
CA PHE FA 266 25.91 19.23 -76.79
C PHE FA 266 27.34 18.91 -77.20
N LEU FA 267 27.52 18.37 -78.40
CA LEU FA 267 28.76 17.89 -78.97
C LEU FA 267 29.69 19.03 -79.36
N PRO FA 268 30.98 18.86 -79.11
CA PRO FA 268 31.97 19.79 -79.64
C PRO FA 268 32.09 19.69 -81.16
N ASP FA 269 33.06 20.40 -81.74
CA ASP FA 269 33.13 20.54 -83.19
C ASP FA 269 33.34 19.19 -83.87
N ASN FA 270 34.36 18.43 -83.47
CA ASN FA 270 34.72 17.19 -84.14
C ASN FA 270 35.32 16.24 -83.09
N THR FA 271 34.50 15.35 -82.54
CA THR FA 271 34.95 14.44 -81.50
C THR FA 271 34.34 13.06 -81.70
N MET FA 272 34.97 12.08 -81.04
CA MET FA 272 34.63 10.68 -81.14
C MET FA 272 34.96 9.98 -79.83
N VAL FA 273 34.13 9.00 -79.48
CA VAL FA 273 34.43 8.06 -78.40
C VAL FA 273 34.22 6.64 -78.93
N LEU FA 274 35.27 5.84 -78.87
CA LEU FA 274 35.25 4.46 -79.34
C LEU FA 274 35.10 3.55 -78.13
N GLY FA 275 34.02 2.76 -78.12
CA GLY FA 275 33.77 1.84 -77.04
C GLY FA 275 32.55 0.99 -77.32
N ASN FA 276 32.15 0.22 -76.31
CA ASN FA 276 31.03 -0.71 -76.42
C ASN FA 276 29.71 -0.03 -76.09
N THR FA 277 28.62 -0.67 -76.52
CA THR FA 277 27.28 -0.30 -76.11
C THR FA 277 26.91 -0.82 -74.73
N GLN FA 278 27.68 -1.76 -74.19
CA GLN FA 278 27.42 -2.30 -72.86
C GLN FA 278 28.45 -1.88 -71.83
N ALA FA 279 29.06 -0.70 -72.00
CA ALA FA 279 29.96 -0.18 -70.98
C ALA FA 279 29.19 0.10 -69.70
N ARG FA 280 29.87 -0.03 -68.57
CA ARG FA 280 29.22 0.03 -67.27
C ARG FA 280 29.17 1.48 -66.81
N GLY FA 281 27.96 2.00 -66.59
CA GLY FA 281 27.81 3.37 -66.14
C GLY FA 281 27.10 3.49 -64.81
N LEU FA 282 27.73 4.17 -63.87
CA LEU FA 282 27.19 4.31 -62.52
C LEU FA 282 26.35 5.58 -62.42
N ARG FA 283 25.23 5.48 -61.73
CA ARG FA 283 24.32 6.59 -61.46
C ARG FA 283 24.18 6.76 -59.96
N THR FA 284 25.30 6.89 -59.27
CA THR FA 284 25.26 7.16 -57.84
C THR FA 284 24.47 8.42 -57.56
N TYR FA 285 23.63 8.37 -56.53
CA TYR FA 285 22.71 9.45 -56.19
C TYR FA 285 22.89 9.76 -54.71
N GLY FA 286 22.99 11.03 -54.38
CA GLY FA 286 23.23 11.45 -53.02
C GLY FA 286 21.96 11.57 -52.20
N CYS FA 287 22.11 12.19 -51.03
CA CYS FA 287 20.97 12.45 -50.17
C CYS FA 287 20.02 13.45 -50.81
N ILE FA 288 18.75 13.34 -50.47
CA ILE FA 288 17.75 14.32 -50.88
C ILE FA 288 17.38 15.17 -49.67
N GLN FA 289 17.75 16.46 -49.71
CA GLN FA 289 17.58 17.35 -48.57
C GLN FA 289 16.16 17.95 -48.58
N ASP FA 290 15.22 17.13 -48.17
CA ASP FA 290 13.83 17.55 -48.02
C ASP FA 290 13.21 16.83 -46.85
N ALA FA 291 12.71 17.59 -45.87
CA ALA FA 291 12.18 17.00 -44.66
C ALA FA 291 11.14 15.94 -44.97
N ASP FA 292 10.31 16.19 -45.99
CA ASP FA 292 9.37 15.18 -46.47
C ASP FA 292 10.09 13.90 -46.89
N ALA FA 293 11.16 14.06 -47.66
CA ALA FA 293 11.90 12.90 -48.16
C ALA FA 293 12.49 12.11 -47.01
N GLN FA 294 13.07 12.79 -46.01
CA GLN FA 294 13.63 12.02 -44.90
C GLN FA 294 12.57 11.31 -44.07
N ARG FA 295 11.45 11.98 -43.75
CA ARG FA 295 10.59 11.30 -42.79
C ARG FA 295 9.70 10.29 -43.49
N GLU FA 296 9.69 10.27 -44.83
CA GLU FA 296 9.05 9.16 -45.53
C GLU FA 296 10.04 8.23 -46.24
N GLY FA 297 11.33 8.40 -46.02
CA GLY FA 297 12.31 7.45 -46.53
C GLY FA 297 12.71 7.58 -47.98
N ILE FA 298 12.62 8.78 -48.54
CA ILE FA 298 13.02 9.02 -49.92
C ILE FA 298 14.39 9.70 -49.91
N ASN FA 299 15.14 9.47 -48.84
CA ASN FA 299 16.53 9.92 -48.80
C ASN FA 299 17.40 9.15 -49.80
N ALA FA 300 16.98 7.95 -50.18
CA ALA FA 300 17.71 7.12 -51.14
C ALA FA 300 16.78 6.82 -52.30
N SER FA 301 16.82 7.67 -53.33
CA SER FA 301 15.93 7.51 -54.47
C SER FA 301 16.51 8.26 -55.66
N ALA FA 302 15.74 8.25 -56.75
CA ALA FA 302 16.15 8.99 -57.93
C ALA FA 302 15.73 10.46 -57.84
N ARG FA 303 14.43 10.72 -57.84
CA ARG FA 303 13.89 12.07 -57.95
C ARG FA 303 12.83 12.28 -56.87
N TYR FA 304 12.53 13.55 -56.61
CA TYR FA 304 11.45 13.85 -55.68
C TYR FA 304 10.68 15.10 -56.13
N PRO FA 305 9.41 14.96 -56.49
CA PRO FA 305 8.57 16.13 -56.78
C PRO FA 305 7.77 16.56 -55.56
N LYS FA 306 7.26 17.79 -55.57
CA LYS FA 306 6.24 18.19 -54.61
C LYS FA 306 5.54 19.45 -55.11
N ASN FA 307 4.28 19.60 -54.71
CA ASN FA 307 3.50 20.82 -54.93
C ASN FA 307 3.13 21.38 -53.57
N TRP FA 308 3.34 22.68 -53.38
CA TRP FA 308 3.38 23.22 -52.03
C TRP FA 308 3.16 24.72 -52.03
N VAL FA 309 2.49 25.19 -50.98
CA VAL FA 309 2.04 26.57 -50.86
C VAL FA 309 2.92 27.29 -49.84
N THR FA 310 3.36 28.49 -50.18
CA THR FA 310 4.04 29.38 -49.25
C THR FA 310 3.05 30.40 -48.70
N THR FA 311 2.99 30.49 -47.37
CA THR FA 311 2.15 31.44 -46.68
C THR FA 311 3.03 32.55 -46.10
N GLY FA 312 2.65 33.79 -46.42
CA GLY FA 312 3.39 34.94 -45.91
C GLY FA 312 3.83 35.91 -46.99
N ASP FA 313 5.12 36.24 -47.00
CA ASP FA 313 5.62 37.18 -48.02
C ASP FA 313 5.45 36.63 -49.43
N PRO FA 314 6.04 35.48 -49.79
CA PRO FA 314 5.78 34.92 -51.12
C PRO FA 314 4.58 33.98 -51.10
N ALA FA 315 3.43 34.50 -50.67
CA ALA FA 315 2.26 33.68 -50.47
C ALA FA 315 1.76 33.20 -51.82
N ARG FA 316 2.25 32.03 -52.25
CA ARG FA 316 2.04 31.53 -53.59
C ARG FA 316 2.03 30.01 -53.52
N GLU FA 317 2.19 29.35 -54.65
CA GLU FA 317 2.26 27.90 -54.69
C GLU FA 317 3.15 27.46 -55.83
N PHE FA 318 4.01 26.48 -55.55
CA PHE FA 318 5.12 26.11 -56.41
C PHE FA 318 5.20 24.60 -56.57
N THR FA 319 5.89 24.19 -57.64
CA THR FA 319 6.30 22.82 -57.85
C THR FA 319 7.82 22.74 -57.72
N MET FA 320 8.29 21.82 -56.88
CA MET FA 320 9.68 21.72 -56.48
C MET FA 320 10.17 20.34 -56.89
N ILE FA 321 11.33 20.28 -57.56
CA ILE FA 321 11.91 19.02 -57.98
C ILE FA 321 13.31 18.92 -57.40
N GLN FA 322 13.62 17.78 -56.78
CA GLN FA 322 14.90 17.60 -56.12
C GLN FA 322 15.54 16.28 -56.55
N SER FA 323 16.86 16.33 -56.75
CA SER FA 323 17.63 15.18 -57.20
C SER FA 323 19.08 15.39 -56.77
N ALA FA 324 19.91 14.35 -56.95
CA ALA FA 324 21.33 14.44 -56.66
C ALA FA 324 22.09 13.37 -57.43
N PRO FA 325 22.26 13.55 -58.74
CA PRO FA 325 23.03 12.58 -59.52
C PRO FA 325 24.51 12.89 -59.56
N LEU FA 326 25.31 11.84 -59.59
CA LEU FA 326 26.75 11.95 -59.81
C LEU FA 326 27.21 10.83 -60.73
N MET FA 327 26.42 10.58 -61.76
CA MET FA 327 26.70 9.57 -62.78
C MET FA 327 28.10 9.70 -63.36
N LEU FA 328 28.79 8.56 -63.44
CA LEU FA 328 30.13 8.44 -63.99
C LEU FA 328 30.22 7.15 -64.79
N LEU FA 329 31.41 6.85 -65.30
CA LEU FA 329 31.67 5.61 -66.02
C LEU FA 329 32.61 4.74 -65.19
N ALA FA 330 32.29 3.44 -65.10
CA ALA FA 330 33.13 2.54 -64.32
C ALA FA 330 34.52 2.41 -64.92
N ASP FA 331 34.59 2.24 -66.25
CA ASP FA 331 35.87 2.09 -66.94
C ASP FA 331 36.07 3.27 -67.89
N PRO FA 332 36.79 4.31 -67.47
CA PRO FA 332 37.11 5.39 -68.41
C PRO FA 332 37.95 4.94 -69.57
N ASP FA 333 38.77 3.89 -69.39
CA ASP FA 333 39.56 3.33 -70.47
C ASP FA 333 38.72 2.60 -71.52
N GLU FA 334 37.44 2.37 -71.22
CA GLU FA 334 36.58 1.69 -72.18
C GLU FA 334 36.39 2.48 -73.46
N PHE FA 335 36.43 3.80 -73.40
CA PHE FA 335 36.25 4.65 -74.57
C PHE FA 335 37.51 5.44 -74.85
N VAL FA 336 37.92 5.41 -76.11
CA VAL FA 336 38.99 6.25 -76.63
C VAL FA 336 38.37 7.52 -77.17
N SER FA 337 38.77 8.67 -76.63
CA SER FA 337 38.23 9.96 -76.99
C SER FA 337 39.21 10.66 -77.93
N VAL FA 338 38.75 10.94 -79.15
CA VAL FA 338 39.58 11.49 -80.20
C VAL FA 338 38.95 12.78 -80.71
N GLN FA 339 39.73 13.84 -80.79
CA GLN FA 339 39.34 15.02 -81.53
C GLN FA 339 39.79 14.86 -82.97
N LEU FA 340 38.91 15.20 -83.90
CA LEU FA 340 39.09 14.87 -85.30
C LEU FA 340 39.75 16.02 -86.05
N ALA FA 341 40.04 15.78 -87.33
CA ALA FA 341 40.65 16.78 -88.19
C ALA FA 341 39.71 17.96 -88.40
N ALA GA 7 19.81 -18.91 -45.05
CA ALA GA 7 19.79 -20.26 -45.57
C ALA GA 7 18.47 -20.54 -46.29
N GLN GA 8 18.52 -20.58 -47.61
CA GLN GA 8 17.36 -20.86 -48.44
C GLN GA 8 17.59 -22.17 -49.21
N LEU GA 9 16.49 -22.75 -49.68
CA LEU GA 9 16.50 -24.12 -50.19
C LEU GA 9 17.33 -24.22 -51.47
N LEU GA 10 17.57 -25.47 -51.87
CA LEU GA 10 18.34 -25.75 -53.08
C LEU GA 10 17.63 -25.24 -54.34
N ALA GA 11 16.31 -25.34 -54.38
CA ALA GA 11 15.56 -24.99 -55.58
C ALA GA 11 15.65 -23.51 -55.94
N ALA GA 12 16.12 -22.66 -55.03
CA ALA GA 12 16.32 -21.24 -55.32
C ALA GA 12 17.62 -21.03 -56.09
N ASN GA 13 17.69 -21.68 -57.25
CA ASN GA 13 18.87 -21.66 -58.11
C ASN GA 13 18.45 -21.50 -59.57
N GLU GA 14 17.53 -20.58 -59.82
CA GLU GA 14 16.95 -20.39 -61.15
C GLU GA 14 17.65 -19.21 -61.84
N GLN GA 15 18.32 -19.49 -62.95
CA GLN GA 15 18.97 -18.45 -63.75
C GLN GA 15 18.36 -18.33 -65.14
N LYS GA 16 18.32 -19.44 -65.89
CA LYS GA 16 18.02 -19.43 -67.33
C LYS GA 16 18.97 -18.49 -68.09
N PHE GA 17 20.20 -18.39 -67.58
CA PHE GA 17 21.25 -17.55 -68.16
C PHE GA 17 22.46 -18.43 -68.46
N LYS GA 18 22.48 -19.01 -69.65
CA LYS GA 18 23.64 -19.79 -70.12
C LYS GA 18 24.18 -19.07 -71.35
N PHE GA 19 25.23 -18.28 -71.15
CA PHE GA 19 25.79 -17.42 -72.18
C PHE GA 19 27.31 -17.54 -72.22
N ASP GA 20 27.81 -18.76 -72.19
CA ASP GA 20 29.24 -19.01 -72.35
C ASP GA 20 29.70 -18.66 -73.76
N PRO GA 21 30.91 -18.11 -73.95
CA PRO GA 21 31.35 -17.63 -75.28
C PRO GA 21 31.72 -18.73 -76.28
N LEU GA 22 30.70 -19.46 -76.71
CA LEU GA 22 30.75 -20.33 -77.87
C LEU GA 22 31.76 -21.46 -77.76
N PHE GA 23 32.38 -21.65 -76.59
CA PHE GA 23 33.32 -22.74 -76.41
C PHE GA 23 32.72 -23.94 -75.70
N LEU GA 24 32.22 -23.76 -74.49
CA LEU GA 24 31.62 -24.85 -73.73
C LEU GA 24 30.23 -25.22 -74.25
N ARG GA 25 29.65 -24.39 -75.14
CA ARG GA 25 28.33 -24.62 -75.69
C ARG GA 25 28.35 -25.12 -77.13
N LEU GA 26 29.47 -24.97 -77.83
CA LEU GA 26 29.55 -25.29 -79.25
C LEU GA 26 30.63 -26.31 -79.58
N PHE GA 27 31.81 -26.23 -78.98
CA PHE GA 27 32.82 -27.25 -79.17
C PHE GA 27 32.83 -28.30 -78.07
N PHE GA 28 32.42 -27.94 -76.86
CA PHE GA 28 32.60 -28.79 -75.69
C PHE GA 28 31.27 -29.16 -75.04
N ARG GA 29 30.31 -29.60 -75.85
CA ARG GA 29 29.00 -30.00 -75.38
C ARG GA 29 29.01 -31.33 -74.62
N GLU GA 30 30.13 -32.06 -74.65
CA GLU GA 30 30.15 -33.48 -74.38
C GLU GA 30 30.36 -33.73 -72.88
N SER GA 31 29.37 -33.41 -72.07
CA SER GA 31 29.48 -33.42 -70.61
C SER GA 31 29.51 -34.84 -70.05
N TYR GA 32 30.41 -35.08 -69.10
CA TYR GA 32 30.49 -36.37 -68.43
C TYR GA 32 30.71 -36.19 -66.93
N PRO GA 33 29.68 -35.77 -66.20
CA PRO GA 33 29.80 -35.83 -64.73
C PRO GA 33 29.79 -37.26 -64.20
N PHE GA 34 30.69 -37.52 -63.25
CA PHE GA 34 30.96 -38.84 -62.73
C PHE GA 34 30.61 -38.92 -61.26
N THR GA 35 30.40 -40.15 -60.79
CA THR GA 35 30.30 -40.46 -59.37
C THR GA 35 31.68 -40.74 -58.77
N THR GA 36 32.73 -40.58 -59.58
CA THR GA 36 34.09 -40.91 -59.18
C THR GA 36 34.96 -39.67 -59.33
N GLU GA 37 36.04 -39.63 -58.55
CA GLU GA 37 36.86 -38.43 -58.40
C GLU GA 37 37.43 -37.98 -59.74
N LYS GA 38 38.29 -38.80 -60.33
CA LYS GA 38 39.08 -38.41 -61.48
C LYS GA 38 38.29 -38.55 -62.77
N VAL GA 39 38.94 -38.22 -63.87
CA VAL GA 39 38.46 -38.54 -65.21
C VAL GA 39 39.13 -39.83 -65.66
N TYR GA 40 38.32 -40.74 -66.19
CA TYR GA 40 38.80 -42.05 -66.63
C TYR GA 40 38.50 -42.16 -68.12
N LEU GA 41 39.41 -41.65 -68.95
CA LEU GA 41 39.18 -41.61 -70.39
C LEU GA 41 38.94 -43.01 -70.95
N SER GA 42 39.49 -44.04 -70.30
CA SER GA 42 39.14 -45.41 -70.67
C SER GA 42 37.66 -45.68 -70.43
N GLN GA 43 37.09 -45.09 -69.39
CA GLN GA 43 35.66 -45.27 -69.11
C GLN GA 43 34.80 -44.57 -70.16
N ILE GA 44 35.16 -43.36 -70.56
CA ILE GA 44 34.40 -42.68 -71.63
C ILE GA 44 34.52 -43.48 -72.92
N PRO GA 45 33.41 -43.78 -73.60
CA PRO GA 45 33.53 -44.45 -74.90
C PRO GA 45 34.25 -43.62 -75.93
N GLY GA 46 34.07 -42.31 -75.89
CA GLY GA 46 34.63 -41.41 -76.87
C GLY GA 46 34.21 -41.83 -78.27
N LEU GA 47 35.19 -41.90 -79.15
CA LEU GA 47 34.98 -42.52 -80.45
C LEU GA 47 34.96 -44.04 -80.29
N VAL GA 48 33.97 -44.67 -80.93
CA VAL GA 48 33.76 -46.11 -80.84
C VAL GA 48 34.49 -46.78 -81.99
N ASN GA 49 35.06 -47.96 -81.73
CA ASN GA 49 35.62 -48.79 -82.80
C ASN GA 49 34.48 -49.12 -83.77
N MET GA 50 34.56 -48.59 -84.98
CA MET GA 50 33.37 -48.33 -85.79
C MET GA 50 33.57 -48.70 -87.25
N ALA GA 51 34.06 -49.91 -87.54
CA ALA GA 51 34.15 -50.33 -88.94
C ALA GA 51 33.75 -51.77 -89.18
N LEU GA 52 34.26 -52.70 -88.37
CA LEU GA 52 34.26 -54.12 -88.72
C LEU GA 52 32.87 -54.73 -88.63
N TYR GA 53 32.55 -55.61 -89.57
CA TYR GA 53 31.37 -56.45 -89.49
C TYR GA 53 31.80 -57.91 -89.33
N VAL GA 54 30.83 -58.81 -89.42
CA VAL GA 54 31.08 -60.24 -89.25
C VAL GA 54 30.51 -61.00 -90.44
N SER GA 55 31.02 -62.22 -90.64
CA SER GA 55 30.64 -63.04 -91.78
C SER GA 55 29.16 -63.41 -91.73
N PRO GA 56 28.53 -63.66 -92.89
CA PRO GA 56 27.12 -64.04 -92.90
C PRO GA 56 26.87 -65.48 -92.47
N ILE GA 57 27.49 -65.92 -91.37
CA ILE GA 57 27.18 -67.22 -90.78
C ILE GA 57 26.87 -67.05 -89.30
N VAL GA 58 27.78 -66.43 -88.56
CA VAL GA 58 27.61 -66.13 -87.14
C VAL GA 58 28.14 -64.72 -86.89
N SER GA 59 28.08 -64.30 -85.63
CA SER GA 59 28.62 -63.00 -85.27
C SER GA 59 29.83 -63.14 -84.35
N GLY GA 60 30.55 -62.04 -84.19
CA GLY GA 60 31.85 -62.07 -83.54
C GLY GA 60 31.79 -61.77 -82.06
N GLU GA 61 32.90 -61.21 -81.57
CA GLU GA 61 33.13 -61.01 -80.14
C GLU GA 61 32.36 -59.80 -79.63
N VAL GA 62 32.58 -59.47 -78.36
CA VAL GA 62 31.92 -58.34 -77.72
C VAL GA 62 32.83 -57.12 -77.85
N ILE GA 63 32.24 -55.98 -78.22
CA ILE GA 63 32.96 -54.74 -78.39
C ILE GA 63 32.73 -53.87 -77.15
N ARG GA 64 33.80 -53.27 -76.64
CA ARG GA 64 33.82 -52.52 -75.39
C ARG GA 64 34.11 -51.05 -75.68
N SER GA 65 34.18 -50.26 -74.61
CA SER GA 65 34.81 -48.95 -74.67
C SER GA 65 36.31 -49.19 -74.80
N ARG GA 66 36.91 -48.67 -75.87
CA ARG GA 66 38.21 -49.16 -76.34
C ARG GA 66 39.38 -48.61 -75.52
N GLY GA 67 39.27 -48.78 -74.21
CA GLY GA 67 40.40 -48.66 -73.29
C GLY GA 67 41.35 -47.51 -73.51
N GLY GA 68 40.92 -46.28 -73.24
CA GLY GA 68 41.79 -45.12 -73.37
C GLY GA 68 43.10 -45.29 -72.63
N SER GA 69 44.20 -44.93 -73.29
CA SER GA 69 45.53 -45.19 -72.74
C SER GA 69 45.74 -44.47 -71.42
N THR GA 70 45.43 -43.17 -71.36
CA THR GA 70 45.56 -42.38 -70.15
C THR GA 70 44.17 -42.06 -69.62
N SER GA 71 43.89 -42.48 -68.40
CA SER GA 71 42.58 -42.30 -67.79
C SER GA 71 42.65 -41.81 -66.36
N GLU GA 72 43.52 -40.83 -66.06
CA GLU GA 72 43.72 -40.36 -64.70
C GLU GA 72 44.19 -38.91 -64.72
N PHE GA 73 43.25 -37.98 -64.55
CA PHE GA 73 43.57 -36.58 -64.32
C PHE GA 73 42.65 -36.02 -63.26
N THR GA 74 43.10 -34.95 -62.61
CA THR GA 74 42.39 -34.38 -61.47
C THR GA 74 41.45 -33.28 -61.94
N PRO GA 75 40.14 -33.43 -61.79
CA PRO GA 75 39.23 -32.34 -62.14
C PRO GA 75 39.44 -31.13 -61.23
N GLY GA 76 39.17 -29.94 -61.78
CA GLY GA 76 39.30 -28.71 -61.04
C GLY GA 76 38.16 -28.50 -60.07
N TYR GA 77 38.16 -29.22 -58.95
CA TYR GA 77 37.09 -29.05 -57.99
C TYR GA 77 37.15 -27.66 -57.40
N VAL GA 78 36.26 -26.81 -57.88
CA VAL GA 78 36.18 -25.40 -57.52
C VAL GA 78 34.96 -25.21 -56.64
N LYS GA 79 35.20 -24.84 -55.38
CA LYS GA 79 34.04 -24.50 -54.58
C LYS GA 79 34.24 -23.15 -53.91
N PRO GA 80 33.85 -22.06 -54.57
CA PRO GA 80 33.90 -20.76 -53.91
C PRO GA 80 32.61 -20.45 -53.16
N LYS GA 81 32.58 -19.31 -52.48
CA LYS GA 81 31.40 -18.88 -51.76
C LYS GA 81 31.41 -17.37 -51.64
N HIS GA 82 30.30 -16.84 -51.13
CA HIS GA 82 30.25 -15.44 -50.77
C HIS GA 82 29.25 -15.26 -49.63
N GLU GA 83 29.20 -14.04 -49.11
CA GLU GA 83 28.17 -13.64 -48.18
C GLU GA 83 27.07 -12.87 -48.91
N VAL GA 84 25.87 -12.99 -48.39
CA VAL GA 84 24.72 -12.23 -48.90
C VAL GA 84 24.12 -11.43 -47.76
N ASN GA 85 24.99 -10.96 -46.86
CA ASN GA 85 24.60 -10.23 -45.67
C ASN GA 85 23.70 -9.05 -46.02
N PRO GA 86 22.49 -8.97 -45.46
CA PRO GA 86 21.58 -7.88 -45.81
C PRO GA 86 21.99 -6.54 -45.22
N GLN GA 87 23.20 -6.09 -45.53
CA GLN GA 87 23.67 -4.77 -45.15
C GLN GA 87 23.88 -3.85 -46.34
N MET GA 88 23.83 -4.35 -47.57
CA MET GA 88 24.05 -3.52 -48.74
C MET GA 88 22.75 -2.98 -49.30
N THR GA 89 22.84 -1.83 -49.95
CA THR GA 89 21.90 -1.52 -51.00
C THR GA 89 22.33 -2.22 -52.29
N LEU GA 90 21.37 -2.83 -52.96
CA LEU GA 90 21.63 -3.80 -54.00
C LEU GA 90 21.54 -3.18 -55.40
N ARG GA 91 21.66 -4.02 -56.42
CA ARG GA 91 21.39 -3.58 -57.78
C ARG GA 91 19.91 -3.25 -57.88
N ARG GA 92 19.55 -1.98 -58.04
CA ARG GA 92 18.14 -1.62 -58.17
C ARG GA 92 17.79 -1.45 -59.64
N LEU GA 93 17.24 -2.51 -60.24
CA LEU GA 93 16.60 -2.38 -61.54
C LEU GA 93 15.65 -1.18 -61.51
N PRO GA 94 15.59 -0.37 -62.58
CA PRO GA 94 14.87 0.91 -62.49
C PRO GA 94 13.44 0.81 -61.97
N ASP GA 95 13.25 1.32 -60.75
CA ASP GA 95 11.94 1.63 -60.17
C ASP GA 95 10.94 0.47 -60.21
N GLU GA 96 11.36 -0.72 -59.82
CA GLU GA 96 10.40 -1.78 -59.48
C GLU GA 96 10.22 -1.87 -57.97
N ASP GA 97 9.55 -0.83 -57.44
CA ASP GA 97 9.06 -0.81 -56.06
C ASP GA 97 10.15 -1.12 -55.03
N PRO GA 98 11.05 -0.17 -54.74
CA PRO GA 98 12.12 -0.44 -53.77
C PRO GA 98 11.61 -0.81 -52.37
N GLN GA 99 10.30 -0.79 -52.15
CA GLN GA 99 9.77 -1.26 -50.88
C GLN GA 99 10.12 -2.72 -50.62
N ASN GA 100 10.16 -3.54 -51.68
CA ASN GA 100 10.57 -4.93 -51.48
C ASN GA 100 12.07 -5.06 -51.22
N LEU GA 101 12.90 -4.17 -51.78
CA LEU GA 101 14.28 -4.11 -51.35
C LEU GA 101 14.36 -3.77 -49.87
N ALA GA 102 13.52 -2.86 -49.40
CA ALA GA 102 13.42 -2.58 -47.97
C ALA GA 102 13.10 -3.83 -47.17
N ASP GA 103 12.40 -4.79 -47.76
CA ASP GA 103 12.22 -6.09 -47.13
C ASP GA 103 13.56 -6.82 -47.03
N PRO GA 104 13.93 -7.30 -45.85
CA PRO GA 104 15.07 -8.24 -45.78
C PRO GA 104 14.85 -9.52 -46.57
N ALA GA 105 13.61 -9.97 -46.71
CA ALA GA 105 13.36 -11.21 -47.46
C ALA GA 105 13.68 -11.03 -48.94
N TYR GA 106 13.14 -9.99 -49.57
CA TYR GA 106 13.40 -9.81 -50.99
C TYR GA 106 14.85 -9.41 -51.23
N ARG GA 107 15.42 -8.56 -50.37
CA ARG GA 107 16.83 -8.22 -50.56
C ARG GA 107 17.68 -9.47 -50.48
N ARG GA 108 17.42 -10.33 -49.48
CA ARG GA 108 18.25 -11.51 -49.32
C ARG GA 108 18.07 -12.49 -50.48
N ARG GA 109 16.85 -12.66 -50.97
CA ARG GA 109 16.68 -13.62 -52.07
C ARG GA 109 17.28 -13.09 -53.37
N ARG GA 110 17.09 -11.82 -53.71
CA ARG GA 110 17.66 -11.41 -54.99
C ARG GA 110 19.16 -11.16 -54.84
N ILE GA 111 19.66 -10.97 -53.61
CA ILE GA 111 21.11 -10.89 -53.44
C ILE GA 111 21.74 -12.27 -53.49
N ILE GA 112 21.03 -13.33 -53.06
CA ILE GA 112 21.59 -14.66 -53.33
C ILE GA 112 21.52 -14.94 -54.82
N MET GA 113 20.48 -14.42 -55.50
CA MET GA 113 20.45 -14.49 -56.96
C MET GA 113 21.71 -13.88 -57.57
N GLN GA 114 22.01 -12.63 -57.18
CA GLN GA 114 23.17 -11.92 -57.69
C GLN GA 114 24.48 -12.62 -57.33
N ASN GA 115 24.60 -13.04 -56.07
CA ASN GA 115 25.80 -13.72 -55.63
C ASN GA 115 26.03 -14.99 -56.44
N MET GA 116 25.00 -15.83 -56.57
CA MET GA 116 25.22 -17.10 -57.22
C MET GA 116 25.50 -16.89 -58.71
N ARG GA 117 24.85 -15.90 -59.34
CA ARG GA 117 25.12 -15.68 -60.75
C ARG GA 117 26.56 -15.23 -60.95
N ASP GA 118 27.06 -14.33 -60.08
CA ASP GA 118 28.49 -14.06 -60.09
C ASP GA 118 29.29 -15.34 -59.97
N GLU GA 119 28.81 -16.28 -59.15
CA GLU GA 119 29.54 -17.51 -58.92
C GLU GA 119 29.64 -18.36 -60.20
N GLU GA 120 28.51 -18.60 -60.88
CA GLU GA 120 28.64 -19.48 -62.05
C GLU GA 120 29.34 -18.74 -63.18
N LEU GA 121 29.21 -17.42 -63.26
CA LEU GA 121 29.98 -16.75 -64.30
C LEU GA 121 31.47 -16.75 -63.97
N ALA GA 122 31.82 -16.81 -62.68
CA ALA GA 122 33.21 -17.00 -62.29
C ALA GA 122 33.72 -18.36 -62.75
N ILE GA 123 32.97 -19.41 -62.44
CA ILE GA 123 33.41 -20.74 -62.87
C ILE GA 123 33.42 -20.83 -64.39
N ALA GA 124 32.50 -20.11 -65.04
CA ALA GA 124 32.46 -20.09 -66.50
C ALA GA 124 33.67 -19.40 -67.09
N GLN GA 125 34.11 -18.28 -66.48
CA GLN GA 125 35.28 -17.59 -67.01
C GLN GA 125 36.57 -18.37 -66.75
N VAL GA 126 36.68 -19.02 -65.58
CA VAL GA 126 37.85 -19.87 -65.39
C VAL GA 126 37.80 -21.08 -66.33
N GLU GA 127 36.60 -21.56 -66.63
CA GLU GA 127 36.46 -22.66 -67.58
C GLU GA 127 36.82 -22.20 -68.98
N GLU GA 128 36.52 -20.95 -69.33
CA GLU GA 128 36.93 -20.41 -70.61
C GLU GA 128 38.42 -20.21 -70.70
N MET GA 129 39.08 -19.82 -69.60
CA MET GA 129 40.54 -19.83 -69.62
C MET GA 129 41.08 -21.24 -69.82
N GLN GA 130 40.47 -22.23 -69.17
CA GLN GA 130 40.86 -23.62 -69.43
C GLN GA 130 40.67 -23.97 -70.90
N ALA GA 131 39.57 -23.52 -71.50
CA ALA GA 131 39.29 -23.82 -72.91
C ALA GA 131 40.31 -23.16 -73.83
N VAL GA 132 40.69 -21.92 -73.54
CA VAL GA 132 41.62 -21.22 -74.40
C VAL GA 132 43.02 -21.83 -74.28
N SER GA 133 43.43 -22.22 -73.07
CA SER GA 133 44.66 -22.99 -72.93
C SER GA 133 44.58 -24.29 -73.72
N ALA GA 134 43.46 -24.99 -73.58
CA ALA GA 134 43.28 -26.29 -74.22
C ALA GA 134 43.40 -26.18 -75.73
N VAL GA 135 42.47 -25.48 -76.38
CA VAL GA 135 42.67 -25.20 -77.79
C VAL GA 135 43.35 -23.84 -77.93
N LEU GA 136 44.57 -23.75 -77.41
CA LEU GA 136 45.68 -23.02 -78.03
C LEU GA 136 47.00 -23.76 -77.92
N LYS GA 137 47.16 -24.69 -76.97
CA LYS GA 137 48.40 -25.46 -76.91
C LYS GA 137 48.21 -26.94 -76.64
N GLY GA 138 47.01 -27.42 -76.35
CA GLY GA 138 46.82 -28.81 -76.02
C GLY GA 138 47.21 -29.16 -74.60
N LYS GA 139 47.81 -28.23 -73.87
CA LYS GA 139 48.21 -28.37 -72.48
C LYS GA 139 47.28 -27.55 -71.60
N TYR GA 140 46.92 -28.11 -70.46
CA TYR GA 140 46.17 -27.37 -69.45
C TYR GA 140 46.87 -27.50 -68.11
N THR GA 141 46.96 -26.40 -67.38
CA THR GA 141 47.61 -26.36 -66.09
C THR GA 141 46.56 -26.50 -64.99
N MET GA 142 46.30 -27.74 -64.57
CA MET GA 142 45.56 -28.03 -63.35
C MET GA 142 46.44 -27.65 -62.17
N THR GA 143 46.30 -26.41 -61.69
CA THR GA 143 47.23 -25.91 -60.70
C THR GA 143 46.51 -24.96 -59.75
N GLY GA 144 47.12 -24.80 -58.57
CA GLY GA 144 46.66 -23.86 -57.57
C GLY GA 144 47.54 -23.99 -56.36
N GLU GA 145 47.56 -22.94 -55.54
CA GLU GA 145 48.36 -22.99 -54.32
C GLU GA 145 47.81 -24.07 -53.39
N ALA GA 146 48.73 -24.69 -52.64
CA ALA GA 146 48.41 -25.89 -51.85
C ALA GA 146 47.80 -26.98 -52.73
N PHE GA 147 48.36 -27.16 -53.92
CA PHE GA 147 47.92 -28.17 -54.87
C PHE GA 147 49.01 -28.36 -55.91
N ASP GA 148 49.32 -29.61 -56.23
CA ASP GA 148 50.39 -29.87 -57.19
C ASP GA 148 49.93 -29.49 -58.60
N PRO GA 149 50.79 -28.89 -59.42
CA PRO GA 149 50.41 -28.59 -60.80
C PRO GA 149 50.49 -29.83 -61.68
N VAL GA 150 49.32 -30.32 -62.08
CA VAL GA 150 49.20 -31.42 -63.03
C VAL GA 150 49.02 -30.82 -64.42
N GLU GA 151 49.88 -31.20 -65.35
CA GLU GA 151 49.70 -30.87 -66.74
C GLU GA 151 48.79 -31.91 -67.39
N VAL GA 152 47.64 -31.47 -67.86
CA VAL GA 152 46.68 -32.34 -68.53
C VAL GA 152 46.83 -32.06 -70.03
N ASP GA 153 47.33 -33.05 -70.77
CA ASP GA 153 47.65 -32.89 -72.18
C ASP GA 153 46.68 -33.73 -73.00
N MET GA 154 45.99 -33.09 -73.95
CA MET GA 154 45.24 -33.88 -74.92
C MET GA 154 46.16 -34.53 -75.95
N GLY GA 155 47.29 -33.91 -76.25
CA GLY GA 155 48.24 -34.50 -77.18
C GLY GA 155 48.41 -33.70 -78.46
N ARG GA 156 48.31 -32.37 -78.35
CA ARG GA 156 48.45 -31.52 -79.53
C ARG GA 156 49.80 -31.75 -80.19
N SER GA 157 49.77 -31.99 -81.50
CA SER GA 157 50.95 -32.38 -82.25
C SER GA 157 51.77 -31.15 -82.64
N GLU GA 158 52.98 -31.40 -83.15
CA GLU GA 158 53.88 -30.32 -83.53
C GLU GA 158 53.35 -29.55 -84.73
N GLU GA 159 52.81 -30.24 -85.73
CA GLU GA 159 52.22 -29.55 -86.88
C GLU GA 159 50.98 -28.76 -86.50
N ASN GA 160 50.40 -29.03 -85.32
CA ASN GA 160 49.34 -28.20 -84.77
C ASN GA 160 49.89 -27.02 -83.96
N ASN GA 161 51.20 -26.88 -83.86
CA ASN GA 161 51.84 -25.79 -83.14
C ASN GA 161 52.84 -25.05 -84.01
N ILE GA 162 52.72 -25.22 -85.33
CA ILE GA 162 53.63 -24.52 -86.24
C ILE GA 162 53.30 -23.03 -86.25
N THR GA 163 54.35 -22.22 -86.42
CA THR GA 163 54.30 -20.80 -86.15
C THR GA 163 54.43 -19.98 -87.44
N GLN GA 164 53.68 -18.87 -87.49
CA GLN GA 164 53.77 -17.97 -88.63
C GLN GA 164 55.09 -17.21 -88.68
N SER GA 165 55.65 -16.83 -87.52
CA SER GA 165 56.91 -16.09 -87.53
C SER GA 165 58.05 -16.91 -88.10
N GLY GA 166 57.95 -18.24 -88.02
CA GLY GA 166 58.94 -19.10 -88.66
C GLY GA 166 58.97 -18.86 -90.16
N GLY GA 167 60.15 -18.62 -90.69
CA GLY GA 167 60.29 -18.32 -92.10
C GLY GA 167 59.95 -16.88 -92.43
N THR GA 168 58.83 -16.67 -93.12
CA THR GA 168 58.38 -15.34 -93.51
C THR GA 168 57.16 -14.95 -92.70
N GLU GA 169 57.19 -13.74 -92.13
CA GLU GA 169 56.09 -13.23 -91.33
C GLU GA 169 55.13 -12.42 -92.19
N TRP GA 170 53.85 -12.44 -91.80
CA TRP GA 170 52.87 -11.61 -92.51
C TRP GA 170 53.18 -10.13 -92.35
N SER GA 171 53.70 -9.72 -91.19
CA SER GA 171 54.19 -8.35 -91.05
C SER GA 171 55.34 -8.10 -92.02
N LYS GA 172 56.23 -9.08 -92.18
CA LYS GA 172 57.33 -9.00 -93.14
C LYS GA 172 56.91 -9.52 -94.51
N ARG GA 173 55.82 -8.97 -95.03
CA ARG GA 173 55.31 -9.32 -96.35
C ARG GA 173 54.71 -8.08 -96.99
N ASP GA 174 54.34 -8.20 -98.26
CA ASP GA 174 53.68 -7.11 -98.96
C ASP GA 174 52.29 -6.91 -98.40
N LYS GA 175 52.02 -5.70 -97.89
CA LYS GA 175 50.73 -5.37 -97.32
C LYS GA 175 49.64 -5.24 -98.38
N SER GA 176 50.00 -5.25 -99.66
CA SER GA 176 49.05 -5.04 -100.73
C SER GA 176 48.79 -6.26 -101.60
N THR GA 177 49.83 -6.97 -102.03
CA THR GA 177 49.69 -8.05 -103.00
C THR GA 177 49.70 -9.44 -102.37
N TYR GA 178 50.36 -9.63 -101.24
CA TYR GA 178 50.43 -10.95 -100.63
C TYR GA 178 49.05 -11.39 -100.15
N ASP GA 179 48.73 -12.65 -100.40
CA ASP GA 179 47.48 -13.24 -99.95
C ASP GA 179 47.77 -14.29 -98.89
N PRO GA 180 47.30 -14.12 -97.65
CA PRO GA 180 47.54 -15.15 -96.62
C PRO GA 180 46.63 -16.36 -96.74
N THR GA 181 45.80 -16.43 -97.78
CA THR GA 181 44.98 -17.62 -97.98
C THR GA 181 45.86 -18.85 -98.18
N ASP GA 182 46.97 -18.69 -98.88
CA ASP GA 182 47.89 -19.81 -99.07
C ASP GA 182 48.31 -20.39 -97.72
N ASP GA 183 48.71 -19.53 -96.79
CA ASP GA 183 48.98 -19.99 -95.44
C ASP GA 183 47.72 -20.56 -94.79
N ILE GA 184 46.55 -20.04 -95.14
CA ILE GA 184 45.32 -20.53 -94.53
C ILE GA 184 45.13 -22.02 -94.85
N GLU GA 185 45.22 -22.41 -96.13
CA GLU GA 185 45.12 -23.83 -96.40
C GLU GA 185 46.36 -24.59 -95.95
N ALA GA 186 47.52 -23.92 -95.92
CA ALA GA 186 48.73 -24.59 -95.45
C ALA GA 186 48.57 -25.07 -94.01
N TYR GA 187 47.98 -24.23 -93.16
CA TYR GA 187 47.74 -24.64 -91.78
C TYR GA 187 46.48 -25.47 -91.63
N ALA GA 188 45.52 -25.32 -92.55
CA ALA GA 188 44.28 -26.09 -92.45
C ALA GA 188 44.43 -27.53 -92.91
N LEU GA 189 45.37 -27.83 -93.79
CA LEU GA 189 45.49 -29.17 -94.33
C LEU GA 189 45.82 -30.19 -93.24
N ASN GA 190 46.73 -29.84 -92.33
CA ASN GA 190 47.10 -30.73 -91.24
C ASN GA 190 46.26 -30.45 -90.00
N ALA GA 191 44.95 -30.36 -90.17
CA ALA GA 191 44.03 -30.12 -89.08
C ALA GA 191 43.04 -31.24 -88.87
N SER GA 192 43.16 -32.34 -89.62
CA SER GA 192 42.27 -33.49 -89.51
C SER GA 192 40.81 -33.08 -89.74
N GLY GA 193 40.59 -32.20 -90.69
CA GLY GA 193 39.24 -31.79 -91.01
C GLY GA 193 39.21 -30.43 -91.69
N VAL GA 194 37.98 -29.97 -91.91
CA VAL GA 194 37.72 -28.69 -92.56
C VAL GA 194 37.59 -27.60 -91.50
N VAL GA 195 38.14 -26.42 -91.80
CA VAL GA 195 38.05 -25.26 -90.95
C VAL GA 195 36.99 -24.31 -91.51
N ASN GA 196 36.06 -23.88 -90.66
CA ASN GA 196 35.00 -23.00 -91.11
C ASN GA 196 34.83 -21.74 -90.25
N ILE GA 197 35.69 -21.52 -89.26
CA ILE GA 197 35.75 -20.26 -88.52
C ILE GA 197 37.21 -19.86 -88.40
N ILE GA 198 37.50 -18.59 -88.65
CA ILE GA 198 38.88 -18.09 -88.62
C ILE GA 198 38.98 -17.05 -87.52
N VAL GA 199 38.30 -17.28 -86.40
CA VAL GA 199 38.28 -16.34 -85.28
C VAL GA 199 39.70 -15.97 -84.85
N PHE GA 200 39.99 -14.66 -84.88
CA PHE GA 200 41.27 -14.09 -84.51
C PHE GA 200 41.14 -13.36 -83.18
N ASP GA 201 42.28 -13.13 -82.56
CA ASP GA 201 42.40 -12.04 -81.60
C ASP GA 201 42.57 -10.73 -82.35
N PRO GA 202 42.21 -9.59 -81.73
CA PRO GA 202 42.02 -8.33 -82.48
C PRO GA 202 43.16 -7.92 -83.40
N LYS GA 203 44.37 -7.74 -82.86
CA LYS GA 203 45.46 -7.31 -83.73
C LYS GA 203 45.89 -8.40 -84.69
N GLY GA 204 45.65 -9.67 -84.33
CA GLY GA 204 45.86 -10.74 -85.30
C GLY GA 204 45.01 -10.56 -86.53
N TRP GA 205 43.71 -10.33 -86.34
CA TRP GA 205 42.85 -10.02 -87.46
C TRP GA 205 43.25 -8.71 -88.13
N ALA GA 206 43.82 -7.77 -87.36
CA ALA GA 206 44.26 -6.52 -87.94
C ALA GA 206 45.33 -6.74 -89.00
N LEU GA 207 46.40 -7.47 -88.65
CA LEU GA 207 47.42 -7.69 -89.67
C LEU GA 207 46.98 -8.72 -90.71
N PHE GA 208 46.00 -9.57 -90.38
CA PHE GA 208 45.42 -10.43 -91.40
C PHE GA 208 44.74 -9.60 -92.48
N ARG GA 209 43.89 -8.65 -92.07
CA ARG GA 209 43.15 -7.82 -93.02
C ARG GA 209 43.99 -6.71 -93.61
N SER GA 210 45.16 -6.41 -93.04
CA SER GA 210 46.05 -5.41 -93.62
C SER GA 210 46.38 -5.72 -95.09
N PHE GA 211 46.41 -7.00 -95.44
CA PHE GA 211 46.60 -7.38 -96.83
C PHE GA 211 45.36 -7.02 -97.64
N LYS GA 212 45.57 -6.37 -98.79
CA LYS GA 212 44.43 -5.98 -99.63
C LYS GA 212 43.66 -7.21 -100.09
N ALA GA 213 44.37 -8.20 -100.64
CA ALA GA 213 43.72 -9.42 -101.12
C ALA GA 213 42.69 -9.93 -100.13
N VAL GA 214 42.98 -9.83 -98.83
CA VAL GA 214 41.99 -10.17 -97.82
C VAL GA 214 40.76 -9.28 -97.94
N LYS GA 215 40.98 -7.96 -98.09
CA LYS GA 215 39.85 -7.05 -97.97
C LYS GA 215 38.97 -7.04 -99.21
N GLU GA 216 39.51 -7.30 -100.40
CA GLU GA 216 38.63 -7.52 -101.54
C GLU GA 216 38.31 -8.98 -101.78
N LYS GA 217 38.80 -9.90 -100.94
CA LYS GA 217 38.34 -11.28 -100.99
C LYS GA 217 37.22 -11.56 -99.99
N LEU GA 218 37.15 -10.78 -98.92
CA LEU GA 218 36.14 -11.01 -97.90
C LEU GA 218 34.81 -10.40 -98.32
N ASP GA 219 33.72 -11.05 -97.91
CA ASP GA 219 32.37 -10.55 -98.15
C ASP GA 219 31.83 -10.01 -96.83
N THR GA 220 31.60 -8.70 -96.80
CA THR GA 220 31.03 -8.07 -95.61
C THR GA 220 29.57 -8.43 -95.41
N ARG GA 221 28.93 -9.00 -96.43
CA ARG GA 221 27.50 -9.25 -96.38
C ARG GA 221 27.17 -10.32 -95.34
N ARG GA 222 25.90 -10.36 -94.95
CA ARG GA 222 25.42 -11.41 -94.07
C ARG GA 222 25.66 -12.78 -94.69
N GLY GA 223 24.97 -13.05 -95.81
CA GLY GA 223 24.99 -14.35 -96.43
C GLY GA 223 24.89 -15.43 -95.38
N SER GA 224 23.79 -15.41 -94.62
CA SER GA 224 23.73 -16.13 -93.35
C SER GA 224 23.99 -17.62 -93.57
N ASN GA 225 25.15 -18.07 -93.10
CA ASN GA 225 25.58 -19.45 -93.32
C ASN GA 225 24.95 -20.42 -92.33
N SER GA 226 24.97 -20.10 -91.06
CA SER GA 226 24.56 -21.05 -90.03
C SER GA 226 24.00 -20.26 -88.86
N GLU GA 227 23.92 -20.92 -87.70
CA GLU GA 227 23.47 -20.30 -86.47
C GLU GA 227 24.55 -19.47 -85.80
N LEU GA 228 25.71 -19.29 -86.44
CA LEU GA 228 26.75 -18.48 -85.83
C LEU GA 228 26.35 -17.01 -85.76
N GLU GA 229 25.58 -16.53 -86.73
CA GLU GA 229 25.02 -15.19 -86.62
C GLU GA 229 24.11 -15.08 -85.42
N THR GA 230 23.28 -16.10 -85.17
CA THR GA 230 22.43 -16.10 -84.00
C THR GA 230 23.25 -16.11 -82.72
N ALA GA 231 24.35 -16.87 -82.72
CA ALA GA 231 25.24 -16.89 -81.56
C ALA GA 231 25.86 -15.53 -81.31
N VAL GA 232 26.25 -14.83 -82.36
CA VAL GA 232 26.82 -13.49 -82.21
C VAL GA 232 25.75 -12.52 -81.70
N LYS GA 233 24.53 -12.61 -82.25
CA LYS GA 233 23.46 -11.75 -81.76
C LYS GA 233 23.19 -12.00 -80.28
N ASP GA 234 23.26 -13.27 -79.85
CA ASP GA 234 23.12 -13.57 -78.43
C ASP GA 234 24.26 -12.95 -77.63
N LEU GA 235 25.50 -13.35 -77.94
CA LEU GA 235 26.68 -12.83 -77.24
C LEU GA 235 27.33 -11.71 -78.04
N GLY GA 236 26.60 -10.62 -78.20
CA GLY GA 236 27.17 -9.42 -78.79
C GLY GA 236 28.23 -8.73 -77.98
N LYS GA 237 28.78 -9.41 -76.96
CA LYS GA 237 29.75 -8.77 -76.07
C LYS GA 237 31.16 -8.83 -76.65
N ALA GA 238 31.69 -10.04 -76.86
CA ALA GA 238 33.11 -10.18 -77.13
C ALA GA 238 33.41 -11.02 -78.38
N VAL GA 239 32.42 -11.68 -78.97
CA VAL GA 239 32.57 -12.34 -80.26
C VAL GA 239 32.01 -11.41 -81.32
N SER GA 240 32.82 -11.14 -82.35
CA SER GA 240 32.47 -10.18 -83.38
C SER GA 240 32.55 -10.85 -84.74
N TYR GA 241 31.39 -11.02 -85.35
CA TYR GA 241 31.26 -11.63 -86.67
C TYR GA 241 31.69 -10.60 -87.71
N LYS GA 242 32.97 -10.64 -88.09
CA LYS GA 242 33.47 -9.68 -89.07
C LYS GA 242 32.73 -9.80 -90.39
N GLY GA 243 32.51 -11.03 -90.85
CA GLY GA 243 31.80 -11.25 -92.09
C GLY GA 243 32.27 -12.53 -92.74
N MET GA 244 31.99 -12.63 -94.03
CA MET GA 244 32.44 -13.73 -94.87
C MET GA 244 33.78 -13.38 -95.51
N TYR GA 245 34.71 -14.33 -95.48
CA TYR GA 245 35.90 -14.28 -96.31
C TYR GA 245 35.66 -15.05 -97.60
N GLY GA 246 34.39 -15.15 -97.99
CA GLY GA 246 33.97 -16.02 -99.07
C GLY GA 246 33.59 -17.39 -98.55
N ASP GA 247 34.49 -18.35 -98.73
CA ASP GA 247 34.26 -19.71 -98.25
C ASP GA 247 34.11 -19.81 -96.74
N VAL GA 248 34.91 -19.07 -95.97
CA VAL GA 248 35.03 -19.29 -94.53
C VAL GA 248 34.51 -18.06 -93.79
N ALA GA 249 34.08 -18.29 -92.55
CA ALA GA 249 33.60 -17.21 -91.69
C ALA GA 249 34.75 -16.56 -90.95
N ILE GA 250 34.68 -15.24 -90.82
CA ILE GA 250 35.71 -14.46 -90.13
C ILE GA 250 35.10 -13.93 -88.83
N VAL GA 251 35.69 -14.29 -87.70
CA VAL GA 251 35.23 -13.86 -86.39
C VAL GA 251 36.44 -13.31 -85.64
N VAL GA 252 36.17 -12.47 -84.63
CA VAL GA 252 37.20 -11.98 -83.73
C VAL GA 252 36.69 -12.09 -82.30
N TYR GA 253 37.49 -12.73 -81.44
CA TYR GA 253 37.18 -12.79 -80.02
C TYR GA 253 38.07 -11.82 -79.26
N SER GA 254 37.46 -10.92 -78.51
CA SER GA 254 38.16 -9.95 -77.68
C SER GA 254 37.68 -10.04 -76.24
N GLY GA 255 37.39 -11.24 -75.77
CA GLY GA 255 36.94 -11.42 -74.41
C GLY GA 255 38.05 -11.11 -73.42
N GLN GA 256 37.66 -10.67 -72.22
CA GLN GA 256 38.59 -10.24 -71.20
C GLN GA 256 38.21 -10.85 -69.86
N TYR GA 257 39.22 -11.25 -69.10
CA TYR GA 257 39.02 -11.70 -67.73
C TYR GA 257 39.58 -10.65 -66.78
N VAL GA 258 38.85 -10.40 -65.69
CA VAL GA 258 39.20 -9.37 -64.73
C VAL GA 258 39.79 -10.08 -63.51
N GLU GA 259 41.11 -10.14 -63.46
CA GLU GA 259 41.78 -10.93 -62.43
C GLU GA 259 41.85 -10.15 -61.12
N ASN GA 260 42.69 -10.64 -60.19
CA ASN GA 260 42.62 -10.22 -58.79
C ASN GA 260 42.71 -8.71 -58.62
N GLY GA 261 43.55 -8.04 -59.41
CA GLY GA 261 43.69 -6.61 -59.26
C GLY GA 261 43.60 -5.85 -60.57
N VAL GA 262 43.64 -6.58 -61.68
CA VAL GA 262 43.71 -5.97 -63.01
C VAL GA 262 42.84 -6.80 -63.95
N LYS GA 263 42.65 -6.30 -65.16
CA LYS GA 263 41.93 -6.99 -66.21
C LYS GA 263 42.82 -7.13 -67.45
N LYS GA 264 42.60 -8.22 -68.20
CA LYS GA 264 43.37 -8.42 -69.42
C LYS GA 264 42.63 -9.44 -70.28
N ASN GA 265 42.89 -9.41 -71.59
CA ASN GA 265 42.17 -10.27 -72.53
C ASN GA 265 42.48 -11.74 -72.28
N PHE GA 266 41.49 -12.59 -72.57
CA PHE GA 266 41.72 -14.03 -72.56
C PHE GA 266 42.81 -14.42 -73.55
N LEU GA 267 42.73 -13.89 -74.77
CA LEU GA 267 43.56 -14.20 -75.92
C LEU GA 267 44.96 -13.61 -75.76
N PRO GA 268 45.97 -14.36 -76.18
CA PRO GA 268 47.32 -13.80 -76.28
C PRO GA 268 47.43 -12.78 -77.40
N ASP GA 269 48.65 -12.31 -77.67
CA ASP GA 269 48.83 -11.18 -78.57
C ASP GA 269 48.34 -11.48 -79.99
N ASN GA 270 48.81 -12.59 -80.58
CA ASN GA 270 48.51 -12.92 -81.97
C ASN GA 270 48.50 -14.45 -82.10
N THR GA 271 47.31 -15.04 -82.03
CA THR GA 271 47.19 -16.49 -82.09
C THR GA 271 45.97 -16.90 -82.90
N MET GA 272 45.99 -18.16 -83.32
CA MET GA 272 44.98 -18.75 -84.19
C MET GA 272 44.85 -20.23 -83.90
N VAL GA 273 43.62 -20.74 -84.00
CA VAL GA 273 43.36 -22.17 -84.01
C VAL GA 273 42.47 -22.49 -85.20
N LEU GA 274 42.96 -23.36 -86.07
CA LEU GA 274 42.25 -23.78 -87.27
C LEU GA 274 41.60 -25.13 -87.01
N GLY GA 275 40.28 -25.19 -87.13
CA GLY GA 275 39.54 -26.41 -86.91
C GLY GA 275 38.07 -26.23 -87.22
N ASN GA 276 37.29 -27.26 -86.90
CA ASN GA 276 35.87 -27.28 -87.19
C ASN GA 276 35.07 -26.67 -86.04
N THR GA 277 33.82 -26.31 -86.36
CA THR GA 277 32.85 -25.91 -85.35
C THR GA 277 32.21 -27.09 -84.63
N GLN GA 278 32.38 -28.31 -85.16
CA GLN GA 278 31.82 -29.50 -84.54
C GLN GA 278 32.89 -30.42 -83.95
N ALA GA 279 34.02 -29.85 -83.51
CA ALA GA 279 35.02 -30.66 -82.83
C ALA GA 279 34.45 -31.17 -81.51
N ARG GA 280 34.93 -32.33 -81.09
CA ARG GA 280 34.35 -33.03 -79.95
C ARG GA 280 35.03 -32.55 -78.68
N GLY GA 281 34.25 -31.99 -77.76
CA GLY GA 281 34.81 -31.50 -76.52
C GLY GA 281 34.22 -32.16 -75.29
N LEU GA 282 35.08 -32.72 -74.44
CA LEU GA 282 34.63 -33.44 -73.27
C LEU GA 282 34.56 -32.51 -72.07
N ARG GA 283 33.52 -32.66 -71.27
CA ARG GA 283 33.28 -31.92 -70.04
C ARG GA 283 33.21 -32.88 -68.87
N THR GA 284 34.22 -33.75 -68.73
CA THR GA 284 34.26 -34.65 -67.59
C THR GA 284 34.22 -33.85 -66.29
N TYR GA 285 33.43 -34.34 -65.34
CA TYR GA 285 33.19 -33.66 -64.08
C TYR GA 285 33.45 -34.66 -62.96
N GLY GA 286 34.18 -34.22 -61.93
CA GLY GA 286 34.54 -35.09 -60.84
C GLY GA 286 33.48 -35.17 -59.76
N CYS GA 287 33.88 -35.76 -58.64
CA CYS GA 287 33.00 -35.84 -57.48
C CYS GA 287 32.73 -34.45 -56.91
N ILE GA 288 31.57 -34.30 -56.29
CA ILE GA 288 31.24 -33.07 -55.57
C ILE GA 288 31.31 -33.38 -54.08
N GLN GA 289 32.29 -32.77 -53.40
CA GLN GA 289 32.55 -33.05 -51.98
C GLN GA 289 31.66 -32.20 -51.09
N ASP GA 290 30.40 -32.62 -51.01
CA ASP GA 290 29.43 -31.98 -50.13
C ASP GA 290 28.47 -33.03 -49.61
N ALA GA 291 28.41 -33.15 -48.28
CA ALA GA 291 27.60 -34.21 -47.66
C ALA GA 291 26.18 -34.17 -48.19
N ASP GA 292 25.64 -32.96 -48.41
CA ASP GA 292 24.33 -32.82 -49.04
C ASP GA 292 24.31 -33.49 -50.41
N ALA GA 293 25.34 -33.22 -51.22
CA ALA GA 293 25.39 -33.77 -52.57
C ALA GA 293 25.45 -35.28 -52.53
N GLN GA 294 26.25 -35.86 -51.63
CA GLN GA 294 26.30 -37.32 -51.60
C GLN GA 294 25.00 -37.93 -51.13
N ARG GA 295 24.37 -37.40 -50.07
CA ARG GA 295 23.24 -38.18 -49.57
C ARG GA 295 21.98 -37.89 -50.36
N GLU GA 296 22.03 -36.90 -51.27
CA GLU GA 296 20.93 -36.76 -52.23
C GLU GA 296 21.32 -37.11 -53.66
N GLY GA 297 22.51 -37.65 -53.88
CA GLY GA 297 22.88 -38.16 -55.19
C GLY GA 297 23.34 -37.15 -56.21
N ILE GA 298 23.91 -36.03 -55.76
CA ILE GA 298 24.42 -35.01 -56.68
C ILE GA 298 25.95 -35.15 -56.72
N ASN GA 299 26.43 -36.35 -56.43
CA ASN GA 299 27.86 -36.65 -56.61
C ASN GA 299 28.24 -36.65 -58.09
N ALA GA 300 27.28 -36.87 -58.98
CA ALA GA 300 27.52 -36.89 -60.42
C ALA GA 300 26.60 -35.85 -61.06
N SER GA 301 27.11 -34.63 -61.21
CA SER GA 301 26.31 -33.55 -61.75
C SER GA 301 27.24 -32.44 -62.26
N ALA GA 302 26.62 -31.37 -62.72
CA ALA GA 302 27.39 -30.21 -63.16
C ALA GA 302 27.79 -29.31 -62.00
N ARG GA 303 26.81 -28.69 -61.35
CA ARG GA 303 27.03 -27.66 -60.36
C ARG GA 303 26.20 -27.96 -59.11
N TYR GA 304 26.58 -27.33 -58.00
CA TYR GA 304 25.77 -27.45 -56.78
C TYR GA 304 25.78 -26.15 -56.00
N PRO GA 305 24.62 -25.49 -55.87
CA PRO GA 305 24.52 -24.32 -54.99
C PRO GA 305 24.00 -24.69 -53.61
N LYS GA 306 24.21 -23.81 -52.62
CA LYS GA 306 23.50 -23.93 -51.36
C LYS GA 306 23.57 -22.61 -50.61
N ASN GA 307 22.54 -22.35 -49.80
CA ASN GA 307 22.51 -21.23 -48.87
C ASN GA 307 22.42 -21.80 -47.46
N TRP GA 308 23.27 -21.30 -46.56
CA TRP GA 308 23.54 -22.01 -45.33
C TRP GA 308 24.12 -21.09 -44.26
N VAL GA 309 23.73 -21.37 -43.02
CA VAL GA 309 24.05 -20.53 -41.87
C VAL GA 309 25.13 -21.21 -41.04
N THR GA 310 26.15 -20.44 -40.64
CA THR GA 310 27.15 -20.89 -39.69
C THR GA 310 26.80 -20.38 -38.31
N THR GA 311 26.75 -21.30 -37.34
CA THR GA 311 26.50 -20.98 -35.95
C THR GA 311 27.79 -21.09 -35.16
N GLY GA 312 28.12 -20.04 -34.42
CA GLY GA 312 29.31 -20.05 -33.62
C GLY GA 312 30.23 -18.87 -33.85
N ASP GA 313 31.52 -19.15 -34.10
CA ASP GA 313 32.46 -18.05 -34.34
C ASP GA 313 32.09 -17.24 -35.59
N PRO GA 314 32.02 -17.84 -36.79
CA PRO GA 314 31.56 -17.06 -37.95
C PRO GA 314 30.04 -17.15 -38.12
N ALA GA 315 29.32 -16.76 -37.07
CA ALA GA 315 27.88 -16.94 -37.06
C ALA GA 315 27.25 -16.01 -38.09
N ARG GA 316 27.09 -16.52 -39.30
CA ARG GA 316 26.70 -15.72 -40.45
C ARG GA 316 25.90 -16.62 -41.39
N GLU GA 317 25.76 -16.20 -42.64
CA GLU GA 317 25.07 -17.02 -43.63
C GLU GA 317 25.65 -16.74 -45.01
N PHE GA 318 25.87 -17.81 -45.77
CA PHE GA 318 26.67 -17.78 -46.98
C PHE GA 318 25.97 -18.52 -48.11
N THR GA 319 26.39 -18.21 -49.33
CA THR GA 319 26.04 -18.97 -50.52
C THR GA 319 27.30 -19.66 -51.04
N MET GA 320 27.20 -20.97 -51.24
CA MET GA 320 28.32 -21.84 -51.55
C MET GA 320 28.05 -22.48 -52.90
N ILE GA 321 29.04 -22.44 -53.80
CA ILE GA 321 28.90 -23.04 -55.12
C ILE GA 321 30.03 -24.04 -55.30
N GLN GA 322 29.69 -25.26 -55.73
CA GLN GA 322 30.67 -26.32 -55.89
C GLN GA 322 30.56 -26.96 -57.26
N SER GA 323 31.72 -27.26 -57.84
CA SER GA 323 31.81 -27.86 -59.17
C SER GA 323 33.14 -28.59 -59.27
N ALA GA 324 33.33 -29.32 -60.37
CA ALA GA 324 34.59 -30.03 -60.63
C ALA GA 324 34.71 -30.33 -62.12
N PRO GA 325 35.00 -29.31 -62.93
CA PRO GA 325 35.19 -29.55 -64.36
C PRO GA 325 36.64 -29.90 -64.72
N LEU GA 326 36.78 -30.75 -65.72
CA LEU GA 326 38.08 -31.05 -66.31
C LEU GA 326 37.92 -31.16 -67.82
N MET GA 327 37.15 -30.23 -68.39
CA MET GA 327 36.93 -30.14 -69.82
C MET GA 327 38.22 -30.16 -70.64
N LEU GA 328 38.21 -30.97 -71.68
CA LEU GA 328 39.33 -31.12 -72.61
C LEU GA 328 38.76 -31.28 -74.02
N LEU GA 329 39.65 -31.50 -74.98
CA LEU GA 329 39.27 -31.75 -76.36
C LEU GA 329 39.60 -33.19 -76.72
N ALA GA 330 38.66 -33.87 -77.40
CA ALA GA 330 38.88 -35.27 -77.76
C ALA GA 330 40.03 -35.40 -78.76
N ASP GA 331 40.05 -34.53 -79.76
CA ASP GA 331 41.09 -34.55 -80.80
C ASP GA 331 41.91 -33.27 -80.73
N PRO GA 332 43.05 -33.28 -80.03
CA PRO GA 332 43.92 -32.08 -80.06
C PRO GA 332 44.45 -31.78 -81.44
N ASP GA 333 44.59 -32.79 -82.29
CA ASP GA 333 45.03 -32.60 -83.67
C ASP GA 333 43.98 -31.92 -84.53
N GLU GA 334 42.74 -31.80 -84.03
CA GLU GA 334 41.69 -31.14 -84.80
C GLU GA 334 41.98 -29.67 -85.07
N PHE GA 335 42.69 -29.01 -84.17
CA PHE GA 335 43.02 -27.60 -84.33
C PHE GA 335 44.52 -27.40 -84.46
N VAL GA 336 44.90 -26.62 -85.46
CA VAL GA 336 46.27 -26.17 -85.66
C VAL GA 336 46.42 -24.83 -84.96
N SER GA 337 47.33 -24.75 -84.00
CA SER GA 337 47.54 -23.55 -83.20
C SER GA 337 48.77 -22.82 -83.72
N VAL GA 338 48.57 -21.60 -84.18
CA VAL GA 338 49.61 -20.81 -84.83
C VAL GA 338 49.74 -19.48 -84.09
N GLN GA 339 50.97 -19.11 -83.74
CA GLN GA 339 51.26 -17.76 -83.31
C GLN GA 339 51.62 -16.94 -84.55
N LEU GA 340 51.08 -15.74 -84.63
CA LEU GA 340 51.11 -14.93 -85.84
C LEU GA 340 52.30 -13.98 -85.82
N ALA GA 341 52.46 -13.27 -86.93
CA ALA GA 341 53.53 -12.29 -87.07
C ALA GA 341 53.34 -11.14 -86.10
N ALA HA 7 13.92 -56.38 -74.60
CA ALA HA 7 13.19 -56.58 -75.83
C ALA HA 7 12.03 -55.59 -75.96
N GLN HA 8 12.21 -54.59 -76.82
CA GLN HA 8 11.20 -53.58 -77.07
C GLN HA 8 10.72 -53.69 -78.53
N LEU HA 9 9.55 -53.11 -78.78
CA LEU HA 9 8.84 -53.35 -80.02
C LEU HA 9 9.60 -52.77 -81.23
N LEU HA 10 9.12 -53.14 -82.41
CA LEU HA 10 9.72 -52.67 -83.67
C LEU HA 10 9.59 -51.16 -83.82
N ALA HA 11 8.46 -50.59 -83.40
CA ALA HA 11 8.19 -49.17 -83.61
C ALA HA 11 9.15 -48.26 -82.87
N ALA HA 12 9.93 -48.78 -81.91
CA ALA HA 12 10.93 -47.99 -81.21
C ALA HA 12 12.20 -47.85 -82.06
N ASN HA 13 12.01 -47.30 -83.25
CA ASN HA 13 13.08 -47.13 -84.24
C ASN HA 13 12.99 -45.75 -84.87
N GLU HA 14 12.81 -44.73 -84.05
CA GLU HA 14 12.61 -43.36 -84.53
C GLU HA 14 13.93 -42.60 -84.43
N GLN HA 15 14.44 -42.15 -85.58
CA GLN HA 15 15.65 -41.33 -85.63
C GLN HA 15 15.39 -39.94 -86.18
N LYS HA 16 14.81 -39.85 -87.37
CA LYS HA 16 14.74 -38.60 -88.14
C LYS HA 16 16.13 -38.01 -88.36
N PHE HA 17 17.13 -38.88 -88.45
CA PHE HA 17 18.53 -38.50 -88.65
C PHE HA 17 19.04 -39.21 -89.90
N LYS HA 18 18.86 -38.57 -91.06
CA LYS HA 18 19.40 -39.07 -92.33
C LYS HA 18 20.39 -38.02 -92.83
N PHE HA 19 21.68 -38.28 -92.58
CA PHE HA 19 22.74 -37.33 -92.86
C PHE HA 19 23.91 -38.01 -93.55
N ASP HA 20 23.60 -38.81 -94.56
CA ASP HA 20 24.64 -39.43 -95.38
C ASP HA 20 25.37 -38.37 -96.21
N PRO HA 21 26.68 -38.51 -96.42
CA PRO HA 21 27.48 -37.46 -97.11
C PRO HA 21 27.26 -37.35 -98.61
N LEU HA 22 26.05 -36.90 -98.98
CA LEU HA 22 25.74 -36.43 -100.32
C LEU HA 22 25.89 -37.47 -101.41
N PHE HA 23 26.15 -38.73 -101.05
CA PHE HA 23 26.26 -39.78 -102.05
C PHE HA 23 25.00 -40.62 -102.18
N LEU HA 24 24.56 -41.26 -101.10
CA LEU HA 24 23.36 -42.08 -101.13
C LEU HA 24 22.09 -41.25 -101.16
N ARG HA 25 22.20 -39.93 -100.93
CA ARG HA 25 21.06 -39.03 -100.91
C ARG HA 25 20.96 -38.16 -102.15
N LEU HA 26 22.03 -38.03 -102.92
CA LEU HA 26 22.07 -37.12 -104.07
C LEU HA 26 22.39 -37.80 -105.38
N PHE HA 27 23.33 -38.74 -105.41
CA PHE HA 27 23.58 -39.51 -106.62
C PHE HA 27 22.86 -40.85 -106.65
N PHE HA 28 22.59 -41.44 -105.49
CA PHE HA 28 22.12 -42.81 -105.41
C PHE HA 28 20.75 -42.90 -104.72
N ARG HA 29 19.82 -42.06 -105.16
CA ARG HA 29 18.46 -42.04 -104.62
C ARG HA 29 17.63 -43.24 -105.05
N GLU HA 30 18.13 -44.03 -106.00
CA GLU HA 30 17.29 -44.92 -106.80
C GLU HA 30 17.15 -46.29 -106.12
N SER HA 31 16.42 -46.33 -105.00
CA SER HA 31 16.35 -47.50 -104.14
C SER HA 31 15.49 -48.60 -104.77
N TYR HA 32 15.98 -49.85 -104.69
CA TYR HA 32 15.21 -50.99 -105.18
C TYR HA 32 15.32 -52.16 -104.20
N PRO HA 33 14.64 -52.09 -103.06
CA PRO HA 33 14.54 -53.30 -102.23
C PRO HA 33 13.66 -54.36 -102.87
N PHE HA 34 14.14 -55.61 -102.80
CA PHE HA 34 13.52 -56.74 -103.48
C PHE HA 34 13.02 -57.76 -102.47
N THR HA 35 12.10 -58.60 -102.93
CA THR HA 35 11.66 -59.79 -102.21
C THR HA 35 12.56 -60.98 -102.57
N THR HA 36 13.59 -60.75 -103.39
CA THR HA 36 14.46 -61.80 -103.88
C THR HA 36 15.90 -61.49 -103.48
N GLU HA 37 16.69 -62.56 -103.40
CA GLU HA 37 18.03 -62.47 -102.81
C GLU HA 37 18.91 -61.49 -103.56
N LYS HA 38 19.21 -61.78 -104.82
CA LYS HA 38 20.21 -61.05 -105.59
C LYS HA 38 19.62 -59.77 -106.18
N VAL HA 39 20.47 -59.05 -106.90
CA VAL HA 39 20.05 -57.96 -107.76
C VAL HA 39 19.90 -58.50 -109.17
N TYR HA 40 18.79 -58.15 -109.80
CA TYR HA 40 18.48 -58.62 -111.15
C TYR HA 40 18.34 -57.39 -112.04
N LEU HA 41 19.47 -56.91 -112.57
CA LEU HA 41 19.46 -55.68 -113.35
C LEU HA 41 18.53 -55.78 -114.56
N SER HA 42 18.31 -57.00 -115.06
CA SER HA 42 17.28 -57.19 -116.07
C SER HA 42 15.90 -56.85 -115.54
N GLN HA 43 15.65 -57.15 -114.26
CA GLN HA 43 14.37 -56.81 -113.65
C GLN HA 43 14.19 -55.31 -113.49
N ILE HA 44 15.22 -54.59 -113.07
CA ILE HA 44 15.12 -53.13 -112.97
C ILE HA 44 14.90 -52.55 -114.36
N PRO HA 45 13.91 -51.67 -114.56
CA PRO HA 45 13.76 -51.04 -115.87
C PRO HA 45 14.95 -50.18 -116.23
N GLY HA 46 15.56 -49.51 -115.24
CA GLY HA 46 16.64 -48.59 -115.48
C GLY HA 46 16.22 -47.52 -116.47
N LEU HA 47 17.08 -47.29 -117.44
CA LEU HA 47 16.70 -46.48 -118.60
C LEU HA 47 15.79 -47.30 -119.52
N VAL HA 48 14.70 -46.67 -119.95
CA VAL HA 48 13.69 -47.31 -120.78
C VAL HA 48 14.02 -47.04 -122.25
N ASN HA 49 13.79 -48.03 -123.10
CA ASN HA 49 13.88 -47.83 -124.54
C ASN HA 49 12.87 -46.75 -124.93
N MET HA 50 13.39 -45.59 -125.37
CA MET HA 50 12.66 -44.33 -125.22
C MET HA 50 12.79 -43.46 -126.46
N ALA HA 51 12.52 -43.99 -127.65
CA ALA HA 51 12.51 -43.15 -128.84
C ALA HA 51 11.38 -43.46 -129.81
N LEU HA 52 11.16 -44.73 -130.13
CA LEU HA 52 10.39 -45.12 -131.30
C LEU HA 52 8.90 -44.87 -131.12
N TYR HA 53 8.25 -44.40 -132.19
CA TYR HA 53 6.80 -44.32 -132.24
C TYR HA 53 6.30 -45.31 -133.30
N VAL HA 54 4.99 -45.23 -133.58
CA VAL HA 54 4.36 -46.13 -134.54
C VAL HA 54 3.60 -45.31 -135.57
N SER HA 55 3.32 -45.94 -136.72
CA SER HA 55 2.68 -45.27 -137.83
C SER HA 55 1.26 -44.84 -137.47
N PRO HA 56 0.75 -43.79 -138.12
CA PRO HA 56 -0.62 -43.34 -137.84
C PRO HA 56 -1.71 -44.22 -138.43
N ILE HA 57 -1.57 -45.54 -138.31
CA ILE HA 57 -2.63 -46.46 -138.69
C ILE HA 57 -2.96 -47.39 -137.53
N VAL HA 58 -1.95 -48.08 -137.00
CA VAL HA 58 -2.08 -48.95 -135.84
C VAL HA 58 -0.87 -48.74 -134.95
N SER HA 59 -0.82 -49.50 -133.86
CA SER HA 59 0.31 -49.42 -132.95
C SER HA 59 1.11 -50.71 -132.95
N GLY HA 60 2.31 -50.65 -132.40
CA GLY HA 60 3.28 -51.72 -132.52
C GLY HA 60 3.23 -52.72 -131.36
N GLU HA 61 4.39 -53.32 -131.12
CA GLU HA 61 4.53 -54.43 -130.19
C GLU HA 61 4.54 -53.93 -128.74
N VAL HA 62 4.77 -54.84 -127.82
CA VAL HA 62 4.81 -54.54 -126.39
C VAL HA 62 6.26 -54.28 -126.00
N ILE HA 63 6.47 -53.21 -125.23
CA ILE HA 63 7.81 -52.82 -124.77
C ILE HA 63 7.97 -53.28 -123.33
N ARG HA 64 9.12 -53.87 -123.02
CA ARG HA 64 9.43 -54.50 -121.75
C ARG HA 64 10.53 -53.72 -121.05
N SER HA 65 10.93 -54.23 -119.88
CA SER HA 65 12.20 -53.85 -119.27
C SER HA 65 13.29 -54.51 -120.11
N ARG HA 66 14.20 -53.70 -120.65
CA ARG HA 66 15.02 -54.12 -121.78
C ARG HA 66 16.20 -55.02 -121.36
N GLY HA 67 15.86 -56.07 -120.61
CA GLY HA 67 16.73 -57.21 -120.40
C GLY HA 67 18.20 -56.93 -120.14
N GLY HA 68 18.51 -56.38 -118.97
CA GLY HA 68 19.90 -56.13 -118.60
C GLY HA 68 20.78 -57.34 -118.77
N SER HA 69 21.97 -57.15 -119.36
CA SER HA 69 22.82 -58.28 -119.72
C SER HA 69 23.26 -59.06 -118.49
N THR HA 70 23.74 -58.37 -117.46
CA THR HA 70 24.16 -59.00 -116.22
C THR HA 70 23.16 -58.65 -115.13
N SER HA 71 22.55 -59.68 -114.54
CA SER HA 71 21.52 -59.49 -113.53
C SER HA 71 21.70 -60.40 -112.32
N GLU HA 72 22.93 -60.56 -111.82
CA GLU HA 72 23.22 -61.49 -110.73
C GLU HA 72 24.43 -61.00 -109.95
N PHE HA 73 24.18 -60.30 -108.85
CA PHE HA 73 25.23 -59.97 -107.89
C PHE HA 73 24.67 -60.14 -106.48
N THR HA 74 25.58 -60.35 -105.52
CA THR HA 74 25.20 -60.66 -104.14
C THR HA 74 25.12 -59.38 -103.33
N PRO HA 75 23.96 -58.98 -102.83
CA PRO HA 75 23.89 -57.81 -101.95
C PRO HA 75 24.65 -58.04 -100.66
N GLY HA 76 25.17 -56.96 -100.08
CA GLY HA 76 25.90 -57.03 -98.83
C GLY HA 76 24.99 -57.18 -97.64
N TYR HA 77 24.45 -58.38 -97.44
CA TYR HA 77 23.57 -58.58 -96.31
C TYR HA 77 24.35 -58.42 -95.02
N VAL HA 78 24.18 -57.26 -94.39
CA VAL HA 78 24.88 -56.87 -93.19
C VAL HA 78 23.90 -56.92 -92.03
N LYS HA 79 24.16 -57.84 -91.10
CA LYS HA 79 23.33 -57.79 -89.91
C LYS HA 79 24.19 -57.76 -88.65
N PRO HA 80 24.57 -56.59 -88.17
CA PRO HA 80 25.29 -56.52 -86.89
C PRO HA 80 24.34 -56.40 -85.71
N LYS HA 81 24.89 -56.39 -84.51
CA LYS HA 81 24.09 -56.23 -83.31
C LYS HA 81 24.96 -55.63 -82.22
N HIS HA 82 24.31 -55.30 -81.11
CA HIS HA 82 25.03 -54.91 -79.90
C HIS HA 82 24.20 -55.27 -78.69
N GLU HA 83 24.80 -55.09 -77.52
CA GLU HA 83 24.08 -55.18 -76.26
C GLU HA 83 23.73 -53.78 -75.77
N VAL HA 84 22.61 -53.71 -75.05
CA VAL HA 84 22.18 -52.47 -74.41
C VAL HA 84 22.02 -52.72 -72.92
N ASN HA 85 22.90 -53.57 -72.39
CA ASN HA 85 22.86 -54.00 -70.99
C ASN HA 85 22.86 -52.78 -70.06
N PRO HA 86 21.85 -52.65 -69.19
CA PRO HA 86 21.79 -51.48 -68.30
C PRO HA 86 22.82 -51.51 -67.19
N GLN HA 87 24.10 -51.59 -67.56
CA GLN HA 87 25.18 -51.47 -66.60
C GLN HA 87 26.03 -50.23 -66.81
N MET HA 88 25.84 -49.49 -67.89
CA MET HA 88 26.62 -48.29 -68.15
C MET HA 88 25.95 -47.04 -67.63
N THR HA 89 26.77 -46.04 -67.28
CA THR HA 89 26.30 -44.68 -67.37
C THR HA 89 26.40 -44.20 -68.81
N LEU HA 90 25.34 -43.53 -69.27
CA LEU HA 90 25.11 -43.29 -70.68
C LEU HA 90 25.56 -41.89 -71.09
N ARG HA 91 25.29 -41.54 -72.35
CA ARG HA 91 25.48 -40.17 -72.80
C ARG HA 91 24.48 -39.28 -72.06
N ARG HA 92 24.94 -38.43 -71.14
CA ARG HA 92 24.02 -37.55 -70.44
C ARG HA 92 24.01 -36.18 -71.10
N LEU HA 93 23.02 -35.96 -71.97
CA LEU HA 93 22.72 -34.62 -72.45
C LEU HA 93 22.64 -33.68 -71.24
N PRO HA 94 23.19 -32.45 -71.34
CA PRO HA 94 23.32 -31.61 -70.13
C PRO HA 94 22.04 -31.44 -69.32
N ASP HA 95 22.05 -32.07 -68.14
CA ASP HA 95 21.10 -31.80 -67.05
C ASP HA 95 19.64 -31.86 -67.48
N GLU HA 96 19.23 -32.91 -68.20
CA GLU HA 96 17.81 -33.23 -68.33
C GLU HA 96 17.44 -34.36 -67.37
N ASP HA 97 17.44 -34.01 -66.07
CA ASP HA 97 16.88 -34.84 -65.02
C ASP HA 97 17.48 -36.25 -65.01
N PRO HA 98 18.72 -36.44 -64.53
CA PRO HA 98 19.32 -37.78 -64.53
C PRO HA 98 18.53 -38.81 -63.71
N GLN HA 99 17.46 -38.40 -63.04
CA GLN HA 99 16.61 -39.37 -62.36
C GLN HA 99 16.03 -40.38 -63.33
N ASN HA 100 15.71 -39.97 -64.56
CA ASN HA 100 15.22 -40.94 -65.53
C ASN HA 100 16.33 -41.85 -66.04
N LEU HA 101 17.57 -41.37 -66.11
CA LEU HA 101 18.68 -42.29 -66.35
C LEU HA 101 18.77 -43.31 -65.24
N ALA HA 102 18.56 -42.88 -63.98
CA ALA HA 102 18.48 -43.82 -62.88
C ALA HA 102 17.40 -44.87 -63.09
N ASP HA 103 16.36 -44.55 -63.84
CA ASP HA 103 15.38 -45.56 -64.25
C ASP HA 103 16.03 -46.55 -65.20
N PRO HA 104 15.93 -47.85 -64.94
CA PRO HA 104 16.30 -48.82 -65.98
C PRO HA 104 15.48 -48.71 -67.25
N ALA HA 105 14.22 -48.28 -67.16
CA ALA HA 105 13.41 -48.15 -68.37
C ALA HA 105 13.93 -47.06 -69.30
N TYR HA 106 14.16 -45.87 -68.78
CA TYR HA 106 14.65 -44.80 -69.63
C TYR HA 106 16.09 -45.06 -70.09
N ARG HA 107 16.93 -45.58 -69.20
CA ARG HA 107 18.29 -45.89 -69.63
C ARG HA 107 18.25 -46.91 -70.77
N ARG HA 108 17.43 -47.96 -70.63
CA ARG HA 108 17.40 -48.99 -71.66
C ARG HA 108 16.83 -48.46 -72.96
N ARG HA 109 15.80 -47.61 -72.91
CA ARG HA 109 15.24 -47.15 -74.17
C ARG HA 109 16.18 -46.16 -74.87
N ARG HA 110 16.79 -45.22 -74.14
CA ARG HA 110 17.64 -44.31 -74.89
C ARG HA 110 18.98 -44.96 -75.21
N ILE HA 111 19.36 -46.03 -74.52
CA ILE HA 111 20.55 -46.76 -74.92
C ILE HA 111 20.27 -47.63 -76.13
N ILE HA 112 19.05 -48.15 -76.31
CA ILE HA 112 18.77 -48.79 -77.59
C ILE HA 112 18.71 -47.74 -78.68
N MET HA 113 18.25 -46.52 -78.34
CA MET HA 113 18.35 -45.41 -79.30
C MET HA 113 19.79 -45.21 -79.75
N GLN HA 114 20.71 -45.08 -78.78
CA GLN HA 114 22.12 -44.84 -79.08
C GLN HA 114 22.73 -46.03 -79.83
N ASN HA 115 22.44 -47.24 -79.38
CA ASN HA 115 22.96 -48.42 -80.03
C ASN HA 115 22.52 -48.48 -81.49
N MET HA 116 21.22 -48.32 -81.73
CA MET HA 116 20.74 -48.49 -83.09
C MET HA 116 21.25 -47.37 -83.97
N ARG HA 117 21.38 -46.14 -83.44
CA ARG HA 117 21.88 -45.06 -84.29
C ARG HA 117 23.33 -45.33 -84.68
N ASP HA 118 24.14 -45.82 -83.72
CA ASP HA 118 25.47 -46.30 -84.09
C ASP HA 118 25.37 -47.34 -85.20
N GLU HA 119 24.35 -48.20 -85.13
CA GLU HA 119 24.20 -49.26 -86.12
C GLU HA 119 23.93 -48.70 -87.52
N GLU HA 120 22.96 -47.79 -87.67
CA GLU HA 120 22.70 -47.35 -89.04
C GLU HA 120 23.81 -46.43 -89.53
N LEU HA 121 24.49 -45.71 -88.64
CA LEU HA 121 25.62 -44.93 -89.13
C LEU HA 121 26.79 -45.84 -89.51
N ALA HA 122 26.88 -47.02 -88.88
CA ALA HA 122 27.85 -48.01 -89.32
C ALA HA 122 27.55 -48.51 -90.72
N ILE HA 123 26.30 -48.91 -90.95
CA ILE HA 123 25.94 -49.38 -92.28
C ILE HA 123 26.06 -48.24 -93.29
N ALA HA 124 25.81 -47.00 -92.85
CA ALA HA 124 25.95 -45.85 -93.73
C ALA HA 124 27.40 -45.62 -94.11
N GLN HA 125 28.32 -45.76 -93.15
CA GLN HA 125 29.73 -45.54 -93.46
C GLN HA 125 30.29 -46.66 -94.33
N VAL HA 126 29.88 -47.91 -94.10
CA VAL HA 126 30.31 -48.97 -95.01
C VAL HA 126 29.69 -48.77 -96.38
N GLU HA 127 28.47 -48.23 -96.43
CA GLU HA 127 27.84 -47.94 -97.71
C GLU HA 127 28.56 -46.81 -98.42
N GLU HA 128 29.08 -45.84 -97.67
CA GLU HA 128 29.86 -44.76 -98.27
C GLU HA 128 31.20 -45.26 -98.77
N MET HA 129 31.82 -46.23 -98.08
CA MET HA 129 33.01 -46.85 -98.67
C MET HA 129 32.66 -47.59 -99.96
N GLN HA 130 31.52 -48.27 -99.98
CA GLN HA 130 31.07 -48.88 -101.24
C GLN HA 130 30.88 -47.82 -102.32
N ALA HA 131 30.30 -46.67 -101.96
CA ALA HA 131 30.08 -45.59 -102.93
C ALA HA 131 31.39 -45.03 -103.45
N VAL HA 132 32.38 -44.84 -102.58
CA VAL HA 132 33.63 -44.27 -103.02
C VAL HA 132 34.40 -45.25 -103.90
N SER HA 133 34.36 -46.55 -103.57
CA SER HA 133 34.91 -47.54 -104.48
C SER HA 133 34.18 -47.50 -105.83
N ALA HA 134 32.85 -47.43 -105.78
CA ALA HA 134 32.04 -47.45 -106.98
C ALA HA 134 32.38 -46.28 -107.89
N VAL HA 135 32.09 -45.06 -107.45
CA VAL HA 135 32.58 -43.94 -108.23
C VAL HA 135 33.93 -43.50 -107.66
N LEU HA 136 34.92 -44.38 -107.76
CA LEU HA 136 36.30 -44.06 -108.08
C LEU HA 136 36.92 -45.06 -109.04
N LYS HA 137 36.42 -46.29 -109.13
CA LYS HA 137 36.97 -47.23 -110.10
C LYS HA 137 35.93 -48.04 -110.86
N GLY HA 138 34.65 -47.95 -110.54
CA GLY HA 138 33.66 -48.78 -111.20
C GLY HA 138 33.60 -50.21 -110.70
N LYS HA 139 34.55 -50.60 -109.85
CA LYS HA 139 34.64 -51.91 -109.25
C LYS HA 139 34.26 -51.81 -107.77
N TYR HA 140 33.51 -52.79 -107.29
CA TYR HA 140 33.22 -52.90 -105.87
C TYR HA 140 33.55 -54.30 -105.40
N THR HA 141 34.17 -54.40 -104.23
CA THR HA 141 34.57 -55.67 -103.65
C THR HA 141 33.51 -56.13 -102.65
N MET HA 142 32.54 -56.91 -103.12
CA MET HA 142 31.64 -57.66 -102.26
C MET HA 142 32.43 -58.77 -101.62
N THR HA 143 32.98 -58.52 -100.44
CA THR HA 143 33.91 -59.47 -99.84
C THR HA 143 33.77 -59.44 -98.32
N GLY HA 144 34.21 -60.54 -97.72
CA GLY HA 144 34.26 -60.69 -96.28
C GLY HA 144 34.76 -62.07 -95.96
N GLU HA 145 35.27 -62.23 -94.74
CA GLU HA 145 35.76 -63.53 -94.33
C GLU HA 145 34.60 -64.52 -94.27
N ALA HA 146 34.88 -65.78 -94.58
CA ALA HA 146 33.85 -66.81 -94.77
C ALA HA 146 32.83 -66.36 -95.81
N PHE HA 147 33.33 -65.77 -96.90
CA PHE HA 147 32.49 -65.31 -98.00
C PHE HA 147 33.39 -65.07 -99.20
N ASP HA 148 32.96 -65.53 -100.37
CA ASP HA 148 33.78 -65.37 -101.57
C ASP HA 148 33.78 -63.90 -102.01
N PRO HA 149 34.93 -63.38 -102.46
CA PRO HA 149 34.95 -62.01 -102.96
C PRO HA 149 34.40 -61.93 -104.38
N VAL HA 150 33.22 -61.34 -104.50
CA VAL HA 150 32.60 -61.05 -105.79
C VAL HA 150 32.95 -59.62 -106.17
N GLU HA 151 33.53 -59.46 -107.36
CA GLU HA 151 33.75 -58.14 -107.92
C GLU HA 151 32.50 -57.73 -108.68
N VAL HA 152 31.85 -56.66 -108.22
CA VAL HA 152 30.67 -56.11 -108.86
C VAL HA 152 31.12 -54.90 -109.66
N ASP HA 153 31.04 -55.01 -110.98
CA ASP HA 153 31.55 -53.97 -111.89
C ASP HA 153 30.37 -53.30 -112.58
N MET HA 154 30.28 -51.98 -112.47
CA MET HA 154 29.34 -51.26 -113.33
C MET HA 154 29.83 -51.18 -114.77
N GLY HA 155 31.14 -51.15 -114.98
CA GLY HA 155 31.68 -51.10 -116.33
C GLY HA 155 32.42 -49.83 -116.64
N ARG HA 156 33.09 -49.25 -115.65
CA ARG HA 156 33.83 -48.01 -115.86
C ARG HA 156 34.86 -48.20 -116.95
N SER HA 157 34.85 -47.29 -117.92
CA SER HA 157 35.68 -47.40 -119.11
C SER HA 157 37.09 -46.89 -118.84
N GLU HA 158 37.98 -47.14 -119.81
CA GLU HA 158 39.37 -46.74 -119.67
C GLU HA 158 39.53 -45.22 -119.69
N GLU HA 159 38.81 -44.53 -120.57
CA GLU HA 159 38.86 -43.07 -120.59
C GLU HA 159 38.26 -42.47 -119.32
N ASN HA 160 37.51 -43.24 -118.55
CA ASN HA 160 37.07 -42.83 -117.23
C ASN HA 160 38.09 -43.14 -116.14
N ASN HA 161 39.23 -43.72 -116.51
CA ASN HA 161 40.28 -44.08 -115.55
C ASN HA 161 41.61 -43.49 -115.99
N ILE HA 162 41.58 -42.49 -116.88
CA ILE HA 162 42.81 -41.87 -117.33
C ILE HA 162 43.41 -41.02 -116.20
N THR HA 163 44.74 -40.97 -116.17
CA THR HA 163 45.49 -40.51 -115.02
C THR HA 163 46.20 -39.20 -115.32
N GLN HA 164 46.26 -38.32 -114.32
CA GLN HA 164 46.98 -37.06 -114.45
C GLN HA 164 48.49 -37.25 -114.49
N SER HA 165 49.03 -38.22 -113.73
CA SER HA 165 50.47 -38.43 -113.72
C SER HA 165 50.98 -38.85 -115.08
N GLY HA 166 50.13 -39.49 -115.89
CA GLY HA 166 50.53 -39.82 -117.25
C GLY HA 166 50.85 -38.56 -118.03
N GLY HA 167 52.01 -38.56 -118.68
CA GLY HA 167 52.46 -37.38 -119.41
C GLY HA 167 53.04 -36.32 -118.51
N THR HA 168 52.33 -35.21 -118.35
CA THR HA 168 52.79 -34.10 -117.52
C THR HA 168 51.92 -34.01 -116.27
N GLU HA 169 52.57 -33.91 -115.12
CA GLU HA 169 51.89 -33.82 -113.84
C GLU HA 169 51.68 -32.35 -113.46
N TRP HA 170 50.59 -32.10 -112.71
CA TRP HA 170 50.35 -30.76 -112.21
C TRP HA 170 51.44 -30.32 -111.24
N SER HA 171 51.96 -31.25 -110.44
CA SER HA 171 53.13 -30.95 -109.62
C SER HA 171 54.31 -30.59 -110.51
N LYS HA 172 54.49 -31.30 -111.62
CA LYS HA 172 55.54 -31.00 -112.59
C LYS HA 172 55.05 -30.00 -113.63
N ARG HA 173 54.55 -28.86 -113.15
CA ARG HA 173 54.08 -27.79 -114.01
C ARG HA 173 54.38 -26.46 -113.33
N ASP HA 174 54.16 -25.38 -114.07
CA ASP HA 174 54.34 -24.05 -113.51
C ASP HA 174 53.26 -23.78 -112.48
N LYS HA 175 53.68 -23.50 -111.25
CA LYS HA 175 52.76 -23.21 -110.16
C LYS HA 175 52.07 -21.87 -110.30
N SER HA 176 52.51 -21.04 -111.25
CA SER HA 176 51.97 -19.69 -111.40
C SER HA 176 51.17 -19.48 -112.67
N THR HA 177 51.65 -19.93 -113.82
CA THR HA 177 51.02 -19.61 -115.10
C THR HA 177 50.17 -20.73 -115.66
N TYR HA 178 50.46 -21.99 -115.33
CA TYR HA 178 49.69 -23.09 -115.88
C TYR HA 178 48.27 -23.07 -115.33
N ASP HA 179 47.31 -23.32 -116.22
CA ASP HA 179 45.90 -23.39 -115.85
C ASP HA 179 45.41 -24.83 -116.01
N PRO HA 180 44.99 -25.50 -114.94
CA PRO HA 180 44.48 -26.87 -115.08
C PRO HA 180 43.06 -26.94 -115.62
N THR HA 181 42.46 -25.81 -115.99
CA THR HA 181 41.14 -25.84 -116.60
C THR HA 181 41.15 -26.64 -117.90
N ASP HA 182 42.23 -26.50 -118.67
CA ASP HA 182 42.36 -27.27 -119.90
C ASP HA 182 42.21 -28.76 -119.62
N ASP HA 183 42.92 -29.27 -118.61
CA ASP HA 183 42.71 -30.65 -118.19
C ASP HA 183 41.29 -30.86 -117.67
N ILE HA 184 40.69 -29.83 -117.08
CA ILE HA 184 39.33 -29.99 -116.56
C ILE HA 184 38.36 -30.35 -117.68
N GLU HA 185 38.37 -29.58 -118.77
CA GLU HA 185 37.48 -29.99 -119.88
C GLU HA 185 38.01 -31.22 -120.59
N ALA HA 186 39.33 -31.44 -120.57
CA ALA HA 186 39.87 -32.64 -121.20
C ALA HA 186 39.31 -33.90 -120.56
N TYR HA 187 39.20 -33.92 -119.24
CA TYR HA 187 38.62 -35.08 -118.57
C TYR HA 187 37.09 -35.01 -118.53
N ALA HA 188 36.51 -33.82 -118.63
CA ALA HA 188 35.06 -33.70 -118.60
C ALA HA 188 34.40 -34.08 -119.92
N LEU HA 189 35.11 -33.94 -121.04
CA LEU HA 189 34.48 -34.20 -122.34
C LEU HA 189 34.04 -35.65 -122.47
N ASN HA 190 34.87 -36.59 -122.03
CA ASN HA 190 34.54 -38.01 -122.10
C ASN HA 190 33.88 -38.48 -120.80
N ALA HA 191 32.89 -37.73 -120.34
CA ALA HA 191 32.15 -38.07 -119.13
C ALA HA 191 30.67 -38.30 -119.38
N SER HA 192 30.23 -38.29 -120.63
CA SER HA 192 28.83 -38.51 -120.99
C SER HA 192 27.92 -37.51 -120.29
N GLY HA 193 28.35 -36.26 -120.20
CA GLY HA 193 27.53 -35.24 -119.59
C GLY HA 193 28.37 -34.09 -119.08
N VAL HA 194 27.66 -33.16 -118.42
CA VAL HA 194 28.26 -31.96 -117.86
C VAL HA 194 28.67 -32.22 -116.42
N VAL HA 195 29.81 -31.68 -116.02
CA VAL HA 195 30.32 -31.77 -114.66
C VAL HA 195 30.06 -30.44 -113.97
N ASN HA 196 29.48 -30.49 -112.77
CA ASN HA 196 29.17 -29.27 -112.04
C ASN HA 196 29.65 -29.29 -110.60
N ILE HA 197 30.35 -30.33 -110.16
CA ILE HA 197 31.05 -30.34 -108.88
C ILE HA 197 32.45 -30.88 -109.10
N ILE HA 198 33.45 -30.24 -108.50
CA ILE HA 198 34.83 -30.63 -108.70
C ILE HA 198 35.40 -31.05 -107.34
N VAL HA 199 34.58 -31.72 -106.53
CA VAL HA 199 34.99 -32.14 -105.19
C VAL HA 199 36.30 -32.92 -105.23
N PHE HA 200 37.28 -32.43 -104.47
CA PHE HA 200 38.61 -33.02 -104.35
C PHE HA 200 38.77 -33.64 -102.98
N ASP HA 201 39.76 -34.52 -102.89
CA ASP HA 201 40.37 -34.81 -101.60
C ASP HA 201 41.35 -33.70 -101.24
N PRO HA 202 41.64 -33.50 -99.94
CA PRO HA 202 42.29 -32.26 -99.49
C PRO HA 202 43.55 -31.86 -100.23
N LYS HA 203 44.58 -32.71 -100.25
CA LYS HA 203 45.81 -32.32 -100.92
C LYS HA 203 45.64 -32.27 -102.44
N GLY HA 204 44.68 -33.02 -102.97
CA GLY HA 204 44.35 -32.87 -104.37
C GLY HA 204 43.89 -31.46 -104.70
N TRP HA 205 42.96 -30.93 -103.90
CA TRP HA 205 42.57 -29.54 -104.07
C TRP HA 205 43.73 -28.61 -103.76
N ALA HA 206 44.63 -29.01 -102.86
CA ALA HA 206 45.78 -28.18 -102.55
C ALA HA 206 46.64 -27.94 -103.78
N LEU HA 207 47.05 -29.00 -104.47
CA LEU HA 207 47.86 -28.76 -105.66
C LEU HA 207 47.03 -28.25 -106.83
N PHE HA 208 45.72 -28.47 -106.82
CA PHE HA 208 44.87 -27.81 -107.80
C PHE HA 208 44.92 -26.30 -107.65
N ARG HA 209 44.73 -25.80 -106.42
CA ARG HA 209 44.71 -24.37 -106.16
C ARG HA 209 46.10 -23.76 -106.11
N SER HA 210 47.16 -24.58 -106.02
CA SER HA 210 48.51 -24.05 -106.05
C SER HA 210 48.77 -23.21 -107.30
N PHE HA 211 48.11 -23.54 -108.40
CA PHE HA 211 48.20 -22.71 -109.60
C PHE HA 211 47.49 -21.39 -109.36
N LYS HA 212 48.17 -20.30 -109.72
CA LYS HA 212 47.56 -18.97 -109.55
C LYS HA 212 46.29 -18.84 -110.35
N ALA HA 213 46.36 -19.18 -111.65
CA ALA HA 213 45.19 -19.09 -112.52
C ALA HA 213 43.95 -19.65 -111.84
N VAL HA 214 44.09 -20.73 -111.08
CA VAL HA 214 42.98 -21.23 -110.29
C VAL HA 214 42.51 -20.19 -109.29
N LYS HA 215 43.46 -19.56 -108.58
CA LYS HA 215 43.06 -18.74 -107.43
C LYS HA 215 42.49 -17.39 -107.85
N GLU HA 216 42.91 -16.83 -108.98
CA GLU HA 216 42.21 -15.67 -109.50
C GLU HA 216 41.13 -16.02 -110.52
N LYS HA 217 40.90 -17.30 -110.81
CA LYS HA 217 39.75 -17.70 -111.59
C LYS HA 217 38.57 -18.12 -110.72
N LEU HA 218 38.83 -18.55 -109.49
CA LEU HA 218 37.76 -19.00 -108.62
C LEU HA 218 37.09 -17.82 -107.94
N ASP HA 219 35.79 -17.95 -107.71
CA ASP HA 219 35.00 -16.95 -106.99
C ASP HA 219 34.73 -17.49 -105.58
N THR HA 220 35.29 -16.82 -104.59
CA THR HA 220 35.05 -17.19 -103.20
C THR HA 220 33.64 -16.87 -102.75
N ARG HA 221 32.91 -16.08 -103.52
CA ARG HA 221 31.60 -15.60 -103.09
C ARG HA 221 30.61 -16.75 -103.04
N ARG HA 222 29.51 -16.51 -102.33
CA ARG HA 222 28.41 -17.47 -102.29
C ARG HA 222 27.88 -17.72 -103.69
N GLY HA 223 27.30 -16.69 -104.31
CA GLY HA 223 26.64 -16.81 -105.59
C GLY HA 223 25.81 -18.08 -105.63
N SER HA 224 24.85 -18.18 -104.71
CA SER HA 224 24.25 -19.47 -104.38
C SER HA 224 23.63 -20.09 -105.61
N ASN HA 225 24.25 -21.16 -106.10
CA ASN HA 225 23.83 -21.82 -107.33
C ASN HA 225 22.65 -22.75 -107.13
N SER HA 226 22.71 -23.60 -106.11
CA SER HA 226 21.71 -24.66 -105.96
C SER HA 226 21.57 -24.95 -104.48
N GLU HA 227 21.00 -26.11 -104.17
CA GLU HA 227 20.85 -26.58 -102.81
C GLU HA 227 22.12 -27.20 -102.25
N LEU HA 228 23.23 -27.13 -102.99
CA LEU HA 228 24.49 -27.68 -102.46
C LEU HA 228 24.98 -26.88 -101.26
N GLU HA 229 24.74 -25.56 -101.25
CA GLU HA 229 25.06 -24.79 -100.06
C GLU HA 229 24.24 -25.27 -98.86
N THR HA 230 22.96 -25.57 -99.09
CA THR HA 230 22.14 -26.11 -98.01
C THR HA 230 22.65 -27.47 -97.55
N ALA HA 231 23.10 -28.29 -98.49
CA ALA HA 231 23.67 -29.58 -98.14
C ALA HA 231 24.93 -29.43 -97.30
N VAL HA 232 25.78 -28.46 -97.64
CA VAL HA 232 26.98 -28.21 -96.85
C VAL HA 232 26.62 -27.68 -95.47
N LYS HA 233 25.66 -26.78 -95.38
CA LYS HA 233 25.22 -26.29 -94.08
C LYS HA 233 24.68 -27.43 -93.23
N ASP HA 234 23.96 -28.38 -93.84
CA ASP HA 234 23.51 -29.55 -93.11
C ASP HA 234 24.70 -30.38 -92.64
N LEU HA 235 25.52 -30.87 -93.58
CA LEU HA 235 26.68 -31.68 -93.25
C LEU HA 235 27.95 -30.84 -93.25
N GLY HA 236 27.99 -29.90 -92.32
CA GLY HA 236 29.21 -29.14 -92.11
C GLY HA 236 30.38 -29.91 -91.55
N LYS HA 237 30.32 -31.25 -91.59
CA LYS HA 237 31.37 -32.06 -90.98
C LYS HA 237 32.54 -32.26 -91.93
N ALA HA 238 32.29 -32.89 -93.10
CA ALA HA 238 33.39 -33.35 -93.92
C ALA HA 238 33.31 -32.90 -95.37
N VAL HA 239 32.19 -32.33 -95.80
CA VAL HA 239 32.08 -31.69 -97.11
C VAL HA 239 32.29 -30.20 -96.93
N SER HA 240 33.21 -29.63 -97.70
CA SER HA 240 33.60 -28.25 -97.56
C SER HA 240 33.43 -27.54 -98.89
N TYR HA 241 32.47 -26.64 -98.94
CA TYR HA 241 32.17 -25.84 -100.12
C TYR HA 241 33.22 -24.75 -100.24
N LYS HA 242 34.28 -25.04 -101.00
CA LYS HA 242 35.35 -24.06 -101.16
C LYS HA 242 34.83 -22.77 -101.78
N GLY HA 243 34.01 -22.88 -102.82
CA GLY HA 243 33.44 -21.71 -103.45
C GLY HA 243 33.16 -22.00 -104.92
N MET HA 244 33.02 -20.92 -105.68
CA MET HA 244 32.86 -20.98 -107.12
C MET HA 244 34.21 -20.91 -107.80
N TYR HA 245 34.41 -21.77 -108.78
CA TYR HA 245 35.50 -21.63 -109.75
C TYR HA 245 35.02 -20.89 -110.98
N GLY HA 246 33.98 -20.07 -110.79
CA GLY HA 246 33.26 -19.46 -111.88
C GLY HA 246 32.11 -20.33 -112.34
N ASP HA 247 32.30 -21.02 -113.45
CA ASP HA 247 31.29 -21.92 -113.98
C ASP HA 247 30.93 -23.07 -113.05
N VAL HA 248 31.91 -23.66 -112.38
CA VAL HA 248 31.72 -24.93 -111.68
C VAL HA 248 31.91 -24.72 -110.19
N ALA HA 249 31.30 -25.59 -109.39
CA ALA HA 249 31.42 -25.55 -107.95
C ALA HA 249 32.65 -26.33 -107.49
N ILE HA 250 33.34 -25.79 -106.48
CA ILE HA 250 34.54 -26.42 -105.93
C ILE HA 250 34.21 -26.90 -104.53
N VAL HA 251 34.35 -28.21 -104.30
CA VAL HA 251 34.07 -28.82 -103.00
C VAL HA 251 35.27 -29.68 -102.64
N VAL HA 252 35.42 -29.95 -101.35
CA VAL HA 252 36.44 -30.87 -100.86
C VAL HA 252 35.80 -31.81 -99.84
N TYR HA 253 35.97 -33.11 -100.03
CA TYR HA 253 35.52 -34.10 -99.07
C TYR HA 253 36.72 -34.63 -98.30
N SER HA 254 36.65 -34.53 -96.98
CA SER HA 254 37.69 -35.03 -96.08
C SER HA 254 37.08 -35.97 -95.05
N GLY HA 255 36.09 -36.76 -95.47
CA GLY HA 255 35.47 -37.71 -94.56
C GLY HA 255 36.43 -38.81 -94.16
N GLN HA 256 36.23 -39.36 -92.97
CA GLN HA 256 37.13 -40.36 -92.42
C GLN HA 256 36.32 -41.51 -91.83
N TYR HA 257 36.81 -42.73 -92.02
CA TYR HA 257 36.23 -43.90 -91.39
C TYR HA 257 37.18 -44.40 -90.31
N VAL HA 258 36.61 -44.81 -89.18
CA VAL HA 258 37.38 -45.24 -88.01
C VAL HA 258 37.30 -46.75 -87.97
N GLU HA 259 38.34 -47.41 -88.49
CA GLU HA 259 38.31 -48.85 -88.66
C GLU HA 259 38.66 -49.54 -87.33
N ASN HA 260 38.95 -50.84 -87.41
CA ASN HA 260 38.97 -51.71 -86.23
C ASN HA 260 39.89 -51.19 -85.13
N GLY HA 261 41.05 -50.63 -85.51
CA GLY HA 261 41.97 -50.15 -84.50
C GLY HA 261 42.48 -48.75 -84.76
N VAL HA 262 42.24 -48.24 -85.97
CA VAL HA 262 42.78 -46.96 -86.41
C VAL HA 262 41.71 -46.24 -87.22
N LYS HA 263 42.00 -44.99 -87.57
CA LYS HA 263 41.12 -44.18 -88.41
C LYS HA 263 41.91 -43.69 -89.62
N LYS HA 264 41.20 -43.50 -90.74
CA LYS HA 264 41.83 -42.98 -91.94
C LYS HA 264 40.75 -42.46 -92.87
N ASN HA 265 41.12 -41.55 -93.76
CA ASN HA 265 40.16 -40.91 -94.65
C ASN HA 265 39.54 -41.92 -95.62
N PHE HA 266 38.28 -41.66 -95.99
CA PHE HA 266 37.64 -42.42 -97.04
C PHE HA 266 38.40 -42.31 -98.35
N LEU HA 267 38.78 -41.08 -98.72
CA LEU HA 267 39.42 -40.71 -99.97
C LEU HA 267 40.87 -41.17 -100.02
N PRO HA 268 41.30 -41.63 -101.19
CA PRO HA 268 42.73 -41.89 -101.41
C PRO HA 268 43.53 -40.60 -101.45
N ASP HA 269 44.82 -40.70 -101.78
CA ASP HA 269 45.72 -39.56 -101.65
C ASP HA 269 45.31 -38.40 -102.55
N ASN HA 270 45.13 -38.65 -103.85
CA ASN HA 270 44.85 -37.60 -104.82
C ASN HA 270 43.99 -38.19 -105.92
N THR HA 271 42.67 -38.00 -105.82
CA THR HA 271 41.74 -38.58 -106.79
C THR HA 271 40.62 -37.60 -107.10
N MET HA 272 39.96 -37.87 -108.22
CA MET HA 272 38.90 -37.02 -108.75
C MET HA 272 37.91 -37.87 -109.54
N VAL HA 273 36.63 -37.50 -109.46
CA VAL HA 273 35.60 -38.03 -110.32
C VAL HA 273 34.83 -36.87 -110.94
N LEU HA 274 34.82 -36.81 -112.27
CA LEU HA 274 34.15 -35.76 -113.02
C LEU HA 274 32.82 -36.30 -113.51
N GLY HA 275 31.73 -35.65 -113.11
CA GLY HA 275 30.40 -36.08 -113.51
C GLY HA 275 29.36 -35.11 -113.00
N ASN HA 276 28.09 -35.49 -113.20
CA ASN HA 276 26.96 -34.65 -112.83
C ASN HA 276 26.53 -34.90 -111.39
N THR HA 277 25.76 -33.97 -110.86
CA THR HA 277 25.09 -34.13 -109.58
C THR HA 277 23.81 -34.94 -109.69
N GLN HA 278 23.29 -35.17 -110.90
CA GLN HA 278 22.09 -35.95 -111.11
C GLN HA 278 22.37 -37.30 -111.76
N ALA HA 279 23.55 -37.87 -111.56
CA ALA HA 279 23.82 -39.21 -112.07
C ALA HA 279 22.92 -40.21 -111.37
N ARG HA 280 22.58 -41.29 -112.09
CA ARG HA 280 21.59 -42.23 -111.61
C ARG HA 280 22.28 -43.30 -110.76
N GLY HA 281 21.86 -43.41 -109.50
CA GLY HA 281 22.44 -44.38 -108.61
C GLY HA 281 21.45 -45.38 -108.06
N LEU HA 282 21.72 -46.66 -108.26
CA LEU HA 282 20.81 -47.72 -107.83
C LEU HA 282 21.16 -48.18 -106.43
N ARG HA 283 20.13 -48.42 -105.62
CA ARG HA 283 20.23 -48.92 -104.25
C ARG HA 283 19.48 -50.24 -104.15
N THR HA 284 19.78 -51.18 -105.04
CA THR HA 284 19.17 -52.50 -104.96
C THR HA 284 19.44 -53.12 -103.60
N TYR HA 285 18.41 -53.74 -103.03
CA TYR HA 285 18.47 -54.29 -101.69
C TYR HA 285 17.97 -55.72 -101.77
N GLY HA 286 18.69 -56.64 -101.12
CA GLY HA 286 18.36 -58.04 -101.17
C GLY HA 286 17.33 -58.45 -100.13
N CYS HA 287 17.18 -59.77 -99.99
CA CYS HA 287 16.30 -60.31 -98.97
C CYS HA 287 16.81 -60.00 -97.58
N ILE HA 288 15.89 -59.90 -96.63
CA ILE HA 288 16.24 -59.75 -95.22
C ILE HA 288 15.95 -61.07 -94.52
N GLN HA 289 17.02 -61.75 -94.07
CA GLN HA 289 16.91 -63.09 -93.49
C GLN HA 289 16.56 -62.98 -92.01
N ASP HA 290 15.30 -62.69 -91.74
CA ASP HA 290 14.78 -62.66 -90.38
C ASP HA 290 13.34 -63.13 -90.39
N ALA HA 291 13.06 -64.19 -89.61
CA ALA HA 291 11.74 -64.80 -89.62
C ALA HA 291 10.66 -63.75 -89.38
N ASP HA 292 10.95 -62.78 -88.48
CA ASP HA 292 10.04 -61.66 -88.27
C ASP HA 292 9.80 -60.90 -89.56
N ALA HA 293 10.87 -60.60 -90.29
CA ALA HA 293 10.76 -59.83 -91.52
C ALA HA 293 9.93 -60.59 -92.56
N GLN HA 294 10.14 -61.90 -92.69
CA GLN HA 294 9.34 -62.61 -93.68
C GLN HA 294 7.87 -62.69 -93.29
N ARG HA 295 7.56 -62.99 -92.02
CA ARG HA 295 6.14 -63.25 -91.79
C ARG HA 295 5.38 -61.94 -91.60
N GLU HA 296 6.08 -60.80 -91.52
CA GLU HA 296 5.39 -59.52 -91.59
C GLU HA 296 5.67 -58.76 -92.87
N GLY HA 297 6.35 -59.36 -93.84
CA GLY HA 297 6.50 -58.73 -95.15
C GLY HA 297 7.58 -57.68 -95.29
N ILE HA 298 8.63 -57.76 -94.47
CA ILE HA 298 9.73 -56.81 -94.56
C ILE HA 298 10.89 -57.49 -95.28
N ASN HA 299 10.56 -58.49 -96.09
CA ASN HA 299 11.56 -59.11 -96.96
C ASN HA 299 12.05 -58.13 -98.02
N ALA HA 300 11.24 -57.13 -98.36
CA ALA HA 300 11.59 -56.13 -99.37
C ALA HA 300 11.52 -54.76 -98.71
N SER HA 301 12.65 -54.31 -98.17
CA SER HA 301 12.69 -53.04 -97.46
C SER HA 301 14.12 -52.54 -97.40
N ALA HA 302 14.30 -51.41 -96.71
CA ALA HA 302 15.65 -50.88 -96.51
C ALA HA 302 16.35 -51.54 -95.33
N ARG HA 303 15.83 -51.33 -94.12
CA ARG HA 303 16.50 -51.72 -92.89
C ARG HA 303 15.51 -52.45 -91.99
N TYR HA 304 16.04 -53.19 -91.03
CA TYR HA 304 15.18 -53.83 -90.03
C TYR HA 304 15.85 -53.84 -88.66
N PRO HA 305 15.28 -53.13 -87.68
CA PRO HA 305 15.76 -53.23 -86.30
C PRO HA 305 14.97 -54.25 -85.49
N LYS HA 306 15.53 -54.69 -84.36
CA LYS HA 306 14.75 -55.42 -83.37
C LYS HA 306 15.48 -55.41 -82.04
N ASN HA 307 14.70 -55.48 -80.97
CA ASN HA 307 15.21 -55.67 -79.61
C ASN HA 307 14.66 -56.98 -79.08
N TRP HA 308 15.53 -57.81 -78.52
CA TRP HA 308 15.18 -59.21 -78.33
C TRP HA 308 16.06 -59.87 -77.27
N VAL HA 309 15.45 -60.79 -76.53
CA VAL HA 309 16.06 -61.43 -75.37
C VAL HA 309 16.46 -62.85 -75.74
N THR HA 310 17.66 -63.25 -75.37
CA THR HA 310 18.11 -64.63 -75.47
C THR HA 310 17.97 -65.31 -74.13
N THR HA 311 17.29 -66.46 -74.12
CA THR HA 311 17.11 -67.27 -72.93
C THR HA 311 17.99 -68.51 -73.04
N GLY HA 312 18.77 -68.74 -72.00
CA GLY HA 312 19.65 -69.90 -71.96
C GLY HA 312 21.11 -69.57 -71.67
N ASP HA 313 22.02 -70.05 -72.52
CA ASP HA 313 23.44 -69.78 -72.30
C ASP HA 313 23.74 -68.27 -72.39
N PRO HA 314 23.48 -67.59 -73.50
CA PRO HA 314 23.69 -66.14 -73.52
C PRO HA 314 22.43 -65.39 -73.09
N ALA HA 315 21.95 -65.70 -71.89
CA ALA HA 315 20.67 -65.17 -71.44
C ALA HA 315 20.82 -63.67 -71.21
N ARG HA 316 20.53 -62.89 -72.26
CA ARG HA 316 20.82 -61.47 -72.28
C ARG HA 316 19.75 -60.82 -73.16
N GLU HA 317 20.02 -59.58 -73.59
CA GLU HA 317 19.10 -58.89 -74.49
C GLU HA 317 19.90 -57.96 -75.40
N PHE HA 318 19.55 -57.95 -76.68
CA PHE HA 318 20.35 -57.35 -77.73
C PHE HA 318 19.49 -56.52 -78.65
N THR HA 319 20.15 -55.61 -79.37
CA THR HA 319 19.57 -54.90 -80.49
C THR HA 319 20.24 -55.36 -81.78
N MET HA 320 19.44 -55.76 -82.75
CA MET HA 320 19.88 -56.41 -83.97
C MET HA 320 19.45 -55.55 -85.14
N ILE HA 321 20.37 -55.25 -86.06
CA ILE HA 321 20.07 -54.46 -87.24
C ILE HA 321 20.42 -55.27 -88.47
N GLN HA 322 19.50 -55.34 -89.43
CA GLN HA 322 19.71 -56.14 -90.63
C GLN HA 322 19.40 -55.33 -91.88
N SER HA 323 20.24 -55.52 -92.90
CA SER HA 323 20.11 -54.81 -94.16
C SER HA 323 20.79 -55.65 -95.24
N ALA HA 324 20.64 -55.23 -96.49
CA ALA HA 324 21.28 -55.89 -97.62
C ALA HA 324 21.39 -54.94 -98.81
N PRO HA 325 22.30 -53.97 -98.74
CA PRO HA 325 22.48 -53.05 -99.87
C PRO HA 325 23.48 -53.57 -100.88
N LEU HA 326 23.23 -53.24 -102.15
CA LEU HA 326 24.18 -53.49 -103.23
C LEU HA 326 24.16 -52.30 -104.19
N MET HA 327 24.14 -51.11 -103.61
CA MET HA 327 24.17 -49.86 -104.36
C MET HA 327 25.30 -49.80 -105.37
N LEU HA 328 24.95 -49.36 -106.58
CA LEU HA 328 25.87 -49.20 -107.70
C LEU HA 328 25.48 -47.94 -108.46
N LEU HA 329 26.19 -47.69 -109.56
CA LEU HA 329 25.90 -46.56 -110.45
C LEU HA 329 25.37 -47.09 -111.77
N ALA HA 330 24.30 -46.48 -112.28
CA ALA HA 330 23.72 -46.94 -113.54
C ALA HA 330 24.68 -46.72 -114.69
N ASP HA 331 25.32 -45.55 -114.75
CA ASP HA 331 26.27 -45.22 -115.82
C ASP HA 331 27.65 -45.04 -115.23
N PRO HA 332 28.50 -46.08 -115.23
CA PRO HA 332 29.89 -45.89 -114.79
C PRO HA 332 30.66 -44.91 -115.66
N ASP HA 333 30.29 -44.78 -116.93
CA ASP HA 333 30.92 -43.82 -117.82
C ASP HA 333 30.54 -42.38 -117.49
N GLU HA 334 29.57 -42.16 -116.61
CA GLU HA 334 29.18 -40.82 -116.24
C GLU HA 334 30.28 -40.06 -115.53
N PHE HA 335 31.15 -40.76 -114.79
CA PHE HA 335 32.23 -40.13 -114.07
C PHE HA 335 33.57 -40.59 -114.61
N VAL HA 336 34.45 -39.62 -114.86
CA VAL HA 336 35.84 -39.88 -115.20
C VAL HA 336 36.65 -39.85 -113.91
N SER HA 337 37.33 -40.96 -113.62
CA SER HA 337 38.10 -41.11 -112.39
C SER HA 337 39.57 -40.91 -112.70
N VAL HA 338 40.17 -39.90 -112.09
CA VAL HA 338 41.54 -39.49 -112.36
C VAL HA 338 42.32 -39.51 -111.06
N GLN HA 339 43.49 -40.16 -111.08
CA GLN HA 339 44.45 -39.99 -110.00
C GLN HA 339 45.36 -38.82 -110.36
N LEU HA 340 45.61 -37.96 -109.38
CA LEU HA 340 46.25 -36.67 -109.62
C LEU HA 340 47.75 -36.76 -109.43
N ALA HA 341 48.42 -35.65 -109.71
CA ALA HA 341 49.87 -35.55 -109.54
C ALA HA 341 50.27 -35.69 -108.09
N ALA IA 7 -6.64 -52.07 -117.97
CA ALA IA 7 -7.46 -51.02 -118.56
C ALA IA 7 -8.33 -50.36 -117.50
N GLN IA 8 -7.96 -49.15 -117.10
CA GLN IA 8 -8.69 -48.37 -116.13
C GLN IA 8 -9.24 -47.11 -116.79
N LEU IA 9 -10.26 -46.52 -116.15
CA LEU IA 9 -11.05 -45.48 -116.77
C LEU IA 9 -10.23 -44.22 -117.02
N LEU IA 10 -10.84 -43.30 -117.78
CA LEU IA 10 -10.18 -42.02 -118.11
C LEU IA 10 -9.96 -41.16 -116.86
N ALA IA 11 -10.90 -41.19 -115.92
CA ALA IA 11 -10.81 -40.31 -114.75
C ALA IA 11 -9.63 -40.62 -113.85
N ALA IA 12 -8.97 -41.76 -114.02
CA ALA IA 12 -7.77 -42.09 -113.25
C ALA IA 12 -6.55 -41.38 -113.84
N ASN IA 13 -6.64 -40.05 -113.88
CA ASN IA 13 -5.61 -39.20 -114.46
C ASN IA 13 -5.38 -37.99 -113.56
N GLU IA 14 -5.28 -38.22 -112.25
CA GLU IA 14 -5.16 -37.15 -111.27
C GLU IA 14 -3.69 -36.99 -110.88
N GLN IA 15 -3.13 -35.80 -111.17
CA GLN IA 15 -1.76 -35.48 -110.78
C GLN IA 15 -1.70 -34.32 -109.79
N LYS IA 16 -2.29 -33.18 -110.14
CA LYS IA 16 -2.09 -31.92 -109.42
C LYS IA 16 -0.61 -31.56 -109.34
N PHE IA 17 0.15 -31.97 -110.37
CA PHE IA 17 1.58 -31.72 -110.47
C PHE IA 17 1.86 -30.99 -111.78
N LYS IA 18 1.79 -29.65 -111.74
CA LYS IA 18 2.14 -28.81 -112.88
C LYS IA 18 3.34 -27.96 -112.46
N PHE IA 19 4.52 -28.41 -112.86
CA PHE IA 19 5.79 -27.80 -112.44
C PHE IA 19 6.72 -27.60 -113.61
N ASP IA 20 6.19 -27.05 -114.70
CA ASP IA 20 7.01 -26.70 -115.86
C ASP IA 20 7.94 -25.54 -115.52
N PRO IA 21 9.17 -25.51 -116.05
CA PRO IA 21 10.17 -24.50 -115.66
C PRO IA 21 9.91 -23.09 -116.22
N LEU IA 22 8.85 -22.47 -115.74
CA LEU IA 22 8.59 -21.04 -115.88
C LEU IA 22 8.44 -20.58 -117.33
N PHE IA 23 8.40 -21.50 -118.28
CA PHE IA 23 8.21 -21.12 -119.68
C PHE IA 23 6.78 -21.29 -120.16
N LEU IA 24 6.24 -22.51 -120.09
CA LEU IA 24 4.88 -22.77 -120.52
C LEU IA 24 3.85 -22.25 -119.53
N ARG IA 25 4.29 -21.86 -118.33
CA ARG IA 25 3.41 -21.36 -117.28
C ARG IA 25 3.46 -19.86 -117.11
N LEU IA 26 4.49 -19.20 -117.61
CA LEU IA 26 4.72 -17.77 -117.38
C LEU IA 26 4.80 -16.96 -118.66
N PHE IA 27 5.49 -17.45 -119.69
CA PHE IA 27 5.50 -16.75 -120.97
C PHE IA 27 4.47 -17.30 -121.96
N PHE IA 28 4.11 -18.57 -121.84
CA PHE IA 28 3.32 -19.25 -122.87
C PHE IA 28 2.01 -19.78 -122.30
N ARG IA 29 1.28 -18.93 -121.57
CA ARG IA 29 0.01 -19.30 -120.98
C ARG IA 29 -1.11 -19.41 -122.01
N GLU IA 30 -0.88 -18.98 -123.25
CA GLU IA 30 -1.93 -18.62 -124.18
C GLU IA 30 -2.37 -19.85 -124.99
N SER IA 31 -3.04 -20.79 -124.33
CA SER IA 31 -3.36 -22.09 -124.91
C SER IA 31 -4.48 -21.98 -125.94
N TYR IA 32 -4.31 -22.67 -127.08
CA TYR IA 32 -5.35 -22.72 -128.10
C TYR IA 32 -5.49 -24.13 -128.66
N PRO IA 33 -6.08 -25.05 -127.90
CA PRO IA 33 -6.45 -26.34 -128.52
C PRO IA 33 -7.59 -26.20 -129.52
N PHE IA 34 -7.43 -26.88 -130.65
CA PHE IA 34 -8.32 -26.76 -131.80
C PHE IA 34 -9.01 -28.08 -132.07
N THR IA 35 -10.13 -27.99 -132.79
CA THR IA 35 -10.80 -29.15 -133.36
C THR IA 35 -10.25 -29.46 -134.75
N THR IA 36 -9.23 -28.71 -135.18
CA THR IA 36 -8.66 -28.83 -136.50
C THR IA 36 -7.18 -29.17 -136.39
N GLU IA 37 -6.66 -29.80 -137.45
CA GLU IA 37 -5.32 -30.38 -137.41
C GLU IA 37 -4.26 -29.32 -137.13
N LYS IA 38 -4.09 -28.37 -138.04
CA LYS IA 38 -2.99 -27.44 -138.01
C LYS IA 38 -3.25 -26.28 -137.07
N VAL IA 39 -2.28 -25.38 -136.99
CA VAL IA 39 -2.47 -24.07 -136.37
C VAL IA 39 -2.81 -23.07 -137.46
N TYR IA 40 -3.82 -22.26 -137.20
CA TYR IA 40 -4.30 -21.27 -138.17
C TYR IA 40 -4.17 -19.91 -137.51
N LEU IA 41 -2.98 -19.30 -137.61
CA LEU IA 41 -2.72 -18.04 -136.93
C LEU IA 41 -3.70 -16.95 -137.37
N SER IA 42 -4.22 -17.06 -138.59
CA SER IA 42 -5.31 -16.17 -139.00
C SER IA 42 -6.54 -16.37 -138.13
N GLN IA 43 -6.80 -17.62 -137.72
CA GLN IA 43 -7.94 -17.90 -136.85
C GLN IA 43 -7.74 -17.31 -135.45
N ILE IA 44 -6.55 -17.44 -134.88
CA ILE IA 44 -6.29 -16.84 -133.57
C ILE IA 44 -6.41 -15.32 -133.68
N PRO IA 45 -7.17 -14.67 -132.79
CA PRO IA 45 -7.21 -13.20 -132.83
C PRO IA 45 -5.87 -12.57 -132.55
N GLY IA 46 -5.08 -13.19 -131.67
CA GLY IA 46 -3.82 -12.63 -131.24
C GLY IA 46 -4.00 -11.23 -130.70
N LEU IA 47 -3.16 -10.33 -131.16
CA LEU IA 47 -3.38 -8.92 -130.93
C LEU IA 47 -4.50 -8.41 -131.84
N VAL IA 48 -5.41 -7.64 -131.26
CA VAL IA 48 -6.58 -7.12 -131.96
C VAL IA 48 -6.26 -5.74 -132.50
N ASN IA 49 -6.76 -5.43 -133.69
CA ASN IA 49 -6.69 -4.07 -134.22
C ASN IA 49 -7.41 -3.15 -133.24
N MET IA 50 -6.65 -2.26 -132.59
CA MET IA 50 -7.04 -1.75 -131.28
C MET IA 50 -6.76 -0.25 -131.15
N ALA IA 51 -7.21 0.56 -132.11
CA ALA IA 51 -7.04 2.00 -131.94
C ALA IA 51 -8.26 2.80 -132.40
N LEU IA 52 -8.79 2.52 -133.58
CA LEU IA 52 -9.68 3.43 -134.29
C LEU IA 52 -11.06 3.50 -133.64
N TYR IA 53 -11.62 4.71 -133.58
CA TYR IA 53 -13.00 4.91 -133.21
C TYR IA 53 -13.79 5.42 -134.42
N VAL IA 54 -15.04 5.81 -134.19
CA VAL IA 54 -15.91 6.28 -135.26
C VAL IA 54 -16.50 7.63 -134.86
N SER IA 55 -16.96 8.37 -135.88
CA SER IA 55 -17.46 9.72 -135.68
C SER IA 55 -18.72 9.72 -134.82
N PRO IA 56 -18.99 10.82 -134.11
CA PRO IA 56 -20.20 10.88 -133.26
C PRO IA 56 -21.48 11.09 -134.05
N ILE IA 57 -21.67 10.34 -135.14
CA ILE IA 57 -22.94 10.34 -135.86
C ILE IA 57 -23.44 8.90 -136.02
N VAL IA 58 -22.60 8.04 -136.59
CA VAL IA 58 -22.89 6.62 -136.76
C VAL IA 58 -21.64 5.83 -136.43
N SER IA 59 -21.72 4.51 -136.58
CA SER IA 59 -20.56 3.67 -136.35
C SER IA 59 -20.12 3.00 -137.65
N GLY IA 60 -18.90 2.45 -137.60
CA GLY IA 60 -18.24 1.97 -138.80
C GLY IA 60 -18.48 0.51 -139.10
N GLU IA 61 -17.48 -0.08 -139.76
CA GLU IA 61 -17.59 -1.43 -140.30
C GLU IA 61 -17.39 -2.47 -139.20
N VAL IA 62 -17.36 -3.74 -139.60
CA VAL IA 62 -17.19 -4.85 -138.68
C VAL IA 62 -15.70 -5.19 -138.61
N ILE IA 63 -15.19 -5.39 -137.39
CA ILE IA 63 -13.79 -5.71 -137.15
C ILE IA 63 -13.68 -7.21 -136.89
N ARG IA 64 -12.69 -7.85 -137.53
CA ARG IA 64 -12.51 -9.29 -137.53
C ARG IA 64 -11.22 -9.63 -136.80
N SER IA 65 -10.90 -10.93 -136.77
CA SER IA 65 -9.56 -11.39 -136.46
C SER IA 65 -8.70 -11.05 -137.67
N ARG IA 66 -7.64 -10.26 -137.46
CA ARG IA 66 -7.00 -9.53 -138.55
C ARG IA 66 -6.06 -10.41 -139.37
N GLY IA 67 -6.61 -11.54 -139.83
CA GLY IA 67 -6.04 -12.33 -140.91
C GLY IA 67 -4.54 -12.53 -140.89
N GLY IA 68 -4.04 -13.34 -139.95
CA GLY IA 68 -2.62 -13.66 -139.89
C GLY IA 68 -2.07 -14.14 -141.22
N SER IA 69 -0.90 -13.62 -141.60
CA SER IA 69 -0.36 -13.90 -142.92
C SER IA 69 -0.08 -15.39 -143.12
N THR IA 70 0.61 -16.01 -142.16
CA THR IA 70 0.91 -17.43 -142.21
C THR IA 70 0.07 -18.15 -141.16
N SER IA 71 -0.75 -19.10 -141.61
CA SER IA 71 -1.66 -19.82 -140.74
C SER IA 71 -1.66 -21.32 -140.99
N GLU IA 72 -0.49 -21.93 -141.18
CA GLU IA 72 -0.39 -23.36 -141.52
C GLU IA 72 0.94 -23.91 -141.02
N PHE IA 73 0.93 -24.53 -139.84
CA PHE IA 73 2.05 -25.31 -139.36
C PHE IA 73 1.53 -26.59 -138.70
N THR IA 74 2.40 -27.60 -138.64
CA THR IA 74 2.01 -28.92 -138.17
C THR IA 74 2.29 -29.04 -136.68
N PRO IA 75 1.28 -29.21 -135.83
CA PRO IA 75 1.54 -29.43 -134.41
C PRO IA 75 2.27 -30.74 -134.18
N GLY IA 76 3.06 -30.78 -133.11
CA GLY IA 76 3.80 -31.97 -132.74
C GLY IA 76 2.93 -33.01 -132.09
N TYR IA 77 2.12 -33.71 -132.91
CA TYR IA 77 1.27 -34.73 -132.33
C TYR IA 77 2.12 -35.86 -131.77
N VAL IA 78 2.25 -35.85 -130.46
CA VAL IA 78 3.08 -36.79 -129.71
C VAL IA 78 2.17 -37.76 -128.99
N LYS IA 79 2.24 -39.02 -129.38
CA LYS IA 79 1.49 -39.99 -128.59
C LYS IA 79 2.38 -41.15 -128.18
N PRO IA 80 3.07 -41.05 -127.04
CA PRO IA 80 3.82 -42.20 -126.55
C PRO IA 80 2.98 -43.11 -125.67
N LYS IA 81 3.58 -44.21 -125.22
CA LYS IA 81 2.89 -45.14 -124.34
C LYS IA 81 3.91 -45.89 -123.51
N HIS IA 82 3.42 -46.65 -122.56
CA HIS IA 82 4.26 -47.59 -121.82
C HIS IA 82 3.41 -48.76 -121.36
N GLU IA 83 4.10 -49.76 -120.80
CA GLU IA 83 3.42 -50.85 -120.12
C GLU IA 83 3.45 -50.61 -118.62
N VAL IA 84 2.41 -51.12 -117.95
CA VAL IA 84 2.32 -51.06 -116.49
C VAL IA 84 2.17 -52.49 -115.98
N ASN IA 85 2.84 -53.43 -116.65
CA ASN IA 85 2.75 -54.85 -116.34
C ASN IA 85 3.08 -55.10 -114.87
N PRO IA 86 2.18 -55.73 -114.11
CA PRO IA 86 2.43 -55.95 -112.69
C PRO IA 86 3.48 -57.04 -112.43
N GLN IA 87 4.68 -56.85 -112.97
CA GLN IA 87 5.81 -57.72 -112.68
C GLN IA 87 6.92 -57.03 -111.91
N MET IA 88 6.86 -55.71 -111.75
CA MET IA 88 7.91 -54.98 -111.04
C MET IA 88 7.58 -54.81 -109.57
N THR IA 89 8.63 -54.71 -108.75
CA THR IA 89 8.50 -53.97 -107.52
C THR IA 89 8.65 -52.48 -107.81
N LEU IA 90 7.78 -51.68 -107.21
CA LEU IA 90 7.55 -50.31 -107.63
C LEU IA 90 8.31 -49.33 -106.72
N ARG IA 91 8.08 -48.04 -106.96
CA ARG IA 91 8.58 -47.02 -106.05
C ARG IA 91 7.86 -47.18 -104.71
N ARG IA 92 8.55 -47.62 -103.67
CA ARG IA 92 7.90 -47.76 -102.36
C ARG IA 92 8.19 -46.54 -101.51
N LEU IA 93 7.25 -45.59 -101.50
CA LEU IA 93 7.27 -44.52 -100.52
C LEU IA 93 7.48 -45.14 -99.13
N PRO IA 94 8.29 -44.53 -98.26
CA PRO IA 94 8.68 -45.21 -97.01
C PRO IA 94 7.52 -45.74 -96.18
N ASP IA 95 7.42 -47.08 -96.16
CA ASP IA 95 6.62 -47.84 -95.19
C ASP IA 95 5.17 -47.37 -95.11
N GLU IA 96 4.49 -47.18 -96.24
CA GLU IA 96 3.03 -47.11 -96.24
C GLU IA 96 2.43 -48.46 -96.67
N ASP IA 97 2.57 -49.44 -95.76
CA ASP IA 97 1.87 -50.71 -95.84
C ASP IA 97 2.11 -51.43 -97.17
N PRO IA 98 3.28 -52.02 -97.39
CA PRO IA 98 3.53 -52.70 -98.68
C PRO IA 98 2.56 -53.84 -98.98
N GLN IA 99 1.64 -54.15 -98.07
CA GLN IA 99 0.62 -55.14 -98.38
C GLN IA 99 -0.24 -54.71 -99.56
N ASN IA 100 -0.49 -53.41 -99.71
CA ASN IA 100 -1.25 -52.97 -100.88
C ASN IA 100 -0.42 -53.03 -102.15
N LEU IA 101 0.90 -52.84 -102.07
CA LEU IA 101 1.74 -53.14 -103.22
C LEU IA 101 1.63 -54.62 -103.59
N ALA IA 102 1.57 -55.49 -102.58
CA ALA IA 102 1.33 -56.91 -102.84
C ALA IA 102 0.01 -57.12 -103.59
N ASP IA 103 -0.95 -56.23 -103.43
CA ASP IA 103 -2.16 -56.26 -104.24
C ASP IA 103 -1.81 -55.93 -105.68
N PRO IA 104 -2.22 -56.76 -106.65
CA PRO IA 104 -2.13 -56.33 -108.05
C PRO IA 104 -2.95 -55.10 -108.36
N ALA IA 105 -4.06 -54.87 -107.65
CA ALA IA 105 -4.88 -53.69 -107.93
C ALA IA 105 -4.14 -52.40 -107.56
N TYR IA 106 -3.60 -52.33 -106.35
CA TYR IA 106 -2.91 -51.11 -105.96
C TYR IA 106 -1.60 -50.94 -106.73
N ARG IA 107 -0.87 -52.03 -106.96
CA ARG IA 107 0.35 -51.90 -107.75
C ARG IA 107 0.02 -51.37 -109.13
N ARG IA 108 -1.03 -51.92 -109.76
CA ARG IA 108 -1.34 -51.50 -111.12
C ARG IA 108 -1.82 -50.06 -111.16
N ARG IA 109 -2.62 -49.62 -110.17
CA ARG IA 109 -3.09 -48.25 -110.23
C ARG IA 109 -1.98 -47.26 -109.94
N ARG IA 110 -1.13 -47.51 -108.95
CA ARG IA 110 -0.11 -46.48 -108.71
C ARG IA 110 1.01 -46.60 -109.74
N ILE IA 111 1.14 -47.76 -110.41
CA ILE IA 111 2.11 -47.83 -111.50
C ILE IA 111 1.58 -47.14 -112.74
N ILE IA 112 0.26 -47.14 -112.98
CA ILE IA 112 -0.23 -46.29 -114.07
C ILE IA 112 -0.06 -44.82 -113.67
N MET IA 113 -0.20 -44.52 -112.37
CA MET IA 113 0.13 -43.17 -111.91
C MET IA 113 1.55 -42.80 -112.28
N GLN IA 114 2.51 -43.66 -111.92
CA GLN IA 114 3.92 -43.40 -112.19
C GLN IA 114 4.20 -43.33 -113.69
N ASN IA 115 3.65 -44.27 -114.45
CA ASN IA 115 3.83 -44.29 -115.89
C ASN IA 115 3.33 -43.00 -116.52
N MET IA 116 2.10 -42.61 -116.19
CA MET IA 116 1.54 -41.45 -116.86
C MET IA 116 2.26 -40.19 -116.45
N ARG IA 117 2.70 -40.09 -115.18
CA ARG IA 117 3.43 -38.89 -114.78
C ARG IA 117 4.75 -38.78 -115.52
N ASP IA 118 5.46 -39.91 -115.68
CA ASP IA 118 6.61 -39.93 -116.58
C ASP IA 118 6.21 -39.41 -117.96
N GLU IA 119 5.02 -39.80 -118.41
CA GLU IA 119 4.58 -39.41 -119.75
C GLU IA 119 4.39 -37.90 -119.88
N GLU IA 120 3.67 -37.26 -118.94
CA GLU IA 120 3.46 -35.83 -119.15
C GLU IA 120 4.75 -35.07 -118.87
N LEU IA 121 5.61 -35.56 -117.99
CA LEU IA 121 6.88 -34.86 -117.82
C LEU IA 121 7.77 -35.05 -119.04
N ALA IA 122 7.60 -36.15 -119.77
CA ALA IA 122 8.29 -36.30 -121.06
C ALA IA 122 7.80 -35.28 -122.06
N ILE IA 123 6.48 -35.16 -122.21
CA ILE IA 123 5.97 -34.17 -123.16
C ILE IA 123 6.33 -32.77 -122.69
N ALA IA 124 6.39 -32.56 -121.38
CA ALA IA 124 6.78 -31.26 -120.84
C ALA IA 124 8.23 -30.93 -121.17
N GLN IA 125 9.12 -31.91 -121.05
CA GLN IA 125 10.53 -31.65 -121.34
C GLN IA 125 10.77 -31.46 -122.84
N VAL IA 126 10.07 -32.21 -123.69
CA VAL IA 126 10.20 -31.93 -125.11
C VAL IA 126 9.58 -30.58 -125.46
N GLU IA 127 8.53 -30.19 -124.73
CA GLU IA 127 7.93 -28.88 -124.94
C GLU IA 127 8.88 -27.77 -124.49
N GLU IA 128 9.64 -28.03 -123.42
CA GLU IA 128 10.64 -27.06 -122.97
C GLU IA 128 11.80 -26.95 -123.95
N MET IA 129 12.20 -28.07 -124.59
CA MET IA 129 13.17 -27.94 -125.68
C MET IA 129 12.60 -27.11 -126.83
N GLN IA 130 11.32 -27.31 -127.16
CA GLN IA 130 10.68 -26.45 -128.15
C GLN IA 130 10.73 -25.00 -127.72
N ALA IA 131 10.46 -24.73 -126.44
CA ALA IA 131 10.46 -23.37 -125.92
C ALA IA 131 11.85 -22.73 -126.00
N VAL IA 132 12.88 -23.50 -125.66
CA VAL IA 132 14.22 -22.94 -125.67
C VAL IA 132 14.69 -22.69 -127.10
N SER IA 133 14.35 -23.58 -128.04
CA SER IA 133 14.61 -23.28 -129.45
C SER IA 133 13.86 -22.01 -129.87
N ALA IA 134 12.58 -21.93 -129.48
CA ALA IA 134 11.74 -20.81 -129.88
C ALA IA 134 12.31 -19.48 -129.39
N VAL IA 135 12.35 -19.28 -128.08
CA VAL IA 135 13.07 -18.11 -127.60
C VAL IA 135 14.51 -18.52 -127.28
N LEU IA 136 15.24 -18.92 -128.30
CA LEU IA 136 16.64 -18.59 -128.51
C LEU IA 136 16.97 -18.28 -129.95
N LYS IA 137 16.17 -18.72 -130.92
CA LYS IA 137 16.45 -18.35 -132.31
C LYS IA 137 15.21 -17.96 -133.12
N GLY IA 138 13.99 -18.12 -132.59
CA GLY IA 138 12.81 -17.84 -133.37
C GLY IA 138 12.43 -18.94 -134.34
N LYS IA 139 13.30 -19.95 -134.49
CA LYS IA 139 13.08 -21.10 -135.34
C LYS IA 139 12.80 -22.32 -134.47
N TYR IA 140 11.85 -23.15 -134.91
CA TYR IA 140 11.59 -24.42 -134.25
C TYR IA 140 11.60 -25.52 -135.31
N THR IA 141 12.22 -26.64 -134.99
CA THR IA 141 12.34 -27.78 -135.90
C THR IA 141 11.24 -28.78 -135.56
N MET IA 142 10.09 -28.66 -136.21
CA MET IA 142 9.06 -29.69 -136.23
C MET IA 142 9.59 -30.84 -137.08
N THR IA 143 10.23 -31.81 -136.43
CA THR IA 143 10.92 -32.85 -137.16
C THR IA 143 10.86 -34.17 -136.41
N GLY IA 144 11.04 -35.24 -137.16
CA GLY IA 144 11.11 -36.59 -136.61
C GLY IA 144 11.28 -37.55 -137.76
N GLU IA 145 11.79 -38.74 -137.44
CA GLU IA 145 11.95 -39.76 -138.47
C GLU IA 145 10.59 -40.17 -139.00
N ALA IA 146 10.55 -40.52 -140.29
CA ALA IA 146 9.29 -40.74 -141.02
C ALA IA 146 8.37 -39.53 -140.88
N PHE IA 147 8.94 -38.34 -141.02
CA PHE IA 147 8.21 -37.08 -140.95
C PHE IA 147 9.08 -35.97 -141.51
N ASP IA 148 8.50 -35.13 -142.36
CA ASP IA 148 9.29 -34.07 -142.97
C ASP IA 148 9.63 -33.00 -141.94
N PRO IA 149 10.85 -32.46 -141.96
CA PRO IA 149 11.19 -31.37 -141.04
C PRO IA 149 10.61 -30.04 -141.52
N VAL IA 150 9.60 -29.56 -140.80
CA VAL IA 150 9.02 -28.24 -141.02
C VAL IA 150 9.69 -27.26 -140.07
N GLU IA 151 10.25 -26.20 -140.61
CA GLU IA 151 10.75 -25.09 -139.81
C GLU IA 151 9.60 -24.14 -139.53
N VAL IA 152 9.27 -24.00 -138.24
CA VAL IA 152 8.22 -23.09 -137.81
C VAL IA 152 8.92 -21.85 -137.26
N ASP IA 153 8.76 -20.73 -137.94
CA ASP IA 153 9.47 -19.50 -137.62
C ASP IA 153 8.46 -18.47 -137.11
N MET IA 154 8.70 -17.94 -135.90
CA MET IA 154 7.93 -16.78 -135.48
C MET IA 154 8.37 -15.51 -136.19
N GLY IA 155 9.63 -15.41 -136.58
CA GLY IA 155 10.10 -14.25 -137.30
C GLY IA 155 11.12 -13.43 -136.53
N ARG IA 156 11.95 -14.10 -135.73
CA ARG IA 156 12.96 -13.39 -134.95
C ARG IA 156 13.87 -12.59 -135.87
N SER IA 157 14.04 -11.32 -135.55
CA SER IA 157 14.77 -10.38 -136.39
C SER IA 157 16.27 -10.50 -136.16
N GLU IA 158 17.03 -9.84 -137.04
CA GLU IA 158 18.49 -9.88 -136.96
C GLU IA 158 19.01 -9.17 -135.72
N GLU IA 159 18.44 -8.00 -135.38
CA GLU IA 159 18.84 -7.32 -134.15
C GLU IA 159 18.47 -8.10 -132.90
N ASN IA 160 17.58 -9.09 -133.02
CA ASN IA 160 17.31 -10.02 -131.95
C ASN IA 160 18.27 -11.21 -131.94
N ASN IA 161 19.21 -11.25 -132.87
CA ASN IA 161 20.18 -12.34 -132.97
C ASN IA 161 21.60 -11.78 -132.99
N ILE IA 162 21.78 -10.54 -132.55
CA ILE IA 162 23.11 -9.94 -132.53
C ILE IA 162 23.94 -10.59 -131.41
N THR IA 163 25.24 -10.70 -131.67
CA THR IA 163 26.14 -11.55 -130.90
C THR IA 163 27.13 -10.74 -130.10
N GLN IA 164 27.43 -11.22 -128.89
CA GLN IA 164 28.43 -10.57 -128.05
C GLN IA 164 29.85 -10.75 -128.58
N SER IA 165 30.16 -11.91 -129.17
CA SER IA 165 31.52 -12.13 -129.68
C SER IA 165 31.85 -11.17 -130.81
N GLY IA 166 30.84 -10.68 -131.53
CA GLY IA 166 31.08 -9.67 -132.54
C GLY IA 166 31.67 -8.42 -131.92
N GLY IA 167 32.77 -7.94 -132.49
CA GLY IA 167 33.45 -6.78 -131.94
C GLY IA 167 34.32 -7.13 -130.76
N THR IA 168 33.91 -6.69 -129.56
CA THR IA 168 34.65 -6.94 -128.33
C THR IA 168 33.90 -7.93 -127.47
N GLU IA 169 34.59 -8.95 -126.98
CA GLU IA 169 34.01 -9.98 -126.15
C GLU IA 169 34.17 -9.63 -124.67
N TRP IA 170 33.21 -10.07 -123.86
CA TRP IA 170 33.33 -9.87 -122.42
C TRP IA 170 34.53 -10.61 -121.85
N SER IA 171 34.84 -11.79 -122.38
CA SER IA 171 36.08 -12.45 -122.02
C SER IA 171 37.28 -11.61 -122.40
N LYS IA 172 37.23 -10.97 -123.57
CA LYS IA 172 38.28 -10.06 -124.03
C LYS IA 172 38.01 -8.64 -123.55
N ARG IA 173 37.81 -8.49 -122.24
CA ARG IA 173 37.59 -7.19 -121.62
C ARG IA 173 38.24 -7.19 -120.24
N ASP IA 174 38.25 -6.02 -119.61
CA ASP IA 174 38.78 -5.91 -118.26
C ASP IA 174 37.84 -6.61 -117.29
N LYS IA 175 38.36 -7.60 -116.57
CA LYS IA 175 37.58 -8.35 -115.61
C LYS IA 175 37.24 -7.54 -114.37
N SER IA 176 37.82 -6.36 -114.21
CA SER IA 176 37.63 -5.56 -113.01
C SER IA 176 36.85 -4.27 -113.24
N THR IA 177 37.16 -3.50 -114.28
CA THR IA 177 36.56 -2.18 -114.46
C THR IA 177 35.45 -2.14 -115.48
N TYR IA 178 35.45 -3.04 -116.47
CA TYR IA 178 34.40 -3.01 -117.48
C TYR IA 178 33.04 -3.37 -116.87
N ASP IA 179 32.02 -2.63 -117.27
CA ASP IA 179 30.66 -2.88 -116.83
C ASP IA 179 29.82 -3.36 -118.01
N PRO IA 180 29.30 -4.58 -117.98
CA PRO IA 180 28.46 -5.06 -119.09
C PRO IA 180 27.04 -4.51 -119.07
N THR IA 181 26.72 -3.61 -118.15
CA THR IA 181 25.41 -2.99 -118.16
C THR IA 181 25.19 -2.20 -119.43
N ASP IA 182 26.23 -1.55 -119.95
CA ASP IA 182 26.11 -0.83 -121.21
C ASP IA 182 25.61 -1.76 -122.31
N ASP IA 183 26.22 -2.94 -122.43
CA ASP IA 183 25.70 -3.95 -123.36
C ASP IA 183 24.30 -4.39 -122.97
N ILE IA 184 23.98 -4.37 -121.67
CA ILE IA 184 22.66 -4.81 -121.24
C ILE IA 184 21.58 -3.91 -121.85
N GLU IA 185 21.73 -2.59 -121.70
CA GLU IA 185 20.73 -1.74 -122.36
C GLU IA 185 20.91 -1.72 -123.87
N ALA IA 186 22.13 -1.95 -124.37
CA ALA IA 186 22.34 -2.00 -125.81
C ALA IA 186 21.51 -3.10 -126.45
N TYR IA 187 21.46 -4.27 -125.81
CA TYR IA 187 20.64 -5.36 -126.35
C TYR IA 187 19.18 -5.24 -125.93
N ALA IA 188 18.90 -4.54 -124.81
CA ALA IA 188 17.53 -4.40 -124.36
C ALA IA 188 16.74 -3.36 -125.14
N LEU IA 189 17.41 -2.36 -125.72
CA LEU IA 189 16.69 -1.29 -126.41
C LEU IA 189 15.90 -1.82 -127.61
N ASN IA 190 16.51 -2.71 -128.39
CA ASN IA 190 15.82 -3.29 -129.55
C ASN IA 190 15.13 -4.59 -129.19
N ALA IA 191 14.37 -4.58 -128.09
CA ALA IA 191 13.62 -5.74 -127.63
C ALA IA 191 12.13 -5.52 -127.61
N SER IA 192 11.64 -4.37 -128.09
CA SER IA 192 10.23 -4.04 -128.11
C SER IA 192 9.61 -4.13 -126.72
N GLY IA 193 10.34 -3.66 -125.72
CA GLY IA 193 9.82 -3.65 -124.37
C GLY IA 193 10.93 -3.63 -123.34
N VAL IA 194 10.50 -3.72 -122.09
CA VAL IA 194 11.40 -3.70 -120.93
C VAL IA 194 11.78 -5.12 -120.57
N VAL IA 195 13.05 -5.31 -120.20
CA VAL IA 195 13.57 -6.59 -119.75
C VAL IA 195 13.67 -6.56 -118.23
N ASN IA 196 13.14 -7.60 -117.57
CA ASN IA 196 13.17 -7.65 -116.12
C ASN IA 196 13.69 -8.97 -115.57
N ILE IA 197 14.14 -9.89 -116.41
CA ILE IA 197 14.86 -11.09 -115.98
C ILE IA 197 16.08 -11.26 -116.88
N ILE IA 198 17.23 -11.55 -116.27
CA ILE IA 198 18.46 -11.68 -117.03
C ILE IA 198 18.98 -13.11 -116.88
N VAL IA 199 18.05 -14.08 -116.88
CA VAL IA 199 18.40 -15.49 -116.70
C VAL IA 199 19.48 -15.92 -117.69
N PHE IA 200 20.58 -16.43 -117.15
CA PHE IA 200 21.73 -16.92 -117.90
C PHE IA 200 21.79 -18.43 -117.83
N ASP IA 201 22.54 -19.00 -118.76
CA ASP IA 201 23.11 -20.32 -118.54
C ASP IA 201 24.35 -20.19 -117.65
N PRO IA 202 24.74 -21.27 -116.94
CA PRO IA 202 25.68 -21.14 -115.82
C PRO IA 202 26.98 -20.39 -116.13
N LYS IA 203 27.75 -20.87 -117.10
CA LYS IA 203 29.02 -20.19 -117.37
C LYS IA 203 28.81 -18.82 -118.00
N GLY IA 204 27.67 -18.62 -118.67
CA GLY IA 204 27.33 -17.28 -119.12
C GLY IA 204 27.22 -16.30 -117.97
N TRP IA 205 26.47 -16.68 -116.94
CA TRP IA 205 26.43 -15.87 -115.73
C TRP IA 205 27.79 -15.79 -115.06
N ALA IA 206 28.60 -16.84 -115.20
CA ALA IA 206 29.93 -16.82 -114.60
C ALA IA 206 30.77 -15.70 -115.18
N LEU IA 207 30.88 -15.61 -116.51
CA LEU IA 207 31.67 -14.52 -117.06
C LEU IA 207 30.95 -13.18 -116.98
N PHE IA 208 29.62 -13.19 -116.85
CA PHE IA 208 28.91 -11.94 -116.56
C PHE IA 208 29.34 -11.38 -115.21
N ARG IA 209 29.32 -12.22 -114.17
CA ARG IA 209 29.67 -11.78 -112.82
C ARG IA 209 31.17 -11.65 -112.61
N SER IA 210 32.00 -12.20 -113.51
CA SER IA 210 33.44 -12.03 -113.38
C SER IA 210 33.83 -10.57 -113.32
N PHE IA 211 33.07 -9.69 -113.96
CA PHE IA 211 33.31 -8.26 -113.85
C PHE IA 211 32.97 -7.78 -112.44
N LYS IA 212 33.87 -7.01 -111.84
CA LYS IA 212 33.61 -6.51 -110.49
C LYS IA 212 32.37 -5.63 -110.46
N ALA IA 213 32.30 -4.65 -111.38
CA ALA IA 213 31.16 -3.75 -111.44
C ALA IA 213 29.85 -4.51 -111.29
N VAL IA 214 29.76 -5.69 -111.90
CA VAL IA 214 28.58 -6.54 -111.70
C VAL IA 214 28.43 -6.90 -110.22
N LYS IA 215 29.52 -7.32 -109.57
CA LYS IA 215 29.39 -7.91 -108.24
C LYS IA 215 29.15 -6.87 -107.16
N GLU IA 216 29.65 -5.63 -107.32
CA GLU IA 216 29.22 -4.58 -106.41
C GLU IA 216 28.05 -3.76 -106.93
N LYS IA 217 27.50 -4.09 -108.10
CA LYS IA 217 26.26 -3.50 -108.54
C LYS IA 217 25.05 -4.36 -108.21
N LEU IA 218 25.25 -5.66 -108.06
CA LEU IA 218 24.14 -6.56 -107.79
C LEU IA 218 23.80 -6.55 -106.30
N ASP IA 219 22.51 -6.72 -106.01
CA ASP IA 219 22.03 -6.82 -104.63
C ASP IA 219 21.70 -8.28 -104.36
N THR IA 220 22.45 -8.90 -103.44
CA THR IA 220 22.18 -10.28 -103.06
C THR IA 220 20.91 -10.42 -102.25
N ARG IA 221 20.36 -9.30 -101.76
CA ARG IA 221 19.23 -9.36 -100.84
C ARG IA 221 17.99 -9.86 -101.56
N ARG IA 222 17.00 -10.29 -100.78
CA ARG IA 222 15.71 -10.68 -101.32
C ARG IA 222 15.09 -9.51 -102.07
N GLY IA 223 14.75 -8.45 -101.34
CA GLY IA 223 14.02 -7.33 -101.90
C GLY IA 223 12.91 -7.81 -102.80
N SER IA 224 12.00 -8.61 -102.23
CA SER IA 224 11.11 -9.44 -103.02
C SER IA 224 10.30 -8.60 -103.99
N ASN IA 225 10.63 -8.72 -105.28
CA ASN IA 225 10.01 -7.90 -106.32
C ASN IA 225 8.65 -8.42 -106.73
N SER IA 226 8.53 -9.72 -107.00
CA SER IA 226 7.33 -10.26 -107.59
C SER IA 226 7.17 -11.70 -107.11
N GLU IA 227 6.36 -12.47 -107.82
CA GLU IA 227 6.15 -13.87 -107.54
C GLU IA 227 7.26 -14.75 -108.10
N LEU IA 228 8.32 -14.16 -108.64
CA LEU IA 228 9.42 -14.98 -109.16
C LEU IA 228 10.14 -15.70 -108.04
N GLU IA 229 10.24 -15.08 -106.85
CA GLU IA 229 10.78 -15.80 -105.71
C GLU IA 229 9.92 -17.01 -105.36
N THR IA 230 8.59 -16.85 -105.42
CA THR IA 230 7.71 -17.98 -105.18
C THR IA 230 7.90 -19.06 -106.24
N ALA IA 231 8.10 -18.65 -107.49
CA ALA IA 231 8.35 -19.62 -108.55
C ALA IA 231 9.64 -20.38 -108.32
N VAL IA 232 10.68 -19.69 -107.86
CA VAL IA 232 11.94 -20.37 -107.55
C VAL IA 232 11.78 -21.31 -106.38
N LYS IA 233 11.07 -20.88 -105.34
CA LYS IA 233 10.81 -21.78 -104.21
C LYS IA 233 10.06 -23.02 -104.65
N ASP IA 234 9.10 -22.86 -105.56
CA ASP IA 234 8.41 -24.02 -106.13
C ASP IA 234 9.39 -24.91 -106.88
N LEU IA 235 10.01 -24.38 -107.93
CA LEU IA 235 10.95 -25.13 -108.75
C LEU IA 235 12.39 -24.84 -108.32
N GLY IA 236 12.70 -25.22 -107.09
CA GLY IA 236 14.07 -25.16 -106.62
C GLY IA 236 15.04 -26.09 -107.31
N LYS IA 237 14.66 -26.69 -108.44
CA LYS IA 237 15.51 -27.68 -109.09
C LYS IA 237 16.55 -27.02 -109.99
N ALA IA 238 16.11 -26.28 -111.01
CA ALA IA 238 17.03 -25.85 -112.05
C ALA IA 238 16.99 -24.36 -112.33
N VAL IA 239 16.03 -23.62 -111.77
CA VAL IA 239 16.03 -22.17 -111.84
C VAL IA 239 16.60 -21.65 -110.53
N SER IA 240 17.60 -20.78 -110.62
CA SER IA 240 18.33 -20.29 -109.47
C SER IA 240 18.27 -18.77 -109.46
N TYR IA 241 17.56 -18.23 -108.48
CA TYR IA 241 17.40 -16.80 -108.29
C TYR IA 241 18.69 -16.26 -107.67
N LYS IA 242 19.62 -15.81 -108.52
CA LYS IA 242 20.89 -15.29 -108.01
C LYS IA 242 20.68 -14.11 -107.09
N GLY IA 243 19.80 -13.19 -107.47
CA GLY IA 243 19.51 -12.03 -106.65
C GLY IA 243 19.11 -10.85 -107.52
N MET IA 244 19.20 -9.67 -106.93
CA MET IA 244 18.97 -8.41 -107.61
C MET IA 244 20.27 -7.89 -108.20
N TYR IA 245 20.22 -7.44 -109.43
CA TYR IA 245 21.27 -6.60 -110.03
C TYR IA 245 20.93 -5.14 -109.85
N GLY IA 246 20.12 -4.84 -108.83
CA GLY IA 246 19.53 -3.54 -108.66
C GLY IA 246 18.19 -3.45 -109.34
N ASP IA 247 18.15 -2.81 -110.50
CA ASP IA 247 16.93 -2.67 -111.27
C ASP IA 247 16.35 -4.01 -111.73
N VAL IA 248 17.18 -4.95 -112.16
CA VAL IA 248 16.72 -6.14 -112.86
C VAL IA 248 17.01 -7.38 -112.02
N ALA IA 249 16.24 -8.44 -112.24
CA ALA IA 249 16.43 -9.70 -111.55
C ALA IA 249 17.44 -10.57 -112.29
N ILE IA 250 18.29 -11.25 -111.53
CA ILE IA 250 19.32 -12.13 -112.07
C ILE IA 250 18.94 -13.57 -111.75
N VAL IA 251 18.77 -14.38 -112.78
CA VAL IA 251 18.40 -15.78 -112.63
C VAL IA 251 19.38 -16.61 -113.46
N VAL IA 252 19.51 -17.89 -113.13
CA VAL IA 252 20.30 -18.83 -113.92
C VAL IA 252 19.49 -20.10 -114.09
N TYR IA 253 19.33 -20.55 -115.33
CA TYR IA 253 18.70 -21.83 -115.61
C TYR IA 253 19.76 -22.85 -115.97
N SER IA 254 19.77 -23.96 -115.25
CA SER IA 254 20.69 -25.07 -115.50
C SER IA 254 19.91 -26.37 -115.66
N GLY IA 255 18.75 -26.29 -116.31
CA GLY IA 255 17.96 -27.48 -116.54
C GLY IA 255 18.63 -28.42 -117.52
N GLN IA 256 18.36 -29.72 -117.38
CA GLN IA 256 19.00 -30.75 -118.17
C GLN IA 256 17.96 -31.73 -118.69
N TYR IA 257 18.13 -32.16 -119.94
CA TYR IA 257 17.31 -33.23 -120.50
C TYR IA 257 18.16 -34.48 -120.63
N VAL IA 258 17.55 -35.62 -120.31
CA VAL IA 258 18.24 -36.91 -120.30
C VAL IA 258 17.79 -37.66 -121.56
N GLU IA 259 18.62 -37.58 -122.60
CA GLU IA 259 18.24 -38.10 -123.90
C GLU IA 259 18.47 -39.62 -123.95
N ASN IA 260 18.42 -40.19 -125.16
CA ASN IA 260 18.28 -41.63 -125.34
C ASN IA 260 19.36 -42.42 -124.60
N GLY IA 261 20.59 -41.93 -124.57
CA GLY IA 261 21.64 -42.66 -123.91
C GLY IA 261 22.46 -41.82 -122.96
N VAL IA 262 22.30 -40.50 -123.03
CA VAL IA 262 23.12 -39.56 -122.28
C VAL IA 262 22.23 -38.42 -121.80
N LYS IA 263 22.79 -37.56 -120.96
CA LYS IA 263 22.12 -36.37 -120.47
C LYS IA 263 22.94 -35.14 -120.80
N LYS IA 264 22.25 -34.01 -121.01
CA LYS IA 264 22.94 -32.75 -121.27
C LYS IA 264 21.98 -31.61 -121.02
N ASN IA 265 22.53 -30.42 -120.76
CA ASN IA 265 21.71 -29.27 -120.40
C ASN IA 265 20.83 -28.83 -121.57
N PHE IA 266 19.66 -28.29 -121.23
CA PHE IA 266 18.80 -27.67 -122.23
C PHE IA 266 19.52 -26.52 -122.92
N LEU IA 267 20.16 -25.66 -122.15
CA LEU IA 267 20.82 -24.43 -122.56
C LEU IA 267 22.12 -24.71 -123.31
N PRO IA 268 22.37 -23.94 -124.36
CA PRO IA 268 23.69 -23.97 -125.01
C PRO IA 268 24.78 -23.39 -124.12
N ASP IA 269 25.99 -23.26 -124.67
CA ASP IA 269 27.14 -22.92 -123.85
C ASP IA 269 26.99 -21.55 -123.19
N ASN IA 270 26.69 -20.51 -123.98
CA ASN IA 270 26.65 -19.14 -123.47
C ASN IA 270 25.61 -18.37 -124.30
N THR IA 271 24.39 -18.27 -123.78
CA THR IA 271 23.31 -17.61 -124.50
C THR IA 271 22.45 -16.80 -123.56
N MET IA 272 21.70 -15.88 -124.15
CA MET IA 272 20.85 -14.93 -123.44
C MET IA 272 19.65 -14.56 -124.30
N VAL IA 273 18.52 -14.35 -123.65
CA VAL IA 273 17.34 -13.75 -124.27
C VAL IA 273 16.85 -12.61 -123.39
N LEU IA 274 16.81 -11.41 -123.96
CA LEU IA 274 16.37 -10.20 -123.26
C LEU IA 274 14.94 -9.92 -123.65
N GLY IA 275 14.05 -9.89 -122.65
CA GLY IA 275 12.65 -9.62 -122.89
C GLY IA 275 11.89 -9.54 -121.59
N ASN IA 276 10.57 -9.44 -121.70
CA ASN IA 276 9.69 -9.29 -120.56
C ASN IA 276 9.27 -10.63 -119.99
N THR IA 277 8.77 -10.61 -118.75
CA THR IA 277 8.14 -11.76 -118.14
C THR IA 277 6.70 -11.94 -118.59
N GLN IA 278 6.10 -10.94 -119.22
CA GLN IA 278 4.72 -11.04 -119.71
C GLN IA 278 4.64 -11.09 -121.23
N ALA IA 279 5.66 -11.64 -121.90
CA ALA IA 279 5.57 -11.84 -123.33
C ALA IA 279 4.48 -12.85 -123.65
N ARG IA 280 3.87 -12.69 -124.82
CA ARG IA 280 2.69 -13.47 -125.17
C ARG IA 280 3.13 -14.77 -125.83
N GLY IA 281 2.76 -15.90 -125.24
CA GLY IA 281 3.12 -17.19 -125.79
C GLY IA 281 1.93 -18.05 -126.14
N LEU IA 282 1.88 -18.50 -127.39
CA LEU IA 282 0.75 -19.29 -127.87
C LEU IA 282 1.04 -20.78 -127.68
N ARG IA 283 0.02 -21.51 -127.28
CA ARG IA 283 0.04 -22.95 -127.08
C ARG IA 283 -1.00 -23.60 -127.98
N THR IA 284 -0.96 -23.29 -129.27
CA THR IA 284 -1.88 -23.92 -130.20
C THR IA 284 -1.71 -25.43 -130.15
N TYR IA 285 -2.84 -26.14 -130.17
CA TYR IA 285 -2.86 -27.59 -130.02
C TYR IA 285 -3.69 -28.15 -131.16
N GLY IA 286 -3.19 -29.20 -131.80
CA GLY IA 286 -3.85 -29.79 -132.95
C GLY IA 286 -4.90 -30.80 -132.56
N CYS IA 287 -5.36 -31.54 -133.58
CA CYS IA 287 -6.32 -32.62 -133.36
C CYS IA 287 -5.68 -33.75 -132.55
N ILE IA 288 -6.52 -34.46 -131.81
CA ILE IA 288 -6.09 -35.65 -131.09
C ILE IA 288 -6.64 -36.86 -131.84
N GLN IA 289 -5.76 -37.66 -132.44
CA GLN IA 289 -6.17 -38.79 -133.29
C GLN IA 289 -6.41 -40.02 -132.42
N ASP IA 290 -7.56 -40.01 -131.74
CA ASP IA 290 -7.99 -41.15 -130.96
C ASP IA 290 -9.50 -41.26 -131.02
N ALA IA 291 -9.99 -42.41 -131.49
CA ALA IA 291 -11.43 -42.58 -131.70
C ALA IA 291 -12.21 -42.22 -130.44
N ASP IA 292 -11.66 -42.59 -129.28
CA ASP IA 292 -12.26 -42.18 -128.01
C ASP IA 292 -12.36 -40.67 -127.91
N ALA IA 293 -11.28 -39.97 -128.25
CA ALA IA 293 -11.25 -38.52 -128.15
C ALA IA 293 -12.28 -37.90 -129.08
N GLN IA 294 -12.40 -38.41 -130.31
CA GLN IA 294 -13.39 -37.80 -131.20
C GLN IA 294 -14.82 -38.07 -130.74
N ARG IA 295 -15.14 -39.30 -130.32
CA ARG IA 295 -16.58 -39.50 -130.10
C ARG IA 295 -16.99 -39.00 -128.72
N GLU IA 296 -16.03 -38.60 -127.88
CA GLU IA 296 -16.39 -37.89 -126.66
C GLU IA 296 -15.97 -36.42 -126.67
N GLY IA 297 -15.51 -35.91 -127.80
CA GLY IA 297 -15.27 -34.47 -127.93
C GLY IA 297 -13.97 -33.95 -127.34
N ILE IA 298 -12.93 -34.78 -127.27
CA ILE IA 298 -11.64 -34.35 -126.76
C ILE IA 298 -10.71 -34.13 -127.95
N ASN IA 299 -11.31 -33.85 -129.12
CA ASN IA 299 -10.52 -33.45 -130.28
C ASN IA 299 -9.86 -32.09 -130.07
N ALA IA 300 -10.41 -31.26 -129.19
CA ALA IA 300 -9.87 -29.94 -128.88
C ALA IA 300 -9.58 -29.88 -127.39
N SER IA 301 -8.35 -30.24 -127.02
CA SER IA 301 -7.98 -30.27 -125.61
C SER IA 301 -6.46 -30.20 -125.50
N ALA IA 302 -5.98 -30.30 -124.26
CA ALA IA 302 -4.54 -30.34 -124.03
C ALA IA 302 -3.98 -31.74 -124.20
N ARG IA 303 -4.37 -32.66 -123.32
CA ARG IA 303 -3.77 -33.98 -123.23
C ARG IA 303 -4.87 -35.04 -123.20
N TYR IA 304 -4.49 -36.29 -123.50
CA TYR IA 304 -5.44 -37.38 -123.38
C TYR IA 304 -4.75 -38.66 -122.90
N PRO IA 305 -5.08 -39.13 -121.70
CA PRO IA 305 -4.58 -40.44 -121.25
C PRO IA 305 -5.56 -41.57 -121.54
N LYS IA 306 -5.08 -42.81 -121.52
CA LYS IA 306 -5.98 -43.95 -121.48
C LYS IA 306 -5.21 -45.19 -121.03
N ASN IA 307 -5.94 -46.11 -120.39
CA ASN IA 307 -5.43 -47.42 -120.04
C ASN IA 307 -6.26 -48.47 -120.78
N TRP IA 308 -5.59 -49.42 -121.41
CA TRP IA 308 -6.26 -50.21 -122.44
C TRP IA 308 -5.53 -51.51 -122.70
N VAL IA 309 -6.32 -52.55 -122.99
CA VAL IA 309 -5.82 -53.91 -123.14
C VAL IA 309 -5.82 -54.28 -124.61
N THR IA 310 -4.72 -54.89 -125.07
CA THR IA 310 -4.62 -55.48 -126.40
C THR IA 310 -4.88 -56.97 -126.30
N THR IA 311 -5.82 -57.46 -127.11
CA THR IA 311 -6.14 -58.87 -127.21
C THR IA 311 -5.59 -59.43 -128.51
N GLY IA 312 -4.83 -60.52 -128.40
CA GLY IA 312 -4.27 -61.14 -129.57
C GLY IA 312 -2.77 -61.37 -129.49
N ASP IA 313 -2.04 -60.91 -130.52
CA ASP IA 313 -0.59 -61.09 -130.51
C ASP IA 313 0.07 -60.34 -129.36
N PRO IA 314 -0.07 -59.01 -129.24
CA PRO IA 314 0.50 -58.35 -128.06
C PRO IA 314 -0.53 -58.27 -126.93
N ALA IA 315 -1.02 -59.44 -126.51
CA ALA IA 315 -2.11 -59.48 -125.54
C ALA IA 315 -1.60 -58.99 -124.20
N ARG IA 316 -1.72 -57.70 -123.96
CA ARG IA 316 -1.11 -57.03 -122.83
C ARG IA 316 -2.01 -55.87 -122.44
N GLU IA 317 -1.48 -54.94 -121.66
CA GLU IA 317 -2.23 -53.75 -121.28
C GLU IA 317 -1.27 -52.58 -121.09
N PHE IA 318 -1.67 -51.42 -121.61
CA PHE IA 318 -0.78 -50.28 -121.78
C PHE IA 318 -1.45 -49.00 -121.31
N THR IA 319 -0.62 -48.00 -121.03
CA THR IA 319 -1.05 -46.63 -120.81
C THR IA 319 -0.56 -45.77 -121.97
N MET IA 320 -1.49 -45.04 -122.58
CA MET IA 320 -1.26 -44.30 -123.81
C MET IA 320 -1.52 -42.83 -123.53
N ILE IA 321 -0.59 -41.96 -123.93
CA ILE IA 321 -0.74 -40.52 -123.74
C ILE IA 321 -0.65 -39.85 -125.09
N GLN IA 322 -1.60 -38.96 -125.39
CA GLN IA 322 -1.65 -38.29 -126.68
C GLN IA 322 -1.79 -36.79 -126.50
N SER IA 323 -1.08 -36.05 -127.35
CA SER IA 323 -1.08 -34.59 -127.30
C SER IA 323 -0.67 -34.08 -128.69
N ALA IA 324 -0.77 -32.77 -128.87
CA ALA IA 324 -0.34 -32.14 -130.13
C ALA IA 324 -0.06 -30.66 -129.90
N PRO IA 325 1.06 -30.34 -129.26
CA PRO IA 325 1.40 -28.93 -129.05
C PRO IA 325 2.22 -28.35 -130.20
N LEU IA 326 2.00 -27.07 -130.47
CA LEU IA 326 2.81 -26.31 -131.40
C LEU IA 326 3.05 -24.91 -130.85
N MET IA 327 3.34 -24.86 -129.55
CA MET IA 327 3.64 -23.62 -128.84
C MET IA 327 4.70 -22.79 -129.53
N LEU IA 328 4.42 -21.50 -129.65
CA LEU IA 328 5.30 -20.50 -130.26
C LEU IA 328 5.21 -19.21 -129.45
N LEU IA 329 5.90 -18.19 -129.92
CA LEU IA 329 5.87 -16.86 -129.31
C LEU IA 329 5.17 -15.90 -130.27
N ALA IA 330 4.25 -15.07 -129.73
CA ALA IA 330 3.53 -14.13 -130.57
C ALA IA 330 4.47 -13.09 -131.17
N ASP IA 331 5.36 -12.54 -130.35
CA ASP IA 331 6.32 -11.54 -130.79
C ASP IA 331 7.73 -12.08 -130.68
N PRO IA 332 8.30 -12.62 -131.77
CA PRO IA 332 9.71 -13.03 -131.71
C PRO IA 332 10.66 -11.88 -131.47
N ASP IA 333 10.28 -10.66 -131.88
CA ASP IA 333 11.08 -9.48 -131.63
C ASP IA 333 11.10 -9.07 -130.16
N GLU IA 334 10.22 -9.66 -129.34
CA GLU IA 334 10.19 -9.33 -127.92
C GLU IA 334 11.48 -9.69 -127.20
N PHE IA 335 12.17 -10.73 -127.66
CA PHE IA 335 13.42 -11.16 -127.03
C PHE IA 335 14.58 -11.02 -127.99
N VAL IA 336 15.65 -10.41 -127.49
CA VAL IA 336 16.93 -10.34 -128.19
C VAL IA 336 17.77 -11.52 -127.76
N SER IA 337 18.17 -12.35 -128.72
CA SER IA 337 18.92 -13.56 -128.45
C SER IA 337 20.39 -13.31 -128.77
N VAL IA 338 21.24 -13.43 -127.76
CA VAL IA 338 22.65 -13.11 -127.87
C VAL IA 338 23.46 -14.33 -127.45
N GLN IA 339 24.43 -14.71 -128.28
CA GLN IA 339 25.46 -15.65 -127.86
C GLN IA 339 26.61 -14.86 -127.23
N LEU IA 340 27.10 -15.34 -126.11
CA LEU IA 340 28.02 -14.59 -125.27
C LEU IA 340 29.47 -14.92 -125.61
N ALA IA 341 30.38 -14.21 -124.95
CA ALA IA 341 31.80 -14.41 -125.14
C ALA IA 341 32.22 -15.80 -124.66
N ALA JA 7 -28.54 -8.04 -126.22
CA ALA JA 7 -28.83 -6.81 -125.48
C ALA JA 7 -28.97 -7.09 -123.99
N GLN JA 8 -27.95 -6.71 -123.22
CA GLN JA 8 -27.95 -6.87 -121.78
C GLN JA 8 -27.92 -5.50 -121.12
N LEU JA 9 -28.31 -5.47 -119.85
CA LEU JA 9 -28.58 -4.23 -119.15
C LEU JA 9 -27.32 -3.38 -118.97
N LEU JA 10 -27.54 -2.13 -118.54
CA LEU JA 10 -26.45 -1.20 -118.31
C LEU JA 10 -25.52 -1.67 -117.19
N ALA JA 11 -26.08 -2.27 -116.13
CA ALA JA 11 -25.30 -2.65 -114.97
C ALA JA 11 -24.26 -3.71 -115.26
N ALA JA 12 -24.33 -4.38 -116.41
CA ALA JA 12 -23.32 -5.38 -116.79
C ALA JA 12 -22.09 -4.67 -117.36
N ASN JA 13 -21.50 -3.81 -116.53
CA ASN JA 13 -20.35 -2.99 -116.91
C ASN JA 13 -19.34 -2.97 -115.78
N GLU JA 14 -19.06 -4.14 -115.21
CA GLU JA 14 -18.18 -4.26 -114.03
C GLU JA 14 -16.79 -4.68 -114.50
N GLN JA 15 -15.80 -3.82 -114.25
CA GLN JA 15 -14.41 -4.12 -114.56
C GLN JA 15 -13.54 -4.20 -113.31
N LYS JA 16 -13.54 -3.12 -112.50
CA LYS JA 16 -12.55 -2.93 -111.43
C LYS JA 16 -11.13 -3.00 -111.97
N PHE JA 17 -10.95 -2.58 -113.22
CA PHE JA 17 -9.66 -2.57 -113.90
C PHE JA 17 -9.37 -1.14 -114.37
N LYS JA 18 -8.75 -0.35 -113.50
CA LYS JA 18 -8.30 1.00 -113.86
C LYS JA 18 -6.79 1.02 -113.74
N PHE JA 19 -6.11 0.87 -114.88
CA PHE JA 19 -4.66 0.72 -114.94
C PHE JA 19 -4.07 1.61 -116.01
N ASP JA 20 -4.49 2.87 -116.03
CA ASP JA 20 -3.90 3.85 -116.94
C ASP JA 20 -2.47 4.16 -116.54
N PRO JA 21 -1.56 4.38 -117.50
CA PRO JA 21 -0.12 4.57 -117.18
C PRO JA 21 0.24 5.91 -116.54
N LEU JA 22 -0.22 6.07 -115.30
CA LEU JA 22 0.27 7.11 -114.39
C LEU JA 22 0.03 8.54 -114.88
N PHE JA 23 -0.70 8.71 -115.98
CA PHE JA 23 -0.99 10.05 -116.47
C PHE JA 23 -2.38 10.53 -116.09
N LEU JA 24 -3.42 9.81 -116.50
CA LEU JA 24 -4.79 10.21 -116.17
C LEU JA 24 -5.15 9.90 -114.73
N ARG JA 25 -4.31 9.16 -114.02
CA ARG JA 25 -4.54 8.79 -112.62
C ARG JA 25 -3.69 9.57 -111.63
N LEU JA 26 -2.61 10.20 -112.09
CA LEU JA 26 -1.66 10.87 -111.22
C LEU JA 26 -1.47 12.35 -111.52
N PHE JA 27 -1.40 12.74 -112.79
CA PHE JA 27 -1.35 14.16 -113.13
C PHE JA 27 -2.71 14.74 -113.49
N PHE JA 28 -3.62 13.93 -114.00
CA PHE JA 28 -4.86 14.42 -114.59
C PHE JA 28 -6.09 13.86 -113.87
N ARG JA 29 -6.08 13.93 -112.54
CA ARG JA 29 -7.19 13.44 -111.73
C ARG JA 29 -8.42 14.35 -111.80
N GLU JA 30 -8.30 15.52 -112.41
CA GLU JA 30 -9.22 16.63 -112.16
C GLU JA 30 -10.39 16.57 -113.15
N SER JA 31 -11.26 15.59 -112.97
CA SER JA 31 -12.33 15.28 -113.93
C SER JA 31 -13.45 16.31 -113.87
N TYR JA 32 -13.92 16.74 -115.03
CA TYR JA 32 -15.05 17.67 -115.11
C TYR JA 32 -16.01 17.25 -116.22
N PRO JA 33 -16.80 16.19 -116.02
CA PRO JA 33 -17.88 15.92 -116.97
C PRO JA 33 -19.00 16.96 -116.86
N PHE JA 34 -19.48 17.40 -118.02
CA PHE JA 34 -20.43 18.49 -118.14
C PHE JA 34 -21.74 17.99 -118.73
N THR JA 35 -22.80 18.77 -118.50
CA THR JA 35 -24.07 18.61 -119.18
C THR JA 35 -24.10 19.40 -120.49
N THR JA 36 -22.98 20.04 -120.83
CA THR JA 36 -22.88 20.91 -121.99
C THR JA 36 -21.79 20.38 -122.92
N GLU JA 37 -21.93 20.73 -124.20
CA GLU JA 37 -21.10 20.13 -125.25
C GLU JA 37 -19.62 20.40 -125.02
N LYS JA 38 -19.22 21.67 -125.06
CA LYS JA 38 -17.82 22.05 -125.08
C LYS JA 38 -17.24 22.08 -123.67
N VAL JA 39 -15.96 22.42 -123.60
CA VAL JA 39 -15.30 22.78 -122.35
C VAL JA 39 -15.34 24.29 -122.20
N TYR JA 40 -15.70 24.74 -121.02
CA TYR JA 40 -15.83 26.18 -120.73
C TYR JA 40 -14.88 26.48 -119.58
N LEU JA 41 -13.62 26.76 -119.93
CA LEU JA 41 -12.60 26.96 -118.90
C LEU JA 41 -12.97 28.12 -117.98
N SER JA 42 -13.75 29.08 -118.47
CA SER JA 42 -14.30 30.11 -117.59
C SER JA 42 -15.22 29.50 -116.55
N GLN JA 43 -15.96 28.46 -116.91
CA GLN JA 43 -16.84 27.79 -115.96
C GLN JA 43 -16.06 27.04 -114.90
N ILE JA 44 -14.99 26.34 -115.27
CA ILE JA 44 -14.16 25.65 -114.28
C ILE JA 44 -13.53 26.69 -113.36
N PRO JA 45 -13.61 26.52 -112.03
CA PRO JA 45 -12.92 27.47 -111.15
C PRO JA 45 -11.41 27.43 -111.32
N GLY JA 46 -10.86 26.25 -111.59
CA GLY JA 46 -9.43 26.06 -111.69
C GLY JA 46 -8.74 26.53 -110.42
N LEU JA 47 -7.70 27.33 -110.60
CA LEU JA 47 -7.12 28.05 -109.49
C LEU JA 47 -8.00 29.24 -109.13
N VAL JA 48 -8.24 29.40 -107.82
CA VAL JA 48 -9.12 30.44 -107.30
C VAL JA 48 -8.27 31.65 -106.95
N ASN JA 49 -8.82 32.85 -107.19
CA ASN JA 49 -8.20 34.08 -106.72
C ASN JA 49 -8.10 34.01 -105.20
N MET JA 50 -6.86 33.93 -104.69
CA MET JA 50 -6.62 33.29 -103.41
C MET JA 50 -5.60 34.07 -102.57
N ALA JA 51 -5.78 35.38 -102.40
CA ALA JA 51 -4.89 36.12 -101.52
C ALA JA 51 -5.59 37.15 -100.65
N LEU JA 52 -6.47 37.96 -101.23
CA LEU JA 52 -6.91 39.21 -100.62
C LEU JA 52 -7.86 38.96 -99.45
N TYR JA 53 -7.71 39.75 -98.40
CA TYR JA 53 -8.67 39.80 -97.31
C TYR JA 53 -9.35 41.17 -97.30
N VAL JA 54 -10.14 41.42 -96.26
CA VAL JA 54 -10.88 42.67 -96.13
C VAL JA 54 -10.58 43.30 -94.76
N SER JA 55 -10.84 44.60 -94.67
CA SER JA 55 -10.52 45.36 -93.47
C SER JA 55 -11.36 44.88 -92.29
N PRO JA 56 -10.86 45.06 -91.06
CA PRO JA 56 -11.63 44.64 -89.88
C PRO JA 56 -12.78 45.56 -89.52
N ILE JA 57 -13.57 45.97 -90.51
CA ILE JA 57 -14.80 46.72 -90.26
C ILE JA 57 -15.97 46.03 -90.96
N VAL JA 58 -15.85 45.82 -92.26
CA VAL JA 58 -16.85 45.13 -93.06
C VAL JA 58 -16.12 44.19 -94.03
N SER JA 59 -16.90 43.50 -94.86
CA SER JA 59 -16.30 42.64 -95.86
C SER JA 59 -16.59 43.15 -97.26
N GLY JA 60 -15.84 42.59 -98.23
CA GLY JA 60 -15.82 43.13 -99.57
C GLY JA 60 -16.83 42.48 -100.50
N GLU JA 61 -16.46 42.48 -101.79
CA GLU JA 61 -17.36 42.08 -102.86
C GLU JA 61 -17.45 40.56 -102.95
N VAL JA 62 -18.16 40.09 -103.97
CA VAL JA 62 -18.36 38.66 -104.19
C VAL JA 62 -17.28 38.16 -105.15
N ILE JA 63 -16.67 37.02 -104.82
CA ILE JA 63 -15.62 36.42 -105.64
C ILE JA 63 -16.23 35.29 -106.45
N ARG JA 64 -15.87 35.24 -107.74
CA ARG JA 64 -16.44 34.32 -108.70
C ARG JA 64 -15.37 33.35 -109.18
N SER JA 65 -15.77 32.48 -110.11
CA SER JA 65 -14.81 31.75 -110.94
C SER JA 65 -14.20 32.76 -111.91
N ARG JA 66 -12.88 32.91 -111.87
CA ARG JA 66 -12.24 34.11 -112.40
C ARG JA 66 -12.10 34.06 -113.93
N GLY JA 67 -13.24 33.81 -114.58
CA GLY JA 67 -13.40 34.07 -116.00
C GLY JA 67 -12.27 33.69 -116.93
N GLY JA 68 -12.05 32.40 -117.13
CA GLY JA 68 -11.01 31.93 -118.04
C GLY JA 68 -11.11 32.57 -119.41
N SER JA 69 -9.97 33.01 -119.95
CA SER JA 69 -9.98 33.78 -121.19
C SER JA 69 -10.54 32.97 -122.35
N THR JA 70 -10.06 31.75 -122.53
CA THR JA 70 -10.54 30.86 -123.58
C THR JA 70 -11.35 29.73 -122.95
N SER JA 71 -12.61 29.62 -123.35
CA SER JA 71 -13.53 28.65 -122.78
C SER JA 71 -14.34 27.91 -123.85
N GLU JA 72 -13.72 27.50 -124.95
CA GLU JA 72 -14.44 26.87 -126.05
C GLU JA 72 -13.50 25.95 -126.81
N PHE JA 73 -13.55 24.66 -126.49
CA PHE JA 73 -12.89 23.63 -127.28
C PHE JA 73 -13.81 22.42 -127.38
N THR JA 74 -13.59 21.61 -128.42
CA THR JA 74 -14.46 20.49 -128.74
C THR JA 74 -13.93 19.23 -128.09
N PRO JA 75 -14.67 18.63 -127.14
CA PRO JA 75 -14.22 17.34 -126.58
C PRO JA 75 -14.22 16.25 -127.63
N GLY JA 76 -13.33 15.27 -127.45
CA GLY JA 76 -13.23 14.15 -128.36
C GLY JA 76 -14.33 13.14 -128.13
N TYR JA 77 -15.53 13.45 -128.60
CA TYR JA 77 -16.63 12.51 -128.42
C TYR JA 77 -16.36 11.26 -129.23
N VAL JA 78 -15.93 10.22 -128.52
CA VAL JA 78 -15.54 8.94 -129.09
C VAL JA 78 -16.61 7.93 -128.76
N LYS JA 79 -17.29 7.44 -129.80
CA LYS JA 79 -18.21 6.35 -129.52
C LYS JA 79 -17.96 5.18 -130.46
N PRO JA 80 -17.07 4.26 -130.09
CA PRO JA 80 -16.91 3.05 -130.91
C PRO JA 80 -17.86 1.94 -130.49
N LYS JA 81 -17.81 0.82 -131.20
CA LYS JA 81 -18.64 -0.32 -130.87
C LYS JA 81 -17.97 -1.58 -131.40
N HIS JA 82 -18.55 -2.71 -131.03
CA HIS JA 82 -18.15 -3.98 -131.61
C HIS JA 82 -19.34 -4.93 -131.60
N GLU JA 83 -19.14 -6.08 -132.23
CA GLU JA 83 -20.08 -7.17 -132.14
C GLU JA 83 -19.59 -8.20 -131.11
N VAL JA 84 -20.54 -8.87 -130.48
CA VAL JA 84 -20.24 -9.94 -129.54
C VAL JA 84 -20.96 -11.19 -130.01
N ASN JA 85 -21.05 -11.36 -131.34
CA ASN JA 85 -21.76 -12.46 -131.97
C ASN JA 85 -21.28 -13.80 -131.44
N PRO JA 86 -22.16 -14.63 -130.89
CA PRO JA 86 -21.72 -15.91 -130.32
C PRO JA 86 -21.33 -16.94 -131.38
N GLN JA 87 -20.37 -16.59 -132.23
CA GLN JA 87 -19.81 -17.53 -133.19
C GLN JA 87 -18.36 -17.86 -132.91
N MET JA 88 -17.69 -17.16 -131.99
CA MET JA 88 -16.29 -17.43 -131.70
C MET JA 88 -16.13 -18.40 -130.54
N THR JA 89 -15.02 -19.14 -130.57
CA THR JA 89 -14.45 -19.62 -129.32
C THR JA 89 -13.65 -18.49 -128.68
N LEU JA 90 -13.83 -18.34 -127.37
CA LEU JA 90 -13.41 -17.14 -126.66
C LEU JA 90 -12.08 -17.35 -125.95
N ARG JA 91 -11.68 -16.34 -125.19
CA ARG JA 91 -10.53 -16.48 -124.30
C ARG JA 91 -10.90 -17.50 -123.22
N ARG JA 92 -10.30 -18.69 -123.24
CA ARG JA 92 -10.59 -19.69 -122.22
C ARG JA 92 -9.53 -19.63 -121.12
N LEU JA 93 -9.83 -18.92 -120.06
CA LEU JA 93 -9.04 -19.02 -118.83
C LEU JA 93 -8.85 -20.51 -118.50
N PRO JA 94 -7.66 -20.92 -118.05
CA PRO JA 94 -7.39 -22.36 -117.93
C PRO JA 94 -8.42 -23.16 -117.16
N ASP JA 95 -9.17 -23.98 -117.88
CA ASP JA 95 -10.00 -25.07 -117.36
C ASP JA 95 -10.95 -24.63 -116.24
N GLU JA 96 -11.68 -23.54 -116.43
CA GLU JA 96 -12.86 -23.26 -115.60
C GLU JA 96 -14.13 -23.67 -116.35
N ASP JA 97 -14.30 -25.00 -116.47
CA ASP JA 97 -15.54 -25.62 -116.92
C ASP JA 97 -16.02 -25.07 -118.26
N PRO JA 98 -15.40 -25.44 -119.39
CA PRO JA 98 -15.83 -24.90 -120.69
C PRO JA 98 -17.29 -25.22 -121.03
N GLN JA 99 -18.00 -25.98 -120.20
CA GLN JA 99 -19.42 -26.19 -120.42
C GLN JA 99 -20.20 -24.88 -120.40
N ASN JA 100 -19.79 -23.92 -119.57
CA ASN JA 100 -20.46 -22.62 -119.58
C ASN JA 100 -20.11 -21.82 -120.82
N LEU JA 101 -18.90 -21.96 -121.35
CA LEU JA 101 -18.63 -21.39 -122.67
C LEU JA 101 -19.55 -21.99 -123.71
N ALA JA 102 -19.80 -23.30 -123.63
CA ALA JA 102 -20.78 -23.93 -124.50
C ALA JA 102 -22.16 -23.29 -124.37
N ASP JA 103 -22.47 -22.72 -123.21
CA ASP JA 103 -23.68 -21.93 -123.07
C ASP JA 103 -23.57 -20.65 -123.91
N PRO JA 104 -24.56 -20.36 -124.75
CA PRO JA 104 -24.59 -19.02 -125.37
C PRO JA 104 -24.73 -17.90 -124.36
N ALA JA 105 -25.37 -18.14 -123.22
CA ALA JA 105 -25.51 -17.06 -122.22
C ALA JA 105 -24.17 -16.68 -121.62
N TYR JA 106 -23.39 -17.65 -121.15
CA TYR JA 106 -22.10 -17.31 -120.56
C TYR JA 106 -21.12 -16.81 -121.61
N ARG JA 107 -21.12 -17.42 -122.80
CA ARG JA 107 -20.22 -16.91 -123.83
C ARG JA 107 -20.56 -15.47 -124.16
N ARG JA 108 -21.86 -15.16 -124.30
CA ARG JA 108 -22.24 -13.80 -124.67
C ARG JA 108 -21.91 -12.81 -123.56
N ARG JA 109 -22.12 -13.18 -122.30
CA ARG JA 109 -21.83 -12.21 -121.25
C ARG JA 109 -20.34 -11.99 -121.07
N ARG JA 110 -19.52 -13.05 -121.09
CA ARG JA 110 -18.10 -12.76 -120.89
C ARG JA 110 -17.48 -12.21 -122.16
N ILE JA 111 -18.11 -12.42 -123.32
CA ILE JA 111 -17.60 -11.78 -124.53
C ILE JA 111 -17.99 -10.31 -124.56
N ILE JA 112 -19.14 -9.92 -124.00
CA ILE JA 112 -19.37 -8.49 -123.86
C ILE JA 112 -18.40 -7.92 -122.83
N MET JA 113 -18.06 -8.71 -121.81
CA MET JA 113 -16.99 -8.29 -120.88
C MET JA 113 -15.71 -7.99 -121.65
N GLN JA 114 -15.26 -8.94 -122.47
CA GLN JA 114 -14.02 -8.79 -123.23
C GLN JA 114 -14.12 -7.62 -124.22
N ASN JA 115 -15.23 -7.54 -124.94
CA ASN JA 115 -15.43 -6.47 -125.90
C ASN JA 115 -15.34 -5.11 -125.21
N MET JA 116 -16.10 -4.93 -124.13
CA MET JA 116 -16.13 -3.61 -123.52
C MET JA 116 -14.79 -3.27 -122.91
N ARG JA 117 -14.07 -4.26 -122.33
CA ARG JA 117 -12.78 -3.94 -121.76
C ARG JA 117 -11.80 -3.51 -122.84
N ASP JA 118 -11.82 -4.19 -124.00
CA ASP JA 118 -11.08 -3.67 -125.15
C ASP JA 118 -11.49 -2.23 -125.44
N GLU JA 119 -12.78 -1.93 -125.30
CA GLU JA 119 -13.27 -0.60 -125.61
C GLU JA 119 -12.68 0.46 -124.67
N GLU JA 120 -12.74 0.25 -123.36
CA GLU JA 120 -12.23 1.32 -122.50
C GLU JA 120 -10.72 1.37 -122.55
N LEU JA 121 -10.05 0.25 -122.81
CA LEU JA 121 -8.60 0.37 -122.96
C LEU JA 121 -8.24 1.06 -124.27
N ALA JA 122 -9.11 0.96 -125.28
CA ALA JA 122 -8.93 1.75 -126.49
C ALA JA 122 -9.05 3.24 -126.21
N ILE JA 123 -10.12 3.63 -125.52
CA ILE JA 123 -10.27 5.05 -125.21
C ILE JA 123 -9.16 5.51 -124.27
N ALA JA 124 -8.68 4.60 -123.41
CA ALA JA 124 -7.58 4.93 -122.52
C ALA JA 124 -6.29 5.16 -123.28
N GLN JA 125 -6.01 4.33 -124.29
CA GLN JA 125 -4.78 4.50 -125.06
C GLN JA 125 -4.84 5.74 -125.94
N VAL JA 126 -6.00 6.04 -126.53
CA VAL JA 126 -6.10 7.30 -127.27
C VAL JA 126 -6.00 8.48 -126.32
N GLU JA 127 -6.51 8.33 -125.10
CA GLU JA 127 -6.38 9.39 -124.11
C GLU JA 127 -4.94 9.56 -123.68
N GLU JA 128 -4.18 8.47 -123.62
CA GLU JA 128 -2.76 8.56 -123.30
C GLU JA 128 -1.97 9.21 -124.43
N MET JA 129 -2.35 8.96 -125.70
CA MET JA 129 -1.74 9.72 -126.78
C MET JA 129 -2.07 11.21 -126.64
N GLN JA 130 -3.31 11.54 -126.28
CA GLN JA 130 -3.65 12.93 -126.01
C GLN JA 130 -2.77 13.50 -124.88
N ALA JA 131 -2.56 12.70 -123.83
CA ALA JA 131 -1.74 13.15 -122.70
C ALA JA 131 -0.30 13.38 -123.11
N VAL JA 132 0.26 12.50 -123.93
CA VAL JA 132 1.66 12.63 -124.32
C VAL JA 132 1.83 13.83 -125.26
N SER JA 133 0.88 14.06 -126.17
CA SER JA 133 0.91 15.29 -126.95
C SER JA 133 0.83 16.51 -126.04
N ALA JA 134 -0.10 16.46 -125.07
CA ALA JA 134 -0.33 17.58 -124.16
C ALA JA 134 0.93 17.93 -123.39
N VAL JA 135 1.38 17.03 -122.52
CA VAL JA 135 2.68 17.28 -121.92
C VAL JA 135 3.74 16.57 -122.73
N LEU JA 136 3.90 16.99 -123.98
CA LEU JA 136 5.19 17.13 -124.66
C LEU JA 136 5.28 18.40 -125.49
N LYS JA 137 4.16 18.99 -125.90
CA LYS JA 137 4.24 20.26 -126.64
C LYS JA 137 3.22 21.31 -126.22
N GLY JA 138 2.26 20.99 -125.35
CA GLY JA 138 1.23 21.94 -125.01
C GLY JA 138 0.13 22.07 -126.04
N LYS JA 139 0.30 21.44 -127.20
CA LYS JA 139 -0.66 21.42 -128.29
C LYS JA 139 -1.30 20.04 -128.36
N TYR JA 140 -2.61 20.02 -128.60
CA TYR JA 140 -3.31 18.76 -128.86
C TYR JA 140 -4.11 18.90 -130.14
N THR JA 141 -4.08 17.87 -130.97
CA THR JA 141 -4.78 17.84 -132.25
C THR JA 141 -6.12 17.14 -132.07
N MET JA 142 -7.16 17.91 -131.77
CA MET JA 142 -8.53 17.44 -131.85
C MET JA 142 -8.89 17.30 -133.33
N THR JA 143 -8.69 16.10 -133.87
CA THR JA 143 -8.82 15.93 -135.31
C THR JA 143 -9.36 14.53 -135.62
N GLY JA 144 -9.93 14.43 -136.81
CA GLY JA 144 -10.42 13.17 -137.35
C GLY JA 144 -11.03 13.43 -138.69
N GLU JA 145 -11.13 12.37 -139.49
CA GLU JA 145 -11.76 12.52 -140.80
C GLU JA 145 -13.22 12.89 -140.64
N ALA JA 146 -13.74 13.69 -141.58
CA ALA JA 146 -15.06 14.30 -141.47
C ALA JA 146 -15.19 15.08 -140.16
N PHE JA 147 -14.14 15.82 -139.83
CA PHE JA 147 -14.11 16.66 -138.64
C PHE JA 147 -12.96 17.64 -138.77
N ASP JA 148 -13.21 18.90 -138.45
CA ASP JA 148 -12.16 19.92 -138.59
C ASP JA 148 -11.10 19.72 -137.52
N PRO JA 149 -9.82 19.88 -137.85
CA PRO JA 149 -8.77 19.79 -136.83
C PRO JA 149 -8.68 21.06 -136.00
N VAL JA 150 -9.11 20.97 -134.75
CA VAL JA 150 -8.98 22.03 -133.77
C VAL JA 150 -7.70 21.79 -132.98
N GLU JA 151 -6.84 22.79 -132.95
CA GLU JA 151 -5.67 22.78 -132.09
C GLU JA 151 -6.07 23.32 -130.72
N VAL JA 152 -5.97 22.48 -129.70
CA VAL JA 152 -6.28 22.85 -128.33
C VAL JA 152 -4.94 23.08 -127.64
N ASP JA 153 -4.67 24.34 -127.27
CA ASP JA 153 -3.38 24.73 -126.72
C ASP JA 153 -3.58 25.12 -125.25
N MET JA 154 -2.83 24.47 -124.35
CA MET JA 154 -2.78 24.97 -122.99
C MET JA 154 -1.95 26.24 -122.88
N GLY JA 155 -0.94 26.40 -123.73
CA GLY JA 155 -0.14 27.61 -123.70
C GLY JA 155 1.31 27.36 -123.30
N ARG JA 156 1.85 26.21 -123.67
CA ARG JA 156 3.23 25.89 -123.33
C ARG JA 156 4.18 26.94 -123.88
N SER JA 157 5.04 27.46 -123.01
CA SER JA 157 5.91 28.57 -123.33
C SER JA 157 7.15 28.09 -124.07
N GLU JA 158 7.91 29.06 -124.59
CA GLU JA 158 9.11 28.75 -125.35
C GLU JA 158 10.19 28.15 -124.47
N GLU JA 159 10.40 28.68 -123.26
CA GLU JA 159 11.37 28.10 -122.35
C GLU JA 159 10.95 26.71 -121.88
N ASN JA 160 9.69 26.33 -122.07
CA ASN JA 160 9.25 24.96 -121.86
C ASN JA 160 9.45 24.09 -123.08
N ASN JA 161 9.99 24.63 -124.16
CA ASN JA 161 10.23 23.90 -125.39
C ASN JA 161 11.68 24.03 -125.84
N ILE JA 162 12.55 24.43 -124.91
CA ILE JA 162 13.96 24.57 -125.25
C ILE JA 162 14.59 23.19 -125.44
N THR JA 163 15.56 23.12 -126.35
CA THR JA 163 16.05 21.86 -126.90
C THR JA 163 17.48 21.59 -126.47
N GLN JA 164 17.78 20.32 -126.20
CA GLN JA 164 19.13 19.91 -125.86
C GLN JA 164 20.09 20.00 -127.04
N SER JA 165 19.63 19.69 -128.25
CA SER JA 165 20.52 19.74 -129.41
C SER JA 165 21.01 21.15 -129.68
N GLY JA 166 20.24 22.16 -129.27
CA GLY JA 166 20.71 23.53 -129.38
C GLY JA 166 21.98 23.73 -128.57
N GLY JA 167 23.01 24.30 -129.20
CA GLY JA 167 24.29 24.47 -128.56
C GLY JA 167 25.12 23.21 -128.53
N THR JA 168 25.27 22.62 -127.34
CA THR JA 168 26.06 21.41 -127.16
C THR JA 168 25.13 20.25 -126.84
N GLU JA 169 25.31 19.14 -127.55
CA GLU JA 169 24.51 17.94 -127.37
C GLU JA 169 25.18 17.00 -126.38
N TRP JA 170 24.34 16.25 -125.66
CA TRP JA 170 24.88 15.24 -124.74
C TRP JA 170 25.64 14.16 -125.50
N SER JA 171 25.17 13.79 -126.70
CA SER JA 171 25.95 12.91 -127.55
C SER JA 171 27.29 13.54 -127.91
N LYS JA 172 27.29 14.85 -128.19
CA LYS JA 172 28.51 15.60 -128.46
C LYS JA 172 29.13 16.15 -127.18
N ARG JA 173 29.34 15.26 -126.20
CA ARG JA 173 29.96 15.62 -124.94
C ARG JA 173 30.82 14.45 -124.48
N ASP JA 174 31.58 14.68 -123.41
CA ASP JA 174 32.39 13.62 -122.83
C ASP JA 174 31.48 12.58 -122.17
N LYS JA 175 31.59 11.34 -122.64
CA LYS JA 175 30.79 10.25 -122.10
C LYS JA 175 31.22 9.85 -120.69
N SER JA 176 32.33 10.37 -120.19
CA SER JA 176 32.86 9.96 -118.90
C SER JA 176 32.81 11.04 -117.84
N THR JA 177 33.21 12.27 -118.16
CA THR JA 177 33.34 13.32 -117.15
C THR JA 177 32.19 14.31 -117.12
N TYR JA 178 31.50 14.52 -118.24
CA TYR JA 178 30.40 15.48 -118.26
C TYR JA 178 29.25 15.00 -117.40
N ASP JA 179 28.67 15.92 -116.63
CA ASP JA 179 27.52 15.64 -115.79
C ASP JA 179 26.31 16.37 -116.34
N PRO JA 180 25.25 15.68 -116.77
CA PRO JA 180 24.06 16.37 -117.27
C PRO JA 180 23.17 16.92 -116.17
N THR JA 181 23.58 16.81 -114.90
CA THR JA 181 22.80 17.40 -113.83
C THR JA 181 22.71 18.91 -113.98
N ASP JA 182 23.78 19.55 -114.45
CA ASP JA 182 23.74 20.98 -114.70
C ASP JA 182 22.60 21.33 -115.64
N ASP JA 183 22.47 20.61 -116.76
CA ASP JA 183 21.33 20.77 -117.62
C ASP JA 183 20.03 20.42 -116.91
N ILE JA 184 20.08 19.48 -115.97
CA ILE JA 184 18.86 19.09 -115.26
C ILE JA 184 18.28 20.27 -114.51
N GLU JA 185 19.10 20.95 -113.70
CA GLU JA 185 18.54 22.14 -113.04
C GLU JA 185 18.35 23.28 -114.02
N ALA JA 186 19.13 23.33 -115.10
CA ALA JA 186 18.94 24.39 -116.08
C ALA JA 186 17.54 24.34 -116.69
N TYR JA 187 17.06 23.14 -116.99
CA TYR JA 187 15.71 23.00 -117.52
C TYR JA 187 14.66 22.97 -116.42
N ALA JA 188 15.03 22.58 -115.20
CA ALA JA 188 14.08 22.53 -114.10
C ALA JA 188 13.76 23.91 -113.52
N LEU JA 189 14.67 24.86 -113.61
CA LEU JA 189 14.46 26.16 -112.98
C LEU JA 189 13.26 26.88 -113.58
N ASN JA 190 13.12 26.85 -114.91
CA ASN JA 190 11.98 27.49 -115.58
C ASN JA 190 10.84 26.51 -115.77
N ALA JA 191 10.48 25.80 -114.72
CA ALA JA 191 9.38 24.84 -114.75
C ALA JA 191 8.26 25.19 -113.80
N SER JA 192 8.33 26.34 -113.12
CA SER JA 192 7.31 26.78 -112.18
C SER JA 192 7.08 25.74 -111.08
N GLY JA 193 8.16 25.15 -110.61
CA GLY JA 193 8.05 24.19 -109.53
C GLY JA 193 9.22 23.24 -109.50
N VAL JA 194 9.13 22.28 -108.59
CA VAL JA 194 10.15 21.27 -108.38
C VAL JA 194 9.83 20.05 -109.24
N VAL JA 195 10.88 19.45 -109.81
CA VAL JA 195 10.77 18.23 -110.59
C VAL JA 195 11.23 17.06 -109.74
N ASN JA 196 10.43 16.00 -109.69
CA ASN JA 196 10.77 14.83 -108.88
C ASN JA 196 10.68 13.51 -109.64
N ILE JA 197 10.37 13.53 -110.93
CA ILE JA 197 10.47 12.35 -111.79
C ILE JA 197 11.18 12.76 -113.07
N ILE JA 198 12.13 11.93 -113.51
CA ILE JA 198 12.91 12.23 -114.70
C ILE JA 198 12.64 11.17 -115.76
N VAL JA 199 11.39 10.71 -115.83
CA VAL JA 199 11.01 9.66 -116.77
C VAL JA 199 11.45 9.99 -118.19
N PHE JA 200 12.23 9.09 -118.77
CA PHE JA 200 12.77 9.19 -120.12
C PHE JA 200 12.08 8.19 -121.03
N ASP JA 201 12.18 8.45 -122.32
CA ASP JA 201 12.05 7.38 -123.29
C ASP JA 201 13.35 6.58 -123.36
N PRO JA 202 13.30 5.30 -123.80
CA PRO JA 202 14.41 4.37 -123.57
C PRO JA 202 15.79 4.86 -124.00
N LYS JA 203 15.97 5.21 -125.28
CA LYS JA 203 17.30 5.64 -125.71
C LYS JA 203 17.66 7.01 -125.14
N GLY JA 204 16.66 7.83 -124.80
CA GLY JA 204 16.94 9.06 -124.07
C GLY JA 204 17.61 8.78 -122.74
N TRP JA 205 17.05 7.85 -121.96
CA TRP JA 205 17.72 7.44 -120.73
C TRP JA 205 19.04 6.75 -121.01
N ALA JA 206 19.16 6.10 -122.17
CA ALA JA 206 20.40 5.44 -122.52
C ALA JA 206 21.54 6.45 -122.64
N LEU JA 207 21.35 7.51 -123.42
CA LEU JA 207 22.44 8.48 -123.52
C LEU JA 207 22.53 9.36 -122.27
N PHE JA 208 21.45 9.46 -121.48
CA PHE JA 208 21.56 10.11 -120.18
C PHE JA 208 22.52 9.36 -119.28
N ARG JA 209 22.34 8.03 -119.16
CA ARG JA 209 23.17 7.21 -118.28
C ARG JA 209 24.52 6.89 -118.89
N SER JA 210 24.71 7.12 -120.19
CA SER JA 210 26.02 6.90 -120.79
C SER JA 210 27.11 7.70 -120.08
N PHE JA 211 26.77 8.85 -119.52
CA PHE JA 211 27.72 9.61 -118.72
C PHE JA 211 28.00 8.87 -117.41
N LYS JA 212 29.28 8.74 -117.07
CA LYS JA 212 29.64 8.05 -115.84
C LYS JA 212 29.07 8.76 -114.63
N ALA JA 213 29.28 10.08 -114.53
CA ALA JA 213 28.78 10.86 -113.42
C ALA JA 213 27.34 10.47 -113.08
N VAL JA 214 26.53 10.22 -114.10
CA VAL JA 214 25.16 9.73 -113.87
C VAL JA 214 25.21 8.39 -113.15
N LYS JA 215 26.06 7.47 -113.59
CA LYS JA 215 25.97 6.10 -113.10
C LYS JA 215 26.55 5.95 -111.70
N GLU JA 216 27.55 6.74 -111.32
CA GLU JA 216 27.95 6.75 -109.91
C GLU JA 216 27.27 7.84 -109.10
N LYS JA 217 26.37 8.63 -109.69
CA LYS JA 217 25.52 9.53 -108.93
C LYS JA 217 24.17 8.92 -108.61
N LEU JA 218 23.71 7.98 -109.41
CA LEU JA 218 22.39 7.39 -109.20
C LEU JA 218 22.48 6.30 -108.14
N ASP JA 219 21.40 6.15 -107.38
CA ASP JA 219 21.27 5.10 -106.37
C ASP JA 219 20.31 4.04 -106.92
N THR JA 220 20.85 2.85 -107.16
CA THR JA 220 20.03 1.74 -107.62
C THR JA 220 19.09 1.23 -106.54
N ARG JA 221 19.31 1.62 -105.29
CA ARG JA 221 18.56 1.05 -104.18
C ARG JA 221 17.11 1.49 -104.23
N ARG JA 222 16.26 0.77 -103.49
CA ARG JA 222 14.86 1.14 -103.37
C ARG JA 222 14.75 2.54 -102.77
N GLY JA 223 15.18 2.68 -101.51
CA GLY JA 223 15.02 3.92 -100.77
C GLY JA 223 13.63 4.48 -101.00
N SER JA 224 12.61 3.69 -100.65
CA SER JA 224 11.26 3.93 -101.15
C SER JA 224 10.79 5.33 -100.77
N ASN JA 225 10.69 6.20 -101.78
CA ASN JA 225 10.35 7.59 -101.56
C ASN JA 225 8.85 7.81 -101.40
N SER JA 226 8.04 7.23 -102.27
CA SER JA 226 6.62 7.53 -102.31
C SER JA 226 5.89 6.30 -102.81
N GLU JA 227 4.65 6.50 -103.25
CA GLU JA 227 3.83 5.45 -103.83
C GLU JA 227 4.17 5.17 -105.28
N LEU JA 228 5.23 5.79 -105.81
CA LEU JA 228 5.60 5.53 -107.21
C LEU JA 228 6.11 4.10 -107.36
N GLU JA 229 6.79 3.55 -106.35
CA GLU JA 229 7.14 2.14 -106.39
C GLU JA 229 5.91 1.26 -106.46
N THR JA 230 4.87 1.61 -105.69
CA THR JA 230 3.62 0.87 -105.76
C THR JA 230 2.98 0.98 -107.13
N ALA JA 231 3.06 2.17 -107.74
CA ALA JA 231 2.52 2.36 -109.08
C ALA JA 231 3.27 1.51 -110.09
N VAL JA 232 4.59 1.41 -109.97
CA VAL JA 232 5.37 0.57 -110.87
C VAL JA 232 5.03 -0.89 -110.67
N LYS JA 233 4.90 -1.33 -109.41
CA LYS JA 233 4.50 -2.70 -109.14
C LYS JA 233 3.14 -3.01 -109.75
N ASP JA 234 2.21 -2.06 -109.69
CA ASP JA 234 0.93 -2.23 -110.34
C ASP JA 234 1.10 -2.35 -111.86
N LEU JA 235 1.64 -1.31 -112.48
CA LEU JA 235 1.85 -1.29 -113.92
C LEU JA 235 3.30 -1.65 -114.27
N GLY JA 236 3.66 -2.89 -113.94
CA GLY JA 236 4.94 -3.42 -114.37
C GLY JA 236 5.10 -3.63 -115.86
N LYS JA 237 4.21 -3.05 -116.67
CA LYS JA 237 4.26 -3.29 -118.11
C LYS JA 237 5.25 -2.35 -118.80
N ALA JA 238 5.02 -1.04 -118.72
CA ALA JA 238 5.74 -0.11 -119.56
C ALA JA 238 6.40 1.04 -118.80
N VAL JA 239 6.10 1.20 -117.52
CA VAL JA 239 6.83 2.15 -116.67
C VAL JA 239 7.87 1.37 -115.90
N SER JA 240 9.12 1.82 -115.96
CA SER JA 240 10.24 1.13 -115.37
C SER JA 240 10.98 2.06 -114.42
N TYR JA 241 10.88 1.74 -113.14
CA TYR JA 241 11.53 2.50 -112.07
C TYR JA 241 13.01 2.16 -112.08
N LYS JA 242 13.80 2.95 -112.80
CA LYS JA 242 15.24 2.67 -112.88
C LYS JA 242 15.88 2.72 -111.49
N GLY JA 243 15.52 3.73 -110.70
CA GLY JA 243 16.06 3.84 -109.36
C GLY JA 243 16.12 5.30 -108.94
N MET JA 244 16.94 5.56 -107.92
CA MET JA 244 17.22 6.90 -107.45
C MET JA 244 18.42 7.47 -108.17
N TYR JA 245 18.31 8.72 -108.60
CA TYR JA 245 19.47 9.52 -109.01
C TYR JA 245 19.96 10.35 -107.84
N GLY JA 246 19.69 9.86 -106.62
CA GLY JA 246 19.90 10.62 -105.42
C GLY JA 246 18.66 11.42 -105.04
N ASP JA 247 18.68 12.71 -105.32
CA ASP JA 247 17.56 13.58 -105.04
C ASP JA 247 16.29 13.20 -105.80
N VAL JA 248 16.40 12.82 -107.07
CA VAL JA 248 15.25 12.69 -107.95
C VAL JA 248 15.07 11.25 -108.37
N ALA JA 249 13.84 10.89 -108.72
CA ALA JA 249 13.52 9.54 -109.19
C ALA JA 249 13.75 9.42 -110.69
N ILE JA 250 14.29 8.28 -111.11
CA ILE JA 250 14.57 8.01 -112.51
C ILE JA 250 13.61 6.92 -112.97
N VAL JA 251 12.81 7.24 -113.99
CA VAL JA 251 11.84 6.32 -114.55
C VAL JA 251 12.03 6.31 -116.07
N VAL JA 252 11.58 5.25 -116.71
CA VAL JA 252 11.56 5.15 -118.16
C VAL JA 252 10.20 4.62 -118.61
N TYR JA 253 9.55 5.33 -119.52
CA TYR JA 253 8.31 4.86 -120.12
C TYR JA 253 8.60 4.35 -121.52
N SER JA 254 8.22 3.10 -121.77
CA SER JA 254 8.36 2.48 -123.09
C SER JA 254 7.02 1.92 -123.55
N GLY JA 255 5.94 2.64 -123.26
CA GLY JA 255 4.63 2.20 -123.69
C GLY JA 255 4.48 2.28 -125.20
N GLN JA 256 3.63 1.42 -125.74
CA GLN JA 256 3.46 1.31 -127.19
C GLN JA 256 1.98 1.26 -127.53
N TYR JA 257 1.61 1.93 -128.62
CA TYR JA 257 0.25 1.83 -129.16
C TYR JA 257 0.29 1.03 -130.44
N VAL JA 258 -0.72 0.18 -130.63
CA VAL JA 258 -0.79 -0.73 -131.76
C VAL JA 258 -1.83 -0.15 -132.71
N GLU JA 259 -1.36 0.58 -133.73
CA GLU JA 259 -2.26 1.31 -134.60
C GLU JA 259 -2.84 0.38 -135.67
N ASN JA 260 -3.44 0.98 -136.69
CA ASN JA 260 -4.33 0.25 -137.61
C ASN JA 260 -3.66 -0.98 -138.22
N GLY JA 261 -2.39 -0.88 -138.57
CA GLY JA 261 -1.73 -2.01 -139.18
C GLY JA 261 -0.39 -2.35 -138.55
N VAL JA 262 0.12 -1.46 -137.71
CA VAL JA 262 1.45 -1.58 -137.15
C VAL JA 262 1.40 -1.12 -135.70
N LYS JA 263 2.51 -1.32 -134.98
CA LYS JA 263 2.66 -0.86 -133.61
C LYS JA 263 3.89 0.03 -133.50
N LYS JA 264 3.83 0.99 -132.58
CA LYS JA 264 4.98 1.85 -132.34
C LYS JA 264 4.82 2.52 -130.98
N ASN JA 265 5.94 2.95 -130.40
CA ASN JA 265 5.93 3.52 -129.06
C ASN JA 265 5.14 4.83 -129.01
N PHE JA 266 4.52 5.07 -127.86
CA PHE JA 266 3.89 6.36 -127.60
C PHE JA 266 4.90 7.50 -127.70
N LEU JA 267 6.05 7.33 -127.08
CA LEU JA 267 7.12 8.31 -126.93
C LEU JA 267 7.87 8.51 -128.23
N PRO JA 268 8.23 9.76 -128.51
CA PRO JA 268 9.15 10.04 -129.63
C PRO JA 268 10.55 9.53 -129.34
N ASP JA 269 11.49 9.86 -130.23
CA ASP JA 269 12.83 9.27 -130.16
C ASP JA 269 13.54 9.62 -128.86
N ASN JA 270 13.63 10.91 -128.53
CA ASN JA 270 14.41 11.37 -127.38
C ASN JA 270 13.74 12.64 -126.85
N THR JA 271 12.90 12.49 -125.84
CA THR JA 271 12.17 13.62 -125.28
C THR JA 271 12.08 13.52 -123.77
N MET JA 272 11.79 14.67 -123.16
CA MET JA 272 11.73 14.83 -121.71
C MET JA 272 10.72 15.91 -121.36
N VAL JA 273 10.03 15.71 -120.23
CA VAL JA 273 9.22 16.74 -119.60
C VAL JA 273 9.60 16.83 -118.13
N LEU JA 274 10.02 18.02 -117.73
CA LEU JA 274 10.44 18.30 -116.36
C LEU JA 274 9.30 18.98 -115.63
N GLY JA 275 8.82 18.38 -114.56
CA GLY JA 275 7.74 18.93 -113.78
C GLY JA 275 7.46 18.10 -112.55
N ASN JA 276 6.38 18.45 -111.86
CA ASN JA 276 6.00 17.80 -110.61
C ASN JA 276 5.11 16.59 -110.88
N THR JA 277 5.01 15.73 -109.87
CA THR JA 277 4.04 14.64 -109.85
C THR JA 277 2.64 15.10 -109.46
N GLN JA 278 2.51 16.30 -108.91
CA GLN JA 278 1.21 16.83 -108.51
C GLN JA 278 0.74 17.98 -109.40
N ALA JA 279 1.15 18.00 -110.67
CA ALA JA 279 0.64 19.00 -111.59
C ALA JA 279 -0.86 18.79 -111.80
N ARG JA 280 -1.56 19.89 -112.07
CA ARG JA 280 -3.02 19.86 -112.11
C ARG JA 280 -3.47 19.50 -113.52
N GLY JA 281 -4.20 18.41 -113.65
CA GLY JA 281 -4.68 17.98 -114.95
C GLY JA 281 -6.19 17.90 -115.05
N LEU JA 282 -6.76 18.60 -116.02
CA LEU JA 282 -8.20 18.66 -116.18
C LEU JA 282 -8.67 17.55 -117.12
N ARG JA 283 -9.79 16.94 -116.78
CA ARG JA 283 -10.45 15.90 -117.55
C ARG JA 283 -11.86 16.35 -117.91
N THR JA 284 -11.97 17.54 -118.50
CA THR JA 284 -13.27 18.01 -118.94
C THR JA 284 -13.89 17.01 -119.92
N TYR JA 285 -15.19 16.77 -119.75
CA TYR JA 285 -15.90 15.76 -120.53
C TYR JA 285 -17.15 16.43 -121.09
N GLY JA 286 -17.41 16.20 -122.37
CA GLY JA 286 -18.52 16.83 -123.04
C GLY JA 286 -19.82 16.06 -122.87
N CYS JA 287 -20.81 16.47 -123.66
CA CYS JA 287 -22.09 15.78 -123.68
C CYS JA 287 -21.95 14.37 -124.23
N ILE JA 288 -22.83 13.48 -123.78
CA ILE JA 288 -22.90 12.13 -124.32
C ILE JA 288 -24.15 12.03 -125.17
N GLN JA 289 -23.97 11.87 -126.48
CA GLN JA 289 -25.08 11.90 -127.44
C GLN JA 289 -25.70 10.50 -127.55
N ASP JA 290 -26.49 10.16 -126.53
CA ASP JA 290 -27.23 8.92 -126.52
C ASP JA 290 -28.56 9.14 -125.82
N ALA JA 291 -29.66 8.87 -126.53
CA ALA JA 291 -30.98 9.15 -125.99
C ALA JA 291 -31.15 8.51 -124.61
N ASP JA 292 -30.60 7.30 -124.44
CA ASP JA 292 -30.59 6.67 -123.13
C ASP JA 292 -29.89 7.55 -122.09
N ALA JA 293 -28.72 8.06 -122.46
CA ALA JA 293 -27.94 8.88 -121.53
C ALA JA 293 -28.70 10.14 -121.16
N GLN JA 294 -29.35 10.79 -122.13
CA GLN JA 294 -30.08 12.01 -121.75
C GLN JA 294 -31.29 11.70 -120.88
N ARG JA 295 -32.07 10.67 -121.19
CA ARG JA 295 -33.32 10.60 -120.42
C ARG JA 295 -33.09 9.91 -119.09
N GLU JA 296 -31.87 9.35 -118.87
CA GLU JA 296 -31.53 8.90 -117.52
C GLU JA 296 -30.45 9.76 -116.87
N GLY JA 297 -30.06 10.87 -117.46
CA GLY JA 297 -29.17 11.82 -116.81
C GLY JA 297 -27.69 11.49 -116.84
N ILE JA 298 -27.24 10.76 -117.86
CA ILE JA 298 -25.83 10.43 -117.99
C ILE JA 298 -25.23 11.34 -119.06
N ASN JA 299 -25.86 12.51 -119.25
CA ASN JA 299 -25.28 13.53 -120.11
C ASN JA 299 -23.99 14.10 -119.52
N ALA JA 300 -23.82 14.02 -118.21
CA ALA JA 300 -22.64 14.52 -117.52
C ALA JA 300 -22.01 13.35 -116.77
N SER JA 301 -21.09 12.66 -117.42
CA SER JA 301 -20.45 11.49 -116.81
C SER JA 301 -19.13 11.21 -117.51
N ALA JA 302 -18.50 10.11 -117.10
CA ALA JA 302 -17.27 9.70 -117.76
C ALA JA 302 -17.55 8.88 -119.01
N ARG JA 303 -18.13 7.70 -118.84
CA ARG JA 303 -18.28 6.72 -119.91
C ARG JA 303 -19.71 6.22 -119.94
N TYR JA 304 -20.10 5.62 -121.07
CA TYR JA 304 -21.41 5.00 -121.15
C TYR JA 304 -21.36 3.74 -122.01
N PRO JA 305 -21.61 2.57 -121.42
CA PRO JA 305 -21.74 1.34 -122.22
C PRO JA 305 -23.19 1.02 -122.55
N LYS JA 306 -23.41 0.17 -123.54
CA LYS JA 306 -24.73 -0.43 -123.73
C LYS JA 306 -24.60 -1.67 -124.62
N ASN JA 307 -25.52 -2.61 -124.41
CA ASN JA 307 -25.68 -3.77 -125.26
C ASN JA 307 -27.07 -3.71 -125.88
N TRP JA 308 -27.15 -3.90 -127.20
CA TRP JA 308 -28.35 -3.49 -127.91
C TRP JA 308 -28.46 -4.21 -129.26
N VAL JA 309 -29.70 -4.50 -129.63
CA VAL JA 309 -30.02 -5.30 -130.81
C VAL JA 309 -30.55 -4.39 -131.91
N THR JA 310 -30.05 -4.59 -133.13
CA THR JA 310 -30.59 -3.94 -134.31
C THR JA 310 -31.53 -4.89 -135.03
N THR JA 311 -32.74 -4.42 -135.29
CA THR JA 311 -33.76 -5.16 -136.03
C THR JA 311 -33.88 -4.59 -137.42
N GLY JA 312 -33.78 -5.46 -138.42
CA GLY JA 312 -33.91 -5.04 -139.80
C GLY JA 312 -32.76 -5.46 -140.69
N ASP JA 313 -32.18 -4.50 -141.42
CA ASP JA 313 -31.05 -4.84 -142.30
C ASP JA 313 -29.85 -5.37 -141.52
N PRO JA 314 -29.27 -4.62 -140.58
CA PRO JA 314 -28.18 -5.21 -139.76
C PRO JA 314 -28.72 -5.88 -138.51
N ALA JA 315 -29.63 -6.85 -138.70
CA ALA JA 315 -30.33 -7.45 -137.58
C ALA JA 315 -29.33 -8.27 -136.78
N ARG JA 316 -28.73 -7.63 -135.78
CA ARG JA 316 -27.61 -8.20 -135.04
C ARG JA 316 -27.68 -7.64 -133.62
N GLU JA 317 -26.58 -7.76 -132.89
CA GLU JA 317 -26.51 -7.20 -131.55
C GLU JA 317 -25.08 -6.77 -131.23
N PHE JA 318 -24.94 -5.59 -130.63
CA PHE JA 318 -23.68 -4.89 -130.51
C PHE JA 318 -23.48 -4.37 -129.10
N THR JA 319 -22.21 -4.09 -128.79
CA THR JA 319 -21.83 -3.36 -127.59
C THR JA 319 -21.27 -2.01 -128.01
N MET JA 320 -21.81 -0.94 -127.43
CA MET JA 320 -21.54 0.43 -127.84
C MET JA 320 -20.95 1.16 -126.64
N ILE JA 321 -19.83 1.86 -126.85
CA ILE JA 321 -19.18 2.62 -125.78
C ILE JA 321 -19.08 4.06 -126.22
N GLN JA 322 -19.50 4.99 -125.35
CA GLN JA 322 -19.51 6.40 -125.68
C GLN JA 322 -18.83 7.22 -124.60
N SER JA 323 -18.06 8.21 -125.03
CA SER JA 323 -17.31 9.08 -124.12
C SER JA 323 -17.05 10.39 -124.85
N ALA JA 324 -16.51 11.37 -124.11
CA ALA JA 324 -16.14 12.67 -124.69
C ALA JA 324 -15.10 13.35 -123.82
N PRO JA 325 -13.86 12.88 -123.84
CA PRO JA 325 -12.80 13.54 -123.06
C PRO JA 325 -12.12 14.65 -123.82
N LEU JA 326 -11.71 15.68 -123.08
CA LEU JA 326 -10.88 16.76 -123.61
C LEU JA 326 -9.84 17.15 -122.56
N MET JA 327 -9.27 16.13 -121.92
CA MET JA 327 -8.23 16.30 -120.92
C MET JA 327 -7.09 17.18 -121.40
N LEU JA 328 -6.69 18.11 -120.53
CA LEU JA 328 -5.61 19.06 -120.76
C LEU JA 328 -4.84 19.24 -119.46
N LEU JA 329 -3.85 20.12 -119.48
CA LEU JA 329 -3.08 20.49 -118.30
C LEU JA 329 -3.40 21.92 -117.91
N ALA JA 330 -3.61 22.15 -116.61
CA ALA JA 330 -3.93 23.49 -116.14
C ALA JA 330 -2.76 24.45 -116.36
N ASP JA 331 -1.55 24.01 -116.03
CA ASP JA 331 -0.36 24.83 -116.19
C ASP JA 331 0.57 24.20 -117.22
N PRO JA 332 0.51 24.62 -118.48
CA PRO JA 332 1.47 24.11 -119.46
C PRO JA 332 2.91 24.49 -119.13
N ASP JA 333 3.11 25.60 -118.43
CA ASP JA 333 4.44 26.02 -117.99
C ASP JA 333 5.00 25.14 -116.90
N GLU JA 334 4.17 24.27 -116.31
CA GLU JA 334 4.65 23.38 -115.25
C GLU JA 334 5.71 22.41 -115.75
N PHE JA 335 5.65 22.00 -117.00
CA PHE JA 335 6.61 21.06 -117.56
C PHE JA 335 7.43 21.72 -118.67
N VAL JA 336 8.74 21.54 -118.58
CA VAL JA 336 9.67 21.93 -119.63
C VAL JA 336 9.87 20.73 -120.54
N SER JA 337 9.55 20.91 -121.82
CA SER JA 337 9.63 19.84 -122.81
C SER JA 337 10.90 20.01 -123.63
N VAL JA 338 11.79 19.03 -123.56
CA VAL JA 338 13.10 19.08 -124.19
C VAL JA 338 13.26 17.90 -125.11
N GLN JA 339 13.68 18.15 -126.34
CA GLN JA 339 14.14 17.08 -127.21
C GLN JA 339 15.64 16.92 -127.00
N LEU JA 340 16.08 15.67 -126.88
CA LEU JA 340 17.42 15.35 -126.43
C LEU JA 340 18.38 15.19 -127.60
N ALA JA 341 19.64 14.98 -127.28
CA ALA JA 341 20.68 14.77 -128.27
C ALA JA 341 20.44 13.48 -129.06
N ALA KA 7 -54.15 85.44 5.39
CA ALA KA 7 -53.13 84.44 5.69
C ALA KA 7 -53.12 83.34 4.64
N GLN KA 8 -52.12 83.37 3.76
CA GLN KA 8 -51.94 82.38 2.73
C GLN KA 8 -50.65 81.60 2.97
N LEU KA 9 -50.56 80.43 2.36
CA LEU KA 9 -49.53 79.45 2.68
C LEU KA 9 -48.14 79.97 2.31
N LEU KA 10 -47.13 79.23 2.79
CA LEU KA 10 -45.74 79.57 2.51
C LEU KA 10 -45.41 79.47 1.03
N ALA KA 11 -45.98 78.48 0.33
CA ALA KA 11 -45.63 78.23 -1.07
C ALA KA 11 -46.03 79.37 -2.00
N ALA KA 12 -46.88 80.31 -1.54
CA ALA KA 12 -47.25 81.47 -2.34
C ALA KA 12 -46.14 82.53 -2.28
N ASN KA 13 -44.95 82.13 -2.70
CA ASN KA 13 -43.76 82.96 -2.67
C ASN KA 13 -42.97 82.80 -3.98
N GLU KA 14 -43.68 82.84 -5.10
CA GLU KA 14 -43.08 82.61 -6.41
C GLU KA 14 -42.80 83.95 -7.08
N GLN KA 15 -41.53 84.22 -7.35
CA GLN KA 15 -41.12 85.42 -8.07
C GLN KA 15 -40.46 85.11 -9.40
N LYS KA 16 -39.41 84.29 -9.40
CA LYS KA 16 -38.50 84.12 -10.53
C LYS KA 16 -37.93 85.46 -11.00
N PHE KA 17 -37.76 86.38 -10.05
CA PHE KA 17 -37.22 87.71 -10.31
C PHE KA 17 -36.00 87.91 -9.43
N LYS KA 18 -34.83 87.52 -9.93
CA LYS KA 18 -33.55 87.75 -9.25
C LYS KA 18 -32.73 88.66 -10.15
N PHE KA 19 -32.75 89.96 -9.85
CA PHE KA 19 -32.13 90.98 -10.68
C PHE KA 19 -31.30 91.94 -9.84
N ASP KA 20 -30.49 91.39 -8.95
CA ASP KA 20 -29.56 92.21 -8.17
C ASP KA 20 -28.47 92.79 -9.06
N PRO KA 21 -28.01 94.02 -8.81
CA PRO KA 21 -27.05 94.70 -9.72
C PRO KA 21 -25.62 94.17 -9.66
N LEU KA 22 -25.45 92.94 -10.14
CA LEU KA 22 -24.16 92.37 -10.47
C LEU KA 22 -23.20 92.24 -9.29
N PHE KA 23 -23.66 92.51 -8.07
CA PHE KA 23 -22.82 92.36 -6.90
C PHE KA 23 -23.06 91.07 -6.14
N LEU KA 24 -24.27 90.84 -5.67
CA LEU KA 24 -24.60 89.63 -4.94
C LEU KA 24 -24.72 88.41 -5.85
N ARG KA 25 -24.76 88.63 -7.17
CA ARG KA 25 -24.89 87.56 -8.15
C ARG KA 25 -23.59 87.23 -8.87
N LEU KA 26 -22.60 88.11 -8.83
CA LEU KA 26 -21.37 87.96 -9.59
C LEU KA 26 -20.12 87.97 -8.73
N PHE KA 27 -20.02 88.83 -7.73
CA PHE KA 27 -18.88 88.79 -6.82
C PHE KA 27 -19.19 88.02 -5.54
N PHE KA 28 -20.45 87.98 -5.11
CA PHE KA 28 -20.81 87.47 -3.79
C PHE KA 28 -21.76 86.28 -3.89
N ARG KA 29 -21.41 85.31 -4.72
CA ARG KA 29 -22.22 84.12 -4.91
C ARG KA 29 -22.13 83.15 -3.72
N GLU KA 30 -21.22 83.39 -2.78
CA GLU KA 30 -20.72 82.37 -1.87
C GLU KA 30 -21.59 82.32 -0.61
N SER KA 31 -22.83 81.85 -0.76
CA SER KA 31 -23.83 81.91 0.30
C SER KA 31 -23.55 80.89 1.41
N TYR KA 32 -23.68 81.33 2.66
CA TYR KA 32 -23.52 80.43 3.81
C TYR KA 32 -24.60 80.70 4.85
N PRO KA 33 -25.83 80.28 4.61
CA PRO KA 33 -26.82 80.31 5.69
C PRO KA 33 -26.53 79.26 6.76
N PHE KA 34 -26.65 79.68 8.02
CA PHE KA 34 -26.27 78.89 9.18
C PHE KA 34 -27.48 78.58 10.04
N THR KA 35 -27.34 77.54 10.86
CA THR KA 35 -28.27 77.23 11.92
C THR KA 35 -27.91 77.97 13.20
N THR KA 36 -26.88 78.81 13.14
CA THR KA 36 -26.35 79.51 14.30
C THR KA 36 -26.41 81.01 14.05
N GLU KA 37 -26.47 81.76 15.15
CA GLU KA 37 -26.75 83.20 15.09
C GLU KA 37 -25.71 83.94 14.26
N LYS KA 38 -24.47 83.94 14.72
CA LYS KA 38 -23.42 84.79 14.17
C LYS KA 38 -22.80 84.15 12.93
N VAL KA 39 -21.83 84.86 12.36
CA VAL KA 39 -20.94 84.31 11.34
C VAL KA 39 -19.68 83.84 12.04
N TYR KA 40 -19.24 82.63 11.70
CA TYR KA 40 -18.06 82.03 12.30
C TYR KA 40 -17.07 81.75 11.18
N LEU KA 41 -16.26 82.76 10.85
CA LEU KA 41 -15.34 82.65 9.73
C LEU KA 41 -14.38 81.48 9.91
N SER KA 42 -14.09 81.10 11.16
CA SER KA 42 -13.34 79.88 11.39
C SER KA 42 -14.10 78.65 10.91
N GLN KA 43 -15.43 78.67 11.02
CA GLN KA 43 -16.25 77.56 10.53
C GLN KA 43 -16.23 77.48 9.00
N ILE KA 44 -16.34 78.61 8.32
CA ILE KA 44 -16.26 78.60 6.84
C ILE KA 44 -14.88 78.11 6.43
N PRO KA 45 -14.78 77.14 5.51
CA PRO KA 45 -13.45 76.75 5.02
C PRO KA 45 -12.75 77.87 4.30
N GLY KA 46 -13.50 78.69 3.58
CA GLY KA 46 -12.92 79.74 2.76
C GLY KA 46 -11.92 79.17 1.79
N LEU KA 47 -10.75 79.81 1.74
CA LEU KA 47 -9.61 79.22 1.05
C LEU KA 47 -9.01 78.11 1.90
N VAL KA 48 -8.73 76.98 1.25
CA VAL KA 48 -8.21 75.79 1.92
C VAL KA 48 -6.69 75.81 1.85
N ASN KA 49 -6.04 75.36 2.92
CA ASN KA 49 -4.60 75.14 2.90
C ASN KA 49 -4.29 74.14 1.81
N MET KA 50 -3.60 74.60 0.75
CA MET KA 50 -3.73 73.98 -0.56
C MET KA 50 -2.38 73.87 -1.28
N ALA KA 51 -1.36 73.33 -0.62
CA ALA KA 51 -0.09 73.11 -1.31
C ALA KA 51 0.58 71.78 -0.98
N LEU KA 52 0.67 71.45 0.30
CA LEU KA 52 1.61 70.43 0.78
C LEU KA 52 1.15 69.03 0.40
N TYR KA 53 2.11 68.18 0.03
CA TYR KA 53 1.88 66.76 -0.14
C TYR KA 53 2.67 65.99 0.92
N VAL KA 54 2.68 64.66 0.79
CA VAL KA 54 3.36 63.81 1.75
C VAL KA 54 4.32 62.88 1.01
N SER KA 55 5.29 62.34 1.75
CA SER KA 55 6.33 61.51 1.18
C SER KA 55 5.75 60.22 0.61
N PRO KA 56 6.41 59.62 -0.39
CA PRO KA 56 5.91 58.37 -0.96
C PRO KA 56 6.16 57.14 -0.10
N ILE KA 57 5.88 57.24 1.21
CA ILE KA 57 5.92 56.09 2.09
C ILE KA 57 4.60 55.98 2.85
N VAL KA 58 4.20 57.05 3.54
CA VAL KA 58 2.94 57.12 4.25
C VAL KA 58 2.35 58.51 4.02
N SER KA 59 1.20 58.76 4.65
CA SER KA 59 0.56 60.06 4.53
C SER KA 59 0.56 60.78 5.88
N GLY KA 60 0.27 62.08 5.83
CA GLY KA 60 0.45 62.94 6.98
C GLY KA 60 -0.81 63.10 7.81
N GLU KA 61 -0.89 64.27 8.46
CA GLU KA 61 -1.92 64.54 9.46
C GLU KA 61 -3.24 64.89 8.79
N VAL KA 62 -4.21 65.27 9.61
CA VAL KA 62 -5.55 65.62 9.14
C VAL KA 62 -5.60 67.12 8.92
N ILE KA 63 -6.15 67.55 7.80
CA ILE KA 63 -6.28 68.97 7.45
C ILE KA 63 -7.70 69.41 7.74
N ARG KA 64 -7.83 70.57 8.37
CA ARG KA 64 -9.09 71.12 8.85
C ARG KA 64 -9.45 72.37 8.08
N SER KA 65 -10.57 72.99 8.46
CA SER KA 65 -10.84 74.38 8.12
C SER KA 65 -9.91 75.24 8.94
N ARG KA 66 -9.08 76.05 8.28
CA ARG KA 66 -7.87 76.59 8.89
C ARG KA 66 -8.16 77.78 9.79
N GLY KA 67 -9.09 77.56 10.72
CA GLY KA 67 -9.27 78.42 11.89
C GLY KA 67 -9.18 79.91 11.68
N GLY KA 68 -10.18 80.50 11.03
CA GLY KA 68 -10.22 81.94 10.83
C GLY KA 68 -10.03 82.71 12.11
N SER KA 69 -9.19 83.75 12.08
CA SER KA 69 -8.82 84.46 13.29
C SER KA 69 -10.02 85.11 13.95
N THR KA 70 -10.83 85.84 13.18
CA THR KA 70 -12.03 86.48 13.68
C THR KA 70 -13.25 85.75 13.14
N SER KA 71 -14.08 85.24 14.04
CA SER KA 71 -15.24 84.45 13.66
C SER KA 71 -16.50 84.85 14.43
N GLU KA 72 -16.75 86.15 14.62
CA GLU KA 72 -17.88 86.61 15.42
C GLU KA 72 -18.32 87.98 14.93
N PHE KA 73 -19.35 88.02 14.09
CA PHE KA 73 -20.02 89.25 13.72
C PHE KA 73 -21.52 89.00 13.68
N THR KA 74 -22.29 90.07 13.83
CA THR KA 74 -23.74 89.98 13.95
C THR KA 74 -24.38 90.15 12.57
N PRO KA 75 -25.06 89.12 12.04
CA PRO KA 75 -25.77 89.30 10.78
C PRO KA 75 -26.90 90.32 10.91
N GLY KA 76 -27.21 90.99 9.80
CA GLY KA 76 -28.27 91.97 9.76
C GLY KA 76 -29.63 91.31 9.71
N TYR KA 77 -30.10 90.78 10.83
CA TYR KA 77 -31.41 90.15 10.84
C TYR KA 77 -32.47 91.20 10.58
N VAL KA 78 -32.96 91.20 9.35
CA VAL KA 78 -33.94 92.16 8.86
C VAL KA 78 -35.27 91.45 8.72
N LYS KA 79 -36.25 91.86 9.52
CA LYS KA 79 -37.56 91.31 9.28
C LYS KA 79 -38.60 92.41 9.16
N PRO KA 80 -38.83 92.95 7.96
CA PRO KA 80 -39.92 93.92 7.79
C PRO KA 80 -41.24 93.24 7.46
N LYS KA 81 -42.29 94.05 7.35
CA LYS KA 81 -43.60 93.53 7.00
C LYS KA 81 -44.40 94.63 6.33
N HIS KA 82 -45.57 94.24 5.82
CA HIS KA 82 -46.53 95.22 5.34
C HIS KA 82 -47.93 94.64 5.49
N GLU KA 83 -48.91 95.49 5.21
CA GLU KA 83 -50.29 95.05 5.10
C GLU KA 83 -50.66 94.87 3.64
N VAL KA 84 -51.58 93.95 3.40
CA VAL KA 84 -52.12 93.70 2.07
C VAL KA 84 -53.63 93.86 2.14
N ASN KA 85 -54.09 94.80 2.97
CA ASN KA 85 -55.50 95.03 3.21
C ASN KA 85 -56.25 95.28 1.91
N PRO KA 86 -57.28 94.48 1.60
CA PRO KA 86 -58.00 94.66 0.33
C PRO KA 86 -58.87 95.91 0.30
N GLN KA 87 -58.26 97.06 0.51
CA GLN KA 87 -58.95 98.34 0.36
C GLN KA 87 -58.41 99.18 -0.79
N MET KA 88 -57.29 98.79 -1.41
CA MET KA 88 -56.73 99.56 -2.50
C MET KA 88 -57.21 99.06 -3.85
N THR KA 89 -57.25 99.97 -4.83
CA THR KA 89 -57.08 99.56 -6.20
C THR KA 89 -55.59 99.37 -6.50
N LEU KA 90 -55.29 98.27 -7.18
CA LEU KA 90 -53.93 97.76 -7.27
C LEU KA 90 -53.26 98.16 -8.57
N ARG KA 91 -52.05 97.64 -8.78
CA ARG KA 91 -51.40 97.80 -10.08
C ARG KA 91 -52.20 97.01 -11.11
N ARG KA 92 -52.88 97.70 -12.03
CA ARG KA 92 -53.64 96.98 -13.06
C ARG KA 92 -52.81 96.89 -14.33
N LEU KA 93 -52.15 95.76 -14.51
CA LEU KA 93 -51.58 95.42 -15.80
C LEU KA 93 -52.64 95.64 -16.88
N PRO KA 94 -52.26 96.20 -18.05
CA PRO KA 94 -53.29 96.62 -19.01
C PRO KA 94 -54.32 95.56 -19.38
N ASP KA 95 -55.54 95.78 -18.90
CA ASP KA 95 -56.77 95.10 -19.36
C ASP KA 95 -56.66 93.58 -19.34
N GLU KA 96 -56.18 92.99 -18.26
CA GLU KA 96 -56.39 91.56 -18.02
C GLU KA 96 -57.54 91.35 -17.04
N ASP KA 97 -58.75 91.63 -17.54
CA ASP KA 97 -60.00 91.28 -16.88
C ASP KA 97 -60.08 91.80 -15.45
N PRO KA 98 -60.31 93.11 -15.23
CA PRO KA 98 -60.36 93.63 -13.86
C PRO KA 98 -61.45 93.00 -12.99
N GLN KA 99 -62.27 92.11 -13.55
CA GLN KA 99 -63.23 91.39 -12.73
C GLN KA 99 -62.54 90.57 -11.65
N ASN KA 100 -61.36 90.01 -11.93
CA ASN KA 100 -60.65 89.29 -10.89
C ASN KA 100 -60.04 90.23 -9.85
N LEU KA 101 -59.65 91.44 -10.24
CA LEU KA 101 -59.32 92.43 -9.22
C LEU KA 101 -60.51 92.72 -8.33
N ALA KA 102 -61.71 92.79 -8.93
CA ALA KA 102 -62.93 92.91 -8.14
C ALA KA 102 -63.09 91.77 -7.14
N ASP KA 103 -62.52 90.60 -7.44
CA ASP KA 103 -62.46 89.52 -6.46
C ASP KA 103 -61.54 89.91 -5.33
N PRO KA 104 -61.98 89.81 -4.06
CA PRO KA 104 -61.03 89.92 -2.95
C PRO KA 104 -59.94 88.85 -2.98
N ALA KA 105 -60.23 87.66 -3.51
CA ALA KA 105 -59.21 86.60 -3.54
C ALA KA 105 -58.06 86.97 -4.47
N TYR KA 106 -58.37 87.36 -5.71
CA TYR KA 106 -57.30 87.70 -6.62
C TYR KA 106 -56.59 88.99 -6.21
N ARG KA 107 -57.35 89.99 -5.74
CA ARG KA 107 -56.69 91.20 -5.29
C ARG KA 107 -55.73 90.88 -4.15
N ARG KA 108 -56.17 90.07 -3.18
CA ARG KA 108 -55.33 89.78 -2.04
C ARG KA 108 -54.10 88.97 -2.45
N ARG KA 109 -54.26 88.00 -3.35
CA ARG KA 109 -53.08 87.22 -3.72
C ARG KA 109 -52.09 88.01 -4.54
N ARG KA 110 -52.53 88.81 -5.51
CA ARG KA 110 -51.53 89.52 -6.27
C ARG KA 110 -51.01 90.73 -5.49
N ILE KA 111 -51.76 91.20 -4.49
CA ILE KA 111 -51.21 92.26 -3.64
C ILE KA 111 -50.21 91.68 -2.64
N ILE KA 112 -50.36 90.43 -2.20
CA ILE KA 112 -49.26 89.85 -1.43
C ILE KA 112 -48.08 89.62 -2.35
N MET KA 113 -48.33 89.29 -3.62
CA MET KA 113 -47.25 89.23 -4.59
C MET KA 113 -46.48 90.55 -4.64
N GLN KA 114 -47.21 91.66 -4.83
CA GLN KA 114 -46.61 92.98 -4.93
C GLN KA 114 -45.90 93.36 -3.63
N ASN KA 115 -46.56 93.13 -2.50
CA ASN KA 115 -45.97 93.45 -1.21
C ASN KA 115 -44.67 92.71 -1.01
N MET KA 116 -44.68 91.40 -1.23
CA MET KA 116 -43.48 90.62 -0.93
C MET KA 116 -42.37 90.99 -1.90
N ARG KA 117 -42.70 91.27 -3.17
CA ARG KA 117 -41.63 91.64 -4.10
C ARG KA 117 -40.99 92.96 -3.69
N ASP KA 118 -41.81 93.93 -3.28
CA ASP KA 118 -41.25 95.13 -2.65
C ASP KA 118 -40.33 94.74 -1.51
N GLU KA 119 -40.72 93.73 -0.73
CA GLU KA 119 -39.93 93.32 0.43
C GLU KA 119 -38.55 92.80 0.03
N GLU KA 120 -38.48 91.85 -0.92
CA GLU KA 120 -37.16 91.33 -1.22
C GLU KA 120 -36.33 92.35 -1.99
N LEU KA 121 -36.96 93.23 -2.75
CA LEU KA 121 -36.14 94.26 -3.40
C LEU KA 121 -35.66 95.28 -2.37
N ALA KA 122 -36.41 95.46 -1.27
CA ALA KA 122 -35.92 96.28 -0.17
C ALA KA 122 -34.69 95.65 0.47
N ILE KA 123 -34.77 94.35 0.80
CA ILE KA 123 -33.62 93.72 1.41
C ILE KA 123 -32.47 93.67 0.41
N ALA KA 124 -32.78 93.56 -0.88
CA ALA KA 124 -31.74 93.57 -1.91
C ALA KA 124 -31.05 94.92 -2.00
N GLN KA 125 -31.80 96.01 -1.91
CA GLN KA 125 -31.19 97.33 -1.98
C GLN KA 125 -30.38 97.65 -0.74
N VAL KA 126 -30.85 97.24 0.45
CA VAL KA 126 -30.02 97.42 1.63
C VAL KA 126 -28.79 96.53 1.56
N GLU KA 127 -28.92 95.35 0.95
CA GLU KA 127 -27.77 94.47 0.77
C GLU KA 127 -26.78 95.07 -0.22
N GLU KA 128 -27.28 95.78 -1.23
CA GLU KA 128 -26.40 96.46 -2.17
C GLU KA 128 -25.70 97.65 -1.52
N MET KA 129 -26.37 98.36 -0.61
CA MET KA 129 -25.64 99.36 0.17
C MET KA 129 -24.56 98.71 1.02
N GLN KA 130 -24.85 97.57 1.63
CA GLN KA 130 -23.81 96.84 2.33
C GLN KA 130 -22.65 96.47 1.41
N ALA KA 131 -22.97 96.03 0.19
CA ALA KA 131 -21.94 95.66 -0.78
C ALA KA 131 -21.09 96.85 -1.19
N VAL KA 132 -21.71 98.00 -1.41
CA VAL KA 132 -20.95 99.16 -1.84
C VAL KA 132 -20.07 99.68 -0.70
N SER KA 133 -20.57 99.66 0.55
CA SER KA 133 -19.69 99.96 1.67
C SER KA 133 -18.53 98.97 1.73
N ALA KA 134 -18.85 97.68 1.58
CA ALA KA 134 -17.86 96.63 1.69
C ALA KA 134 -16.75 96.81 0.67
N VAL KA 135 -17.06 96.68 -0.62
CA VAL KA 135 -16.07 97.04 -1.62
C VAL KA 135 -16.29 98.50 -2.02
N LEU KA 136 -16.10 99.39 -1.06
CA LEU KA 136 -15.46 100.69 -1.25
C LEU KA 136 -14.54 101.06 -0.10
N LYS KA 137 -14.72 100.50 1.10
CA LYS KA 137 -13.79 100.79 2.18
C LYS KA 137 -13.36 99.58 3.00
N GLY KA 138 -13.93 98.40 2.79
CA GLY KA 138 -13.60 97.26 3.61
C GLY KA 138 -14.30 97.25 4.96
N LYS KA 139 -14.97 98.34 5.31
CA LYS KA 139 -15.72 98.49 6.54
C LYS KA 139 -17.21 98.44 6.24
N TYR KA 140 -17.96 97.77 7.11
CA TYR KA 140 -19.41 97.78 7.02
C TYR KA 140 -19.98 98.14 8.38
N THR KA 141 -21.00 98.99 8.38
CA THR KA 141 -21.65 99.46 9.60
C THR KA 141 -22.89 98.62 9.86
N MET KA 142 -22.73 97.54 10.62
CA MET KA 142 -23.85 96.81 11.20
C MET KA 142 -24.46 97.67 12.28
N THR KA 143 -25.47 98.46 11.93
CA THR KA 143 -25.99 99.45 12.85
C THR KA 143 -27.48 99.64 12.65
N GLY KA 144 -28.11 100.15 13.70
CA GLY KA 144 -29.52 100.50 13.67
C GLY KA 144 -29.91 101.00 15.04
N GLU KA 145 -31.01 101.76 15.08
CA GLU KA 145 -31.48 102.27 16.36
C GLU KA 145 -31.91 101.10 17.24
N ALA KA 146 -31.71 101.26 18.55
CA ALA KA 146 -31.87 100.17 19.52
C ALA KA 146 -31.01 98.96 19.12
N PHE KA 147 -29.77 99.24 18.71
CA PHE KA 147 -28.81 98.22 18.33
C PHE KA 147 -27.44 98.84 18.29
N ASP KA 148 -26.45 98.16 18.87
CA ASP KA 148 -25.10 98.71 18.90
C ASP KA 148 -24.48 98.68 17.50
N PRO KA 149 -23.75 99.73 17.12
CA PRO KA 149 -23.07 99.70 15.81
C PRO KA 149 -21.79 98.87 15.87
N VAL KA 150 -21.84 97.71 15.23
CA VAL KA 150 -20.68 96.85 15.05
C VAL KA 150 -20.05 97.17 13.71
N GLU KA 151 -18.76 97.50 13.73
CA GLU KA 151 -17.99 97.64 12.50
C GLU KA 151 -17.47 96.27 12.10
N VAL KA 152 -17.90 95.79 10.94
CA VAL KA 152 -17.46 94.51 10.40
C VAL KA 152 -16.43 94.83 9.32
N ASP KA 153 -15.17 94.47 9.57
CA ASP KA 153 -14.06 94.82 8.69
C ASP KA 153 -13.53 93.56 8.04
N MET KA 154 -13.48 93.55 6.71
CA MET KA 154 -12.76 92.48 6.03
C MET KA 154 -11.25 92.65 6.15
N GLY KA 155 -10.77 93.90 6.24
CA GLY KA 155 -9.35 94.13 6.40
C GLY KA 155 -8.72 94.84 5.21
N ARG KA 156 -9.47 95.73 4.58
CA ARG KA 156 -8.95 96.46 3.43
C ARG KA 156 -7.70 97.23 3.82
N SER KA 157 -6.64 97.05 3.03
CA SER KA 157 -5.34 97.60 3.33
C SER KA 157 -5.24 99.06 2.90
N GLU KA 158 -4.16 99.71 3.32
CA GLU KA 158 -3.96 101.12 3.00
C GLU KA 158 -3.70 101.33 1.52
N GLU KA 159 -2.89 100.47 0.89
CA GLU KA 159 -2.68 100.59 -0.54
C GLU KA 159 -3.95 100.29 -1.35
N ASN KA 160 -4.96 99.70 -0.72
CA ASN KA 160 -6.28 99.56 -1.32
C ASN KA 160 -7.16 100.77 -1.07
N ASN KA 161 -6.66 101.78 -0.37
CA ASN KA 161 -7.40 102.99 -0.06
C ASN KA 161 -6.63 104.23 -0.50
N ILE KA 162 -5.64 104.05 -1.38
CA ILE KA 162 -4.88 105.19 -1.86
C ILE KA 162 -5.73 106.05 -2.79
N THR KA 163 -5.47 107.35 -2.74
CA THR KA 163 -6.38 108.36 -3.29
C THR KA 163 -5.77 109.04 -4.51
N GLN KA 164 -6.61 109.34 -5.49
CA GLN KA 164 -6.18 110.08 -6.67
C GLN KA 164 -5.86 111.53 -6.38
N SER KA 165 -6.61 112.17 -5.48
CA SER KA 165 -6.35 113.58 -5.17
C SER KA 165 -4.98 113.77 -4.54
N GLY KA 166 -4.45 112.75 -3.88
CA GLY KA 166 -3.09 112.82 -3.36
C GLY KA 166 -2.10 113.03 -4.49
N GLY KA 167 -1.24 114.02 -4.34
CA GLY KA 167 -0.28 114.35 -5.38
C GLY KA 167 -0.91 115.16 -6.50
N THR KA 168 -1.06 114.55 -7.67
CA THR KA 168 -1.62 115.22 -8.84
C THR KA 168 -2.99 114.64 -9.14
N GLU KA 169 -3.96 115.53 -9.33
CA GLU KA 169 -5.34 115.14 -9.62
C GLU KA 169 -5.55 115.07 -11.14
N TRP KA 170 -6.46 114.18 -11.55
CA TRP KA 170 -6.82 114.11 -12.96
C TRP KA 170 -7.49 115.40 -13.43
N SER KA 171 -8.28 116.04 -12.56
CA SER KA 171 -8.79 117.36 -12.87
C SER KA 171 -7.65 118.35 -13.05
N LYS KA 172 -6.63 118.25 -12.20
CA LYS KA 172 -5.43 119.08 -12.31
C LYS KA 172 -4.38 118.44 -13.21
N ARG KA 173 -4.80 118.08 -14.42
CA ARG KA 173 -3.92 117.49 -15.41
C ARG KA 173 -4.34 117.99 -16.79
N ASP KA 174 -3.54 117.66 -17.79
CA ASP KA 174 -3.86 118.01 -19.17
C ASP KA 174 -5.06 117.19 -19.64
N LYS KA 175 -6.13 117.88 -20.02
CA LYS KA 175 -7.33 117.22 -20.50
C LYS KA 175 -7.15 116.58 -21.87
N SER KA 176 -6.03 116.83 -22.55
CA SER KA 176 -5.82 116.34 -23.90
C SER KA 176 -4.72 115.29 -24.02
N THR KA 177 -3.57 115.50 -23.39
CA THR KA 177 -2.42 114.62 -23.59
C THR KA 177 -2.21 113.62 -22.47
N TYR KA 178 -2.62 113.93 -21.25
CA TYR KA 178 -2.40 113.01 -20.15
C TYR KA 178 -3.21 111.74 -20.33
N ASP KA 179 -2.59 110.60 -20.05
CA ASP KA 179 -3.24 109.30 -20.13
C ASP KA 179 -3.37 108.73 -18.72
N PRO KA 180 -4.59 108.51 -18.20
CA PRO KA 180 -4.74 107.93 -16.87
C PRO KA 180 -4.52 106.42 -16.83
N THR KA 181 -4.13 105.81 -17.95
CA THR KA 181 -3.81 104.38 -17.93
C THR KA 181 -2.66 104.10 -17.00
N ASP KA 182 -1.66 104.99 -16.96
CA ASP KA 182 -0.55 104.82 -16.04
C ASP KA 182 -1.05 104.66 -14.61
N ASP KA 183 -1.95 105.55 -14.18
CA ASP KA 183 -2.59 105.39 -12.88
C ASP KA 183 -3.40 104.11 -12.83
N ILE KA 184 -3.96 103.68 -13.96
CA ILE KA 184 -4.77 102.46 -13.96
C ILE KA 184 -3.93 101.27 -13.53
N GLU KA 185 -2.77 101.06 -14.17
CA GLU KA 185 -1.93 99.95 -13.70
C GLU KA 185 -1.29 100.26 -12.34
N ALA KA 186 -1.07 101.55 -12.04
CA ALA KA 186 -0.50 101.89 -10.74
C ALA KA 186 -1.40 101.42 -9.61
N TYR KA 187 -2.72 101.59 -9.75
CA TYR KA 187 -3.64 101.12 -8.73
C TYR KA 187 -3.98 99.64 -8.90
N ALA KA 188 -3.85 99.10 -10.11
CA ALA KA 188 -4.15 97.70 -10.34
C ALA KA 188 -3.07 96.76 -9.85
N LEU KA 189 -1.80 97.21 -9.80
CA LEU KA 189 -0.71 96.32 -9.43
C LEU KA 189 -0.86 95.80 -8.01
N ASN KA 190 -1.24 96.66 -7.07
CA ASN KA 190 -1.44 96.25 -5.69
C ASN KA 190 -2.89 95.88 -5.42
N ALA KA 191 -3.45 95.03 -6.30
CA ALA KA 191 -4.82 94.56 -6.15
C ALA KA 191 -4.91 93.05 -5.99
N SER KA 192 -3.78 92.35 -5.89
CA SER KA 192 -3.75 90.90 -5.72
C SER KA 192 -4.49 90.20 -6.86
N GLY KA 193 -4.33 90.70 -8.07
CA GLY KA 193 -4.95 90.08 -9.22
C GLY KA 193 -5.11 91.04 -10.36
N VAL KA 194 -5.77 90.54 -11.40
CA VAL KA 194 -6.04 91.29 -12.62
C VAL KA 194 -7.39 91.99 -12.50
N VAL KA 195 -7.46 93.20 -13.01
CA VAL KA 195 -8.70 93.99 -13.05
C VAL KA 195 -9.24 93.94 -14.46
N ASN KA 196 -10.52 93.62 -14.60
CA ASN KA 196 -11.15 93.53 -15.92
C ASN KA 196 -12.44 94.31 -16.04
N ILE KA 197 -12.86 95.04 -15.01
CA ILE KA 197 -13.97 95.99 -15.11
C ILE KA 197 -13.53 97.29 -14.44
N ILE KA 198 -13.83 98.42 -15.09
CA ILE KA 198 -13.41 99.71 -14.58
C ILE KA 198 -14.66 100.54 -14.28
N VAL KA 199 -15.70 99.88 -13.77
CA VAL KA 199 -16.97 100.54 -13.48
C VAL KA 199 -16.76 101.79 -12.62
N PHE KA 200 -17.23 102.92 -13.13
CA PHE KA 200 -17.16 104.21 -12.47
C PHE KA 200 -18.54 104.64 -12.00
N ASP KA 201 -18.54 105.59 -11.07
CA ASP KA 201 -19.70 106.44 -10.90
C ASP KA 201 -19.69 107.52 -11.98
N PRO KA 202 -20.87 108.10 -12.31
CA PRO KA 202 -21.01 108.88 -13.55
C PRO KA 202 -19.98 109.97 -13.77
N LYS KA 203 -19.87 110.92 -12.85
CA LYS KA 203 -18.91 112.02 -13.07
C LYS KA 203 -17.48 111.52 -12.94
N GLY KA 204 -17.25 110.44 -12.21
CA GLY KA 204 -15.93 109.82 -12.21
C GLY KA 204 -15.53 109.37 -13.60
N TRP KA 205 -16.42 108.66 -14.28
CA TRP KA 205 -16.17 108.30 -15.68
C TRP KA 205 -16.10 109.52 -16.56
N ALA KA 206 -16.83 110.58 -16.20
CA ALA KA 206 -16.80 111.81 -16.98
C ALA KA 206 -15.40 112.40 -17.02
N LEU KA 207 -14.78 112.60 -15.84
CA LEU KA 207 -13.43 113.15 -15.89
C LEU KA 207 -12.40 112.12 -16.31
N PHE KA 208 -12.71 110.83 -16.19
CA PHE KA 208 -11.84 109.82 -16.78
C PHE KA 208 -11.78 109.96 -18.29
N ARG KA 209 -12.94 110.06 -18.94
CA ARG KA 209 -13.01 110.16 -20.40
C ARG KA 209 -12.69 111.56 -20.91
N SER KA 210 -12.67 112.57 -20.03
CA SER KA 210 -12.30 113.91 -20.47
C SER KA 210 -10.93 113.93 -21.12
N PHE KA 211 -10.03 113.04 -20.72
CA PHE KA 211 -8.74 112.90 -21.38
C PHE KA 211 -8.94 112.33 -22.78
N LYS KA 212 -8.31 112.95 -23.77
CA LYS KA 212 -8.43 112.47 -25.14
C LYS KA 212 -7.89 111.05 -25.26
N ALA KA 213 -6.66 110.83 -24.77
CA ALA KA 213 -6.05 109.50 -24.83
C ALA KA 213 -7.04 108.41 -24.45
N VAL KA 214 -7.89 108.67 -23.46
CA VAL KA 214 -8.96 107.73 -23.12
C VAL KA 214 -9.88 107.53 -24.32
N LYS KA 215 -10.30 108.62 -24.96
CA LYS KA 215 -11.38 108.52 -25.93
C LYS KA 215 -10.92 107.93 -27.26
N GLU KA 216 -9.65 108.13 -27.65
CA GLU KA 216 -9.13 107.38 -28.79
C GLU KA 216 -8.41 106.09 -28.39
N LYS KA 217 -8.36 105.75 -27.11
CA LYS KA 217 -7.88 104.44 -26.70
C LYS KA 217 -9.03 103.46 -26.47
N LEU KA 218 -10.22 103.96 -26.16
CA LEU KA 218 -11.35 103.08 -25.89
C LEU KA 218 -11.99 102.62 -27.20
N ASP KA 219 -12.50 101.39 -27.19
CA ASP KA 219 -13.23 100.82 -28.32
C ASP KA 219 -14.71 100.83 -27.97
N THR KA 220 -15.48 101.62 -28.72
CA THR KA 220 -16.93 101.67 -28.53
C THR KA 220 -17.61 100.40 -29.00
N ARG KA 221 -16.91 99.55 -29.74
CA ARG KA 221 -17.52 98.39 -30.36
C ARG KA 221 -17.93 97.38 -29.30
N ARG KA 222 -18.81 96.46 -29.69
CA ARG KA 222 -19.20 95.37 -28.82
C ARG KA 222 -17.98 94.54 -28.45
N GLY KA 223 -17.37 93.88 -29.44
CA GLY KA 223 -16.27 92.96 -29.20
C GLY KA 223 -16.58 92.10 -28.00
N SER KA 224 -17.68 91.36 -28.08
CA SER KA 224 -18.29 90.77 -26.89
C SER KA 224 -17.30 89.87 -26.16
N ASN KA 225 -16.85 90.34 -24.99
CA ASN KA 225 -15.82 89.63 -24.23
C ASN KA 225 -16.39 88.49 -23.42
N SER KA 226 -17.47 88.72 -22.69
CA SER KA 226 -17.96 87.74 -21.73
C SER KA 226 -19.47 87.90 -21.63
N GLU KA 227 -20.03 87.37 -20.55
CA GLU KA 227 -21.46 87.48 -20.26
C GLU KA 227 -21.81 88.81 -19.63
N LEU KA 228 -20.86 89.75 -19.54
CA LEU KA 228 -21.18 91.06 -18.96
C LEU KA 228 -22.14 91.83 -19.86
N GLU KA 229 -22.02 91.66 -21.18
CA GLU KA 229 -23.01 92.25 -22.07
C GLU KA 229 -24.40 91.69 -21.80
N THR KA 230 -24.50 90.38 -21.57
CA THR KA 230 -25.78 89.77 -21.21
C THR KA 230 -26.29 90.33 -19.90
N ALA KA 231 -25.40 90.53 -18.93
CA ALA KA 231 -25.80 91.10 -17.65
C ALA KA 231 -26.34 92.51 -17.82
N VAL KA 232 -25.70 93.32 -18.69
CA VAL KA 232 -26.18 94.67 -18.94
C VAL KA 232 -27.53 94.63 -19.64
N LYS KA 233 -27.69 93.74 -20.63
CA LYS KA 233 -28.98 93.61 -21.29
C LYS KA 233 -30.07 93.22 -20.30
N ASP KA 234 -29.74 92.34 -19.35
CA ASP KA 234 -30.70 92.01 -18.29
C ASP KA 234 -31.02 93.24 -17.44
N LEU KA 235 -30.01 93.81 -16.80
CA LEU KA 235 -30.19 94.98 -15.95
C LEU KA 235 -29.82 96.26 -16.70
N GLY KA 236 -30.59 96.54 -17.74
CA GLY KA 236 -30.45 97.81 -18.44
C GLY KA 236 -30.85 99.04 -17.65
N LYS KA 237 -31.01 98.91 -16.33
CA LYS KA 237 -31.48 100.03 -15.53
C LYS KA 237 -30.34 100.96 -15.12
N ALA KA 238 -29.36 100.45 -14.39
CA ALA KA 238 -28.38 101.33 -13.75
C ALA KA 238 -26.93 100.95 -14.03
N VAL KA 239 -26.67 99.80 -14.63
CA VAL KA 239 -25.34 99.44 -15.10
C VAL KA 239 -25.28 99.74 -16.59
N SER KA 240 -24.27 100.50 -16.99
CA SER KA 240 -24.15 100.98 -18.36
C SER KA 240 -22.79 100.56 -18.91
N TYR KA 241 -22.83 99.64 -19.87
CA TYR KA 241 -21.64 99.13 -20.53
C TYR KA 241 -21.16 100.18 -21.52
N LYS KA 242 -20.24 101.05 -21.08
CA LYS KA 242 -19.74 102.10 -21.95
C LYS KA 242 -19.07 101.51 -23.20
N GLY KA 243 -18.26 100.49 -23.01
CA GLY KA 243 -17.60 99.84 -24.13
C GLY KA 243 -16.28 99.25 -23.69
N MET KA 244 -15.43 99.00 -24.68
CA MET KA 244 -14.07 98.53 -24.46
C MET KA 244 -13.12 99.71 -24.36
N TYR KA 245 -12.23 99.66 -23.36
CA TYR KA 245 -11.06 100.53 -23.32
C TYR KA 245 -9.87 99.82 -23.95
N GLY KA 246 -10.16 98.88 -24.85
CA GLY KA 246 -9.17 97.98 -25.37
C GLY KA 246 -9.07 96.72 -24.53
N ASP KA 247 -8.04 96.64 -23.69
CA ASP KA 247 -7.85 95.50 -22.83
C ASP KA 247 -8.99 95.30 -21.81
N VAL KA 248 -9.51 96.38 -21.23
CA VAL KA 248 -10.40 96.29 -20.09
C VAL KA 248 -11.78 96.79 -20.46
N ALA KA 249 -12.79 96.32 -19.73
CA ALA KA 249 -14.16 96.76 -19.94
C ALA KA 249 -14.46 98.02 -19.13
N ILE KA 250 -15.22 98.93 -19.73
CA ILE KA 250 -15.59 100.19 -19.10
C ILE KA 250 -17.09 100.14 -18.82
N VAL KA 251 -17.45 100.27 -17.54
CA VAL KA 251 -18.84 100.26 -17.11
C VAL KA 251 -19.06 101.47 -16.21
N VAL KA 252 -20.32 101.88 -16.09
CA VAL KA 252 -20.71 102.93 -15.17
C VAL KA 252 -21.95 102.48 -14.41
N TYR KA 253 -21.89 102.56 -13.08
CA TYR KA 253 -23.05 102.28 -12.24
C TYR KA 253 -23.63 103.59 -11.74
N SER KA 254 -24.91 103.81 -12.00
CA SER KA 254 -25.63 104.99 -11.53
C SER KA 254 -26.88 104.57 -10.77
N GLY KA 255 -26.78 103.49 -10.00
CA GLY KA 255 -27.92 103.04 -9.22
C GLY KA 255 -28.24 104.01 -8.11
N GLN KA 256 -29.52 104.04 -7.72
CA GLN KA 256 -30.00 105.00 -6.73
C GLN KA 256 -30.88 104.28 -5.72
N TYR KA 257 -30.76 104.66 -4.45
CA TYR KA 257 -31.65 104.19 -3.40
C TYR KA 257 -32.57 105.32 -2.98
N VAL KA 258 -33.83 104.98 -2.74
CA VAL KA 258 -34.86 105.96 -2.41
C VAL KA 258 -35.12 105.83 -0.92
N GLU KA 259 -34.49 106.70 -0.14
CA GLU KA 259 -34.53 106.58 1.32
C GLU KA 259 -35.83 107.18 1.86
N ASN KA 260 -35.86 107.39 3.18
CA ASN KA 260 -37.11 107.62 3.89
C ASN KA 260 -37.92 108.78 3.32
N GLY KA 261 -37.25 109.85 2.89
CA GLY KA 261 -37.97 110.99 2.35
C GLY KA 261 -37.42 111.49 1.04
N VAL KA 262 -36.24 111.01 0.65
CA VAL KA 262 -35.54 111.50 -0.52
C VAL KA 262 -34.87 110.32 -1.21
N LYS KA 263 -34.32 110.58 -2.38
CA LYS KA 263 -33.57 109.59 -3.15
C LYS KA 263 -32.17 110.11 -3.44
N LYS KA 264 -31.21 109.18 -3.53
CA LYS KA 264 -29.85 109.57 -3.87
C LYS KA 264 -29.10 108.34 -4.34
N ASN KA 265 -28.03 108.56 -5.12
CA ASN KA 265 -27.28 107.45 -5.70
C ASN KA 265 -26.61 106.60 -4.64
N PHE KA 266 -26.47 105.31 -4.94
CA PHE KA 266 -25.68 104.42 -4.10
C PHE KA 266 -24.25 104.90 -4.01
N LEU KA 267 -23.65 105.24 -5.14
CA LEU KA 267 -22.26 105.61 -5.33
C LEU KA 267 -21.96 106.99 -4.77
N PRO KA 268 -20.81 107.15 -4.13
CA PRO KA 268 -20.33 108.49 -3.76
C PRO KA 268 -19.96 109.32 -4.97
N ASP KA 269 -19.39 110.50 -4.74
CA ASP KA 269 -19.18 111.46 -5.82
C ASP KA 269 -18.23 110.91 -6.89
N ASN KA 270 -17.05 110.44 -6.49
CA ASN KA 270 -16.03 110.02 -7.44
C ASN KA 270 -15.20 108.91 -6.78
N THR KA 271 -15.56 107.66 -7.08
CA THR KA 271 -14.88 106.53 -6.45
C THR KA 271 -14.68 105.41 -7.46
N MET KA 272 -13.76 104.50 -7.12
CA MET KA 272 -13.35 103.40 -7.95
C MET KA 272 -12.91 102.23 -7.09
N VAL KA 273 -13.19 101.02 -7.56
CA VAL KA 273 -12.64 99.79 -7.00
C VAL KA 273 -12.05 98.97 -8.13
N LEU KA 274 -10.75 98.69 -8.03
CA LEU KA 274 -10.03 97.90 -9.02
C LEU KA 274 -9.88 96.47 -8.52
N GLY KA 275 -10.42 95.53 -9.29
CA GLY KA 275 -10.35 94.13 -8.92
C GLY KA 275 -10.94 93.26 -10.01
N ASN KA 276 -11.06 91.96 -9.69
CA ASN KA 276 -11.54 90.96 -10.64
C ASN KA 276 -13.05 90.86 -10.59
N THR KA 277 -13.61 90.26 -11.65
CA THR KA 277 -15.01 89.86 -11.69
C THR KA 277 -15.27 88.55 -10.95
N GLN KA 278 -14.23 87.79 -10.63
CA GLN KA 278 -14.39 86.54 -9.90
C GLN KA 278 -13.86 86.61 -8.48
N ALA KA 279 -13.90 87.78 -7.85
CA ALA KA 279 -13.52 87.88 -6.44
C ALA KA 279 -14.51 87.10 -5.59
N ARG KA 280 -14.03 86.58 -4.46
CA ARG KA 280 -14.82 85.66 -3.65
C ARG KA 280 -15.65 86.47 -2.66
N GLY KA 281 -16.96 86.33 -2.74
CA GLY KA 281 -17.84 87.04 -1.83
C GLY KA 281 -18.71 86.14 -0.98
N LEU KA 282 -18.63 86.31 0.34
CA LEU KA 282 -19.37 85.46 1.27
C LEU KA 282 -20.72 86.09 1.58
N ARG KA 283 -21.74 85.25 1.65
CA ARG KA 283 -23.11 85.62 2.00
C ARG KA 283 -23.54 84.85 3.23
N THR KA 284 -22.73 84.91 4.29
CA THR KA 284 -23.12 84.28 5.54
C THR KA 284 -24.46 84.80 6.02
N TYR KA 285 -25.31 83.90 6.48
CA TYR KA 285 -26.68 84.21 6.88
C TYR KA 285 -26.89 83.65 8.27
N GLY KA 286 -27.49 84.45 9.14
CA GLY KA 286 -27.69 84.06 10.52
C GLY KA 286 -28.96 83.26 10.73
N CYS KA 287 -29.31 83.09 12.01
CA CYS KA 287 -30.54 82.41 12.37
C CYS KA 287 -31.76 83.23 11.93
N ILE KA 288 -32.85 82.52 11.65
CA ILE KA 288 -34.12 83.17 11.35
C ILE KA 288 -35.03 82.99 12.57
N GLN KA 289 -35.34 84.09 13.25
CA GLN KA 289 -36.10 84.05 14.50
C GLN KA 289 -37.60 84.04 14.20
N ASP KA 290 -38.07 82.87 13.79
CA ASP KA 290 -39.49 82.65 13.55
C ASP KA 290 -39.85 81.23 13.93
N ALA KA 291 -40.79 81.08 14.86
CA ALA KA 291 -41.13 79.75 15.37
C ALA KA 291 -41.45 78.80 14.23
N ASP KA 292 -42.14 79.31 13.19
CA ASP KA 292 -42.38 78.52 12.00
C ASP KA 292 -41.08 78.04 11.37
N ALA KA 293 -40.12 78.95 11.23
CA ALA KA 293 -38.84 78.61 10.63
C ALA KA 293 -38.11 77.55 11.43
N GLN KA 294 -38.11 77.67 12.77
CA GLN KA 294 -37.41 76.65 13.53
C GLN KA 294 -38.10 75.29 13.47
N ARG KA 295 -39.43 75.23 13.58
CA ARG KA 295 -39.98 73.88 13.71
C ARG KA 295 -40.15 73.24 12.34
N GLU KA 296 -39.93 74.00 11.26
CA GLU KA 296 -39.84 73.36 9.95
C GLU KA 296 -38.43 73.40 9.35
N GLY KA 297 -37.43 73.83 10.12
CA GLY KA 297 -36.05 73.73 9.67
C GLY KA 297 -35.57 74.79 8.71
N ILE KA 298 -36.15 75.99 8.77
CA ILE KA 298 -35.71 77.09 7.91
C ILE KA 298 -34.87 78.04 8.76
N ASN KA 299 -34.27 77.51 9.82
CA ASN KA 299 -33.30 78.26 10.60
C ASN KA 299 -32.04 78.56 9.80
N ALA KA 300 -31.75 77.74 8.79
CA ALA KA 300 -30.57 77.91 7.95
C ALA KA 300 -31.05 78.04 6.51
N SER KA 301 -31.28 79.28 6.08
CA SER KA 301 -31.79 79.52 4.73
C SER KA 301 -31.49 80.95 4.34
N ALA KA 302 -31.98 81.32 3.15
CA ALA KA 302 -31.82 82.70 2.69
C ALA KA 302 -32.92 83.61 3.26
N ARG KA 303 -34.16 83.37 2.86
CA ARG KA 303 -35.28 84.27 3.14
C ARG KA 303 -36.44 83.46 3.69
N TYR KA 304 -37.36 84.16 4.35
CA TYR KA 304 -38.58 83.50 4.81
C TYR KA 304 -39.79 84.44 4.70
N PRO KA 305 -40.75 84.12 3.84
CA PRO KA 305 -42.00 84.88 3.81
C PRO KA 305 -43.10 84.25 4.66
N LYS KA 306 -44.13 85.01 5.00
CA LYS KA 306 -45.34 84.41 5.54
C LYS KA 306 -46.49 85.42 5.43
N ASN KA 307 -47.70 84.87 5.32
CA ASN KA 307 -48.93 85.66 5.38
C ASN KA 307 -49.73 85.18 6.57
N TRP KA 308 -50.22 86.12 7.39
CA TRP KA 308 -50.64 85.75 8.73
C TRP KA 308 -51.58 86.81 9.31
N VAL KA 309 -52.54 86.33 10.10
CA VAL KA 309 -53.63 87.15 10.63
C VAL KA 309 -53.37 87.39 12.12
N THR KA 310 -53.54 88.63 12.56
CA THR KA 310 -53.53 89.00 13.97
C THR KA 310 -54.96 89.10 14.47
N THR KA 311 -55.25 88.39 15.55
CA THR KA 311 -56.54 88.43 16.21
C THR KA 311 -56.42 89.22 17.50
N GLY KA 312 -57.31 90.21 17.66
CA GLY KA 312 -57.31 91.01 18.85
C GLY KA 312 -57.25 92.51 18.59
N ASP KA 313 -56.31 93.19 19.24
CA ASP KA 313 -56.19 94.64 19.04
C ASP KA 313 -55.85 94.99 17.60
N PRO KA 314 -54.73 94.52 17.02
CA PRO KA 314 -54.47 94.79 15.61
C PRO KA 314 -55.05 93.68 14.73
N ALA KA 315 -56.36 93.45 14.86
CA ALA KA 315 -56.98 92.32 14.18
C ALA KA 315 -56.98 92.58 12.69
N ARG KA 316 -55.93 92.11 12.02
CA ARG KA 316 -55.66 92.44 10.63
C ARG KA 316 -54.93 91.25 10.01
N GLU KA 317 -54.30 91.47 8.87
CA GLU KA 317 -53.52 90.41 8.23
C GLU KA 317 -52.36 91.04 7.46
N PHE KA 318 -51.19 90.42 7.59
CA PHE KA 318 -49.93 91.00 7.17
C PHE KA 318 -49.10 90.00 6.39
N THR KA 319 -48.14 90.54 5.63
CA THR KA 319 -47.08 89.75 5.02
C THR KA 319 -45.76 90.12 5.68
N MET KA 320 -45.04 89.12 6.14
CA MET KA 320 -43.84 89.27 6.96
C MET KA 320 -42.69 88.63 6.21
N ILE KA 321 -41.57 89.35 6.10
CA ILE KA 321 -40.38 88.84 5.42
C ILE KA 321 -39.22 88.89 6.40
N GLN KA 322 -38.49 87.78 6.52
CA GLN KA 322 -37.39 87.69 7.48
C GLN KA 322 -36.13 87.16 6.80
N SER KA 323 -35.00 87.75 7.17
CA SER KA 323 -33.70 87.39 6.61
C SER KA 323 -32.63 87.79 7.62
N ALA KA 324 -31.39 87.39 7.34
CA ALA KA 324 -30.25 87.76 8.18
C ALA KA 324 -28.95 87.65 7.38
N PRO KA 325 -28.71 88.59 6.47
CA PRO KA 325 -27.45 88.57 5.71
C PRO KA 325 -26.32 89.31 6.41
N LEU KA 326 -25.11 88.81 6.23
CA LEU KA 326 -23.90 89.49 6.67
C LEU KA 326 -22.82 89.33 5.61
N MET KA 327 -23.23 89.47 4.36
CA MET KA 327 -22.33 89.40 3.20
C MET KA 327 -21.10 90.29 3.35
N LEU KA 328 -19.95 89.71 3.04
CA LEU KA 328 -18.66 90.38 3.08
C LEU KA 328 -17.83 89.90 1.89
N LEU KA 329 -16.58 90.36 1.82
CA LEU KA 329 -15.64 89.94 0.80
C LEU KA 329 -14.53 89.12 1.44
N ALA KA 330 -14.18 87.99 0.82
CA ALA KA 330 -13.14 87.14 1.37
C ALA KA 330 -11.79 87.85 1.37
N ASP KA 331 -11.45 88.50 0.26
CA ASP KA 331 -10.18 89.22 0.13
C ASP KA 331 -10.44 90.70 -0.03
N PRO KA 332 -10.39 91.48 1.06
CA PRO KA 332 -10.51 92.94 0.91
C PRO KA 332 -9.39 93.55 0.11
N ASP KA 333 -8.21 92.93 0.11
CA ASP KA 333 -7.09 93.38 -0.69
C ASP KA 333 -7.30 93.16 -2.19
N GLU KA 334 -8.32 92.40 -2.57
CA GLU KA 334 -8.59 92.14 -3.98
C GLU KA 334 -8.95 93.42 -4.74
N PHE KA 335 -9.57 94.39 -4.07
CA PHE KA 335 -9.97 95.63 -4.71
C PHE KA 335 -9.24 96.81 -4.09
N VAL KA 336 -8.69 97.65 -4.96
CA VAL KA 336 -8.10 98.92 -4.58
C VAL KA 336 -9.18 99.99 -4.69
N SER KA 337 -9.47 100.66 -3.58
CA SER KA 337 -10.52 101.66 -3.52
C SER KA 337 -9.89 103.05 -3.59
N VAL KA 338 -10.24 103.81 -4.62
CA VAL KA 338 -9.64 105.10 -4.89
C VAL KA 338 -10.74 106.15 -4.98
N GLN KA 339 -10.57 107.25 -4.26
CA GLN KA 339 -11.39 108.42 -4.49
C GLN KA 339 -10.70 109.28 -5.54
N LEU KA 340 -11.49 109.77 -6.49
CA LEU KA 340 -10.97 110.40 -7.69
C LEU KA 340 -10.85 111.91 -7.52
N ALA KA 341 -10.30 112.55 -8.55
CA ALA KA 341 -10.14 114.00 -8.56
C ALA KA 341 -11.50 114.69 -8.56
N ALA LA 7 -16.66 56.26 4.01
CA ALA LA 7 -16.07 55.40 3.00
C ALA LA 7 -17.16 54.83 2.07
N GLN LA 8 -17.24 55.36 0.86
CA GLN LA 8 -18.17 54.91 -0.15
C GLN LA 8 -17.41 54.31 -1.32
N LEU LA 9 -18.13 53.51 -2.12
CA LEU LA 9 -17.51 52.66 -3.12
C LEU LA 9 -16.86 53.49 -4.23
N LEU LA 10 -16.08 52.79 -5.06
CA LEU LA 10 -15.40 53.43 -6.18
C LEU LA 10 -16.37 53.98 -7.21
N ALA LA 11 -17.49 53.28 -7.45
CA ALA LA 11 -18.43 53.68 -8.50
C ALA LA 11 -19.09 55.02 -8.23
N ALA LA 12 -19.00 55.54 -7.00
CA ALA LA 12 -19.56 56.86 -6.68
C ALA LA 12 -18.61 57.96 -7.16
N ASN LA 13 -18.33 57.94 -8.46
CA ASN LA 13 -17.40 58.88 -9.09
C ASN LA 13 -17.99 59.38 -10.41
N GLU LA 14 -19.26 59.75 -10.39
CA GLU LA 14 -19.98 60.16 -11.59
C GLU LA 14 -20.01 61.69 -11.67
N GLN LA 15 -19.39 62.24 -12.72
CA GLN LA 15 -19.42 63.68 -12.96
C GLN LA 15 -20.14 64.03 -14.26
N LYS LA 16 -19.71 63.45 -15.38
CA LYS LA 16 -20.12 63.90 -16.73
C LYS LA 16 -19.81 65.38 -16.93
N PHE LA 17 -18.76 65.85 -16.28
CA PHE LA 17 -18.31 67.25 -16.35
C PHE LA 17 -16.86 67.26 -16.83
N LYS LA 18 -16.67 67.29 -18.14
CA LYS LA 18 -15.34 67.42 -18.74
C LYS LA 18 -15.31 68.73 -19.52
N PHE LA 19 -14.78 69.77 -18.89
CA PHE LA 19 -14.81 71.13 -19.43
C PHE LA 19 -13.44 71.79 -19.33
N ASP LA 20 -12.41 71.06 -19.73
CA ASP LA 20 -11.06 71.62 -19.80
C ASP LA 20 -10.97 72.67 -20.90
N PRO LA 21 -10.20 73.75 -20.70
CA PRO LA 21 -10.17 74.88 -21.67
C PRO LA 21 -9.42 74.60 -22.97
N LEU LA 22 -9.99 73.71 -23.77
CA LEU LA 22 -9.63 73.52 -25.17
C LEU LA 22 -8.19 73.07 -25.40
N PHE LA 23 -7.46 72.76 -24.33
CA PHE LA 23 -6.09 72.28 -24.49
C PHE LA 23 -5.97 70.78 -24.39
N LEU LA 24 -6.37 70.19 -23.27
CA LEU LA 24 -6.29 68.75 -23.08
C LEU LA 24 -7.36 68.01 -23.86
N ARG LA 25 -8.34 68.73 -24.41
CA ARG LA 25 -9.44 68.13 -25.16
C ARG LA 25 -9.32 68.33 -26.67
N LEU LA 26 -8.50 69.27 -27.12
CA LEU LA 26 -8.39 69.63 -28.52
C LEU LA 26 -7.00 69.48 -29.10
N PHE LA 27 -5.96 69.87 -28.38
CA PHE LA 27 -4.60 69.63 -28.84
C PHE LA 27 -3.98 68.38 -28.24
N PHE LA 28 -4.39 67.97 -27.05
CA PHE LA 28 -3.70 66.93 -26.29
C PHE LA 28 -4.62 65.75 -26.00
N ARG LA 29 -5.31 65.27 -27.04
CA ARG LA 29 -6.22 64.13 -26.91
C ARG LA 29 -5.49 62.81 -26.74
N GLU LA 30 -4.17 62.79 -26.92
CA GLU LA 30 -3.43 61.57 -27.23
C GLU LA 30 -2.97 60.88 -25.94
N SER LA 31 -3.93 60.33 -25.19
CA SER LA 31 -3.68 59.80 -23.86
C SER LA 31 -2.92 58.48 -23.90
N TYR LA 32 -1.91 58.34 -23.02
CA TYR LA 32 -1.15 57.10 -22.90
C TYR LA 32 -0.91 56.75 -21.44
N PRO LA 33 -1.94 56.28 -20.73
CA PRO LA 33 -1.66 55.71 -19.40
C PRO LA 33 -0.92 54.40 -19.48
N PHE LA 34 0.07 54.25 -18.61
CA PHE LA 34 1.01 53.13 -18.63
C PHE LA 34 0.87 52.31 -17.35
N THR LA 35 1.34 51.07 -17.44
CA THR LA 35 1.54 50.20 -16.28
C THR LA 35 2.93 50.42 -15.67
N THR LA 36 3.69 51.36 -16.23
CA THR LA 36 5.07 51.61 -15.84
C THR LA 36 5.21 53.05 -15.37
N GLU LA 37 6.21 53.27 -14.52
CA GLU LA 37 6.34 54.55 -13.82
C GLU LA 37 6.50 55.72 -14.79
N LYS LA 38 7.58 55.73 -15.55
CA LYS LA 38 7.97 56.87 -16.35
C LYS LA 38 7.22 56.89 -17.67
N VAL LA 39 7.52 57.91 -18.47
CA VAL LA 39 7.13 57.96 -19.88
C VAL LA 39 8.29 57.46 -20.71
N TYR LA 40 7.98 56.57 -21.66
CA TYR LA 40 9.00 55.96 -22.51
C TYR LA 40 8.65 56.32 -23.95
N LEU LA 41 9.12 57.49 -24.39
CA LEU LA 41 8.75 57.97 -25.72
C LEU LA 41 9.17 57.00 -26.81
N SER LA 42 10.21 56.20 -26.56
CA SER LA 42 10.53 55.11 -27.47
C SER LA 42 9.41 54.09 -27.55
N GLN LA 43 8.73 53.85 -26.43
CA GLN LA 43 7.60 52.93 -26.41
C GLN LA 43 6.41 53.46 -27.20
N ILE LA 44 6.10 54.75 -27.05
CA ILE LA 44 5.00 55.34 -27.84
C ILE LA 44 5.37 55.28 -29.32
N PRO LA 45 4.48 54.79 -30.19
CA PRO LA 45 4.79 54.84 -31.62
C PRO LA 45 4.92 56.25 -32.14
N GLY LA 46 4.11 57.17 -31.61
CA GLY LA 46 4.08 58.54 -32.09
C GLY LA 46 3.78 58.56 -33.58
N LEU LA 47 4.58 59.34 -34.31
CA LEU LA 47 4.57 59.27 -35.75
C LEU LA 47 5.31 58.01 -36.20
N VAL LA 48 4.71 57.30 -37.15
CA VAL LA 48 5.23 56.04 -37.66
C VAL LA 48 6.07 56.31 -38.90
N ASN LA 49 7.16 55.58 -39.05
CA ASN LA 49 7.95 55.61 -40.28
C ASN LA 49 7.04 55.19 -41.43
N MET LA 50 6.73 56.14 -42.32
CA MET LA 50 5.49 56.08 -43.09
C MET LA 50 5.70 56.48 -44.55
N ALA LA 51 6.68 55.89 -45.23
CA ALA LA 51 6.84 56.17 -46.66
C ALA LA 51 7.16 54.94 -47.49
N LEU LA 52 8.13 54.13 -47.06
CA LEU LA 52 8.79 53.17 -47.93
C LEU LA 52 7.89 51.98 -48.25
N TYR LA 53 7.95 51.52 -49.50
CA TYR LA 53 7.34 50.27 -49.90
C TYR LA 53 8.43 49.28 -50.28
N VAL LA 54 8.03 48.13 -50.82
CA VAL LA 54 8.96 47.07 -51.20
C VAL LA 54 8.71 46.69 -52.65
N SER LA 55 9.72 46.06 -53.26
CA SER LA 55 9.68 45.70 -54.66
C SER LA 55 8.58 44.66 -54.94
N PRO LA 56 8.05 44.63 -56.17
CA PRO LA 56 7.01 43.65 -56.49
C PRO LA 56 7.53 42.23 -56.70
N ILE LA 57 8.40 41.76 -55.80
CA ILE LA 57 8.81 40.36 -55.81
C ILE LA 57 8.60 39.75 -54.43
N VAL LA 58 9.16 40.39 -53.40
CA VAL LA 58 9.00 39.97 -52.01
C VAL LA 58 8.80 41.22 -51.16
N SER LA 59 8.68 41.01 -49.86
CA SER LA 59 8.53 42.14 -48.94
C SER LA 59 9.74 42.25 -48.02
N GLY LA 60 9.86 43.40 -47.36
CA GLY LA 60 11.06 43.74 -46.63
C GLY LA 60 11.01 43.35 -45.16
N GLU LA 61 11.75 44.12 -44.36
CA GLU LA 61 11.99 43.82 -42.97
C GLU LA 61 10.78 44.19 -42.11
N VAL LA 62 10.93 44.05 -40.80
CA VAL LA 62 9.87 44.36 -39.85
C VAL LA 62 10.05 45.80 -39.38
N ILE LA 63 8.95 46.55 -39.34
CA ILE LA 63 8.96 47.94 -38.91
C ILE LA 63 8.46 48.01 -37.47
N ARG LA 64 9.15 48.78 -36.64
CA ARG LA 64 8.92 48.88 -35.20
C ARG LA 64 8.42 50.29 -34.86
N SER LA 65 8.21 50.50 -33.56
CA SER LA 65 8.12 51.86 -33.02
C SER LA 65 9.52 52.45 -33.06
N ARG LA 66 9.68 53.57 -33.75
CA ARG LA 66 11.00 53.99 -34.23
C ARG LA 66 11.83 54.67 -33.13
N GLY LA 67 11.94 53.95 -32.01
CA GLY LA 67 12.95 54.22 -30.99
C GLY LA 67 13.21 55.67 -30.63
N GLY LA 68 12.26 56.31 -29.95
CA GLY LA 68 12.43 57.68 -29.50
C GLY LA 68 13.72 57.89 -28.74
N SER LA 69 14.44 58.97 -29.07
CA SER LA 69 15.78 59.18 -28.51
C SER LA 69 15.73 59.32 -27.00
N THR LA 70 14.84 60.16 -26.48
CA THR LA 70 14.69 60.35 -25.04
C THR LA 70 13.37 59.72 -24.61
N SER LA 71 13.46 58.76 -23.68
CA SER LA 71 12.29 58.03 -23.22
C SER LA 71 12.24 57.89 -21.71
N GLU LA 72 12.56 58.94 -20.96
CA GLU LA 72 12.64 58.86 -19.50
C GLU LA 72 12.33 60.23 -18.89
N PHE LA 73 11.08 60.45 -18.49
CA PHE LA 73 10.71 61.60 -17.69
C PHE LA 73 9.74 61.16 -16.61
N THR LA 74 9.67 61.95 -15.53
CA THR LA 74 8.88 61.60 -14.35
C THR LA 74 7.48 62.20 -14.47
N PRO LA 75 6.43 61.39 -14.56
CA PRO LA 75 5.07 61.95 -14.54
C PRO LA 75 4.76 62.63 -13.23
N GLY LA 76 3.90 63.64 -13.28
CA GLY LA 76 3.48 64.36 -12.11
C GLY LA 76 2.48 63.60 -11.28
N TYR LA 77 2.94 62.59 -10.55
CA TYR LA 77 2.03 61.82 -9.73
C TYR LA 77 1.46 62.71 -8.63
N VAL LA 78 0.23 63.13 -8.84
CA VAL LA 78 -0.49 64.04 -7.97
C VAL LA 78 -1.56 63.25 -7.23
N LYS LA 79 -1.41 63.15 -5.91
CA LYS LA 79 -2.50 62.54 -5.18
C LYS LA 79 -2.92 63.43 -4.03
N PRO LA 80 -3.86 64.35 -4.24
CA PRO LA 80 -4.39 65.13 -3.12
C PRO LA 80 -5.58 64.45 -2.47
N LYS LA 81 -6.10 65.06 -1.40
CA LYS LA 81 -7.26 64.53 -0.72
C LYS LA 81 -7.97 65.68 -0.01
N HIS LA 82 -9.14 65.35 0.52
CA HIS LA 82 -9.84 66.27 1.40
C HIS LA 82 -10.68 65.48 2.38
N GLU LA 83 -11.27 66.20 3.33
CA GLU LA 83 -12.27 65.64 4.22
C GLU LA 83 -13.67 66.01 3.73
N VAL LA 84 -14.61 65.13 4.01
CA VAL LA 84 -16.01 65.36 3.71
C VAL LA 84 -16.81 65.25 5.00
N ASN LA 85 -16.21 65.68 6.10
CA ASN LA 85 -16.78 65.58 7.43
C ASN LA 85 -18.18 66.22 7.46
N PRO LA 86 -19.21 65.47 7.86
CA PRO LA 86 -20.57 66.03 7.86
C PRO LA 86 -20.80 67.03 8.98
N GLN LA 87 -19.99 68.09 9.02
CA GLN LA 87 -20.20 69.19 9.94
C GLN LA 87 -20.58 70.49 9.24
N MET LA 88 -20.49 70.56 7.92
CA MET LA 88 -20.81 71.78 7.20
C MET LA 88 -22.27 71.80 6.74
N THR LA 89 -22.81 73.01 6.62
CA THR LA 89 -23.88 73.21 5.67
C THR LA 89 -23.29 73.39 4.27
N LEU LA 90 -23.90 72.72 3.30
CA LEU LA 90 -23.28 72.51 2.00
C LEU LA 90 -23.81 73.50 0.97
N ARG LA 91 -23.39 73.31 -0.28
CA ARG LA 91 -23.97 74.06 -1.38
C ARG LA 91 -25.43 73.65 -1.53
N ARG LA 92 -26.37 74.53 -1.20
CA ARG LA 92 -27.79 74.19 -1.36
C ARG LA 92 -28.31 74.74 -2.67
N LEU LA 93 -28.34 73.89 -3.69
CA LEU LA 93 -29.08 74.20 -4.90
C LEU LA 93 -30.49 74.67 -4.51
N PRO LA 94 -31.03 75.69 -5.18
CA PRO LA 94 -32.27 76.31 -4.69
C PRO LA 94 -33.41 75.34 -4.43
N ASP LA 95 -33.71 75.16 -3.14
CA ASP LA 95 -34.94 74.54 -2.63
C ASP LA 95 -35.24 73.18 -3.25
N GLU LA 96 -34.26 72.28 -3.31
CA GLU LA 96 -34.55 70.86 -3.53
C GLU LA 96 -34.52 70.11 -2.21
N ASP LA 97 -35.55 70.38 -1.39
CA ASP LA 97 -35.86 69.61 -0.19
C ASP LA 97 -34.68 69.49 0.75
N PRO LA 98 -34.33 70.54 1.50
CA PRO LA 98 -33.16 70.45 2.41
C PRO LA 98 -33.29 69.37 3.47
N GLN LA 99 -34.41 68.66 3.54
CA GLN LA 99 -34.53 67.54 4.45
C GLN LA 99 -33.49 66.45 4.14
N ASN LA 100 -33.15 66.26 2.86
CA ASN LA 100 -32.10 65.29 2.55
C ASN LA 100 -30.71 65.81 2.91
N LEU LA 101 -30.49 67.12 2.84
CA LEU LA 101 -29.27 67.67 3.43
C LEU LA 101 -29.22 67.37 4.92
N ALA LA 102 -30.36 67.50 5.60
CA ALA LA 102 -30.43 67.10 7.00
C ALA LA 102 -30.03 65.64 7.21
N ASP LA 103 -30.22 64.80 6.21
CA ASP LA 103 -29.69 63.43 6.25
C ASP LA 103 -28.17 63.48 6.21
N PRO LA 104 -27.49 62.81 7.14
CA PRO LA 104 -26.04 62.60 6.97
C PRO LA 104 -25.69 61.81 5.72
N ALA LA 105 -26.55 60.91 5.27
CA ALA LA 105 -26.24 60.13 4.07
C ALA LA 105 -26.19 61.01 2.83
N TYR LA 106 -27.23 61.82 2.60
CA TYR LA 106 -27.22 62.66 1.42
C TYR LA 106 -26.19 63.76 1.52
N ARG LA 107 -26.02 64.36 2.70
CA ARG LA 107 -24.99 65.38 2.84
C ARG LA 107 -23.62 64.77 2.52
N ARG LA 108 -23.34 63.58 3.05
CA ARG LA 108 -22.03 62.98 2.84
C ARG LA 108 -21.82 62.61 1.37
N ARG LA 109 -22.85 62.08 0.70
CA ARG LA 109 -22.64 61.69 -0.68
C ARG LA 109 -22.49 62.90 -1.59
N ARG LA 110 -23.31 63.94 -1.43
CA ARG LA 110 -23.13 65.05 -2.35
C ARG LA 110 -21.93 65.91 -1.95
N ILE LA 111 -21.48 65.81 -0.70
CA ILE LA 111 -20.25 66.49 -0.34
C ILE LA 111 -19.03 65.73 -0.86
N ILE LA 112 -19.08 64.41 -0.96
CA ILE LA 112 -17.99 63.74 -1.66
C ILE LA 112 -18.05 64.08 -3.14
N MET LA 113 -19.27 64.26 -3.67
CA MET LA 113 -19.40 64.77 -5.04
C MET LA 113 -18.67 66.10 -5.20
N GLN LA 114 -18.97 67.05 -4.31
CA GLN LA 114 -18.36 68.38 -4.38
C GLN LA 114 -16.85 68.32 -4.17
N ASN LA 115 -16.42 67.54 -3.16
CA ASN LA 115 -15.00 67.40 -2.89
C ASN LA 115 -14.26 66.86 -4.09
N MET LA 116 -14.76 65.76 -4.66
CA MET LA 116 -14.03 65.13 -5.74
C MET LA 116 -14.03 66.02 -6.97
N ARG LA 117 -15.13 66.74 -7.23
CA ARG LA 117 -15.14 67.61 -8.41
C ARG LA 117 -14.13 68.73 -8.25
N ASP LA 118 -14.04 69.32 -7.05
CA ASP LA 118 -12.94 70.22 -6.76
C ASP LA 118 -11.60 69.56 -7.07
N GLU LA 119 -11.49 68.27 -6.74
CA GLU LA 119 -10.23 67.57 -6.93
C GLU LA 119 -9.86 67.47 -8.42
N GLU LA 120 -10.79 67.00 -9.27
CA GLU LA 120 -10.37 66.86 -10.66
C GLU LA 120 -10.22 68.21 -11.33
N LEU LA 121 -10.97 69.22 -10.89
CA LEU LA 121 -10.73 70.53 -11.49
C LEU LA 121 -9.41 71.11 -11.01
N ALA LA 122 -8.96 70.72 -9.82
CA ALA LA 122 -7.62 71.08 -9.37
C ALA LA 122 -6.56 70.45 -10.25
N ILE LA 123 -6.67 69.14 -10.49
CA ILE LA 123 -5.67 68.49 -11.34
C ILE LA 123 -5.78 69.03 -12.75
N ALA LA 124 -6.99 69.41 -13.18
CA ALA LA 124 -7.17 69.99 -14.51
C ALA LA 124 -6.51 71.35 -14.62
N GLN LA 125 -6.62 72.18 -13.60
CA GLN LA 125 -5.99 73.50 -13.66
C GLN LA 125 -4.47 73.40 -13.57
N VAL LA 126 -3.94 72.48 -12.75
CA VAL LA 126 -2.49 72.30 -12.77
C VAL LA 126 -2.04 71.71 -14.10
N GLU LA 127 -2.88 70.89 -14.72
CA GLU LA 127 -2.56 70.34 -16.03
C GLU LA 127 -2.59 71.43 -17.09
N GLU LA 128 -3.49 72.40 -16.94
CA GLU LA 128 -3.54 73.53 -17.85
C GLU LA 128 -2.34 74.45 -17.68
N MET LA 129 -1.85 74.61 -16.44
CA MET LA 129 -0.57 75.32 -16.28
C MET LA 129 0.56 74.56 -16.96
N GLN LA 130 0.57 73.23 -16.83
CA GLN LA 130 1.56 72.45 -17.57
C GLN LA 130 1.43 72.67 -19.07
N ALA LA 131 0.18 72.72 -19.57
CA ALA LA 131 -0.05 72.92 -21.01
C ALA LA 131 0.44 74.30 -21.46
N VAL LA 132 0.19 75.33 -20.66
CA VAL LA 132 0.58 76.68 -21.07
C VAL LA 132 2.10 76.81 -21.02
N SER LA 133 2.77 76.22 -20.03
CA SER LA 133 4.22 76.17 -20.07
C SER LA 133 4.71 75.43 -21.31
N ALA LA 134 4.08 74.28 -21.59
CA ALA LA 134 4.50 73.43 -22.70
C ALA LA 134 4.40 74.19 -24.02
N VAL LA 135 3.19 74.54 -24.44
CA VAL LA 135 3.10 75.42 -25.60
C VAL LA 135 3.01 76.86 -25.10
N LEU LA 136 4.08 77.32 -24.46
CA LEU LA 136 4.63 78.66 -24.60
C LEU LA 136 6.14 78.68 -24.64
N LYS LA 137 6.83 77.65 -24.11
CA LYS LA 137 8.27 77.62 -24.22
C LYS LA 137 8.86 76.27 -24.59
N GLY LA 138 8.08 75.20 -24.65
CA GLY LA 138 8.63 73.88 -24.91
C GLY LA 138 9.27 73.23 -23.71
N LYS LA 139 9.40 73.96 -22.61
CA LYS LA 139 9.96 73.49 -21.35
C LYS LA 139 8.84 73.34 -20.34
N TYR LA 140 8.91 72.27 -19.55
CA TYR LA 140 7.99 72.09 -18.43
C TYR LA 140 8.80 71.78 -17.18
N THR LA 141 8.40 72.39 -16.08
CA THR LA 141 9.08 72.22 -14.79
C THR LA 141 8.34 71.16 -13.98
N MET LA 142 8.75 69.90 -14.12
CA MET LA 142 8.37 68.84 -13.20
C MET LA 142 9.06 69.09 -11.87
N THR LA 143 8.39 69.79 -10.97
CA THR LA 143 9.05 70.23 -9.75
C THR LA 143 8.06 70.26 -8.59
N GLY LA 144 8.61 70.19 -7.39
CA GLY LA 144 7.86 70.31 -6.16
C GLY LA 144 8.80 70.15 -5.00
N GLU LA 145 8.38 70.64 -3.84
CA GLU LA 145 9.21 70.51 -2.66
C GLU LA 145 9.37 69.03 -2.30
N ALA LA 146 10.52 68.68 -1.74
CA ALA LA 146 10.91 67.28 -1.54
C ALA LA 146 10.82 66.49 -2.85
N PHE LA 147 11.29 67.10 -3.93
CA PHE LA 147 11.31 66.47 -5.25
C PHE LA 147 12.25 67.27 -6.14
N ASP LA 148 13.09 66.57 -6.88
CA ASP LA 148 14.05 67.26 -7.74
C ASP LA 148 13.33 67.90 -8.93
N PRO LA 149 13.71 69.11 -9.34
CA PRO LA 149 13.10 69.72 -10.52
C PRO LA 149 13.69 69.14 -11.79
N VAL LA 150 12.88 68.35 -12.50
CA VAL LA 150 13.21 67.81 -13.80
C VAL LA 150 12.63 68.75 -14.85
N GLU LA 151 13.47 69.23 -15.76
CA GLU LA 151 13.01 69.97 -16.93
C GLU LA 151 12.67 68.98 -18.03
N VAL LA 152 11.41 68.95 -18.42
CA VAL LA 152 10.94 68.08 -19.49
C VAL LA 152 10.79 68.97 -20.72
N ASP LA 153 11.63 68.73 -21.73
CA ASP LA 153 11.69 69.58 -22.92
C ASP LA 153 11.19 68.78 -24.12
N MET LA 154 10.18 69.32 -24.81
CA MET LA 154 9.83 68.74 -26.10
C MET LA 154 10.84 69.08 -27.17
N GLY LA 155 11.50 70.23 -27.08
CA GLY LA 155 12.51 70.59 -28.04
C GLY LA 155 12.14 71.81 -28.86
N ARG LA 156 11.42 72.76 -28.26
CA ARG LA 156 11.02 73.96 -28.98
C ARG LA 156 12.24 74.70 -29.52
N SER LA 157 12.21 75.01 -30.81
CA SER LA 157 13.35 75.59 -31.50
C SER LA 157 13.42 77.09 -31.28
N GLU LA 158 14.55 77.67 -31.69
CA GLU LA 158 14.76 79.11 -31.51
C GLU LA 158 13.81 79.94 -32.37
N GLU LA 159 13.59 79.54 -33.62
CA GLU LA 159 12.63 80.25 -34.46
C GLU LA 159 11.20 80.11 -33.94
N ASN LA 160 10.95 79.16 -33.05
CA ASN LA 160 9.68 79.08 -32.34
C ASN LA 160 9.64 79.94 -31.09
N ASN LA 161 10.74 80.64 -30.79
CA ASN LA 161 10.83 81.50 -29.61
C ASN LA 161 11.25 82.91 -30.00
N ILE LA 162 11.10 83.25 -31.28
CA ILE LA 162 11.46 84.60 -31.72
C ILE LA 162 10.46 85.61 -31.20
N THR LA 163 10.95 86.81 -30.91
CA THR LA 163 10.24 87.79 -30.11
C THR LA 163 9.84 89.00 -30.95
N GLN LA 164 8.65 89.54 -30.65
CA GLN LA 164 8.17 90.74 -31.33
C GLN LA 164 8.95 91.98 -30.91
N SER LA 165 9.36 92.08 -29.64
CA SER LA 165 10.09 93.27 -29.20
C SER LA 165 11.43 93.40 -29.92
N GLY LA 166 11.99 92.29 -30.37
CA GLY LA 166 13.21 92.35 -31.17
C GLY LA 166 12.97 93.15 -32.44
N GLY LA 167 13.84 94.12 -32.69
CA GLY LA 167 13.67 94.99 -33.85
C GLY LA 167 12.65 96.07 -33.62
N THR LA 168 11.50 95.97 -34.29
CA THR LA 168 10.44 96.95 -34.19
C THR LA 168 9.26 96.35 -33.44
N GLU LA 169 8.75 97.07 -32.45
CA GLU LA 169 7.63 96.63 -31.63
C GLU LA 169 6.32 97.14 -32.23
N TRP LA 170 5.26 96.36 -32.02
CA TRP LA 170 3.93 96.81 -32.45
C TRP LA 170 3.50 98.06 -31.70
N SER LA 171 3.85 98.16 -30.41
CA SER LA 171 3.64 99.41 -29.69
C SER LA 171 4.42 100.54 -30.34
N LYS LA 172 5.64 100.27 -30.77
CA LYS LA 172 6.48 101.24 -31.48
C LYS LA 172 6.23 101.20 -32.98
N ARG LA 173 4.96 101.29 -33.37
CA ARG LA 173 4.56 101.31 -34.77
C ARG LA 173 3.38 102.24 -34.93
N ASP LA 174 3.00 102.48 -36.19
CA ASP LA 174 1.83 103.29 -36.47
C ASP LA 174 0.57 102.56 -36.05
N LYS LA 175 -0.19 103.17 -35.14
CA LYS LA 175 -1.43 102.58 -34.66
C LYS LA 175 -2.54 102.58 -35.70
N SER LA 176 -2.35 103.25 -36.82
CA SER LA 176 -3.38 103.39 -37.83
C SER LA 176 -3.09 102.66 -39.13
N THR LA 177 -1.88 102.77 -39.67
CA THR LA 177 -1.57 102.25 -41.00
C THR LA 177 -0.83 100.92 -40.98
N TYR LA 178 -0.05 100.64 -39.94
CA TYR LA 178 0.71 99.39 -39.90
C TYR LA 178 -0.23 98.20 -39.80
N ASP LA 179 0.08 97.15 -40.55
CA ASP LA 179 -0.68 95.91 -40.53
C ASP LA 179 0.20 94.81 -39.94
N PRO LA 180 -0.18 94.23 -38.80
CA PRO LA 180 0.62 93.13 -38.24
C PRO LA 180 0.41 91.79 -38.92
N THR LA 181 -0.37 91.75 -39.99
CA THR LA 181 -0.52 90.51 -40.75
C THR LA 181 0.80 90.05 -41.31
N ASP LA 182 1.64 90.99 -41.76
CA ASP LA 182 2.96 90.64 -42.26
C ASP LA 182 3.73 89.85 -41.21
N ASP LA 183 3.76 90.34 -39.97
CA ASP LA 183 4.34 89.56 -38.89
C ASP LA 183 3.59 88.26 -38.66
N ILE LA 184 2.28 88.24 -38.93
CA ILE LA 184 1.52 87.02 -38.71
C ILE LA 184 2.04 85.90 -39.60
N GLU LA 185 2.18 86.15 -40.91
CA GLU LA 185 2.76 85.09 -41.74
C GLU LA 185 4.25 84.93 -41.48
N ALA LA 186 4.93 85.99 -41.04
CA ALA LA 186 6.36 85.86 -40.73
C ALA LA 186 6.59 84.85 -39.63
N TYR LA 187 5.75 84.86 -38.60
CA TYR LA 187 5.88 83.88 -37.53
C TYR LA 187 5.19 82.57 -37.87
N ALA LA 188 4.20 82.59 -38.76
CA ALA LA 188 3.50 81.36 -39.13
C ALA LA 188 4.29 80.48 -40.09
N LEU LA 189 5.18 81.07 -40.90
CA LEU LA 189 5.88 80.29 -41.91
C LEU LA 189 6.76 79.21 -41.27
N ASN LA 190 7.47 79.56 -40.20
CA ASN LA 190 8.33 78.61 -39.51
C ASN LA 190 7.59 77.92 -38.37
N ALA LA 191 6.39 77.44 -38.65
CA ALA LA 191 5.58 76.75 -37.66
C ALA LA 191 5.28 75.30 -38.03
N SER LA 192 5.85 74.80 -39.13
CA SER LA 192 5.64 73.44 -39.59
C SER LA 192 4.16 73.14 -39.81
N GLY LA 193 3.44 74.11 -40.36
CA GLY LA 193 2.04 73.91 -40.65
C GLY LA 193 1.29 75.22 -40.74
N VAL LA 194 -0.02 75.09 -40.90
CA VAL LA 194 -0.94 76.21 -41.02
C VAL LA 194 -1.47 76.58 -39.64
N VAL LA 195 -1.59 77.88 -39.40
CA VAL LA 195 -2.16 78.41 -38.16
C VAL LA 195 -3.60 78.86 -38.44
N ASN LA 196 -4.52 78.41 -37.59
CA ASN LA 196 -5.93 78.77 -37.78
C ASN LA 196 -6.60 79.32 -36.53
N ILE LA 197 -5.86 79.51 -35.44
CA ILE LA 197 -6.35 80.23 -34.26
C ILE LA 197 -5.26 81.20 -33.82
N ILE LA 198 -5.67 82.44 -33.51
CA ILE LA 198 -4.71 83.46 -33.13
C ILE LA 198 -5.00 83.89 -31.70
N VAL LA 199 -5.39 82.93 -30.85
CA VAL LA 199 -5.74 83.22 -29.47
C VAL LA 199 -4.65 84.02 -28.77
N PHE LA 200 -5.05 85.18 -28.24
CA PHE LA 200 -4.18 86.10 -27.52
C PHE LA 200 -4.51 86.08 -26.04
N ASP LA 201 -3.57 86.56 -25.24
CA ASP LA 201 -3.90 87.08 -23.93
C ASP LA 201 -4.47 88.49 -24.08
N PRO LA 202 -5.28 88.96 -23.10
CA PRO LA 202 -6.13 90.14 -23.32
C PRO LA 202 -5.42 91.37 -23.86
N LYS LA 203 -4.41 91.88 -23.16
CA LYS LA 203 -3.76 93.10 -23.64
C LYS LA 203 -2.94 92.83 -24.90
N GLY LA 204 -2.50 91.59 -25.11
CA GLY LA 204 -1.89 91.24 -26.38
C GLY LA 204 -2.83 91.46 -27.54
N TRP LA 205 -4.05 90.95 -27.41
CA TRP LA 205 -5.07 91.22 -28.43
C TRP LA 205 -5.41 92.70 -28.47
N ALA LA 206 -5.30 93.39 -27.34
CA ALA LA 206 -5.59 94.82 -27.32
C ALA LA 206 -4.64 95.58 -28.24
N LEU LA 207 -3.33 95.39 -28.08
CA LEU LA 207 -2.44 96.12 -28.98
C LEU LA 207 -2.42 95.51 -30.38
N PHE LA 208 -2.82 94.24 -30.53
CA PHE LA 208 -3.01 93.71 -31.87
C PHE LA 208 -4.11 94.46 -32.61
N ARG LA 209 -5.27 94.63 -31.97
CA ARG LA 209 -6.40 95.29 -32.59
C ARG LA 209 -6.27 96.81 -32.59
N SER LA 210 -5.35 97.37 -31.82
CA SER LA 210 -5.13 98.81 -31.86
C SER LA 210 -4.82 99.31 -33.27
N PHE LA 211 -4.20 98.47 -34.10
CA PHE LA 211 -3.99 98.82 -35.49
C PHE LA 211 -5.33 98.84 -36.22
N LYS LA 212 -5.57 99.90 -37.00
CA LYS LA 212 -6.82 99.99 -37.75
C LYS LA 212 -6.95 98.84 -38.74
N ALA LA 213 -5.90 98.63 -39.55
CA ALA LA 213 -5.91 97.55 -40.54
C ALA LA 213 -6.46 96.27 -39.95
N VAL LA 214 -6.13 95.97 -38.70
CA VAL LA 214 -6.73 94.82 -38.02
C VAL LA 214 -8.24 94.98 -37.94
N LYS LA 215 -8.71 96.17 -37.54
CA LYS LA 215 -10.13 96.29 -37.19
C LYS LA 215 -11.02 96.36 -38.42
N GLU LA 216 -10.53 96.90 -39.55
CA GLU LA 216 -11.30 96.76 -40.78
C GLU LA 216 -10.89 95.56 -41.62
N LYS LA 217 -9.95 94.74 -41.15
CA LYS LA 217 -9.67 93.46 -41.79
C LYS LA 217 -10.40 92.32 -41.13
N LEU LA 218 -10.74 92.45 -39.85
CA LEU LA 218 -11.41 91.38 -39.14
C LEU LA 218 -12.91 91.39 -39.43
N ASP LA 219 -13.50 90.20 -39.44
CA ASP LA 219 -14.94 90.03 -39.63
C ASP LA 219 -15.54 89.67 -38.28
N THR LA 220 -16.37 90.57 -37.75
CA THR LA 220 -17.06 90.31 -36.49
C THR LA 220 -18.14 89.25 -36.63
N ARG LA 221 -18.51 88.89 -37.85
CA ARG LA 221 -19.63 87.99 -38.08
C ARG LA 221 -19.30 86.59 -37.59
N ARG LA 222 -20.34 85.79 -37.41
CA ARG LA 222 -20.16 84.39 -37.05
C ARG LA 222 -19.35 83.68 -38.14
N GLY LA 223 -19.93 83.58 -39.35
CA GLY LA 223 -19.33 82.83 -40.43
C GLY LA 223 -18.79 81.51 -39.90
N SER LA 224 -19.68 80.70 -39.33
CA SER LA 224 -19.26 79.60 -38.47
C SER LA 224 -18.34 78.65 -39.22
N ASN LA 225 -17.06 78.68 -38.84
CA ASN LA 225 -16.04 77.89 -39.53
C ASN LA 225 -16.03 76.44 -39.09
N SER LA 226 -16.04 76.19 -37.79
CA SER LA 226 -15.83 74.84 -37.28
C SER LA 226 -16.59 74.71 -35.96
N GLU LA 227 -16.23 73.71 -35.19
CA GLU LA 227 -16.81 73.48 -33.87
C GLU LA 227 -16.20 74.37 -32.80
N LEU LA 228 -15.35 75.32 -33.18
CA LEU LA 228 -14.77 76.23 -32.17
C LEU LA 228 -15.84 77.13 -31.59
N GLU LA 229 -16.83 77.54 -32.38
CA GLU LA 229 -17.95 78.27 -31.82
C GLU LA 229 -18.70 77.44 -30.79
N THR LA 230 -18.89 76.14 -31.06
CA THR LA 230 -19.52 75.27 -30.08
C THR LA 230 -18.66 75.14 -28.82
N ALA LA 231 -17.34 75.08 -28.99
CA ALA LA 231 -16.45 75.03 -27.85
C ALA LA 231 -16.55 76.28 -27.00
N VAL LA 232 -16.64 77.44 -27.65
CA VAL LA 232 -16.79 78.70 -26.91
C VAL LA 232 -18.14 78.75 -26.19
N LYS LA 233 -19.21 78.31 -26.86
CA LYS LA 233 -20.51 78.26 -26.21
C LYS LA 233 -20.48 77.34 -24.99
N ASP LA 234 -19.77 76.22 -25.09
CA ASP LA 234 -19.60 75.35 -23.93
C ASP LA 234 -18.83 76.07 -22.83
N LEU LA 235 -17.60 76.47 -23.12
CA LEU LA 235 -16.75 77.16 -22.13
C LEU LA 235 -16.81 78.67 -22.34
N GLY LA 236 -18.00 79.23 -22.15
CA GLY LA 236 -18.14 80.68 -22.15
C GLY LA 236 -17.46 81.40 -21.01
N LYS LA 237 -16.57 80.73 -20.28
CA LYS LA 237 -15.95 81.34 -19.10
C LYS LA 237 -14.75 82.20 -19.49
N ALA LA 238 -13.73 81.59 -20.09
CA ALA LA 238 -12.44 82.28 -20.24
C ALA LA 238 -11.90 82.27 -21.67
N VAL LA 239 -12.50 81.51 -22.57
CA VAL LA 239 -12.17 81.59 -23.99
C VAL LA 239 -13.21 82.47 -24.66
N SER LA 240 -12.75 83.47 -25.40
CA SER LA 240 -13.61 84.47 -26.00
C SER LA 240 -13.35 84.52 -27.50
N TYR LA 241 -14.32 84.08 -28.26
CA TYR LA 241 -14.27 84.07 -29.72
C TYR LA 241 -14.50 85.49 -30.21
N LYS LA 242 -13.41 86.23 -30.42
CA LYS LA 242 -13.52 87.61 -30.87
C LYS LA 242 -14.23 87.69 -32.22
N GLY LA 243 -13.87 86.82 -33.14
CA GLY LA 243 -14.51 86.79 -34.44
C GLY LA 243 -13.54 86.28 -35.49
N MET LA 244 -13.86 86.58 -36.74
CA MET LA 244 -13.01 86.28 -37.88
C MET LA 244 -12.08 87.45 -38.16
N TYR LA 245 -10.81 87.13 -38.40
CA TYR LA 245 -9.88 88.08 -39.01
C TYR LA 245 -9.84 87.88 -40.51
N GLY LA 246 -10.93 87.35 -41.06
CA GLY LA 246 -10.97 86.90 -42.42
C GLY LA 246 -10.59 85.44 -42.53
N ASP LA 247 -9.36 85.19 -42.97
CA ASP LA 247 -8.85 83.83 -43.09
C ASP LA 247 -8.79 83.08 -41.77
N VAL LA 248 -8.38 83.74 -40.69
CA VAL LA 248 -8.03 83.05 -39.44
C VAL LA 248 -9.01 83.45 -38.35
N ALA LA 249 -9.15 82.57 -37.36
CA ALA LA 249 -10.01 82.84 -36.21
C ALA LA 249 -9.25 83.60 -35.13
N ILE LA 250 -9.94 84.56 -34.50
CA ILE LA 250 -9.36 85.38 -33.45
C ILE LA 250 -10.03 84.99 -32.13
N VAL LA 251 -9.22 84.54 -31.17
CA VAL LA 251 -9.71 84.13 -29.86
C VAL LA 251 -8.86 84.84 -28.82
N VAL LA 252 -9.40 84.96 -27.61
CA VAL LA 252 -8.64 85.48 -26.47
C VAL LA 252 -8.90 84.58 -25.27
N TYR LA 253 -7.83 84.11 -24.63
CA TYR LA 253 -7.92 83.35 -23.40
C TYR LA 253 -7.54 84.24 -22.23
N SER LA 254 -8.45 84.35 -21.26
CA SER LA 254 -8.23 85.11 -20.04
C SER LA 254 -8.47 84.23 -18.82
N GLY LA 255 -8.09 82.96 -18.90
CA GLY LA 255 -8.25 82.06 -17.78
C GLY LA 255 -7.34 82.45 -16.63
N GLN LA 256 -7.78 82.12 -15.41
CA GLN LA 256 -7.08 82.50 -14.20
C GLN LA 256 -6.99 81.31 -13.26
N TYR LA 257 -5.84 81.17 -12.60
CA TYR LA 257 -5.67 80.18 -11.54
C TYR LA 257 -5.61 80.89 -10.21
N VAL LA 258 -6.24 80.30 -9.20
CA VAL LA 258 -6.36 80.89 -7.87
C VAL LA 258 -5.39 80.12 -6.98
N GLU LA 259 -4.20 80.70 -6.79
CA GLU LA 259 -3.13 79.99 -6.09
C GLU LA 259 -3.33 80.11 -4.58
N ASN LA 260 -2.28 79.77 -3.83
CA ASN LA 260 -2.40 79.50 -2.40
C ASN LA 260 -3.03 80.66 -1.63
N GLY LA 261 -2.71 81.89 -1.99
CA GLY LA 261 -3.27 83.02 -1.28
C GLY LA 261 -3.85 84.09 -2.18
N VAL LA 262 -3.57 83.99 -3.47
CA VAL LA 262 -3.93 85.02 -4.43
C VAL LA 262 -4.37 84.34 -5.72
N LYS LA 263 -4.89 85.13 -6.65
CA LYS LA 263 -5.28 84.66 -7.97
C LYS LA 263 -4.56 85.46 -9.05
N LYS LA 264 -4.29 84.81 -10.18
CA LYS LA 264 -3.65 85.51 -11.29
C LYS LA 264 -3.88 84.70 -12.56
N ASN LA 265 -3.80 85.38 -13.71
CA ASN LA 265 -4.09 84.73 -14.99
C ASN LA 265 -3.08 83.64 -15.31
N PHE LA 266 -3.55 82.61 -16.02
CA PHE LA 266 -2.66 81.59 -16.55
C PHE LA 266 -1.62 82.21 -17.48
N LEU LA 267 -2.07 83.06 -18.39
CA LEU LA 267 -1.31 83.69 -19.46
C LEU LA 267 -0.36 84.76 -18.92
N PRO LA 268 0.84 84.82 -19.48
CA PRO LA 268 1.74 85.95 -19.19
C PRO LA 268 1.23 87.25 -19.79
N ASP LA 269 2.03 88.31 -19.71
CA ASP LA 269 1.55 89.64 -20.07
C ASP LA 269 1.14 89.72 -21.53
N ASN LA 270 2.03 89.32 -22.45
CA ASN LA 270 1.79 89.48 -23.89
C ASN LA 270 2.52 88.34 -24.60
N THR LA 271 1.78 87.28 -24.91
CA THR LA 271 2.37 86.11 -25.55
C THR LA 271 1.44 85.53 -26.60
N MET LA 272 2.02 84.73 -27.48
CA MET LA 272 1.35 84.12 -28.62
C MET LA 272 1.98 82.78 -28.96
N VAL LA 273 1.16 81.85 -29.39
CA VAL LA 273 1.62 80.60 -29.99
C VAL LA 273 0.89 80.40 -31.31
N LEU LA 274 1.65 80.30 -32.39
CA LEU LA 274 1.12 80.12 -33.73
C LEU LA 274 1.24 78.64 -34.11
N GLY LA 275 0.11 78.02 -34.39
CA GLY LA 275 0.09 76.62 -34.76
C GLY LA 275 -1.31 76.18 -35.14
N ASN LA 276 -1.46 74.87 -35.35
CA ASN LA 276 -2.71 74.28 -35.79
C ASN LA 276 -3.59 73.91 -34.61
N THR LA 277 -4.88 73.72 -34.90
CA THR LA 277 -5.82 73.16 -33.94
C THR LA 277 -5.72 71.65 -33.83
N GLN LA 278 -5.06 70.98 -34.77
CA GLN LA 278 -4.89 69.53 -34.73
C GLN LA 278 -3.46 69.11 -34.44
N ALA LA 279 -2.71 69.91 -33.68
CA ALA LA 279 -1.39 69.49 -33.25
C ALA LA 279 -1.50 68.30 -32.32
N ARG LA 280 -0.47 67.45 -32.33
CA ARG LA 280 -0.54 66.16 -31.64
C ARG LA 280 -0.05 66.37 -30.20
N GLY LA 281 -0.92 66.06 -29.24
CA GLY LA 281 -0.56 66.21 -27.84
C GLY LA 281 -0.63 64.92 -27.06
N LEU LA 282 0.47 64.56 -26.41
CA LEU LA 282 0.55 63.31 -25.67
C LEU LA 282 0.15 63.53 -24.21
N ARG LA 283 -0.60 62.58 -23.67
CA ARG LA 283 -1.04 62.57 -22.29
C ARG LA 283 -0.53 61.31 -21.62
N THR LA 284 0.77 61.07 -21.70
CA THR LA 284 1.36 59.93 -21.02
C THR LA 284 1.07 60.01 -19.52
N TYR LA 285 0.71 58.87 -18.94
CA TYR LA 285 0.29 58.78 -17.55
C TYR LA 285 1.11 57.68 -16.89
N GLY LA 286 1.63 57.95 -15.70
CA GLY LA 286 2.48 57.02 -15.00
C GLY LA 286 1.70 56.02 -14.17
N CYS LA 287 2.43 55.30 -13.34
CA CYS LA 287 1.82 54.35 -12.41
C CYS LA 287 0.97 55.09 -11.38
N ILE LA 288 -0.06 54.39 -10.90
CA ILE LA 288 -0.87 54.89 -9.79
C ILE LA 288 -0.50 54.10 -8.55
N GLN LA 289 0.11 54.77 -7.56
CA GLN LA 289 0.62 54.11 -6.36
C GLN LA 289 -0.50 53.99 -5.32
N ASP LA 290 -1.38 53.04 -5.56
CA ASP LA 290 -2.44 52.71 -4.63
C ASP LA 290 -2.72 51.22 -4.67
N ALA LA 291 -2.59 50.57 -3.51
CA ALA LA 291 -2.72 49.12 -3.46
C ALA LA 291 -4.02 48.66 -4.10
N ASP LA 292 -5.10 49.44 -3.89
CA ASP LA 292 -6.36 49.16 -4.56
C ASP LA 292 -6.19 49.18 -6.08
N ALA LA 293 -5.51 50.22 -6.58
CA ALA LA 293 -5.32 50.35 -8.02
C ALA LA 293 -4.53 49.17 -8.58
N GLN LA 294 -3.47 48.75 -7.89
CA GLN LA 294 -2.72 47.63 -8.44
C GLN LA 294 -3.50 46.33 -8.39
N ARG LA 295 -4.21 46.02 -7.30
CA ARG LA 295 -4.76 44.67 -7.28
C ARG LA 295 -6.07 44.62 -8.05
N GLU LA 296 -6.59 45.76 -8.48
CA GLU LA 296 -7.71 45.73 -9.42
C GLU LA 296 -7.33 46.22 -10.82
N GLY LA 297 -6.05 46.46 -11.09
CA GLY LA 297 -5.62 46.75 -12.44
C GLY LA 297 -5.80 48.18 -12.93
N ILE LA 298 -5.81 49.14 -12.01
CA ILE LA 298 -5.95 50.55 -12.38
C ILE LA 298 -4.57 51.20 -12.29
N ASN LA 299 -3.52 50.38 -12.45
CA ASN LA 299 -2.17 50.91 -12.56
C ASN LA 299 -1.98 51.68 -13.85
N ALA LA 300 -2.79 51.39 -14.87
CA ALA LA 300 -2.71 52.07 -16.17
C ALA LA 300 -4.08 52.69 -16.45
N SER LA 301 -4.23 53.96 -16.04
CA SER LA 301 -5.51 54.64 -16.20
C SER LA 301 -5.30 56.14 -16.13
N ALA LA 302 -6.40 56.87 -16.18
CA ALA LA 302 -6.33 58.32 -16.05
C ALA LA 302 -6.31 58.74 -14.58
N ARG LA 303 -7.41 58.50 -13.87
CA ARG LA 303 -7.62 59.01 -12.52
C ARG LA 303 -8.08 57.89 -11.61
N TYR LA 304 -7.94 58.11 -10.31
CA TYR LA 304 -8.47 57.14 -9.34
C TYR LA 304 -9.02 57.85 -8.11
N PRO LA 305 -10.33 57.76 -7.88
CA PRO LA 305 -10.90 58.26 -6.63
C PRO LA 305 -11.04 57.18 -5.56
N LYS LA 306 -11.20 57.57 -4.30
CA LYS LA 306 -11.64 56.63 -3.28
C LYS LA 306 -12.14 57.40 -2.07
N ASN LA 307 -13.07 56.77 -1.35
CA ASN LA 307 -13.56 57.27 -0.07
C ASN LA 307 -13.23 56.23 0.99
N TRP LA 308 -12.65 56.67 2.10
CA TRP LA 308 -11.95 55.73 2.98
C TRP LA 308 -11.79 56.31 4.37
N VAL LA 309 -11.88 55.41 5.36
CA VAL LA 309 -11.88 55.77 6.77
C VAL LA 309 -10.53 55.43 7.38
N THR LA 310 -9.99 56.35 8.17
CA THR LA 310 -8.80 56.11 8.99
C THR LA 310 -9.23 55.79 10.41
N THR LA 311 -8.74 54.65 10.92
CA THR LA 311 -8.98 54.23 12.29
C THR LA 311 -7.71 54.43 13.11
N GLY LA 312 -7.88 55.13 14.23
CA GLY LA 312 -6.75 55.37 15.12
C GLY LA 312 -6.56 56.83 15.48
N ASP LA 313 -5.33 57.34 15.29
CA ASP LA 313 -5.06 58.74 15.61
C ASP LA 313 -5.89 59.69 14.75
N PRO LA 314 -5.79 59.67 13.41
CA PRO LA 314 -6.68 60.53 12.60
C PRO LA 314 -7.96 59.78 12.24
N ALA LA 315 -8.68 59.33 13.26
CA ALA LA 315 -9.85 58.49 13.02
C ALA LA 315 -10.94 59.32 12.38
N ARG LA 316 -10.95 59.33 11.05
CA ARG LA 316 -11.78 60.23 10.27
C ARG LA 316 -12.13 59.52 8.97
N GLU LA 317 -12.59 60.27 7.98
CA GLU LA 317 -12.89 59.70 6.67
C GLU LA 317 -12.65 60.75 5.59
N PHE LA 318 -12.01 60.32 4.50
CA PHE LA 318 -11.45 61.21 3.51
C PHE LA 318 -11.80 60.75 2.10
N THR LA 319 -11.70 61.68 1.16
CA THR LA 319 -11.75 61.39 -0.26
C THR LA 319 -10.37 61.67 -0.86
N MET LA 320 -9.85 60.68 -1.57
CA MET LA 320 -8.47 60.67 -2.06
C MET LA 320 -8.52 60.58 -3.57
N ILE LA 321 -7.78 61.44 -4.26
CA ILE LA 321 -7.73 61.43 -5.72
C ILE LA 321 -6.28 61.26 -6.14
N GLN LA 322 -6.03 60.33 -7.05
CA GLN LA 322 -4.68 60.03 -7.49
C GLN LA 322 -4.58 60.02 -9.02
N SER LA 323 -3.50 60.58 -9.52
CA SER LA 323 -3.26 60.68 -10.96
C SER LA 323 -1.75 60.80 -11.18
N ALA LA 324 -1.34 60.75 -12.45
CA ALA LA 324 0.07 60.91 -12.80
C ALA LA 324 0.19 61.34 -14.27
N PRO LA 325 -0.14 62.59 -14.58
CA PRO LA 325 0.01 63.07 -15.96
C PRO LA 325 1.39 63.63 -16.24
N LEU LA 326 1.83 63.44 -17.48
CA LEU LA 326 3.05 64.07 -17.98
C LEU LA 326 2.83 64.51 -19.42
N MET LA 327 1.65 65.08 -19.66
CA MET LA 327 1.27 65.62 -20.96
C MET LA 327 2.32 66.55 -21.56
N LEU LA 328 2.62 66.33 -22.83
CA LEU LA 328 3.57 67.12 -23.60
C LEU LA 328 3.01 67.29 -25.02
N LEU LA 329 3.80 67.93 -25.88
CA LEU LA 329 3.46 68.10 -27.29
C LEU LA 329 4.41 67.27 -28.13
N ALA LA 330 3.86 66.57 -29.12
CA ALA LA 330 4.69 65.73 -29.98
C ALA LA 330 5.66 66.58 -30.81
N ASP LA 331 5.17 67.67 -31.38
CA ASP LA 331 5.98 68.56 -32.21
C ASP LA 331 6.07 69.92 -31.54
N PRO LA 332 7.12 70.19 -30.77
CA PRO LA 332 7.30 71.55 -30.23
C PRO LA 332 7.48 72.60 -31.30
N ASP LA 333 8.02 72.22 -32.46
CA ASP LA 333 8.17 73.13 -33.58
C ASP LA 333 6.85 73.50 -34.23
N GLU LA 334 5.76 72.80 -33.88
CA GLU LA 334 4.46 73.11 -34.45
C GLU LA 334 3.97 74.50 -34.08
N PHE LA 335 4.35 75.01 -32.91
CA PHE LA 335 3.93 76.33 -32.47
C PHE LA 335 5.13 77.25 -32.32
N VAL LA 336 4.99 78.45 -32.90
CA VAL LA 336 5.94 79.53 -32.72
C VAL LA 336 5.48 80.38 -31.54
N SER LA 337 6.32 80.49 -30.52
CA SER LA 337 6.00 81.21 -29.30
C SER LA 337 6.67 82.58 -29.34
N VAL LA 338 5.85 83.62 -29.31
CA VAL LA 338 6.31 85.00 -29.46
C VAL LA 338 5.85 85.80 -28.25
N GLN LA 339 6.77 86.54 -27.64
CA GLN LA 339 6.40 87.56 -26.68
C GLN LA 339 6.21 88.87 -27.45
N LEU LA 340 5.14 89.57 -27.11
CA LEU LA 340 4.66 90.70 -27.89
C LEU LA 340 5.23 92.01 -27.37
N ALA LA 341 4.92 93.09 -28.08
CA ALA LA 341 5.36 94.43 -27.70
C ALA LA 341 4.73 94.85 -26.37
N ALA MA 7 -4.65 36.41 -37.85
CA ALA MA 7 -5.20 36.29 -39.19
C ALA MA 7 -6.72 36.42 -39.17
N GLN MA 8 -7.21 37.58 -39.61
CA GLN MA 8 -8.63 37.87 -39.69
C GLN MA 8 -9.03 38.04 -41.15
N LEU MA 9 -10.33 37.90 -41.40
CA LEU MA 9 -10.86 37.78 -42.76
C LEU MA 9 -10.64 39.06 -43.56
N LEU MA 10 -10.89 38.95 -44.86
CA LEU MA 10 -10.75 40.09 -45.77
C LEU MA 10 -11.75 41.19 -45.45
N ALA MA 11 -12.97 40.84 -45.06
CA ALA MA 11 -14.03 41.83 -44.84
C ALA MA 11 -13.73 42.78 -43.69
N ALA MA 12 -12.75 42.47 -42.84
CA ALA MA 12 -12.35 43.37 -41.77
C ALA MA 12 -11.45 44.49 -42.30
N ASN MA 13 -11.99 45.23 -43.26
CA ASN MA 13 -11.28 46.31 -43.94
C ASN MA 13 -12.19 47.52 -44.09
N GLU MA 14 -12.90 47.88 -43.03
CA GLU MA 14 -13.88 48.96 -43.06
C GLU MA 14 -13.25 50.23 -42.50
N GLN MA 15 -13.16 51.27 -43.34
CA GLN MA 15 -12.66 52.56 -42.91
C GLN MA 15 -13.72 53.66 -43.02
N LYS MA 16 -14.31 53.83 -44.20
CA LYS MA 16 -15.13 55.00 -44.52
C LYS MA 16 -14.36 56.30 -44.29
N PHE MA 17 -13.05 56.25 -44.50
CA PHE MA 17 -12.15 57.38 -44.33
C PHE MA 17 -11.40 57.60 -45.64
N LYS MA 18 -11.98 58.39 -46.54
CA LYS MA 18 -11.33 58.79 -47.79
C LYS MA 18 -11.16 60.29 -47.75
N PHE MA 19 -9.96 60.73 -47.38
CA PHE MA 19 -9.66 62.15 -47.16
C PHE MA 19 -8.36 62.54 -47.84
N ASP MA 20 -8.20 62.14 -49.09
CA ASP MA 20 -7.05 62.56 -49.88
C ASP MA 20 -7.12 64.05 -50.18
N PRO MA 21 -5.99 64.77 -50.20
CA PRO MA 21 -6.00 66.24 -50.37
C PRO MA 21 -6.32 66.75 -51.77
N LEU MA 22 -7.58 66.53 -52.16
CA LEU MA 22 -8.19 67.19 -53.31
C LEU MA 22 -7.53 66.88 -54.64
N PHE MA 23 -6.57 65.97 -54.67
CA PHE MA 23 -5.92 65.61 -55.92
C PHE MA 23 -6.46 64.33 -56.53
N LEU MA 24 -6.37 63.22 -55.81
CA LEU MA 24 -6.88 61.94 -56.31
C LEU MA 24 -8.40 61.86 -56.27
N ARG MA 25 -9.06 62.82 -55.61
CA ARG MA 25 -10.51 62.84 -55.49
C ARG MA 25 -11.17 63.88 -56.38
N LEU MA 26 -10.42 64.86 -56.88
CA LEU MA 26 -10.98 65.97 -57.63
C LEU MA 26 -10.40 66.13 -59.03
N PHE MA 27 -9.10 65.95 -59.21
CA PHE MA 27 -8.52 65.96 -60.54
C PHE MA 27 -8.32 64.57 -61.12
N PHE MA 28 -8.14 63.56 -60.27
CA PHE MA 28 -7.72 62.24 -60.73
C PHE MA 28 -8.72 61.16 -60.35
N ARG MA 29 -10.00 61.42 -60.63
CA ARG MA 29 -11.08 60.48 -60.35
C ARG MA 29 -11.08 59.27 -61.28
N GLU MA 30 -10.28 59.30 -62.34
CA GLU MA 30 -10.48 58.47 -63.52
C GLU MA 30 -9.76 57.13 -63.35
N SER MA 31 -10.26 56.28 -62.44
CA SER MA 31 -9.58 55.06 -62.05
C SER MA 31 -9.68 53.98 -63.12
N TYR MA 32 -8.55 53.30 -63.38
CA TYR MA 32 -8.53 52.19 -64.34
C TYR MA 32 -7.71 51.04 -63.79
N PRO MA 33 -8.23 50.29 -62.81
CA PRO MA 33 -7.56 49.04 -62.46
C PRO MA 33 -7.69 47.98 -63.54
N PHE MA 34 -6.59 47.29 -63.80
CA PHE MA 34 -6.46 46.35 -64.91
C PHE MA 34 -6.21 44.94 -64.39
N THR MA 35 -6.50 43.97 -65.25
CA THR MA 35 -6.11 42.58 -65.04
C THR MA 35 -4.71 42.33 -65.60
N THR MA 36 -4.06 43.37 -66.12
CA THR MA 36 -2.78 43.25 -66.77
C THR MA 36 -1.76 44.15 -66.06
N GLU MA 37 -0.49 43.76 -66.20
CA GLU MA 37 0.58 44.37 -65.40
C GLU MA 37 0.67 45.87 -65.64
N LYS MA 38 1.00 46.28 -66.86
CA LYS MA 38 1.35 47.65 -67.16
C LYS MA 38 0.10 48.49 -67.39
N VAL MA 39 0.32 49.77 -67.68
CA VAL MA 39 -0.71 50.65 -68.20
C VAL MA 39 -0.60 50.67 -69.71
N TYR MA 40 -1.74 50.55 -70.37
CA TYR MA 40 -1.79 50.50 -71.84
C TYR MA 40 -2.68 51.66 -72.28
N LEU MA 41 -2.07 52.85 -72.43
CA LEU MA 41 -2.83 54.04 -72.76
C LEU MA 41 -3.60 53.87 -74.06
N SER MA 42 -3.10 53.03 -74.97
CA SER MA 42 -3.88 52.67 -76.15
C SER MA 42 -5.17 51.95 -75.77
N GLN MA 43 -5.13 51.14 -74.72
CA GLN MA 43 -6.32 50.45 -74.26
C GLN MA 43 -7.34 51.40 -73.65
N ILE MA 44 -6.89 52.37 -72.85
CA ILE MA 44 -7.81 53.37 -72.29
C ILE MA 44 -8.41 54.18 -73.44
N PRO MA 45 -9.74 54.35 -73.49
CA PRO MA 45 -10.31 55.21 -74.54
C PRO MA 45 -9.87 56.65 -74.40
N GLY MA 46 -9.70 57.13 -73.16
CA GLY MA 46 -9.38 58.51 -72.89
C GLY MA 46 -10.40 59.42 -73.54
N LEU MA 47 -9.89 60.44 -74.23
CA LEU MA 47 -10.74 61.23 -75.10
C LEU MA 47 -11.06 60.45 -76.37
N VAL MA 48 -12.33 60.47 -76.76
CA VAL MA 48 -12.83 59.72 -77.91
C VAL MA 48 -12.81 60.64 -79.12
N ASN MA 49 -12.47 60.08 -80.29
CA ASN MA 49 -12.59 60.79 -81.55
C ASN MA 49 -14.06 61.19 -81.72
N MET MA 50 -14.34 62.49 -81.66
CA MET MA 50 -15.66 62.96 -81.23
C MET MA 50 -16.14 64.13 -82.09
N ALA MA 51 -16.11 64.01 -83.42
CA ALA MA 51 -16.67 65.06 -84.25
C ALA MA 51 -17.47 64.56 -85.44
N LEU MA 52 -16.93 63.61 -86.19
CA LEU MA 52 -17.40 63.31 -87.54
C LEU MA 52 -18.74 62.59 -87.53
N TYR MA 53 -19.60 62.96 -88.48
CA TYR MA 53 -20.82 62.22 -88.75
C TYR MA 53 -20.73 61.58 -90.13
N VAL MA 54 -21.84 61.01 -90.59
CA VAL MA 54 -21.88 60.33 -91.88
C VAL MA 54 -23.05 60.89 -92.70
N SER MA 55 -22.96 60.68 -94.02
CA SER MA 55 -23.94 61.23 -94.95
C SER MA 55 -25.32 60.62 -94.71
N PRO MA 56 -26.39 61.35 -95.07
CA PRO MA 56 -27.75 60.82 -94.87
C PRO MA 56 -28.14 59.77 -95.90
N ILE MA 57 -27.26 58.81 -96.18
CA ILE MA 57 -27.61 57.67 -97.01
C ILE MA 57 -27.26 56.36 -96.29
N VAL MA 58 -26.01 56.23 -95.86
CA VAL MA 58 -25.54 55.09 -95.09
C VAL MA 58 -24.64 55.60 -93.97
N SER MA 59 -24.09 54.67 -93.20
CA SER MA 59 -23.17 55.05 -92.14
C SER MA 59 -21.76 54.52 -92.44
N GLY MA 60 -20.79 55.05 -91.70
CA GLY MA 60 -19.40 54.83 -92.01
C GLY MA 60 -18.78 53.66 -91.26
N GLU MA 61 -17.48 53.77 -91.04
CA GLU MA 61 -16.67 52.68 -90.50
C GLU MA 61 -16.85 52.54 -89.00
N VAL MA 62 -16.08 51.64 -88.40
CA VAL MA 62 -16.14 51.38 -86.97
C VAL MA 62 -15.11 52.24 -86.27
N ILE MA 63 -15.50 52.89 -85.17
CA ILE MA 63 -14.62 53.76 -84.40
C ILE MA 63 -14.14 52.98 -83.17
N ARG MA 64 -12.84 53.09 -82.90
CA ARG MA 64 -12.16 52.33 -81.86
C ARG MA 64 -11.67 53.27 -80.77
N SER MA 65 -10.99 52.69 -79.78
CA SER MA 65 -10.14 53.47 -78.88
C SER MA 65 -8.92 53.89 -79.69
N ARG MA 66 -8.68 55.20 -79.78
CA ARG MA 66 -7.84 55.74 -80.84
C ARG MA 66 -6.35 55.59 -80.53
N GLY MA 67 -5.96 54.34 -80.24
CA GLY MA 67 -4.57 53.92 -80.27
C GLY MA 67 -3.53 54.85 -79.70
N GLY MA 68 -3.53 55.01 -78.37
CA GLY MA 68 -2.53 55.84 -77.72
C GLY MA 68 -1.11 55.50 -78.13
N SER MA 69 -0.31 56.52 -78.41
CA SER MA 69 1.03 56.29 -78.98
C SER MA 69 1.90 55.51 -78.01
N THR MA 70 1.96 55.93 -76.75
CA THR MA 70 2.74 55.24 -75.72
C THR MA 70 1.78 54.55 -74.76
N SER MA 71 1.92 53.22 -74.65
CA SER MA 71 1.04 52.42 -73.83
C SER MA 71 1.78 51.41 -72.96
N GLU MA 72 2.90 51.80 -72.35
CA GLU MA 72 3.74 50.87 -71.59
C GLU MA 72 4.48 51.63 -70.50
N PHE MA 73 3.95 51.62 -69.28
CA PHE MA 73 4.66 52.11 -68.11
C PHE MA 73 4.38 51.15 -66.95
N THR MA 74 5.29 51.16 -65.97
CA THR MA 74 5.25 50.23 -64.86
C THR MA 74 4.50 50.85 -63.70
N PRO MA 75 3.34 50.30 -63.29
CA PRO MA 75 2.66 50.82 -62.10
C PRO MA 75 3.50 50.61 -60.85
N GLY MA 76 3.32 51.49 -59.87
CA GLY MA 76 4.02 51.41 -58.62
C GLY MA 76 3.44 50.35 -57.70
N TYR MA 77 3.71 49.09 -58.00
CA TYR MA 77 3.18 48.03 -57.16
C TYR MA 77 3.80 48.12 -55.77
N VAL MA 78 3.02 48.65 -54.85
CA VAL MA 78 3.43 48.91 -53.47
C VAL MA 78 2.74 47.90 -52.58
N LYS MA 79 3.53 47.03 -51.97
CA LYS MA 79 2.90 46.16 -50.98
C LYS MA 79 3.66 46.21 -49.66
N PRO MA 80 3.32 47.14 -48.77
CA PRO MA 80 3.93 47.12 -47.44
C PRO MA 80 3.16 46.25 -46.46
N LYS MA 81 3.67 46.14 -45.25
CA LYS MA 81 3.00 45.37 -44.21
C LYS MA 81 3.41 45.91 -42.85
N HIS MA 82 2.77 45.39 -41.82
CA HIS MA 82 3.19 45.65 -40.45
C HIS MA 82 2.79 44.47 -39.58
N GLU MA 83 3.24 44.53 -38.33
CA GLU MA 83 2.79 43.60 -37.31
C GLU MA 83 1.72 44.27 -36.46
N VAL MA 84 0.81 43.44 -35.95
CA VAL MA 84 -0.22 43.88 -35.02
C VAL MA 84 -0.10 43.08 -33.74
N ASN MA 85 1.13 42.74 -33.37
CA ASN MA 85 1.42 41.90 -32.22
C ASN MA 85 0.77 42.46 -30.96
N PRO MA 86 -0.07 41.68 -30.28
CA PRO MA 86 -0.75 42.20 -29.08
C PRO MA 86 0.17 42.35 -27.88
N GLN MA 87 1.22 43.14 -28.03
CA GLN MA 87 2.10 43.49 -26.93
C GLN MA 87 2.05 44.97 -26.57
N MET MA 88 1.40 45.80 -27.38
CA MET MA 88 1.32 47.22 -27.10
C MET MA 88 0.07 47.60 -26.31
N THR MA 89 0.18 48.66 -25.53
CA THR MA 89 -1.00 49.45 -25.24
C THR MA 89 -1.29 50.38 -26.42
N LEU MA 90 -2.56 50.46 -26.80
CA LEU MA 90 -2.96 51.02 -28.07
C LEU MA 90 -3.44 52.46 -27.92
N ARG MA 91 -3.94 53.02 -29.01
CA ARG MA 91 -4.61 54.32 -28.96
C ARG MA 91 -5.89 54.15 -28.15
N ARG MA 92 -5.96 54.70 -26.95
CA ARG MA 92 -7.19 54.60 -26.15
C ARG MA 92 -8.03 55.84 -26.33
N LEU MA 93 -9.01 55.76 -27.23
CA LEU MA 93 -10.05 56.77 -27.28
C LEU MA 93 -10.59 56.99 -25.86
N PRO MA 94 -10.88 58.24 -25.47
CA PRO MA 94 -11.19 58.51 -24.06
C PRO MA 94 -12.27 57.64 -23.45
N ASP MA 95 -11.84 56.75 -22.56
CA ASP MA 95 -12.70 56.01 -21.61
C ASP MA 95 -13.88 55.30 -22.27
N GLU MA 96 -13.64 54.56 -23.36
CA GLU MA 96 -14.61 53.56 -23.82
C GLU MA 96 -14.19 52.16 -23.36
N ASP MA 97 -14.33 51.96 -22.04
CA ASP MA 97 -14.23 50.65 -21.42
C ASP MA 97 -12.93 49.92 -21.76
N PRO MA 98 -11.79 50.32 -21.18
CA PRO MA 98 -10.51 49.65 -21.51
C PRO MA 98 -10.50 48.16 -21.22
N GLN MA 99 -11.57 47.60 -20.64
CA GLN MA 99 -11.65 46.17 -20.47
C GLN MA 99 -11.59 45.43 -21.80
N ASN MA 100 -12.17 46.00 -22.86
CA ASN MA 100 -12.05 45.36 -24.16
C ASN MA 100 -10.65 45.48 -24.75
N LEU MA 101 -9.94 46.57 -24.46
CA LEU MA 101 -8.52 46.59 -24.79
C LEU MA 101 -7.78 45.48 -24.06
N ALA MA 102 -8.13 45.23 -22.80
CA ALA MA 102 -7.58 44.09 -22.09
C ALA MA 102 -7.85 42.77 -22.81
N ASP MA 103 -8.93 42.70 -23.57
CA ASP MA 103 -9.16 41.55 -24.45
C ASP MA 103 -8.11 41.52 -25.55
N PRO MA 104 -7.42 40.39 -25.75
CA PRO MA 104 -6.60 40.26 -26.97
C PRO MA 104 -7.42 40.34 -28.25
N ALA MA 105 -8.69 39.93 -28.23
CA ALA MA 105 -9.49 39.99 -29.46
C ALA MA 105 -9.75 41.43 -29.87
N TYR MA 106 -10.23 42.27 -28.95
CA TYR MA 106 -10.51 43.65 -29.33
C TYR MA 106 -9.23 44.42 -29.60
N ARG MA 107 -8.17 44.19 -28.80
CA ARG MA 107 -6.92 44.88 -29.08
C ARG MA 107 -6.43 44.51 -30.47
N ARG MA 108 -6.48 43.21 -30.82
CA ARG MA 108 -5.96 42.80 -32.12
C ARG MA 108 -6.80 43.35 -33.26
N ARG MA 109 -8.13 43.37 -33.10
CA ARG MA 109 -8.93 43.87 -34.21
C ARG MA 109 -8.79 45.38 -34.39
N ARG MA 110 -8.79 46.16 -33.31
CA ARG MA 110 -8.68 47.59 -33.56
C ARG MA 110 -7.24 47.97 -33.85
N ILE MA 111 -6.26 47.13 -33.49
CA ILE MA 111 -4.89 47.41 -33.91
C ILE MA 111 -4.69 47.04 -35.37
N ILE MA 112 -5.39 46.03 -35.90
CA ILE MA 112 -5.31 45.85 -37.34
C ILE MA 112 -6.03 47.01 -38.03
N MET MA 113 -7.09 47.53 -37.40
CA MET MA 113 -7.72 48.76 -37.90
C MET MA 113 -6.69 49.88 -38.02
N GLN MA 114 -5.98 50.15 -36.92
CA GLN MA 114 -4.98 51.21 -36.88
C GLN MA 114 -3.85 50.96 -37.87
N ASN MA 115 -3.34 49.73 -37.90
CA ASN MA 115 -2.27 49.37 -38.81
C ASN MA 115 -2.68 49.61 -40.25
N MET MA 116 -3.85 49.08 -40.64
CA MET MA 116 -4.22 49.18 -42.04
C MET MA 116 -4.50 50.61 -42.41
N ARG MA 117 -5.09 51.41 -41.50
CA ARG MA 117 -5.35 52.80 -41.84
C ARG MA 117 -4.04 53.56 -42.05
N ASP MA 118 -3.04 53.31 -41.19
CA ASP MA 118 -1.71 53.82 -41.47
C ASP MA 118 -1.26 53.39 -42.86
N GLU MA 119 -1.58 52.15 -43.24
CA GLU MA 119 -1.13 51.64 -44.53
C GLU MA 119 -1.75 52.42 -45.71
N GLU MA 120 -3.09 52.60 -45.71
CA GLU MA 120 -3.64 53.28 -46.88
C GLU MA 120 -3.30 54.76 -46.85
N LEU MA 121 -3.12 55.36 -45.68
CA LEU MA 121 -2.68 56.76 -45.69
C LEU MA 121 -1.23 56.86 -46.14
N ALA MA 122 -0.43 55.81 -45.92
CA ALA MA 122 0.91 55.77 -46.49
C ALA MA 122 0.87 55.73 -48.01
N ILE MA 123 0.07 54.82 -48.56
CA ILE MA 123 -0.02 54.75 -50.02
C ILE MA 123 -0.64 56.03 -50.56
N ALA MA 124 -1.54 56.66 -49.79
CA ALA MA 124 -2.15 57.91 -50.21
C ALA MA 124 -1.13 59.04 -50.24
N GLN MA 125 -0.24 59.10 -49.25
CA GLN MA 125 0.76 60.16 -49.23
C GLN MA 125 1.81 59.96 -50.31
N VAL MA 126 2.21 58.72 -50.57
CA VAL MA 126 3.12 58.50 -51.69
C VAL MA 126 2.42 58.79 -53.01
N GLU MA 127 1.12 58.53 -53.09
CA GLU MA 127 0.36 58.85 -54.29
C GLU MA 127 0.25 60.36 -54.46
N GLU MA 128 0.14 61.10 -53.35
CA GLU MA 128 0.12 62.55 -53.42
C GLU MA 128 1.47 63.12 -53.84
N MET MA 129 2.58 62.50 -53.41
CA MET MA 129 3.86 62.91 -53.96
C MET MA 129 3.93 62.64 -55.46
N GLN MA 130 3.41 61.49 -55.90
CA GLN MA 130 3.32 61.24 -57.33
C GLN MA 130 2.49 62.31 -58.03
N ALA MA 131 1.37 62.72 -57.42
CA ALA MA 131 0.51 63.74 -57.99
C ALA MA 131 1.21 65.09 -58.09
N VAL MA 132 1.95 65.46 -57.04
CA VAL MA 132 2.62 66.76 -57.05
C VAL MA 132 3.76 66.77 -58.07
N SER MA 133 4.50 65.67 -58.19
CA SER MA 133 5.47 65.57 -59.29
C SER MA 133 4.78 65.68 -60.63
N ALA MA 134 3.66 64.95 -60.79
CA ALA MA 134 2.94 64.92 -62.06
C ALA MA 134 2.48 66.31 -62.47
N VAL MA 135 1.57 66.91 -61.71
CA VAL MA 135 1.26 68.30 -61.98
C VAL MA 135 2.13 69.17 -61.08
N LEU MA 136 3.43 69.10 -61.30
CA LEU MA 136 4.36 70.24 -61.26
C LEU MA 136 5.39 70.19 -62.37
N LYS MA 137 5.69 69.02 -62.95
CA LYS MA 137 6.63 68.98 -64.06
C LYS MA 137 6.21 68.08 -65.21
N GLY MA 138 5.14 67.29 -65.09
CA GLY MA 138 4.79 66.37 -66.14
C GLY MA 138 5.59 65.09 -66.15
N LYS MA 139 6.64 65.03 -65.33
CA LYS MA 139 7.51 63.88 -65.18
C LYS MA 139 7.23 63.21 -63.83
N TYR MA 140 7.22 61.88 -63.84
CA TYR MA 140 7.13 61.13 -62.60
C TYR MA 140 8.25 60.09 -62.56
N THR MA 141 8.88 59.95 -61.40
CA THR MA 141 9.98 59.02 -61.21
C THR MA 141 9.44 57.72 -60.60
N MET MA 142 9.08 56.77 -61.46
CA MET MA 142 8.84 55.40 -61.06
C MET MA 142 10.17 54.77 -60.69
N THR MA 143 10.53 54.84 -59.41
CA THR MA 143 11.87 54.44 -59.00
C THR MA 143 11.83 53.82 -57.61
N GLY MA 144 12.87 53.04 -57.33
CA GLY MA 144 13.08 52.44 -56.03
C GLY MA 144 14.31 51.58 -56.10
N GLU MA 145 14.89 51.31 -54.94
CA GLU MA 145 16.07 50.45 -54.90
C GLU MA 145 15.70 49.05 -55.36
N ALA MA 146 16.65 48.38 -56.01
CA ALA MA 146 16.40 47.11 -56.69
C ALA MA 146 15.25 47.25 -57.69
N PHE MA 147 15.24 48.35 -58.43
CA PHE MA 147 14.24 48.63 -59.44
C PHE MA 147 14.75 49.75 -60.34
N ASP MA 148 14.60 49.59 -61.64
CA ASP MA 148 15.10 50.60 -62.57
C ASP MA 148 14.23 51.85 -62.50
N PRO MA 149 14.82 53.05 -62.54
CA PRO MA 149 14.02 54.26 -62.56
C PRO MA 149 13.44 54.53 -63.95
N VAL MA 150 12.13 54.34 -64.07
CA VAL MA 150 11.38 54.67 -65.28
C VAL MA 150 10.82 56.08 -65.12
N GLU MA 151 11.13 56.95 -66.06
CA GLU MA 151 10.50 58.26 -66.13
C GLU MA 151 9.20 58.14 -66.91
N VAL MA 152 8.08 58.40 -66.24
CA VAL MA 152 6.76 58.38 -66.85
C VAL MA 152 6.38 59.82 -67.13
N ASP MA 153 6.29 60.18 -68.41
CA ASP MA 153 6.05 61.56 -68.82
C ASP MA 153 4.67 61.65 -69.46
N MET MA 154 3.84 62.55 -68.93
CA MET MA 154 2.60 62.86 -69.65
C MET MA 154 2.86 63.73 -70.87
N GLY MA 155 3.89 64.56 -70.85
CA GLY MA 155 4.23 65.38 -72.00
C GLY MA 155 4.06 66.86 -71.75
N ARG MA 156 4.33 67.31 -70.53
CA ARG MA 156 4.20 68.71 -70.20
C ARG MA 156 5.09 69.55 -71.11
N SER MA 157 4.48 70.57 -71.72
CA SER MA 157 5.15 71.39 -72.71
C SER MA 157 6.01 72.46 -72.06
N GLU MA 158 6.82 73.11 -72.90
CA GLU MA 158 7.73 74.16 -72.40
C GLU MA 158 6.98 75.38 -71.90
N GLU MA 159 5.93 75.80 -72.62
CA GLU MA 159 5.12 76.93 -72.15
C GLU MA 159 4.36 76.59 -70.88
N ASN MA 160 4.25 75.31 -70.53
CA ASN MA 160 3.72 74.89 -69.24
C ASN MA 160 4.80 74.84 -68.17
N ASN MA 161 6.04 75.17 -68.51
CA ASN MA 161 7.16 75.16 -67.56
C ASN MA 161 7.87 76.50 -67.54
N ILE MA 162 7.21 77.54 -68.06
CA ILE MA 162 7.82 78.87 -68.07
C ILE MA 162 7.88 79.42 -66.64
N THR MA 163 8.93 80.20 -66.38
CA THR MA 163 9.34 80.54 -65.03
C THR MA 163 9.14 82.03 -64.76
N GLN MA 164 8.72 82.35 -63.54
CA GLN MA 164 8.57 83.74 -63.12
C GLN MA 164 9.90 84.46 -62.97
N SER MA 165 10.94 83.76 -62.49
CA SER MA 165 12.23 84.42 -62.31
C SER MA 165 12.83 84.88 -63.63
N GLY MA 166 12.46 84.22 -64.73
CA GLY MA 166 12.88 84.68 -66.04
C GLY MA 166 12.37 86.09 -66.31
N GLY MA 167 13.27 86.98 -66.71
CA GLY MA 167 12.90 88.36 -66.93
C GLY MA 167 12.82 89.16 -65.64
N THR MA 168 11.61 89.53 -65.25
CA THR MA 168 11.37 90.32 -64.05
C THR MA 168 10.69 89.45 -63.00
N GLU MA 169 11.23 89.47 -61.78
CA GLU MA 169 10.69 88.69 -60.67
C GLU MA 169 9.69 89.52 -59.89
N TRP MA 170 8.71 88.84 -59.29
CA TRP MA 170 7.76 89.52 -58.43
C TRP MA 170 8.45 90.10 -57.20
N SER MA 171 9.46 89.41 -56.67
CA SER MA 171 10.28 90.00 -55.62
C SER MA 171 10.98 91.25 -56.12
N LYS MA 172 11.47 91.22 -57.35
CA LYS MA 172 12.08 92.38 -57.99
C LYS MA 172 11.05 93.24 -58.71
N ARG MA 173 10.01 93.61 -57.99
CA ARG MA 173 8.95 94.47 -58.51
C ARG MA 173 8.46 95.38 -57.40
N ASP MA 174 7.61 96.33 -57.77
CA ASP MA 174 7.01 97.23 -56.78
C ASP MA 174 6.04 96.45 -55.91
N LYS MA 175 6.30 96.45 -54.61
CA LYS MA 175 5.44 95.74 -53.66
C LYS MA 175 4.09 96.42 -53.46
N SER MA 176 3.90 97.61 -54.01
CA SER MA 176 2.68 98.38 -53.79
C SER MA 176 1.83 98.55 -55.04
N THR MA 177 2.42 98.90 -56.18
CA THR MA 177 1.64 99.23 -57.37
C THR MA 177 1.57 98.13 -58.40
N TYR MA 178 2.57 97.24 -58.45
CA TYR MA 178 2.55 96.18 -59.45
C TYR MA 178 1.41 95.20 -59.18
N ASP MA 179 0.73 94.80 -60.24
CA ASP MA 179 -0.36 93.82 -60.15
C ASP MA 179 0.08 92.54 -60.85
N PRO MA 180 0.19 91.41 -60.14
CA PRO MA 180 0.57 90.16 -60.81
C PRO MA 180 -0.57 89.50 -61.57
N THR MA 181 -1.74 90.14 -61.64
CA THR MA 181 -2.83 89.60 -62.45
C THR MA 181 -2.44 89.49 -63.91
N ASP MA 182 -1.67 90.47 -64.40
CA ASP MA 182 -1.20 90.40 -65.78
C ASP MA 182 -0.44 89.11 -66.03
N ASP MA 183 0.49 88.78 -65.13
CA ASP MA 183 1.15 87.48 -65.22
C ASP MA 183 0.16 86.33 -65.05
N ILE MA 184 -0.91 86.54 -64.27
CA ILE MA 184 -1.88 85.48 -64.06
C ILE MA 184 -2.52 85.07 -65.38
N GLU MA 185 -3.04 86.04 -66.14
CA GLU MA 185 -3.57 85.65 -67.46
C GLU MA 185 -2.47 85.28 -68.43
N ALA MA 186 -1.26 85.85 -68.26
CA ALA MA 186 -0.17 85.48 -69.15
C ALA MA 186 0.14 84.00 -69.07
N TYR MA 187 0.15 83.45 -67.85
CA TYR MA 187 0.39 82.02 -67.70
C TYR MA 187 -0.87 81.20 -67.91
N ALA MA 188 -2.06 81.79 -67.70
CA ALA MA 188 -3.30 81.06 -67.88
C ALA MA 188 -3.69 80.88 -69.34
N LEU MA 189 -3.26 81.78 -70.23
CA LEU MA 189 -3.70 81.71 -71.62
C LEU MA 189 -3.21 80.44 -72.29
N ASN MA 190 -1.96 80.04 -72.05
CA ASN MA 190 -1.42 78.81 -72.63
C ASN MA 190 -1.61 77.63 -71.69
N ALA MA 191 -2.82 77.47 -71.17
CA ALA MA 191 -3.15 76.37 -70.28
C ALA MA 191 -4.22 75.45 -70.83
N SER MA 192 -4.66 75.67 -72.07
CA SER MA 192 -5.69 74.85 -72.71
C SER MA 192 -6.98 74.82 -71.88
N GLY MA 193 -7.33 75.96 -71.31
CA GLY MA 193 -8.56 76.05 -70.55
C GLY MA 193 -8.53 77.19 -69.56
N VAL MA 194 -9.60 77.25 -68.77
CA VAL MA 194 -9.79 78.28 -67.75
C VAL MA 194 -9.22 77.78 -66.43
N VAL MA 195 -8.57 78.69 -65.70
CA VAL MA 195 -8.04 78.41 -64.38
C VAL MA 195 -8.97 79.01 -63.34
N ASN MA 196 -9.35 78.20 -62.34
CA ASN MA 196 -10.27 78.69 -61.31
C ASN MA 196 -9.79 78.42 -59.89
N ILE MA 197 -8.58 77.88 -59.71
CA ILE MA 197 -7.94 77.79 -58.40
C ILE MA 197 -6.49 78.26 -58.55
N ILE MA 198 -6.03 79.08 -57.62
CA ILE MA 198 -4.69 79.63 -57.70
C ILE MA 198 -3.90 79.16 -56.48
N VAL MA 199 -4.13 77.90 -56.07
CA VAL MA 199 -3.48 77.32 -54.91
C VAL MA 199 -1.96 77.51 -54.98
N PHE MA 200 -1.41 78.14 -53.95
CA PHE MA 200 0.01 78.41 -53.81
C PHE MA 200 0.60 77.54 -52.71
N ASP MA 201 1.91 77.40 -52.74
CA ASP MA 201 2.65 77.07 -51.54
C ASP MA 201 2.82 78.31 -50.68
N PRO MA 202 3.02 78.15 -49.35
CA PRO MA 202 2.84 79.28 -48.42
C PRO MA 202 3.59 80.56 -48.77
N LYS MA 203 4.92 80.50 -48.90
CA LYS MA 203 5.66 81.73 -49.18
C LYS MA 203 5.40 82.22 -50.61
N GLY MA 204 5.03 81.31 -51.51
CA GLY MA 204 4.58 81.75 -52.82
C GLY MA 204 3.37 82.66 -52.74
N TRP MA 205 2.36 82.24 -51.99
CA TRP MA 205 1.22 83.12 -51.74
C TRP MA 205 1.63 84.36 -50.96
N ALA MA 206 2.66 84.23 -50.11
CA ALA MA 206 3.12 85.38 -49.35
C ALA MA 206 3.60 86.50 -50.28
N LEU MA 207 4.52 86.18 -51.20
CA LEU MA 207 4.97 87.24 -52.09
C LEU MA 207 3.92 87.59 -53.15
N PHE MA 208 2.98 86.68 -53.43
CA PHE MA 208 1.86 87.04 -54.28
C PHE MA 208 1.03 88.14 -53.63
N ARG MA 209 0.66 87.97 -52.37
CA ARG MA 209 -0.17 88.93 -51.66
C ARG MA 209 0.61 90.14 -51.17
N SER MA 210 1.94 90.09 -51.18
CA SER MA 210 2.73 91.26 -50.80
C SER MA 210 2.38 92.47 -51.65
N PHE MA 211 1.97 92.26 -52.90
CA PHE MA 211 1.48 93.36 -53.74
C PHE MA 211 0.15 93.87 -53.19
N LYS MA 212 0.04 95.19 -53.06
CA LYS MA 212 -1.20 95.77 -52.57
C LYS MA 212 -2.36 95.44 -53.49
N ALA MA 213 -2.18 95.70 -54.80
CA ALA MA 213 -3.23 95.42 -55.77
C ALA MA 213 -3.88 94.07 -55.52
N VAL MA 214 -3.09 93.07 -55.15
CA VAL MA 214 -3.64 91.78 -54.76
C VAL MA 214 -4.58 91.93 -53.56
N LYS MA 215 -4.14 92.67 -52.54
CA LYS MA 215 -4.87 92.65 -51.28
C LYS MA 215 -6.14 93.49 -51.32
N GLU MA 216 -6.19 94.55 -52.12
CA GLU MA 216 -7.47 95.21 -52.35
C GLU MA 216 -8.21 94.71 -53.59
N LYS MA 217 -7.66 93.74 -54.31
CA LYS MA 217 -8.41 93.06 -55.35
C LYS MA 217 -9.07 91.79 -54.88
N LEU MA 218 -8.53 91.16 -53.84
CA LEU MA 218 -9.08 89.91 -53.36
C LEU MA 218 -10.28 90.17 -52.45
N ASP MA 219 -11.24 89.26 -52.49
CA ASP MA 219 -12.41 89.30 -51.62
C ASP MA 219 -12.24 88.24 -50.53
N THR MA 220 -12.12 88.70 -49.29
CA THR MA 220 -12.02 87.79 -48.17
C THR MA 220 -13.32 87.07 -47.88
N ARG MA 221 -14.42 87.53 -48.46
CA ARG MA 221 -15.73 87.00 -48.12
C ARG MA 221 -15.87 85.56 -48.62
N ARG MA 222 -16.86 84.86 -48.06
CA ARG MA 222 -17.18 83.52 -48.53
C ARG MA 222 -17.54 83.55 -50.00
N GLY MA 223 -18.66 84.21 -50.32
CA GLY MA 223 -19.19 84.21 -51.67
C GLY MA 223 -19.12 82.82 -52.26
N SER MA 224 -19.80 81.87 -51.59
CA SER MA 224 -19.52 80.45 -51.81
C SER MA 224 -19.73 80.08 -53.27
N ASN MA 225 -18.62 79.82 -53.96
CA ASN MA 225 -18.67 79.54 -55.39
C ASN MA 225 -19.07 78.11 -55.70
N SER MA 226 -18.46 77.14 -55.03
CA SER MA 226 -18.64 75.74 -55.40
C SER MA 226 -18.50 74.90 -54.13
N GLU MA 227 -18.27 73.61 -54.32
CA GLU MA 227 -18.04 72.67 -53.23
C GLU MA 227 -16.62 72.73 -52.70
N LEU MA 228 -15.80 73.67 -53.17
CA LEU MA 228 -14.44 73.78 -52.66
C LEU MA 228 -14.42 74.22 -51.21
N GLU MA 229 -15.38 75.06 -50.80
CA GLU MA 229 -15.51 75.38 -49.38
C GLU MA 229 -15.82 74.14 -48.57
N THR MA 230 -16.70 73.28 -49.09
CA THR MA 230 -16.99 72.01 -48.40
C THR MA 230 -15.76 71.13 -48.32
N ALA MA 231 -14.96 71.12 -49.39
CA ALA MA 231 -13.72 70.34 -49.40
C ALA MA 231 -12.75 70.86 -48.35
N VAL MA 232 -12.65 72.18 -48.21
CA VAL MA 232 -11.76 72.76 -47.20
C VAL MA 232 -12.28 72.45 -45.80
N LYS MA 233 -13.60 72.54 -45.59
CA LYS MA 233 -14.16 72.19 -44.29
C LYS MA 233 -13.88 70.73 -43.95
N ASP MA 234 -13.95 69.85 -44.95
CA ASP MA 234 -13.58 68.46 -44.73
C ASP MA 234 -12.11 68.34 -44.37
N LEU MA 235 -11.22 68.77 -45.26
CA LEU MA 235 -9.78 68.70 -45.03
C LEU MA 235 -9.25 70.04 -44.55
N GLY MA 236 -9.70 70.43 -43.36
CA GLY MA 236 -9.14 71.60 -42.71
C GLY MA 236 -7.71 71.48 -42.26
N LYS MA 237 -6.99 70.47 -42.74
CA LYS MA 237 -5.63 70.23 -42.26
C LYS MA 237 -4.62 71.08 -43.01
N ALA MA 238 -4.51 70.89 -44.34
CA ALA MA 238 -3.40 71.47 -45.08
C ALA MA 238 -3.82 72.27 -46.30
N VAL MA 239 -5.09 72.23 -46.69
CA VAL MA 239 -5.62 73.11 -47.73
C VAL MA 239 -6.31 74.28 -47.03
N SER MA 240 -5.94 75.49 -47.41
CA SER MA 240 -6.42 76.70 -46.76
C SER MA 240 -7.04 77.62 -47.80
N TYR MA 241 -8.36 77.75 -47.71
CA TYR MA 241 -9.14 78.61 -48.60
C TYR MA 241 -8.92 80.06 -48.19
N LYS MA 242 -7.94 80.72 -48.81
CA LYS MA 242 -7.65 82.11 -48.46
C LYS MA 242 -8.87 83.00 -48.70
N GLY MA 243 -9.53 82.82 -49.83
CA GLY MA 243 -10.71 83.61 -50.14
C GLY MA 243 -10.85 83.76 -51.65
N MET MA 244 -11.64 84.76 -52.03
CA MET MA 244 -11.82 85.15 -53.41
C MET MA 244 -10.80 86.21 -53.80
N TYR MA 245 -10.19 86.03 -54.97
CA TYR MA 245 -9.45 87.10 -55.64
C TYR MA 245 -10.35 87.82 -56.61
N GLY MA 246 -11.66 87.78 -56.35
CA GLY MA 246 -12.66 88.23 -57.29
C GLY MA 246 -13.11 87.10 -58.19
N ASP MA 247 -12.61 87.09 -59.41
CA ASP MA 247 -12.95 86.05 -60.37
C ASP MA 247 -12.51 84.65 -59.94
N VAL MA 248 -11.33 84.52 -59.35
CA VAL MA 248 -10.71 83.22 -59.14
C VAL MA 248 -10.58 82.94 -57.64
N ALA MA 249 -10.53 81.66 -57.30
CA ALA MA 249 -10.37 81.24 -55.91
C ALA MA 249 -8.90 81.18 -55.53
N ILE MA 250 -8.59 81.60 -54.32
CA ILE MA 250 -7.22 81.62 -53.80
C ILE MA 250 -7.13 80.56 -52.71
N VAL MA 251 -6.24 79.59 -52.90
CA VAL MA 251 -6.03 78.51 -51.94
C VAL MA 251 -4.53 78.41 -51.68
N VAL MA 252 -4.18 77.82 -50.54
CA VAL MA 252 -2.79 77.52 -50.21
C VAL MA 252 -2.70 76.10 -49.68
N TYR MA 253 -1.81 75.30 -50.26
CA TYR MA 253 -1.54 73.96 -49.75
C TYR MA 253 -0.22 73.96 -49.01
N SER MA 254 -0.25 73.53 -47.76
CA SER MA 254 0.93 73.40 -46.92
C SER MA 254 1.03 71.99 -46.37
N GLY MA 255 0.68 71.00 -47.18
CA GLY MA 255 0.78 69.62 -46.74
C GLY MA 255 2.23 69.19 -46.57
N GLN MA 256 2.45 68.24 -45.67
CA GLN MA 256 3.79 67.79 -45.34
C GLN MA 256 3.84 66.27 -45.31
N TYR MA 257 4.94 65.71 -45.80
CA TYR MA 257 5.19 64.28 -45.68
C TYR MA 257 6.32 64.06 -44.68
N VAL MA 258 6.16 63.02 -43.87
CA VAL MA 258 7.09 62.72 -42.79
C VAL MA 258 7.92 61.52 -43.26
N GLU MA 259 9.10 61.81 -43.78
CA GLU MA 259 9.92 60.77 -44.41
C GLU MA 259 10.68 59.98 -43.35
N ASN MA 260 11.67 59.20 -43.79
CA ASN MA 260 12.26 58.15 -42.97
C ASN MA 260 12.77 58.66 -41.63
N GLY MA 261 13.37 59.84 -41.61
CA GLY MA 261 13.89 60.36 -40.35
C GLY MA 261 13.46 61.79 -40.06
N VAL MA 262 12.89 62.46 -41.06
CA VAL MA 262 12.58 63.88 -40.96
C VAL MA 262 11.24 64.11 -41.66
N LYS MA 263 10.72 65.33 -41.52
CA LYS MA 263 9.49 65.75 -42.19
C LYS MA 263 9.76 66.99 -43.02
N LYS MA 264 9.02 67.12 -44.12
CA LYS MA 264 9.16 68.31 -44.96
C LYS MA 264 7.92 68.42 -45.84
N ASN MA 265 7.64 69.64 -46.31
CA ASN MA 265 6.44 69.90 -47.09
C ASN MA 265 6.47 69.14 -48.42
N PHE MA 266 5.27 68.77 -48.89
CA PHE MA 266 5.13 68.22 -50.23
C PHE MA 266 5.62 69.20 -51.28
N LEU MA 267 5.19 70.46 -51.17
CA LEU MA 267 5.41 71.55 -52.09
C LEU MA 267 6.85 72.05 -52.05
N PRO MA 268 7.40 72.36 -53.22
CA PRO MA 268 8.69 73.06 -53.26
C PRO MA 268 8.59 74.48 -52.75
N ASP MA 269 9.68 75.24 -52.88
CA ASP MA 269 9.76 76.55 -52.24
C ASP MA 269 8.69 77.51 -52.76
N ASN MA 270 8.61 77.68 -54.08
CA ASN MA 270 7.72 78.67 -54.70
C ASN MA 270 7.30 78.14 -56.06
N THR MA 271 6.14 77.50 -56.12
CA THR MA 271 5.66 76.91 -57.36
C THR MA 271 4.15 77.11 -57.52
N MET MA 272 3.70 76.96 -58.76
CA MET MA 272 2.32 77.18 -59.16
C MET MA 272 1.97 76.28 -60.33
N VAL MA 273 0.72 75.81 -60.35
CA VAL MA 273 0.15 75.15 -61.50
C VAL MA 273 -1.19 75.80 -61.82
N LEU MA 274 -1.30 76.32 -63.03
CA LEU MA 274 -2.51 77.00 -63.51
C LEU MA 274 -3.31 76.02 -64.37
N GLY MA 275 -4.54 75.75 -63.96
CA GLY MA 275 -5.39 74.84 -64.70
C GLY MA 275 -6.78 74.78 -64.08
N ASN MA 276 -7.59 73.87 -64.60
CA ASN MA 276 -8.97 73.72 -64.17
C ASN MA 276 -9.09 72.77 -62.99
N THR MA 277 -10.23 72.85 -62.31
CA THR MA 277 -10.60 71.88 -61.29
C THR MA 277 -11.17 70.59 -61.87
N GLN MA 278 -11.53 70.59 -63.16
CA GLN MA 278 -12.05 69.39 -63.80
C GLN MA 278 -11.09 68.80 -64.81
N ALA MA 279 -9.79 68.95 -64.60
CA ALA MA 279 -8.82 68.29 -65.46
C ALA MA 279 -8.92 66.78 -65.30
N ARG MA 280 -8.61 66.05 -66.37
CA ARG MA 280 -8.84 64.61 -66.40
C ARG MA 280 -7.62 63.91 -65.84
N GLY MA 281 -7.82 63.14 -64.78
CA GLY MA 281 -6.72 62.42 -64.17
C GLY MA 281 -6.92 60.91 -64.14
N LEU MA 282 -5.96 60.18 -64.70
CA LEU MA 282 -6.06 58.73 -64.80
C LEU MA 282 -5.43 58.08 -63.59
N ARG MA 283 -6.08 57.03 -63.09
CA ARG MA 283 -5.62 56.22 -61.97
C ARG MA 283 -5.46 54.78 -62.42
N THR MA 284 -4.72 54.57 -63.50
CA THR MA 284 -4.44 53.21 -63.96
C THR MA 284 -3.77 52.41 -62.85
N TYR MA 285 -4.22 51.17 -62.70
CA TYR MA 285 -3.77 50.30 -61.62
C TYR MA 285 -3.34 48.98 -62.25
N GLY MA 286 -2.19 48.47 -61.81
CA GLY MA 286 -1.64 47.26 -62.37
C GLY MA 286 -2.17 46.00 -61.72
N CYS MA 287 -1.53 44.89 -62.04
CA CYS MA 287 -1.87 43.62 -61.42
C CYS MA 287 -1.55 43.63 -59.93
N ILE MA 288 -2.30 42.85 -59.17
CA ILE MA 288 -2.03 42.65 -57.74
C ILE MA 288 -1.44 41.25 -57.58
N GLN MA 289 -0.15 41.18 -57.19
CA GLN MA 289 0.58 39.91 -57.12
C GLN MA 289 0.32 39.26 -55.76
N ASP MA 290 -0.87 38.68 -55.63
CA ASP MA 290 -1.22 37.92 -54.44
C ASP MA 290 -2.11 36.77 -54.84
N ALA MA 291 -1.68 35.54 -54.51
CA ALA MA 291 -2.41 34.35 -54.94
C ALA MA 291 -3.87 34.43 -54.55
N ASP MA 292 -4.14 34.98 -53.35
CA ASP MA 292 -5.53 35.23 -52.94
C ASP MA 292 -6.24 36.14 -53.94
N ALA MA 293 -5.58 37.23 -54.34
CA ALA MA 293 -6.19 38.17 -55.25
C ALA MA 293 -6.49 37.52 -56.60
N GLN MA 294 -5.56 36.71 -57.11
CA GLN MA 294 -5.85 36.09 -58.40
C GLN MA 294 -6.97 35.07 -58.31
N ARG MA 295 -6.99 34.21 -57.28
CA ARG MA 295 -7.97 33.14 -57.38
C ARG MA 295 -9.34 33.62 -56.90
N GLU MA 296 -9.42 34.82 -56.35
CA GLU MA 296 -10.73 35.41 -56.11
C GLU MA 296 -11.03 36.62 -57.00
N GLY MA 297 -10.18 36.90 -57.98
CA GLY MA 297 -10.51 37.91 -58.98
C GLY MA 297 -10.25 39.36 -58.58
N ILE MA 298 -9.30 39.59 -57.67
CA ILE MA 298 -8.97 40.95 -57.26
C ILE MA 298 -7.66 41.34 -57.95
N ASN MA 299 -7.40 40.72 -59.10
CA ASN MA 299 -6.28 41.14 -59.94
C ASN MA 299 -6.53 42.52 -60.53
N ALA MA 300 -7.79 42.93 -60.65
CA ALA MA 300 -8.14 44.24 -61.21
C ALA MA 300 -8.96 44.98 -60.15
N SER MA 301 -8.27 45.75 -59.32
CA SER MA 301 -8.93 46.47 -58.24
C SER MA 301 -8.06 47.62 -57.78
N ALA MA 302 -8.53 48.31 -56.74
CA ALA MA 302 -7.74 49.39 -56.16
C ALA MA 302 -6.72 48.86 -55.16
N ARG MA 303 -7.19 48.30 -54.05
CA ARG MA 303 -6.35 47.93 -52.92
C ARG MA 303 -6.67 46.51 -52.49
N TYR MA 304 -5.74 45.91 -51.74
CA TYR MA 304 -6.02 44.59 -51.17
C TYR MA 304 -5.39 44.45 -49.79
N PRO MA 305 -6.20 44.32 -48.75
CA PRO MA 305 -5.68 44.01 -47.41
C PRO MA 305 -5.67 42.51 -47.11
N LYS MA 306 -4.90 42.09 -46.11
CA LYS MA 306 -5.06 40.76 -45.56
C LYS MA 306 -4.39 40.68 -44.20
N ASN MA 307 -4.92 39.81 -43.35
CA ASN MA 307 -4.31 39.47 -42.07
C ASN MA 307 -3.97 37.99 -42.09
N TRP MA 308 -2.74 37.66 -41.68
CA TRP MA 308 -2.19 36.36 -42.04
C TRP MA 308 -1.04 35.97 -41.12
N VAL MA 309 -0.95 34.68 -40.83
CA VAL MA 309 -0.01 34.14 -39.85
C VAL MA 309 1.10 33.42 -40.60
N THR MA 310 2.34 33.66 -40.18
CA THR MA 310 3.51 32.93 -40.66
C THR MA 310 3.86 31.85 -39.65
N THR MA 311 3.97 30.62 -40.12
CA THR MA 311 4.38 29.47 -39.32
C THR MA 311 5.81 29.09 -39.67
N GLY MA 312 6.64 28.99 -38.64
CA GLY MA 312 8.02 28.60 -38.84
C GLY MA 312 9.02 29.56 -38.22
N ASP MA 313 10.00 30.01 -39.02
CA ASP MA 313 11.00 30.94 -38.48
C ASP MA 313 10.38 32.25 -38.03
N PRO MA 314 9.70 33.02 -38.89
CA PRO MA 314 9.02 34.24 -38.39
C PRO MA 314 7.58 33.92 -37.96
N ALA MA 315 7.45 32.99 -37.03
CA ALA MA 315 6.12 32.51 -36.65
C ALA MA 315 5.39 33.62 -35.92
N ARG MA 316 4.64 34.42 -36.69
CA ARG MA 316 4.04 35.64 -36.20
C ARG MA 316 2.75 35.86 -36.98
N GLU MA 317 2.22 37.07 -36.94
CA GLU MA 317 1.03 37.41 -37.71
C GLU MA 317 1.07 38.88 -38.10
N PHE MA 318 0.71 39.14 -39.36
CA PHE MA 318 0.95 40.42 -40.00
C PHE MA 318 -0.30 40.89 -40.73
N THR MA 319 -0.32 42.20 -41.01
CA THR MA 319 -1.28 42.81 -41.91
C THR MA 319 -0.54 43.31 -43.14
N MET MA 320 -1.02 42.91 -44.31
CA MET MA 320 -0.35 43.12 -45.58
C MET MA 320 -1.27 43.94 -46.47
N ILE MA 321 -0.75 45.00 -47.07
CA ILE MA 321 -1.52 45.86 -47.96
C ILE MA 321 -0.83 45.89 -49.31
N GLN MA 322 -1.60 45.67 -50.38
CA GLN MA 322 -1.04 45.62 -51.72
C GLN MA 322 -1.83 46.50 -52.67
N SER MA 323 -1.10 47.20 -53.54
CA SER MA 323 -1.69 48.11 -54.51
C SER MA 323 -0.71 48.27 -55.67
N ALA MA 324 -1.16 48.95 -56.73
CA ALA MA 324 -0.31 49.22 -57.89
C ALA MA 324 -0.86 50.42 -58.66
N PRO MA 325 -0.68 51.63 -58.13
CA PRO MA 325 -1.13 52.82 -58.85
C PRO MA 325 -0.07 53.37 -59.80
N LEU MA 326 -0.55 53.93 -60.91
CA LEU MA 326 0.31 54.66 -61.84
C LEU MA 326 -0.45 55.88 -62.34
N MET MA 327 -1.13 56.55 -61.42
CA MET MA 327 -1.89 57.77 -61.70
C MET MA 327 -1.06 58.81 -62.45
N LEU MA 328 -1.67 59.37 -63.48
CA LEU MA 328 -1.08 60.41 -64.31
C LEU MA 328 -2.17 61.42 -64.67
N LEU MA 329 -1.82 62.40 -65.50
CA LEU MA 329 -2.76 63.39 -66.01
C LEU MA 329 -2.95 63.19 -67.50
N ALA MA 330 -4.21 63.21 -67.95
CA ALA MA 330 -4.49 63.01 -69.37
C ALA MA 330 -3.90 64.13 -70.21
N ASP MA 331 -4.07 65.38 -69.78
CA ASP MA 331 -3.56 66.54 -70.51
C ASP MA 331 -2.50 67.23 -69.67
N PRO MA 332 -1.21 66.95 -69.87
CA PRO MA 332 -0.18 67.70 -69.16
C PRO MA 332 -0.17 69.17 -69.52
N ASP MA 333 -0.61 69.53 -70.73
CA ASP MA 333 -0.72 70.92 -71.15
C ASP MA 333 -1.84 71.66 -70.43
N GLU MA 334 -2.71 70.95 -69.71
CA GLU MA 334 -3.79 71.61 -68.98
C GLU MA 334 -3.28 72.53 -67.90
N PHE MA 335 -2.14 72.23 -67.29
CA PHE MA 335 -1.58 73.05 -66.23
C PHE MA 335 -0.25 73.65 -66.65
N VAL MA 336 -0.12 74.95 -66.43
CA VAL MA 336 1.13 75.68 -66.60
C VAL MA 336 1.85 75.67 -65.26
N SER MA 337 3.06 75.12 -65.23
CA SER MA 337 3.85 74.99 -64.02
C SER MA 337 4.90 76.08 -63.99
N VAL MA 338 4.84 76.95 -62.99
CA VAL MA 338 5.70 78.13 -62.88
C VAL MA 338 6.42 78.08 -61.55
N GLN MA 339 7.73 78.26 -61.58
CA GLN MA 339 8.48 78.54 -60.36
C GLN MA 339 8.52 80.05 -60.17
N LEU MA 340 8.28 80.47 -58.93
CA LEU MA 340 8.03 81.88 -58.62
C LEU MA 340 9.31 82.59 -58.22
N ALA MA 341 9.19 83.89 -58.01
CA ALA MA 341 10.31 84.72 -57.59
C ALA MA 341 10.81 84.30 -56.20
N ALA NA 7 -30.43 44.63 -77.59
CA ALA NA 7 -31.63 45.41 -77.88
C ALA NA 7 -32.45 45.62 -76.62
N GLN NA 8 -32.40 46.84 -76.08
CA GLN NA 8 -33.15 47.21 -74.89
C GLN NA 8 -34.17 48.29 -75.26
N LEU NA 9 -35.19 48.44 -74.40
CA LEU NA 9 -36.36 49.22 -74.73
C LEU NA 9 -36.03 50.70 -74.88
N LEU NA 10 -37.00 51.45 -75.38
CA LEU NA 10 -36.85 52.89 -75.58
C LEU NA 10 -36.68 53.62 -74.26
N ALA NA 11 -37.36 53.20 -73.21
CA ALA NA 11 -37.36 53.91 -71.94
C ALA NA 11 -35.98 53.91 -71.27
N ALA NA 12 -35.05 53.08 -71.71
CA ALA NA 12 -33.69 53.07 -71.17
C ALA NA 12 -32.87 54.21 -71.80
N ASN NA 13 -33.37 55.42 -71.60
CA ASN NA 13 -32.78 56.63 -72.16
C ASN NA 13 -32.77 57.74 -71.12
N GLU NA 14 -32.37 57.41 -69.89
CA GLU NA 14 -32.41 58.35 -68.77
C GLU NA 14 -31.02 58.94 -68.57
N GLN NA 15 -30.91 60.26 -68.73
CA GLN NA 15 -29.66 60.97 -68.47
C GLN NA 15 -29.77 61.96 -67.33
N LYS NA 16 -30.74 62.89 -67.40
CA LYS NA 16 -30.81 64.05 -66.52
C LYS NA 16 -29.51 64.87 -66.58
N PHE NA 17 -28.88 64.85 -67.75
CA PHE NA 17 -27.62 65.56 -68.00
C PHE NA 17 -27.83 66.49 -69.20
N LYS NA 18 -28.30 67.70 -68.93
CA LYS NA 18 -28.44 68.75 -69.95
C LYS NA 18 -27.50 69.89 -69.57
N PHE NA 19 -26.32 69.90 -70.18
CA PHE NA 19 -25.25 70.84 -69.83
C PHE NA 19 -24.66 71.47 -71.08
N ASP NA 20 -25.52 71.93 -71.99
CA ASP NA 20 -25.07 72.66 -73.17
C ASP NA 20 -24.49 74.02 -72.77
N PRO NA 21 -23.44 74.50 -73.45
CA PRO NA 21 -22.75 75.75 -73.03
C PRO NA 21 -23.51 77.04 -73.32
N LEU NA 22 -24.62 77.22 -72.59
CA LEU NA 22 -25.31 78.50 -72.47
C LEU NA 22 -25.86 79.04 -73.79
N PHE NA 23 -25.79 78.26 -74.87
CA PHE NA 23 -26.33 78.72 -76.14
C PHE NA 23 -27.71 78.13 -76.45
N LEU NA 24 -27.83 76.81 -76.51
CA LEU NA 24 -29.10 76.17 -76.79
C LEU NA 24 -30.04 76.20 -75.59
N ARG NA 25 -29.53 76.59 -74.41
CA ARG NA 25 -30.33 76.64 -73.19
C ARG NA 25 -30.70 78.05 -72.78
N LEU NA 26 -30.02 79.06 -73.30
CA LEU NA 26 -30.21 80.44 -72.87
C LEU NA 26 -30.61 81.39 -74.00
N PHE NA 27 -30.02 81.27 -75.17
CA PHE NA 27 -30.45 82.07 -76.32
C PHE NA 27 -31.42 81.33 -77.23
N PHE NA 28 -31.34 80.01 -77.29
CA PHE NA 28 -32.05 79.22 -78.29
C PHE NA 28 -33.02 78.23 -77.64
N ARG NA 29 -33.83 78.71 -76.70
CA ARG NA 29 -34.80 77.87 -76.01
C ARG NA 29 -36.00 77.51 -76.89
N GLU NA 30 -36.12 78.13 -78.06
CA GLU NA 30 -37.40 78.24 -78.77
C GLU NA 30 -37.57 77.03 -79.70
N SER NA 31 -37.79 75.86 -79.12
CA SER NA 31 -37.80 74.60 -79.86
C SER NA 31 -39.06 74.44 -80.69
N TYR NA 32 -38.90 73.99 -81.95
CA TYR NA 32 -40.04 73.72 -82.82
C TYR NA 32 -39.84 72.41 -83.57
N PRO NA 33 -39.98 71.26 -82.91
CA PRO NA 33 -40.02 70.01 -83.67
C PRO NA 33 -41.31 69.87 -84.47
N PHE NA 34 -41.17 69.42 -85.71
CA PHE NA 34 -42.24 69.37 -86.70
C PHE NA 34 -42.54 67.92 -87.09
N THR NA 35 -43.74 67.73 -87.61
CA THR NA 35 -44.12 66.49 -88.29
C THR NA 35 -43.75 66.54 -89.76
N THR NA 36 -43.11 67.61 -90.20
CA THR NA 36 -42.77 67.84 -91.59
C THR NA 36 -41.27 68.00 -91.73
N GLU NA 37 -40.78 67.70 -92.94
CA GLU NA 37 -39.34 67.60 -93.17
C GLU NA 37 -38.62 68.90 -92.87
N LYS NA 38 -38.92 69.95 -93.62
CA LYS NA 38 -38.17 71.19 -93.60
C LYS NA 38 -38.62 72.08 -92.44
N VAL NA 39 -37.96 73.23 -92.35
CA VAL NA 39 -38.42 74.33 -91.50
C VAL NA 39 -39.23 75.28 -92.36
N TYR NA 40 -40.39 75.68 -91.84
CA TYR NA 40 -41.32 76.56 -92.55
C TYR NA 40 -41.49 77.80 -91.70
N LEU NA 41 -40.59 78.77 -91.86
CA LEU NA 41 -40.61 79.97 -91.02
C LEU NA 41 -41.92 80.71 -91.14
N SER NA 42 -42.61 80.58 -92.28
CA SER NA 42 -43.97 81.10 -92.38
C SER NA 42 -44.90 80.40 -91.40
N GLN NA 43 -44.69 79.10 -91.17
CA GLN NA 43 -45.51 78.37 -90.21
C GLN NA 43 -45.25 78.82 -88.79
N ILE NA 44 -44.00 79.03 -88.40
CA ILE NA 44 -43.70 79.53 -87.06
C ILE NA 44 -44.31 80.92 -86.90
N PRO NA 45 -45.05 81.20 -85.82
CA PRO NA 45 -45.54 82.56 -85.62
C PRO NA 45 -44.43 83.56 -85.41
N GLY NA 46 -43.35 83.14 -84.76
CA GLY NA 46 -42.26 84.02 -84.42
C GLY NA 46 -42.77 85.22 -83.64
N LEU NA 47 -42.34 86.40 -84.06
CA LEU NA 47 -42.94 87.62 -83.57
C LEU NA 47 -44.30 87.84 -84.22
N VAL NA 48 -45.28 88.18 -83.40
CA VAL NA 48 -46.66 88.36 -83.85
C VAL NA 48 -46.88 89.83 -84.19
N ASN NA 49 -47.66 90.09 -85.24
CA ASN NA 49 -48.11 91.45 -85.54
C ASN NA 49 -48.89 91.97 -84.33
N MET NA 50 -48.32 92.97 -83.65
CA MET NA 50 -48.61 93.17 -82.23
C MET NA 50 -48.79 94.65 -81.89
N ALA NA 51 -49.62 95.38 -82.64
CA ALA NA 51 -49.89 96.77 -82.27
C ALA NA 51 -51.35 97.17 -82.41
N LEU NA 52 -51.97 96.86 -83.54
CA LEU NA 52 -53.21 97.50 -83.96
C LEU NA 52 -54.40 97.04 -83.12
N TYR NA 53 -55.29 97.98 -82.80
CA TYR NA 53 -56.58 97.67 -82.22
C TYR NA 53 -57.68 98.03 -83.21
N VAL NA 54 -58.93 97.96 -82.76
CA VAL NA 54 -60.08 98.23 -83.60
C VAL NA 54 -60.97 99.26 -82.92
N SER NA 55 -61.81 99.92 -83.72
CA SER NA 55 -62.66 101.00 -83.24
C SER NA 55 -63.68 100.48 -82.23
N PRO NA 56 -64.15 101.34 -81.32
CA PRO NA 56 -65.14 100.92 -80.32
C PRO NA 56 -66.55 100.78 -80.88
N ILE NA 57 -66.69 100.14 -82.04
CA ILE NA 57 -68.00 99.80 -82.57
C ILE NA 57 -68.05 98.31 -82.90
N VAL NA 58 -67.12 97.83 -83.72
CA VAL NA 58 -66.99 96.43 -84.08
C VAL NA 58 -65.51 96.07 -84.06
N SER NA 59 -65.22 94.82 -84.41
CA SER NA 59 -63.83 94.39 -84.47
C SER NA 59 -63.43 94.05 -85.91
N GLY NA 60 -62.13 93.93 -86.13
CA GLY NA 60 -61.58 93.83 -87.46
C GLY NA 60 -61.41 92.42 -87.96
N GLU NA 61 -60.41 92.26 -88.84
CA GLU NA 61 -60.19 91.02 -89.57
C GLU NA 61 -59.50 89.99 -88.70
N VAL NA 62 -59.15 88.86 -89.31
CA VAL NA 62 -58.48 87.77 -88.61
C VAL NA 62 -56.98 87.93 -88.79
N ILE NA 63 -56.22 87.77 -87.70
CA ILE NA 63 -54.77 87.90 -87.72
C ILE NA 63 -54.17 86.50 -87.73
N ARG NA 64 -53.16 86.30 -88.58
CA ARG NA 64 -52.54 85.01 -88.85
C ARG NA 64 -51.10 85.03 -88.36
N SER NA 65 -50.41 83.91 -88.59
CA SER NA 65 -48.95 83.90 -88.55
C SER NA 65 -48.46 84.63 -89.79
N ARG NA 66 -47.68 85.69 -89.60
CA ARG NA 66 -47.50 86.72 -90.62
C ARG NA 66 -46.50 86.29 -91.70
N GLY NA 67 -46.76 85.11 -92.27
CA GLY NA 67 -46.17 84.68 -93.52
C GLY NA 67 -44.70 84.97 -93.74
N GLY NA 68 -43.82 84.27 -93.02
CA GLY NA 68 -42.40 84.44 -93.20
C GLY NA 68 -41.96 84.32 -94.65
N SER NA 69 -41.11 85.23 -95.09
CA SER NA 69 -40.75 85.30 -96.51
C SER NA 69 -40.06 84.02 -96.98
N THR NA 70 -39.07 83.56 -96.24
CA THR NA 70 -38.35 82.33 -96.56
C THR NA 70 -38.73 81.25 -95.54
N SER NA 71 -39.28 80.15 -96.04
CA SER NA 71 -39.76 79.07 -95.18
C SER NA 71 -39.33 77.70 -95.67
N GLU NA 72 -38.09 77.52 -96.11
CA GLU NA 72 -37.63 76.27 -96.69
C GLU NA 72 -36.12 76.12 -96.48
N PHE NA 73 -35.75 75.40 -95.43
CA PHE NA 73 -34.36 74.99 -95.23
C PHE NA 73 -34.34 73.55 -94.74
N THR NA 74 -33.21 72.88 -94.96
CA THR NA 74 -33.08 71.47 -94.66
C THR NA 74 -32.51 71.27 -93.26
N PRO NA 75 -33.26 70.69 -92.33
CA PRO NA 75 -32.69 70.40 -91.00
C PRO NA 75 -31.56 69.38 -91.09
N GLY NA 76 -30.61 69.49 -90.16
CA GLY NA 76 -29.49 68.57 -90.10
C GLY NA 76 -29.87 67.24 -89.53
N TYR NA 77 -30.56 66.41 -90.32
CA TYR NA 77 -30.94 65.11 -89.81
C TYR NA 77 -29.69 64.27 -89.57
N VAL NA 78 -29.33 64.16 -88.30
CA VAL NA 78 -28.14 63.48 -87.84
C VAL NA 78 -28.57 62.18 -87.17
N LYS NA 79 -28.18 61.06 -87.77
CA LYS NA 79 -28.44 59.82 -87.06
C LYS NA 79 -27.18 58.98 -86.97
N PRO NA 80 -26.37 59.18 -85.93
CA PRO NA 80 -25.21 58.29 -85.74
C PRO NA 80 -25.57 57.06 -84.92
N LYS NA 81 -24.59 56.17 -84.74
CA LYS NA 81 -24.80 54.98 -83.93
C LYS NA 81 -23.45 54.53 -83.40
N HIS NA 82 -23.51 53.52 -82.52
CA HIS NA 82 -22.31 52.85 -82.08
C HIS NA 82 -22.66 51.41 -81.71
N GLU NA 83 -21.62 50.64 -81.41
CA GLU NA 83 -21.78 49.32 -80.83
C GLU NA 83 -21.57 49.39 -79.32
N VAL NA 84 -22.25 48.49 -78.62
CA VAL NA 84 -22.10 48.34 -77.19
C VAL NA 84 -21.71 46.91 -76.89
N ASN NA 85 -20.93 46.32 -77.79
CA ASN NA 85 -20.50 44.93 -77.72
C ASN NA 85 -19.86 44.63 -76.36
N PRO NA 86 -20.38 43.66 -75.61
CA PRO NA 86 -19.81 43.36 -74.28
C PRO NA 86 -18.46 42.67 -74.34
N GLN NA 87 -17.48 43.31 -75.00
CA GLN NA 87 -16.12 42.83 -75.02
C GLN NA 87 -15.15 43.75 -74.30
N MET NA 88 -15.58 44.95 -73.92
CA MET NA 88 -14.69 45.89 -73.25
C MET NA 88 -14.79 45.78 -71.73
N THR NA 89 -13.70 46.12 -71.07
CA THR NA 89 -13.81 46.64 -69.71
C THR NA 89 -14.19 48.12 -69.78
N LEU NA 90 -15.14 48.51 -68.94
CA LEU NA 90 -15.83 49.77 -69.09
C LEU NA 90 -15.27 50.84 -68.15
N ARG NA 91 -15.92 52.00 -68.13
CA ARG NA 91 -15.61 53.02 -67.14
C ARG NA 91 -15.99 52.48 -65.77
N ARG NA 92 -15.02 52.17 -64.92
CA ARG NA 92 -15.34 51.68 -63.58
C ARG NA 92 -15.30 52.83 -62.58
N LEU NA 93 -16.46 53.40 -62.29
CA LEU NA 93 -16.59 54.30 -61.15
C LEU NA 93 -15.96 53.64 -59.93
N PRO NA 94 -15.23 54.38 -59.08
CA PRO NA 94 -14.43 53.73 -58.03
C PRO NA 94 -15.20 52.75 -57.15
N ASP NA 95 -14.89 51.47 -57.33
CA ASP NA 95 -15.23 50.39 -56.41
C ASP NA 95 -16.72 50.32 -56.05
N GLU NA 96 -17.61 50.41 -57.04
CA GLU NA 96 -19.00 49.99 -56.84
C GLU NA 96 -19.21 48.58 -57.39
N ASP NA 97 -18.63 47.62 -56.69
CA ASP NA 97 -18.90 46.20 -56.88
C ASP NA 97 -18.71 45.75 -58.32
N PRO NA 98 -17.46 45.60 -58.80
CA PRO NA 98 -17.25 45.20 -60.20
C PRO NA 98 -17.86 43.85 -60.56
N GLN NA 99 -18.46 43.15 -59.60
CA GLN NA 99 -19.18 41.92 -59.92
C GLN NA 99 -20.32 42.17 -60.89
N ASN NA 100 -20.99 43.32 -60.79
CA ASN NA 100 -22.03 43.63 -61.75
C ASN NA 100 -21.47 43.98 -63.13
N LEU NA 101 -20.28 44.59 -63.19
CA LEU NA 101 -19.61 44.70 -64.48
C LEU NA 101 -19.33 43.33 -65.06
N ALA NA 102 -18.93 42.38 -64.21
CA ALA NA 102 -18.78 41.00 -64.66
C ALA NA 102 -20.08 40.45 -65.26
N ASP NA 103 -21.23 40.95 -64.82
CA ASP NA 103 -22.49 40.62 -65.46
C ASP NA 103 -22.52 41.20 -66.87
N PRO NA 104 -22.83 40.40 -67.89
CA PRO NA 104 -23.12 40.99 -69.20
C PRO NA 104 -24.32 41.91 -69.19
N ALA NA 105 -25.31 41.68 -68.31
CA ALA NA 105 -26.48 42.55 -68.27
C ALA NA 105 -26.12 43.96 -67.80
N TYR NA 106 -25.42 44.06 -66.68
CA TYR NA 106 -25.08 45.40 -66.19
C TYR NA 106 -24.04 46.07 -67.09
N ARG NA 107 -23.06 45.31 -67.59
CA ARG NA 107 -22.10 45.93 -68.50
C ARG NA 107 -22.82 46.47 -69.73
N ARG NA 108 -23.75 45.68 -70.30
CA ARG NA 108 -24.42 46.13 -71.51
C ARG NA 108 -25.32 47.33 -71.24
N ARG NA 109 -26.02 47.36 -70.10
CA ARG NA 109 -26.90 48.50 -69.87
C ARG NA 109 -26.11 49.77 -69.57
N ARG NA 110 -25.06 49.70 -68.75
CA ARG NA 110 -24.37 50.96 -68.49
C ARG NA 110 -23.47 51.34 -69.66
N ILE NA 111 -23.12 50.37 -70.53
CA ILE NA 111 -22.39 50.74 -71.74
C ILE NA 111 -23.32 51.36 -72.77
N ILE NA 112 -24.60 50.96 -72.82
CA ILE NA 112 -25.50 51.72 -73.67
C ILE NA 112 -25.73 53.10 -73.07
N MET NA 113 -25.72 53.18 -71.73
CA MET NA 113 -25.74 54.50 -71.09
C MET NA 113 -24.58 55.37 -71.59
N GLN NA 114 -23.36 54.84 -71.52
CA GLN NA 114 -22.18 55.58 -71.93
C GLN NA 114 -22.21 55.90 -73.42
N ASN NA 115 -22.58 54.92 -74.24
CA ASN NA 115 -22.65 55.14 -75.67
C ASN NA 115 -23.63 56.25 -76.00
N MET NA 116 -24.84 56.17 -75.46
CA MET NA 116 -25.84 57.14 -75.85
C MET NA 116 -25.47 58.52 -75.33
N ARG NA 117 -24.87 58.62 -74.13
CA ARG NA 117 -24.48 59.93 -73.64
C ARG NA 117 -23.41 60.55 -74.54
N ASP NA 118 -22.44 59.74 -74.96
CA ASP NA 118 -21.52 60.22 -76.01
C ASP NA 118 -22.30 60.71 -77.21
N GLU NA 119 -23.38 60.02 -77.56
CA GLU NA 119 -24.15 60.38 -78.75
C GLU NA 119 -24.80 61.76 -78.59
N GLU NA 120 -25.51 62.00 -77.47
CA GLU NA 120 -26.17 63.31 -77.41
C GLU NA 120 -25.16 64.41 -77.18
N LEU NA 121 -24.04 64.13 -76.53
CA LEU NA 121 -23.05 65.20 -76.41
C LEU NA 121 -22.38 65.46 -77.76
N ALA NA 122 -22.31 64.44 -78.63
CA ALA NA 122 -21.87 64.66 -79.99
C ALA NA 122 -22.81 65.58 -80.75
N ILE NA 123 -24.11 65.27 -80.70
CA ILE NA 123 -25.06 66.13 -81.40
C ILE NA 123 -25.08 67.52 -80.76
N ALA NA 124 -24.83 67.59 -79.45
CA ALA NA 124 -24.78 68.88 -78.76
C ALA NA 124 -23.58 69.70 -79.21
N GLN NA 125 -22.42 69.06 -79.38
CA GLN NA 125 -21.24 69.80 -79.81
C GLN NA 125 -21.35 70.23 -81.28
N VAL NA 126 -21.93 69.39 -82.14
CA VAL NA 126 -22.15 69.85 -83.50
C VAL NA 126 -23.20 70.96 -83.53
N GLU NA 127 -24.17 70.90 -82.62
CA GLU NA 127 -25.17 71.96 -82.52
C GLU NA 127 -24.54 73.24 -82.02
N GLU NA 128 -23.56 73.14 -81.14
CA GLU NA 128 -22.84 74.32 -80.67
C GLU NA 128 -21.96 74.91 -81.76
N MET NA 129 -21.37 74.08 -82.62
CA MET NA 129 -20.69 74.64 -83.79
C MET NA 129 -21.68 75.36 -84.70
N GLN NA 130 -22.87 74.78 -84.89
CA GLN NA 130 -23.92 75.49 -85.63
C GLN NA 130 -24.25 76.82 -84.97
N ALA NA 131 -24.34 76.83 -83.64
CA ALA NA 131 -24.67 78.06 -82.92
C ALA NA 131 -23.59 79.11 -83.07
N VAL NA 132 -22.31 78.70 -83.01
CA VAL NA 132 -21.23 79.67 -83.10
C VAL NA 132 -21.14 80.22 -84.53
N SER NA 133 -21.35 79.38 -85.54
CA SER NA 133 -21.47 79.91 -86.91
C SER NA 133 -22.62 80.89 -87.00
N ALA NA 134 -23.77 80.51 -86.44
CA ALA NA 134 -24.98 81.33 -86.53
C ALA NA 134 -24.75 82.70 -85.91
N VAL NA 135 -24.55 82.76 -84.60
CA VAL NA 135 -24.14 84.03 -84.04
C VAL NA 135 -22.62 84.09 -83.98
N LEU NA 136 -22.00 84.07 -85.15
CA LEU NA 136 -20.82 84.86 -85.49
C LEU NA 136 -20.87 85.44 -86.89
N LYS NA 137 -21.65 84.86 -87.80
CA LYS NA 137 -21.77 85.45 -89.13
C LYS NA 137 -23.18 85.50 -89.69
N GLY NA 138 -24.17 84.90 -89.04
CA GLY NA 138 -25.51 84.86 -89.59
C GLY NA 138 -25.70 83.80 -90.66
N LYS NA 139 -24.61 83.17 -91.11
CA LYS NA 139 -24.62 82.11 -92.09
C LYS NA 139 -24.35 80.77 -91.41
N TYR NA 140 -25.06 79.75 -91.85
CA TYR NA 140 -24.78 78.39 -91.39
C TYR NA 140 -24.64 77.48 -92.59
N THR NA 141 -23.65 76.60 -92.55
CA THR NA 141 -23.36 75.66 -93.64
C THR NA 141 -24.02 74.33 -93.33
N MET NA 142 -25.25 74.15 -93.80
CA MET NA 142 -25.90 72.84 -93.85
C MET NA 142 -25.21 72.03 -94.93
N THR NA 143 -24.20 71.26 -94.54
CA THR NA 143 -23.37 70.58 -95.52
C THR NA 143 -22.88 69.25 -94.99
N GLY NA 144 -22.51 68.38 -95.93
CA GLY NA 144 -21.94 67.09 -95.63
C GLY NA 144 -21.70 66.37 -96.92
N GLU NA 145 -20.80 65.38 -96.87
CA GLU NA 145 -20.51 64.60 -98.08
C GLU NA 145 -21.76 63.83 -98.49
N ALA NA 146 -21.92 63.64 -99.79
CA ALA NA 146 -23.15 63.10 -100.37
C ALA NA 146 -24.37 63.91 -99.92
N PHE NA 147 -24.22 65.23 -99.93
CA PHE NA 147 -25.29 66.15 -99.55
C PHE NA 147 -24.90 67.54 -100.04
N ASP NA 148 -25.86 68.24 -100.65
CA ASP NA 148 -25.57 69.57 -101.18
C ASP NA 148 -25.39 70.57 -100.04
N PRO NA 149 -24.42 71.48 -100.14
CA PRO NA 149 -24.27 72.50 -99.10
C PRO NA 149 -25.30 73.61 -99.26
N VAL NA 150 -26.25 73.65 -98.36
CA VAL NA 150 -27.25 74.72 -98.27
C VAL NA 150 -26.74 75.75 -97.28
N GLU NA 151 -26.65 77.00 -97.71
CA GLU NA 151 -26.37 78.11 -96.82
C GLU NA 151 -27.69 78.59 -96.22
N VAL NA 152 -27.82 78.47 -94.90
CA VAL NA 152 -28.99 78.92 -94.18
C VAL NA 152 -28.62 80.26 -93.53
N ASP NA 153 -29.24 81.34 -94.01
CA ASP NA 153 -28.89 82.69 -93.57
C ASP NA 153 -30.05 83.26 -92.77
N MET NA 154 -29.77 83.70 -91.54
CA MET NA 154 -30.77 84.48 -90.83
C MET NA 154 -30.88 85.90 -91.37
N GLY NA 155 -29.80 86.45 -91.91
CA GLY NA 155 -29.84 87.77 -92.48
C GLY NA 155 -29.00 88.79 -91.74
N ARG NA 156 -27.89 88.35 -91.17
CA ARG NA 156 -27.01 89.26 -90.43
C ARG NA 156 -26.57 90.41 -91.32
N SER NA 157 -26.75 91.62 -90.82
CA SER NA 157 -26.50 92.84 -91.58
C SER NA 157 -25.02 93.20 -91.58
N GLU NA 158 -24.67 94.17 -92.43
CA GLU NA 158 -23.28 94.59 -92.55
C GLU NA 158 -22.80 95.29 -91.29
N GLU NA 159 -23.62 96.15 -90.69
CA GLU NA 159 -23.22 96.79 -89.44
C GLU NA 159 -23.12 95.79 -88.29
N ASN NA 160 -23.66 94.60 -88.45
CA ASN NA 160 -23.44 93.50 -87.51
C ASN NA 160 -22.18 92.71 -87.83
N ASN NA 161 -21.45 93.08 -88.89
CA ASN NA 161 -20.23 92.40 -89.29
C ASN NA 161 -19.08 93.38 -89.41
N ILE NA 162 -19.22 94.56 -88.79
CA ILE NA 162 -18.15 95.55 -88.84
C ILE NA 162 -16.98 95.09 -87.98
N THR NA 163 -15.77 95.46 -88.43
CA THR NA 163 -14.54 94.85 -87.94
C THR NA 163 -13.71 95.86 -87.16
N GLN NA 164 -13.06 95.38 -86.09
CA GLN NA 164 -12.17 96.21 -85.30
C GLN NA 164 -10.89 96.57 -86.04
N SER NA 165 -10.35 95.65 -86.85
CA SER NA 165 -9.11 95.95 -87.56
C SER NA 165 -9.30 97.09 -88.56
N GLY NA 166 -10.52 97.30 -89.04
CA GLY NA 166 -10.79 98.44 -89.89
C GLY NA 166 -10.51 99.73 -89.16
N GLY NA 167 -9.73 100.60 -89.78
CA GLY NA 167 -9.34 101.85 -89.15
C GLY NA 167 -8.21 101.68 -88.16
N THR NA 168 -8.51 101.82 -86.88
CA THR NA 168 -7.52 101.69 -85.81
C THR NA 168 -7.78 100.41 -85.03
N GLU NA 169 -6.72 99.64 -84.82
CA GLU NA 169 -6.80 98.38 -84.09
C GLU NA 169 -6.50 98.61 -82.61
N TRP NA 170 -7.10 97.78 -81.77
CA TRP NA 170 -6.79 97.84 -80.34
C TRP NA 170 -5.35 97.48 -80.06
N SER NA 171 -4.80 96.53 -80.82
CA SER NA 171 -3.36 96.27 -80.75
C SER NA 171 -2.56 97.51 -81.15
N LYS NA 172 -3.03 98.22 -82.17
CA LYS NA 172 -2.41 99.47 -82.60
C LYS NA 172 -2.99 100.66 -81.86
N ARG NA 173 -3.00 100.59 -80.54
CA ARG NA 173 -3.49 101.66 -79.68
C ARG NA 173 -2.63 101.72 -78.43
N ASP NA 174 -2.86 102.75 -77.62
CA ASP NA 174 -2.17 102.88 -76.35
C ASP NA 174 -2.65 101.80 -75.39
N LYS NA 175 -1.73 100.96 -74.93
CA LYS NA 175 -2.06 99.89 -74.00
C LYS NA 175 -2.40 100.40 -72.61
N SER NA 176 -2.19 101.69 -72.34
CA SER NA 176 -2.40 102.24 -71.01
C SER NA 176 -3.57 103.21 -70.91
N THR NA 177 -3.70 104.15 -71.84
CA THR NA 177 -4.69 105.21 -71.73
C THR NA 177 -5.94 104.99 -72.57
N TYR NA 178 -5.84 104.27 -73.67
CA TYR NA 178 -7.00 104.06 -74.52
C TYR NA 178 -8.05 103.21 -73.80
N ASP NA 179 -9.31 103.61 -73.94
CA ASP NA 179 -10.43 102.88 -73.36
C ASP NA 179 -11.26 102.29 -74.49
N PRO NA 180 -11.38 100.96 -74.58
CA PRO NA 180 -12.22 100.37 -75.63
C PRO NA 180 -13.71 100.42 -75.35
N THR NA 181 -14.11 101.05 -74.24
CA THR NA 181 -15.54 101.21 -73.97
C THR NA 181 -16.22 102.01 -75.06
N ASP NA 182 -15.54 103.03 -75.59
CA ASP NA 182 -16.09 103.80 -76.70
C ASP NA 182 -16.47 102.89 -77.86
N ASP NA 183 -15.56 101.99 -78.26
CA ASP NA 183 -15.90 100.99 -79.25
C ASP NA 183 -17.01 100.07 -78.75
N ILE NA 184 -17.07 99.83 -77.44
CA ILE NA 184 -18.11 98.94 -76.91
C ILE NA 184 -19.50 99.50 -77.22
N GLU NA 185 -19.75 100.77 -76.88
CA GLU NA 185 -21.06 101.31 -77.25
C GLU NA 185 -21.16 101.55 -78.75
N ALA NA 186 -20.03 101.80 -79.43
CA ALA NA 186 -20.08 101.99 -80.88
C ALA NA 186 -20.64 100.75 -81.57
N TYR NA 187 -20.22 99.58 -81.13
CA TYR NA 187 -20.74 98.34 -81.72
C TYR NA 187 -22.07 97.93 -81.09
N ALA NA 188 -22.34 98.36 -79.86
CA ALA NA 188 -23.59 97.99 -79.21
C ALA NA 188 -24.78 98.79 -79.70
N LEU NA 189 -24.57 100.01 -80.19
CA LEU NA 189 -25.70 100.86 -80.58
C LEU NA 189 -26.48 100.24 -81.73
N ASN NA 190 -25.80 99.70 -82.73
CA ASN NA 190 -26.46 99.06 -83.86
C ASN NA 190 -26.64 97.57 -83.64
N ALA NA 191 -27.16 97.20 -82.46
CA ALA NA 191 -27.42 95.82 -82.10
C ALA NA 191 -28.89 95.54 -81.85
N SER NA 192 -29.77 96.51 -82.06
CA SER NA 192 -31.20 96.34 -81.84
C SER NA 192 -31.51 95.91 -80.41
N GLY NA 193 -30.78 96.47 -79.45
CA GLY NA 193 -31.03 96.16 -78.06
C GLY NA 193 -29.82 96.43 -77.20
N VAL NA 194 -29.96 96.06 -75.93
CA VAL NA 194 -28.92 96.24 -74.92
C VAL NA 194 -28.05 94.99 -74.86
N VAL NA 195 -26.75 95.19 -74.69
CA VAL NA 195 -25.79 94.10 -74.53
C VAL NA 195 -25.42 94.00 -73.06
N ASN NA 196 -25.49 92.78 -72.52
CA ASN NA 196 -25.18 92.58 -71.11
C ASN NA 196 -24.19 91.45 -70.85
N ILE NA 197 -23.64 90.83 -71.90
CA ILE NA 197 -22.53 89.90 -71.77
C ILE NA 197 -21.50 90.24 -72.84
N ILE NA 198 -20.22 90.27 -72.45
CA ILE NA 198 -19.16 90.64 -73.37
C ILE NA 198 -18.22 89.45 -73.53
N VAL NA 199 -18.79 88.24 -73.57
CA VAL NA 199 -18.01 87.01 -73.68
C VAL NA 199 -17.04 87.08 -74.85
N PHE NA 200 -15.76 86.90 -74.55
CA PHE NA 200 -14.67 86.91 -75.52
C PHE NA 200 -14.13 85.49 -75.71
N ASP NA 201 -13.43 85.31 -76.82
CA ASP NA 201 -12.45 84.24 -76.89
C ASP NA 201 -11.17 84.67 -76.18
N PRO NA 202 -10.35 83.70 -75.71
CA PRO NA 202 -9.30 84.02 -74.72
C PRO NA 202 -8.38 85.17 -75.07
N LYS NA 203 -7.68 85.09 -76.21
CA LYS NA 203 -6.75 86.18 -76.53
C LYS NA 203 -7.49 87.46 -76.89
N GLY NA 204 -8.74 87.35 -77.36
CA GLY NA 204 -9.54 88.55 -77.53
C GLY NA 204 -9.74 89.29 -76.23
N TRP NA 205 -10.13 88.57 -75.18
CA TRP NA 205 -10.21 89.19 -73.86
C TRP NA 205 -8.84 89.64 -73.37
N ALA NA 206 -7.78 88.94 -73.80
CA ALA NA 206 -6.44 89.32 -73.39
C ALA NA 206 -6.09 90.73 -73.88
N LEU NA 207 -6.26 90.99 -75.18
CA LEU NA 207 -5.95 92.34 -75.65
C LEU NA 207 -7.02 93.34 -75.24
N PHE NA 208 -8.24 92.88 -74.94
CA PHE NA 208 -9.23 93.77 -74.36
C PHE NA 208 -8.76 94.30 -73.01
N ARG NA 209 -8.33 93.40 -72.13
CA ARG NA 209 -7.90 93.76 -70.79
C ARG NA 209 -6.49 94.35 -70.75
N SER NA 210 -5.72 94.21 -71.83
CA SER NA 210 -4.41 94.83 -71.88
C SER NA 210 -4.47 96.33 -71.63
N PHE NA 211 -5.56 96.98 -72.01
CA PHE NA 211 -5.77 98.38 -71.69
C PHE NA 211 -5.97 98.55 -70.19
N LYS NA 212 -5.26 99.50 -69.60
CA LYS NA 212 -5.41 99.74 -68.17
C LYS NA 212 -6.84 100.14 -67.82
N ALA NA 213 -7.36 101.15 -68.55
CA ALA NA 213 -8.73 101.62 -68.31
C ALA NA 213 -9.69 100.47 -68.12
N VAL NA 214 -9.52 99.39 -68.89
CA VAL NA 214 -10.32 98.19 -68.68
C VAL NA 214 -10.09 97.63 -67.27
N LYS NA 215 -8.83 97.53 -66.85
CA LYS NA 215 -8.53 96.78 -65.63
C LYS NA 215 -8.87 97.56 -64.37
N GLU NA 216 -8.81 98.89 -64.39
CA GLU NA 216 -9.37 99.64 -63.26
C GLU NA 216 -10.81 100.09 -63.49
N LYS NA 217 -11.43 99.73 -64.61
CA LYS NA 217 -12.86 99.93 -64.78
C LYS NA 217 -13.66 98.68 -64.43
N LEU NA 218 -13.05 97.50 -64.53
CA LEU NA 218 -13.77 96.26 -64.26
C LEU NA 218 -13.82 96.00 -62.77
N ASP NA 219 -14.91 95.38 -62.32
CA ASP NA 219 -15.08 94.97 -60.93
C ASP NA 219 -14.90 93.46 -60.87
N THR NA 220 -13.84 93.03 -60.18
CA THR NA 220 -13.60 91.60 -59.99
C THR NA 220 -14.60 90.97 -59.05
N ARG NA 221 -15.36 91.77 -58.31
CA ARG NA 221 -16.24 91.25 -57.28
C ARG NA 221 -17.38 90.45 -57.90
N ARG NA 222 -18.03 89.63 -57.07
CA ARG NA 222 -19.20 88.90 -57.50
C ARG NA 222 -20.29 89.87 -57.94
N GLY NA 223 -20.80 90.67 -57.01
CA GLY NA 223 -21.92 91.55 -57.27
C GLY NA 223 -22.97 90.83 -58.08
N SER NA 224 -23.48 89.72 -57.53
CA SER NA 224 -24.20 88.74 -58.34
C SER NA 224 -25.40 89.38 -59.03
N ASN NA 225 -25.28 89.51 -60.35
CA ASN NA 225 -26.29 90.19 -61.15
C ASN NA 225 -27.48 89.31 -61.46
N SER NA 226 -27.24 88.09 -61.91
CA SER NA 226 -28.31 87.24 -62.42
C SER NA 226 -27.92 85.79 -62.17
N GLU NA 227 -28.59 84.88 -62.87
CA GLU NA 227 -28.30 83.46 -62.81
C GLU NA 227 -27.09 83.07 -63.65
N LEU NA 228 -26.38 84.03 -64.23
CA LEU NA 228 -25.19 83.69 -65.01
C LEU NA 228 -24.09 83.12 -64.13
N GLU NA 229 -23.98 83.60 -62.89
CA GLU NA 229 -23.05 82.97 -61.96
C GLU NA 229 -23.42 81.52 -61.70
N THR NA 230 -24.72 81.24 -61.56
CA THR NA 230 -25.16 79.86 -61.39
C THR NA 230 -24.83 79.03 -62.62
N ALA NA 231 -25.00 79.62 -63.81
CA ALA NA 231 -24.66 78.92 -65.04
C ALA NA 231 -23.18 78.60 -65.11
N VAL NA 232 -22.33 79.54 -64.68
CA VAL NA 232 -20.89 79.29 -64.68
C VAL NA 232 -20.54 78.21 -63.65
N LYS NA 233 -21.16 78.26 -62.47
CA LYS NA 233 -20.92 77.21 -61.48
C LYS NA 233 -21.32 75.84 -62.01
N ASP NA 234 -22.43 75.79 -62.76
CA ASP NA 234 -22.81 74.54 -63.40
C ASP NA 234 -21.77 74.11 -64.42
N LEU NA 235 -21.54 74.93 -65.44
CA LEU NA 235 -20.57 74.62 -66.49
C LEU NA 235 -19.24 75.33 -66.22
N GLY NA 236 -18.61 74.93 -65.12
CA GLY NA 236 -17.27 75.39 -64.84
C GLY NA 236 -16.19 74.90 -65.79
N LYS NA 237 -16.58 74.35 -66.95
CA LYS NA 237 -15.61 73.77 -67.85
C LYS NA 237 -14.99 74.83 -68.77
N ALA NA 238 -15.81 75.50 -69.58
CA ALA NA 238 -15.26 76.32 -70.65
C ALA NA 238 -15.81 77.75 -70.68
N VAL NA 239 -16.84 78.05 -69.88
CA VAL NA 239 -17.30 79.43 -69.70
C VAL NA 239 -16.68 79.95 -68.41
N SER NA 240 -16.04 81.10 -68.50
CA SER NA 240 -15.30 81.68 -67.39
C SER NA 240 -15.80 83.08 -67.11
N TYR NA 241 -16.46 83.24 -65.98
CA TYR NA 241 -17.01 84.51 -65.54
C TYR NA 241 -15.86 85.37 -65.01
N LYS NA 242 -15.29 86.20 -65.89
CA LYS NA 242 -14.16 87.03 -65.49
C LYS NA 242 -14.57 87.97 -64.35
N GLY NA 243 -15.73 88.59 -64.46
CA GLY NA 243 -16.21 89.48 -63.43
C GLY NA 243 -17.11 90.56 -64.03
N MET NA 244 -17.27 91.63 -63.27
CA MET NA 244 -17.99 92.81 -63.70
C MET NA 244 -17.04 93.80 -64.35
N TYR NA 245 -17.46 94.34 -65.50
CA TYR NA 245 -16.83 95.53 -66.06
C TYR NA 245 -17.58 96.77 -65.61
N GLY NA 246 -18.23 96.67 -64.46
CA GLY NA 246 -19.15 97.68 -63.99
C GLY NA 246 -20.56 97.40 -64.46
N ASP NA 247 -21.00 98.12 -65.49
CA ASP NA 247 -22.32 97.93 -66.06
C ASP NA 247 -22.54 96.54 -66.65
N VAL NA 248 -21.54 95.98 -67.33
CA VAL NA 248 -21.74 94.79 -68.15
C VAL NA 248 -20.93 93.63 -67.57
N ALA NA 249 -21.38 92.40 -67.86
CA ALA NA 249 -20.68 91.21 -67.42
C ALA NA 249 -19.60 90.81 -68.42
N ILE NA 250 -18.46 90.36 -67.90
CA ILE NA 250 -17.33 89.94 -68.72
C ILE NA 250 -17.19 88.43 -68.58
N VAL NA 251 -17.29 87.72 -69.71
CA VAL NA 251 -17.17 86.28 -69.74
C VAL NA 251 -16.16 85.93 -70.82
N VAL NA 252 -15.58 84.73 -70.72
CA VAL NA 252 -14.70 84.20 -71.76
C VAL NA 252 -15.10 82.74 -72.02
N TYR NA 253 -15.33 82.42 -73.29
CA TYR NA 253 -15.59 81.04 -73.69
C TYR NA 253 -14.34 80.47 -74.35
N SER NA 254 -13.86 79.36 -73.83
CA SER NA 254 -12.71 78.65 -74.39
C SER NA 254 -13.06 77.20 -74.66
N GLY NA 255 -14.29 76.96 -75.12
CA GLY NA 255 -14.71 75.60 -75.43
C GLY NA 255 -13.96 75.06 -76.63
N GLN NA 256 -13.81 73.74 -76.68
CA GLN NA 256 -13.04 73.07 -77.71
C GLN NA 256 -13.80 71.87 -78.24
N TYR NA 257 -13.73 71.66 -79.55
CA TYR NA 257 -14.27 70.45 -80.16
C TYR NA 257 -13.12 69.57 -80.61
N VAL NA 258 -13.28 68.26 -80.41
CA VAL NA 258 -12.23 67.29 -80.70
C VAL NA 258 -12.65 66.58 -82.00
N GLU NA 259 -12.09 67.04 -83.12
CA GLU NA 259 -12.52 66.56 -84.42
C GLU NA 259 -11.85 65.23 -84.74
N ASN NA 260 -11.93 64.83 -86.01
CA ASN NA 260 -11.66 63.45 -86.41
C ASN NA 260 -10.28 62.97 -85.97
N GLY NA 261 -9.28 63.83 -86.02
CA GLY NA 261 -7.94 63.43 -85.63
C GLY NA 261 -7.26 64.37 -84.67
N VAL NA 262 -7.83 65.56 -84.51
CA VAL NA 262 -7.22 66.63 -83.73
C VAL NA 262 -8.31 67.35 -82.95
N LYS NA 263 -7.91 68.24 -82.07
CA LYS NA 263 -8.81 69.09 -81.30
C LYS NA 263 -8.48 70.55 -81.53
N LYS NA 264 -9.51 71.40 -81.45
CA LYS NA 264 -9.30 72.84 -81.60
C LYS NA 264 -10.50 73.56 -81.04
N ASN NA 265 -10.30 74.83 -80.65
CA ASN NA 265 -11.35 75.60 -80.01
C ASN NA 265 -12.52 75.85 -80.96
N PHE NA 266 -13.72 75.94 -80.38
CA PHE NA 266 -14.90 76.35 -81.13
C PHE NA 266 -14.69 77.74 -81.72
N LEU NA 267 -14.22 78.68 -80.91
CA LEU NA 267 -14.05 80.09 -81.19
C LEU NA 267 -12.90 80.34 -82.15
N PRO NA 268 -13.09 81.27 -83.09
CA PRO NA 268 -11.96 81.74 -83.90
C PRO NA 268 -10.96 82.54 -83.09
N ASP NA 269 -9.96 83.13 -83.76
CA ASP NA 269 -8.84 83.74 -83.06
C ASP NA 269 -9.29 84.90 -82.17
N ASN NA 270 -10.03 85.86 -82.72
CA ASN NA 270 -10.40 87.07 -82.00
C ASN NA 270 -11.74 87.55 -82.55
N THR NA 271 -12.83 87.18 -81.85
CA THR NA 271 -14.16 87.52 -82.31
C THR NA 271 -15.05 87.89 -81.13
N MET NA 272 -16.14 88.58 -81.47
CA MET NA 272 -17.09 89.11 -80.50
C MET NA 272 -18.49 89.16 -81.11
N VAL NA 273 -19.50 88.91 -80.28
CA VAL NA 273 -20.88 89.15 -80.64
C VAL NA 273 -21.54 89.96 -79.52
N LEU NA 274 -22.04 91.14 -79.88
CA LEU NA 274 -22.69 92.04 -78.94
C LEU NA 274 -24.20 91.88 -79.07
N GLY NA 275 -24.85 91.50 -77.98
CA GLY NA 275 -26.29 91.33 -77.98
C GLY NA 275 -26.79 91.01 -76.59
N ASN NA 276 -28.08 90.67 -76.50
CA ASN NA 276 -28.74 90.40 -75.24
C ASN NA 276 -28.61 88.93 -74.87
N THR NA 277 -28.86 88.66 -73.58
CA THR NA 277 -28.99 87.30 -73.08
C THR NA 277 -30.36 86.70 -73.36
N GLN NA 278 -31.35 87.52 -73.73
CA GLN NA 278 -32.69 87.03 -74.04
C GLN NA 278 -33.02 87.12 -75.52
N ALA NA 279 -32.03 87.02 -76.40
CA ALA NA 279 -32.30 86.97 -77.83
C ALA NA 279 -33.07 85.70 -78.16
N ARG NA 280 -33.90 85.77 -79.20
CA ARG NA 280 -34.84 84.70 -79.50
C ARG NA 280 -34.14 83.70 -80.43
N GLY NA 281 -34.04 82.45 -79.98
CA GLY NA 281 -33.40 81.43 -80.78
C GLY NA 281 -34.31 80.26 -81.10
N LEU NA 282 -34.44 79.96 -82.39
CA LEU NA 282 -35.34 78.91 -82.85
C LEU NA 282 -34.58 77.59 -82.94
N ARG NA 283 -35.24 76.51 -82.52
CA ARG NA 283 -34.73 75.15 -82.58
C ARG NA 283 -35.68 74.30 -83.41
N THR NA 284 -35.98 74.75 -84.63
CA THR NA 284 -36.80 73.97 -85.53
C THR NA 284 -36.17 72.59 -85.76
N TYR NA 285 -37.01 71.56 -85.74
CA TYR NA 285 -36.57 70.18 -85.83
C TYR NA 285 -37.38 69.51 -86.92
N GLY NA 286 -36.71 68.77 -87.79
CA GLY NA 286 -37.35 68.13 -88.91
C GLY NA 286 -37.95 66.78 -88.56
N CYS NA 287 -38.34 66.06 -89.61
CA CYS NA 287 -38.86 64.72 -89.45
C CYS NA 287 -37.77 63.77 -88.94
N ILE NA 288 -38.20 62.75 -88.21
CA ILE NA 288 -37.30 61.68 -87.78
C ILE NA 288 -37.59 60.45 -88.62
N GLN NA 289 -36.63 60.06 -89.46
CA GLN NA 289 -36.81 58.96 -90.42
C GLN NA 289 -36.51 57.63 -89.74
N ASP NA 290 -37.47 57.18 -88.92
CA ASP NA 290 -37.38 55.88 -88.29
C ASP NA 290 -38.78 55.30 -88.17
N ALA NA 291 -38.97 54.10 -88.75
CA ALA NA 291 -40.29 53.50 -88.79
C ALA NA 291 -40.90 53.43 -87.40
N ASP NA 292 -40.06 53.14 -86.39
CA ASP NA 292 -40.53 53.18 -85.00
C ASP NA 292 -41.07 54.56 -84.65
N ALA NA 293 -40.32 55.60 -85.01
CA ALA NA 293 -40.73 56.96 -84.68
C ALA NA 293 -42.05 57.31 -85.34
N GLN NA 294 -42.23 56.94 -86.62
CA GLN NA 294 -43.49 57.27 -87.25
C GLN NA 294 -44.67 56.51 -86.65
N ARG NA 295 -44.52 55.20 -86.40
CA ARG NA 295 -45.75 54.51 -86.03
C ARG NA 295 -46.04 54.68 -84.54
N GLU NA 296 -45.11 55.28 -83.79
CA GLU NA 296 -45.45 55.69 -82.42
C GLU NA 296 -45.52 57.21 -82.25
N GLY NA 297 -45.45 57.99 -83.33
CA GLY NA 297 -45.68 59.41 -83.25
C GLY NA 297 -44.52 60.26 -82.77
N ILE NA 298 -43.28 59.81 -82.97
CA ILE NA 298 -42.11 60.59 -82.58
C ILE NA 298 -41.53 61.23 -83.83
N ASN NA 299 -42.38 61.43 -84.84
CA ASN NA 299 -41.98 62.20 -86.02
C ASN NA 299 -41.75 63.67 -85.67
N ALA NA 300 -42.35 64.15 -84.60
CA ALA NA 300 -42.20 65.55 -84.16
C ALA NA 300 -41.68 65.53 -82.73
N SER NA 301 -40.35 65.56 -82.60
CA SER NA 301 -39.73 65.48 -81.28
C SER NA 301 -38.32 66.04 -81.35
N ALA NA 302 -37.62 65.96 -80.22
CA ALA NA 302 -36.22 66.38 -80.19
C ALA NA 302 -35.29 65.26 -80.67
N ARG NA 303 -35.23 64.17 -79.91
CA ARG NA 303 -34.24 63.11 -80.12
C ARG NA 303 -34.94 61.76 -80.12
N TYR NA 304 -34.26 60.75 -80.67
CA TYR NA 304 -34.78 59.40 -80.60
C TYR NA 304 -33.66 58.38 -80.43
N PRO NA 305 -33.61 57.69 -79.30
CA PRO NA 305 -32.66 56.58 -79.15
C PRO NA 305 -33.28 55.24 -79.49
N LYS NA 306 -32.45 54.22 -79.73
CA LYS NA 306 -32.93 52.85 -79.77
C LYS NA 306 -31.76 51.90 -79.62
N ASN NA 307 -32.04 50.72 -79.06
CA ASN NA 307 -31.10 49.61 -79.00
C ASN NA 307 -31.69 48.45 -79.78
N TRP NA 308 -30.89 47.84 -80.65
CA TRP NA 308 -31.46 47.01 -81.70
C TRP NA 308 -30.41 46.05 -82.27
N VAL NA 309 -30.89 44.85 -82.62
CA VAL NA 309 -30.03 43.75 -83.05
C VAL NA 309 -30.19 43.58 -84.56
N THR NA 310 -29.05 43.42 -85.24
CA THR NA 310 -29.02 43.05 -86.64
C THR NA 310 -28.79 41.55 -86.77
N THR NA 311 -29.66 40.88 -87.51
CA THR NA 311 -29.55 39.46 -87.80
C THR NA 311 -29.10 39.27 -89.24
N GLY NA 312 -28.04 38.48 -89.41
CA GLY NA 312 -27.53 38.20 -90.73
C GLY NA 312 -26.04 38.49 -90.89
N ASP NA 313 -25.69 39.26 -91.92
CA ASP NA 313 -24.27 39.58 -92.14
C ASP NA 313 -23.67 40.36 -90.98
N PRO NA 314 -24.19 41.54 -90.62
CA PRO NA 314 -23.66 42.23 -89.43
C PRO NA 314 -24.44 41.84 -88.18
N ALA NA 315 -24.46 40.53 -87.89
CA ALA NA 315 -25.29 40.02 -86.82
C ALA NA 315 -24.72 40.49 -85.49
N ARG NA 316 -25.20 41.64 -85.02
CA ARG NA 316 -24.62 42.35 -83.89
C ARG NA 316 -25.75 43.09 -83.20
N GLU NA 317 -25.39 44.06 -82.35
CA GLU NA 317 -26.39 44.88 -81.68
C GLU NA 317 -25.82 46.26 -81.44
N PHE NA 318 -26.63 47.28 -81.71
CA PHE NA 318 -26.19 48.67 -81.80
C PHE NA 318 -27.12 49.59 -81.03
N THR NA 319 -26.60 50.77 -80.71
CA THR NA 319 -27.39 51.88 -80.21
C THR NA 319 -27.40 52.98 -81.26
N MET NA 320 -28.61 53.43 -81.62
CA MET NA 320 -28.84 54.34 -82.73
C MET NA 320 -29.48 55.60 -82.18
N ILE NA 321 -28.95 56.76 -82.55
CA ILE NA 321 -29.50 58.04 -82.10
C ILE NA 321 -29.85 58.86 -83.33
N GLN NA 322 -31.07 59.41 -83.34
CA GLN NA 322 -31.56 60.17 -84.50
C GLN NA 322 -32.12 61.51 -84.05
N SER NA 323 -31.83 62.54 -84.85
CA SER NA 323 -32.26 63.90 -84.57
C SER NA 323 -32.28 64.67 -85.89
N ALA NA 324 -32.82 65.88 -85.85
CA ALA NA 324 -32.85 66.76 -87.03
C ALA NA 324 -32.99 68.21 -86.59
N PRO NA 325 -31.93 68.81 -86.06
CA PRO NA 325 -31.99 70.22 -85.68
C PRO NA 325 -31.62 71.16 -86.81
N LEU NA 326 -32.27 72.31 -86.82
CA LEU NA 326 -31.91 73.40 -87.73
C LEU NA 326 -32.02 74.74 -86.98
N MET NA 327 -31.53 74.73 -85.75
CA MET NA 327 -31.50 75.90 -84.89
C MET NA 327 -30.88 77.12 -85.58
N LEU NA 328 -31.56 78.25 -85.44
CA LEU NA 328 -31.15 79.53 -85.99
C LEU NA 328 -31.48 80.62 -84.98
N LEU NA 329 -31.24 81.87 -85.35
CA LEU NA 329 -31.58 83.03 -84.54
C LEU NA 329 -32.69 83.81 -85.22
N ALA NA 330 -33.70 84.22 -84.44
CA ALA NA 330 -34.82 84.96 -85.00
C ALA NA 330 -34.36 86.31 -85.54
N ASP NA 331 -33.54 87.02 -84.77
CA ASP NA 331 -33.04 88.35 -85.16
C ASP NA 331 -31.54 88.29 -85.34
N PRO NA 332 -31.04 88.08 -86.56
CA PRO NA 332 -29.58 88.16 -86.78
C PRO NA 332 -29.01 89.53 -86.47
N ASP NA 333 -29.80 90.59 -86.61
CA ASP NA 333 -29.37 91.94 -86.29
C ASP NA 333 -29.23 92.15 -84.78
N GLU NA 334 -29.70 91.22 -83.96
CA GLU NA 334 -29.58 91.35 -82.52
C GLU NA 334 -28.13 91.36 -82.05
N PHE NA 335 -27.24 90.66 -82.75
CA PHE NA 335 -25.85 90.60 -82.38
C PHE NA 335 -24.97 91.23 -83.45
N VAL NA 336 -24.07 92.10 -83.01
CA VAL NA 336 -23.03 92.66 -83.85
C VAL NA 336 -21.79 91.78 -83.73
N SER NA 337 -21.34 91.24 -84.86
CA SER NA 337 -20.22 90.32 -84.91
C SER NA 337 -18.98 91.07 -85.38
N VAL NA 338 -17.97 91.13 -84.53
CA VAL NA 338 -16.76 91.91 -84.76
C VAL NA 338 -15.56 90.99 -84.66
N GLN NA 339 -14.69 91.04 -85.66
CA GLN NA 339 -13.36 90.45 -85.54
C GLN NA 339 -12.42 91.49 -84.97
N LEU NA 340 -11.61 91.08 -84.01
CA LEU NA 340 -10.82 91.99 -83.18
C LEU NA 340 -9.44 92.20 -83.77
N ALA NA 341 -8.69 93.09 -83.13
CA ALA NA 341 -7.32 93.38 -83.53
C ALA NA 341 -6.42 92.17 -83.36
N ALA OA 7 -64.74 78.42 -79.59
CA ALA OA 7 -65.45 79.14 -78.54
C ALA OA 7 -65.65 78.27 -77.31
N GLN OA 8 -64.87 78.53 -76.27
CA GLN OA 8 -64.96 77.82 -75.01
C GLN OA 8 -65.40 78.78 -73.91
N LEU OA 9 -65.90 78.19 -72.82
CA LEU OA 9 -66.62 78.95 -71.80
C LEU OA 9 -65.68 79.93 -71.07
N LEU OA 10 -66.30 80.81 -70.29
CA LEU OA 10 -65.55 81.80 -69.52
C LEU OA 10 -64.65 81.15 -68.47
N ALA OA 11 -65.11 80.07 -67.84
CA ALA OA 11 -64.37 79.45 -66.74
C ALA OA 11 -63.04 78.85 -67.18
N ALA OA 12 -62.80 78.71 -68.48
CA ALA OA 12 -61.51 78.22 -68.98
C ALA OA 12 -60.48 79.36 -68.99
N ASN OA 13 -60.27 79.93 -67.80
CA ASN OA 13 -59.37 81.06 -67.62
C ASN OA 13 -58.53 80.86 -66.36
N GLU OA 14 -57.98 79.66 -66.21
CA GLU OA 14 -57.24 79.29 -65.01
C GLU OA 14 -55.74 79.43 -65.29
N GLN OA 15 -55.08 80.32 -64.55
CA GLN OA 15 -53.63 80.49 -64.65
C GLN OA 15 -52.90 80.14 -63.36
N LYS OA 16 -53.30 80.77 -62.24
CA LYS OA 16 -52.53 80.73 -61.00
C LYS OA 16 -51.10 81.22 -61.21
N PHE OA 17 -50.94 82.14 -62.16
CA PHE OA 17 -49.63 82.72 -62.51
C PHE OA 17 -49.73 84.23 -62.37
N LYS OA 18 -49.47 84.74 -61.17
CA LYS OA 18 -49.40 86.18 -60.92
C LYS OA 18 -47.97 86.50 -60.49
N PHE OA 19 -47.18 86.98 -61.45
CA PHE OA 19 -45.75 87.20 -61.25
C PHE OA 19 -45.34 88.56 -61.78
N ASP OA 20 -46.11 89.59 -61.45
CA ASP OA 20 -45.76 90.96 -61.80
C ASP OA 20 -44.52 91.41 -61.03
N PRO OA 21 -43.62 92.20 -61.63
CA PRO OA 21 -42.34 92.57 -60.98
C PRO OA 21 -42.45 93.59 -59.84
N LEU OA 22 -43.07 93.13 -58.74
CA LEU OA 22 -43.00 93.80 -57.44
C LEU OA 22 -43.60 95.20 -57.43
N PHE OA 23 -44.23 95.63 -58.52
CA PHE OA 23 -44.86 96.94 -58.55
C PHE OA 23 -46.36 96.89 -58.31
N LEU OA 24 -47.10 96.19 -59.16
CA LEU OA 24 -48.54 96.07 -59.01
C LEU OA 24 -48.94 95.15 -57.87
N ARG OA 25 -47.99 94.40 -57.32
CA ARG OA 25 -48.24 93.46 -56.23
C ARG OA 25 -47.76 93.96 -54.88
N LEU OA 26 -46.88 94.96 -54.84
CA LEU OA 26 -46.25 95.41 -53.61
C LEU OA 26 -46.48 96.89 -53.32
N PHE OA 27 -46.40 97.76 -54.32
CA PHE OA 27 -46.74 99.17 -54.12
C PHE OA 27 -48.17 99.51 -54.51
N PHE OA 28 -48.75 98.78 -55.46
CA PHE OA 28 -50.01 99.16 -56.08
C PHE OA 28 -51.08 98.09 -55.87
N ARG OA 29 -51.23 97.63 -54.63
CA ARG OA 29 -52.22 96.61 -54.30
C ARG OA 29 -53.65 97.15 -54.30
N GLU OA 30 -53.82 98.47 -54.40
CA GLU OA 30 -55.05 99.15 -53.98
C GLU OA 30 -56.04 99.21 -55.14
N SER OA 31 -56.60 98.06 -55.52
CA SER OA 31 -57.42 97.93 -56.71
C SER OA 31 -58.80 98.56 -56.51
N TYR OA 32 -59.26 99.30 -57.53
CA TYR OA 32 -60.60 99.89 -57.50
C TYR OA 32 -61.28 99.74 -58.86
N PRO OA 33 -61.72 98.53 -59.21
CA PRO OA 33 -62.59 98.43 -60.40
C PRO OA 33 -63.97 99.04 -60.16
N PHE OA 34 -64.43 99.79 -61.16
CA PHE OA 34 -65.65 100.58 -61.08
C PHE OA 34 -66.69 100.07 -62.07
N THR OA 35 -67.94 100.43 -61.79
CA THR OA 35 -69.04 100.26 -62.73
C THR OA 35 -69.17 101.48 -63.64
N THR OA 36 -68.25 102.44 -63.50
CA THR OA 36 -68.29 103.69 -64.23
C THR OA 36 -67.01 103.86 -65.03
N GLU OA 37 -67.12 104.65 -66.11
CA GLU OA 37 -66.05 104.73 -67.10
C GLU OA 37 -64.75 105.21 -66.49
N LYS OA 38 -64.73 106.45 -66.00
CA LYS OA 38 -63.52 107.12 -65.58
C LYS OA 38 -63.11 106.72 -64.17
N VAL OA 39 -62.01 107.29 -63.72
CA VAL OA 39 -61.61 107.26 -62.32
C VAL OA 39 -62.10 108.53 -61.65
N TYR OA 40 -62.71 108.38 -60.48
CA TYR OA 40 -63.27 109.50 -59.75
C TYR OA 40 -62.58 109.53 -58.39
N LEU OA 41 -61.42 110.20 -58.34
CA LEU OA 41 -60.62 110.21 -57.11
C LEU OA 41 -61.40 110.78 -55.94
N SER OA 42 -62.37 111.65 -56.21
CA SER OA 42 -63.28 112.08 -55.16
C SER OA 42 -64.09 110.91 -54.61
N GLN OA 43 -64.45 109.96 -55.48
CA GLN OA 43 -65.20 108.79 -55.03
C GLN OA 43 -64.32 107.88 -54.16
N ILE OA 44 -63.07 107.65 -54.55
CA ILE OA 44 -62.18 106.84 -53.70
C ILE OA 44 -61.98 107.54 -52.36
N PRO OA 45 -62.14 106.84 -51.23
CA PRO OA 45 -61.85 107.48 -49.94
C PRO OA 45 -60.38 107.87 -49.81
N GLY OA 46 -59.49 107.06 -50.37
CA GLY OA 46 -58.06 107.26 -50.23
C GLY OA 46 -57.69 107.33 -48.76
N LEU OA 47 -56.90 108.35 -48.43
CA LEU OA 47 -56.67 108.69 -47.04
C LEU OA 47 -57.90 109.39 -46.46
N VAL OA 48 -58.30 108.95 -45.26
CA VAL OA 48 -59.49 109.46 -44.60
C VAL OA 48 -59.08 110.60 -43.66
N ASN OA 49 -59.93 111.62 -43.58
CA ASN OA 49 -59.76 112.67 -42.58
C ASN OA 49 -59.78 112.02 -41.20
N MET OA 50 -58.65 112.03 -40.51
CA MET OA 50 -58.35 111.01 -39.51
C MET OA 50 -57.70 111.60 -38.26
N ALA OA 51 -58.27 112.65 -37.67
CA ALA OA 51 -57.73 113.16 -36.43
C ALA OA 51 -58.79 113.57 -35.42
N LEU OA 52 -59.80 114.31 -35.84
CA LEU OA 52 -60.65 115.06 -34.92
C LEU OA 52 -61.60 114.17 -34.15
N TYR OA 53 -61.79 114.48 -32.87
CA TYR OA 53 -62.83 113.86 -32.06
C TYR OA 53 -63.88 114.91 -31.70
N VAL OA 54 -64.80 114.53 -30.82
CA VAL OA 54 -65.89 115.42 -30.41
C VAL OA 54 -65.93 115.49 -28.89
N SER OA 55 -66.56 116.55 -28.39
CA SER OA 55 -66.61 116.82 -26.96
C SER OA 55 -67.38 115.73 -26.22
N PRO OA 56 -67.08 115.51 -24.94
CA PRO OA 56 -67.81 114.48 -24.17
C PRO OA 56 -69.21 114.89 -23.76
N ILE OA 57 -69.98 115.47 -24.68
CA ILE OA 57 -71.40 115.75 -24.43
C ILE OA 57 -72.24 115.15 -25.55
N VAL OA 58 -71.94 115.51 -26.80
CA VAL OA 58 -72.59 114.98 -27.98
C VAL OA 58 -71.53 114.71 -29.04
N SER OA 59 -71.99 114.26 -30.20
CA SER OA 59 -71.07 114.01 -31.30
C SER OA 59 -71.33 114.97 -32.45
N GLY OA 60 -70.37 115.04 -33.38
CA GLY OA 60 -70.37 116.05 -34.41
C GLY OA 60 -71.04 115.62 -35.69
N GLU OA 61 -70.57 116.22 -36.79
CA GLU OA 61 -71.19 116.10 -38.10
C GLU OA 61 -70.83 114.76 -38.75
N VAL OA 62 -71.26 114.57 -39.99
CA VAL OA 62 -71.01 113.35 -40.74
C VAL OA 62 -69.75 113.55 -41.57
N ILE OA 63 -68.87 112.55 -41.54
CA ILE OA 63 -67.61 112.59 -42.29
C ILE OA 63 -67.77 111.77 -43.56
N ARG OA 64 -67.29 112.31 -44.67
CA ARG OA 64 -67.46 111.76 -46.01
C ARG OA 64 -66.11 111.34 -46.56
N SER OA 65 -66.13 110.85 -47.80
CA SER OA 65 -64.92 110.75 -48.61
C SER OA 65 -64.56 112.17 -49.01
N ARG OA 66 -63.34 112.60 -48.65
CA ARG OA 66 -63.03 114.03 -48.57
C ARG OA 66 -62.73 114.63 -49.96
N GLY OA 67 -63.67 114.41 -50.88
CA GLY OA 67 -63.77 115.17 -52.12
C GLY OA 67 -62.48 115.47 -52.86
N GLY OA 68 -61.87 114.45 -53.45
CA GLY OA 68 -60.66 114.65 -54.24
C GLY OA 68 -60.80 115.74 -55.28
N SER OA 69 -59.79 116.61 -55.37
CA SER OA 69 -59.91 117.79 -56.23
C SER OA 69 -60.08 117.39 -57.69
N THR OA 70 -59.24 116.49 -58.19
CA THR OA 70 -59.33 116.02 -59.57
C THR OA 70 -59.83 114.58 -59.56
N SER OA 71 -60.97 114.36 -60.23
CA SER OA 71 -61.60 113.04 -60.25
C SER OA 71 -62.06 112.63 -61.65
N GLU OA 72 -61.24 112.85 -62.68
CA GLU OA 72 -61.63 112.57 -64.06
C GLU OA 72 -60.38 112.27 -64.89
N PHE OA 73 -60.08 110.98 -65.05
CA PHE OA 73 -59.07 110.55 -66.00
C PHE OA 73 -59.58 109.31 -66.73
N THR OA 74 -59.03 109.06 -67.92
CA THR OA 74 -59.50 107.99 -68.79
C THR OA 74 -58.69 106.72 -68.53
N PRO OA 75 -59.30 105.65 -68.04
CA PRO OA 75 -58.56 104.38 -67.89
C PRO OA 75 -58.13 103.84 -69.24
N GLY OA 76 -57.02 103.10 -69.24
CA GLY OA 76 -56.50 102.49 -70.44
C GLY OA 76 -57.27 101.25 -70.83
N TYR OA 77 -58.46 101.44 -71.39
CA TYR OA 77 -59.25 100.29 -71.79
C TYR OA 77 -58.53 99.56 -72.91
N VAL OA 78 -57.89 98.45 -72.56
CA VAL OA 78 -57.09 97.64 -73.45
C VAL OA 78 -57.86 96.36 -73.74
N LYS OA 79 -58.24 96.19 -75.00
CA LYS OA 79 -58.82 94.89 -75.31
C LYS OA 79 -58.14 94.29 -76.54
N PRO OA 80 -57.07 93.54 -76.35
CA PRO OA 80 -56.47 92.83 -77.50
C PRO OA 80 -57.09 91.46 -77.70
N LYS OA 81 -56.65 90.76 -78.74
CA LYS OA 81 -57.13 89.42 -79.02
C LYS OA 81 -56.08 88.68 -79.82
N HIS OA 82 -56.32 87.39 -80.01
CA HIS OA 82 -55.51 86.59 -80.91
C HIS OA 82 -56.36 85.46 -81.48
N GLU OA 83 -55.78 84.75 -82.42
CA GLU OA 83 -56.35 83.51 -82.92
C GLU OA 83 -55.69 82.32 -82.25
N VAL OA 84 -56.46 81.25 -82.11
CA VAL OA 84 -55.96 79.99 -81.58
C VAL OA 84 -56.23 78.90 -82.61
N ASN OA 85 -56.13 79.27 -83.89
CA ASN OA 85 -56.42 78.38 -85.01
C ASN OA 85 -55.61 77.09 -84.90
N PRO OA 86 -56.26 75.93 -84.87
CA PRO OA 86 -55.53 74.66 -84.73
C PRO OA 86 -54.76 74.27 -85.98
N GLN OA 87 -53.86 75.13 -86.43
CA GLN OA 87 -52.96 74.82 -87.52
C GLN OA 87 -51.49 74.76 -87.09
N MET OA 88 -51.16 75.16 -85.87
CA MET OA 88 -49.78 75.13 -85.40
C MET OA 88 -49.46 73.84 -84.67
N THR OA 89 -48.19 73.46 -84.73
CA THR OA 89 -47.63 72.66 -83.65
C THR OA 89 -47.26 73.59 -82.49
N LEU OA 90 -47.61 73.17 -81.28
CA LEU OA 90 -47.64 74.04 -80.12
C LEU OA 90 -46.39 73.88 -79.27
N ARG OA 91 -46.37 74.56 -78.13
CA ARG OA 91 -45.33 74.34 -77.13
C ARG OA 91 -45.48 72.93 -76.60
N ARG OA 92 -44.56 72.01 -76.91
CA ARG OA 92 -44.66 70.65 -76.39
C ARG OA 92 -43.77 70.51 -75.17
N LEU OA 93 -44.38 70.65 -73.99
CA LEU OA 93 -43.72 70.24 -72.76
C LEU OA 93 -43.14 68.84 -72.95
N PRO OA 94 -41.92 68.57 -72.45
CA PRO OA 94 -41.25 67.31 -72.79
C PRO OA 94 -42.08 66.05 -72.58
N ASP OA 95 -42.48 65.44 -73.70
CA ASP OA 95 -43.00 64.07 -73.76
C ASP OA 95 -44.14 63.79 -72.79
N GLU OA 96 -45.14 64.67 -72.73
CA GLU OA 96 -46.43 64.31 -72.12
C GLU OA 96 -47.43 63.95 -73.21
N ASP OA 97 -47.20 62.79 -73.83
CA ASP OA 97 -48.15 62.14 -74.72
C ASP OA 97 -48.63 63.04 -75.84
N PRO OA 98 -47.83 63.31 -76.87
CA PRO OA 98 -48.26 64.20 -77.96
C PRO OA 98 -49.52 63.73 -78.69
N GLN OA 99 -50.05 62.56 -78.34
CA GLN OA 99 -51.31 62.13 -78.92
C GLN OA 99 -52.43 63.10 -78.58
N ASN OA 100 -52.42 63.70 -77.40
CA ASN OA 100 -53.44 64.71 -77.09
C ASN OA 100 -53.22 66.01 -77.85
N LEU OA 101 -51.97 66.37 -78.14
CA LEU OA 101 -51.75 67.47 -79.08
C LEU OA 101 -52.34 67.13 -80.44
N ALA OA 102 -52.20 65.88 -80.88
CA ALA OA 102 -52.87 65.44 -82.10
C ALA OA 102 -54.37 65.64 -82.03
N ASP OA 103 -54.96 65.61 -80.84
CA ASP OA 103 -56.35 65.97 -80.67
C ASP OA 103 -56.53 67.46 -80.97
N PRO OA 104 -57.47 67.83 -81.84
CA PRO OA 104 -57.85 69.25 -81.93
C PRO OA 104 -58.40 69.82 -80.63
N ALA OA 105 -59.06 69.00 -79.80
CA ALA OA 105 -59.60 69.51 -78.55
C ALA OA 105 -58.50 69.94 -77.59
N TYR OA 106 -57.52 69.07 -77.35
CA TYR OA 106 -56.47 69.43 -76.42
C TYR OA 106 -55.57 70.52 -76.99
N ARG OA 107 -55.27 70.45 -78.29
CA ARG OA 107 -54.46 71.52 -78.88
C ARG OA 107 -55.18 72.86 -78.72
N ARG OA 108 -56.49 72.90 -79.01
CA ARG OA 108 -57.21 74.16 -78.94
C ARG OA 108 -57.30 74.67 -77.51
N ARG OA 109 -57.52 73.77 -76.53
CA ARG OA 109 -57.64 74.28 -75.17
C ARG OA 109 -56.30 74.75 -74.61
N ARG OA 110 -55.21 74.03 -74.84
CA ARG OA 110 -53.97 74.51 -74.26
C ARG OA 110 -53.40 75.66 -75.10
N ILE OA 111 -53.83 75.79 -76.36
CA ILE OA 111 -53.41 76.97 -77.12
C ILE OA 111 -54.22 78.19 -76.71
N ILE OA 112 -55.48 78.03 -76.29
CA ILE OA 112 -56.13 79.21 -75.70
C ILE OA 112 -55.48 79.51 -74.36
N MET OA 113 -55.02 78.49 -73.65
CA MET OA 113 -54.23 78.74 -72.44
C MET OA 113 -53.02 79.61 -72.76
N GLN OA 114 -52.23 79.20 -73.75
CA GLN OA 114 -51.02 79.93 -74.13
C GLN OA 114 -51.36 81.32 -74.64
N ASN OA 115 -52.37 81.43 -75.49
CA ASN OA 115 -52.77 82.73 -76.02
C ASN OA 115 -53.15 83.67 -74.90
N MET OA 116 -54.04 83.22 -74.00
CA MET OA 116 -54.52 84.14 -72.99
C MET OA 116 -53.40 84.51 -72.03
N ARG OA 117 -52.49 83.57 -71.71
CA ARG OA 117 -51.41 83.93 -70.81
C ARG OA 117 -50.50 84.97 -71.44
N ASP OA 118 -50.20 84.82 -72.73
CA ASP OA 118 -49.54 85.91 -73.45
C ASP OA 118 -50.32 87.21 -73.28
N GLU OA 119 -51.64 87.12 -73.32
CA GLU OA 119 -52.48 88.32 -73.22
C GLU OA 119 -52.32 89.02 -71.87
N GLU OA 120 -52.45 88.28 -70.76
CA GLU OA 120 -52.37 89.00 -69.49
C GLU OA 120 -50.94 89.44 -69.21
N LEU OA 121 -49.94 88.70 -69.70
CA LEU OA 121 -48.58 89.20 -69.50
C LEU OA 121 -48.32 90.41 -70.37
N ALA OA 122 -49.01 90.53 -71.51
CA ALA OA 122 -48.95 91.76 -72.30
C ALA OA 122 -49.54 92.94 -71.53
N ILE OA 123 -50.74 92.76 -70.97
CA ILE OA 123 -51.33 93.85 -70.22
C ILE OA 123 -50.49 94.15 -68.97
N ALA OA 124 -49.86 93.11 -68.41
CA ALA OA 124 -49.01 93.30 -67.25
C ALA OA 124 -47.76 94.10 -67.60
N GLN OA 125 -47.15 93.84 -68.76
CA GLN OA 125 -45.96 94.57 -69.14
C GLN OA 125 -46.29 96.02 -69.52
N VAL OA 126 -47.43 96.25 -70.19
CA VAL OA 126 -47.81 97.64 -70.43
C VAL OA 126 -48.17 98.34 -69.12
N GLU OA 127 -48.72 97.59 -68.16
CA GLU OA 127 -49.02 98.16 -66.86
C GLU OA 127 -47.74 98.48 -66.11
N GLU OA 128 -46.70 97.66 -66.29
CA GLU OA 128 -45.41 97.95 -65.67
C GLU OA 128 -44.73 99.15 -66.31
N MET OA 129 -44.90 99.35 -67.63
CA MET OA 129 -44.44 100.61 -68.21
C MET OA 129 -45.20 101.80 -67.63
N GLN OA 130 -46.51 101.65 -67.44
CA GLN OA 130 -47.26 102.70 -66.76
C GLN OA 130 -46.72 102.96 -65.36
N ALA OA 131 -46.39 101.89 -64.63
CA ALA OA 131 -45.85 102.02 -63.28
C ALA OA 131 -44.50 102.72 -63.27
N VAL OA 132 -43.63 102.38 -64.22
CA VAL OA 132 -42.30 103.00 -64.23
C VAL OA 132 -42.40 104.46 -64.62
N SER OA 133 -43.28 104.82 -65.57
CA SER OA 133 -43.54 106.23 -65.83
C SER OA 133 -44.07 106.92 -64.58
N ALA OA 134 -45.03 106.28 -63.90
CA ALA OA 134 -45.67 106.85 -62.74
C ALA OA 134 -44.65 107.15 -61.65
N VAL OA 135 -44.05 106.11 -61.07
CA VAL OA 135 -42.94 106.38 -60.17
C VAL OA 135 -41.64 106.32 -60.95
N LEU OA 136 -41.50 107.24 -61.90
CA LEU OA 136 -40.24 107.93 -62.20
C LEU OA 136 -40.44 109.40 -62.49
N LYS OA 137 -41.64 109.84 -62.88
CA LYS OA 137 -41.86 111.28 -63.08
C LYS OA 137 -43.18 111.80 -62.54
N GLY OA 138 -44.09 110.95 -62.07
CA GLY OA 138 -45.39 111.42 -61.62
C GLY OA 138 -46.36 111.68 -62.74
N LYS OA 139 -45.90 111.64 -63.98
CA LYS OA 139 -46.70 111.83 -65.18
C LYS OA 139 -46.90 110.48 -65.87
N TYR OA 140 -48.10 110.26 -66.37
CA TYR OA 140 -48.38 109.09 -67.21
C TYR OA 140 -49.05 109.54 -68.49
N THR OA 141 -48.64 108.96 -69.61
CA THR OA 141 -49.17 109.29 -70.91
C THR OA 141 -50.25 108.29 -71.29
N MET OA 142 -51.50 108.60 -70.95
CA MET OA 142 -52.65 107.90 -71.48
C MET OA 142 -52.80 108.29 -72.95
N THR OA 143 -52.21 107.49 -73.83
CA THR OA 143 -52.13 107.87 -75.23
C THR OA 143 -52.20 106.64 -76.12
N GLY OA 144 -52.59 106.90 -77.36
CA GLY OA 144 -52.63 105.88 -78.40
C GLY OA 144 -53.16 106.50 -79.66
N GLU OA 145 -52.87 105.86 -80.79
CA GLU OA 145 -53.37 106.38 -82.06
C GLU OA 145 -54.89 106.30 -82.08
N ALA OA 146 -55.51 107.26 -82.76
CA ALA OA 146 -56.96 107.45 -82.72
C ALA OA 146 -57.45 107.59 -81.27
N PHE OA 147 -56.71 108.37 -80.48
CA PHE OA 147 -57.04 108.63 -79.08
C PHE OA 147 -56.22 109.83 -78.62
N ASP OA 148 -56.86 110.75 -77.93
CA ASP OA 148 -56.16 111.95 -77.48
C ASP OA 148 -55.19 111.60 -76.35
N PRO OA 149 -53.99 112.18 -76.34
CA PRO OA 149 -53.06 111.93 -75.23
C PRO OA 149 -53.44 112.74 -74.00
N VAL OA 150 -53.95 112.05 -72.98
CA VAL OA 150 -54.23 112.63 -71.68
C VAL OA 150 -53.03 112.41 -70.79
N GLU OA 151 -52.50 113.49 -70.22
CA GLU OA 151 -51.47 113.39 -69.20
C GLU OA 151 -52.16 113.23 -67.84
N VAL OA 152 -51.91 112.09 -67.20
CA VAL OA 152 -52.45 111.81 -65.87
C VAL OA 152 -51.32 112.05 -64.89
N ASP OA 153 -51.47 113.07 -64.05
CA ASP OA 153 -50.41 113.50 -63.13
C ASP OA 153 -50.87 113.21 -61.71
N MET OA 154 -50.05 112.47 -60.96
CA MET OA 154 -50.30 112.37 -59.53
C MET OA 154 -49.89 113.64 -58.80
N GLY OA 155 -48.89 114.36 -59.31
CA GLY OA 155 -48.47 115.60 -58.69
C GLY OA 155 -47.08 115.56 -58.11
N ARG OA 156 -46.19 114.82 -58.76
CA ARG OA 156 -44.82 114.71 -58.27
C ARG OA 156 -44.17 116.09 -58.20
N SER OA 157 -43.59 116.38 -57.04
CA SER OA 157 -43.06 117.71 -56.75
C SER OA 157 -41.66 117.87 -57.34
N GLU OA 158 -41.18 119.11 -57.32
CA GLU OA 158 -39.86 119.42 -57.87
C GLU OA 158 -38.74 118.78 -57.06
N GLU OA 159 -38.83 118.83 -55.73
CA GLU OA 159 -37.83 118.16 -54.91
C GLU OA 159 -37.86 116.65 -55.05
N ASN OA 160 -38.92 116.09 -55.63
CA ASN OA 160 -38.97 114.70 -56.01
C ASN OA 160 -38.39 114.45 -57.39
N ASN OA 161 -37.94 115.49 -58.08
CA ASN OA 161 -37.36 115.40 -59.42
C ASN OA 161 -35.98 116.02 -59.47
N ILE OA 162 -35.37 116.22 -58.30
CA ILE OA 162 -34.03 116.80 -58.27
C ILE OA 162 -33.01 115.80 -58.80
N THR OA 163 -31.97 116.33 -59.46
CA THR OA 163 -31.09 115.55 -60.31
C THR OA 163 -29.69 115.46 -59.71
N GLN OA 164 -29.06 114.29 -59.87
CA GLN OA 164 -27.68 114.11 -59.42
C GLN OA 164 -26.68 114.88 -60.26
N SER OA 165 -26.91 114.99 -61.58
CA SER OA 165 -25.96 115.70 -62.43
C SER OA 165 -25.88 117.17 -62.06
N GLY OA 166 -26.95 117.73 -61.49
CA GLY OA 166 -26.89 119.09 -61.00
C GLY OA 166 -25.82 119.25 -59.93
N GLY OA 167 -24.95 120.24 -60.10
CA GLY OA 167 -23.86 120.43 -59.18
C GLY OA 167 -22.70 119.49 -59.43
N THR OA 168 -22.50 118.54 -58.53
CA THR OA 168 -21.41 117.57 -58.64
C THR OA 168 -21.99 116.19 -58.96
N GLU OA 169 -21.42 115.54 -59.96
CA GLU OA 169 -21.85 114.23 -60.39
C GLU OA 169 -21.04 113.14 -59.68
N TRP OA 170 -21.67 111.99 -59.46
CA TRP OA 170 -20.95 110.86 -58.88
C TRP OA 170 -19.84 110.38 -59.80
N SER OA 171 -20.07 110.43 -61.12
CA SER OA 171 -18.97 110.17 -62.05
C SER OA 171 -17.86 111.18 -61.87
N LYS OA 172 -18.21 112.45 -61.65
CA LYS OA 172 -17.24 113.50 -61.39
C LYS OA 172 -16.95 113.62 -59.89
N ARG OA 173 -16.58 112.49 -59.29
CA ARG OA 173 -16.22 112.45 -57.88
C ARG OA 173 -15.11 111.42 -57.69
N ASP OA 174 -14.56 111.38 -56.49
CA ASP OA 174 -13.54 110.40 -56.16
C ASP OA 174 -14.16 109.01 -56.12
N LYS OA 175 -13.64 108.12 -56.96
CA LYS OA 175 -14.14 106.75 -57.03
C LYS OA 175 -13.76 105.93 -55.81
N SER OA 176 -12.90 106.44 -54.94
CA SER OA 176 -12.40 105.69 -53.80
C SER OA 176 -12.88 106.22 -52.46
N THR OA 177 -12.83 107.53 -52.21
CA THR OA 177 -13.12 108.08 -50.90
C THR OA 177 -14.51 108.67 -50.77
N TYR OA 178 -15.11 109.15 -51.86
CA TYR OA 178 -16.43 109.76 -51.75
C TYR OA 178 -17.47 108.72 -51.37
N ASP OA 179 -18.37 109.09 -50.47
CA ASP OA 179 -19.47 108.23 -50.04
C ASP OA 179 -20.78 108.83 -50.53
N PRO OA 180 -21.53 108.15 -51.39
CA PRO OA 180 -22.82 108.68 -51.85
C PRO OA 180 -23.94 108.52 -50.83
N THR OA 181 -23.64 108.00 -49.62
CA THR OA 181 -24.67 107.92 -48.59
C THR OA 181 -25.19 109.30 -48.23
N ASP OA 182 -24.31 110.30 -48.19
CA ASP OA 182 -24.74 111.66 -47.92
C ASP OA 182 -25.84 112.08 -48.89
N ASP OA 183 -25.63 111.86 -50.19
CA ASP OA 183 -26.69 112.09 -51.16
C ASP OA 183 -27.88 111.19 -50.90
N ILE OA 184 -27.65 109.98 -50.37
CA ILE OA 184 -28.77 109.08 -50.12
C ILE OA 184 -29.74 109.69 -49.13
N GLU OA 185 -29.25 110.16 -47.98
CA GLU OA 185 -30.19 110.81 -47.06
C GLU OA 185 -30.62 112.18 -47.59
N ALA OA 186 -29.78 112.84 -48.39
CA ALA OA 186 -30.17 114.13 -48.96
C ALA OA 186 -31.42 113.99 -49.80
N TYR OA 187 -31.49 112.94 -50.62
CA TYR OA 187 -32.69 112.72 -51.43
C TYR OA 187 -33.78 112.01 -50.66
N ALA OA 188 -33.44 111.26 -49.61
CA ALA OA 188 -34.45 110.56 -48.82
C ALA OA 188 -35.21 111.46 -47.86
N LEU OA 189 -34.60 112.57 -47.42
CA LEU OA 189 -35.26 113.41 -46.43
C LEU OA 189 -36.55 114.01 -46.96
N ASN OA 190 -36.54 114.48 -48.20
CA ASN OA 190 -37.74 115.06 -48.81
C ASN OA 190 -38.52 114.00 -49.59
N ALA OA 191 -38.76 112.85 -48.95
CA ALA OA 191 -39.51 111.77 -49.56
C ALA OA 191 -40.79 111.43 -48.80
N SER OA 192 -41.12 112.21 -47.76
CA SER OA 192 -42.33 111.98 -46.96
C SER OA 192 -42.35 110.57 -46.37
N GLY OA 193 -41.19 110.10 -45.93
CA GLY OA 193 -41.11 108.80 -45.30
C GLY OA 193 -39.72 108.22 -45.38
N VAL OA 194 -39.63 106.98 -44.91
CA VAL OA 194 -38.38 106.23 -44.87
C VAL OA 194 -38.23 105.42 -46.15
N VAL OA 195 -37.01 105.36 -46.67
CA VAL OA 195 -36.67 104.57 -47.85
C VAL OA 195 -35.97 103.30 -47.39
N ASN OA 196 -36.43 102.15 -47.89
CA ASN OA 196 -35.85 100.87 -47.49
C ASN OA 196 -35.47 99.98 -48.68
N ILE OA 197 -35.63 100.45 -49.92
CA ILE OA 197 -35.10 99.76 -51.10
C ILE OA 197 -34.42 100.81 -51.96
N ILE OA 198 -33.23 100.46 -52.47
CA ILE OA 198 -32.46 101.40 -53.28
C ILE OA 198 -32.29 100.81 -54.68
N VAL OA 199 -33.34 100.15 -55.17
CA VAL OA 199 -33.30 99.50 -56.48
C VAL OA 199 -32.83 100.47 -57.57
N PHE OA 200 -31.77 100.07 -58.26
CA PHE OA 200 -31.16 100.83 -59.34
C PHE OA 200 -31.43 100.15 -60.67
N ASP OA 201 -31.27 100.92 -61.73
CA ASP OA 201 -31.00 100.33 -63.03
C ASP OA 201 -29.51 99.95 -63.10
N PRO OA 202 -29.14 98.99 -63.98
CA PRO OA 202 -27.83 98.33 -63.87
C PRO OA 202 -26.62 99.26 -63.79
N LYS OA 203 -26.43 100.12 -64.80
CA LYS OA 203 -25.25 100.98 -64.76
C LYS OA 203 -25.37 102.04 -63.67
N GLY OA 204 -26.59 102.40 -63.28
CA GLY OA 204 -26.75 103.26 -62.12
C GLY OA 204 -26.16 102.65 -60.87
N TRP OA 205 -26.51 101.38 -60.61
CA TRP OA 205 -25.88 100.67 -59.49
C TRP OA 205 -24.39 100.48 -59.73
N ALA OA 206 -23.97 100.39 -60.99
CA ALA OA 206 -22.55 100.25 -61.29
C ALA OA 206 -21.76 101.44 -60.80
N LEU OA 207 -22.18 102.66 -61.17
CA LEU OA 207 -21.41 103.81 -60.67
C LEU OA 207 -21.71 104.11 -59.22
N PHE OA 208 -22.84 103.63 -58.69
CA PHE OA 208 -23.07 103.71 -57.25
C PHE OA 208 -22.02 102.90 -56.49
N ARG OA 209 -21.82 101.64 -56.90
CA ARG OA 209 -20.88 100.76 -56.23
C ARG OA 209 -19.43 101.02 -56.60
N SER OA 210 -19.18 101.80 -57.67
CA SER OA 210 -17.82 102.16 -58.02
C SER OA 210 -17.08 102.83 -56.87
N PHE OA 211 -17.81 103.54 -56.02
CA PHE OA 211 -17.21 104.11 -54.81
C PHE OA 211 -16.86 103.00 -53.84
N LYS OA 212 -15.64 103.05 -53.31
CA LYS OA 212 -15.21 102.03 -52.36
C LYS OA 212 -16.09 102.03 -51.12
N ALA OA 213 -16.27 103.22 -50.52
CA ALA OA 213 -17.11 103.34 -49.33
C ALA OA 213 -18.39 102.54 -49.45
N VAL OA 214 -19.00 102.54 -50.65
CA VAL OA 214 -20.16 101.69 -50.89
C VAL OA 214 -19.81 100.22 -50.69
N LYS OA 215 -18.67 99.78 -51.26
CA LYS OA 215 -18.41 98.35 -51.32
C LYS OA 215 -17.95 97.78 -49.98
N GLU OA 216 -17.27 98.57 -49.14
CA GLU OA 216 -17.04 98.11 -47.77
C GLU OA 216 -18.09 98.59 -46.78
N LYS OA 217 -19.11 99.32 -47.23
CA LYS OA 217 -20.26 99.61 -46.38
C LYS OA 217 -21.40 98.63 -46.59
N LEU OA 218 -21.48 98.02 -47.76
CA LEU OA 218 -22.57 97.10 -48.04
C LEU OA 218 -22.28 95.72 -47.45
N ASP OA 219 -23.34 95.04 -47.03
CA ASP OA 219 -23.26 93.68 -46.52
C ASP OA 219 -23.80 92.74 -47.60
N THR OA 220 -22.91 91.89 -48.13
CA THR OA 220 -23.33 90.91 -49.11
C THR OA 220 -24.17 89.80 -48.51
N ARG OA 221 -24.20 89.70 -47.18
CA ARG OA 221 -24.86 88.58 -46.52
C ARG OA 221 -26.36 88.65 -46.72
N ARG OA 222 -27.03 87.52 -46.49
CA ARG OA 222 -28.48 87.48 -46.53
C ARG OA 222 -29.06 88.44 -45.50
N GLY OA 223 -28.82 88.17 -44.21
CA GLY OA 223 -29.41 88.93 -43.13
C GLY OA 223 -30.87 89.20 -43.43
N SER OA 224 -31.64 88.13 -43.61
CA SER OA 224 -32.95 88.23 -44.24
C SER OA 224 -33.84 89.21 -43.51
N ASN OA 225 -34.09 90.36 -44.14
CA ASN OA 225 -34.85 91.42 -43.51
C ASN OA 225 -36.35 91.20 -43.59
N SER OA 226 -36.86 90.85 -44.76
CA SER OA 226 -38.30 90.81 -44.98
C SER OA 226 -38.59 89.75 -46.03
N GLU OA 227 -39.78 89.82 -46.61
CA GLU OA 227 -40.18 88.92 -47.68
C GLU OA 227 -39.63 89.34 -49.04
N LEU OA 228 -38.76 90.35 -49.09
CA LEU OA 228 -38.18 90.75 -50.36
C LEU OA 228 -37.27 89.67 -50.92
N GLU OA 229 -36.57 88.94 -50.05
CA GLU OA 229 -35.81 87.78 -50.52
C GLU OA 229 -36.73 86.74 -51.14
N THR OA 230 -37.89 86.50 -50.54
CA THR OA 230 -38.85 85.58 -51.12
C THR OA 230 -39.35 86.09 -52.47
N ALA OA 231 -39.57 87.41 -52.57
CA ALA OA 231 -40.01 87.99 -53.84
C ALA OA 231 -38.94 87.81 -54.91
N VAL OA 232 -37.67 87.97 -54.56
CA VAL OA 232 -36.59 87.78 -55.53
C VAL OA 232 -36.49 86.31 -55.93
N LYS OA 233 -36.62 85.40 -54.96
CA LYS OA 233 -36.61 83.98 -55.30
C LYS OA 233 -37.76 83.63 -56.24
N ASP OA 234 -38.93 84.24 -56.03
CA ASP OA 234 -40.03 84.04 -56.96
C ASP OA 234 -39.68 84.59 -58.34
N LEU OA 235 -39.41 85.89 -58.43
CA LEU OA 235 -39.07 86.53 -59.69
C LEU OA 235 -37.56 86.68 -59.84
N GLY OA 236 -36.89 85.54 -59.92
CA GLY OA 236 -35.48 85.53 -60.22
C GLY OA 236 -35.11 85.98 -61.61
N LYS OA 237 -36.03 86.62 -62.34
CA LYS OA 237 -35.78 87.00 -63.72
C LYS OA 237 -35.05 88.33 -63.81
N ALA OA 238 -35.66 89.40 -63.32
CA ALA OA 238 -35.15 90.74 -63.61
C ALA OA 238 -34.94 91.60 -62.37
N VAL OA 239 -35.40 91.17 -61.20
CA VAL OA 239 -35.09 91.83 -59.94
C VAL OA 239 -33.93 91.06 -59.30
N SER OA 240 -32.88 91.79 -58.93
CA SER OA 240 -31.67 91.20 -58.41
C SER OA 240 -31.34 91.81 -57.06
N TYR OA 241 -31.47 91.00 -56.03
CA TYR OA 241 -31.18 91.40 -54.66
C TYR OA 241 -29.66 91.44 -54.47
N LYS OA 242 -29.07 92.61 -54.69
CA LYS OA 242 -27.62 92.73 -54.55
C LYS OA 242 -27.17 92.38 -53.14
N GLY OA 243 -27.87 92.86 -52.14
CA GLY OA 243 -27.53 92.55 -50.76
C GLY OA 243 -27.95 93.69 -49.85
N MET OA 244 -27.35 93.70 -48.66
CA MET OA 244 -27.53 94.76 -47.70
C MET OA 244 -26.48 95.83 -47.90
N TYR OA 245 -26.91 97.10 -47.87
CA TYR OA 245 -26.01 98.23 -47.71
C TYR OA 245 -25.89 98.61 -46.24
N GLY OA 246 -26.14 97.63 -45.37
CA GLY OA 246 -26.28 97.87 -43.96
C GLY OA 246 -27.72 98.13 -43.59
N ASP OA 247 -28.06 99.40 -43.38
CA ASP OA 247 -29.41 99.79 -43.04
C ASP OA 247 -30.43 99.47 -44.14
N VAL OA 248 -30.08 99.66 -45.40
CA VAL OA 248 -31.05 99.65 -46.50
C VAL OA 248 -30.75 98.48 -47.42
N ALA OA 249 -31.78 98.02 -48.13
CA ALA OA 249 -31.64 96.94 -49.10
C ALA OA 249 -31.24 97.49 -50.46
N ILE OA 250 -30.35 96.77 -51.14
CA ILE OA 250 -29.86 97.15 -52.46
C ILE OA 250 -30.41 96.16 -53.47
N VAL OA 251 -31.16 96.67 -54.44
CA VAL OA 251 -31.76 95.84 -55.49
C VAL OA 251 -31.42 96.49 -56.83
N VAL OA 252 -31.47 95.69 -57.89
CA VAL OA 252 -31.31 96.19 -59.25
C VAL OA 252 -32.40 95.58 -60.12
N TYR OA 253 -33.13 96.42 -60.84
CA TYR OA 253 -34.12 95.96 -61.80
C TYR OA 253 -33.56 96.14 -63.21
N SER OA 254 -33.52 95.04 -63.97
CA SER OA 254 -33.07 95.05 -65.35
C SER OA 254 -34.14 94.44 -66.25
N GLY OA 255 -35.40 94.71 -65.95
CA GLY OA 255 -36.48 94.18 -66.77
C GLY OA 255 -36.48 94.82 -68.15
N GLN OA 256 -36.99 94.08 -69.13
CA GLN OA 256 -36.98 94.51 -70.52
C GLN OA 256 -38.33 94.26 -71.15
N TYR OA 257 -38.78 95.20 -71.98
CA TYR OA 257 -39.98 95.02 -72.78
C TYR OA 257 -39.58 94.83 -74.24
N VAL OA 258 -40.27 93.92 -74.91
CA VAL OA 258 -39.96 93.55 -76.29
C VAL OA 258 -41.02 94.21 -77.17
N GLU OA 259 -40.69 95.37 -77.73
CA GLU OA 259 -41.67 96.17 -78.45
C GLU OA 259 -41.84 95.63 -79.87
N ASN OA 260 -42.49 96.44 -80.73
CA ASN OA 260 -43.03 95.94 -81.99
C ASN OA 260 -41.98 95.26 -82.85
N GLY OA 261 -40.75 95.78 -82.88
CA GLY OA 261 -39.72 95.17 -83.70
C GLY OA 261 -38.42 94.93 -82.98
N VAL OA 262 -38.29 95.50 -81.78
CA VAL OA 262 -37.03 95.47 -81.04
C VAL OA 262 -37.37 95.30 -79.56
N LYS OA 263 -36.32 95.08 -78.75
CA LYS OA 263 -36.46 94.98 -77.31
C LYS OA 263 -35.56 96.01 -76.64
N LYS OA 264 -35.98 96.47 -75.46
CA LYS OA 264 -35.18 97.42 -74.71
C LYS OA 264 -35.66 97.42 -73.26
N ASN OA 265 -34.78 97.84 -72.34
CA ASN OA 265 -35.09 97.80 -70.93
C ASN OA 265 -36.24 98.75 -70.57
N PHE OA 266 -37.01 98.37 -69.56
CA PHE OA 266 -38.02 99.27 -69.00
C PHE OA 266 -37.38 100.54 -68.48
N LEU OA 267 -36.30 100.41 -67.73
CA LEU OA 267 -35.58 101.46 -67.02
C LEU OA 267 -34.79 102.35 -67.98
N PRO OA 268 -34.80 103.64 -67.73
CA PRO OA 268 -33.89 104.56 -68.45
C PRO OA 268 -32.44 104.32 -68.07
N ASP OA 269 -31.55 105.18 -68.58
CA ASP OA 269 -30.12 104.93 -68.45
C ASP OA 269 -29.67 104.89 -66.98
N ASN OA 270 -30.00 105.93 -66.21
CA ASN OA 270 -29.51 106.06 -64.83
C ASN OA 270 -30.57 106.82 -64.04
N THR OA 271 -31.43 106.08 -63.34
CA THR OA 271 -32.52 106.69 -62.58
C THR OA 271 -32.72 105.98 -61.25
N MET OA 272 -33.40 106.68 -60.35
CA MET OA 272 -33.64 106.23 -58.99
C MET OA 272 -34.95 106.81 -58.49
N VAL OA 273 -35.66 106.01 -57.68
CA VAL OA 273 -36.81 106.49 -56.91
C VAL OA 273 -36.62 106.08 -55.45
N LEU OA 274 -36.60 107.07 -54.57
CA LEU OA 274 -36.43 106.85 -53.14
C LEU OA 274 -37.78 106.92 -52.46
N GLY OA 275 -38.17 105.83 -51.81
CA GLY OA 275 -39.44 105.77 -51.13
C GLY OA 275 -39.58 104.46 -50.36
N ASN OA 276 -40.78 104.26 -49.82
CA ASN OA 276 -41.08 103.08 -49.00
C ASN OA 276 -41.55 101.92 -49.87
N THR OA 277 -41.49 100.72 -49.27
CA THR OA 277 -42.08 99.53 -49.85
C THR OA 277 -43.60 99.46 -49.61
N GLN OA 278 -44.13 100.26 -48.70
CA GLN OA 278 -45.56 100.27 -48.44
C GLN OA 278 -46.25 101.54 -48.92
N ALA OA 279 -45.74 102.16 -49.98
CA ALA OA 279 -46.42 103.30 -50.57
C ALA OA 279 -47.77 102.86 -51.15
N ARG OA 280 -48.73 103.77 -51.15
CA ARG OA 280 -50.11 103.42 -51.49
C ARG OA 280 -50.28 103.57 -53.00
N GLY OA 281 -50.65 102.48 -53.66
CA GLY OA 281 -50.85 102.51 -55.10
C GLY OA 281 -52.24 102.13 -55.53
N LEU OA 282 -52.89 103.01 -56.28
CA LEU OA 282 -54.27 102.78 -56.70
C LEU OA 282 -54.29 102.07 -58.05
N ARG OA 283 -55.22 101.13 -58.19
CA ARG OA 283 -55.46 100.37 -59.41
C ARG OA 283 -56.89 100.59 -59.86
N THR OA 284 -57.29 101.85 -59.99
CA THR OA 284 -58.62 102.15 -60.50
C THR OA 284 -58.82 101.51 -61.88
N TYR OA 285 -59.99 100.92 -62.07
CA TYR OA 285 -60.30 100.18 -63.29
C TYR OA 285 -61.62 100.70 -63.82
N GLY OA 286 -61.68 100.95 -65.12
CA GLY OA 286 -62.86 101.51 -65.74
C GLY OA 286 -63.88 100.47 -66.13
N CYS OA 287 -64.86 100.91 -66.91
CA CYS OA 287 -65.87 100.01 -67.44
C CYS OA 287 -65.26 99.01 -68.40
N ILE OA 288 -65.88 97.84 -68.49
CA ILE OA 288 -65.50 96.84 -69.48
C ILE OA 288 -66.59 96.82 -70.56
N GLN OA 289 -66.22 97.24 -71.77
CA GLN OA 289 -67.19 97.38 -72.87
C GLN OA 289 -67.35 96.05 -73.59
N ASP OA 290 -68.10 95.16 -72.95
CA ASP OA 290 -68.45 93.87 -73.54
C ASP OA 290 -69.84 93.48 -73.09
N ALA OA 291 -70.74 93.27 -74.07
CA ALA OA 291 -72.14 92.99 -73.75
C ALA OA 291 -72.25 91.84 -72.75
N ASP OA 292 -71.39 90.83 -72.92
CA ASP OA 292 -71.33 89.73 -71.94
C ASP OA 292 -71.01 90.27 -70.55
N ALA OA 293 -70.02 91.14 -70.44
CA ALA OA 293 -69.62 91.68 -69.16
C ALA OA 293 -70.75 92.47 -68.52
N GLN OA 294 -71.46 93.29 -69.30
CA GLN OA 294 -72.55 94.04 -68.68
C GLN OA 294 -73.69 93.15 -68.24
N ARG OA 295 -74.11 92.17 -69.06
CA ARG OA 295 -75.35 91.51 -68.64
C ARG OA 295 -75.04 90.41 -67.62
N GLU OA 296 -73.76 90.12 -67.37
CA GLU OA 296 -73.44 89.27 -66.23
C GLU OA 296 -72.73 90.01 -65.10
N GLY OA 297 -72.63 91.33 -65.18
CA GLY OA 297 -72.13 92.10 -64.05
C GLY OA 297 -70.62 92.17 -63.89
N ILE OA 298 -69.87 92.04 -64.99
CA ILE OA 298 -68.42 92.13 -64.94
C ILE OA 298 -68.02 93.50 -65.46
N ASN OA 299 -68.93 94.46 -65.35
CA ASN OA 299 -68.59 95.85 -65.65
C ASN OA 299 -67.61 96.42 -64.64
N ALA OA 300 -67.55 95.85 -63.43
CA ALA OA 300 -66.64 96.31 -62.39
C ALA OA 300 -65.77 95.11 -61.99
N SER OA 301 -64.62 94.98 -62.64
CA SER OA 301 -63.75 93.84 -62.37
C SER OA 301 -62.33 94.18 -62.84
N ALA OA 302 -61.45 93.19 -62.72
CA ALA OA 302 -60.09 93.37 -63.21
C ALA OA 302 -59.99 93.08 -64.70
N ARG OA 303 -60.21 91.83 -65.09
CA ARG OA 303 -59.96 91.35 -66.45
C ARG OA 303 -61.18 90.59 -66.96
N TYR OA 304 -61.25 90.43 -68.28
CA TYR OA 304 -62.31 89.60 -68.85
C TYR OA 304 -61.81 88.84 -70.06
N PRO OA 305 -61.75 87.51 -70.00
CA PRO OA 305 -61.44 86.71 -71.18
C PRO OA 305 -62.68 86.22 -71.90
N LYS OA 306 -62.54 85.81 -73.16
CA LYS OA 306 -63.60 85.05 -73.81
C LYS OA 306 -63.03 84.34 -75.03
N ASN OA 307 -63.66 83.21 -75.37
CA ASN OA 307 -63.37 82.48 -76.61
C ASN OA 307 -64.65 82.46 -77.43
N TRP OA 308 -64.53 82.80 -78.72
CA TRP OA 308 -65.72 83.17 -79.48
C TRP OA 308 -65.49 83.05 -80.97
N VAL OA 309 -66.54 82.65 -81.67
CA VAL OA 309 -66.49 82.34 -83.10
C VAL OA 309 -67.15 83.46 -83.88
N THR OA 310 -66.50 83.89 -84.97
CA THR OA 310 -67.08 84.82 -85.93
C THR OA 310 -67.63 84.04 -87.11
N THR OA 311 -68.89 84.28 -87.42
CA THR OA 311 -69.56 83.68 -88.58
C THR OA 311 -69.71 84.73 -89.67
N GLY OA 312 -69.25 84.37 -90.87
CA GLY OA 312 -69.36 85.28 -91.99
C GLY OA 312 -68.05 85.52 -92.73
N ASP OA 313 -67.71 86.80 -92.92
CA ASP OA 313 -66.45 87.12 -93.61
C ASP OA 313 -65.24 86.61 -92.84
N PRO OA 314 -64.99 87.03 -91.59
CA PRO OA 314 -63.87 86.44 -90.85
C PRO OA 314 -64.32 85.21 -90.05
N ALA OA 315 -64.86 84.23 -90.76
CA ALA OA 315 -65.46 83.07 -90.10
C ALA OA 315 -64.36 82.26 -89.45
N ARG OA 316 -64.07 82.56 -88.19
CA ARG OA 316 -62.92 82.03 -87.49
C ARG OA 316 -63.29 81.94 -86.02
N GLU OA 317 -62.29 81.80 -85.16
CA GLU OA 317 -62.53 81.76 -83.72
C GLU OA 317 -61.32 82.36 -83.00
N PHE OA 318 -61.60 83.19 -82.00
CA PHE OA 318 -60.61 84.06 -81.37
C PHE OA 318 -60.72 84.00 -79.86
N THR OA 319 -59.62 84.41 -79.21
CA THR OA 319 -59.60 84.68 -77.78
C THR OA 319 -59.42 86.17 -77.57
N MET OA 320 -60.30 86.76 -76.78
CA MET OA 320 -60.42 88.20 -76.59
C MET OA 320 -60.18 88.50 -75.12
N ILE OA 321 -59.31 89.47 -74.83
CA ILE OA 321 -59.02 89.86 -73.46
C ILE OA 321 -59.31 91.34 -73.32
N GLN OA 322 -60.06 91.72 -72.28
CA GLN OA 322 -60.46 93.10 -72.08
C GLN OA 322 -60.17 93.55 -70.65
N SER OA 323 -59.68 94.78 -70.53
CA SER OA 323 -59.31 95.37 -69.24
C SER OA 323 -59.37 96.88 -69.38
N ALA OA 324 -59.22 97.57 -68.25
CA ALA OA 324 -59.19 99.03 -68.24
C ALA OA 324 -58.50 99.53 -66.98
N PRO OA 325 -57.17 99.42 -66.92
CA PRO OA 325 -56.44 99.93 -65.75
C PRO OA 325 -56.04 101.38 -65.90
N LEU OA 326 -56.04 102.09 -64.78
CA LEU OA 326 -55.51 103.44 -64.70
C LEU OA 326 -54.75 103.62 -63.39
N MET OA 327 -53.97 102.59 -63.05
CA MET OA 327 -53.12 102.58 -61.86
C MET OA 327 -52.25 103.83 -61.75
N LEU OA 328 -52.24 104.39 -60.55
CA LEU OA 328 -51.45 105.57 -60.20
C LEU OA 328 -50.91 105.39 -58.78
N LEU OA 329 -50.24 106.42 -58.29
CA LEU OA 329 -49.72 106.44 -56.92
C LEU OA 329 -50.48 107.49 -56.12
N ALA OA 330 -50.89 107.12 -54.90
CA ALA OA 330 -51.64 108.05 -54.05
C ALA OA 330 -50.79 109.26 -53.67
N ASP OA 331 -49.54 109.01 -53.28
CA ASP OA 331 -48.63 110.09 -52.88
C ASP OA 331 -47.46 110.15 -53.86
N PRO OA 332 -47.51 111.01 -54.87
CA PRO OA 332 -46.34 111.18 -55.74
C PRO OA 332 -45.13 111.71 -55.01
N ASP OA 333 -45.33 112.47 -53.93
CA ASP OA 333 -44.24 112.98 -53.11
C ASP OA 333 -43.56 111.88 -52.31
N GLU OA 334 -44.14 110.68 -52.25
CA GLU OA 334 -43.54 109.58 -51.51
C GLU OA 334 -42.20 109.16 -52.09
N PHE OA 335 -42.00 109.30 -53.39
CA PHE OA 335 -40.76 108.91 -54.04
C PHE OA 335 -40.07 110.12 -54.64
N VAL OA 336 -38.77 110.23 -54.35
CA VAL OA 336 -37.90 111.22 -54.98
C VAL OA 336 -37.26 110.56 -56.19
N SER OA 337 -37.49 111.16 -57.36
CA SER OA 337 -37.00 110.62 -58.63
C SER OA 337 -35.76 111.40 -59.05
N VAL OA 338 -34.64 110.71 -59.16
CA VAL OA 338 -33.35 111.32 -59.43
C VAL OA 338 -32.76 110.66 -60.67
N GLN OA 339 -32.31 111.48 -61.62
CA GLN OA 339 -31.46 111.00 -62.70
C GLN OA 339 -30.01 111.10 -62.25
N LEU OA 340 -29.24 110.06 -62.50
CA LEU OA 340 -27.92 109.90 -61.92
C LEU OA 340 -26.84 110.45 -62.85
N ALA OA 341 -25.60 110.42 -62.37
CA ALA OA 341 -24.46 110.88 -63.13
C ALA OA 341 -24.24 110.00 -64.36
N ALA PA 7 -76.94 98.15 -35.45
CA ALA PA 7 -76.62 97.95 -34.05
C ALA PA 7 -76.23 96.51 -33.77
N GLN PA 8 -74.93 96.28 -33.58
CA GLN PA 8 -74.39 94.97 -33.28
C GLN PA 8 -73.78 94.98 -31.88
N LEU PA 9 -73.62 93.78 -31.32
CA LEU PA 9 -73.29 93.62 -29.92
C LEU PA 9 -71.91 94.17 -29.59
N LEU PA 10 -71.64 94.26 -28.29
CA LEU PA 10 -70.34 94.75 -27.80
C LEU PA 10 -69.20 93.83 -28.20
N ALA PA 11 -69.43 92.53 -28.20
CA ALA PA 11 -68.35 91.56 -28.46
C ALA PA 11 -67.80 91.65 -29.87
N ALA PA 12 -68.48 92.34 -30.78
CA ALA PA 12 -67.97 92.53 -32.14
C ALA PA 12 -66.93 93.66 -32.16
N ASN PA 13 -65.89 93.46 -31.37
CA ASN PA 13 -64.81 94.44 -31.21
C ASN PA 13 -63.46 93.74 -31.21
N GLU PA 14 -63.27 92.83 -32.16
CA GLU PA 14 -62.06 92.00 -32.23
C GLU PA 14 -61.10 92.61 -33.26
N GLN PA 15 -59.92 93.03 -32.80
CA GLN PA 15 -58.88 93.54 -33.68
C GLN PA 15 -57.63 92.66 -33.67
N LYS PA 16 -57.06 92.42 -32.49
CA LYS PA 16 -55.72 91.84 -32.36
C LYS PA 16 -54.67 92.66 -33.11
N PHE PA 17 -54.91 93.96 -33.19
CA PHE PA 17 -54.03 94.91 -33.87
C PHE PA 17 -53.62 96.00 -32.89
N LYS PA 18 -52.54 95.75 -32.15
CA LYS PA 18 -51.96 96.74 -31.25
C LYS PA 18 -50.56 97.06 -31.76
N PHE PA 19 -50.45 98.17 -32.49
CA PHE PA 19 -49.22 98.53 -33.18
C PHE PA 19 -48.90 100.01 -32.95
N ASP PA 20 -48.99 100.45 -31.70
CA ASP PA 20 -48.60 101.80 -31.34
C ASP PA 20 -47.09 101.97 -31.47
N PRO PA 21 -46.60 103.14 -31.91
CA PRO PA 21 -45.16 103.34 -32.19
C PRO PA 21 -44.26 103.44 -30.96
N LEU PA 22 -44.14 102.31 -30.25
CA LEU PA 22 -43.11 102.10 -29.25
C LEU PA 22 -43.17 103.05 -28.06
N PHE PA 23 -44.21 103.88 -27.98
CA PHE PA 23 -44.34 104.79 -26.85
C PHE PA 23 -45.31 104.29 -25.79
N LEU PA 24 -46.57 104.06 -26.15
CA LEU PA 24 -47.57 103.57 -25.21
C LEU PA 24 -47.38 102.09 -24.88
N ARG PA 25 -46.53 101.39 -25.63
CA ARG PA 25 -46.28 99.97 -25.45
C ARG PA 25 -44.94 99.68 -24.76
N LEU PA 26 -44.02 100.63 -24.75
CA LEU PA 26 -42.67 100.42 -24.25
C LEU PA 26 -42.27 101.34 -23.12
N PHE PA 27 -42.61 102.63 -23.19
CA PHE PA 27 -42.37 103.54 -22.09
C PHE PA 27 -43.57 103.71 -21.18
N PHE PA 28 -44.79 103.57 -21.71
CA PHE PA 28 -46.01 103.95 -21.00
C PHE PA 28 -46.94 102.77 -20.82
N ARG PA 29 -46.40 101.64 -20.34
CA ARG PA 29 -47.17 100.43 -20.10
C ARG PA 29 -48.08 100.55 -18.88
N GLU PA 30 -47.93 101.60 -18.08
CA GLU PA 30 -48.38 101.61 -16.70
C GLU PA 30 -49.83 102.11 -16.62
N SER PA 31 -50.77 101.31 -17.11
CA SER PA 31 -52.17 101.72 -17.26
C SER PA 31 -52.89 101.80 -15.93
N TYR PA 32 -53.66 102.87 -15.73
CA TYR PA 32 -54.48 103.02 -14.53
C TYR PA 32 -55.87 103.54 -14.89
N PRO PA 33 -56.73 102.70 -15.46
CA PRO PA 33 -58.14 103.12 -15.58
C PRO PA 33 -58.84 103.16 -14.22
N PHE PA 34 -59.62 104.22 -14.02
CA PHE PA 34 -60.26 104.52 -12.75
C PHE PA 34 -61.77 104.47 -12.88
N THR PA 35 -62.43 104.31 -11.73
CA THR PA 35 -63.87 104.48 -11.61
C THR PA 35 -64.21 105.95 -11.31
N THR PA 36 -63.20 106.81 -11.28
CA THR PA 36 -63.36 108.21 -10.92
C THR PA 36 -62.88 109.09 -12.06
N GLU PA 37 -63.44 110.30 -12.10
CA GLU PA 37 -63.25 111.19 -13.26
C GLU PA 37 -61.78 111.50 -13.50
N LYS PA 38 -61.15 112.18 -12.56
CA LYS PA 38 -59.82 112.74 -12.74
C LYS PA 38 -58.74 111.69 -12.51
N VAL PA 39 -57.49 112.12 -12.66
CA VAL PA 39 -56.34 111.36 -12.20
C VAL PA 39 -55.95 111.86 -10.82
N TYR PA 40 -55.70 110.92 -9.92
CA TYR PA 40 -55.36 111.25 -8.54
C TYR PA 40 -53.99 110.64 -8.27
N LEU PA 41 -52.93 111.39 -8.60
CA LEU PA 41 -51.58 110.87 -8.48
C LEU PA 41 -51.27 110.45 -7.04
N SER PA 42 -51.92 111.07 -6.07
CA SER PA 42 -51.82 110.60 -4.69
C SER PA 42 -52.37 109.19 -4.56
N GLN PA 43 -53.43 108.86 -5.30
CA GLN PA 43 -54.00 107.52 -5.27
C GLN PA 43 -53.05 106.49 -5.89
N ILE PA 44 -52.43 106.82 -7.02
CA ILE PA 44 -51.45 105.89 -7.62
C ILE PA 44 -50.29 105.70 -6.66
N PRO PA 45 -49.87 104.46 -6.37
CA PRO PA 45 -48.69 104.29 -5.52
C PRO PA 45 -47.43 104.83 -6.17
N GLY PA 46 -47.33 104.71 -7.50
CA GLY PA 46 -46.14 105.11 -8.21
C GLY PA 46 -44.93 104.39 -7.67
N LEU PA 47 -43.88 105.17 -7.42
CA LEU PA 47 -42.75 104.67 -6.65
C LEU PA 47 -43.11 104.62 -5.17
N VAL PA 48 -42.77 103.49 -4.55
CA VAL PA 48 -43.09 103.23 -3.14
C VAL PA 48 -41.92 103.67 -2.28
N ASN PA 49 -42.21 104.24 -1.12
CA ASN PA 49 -41.19 104.52 -0.12
C ASN PA 49 -40.51 103.20 0.24
N MET PA 50 -39.24 103.05 -0.12
CA MET PA 50 -38.66 101.74 -0.37
C MET PA 50 -37.24 101.62 0.18
N ALA PA 51 -37.03 101.98 1.45
CA ALA PA 51 -35.71 101.77 2.04
C ALA PA 51 -35.75 101.26 3.47
N LEU PA 52 -36.56 101.87 4.33
CA LEU PA 52 -36.42 101.74 5.77
C LEU PA 52 -36.87 100.37 6.27
N TYR PA 53 -36.12 99.84 7.24
CA TYR PA 53 -36.53 98.65 7.97
C TYR PA 53 -36.80 99.04 9.42
N VAL PA 54 -37.03 98.02 10.26
CA VAL PA 54 -37.34 98.24 11.68
C VAL PA 54 -36.40 97.40 12.53
N SER PA 55 -36.27 97.79 13.80
CA SER PA 55 -35.34 97.16 14.72
C SER PA 55 -35.74 95.70 14.98
N PRO PA 56 -34.76 94.85 15.32
CA PRO PA 56 -35.08 93.45 15.60
C PRO PA 56 -35.74 93.22 16.96
N ILE PA 57 -36.74 94.03 17.30
CA ILE PA 57 -37.55 93.79 18.48
C ILE PA 57 -39.03 93.80 18.11
N VAL PA 58 -39.49 94.87 17.48
CA VAL PA 58 -40.86 95.00 16.99
C VAL PA 58 -40.81 95.63 15.61
N SER PA 59 -41.99 95.85 15.04
CA SER PA 59 -42.07 96.51 13.74
C SER PA 59 -42.75 97.88 13.85
N GLY PA 60 -42.59 98.68 12.80
CA GLY PA 60 -42.99 100.07 12.84
C GLY PA 60 -44.39 100.33 12.36
N GLU PA 61 -44.58 101.54 11.83
CA GLU PA 61 -45.89 102.06 11.48
C GLU PA 61 -46.37 101.47 10.16
N VAL PA 62 -47.51 101.97 9.68
CA VAL PA 62 -48.12 101.50 8.44
C VAL PA 62 -47.66 102.41 7.31
N ILE PA 63 -47.26 101.82 6.20
CA ILE PA 63 -46.79 102.55 5.03
C ILE PA 63 -47.92 102.61 4.01
N ARG PA 64 -48.12 103.80 3.43
CA ARG PA 64 -49.23 104.10 2.54
C ARG PA 64 -48.70 104.39 1.14
N SER PA 65 -49.62 104.72 0.24
CA SER PA 65 -49.26 105.39 -1.00
C SER PA 65 -48.87 106.82 -0.65
N ARG PA 66 -47.65 107.21 -1.00
CA ARG PA 66 -47.00 108.35 -0.36
C ARG PA 66 -47.49 109.69 -0.91
N GLY PA 67 -48.82 109.85 -0.91
CA GLY PA 67 -49.47 111.14 -1.06
C GLY PA 67 -48.91 112.09 -2.10
N GLY PA 68 -49.09 111.78 -3.39
CA GLY PA 68 -48.65 112.65 -4.45
C GLY PA 68 -49.13 114.07 -4.29
N SER PA 69 -48.22 115.03 -4.48
CA SER PA 69 -48.53 116.43 -4.19
C SER PA 69 -49.68 116.94 -5.05
N THR PA 70 -49.61 116.71 -6.36
CA THR PA 70 -50.67 117.12 -7.29
C THR PA 70 -51.40 115.88 -7.77
N SER PA 71 -52.71 115.84 -7.51
CA SER PA 71 -53.53 114.69 -7.86
C SER PA 71 -54.84 115.08 -8.53
N GLU PA 72 -54.82 116.03 -9.47
CA GLU PA 72 -56.05 116.52 -10.08
C GLU PA 72 -55.74 117.05 -11.48
N PHE PA 73 -55.96 116.21 -12.49
CA PHE PA 73 -55.93 116.64 -13.89
C PHE PA 73 -57.08 115.98 -14.63
N THR PA 74 -57.48 116.59 -15.74
CA THR PA 74 -58.65 116.16 -16.49
C THR PA 74 -58.23 115.20 -17.60
N PRO PA 75 -58.65 113.93 -17.56
CA PRO PA 75 -58.33 113.03 -18.67
C PRO PA 75 -59.01 113.48 -19.96
N GLY PA 76 -58.38 113.15 -21.08
CA GLY PA 76 -58.91 113.49 -22.38
C GLY PA 76 -60.04 112.58 -22.79
N TYR PA 77 -61.22 112.78 -22.21
CA TYR PA 77 -62.34 111.94 -22.57
C TYR PA 77 -62.72 112.18 -24.02
N VAL PA 78 -62.31 111.25 -24.87
CA VAL PA 78 -62.50 111.31 -26.31
C VAL PA 78 -63.57 110.31 -26.70
N LYS PA 79 -64.69 110.82 -27.20
CA LYS PA 79 -65.65 109.86 -27.72
C LYS PA 79 -66.08 110.26 -29.12
N PRO PA 80 -65.37 109.79 -30.16
CA PRO PA 80 -65.83 110.04 -31.52
C PRO PA 80 -66.77 108.94 -32.01
N LYS PA 81 -67.27 109.10 -33.23
CA LYS PA 81 -68.16 108.11 -33.82
C LYS PA 81 -68.06 108.22 -35.33
N HIS PA 82 -68.71 107.26 -36.00
CA HIS PA 82 -68.87 107.35 -37.43
C HIS PA 82 -70.15 106.61 -37.81
N GLU PA 83 -70.50 106.73 -39.09
CA GLU PA 83 -71.56 105.92 -39.68
C GLU PA 83 -70.95 104.75 -40.43
N VAL PA 84 -71.72 103.66 -40.47
CA VAL PA 84 -71.35 102.48 -41.23
C VAL PA 84 -72.47 102.16 -42.20
N ASN PA 85 -73.10 103.22 -42.72
CA ASN PA 85 -74.25 103.11 -43.62
C ASN PA 85 -73.92 102.22 -44.81
N PRO PA 86 -74.69 101.15 -45.04
CA PRO PA 86 -74.38 100.23 -46.15
C PRO PA 86 -74.70 100.83 -47.52
N GLN PA 87 -74.10 101.96 -47.83
CA GLN PA 87 -74.20 102.55 -49.15
C GLN PA 87 -72.88 102.57 -49.91
N MET PA 88 -71.77 102.25 -49.26
CA MET PA 88 -70.47 102.26 -49.92
C MET PA 88 -70.10 100.89 -50.48
N THR PA 89 -69.31 100.91 -51.54
CA THR PA 89 -68.42 99.78 -51.79
C THR PA 89 -67.18 99.92 -50.91
N LEU PA 90 -66.80 98.81 -50.29
CA LEU PA 90 -65.86 98.81 -49.18
C LEU PA 90 -64.44 98.46 -49.63
N ARG PA 91 -63.55 98.34 -48.67
CA ARG PA 91 -62.22 97.81 -48.95
C ARG PA 91 -62.36 96.35 -49.37
N ARG PA 92 -62.11 96.04 -50.64
CA ARG PA 92 -62.21 94.64 -51.09
C ARG PA 92 -60.83 94.02 -51.09
N LEU PA 93 -60.49 93.31 -50.02
CA LEU PA 93 -59.34 92.42 -50.03
C LEU PA 93 -59.40 91.56 -51.30
N PRO PA 94 -58.26 91.32 -51.97
CA PRO PA 94 -58.31 90.69 -53.30
C PRO PA 94 -59.12 89.39 -53.37
N ASP PA 95 -60.26 89.48 -54.03
CA ASP PA 95 -61.05 88.33 -54.51
C ASP PA 95 -61.35 87.30 -53.43
N GLU PA 96 -61.82 87.72 -52.26
CA GLU PA 96 -62.48 86.80 -51.32
C GLU PA 96 -63.99 86.93 -51.44
N ASP PA 97 -64.50 86.44 -52.57
CA ASP PA 97 -65.93 86.23 -52.80
C ASP PA 97 -66.76 87.49 -52.55
N PRO PA 98 -66.74 88.47 -53.46
CA PRO PA 98 -67.52 89.71 -53.23
C PRO PA 98 -69.01 89.49 -53.06
N GLN PA 99 -69.49 88.25 -53.21
CA GLN PA 99 -70.89 87.97 -52.94
C GLN PA 99 -71.26 88.29 -51.50
N ASN PA 100 -70.34 88.08 -50.55
CA ASN PA 100 -70.64 88.46 -49.17
C ASN PA 100 -70.62 89.96 -48.97
N LEU PA 101 -69.78 90.69 -49.72
CA LEU PA 101 -69.93 92.15 -49.73
C LEU PA 101 -71.31 92.55 -50.24
N ALA PA 102 -71.80 91.85 -51.27
CA ALA PA 102 -73.17 92.07 -51.72
C ALA PA 102 -74.18 91.86 -50.60
N ASP PA 103 -73.87 91.01 -49.63
CA ASP PA 103 -74.69 90.89 -48.44
C ASP PA 103 -74.63 92.19 -47.63
N PRO PA 104 -75.77 92.78 -47.27
CA PRO PA 104 -75.73 93.86 -46.27
C PRO PA 104 -75.18 93.43 -44.92
N ALA PA 105 -75.35 92.16 -44.54
CA ALA PA 105 -74.83 91.71 -43.25
C ALA PA 105 -73.31 91.72 -43.22
N TYR PA 106 -72.67 91.12 -44.21
CA TYR PA 106 -71.21 91.10 -44.21
C TYR PA 106 -70.63 92.48 -44.46
N ARG PA 107 -71.25 93.26 -45.37
CA ARG PA 107 -70.74 94.61 -45.58
C ARG PA 107 -70.82 95.40 -44.29
N ARG PA 108 -71.95 95.30 -43.58
CA ARG PA 108 -72.11 96.10 -42.36
C ARG PA 108 -71.15 95.64 -41.27
N ARG PA 109 -70.93 94.33 -41.12
CA ARG PA 109 -70.03 93.91 -40.07
C ARG PA 109 -68.57 94.25 -40.37
N ARG PA 110 -68.11 94.05 -41.60
CA ARG PA 110 -66.71 94.38 -41.81
C ARG PA 110 -66.52 95.89 -41.97
N ILE PA 111 -67.59 96.62 -42.28
CA ILE PA 111 -67.47 98.08 -42.27
C ILE PA 111 -67.47 98.62 -40.85
N ILE PA 112 -68.17 97.98 -39.90
CA ILE PA 112 -67.98 98.39 -38.52
C ILE PA 112 -66.58 98.01 -38.07
N MET PA 113 -66.06 96.89 -38.58
CA MET PA 113 -64.66 96.56 -38.32
C MET PA 113 -63.74 97.69 -38.77
N GLN PA 114 -63.90 98.12 -40.02
CA GLN PA 114 -63.07 99.19 -40.59
C GLN PA 114 -63.25 100.50 -39.84
N ASN PA 115 -64.51 100.86 -39.57
CA ASN PA 115 -64.80 102.09 -38.85
C ASN PA 115 -64.13 102.09 -37.49
N MET PA 116 -64.33 101.02 -36.71
CA MET PA 116 -63.82 101.04 -35.36
C MET PA 116 -62.30 101.02 -35.37
N ARG PA 117 -61.68 100.31 -36.32
CA ARG PA 117 -60.22 100.30 -36.35
C ARG PA 117 -59.68 101.68 -36.66
N ASP PA 118 -60.31 102.39 -37.61
CA ASP PA 118 -59.98 103.80 -37.78
C ASP PA 118 -60.12 104.54 -36.47
N GLU PA 119 -61.13 104.20 -35.69
CA GLU PA 119 -61.38 104.91 -34.43
C GLU PA 119 -60.24 104.70 -33.43
N GLU PA 120 -59.82 103.44 -33.20
CA GLU PA 120 -58.78 103.29 -32.18
C GLU PA 120 -57.43 103.77 -32.71
N LEU PA 121 -57.21 103.70 -34.02
CA LEU PA 121 -55.95 104.28 -34.50
C LEU PA 121 -55.99 105.80 -34.44
N ALA PA 122 -57.19 106.40 -34.51
CA ALA PA 122 -57.31 107.83 -34.27
C ALA PA 122 -56.96 108.17 -32.83
N ILE PA 123 -57.53 107.45 -31.87
CA ILE PA 123 -57.21 107.74 -30.47
C ILE PA 123 -55.75 107.43 -30.21
N ALA PA 124 -55.20 106.42 -30.90
CA ALA PA 124 -53.79 106.09 -30.75
C ALA PA 124 -52.88 107.20 -31.27
N GLN PA 125 -53.24 107.80 -32.41
CA GLN PA 125 -52.41 108.86 -32.95
C GLN PA 125 -52.51 110.14 -32.13
N VAL PA 126 -53.70 110.45 -31.61
CA VAL PA 126 -53.79 111.59 -30.70
C VAL PA 126 -53.04 111.30 -29.41
N GLU PA 127 -53.05 110.04 -28.97
CA GLU PA 127 -52.29 109.66 -27.78
C GLU PA 127 -50.80 109.75 -28.03
N GLU PA 128 -50.37 109.45 -29.26
CA GLU PA 128 -48.95 109.60 -29.61
C GLU PA 128 -48.55 111.07 -29.68
N MET PA 129 -49.44 111.95 -30.15
CA MET PA 129 -49.15 113.38 -30.04
C MET PA 129 -49.03 113.80 -28.58
N GLN PA 130 -49.91 113.28 -27.72
CA GLN PA 130 -49.76 113.55 -26.29
C GLN PA 130 -48.42 113.04 -25.77
N ALA PA 131 -48.00 111.86 -26.22
CA ALA PA 131 -46.72 111.29 -25.78
C ALA PA 131 -45.54 112.14 -26.24
N VAL PA 132 -45.59 112.63 -27.48
CA VAL PA 132 -44.47 113.39 -28.00
C VAL PA 132 -44.40 114.75 -27.31
N SER PA 133 -45.55 115.38 -27.04
CA SER PA 133 -45.54 116.58 -26.21
C SER PA 133 -44.96 116.27 -24.83
N ALA PA 134 -45.41 115.17 -24.23
CA ALA PA 134 -45.00 114.81 -22.88
C ALA PA 134 -43.49 114.62 -22.80
N VAL PA 135 -42.95 113.62 -23.48
CA VAL PA 135 -41.50 113.54 -23.57
C VAL PA 135 -41.05 114.23 -24.85
N LEU PA 136 -41.30 115.55 -24.91
CA LEU PA 136 -40.40 116.53 -25.48
C LEU PA 136 -40.34 117.81 -24.66
N LYS PA 137 -41.35 118.13 -23.85
CA LYS PA 137 -41.28 119.31 -23.01
C LYS PA 137 -41.76 119.11 -21.58
N GLY PA 138 -42.35 117.97 -21.23
CA GLY PA 138 -42.90 117.79 -19.90
C GLY PA 138 -44.25 118.44 -19.71
N LYS PA 139 -44.71 119.22 -20.68
CA LYS PA 139 -46.00 119.89 -20.68
C LYS PA 139 -46.92 119.20 -21.67
N TYR PA 140 -48.18 119.06 -21.28
CA TYR PA 140 -49.20 118.56 -22.19
C TYR PA 140 -50.39 119.51 -22.16
N THR PA 141 -50.93 119.80 -23.34
CA THR PA 141 -52.07 120.71 -23.50
C THR PA 141 -53.35 119.90 -23.56
N MET PA 142 -53.97 119.67 -22.40
CA MET PA 142 -55.34 119.18 -22.33
C MET PA 142 -56.27 120.29 -22.78
N THR PA 143 -56.59 120.32 -24.07
CA THR PA 143 -57.31 121.45 -24.63
C THR PA 143 -58.24 120.99 -25.74
N GLY PA 144 -59.25 121.82 -25.99
CA GLY PA 144 -60.18 121.62 -27.07
C GLY PA 144 -61.20 122.73 -27.02
N GLU PA 145 -61.86 122.95 -28.17
CA GLU PA 145 -62.89 123.98 -28.21
C GLU PA 145 -64.04 123.59 -27.30
N ALA PA 146 -64.68 124.61 -26.70
CA ALA PA 146 -65.66 124.41 -25.63
C ALA PA 146 -65.08 123.57 -24.50
N PHE PA 147 -63.84 123.89 -24.12
CA PHE PA 147 -63.14 123.21 -23.04
C PHE PA 147 -61.94 124.05 -22.65
N ASP PA 148 -61.73 124.23 -21.35
CA ASP PA 148 -60.63 125.06 -20.90
C ASP PA 148 -59.29 124.34 -21.14
N PRO PA 149 -58.25 125.06 -21.57
CA PRO PA 149 -56.95 124.41 -21.73
C PRO PA 149 -56.25 124.25 -20.39
N VAL PA 150 -56.15 123.01 -19.93
CA VAL PA 150 -55.39 122.65 -18.74
C VAL PA 150 -54.00 122.21 -19.18
N GLU PA 151 -52.98 122.84 -18.61
CA GLU PA 151 -51.61 122.40 -18.80
C GLU PA 151 -51.30 121.34 -17.76
N VAL PA 152 -51.03 120.13 -18.22
CA VAL PA 152 -50.66 119.02 -17.35
C VAL PA 152 -49.15 118.87 -17.42
N ASP PA 153 -48.46 119.16 -16.33
CA ASP PA 153 -47.01 119.19 -16.29
C ASP PA 153 -46.51 118.03 -15.42
N MET PA 154 -45.64 117.20 -15.99
CA MET PA 154 -44.95 116.24 -15.13
C MET PA 154 -43.86 116.90 -14.30
N GLY PA 155 -43.26 117.98 -14.79
CA GLY PA 155 -42.25 118.68 -14.04
C GLY PA 155 -40.87 118.61 -14.66
N ARG PA 156 -40.81 118.61 -15.99
CA ARG PA 156 -39.52 118.54 -16.67
C ARG PA 156 -38.65 119.72 -16.27
N SER PA 157 -37.42 119.41 -15.87
CA SER PA 157 -36.51 120.39 -15.32
C SER PA 157 -35.81 121.17 -16.44
N GLU PA 158 -35.12 122.23 -16.03
CA GLU PA 158 -34.42 123.09 -16.98
C GLU PA 158 -33.25 122.37 -17.64
N GLU PA 159 -32.47 121.61 -16.87
CA GLU PA 159 -31.39 120.83 -17.46
C GLU PA 159 -31.90 119.72 -18.38
N ASN PA 160 -33.19 119.39 -18.30
CA ASN PA 160 -33.82 118.50 -19.27
C ASN PA 160 -34.33 119.25 -20.49
N ASN PA 161 -34.15 120.57 -20.54
CA ASN PA 161 -34.60 121.39 -21.67
C ASN PA 161 -33.45 122.21 -22.22
N ILE PA 162 -32.22 121.83 -21.91
CA ILE PA 162 -31.07 122.56 -22.42
C ILE PA 162 -30.91 122.31 -23.92
N THR PA 163 -30.43 123.34 -24.62
CA THR PA 163 -30.51 123.41 -26.06
C THR PA 163 -29.13 123.32 -26.71
N GLN PA 164 -29.07 122.63 -27.85
CA GLN PA 164 -27.83 122.52 -28.61
C GLN PA 164 -27.42 123.84 -29.25
N SER PA 165 -28.38 124.64 -29.72
CA SER PA 165 -28.04 125.91 -30.37
C SER PA 165 -27.36 126.86 -29.39
N GLY PA 166 -27.64 126.72 -28.10
CA GLY PA 166 -26.94 127.53 -27.11
C GLY PA 166 -25.45 127.24 -27.16
N GLY PA 167 -24.66 128.31 -27.24
CA GLY PA 167 -23.22 128.18 -27.36
C GLY PA 167 -22.78 127.84 -28.76
N THR PA 168 -22.31 126.62 -28.97
CA THR PA 168 -21.83 126.16 -30.28
C THR PA 168 -22.81 125.15 -30.85
N GLU PA 169 -23.19 125.34 -32.10
CA GLU PA 169 -24.11 124.46 -32.79
C GLU PA 169 -23.36 123.39 -33.55
N TRP PA 170 -23.99 122.22 -33.69
CA TRP PA 170 -23.39 121.15 -34.48
C TRP PA 170 -23.28 121.56 -35.95
N SER PA 171 -24.25 122.31 -36.46
CA SER PA 171 -24.10 122.89 -37.79
C SER PA 171 -22.90 123.83 -37.84
N LYS PA 172 -22.71 124.62 -36.78
CA LYS PA 172 -21.55 125.50 -36.67
C LYS PA 172 -20.36 124.79 -36.02
N ARG PA 173 -20.01 123.63 -36.58
CA ARG PA 173 -18.87 122.85 -36.11
C ARG PA 173 -18.21 122.20 -37.31
N ASP PA 174 -17.05 121.57 -37.05
CA ASP PA 174 -16.36 120.84 -38.10
C ASP PA 174 -17.15 119.60 -38.47
N LYS PA 175 -17.53 119.51 -39.74
CA LYS PA 175 -18.29 118.36 -40.23
C LYS PA 175 -17.46 117.09 -40.32
N SER PA 176 -16.15 117.18 -40.11
CA SER PA 176 -15.26 116.03 -40.27
C SER PA 176 -14.64 115.55 -38.97
N THR PA 177 -14.11 116.46 -38.14
CA THR PA 177 -13.35 116.06 -36.97
C THR PA 177 -14.14 116.14 -35.66
N TYR PA 178 -15.13 117.01 -35.57
CA TYR PA 178 -15.88 117.14 -34.33
C TYR PA 178 -16.68 115.87 -34.05
N ASP PA 179 -16.67 115.44 -32.79
CA ASP PA 179 -17.43 114.28 -32.35
C ASP PA 179 -18.54 114.74 -31.42
N PRO PA 180 -19.82 114.54 -31.78
CA PRO PA 180 -20.91 114.93 -30.87
C PRO PA 180 -21.14 113.97 -29.72
N THR PA 181 -20.31 112.94 -29.58
CA THR PA 181 -20.42 112.04 -28.44
C THR PA 181 -20.22 112.78 -27.14
N ASP PA 182 -19.29 113.75 -27.12
CA ASP PA 182 -19.08 114.56 -25.93
C ASP PA 182 -20.38 115.21 -25.49
N ASP PA 183 -21.11 115.85 -26.42
CA ASP PA 183 -22.43 116.35 -26.11
C ASP PA 183 -23.38 115.24 -25.72
N ILE PA 184 -23.19 114.04 -26.28
CA ILE PA 184 -24.09 112.93 -25.95
C ILE PA 184 -24.03 112.62 -24.46
N GLU PA 185 -22.82 112.43 -23.92
CA GLU PA 185 -22.77 112.20 -22.47
C GLU PA 185 -23.06 113.48 -21.69
N ALA PA 186 -22.78 114.65 -22.27
CA ALA PA 186 -23.08 115.90 -21.59
C ALA PA 186 -24.57 116.02 -21.30
N TYR PA 187 -25.40 115.64 -22.26
CA TYR PA 187 -26.85 115.68 -22.05
C TYR PA 187 -27.35 114.43 -21.34
N ALA PA 188 -26.63 113.31 -21.44
CA ALA PA 188 -27.06 112.08 -20.79
C ALA PA 188 -26.79 112.07 -19.30
N LEU PA 189 -25.78 112.80 -18.82
CA LEU PA 189 -25.41 112.74 -17.42
C LEU PA 189 -26.55 113.24 -16.52
N ASN PA 190 -27.20 114.33 -16.91
CA ASN PA 190 -28.31 114.87 -16.13
C ASN PA 190 -29.64 114.33 -16.63
N ALA PA 191 -29.71 113.01 -16.78
CA ALA PA 191 -30.93 112.34 -17.23
C ALA PA 191 -31.48 111.35 -16.20
N SER PA 192 -30.87 111.28 -15.02
CA SER PA 192 -31.31 110.37 -13.96
C SER PA 192 -31.32 108.92 -14.44
N GLY PA 193 -30.32 108.55 -15.23
CA GLY PA 193 -30.21 107.18 -15.68
C GLY PA 193 -29.38 107.08 -16.95
N VAL PA 194 -29.34 105.86 -17.47
CA VAL PA 194 -28.60 105.52 -18.68
C VAL PA 194 -29.50 105.67 -19.89
N VAL PA 195 -28.94 106.20 -20.98
CA VAL PA 195 -29.64 106.34 -22.25
C VAL PA 195 -29.17 105.23 -23.18
N ASN PA 196 -30.12 104.52 -23.79
CA ASN PA 196 -29.77 103.42 -24.68
C ASN PA 196 -30.47 103.50 -26.04
N ILE PA 197 -31.24 104.54 -26.32
CA ILE PA 197 -31.77 104.81 -27.65
C ILE PA 197 -31.55 106.29 -27.96
N ILE PA 198 -31.08 106.58 -29.17
CA ILE PA 198 -30.78 107.95 -29.55
C ILE PA 198 -31.69 108.33 -30.72
N VAL PA 199 -32.94 107.87 -30.68
CA VAL PA 199 -33.90 108.13 -31.75
C VAL PA 199 -33.98 109.63 -32.06
N PHE PA 200 -33.74 109.96 -33.33
CA PHE PA 200 -33.77 111.31 -33.84
C PHE PA 200 -34.98 111.50 -34.75
N ASP PA 201 -35.33 112.75 -34.96
CA ASP PA 201 -36.09 113.11 -36.15
C ASP PA 201 -35.15 113.18 -37.35
N PRO PA 202 -35.68 113.02 -38.58
CA PRO PA 202 -34.82 112.73 -39.74
C PRO PA 202 -33.64 113.67 -39.95
N LYS PA 203 -33.90 114.97 -40.11
CA LYS PA 203 -32.79 115.89 -40.36
C LYS PA 203 -31.92 116.06 -39.12
N GLY PA 204 -32.48 115.85 -37.93
CA GLY PA 204 -31.65 115.81 -36.74
C GLY PA 204 -30.59 114.73 -36.82
N TRP PA 205 -31.01 113.51 -37.18
CA TRP PA 205 -30.04 112.45 -37.41
C TRP PA 205 -29.13 112.76 -38.59
N ALA PA 206 -29.64 113.53 -39.56
CA ALA PA 206 -28.83 113.89 -40.72
C ALA PA 206 -27.62 114.73 -40.28
N LEU PA 207 -27.84 115.80 -39.53
CA LEU PA 207 -26.69 116.58 -39.11
C LEU PA 207 -25.91 115.89 -37.99
N PHE PA 208 -26.53 114.97 -37.26
CA PHE PA 208 -25.77 114.14 -36.33
C PHE PA 208 -24.74 113.30 -37.07
N ARG PA 209 -25.17 112.59 -38.12
CA ARG PA 209 -24.29 111.72 -38.87
C ARG PA 209 -23.40 112.47 -39.85
N SER PA 210 -23.68 113.75 -40.12
CA SER PA 210 -22.80 114.53 -40.98
C SER PA 210 -21.37 114.55 -40.47
N PHE PA 211 -21.18 114.45 -39.16
CA PHE PA 211 -19.84 114.33 -38.60
C PHE PA 211 -19.26 112.97 -38.96
N LYS PA 212 -18.01 112.96 -39.44
CA LYS PA 212 -17.37 111.71 -39.80
C LYS PA 212 -17.23 110.80 -38.59
N ALA PA 213 -16.69 111.33 -37.49
CA ALA PA 213 -16.52 110.55 -36.27
C ALA PA 213 -17.76 109.72 -35.97
N VAL PA 214 -18.95 110.27 -36.20
CA VAL PA 214 -20.17 109.50 -36.06
C VAL PA 214 -20.17 108.31 -37.01
N LYS PA 215 -19.80 108.54 -38.28
CA LYS PA 215 -20.02 107.52 -39.29
C LYS PA 215 -18.99 106.39 -39.21
N GLU PA 216 -17.76 106.67 -38.77
CA GLU PA 216 -16.85 105.57 -38.47
C GLU PA 216 -16.88 105.14 -37.00
N LYS PA 217 -17.72 105.74 -36.17
CA LYS PA 217 -17.95 105.23 -34.83
C LYS PA 217 -19.17 104.33 -34.76
N LEU PA 218 -20.12 104.51 -35.67
CA LEU PA 218 -21.35 103.71 -35.63
C LEU PA 218 -21.12 102.35 -36.29
N ASP PA 219 -21.80 101.34 -35.77
CA ASP PA 219 -21.78 100.00 -36.34
C ASP PA 219 -23.10 99.77 -37.07
N THR PA 220 -23.00 99.61 -38.39
CA THR PA 220 -24.17 99.33 -39.20
C THR PA 220 -24.71 97.92 -38.97
N ARG PA 221 -23.92 97.06 -38.33
CA ARG PA 221 -24.28 95.66 -38.19
C ARG PA 221 -25.50 95.49 -37.29
N ARG PA 222 -26.13 94.33 -37.38
CA ARG PA 222 -27.23 94.00 -36.49
C ARG PA 222 -26.76 94.03 -35.04
N GLY PA 223 -25.84 93.13 -34.69
CA GLY PA 223 -25.42 92.96 -33.32
C GLY PA 223 -26.60 93.02 -32.38
N SER PA 224 -27.55 92.11 -32.58
CA SER PA 224 -28.88 92.28 -32.03
C SER PA 224 -28.83 92.41 -30.51
N ASN PA 225 -29.10 93.63 -30.03
CA ASN PA 225 -28.99 93.92 -28.61
C ASN PA 225 -30.20 93.47 -27.82
N SER PA 226 -31.41 93.76 -28.29
CA SER PA 226 -32.60 93.54 -27.50
C SER PA 226 -33.75 93.25 -28.47
N GLU PA 227 -34.98 93.39 -27.96
CA GLU PA 227 -36.18 93.22 -28.76
C GLU PA 227 -36.51 94.46 -29.57
N LEU PA 228 -35.64 95.46 -29.59
CA LEU PA 228 -35.91 96.65 -30.39
C LEU PA 228 -35.87 96.34 -31.89
N GLU PA 229 -35.01 95.40 -32.30
CA GLU PA 229 -35.04 94.95 -33.68
C GLU PA 229 -36.37 94.29 -34.01
N THR PA 230 -36.91 93.50 -33.08
CA THR PA 230 -38.22 92.90 -33.29
C THR PA 230 -39.30 93.98 -33.37
N ALA PA 231 -39.18 95.01 -32.55
CA ALA PA 231 -40.15 96.11 -32.60
C ALA PA 231 -40.09 96.83 -33.94
N VAL PA 232 -38.88 97.04 -34.47
CA VAL PA 232 -38.75 97.68 -35.78
C VAL PA 232 -39.32 96.79 -36.87
N LYS PA 233 -39.03 95.49 -36.80
CA LYS PA 233 -39.62 94.57 -37.79
C LYS PA 233 -41.14 94.60 -37.74
N ASP PA 234 -41.71 94.69 -36.54
CA ASP PA 234 -43.15 94.84 -36.42
C ASP PA 234 -43.62 96.15 -37.05
N LEU PA 235 -43.13 97.27 -36.54
CA LEU PA 235 -43.51 98.59 -37.04
C LEU PA 235 -42.46 99.12 -38.01
N GLY PA 236 -42.31 98.42 -39.12
CA GLY PA 236 -41.46 98.91 -40.19
C GLY PA 236 -41.95 100.16 -40.89
N LYS PA 237 -42.92 100.86 -40.31
CA LYS PA 237 -43.51 102.02 -40.99
C LYS PA 237 -42.68 103.28 -40.74
N ALA PA 238 -42.54 103.69 -39.48
CA ALA PA 238 -42.00 105.02 -39.21
C ALA PA 238 -40.84 105.02 -38.21
N VAL PA 239 -40.56 103.90 -37.56
CA VAL PA 239 -39.37 103.76 -36.73
C VAL PA 239 -38.32 103.04 -37.57
N SER PA 240 -37.12 103.62 -37.65
CA SER PA 240 -36.06 103.12 -38.50
C SER PA 240 -34.82 102.90 -37.66
N TYR PA 241 -34.47 101.62 -37.50
CA TYR PA 241 -33.30 101.20 -36.75
C TYR PA 241 -32.06 101.46 -37.61
N LYS PA 242 -31.45 102.63 -37.43
CA LYS PA 242 -30.27 102.97 -38.23
C LYS PA 242 -29.15 101.97 -38.00
N GLY PA 243 -28.91 101.60 -36.74
CA GLY PA 243 -27.87 100.64 -36.42
C GLY PA 243 -27.32 100.91 -35.04
N MET PA 244 -26.13 100.37 -34.80
CA MET PA 244 -25.37 100.60 -33.59
C MET PA 244 -24.44 101.78 -33.75
N TYR PA 245 -24.42 102.65 -32.75
CA TYR PA 245 -23.37 103.66 -32.61
C TYR PA 245 -22.27 103.12 -31.71
N GLY PA 246 -22.15 101.79 -31.65
CA GLY PA 246 -21.31 101.12 -30.69
C GLY PA 246 -22.07 100.80 -29.42
N ASP PA 247 -21.85 101.59 -28.39
CA ASP PA 247 -22.54 101.40 -27.12
C ASP PA 247 -24.05 101.56 -27.22
N VAL PA 248 -24.54 102.53 -27.98
CA VAL PA 248 -25.95 102.94 -27.94
C VAL PA 248 -26.61 102.63 -29.27
N ALA PA 249 -27.93 102.45 -29.24
CA ALA PA 249 -28.71 102.20 -30.44
C ALA PA 249 -29.12 103.51 -31.09
N ILE PA 250 -29.08 103.54 -32.42
CA ILE PA 250 -29.45 104.72 -33.21
C ILE PA 250 -30.75 104.41 -33.94
N VAL PA 251 -31.78 105.21 -33.67
CA VAL PA 251 -33.09 105.04 -34.29
C VAL PA 251 -33.51 106.40 -34.83
N VAL PA 252 -34.43 106.38 -35.80
CA VAL PA 252 -35.03 107.60 -36.33
C VAL PA 252 -36.54 107.39 -36.43
N TYR PA 253 -37.30 108.31 -35.85
CA TYR PA 253 -38.76 108.29 -35.98
C TYR PA 253 -39.18 109.37 -36.97
N SER PA 254 -39.91 108.96 -38.00
CA SER PA 254 -40.46 109.86 -39.00
C SER PA 254 -41.95 109.67 -39.13
N GLY PA 255 -42.63 109.43 -38.01
CA GLY PA 255 -44.07 109.26 -38.04
C GLY PA 255 -44.77 110.57 -38.38
N GLN PA 256 -45.94 110.44 -38.99
CA GLN PA 256 -46.70 111.59 -39.47
C GLN PA 256 -48.16 111.47 -39.06
N TYR PA 257 -48.76 112.59 -38.69
CA TYR PA 257 -50.19 112.65 -38.43
C TYR PA 257 -50.85 113.44 -39.54
N VAL PA 258 -52.02 112.96 -39.96
CA VAL PA 258 -52.76 113.55 -41.09
C VAL PA 258 -53.91 114.33 -40.49
N GLU PA 259 -53.72 115.64 -40.35
CA GLU PA 259 -54.68 116.47 -39.63
C GLU PA 259 -55.84 116.84 -40.56
N ASN PA 260 -56.64 117.82 -40.14
CA ASN PA 260 -57.96 118.05 -40.72
C ASN PA 260 -57.91 118.26 -42.23
N GLY PA 261 -56.89 118.95 -42.73
CA GLY PA 261 -56.81 119.18 -44.16
C GLY PA 261 -55.46 118.85 -44.76
N VAL PA 262 -54.46 118.64 -43.90
CA VAL PA 262 -53.08 118.45 -44.34
C VAL PA 262 -52.45 117.38 -43.46
N LYS PA 263 -51.24 116.98 -43.83
CA LYS PA 263 -50.45 116.03 -43.06
C LYS PA 263 -49.10 116.64 -42.70
N LYS PA 264 -48.56 116.23 -41.55
CA LYS PA 264 -47.25 116.70 -41.15
C LYS PA 264 -46.69 115.76 -40.09
N ASN PA 265 -45.37 115.74 -39.94
CA ASN PA 265 -44.71 114.82 -39.03
C ASN PA 265 -45.09 115.11 -37.58
N PHE PA 266 -45.11 114.04 -36.77
CA PHE PA 266 -45.28 114.20 -35.33
C PHE PA 266 -44.15 115.04 -34.75
N LEU PA 267 -42.91 114.74 -35.12
CA LEU PA 267 -41.67 115.30 -34.63
C LEU PA 267 -41.47 116.73 -35.12
N PRO PA 268 -40.97 117.60 -34.25
CA PRO PA 268 -40.53 118.93 -34.69
C PRO PA 268 -39.29 118.86 -35.57
N ASP PA 269 -38.73 120.01 -35.91
CA ASP PA 269 -37.65 120.06 -36.91
C ASP PA 269 -36.43 119.28 -36.47
N ASN PA 270 -35.91 119.56 -35.26
CA ASN PA 270 -34.65 118.97 -34.79
C ASN PA 270 -34.73 118.86 -33.27
N THR PA 271 -35.12 117.69 -32.78
CA THR PA 271 -35.28 117.49 -31.34
C THR PA 271 -34.78 116.11 -30.92
N MET PA 272 -34.53 115.99 -29.62
CA MET PA 272 -33.98 114.79 -29.02
C MET PA 272 -34.47 114.66 -27.58
N VAL PA 273 -34.69 113.41 -27.16
CA VAL PA 273 -34.93 113.09 -25.76
C VAL PA 273 -33.98 111.96 -25.37
N LEU PA 274 -33.16 112.22 -24.36
CA LEU PA 274 -32.19 111.26 -23.85
C LEU PA 274 -32.74 110.62 -22.60
N GLY PA 275 -32.89 109.30 -22.62
CA GLY PA 275 -33.42 108.57 -21.49
C GLY PA 275 -33.38 107.08 -21.74
N ASN PA 276 -33.98 106.33 -20.81
CA ASN PA 276 -33.99 104.88 -20.86
C ASN PA 276 -35.17 104.35 -21.66
N THR PA 277 -35.07 103.09 -22.07
CA THR PA 277 -36.18 102.37 -22.66
C THR PA 277 -37.16 101.84 -21.61
N GLN PA 278 -36.78 101.82 -20.34
CA GLN PA 278 -37.64 101.35 -19.28
C GLN PA 278 -38.14 102.48 -18.36
N ALA PA 279 -38.27 103.70 -18.89
CA ALA PA 279 -38.84 104.78 -18.11
C ALA PA 279 -40.30 104.47 -17.80
N ARG PA 280 -40.77 104.97 -16.66
CA ARG PA 280 -42.09 104.60 -16.16
C ARG PA 280 -43.12 105.55 -16.74
N GLY PA 281 -44.09 105.01 -17.47
CA GLY PA 281 -45.13 105.81 -18.06
C GLY PA 281 -46.52 105.45 -17.60
N LEU PA 282 -47.25 106.44 -17.09
CA LEU PA 282 -48.58 106.21 -16.54
C LEU PA 282 -49.63 106.44 -17.63
N ARG PA 283 -50.64 105.57 -17.65
CA ARG PA 283 -51.78 105.63 -18.55
C ARG PA 283 -53.06 105.75 -17.74
N THR PA 284 -53.11 106.71 -16.84
CA THR PA 284 -54.33 106.96 -16.08
C THR PA 284 -55.50 107.22 -17.02
N TYR PA 285 -56.64 106.61 -16.71
CA TYR PA 285 -57.82 106.68 -17.56
C TYR PA 285 -58.98 107.11 -16.68
N GLY PA 286 -59.78 108.04 -17.18
CA GLY PA 286 -60.88 108.58 -16.43
C GLY PA 286 -62.16 107.76 -16.57
N CYS PA 287 -63.25 108.35 -16.09
CA CYS PA 287 -64.55 107.73 -16.21
C CYS PA 287 -64.97 107.65 -17.68
N ILE PA 288 -65.78 106.64 -17.99
CA ILE PA 288 -66.39 106.52 -19.31
C ILE PA 288 -67.86 106.89 -19.19
N GLN PA 289 -68.25 108.01 -19.81
CA GLN PA 289 -69.60 108.55 -19.67
C GLN PA 289 -70.53 107.88 -20.69
N ASP PA 290 -70.92 106.65 -20.38
CA ASP PA 290 -71.87 105.90 -21.19
C ASP PA 290 -72.72 105.04 -20.28
N ALA PA 291 -74.04 105.24 -20.34
CA ALA PA 291 -74.94 104.52 -19.43
C ALA PA 291 -74.69 103.02 -19.50
N ASP PA 292 -74.42 102.50 -20.71
CA ASP PA 292 -74.05 101.11 -20.86
C ASP PA 292 -72.81 100.77 -20.03
N ALA PA 293 -71.79 101.62 -20.14
CA ALA PA 293 -70.55 101.39 -19.42
C ALA PA 293 -70.77 101.37 -17.92
N GLN PA 294 -71.57 102.32 -17.40
CA GLN PA 294 -71.78 102.31 -15.96
C GLN PA 294 -72.58 101.09 -15.50
N ARG PA 295 -73.65 100.71 -16.20
CA ARG PA 295 -74.47 99.68 -15.58
C ARG PA 295 -73.89 98.30 -15.86
N GLU PA 296 -72.87 98.21 -16.71
CA GLU PA 296 -72.14 96.95 -16.82
C GLU PA 296 -70.73 97.03 -16.28
N GLY PA 297 -70.35 98.12 -15.62
CA GLY PA 297 -69.07 98.19 -14.93
C GLY PA 297 -67.85 98.48 -15.78
N ILE PA 298 -68.03 99.18 -16.89
CA ILE PA 298 -66.90 99.54 -17.75
C ILE PA 298 -66.58 101.01 -17.50
N ASN PA 299 -66.93 101.50 -16.31
CA ASN PA 299 -66.51 102.83 -15.90
C ASN PA 299 -65.01 102.91 -15.69
N ALA PA 300 -64.35 101.78 -15.42
CA ALA PA 300 -62.91 101.71 -15.21
C ALA PA 300 -62.33 100.74 -16.23
N SER PA 301 -61.92 101.27 -17.39
CA SER PA 301 -61.41 100.43 -18.45
C SER PA 301 -60.59 101.27 -19.41
N ALA PA 302 -60.12 100.62 -20.48
CA ALA PA 302 -59.38 101.35 -21.50
C ALA PA 302 -60.32 102.01 -22.51
N ARG PA 303 -61.06 101.21 -23.27
CA ARG PA 303 -61.84 101.68 -24.40
C ARG PA 303 -63.25 101.11 -24.31
N TYR PA 304 -64.17 101.73 -25.04
CA TYR PA 304 -65.52 101.18 -25.12
C TYR PA 304 -66.12 101.41 -26.51
N PRO PA 305 -66.37 100.34 -27.26
CA PRO PA 305 -67.10 100.48 -28.53
C PRO PA 305 -68.58 100.24 -28.38
N LYS PA 306 -69.38 100.68 -29.35
CA LYS PA 306 -70.76 100.23 -29.44
C LYS PA 306 -71.30 100.51 -30.84
N ASN PA 307 -72.26 99.69 -31.26
CA ASN PA 307 -73.02 99.90 -32.48
C ASN PA 307 -74.48 100.08 -32.11
N TRP PA 308 -75.12 101.11 -32.65
CA TRP PA 308 -76.36 101.59 -32.07
C TRP PA 308 -77.16 102.41 -33.07
N VAL PA 309 -78.48 102.28 -32.98
CA VAL PA 309 -79.42 102.87 -33.93
C VAL PA 309 -80.10 104.07 -33.27
N THR PA 310 -80.19 105.17 -34.00
CA THR PA 310 -80.97 106.33 -33.61
C THR PA 310 -82.32 106.30 -34.31
N THR PA 311 -83.39 106.39 -33.53
CA THR PA 311 -84.75 106.44 -34.03
C THR PA 311 -85.28 107.86 -33.91
N GLY PA 312 -85.79 108.38 -35.02
CA GLY PA 312 -86.35 109.72 -35.03
C GLY PA 312 -85.78 110.63 -36.11
N ASP PA 313 -85.32 111.82 -35.71
CA ASP PA 313 -84.75 112.74 -36.69
C ASP PA 313 -83.50 112.17 -37.36
N PRO PA 314 -82.43 111.82 -36.64
CA PRO PA 314 -81.29 111.18 -37.30
C PRO PA 314 -81.44 109.65 -37.30
N ALA PA 315 -82.55 109.17 -37.87
CA ALA PA 315 -82.86 107.76 -37.79
C ALA PA 315 -81.86 106.98 -38.63
N ARG PA 316 -80.78 106.55 -37.99
CA ARG PA 316 -79.63 105.97 -38.66
C ARG PA 316 -79.00 104.97 -37.71
N GLU PA 317 -77.76 104.58 -37.99
CA GLU PA 317 -77.04 103.66 -37.12
C GLU PA 317 -75.55 103.98 -37.18
N PHE PA 318 -74.91 103.98 -36.01
CA PHE PA 318 -73.58 104.51 -35.84
C PHE PA 318 -72.72 103.56 -35.01
N THR PA 319 -71.40 103.75 -35.15
CA THR PA 319 -70.42 103.13 -34.27
C THR PA 319 -69.76 104.21 -33.44
N MET PA 320 -69.76 104.01 -32.12
CA MET PA 320 -69.36 105.01 -31.14
C MET PA 320 -68.18 104.44 -30.36
N ILE PA 321 -67.11 105.22 -30.23
CA ILE PA 321 -65.94 104.80 -29.47
C ILE PA 321 -65.68 105.82 -28.38
N GLN PA 322 -65.47 105.34 -27.15
CA GLN PA 322 -65.29 106.22 -26.00
C GLN PA 322 -64.05 105.80 -25.21
N SER PA 323 -63.30 106.80 -24.76
CA SER PA 323 -62.08 106.59 -24.00
C SER PA 323 -61.81 107.84 -23.17
N ALA PA 324 -60.81 107.76 -22.28
CA ALA PA 324 -60.41 108.91 -21.48
C ALA PA 324 -58.98 108.72 -20.99
N PRO PA 325 -57.99 108.87 -21.87
CA PRO PA 325 -56.60 108.76 -21.45
C PRO PA 325 -56.02 110.08 -20.96
N LEU PA 326 -55.12 109.98 -19.98
CA LEU PA 326 -54.33 111.11 -19.51
C LEU PA 326 -52.91 110.65 -19.23
N MET PA 327 -52.39 109.83 -20.13
CA MET PA 327 -51.03 109.31 -20.07
C MET PA 327 -50.00 110.41 -19.87
N LEU PA 328 -49.09 110.16 -18.92
CA LEU PA 328 -47.99 111.05 -18.58
C LEU PA 328 -46.75 110.20 -18.30
N LEU PA 329 -45.67 110.87 -17.90
CA LEU PA 329 -44.43 110.20 -17.51
C LEU PA 329 -44.22 110.38 -16.01
N ALA PA 330 -43.83 109.29 -15.33
CA ALA PA 330 -43.63 109.37 -13.88
C ALA PA 330 -42.45 110.28 -13.55
N ASP PA 331 -41.34 110.14 -14.28
CA ASP PA 331 -40.15 110.95 -14.05
C ASP PA 331 -39.89 111.82 -15.27
N PRO PA 332 -40.34 113.08 -15.28
CA PRO PA 332 -39.98 113.97 -16.39
C PRO PA 332 -38.49 114.23 -16.49
N ASP PA 333 -37.77 114.15 -15.37
CA ASP PA 333 -36.32 114.31 -15.36
C ASP PA 333 -35.60 113.13 -16.00
N GLU PA 334 -36.31 112.03 -16.28
CA GLU PA 334 -35.68 110.88 -16.90
C GLU PA 334 -35.17 111.18 -18.29
N PHE PA 335 -35.81 112.09 -19.02
CA PHE PA 335 -35.40 112.44 -20.37
C PHE PA 335 -34.95 113.88 -20.44
N VAL PA 336 -33.80 114.09 -21.06
CA VAL PA 336 -33.29 115.41 -21.39
C VAL PA 336 -33.76 115.76 -22.79
N SER PA 337 -34.50 116.85 -22.92
CA SER PA 337 -35.08 117.28 -24.19
C SER PA 337 -34.22 118.41 -24.76
N VAL PA 338 -33.66 118.17 -25.93
CA VAL PA 338 -32.72 119.10 -26.56
C VAL PA 338 -33.23 119.44 -27.95
N GLN PA 339 -33.29 120.73 -28.26
CA GLN PA 339 -33.46 121.16 -29.64
C GLN PA 339 -32.08 121.30 -30.27
N LEU PA 340 -31.95 120.80 -31.49
CA LEU PA 340 -30.65 120.63 -32.14
C LEU PA 340 -30.31 121.84 -33.00
N ALA PA 341 -29.10 121.81 -33.55
CA ALA PA 341 -28.62 122.87 -34.43
C ALA PA 341 -29.45 122.94 -35.70
#